data_7QXW
#
_entry.id   7QXW
#
_cell.length_a   1.00
_cell.length_b   1.00
_cell.length_c   1.00
_cell.angle_alpha   90.00
_cell.angle_beta   90.00
_cell.angle_gamma   90.00
#
_symmetry.space_group_name_H-M   'P 1'
#
loop_
_entity.id
_entity.type
_entity.pdbx_description
1 polymer '26S proteasome non-ATPase regulatory subunit 1'
2 polymer '26S proteasome non-ATPase regulatory subunit 3'
3 polymer '26S proteasome non-ATPase regulatory subunit 12'
4 polymer '26S proteasome non-ATPase regulatory subunit 11'
5 polymer '26S proteasome non-ATPase regulatory subunit 6'
6 polymer '26S proteasome non-ATPase regulatory subunit 7'
7 polymer '26S proteasome non-ATPase regulatory subunit 13'
8 polymer '26S proteasome non-ATPase regulatory subunit 4'
9 polymer '26S proteasome non-ATPase regulatory subunit 14'
10 polymer '26S proteasome non-ATPase regulatory subunit 8'
11 polymer '26S proteasome non-ATPase regulatory subunit 2'
12 polymer '26S protease regulatory subunit 7'
13 polymer '26S proteasome regulatory subunit 4'
14 polymer 'Isoform 2 of 26S proteasome regulatory subunit 8'
15 polymer '26S protease regulatory subunit 6B'
16 polymer '26S proteasome regulatory subunit 10B'
17 polymer '26S protease regulatory subunit 6A'
18 polymer '26S proteasome complex subunit SEM1'
19 polymer 'Proteasome subunit alpha type-6'
20 polymer 'Proteasome subunit alpha type-2'
21 polymer 'Proteasome subunit alpha type-4'
22 polymer 'Proteasome subunit alpha type-7'
23 polymer 'Proteasome subunit alpha type-5'
24 polymer 'Isoform Long of Proteasome subunit alpha type-1'
25 polymer 'Proteasome subunit alpha type-3'
26 polymer 'Proteasome subunit beta type-6'
27 polymer 'Proteasome subunit beta type-7'
28 polymer 'Proteasome subunit beta type-3'
29 polymer 'Proteasome subunit beta type-2'
30 polymer 'Proteasome subunit beta type-5'
31 polymer 'Proteasome subunit beta type-1'
32 polymer 'Proteasome subunit beta type-4'
33 polymer 'AN1-type zinc finger protein 5'
34 non-polymer 'ZINC ION'
35 non-polymer "ADENOSINE-5'-TRIPHOSPHATE"
36 non-polymer 'MAGNESIUM ION'
37 non-polymer "ADENOSINE-5'-DIPHOSPHATE"
#
loop_
_entity_poly.entity_id
_entity_poly.type
_entity_poly.pdbx_seq_one_letter_code
_entity_poly.pdbx_strand_id
1 'polypeptide(L)'
;MITSAAGIISLLDEDEPQLKEFALHKLNAVVNDFWAEISESVDKIEVLYEDEGFRSRQFAALVASKVFYHLGAFEESLNY
ALGAGDLFNVNDNSEYVETIIAKCIDHYTKQCVENADLPEGEKKPIDQRLEGIVNKMFQRCLDDHKYKQAIGIALETRRL
DVFEKTILESNDVPGMLAYSLKLCMSLMQNKQFRNKVLRVLVKIYMNLEKPDFINVCQCLIFLDDPQAVSDILEKLVKED
NLLMAYQICFDLYESASQQFLSSVIQNLRTVGTPIASVPGSTNTGTVPGSEKDSDSMETEEKTSSAFVGKTPEASPEPKD
QTLKMIKILSGEMAIELHLQFLIRNNNTDLMILKNTKDAVRNSVCHTATVIANSFMHCGTTSDQFLRDNLEWLARATNWA
KFTATASLGVIHKGHEKEALQLMATYLPKDTSPGSAYQEGGGLYALGLIHANHGGDIIDYLLNQLKNASNDIVRHGGSLG
LGLAAMGTARQDVYDLLKTNLYQDDAVTGEAAGLALGLVMLGSKNAQAIEDMVGYAQETQHEKILRGLAVGIALVMYGRM
EEADALIESLCRDKDPILRRSGMYTVAMAYCGSGNNKAIRRLLHVAVSDVNDDVRRAAVESLGFILFRTPEQCPSVVSLL
SESYNPHVRYGAAMALGICCAGTGNKEAINLLEPMTNDPVNYVRQGALIASALIMIQQTEITCPKVNQFRQLYSKVINDK
HDDVMAKFGAILAQGILDAGGHNVTISLQSRTGHTHMPSVVGVLVFTQFWFWFPLSHFLSLAYTPTCVIGLNKDLKMPKV
QYKSNCKPSTFAYPAPLEVPKEKEKEKVSTAVLSITAKAKKKEKEKEKKEEEKMEVDEAEKKEEKEKKKEPEPNFQLLDN
PARVMPAQLKVLTMPETCRYQPFKPLSIGGIIILKDTSEDIEELVEPVAAHGPKIEEEEQEPEPPEPFEYIDD
;
U
2 'polypeptide(L)'
;KQEGSARRRGADKAKPPPGGGEQEPPPPPAPQDVEMKEEAATGGGSTGEADGKTAAAAAEHSQRELDTVTLEDIKEHVKQ
LEKAVSGKEPRFVLRALRMLPSTSRRLNHYVLYKAVQGFFTSNNATRDFLLPFLEEPMDTEADLQFRPRTGKAASTPLLP
EVEAYLQLLVVIFMMNSKRYKEAQKISDDLMQKISTQNRRALDLVAAKCYYYHARVYEFLDKLDVVRSFLHARLRTATLR
HDADGQATLLNLLLRNYLHYSLYDQAEKLVSKSVFPEQANNNEWARYLYYTGRIKAIQLEYSEARRTMTNALRKAPQHTA
VGFKQTVHKLLIVVELLLGEIPDRLQFRQPSLKRSLMPYFLLTQAVRTGNLAKFNQVLDQFGEKFQADGTYTLIIRLRHN
VIKTGVRMISLSYSRISLADIAQKLQLDSPEDAEFIVAKAIRDGVIEASINHEKGYVQSKEMIDIYSTREPQLAFHQRIS
FCLDIHNMSVKAMRFPPKSYNKDLESAEERREREQQDLEFAKEMAEDDDDSFP
;
V
3 'polypeptide(L)'
;MADGGSERADGRIVKMEVDYSATVDQRLPECAKLAKEGRLQEVIETLLSLEKQTRTASDMVSTSRILVAVVKMCYEAKEW
DLLNENIMLLSKRRSQLKQAVAKMVQQCCTYVEEITDLPIKLRLIDTLRMVTEGKIYVEIERARLTKTLATIKEQNGDVK
EAASILQELQVETYGSMEKKERVEFILEQMRLCLAVKDYIRTQIISKKINTKFFQEENTEKLKLKYYNLMIQLDQHEGSY
LSICKHYRAIYDTPCIQAESEKWQQALKSVVLYVILAPFDNEQSDLVHRISGDKKLEEIPKYKDLLKLFTTMELMRWSTL
VEDYGMELRKGSLESPATDVFGSTEEGEKRWKDLKNRVVEHNIRIMAKYYTRITMKRMAQLLDLSVDESEAFLSNLVVNK
TIFAKVDRLAGIINFQRPKDPNNLLNDWSQKLNSLMSLVNKTTHLIAKEEMIHNLQ
;
W
4 'polypeptide(L)'
;MAAAAVVEFQRAQSLLSTDREASIDILHSIVKRDIQENDEEAVQVKEQSILELGSLLAKTGQAAELGGLLKYVRPFLNSI
SKAKAARLVRSLLDLFLDMEAATGQEVELCLECIEWAKSEKRTFLRQALEARLVSLYFDTKRYQEALHLGSQLLRELKKM
DDKALLVEVQLLESKTYHALSNLPKARAALTSARTTANAIYCPPKLQATLDMQSGIIHAAEEKDWKTAYSYFYEAFEGYD
SIDSPKAITSLKYMLLCKIMLNTPEDVQALVSGKLALRYAGRQTEALKCVAQASKNRSLADFEKALTDYRAELRDDPIIS
THLAKLYDNLLEQNLIRVIEPFSRVQIEHISSLIKLSKADVERKLSQMILDKKFHGILDQGEGVLIIFDEPPVDKTYEAA
LETIQNMSKVVDSLYNKAKKLT
;
X
5 'polypeptide(L)'
;MPLENLEEEGLPKNPDLRIAQLRFLLSLPEHRGDAAVRDELMAAVRDNNMAPYYEALCKSLDWQIDVDLLNKMKKANEDE
LKRLDEELEDAEKNLGESEIRDAMMAKAEYLCRIGDKEGALTAFRKTYDKTVALGHRLDIVFYLLRIGLFYMDNDLITRN
TEKAKSLIEEGGDWDRRNRLKVYQGLYCVAIRDFKQAAELFLDTVSTFTSYELMDYKTFVTYTVYVSMIALERPDLREKV
IKGAEILEVLHSLPAVRQYLFSLYECRYSVFFQSLAVVEQEMKKDWLFAPHYRYYVREMRIHAYSQLLESYRSLTLGYMA
EAFGVGVEFIDQELSRFIAAGRLHCKIDKVNEIVETNRPDSKNWQYQETIKKGDLLLNRVQKLSRVINM
;
Y
6 'polypeptide(L)'
;MPELAVQKVVVHPLVLLSVVDHFNRIGKVGNQKRVVGVLLGSWQKKVLDVSNSFAVPFDEDDKDDSVWFLDHDYLENMYG
MFKKVNARERIVGWYHTGPKLHKNDIAINELMKRYCPNSVLVIIDVKPKDLGLPTEAYISVEEVHDDGTPTSKTFEHVTS
EIGAEEAEEVGVEHLLRDIKDTTVGTLSQRITNQVHGLKGLNSKLLDIRSYLEKVATGKLPINHQIIYQLQDVFNLLPDV
SLQEFVKAFYLKTNDQMVVVYLASLIRSVVALHNLINNKIANRDAEKKEGQEKEESKKDRKEDKEKDKDKEKSDVKKEEK
KEKK
;
Z
7 'polypeptide(L)'
;MKDVPGFLQQSQNSGPGQPAVWHRLEELYTKKLWHQLTLQVLDFVQDPCFAQGDGLIKLYENFISEFEHRVNPLSLVEII
LHVVRQMTDPNVALTFLEKTREKVKSSDEAVILCKTAIGALKLNIGDLQVTKETIEDVEEMLNNLPGVTSVHSRFYDLSS
KYYQTIGNHASYYKDALRFLGCVDIKDLPVSEQQERAFTLGLAGLLGEGVFNFGELLMHPVLESLRNTDRQWLIDTLYAF
NSGNVERFQTLKTAWGQQPDLAANEAQLLRKIQLLCLMEMTFTRPANHRQLTFEEIAKSAKITVNEVELLVMKALSVGLV
KGSIDEVDKRVHMTWVQPRVLDLQQIKGMKDRLEFWCTDVKSMEMLVEHQAHDILT
;
a
8 'polypeptide(L)'
;MVLESTMVCVDNSEYMRNGDFLPTRLQAQQDAVNIVCHSKTRSNPENNVGLITLANDCEVLTTLTPDTGRILSKLHTVQP
KGKITFCTGIRVAHLALKHRQGKNHKMRIIAFVGSPVEDNEKDLVKLAKRLKKEKVNVDIINFGEEEVNTEKLTAFVNTL
NGKDGTGSHLVTVPPGPSLADALISSPILAGEGGAMLGLGASDFEFGVDPSADPELALALRVSMEEQRQRQEEEARRAAA
ASAAEAGIATTGTEDSDDALLKMTISQQEFGRTGLPDLSSMTEEEQIAYAMQMSLQGAEFGQAESADIDASSAMDTSEPA
KEEDDYDVMQDPEFLQSVLENLPGVDPNNEAIRNAMGSLASQATKDGKKDKKEEDKK
;
b
9 'polypeptide(L)'
;DRLLRLGGGMPGLGQGPPTDAPAVDTAEQVYISSLALLKMLKHGRAGVPMEVMGLMLGEFVDDYTVRVIDVFAMPQSGTG
VSVEAVDPVFQAKMLDMLKQTGRPEMVVGWYHSHPGFGCWLSGVDINTQQSFEALSERAVAVVVDPIQSVKGKVVIDAFR
LINANMMVLGHEPRQTTSNLGHLNKPSIQALIHGLNRHYYSITINYRKNELEQKMLLNLHKKSWMEGLTLQDYSEHCKHN
ESVVKEMLELAKNYNKAVEEEDKMTPEQLAIKNVGKQDPKRHLEEHVDVLMTSNIVQCLAAMLDTVVFK
;
c
10 'polypeptide(L)'
;FIKGRAPRAPPRERRRATRGGLRQVVAPPRALGSTSRPHFRRASVCRRRCRKSGGLLAASRKMAAAAVNGAAGFSSSGPA
ATSGAVLQAATGMYEQLKGEWNRKSPNLSKCGEELGRLKLVLLELNFLPTTGTKLTKQQLILARDILEIGAQWSILRKDI
PSFERYMAQLKCYYFDYKEQLPESAYMHQLLGLNLLFLLSQNRVAEFHTELERLPAKDIQTNVYIKHPVSLEQYLMEGSY
NKVFLAKGNIPAESYTFFIDILLDTIRDEIAGCIEKAYEKILFTEATRILFFNTPKKMTDYAKKRGWVLGPNNYYSFASQ
QQKPEDTTIPSTELAKQVIEYARQLEMIV
;
d
11 'polypeptide(L)'
;MEEGGRDKAPVQPQQSPAAAPGGTDEKPSGKERRDAGDKDKEQELSEEDKQLQDELEMLVERLGEKDTSLYRPALEELRR
QIRSSTTSMTSVPKPLKFLRPHYGKLKEIYENMAPGENKRFAADIISVLAMTMSGERECLKYRLVGSQEELASWGHEYVR
HLAGEVAKEWQELDDAEKVQREPLLTLVKEIVPYNMAHNAEHEACDLLMEIEQVDMLEKDIDENAYAKVCLYLTSCVNYV
PEPENSALLRCALGVFRKFSRFPEALRLALMLNDMELVEDIFTSCKDVVVQKQMAFMLGRHGVFLELSEDVEEYEDLTEI
MSNVQLNSNFLALARELDIMEPKVPDDIYKTHLENNRFGGSGSQVDSARMNLASSFVNGFVNAAFGQDKLLTDDGNKWLY
KNKDHGMLSAAASLGMILLWDVDGGLTQIDKYLYSSEDYIKSGALLACGIVNSGVRNECDPALALLSDYVLHNSNTMRLG
SIFGLGLAYAGSNREDVLTLLLPVMGDSKSSMEVAGVTALACGMIAVGSCNGDVTSTILQTIMEKSETELKDTYARWLPL
GLGLNHLGKGEAIEAILAALEVVSEPFRSFANTLVDVCAYAGSGNVLKVQQLLHICSEHFDSKEKEEDKDKKEKKDKDKK
EAPADMGAHQGVAVLGIALIAMGEEIGAEMALRTFGHLLRYGEPTLRRAVPLALALISVSNPRLNILDTLSKFSHDADPE
VSYNSIFAMGMVGSGTNNARLAAMLRQLAQYHAKDPNNLFMVRLAQGLTHLGKGTLTLCPYHSDRQLMSQVAVAGLLTVL
VSFLDVRNIILGKSHYVLYGLVAAMQPRMLVTFDEELRPLPVSVRVGQAVDVVGQAGKPKTITGFQTHTTPVLLAHGERA
ELATEEFLPVTPILEGFVILRKNPNYDL
;
f
12 'polypeptide(L)'
;MPDYLGADQRKTKEDEKDDKPIRALDEGDIALLKTYGQSTYSRQIKQVEDDIQQLLKKINELTGIKESDTGLAPPALWDL
AADKQTLQSEQPLQVARCTKIINADSEDPKYIINVKQFAKFVVDLSDQVAPTDIEEGMRVGVDRNKYQIHIPLPPKIDPT
VTMMQVEEKPDVTYSDVGGCKEQIEKLREVVETPLLHPERFVNLGIEPPKGVLLFGPPGTGKTLCARAVANRTDACFIRV
IGSELVQKYVGEGARMVRELFEMARTKKACLIFFDEIDAIGGARFDDGAGGDNEVQRTMLELINQLDGFDPRGNIKVLMA
TNRPDTLDPALMRPGRLDRKIEFSLPDLEGRTHIFKIHARSMSVERDIRFELLARLCPNSTGAEIRSVCTEAGMFAIRAR
RKIATEKDFLEAVNKVIKSYAKFSATPRYMTYN
;
A
13 'polypeptide(L)'
;MGQSQSGGHGPGGGKKDDKDKKKKYEPPVPTRVGKKKKKTKGPDAASKLPLVTPHTQCRLKLLKLERIKDYLLMEEEFIR
NQEQMKPLEEKQEEERSKVDDLRGTPMSVGTLEEIIDDNHAIVSTSVGSEHYVSILSFVDKDLLEPGCSVLLNHKVHAVI
GVLMDDTDPLVTVMKVEKAPQETYADIGGLDNQIQEIKESVELPLTHPEYYEEMGIKPPKGVILYGPPGTGKTLLAKAVA
NQTSATFLRVVGSELIQKYLGDGPKLVRELFRVAEEHAPSIVFIDEIDAIGTKRYDSNSGGEREIQRTMLELLNQLDGFD
SRGDVKVIMATNRIETLDPALIRPGRIDRKIEFPLPDEKTKKRIFQIHTSRMTLADDVTLDDLIMAKDDLSGADIKAICT
EAGLMALRERRMKVTNEDFKKSKENVLYKKQE
;
B
14 'polypeptide(L)'
;MELEEGKAGSGLRQYYLSKIEELQLIVNDKSQNLRRLQAQRNELNAKVRLLREELQLLQEQGSYVGEVVRAMDKKKVLVK
VHPEGKFVVDVDKNIDINDVTPNCRVALRNDSYTLHKILPNKVDPLVSLMMVEKVPDSTYEMIGGLDKQIKEIKEVIELP
VKHPELFEALGIAQPKGVLLYGPPGTGKTLLARAVAHHTDCTFIRVSGSELVQKFIGEGARMVRELFVMAREHAPSIIFM
DEIDSIGSSRLEGGSGGDSEVQRTMLELLNQLDGFEATKNIKVIMATNRIDILDSALLRPGRIDRKIEFPPPNEEARLDI
LKIHSRKMNLTRGINLRKIAELMPGASGAEVKGVCTEAGMYALRERRVHVTQEDFEMAVAKVMQKDSEKNMSIKKLWK
;
C
15 'polypeptide(L)'
;MEEIGILVEKAQDEIPALSVSRPQTGLSFLGPEPEDLEDLYSRYKKLQQELEFLEVQEEYIKDEQKNLKKEFLHAQEEVK
RIQSIPLVIGQFLEAVDQNTAIVGSTTGSNYYVRILSTIDRELLKPNASVALHKHSNALVDVLPPEADSSIMMLTSDQKP
DVMYADIGGMDIQKQEVREAVELPLTHFELYKQIGIDPPRGVLMYGPPGCGKTMLAKAVAHHTTAAFIRVVGSEFVQKYL
GEGPRMVRDVFRLAKENAPAIIFIDEIDAIATKRFDAQTGADREVQRILLELLNQMDGFDQNVNVKVIMATNRADTLDPA
LLRPGRLDRKIEFPLPDRRQKRLIFSTITSKMNLSEEVDLEDYVARPDKISGADINSICQESGMLAVRENRYIVLAKDFE
KAYKTVIKKDEQEHEFYK
;
D
16 'polypeptide(L)'
;MAIPGIPYERRLLIMADPRDKALQDYRKKLLEHKEIDGRLKELREQLKELTKQYEKSENDLKALQSVGQIVGEVLKQLTE
EKFIVKATNGPRYVVGCRRQLDKSKLKPGTRVALDMTTLTIMRYLPREVDPLVYNMSHEDPGNVSYSEIGGLSEQIRELR
EVIELPLTNPELFQRVGIIPPKGCLLYGPPGTGKTLLARAVASQLDCNFLKVVSSSIVDKYIGESARLIREMFNYARDHQ
PCIIFMDEIDAIGGRRFSEGTSADREIQRTLMELLNQMDGFDTLHRVKMIMATNRPDTLDPALLRPGRLDRKIHIDLPNE
QARLDILKIHAGPITKHGEIDYEAIVKLSDGFNGADLRNVCTEAGMFAIRADHDFVVQEDFMKAVRKVADSKKLESKLDY
KPV
;
E
17 'polypeptide(L)'
;MNLLPNIESPVTRQEKMATVWDEAEQDGIGEEVLKMSTEEIIQRTRLLDSEIKIMKSEVLRVTHELQAMKDKIKENSEKI
KVNKTLPYLVSNVIELLDVDPNDQEEDGANIDLDSQRKGKCAVIKTSTRQTYFLPVIGLVDAEKLKPGDLVGVNKDSYLI
LETLPTEYDSRVKAMEVDERPTEQYSDIGGLDKQIQELVEAIVLPMNHKEKFENLGIQPPKGVLMYGPPGTGKTLLARAC
AAQTKATFLKLAGPQLVQMFIGDGAKLVRDAFALAKEKAPSIIFIDELDAIGTKRFDSEKAGDREVQRTMLELLNQLDGF
QPNTQVKVIAATNRVDILDPALLRSGRLDRKIEFPMPNEEARARIMQIHSRKMNVSPDVNYEELARCTDDFNGAQCKAVC
VEAGMIALRRGATELTHEDYMEGILEVQAKKKANLQYYA
;
F
18 'polypeptide(L)' MSEKKQPVDLGLLEEDDEFEEFPAEDWAGLDEDEDAHVWEDNWDDDNVEDDFSNQLRAELEKHGYKMETS e
19 'polypeptide(L)'
;SRGSSAGFDRHITIFSPEGRLYQVEYAFKAINQGGLTSVAVRGKDCAVIVTQKKVPDKLLDSSTVTHLFKITENIGCVMT
GMTADSRSQVQRARYEAANWKYKYGYEIPVDMLCKRIADISQVYTQNAEMRPLGCCMILIGIDEEQGPQVYKCDPAGYYC
GFKATAAGVKQTESTSFLEKKVKKKFDWTFEQTVETAITCLSTVLSIDFKPSEIEVGVVTVENPKFRILTEAEIDAHLVA
LAERD
;
G,g
20 'polypeptide(L)'
;AERGYSFSLTTFSPSGKLVQIEYALAAVAGGAPSVGIKAANGVVLATEKKQKSILYDERSVHKVEPITKHIGLVYSGMGP
DYRVLVHRARKLAQQYYLVYQEPIPTAQLVQRVASVMQEYTQSGGVRPFGVSLLICGWNEGRPYLFQSDPSGAYFAWKAT
AMGKNYVNGKTFLEKRYNEDLELEDAIHTAILTLKESFEGQMTEDNIEVGICNEAGFRRLTPTEVKDYLAAIA
;
H,h
21 'polypeptide(L)'
;SRRYDSRTTIFSPEGRLYQVEYAMEAIGHAGTCLGILANDGVLLAAERRNIHKLLDEVFFSEKIYKLNEDMACSVAGITS
DANVLTNELRLIAQRYLLQYQEPIPCEQLVTALCDIKQAYTQFGGKRPFGVSLLYIGWDKHYGFQLYQSDPSGNYGGWKA
TCIGNNSAAAVSMLKQDYKEGEMTLKSALALAIKVLNKTMDVSKLSAEKVEIATLTRENGKTVIRVLKQKEVEQLIKKHE
EEEAKAEREKKEKEQKEKDK
;
I,i
22 'polypeptide(L)'
;SYDRAITVFSPDGHLFQVEYAQEAVKKGSTAVGVRGRDIVVLGVEKKSVAKLQDERTVRKICALDDNVCMAFAGLTADAR
IVINRARVECQSHRLTVEDPVTVEYITRYIASLKQRYTQSNGRRPFGISALIVGFDFDGTPRLYQTDPSGTYHAWKANAI
GRGAKSVREFLEKNYTDEAIETDDLTIKLVIKALLEVVQSGGKNIELAVMRRDQSLKILNPEEIEKYVAEIEKEKEENEK
KKQKKAS
;
J,j
23 'polypeptide(L)'
;FLTRSEYDRGVNTFSPEGRLFQVEYAIEAIKLGSTAIGIQTSEGVCLAVEKRITSPLMEPSSIEKIVEIDAHIGCAMSGL
IADAKTLIDKARVETQNHWFTYNETMTVESVTQAVSNLALQFGEEDADPGAMSRPFGVALLFGGVDEKGPQLFHMDPSGT
FVQCDARAIGSASEGAQSSLQEVYHKSMTLKEAIKSSLIILKQVMEEKLNATNIELATVQPGQNFHMFTKEELEEVIKDI
;
K,k
24 'polypeptide(L)'
;QLSKVKFRNQYDNDVTVWSPQGRIHQIEYAMEAVKQGSATVGLKSKTHAVLVALKRAQSELAAHQKKILHVDNHIGISIA
GLTADARLLCNFMRQECLDSRFVFDRPLPVSRLVSLIGSKTQIPTQRYGRRPYGVGLLIAGYDDMGPHIFQTCPSANYFD
CRAMSIGARSQSARTYLERHMSEFMECNLNELVKHGLRALRETLPAEQDLTTKNVSIGIVGKDLEFTIYDDDDVSPFLEG
LEERPQRKAQPAQPADEPAEKADEPMEH
;
L,l
25 'polypeptide(L)'
;SSIGTGYDLSASTFSPDGRVFQVEYAMKAVENSSTAIGIRCKDGVVFGVEKLVLSKLYEEGSNKRLFNVDRHVGMAVAGL
LADARSLADIAREEASNFRSNFGYNIPLKHLADRVAMYVHAYTLYSAVRPFGCSFMLGSYSVNDGAQLYMIDPSGVSYGY
WGCAIGKARQAAKTEIEKLQMKEMTCRDIVKEVAKIIYIVHDEVKDKAFELELSWVGELTNGRHEIVPKDIREEAEKYAK
ESLKEEDESDDDNM
;
M,m
26 'polypeptide(L)'
;AATLLAARGAGPAPAWGPEAFTPDWESREVSTGTTIMAVQFDGGVVLGADSRTTTGSYIANRVTDKLTPIHDRIFCCRSG
SAADTQAVADAVTYQLGFHSIELNEPPLVHTAASLFKEMCYRYREDLMAGIIIAGWDPQEGGQVYSVPMGGMMVRQSFAI
GGSGSSYIYGYVDATYREGMTKEECLQFTANALALAMERDGSSGGVIRLAAIAESGVERQVLLGDQIPKFAVATLPPA
;
N,n
27 'polypeptide(L)'
;AAVSVYAPPVGGFSFDNCRRNAVLEADFAKRGYKLPKVRKTGTTIAGVVYKDGIVLGADTRATEGMVVADKNCSKIHFIS
PNIYCCGAGTAADTDMTTQLISSNLELHSLSTGRLPRVVTANRMLKQMLFRYQGYIGAALVLGGVDVTGPHLYSIYPHGS
TDKLPYVTMGSGSLAAMAVFEDKFRPDMEEEEAKNLVSEAIAAGIFNDLGSGSNIDLCVISKNKLDFLRPYTVPNKKGTR
LGRYRCEKGTTAVLTEKITPLEIEVLEETVQTMDTS
;
O,o
28 'polypeptide(L)'
;SIMSYNGGAVMAMKGKNCVAIAADRRFGIQAQMVTTDFQKIFPMGDRLYIGLAGLATDVQTVAQRLKFRLNLYELKEGRQ
IKPYTLMSMVANLLYEKRFGPYYTEPVIAGLDPKTFKPFICSLDLIGCPMVTDDFVVSGTCAEQMYGMCESLWEPNMDPD
HLFETISQAMLNAVDRDAVSGMGVIVHIIEKDKITTRTLKARMD
;
P,p
29 'polypeptide(L)'
;MEYLIGIQGPDYVLVASDRVAASNIVQMKDDHDKMFKMSEKILLLCVGEAGDTVQFAEYIQKNVQLYKMRNGYELSPTAA
ANFTRRNLADCLRSRTPYHVNLLLAGYDEHEGPALYYMDYLAALAKAPFAAHGYGAFLTLSILDRYYTPTISRERAVELL
RKCLEELQKRFILNLPTFSVRIIDKNGIHDLDNISFPKQGS
;
Q,q
30 'polypeptide(L)'
;ALASVLERPLPVNQRGFFGLGGRADLLDLGPGSLSDGLSLAAPGWGVPEEPGIEMLHGTTTLAFKFRHGVIVAADSRATA
GAYIASQTVKKVIEINPYLLGTMAGGAADCSFWERLLARQCRIYELRNKERISVAAASKLLANMVYQYKGMGLSMGTMIC
GWDKRGPGLYYVDSEGNRISGATFSVGSGSVYAYGVMDRGYSYDLEVEQAYDLARRAIYQATYRDAYSGGAVNLYHVRED
GWIRVSSDNVADLHEKYSGSTP
;
R,r
31 'polypeptide(L)'
;LSSTAMYSAPGRDLGMEPHRAAGPLQLRFSPYVFNGGTILAIAGEDFAIVASDTRLSEGFSIHTRDSPKCYKLTDKTVIG
CSGFHGDCLTLTKIIEARLKMYKHSNNKAMTTGAIAAMLSTILYSRRFFPYYVYNIIGGLDEEGKGAVYSFDPVGSYQRD
SFKAGGSASAMLQPLLDNQVGFKNMQNVEHVPLSLDRAMRLVKDVFISAAERDVYTGDALRICIVTKEGIREETVSLRKD
;
S,s
32 'polypeptide(L)'
;EAFLGSRSGLWAGGPAPGQFYRIPSTPDSFMDPASALYRGPITRTQNPMVTGTSVLGVKFEGGVVIAADMLGSYGSLARF
RNISRIMRVNNSTMLGASGDYADFQYLKQVLGQMVIDEELLGDGHSYSPRAIHSWLTRAMYSRRSKMNPLWNTMVIGGYA
DGESFLGYVDMLGVAYEAPSLATGYGAYLAQPLLREVLEKQPVLSQTEARDLVERCMRVLYYRDARSYNRFQIATVTEKG
VEIEGPLSTETNWDIAHMISGFE
;
T,t
33 'polypeptide(L)'
;MAQETNQTPGPMLCSTGCGFYGNPRTNGMCSVCYKEHLQRQQNSGRMSPMGTASGSNSPTSDSASIQRAEASLNNCEGAA
GSTSEKSRNVPVAALPVTQQMTEMSISREDKITTPKTEVSEPVVTQPSPSVSQPSTSQSEEKAPELPKPKKNRCFMCRKK
VGLTGFDCRCGNLFCGLHRYSDKHNCPYDYKAEAAAKIRKENPVVVAEKIQRI
;
v
#
loop_
_chem_comp.id
_chem_comp.type
_chem_comp.name
_chem_comp.formula
ADP non-polymer ADENOSINE-5'-DIPHOSPHATE 'C10 H15 N5 O10 P2'
ATP non-polymer ADENOSINE-5'-TRIPHOSPHATE 'C10 H16 N5 O13 P3'
MG non-polymer 'MAGNESIUM ION' 'Mg 2'
ZN non-polymer 'ZINC ION' 'Zn 2'
#
# COMPACT_ATOMS: atom_id res chain seq x y z
N GLY A 7 -88.26 50.46 -98.49
CA GLY A 7 -88.61 50.81 -97.13
C GLY A 7 -90.11 50.87 -96.92
N ILE A 8 -90.47 51.72 -95.98
CA ILE A 8 -91.83 52.01 -95.56
C ILE A 8 -91.91 53.51 -95.26
N ILE A 9 -90.78 54.07 -94.81
CA ILE A 9 -90.65 55.47 -94.47
C ILE A 9 -90.92 56.42 -95.63
N SER A 10 -90.35 56.18 -96.80
CA SER A 10 -90.60 57.15 -97.86
C SER A 10 -92.07 57.10 -98.29
N LEU A 11 -92.97 57.09 -97.31
CA LEU A 11 -94.38 57.43 -97.55
C LEU A 11 -94.59 58.87 -97.95
N LEU A 12 -93.84 59.82 -97.39
CA LEU A 12 -93.99 61.25 -97.63
C LEU A 12 -92.97 61.76 -98.63
N ASP A 13 -93.06 61.33 -99.89
CA ASP A 13 -92.22 61.89 -100.95
C ASP A 13 -93.04 62.61 -102.01
N GLU A 14 -94.16 63.21 -101.64
CA GLU A 14 -94.96 63.96 -102.59
C GLU A 14 -95.18 65.39 -102.10
N ASP A 15 -95.18 66.33 -103.05
CA ASP A 15 -95.36 67.75 -102.76
C ASP A 15 -96.72 68.24 -103.26
N GLU A 16 -97.70 67.35 -103.34
CA GLU A 16 -99.01 67.72 -103.85
C GLU A 16 -99.78 68.55 -102.82
N PRO A 17 -100.72 69.39 -103.27
CA PRO A 17 -101.43 70.25 -102.30
C PRO A 17 -102.38 69.49 -101.40
N GLN A 18 -103.22 68.61 -101.96
CA GLN A 18 -104.15 67.87 -101.10
C GLN A 18 -103.43 66.82 -100.27
N LEU A 19 -102.20 66.46 -100.64
CA LEU A 19 -101.37 65.70 -99.72
C LEU A 19 -100.75 66.58 -98.65
N LYS A 20 -101.00 67.89 -98.71
CA LYS A 20 -100.64 68.74 -97.57
C LYS A 20 -101.68 68.62 -96.45
N GLU A 21 -102.95 68.49 -96.81
CA GLU A 21 -104.00 68.25 -95.83
C GLU A 21 -104.17 66.77 -95.51
N PHE A 22 -103.72 65.89 -96.40
CA PHE A 22 -103.63 64.48 -96.06
C PHE A 22 -102.34 64.18 -95.31
N ALA A 23 -101.35 65.06 -95.45
CA ALA A 23 -100.12 64.96 -94.67
C ALA A 23 -100.40 65.14 -93.20
N LEU A 24 -101.19 66.16 -92.84
CA LEU A 24 -101.60 66.32 -91.45
C LEU A 24 -102.43 65.13 -90.98
N HIS A 25 -103.30 64.61 -91.85
CA HIS A 25 -104.09 63.44 -91.54
C HIS A 25 -103.22 62.23 -91.25
N LYS A 26 -102.03 62.16 -91.83
CA LYS A 26 -101.06 61.16 -91.45
C LYS A 26 -100.25 61.55 -90.22
N LEU A 27 -100.07 62.85 -89.98
CA LEU A 27 -99.31 63.32 -88.83
C LEU A 27 -100.01 62.95 -87.54
N ASN A 28 -101.27 63.36 -87.39
CA ASN A 28 -102.03 62.98 -86.21
C ASN A 28 -102.27 61.48 -86.11
N ALA A 29 -102.13 60.75 -87.22
CA ALA A 29 -102.25 59.29 -87.17
C ALA A 29 -101.00 58.67 -86.57
N VAL A 30 -99.83 59.18 -86.95
CA VAL A 30 -98.56 58.62 -86.48
C VAL A 30 -97.98 59.52 -85.39
N VAL A 31 -98.85 60.26 -84.70
CA VAL A 31 -98.40 61.31 -83.79
C VAL A 31 -98.08 60.81 -82.39
N ASN A 32 -98.07 59.49 -82.17
CA ASN A 32 -98.07 58.99 -80.79
C ASN A 32 -96.71 58.50 -80.32
N ASP A 33 -96.08 57.60 -81.07
CA ASP A 33 -95.03 56.76 -80.50
C ASP A 33 -93.67 56.97 -81.15
N PHE A 34 -93.56 56.85 -82.47
CA PHE A 34 -92.24 56.72 -83.08
C PHE A 34 -91.60 58.08 -83.30
N TRP A 35 -91.56 58.87 -82.24
CA TRP A 35 -90.81 60.10 -82.21
C TRP A 35 -89.31 59.84 -82.27
N ALA A 36 -88.89 58.62 -81.99
CA ALA A 36 -87.53 58.20 -82.32
C ALA A 36 -87.28 58.29 -83.82
N GLU A 37 -88.22 57.80 -84.62
CA GLU A 37 -88.17 57.98 -86.06
C GLU A 37 -88.32 59.44 -86.44
N ILE A 38 -89.20 60.17 -85.73
CA ILE A 38 -89.39 61.59 -86.05
C ILE A 38 -88.16 62.39 -85.70
N SER A 39 -87.27 61.83 -84.86
CA SER A 39 -86.00 62.50 -84.57
C SER A 39 -85.17 62.63 -85.84
N GLU A 40 -85.13 61.57 -86.65
CA GLU A 40 -84.57 61.70 -87.99
C GLU A 40 -85.57 62.38 -88.93
N SER A 41 -86.83 62.48 -88.51
CA SER A 41 -87.88 63.11 -89.31
C SER A 41 -88.21 64.51 -88.79
N VAL A 42 -87.20 65.25 -88.35
CA VAL A 42 -87.44 66.60 -87.85
C VAL A 42 -87.64 67.57 -89.01
N ASP A 43 -86.74 67.54 -90.00
CA ASP A 43 -86.91 68.39 -91.17
C ASP A 43 -88.18 68.04 -91.93
N LYS A 44 -88.59 66.78 -91.89
CA LYS A 44 -89.86 66.40 -92.49
C LYS A 44 -91.05 66.98 -91.74
N ILE A 45 -90.87 67.38 -90.47
CA ILE A 45 -91.92 68.07 -89.73
C ILE A 45 -91.69 69.57 -89.73
N GLU A 46 -90.43 69.99 -89.71
CA GLU A 46 -90.13 71.41 -89.67
C GLU A 46 -90.46 72.07 -91.00
N VAL A 47 -89.95 71.52 -92.10
CA VAL A 47 -90.25 72.07 -93.42
C VAL A 47 -91.73 71.93 -93.74
N LEU A 48 -92.35 70.83 -93.31
CA LEU A 48 -93.80 70.71 -93.42
C LEU A 48 -94.50 71.82 -92.66
N TYR A 49 -93.96 72.21 -91.50
CA TYR A 49 -94.49 73.37 -90.81
C TYR A 49 -94.24 74.65 -91.59
N GLU A 50 -93.18 74.69 -92.39
CA GLU A 50 -92.81 75.87 -93.16
C GLU A 50 -93.48 75.79 -94.52
N ASP A 51 -94.74 76.23 -94.57
CA ASP A 51 -95.50 76.20 -95.81
C ASP A 51 -96.58 77.28 -95.73
N GLU A 52 -96.42 78.33 -96.54
CA GLU A 52 -97.49 79.31 -96.64
C GLU A 52 -98.74 78.71 -97.26
N GLY A 53 -98.56 77.83 -98.26
CA GLY A 53 -99.69 77.16 -98.88
C GLY A 53 -100.17 75.95 -98.09
N PHE A 54 -99.70 75.81 -96.86
CA PHE A 54 -100.22 74.76 -95.99
C PHE A 54 -101.48 75.25 -95.29
N ARG A 55 -102.56 74.50 -95.46
CA ARG A 55 -103.88 74.99 -95.07
C ARG A 55 -104.31 74.45 -93.70
N SER A 56 -103.36 73.94 -92.92
CA SER A 56 -103.65 73.52 -91.55
C SER A 56 -102.52 73.94 -90.64
N ARG A 57 -102.00 75.15 -90.88
CA ARG A 57 -100.80 75.68 -90.25
C ARG A 57 -100.78 75.51 -88.73
N GLN A 58 -99.56 75.40 -88.18
CA GLN A 58 -99.28 75.15 -86.76
C GLN A 58 -99.50 73.70 -86.35
N PHE A 59 -100.07 72.89 -87.24
CA PHE A 59 -100.26 71.48 -86.93
C PHE A 59 -98.96 70.71 -86.96
N ALA A 60 -98.07 71.04 -87.90
CA ALA A 60 -96.72 70.49 -87.87
C ALA A 60 -96.00 70.87 -86.58
N ALA A 61 -96.40 71.98 -85.95
CA ALA A 61 -95.92 72.27 -84.60
C ALA A 61 -96.66 71.49 -83.54
N LEU A 62 -97.89 71.05 -83.81
CA LEU A 62 -98.52 70.06 -82.93
C LEU A 62 -97.70 68.79 -82.86
N VAL A 63 -97.57 68.10 -83.99
CA VAL A 63 -96.79 66.88 -84.02
C VAL A 63 -95.33 67.14 -83.68
N ALA A 64 -94.84 68.34 -83.98
CA ALA A 64 -93.48 68.69 -83.58
C ALA A 64 -93.34 68.70 -82.06
N SER A 65 -94.24 69.41 -81.35
CA SER A 65 -94.25 69.33 -79.89
C SER A 65 -94.50 67.92 -79.40
N LYS A 66 -95.11 67.06 -80.21
CA LYS A 66 -95.13 65.64 -79.87
C LYS A 66 -93.72 65.07 -79.84
N VAL A 67 -92.98 65.21 -80.95
CA VAL A 67 -91.70 64.53 -81.10
C VAL A 67 -90.60 65.11 -80.22
N PHE A 68 -90.47 66.44 -80.15
CA PHE A 68 -89.29 67.01 -79.51
C PHE A 68 -89.23 66.69 -78.03
N TYR A 69 -90.36 66.31 -77.43
CA TYR A 69 -90.31 65.74 -76.09
C TYR A 69 -89.49 64.46 -76.08
N HIS A 70 -89.83 63.51 -76.94
CA HIS A 70 -89.07 62.28 -77.07
C HIS A 70 -87.62 62.57 -77.44
N LEU A 71 -87.39 63.58 -78.26
CA LEU A 71 -86.04 63.93 -78.67
C LEU A 71 -85.21 64.33 -77.45
N GLY A 72 -85.84 64.93 -76.45
CA GLY A 72 -85.14 65.36 -75.26
C GLY A 72 -85.10 66.87 -75.13
N ALA A 73 -85.78 67.56 -76.05
CA ALA A 73 -85.85 69.03 -76.05
C ALA A 73 -87.11 69.40 -75.27
N PHE A 74 -86.95 69.57 -73.96
CA PHE A 74 -88.07 69.91 -73.10
C PHE A 74 -88.64 71.27 -73.46
N GLU A 75 -87.80 72.14 -74.03
CA GLU A 75 -88.23 73.46 -74.44
C GLU A 75 -88.77 73.51 -75.85
N GLU A 76 -88.28 72.66 -76.75
CA GLU A 76 -88.70 72.76 -78.15
C GLU A 76 -90.17 72.38 -78.32
N SER A 77 -90.60 71.28 -77.69
CA SER A 77 -92.02 70.93 -77.71
C SER A 77 -92.88 72.04 -77.10
N LEU A 78 -92.32 72.79 -76.15
CA LEU A 78 -93.06 73.94 -75.62
C LEU A 78 -93.13 75.06 -76.64
N ASN A 79 -92.04 75.30 -77.38
CA ASN A 79 -92.03 76.37 -78.37
C ASN A 79 -93.01 76.08 -79.50
N TYR A 80 -92.94 74.89 -80.11
CA TYR A 80 -93.88 74.55 -81.16
C TYR A 80 -95.28 74.28 -80.64
N ALA A 81 -95.40 73.90 -79.37
CA ALA A 81 -96.72 73.89 -78.74
C ALA A 81 -97.31 75.30 -78.68
N LEU A 82 -96.44 76.30 -78.52
CA LEU A 82 -96.87 77.68 -78.72
C LEU A 82 -97.24 77.91 -80.17
N GLY A 83 -96.42 77.44 -81.09
CA GLY A 83 -96.69 77.55 -82.51
C GLY A 83 -97.66 76.50 -83.03
N ALA A 84 -98.53 75.98 -82.15
CA ALA A 84 -99.55 75.04 -82.56
C ALA A 84 -100.92 75.69 -82.71
N GLY A 85 -101.03 76.96 -82.34
CA GLY A 85 -102.27 77.69 -82.54
C GLY A 85 -103.40 77.19 -81.66
N ASP A 86 -104.60 77.23 -82.23
CA ASP A 86 -105.80 76.83 -81.50
C ASP A 86 -105.78 75.33 -81.25
N LEU A 87 -105.11 74.59 -82.13
CA LEU A 87 -105.00 73.14 -82.00
C LEU A 87 -104.33 72.71 -80.71
N PHE A 88 -103.49 73.55 -80.13
CA PHE A 88 -102.88 73.23 -78.84
C PHE A 88 -103.68 73.78 -77.67
N ASN A 89 -104.18 75.01 -77.79
CA ASN A 89 -104.97 75.60 -76.70
C ASN A 89 -106.23 74.79 -76.42
N VAL A 90 -106.84 74.23 -77.46
CA VAL A 90 -108.02 73.40 -77.26
C VAL A 90 -107.64 72.09 -76.57
N ASN A 91 -106.41 71.63 -76.74
CA ASN A 91 -105.96 70.35 -76.22
C ASN A 91 -105.26 70.60 -74.88
N ASP A 92 -106.03 70.47 -73.80
CA ASP A 92 -105.49 70.65 -72.46
C ASP A 92 -106.05 69.66 -71.45
N ASN A 93 -106.87 68.69 -71.89
CA ASN A 93 -107.39 67.65 -71.00
C ASN A 93 -106.72 66.33 -71.37
N SER A 94 -105.61 66.05 -70.69
CA SER A 94 -104.87 64.82 -70.94
C SER A 94 -103.87 64.62 -69.80
N GLU A 95 -103.31 63.42 -69.75
CA GLU A 95 -102.30 63.08 -68.75
C GLU A 95 -100.89 63.18 -69.31
N TYR A 96 -100.75 63.21 -70.63
CA TYR A 96 -99.42 63.41 -71.22
C TYR A 96 -99.07 64.88 -71.27
N VAL A 97 -100.07 65.73 -71.52
CA VAL A 97 -99.84 67.14 -71.75
C VAL A 97 -99.42 67.81 -70.45
N GLU A 98 -99.69 67.14 -69.31
CA GLU A 98 -99.29 67.70 -68.03
C GLU A 98 -97.78 67.86 -67.93
N THR A 99 -97.01 67.08 -68.68
CA THR A 99 -95.58 67.31 -68.76
C THR A 99 -95.25 68.66 -69.40
N ILE A 100 -95.63 68.83 -70.67
CA ILE A 100 -95.34 70.06 -71.38
C ILE A 100 -95.95 71.29 -70.72
N ILE A 101 -97.09 71.13 -70.03
CA ILE A 101 -97.66 72.26 -69.32
C ILE A 101 -96.94 72.51 -68.00
N ALA A 102 -96.43 71.46 -67.35
CA ALA A 102 -95.59 71.67 -66.18
C ALA A 102 -94.34 72.45 -66.55
N LYS A 103 -93.68 72.04 -67.64
CA LYS A 103 -92.58 72.85 -68.17
C LYS A 103 -93.04 74.24 -68.53
N CYS A 104 -94.28 74.38 -69.02
CA CYS A 104 -94.79 75.68 -69.42
C CYS A 104 -94.93 76.61 -68.22
N ILE A 105 -95.36 76.06 -67.07
CA ILE A 105 -95.52 76.90 -65.89
C ILE A 105 -94.18 77.11 -65.21
N ASP A 106 -93.23 76.19 -65.42
CA ASP A 106 -91.88 76.42 -64.95
C ASP A 106 -91.25 77.59 -65.68
N HIS A 107 -91.12 77.47 -67.00
CA HIS A 107 -90.67 78.55 -67.86
C HIS A 107 -91.46 79.84 -67.62
N TYR A 108 -92.76 79.71 -67.36
CA TYR A 108 -93.60 80.88 -67.16
C TYR A 108 -93.24 81.58 -65.86
N THR A 109 -93.25 80.85 -64.74
CA THR A 109 -92.97 81.46 -63.45
C THR A 109 -91.55 82.02 -63.38
N LYS A 110 -90.57 81.33 -63.95
CA LYS A 110 -89.23 81.88 -64.00
C LYS A 110 -89.16 83.11 -64.88
N GLN A 111 -89.86 83.10 -66.01
CA GLN A 111 -89.89 84.27 -66.88
C GLN A 111 -90.54 85.46 -66.17
N CYS A 112 -91.56 85.19 -65.37
CA CYS A 112 -92.27 86.26 -64.68
C CYS A 112 -91.46 86.79 -63.50
N VAL A 113 -90.70 85.92 -62.85
CA VAL A 113 -89.74 86.41 -61.86
C VAL A 113 -88.69 87.26 -62.53
N GLU A 114 -88.27 86.88 -63.74
CA GLU A 114 -87.32 87.68 -64.49
C GLU A 114 -87.88 89.07 -64.80
N ASN A 115 -89.07 89.12 -65.39
CA ASN A 115 -89.70 90.40 -65.69
C ASN A 115 -89.94 91.23 -64.44
N ALA A 116 -90.35 90.60 -63.35
CA ALA A 116 -90.48 91.31 -62.08
C ALA A 116 -89.15 91.83 -61.59
N ASP A 117 -88.04 91.19 -61.97
CA ASP A 117 -86.73 91.72 -61.63
C ASP A 117 -86.54 93.13 -62.20
N LEU A 118 -86.56 93.26 -63.52
CA LEU A 118 -86.39 94.54 -64.19
C LEU A 118 -87.68 94.86 -64.93
N PRO A 119 -88.56 95.67 -64.36
CA PRO A 119 -89.83 95.99 -65.04
C PRO A 119 -89.70 97.13 -66.04
N GLU A 120 -88.47 97.48 -66.42
CA GLU A 120 -88.27 98.55 -67.39
C GLU A 120 -86.93 98.33 -68.08
N GLY A 121 -86.94 98.31 -69.41
CA GLY A 121 -85.70 98.19 -70.16
C GLY A 121 -85.30 96.75 -70.42
N GLU A 122 -85.22 96.39 -71.70
CA GLU A 122 -84.74 95.08 -72.18
C GLU A 122 -85.40 93.93 -71.43
N LYS A 123 -86.72 93.93 -71.39
CA LYS A 123 -87.48 92.87 -70.76
C LYS A 123 -87.78 91.80 -71.80
N LYS A 124 -87.46 90.55 -71.47
CA LYS A 124 -87.76 89.43 -72.35
C LYS A 124 -89.26 89.32 -72.56
N PRO A 125 -89.74 89.57 -73.77
CA PRO A 125 -91.19 89.57 -74.01
C PRO A 125 -91.76 88.16 -73.87
N ILE A 126 -92.86 88.06 -73.13
CA ILE A 126 -93.53 86.78 -72.92
C ILE A 126 -94.49 86.56 -74.08
N ASP A 127 -94.54 85.31 -74.57
CA ASP A 127 -95.36 85.02 -75.73
C ASP A 127 -96.84 84.97 -75.36
N GLN A 128 -97.66 85.49 -76.27
CA GLN A 128 -99.11 85.51 -76.10
C GLN A 128 -99.63 84.08 -75.98
N ARG A 129 -99.19 83.20 -76.86
CA ARG A 129 -99.59 81.80 -76.80
C ARG A 129 -98.84 81.09 -75.67
N LEU A 130 -97.75 81.70 -75.19
CA LEU A 130 -97.11 81.19 -74.00
C LEU A 130 -98.02 81.34 -72.78
N GLU A 131 -98.62 82.52 -72.61
CA GLU A 131 -99.52 82.77 -71.49
C GLU A 131 -100.93 82.28 -71.74
N GLY A 132 -101.29 81.99 -72.99
CA GLY A 132 -102.65 81.60 -73.32
C GLY A 132 -103.08 80.31 -72.65
N ILE A 133 -102.16 79.35 -72.53
CA ILE A 133 -102.42 78.17 -71.71
C ILE A 133 -102.06 78.41 -70.25
N VAL A 134 -101.38 79.51 -69.96
CA VAL A 134 -101.07 79.84 -68.56
C VAL A 134 -102.34 80.24 -67.83
N ASN A 135 -102.97 81.34 -68.26
CA ASN A 135 -104.22 81.75 -67.65
C ASN A 135 -105.31 80.70 -67.83
N LYS A 136 -105.22 79.88 -68.88
CA LYS A 136 -106.13 78.74 -69.02
C LYS A 136 -105.92 77.76 -67.88
N MET A 137 -104.67 77.44 -67.57
CA MET A 137 -104.36 76.60 -66.42
C MET A 137 -104.82 77.25 -65.14
N PHE A 138 -104.78 78.58 -65.06
CA PHE A 138 -105.33 79.28 -63.91
C PHE A 138 -106.84 79.13 -63.85
N GLN A 139 -107.48 78.97 -65.01
CA GLN A 139 -108.89 78.62 -65.04
C GLN A 139 -109.11 77.21 -64.49
N ARG A 140 -108.22 76.28 -64.83
CA ARG A 140 -108.20 74.99 -64.12
C ARG A 140 -108.09 75.20 -62.62
N CYS A 141 -107.27 76.17 -62.19
CA CYS A 141 -107.23 76.56 -60.79
C CYS A 141 -108.57 77.06 -60.31
N LEU A 142 -109.36 77.66 -61.21
CA LEU A 142 -110.69 78.15 -60.87
C LEU A 142 -111.73 77.04 -60.79
N ASP A 143 -111.46 75.89 -61.42
CA ASP A 143 -112.48 74.87 -61.59
C ASP A 143 -112.27 73.59 -60.80
N ASP A 144 -111.02 73.20 -60.53
CA ASP A 144 -110.74 71.89 -59.96
C ASP A 144 -110.85 71.85 -58.44
N HIS A 145 -111.57 72.80 -57.83
CA HIS A 145 -111.92 72.75 -56.41
C HIS A 145 -110.65 72.75 -55.53
N LYS A 146 -109.86 73.80 -55.68
CA LYS A 146 -108.69 74.02 -54.84
C LYS A 146 -108.11 75.38 -55.20
N TYR A 147 -107.72 76.14 -54.18
CA TYR A 147 -107.39 77.54 -54.43
C TYR A 147 -106.09 77.99 -53.79
N LYS A 148 -105.51 77.15 -52.93
CA LYS A 148 -104.11 77.38 -52.55
C LYS A 148 -103.20 77.31 -53.76
N GLN A 149 -103.59 76.52 -54.77
CA GLN A 149 -102.88 76.53 -56.04
C GLN A 149 -103.06 77.84 -56.78
N ALA A 150 -104.32 78.29 -56.92
CA ALA A 150 -104.60 79.54 -57.64
C ALA A 150 -103.90 80.72 -56.99
N ILE A 151 -103.86 80.79 -55.66
CA ILE A 151 -103.06 81.81 -55.01
C ILE A 151 -101.57 81.54 -55.18
N GLY A 152 -101.17 80.27 -55.19
CA GLY A 152 -99.77 79.90 -55.32
C GLY A 152 -99.12 80.42 -56.58
N ILE A 153 -99.73 80.10 -57.73
CA ILE A 153 -99.21 80.63 -58.99
C ILE A 153 -99.40 82.14 -59.06
N ALA A 154 -100.38 82.67 -58.32
CA ALA A 154 -100.55 84.12 -58.25
C ALA A 154 -99.32 84.79 -57.63
N LEU A 155 -98.75 84.19 -56.58
CA LEU A 155 -97.53 84.74 -56.01
C LEU A 155 -96.36 84.64 -56.98
N GLU A 156 -96.06 83.44 -57.46
CA GLU A 156 -94.88 83.23 -58.29
C GLU A 156 -94.96 83.97 -59.62
N THR A 157 -96.17 84.20 -60.13
CA THR A 157 -96.33 84.81 -61.44
C THR A 157 -95.95 86.28 -61.46
N ARG A 158 -95.77 86.91 -60.30
CA ARG A 158 -95.38 88.31 -60.23
C ARG A 158 -96.44 89.22 -60.86
N ARG A 159 -97.69 88.75 -60.85
CA ARG A 159 -98.81 89.49 -61.39
C ARG A 159 -99.75 89.86 -60.25
N LEU A 160 -100.26 91.09 -60.28
CA LEU A 160 -101.06 91.61 -59.18
C LEU A 160 -102.56 91.43 -59.38
N ASP A 161 -103.06 91.74 -60.58
CA ASP A 161 -104.51 91.68 -60.79
C ASP A 161 -105.05 90.26 -60.67
N VAL A 162 -104.32 89.26 -61.16
CA VAL A 162 -104.74 87.88 -60.93
C VAL A 162 -104.64 87.54 -59.45
N PHE A 163 -103.66 88.12 -58.76
CA PHE A 163 -103.53 87.90 -57.33
C PHE A 163 -104.74 88.42 -56.57
N GLU A 164 -105.29 89.56 -57.01
CA GLU A 164 -106.53 90.06 -56.42
C GLU A 164 -107.72 89.24 -56.89
N LYS A 165 -107.68 88.72 -58.11
CA LYS A 165 -108.78 87.91 -58.60
C LYS A 165 -108.90 86.60 -57.83
N THR A 166 -107.79 86.11 -57.28
CA THR A 166 -107.86 84.89 -56.48
C THR A 166 -108.66 85.12 -55.20
N ILE A 167 -108.52 86.30 -54.59
CA ILE A 167 -109.27 86.62 -53.37
C ILE A 167 -110.60 87.26 -53.66
N LEU A 168 -110.87 87.64 -54.91
CA LEU A 168 -112.10 88.29 -55.31
C LEU A 168 -112.76 87.51 -56.44
N GLU A 169 -112.85 86.20 -56.25
CA GLU A 169 -113.45 85.30 -57.23
C GLU A 169 -114.53 84.49 -56.52
N SER A 170 -115.03 83.46 -57.19
CA SER A 170 -115.95 82.51 -56.58
C SER A 170 -115.18 81.51 -55.74
N ASN A 171 -114.46 81.99 -54.73
CA ASN A 171 -113.57 81.11 -53.99
C ASN A 171 -114.04 80.93 -52.56
N ASP A 172 -113.91 82.02 -51.78
CA ASP A 172 -114.58 82.33 -50.53
C ASP A 172 -113.89 83.54 -49.92
N VAL A 173 -114.42 84.05 -48.81
CA VAL A 173 -113.63 84.94 -47.95
C VAL A 173 -113.89 84.62 -46.48
N PRO A 174 -113.64 83.38 -45.99
CA PRO A 174 -113.66 83.18 -44.54
C PRO A 174 -112.45 83.80 -43.85
N GLY A 175 -111.26 83.40 -44.29
CA GLY A 175 -110.01 83.91 -43.76
C GLY A 175 -108.91 83.97 -44.80
N MET A 176 -109.28 83.77 -46.06
CA MET A 176 -108.29 83.78 -47.13
C MET A 176 -107.68 85.15 -47.33
N LEU A 177 -108.35 86.21 -46.86
CA LEU A 177 -107.75 87.53 -46.76
C LEU A 177 -106.94 87.70 -45.49
N ALA A 178 -106.71 86.60 -44.74
CA ALA A 178 -105.86 86.62 -43.57
C ALA A 178 -104.64 85.74 -43.71
N TYR A 179 -104.81 84.44 -44.01
CA TYR A 179 -103.64 83.60 -44.11
C TYR A 179 -102.84 83.88 -45.37
N SER A 180 -103.43 84.56 -46.35
CA SER A 180 -102.62 85.13 -47.42
C SER A 180 -101.65 86.17 -46.85
N LEU A 181 -102.12 87.03 -45.95
CA LEU A 181 -101.23 87.95 -45.27
C LEU A 181 -100.18 87.21 -44.45
N LYS A 182 -100.56 86.12 -43.79
CA LYS A 182 -99.59 85.35 -43.03
C LYS A 182 -98.52 84.76 -43.93
N LEU A 183 -98.90 84.26 -45.11
CA LEU A 183 -97.92 83.69 -46.04
C LEU A 183 -97.01 84.78 -46.59
N CYS A 184 -97.58 85.87 -47.10
CA CYS A 184 -96.80 86.95 -47.67
C CYS A 184 -95.96 87.69 -46.64
N MET A 185 -96.25 87.53 -45.35
CA MET A 185 -95.40 88.10 -44.31
C MET A 185 -94.35 87.11 -43.81
N SER A 186 -94.69 85.83 -43.76
CA SER A 186 -93.77 84.82 -43.23
C SER A 186 -92.78 84.34 -44.28
N LEU A 187 -93.28 83.73 -45.36
CA LEU A 187 -92.43 83.13 -46.37
C LEU A 187 -92.08 84.10 -47.49
N MET A 188 -92.15 85.39 -47.24
CA MET A 188 -91.84 86.38 -48.25
C MET A 188 -90.36 86.38 -48.58
N GLN A 189 -90.05 86.46 -49.88
CA GLN A 189 -88.65 86.43 -50.32
C GLN A 189 -87.95 87.75 -50.01
N ASN A 190 -88.42 88.85 -50.60
CA ASN A 190 -87.75 90.14 -50.48
C ASN A 190 -88.75 91.21 -50.06
N LYS A 191 -88.21 92.33 -49.58
CA LYS A 191 -89.03 93.51 -49.34
C LYS A 191 -89.63 94.06 -50.62
N GLN A 192 -88.94 93.85 -51.76
CA GLN A 192 -89.40 94.41 -53.03
C GLN A 192 -90.75 93.83 -53.45
N PHE A 193 -90.90 92.52 -53.35
CA PHE A 193 -92.18 91.86 -53.62
C PHE A 193 -93.09 91.91 -52.41
N ARG A 194 -92.52 91.98 -51.20
CA ARG A 194 -93.33 92.02 -49.98
C ARG A 194 -94.19 93.27 -49.94
N ASN A 195 -93.57 94.45 -50.03
CA ASN A 195 -94.34 95.68 -49.95
C ASN A 195 -95.29 95.82 -51.14
N LYS A 196 -94.90 95.30 -52.30
CA LYS A 196 -95.78 95.37 -53.46
C LYS A 196 -97.04 94.54 -53.28
N VAL A 197 -96.91 93.35 -52.70
CA VAL A 197 -98.11 92.53 -52.47
C VAL A 197 -98.84 92.99 -51.22
N LEU A 198 -98.15 93.71 -50.34
CA LEU A 198 -98.70 93.98 -49.01
C LEU A 198 -99.44 95.31 -48.96
N ARG A 199 -98.96 96.33 -49.66
CA ARG A 199 -99.54 97.66 -49.56
C ARG A 199 -100.98 97.73 -50.06
N VAL A 200 -101.37 96.82 -50.95
CA VAL A 200 -102.73 96.84 -51.49
C VAL A 200 -103.70 95.95 -50.71
N LEU A 201 -103.21 94.91 -50.05
CA LEU A 201 -104.09 93.96 -49.37
C LEU A 201 -104.90 94.62 -48.26
N VAL A 202 -104.43 95.72 -47.70
CA VAL A 202 -105.22 96.49 -46.74
C VAL A 202 -105.89 97.69 -47.38
N LYS A 203 -105.51 98.07 -48.60
CA LYS A 203 -106.30 99.04 -49.35
C LYS A 203 -107.63 98.43 -49.76
N ILE A 204 -107.62 97.14 -50.12
CA ILE A 204 -108.88 96.42 -50.30
C ILE A 204 -109.59 96.18 -48.97
N TYR A 205 -108.87 96.32 -47.85
CA TYR A 205 -109.52 96.22 -46.55
C TYR A 205 -110.22 97.53 -46.19
N MET A 206 -109.59 98.67 -46.49
CA MET A 206 -110.30 99.94 -46.44
C MET A 206 -111.49 99.92 -47.38
N ASN A 207 -111.32 99.34 -48.57
CA ASN A 207 -112.42 99.19 -49.51
C ASN A 207 -113.48 98.21 -49.04
N LEU A 208 -113.15 97.33 -48.10
CA LEU A 208 -114.14 96.45 -47.51
C LEU A 208 -115.15 97.29 -46.73
N GLU A 209 -116.34 96.71 -46.53
CA GLU A 209 -117.39 97.41 -45.79
C GLU A 209 -116.90 97.82 -44.41
N LYS A 210 -116.59 96.84 -43.58
CA LYS A 210 -115.90 97.13 -42.34
C LYS A 210 -114.46 97.48 -42.68
N PRO A 211 -114.05 98.74 -42.49
CA PRO A 211 -112.66 99.11 -42.80
C PRO A 211 -111.70 98.37 -41.88
N ASP A 212 -110.49 98.12 -42.40
CA ASP A 212 -109.51 97.35 -41.65
C ASP A 212 -109.14 98.08 -40.37
N PHE A 213 -108.94 97.31 -39.30
CA PHE A 213 -108.75 97.87 -37.97
C PHE A 213 -107.38 97.56 -37.39
N ILE A 214 -106.97 96.29 -37.37
CA ILE A 214 -105.77 95.92 -36.63
C ILE A 214 -104.58 95.69 -37.57
N ASN A 215 -104.76 94.85 -38.60
CA ASN A 215 -103.62 94.55 -39.47
C ASN A 215 -103.48 95.57 -40.59
N VAL A 216 -104.39 96.55 -40.68
CA VAL A 216 -104.10 97.72 -41.50
C VAL A 216 -103.02 98.57 -40.85
N CYS A 217 -102.96 98.56 -39.52
CA CYS A 217 -101.86 99.21 -38.81
C CYS A 217 -100.67 98.27 -38.66
N GLN A 218 -100.95 96.96 -38.52
CA GLN A 218 -99.88 95.97 -38.51
C GLN A 218 -99.05 96.05 -39.78
N CYS A 219 -99.70 96.13 -40.94
CA CYS A 219 -98.96 96.33 -42.17
C CYS A 219 -98.47 97.77 -42.30
N LEU A 220 -99.23 98.72 -41.74
CA LEU A 220 -98.85 100.13 -41.87
C LEU A 220 -97.51 100.41 -41.22
N ILE A 221 -97.23 99.79 -40.06
CA ILE A 221 -95.89 99.85 -39.50
C ILE A 221 -94.94 98.93 -40.25
N PHE A 222 -95.46 98.04 -41.09
CA PHE A 222 -94.61 97.28 -42.01
C PHE A 222 -94.27 98.09 -43.25
N LEU A 223 -94.87 99.28 -43.41
CA LEU A 223 -94.79 100.02 -44.65
C LEU A 223 -94.48 101.50 -44.43
N ASP A 224 -94.34 101.95 -43.19
CA ASP A 224 -93.94 103.33 -42.88
C ASP A 224 -94.95 104.34 -43.42
N ASP A 225 -96.15 104.30 -42.85
CA ASP A 225 -97.23 105.15 -43.32
C ASP A 225 -97.72 106.07 -42.20
N PRO A 226 -97.02 107.18 -41.94
CA PRO A 226 -97.43 108.08 -40.86
C PRO A 226 -98.71 108.86 -41.14
N GLN A 227 -98.75 109.53 -42.29
CA GLN A 227 -99.78 110.51 -42.56
C GLN A 227 -101.13 109.85 -42.83
N ALA A 228 -101.12 108.65 -43.41
CA ALA A 228 -102.38 107.97 -43.65
C ALA A 228 -103.00 107.45 -42.37
N VAL A 229 -102.20 106.90 -41.46
CA VAL A 229 -102.76 106.49 -40.17
C VAL A 229 -103.18 107.70 -39.37
N SER A 230 -102.52 108.84 -39.57
CA SER A 230 -103.05 110.08 -39.00
C SER A 230 -104.38 110.47 -39.62
N ASP A 231 -104.56 110.22 -40.91
CA ASP A 231 -105.81 110.57 -41.58
C ASP A 231 -106.96 109.71 -41.11
N ILE A 232 -106.79 108.38 -41.16
CA ILE A 232 -107.81 107.49 -40.64
C ILE A 232 -108.02 107.70 -39.13
N LEU A 233 -106.97 108.10 -38.42
CA LEU A 233 -107.16 108.60 -37.06
C LEU A 233 -108.13 109.77 -37.04
N GLU A 234 -108.00 110.68 -38.00
CA GLU A 234 -108.97 111.77 -38.13
C GLU A 234 -110.37 111.23 -38.46
N LYS A 235 -110.45 110.11 -39.16
CA LYS A 235 -111.75 109.53 -39.49
C LYS A 235 -112.40 108.91 -38.26
N LEU A 236 -111.61 108.30 -37.38
CA LEU A 236 -112.14 107.84 -36.10
C LEU A 236 -112.38 109.01 -35.15
N VAL A 237 -111.79 110.16 -35.44
CA VAL A 237 -112.16 111.39 -34.75
C VAL A 237 -113.54 111.86 -35.20
N LYS A 238 -113.79 111.84 -36.51
CA LYS A 238 -115.09 112.23 -37.04
C LYS A 238 -116.17 111.27 -36.54
N GLU A 239 -115.91 109.97 -36.60
CA GLU A 239 -116.85 108.99 -36.06
C GLU A 239 -116.96 109.10 -34.56
N ASP A 240 -115.89 109.53 -33.89
CA ASP A 240 -115.88 109.81 -32.46
C ASP A 240 -116.23 108.56 -31.64
N ASN A 241 -115.35 107.57 -31.73
CA ASN A 241 -115.42 106.42 -30.85
C ASN A 241 -114.02 105.87 -30.65
N LEU A 242 -113.49 106.05 -29.43
CA LEU A 242 -112.24 105.41 -29.05
C LEU A 242 -112.34 103.90 -29.00
N LEU A 243 -113.55 103.35 -28.93
CA LEU A 243 -113.72 101.91 -28.96
C LEU A 243 -113.20 101.32 -30.26
N MET A 244 -113.53 101.95 -31.39
CA MET A 244 -112.95 101.55 -32.67
C MET A 244 -111.76 102.40 -33.06
N ALA A 245 -111.49 103.49 -32.34
CA ALA A 245 -110.26 104.25 -32.47
C ALA A 245 -109.16 103.73 -31.55
N TYR A 246 -109.18 102.42 -31.28
CA TYR A 246 -108.38 101.82 -30.23
C TYR A 246 -107.31 100.88 -30.77
N GLN A 247 -107.70 99.83 -31.50
CA GLN A 247 -106.74 98.87 -32.01
C GLN A 247 -105.93 99.44 -33.16
N ILE A 248 -106.41 100.50 -33.80
CA ILE A 248 -105.59 101.19 -34.79
C ILE A 248 -104.52 102.04 -34.12
N CYS A 249 -104.61 102.23 -32.80
CA CYS A 249 -103.69 103.09 -32.06
C CYS A 249 -102.71 102.31 -31.19
N PHE A 250 -103.20 101.45 -30.30
CA PHE A 250 -102.28 100.71 -29.44
C PHE A 250 -101.49 99.66 -30.19
N ASP A 251 -101.96 99.23 -31.37
CA ASP A 251 -101.12 98.46 -32.26
C ASP A 251 -99.97 99.31 -32.80
N LEU A 252 -100.28 100.55 -33.20
CA LEU A 252 -99.25 101.47 -33.68
C LEU A 252 -98.23 101.76 -32.59
N TYR A 253 -98.65 101.82 -31.33
CA TYR A 253 -97.68 102.00 -30.26
C TYR A 253 -96.91 100.71 -29.99
N GLU A 254 -97.60 99.57 -30.00
CA GLU A 254 -96.97 98.31 -29.68
C GLU A 254 -95.86 97.96 -30.67
N SER A 255 -96.09 98.23 -31.95
CA SER A 255 -95.14 97.79 -32.97
C SER A 255 -94.38 98.94 -33.61
N ALA A 256 -95.02 100.09 -33.76
CA ALA A 256 -94.41 101.24 -34.42
C ALA A 256 -93.23 101.75 -33.61
N SER A 257 -92.36 102.50 -34.29
CA SER A 257 -91.15 103.00 -33.67
C SER A 257 -91.42 104.29 -32.90
N GLN A 258 -90.61 104.51 -31.87
CA GLN A 258 -90.73 105.74 -31.08
C GLN A 258 -90.43 106.97 -31.93
N GLN A 259 -89.39 106.89 -32.76
CA GLN A 259 -89.12 107.98 -33.69
C GLN A 259 -90.26 108.15 -34.69
N PHE A 260 -90.87 107.04 -35.10
CA PHE A 260 -92.02 107.08 -36.00
C PHE A 260 -93.16 107.88 -35.38
N LEU A 261 -93.53 107.55 -34.14
CA LEU A 261 -94.58 108.28 -33.44
C LEU A 261 -94.19 109.73 -33.22
N SER A 262 -92.95 110.00 -32.79
CA SER A 262 -92.51 111.37 -32.56
C SER A 262 -92.55 112.22 -33.83
N SER A 263 -92.31 111.61 -35.00
CA SER A 263 -92.41 112.33 -36.25
C SER A 263 -93.85 112.48 -36.74
N VAL A 264 -94.72 111.52 -36.42
CA VAL A 264 -96.09 111.58 -36.91
C VAL A 264 -96.99 112.45 -36.04
N ILE A 265 -96.69 112.59 -34.74
CA ILE A 265 -97.53 113.38 -33.85
C ILE A 265 -97.63 114.84 -34.26
N GLN A 266 -96.59 115.39 -34.89
CA GLN A 266 -96.68 116.75 -35.42
C GLN A 266 -97.81 116.85 -36.45
N ASN A 267 -98.03 115.79 -37.21
CA ASN A 267 -99.17 115.70 -38.11
C ASN A 267 -100.47 115.39 -37.38
N LEU A 268 -100.43 114.60 -36.29
CA LEU A 268 -101.63 114.37 -35.52
C LEU A 268 -102.17 115.64 -34.89
N ARG A 269 -101.28 116.58 -34.54
CA ARG A 269 -101.68 117.87 -34.01
C ARG A 269 -101.68 118.95 -35.09
N THR A 270 -101.97 118.58 -36.32
CA THR A 270 -102.01 119.54 -37.42
C THR A 270 -103.20 119.29 -38.34
N ASP A 320 -110.95 113.06 -25.34
CA ASP A 320 -111.49 113.48 -26.63
C ASP A 320 -110.48 113.24 -27.74
N GLN A 321 -110.80 113.74 -28.93
CA GLN A 321 -109.90 113.57 -30.08
C GLN A 321 -108.69 114.48 -30.01
N THR A 322 -108.85 115.72 -29.52
CA THR A 322 -107.68 116.57 -29.30
C THR A 322 -106.77 115.97 -28.24
N LEU A 323 -107.34 115.28 -27.26
CA LEU A 323 -106.56 114.53 -26.29
C LEU A 323 -106.10 113.17 -26.84
N LYS A 324 -106.59 112.77 -28.02
CA LYS A 324 -106.24 111.46 -28.56
C LYS A 324 -104.75 111.36 -28.85
N MET A 325 -104.14 112.46 -29.30
CA MET A 325 -102.70 112.44 -29.59
C MET A 325 -101.88 112.19 -28.34
N ILE A 326 -102.36 112.65 -27.18
CA ILE A 326 -101.65 112.39 -25.94
C ILE A 326 -102.04 111.03 -25.35
N LYS A 327 -103.22 110.53 -25.74
CA LYS A 327 -103.73 109.28 -25.20
C LYS A 327 -103.08 108.07 -25.87
N ILE A 328 -103.12 108.03 -27.20
CA ILE A 328 -102.64 106.85 -27.92
C ILE A 328 -101.12 106.89 -28.09
N LEU A 329 -100.59 108.09 -28.37
CA LEU A 329 -99.18 108.22 -28.72
C LEU A 329 -98.30 108.09 -27.49
N SER A 330 -98.54 108.91 -26.47
CA SER A 330 -97.75 108.86 -25.24
C SER A 330 -97.88 107.51 -24.56
N GLY A 331 -99.02 106.84 -24.76
CA GLY A 331 -99.22 105.53 -24.19
C GLY A 331 -99.21 105.51 -22.67
N GLU A 332 -99.54 106.64 -22.04
CA GLU A 332 -99.53 106.69 -20.58
C GLU A 332 -100.54 105.73 -19.98
N MET A 333 -101.77 105.71 -20.51
CA MET A 333 -102.82 104.86 -19.97
C MET A 333 -102.47 103.38 -20.02
N ALA A 334 -101.46 102.97 -20.79
CA ALA A 334 -100.88 101.65 -20.62
C ALA A 334 -99.74 101.66 -19.61
N ILE A 335 -99.09 102.81 -19.43
CA ILE A 335 -97.98 102.92 -18.48
C ILE A 335 -98.48 102.77 -17.05
N GLU A 336 -99.34 103.69 -16.61
CA GLU A 336 -99.88 103.61 -15.26
C GLU A 336 -100.90 102.48 -15.13
N LEU A 337 -101.35 101.90 -16.24
CA LEU A 337 -102.14 100.68 -16.15
C LEU A 337 -101.26 99.47 -15.87
N HIS A 338 -100.06 99.43 -16.45
CA HIS A 338 -99.13 98.38 -16.11
C HIS A 338 -98.63 98.53 -14.68
N LEU A 339 -98.27 99.75 -14.28
CA LEU A 339 -97.96 100.00 -12.87
C LEU A 339 -99.15 99.65 -11.99
N GLN A 340 -100.37 99.85 -12.49
CA GLN A 340 -101.56 99.43 -11.77
C GLN A 340 -101.58 97.92 -11.58
N PHE A 341 -101.37 97.16 -12.66
CA PHE A 341 -101.38 95.71 -12.58
C PHE A 341 -100.23 95.19 -11.72
N LEU A 342 -99.16 95.97 -11.59
CA LEU A 342 -98.04 95.59 -10.73
C LEU A 342 -98.32 95.87 -9.27
N ILE A 343 -98.88 97.03 -8.95
CA ILE A 343 -99.24 97.32 -7.57
C ILE A 343 -100.38 96.44 -7.10
N ARG A 344 -101.22 95.96 -8.01
CA ARG A 344 -102.32 95.06 -7.64
C ARG A 344 -101.85 93.61 -7.57
N ASN A 345 -101.16 93.14 -8.61
CA ASN A 345 -100.70 91.76 -8.67
C ASN A 345 -99.25 91.72 -8.20
N ASN A 346 -98.99 90.99 -7.13
CA ASN A 346 -97.68 90.89 -6.52
C ASN A 346 -97.33 89.45 -6.20
N ASN A 347 -97.42 88.57 -7.19
CA ASN A 347 -97.19 87.14 -6.99
C ASN A 347 -95.69 86.92 -6.77
N THR A 348 -95.24 87.33 -5.58
CA THR A 348 -93.83 87.32 -5.23
C THR A 348 -93.67 86.74 -3.83
N ASP A 349 -92.49 86.86 -3.25
CA ASP A 349 -92.28 86.30 -1.92
C ASP A 349 -91.16 87.04 -1.20
N LEU A 350 -91.42 87.45 0.05
CA LEU A 350 -90.41 88.16 0.83
C LEU A 350 -89.37 87.22 1.42
N MET A 351 -89.66 85.93 1.50
CA MET A 351 -88.72 84.98 2.06
C MET A 351 -87.74 84.44 1.04
N ILE A 352 -87.97 84.71 -0.26
CA ILE A 352 -87.05 84.23 -1.29
C ILE A 352 -85.65 84.79 -1.06
N LEU A 353 -85.55 86.11 -0.90
CA LEU A 353 -84.26 86.71 -0.59
C LEU A 353 -83.82 86.36 0.83
N LYS A 354 -84.72 85.87 1.68
CA LYS A 354 -84.32 85.39 2.99
C LYS A 354 -83.57 84.06 2.90
N ASN A 355 -83.99 83.18 1.99
CA ASN A 355 -83.26 81.94 1.78
C ASN A 355 -81.83 82.23 1.31
N THR A 356 -81.68 83.12 0.36
CA THR A 356 -80.36 83.56 -0.12
C THR A 356 -79.73 84.58 0.80
N LYS A 357 -80.38 84.90 1.93
CA LYS A 357 -79.80 85.84 2.88
C LYS A 357 -78.63 85.23 3.64
N ASP A 358 -78.51 83.90 3.60
CA ASP A 358 -77.43 83.22 4.30
C ASP A 358 -76.09 83.39 3.58
N ALA A 359 -76.12 83.89 2.35
CA ALA A 359 -74.90 84.13 1.58
C ALA A 359 -74.30 85.49 1.94
N VAL A 360 -74.00 85.69 3.22
CA VAL A 360 -73.41 86.94 3.68
C VAL A 360 -71.90 86.87 3.51
N ARG A 361 -71.42 87.27 2.35
CA ARG A 361 -70.00 87.32 2.05
C ARG A 361 -69.67 88.62 1.33
N ASN A 362 -68.38 88.94 1.30
CA ASN A 362 -67.88 90.20 0.76
C ASN A 362 -67.41 90.09 -0.68
N SER A 363 -68.00 89.21 -1.49
CA SER A 363 -67.42 88.91 -2.79
C SER A 363 -68.32 89.42 -3.90
N VAL A 364 -69.52 88.86 -4.08
CA VAL A 364 -70.38 89.32 -5.17
C VAL A 364 -71.83 89.39 -4.73
N CYS A 365 -72.15 88.75 -3.60
CA CYS A 365 -73.55 88.41 -3.32
C CYS A 365 -74.40 89.64 -3.07
N HIS A 366 -73.77 90.76 -2.70
CA HIS A 366 -74.54 92.00 -2.54
C HIS A 366 -75.15 92.44 -3.86
N THR A 367 -74.31 92.66 -4.87
CA THR A 367 -74.82 92.94 -6.20
C THR A 367 -75.66 91.78 -6.74
N ALA A 368 -75.36 90.56 -6.30
CA ALA A 368 -76.15 89.40 -6.70
C ALA A 368 -77.59 89.49 -6.21
N THR A 369 -77.79 90.11 -5.04
CA THR A 369 -79.14 90.22 -4.50
C THR A 369 -79.84 91.49 -4.97
N VAL A 370 -79.15 92.63 -4.90
CA VAL A 370 -79.73 93.87 -5.40
C VAL A 370 -80.01 93.80 -6.89
N ILE A 371 -79.32 92.92 -7.62
CA ILE A 371 -79.64 92.71 -9.03
C ILE A 371 -80.84 91.80 -9.20
N ALA A 372 -81.07 90.87 -8.27
CA ALA A 372 -82.18 89.92 -8.43
C ALA A 372 -83.50 90.54 -8.01
N ASN A 373 -83.53 91.23 -6.87
CA ASN A 373 -84.77 91.84 -6.41
C ASN A 373 -85.24 92.97 -7.34
N SER A 374 -84.31 93.72 -7.93
CA SER A 374 -84.71 94.74 -8.90
C SER A 374 -85.24 94.10 -10.18
N PHE A 375 -84.72 92.92 -10.55
CA PHE A 375 -85.28 92.20 -11.69
C PHE A 375 -86.68 91.69 -11.39
N MET A 376 -86.90 91.16 -10.19
CA MET A 376 -88.17 90.58 -9.81
C MET A 376 -89.15 91.61 -9.26
N HIS A 377 -88.78 92.89 -9.24
CA HIS A 377 -89.68 93.93 -8.76
C HIS A 377 -89.60 95.16 -9.66
N CYS A 378 -89.58 94.94 -10.97
CA CYS A 378 -89.50 96.04 -11.94
C CYS A 378 -90.81 96.81 -11.90
N GLY A 379 -90.83 97.93 -11.20
CA GLY A 379 -92.02 98.77 -11.16
C GLY A 379 -93.05 98.33 -10.13
N THR A 380 -92.59 98.00 -8.93
CA THR A 380 -93.51 97.71 -7.84
C THR A 380 -93.27 98.69 -6.69
N THR A 381 -92.04 99.22 -6.63
CA THR A 381 -91.65 100.22 -5.63
C THR A 381 -91.88 99.71 -4.22
N SER A 382 -91.34 98.52 -3.95
CA SER A 382 -91.51 97.84 -2.67
C SER A 382 -90.14 97.72 -2.01
N ASP A 383 -89.84 98.64 -1.10
CA ASP A 383 -88.54 98.68 -0.44
C ASP A 383 -88.63 98.05 0.94
N GLN A 384 -88.93 96.75 0.96
CA GLN A 384 -88.87 95.96 2.18
C GLN A 384 -87.78 94.90 2.14
N PHE A 385 -87.40 94.42 0.97
CA PHE A 385 -86.30 93.48 0.82
C PHE A 385 -84.95 94.08 1.19
N LEU A 386 -84.80 95.39 1.07
CA LEU A 386 -83.55 96.08 1.38
C LEU A 386 -83.57 96.76 2.73
N ARG A 387 -84.70 97.34 3.11
CA ARG A 387 -84.83 98.10 4.34
C ARG A 387 -84.87 97.22 5.58
N ASP A 388 -84.70 95.90 5.44
CA ASP A 388 -84.62 95.03 6.60
C ASP A 388 -83.31 95.24 7.36
N ASN A 389 -82.32 95.87 6.73
CA ASN A 389 -81.03 96.12 7.36
C ASN A 389 -80.36 97.30 6.67
N LEU A 390 -79.26 97.74 7.23
CA LEU A 390 -78.41 98.76 6.62
C LEU A 390 -76.95 98.36 6.58
N GLU A 391 -76.50 97.54 7.54
CA GLU A 391 -75.08 97.21 7.63
C GLU A 391 -74.68 96.17 6.59
N TRP A 392 -75.45 95.08 6.47
CA TRP A 392 -75.15 94.10 5.44
C TRP A 392 -75.30 94.68 4.05
N LEU A 393 -76.34 95.49 3.82
CA LEU A 393 -76.49 96.13 2.52
C LEU A 393 -75.34 97.09 2.25
N ALA A 394 -74.91 97.85 3.27
CA ALA A 394 -73.76 98.74 3.15
C ALA A 394 -72.44 98.01 3.37
N ARG A 395 -72.45 96.68 3.32
CA ARG A 395 -71.23 95.92 3.56
C ARG A 395 -70.24 96.05 2.40
N ALA A 396 -70.65 95.62 1.22
CA ALA A 396 -69.81 95.77 0.05
C ALA A 396 -69.68 97.25 -0.31
N THR A 397 -68.55 97.60 -0.93
CA THR A 397 -68.22 99.00 -1.17
C THR A 397 -67.51 99.18 -2.49
N ASN A 398 -67.59 100.42 -2.99
CA ASN A 398 -66.82 100.94 -4.11
C ASN A 398 -67.30 100.40 -5.46
N TRP A 399 -68.09 99.32 -5.46
CA TRP A 399 -68.89 98.97 -6.62
C TRP A 399 -70.28 98.44 -6.27
N ALA A 400 -70.48 97.85 -5.08
CA ALA A 400 -71.78 97.29 -4.76
C ALA A 400 -72.66 98.31 -4.07
N LYS A 401 -72.08 99.43 -3.62
CA LYS A 401 -72.87 100.60 -3.30
C LYS A 401 -73.29 101.33 -4.57
N PHE A 402 -72.41 101.34 -5.57
CA PHE A 402 -72.79 101.81 -6.90
C PHE A 402 -73.94 100.99 -7.47
N THR A 403 -73.84 99.66 -7.37
CA THR A 403 -74.93 98.78 -7.78
C THR A 403 -76.10 98.84 -6.82
N ALA A 404 -75.86 99.29 -5.59
CA ALA A 404 -76.96 99.46 -4.64
C ALA A 404 -77.83 100.64 -5.03
N THR A 405 -77.21 101.80 -5.26
CA THR A 405 -77.90 102.95 -5.80
C THR A 405 -78.35 102.75 -7.24
N ALA A 406 -77.82 101.74 -7.93
CA ALA A 406 -78.30 101.43 -9.27
C ALA A 406 -79.57 100.58 -9.24
N SER A 407 -79.61 99.58 -8.35
CA SER A 407 -80.75 98.68 -8.26
C SER A 407 -82.01 99.35 -7.72
N LEU A 408 -81.88 100.55 -7.15
CA LEU A 408 -83.04 101.23 -6.58
C LEU A 408 -84.03 101.65 -7.66
N GLY A 409 -83.53 102.18 -8.77
CA GLY A 409 -84.41 102.72 -9.80
C GLY A 409 -85.23 101.67 -10.51
N VAL A 410 -84.67 100.47 -10.70
CA VAL A 410 -85.38 99.44 -11.45
C VAL A 410 -86.60 98.94 -10.69
N ILE A 411 -86.51 98.84 -9.36
CA ILE A 411 -87.69 98.48 -8.59
C ILE A 411 -88.70 99.62 -8.60
N HIS A 412 -88.24 100.85 -8.83
CA HIS A 412 -89.12 101.99 -9.05
C HIS A 412 -89.26 102.29 -10.54
N LYS A 413 -89.15 101.27 -11.38
CA LYS A 413 -89.21 101.46 -12.82
C LYS A 413 -90.60 101.91 -13.23
N GLY A 414 -90.66 102.82 -14.21
CA GLY A 414 -91.93 103.30 -14.72
C GLY A 414 -92.75 104.04 -13.68
N HIS A 415 -92.18 105.12 -13.13
CA HIS A 415 -92.87 105.89 -12.10
C HIS A 415 -92.17 107.23 -11.96
N GLU A 416 -92.90 108.31 -12.15
CA GLU A 416 -92.30 109.64 -12.21
C GLU A 416 -92.02 110.22 -10.82
N LYS A 417 -92.96 110.06 -9.89
CA LYS A 417 -92.86 110.74 -8.61
C LYS A 417 -91.70 110.21 -7.77
N GLU A 418 -91.74 108.91 -7.45
CA GLU A 418 -90.81 108.32 -6.49
C GLU A 418 -89.48 107.96 -7.16
N ALA A 419 -88.91 108.96 -7.83
CA ALA A 419 -87.58 108.86 -8.40
C ALA A 419 -86.61 109.86 -7.80
N LEU A 420 -87.01 111.13 -7.72
CA LEU A 420 -86.17 112.13 -7.07
C LEU A 420 -86.46 112.22 -5.58
N GLN A 421 -87.72 112.01 -5.18
CA GLN A 421 -88.08 112.13 -3.78
C GLN A 421 -87.47 111.02 -2.93
N LEU A 422 -87.52 109.77 -3.41
CA LEU A 422 -86.91 108.68 -2.65
C LEU A 422 -85.39 108.74 -2.71
N MET A 423 -84.83 109.16 -3.84
CA MET A 423 -83.39 109.34 -3.98
C MET A 423 -82.94 110.71 -3.49
N ALA A 424 -83.78 111.42 -2.75
CA ALA A 424 -83.38 112.72 -2.20
C ALA A 424 -82.19 112.59 -1.27
N THR A 425 -82.08 111.46 -0.56
CA THR A 425 -80.89 111.21 0.25
C THR A 425 -79.69 110.90 -0.64
N TYR A 426 -79.93 110.47 -1.88
CA TYR A 426 -78.89 109.98 -2.75
C TYR A 426 -78.46 111.01 -3.80
N LEU A 427 -78.90 112.26 -3.67
CA LEU A 427 -78.32 113.30 -4.48
C LEU A 427 -76.86 113.49 -4.10
N PRO A 428 -75.96 113.63 -5.09
CA PRO A 428 -74.52 113.69 -4.76
C PRO A 428 -74.10 114.97 -4.04
N LYS A 429 -74.99 115.96 -3.91
CA LYS A 429 -74.65 117.21 -3.24
C LYS A 429 -75.41 117.42 -1.94
N ASP A 430 -76.02 116.38 -1.39
CA ASP A 430 -76.75 116.47 -0.13
C ASP A 430 -75.99 115.85 1.03
N THR A 431 -75.62 114.58 0.89
CA THR A 431 -74.90 113.88 1.95
C THR A 431 -73.40 114.07 1.86
N SER A 432 -72.82 113.89 0.68
CA SER A 432 -71.38 114.02 0.46
C SER A 432 -70.62 113.00 1.31
N PRO A 433 -70.79 111.69 1.05
CA PRO A 433 -70.07 110.69 1.84
C PRO A 433 -68.68 110.43 1.29
N GLY A 434 -67.94 109.51 1.91
CA GLY A 434 -66.65 109.11 1.37
C GLY A 434 -66.74 108.25 0.12
N SER A 435 -67.94 107.88 -0.31
CA SER A 435 -68.14 107.07 -1.50
C SER A 435 -68.85 107.90 -2.55
N ALA A 436 -68.18 108.09 -3.70
CA ALA A 436 -68.79 108.80 -4.82
C ALA A 436 -69.60 107.88 -5.72
N TYR A 437 -69.44 106.56 -5.60
CA TYR A 437 -70.25 105.63 -6.37
C TYR A 437 -71.65 105.51 -5.81
N GLN A 438 -71.79 105.59 -4.49
CA GLN A 438 -73.13 105.57 -3.88
C GLN A 438 -73.96 106.75 -4.36
N GLU A 439 -73.36 107.94 -4.39
CA GLU A 439 -74.04 109.14 -4.86
C GLU A 439 -74.02 109.28 -6.37
N GLY A 440 -73.22 108.49 -7.08
CA GLY A 440 -73.08 108.62 -8.51
C GLY A 440 -73.96 107.64 -9.27
N GLY A 441 -74.21 106.49 -8.67
CA GLY A 441 -75.05 105.48 -9.28
C GLY A 441 -76.53 105.74 -9.22
N GLY A 442 -76.94 106.97 -8.90
CA GLY A 442 -78.36 107.27 -8.84
C GLY A 442 -78.94 107.63 -10.20
N LEU A 443 -78.29 108.57 -10.90
CA LEU A 443 -78.75 108.98 -12.24
C LEU A 443 -78.84 107.80 -13.18
N TYR A 444 -77.93 106.83 -13.05
CA TYR A 444 -78.09 105.53 -13.68
C TYR A 444 -79.48 104.97 -13.45
N ALA A 445 -79.93 104.95 -12.19
CA ALA A 445 -81.29 104.52 -11.88
C ALA A 445 -82.33 105.47 -12.45
N LEU A 446 -81.98 106.74 -12.65
CA LEU A 446 -82.91 107.66 -13.30
C LEU A 446 -83.19 107.25 -14.74
N GLY A 447 -82.13 107.03 -15.52
CA GLY A 447 -82.30 106.53 -16.88
C GLY A 447 -82.99 105.18 -16.92
N LEU A 448 -82.68 104.31 -15.95
CA LEU A 448 -83.39 103.03 -15.87
C LEU A 448 -84.87 103.22 -15.62
N ILE A 449 -85.25 104.24 -14.84
CA ILE A 449 -86.66 104.48 -14.55
C ILE A 449 -87.36 105.07 -15.76
N HIS A 450 -86.73 106.04 -16.41
CA HIS A 450 -87.33 106.74 -17.54
C HIS A 450 -86.74 106.32 -18.88
N ALA A 451 -86.44 105.03 -19.02
CA ALA A 451 -86.03 104.51 -20.32
C ALA A 451 -87.18 104.61 -21.31
N ASN A 452 -86.90 105.15 -22.49
CA ASN A 452 -87.89 105.33 -23.55
C ASN A 452 -88.95 106.37 -23.15
N HIS A 453 -88.58 107.29 -22.25
CA HIS A 453 -89.46 108.41 -21.86
C HIS A 453 -88.59 109.66 -21.80
N GLY A 454 -88.49 110.35 -22.93
CA GLY A 454 -87.69 111.55 -22.99
C GLY A 454 -88.43 112.75 -22.42
N GLY A 455 -87.65 113.67 -21.85
CA GLY A 455 -88.23 114.86 -21.25
C GLY A 455 -87.33 115.52 -20.24
N ASP A 456 -87.88 115.84 -19.08
CA ASP A 456 -87.14 116.51 -18.02
C ASP A 456 -85.93 115.72 -17.54
N ILE A 457 -85.97 114.39 -17.64
CA ILE A 457 -84.84 113.58 -17.20
C ILE A 457 -83.65 113.80 -18.13
N ILE A 458 -83.92 114.06 -19.41
CA ILE A 458 -82.84 114.23 -20.38
C ILE A 458 -81.98 115.45 -20.02
N ASP A 459 -82.62 116.60 -19.83
CA ASP A 459 -81.88 117.80 -19.45
C ASP A 459 -81.42 117.73 -18.01
N TYR A 460 -82.17 117.02 -17.15
CA TYR A 460 -81.77 116.87 -15.76
C TYR A 460 -80.43 116.17 -15.64
N LEU A 461 -80.21 115.12 -16.44
CA LEU A 461 -78.91 114.49 -16.53
C LEU A 461 -77.94 115.30 -17.40
N LEU A 462 -78.46 116.09 -18.33
CA LEU A 462 -77.61 116.82 -19.26
C LEU A 462 -76.84 117.92 -18.55
N ASN A 463 -77.56 118.85 -17.91
CA ASN A 463 -76.89 119.96 -17.24
C ASN A 463 -76.03 119.47 -16.07
N GLN A 464 -76.35 118.32 -15.51
CA GLN A 464 -75.51 117.74 -14.46
C GLN A 464 -74.23 117.13 -15.02
N LEU A 465 -74.31 116.41 -16.14
CA LEU A 465 -73.10 115.92 -16.79
C LEU A 465 -72.30 117.03 -17.48
N LYS A 466 -72.88 118.23 -17.61
CA LYS A 466 -72.11 119.36 -18.12
C LYS A 466 -70.97 119.69 -17.17
N ASN A 467 -71.27 119.82 -15.88
CA ASN A 467 -70.27 120.11 -14.86
C ASN A 467 -70.47 119.15 -13.70
N ALA A 468 -69.47 118.31 -13.45
CA ALA A 468 -69.55 117.33 -12.37
C ALA A 468 -68.17 117.00 -11.82
N SER A 469 -68.09 115.93 -11.05
CA SER A 469 -66.81 115.43 -10.55
C SER A 469 -66.10 114.66 -11.65
N ASN A 470 -65.07 113.91 -11.29
CA ASN A 470 -64.42 113.04 -12.25
C ASN A 470 -65.31 111.86 -12.58
N ASP A 471 -64.87 110.94 -13.44
CA ASP A 471 -65.74 109.91 -13.95
C ASP A 471 -65.98 108.79 -12.93
N ILE A 472 -65.54 108.97 -11.70
CA ILE A 472 -65.88 108.02 -10.64
C ILE A 472 -67.37 108.09 -10.34
N VAL A 473 -68.00 109.22 -10.64
CA VAL A 473 -69.44 109.39 -10.48
C VAL A 473 -70.17 109.33 -11.81
N ARG A 474 -69.58 109.86 -12.89
CA ARG A 474 -70.29 109.95 -14.17
C ARG A 474 -70.44 108.60 -14.86
N HIS A 475 -69.89 107.53 -14.27
CA HIS A 475 -70.02 106.20 -14.86
C HIS A 475 -71.47 105.78 -15.06
N GLY A 476 -72.23 105.67 -13.97
CA GLY A 476 -73.58 105.12 -14.07
C GLY A 476 -74.49 105.95 -14.95
N GLY A 477 -74.64 107.23 -14.64
CA GLY A 477 -75.47 108.11 -15.43
C GLY A 477 -74.98 108.25 -16.86
N SER A 478 -73.69 108.02 -17.07
CA SER A 478 -73.14 108.06 -18.41
C SER A 478 -73.53 106.82 -19.21
N LEU A 479 -73.49 105.65 -18.57
CA LEU A 479 -73.87 104.42 -19.25
C LEU A 479 -75.36 104.34 -19.51
N GLY A 480 -76.18 104.70 -18.52
CA GLY A 480 -77.62 104.69 -18.72
C GLY A 480 -78.16 105.93 -19.39
N LEU A 481 -77.30 106.94 -19.58
CA LEU A 481 -77.73 108.20 -20.19
C LEU A 481 -78.31 107.97 -21.57
N GLY A 482 -77.61 107.18 -22.40
CA GLY A 482 -78.13 106.86 -23.71
C GLY A 482 -79.25 105.84 -23.70
N LEU A 483 -79.25 104.92 -22.73
CA LEU A 483 -80.32 103.94 -22.66
C LEU A 483 -81.65 104.60 -22.29
N ALA A 484 -81.61 105.69 -21.53
CA ALA A 484 -82.82 106.46 -21.27
C ALA A 484 -83.26 107.19 -22.53
N ALA A 485 -82.37 108.04 -23.06
CA ALA A 485 -82.63 108.69 -24.34
C ALA A 485 -82.18 107.80 -25.49
N MET A 486 -82.80 106.63 -25.62
CA MET A 486 -82.41 105.66 -26.64
C MET A 486 -83.29 105.72 -27.88
N GLY A 487 -84.56 106.08 -27.74
CA GLY A 487 -85.44 106.17 -28.88
C GLY A 487 -85.57 107.59 -29.39
N THR A 488 -85.27 108.56 -28.53
CA THR A 488 -85.41 109.96 -28.90
C THR A 488 -84.33 110.43 -29.87
N ALA A 489 -83.16 109.79 -29.88
CA ALA A 489 -82.06 110.16 -30.75
C ALA A 489 -81.63 111.60 -30.50
N ARG A 490 -81.17 111.86 -29.29
CA ARG A 490 -80.84 113.21 -28.86
C ARG A 490 -79.45 113.61 -29.38
N GLN A 491 -79.45 114.35 -30.48
CA GLN A 491 -78.19 114.90 -31.00
C GLN A 491 -77.49 115.79 -29.98
N ASP A 492 -78.25 116.50 -29.15
CA ASP A 492 -77.65 117.37 -28.15
C ASP A 492 -76.82 116.59 -27.13
N VAL A 493 -77.36 115.48 -26.60
CA VAL A 493 -76.58 114.67 -25.67
C VAL A 493 -75.47 113.95 -26.43
N TYR A 494 -75.73 113.59 -27.68
CA TYR A 494 -74.67 112.98 -28.49
C TYR A 494 -73.46 113.89 -28.63
N ASP A 495 -73.67 115.21 -28.69
CA ASP A 495 -72.57 116.15 -28.85
C ASP A 495 -71.57 116.05 -27.70
N LEU A 496 -72.05 116.32 -26.47
CA LEU A 496 -71.17 116.25 -25.31
C LEU A 496 -70.70 114.82 -25.05
N LEU A 497 -71.49 113.82 -25.43
CA LEU A 497 -71.02 112.44 -25.39
C LEU A 497 -69.83 112.19 -26.32
N LYS A 498 -69.73 112.90 -27.44
CA LYS A 498 -68.58 112.74 -28.32
C LYS A 498 -67.30 113.16 -27.61
N THR A 499 -67.23 114.42 -27.19
CA THR A 499 -66.05 114.91 -26.46
C THR A 499 -65.81 114.15 -25.17
N ASN A 500 -66.86 113.61 -24.54
CA ASN A 500 -66.68 112.64 -23.49
C ASN A 500 -65.93 111.41 -24.01
N LEU A 501 -66.18 111.03 -25.26
CA LEU A 501 -65.54 109.83 -25.80
C LEU A 501 -64.12 110.09 -26.25
N TYR A 502 -63.77 111.35 -26.53
CA TYR A 502 -62.46 111.70 -27.03
C TYR A 502 -61.53 112.22 -25.94
N GLN A 503 -61.62 111.67 -24.74
CA GLN A 503 -60.73 112.06 -23.65
C GLN A 503 -59.44 111.25 -23.63
N ASP A 504 -59.36 110.15 -24.39
CA ASP A 504 -58.18 109.29 -24.40
C ASP A 504 -57.91 108.75 -23.00
N ASP A 505 -58.88 108.00 -22.47
CA ASP A 505 -58.82 107.55 -21.09
C ASP A 505 -59.62 106.26 -20.94
N ALA A 506 -59.54 105.62 -19.78
CA ALA A 506 -60.30 104.40 -19.53
C ALA A 506 -61.50 104.69 -18.64
N VAL A 507 -61.44 105.78 -17.87
CA VAL A 507 -62.52 106.08 -16.93
C VAL A 507 -63.69 106.73 -17.66
N THR A 508 -63.40 107.51 -18.71
CA THR A 508 -64.42 108.14 -19.54
C THR A 508 -64.90 107.23 -20.66
N GLY A 509 -64.17 106.15 -20.93
CA GLY A 509 -64.57 105.22 -21.99
C GLY A 509 -65.96 104.66 -21.76
N GLU A 510 -66.25 104.25 -20.52
CA GLU A 510 -67.61 103.90 -20.18
C GLU A 510 -68.50 105.13 -20.14
N ALA A 511 -67.94 106.30 -19.86
CA ALA A 511 -68.74 107.52 -19.76
C ALA A 511 -69.42 107.84 -21.09
N ALA A 512 -68.71 107.70 -22.20
CA ALA A 512 -69.27 108.14 -23.48
C ALA A 512 -69.53 106.97 -24.42
N GLY A 513 -68.74 105.90 -24.31
CA GLY A 513 -68.74 104.83 -25.29
C GLY A 513 -70.07 104.14 -25.50
N LEU A 514 -70.91 104.08 -24.47
CA LEU A 514 -72.19 103.40 -24.60
C LEU A 514 -73.30 104.37 -24.97
N ALA A 515 -73.49 105.41 -24.15
CA ALA A 515 -74.56 106.38 -24.39
C ALA A 515 -74.40 107.10 -25.71
N LEU A 516 -73.18 107.18 -26.24
CA LEU A 516 -72.95 107.86 -27.51
C LEU A 516 -73.78 107.24 -28.63
N GLY A 517 -73.71 105.92 -28.79
CA GLY A 517 -74.51 105.22 -29.77
C GLY A 517 -75.91 104.97 -29.27
N LEU A 518 -76.05 104.83 -27.95
CA LEU A 518 -77.38 104.56 -27.38
C LEU A 518 -78.35 105.69 -27.67
N VAL A 519 -77.89 106.95 -27.59
CA VAL A 519 -78.73 108.08 -27.98
C VAL A 519 -78.80 108.27 -29.48
N MET A 520 -78.20 107.38 -30.25
CA MET A 520 -78.25 107.42 -31.70
C MET A 520 -78.69 106.06 -32.24
N LEU A 521 -79.42 105.31 -31.42
CA LEU A 521 -79.99 104.01 -31.82
C LEU A 521 -80.89 104.22 -33.04
N GLY A 522 -80.61 103.46 -34.10
CA GLY A 522 -81.34 103.60 -35.34
C GLY A 522 -81.06 104.87 -36.11
N SER A 523 -80.25 105.77 -35.57
CA SER A 523 -79.95 107.02 -36.23
C SER A 523 -79.17 106.82 -37.51
N LYS A 524 -78.28 105.83 -37.54
CA LYS A 524 -77.44 105.57 -38.70
C LYS A 524 -76.57 106.79 -39.03
N ASN A 525 -76.17 107.53 -37.98
CA ASN A 525 -75.34 108.69 -38.20
C ASN A 525 -73.98 108.27 -38.69
N ALA A 526 -73.76 108.37 -40.01
CA ALA A 526 -72.52 107.94 -40.62
C ALA A 526 -71.31 108.63 -40.01
N GLN A 527 -71.45 109.90 -39.61
CA GLN A 527 -70.38 110.55 -38.87
C GLN A 527 -70.20 109.89 -37.50
N ALA A 528 -71.27 109.35 -36.93
CA ALA A 528 -71.14 108.63 -35.67
C ALA A 528 -70.37 107.32 -35.86
N ILE A 529 -70.69 106.56 -36.91
CA ILE A 529 -69.92 105.36 -37.22
C ILE A 529 -68.46 105.71 -37.44
N GLU A 530 -68.20 106.75 -38.24
CA GLU A 530 -66.82 107.15 -38.51
C GLU A 530 -66.11 107.61 -37.25
N ASP A 531 -66.82 108.25 -36.33
CA ASP A 531 -66.21 108.62 -35.05
C ASP A 531 -65.84 107.39 -34.24
N MET A 532 -66.79 106.48 -34.05
CA MET A 532 -66.55 105.31 -33.21
C MET A 532 -65.46 104.42 -33.79
N VAL A 533 -65.61 103.97 -35.04
CA VAL A 533 -64.60 103.12 -35.65
C VAL A 533 -63.29 103.87 -35.83
N GLY A 534 -63.34 105.17 -36.12
CA GLY A 534 -62.12 105.94 -36.26
C GLY A 534 -61.38 106.16 -34.97
N TYR A 535 -62.07 106.03 -33.83
CA TYR A 535 -61.39 106.20 -32.55
C TYR A 535 -60.99 104.86 -31.93
N ALA A 536 -61.72 103.79 -32.25
CA ALA A 536 -61.36 102.47 -31.75
C ALA A 536 -60.36 101.78 -32.67
N GLN A 537 -59.26 102.47 -32.94
CA GLN A 537 -58.18 101.93 -33.76
C GLN A 537 -56.83 102.29 -33.17
N GLU A 538 -56.82 103.31 -32.30
CA GLU A 538 -55.58 103.88 -31.78
C GLU A 538 -55.48 103.85 -30.27
N THR A 539 -56.50 103.35 -29.57
CA THR A 539 -56.53 103.47 -28.13
C THR A 539 -55.51 102.57 -27.45
N GLN A 540 -55.52 102.58 -26.12
CA GLN A 540 -54.64 101.75 -25.32
C GLN A 540 -55.37 100.97 -24.23
N HIS A 541 -56.63 101.30 -23.93
CA HIS A 541 -57.38 100.62 -22.89
C HIS A 541 -58.33 99.60 -23.48
N GLU A 542 -59.16 98.99 -22.65
CA GLU A 542 -60.06 97.94 -23.12
C GLU A 542 -61.52 98.37 -23.04
N LYS A 543 -61.88 99.11 -22.00
CA LYS A 543 -63.26 99.59 -21.88
C LYS A 543 -63.59 100.58 -22.99
N ILE A 544 -62.66 101.48 -23.31
CA ILE A 544 -62.84 102.38 -24.44
C ILE A 544 -62.95 101.62 -25.75
N LEU A 545 -62.47 100.37 -25.79
CA LEU A 545 -62.72 99.50 -26.92
C LEU A 545 -64.07 98.80 -26.85
N ARG A 546 -64.54 98.50 -25.64
CA ARG A 546 -65.78 97.75 -25.45
C ARG A 546 -67.02 98.62 -25.67
N GLY A 547 -67.06 99.80 -25.05
CA GLY A 547 -68.17 100.70 -25.26
C GLY A 547 -68.35 101.07 -26.71
N LEU A 548 -67.25 101.30 -27.42
CA LEU A 548 -67.31 101.48 -28.86
C LEU A 548 -67.72 100.21 -29.58
N ALA A 549 -67.29 99.04 -29.08
CA ALA A 549 -67.67 97.77 -29.70
C ALA A 549 -69.18 97.57 -29.66
N VAL A 550 -69.84 98.09 -28.62
CA VAL A 550 -71.29 97.97 -28.58
C VAL A 550 -71.95 99.13 -29.32
N GLY A 551 -71.41 100.33 -29.20
CA GLY A 551 -72.00 101.49 -29.86
C GLY A 551 -72.03 101.35 -31.36
N ILE A 552 -70.92 100.88 -31.95
CA ILE A 552 -70.89 100.65 -33.40
C ILE A 552 -71.84 99.56 -33.83
N ALA A 553 -72.05 98.53 -32.99
CA ALA A 553 -73.01 97.48 -33.30
C ALA A 553 -74.44 97.95 -33.13
N LEU A 554 -74.67 99.03 -32.40
CA LEU A 554 -76.02 99.53 -32.15
C LEU A 554 -76.40 100.69 -33.06
N VAL A 555 -75.42 101.38 -33.64
CA VAL A 555 -75.69 102.56 -34.47
C VAL A 555 -76.51 102.17 -35.69
N MET A 556 -76.23 101.01 -36.26
CA MET A 556 -77.05 100.43 -37.33
C MET A 556 -78.07 99.51 -36.70
N TYR A 557 -79.34 99.72 -37.03
CA TYR A 557 -80.41 98.94 -36.40
C TYR A 557 -81.31 98.37 -37.49
N GLY A 558 -81.28 97.06 -37.64
CA GLY A 558 -82.21 96.34 -38.50
C GLY A 558 -82.26 96.82 -39.94
N ARG A 559 -81.14 96.71 -40.65
CA ARG A 559 -81.11 97.12 -42.05
C ARG A 559 -81.01 95.90 -42.94
N MET A 560 -79.99 95.07 -42.69
CA MET A 560 -79.84 93.76 -43.35
C MET A 560 -79.38 93.90 -44.80
N GLU A 561 -79.26 95.16 -45.27
CA GLU A 561 -78.97 95.37 -46.68
C GLU A 561 -77.90 96.43 -46.91
N GLU A 562 -77.68 97.31 -45.94
CA GLU A 562 -76.56 98.24 -46.03
C GLU A 562 -75.49 98.02 -44.97
N ALA A 563 -75.83 97.33 -43.87
CA ALA A 563 -74.85 97.04 -42.83
C ALA A 563 -73.83 96.00 -43.26
N ASP A 564 -74.00 95.36 -44.42
CA ASP A 564 -73.09 94.32 -44.87
C ASP A 564 -71.66 94.80 -45.01
N ALA A 565 -71.44 96.01 -45.54
CA ALA A 565 -70.08 96.52 -45.70
C ALA A 565 -69.39 96.66 -44.34
N LEU A 566 -70.14 97.07 -43.33
CA LEU A 566 -69.58 97.18 -41.99
C LEU A 566 -69.39 95.82 -41.33
N ILE A 567 -70.28 94.86 -41.62
CA ILE A 567 -70.12 93.52 -41.07
C ILE A 567 -68.87 92.86 -41.63
N GLU A 568 -68.62 93.01 -42.93
CA GLU A 568 -67.39 92.51 -43.52
C GLU A 568 -66.19 93.27 -43.01
N SER A 569 -66.31 94.60 -42.88
CA SER A 569 -65.19 95.40 -42.38
C SER A 569 -64.81 95.02 -40.96
N LEU A 570 -65.77 94.59 -40.15
CA LEU A 570 -65.49 94.22 -38.77
C LEU A 570 -65.05 92.76 -38.65
N CYS A 571 -65.57 91.89 -39.52
CA CYS A 571 -65.21 90.49 -39.44
C CYS A 571 -63.84 90.21 -40.06
N ARG A 572 -63.45 91.00 -41.07
CA ARG A 572 -62.13 90.87 -41.67
C ARG A 572 -61.02 91.42 -40.79
N ASP A 573 -61.37 92.20 -39.77
CA ASP A 573 -60.38 92.81 -38.89
C ASP A 573 -59.59 91.72 -38.16
N LYS A 574 -58.45 92.13 -37.60
CA LYS A 574 -57.70 91.29 -36.68
C LYS A 574 -57.96 91.64 -35.22
N ASP A 575 -58.75 92.68 -34.96
CA ASP A 575 -59.03 93.08 -33.61
C ASP A 575 -59.85 92.00 -32.90
N PRO A 576 -59.30 91.38 -31.85
CA PRO A 576 -60.05 90.36 -31.09
C PRO A 576 -61.34 90.87 -30.46
N ILE A 577 -61.51 92.19 -30.32
CA ILE A 577 -62.74 92.77 -29.82
C ILE A 577 -63.58 93.37 -30.94
N LEU A 578 -62.94 93.94 -31.96
CA LEU A 578 -63.71 94.58 -33.02
C LEU A 578 -64.35 93.57 -33.96
N ARG A 579 -63.72 92.41 -34.15
CA ARG A 579 -64.41 91.32 -34.83
C ARG A 579 -65.64 90.90 -34.06
N ARG A 580 -65.47 90.68 -32.76
CA ARG A 580 -66.56 90.30 -31.89
C ARG A 580 -67.55 91.45 -31.80
N SER A 581 -67.05 92.66 -32.07
CA SER A 581 -67.87 93.85 -32.08
C SER A 581 -68.69 93.82 -33.36
N GLY A 582 -68.08 93.31 -34.41
CA GLY A 582 -68.74 93.17 -35.70
C GLY A 582 -69.62 91.93 -35.68
N MET A 583 -69.28 90.98 -34.81
CA MET A 583 -70.05 89.76 -34.68
C MET A 583 -71.39 90.07 -34.00
N TYR A 584 -71.37 91.05 -33.11
CA TYR A 584 -72.59 91.48 -32.43
C TYR A 584 -73.37 92.30 -33.43
N THR A 585 -72.63 93.09 -34.22
CA THR A 585 -73.21 93.95 -35.23
C THR A 585 -74.10 93.20 -36.21
N VAL A 586 -73.57 92.14 -36.83
CA VAL A 586 -74.36 91.39 -37.80
C VAL A 586 -75.62 90.84 -37.14
N ALA A 587 -75.57 90.60 -35.83
CA ALA A 587 -76.80 90.21 -35.12
C ALA A 587 -77.83 91.34 -35.13
N MET A 588 -77.42 92.56 -34.77
CA MET A 588 -78.33 93.70 -34.74
C MET A 588 -78.68 94.23 -36.13
N ALA A 589 -77.73 94.23 -37.05
CA ALA A 589 -78.08 94.56 -38.43
C ALA A 589 -79.00 93.52 -39.03
N TYR A 590 -78.99 92.30 -38.49
CA TYR A 590 -79.85 91.20 -38.88
C TYR A 590 -80.68 90.74 -37.70
N CYS A 591 -81.34 91.68 -37.03
CA CYS A 591 -82.18 91.36 -35.87
C CYS A 591 -83.19 90.30 -36.26
N GLY A 592 -83.00 89.09 -35.77
CA GLY A 592 -83.80 87.94 -36.11
C GLY A 592 -83.80 87.57 -37.57
N SER A 593 -82.90 88.11 -38.38
CA SER A 593 -82.92 87.87 -39.82
C SER A 593 -82.69 86.39 -40.11
N GLY A 594 -83.71 85.75 -40.66
CA GLY A 594 -83.63 84.36 -41.04
C GLY A 594 -82.99 84.16 -42.40
N ASN A 595 -82.32 85.19 -42.89
CA ASN A 595 -81.56 85.13 -44.14
C ASN A 595 -80.52 84.03 -44.01
N ASN A 596 -80.56 83.06 -44.91
CA ASN A 596 -79.53 82.03 -44.92
C ASN A 596 -78.26 82.51 -45.62
N LYS A 597 -78.13 83.81 -45.86
CA LYS A 597 -76.87 84.35 -46.40
C LYS A 597 -75.88 84.64 -45.29
N ALA A 598 -76.25 85.49 -44.33
CA ALA A 598 -75.34 85.80 -43.23
C ALA A 598 -75.06 84.58 -42.37
N ILE A 599 -75.99 83.60 -42.35
CA ILE A 599 -75.76 82.36 -41.61
C ILE A 599 -74.57 81.59 -42.15
N ARG A 600 -74.19 81.81 -43.41
CA ARG A 600 -73.07 81.06 -43.98
C ARG A 600 -71.75 81.50 -43.36
N ARG A 601 -71.42 82.78 -43.46
CA ARG A 601 -70.14 83.29 -42.99
C ARG A 601 -70.11 83.64 -41.52
N LEU A 602 -71.24 84.08 -40.95
CA LEU A 602 -71.34 84.23 -39.50
C LEU A 602 -71.09 82.89 -38.82
N LEU A 603 -71.92 81.90 -39.13
CA LEU A 603 -71.76 80.55 -38.62
C LEU A 603 -70.60 79.80 -39.28
N HIS A 604 -69.84 80.48 -40.14
CA HIS A 604 -68.59 79.92 -40.64
C HIS A 604 -67.41 80.38 -39.81
N VAL A 605 -67.28 81.68 -39.56
CA VAL A 605 -66.33 82.18 -38.58
C VAL A 605 -66.61 81.63 -37.20
N ALA A 606 -67.84 81.19 -36.94
CA ALA A 606 -68.07 80.27 -35.83
C ALA A 606 -67.14 79.05 -35.90
N VAL A 607 -66.83 78.56 -37.09
CA VAL A 607 -65.96 77.40 -37.23
C VAL A 607 -64.50 77.79 -37.18
N SER A 608 -64.06 78.60 -38.15
CA SER A 608 -62.64 78.88 -38.32
C SER A 608 -62.13 79.97 -37.40
N ASP A 609 -62.99 80.54 -36.56
CA ASP A 609 -62.62 81.66 -35.73
C ASP A 609 -61.62 81.24 -34.66
N VAL A 610 -60.61 82.07 -34.39
CA VAL A 610 -59.59 81.70 -33.43
C VAL A 610 -59.86 82.33 -32.08
N ASN A 611 -60.18 83.61 -32.06
CA ASN A 611 -60.46 84.28 -30.80
C ASN A 611 -61.71 83.71 -30.15
N ASP A 612 -61.59 83.30 -28.89
CA ASP A 612 -62.75 82.78 -28.18
C ASP A 612 -63.83 83.85 -28.03
N ASP A 613 -63.42 85.11 -27.90
CA ASP A 613 -64.40 86.19 -27.70
C ASP A 613 -65.33 86.31 -28.90
N VAL A 614 -64.75 86.53 -30.08
CA VAL A 614 -65.55 86.65 -31.28
C VAL A 614 -66.12 85.30 -31.71
N ARG A 615 -65.60 84.19 -31.15
CA ARG A 615 -66.25 82.91 -31.37
C ARG A 615 -67.57 82.82 -30.61
N ARG A 616 -67.54 83.08 -29.30
CA ARG A 616 -68.77 83.03 -28.52
C ARG A 616 -69.76 84.08 -28.99
N ALA A 617 -69.28 85.30 -29.27
CA ALA A 617 -70.13 86.30 -29.90
C ALA A 617 -70.62 85.87 -31.27
N ALA A 618 -69.86 84.99 -31.95
CA ALA A 618 -70.28 84.48 -33.25
C ALA A 618 -71.45 83.52 -33.11
N VAL A 619 -71.31 82.48 -32.28
CA VAL A 619 -72.40 81.55 -32.09
C VAL A 619 -73.59 82.17 -31.36
N GLU A 620 -73.38 83.28 -30.67
CA GLU A 620 -74.45 83.94 -29.93
C GLU A 620 -75.16 85.01 -30.75
N SER A 621 -75.14 84.91 -32.08
CA SER A 621 -75.95 85.76 -32.94
C SER A 621 -77.08 85.00 -33.60
N LEU A 622 -77.15 83.68 -33.42
CA LEU A 622 -78.14 82.88 -34.11
C LEU A 622 -79.54 83.18 -33.63
N GLY A 623 -79.79 83.02 -32.33
CA GLY A 623 -81.09 83.36 -31.78
C GLY A 623 -81.45 84.81 -32.01
N PHE A 624 -80.46 85.70 -32.02
CA PHE A 624 -80.67 87.08 -32.42
C PHE A 624 -80.98 87.21 -33.90
N ILE A 625 -80.78 86.15 -34.68
CA ILE A 625 -81.19 86.15 -36.07
C ILE A 625 -82.17 85.03 -36.40
N LEU A 626 -82.95 84.55 -35.43
CA LEU A 626 -83.88 83.44 -35.68
C LEU A 626 -85.24 83.59 -35.02
N PHE A 627 -85.91 84.74 -35.03
CA PHE A 627 -87.30 84.71 -34.56
C PHE A 627 -88.25 84.28 -35.67
N ARG A 628 -87.82 84.41 -36.93
CA ARG A 628 -88.64 83.95 -38.05
C ARG A 628 -88.90 82.45 -37.96
N THR A 629 -87.93 81.68 -37.46
CA THR A 629 -88.05 80.24 -37.30
C THR A 629 -87.28 79.83 -36.05
N PRO A 630 -87.88 80.04 -34.87
CA PRO A 630 -87.11 79.79 -33.64
C PRO A 630 -86.87 78.32 -33.35
N GLU A 631 -87.52 77.42 -34.07
CA GLU A 631 -87.40 75.99 -33.79
C GLU A 631 -86.12 75.40 -34.38
N GLN A 632 -85.36 76.22 -35.10
CA GLN A 632 -84.16 75.73 -35.78
C GLN A 632 -82.88 75.88 -34.96
N CYS A 633 -82.85 76.80 -33.99
CA CYS A 633 -81.67 77.00 -33.16
C CYS A 633 -81.27 75.72 -32.43
N PRO A 634 -82.18 75.04 -31.74
CA PRO A 634 -81.82 73.79 -31.05
C PRO A 634 -81.47 72.64 -31.98
N SER A 635 -81.54 72.81 -33.30
CA SER A 635 -81.10 71.79 -34.25
C SER A 635 -79.71 72.03 -34.80
N VAL A 636 -79.22 73.27 -34.78
CA VAL A 636 -77.89 73.58 -35.27
C VAL A 636 -76.87 73.71 -34.14
N VAL A 637 -77.30 73.85 -32.89
CA VAL A 637 -76.40 74.10 -31.77
C VAL A 637 -76.14 72.85 -30.96
N SER A 638 -76.99 71.83 -31.07
CA SER A 638 -76.84 70.60 -30.30
C SER A 638 -75.48 69.95 -30.52
N LEU A 639 -74.93 70.06 -31.74
CA LEU A 639 -73.58 69.57 -31.96
C LEU A 639 -72.55 70.45 -31.28
N LEU A 640 -72.83 71.75 -31.17
CA LEU A 640 -71.91 72.68 -30.54
C LEU A 640 -71.88 72.57 -29.03
N SER A 641 -72.95 72.06 -28.42
CA SER A 641 -72.95 71.82 -26.98
C SER A 641 -71.86 70.84 -26.55
N GLU A 642 -71.48 69.91 -27.43
CA GLU A 642 -70.40 68.98 -27.15
C GLU A 642 -69.08 69.48 -27.71
N SER A 643 -69.01 70.79 -27.99
CA SER A 643 -67.79 71.36 -28.53
C SER A 643 -66.64 71.17 -27.53
N TYR A 644 -65.42 71.16 -28.08
CA TYR A 644 -64.22 71.16 -27.25
C TYR A 644 -64.20 72.31 -26.26
N ASN A 645 -64.51 73.50 -26.72
CA ASN A 645 -64.30 74.67 -25.89
C ASN A 645 -65.46 74.80 -24.91
N PRO A 646 -65.21 75.23 -23.68
CA PRO A 646 -66.34 75.66 -22.84
C PRO A 646 -66.93 76.93 -23.41
N HIS A 647 -66.10 77.66 -24.14
CA HIS A 647 -66.50 78.83 -24.89
C HIS A 647 -67.55 78.50 -25.94
N VAL A 648 -67.28 77.50 -26.78
CA VAL A 648 -68.26 77.13 -27.79
C VAL A 648 -69.46 76.47 -27.15
N ARG A 649 -69.24 75.62 -26.13
CA ARG A 649 -70.35 75.08 -25.38
C ARG A 649 -71.16 76.18 -24.70
N TYR A 650 -70.49 77.22 -24.21
CA TYR A 650 -71.18 78.36 -23.63
C TYR A 650 -72.07 79.04 -24.66
N GLY A 651 -71.46 79.49 -25.77
CA GLY A 651 -72.21 80.11 -26.84
C GLY A 651 -73.32 79.24 -27.39
N ALA A 652 -73.19 77.92 -27.24
CA ALA A 652 -74.34 77.04 -27.47
C ALA A 652 -75.49 77.42 -26.54
N ALA A 653 -75.21 77.51 -25.24
CA ALA A 653 -76.24 77.81 -24.26
C ALA A 653 -76.89 79.17 -24.52
N MET A 654 -76.08 80.22 -24.70
CA MET A 654 -76.70 81.50 -25.02
C MET A 654 -77.31 81.54 -26.41
N ALA A 655 -76.92 80.64 -27.31
CA ALA A 655 -77.60 80.55 -28.59
C ALA A 655 -79.03 80.06 -28.42
N LEU A 656 -79.20 78.90 -27.77
CA LEU A 656 -80.55 78.42 -27.47
C LEU A 656 -81.33 79.43 -26.64
N GLY A 657 -80.66 80.10 -25.71
CA GLY A 657 -81.36 81.09 -24.90
C GLY A 657 -81.86 82.27 -25.71
N ILE A 658 -81.02 82.82 -26.59
CA ILE A 658 -81.42 83.98 -27.36
C ILE A 658 -82.45 83.63 -28.41
N CYS A 659 -82.40 82.44 -28.98
CA CYS A 659 -83.43 82.09 -29.97
C CYS A 659 -84.74 81.75 -29.28
N CYS A 660 -84.69 80.75 -28.42
CA CYS A 660 -85.90 80.22 -27.78
C CYS A 660 -86.05 80.86 -26.39
N ALA A 661 -86.21 82.18 -26.40
CA ALA A 661 -86.45 82.92 -25.17
C ALA A 661 -87.93 83.25 -25.05
N GLY A 662 -88.73 82.31 -24.54
CA GLY A 662 -90.16 82.46 -24.58
C GLY A 662 -90.90 81.19 -24.21
N THR A 663 -91.79 80.76 -25.10
CA THR A 663 -92.62 79.59 -24.91
C THR A 663 -91.80 78.36 -24.51
N GLY A 664 -92.44 77.46 -23.77
CA GLY A 664 -91.81 76.23 -23.33
C GLY A 664 -91.31 75.38 -24.48
N ASN A 665 -90.00 75.30 -24.64
CA ASN A 665 -89.39 74.64 -25.78
C ASN A 665 -88.69 73.37 -25.31
N LYS A 666 -89.18 72.22 -25.78
CA LYS A 666 -88.68 70.94 -25.28
C LYS A 666 -87.20 70.75 -25.61
N GLU A 667 -86.79 71.07 -26.84
CA GLU A 667 -85.40 70.92 -27.22
C GLU A 667 -84.47 71.80 -26.39
N ALA A 668 -84.94 73.00 -26.02
CA ALA A 668 -84.12 73.90 -25.24
C ALA A 668 -83.81 73.32 -23.87
N ILE A 669 -84.83 72.80 -23.19
CA ILE A 669 -84.65 72.22 -21.87
C ILE A 669 -83.83 70.94 -21.96
N ASN A 670 -84.19 70.08 -22.91
CA ASN A 670 -83.52 68.79 -23.12
C ASN A 670 -82.03 68.99 -23.37
N LEU A 671 -81.68 70.06 -24.08
CA LEU A 671 -80.28 70.36 -24.33
C LEU A 671 -79.62 71.01 -23.12
N LEU A 672 -80.34 71.89 -22.42
CA LEU A 672 -79.80 72.58 -21.26
C LEU A 672 -79.66 71.67 -20.04
N GLU A 673 -80.19 70.44 -20.10
CA GLU A 673 -80.10 69.56 -18.94
C GLU A 673 -78.65 69.24 -18.58
N PRO A 674 -77.84 68.61 -19.43
CA PRO A 674 -76.46 68.33 -19.06
C PRO A 674 -75.55 69.55 -19.08
N MET A 675 -76.06 70.71 -19.52
CA MET A 675 -75.25 71.91 -19.61
C MET A 675 -74.76 72.38 -18.25
N THR A 676 -75.48 72.05 -17.18
CA THR A 676 -75.06 72.42 -15.84
C THR A 676 -73.92 71.55 -15.32
N ASN A 677 -73.42 70.59 -16.10
CA ASN A 677 -72.43 69.65 -15.62
C ASN A 677 -71.03 69.93 -16.15
N ASP A 678 -70.84 71.03 -16.87
CA ASP A 678 -69.52 71.27 -17.41
C ASP A 678 -68.56 71.68 -16.29
N PRO A 679 -67.27 71.34 -16.41
CA PRO A 679 -66.32 71.69 -15.35
C PRO A 679 -65.87 73.15 -15.36
N VAL A 680 -66.57 74.05 -16.05
CA VAL A 680 -66.19 75.46 -16.12
C VAL A 680 -67.25 76.32 -15.46
N ASN A 681 -66.81 77.29 -14.67
CA ASN A 681 -67.74 78.06 -13.86
C ASN A 681 -68.64 78.95 -14.70
N TYR A 682 -68.08 79.71 -15.65
CA TYR A 682 -68.92 80.63 -16.40
C TYR A 682 -69.80 79.92 -17.42
N VAL A 683 -69.40 78.74 -17.89
CA VAL A 683 -70.33 77.96 -18.68
C VAL A 683 -71.43 77.35 -17.81
N ARG A 684 -71.11 76.96 -16.57
CA ARG A 684 -72.18 76.60 -15.65
C ARG A 684 -73.12 77.76 -15.36
N GLN A 685 -72.59 79.00 -15.34
CA GLN A 685 -73.40 80.16 -14.98
C GLN A 685 -74.26 80.64 -16.14
N GLY A 686 -73.66 80.93 -17.29
CA GLY A 686 -74.45 81.33 -18.44
C GLY A 686 -75.30 80.19 -18.98
N ALA A 687 -74.88 78.95 -18.71
CA ALA A 687 -75.72 77.81 -19.05
C ALA A 687 -76.91 77.68 -18.11
N LEU A 688 -76.73 77.99 -16.82
CA LEU A 688 -77.85 77.99 -15.90
C LEU A 688 -78.76 79.18 -16.13
N ILE A 689 -78.25 80.25 -16.77
CA ILE A 689 -79.10 81.39 -17.07
C ILE A 689 -80.21 81.02 -18.04
N ALA A 690 -79.86 80.37 -19.15
CA ALA A 690 -80.89 79.91 -20.08
C ALA A 690 -81.84 78.93 -19.42
N SER A 691 -81.34 78.14 -18.46
CA SER A 691 -82.21 77.29 -17.67
C SER A 691 -83.31 78.08 -16.97
N ALA A 692 -83.05 79.32 -16.57
CA ALA A 692 -84.07 80.13 -15.93
C ALA A 692 -84.91 80.89 -16.93
N LEU A 693 -84.29 81.40 -18.01
CA LEU A 693 -85.06 82.14 -19.01
C LEU A 693 -85.95 81.24 -19.85
N ILE A 694 -85.73 79.93 -19.83
CA ILE A 694 -86.48 79.04 -20.71
C ILE A 694 -87.89 78.76 -20.20
N MET A 695 -88.11 78.78 -18.89
CA MET A 695 -89.42 78.44 -18.31
C MET A 695 -89.90 79.66 -17.52
N ILE A 696 -90.46 80.65 -18.22
CA ILE A 696 -90.77 81.94 -17.65
C ILE A 696 -92.26 82.04 -17.38
N GLN A 697 -92.61 82.15 -16.09
CA GLN A 697 -94.00 82.21 -15.63
C GLN A 697 -94.71 80.88 -15.85
N GLN A 698 -93.94 79.83 -16.13
CA GLN A 698 -94.48 78.52 -16.47
C GLN A 698 -94.47 77.64 -15.23
N THR A 699 -95.63 77.15 -14.82
CA THR A 699 -95.77 76.42 -13.56
C THR A 699 -96.05 74.95 -13.84
N GLU A 700 -94.99 74.20 -14.15
CA GLU A 700 -94.96 72.75 -14.00
C GLU A 700 -95.79 72.00 -15.04
N ILE A 701 -96.56 72.70 -15.87
CA ILE A 701 -97.42 72.03 -16.84
C ILE A 701 -97.03 72.33 -18.28
N THR A 702 -96.47 73.51 -18.57
CA THR A 702 -95.87 73.72 -19.88
C THR A 702 -94.70 72.77 -20.10
N CYS A 703 -93.97 72.47 -19.03
CA CYS A 703 -92.84 71.56 -19.03
C CYS A 703 -92.46 71.29 -17.59
N PRO A 704 -92.29 70.04 -17.18
CA PRO A 704 -92.19 69.71 -15.75
C PRO A 704 -90.84 70.05 -15.12
N LYS A 705 -89.92 70.67 -15.84
CA LYS A 705 -88.60 70.93 -15.30
C LYS A 705 -88.54 72.21 -14.47
N VAL A 706 -89.67 72.91 -14.33
CA VAL A 706 -89.68 74.19 -13.62
C VAL A 706 -89.20 74.01 -12.19
N ASN A 707 -89.93 73.24 -11.39
CA ASN A 707 -89.48 72.94 -10.04
C ASN A 707 -88.30 71.98 -10.04
N GLN A 708 -88.08 71.26 -11.14
CA GLN A 708 -86.88 70.46 -11.27
C GLN A 708 -85.62 71.30 -11.19
N PHE A 709 -85.69 72.57 -11.60
CA PHE A 709 -84.55 73.47 -11.53
C PHE A 709 -84.66 74.50 -10.41
N ARG A 710 -85.88 74.82 -9.96
CA ARG A 710 -86.05 75.68 -8.80
C ARG A 710 -85.26 75.14 -7.61
N GLN A 711 -85.44 73.85 -7.31
CA GLN A 711 -84.61 73.17 -6.33
C GLN A 711 -83.14 73.18 -6.70
N LEU A 712 -82.84 73.25 -7.99
CA LEU A 712 -81.44 73.19 -8.43
C LEU A 712 -80.68 74.45 -8.08
N TYR A 713 -81.24 75.63 -8.37
CA TYR A 713 -80.53 76.88 -8.11
C TYR A 713 -80.20 77.04 -6.63
N SER A 714 -81.19 76.82 -5.76
CA SER A 714 -80.90 76.82 -4.33
C SER A 714 -79.98 75.67 -3.94
N LYS A 715 -80.04 74.57 -4.69
CA LYS A 715 -79.12 73.45 -4.45
C LYS A 715 -77.67 73.89 -4.60
N VAL A 716 -77.40 74.74 -5.59
CA VAL A 716 -76.04 75.17 -5.86
C VAL A 716 -75.65 76.43 -5.10
N ILE A 717 -76.60 77.28 -4.75
CA ILE A 717 -76.27 78.54 -4.10
C ILE A 717 -76.07 78.39 -2.60
N ASN A 718 -76.72 77.42 -1.97
CA ASN A 718 -76.52 77.13 -0.56
C ASN A 718 -75.35 76.19 -0.32
N ASP A 719 -74.44 76.08 -1.29
CA ASP A 719 -73.30 75.18 -1.21
C ASP A 719 -72.01 75.99 -1.20
N LYS A 720 -70.96 75.39 -0.64
CA LYS A 720 -69.64 76.00 -0.61
C LYS A 720 -68.63 75.24 -1.46
N HIS A 721 -69.10 74.59 -2.54
CA HIS A 721 -68.22 73.85 -3.43
C HIS A 721 -68.28 74.37 -4.86
N ASP A 722 -69.47 74.73 -5.34
CA ASP A 722 -69.57 75.34 -6.66
C ASP A 722 -68.90 76.71 -6.67
N ASP A 723 -68.43 77.12 -7.83
CA ASP A 723 -67.77 78.42 -7.97
C ASP A 723 -68.76 79.55 -7.71
N VAL A 724 -68.28 80.63 -7.08
CA VAL A 724 -69.14 81.80 -6.87
C VAL A 724 -69.64 82.34 -8.20
N MET A 725 -68.76 82.35 -9.21
CA MET A 725 -69.21 82.64 -10.56
C MET A 725 -70.23 81.62 -11.05
N ALA A 726 -70.09 80.36 -10.63
CA ALA A 726 -71.03 79.33 -11.07
C ALA A 726 -72.42 79.57 -10.52
N LYS A 727 -72.54 79.81 -9.22
CA LYS A 727 -73.82 80.02 -8.56
C LYS A 727 -74.36 81.43 -8.74
N PHE A 728 -73.53 82.36 -9.23
CA PHE A 728 -74.00 83.72 -9.47
C PHE A 728 -75.14 83.73 -10.47
N GLY A 729 -75.09 82.86 -11.48
CA GLY A 729 -76.23 82.72 -12.37
C GLY A 729 -77.42 82.07 -11.71
N ALA A 730 -77.21 81.43 -10.56
CA ALA A 730 -78.33 80.90 -9.79
C ALA A 730 -79.01 82.01 -9.00
N ILE A 731 -78.24 82.80 -8.24
CA ILE A 731 -78.81 83.92 -7.50
C ILE A 731 -79.42 84.94 -8.43
N LEU A 732 -78.86 85.11 -9.63
CA LEU A 732 -79.47 85.99 -10.61
C LEU A 732 -80.69 85.33 -11.25
N ALA A 733 -80.59 84.04 -11.56
CA ALA A 733 -81.69 83.32 -12.19
C ALA A 733 -82.95 83.30 -11.33
N GLN A 734 -82.79 83.22 -10.01
CA GLN A 734 -83.96 83.29 -9.13
C GLN A 734 -84.62 84.67 -9.20
N GLY A 735 -83.82 85.73 -9.24
CA GLY A 735 -84.37 87.05 -9.49
C GLY A 735 -84.97 87.20 -10.86
N ILE A 736 -84.58 86.35 -11.81
CA ILE A 736 -85.13 86.38 -13.16
C ILE A 736 -86.49 85.69 -13.21
N LEU A 737 -86.60 84.53 -12.57
CA LEU A 737 -87.65 83.59 -12.88
C LEU A 737 -88.97 83.89 -12.19
N ASP A 738 -88.97 84.77 -11.18
CA ASP A 738 -90.21 85.18 -10.55
C ASP A 738 -90.29 86.71 -10.54
N ALA A 739 -90.04 87.32 -11.69
CA ALA A 739 -89.93 88.77 -11.78
C ALA A 739 -91.31 89.43 -11.78
N GLY A 740 -91.44 90.51 -11.00
CA GLY A 740 -92.65 91.30 -11.00
C GLY A 740 -93.89 90.57 -10.52
N GLY A 741 -93.72 89.42 -9.89
CA GLY A 741 -94.88 88.64 -9.45
C GLY A 741 -95.53 87.83 -10.55
N HIS A 742 -94.73 87.19 -11.39
CA HIS A 742 -95.23 86.50 -12.58
C HIS A 742 -95.97 87.44 -13.51
N ASN A 743 -95.57 88.71 -13.53
CA ASN A 743 -96.33 89.75 -14.23
C ASN A 743 -95.46 90.56 -15.18
N VAL A 744 -94.14 90.36 -15.16
CA VAL A 744 -93.24 91.02 -16.11
C VAL A 744 -92.32 89.98 -16.72
N THR A 745 -92.71 89.46 -17.88
CA THR A 745 -91.94 88.45 -18.58
C THR A 745 -91.18 89.08 -19.75
N ILE A 746 -90.21 88.33 -20.27
CA ILE A 746 -89.43 88.79 -21.39
C ILE A 746 -90.21 88.59 -22.68
N SER A 747 -90.03 89.51 -23.63
CA SER A 747 -90.75 89.41 -24.89
C SER A 747 -89.98 90.21 -25.94
N LEU A 748 -89.33 89.51 -26.87
CA LEU A 748 -88.72 90.12 -28.04
C LEU A 748 -89.64 90.07 -29.25
N GLN A 749 -90.95 89.96 -29.01
CA GLN A 749 -91.87 89.59 -30.07
C GLN A 749 -93.24 90.17 -29.76
N SER A 750 -93.91 90.68 -30.78
CA SER A 750 -95.30 91.11 -30.69
C SER A 750 -96.19 90.12 -31.41
N ARG A 751 -97.49 90.23 -31.17
CA ARG A 751 -98.43 89.38 -31.89
C ARG A 751 -98.48 89.74 -33.37
N THR A 752 -98.05 90.95 -33.73
CA THR A 752 -98.05 91.40 -35.11
C THR A 752 -96.88 90.85 -35.91
N GLY A 753 -96.03 90.01 -35.32
CA GLY A 753 -94.82 89.57 -35.96
C GLY A 753 -93.64 90.49 -35.80
N HIS A 754 -93.82 91.61 -35.11
CA HIS A 754 -92.74 92.58 -34.94
C HIS A 754 -92.07 92.39 -33.58
N THR A 755 -90.76 92.61 -33.53
CA THR A 755 -89.99 92.39 -32.32
C THR A 755 -90.06 93.60 -31.40
N HIS A 756 -89.83 93.34 -30.11
CA HIS A 756 -89.85 94.38 -29.10
C HIS A 756 -88.41 94.89 -28.98
N MET A 757 -88.16 96.08 -29.53
CA MET A 757 -86.80 96.57 -29.65
C MET A 757 -86.09 96.83 -28.31
N PRO A 758 -86.73 97.36 -27.25
CA PRO A 758 -85.98 97.52 -25.99
C PRO A 758 -85.72 96.19 -25.32
N SER A 759 -86.49 95.17 -25.69
CA SER A 759 -86.22 93.82 -25.20
C SER A 759 -85.08 93.17 -25.98
N VAL A 760 -84.98 93.45 -27.27
CA VAL A 760 -83.83 92.97 -28.04
C VAL A 760 -82.55 93.64 -27.56
N VAL A 761 -82.57 94.97 -27.48
CA VAL A 761 -81.40 95.70 -26.99
C VAL A 761 -81.10 95.31 -25.55
N GLY A 762 -82.14 95.12 -24.73
CA GLY A 762 -81.93 94.75 -23.34
C GLY A 762 -81.33 93.37 -23.18
N VAL A 763 -81.79 92.41 -23.97
CA VAL A 763 -81.24 91.06 -23.88
C VAL A 763 -79.83 90.98 -24.47
N LEU A 764 -79.57 91.73 -25.55
CA LEU A 764 -78.21 91.75 -26.09
C LEU A 764 -77.25 92.40 -25.10
N VAL A 765 -77.66 93.51 -24.49
CA VAL A 765 -76.84 94.17 -23.50
C VAL A 765 -76.67 93.31 -22.26
N PHE A 766 -77.67 92.50 -21.94
CA PHE A 766 -77.59 91.60 -20.80
C PHE A 766 -76.46 90.59 -20.93
N THR A 767 -76.01 90.31 -22.16
CA THR A 767 -74.91 89.38 -22.38
C THR A 767 -73.62 89.85 -21.72
N GLN A 768 -73.39 91.16 -21.68
CA GLN A 768 -72.08 91.73 -21.33
C GLN A 768 -71.95 91.91 -19.83
N PHE A 769 -72.23 90.86 -19.08
CA PHE A 769 -71.98 90.86 -17.65
C PHE A 769 -70.55 90.49 -17.30
N TRP A 770 -69.83 89.86 -18.23
CA TRP A 770 -68.42 89.55 -18.03
C TRP A 770 -67.61 90.81 -17.72
N PHE A 771 -67.52 91.71 -18.70
CA PHE A 771 -66.64 92.86 -18.61
C PHE A 771 -67.21 93.98 -17.76
N TRP A 772 -68.47 93.86 -17.31
CA TRP A 772 -69.10 94.89 -16.51
C TRP A 772 -70.35 94.31 -15.87
N PHE A 773 -70.33 94.12 -14.55
CA PHE A 773 -71.47 93.48 -13.88
C PHE A 773 -72.74 94.29 -14.00
N PRO A 774 -72.76 95.60 -13.73
CA PRO A 774 -74.01 96.36 -13.89
C PRO A 774 -74.42 96.61 -15.33
N LEU A 775 -73.73 95.97 -16.28
CA LEU A 775 -74.11 96.10 -17.67
C LEU A 775 -75.29 95.19 -18.01
N SER A 776 -75.33 94.00 -17.42
CA SER A 776 -76.51 93.13 -17.49
C SER A 776 -77.60 93.58 -16.53
N HIS A 777 -77.38 94.68 -15.80
CA HIS A 777 -78.48 95.36 -15.12
C HIS A 777 -79.44 96.00 -16.13
N PHE A 778 -78.98 96.18 -17.37
CA PHE A 778 -79.82 96.60 -18.48
C PHE A 778 -80.69 95.41 -18.90
N LEU A 779 -81.67 95.10 -18.06
CA LEU A 779 -82.53 93.94 -18.26
C LEU A 779 -84.02 94.25 -18.07
N SER A 780 -84.37 95.37 -17.44
CA SER A 780 -85.78 95.69 -17.24
C SER A 780 -86.52 95.95 -18.55
N LEU A 781 -85.79 96.26 -19.62
CA LEU A 781 -86.43 96.60 -20.90
C LEU A 781 -87.00 95.36 -21.59
N ALA A 782 -86.60 94.17 -21.14
CA ALA A 782 -87.19 92.95 -21.68
C ALA A 782 -88.41 92.49 -20.89
N TYR A 783 -88.51 92.90 -19.62
CA TYR A 783 -89.63 92.51 -18.78
C TYR A 783 -90.90 93.16 -19.28
N THR A 784 -91.89 92.34 -19.62
CA THR A 784 -93.16 92.79 -20.16
C THR A 784 -94.30 92.03 -19.51
N PRO A 785 -95.50 92.62 -19.47
CA PRO A 785 -96.61 91.96 -18.78
C PRO A 785 -97.29 90.91 -19.66
N THR A 786 -97.98 89.99 -18.99
CA THR A 786 -98.91 89.06 -19.62
C THR A 786 -100.21 89.14 -18.84
N CYS A 787 -101.05 90.11 -19.18
CA CYS A 787 -102.27 90.34 -18.42
C CYS A 787 -103.32 90.97 -19.32
N VAL A 788 -104.50 90.36 -19.37
CA VAL A 788 -105.64 90.98 -20.03
C VAL A 788 -106.18 92.10 -19.15
N ILE A 789 -106.61 93.18 -19.78
CA ILE A 789 -107.12 94.35 -19.06
C ILE A 789 -108.33 94.88 -19.80
N GLY A 790 -109.42 95.14 -19.05
CA GLY A 790 -110.63 95.65 -19.62
C GLY A 790 -110.79 97.15 -19.40
N LEU A 791 -111.52 97.79 -20.30
CA LEU A 791 -111.69 99.24 -20.23
C LEU A 791 -112.84 99.65 -21.13
N ASN A 792 -113.64 100.61 -20.65
CA ASN A 792 -114.75 101.16 -21.40
C ASN A 792 -114.66 102.66 -21.63
N LYS A 793 -114.06 103.41 -20.70
CA LYS A 793 -113.90 104.84 -20.85
C LYS A 793 -112.41 105.14 -20.80
N ASP A 794 -112.03 106.41 -20.81
CA ASP A 794 -110.62 106.76 -20.71
C ASP A 794 -110.01 106.38 -19.36
N LEU A 795 -110.81 106.31 -18.30
CA LEU A 795 -110.25 106.08 -16.98
C LEU A 795 -110.97 104.98 -16.19
N LYS A 796 -112.26 104.81 -16.41
CA LYS A 796 -113.05 103.94 -15.53
C LYS A 796 -112.65 102.48 -15.70
N MET A 797 -112.49 101.80 -14.57
CA MET A 797 -112.26 100.37 -14.63
C MET A 797 -113.61 99.64 -14.73
N PRO A 798 -113.78 98.79 -15.73
CA PRO A 798 -115.01 98.00 -15.81
C PRO A 798 -115.04 96.92 -14.74
N LYS A 799 -116.08 96.08 -14.77
CA LYS A 799 -116.17 94.93 -13.86
C LYS A 799 -116.67 93.76 -14.69
N VAL A 800 -115.75 93.01 -15.26
CA VAL A 800 -116.06 91.82 -16.04
C VAL A 800 -115.32 90.64 -15.44
N GLN A 801 -116.05 89.54 -15.27
CA GLN A 801 -115.49 88.32 -14.70
C GLN A 801 -115.86 87.17 -15.62
N TYR A 802 -114.91 86.74 -16.45
CA TYR A 802 -115.09 85.63 -17.36
C TYR A 802 -114.49 84.36 -16.74
N LYS A 803 -114.45 83.31 -17.54
CA LYS A 803 -114.05 82.00 -17.04
C LYS A 803 -113.11 81.35 -18.06
N SER A 804 -112.60 80.19 -17.70
CA SER A 804 -111.75 79.38 -18.57
C SER A 804 -112.47 78.06 -18.88
N ASN A 805 -111.85 77.26 -19.73
CA ASN A 805 -112.47 76.02 -20.16
C ASN A 805 -111.59 74.80 -20.02
N CYS A 806 -110.29 74.93 -20.23
CA CYS A 806 -109.39 73.78 -20.20
C CYS A 806 -109.05 73.39 -18.77
N LYS A 807 -108.08 72.49 -18.61
CA LYS A 807 -107.68 72.04 -17.29
C LYS A 807 -107.12 73.20 -16.49
N PRO A 808 -107.73 73.55 -15.36
CA PRO A 808 -107.35 74.78 -14.64
C PRO A 808 -106.03 74.69 -13.88
N SER A 809 -105.42 73.51 -13.78
CA SER A 809 -104.14 73.39 -13.09
C SER A 809 -103.05 74.28 -13.68
N THR A 810 -103.12 74.58 -14.98
CA THR A 810 -102.18 75.50 -15.61
C THR A 810 -102.17 76.87 -14.94
N PHE A 811 -103.25 77.25 -14.26
CA PHE A 811 -103.33 78.51 -13.54
C PHE A 811 -102.59 78.47 -12.20
N ALA A 812 -101.76 77.46 -11.97
CA ALA A 812 -101.09 77.28 -10.69
C ALA A 812 -100.20 78.48 -10.36
N TYR A 813 -99.91 78.63 -9.08
CA TYR A 813 -99.11 79.72 -8.54
C TYR A 813 -97.81 79.15 -7.97
N PRO A 814 -96.88 79.99 -7.50
CA PRO A 814 -95.67 79.43 -6.87
C PRO A 814 -95.95 78.64 -5.60
N ALA A 815 -96.84 79.14 -4.73
CA ALA A 815 -97.21 78.43 -3.52
C ALA A 815 -96.00 78.17 -2.63
N PRO A 816 -95.44 79.20 -2.00
CA PRO A 816 -94.28 78.98 -1.13
C PRO A 816 -94.65 78.13 0.08
N LEU A 817 -93.62 77.52 0.66
CA LEU A 817 -93.85 76.60 1.77
C LEU A 817 -94.03 77.36 3.09
N GLU A 818 -93.16 78.33 3.36
CA GLU A 818 -93.28 79.19 4.54
C GLU A 818 -93.25 78.36 5.83
N VAL A 819 -92.10 77.74 6.07
CA VAL A 819 -91.89 76.92 7.26
C VAL A 819 -91.18 77.76 8.32
N PRO A 820 -91.53 77.62 9.61
CA PRO A 820 -90.84 78.31 10.69
C PRO A 820 -89.50 77.66 11.01
N PRO A 871 -114.59 67.69 -9.15
CA PRO A 871 -114.50 68.88 -8.31
C PRO A 871 -113.30 69.75 -8.69
N GLU A 872 -113.45 70.55 -9.75
CA GLU A 872 -112.33 71.37 -10.22
C GLU A 872 -112.90 72.54 -11.00
N PRO A 873 -112.64 73.78 -10.56
CA PRO A 873 -113.21 74.95 -11.23
C PRO A 873 -112.40 75.40 -12.43
N ASN A 874 -113.04 75.48 -13.60
CA ASN A 874 -112.45 76.14 -14.74
C ASN A 874 -113.01 77.54 -14.98
N PHE A 875 -113.95 77.98 -14.16
CA PHE A 875 -114.57 79.30 -14.30
C PHE A 875 -113.77 80.41 -13.64
N GLN A 876 -112.47 80.52 -13.94
CA GLN A 876 -111.63 81.47 -13.24
C GLN A 876 -111.99 82.90 -13.58
N LEU A 877 -112.72 83.55 -12.67
CA LEU A 877 -113.06 84.95 -12.87
C LEU A 877 -111.82 85.81 -12.70
N LEU A 878 -111.78 86.93 -13.39
CA LEU A 878 -110.62 87.79 -13.38
C LEU A 878 -111.05 89.24 -13.36
N ASP A 879 -110.27 90.07 -12.68
CA ASP A 879 -110.55 91.50 -12.62
C ASP A 879 -110.16 92.16 -13.95
N ASN A 880 -110.18 93.48 -14.00
CA ASN A 880 -109.77 94.17 -15.21
C ASN A 880 -108.29 93.91 -15.43
N PRO A 881 -107.39 94.26 -14.49
CA PRO A 881 -105.98 93.91 -14.68
C PRO A 881 -105.70 92.47 -14.25
N ALA A 882 -105.96 91.52 -15.14
CA ALA A 882 -105.84 90.10 -14.82
C ALA A 882 -104.67 89.48 -15.57
N ARG A 883 -103.77 88.83 -14.84
CA ARG A 883 -102.70 88.07 -15.48
C ARG A 883 -103.28 86.83 -16.17
N VAL A 884 -102.65 86.44 -17.26
CA VAL A 884 -103.10 85.29 -18.03
C VAL A 884 -101.94 84.78 -18.86
N MET A 885 -101.90 83.46 -19.03
CA MET A 885 -100.90 82.87 -19.90
C MET A 885 -101.25 83.15 -21.36
N PRO A 886 -100.24 83.41 -22.20
CA PRO A 886 -100.51 83.56 -23.64
C PRO A 886 -101.18 82.35 -24.25
N ALA A 887 -100.84 81.14 -23.77
CA ALA A 887 -101.58 79.95 -24.16
C ALA A 887 -102.95 79.92 -23.52
N GLN A 888 -103.16 80.69 -22.45
CA GLN A 888 -104.44 80.76 -21.76
C GLN A 888 -105.33 81.88 -22.28
N LEU A 889 -104.86 82.67 -23.25
CA LEU A 889 -105.73 83.63 -23.89
C LEU A 889 -106.87 82.96 -24.64
N LYS A 890 -106.66 81.73 -25.11
CA LYS A 890 -107.69 80.99 -25.81
C LYS A 890 -108.64 80.26 -24.86
N VAL A 891 -108.15 79.80 -23.71
CA VAL A 891 -108.96 79.00 -22.80
C VAL A 891 -110.02 79.81 -22.09
N LEU A 892 -109.98 81.14 -22.20
CA LEU A 892 -110.89 82.01 -21.48
C LEU A 892 -112.28 81.97 -22.13
N THR A 893 -113.17 82.81 -21.62
CA THR A 893 -114.50 83.01 -22.17
C THR A 893 -114.71 84.48 -22.45
N MET A 894 -115.22 84.79 -23.64
CA MET A 894 -115.47 86.21 -23.82
C MET A 894 -116.69 86.63 -23.03
N PRO A 895 -116.75 87.89 -22.58
CA PRO A 895 -117.93 88.37 -21.84
C PRO A 895 -119.21 88.24 -22.64
N GLU A 896 -120.10 87.36 -22.17
CA GLU A 896 -121.41 87.17 -22.76
C GLU A 896 -122.56 87.21 -21.76
N THR A 897 -122.34 86.78 -20.52
CA THR A 897 -123.32 86.91 -19.46
C THR A 897 -123.12 88.15 -18.62
N CYS A 898 -121.94 88.76 -18.66
CA CYS A 898 -121.70 89.99 -17.95
C CYS A 898 -122.32 91.17 -18.69
N ARG A 899 -122.46 92.28 -17.96
CA ARG A 899 -123.00 93.50 -18.57
C ARG A 899 -122.12 93.98 -19.71
N TYR A 900 -120.81 93.76 -19.59
CA TYR A 900 -119.87 94.20 -20.61
C TYR A 900 -119.80 93.19 -21.74
N GLN A 901 -119.48 93.67 -22.94
CA GLN A 901 -119.23 92.80 -24.08
C GLN A 901 -118.12 93.40 -24.92
N PRO A 902 -116.98 92.72 -25.02
CA PRO A 902 -115.84 93.31 -25.73
C PRO A 902 -116.08 93.36 -27.23
N PHE A 903 -115.87 94.54 -27.82
CA PHE A 903 -116.05 94.70 -29.26
C PHE A 903 -114.98 93.95 -30.04
N LYS A 904 -113.75 93.95 -29.55
CA LYS A 904 -112.72 93.25 -30.31
C LYS A 904 -112.71 91.76 -29.99
N PRO A 905 -112.40 90.92 -30.98
CA PRO A 905 -112.13 89.51 -30.68
C PRO A 905 -110.94 89.39 -29.74
N LEU A 906 -111.17 88.85 -28.55
CA LEU A 906 -110.15 88.78 -27.53
C LEU A 906 -109.10 87.76 -27.93
N SER A 907 -108.05 88.25 -28.60
CA SER A 907 -106.90 87.43 -28.96
C SER A 907 -105.62 87.86 -28.28
N ILE A 908 -105.48 89.14 -27.92
CA ILE A 908 -104.29 89.67 -27.29
C ILE A 908 -104.62 90.10 -25.87
N GLY A 909 -103.62 89.97 -25.00
CA GLY A 909 -103.77 90.42 -23.63
C GLY A 909 -103.66 91.93 -23.52
N GLY A 910 -103.06 92.41 -22.43
CA GLY A 910 -103.00 93.84 -22.25
C GLY A 910 -104.39 94.40 -21.96
N ILE A 911 -104.55 95.67 -22.28
CA ILE A 911 -105.84 96.35 -22.15
C ILE A 911 -106.55 96.34 -23.48
N ILE A 912 -107.88 96.29 -23.44
CA ILE A 912 -108.71 96.41 -24.62
C ILE A 912 -109.99 97.16 -24.25
N ILE A 913 -110.71 97.63 -25.26
CA ILE A 913 -111.98 98.28 -25.04
C ILE A 913 -113.02 97.24 -24.66
N LEU A 914 -113.73 97.49 -23.56
CA LEU A 914 -114.76 96.59 -23.05
C LEU A 914 -116.11 97.31 -23.24
N LYS A 915 -116.72 97.10 -24.39
CA LYS A 915 -117.98 97.76 -24.71
C LYS A 915 -119.06 97.32 -23.74
N ASP A 916 -119.54 98.25 -22.92
CA ASP A 916 -120.57 97.94 -21.94
C ASP A 916 -121.91 97.77 -22.66
N THR A 917 -122.52 96.60 -22.49
CA THR A 917 -123.79 96.30 -23.14
C THR A 917 -124.92 96.23 -22.12
N PRO B 17 -100.95 2.35 -51.61
CA PRO B 17 -101.57 2.90 -50.40
C PRO B 17 -100.69 2.81 -49.14
N PRO B 18 -100.11 1.62 -48.82
CA PRO B 18 -99.22 1.56 -47.67
C PRO B 18 -97.90 2.25 -47.94
N GLY B 19 -97.51 2.30 -49.22
CA GLY B 19 -96.28 2.96 -49.60
C GLY B 19 -96.43 4.47 -49.73
N GLY B 20 -97.42 4.90 -50.52
CA GLY B 20 -97.65 6.32 -50.72
C GLY B 20 -98.39 7.01 -49.59
N GLY B 21 -98.99 6.25 -48.68
CA GLY B 21 -99.71 6.84 -47.57
C GLY B 21 -98.80 7.39 -46.49
N GLU B 22 -97.77 6.63 -46.13
CA GLU B 22 -96.85 7.04 -45.07
C GLU B 22 -95.88 8.13 -45.50
N GLN B 23 -95.94 8.59 -46.74
CA GLN B 23 -94.93 9.51 -47.28
C GLN B 23 -95.47 10.92 -47.44
N GLU B 24 -96.57 11.27 -46.77
CA GLU B 24 -96.95 12.67 -46.77
C GLU B 24 -97.38 13.24 -45.42
N PRO B 25 -96.74 12.89 -44.30
CA PRO B 25 -96.71 13.82 -43.16
C PRO B 25 -95.60 14.87 -43.28
N PRO B 26 -94.40 14.51 -43.72
CA PRO B 26 -93.29 15.50 -43.75
C PRO B 26 -93.37 16.50 -44.89
N PRO B 27 -93.78 16.12 -46.11
CA PRO B 27 -93.72 17.08 -47.25
C PRO B 27 -94.45 18.39 -47.00
N PRO B 28 -95.68 18.37 -46.50
CA PRO B 28 -96.43 19.64 -46.32
C PRO B 28 -95.73 20.62 -45.39
N PRO B 29 -95.33 20.21 -44.15
CA PRO B 29 -94.91 21.20 -43.15
C PRO B 29 -93.72 22.08 -43.51
N ALA B 30 -92.88 21.66 -44.46
CA ALA B 30 -91.68 22.44 -44.75
C ALA B 30 -92.05 23.79 -45.36
N PRO B 31 -92.77 23.82 -46.50
CA PRO B 31 -93.27 25.11 -46.98
C PRO B 31 -94.21 25.77 -45.99
N GLN B 32 -94.96 24.97 -45.24
CA GLN B 32 -95.83 25.45 -44.17
C GLN B 32 -95.07 26.28 -43.15
N ASP B 33 -93.79 26.00 -42.90
CA ASP B 33 -93.01 26.77 -41.95
C ASP B 33 -92.20 27.86 -42.64
N VAL B 34 -91.27 27.49 -43.52
CA VAL B 34 -90.37 28.47 -44.09
C VAL B 34 -91.04 29.26 -45.22
N GLU B 35 -91.79 28.59 -46.09
CA GLU B 35 -92.59 29.31 -47.08
C GLU B 35 -93.62 30.21 -46.40
N MET B 36 -94.03 29.86 -45.18
CA MET B 36 -94.87 30.74 -44.39
C MET B 36 -94.10 31.99 -43.96
N LYS B 37 -92.97 31.80 -43.27
CA LYS B 37 -92.31 32.90 -42.58
C LYS B 37 -91.50 33.83 -43.49
N GLU B 38 -91.05 33.34 -44.65
CA GLU B 38 -90.15 34.13 -45.48
C GLU B 38 -90.78 35.45 -45.91
N GLU B 39 -91.86 35.38 -46.70
CA GLU B 39 -92.54 36.61 -47.09
C GLU B 39 -93.25 37.28 -45.92
N ALA B 40 -93.41 36.59 -44.80
CA ALA B 40 -93.87 37.26 -43.59
C ALA B 40 -92.85 38.29 -43.14
N ALA B 41 -91.58 37.89 -43.01
CA ALA B 41 -90.54 38.86 -42.72
C ALA B 41 -90.35 39.86 -43.85
N THR B 42 -90.52 39.41 -45.10
CA THR B 42 -90.39 40.30 -46.24
C THR B 42 -91.38 41.45 -46.17
N GLY B 43 -92.68 41.13 -46.12
CA GLY B 43 -93.68 42.15 -45.95
C GLY B 43 -93.57 42.91 -44.65
N GLY B 44 -93.01 42.27 -43.62
CA GLY B 44 -92.83 42.95 -42.34
C GLY B 44 -91.84 44.08 -42.41
N GLY B 45 -90.57 43.74 -42.61
CA GLY B 45 -89.54 44.76 -42.69
C GLY B 45 -89.77 45.71 -43.87
N SER B 46 -90.27 45.18 -44.98
CA SER B 46 -90.58 46.03 -46.12
C SER B 46 -91.68 47.02 -45.81
N THR B 47 -92.67 46.62 -45.00
CA THR B 47 -93.70 47.56 -44.59
C THR B 47 -93.14 48.61 -43.64
N GLY B 48 -92.36 48.17 -42.65
CA GLY B 48 -91.74 49.12 -41.74
C GLY B 48 -90.83 50.11 -42.44
N GLU B 49 -90.22 49.71 -43.55
CA GLU B 49 -89.41 50.60 -44.37
C GLU B 49 -90.22 51.26 -45.47
N ALA B 50 -91.50 50.96 -45.57
CA ALA B 50 -92.40 51.76 -46.40
C ALA B 50 -92.97 52.92 -45.61
N ASP B 51 -93.44 52.67 -44.39
CA ASP B 51 -93.83 53.75 -43.49
C ASP B 51 -92.61 54.57 -43.09
N GLY B 52 -91.68 53.94 -42.38
CA GLY B 52 -90.40 54.55 -42.11
C GLY B 52 -89.47 54.41 -43.29
N LYS B 53 -88.21 54.77 -43.06
CA LYS B 53 -87.17 54.69 -44.08
C LYS B 53 -87.55 55.49 -45.31
N THR B 54 -87.62 56.82 -45.18
CA THR B 54 -87.89 57.67 -46.33
C THR B 54 -86.86 57.42 -47.44
N ALA B 55 -85.63 57.05 -47.07
CA ALA B 55 -84.66 56.56 -48.03
C ALA B 55 -84.75 55.05 -48.23
N ALA B 56 -85.94 54.54 -48.53
CA ALA B 56 -86.14 53.11 -48.73
C ALA B 56 -85.90 52.72 -50.19
N ALA B 57 -85.21 53.59 -50.94
CA ALA B 57 -84.94 53.29 -52.33
C ALA B 57 -84.09 52.03 -52.48
N ALA B 58 -83.22 51.77 -51.52
CA ALA B 58 -82.40 50.56 -51.50
C ALA B 58 -82.79 49.79 -50.24
N ALA B 59 -83.84 48.99 -50.34
CA ALA B 59 -84.29 48.20 -49.21
C ALA B 59 -83.42 46.94 -49.08
N GLU B 60 -83.20 46.51 -47.83
CA GLU B 60 -82.59 45.20 -47.67
C GLU B 60 -83.56 44.08 -47.99
N HIS B 61 -84.85 44.40 -48.11
CA HIS B 61 -85.81 43.54 -48.77
C HIS B 61 -85.79 43.71 -50.28
N SER B 62 -84.80 44.44 -50.82
CA SER B 62 -84.47 44.32 -52.23
C SER B 62 -83.50 43.17 -52.46
N GLN B 63 -82.59 42.93 -51.50
CA GLN B 63 -81.89 41.65 -51.47
C GLN B 63 -82.85 40.52 -51.15
N ARG B 64 -83.91 40.81 -50.40
CA ARG B 64 -85.01 39.87 -50.25
C ARG B 64 -85.85 39.82 -51.53
N GLU B 65 -85.79 40.89 -52.32
CA GLU B 65 -86.38 40.84 -53.66
C GLU B 65 -85.63 39.83 -54.53
N LEU B 66 -84.29 39.88 -54.50
CA LEU B 66 -83.50 38.85 -55.16
C LEU B 66 -83.74 37.48 -54.55
N ASP B 67 -83.87 37.41 -53.23
CA ASP B 67 -84.14 36.12 -52.58
C ASP B 67 -85.48 35.57 -53.02
N THR B 68 -86.41 36.44 -53.41
CA THR B 68 -87.64 36.02 -54.05
C THR B 68 -87.44 35.72 -55.52
N VAL B 69 -86.37 36.25 -56.13
CA VAL B 69 -86.05 35.91 -57.51
C VAL B 69 -85.76 34.42 -57.63
N THR B 70 -84.88 33.91 -56.76
CA THR B 70 -84.57 32.49 -56.73
C THR B 70 -85.35 31.74 -55.66
N LEU B 71 -86.32 32.39 -55.02
CA LEU B 71 -87.00 31.82 -53.87
C LEU B 71 -88.13 30.88 -54.30
N GLU B 72 -89.10 31.42 -55.03
CA GLU B 72 -90.25 30.64 -55.44
C GLU B 72 -89.99 29.77 -56.66
N ASP B 73 -88.95 30.08 -57.45
CA ASP B 73 -88.62 29.26 -58.61
C ASP B 73 -88.16 27.87 -58.20
N ILE B 74 -87.73 27.70 -56.96
CA ILE B 74 -87.29 26.41 -56.47
C ILE B 74 -88.01 25.99 -55.20
N LYS B 75 -88.62 26.92 -54.46
CA LYS B 75 -89.19 26.61 -53.16
C LYS B 75 -90.55 25.94 -53.30
N GLU B 76 -91.51 26.64 -53.92
CA GLU B 76 -92.86 26.14 -54.08
C GLU B 76 -93.36 26.44 -55.48
N HIS B 77 -93.97 25.44 -56.12
CA HIS B 77 -94.58 25.62 -57.43
C HIS B 77 -96.08 25.35 -57.38
N VAL B 78 -96.48 24.21 -56.81
CA VAL B 78 -97.89 23.93 -56.55
C VAL B 78 -98.23 24.51 -55.18
N LYS B 79 -99.52 24.63 -54.88
CA LYS B 79 -99.98 25.09 -53.58
C LYS B 79 -99.82 24.06 -52.47
N GLN B 80 -99.13 22.94 -52.75
CA GLN B 80 -98.77 21.96 -51.74
C GLN B 80 -100.02 21.39 -51.06
N LEU B 81 -100.79 20.65 -51.85
CA LEU B 81 -101.92 19.90 -51.32
C LEU B 81 -101.46 18.95 -50.22
N GLU B 82 -102.43 18.44 -49.47
CA GLU B 82 -102.25 17.98 -48.08
C GLU B 82 -102.10 19.18 -47.15
N LYS B 83 -102.60 20.33 -47.60
CA LYS B 83 -102.79 21.51 -46.77
C LYS B 83 -101.45 22.07 -46.27
N ALA B 84 -100.61 22.47 -47.22
CA ALA B 84 -99.34 23.11 -46.92
C ALA B 84 -99.28 24.56 -47.38
N VAL B 85 -99.53 24.83 -48.66
CA VAL B 85 -99.50 26.20 -49.16
C VAL B 85 -100.89 26.69 -49.55
N SER B 86 -101.87 25.79 -49.70
CA SER B 86 -103.21 26.17 -50.11
C SER B 86 -103.85 27.19 -49.17
N GLY B 87 -103.61 27.07 -47.87
CA GLY B 87 -104.15 28.01 -46.91
C GLY B 87 -103.36 29.28 -46.75
N LYS B 88 -102.18 29.36 -47.35
CA LYS B 88 -101.38 30.57 -47.29
C LYS B 88 -102.12 31.74 -47.93
N GLU B 89 -102.58 31.55 -49.17
CA GLU B 89 -103.28 32.61 -49.89
C GLU B 89 -104.50 33.13 -49.15
N PRO B 90 -105.44 32.31 -48.68
CA PRO B 90 -106.56 32.85 -47.88
C PRO B 90 -106.11 33.56 -46.62
N ARG B 91 -104.99 33.15 -46.01
CA ARG B 91 -104.45 33.89 -44.88
C ARG B 91 -103.79 35.18 -45.33
N PHE B 92 -102.72 35.05 -46.11
CA PHE B 92 -101.90 36.19 -46.49
C PHE B 92 -102.66 37.26 -47.25
N VAL B 93 -103.73 36.90 -47.98
CA VAL B 93 -104.46 37.93 -48.70
C VAL B 93 -105.51 38.58 -47.82
N LEU B 94 -105.95 37.91 -46.76
CA LEU B 94 -106.87 38.51 -45.80
C LEU B 94 -106.06 39.43 -44.89
N ARG B 95 -105.76 40.61 -45.42
CA ARG B 95 -105.00 41.62 -44.68
C ARG B 95 -105.75 42.93 -44.78
N ALA B 96 -106.50 43.27 -43.75
CA ALA B 96 -107.21 44.53 -43.69
C ALA B 96 -106.36 45.63 -43.08
N LEU B 97 -105.89 45.43 -41.84
CA LEU B 97 -104.87 46.26 -41.22
C LEU B 97 -105.34 47.71 -41.09
N ARG B 98 -106.43 47.87 -40.32
CA ARG B 98 -107.00 49.20 -40.11
C ARG B 98 -106.11 50.05 -39.23
N MET B 99 -105.92 49.64 -37.97
CA MET B 99 -105.00 50.30 -37.05
C MET B 99 -104.46 49.23 -36.11
N LEU B 100 -103.61 49.65 -35.15
CA LEU B 100 -102.90 48.72 -34.28
C LEU B 100 -103.75 47.58 -33.69
N PRO B 101 -104.98 47.81 -33.24
CA PRO B 101 -105.79 46.66 -32.81
C PRO B 101 -106.22 45.76 -33.95
N SER B 102 -106.70 46.33 -35.06
CA SER B 102 -107.15 45.55 -36.21
C SER B 102 -106.01 45.01 -37.05
N THR B 103 -104.77 45.30 -36.66
CA THR B 103 -103.57 44.78 -37.30
C THR B 103 -102.86 43.77 -36.41
N SER B 104 -102.91 43.96 -35.10
CA SER B 104 -102.56 42.91 -34.17
C SER B 104 -103.56 41.76 -34.21
N ARG B 105 -104.80 42.03 -34.62
CA ARG B 105 -105.73 40.95 -34.91
C ARG B 105 -105.21 40.06 -36.04
N ARG B 106 -104.80 40.68 -37.14
CA ARG B 106 -104.20 39.93 -38.25
C ARG B 106 -102.90 39.27 -37.82
N LEU B 107 -102.12 39.96 -36.97
CA LEU B 107 -100.98 39.35 -36.32
C LEU B 107 -101.38 38.07 -35.60
N ASN B 108 -102.57 38.06 -34.98
CA ASN B 108 -103.10 36.82 -34.45
C ASN B 108 -103.45 35.84 -35.55
N HIS B 109 -103.98 36.33 -36.67
CA HIS B 109 -104.41 35.44 -37.75
C HIS B 109 -103.25 34.69 -38.39
N TYR B 110 -102.04 35.28 -38.40
CA TYR B 110 -100.86 34.57 -38.90
C TYR B 110 -100.70 33.21 -38.24
N VAL B 111 -101.01 33.11 -36.95
CA VAL B 111 -100.93 31.85 -36.24
C VAL B 111 -102.29 31.16 -36.19
N LEU B 112 -103.37 31.94 -36.25
CA LEU B 112 -104.71 31.37 -36.10
C LEU B 112 -105.08 30.49 -37.30
N TYR B 113 -104.81 30.97 -38.52
CA TYR B 113 -105.07 30.14 -39.70
C TYR B 113 -104.16 28.92 -39.78
N LYS B 114 -103.09 28.90 -39.00
CA LYS B 114 -102.17 27.76 -39.01
C LYS B 114 -102.84 26.50 -38.49
N ALA B 115 -103.77 26.65 -37.55
CA ALA B 115 -104.61 25.52 -37.18
C ALA B 115 -105.53 25.12 -38.32
N VAL B 116 -105.88 26.06 -39.20
CA VAL B 116 -106.70 25.74 -40.35
C VAL B 116 -105.90 24.91 -41.35
N GLN B 117 -104.64 25.25 -41.59
CA GLN B 117 -103.82 24.42 -42.47
C GLN B 117 -103.53 23.06 -41.84
N GLY B 118 -103.10 23.06 -40.58
CA GLY B 118 -102.69 21.82 -39.95
C GLY B 118 -103.84 20.88 -39.63
N PHE B 119 -104.75 21.31 -38.76
CA PHE B 119 -105.85 20.45 -38.34
C PHE B 119 -106.93 20.35 -39.40
N PHE B 120 -107.39 21.49 -39.91
CA PHE B 120 -108.50 21.53 -40.85
C PHE B 120 -107.99 21.43 -42.27
N THR B 121 -108.86 21.70 -43.24
CA THR B 121 -108.48 21.75 -44.64
C THR B 121 -108.33 23.20 -45.09
N SER B 122 -107.24 23.46 -45.82
CA SER B 122 -106.96 24.80 -46.30
C SER B 122 -107.97 25.20 -47.35
N ASN B 123 -107.93 26.47 -47.75
CA ASN B 123 -108.83 26.99 -48.79
C ASN B 123 -108.18 26.73 -50.14
N ASN B 124 -108.74 25.78 -50.90
CA ASN B 124 -108.20 25.43 -52.20
C ASN B 124 -108.22 26.64 -53.11
N ALA B 125 -107.07 26.93 -53.73
CA ALA B 125 -106.93 28.13 -54.53
C ALA B 125 -106.25 27.83 -55.86
N THR B 126 -106.70 26.81 -56.58
CA THR B 126 -106.01 26.36 -57.79
C THR B 126 -106.11 27.41 -58.90
N ARG B 127 -105.42 28.54 -58.70
CA ARG B 127 -105.31 29.64 -59.67
C ARG B 127 -106.66 30.05 -60.25
N ASP B 128 -107.69 29.97 -59.41
CA ASP B 128 -109.02 30.39 -59.79
C ASP B 128 -109.63 31.23 -58.67
N PHE B 129 -109.11 31.05 -57.46
CA PHE B 129 -109.63 31.70 -56.27
C PHE B 129 -108.85 32.94 -55.88
N LEU B 130 -107.62 33.07 -56.38
CA LEU B 130 -106.81 34.24 -56.05
C LEU B 130 -107.47 35.53 -56.54
N LEU B 131 -108.18 35.46 -57.67
CA LEU B 131 -108.90 36.63 -58.17
C LEU B 131 -109.97 37.04 -57.17
N PRO B 132 -110.86 36.14 -56.74
CA PRO B 132 -111.76 36.47 -55.63
C PRO B 132 -111.07 36.64 -54.29
N PHE B 133 -109.84 36.15 -54.13
CA PHE B 133 -109.06 36.45 -52.94
C PHE B 133 -108.61 37.91 -52.89
N LEU B 134 -108.74 38.64 -54.01
CA LEU B 134 -108.40 40.06 -54.07
C LEU B 134 -109.43 40.95 -53.40
N GLU B 135 -110.39 40.36 -52.67
CA GLU B 135 -111.33 41.11 -51.87
C GLU B 135 -110.94 41.15 -50.39
N GLU B 136 -110.30 40.10 -49.90
CA GLU B 136 -109.75 40.13 -48.54
C GLU B 136 -108.89 41.36 -48.25
N PRO B 137 -107.98 41.78 -49.13
CA PRO B 137 -107.29 43.06 -48.92
C PRO B 137 -108.20 44.28 -48.94
N MET B 138 -109.42 44.14 -49.47
CA MET B 138 -110.41 45.19 -49.44
C MET B 138 -111.34 45.11 -48.24
N ASP B 139 -111.41 43.96 -47.57
CA ASP B 139 -112.35 43.79 -46.48
C ASP B 139 -111.84 44.48 -45.22
N THR B 140 -112.77 45.04 -44.43
CA THR B 140 -112.47 45.60 -43.12
C THR B 140 -111.45 46.74 -43.19
N GLU B 141 -111.83 47.85 -43.81
CA GLU B 141 -110.95 49.02 -43.94
C GLU B 141 -109.68 48.68 -44.70
N ALA B 142 -109.86 48.42 -45.99
CA ALA B 142 -108.77 48.08 -46.89
C ALA B 142 -107.63 49.09 -46.84
N ASP B 143 -106.43 48.63 -47.17
CA ASP B 143 -105.25 49.48 -47.24
C ASP B 143 -104.79 49.59 -48.68
N LEU B 144 -104.71 50.82 -49.18
CA LEU B 144 -104.19 51.08 -50.52
C LEU B 144 -102.86 51.82 -50.52
N GLN B 145 -102.50 52.48 -49.42
CA GLN B 145 -101.20 53.15 -49.34
C GLN B 145 -100.06 52.14 -49.40
N PHE B 146 -100.29 50.90 -48.98
CA PHE B 146 -99.27 49.86 -49.03
C PHE B 146 -99.32 49.16 -50.38
N ARG B 147 -99.22 49.95 -51.44
CA ARG B 147 -99.16 49.38 -52.79
C ARG B 147 -97.91 48.52 -52.99
N PRO B 148 -96.83 48.70 -52.23
CA PRO B 148 -95.82 47.61 -52.19
C PRO B 148 -96.35 46.32 -51.60
N ARG B 149 -96.99 46.38 -50.43
CA ARG B 149 -97.51 45.17 -49.78
C ARG B 149 -98.52 44.45 -50.68
N THR B 150 -99.55 45.16 -51.10
CA THR B 150 -100.51 44.62 -52.06
C THR B 150 -99.88 44.37 -53.42
N GLY B 151 -98.70 44.94 -53.69
CA GLY B 151 -98.02 44.66 -54.94
C GLY B 151 -97.40 43.27 -54.94
N LYS B 152 -96.64 42.95 -53.91
CA LYS B 152 -96.21 41.57 -53.72
C LYS B 152 -97.42 40.65 -53.57
N ALA B 153 -98.49 41.17 -52.98
CA ALA B 153 -99.78 40.49 -52.97
C ALA B 153 -100.39 40.36 -54.37
N ALA B 154 -99.88 41.10 -55.35
CA ALA B 154 -100.25 40.90 -56.75
C ALA B 154 -99.28 40.00 -57.48
N SER B 155 -98.07 39.83 -56.95
CA SER B 155 -97.13 38.85 -57.51
C SER B 155 -97.50 37.45 -57.07
N THR B 156 -97.87 37.28 -55.82
CA THR B 156 -98.26 36.00 -55.24
C THR B 156 -99.37 35.27 -56.01
N PRO B 157 -100.35 35.95 -56.61
CA PRO B 157 -101.31 35.23 -57.46
C PRO B 157 -100.63 34.50 -58.61
N LEU B 158 -99.52 35.02 -59.11
CA LEU B 158 -98.76 34.29 -60.13
C LEU B 158 -97.83 33.26 -59.51
N LEU B 159 -97.37 33.51 -58.29
CA LEU B 159 -96.22 32.79 -57.76
C LEU B 159 -96.37 31.27 -57.74
N PRO B 160 -97.47 30.70 -57.29
CA PRO B 160 -97.65 29.26 -57.52
C PRO B 160 -98.12 29.00 -58.94
N GLU B 161 -98.95 29.91 -59.45
CA GLU B 161 -99.64 29.70 -60.72
C GLU B 161 -98.67 29.73 -61.90
N VAL B 162 -98.02 30.87 -62.13
CA VAL B 162 -97.09 30.99 -63.26
C VAL B 162 -95.88 30.09 -63.03
N GLU B 163 -95.29 30.17 -61.84
CA GLU B 163 -94.11 29.36 -61.53
C GLU B 163 -94.39 27.86 -61.58
N ALA B 164 -95.67 27.44 -61.56
CA ALA B 164 -96.00 26.06 -61.88
C ALA B 164 -95.70 25.71 -63.33
N TYR B 165 -95.50 26.72 -64.19
CA TYR B 165 -95.20 26.52 -65.60
C TYR B 165 -96.33 25.76 -66.29
N LEU B 166 -97.51 26.38 -66.28
CA LEU B 166 -98.67 25.74 -66.90
C LEU B 166 -98.80 26.16 -68.36
N GLN B 167 -98.96 27.45 -68.62
CA GLN B 167 -99.26 27.98 -69.94
C GLN B 167 -100.42 27.22 -70.58
N LEU B 168 -101.43 26.91 -69.76
CA LEU B 168 -102.52 26.04 -70.20
C LEU B 168 -103.81 26.58 -69.58
N LEU B 169 -104.51 27.44 -70.33
CA LEU B 169 -105.84 27.91 -69.97
C LEU B 169 -105.87 28.84 -68.77
N VAL B 170 -104.74 29.02 -68.08
CA VAL B 170 -104.63 30.03 -67.05
C VAL B 170 -103.60 31.09 -67.44
N VAL B 171 -103.09 31.03 -68.66
CA VAL B 171 -102.36 32.17 -69.22
C VAL B 171 -103.25 33.39 -69.22
N ILE B 172 -104.51 33.22 -69.58
CA ILE B 172 -105.44 34.35 -69.61
C ILE B 172 -105.69 34.90 -68.21
N PHE B 173 -105.82 34.03 -67.22
CA PHE B 173 -105.99 34.48 -65.85
C PHE B 173 -104.72 35.11 -65.30
N MET B 174 -103.55 34.61 -65.70
CA MET B 174 -102.31 35.37 -65.56
C MET B 174 -102.50 36.78 -66.06
N MET B 175 -103.04 36.91 -67.28
CA MET B 175 -103.17 38.20 -67.92
C MET B 175 -104.12 39.09 -67.14
N ASN B 176 -105.16 38.52 -66.55
CA ASN B 176 -106.11 39.32 -65.78
C ASN B 176 -105.51 39.78 -64.47
N SER B 177 -104.78 38.89 -63.78
CA SER B 177 -104.07 39.29 -62.57
C SER B 177 -103.08 40.39 -62.87
N LYS B 178 -102.35 40.28 -63.98
CA LYS B 178 -101.44 41.34 -64.37
C LYS B 178 -102.18 42.57 -64.88
N ARG B 179 -103.47 42.45 -65.22
CA ARG B 179 -104.24 43.65 -65.52
C ARG B 179 -104.64 44.37 -64.25
N TYR B 180 -104.95 43.62 -63.19
CA TYR B 180 -105.15 44.23 -61.88
C TYR B 180 -103.87 44.89 -61.40
N LYS B 181 -102.72 44.25 -61.64
CA LYS B 181 -101.44 44.83 -61.24
C LYS B 181 -101.11 46.06 -62.07
N GLU B 182 -101.40 46.04 -63.38
CA GLU B 182 -101.28 47.27 -64.16
C GLU B 182 -102.23 48.34 -63.65
N ALA B 183 -103.39 47.95 -63.13
CA ALA B 183 -104.21 48.84 -62.33
C ALA B 183 -103.50 49.29 -61.06
N GLN B 184 -102.53 48.53 -60.55
CA GLN B 184 -101.71 49.03 -59.47
C GLN B 184 -100.68 50.04 -59.96
N LYS B 185 -100.19 49.88 -61.19
CA LYS B 185 -99.51 51.00 -61.84
C LYS B 185 -100.41 52.22 -61.87
N ILE B 186 -101.69 52.01 -62.17
CA ILE B 186 -102.65 53.12 -62.19
C ILE B 186 -102.76 53.73 -60.80
N SER B 187 -102.71 52.88 -59.76
CA SER B 187 -102.77 53.37 -58.39
C SER B 187 -101.54 54.18 -58.03
N ASP B 188 -100.36 53.77 -58.49
CA ASP B 188 -99.15 54.54 -58.23
C ASP B 188 -99.16 55.87 -58.97
N ASP B 189 -99.51 55.84 -60.26
CA ASP B 189 -99.52 57.04 -61.08
C ASP B 189 -100.67 57.97 -60.78
N LEU B 190 -101.67 57.51 -60.02
CA LEU B 190 -102.87 58.30 -59.76
C LEU B 190 -103.24 58.42 -58.30
N MET B 191 -102.94 57.43 -57.47
CA MET B 191 -103.49 57.33 -56.12
C MET B 191 -102.38 57.44 -55.08
N GLN B 192 -102.30 58.61 -54.44
CA GLN B 192 -101.55 58.83 -53.20
C GLN B 192 -100.08 58.41 -53.34
N LYS B 193 -99.39 59.15 -54.20
CA LYS B 193 -98.01 58.84 -54.60
C LYS B 193 -97.05 59.94 -54.16
N ILE B 194 -97.12 60.34 -52.88
CA ILE B 194 -96.43 61.58 -52.49
C ILE B 194 -94.94 61.28 -52.40
N SER B 195 -94.31 61.26 -53.58
CA SER B 195 -92.87 60.97 -53.71
C SER B 195 -92.46 59.72 -52.95
N THR B 196 -93.31 58.69 -53.01
CA THR B 196 -93.06 57.44 -52.31
C THR B 196 -92.02 56.53 -52.96
N GLN B 197 -91.51 56.94 -54.12
CA GLN B 197 -90.51 56.14 -54.83
C GLN B 197 -90.86 54.66 -55.00
N ASN B 198 -92.11 54.33 -55.29
CA ASN B 198 -92.49 52.92 -55.40
C ASN B 198 -92.47 52.39 -56.82
N ARG B 199 -92.40 53.26 -57.84
CA ARG B 199 -92.30 52.77 -59.20
C ARG B 199 -91.06 51.91 -59.39
N ARG B 200 -89.95 52.30 -58.76
CA ARG B 200 -88.71 51.54 -58.87
C ARG B 200 -88.82 50.17 -58.21
N ALA B 201 -89.79 49.97 -57.31
CA ALA B 201 -90.19 48.63 -56.91
C ALA B 201 -91.22 48.06 -57.86
N LEU B 202 -92.16 48.89 -58.32
CA LEU B 202 -93.14 48.47 -59.31
C LEU B 202 -92.49 48.22 -60.66
N ASP B 203 -91.27 48.73 -60.87
CA ASP B 203 -90.55 48.40 -62.09
C ASP B 203 -89.93 47.00 -62.00
N LEU B 204 -89.50 46.60 -60.81
CA LEU B 204 -89.08 45.21 -60.61
C LEU B 204 -90.26 44.26 -60.70
N VAL B 205 -91.41 44.65 -60.13
CA VAL B 205 -92.61 43.82 -60.26
C VAL B 205 -93.01 43.71 -61.72
N ALA B 206 -93.05 44.84 -62.43
CA ALA B 206 -93.25 44.83 -63.86
C ALA B 206 -92.22 43.96 -64.57
N ALA B 207 -91.01 43.88 -64.04
CA ALA B 207 -90.02 42.97 -64.59
C ALA B 207 -90.47 41.52 -64.44
N LYS B 208 -90.68 41.09 -63.19
CA LYS B 208 -91.03 39.69 -62.90
C LYS B 208 -92.27 39.26 -63.68
N CYS B 209 -93.33 40.05 -63.63
CA CYS B 209 -94.56 39.67 -64.30
C CYS B 209 -94.36 39.59 -65.81
N TYR B 210 -93.41 40.35 -66.34
CA TYR B 210 -93.19 40.40 -67.77
C TYR B 210 -92.03 39.53 -68.22
N TYR B 211 -91.40 38.78 -67.32
CA TYR B 211 -90.57 37.66 -67.76
C TYR B 211 -91.46 36.49 -68.19
N TYR B 212 -92.31 36.04 -67.28
CA TYR B 212 -93.22 34.94 -67.56
C TYR B 212 -94.42 35.38 -68.37
N HIS B 213 -94.70 36.68 -68.41
CA HIS B 213 -95.65 37.20 -69.38
C HIS B 213 -95.00 37.40 -70.74
N ALA B 214 -93.69 37.63 -70.75
CA ALA B 214 -92.91 37.48 -71.97
C ALA B 214 -93.05 36.07 -72.52
N ARG B 215 -92.84 35.06 -71.68
CA ARG B 215 -93.10 33.68 -72.08
C ARG B 215 -94.54 33.52 -72.53
N VAL B 216 -95.48 34.14 -71.81
CA VAL B 216 -96.90 34.12 -72.19
C VAL B 216 -97.07 34.56 -73.63
N TYR B 217 -96.37 35.61 -74.04
CA TYR B 217 -96.44 35.98 -75.45
C TYR B 217 -95.48 35.19 -76.32
N GLU B 218 -94.67 34.32 -75.72
CA GLU B 218 -93.96 33.31 -76.48
C GLU B 218 -94.84 32.10 -76.77
N PHE B 219 -95.66 31.71 -75.80
CA PHE B 219 -96.67 30.68 -76.01
C PHE B 219 -97.86 31.19 -76.81
N LEU B 220 -97.86 32.48 -77.17
CA LEU B 220 -98.89 33.01 -78.06
C LEU B 220 -98.23 33.93 -79.09
N ASP B 221 -99.04 34.69 -79.81
CA ASP B 221 -98.56 35.54 -80.90
C ASP B 221 -97.90 36.81 -80.39
N LYS B 222 -97.72 37.78 -81.31
CA LYS B 222 -96.92 38.97 -81.05
C LYS B 222 -97.50 39.80 -79.90
N LEU B 223 -96.78 40.85 -79.55
CA LEU B 223 -96.97 41.56 -78.30
C LEU B 223 -97.17 43.05 -78.52
N ASP B 224 -97.64 43.45 -79.70
CA ASP B 224 -97.67 44.87 -80.08
C ASP B 224 -98.47 45.72 -79.11
N VAL B 225 -99.49 45.16 -78.46
CA VAL B 225 -100.18 45.88 -77.40
C VAL B 225 -99.21 46.20 -76.27
N VAL B 226 -98.33 45.25 -75.95
CA VAL B 226 -97.28 45.51 -74.97
C VAL B 226 -96.15 46.31 -75.60
N ARG B 227 -96.20 46.51 -76.92
CA ARG B 227 -95.26 47.42 -77.56
C ARG B 227 -95.67 48.88 -77.30
N SER B 228 -96.92 49.21 -77.60
CA SER B 228 -97.38 50.57 -77.29
C SER B 228 -97.44 50.80 -75.79
N PHE B 229 -98.03 49.85 -75.05
CA PHE B 229 -98.02 49.94 -73.59
C PHE B 229 -96.61 49.98 -73.05
N LEU B 230 -95.67 49.33 -73.73
CA LEU B 230 -94.28 49.39 -73.31
C LEU B 230 -93.68 50.76 -73.61
N HIS B 231 -94.14 51.42 -74.67
CA HIS B 231 -93.67 52.77 -74.98
C HIS B 231 -94.30 53.78 -74.04
N ALA B 232 -95.43 53.41 -73.42
CA ALA B 232 -96.06 54.29 -72.44
C ALA B 232 -95.45 54.08 -71.06
N ARG B 233 -95.47 52.85 -70.57
CA ARG B 233 -94.81 52.55 -69.31
C ARG B 233 -93.34 52.94 -69.34
N LEU B 234 -92.71 52.85 -70.51
CA LEU B 234 -91.37 53.41 -70.67
C LEU B 234 -91.41 54.93 -70.82
N ARG B 235 -92.51 55.46 -71.37
CA ARG B 235 -92.63 56.89 -71.57
C ARG B 235 -92.60 57.64 -70.25
N THR B 236 -93.32 57.14 -69.24
CA THR B 236 -93.30 57.76 -67.93
C THR B 236 -91.91 57.79 -67.31
N ALA B 237 -91.05 56.84 -67.66
CA ALA B 237 -89.66 56.92 -67.25
C ALA B 237 -89.02 58.18 -67.84
N THR B 238 -87.92 58.60 -67.20
CA THR B 238 -87.12 59.72 -67.66
C THR B 238 -87.79 61.06 -67.34
N LEU B 239 -89.04 61.02 -66.89
CA LEU B 239 -89.74 62.26 -66.56
C LEU B 239 -89.88 62.41 -65.05
N ARG B 240 -90.40 61.38 -64.38
CA ARG B 240 -90.55 61.40 -62.94
C ARG B 240 -89.64 60.33 -62.37
N HIS B 241 -89.78 59.07 -62.79
CA HIS B 241 -88.98 58.00 -62.24
C HIS B 241 -88.23 57.26 -63.34
N ASP B 242 -86.96 57.00 -63.09
CA ASP B 242 -86.13 56.26 -64.03
C ASP B 242 -85.10 55.43 -63.31
N ALA B 243 -85.38 54.14 -63.11
CA ALA B 243 -84.39 53.24 -62.51
C ALA B 243 -84.83 51.80 -62.76
N ASP B 244 -84.18 51.14 -63.72
CA ASP B 244 -84.31 49.72 -64.02
C ASP B 244 -85.63 49.37 -64.70
N GLY B 245 -86.57 50.30 -64.76
CA GLY B 245 -87.80 50.04 -65.49
C GLY B 245 -87.54 50.30 -66.96
N GLN B 246 -86.89 51.43 -67.24
CA GLN B 246 -86.40 51.67 -68.59
C GLN B 246 -85.42 50.60 -69.02
N ALA B 247 -84.60 50.12 -68.09
CA ALA B 247 -83.65 49.05 -68.41
C ALA B 247 -84.39 47.77 -68.78
N THR B 248 -85.15 47.22 -67.82
CA THR B 248 -85.82 45.94 -68.06
C THR B 248 -86.85 46.03 -69.18
N LEU B 249 -87.69 47.07 -69.17
CA LEU B 249 -88.66 47.22 -70.24
C LEU B 249 -87.97 47.45 -71.58
N LEU B 250 -86.80 48.08 -71.58
CA LEU B 250 -86.04 48.20 -72.81
C LEU B 250 -85.56 46.84 -73.30
N ASN B 251 -85.08 46.00 -72.39
CA ASN B 251 -84.61 44.68 -72.79
C ASN B 251 -85.75 43.81 -73.32
N LEU B 252 -86.88 43.79 -72.61
CA LEU B 252 -88.06 43.11 -73.12
C LEU B 252 -88.48 43.69 -74.47
N LEU B 253 -88.31 45.00 -74.64
CA LEU B 253 -88.55 45.64 -75.92
C LEU B 253 -87.63 45.07 -77.00
N LEU B 254 -86.37 44.83 -76.66
CA LEU B 254 -85.39 44.44 -77.67
C LEU B 254 -85.51 42.97 -78.04
N ARG B 255 -85.80 42.12 -77.06
CA ARG B 255 -85.70 40.67 -77.25
C ARG B 255 -86.57 40.16 -78.39
N ASN B 256 -87.79 40.65 -78.53
CA ASN B 256 -88.69 40.12 -79.54
C ASN B 256 -88.75 40.99 -80.78
N TYR B 257 -88.37 42.28 -80.68
CA TYR B 257 -87.97 43.00 -81.87
C TYR B 257 -86.89 42.25 -82.62
N LEU B 258 -85.90 41.72 -81.89
CA LEU B 258 -84.89 40.85 -82.45
C LEU B 258 -85.48 39.50 -82.85
N HIS B 259 -86.38 38.97 -82.03
CA HIS B 259 -86.95 37.65 -82.30
C HIS B 259 -87.74 37.65 -83.60
N TYR B 260 -88.29 38.78 -83.99
CA TYR B 260 -89.05 38.89 -85.23
C TYR B 260 -88.13 39.29 -86.37
N SER B 261 -88.38 38.71 -87.54
CA SER B 261 -87.58 38.99 -88.72
C SER B 261 -88.11 40.22 -89.44
N LEU B 262 -87.47 41.37 -89.20
CA LEU B 262 -87.85 42.60 -89.85
C LEU B 262 -86.68 43.57 -89.73
N TYR B 263 -86.94 44.84 -90.03
CA TYR B 263 -85.93 45.88 -89.90
C TYR B 263 -85.41 45.89 -88.46
N ASP B 264 -86.25 46.29 -87.51
CA ASP B 264 -86.17 45.88 -86.12
C ASP B 264 -84.89 46.24 -85.37
N GLN B 265 -83.86 46.74 -86.05
CA GLN B 265 -82.59 46.84 -85.35
C GLN B 265 -82.00 48.25 -85.45
N ALA B 266 -82.12 48.88 -86.61
CA ALA B 266 -81.71 50.28 -86.68
C ALA B 266 -82.68 51.17 -85.92
N GLU B 267 -83.92 50.71 -85.72
CA GLU B 267 -84.82 51.37 -84.79
C GLU B 267 -84.25 51.27 -83.37
N LYS B 268 -83.57 50.17 -83.07
CA LYS B 268 -82.94 50.04 -81.76
C LYS B 268 -81.73 50.97 -81.65
N LEU B 269 -80.91 51.03 -82.70
CA LEU B 269 -79.76 51.94 -82.69
C LEU B 269 -80.21 53.39 -82.54
N VAL B 270 -81.26 53.78 -83.26
CA VAL B 270 -81.83 55.10 -83.09
C VAL B 270 -82.58 55.24 -81.78
N SER B 271 -82.84 54.13 -81.09
CA SER B 271 -83.48 54.17 -79.77
C SER B 271 -82.46 54.72 -78.78
N LYS B 272 -82.38 56.05 -78.75
CA LYS B 272 -81.38 56.75 -77.94
C LYS B 272 -81.84 56.81 -76.48
N SER B 273 -81.91 55.63 -75.87
CA SER B 273 -82.25 55.47 -74.46
C SER B 273 -81.33 54.48 -73.80
N VAL B 274 -80.03 54.54 -74.13
CA VAL B 274 -79.14 53.43 -73.86
C VAL B 274 -78.54 53.47 -72.46
N PHE B 275 -78.75 54.57 -71.73
CA PHE B 275 -78.04 54.80 -70.47
C PHE B 275 -78.97 54.82 -69.26
N PRO B 276 -79.75 53.75 -69.02
CA PRO B 276 -80.18 53.49 -67.65
C PRO B 276 -78.97 53.02 -66.86
N GLU B 277 -78.59 53.74 -65.82
CA GLU B 277 -77.29 53.54 -65.21
C GLU B 277 -77.24 52.25 -64.40
N GLN B 278 -76.16 52.09 -63.63
CA GLN B 278 -75.70 50.83 -63.03
C GLN B 278 -76.84 49.92 -62.59
N ALA B 279 -76.77 48.66 -63.03
CA ALA B 279 -77.85 47.71 -62.86
C ALA B 279 -77.42 46.57 -61.95
N ASN B 280 -76.46 46.84 -61.07
CA ASN B 280 -76.11 45.95 -59.99
C ASN B 280 -75.49 44.65 -60.52
N ASN B 281 -74.80 44.76 -61.65
CA ASN B 281 -73.98 43.68 -62.21
C ASN B 281 -74.85 42.55 -62.77
N ASN B 282 -76.17 42.72 -62.78
CA ASN B 282 -77.07 41.70 -63.30
C ASN B 282 -77.80 42.15 -64.54
N GLU B 283 -78.53 43.26 -64.48
CA GLU B 283 -79.23 43.74 -65.66
C GLU B 283 -78.26 44.32 -66.69
N TRP B 284 -77.29 45.10 -66.25
CA TRP B 284 -76.36 45.75 -67.16
C TRP B 284 -75.53 44.74 -67.95
N ALA B 285 -75.13 43.64 -67.31
CA ALA B 285 -74.29 42.64 -67.96
C ALA B 285 -74.99 42.06 -69.19
N ARG B 286 -76.18 41.47 -68.99
CA ARG B 286 -76.97 41.01 -70.12
C ARG B 286 -77.34 42.15 -71.06
N TYR B 287 -77.55 43.35 -70.52
CA TYR B 287 -77.84 44.53 -71.33
C TYR B 287 -76.80 44.72 -72.43
N LEU B 288 -75.52 44.60 -72.07
CA LEU B 288 -74.46 44.64 -73.08
C LEU B 288 -74.60 43.53 -74.11
N TYR B 289 -75.28 42.44 -73.76
CA TYR B 289 -75.46 41.37 -74.74
C TYR B 289 -76.64 41.64 -75.65
N TYR B 290 -77.74 42.15 -75.09
CA TYR B 290 -78.88 42.56 -75.90
C TYR B 290 -78.45 43.61 -76.93
N THR B 291 -77.78 44.67 -76.48
CA THR B 291 -77.19 45.59 -77.44
C THR B 291 -76.09 44.95 -78.27
N GLY B 292 -75.42 43.94 -77.73
CA GLY B 292 -74.27 43.37 -78.42
C GLY B 292 -74.65 42.64 -79.69
N ARG B 293 -75.64 41.75 -79.62
CA ARG B 293 -76.12 41.12 -80.85
C ARG B 293 -76.67 42.15 -81.81
N ILE B 294 -77.26 43.23 -81.29
CA ILE B 294 -77.76 44.30 -82.15
C ILE B 294 -76.64 44.89 -82.98
N LYS B 295 -75.56 45.34 -82.34
CA LYS B 295 -74.40 45.79 -83.10
C LYS B 295 -73.79 44.70 -83.96
N ALA B 296 -74.01 43.44 -83.61
CA ALA B 296 -73.52 42.32 -84.41
C ALA B 296 -74.26 42.17 -85.73
N ILE B 297 -75.56 42.49 -85.74
CA ILE B 297 -76.35 42.26 -86.95
C ILE B 297 -75.95 43.19 -88.09
N GLN B 298 -75.22 44.27 -87.83
CA GLN B 298 -74.74 45.16 -88.88
C GLN B 298 -73.28 44.91 -89.21
N LEU B 299 -72.86 43.65 -89.24
CA LEU B 299 -71.47 43.30 -89.54
C LEU B 299 -70.53 43.92 -88.54
N GLU B 300 -70.59 43.45 -87.29
CA GLU B 300 -69.77 44.03 -86.25
C GLU B 300 -68.29 43.93 -86.59
N TYR B 301 -67.57 45.01 -86.27
CA TYR B 301 -66.21 45.17 -86.76
C TYR B 301 -65.20 45.43 -85.64
N SER B 302 -65.21 44.65 -84.56
CA SER B 302 -64.30 44.74 -83.42
C SER B 302 -64.73 45.82 -82.44
N GLU B 303 -65.79 46.55 -82.78
CA GLU B 303 -66.29 47.56 -81.85
C GLU B 303 -67.19 46.93 -80.80
N ALA B 304 -67.92 45.87 -81.14
CA ALA B 304 -68.83 45.28 -80.17
C ALA B 304 -68.44 43.84 -79.86
N ARG B 305 -67.41 43.31 -80.51
CA ARG B 305 -66.85 42.07 -79.98
C ARG B 305 -66.21 42.31 -78.63
N ARG B 306 -65.65 43.51 -78.41
CA ARG B 306 -65.13 43.89 -77.11
C ARG B 306 -66.23 43.98 -76.06
N THR B 307 -67.41 44.46 -76.44
CA THR B 307 -68.53 44.47 -75.51
C THR B 307 -69.20 43.11 -75.40
N MET B 308 -68.96 42.21 -76.35
CA MET B 308 -69.37 40.83 -76.19
C MET B 308 -68.52 40.15 -75.14
N THR B 309 -67.20 40.26 -75.26
CA THR B 309 -66.32 39.80 -74.20
C THR B 309 -66.65 40.48 -72.88
N ASN B 310 -66.96 41.77 -72.94
CA ASN B 310 -67.31 42.52 -71.73
C ASN B 310 -68.53 41.93 -71.07
N ALA B 311 -69.61 41.70 -71.83
CA ALA B 311 -70.82 41.15 -71.25
C ALA B 311 -70.60 39.73 -70.75
N LEU B 312 -69.85 38.91 -71.50
CA LEU B 312 -69.59 37.55 -71.06
C LEU B 312 -68.78 37.52 -69.76
N ARG B 313 -67.93 38.51 -69.56
CA ARG B 313 -67.09 38.57 -68.37
C ARG B 313 -67.68 39.40 -67.25
N LYS B 314 -68.83 40.05 -67.48
CA LYS B 314 -69.39 40.90 -66.43
C LYS B 314 -70.15 40.07 -65.39
N ALA B 315 -71.18 39.34 -65.82
CA ALA B 315 -72.01 38.55 -64.91
C ALA B 315 -72.05 37.09 -65.37
N PRO B 316 -70.96 36.36 -65.21
CA PRO B 316 -70.97 34.90 -65.47
C PRO B 316 -71.22 34.05 -64.23
N GLN B 317 -71.53 34.67 -63.09
CA GLN B 317 -71.52 33.97 -61.80
C GLN B 317 -72.57 32.88 -61.71
N HIS B 318 -73.57 32.87 -62.58
CA HIS B 318 -74.57 31.81 -62.58
C HIS B 318 -73.97 30.49 -63.04
N THR B 319 -74.83 29.50 -63.29
CA THR B 319 -74.39 28.20 -63.81
C THR B 319 -75.25 27.88 -65.03
N ALA B 320 -74.83 28.36 -66.19
CA ALA B 320 -75.49 28.06 -67.46
C ALA B 320 -76.96 28.49 -67.43
N VAL B 321 -77.18 29.81 -67.30
CA VAL B 321 -78.53 30.34 -67.17
C VAL B 321 -79.40 30.01 -68.39
N GLY B 322 -78.80 29.73 -69.53
CA GLY B 322 -79.55 29.32 -70.71
C GLY B 322 -79.39 30.25 -71.90
N PHE B 323 -79.38 31.55 -71.64
CA PHE B 323 -78.93 32.51 -72.64
C PHE B 323 -77.43 32.77 -72.52
N LYS B 324 -76.85 32.50 -71.36
CA LYS B 324 -75.40 32.55 -71.20
C LYS B 324 -74.71 31.61 -72.17
N GLN B 325 -75.31 30.46 -72.47
CA GLN B 325 -74.74 29.58 -73.47
C GLN B 325 -74.76 30.23 -74.85
N THR B 326 -75.75 31.07 -75.11
CA THR B 326 -75.87 31.72 -76.40
C THR B 326 -74.92 32.91 -76.54
N VAL B 327 -74.68 33.64 -75.45
CA VAL B 327 -73.63 34.65 -75.50
C VAL B 327 -72.27 33.99 -75.62
N HIS B 328 -72.04 32.90 -74.89
CA HIS B 328 -70.77 32.19 -74.99
C HIS B 328 -70.60 31.57 -76.38
N LYS B 329 -71.70 31.23 -77.04
CA LYS B 329 -71.61 30.62 -78.37
C LYS B 329 -71.40 31.68 -79.43
N LEU B 330 -72.21 32.72 -79.43
CA LEU B 330 -72.19 33.77 -80.45
C LEU B 330 -71.05 34.75 -80.27
N LEU B 331 -70.36 34.74 -79.12
CA LEU B 331 -69.38 35.78 -78.84
C LEU B 331 -68.21 35.74 -79.83
N ILE B 332 -67.46 34.64 -79.84
CA ILE B 332 -66.28 34.58 -80.70
C ILE B 332 -66.65 34.20 -82.13
N VAL B 333 -67.94 33.99 -82.42
CA VAL B 333 -68.36 33.82 -83.80
C VAL B 333 -68.02 35.08 -84.60
N VAL B 334 -68.35 36.25 -84.04
CA VAL B 334 -68.07 37.51 -84.72
C VAL B 334 -66.57 37.78 -84.77
N GLU B 335 -65.84 37.40 -83.72
CA GLU B 335 -64.40 37.63 -83.70
C GLU B 335 -63.68 36.77 -84.73
N LEU B 336 -64.11 35.52 -84.89
CA LEU B 336 -63.63 34.68 -85.98
C LEU B 336 -63.83 35.38 -87.32
N LEU B 337 -65.02 35.93 -87.55
CA LEU B 337 -65.26 36.67 -88.77
C LEU B 337 -64.41 37.93 -88.87
N LEU B 338 -64.00 38.50 -87.74
CA LEU B 338 -63.21 39.73 -87.82
C LEU B 338 -61.71 39.49 -87.97
N GLY B 339 -61.05 39.11 -86.88
CA GLY B 339 -59.61 38.90 -86.95
C GLY B 339 -59.09 37.66 -86.27
N GLU B 340 -59.79 37.23 -85.23
CA GLU B 340 -59.25 36.22 -84.32
C GLU B 340 -59.58 34.82 -84.81
N ILE B 341 -58.78 33.86 -84.40
CA ILE B 341 -59.08 32.47 -84.69
C ILE B 341 -58.91 31.58 -83.45
N PRO B 342 -59.47 31.91 -82.29
CA PRO B 342 -59.43 30.95 -81.18
C PRO B 342 -60.63 30.02 -81.27
N ASP B 343 -60.47 28.83 -80.71
CA ASP B 343 -61.59 27.91 -80.64
C ASP B 343 -62.47 28.31 -79.47
N ARG B 344 -63.40 27.45 -79.08
CA ARG B 344 -64.28 27.77 -77.97
C ARG B 344 -64.39 26.54 -77.07
N LEU B 345 -63.24 25.97 -76.71
CA LEU B 345 -63.19 24.84 -75.79
C LEU B 345 -62.70 25.29 -74.42
N GLN B 346 -62.38 26.58 -74.29
CA GLN B 346 -61.76 27.10 -73.07
C GLN B 346 -62.63 26.84 -71.85
N PHE B 347 -63.91 27.18 -71.93
CA PHE B 347 -64.87 26.87 -70.87
C PHE B 347 -65.69 25.64 -71.22
N ARG B 348 -65.04 24.48 -71.32
CA ARG B 348 -65.74 23.27 -71.73
C ARG B 348 -66.64 22.76 -70.60
N GLN B 349 -67.67 23.54 -70.28
CA GLN B 349 -68.58 23.17 -69.23
C GLN B 349 -69.34 21.91 -69.62
N PRO B 350 -69.81 21.14 -68.62
CA PRO B 350 -70.81 20.11 -68.92
C PRO B 350 -72.05 20.71 -69.57
N SER B 351 -72.39 21.94 -69.19
CA SER B 351 -73.43 22.73 -69.83
C SER B 351 -73.06 23.12 -71.26
N LEU B 352 -71.79 23.00 -71.64
CA LEU B 352 -71.32 23.39 -72.96
C LEU B 352 -71.02 22.20 -73.86
N LYS B 353 -70.91 20.99 -73.30
CA LYS B 353 -70.44 19.85 -74.07
C LYS B 353 -71.38 19.52 -75.23
N ARG B 354 -72.68 19.71 -75.03
CA ARG B 354 -73.63 19.39 -76.09
C ARG B 354 -73.89 20.61 -76.97
N SER B 355 -73.55 21.80 -76.48
CA SER B 355 -73.68 23.02 -77.24
C SER B 355 -72.37 23.44 -77.92
N LEU B 356 -71.47 22.49 -78.17
CA LEU B 356 -70.18 22.81 -78.75
C LEU B 356 -69.90 22.09 -80.06
N MET B 357 -70.52 20.94 -80.28
CA MET B 357 -70.12 20.08 -81.40
C MET B 357 -70.23 20.75 -82.77
N PRO B 358 -71.35 21.38 -83.15
CA PRO B 358 -71.42 22.03 -84.46
C PRO B 358 -70.43 23.17 -84.57
N TYR B 359 -70.45 24.06 -83.57
CA TYR B 359 -69.49 25.16 -83.54
C TYR B 359 -68.06 24.65 -83.49
N PHE B 360 -67.83 23.51 -82.85
CA PHE B 360 -66.52 22.88 -82.80
C PHE B 360 -65.92 22.71 -84.19
N LEU B 361 -66.68 22.07 -85.08
CA LEU B 361 -66.26 21.98 -86.48
C LEU B 361 -66.35 23.33 -87.17
N LEU B 362 -67.12 24.27 -86.62
CA LEU B 362 -67.39 25.52 -87.32
C LEU B 362 -66.10 26.33 -87.53
N THR B 363 -65.30 26.49 -86.48
CA THR B 363 -64.16 27.39 -86.53
C THR B 363 -62.91 26.76 -87.12
N GLN B 364 -62.91 25.46 -87.39
CA GLN B 364 -61.70 24.82 -87.89
C GLN B 364 -61.45 25.17 -89.35
N ALA B 365 -62.46 24.96 -90.20
CA ALA B 365 -62.30 25.17 -91.63
C ALA B 365 -62.13 26.65 -92.00
N VAL B 366 -62.34 27.56 -91.06
CA VAL B 366 -62.04 28.96 -91.33
C VAL B 366 -60.54 29.17 -91.46
N ARG B 367 -59.79 28.87 -90.39
CA ARG B 367 -58.34 29.05 -90.47
C ARG B 367 -57.72 28.02 -91.41
N THR B 368 -58.23 26.80 -91.41
CA THR B 368 -57.70 25.85 -92.39
C THR B 368 -58.18 26.24 -93.78
N GLY B 369 -57.36 25.94 -94.77
CA GLY B 369 -57.66 26.27 -96.14
C GLY B 369 -58.66 25.37 -96.83
N ASN B 370 -59.29 24.45 -96.10
CA ASN B 370 -60.22 23.50 -96.71
C ASN B 370 -61.63 24.09 -96.65
N LEU B 371 -61.86 25.06 -97.54
CA LEU B 371 -63.18 25.67 -97.65
C LEU B 371 -64.24 24.66 -98.05
N ALA B 372 -63.86 23.61 -98.78
CA ALA B 372 -64.79 22.52 -99.04
C ALA B 372 -65.14 21.78 -97.75
N LYS B 373 -64.19 21.65 -96.83
CA LYS B 373 -64.53 21.13 -95.52
C LYS B 373 -65.44 22.08 -94.77
N PHE B 374 -65.25 23.39 -94.97
CA PHE B 374 -66.13 24.35 -94.31
C PHE B 374 -67.55 24.23 -94.83
N ASN B 375 -67.73 24.13 -96.15
CA ASN B 375 -69.05 23.93 -96.70
C ASN B 375 -69.63 22.58 -96.31
N GLN B 376 -68.78 21.57 -96.14
CA GLN B 376 -69.23 20.28 -95.65
C GLN B 376 -69.79 20.40 -94.24
N VAL B 377 -69.10 21.14 -93.37
CA VAL B 377 -69.58 21.31 -92.01
C VAL B 377 -70.81 22.21 -91.99
N LEU B 378 -70.85 23.21 -92.85
CA LEU B 378 -71.97 24.14 -92.87
C LEU B 378 -73.24 23.46 -93.34
N ASP B 379 -73.15 22.70 -94.43
CA ASP B 379 -74.27 21.87 -94.84
C ASP B 379 -74.56 20.78 -93.83
N GLN B 380 -73.55 20.39 -93.05
CA GLN B 380 -73.71 19.31 -92.09
C GLN B 380 -74.54 19.74 -90.88
N PHE B 381 -74.26 20.93 -90.36
CA PHE B 381 -74.77 21.38 -89.07
C PHE B 381 -75.51 22.71 -89.19
N GLY B 382 -75.88 23.07 -90.41
CA GLY B 382 -76.59 24.33 -90.61
C GLY B 382 -77.92 24.38 -89.88
N GLU B 383 -78.53 23.21 -89.65
CA GLU B 383 -79.77 23.16 -88.90
C GLU B 383 -79.59 23.70 -87.49
N LYS B 384 -78.55 23.26 -86.79
CA LYS B 384 -78.21 23.88 -85.52
C LYS B 384 -77.82 25.34 -85.72
N PHE B 385 -77.08 25.62 -86.80
CA PHE B 385 -76.67 26.99 -87.10
C PHE B 385 -77.90 27.87 -87.35
N GLN B 386 -78.88 27.33 -88.07
CA GLN B 386 -80.11 28.07 -88.30
C GLN B 386 -80.97 28.17 -87.04
N ALA B 387 -80.83 27.21 -86.12
CA ALA B 387 -81.52 27.34 -84.84
C ALA B 387 -80.85 28.39 -83.96
N ASP B 388 -79.57 28.66 -84.19
CA ASP B 388 -78.85 29.66 -83.41
C ASP B 388 -79.18 31.08 -83.83
N GLY B 389 -79.83 31.27 -84.97
CA GLY B 389 -80.14 32.61 -85.42
C GLY B 389 -78.96 33.35 -86.01
N THR B 390 -78.08 32.65 -86.71
CA THR B 390 -76.87 33.20 -87.29
C THR B 390 -76.80 32.87 -88.78
N TYR B 391 -77.89 33.15 -89.49
CA TYR B 391 -77.98 32.84 -90.92
C TYR B 391 -76.86 33.50 -91.70
N THR B 392 -76.55 34.77 -91.38
CA THR B 392 -75.67 35.60 -92.20
C THR B 392 -74.19 35.34 -91.94
N LEU B 393 -73.85 34.22 -91.30
CA LEU B 393 -72.44 33.93 -91.05
C LEU B 393 -71.71 33.55 -92.32
N ILE B 394 -72.35 32.78 -93.19
CA ILE B 394 -71.69 32.33 -94.41
C ILE B 394 -71.53 33.45 -95.42
N ILE B 395 -72.45 34.42 -95.42
CA ILE B 395 -72.38 35.48 -96.41
C ILE B 395 -71.18 36.38 -96.20
N ARG B 396 -70.56 36.34 -95.01
CA ARG B 396 -69.40 37.17 -94.72
C ARG B 396 -68.26 36.39 -94.09
N LEU B 397 -68.36 35.05 -94.02
CA LEU B 397 -67.28 34.25 -93.45
C LEU B 397 -66.25 33.88 -94.50
N ARG B 398 -66.71 33.63 -95.73
CA ARG B 398 -65.78 33.50 -96.86
C ARG B 398 -64.93 34.75 -97.00
N HIS B 399 -65.45 35.90 -96.57
CA HIS B 399 -64.65 37.11 -96.42
C HIS B 399 -63.40 36.84 -95.59
N ASN B 400 -63.58 36.46 -94.32
CA ASN B 400 -62.43 36.27 -93.45
C ASN B 400 -61.76 34.91 -93.63
N VAL B 401 -62.15 34.12 -94.62
CA VAL B 401 -61.34 32.95 -94.98
C VAL B 401 -60.01 33.39 -95.55
N ILE B 402 -60.06 34.05 -96.71
CA ILE B 402 -58.84 34.55 -97.33
C ILE B 402 -58.25 35.69 -96.51
N LYS B 403 -59.09 36.44 -95.80
CA LYS B 403 -58.58 37.48 -94.93
C LYS B 403 -57.88 36.89 -93.71
N THR B 404 -58.31 35.70 -93.28
CA THR B 404 -57.65 35.03 -92.18
C THR B 404 -56.30 34.47 -92.62
N GLY B 405 -56.26 33.85 -93.80
CA GLY B 405 -54.98 33.40 -94.33
C GLY B 405 -54.02 34.55 -94.55
N VAL B 406 -54.48 35.61 -95.23
CA VAL B 406 -53.63 36.76 -95.50
C VAL B 406 -53.23 37.46 -94.22
N ARG B 407 -54.06 37.39 -93.17
CA ARG B 407 -53.65 37.91 -91.89
C ARG B 407 -52.55 37.05 -91.30
N MET B 408 -52.64 35.74 -91.49
CA MET B 408 -51.61 34.84 -90.97
C MET B 408 -50.27 35.10 -91.63
N ILE B 409 -50.21 34.99 -92.95
CA ILE B 409 -48.94 35.17 -93.64
C ILE B 409 -48.47 36.62 -93.51
N SER B 410 -49.41 37.56 -93.57
CA SER B 410 -49.07 38.97 -93.37
C SER B 410 -48.42 39.20 -92.02
N LEU B 411 -48.83 38.45 -90.99
CA LEU B 411 -48.14 38.51 -89.73
C LEU B 411 -46.79 37.80 -89.79
N SER B 412 -46.70 36.72 -90.56
CA SER B 412 -45.49 35.91 -90.61
C SER B 412 -44.34 36.66 -91.27
N TYR B 413 -44.53 37.07 -92.53
CA TYR B 413 -43.45 37.69 -93.27
C TYR B 413 -43.54 39.20 -93.16
N SER B 414 -42.40 39.83 -92.90
CA SER B 414 -42.35 41.28 -92.71
C SER B 414 -42.35 42.00 -94.05
N ARG B 415 -41.42 41.65 -94.93
CA ARG B 415 -41.28 42.25 -96.25
C ARG B 415 -41.81 41.31 -97.33
N ILE B 416 -42.93 40.64 -97.02
CA ILE B 416 -43.53 39.66 -97.92
C ILE B 416 -43.85 40.27 -99.27
N SER B 417 -43.76 39.44 -100.31
CA SER B 417 -44.24 39.79 -101.64
C SER B 417 -45.72 39.45 -101.76
N LEU B 418 -46.46 40.31 -102.46
CA LEU B 418 -47.82 39.91 -102.84
C LEU B 418 -47.80 38.95 -104.02
N ALA B 419 -46.74 39.00 -104.81
CA ALA B 419 -46.51 38.08 -105.92
C ALA B 419 -46.04 36.74 -105.46
N ASP B 420 -45.92 36.52 -104.16
CA ASP B 420 -45.54 35.23 -103.61
C ASP B 420 -46.56 34.78 -102.58
N ILE B 421 -47.10 35.73 -101.83
CA ILE B 421 -48.06 35.41 -100.78
C ILE B 421 -49.32 34.78 -101.35
N ALA B 422 -49.72 35.16 -102.57
CA ALA B 422 -50.91 34.55 -103.16
C ALA B 422 -50.67 33.08 -103.45
N GLN B 423 -49.57 32.77 -104.15
CA GLN B 423 -49.31 31.43 -104.66
C GLN B 423 -49.25 30.38 -103.56
N LYS B 424 -49.06 30.79 -102.30
CA LYS B 424 -49.05 29.82 -101.22
C LYS B 424 -50.44 29.60 -100.64
N LEU B 425 -51.32 30.58 -100.72
CA LEU B 425 -52.68 30.45 -100.18
C LEU B 425 -53.65 29.95 -101.25
N GLN B 426 -53.20 28.92 -101.97
CA GLN B 426 -53.95 28.27 -103.06
C GLN B 426 -54.59 29.29 -104.01
N LEU B 427 -53.87 30.39 -104.25
CA LEU B 427 -54.33 31.41 -105.19
C LEU B 427 -54.15 31.00 -106.64
N ASP B 428 -52.97 30.50 -107.01
CA ASP B 428 -52.75 29.77 -108.26
C ASP B 428 -52.66 30.69 -109.47
N SER B 429 -52.93 31.98 -109.31
CA SER B 429 -52.80 32.88 -110.45
C SER B 429 -52.41 34.28 -109.98
N PRO B 430 -51.52 34.95 -110.73
CA PRO B 430 -51.11 36.31 -110.32
C PRO B 430 -52.25 37.30 -110.29
N GLU B 431 -53.23 37.15 -111.17
CA GLU B 431 -54.41 38.00 -111.10
C GLU B 431 -55.15 37.78 -109.78
N ASP B 432 -55.24 36.52 -109.34
CA ASP B 432 -55.93 36.22 -108.10
C ASP B 432 -55.15 36.73 -106.91
N ALA B 433 -53.86 37.03 -107.11
CA ALA B 433 -53.01 37.58 -106.06
C ALA B 433 -53.53 38.91 -105.54
N GLU B 434 -53.94 39.79 -106.44
CA GLU B 434 -54.25 41.17 -106.09
C GLU B 434 -55.75 41.44 -105.98
N PHE B 435 -56.57 40.40 -105.81
CA PHE B 435 -57.97 40.69 -105.48
C PHE B 435 -58.15 40.95 -104.01
N ILE B 436 -57.08 40.77 -103.24
CA ILE B 436 -57.11 40.93 -101.79
C ILE B 436 -56.18 42.10 -101.48
N VAL B 437 -55.64 42.70 -102.53
CA VAL B 437 -54.67 43.78 -102.39
C VAL B 437 -55.37 45.05 -102.83
N ALA B 438 -56.69 45.09 -102.65
CA ALA B 438 -57.47 46.25 -103.05
C ALA B 438 -58.21 46.88 -101.88
N LYS B 439 -58.48 46.13 -100.81
CA LYS B 439 -59.16 46.65 -99.64
C LYS B 439 -58.41 46.42 -98.34
N ALA B 440 -57.35 45.61 -98.34
CA ALA B 440 -56.60 45.37 -97.11
C ALA B 440 -55.99 46.66 -96.59
N ILE B 441 -55.63 47.58 -97.49
CA ILE B 441 -55.11 48.87 -97.07
C ILE B 441 -56.17 49.66 -96.32
N ARG B 442 -57.34 49.83 -96.94
CA ARG B 442 -58.39 50.65 -96.32
C ARG B 442 -58.91 49.99 -95.05
N ASP B 443 -58.88 48.67 -94.99
CA ASP B 443 -59.39 47.93 -93.85
C ASP B 443 -58.42 48.01 -92.68
N GLY B 444 -57.14 47.72 -92.94
CA GLY B 444 -56.15 47.74 -91.90
C GLY B 444 -55.85 46.36 -91.36
N VAL B 445 -56.26 45.33 -92.11
CA VAL B 445 -55.98 43.96 -91.69
C VAL B 445 -54.48 43.69 -91.66
N ILE B 446 -53.71 44.44 -92.43
CA ILE B 446 -52.26 44.38 -92.39
C ILE B 446 -51.72 45.78 -92.69
N GLU B 447 -50.63 46.14 -92.03
CA GLU B 447 -49.97 47.44 -92.23
C GLU B 447 -48.78 47.22 -93.17
N ALA B 448 -48.99 47.59 -94.43
CA ALA B 448 -47.93 47.54 -95.42
C ALA B 448 -48.28 48.49 -96.55
N SER B 449 -47.38 48.56 -97.54
CA SER B 449 -47.59 49.39 -98.72
C SER B 449 -47.38 48.54 -99.95
N ILE B 450 -48.33 48.62 -100.88
CA ILE B 450 -48.27 47.89 -102.13
C ILE B 450 -47.84 48.85 -103.23
N ASN B 451 -47.05 48.33 -104.17
CA ASN B 451 -46.49 49.14 -105.24
C ASN B 451 -46.53 48.31 -106.53
N HIS B 452 -46.58 49.00 -107.67
CA HIS B 452 -46.54 48.28 -108.93
C HIS B 452 -45.11 48.15 -109.45
N GLU B 453 -44.30 49.19 -109.26
CA GLU B 453 -42.87 49.06 -109.55
C GLU B 453 -42.26 47.94 -108.73
N LYS B 454 -42.73 47.76 -107.50
CA LYS B 454 -42.41 46.61 -106.68
C LYS B 454 -43.72 46.08 -106.11
N GLY B 455 -44.24 45.01 -106.70
CA GLY B 455 -45.43 44.37 -106.18
C GLY B 455 -45.14 43.52 -104.97
N TYR B 456 -44.54 44.13 -103.94
CA TYR B 456 -44.16 43.44 -102.72
C TYR B 456 -44.84 44.16 -101.56
N VAL B 457 -45.63 43.41 -100.78
CA VAL B 457 -46.36 43.99 -99.66
C VAL B 457 -45.48 43.90 -98.42
N GLN B 458 -44.58 44.86 -98.26
CA GLN B 458 -43.64 44.88 -97.15
C GLN B 458 -44.27 45.67 -96.01
N SER B 459 -44.29 45.10 -94.82
CA SER B 459 -44.89 45.73 -93.65
C SER B 459 -43.83 46.54 -92.90
N LYS B 460 -44.18 47.01 -91.71
CA LYS B 460 -43.25 47.75 -90.87
C LYS B 460 -43.79 47.74 -89.44
N GLU B 461 -43.03 48.35 -88.54
CA GLU B 461 -43.34 48.30 -87.12
C GLU B 461 -42.88 49.60 -86.48
N MET B 462 -43.48 49.93 -85.34
CA MET B 462 -43.12 51.16 -84.65
C MET B 462 -43.18 50.95 -83.15
N ILE B 463 -42.62 51.91 -82.42
CA ILE B 463 -42.47 51.90 -80.97
C ILE B 463 -42.85 53.31 -80.51
N ASP B 464 -42.51 53.66 -79.27
CA ASP B 464 -42.80 54.93 -78.61
C ASP B 464 -44.20 54.94 -78.04
N ILE B 465 -44.80 53.77 -77.86
CA ILE B 465 -45.93 53.71 -76.95
C ILE B 465 -45.47 54.12 -75.56
N TYR B 466 -44.23 53.77 -75.21
CA TYR B 466 -43.56 54.31 -74.03
C TYR B 466 -42.88 55.64 -74.30
N SER B 467 -42.58 55.97 -75.55
CA SER B 467 -41.97 57.26 -75.85
C SER B 467 -42.97 58.27 -76.39
N THR B 468 -44.21 57.86 -76.63
CA THR B 468 -45.32 58.76 -76.87
C THR B 468 -46.34 58.50 -75.77
N ARG B 469 -47.24 59.45 -75.56
CA ARG B 469 -48.00 59.46 -74.30
C ARG B 469 -49.11 58.42 -74.25
N GLU B 470 -48.77 57.18 -74.55
CA GLU B 470 -49.70 56.07 -74.46
C GLU B 470 -50.09 55.76 -73.02
N PRO B 471 -49.11 55.57 -72.11
CA PRO B 471 -49.48 55.15 -70.75
C PRO B 471 -50.35 56.14 -70.03
N GLN B 472 -50.01 57.43 -70.02
CA GLN B 472 -50.88 58.40 -69.38
C GLN B 472 -52.24 58.49 -70.03
N LEU B 473 -52.35 58.13 -71.32
CA LEU B 473 -53.66 57.91 -71.90
C LEU B 473 -54.39 56.78 -71.19
N ALA B 474 -53.73 55.63 -71.07
CA ALA B 474 -54.41 54.46 -70.50
C ALA B 474 -54.66 54.61 -69.01
N PHE B 475 -54.02 55.57 -68.36
CA PHE B 475 -54.05 55.63 -66.90
C PHE B 475 -55.18 56.50 -66.38
N HIS B 476 -55.51 57.58 -67.10
CA HIS B 476 -56.44 58.59 -66.60
C HIS B 476 -57.79 58.00 -66.21
N GLN B 477 -58.36 57.19 -67.11
CA GLN B 477 -59.68 56.61 -66.86
C GLN B 477 -59.68 55.75 -65.62
N ARG B 478 -58.63 54.97 -65.41
CA ARG B 478 -58.58 54.09 -64.26
C ARG B 478 -58.24 54.84 -62.97
N ILE B 479 -57.53 55.96 -63.08
CA ILE B 479 -57.35 56.84 -61.93
C ILE B 479 -58.70 57.34 -61.46
N SER B 480 -59.49 57.88 -62.39
CA SER B 480 -60.87 58.21 -62.09
C SER B 480 -61.63 57.01 -61.54
N PHE B 481 -61.33 55.81 -62.03
CA PHE B 481 -61.95 54.59 -61.53
C PHE B 481 -61.69 54.40 -60.04
N CYS B 482 -60.42 54.42 -59.64
CA CYS B 482 -60.08 54.22 -58.25
C CYS B 482 -60.67 55.31 -57.37
N LEU B 483 -60.60 56.57 -57.80
CA LEU B 483 -61.28 57.61 -57.03
C LEU B 483 -62.78 57.38 -57.00
N ASP B 484 -63.36 56.79 -58.04
CA ASP B 484 -64.75 56.35 -57.98
C ASP B 484 -64.96 55.37 -56.83
N ILE B 485 -64.07 54.39 -56.70
CA ILE B 485 -64.20 53.39 -55.64
C ILE B 485 -64.14 54.07 -54.28
N HIS B 486 -63.18 54.97 -54.09
CA HIS B 486 -63.12 55.74 -52.84
C HIS B 486 -64.42 56.48 -52.57
N ASN B 487 -64.97 57.13 -53.60
CA ASN B 487 -66.24 57.84 -53.43
C ASN B 487 -67.36 56.89 -53.02
N MET B 488 -67.40 55.70 -53.61
CA MET B 488 -68.40 54.72 -53.22
C MET B 488 -68.26 54.31 -51.77
N SER B 489 -67.03 54.08 -51.29
CA SER B 489 -66.85 53.74 -49.89
C SER B 489 -67.34 54.85 -48.98
N VAL B 490 -66.84 56.08 -49.21
CA VAL B 490 -67.19 57.20 -48.34
C VAL B 490 -68.70 57.45 -48.36
N LYS B 491 -69.34 57.23 -49.51
CA LYS B 491 -70.78 57.41 -49.57
C LYS B 491 -71.54 56.27 -48.92
N ALA B 492 -70.95 55.08 -48.86
CA ALA B 492 -71.65 53.89 -48.37
C ALA B 492 -71.03 53.34 -47.09
N MET B 493 -70.65 54.24 -46.22
CA MET B 493 -70.12 53.73 -45.02
C MET B 493 -70.95 53.98 -43.80
N ARG B 494 -71.15 55.23 -43.49
CA ARG B 494 -71.50 55.66 -42.14
C ARG B 494 -72.98 55.47 -41.82
N PHE B 495 -73.60 54.40 -42.29
CA PHE B 495 -74.99 54.12 -41.96
C PHE B 495 -75.21 54.04 -40.45
N PRO B 496 -74.43 53.23 -39.71
CA PRO B 496 -74.61 53.25 -38.24
C PRO B 496 -74.21 54.59 -37.63
N MET C 1 47.39 46.85 -10.16
CA MET C 1 46.98 48.24 -10.02
C MET C 1 47.29 49.03 -11.28
N ALA C 2 46.48 50.06 -11.54
CA ALA C 2 46.61 50.83 -12.77
C ALA C 2 47.96 51.53 -12.88
N ASP C 3 48.27 52.42 -11.94
CA ASP C 3 49.50 53.19 -12.02
C ASP C 3 50.74 52.32 -11.96
N GLY C 4 50.74 51.33 -11.05
CA GLY C 4 51.89 50.44 -10.94
C GLY C 4 52.17 49.69 -12.22
N GLY C 5 51.17 49.00 -12.76
CA GLY C 5 51.33 48.34 -14.04
C GLY C 5 51.61 49.28 -15.19
N SER C 6 51.22 50.56 -15.05
CA SER C 6 51.55 51.55 -16.07
C SER C 6 53.03 51.85 -16.07
N GLU C 7 53.58 52.24 -14.92
CA GLU C 7 55.00 52.48 -14.82
C GLU C 7 55.83 51.23 -15.07
N ARG C 8 55.25 50.05 -14.84
CA ARG C 8 55.96 48.81 -15.18
C ARG C 8 55.98 48.60 -16.68
N ALA C 9 54.82 48.75 -17.34
CA ALA C 9 54.76 48.64 -18.79
C ALA C 9 55.64 49.68 -19.49
N ASP C 10 55.84 50.83 -18.86
CA ASP C 10 56.75 51.82 -19.42
C ASP C 10 58.16 51.25 -19.57
N GLY C 11 58.61 50.50 -18.57
CA GLY C 11 59.90 49.84 -18.68
C GLY C 11 59.85 48.57 -19.49
N ARG C 12 58.66 47.98 -19.66
CA ARG C 12 58.51 46.74 -20.39
C ARG C 12 58.44 46.95 -21.90
N ILE C 13 58.05 48.15 -22.36
CA ILE C 13 58.06 48.42 -23.79
C ILE C 13 59.47 48.47 -24.34
N VAL C 14 60.48 48.70 -23.50
CA VAL C 14 61.85 48.71 -23.96
C VAL C 14 62.29 47.30 -24.35
N LYS C 15 61.69 46.29 -23.75
CA LYS C 15 62.12 44.91 -23.92
C LYS C 15 61.55 44.25 -25.17
N MET C 16 61.02 45.05 -26.10
CA MET C 16 60.61 44.49 -27.38
C MET C 16 61.81 43.93 -28.14
N GLU C 17 62.84 44.75 -28.31
CA GLU C 17 64.11 44.29 -28.86
C GLU C 17 65.09 43.87 -27.77
N VAL C 18 65.03 44.49 -26.60
CA VAL C 18 65.88 44.10 -25.49
C VAL C 18 65.63 42.65 -25.11
N ASP C 19 64.38 42.30 -24.88
CA ASP C 19 63.98 40.93 -24.56
C ASP C 19 63.29 40.31 -25.76
N TYR C 20 63.28 38.97 -25.79
CA TYR C 20 62.66 38.25 -26.88
C TYR C 20 61.15 38.55 -26.92
N SER C 21 60.60 38.51 -28.13
CA SER C 21 59.20 38.86 -28.32
C SER C 21 58.28 37.90 -27.56
N ALA C 22 58.40 36.60 -27.82
CA ALA C 22 57.51 35.64 -27.16
C ALA C 22 57.79 35.55 -25.67
N THR C 23 58.99 35.94 -25.23
CA THR C 23 59.22 36.09 -23.81
C THR C 23 58.43 37.27 -23.26
N VAL C 24 58.34 38.37 -24.01
CA VAL C 24 57.46 39.45 -23.63
C VAL C 24 56.02 38.98 -23.63
N ASP C 25 55.66 38.06 -24.52
CA ASP C 25 54.31 37.52 -24.54
C ASP C 25 54.06 36.60 -23.35
N GLN C 26 55.11 35.96 -22.84
CA GLN C 26 55.04 35.31 -21.55
C GLN C 26 54.96 36.31 -20.42
N ARG C 27 55.45 37.53 -20.64
CA ARG C 27 55.22 38.65 -19.74
C ARG C 27 53.80 39.19 -19.85
N LEU C 28 53.10 38.83 -20.91
CA LEU C 28 51.68 39.21 -21.02
C LEU C 28 50.81 38.60 -19.92
N PRO C 29 50.77 37.27 -19.73
CA PRO C 29 49.75 36.69 -18.83
C PRO C 29 49.82 37.16 -17.39
N GLU C 30 50.95 37.75 -16.97
CA GLU C 30 50.96 38.43 -15.67
C GLU C 30 50.03 39.64 -15.69
N CYS C 31 50.20 40.50 -16.69
CA CYS C 31 49.26 41.60 -16.89
C CYS C 31 47.86 41.08 -17.15
N ALA C 32 47.73 39.91 -17.78
CA ALA C 32 46.46 39.24 -17.89
C ALA C 32 45.91 38.82 -16.54
N LYS C 33 46.78 38.61 -15.56
CA LYS C 33 46.33 38.42 -14.18
C LYS C 33 45.89 39.74 -13.57
N LEU C 34 46.55 40.83 -13.97
CA LEU C 34 46.01 42.15 -13.63
C LEU C 34 44.60 42.32 -14.17
N ALA C 35 44.34 41.83 -15.38
CA ALA C 35 42.99 41.73 -15.87
C ALA C 35 42.18 40.71 -15.10
N LYS C 36 42.85 39.75 -14.45
CA LYS C 36 42.16 38.80 -13.58
C LYS C 36 41.74 39.46 -12.27
N GLU C 37 42.33 40.61 -11.94
CA GLU C 37 41.95 41.34 -10.75
C GLU C 37 40.53 41.89 -10.88
N GLY C 38 40.32 42.73 -11.88
CA GLY C 38 39.05 43.44 -12.00
C GLY C 38 38.77 44.24 -10.76
N ARG C 39 39.80 44.94 -10.27
CA ARG C 39 39.69 45.65 -8.99
C ARG C 39 38.58 46.69 -9.01
N LEU C 40 38.74 47.71 -9.84
CA LEU C 40 37.72 48.74 -9.97
C LEU C 40 37.27 48.81 -11.42
N GLN C 41 36.06 49.36 -11.63
CA GLN C 41 35.41 49.29 -12.94
C GLN C 41 36.20 50.05 -14.00
N GLU C 42 37.01 51.02 -13.61
CA GLU C 42 37.86 51.76 -14.54
C GLU C 42 39.34 51.70 -14.20
N VAL C 43 39.69 51.43 -12.94
CA VAL C 43 41.09 51.39 -12.57
C VAL C 43 41.76 50.12 -13.08
N ILE C 44 41.09 48.98 -12.96
CA ILE C 44 41.70 47.73 -13.41
C ILE C 44 41.72 47.64 -14.93
N GLU C 45 40.84 48.38 -15.62
CA GLU C 45 40.79 48.32 -17.07
C GLU C 45 41.87 49.14 -17.75
N THR C 46 42.34 50.22 -17.12
CA THR C 46 43.40 51.02 -17.72
C THR C 46 44.65 50.19 -17.97
N LEU C 47 44.87 49.17 -17.13
CA LEU C 47 45.91 48.18 -17.40
C LEU C 47 45.74 47.59 -18.79
N LEU C 48 44.61 46.94 -19.06
CA LEU C 48 44.38 46.39 -20.38
C LEU C 48 44.35 47.44 -21.47
N SER C 49 44.05 48.69 -21.15
CA SER C 49 44.31 49.75 -22.11
C SER C 49 45.79 49.85 -22.41
N LEU C 50 46.65 49.54 -21.43
CA LEU C 50 48.09 49.60 -21.61
C LEU C 50 48.65 48.37 -22.31
N GLU C 51 48.44 47.17 -21.77
CA GLU C 51 49.09 45.99 -22.34
C GLU C 51 48.52 45.60 -23.69
N LYS C 52 47.34 46.08 -24.03
CA LYS C 52 46.93 45.97 -25.42
C LYS C 52 47.76 46.90 -26.29
N GLN C 53 48.19 48.03 -25.73
CA GLN C 53 49.08 48.93 -26.46
C GLN C 53 50.46 48.30 -26.63
N THR C 54 51.03 47.76 -25.55
CA THR C 54 52.28 47.03 -25.67
C THR C 54 52.14 45.86 -26.63
N ARG C 55 50.97 45.21 -26.60
CA ARG C 55 50.64 44.21 -27.59
C ARG C 55 50.69 44.77 -29.01
N THR C 56 50.29 46.03 -29.18
CA THR C 56 50.36 46.67 -30.48
C THR C 56 51.77 47.14 -30.82
N ALA C 57 52.65 47.25 -29.82
CA ALA C 57 54.06 47.47 -30.12
C ALA C 57 54.72 46.18 -30.57
N SER C 58 54.39 45.06 -29.91
CA SER C 58 54.73 43.75 -30.44
C SER C 58 54.19 43.57 -31.85
N ASP C 59 53.01 44.10 -32.12
CA ASP C 59 52.53 44.15 -33.50
C ASP C 59 53.41 45.03 -34.36
N MET C 60 53.87 46.17 -33.81
CA MET C 60 54.70 47.06 -34.60
C MET C 60 56.11 46.54 -34.78
N VAL C 61 56.45 45.41 -34.19
CA VAL C 61 57.75 44.78 -34.42
C VAL C 61 57.60 43.53 -35.26
N SER C 62 56.69 42.63 -34.88
CA SER C 62 56.52 41.37 -35.59
C SER C 62 55.73 41.56 -36.90
N THR C 63 54.74 42.45 -36.90
CA THR C 63 54.06 42.78 -38.14
C THR C 63 54.90 43.68 -39.03
N SER C 64 55.72 44.55 -38.43
CA SER C 64 56.72 45.28 -39.20
C SER C 64 57.72 44.33 -39.86
N ARG C 65 57.91 43.14 -39.28
CA ARG C 65 58.60 42.05 -39.93
C ARG C 65 57.55 41.06 -40.47
N ILE C 66 58.01 39.90 -40.91
CA ILE C 66 57.14 38.92 -41.56
C ILE C 66 56.23 38.21 -40.56
N LEU C 67 56.39 38.52 -39.27
CA LEU C 67 55.63 37.83 -38.22
C LEU C 67 54.23 38.45 -38.15
N VAL C 68 53.42 38.09 -39.14
CA VAL C 68 52.09 38.65 -39.32
C VAL C 68 51.01 37.59 -39.18
N ALA C 69 51.03 36.58 -40.05
CA ALA C 69 50.13 35.44 -39.90
C ALA C 69 50.32 34.78 -38.54
N VAL C 70 51.54 34.80 -38.02
CA VAL C 70 51.78 34.24 -36.70
C VAL C 70 51.40 35.24 -35.61
N VAL C 71 51.58 36.53 -35.87
CA VAL C 71 51.29 37.51 -34.83
C VAL C 71 49.79 37.67 -34.58
N LYS C 72 48.95 37.53 -35.61
CA LYS C 72 47.54 37.88 -35.44
C LYS C 72 46.75 36.75 -34.79
N MET C 73 46.65 35.61 -35.49
CA MET C 73 45.79 34.52 -35.04
C MET C 73 46.19 33.99 -33.66
N CYS C 74 47.46 34.11 -33.29
CA CYS C 74 47.85 33.84 -31.92
C CYS C 74 47.25 34.86 -30.97
N TYR C 75 46.91 36.05 -31.46
CA TYR C 75 46.38 37.09 -30.59
C TYR C 75 44.86 37.08 -30.50
N GLU C 76 44.16 37.20 -31.63
CA GLU C 76 42.70 37.22 -31.54
C GLU C 76 42.13 35.92 -30.98
N ALA C 77 42.87 34.82 -31.07
CA ALA C 77 42.43 33.58 -30.43
C ALA C 77 42.55 33.64 -28.91
N LYS C 78 43.48 34.44 -28.39
CA LYS C 78 43.63 34.58 -26.95
C LYS C 78 42.78 35.71 -26.39
N GLU C 79 42.36 36.66 -27.23
CA GLU C 79 41.25 37.53 -26.85
C GLU C 79 39.94 36.76 -26.83
N TRP C 80 39.74 35.88 -27.82
CA TRP C 80 38.62 34.95 -27.78
C TRP C 80 38.64 34.13 -26.50
N ASP C 81 39.79 33.52 -26.20
CA ASP C 81 39.94 32.75 -24.97
C ASP C 81 40.04 33.64 -23.74
N LEU C 82 40.20 34.96 -23.92
CA LEU C 82 40.25 35.88 -22.79
C LEU C 82 38.95 35.86 -21.97
N LEU C 83 37.85 35.43 -22.58
CA LEU C 83 36.59 35.32 -21.85
C LEU C 83 36.58 34.10 -20.93
N ASN C 84 37.57 33.23 -21.04
CA ASN C 84 37.67 32.08 -20.14
C ASN C 84 38.91 32.11 -19.27
N GLU C 85 40.03 32.64 -19.78
CA GLU C 85 41.27 32.68 -19.00
C GLU C 85 41.25 33.79 -17.97
N ASN C 86 40.87 35.00 -18.36
CA ASN C 86 40.64 36.09 -17.43
C ASN C 86 39.18 36.04 -17.01
N ILE C 87 38.69 37.11 -16.38
CA ILE C 87 37.27 37.22 -16.14
C ILE C 87 36.55 37.21 -17.48
N MET C 88 35.43 36.49 -17.53
CA MET C 88 34.70 36.34 -18.78
C MET C 88 34.26 37.70 -19.31
N LEU C 89 34.16 37.79 -20.64
CA LEU C 89 33.61 38.97 -21.29
C LEU C 89 34.56 40.16 -21.07
N LEU C 90 35.85 39.83 -21.05
CA LEU C 90 36.97 40.77 -20.98
C LEU C 90 36.99 41.49 -19.64
N SER C 91 36.25 40.92 -18.69
CA SER C 91 36.29 41.26 -17.27
C SER C 91 35.64 42.59 -16.92
N LYS C 92 35.33 43.42 -17.92
CA LYS C 92 34.48 44.58 -17.69
C LYS C 92 33.65 44.96 -18.93
N ARG C 93 33.71 44.17 -20.01
CA ARG C 93 32.94 44.42 -21.23
C ARG C 93 33.42 45.60 -22.07
N ARG C 94 34.24 46.48 -21.53
CA ARG C 94 34.52 47.70 -22.26
C ARG C 94 35.53 48.59 -21.54
N SER C 95 36.01 49.62 -22.24
CA SER C 95 37.02 50.59 -21.81
C SER C 95 38.42 49.97 -21.80
N GLN C 96 38.48 48.65 -21.95
CA GLN C 96 39.69 47.86 -22.03
C GLN C 96 39.45 46.85 -23.13
N LEU C 97 38.18 46.76 -23.54
CA LEU C 97 37.76 46.06 -24.75
C LEU C 97 37.46 47.04 -25.87
N LYS C 98 36.75 48.13 -25.55
CA LYS C 98 36.32 49.08 -26.58
C LYS C 98 37.52 49.69 -27.29
N GLN C 99 38.34 50.43 -26.55
CA GLN C 99 39.59 50.98 -27.09
C GLN C 99 40.60 49.88 -27.39
N ALA C 100 40.40 48.67 -26.87
CA ALA C 100 41.23 47.55 -27.30
C ALA C 100 41.05 47.29 -28.79
N VAL C 101 39.83 46.94 -29.19
CA VAL C 101 39.57 46.66 -30.60
C VAL C 101 39.59 47.93 -31.42
N ALA C 102 39.32 49.08 -30.80
CA ALA C 102 39.40 50.35 -31.49
C ALA C 102 40.84 50.71 -31.84
N LYS C 103 41.78 50.43 -30.95
CA LYS C 103 43.18 50.49 -31.30
C LYS C 103 43.58 49.35 -32.22
N MET C 104 42.80 48.26 -32.25
CA MET C 104 43.02 47.22 -33.24
C MET C 104 42.72 47.73 -34.64
N VAL C 105 41.63 48.48 -34.80
CA VAL C 105 41.30 49.05 -36.10
C VAL C 105 42.13 50.28 -36.38
N GLN C 106 42.66 50.95 -35.36
CA GLN C 106 43.72 51.91 -35.60
C GLN C 106 44.93 51.22 -36.21
N GLN C 107 45.31 50.07 -35.67
CA GLN C 107 46.36 49.26 -36.27
C GLN C 107 46.02 48.93 -37.72
N CYS C 108 44.85 48.33 -37.95
CA CYS C 108 44.40 48.02 -39.31
C CYS C 108 44.43 49.23 -40.22
N CYS C 109 44.17 50.42 -39.69
CA CYS C 109 44.40 51.64 -40.45
C CYS C 109 45.88 51.83 -40.75
N THR C 110 46.75 51.42 -39.83
CA THR C 110 48.18 51.59 -40.04
C THR C 110 48.76 50.53 -40.97
N TYR C 111 48.05 49.42 -41.16
CA TYR C 111 48.56 48.33 -41.99
C TYR C 111 47.88 48.24 -43.34
N VAL C 112 46.67 48.81 -43.46
CA VAL C 112 45.97 48.84 -44.74
C VAL C 112 46.83 49.51 -45.80
N GLU C 113 47.66 50.47 -45.40
CA GLU C 113 48.65 51.04 -46.29
C GLU C 113 49.89 50.16 -46.42
N GLU C 114 50.13 49.25 -45.49
CA GLU C 114 51.33 48.42 -45.49
C GLU C 114 51.04 46.95 -45.73
N ILE C 115 50.20 46.34 -44.89
CA ILE C 115 50.04 44.89 -44.90
C ILE C 115 49.39 44.45 -46.20
N THR C 116 50.09 43.59 -46.93
CA THR C 116 49.71 43.19 -48.26
C THR C 116 48.44 42.35 -48.21
N ASP C 117 47.96 41.94 -49.40
CA ASP C 117 46.62 41.37 -49.54
C ASP C 117 46.39 40.16 -48.64
N LEU C 118 47.27 39.17 -48.72
CA LEU C 118 47.14 37.99 -47.86
C LEU C 118 47.17 38.31 -46.39
N PRO C 119 48.16 39.01 -45.85
CA PRO C 119 48.16 39.28 -44.42
C PRO C 119 47.12 40.31 -44.03
N ILE C 120 46.78 41.24 -44.92
CA ILE C 120 45.77 42.23 -44.59
C ILE C 120 44.39 41.58 -44.47
N LYS C 121 44.09 40.59 -45.30
CA LYS C 121 42.80 39.91 -45.20
C LYS C 121 42.85 38.72 -44.24
N LEU C 122 44.03 38.32 -43.77
CA LEU C 122 44.07 37.47 -42.59
C LEU C 122 43.82 38.30 -41.33
N ARG C 123 44.33 39.52 -41.30
CA ARG C 123 43.94 40.44 -40.23
C ARG C 123 42.45 40.70 -40.29
N LEU C 124 41.93 41.03 -41.47
CA LEU C 124 40.51 41.25 -41.65
C LEU C 124 39.72 40.01 -41.29
N ILE C 125 40.19 38.83 -41.68
CA ILE C 125 39.46 37.63 -41.32
C ILE C 125 39.58 37.32 -39.84
N ASP C 126 40.55 37.91 -39.16
CA ASP C 126 40.62 37.78 -37.71
C ASP C 126 39.59 38.69 -37.03
N THR C 127 39.50 39.94 -37.46
CA THR C 127 38.59 40.89 -36.83
C THR C 127 37.13 40.67 -37.23
N LEU C 128 36.85 40.25 -38.48
CA LEU C 128 35.50 39.89 -38.86
C LEU C 128 34.95 38.73 -38.04
N ARG C 129 35.81 37.86 -37.52
CA ARG C 129 35.36 36.90 -36.54
C ARG C 129 34.77 37.61 -35.33
N MET C 130 35.35 38.74 -34.95
CA MET C 130 34.71 39.60 -33.97
C MET C 130 33.46 40.26 -34.52
N VAL C 131 33.40 40.48 -35.83
CA VAL C 131 32.20 41.04 -36.45
C VAL C 131 31.00 40.13 -36.26
N THR C 132 31.22 38.83 -36.15
CA THR C 132 30.11 37.91 -35.93
C THR C 132 29.40 38.21 -34.61
N GLU C 133 30.11 38.07 -33.50
CA GLU C 133 29.51 38.27 -32.18
C GLU C 133 30.06 39.50 -31.46
N GLY C 134 31.37 39.56 -31.27
CA GLY C 134 31.93 40.47 -30.30
C GLY C 134 32.80 41.57 -30.86
N LYS C 135 32.30 42.80 -30.78
CA LYS C 135 33.04 44.00 -31.17
C LYS C 135 32.59 45.16 -30.30
N ILE C 136 32.80 46.40 -30.78
CA ILE C 136 32.67 47.62 -30.00
C ILE C 136 31.40 47.65 -29.17
N TYR C 137 30.25 47.49 -29.83
CA TYR C 137 28.95 47.31 -29.19
C TYR C 137 28.70 48.33 -28.08
N VAL C 138 28.63 49.61 -28.42
CA VAL C 138 28.05 50.58 -27.49
C VAL C 138 26.94 51.35 -28.19
N GLU C 139 27.32 52.17 -29.16
CA GLU C 139 26.35 52.77 -30.06
C GLU C 139 26.92 52.93 -31.47
N ILE C 140 27.99 52.21 -31.80
CA ILE C 140 28.60 52.47 -33.10
C ILE C 140 28.70 51.23 -33.99
N GLU C 141 29.53 50.26 -33.60
CA GLU C 141 29.95 49.19 -34.50
C GLU C 141 30.60 49.72 -35.77
N ARG C 142 31.06 50.98 -35.74
CA ARG C 142 31.58 51.62 -36.93
C ARG C 142 33.07 51.39 -37.10
N ALA C 143 33.71 50.76 -36.11
CA ALA C 143 34.98 50.10 -36.37
C ALA C 143 34.76 48.83 -37.18
N ARG C 144 33.64 48.16 -36.95
CA ARG C 144 33.24 47.07 -37.82
C ARG C 144 32.94 47.57 -39.23
N LEU C 145 32.08 48.58 -39.33
CA LEU C 145 31.72 49.10 -40.65
C LEU C 145 32.92 49.71 -41.37
N THR C 146 33.74 50.48 -40.66
CA THR C 146 34.85 51.20 -41.27
C THR C 146 35.85 50.27 -41.93
N LYS C 147 35.98 49.03 -41.47
CA LYS C 147 36.89 48.07 -42.06
C LYS C 147 36.21 47.10 -43.00
N THR C 148 34.99 46.66 -42.70
CA THR C 148 34.25 45.86 -43.66
C THR C 148 34.01 46.63 -44.96
N LEU C 149 33.91 47.96 -44.88
CA LEU C 149 33.92 48.78 -46.09
C LEU C 149 35.23 48.64 -46.84
N ALA C 150 36.36 48.65 -46.12
CA ALA C 150 37.66 48.47 -46.75
C ALA C 150 37.83 47.06 -47.30
N THR C 151 37.01 46.11 -46.87
CA THR C 151 37.13 44.74 -47.36
C THR C 151 36.84 44.62 -48.85
N ILE C 152 36.19 45.61 -49.45
CA ILE C 152 35.83 45.56 -50.86
C ILE C 152 36.76 46.39 -51.72
N LYS C 153 37.20 47.55 -51.22
CA LYS C 153 38.03 48.45 -51.99
C LYS C 153 39.39 47.86 -52.34
N GLU C 154 39.88 46.90 -51.55
CA GLU C 154 41.19 46.30 -51.83
C GLU C 154 41.20 45.63 -53.19
N GLN C 155 40.37 44.60 -53.35
CA GLN C 155 40.16 43.94 -54.63
C GLN C 155 39.36 44.81 -55.60
N ASN C 156 38.86 45.96 -55.15
CA ASN C 156 38.02 46.85 -55.92
C ASN C 156 36.64 46.25 -56.17
N GLY C 157 36.33 45.16 -55.46
CA GLY C 157 35.02 44.54 -55.55
C GLY C 157 34.71 43.89 -56.89
N ASP C 158 33.61 43.16 -56.91
CA ASP C 158 33.05 42.53 -58.10
C ASP C 158 31.57 42.27 -57.80
N VAL C 159 30.94 41.39 -58.57
CA VAL C 159 29.59 40.96 -58.21
C VAL C 159 29.58 40.35 -56.81
N LYS C 160 30.55 39.49 -56.52
CA LYS C 160 30.61 38.84 -55.22
C LYS C 160 31.12 39.77 -54.14
N GLU C 161 32.24 40.44 -54.39
CA GLU C 161 32.82 41.34 -53.39
C GLU C 161 31.86 42.48 -53.06
N ALA C 162 31.09 42.94 -54.04
CA ALA C 162 30.00 43.87 -53.77
C ALA C 162 28.85 43.18 -53.05
N ALA C 163 28.62 41.90 -53.32
CA ALA C 163 27.63 41.14 -52.57
C ALA C 163 28.01 40.96 -51.11
N SER C 164 29.29 41.10 -50.77
CA SER C 164 29.72 40.95 -49.38
C SER C 164 29.06 41.97 -48.48
N ILE C 165 29.04 43.24 -48.89
CA ILE C 165 28.40 44.27 -48.09
C ILE C 165 26.90 44.08 -47.99
N LEU C 166 26.30 43.31 -48.90
CA LEU C 166 24.85 43.19 -48.97
C LEU C 166 24.24 42.60 -47.71
N GLN C 167 25.00 41.81 -46.95
CA GLN C 167 24.44 41.15 -45.78
C GLN C 167 24.51 42.01 -44.52
N GLU C 168 25.41 43.00 -44.47
CA GLU C 168 25.63 43.81 -43.28
C GLU C 168 25.16 45.24 -43.48
N LEU C 169 24.04 45.41 -44.19
CA LEU C 169 23.56 46.75 -44.52
C LEU C 169 22.60 47.28 -43.47
N GLN C 170 21.55 46.51 -43.15
CA GLN C 170 20.58 46.91 -42.15
C GLN C 170 21.08 46.76 -40.73
N VAL C 171 22.33 46.35 -40.55
CA VAL C 171 22.84 46.06 -39.21
C VAL C 171 22.82 47.30 -38.33
N GLU C 172 23.54 48.34 -38.74
CA GLU C 172 23.69 49.53 -37.93
C GLU C 172 22.52 50.49 -38.08
N THR C 173 21.56 50.16 -38.94
CA THR C 173 20.26 50.80 -38.83
C THR C 173 19.65 50.50 -37.47
N TYR C 174 19.92 49.31 -36.94
CA TYR C 174 19.54 48.94 -35.58
C TYR C 174 20.63 49.19 -34.57
N GLY C 175 21.91 49.09 -34.97
CA GLY C 175 22.98 49.43 -34.07
C GLY C 175 22.91 50.88 -33.64
N SER C 176 23.12 51.77 -34.62
CA SER C 176 22.87 53.19 -34.45
C SER C 176 23.11 53.92 -35.77
N MET C 177 22.20 54.80 -36.16
CA MET C 177 22.28 55.49 -37.44
C MET C 177 22.71 56.94 -37.20
N GLU C 178 23.78 57.36 -37.87
CA GLU C 178 24.29 58.71 -37.76
C GLU C 178 24.07 59.46 -39.06
N LYS C 179 23.74 60.74 -38.94
CA LYS C 179 23.25 61.55 -40.05
C LYS C 179 24.35 61.94 -41.02
N LYS C 180 25.59 61.54 -40.77
CA LYS C 180 26.70 61.93 -41.61
C LYS C 180 27.56 60.72 -41.94
N GLU C 181 27.36 59.63 -41.21
CA GLU C 181 28.15 58.43 -41.42
C GLU C 181 27.27 57.30 -41.92
N ARG C 182 26.18 57.06 -41.21
CA ARG C 182 25.27 55.98 -41.58
C ARG C 182 24.63 56.24 -42.93
N VAL C 183 24.44 57.51 -43.28
CA VAL C 183 23.90 57.85 -44.59
C VAL C 183 24.89 57.48 -45.69
N GLU C 184 26.14 57.95 -45.56
CA GLU C 184 27.15 57.65 -46.57
C GLU C 184 27.37 56.16 -46.69
N PHE C 185 27.38 55.43 -45.59
CA PHE C 185 27.53 53.99 -45.68
C PHE C 185 26.31 53.33 -46.29
N ILE C 186 25.11 53.84 -45.98
CA ILE C 186 23.89 53.20 -46.42
C ILE C 186 23.57 53.45 -47.88
N LEU C 187 24.05 54.55 -48.45
CA LEU C 187 23.92 54.76 -49.87
C LEU C 187 25.03 54.09 -50.66
N GLU C 188 26.10 53.67 -49.99
CA GLU C 188 27.29 53.19 -50.67
C GLU C 188 27.05 51.87 -51.38
N GLN C 189 26.29 50.96 -50.78
CA GLN C 189 26.17 49.62 -51.33
C GLN C 189 25.26 49.56 -52.54
N MET C 190 24.20 50.35 -52.57
CA MET C 190 23.22 50.25 -53.65
C MET C 190 23.81 50.55 -55.02
N ARG C 191 24.84 51.40 -55.10
CA ARG C 191 25.54 51.55 -56.36
C ARG C 191 26.22 50.25 -56.78
N LEU C 192 26.79 49.52 -55.82
CA LEU C 192 27.35 48.21 -56.11
C LEU C 192 26.25 47.26 -56.56
N CYS C 193 25.07 47.37 -55.97
CA CYS C 193 23.92 46.64 -56.49
C CYS C 193 23.66 47.00 -57.94
N LEU C 194 23.83 48.28 -58.30
CA LEU C 194 23.69 48.70 -59.68
C LEU C 194 24.73 48.03 -60.57
N ALA C 195 25.98 47.93 -60.08
CA ALA C 195 27.00 47.19 -60.80
C ALA C 195 26.65 45.71 -60.93
N VAL C 196 25.89 45.17 -59.97
CA VAL C 196 25.46 43.78 -60.06
C VAL C 196 24.32 43.59 -61.04
N LYS C 197 23.74 44.67 -61.55
CA LYS C 197 22.54 44.61 -62.39
C LYS C 197 21.38 44.03 -61.60
N ASP C 198 21.18 44.59 -60.41
CA ASP C 198 20.06 44.23 -59.55
C ASP C 198 19.35 45.50 -59.10
N TYR C 199 18.05 45.53 -59.28
CA TYR C 199 17.25 46.70 -58.95
C TYR C 199 16.18 46.43 -57.90
N ILE C 200 15.64 45.21 -57.84
CA ILE C 200 14.62 44.89 -56.85
C ILE C 200 15.16 45.08 -55.44
N ARG C 201 16.42 44.74 -55.22
CA ARG C 201 17.03 45.00 -53.92
C ARG C 201 17.46 46.46 -53.79
N THR C 202 17.91 47.05 -54.89
CA THR C 202 18.43 48.42 -54.84
C THR C 202 17.35 49.39 -54.42
N GLN C 203 16.13 49.21 -54.92
CA GLN C 203 15.03 50.08 -54.52
C GLN C 203 14.59 49.82 -53.08
N ILE C 204 14.61 48.56 -52.64
CA ILE C 204 14.22 48.26 -51.26
C ILE C 204 15.19 48.91 -50.29
N ILE C 205 16.48 48.62 -50.45
CA ILE C 205 17.49 49.26 -49.63
C ILE C 205 17.47 50.77 -49.78
N SER C 206 17.11 51.26 -50.96
CA SER C 206 16.99 52.70 -51.18
C SER C 206 15.81 53.30 -50.44
N LYS C 207 14.79 52.50 -50.12
CA LYS C 207 13.65 53.03 -49.38
C LYS C 207 14.04 53.53 -48.01
N LYS C 208 15.15 53.04 -47.46
CA LYS C 208 15.67 53.63 -46.24
C LYS C 208 16.33 54.98 -46.50
N ILE C 209 16.67 55.27 -47.75
CA ILE C 209 17.31 56.55 -48.07
C ILE C 209 16.31 57.68 -47.94
N ASN C 210 15.20 57.62 -48.67
CA ASN C 210 14.22 58.69 -48.74
C ASN C 210 13.42 58.87 -47.45
N THR C 211 13.74 58.12 -46.40
CA THR C 211 13.30 58.45 -45.06
C THR C 211 14.41 59.11 -44.24
N LYS C 212 15.63 59.15 -44.77
CA LYS C 212 16.78 59.73 -44.09
C LYS C 212 17.15 61.08 -44.67
N PHE C 213 16.15 61.89 -45.00
CA PHE C 213 16.40 63.25 -45.46
C PHE C 213 16.32 64.20 -44.26
N PHE C 214 16.30 65.51 -44.53
CA PHE C 214 16.28 66.56 -43.50
C PHE C 214 17.65 66.78 -42.85
N GLN C 215 18.70 66.22 -43.47
CA GLN C 215 20.05 66.61 -43.14
C GLN C 215 20.81 67.12 -44.35
N GLU C 216 20.16 67.22 -45.51
CA GLU C 216 20.71 67.94 -46.65
C GLU C 216 21.07 69.37 -46.30
N GLU C 217 20.38 69.98 -45.33
CA GLU C 217 20.65 71.35 -44.92
C GLU C 217 22.10 71.55 -44.49
N ASN C 218 22.71 70.55 -43.85
CA ASN C 218 24.12 70.58 -43.52
C ASN C 218 24.98 69.75 -44.46
N THR C 219 24.39 68.78 -45.16
CA THR C 219 25.11 67.93 -46.08
C THR C 219 24.93 68.45 -47.50
N GLU C 220 25.98 68.99 -48.08
CA GLU C 220 25.94 69.58 -49.41
C GLU C 220 26.36 68.61 -50.50
N LYS C 221 27.58 68.09 -50.41
CA LYS C 221 28.19 67.32 -51.49
C LYS C 221 27.63 65.91 -51.63
N LEU C 222 26.90 65.43 -50.64
CA LEU C 222 26.50 64.04 -50.62
C LEU C 222 25.00 63.84 -50.66
N LYS C 223 24.27 64.51 -49.76
CA LYS C 223 22.85 64.23 -49.56
C LYS C 223 22.05 64.41 -50.84
N LEU C 224 21.99 65.64 -51.34
CA LEU C 224 21.28 65.91 -52.57
C LEU C 224 22.05 65.45 -53.81
N LYS C 225 23.23 64.87 -53.64
CA LYS C 225 24.08 64.55 -54.77
C LYS C 225 24.25 63.06 -55.01
N TYR C 226 23.63 62.21 -54.20
CA TYR C 226 23.51 60.82 -54.64
C TYR C 226 22.33 60.62 -55.60
N TYR C 227 21.36 61.53 -55.56
CA TYR C 227 20.15 61.39 -56.38
C TYR C 227 20.50 61.20 -57.86
N ASN C 228 21.55 61.88 -58.32
CA ASN C 228 22.15 61.60 -59.62
C ASN C 228 22.37 60.11 -59.83
N LEU C 229 22.81 59.41 -58.79
CA LEU C 229 22.90 57.96 -58.84
C LEU C 229 21.58 57.29 -58.54
N MET C 230 20.58 58.04 -58.09
CA MET C 230 19.27 57.43 -57.87
C MET C 230 18.42 57.38 -59.13
N ILE C 231 18.73 58.23 -60.13
CA ILE C 231 18.04 58.10 -61.42
C ILE C 231 18.59 56.94 -62.23
N GLN C 232 19.65 56.29 -61.76
CA GLN C 232 20.02 55.02 -62.35
C GLN C 232 19.03 53.93 -61.97
N LEU C 233 18.49 53.99 -60.75
CA LEU C 233 17.40 53.12 -60.37
C LEU C 233 16.09 53.59 -61.00
N ASP C 234 15.82 54.90 -60.97
CA ASP C 234 14.64 55.45 -61.61
C ASP C 234 14.67 55.33 -63.13
N GLN C 235 15.81 54.98 -63.72
CA GLN C 235 15.99 55.11 -65.15
C GLN C 235 15.75 53.79 -65.88
N HIS C 236 15.78 52.67 -65.15
CA HIS C 236 15.71 51.36 -65.79
C HIS C 236 14.41 51.17 -66.55
N GLU C 237 13.29 51.32 -65.85
CA GLU C 237 11.98 51.21 -66.50
C GLU C 237 11.55 52.57 -67.04
N GLY C 238 10.30 52.66 -67.49
CA GLY C 238 9.82 53.88 -68.09
C GLY C 238 9.25 54.89 -67.11
N SER C 239 9.79 54.92 -65.90
CA SER C 239 9.31 55.85 -64.86
C SER C 239 9.79 57.25 -65.21
N TYR C 240 9.15 57.83 -66.22
CA TYR C 240 9.49 59.16 -66.69
C TYR C 240 8.87 60.25 -65.83
N LEU C 241 7.78 59.95 -65.13
CA LEU C 241 7.20 60.88 -64.18
C LEU C 241 7.90 60.84 -62.83
N SER C 242 8.45 59.68 -62.44
CA SER C 242 9.21 59.60 -61.20
C SER C 242 10.38 60.55 -61.19
N ILE C 243 11.15 60.59 -62.28
CA ILE C 243 12.30 61.50 -62.35
C ILE C 243 11.88 62.95 -62.52
N CYS C 244 10.61 63.22 -62.82
CA CYS C 244 10.13 64.59 -62.91
C CYS C 244 10.43 65.36 -61.63
N LYS C 245 9.89 64.90 -60.51
CA LYS C 245 10.20 65.52 -59.23
C LYS C 245 11.68 65.38 -58.89
N HIS C 246 12.32 64.31 -59.37
CA HIS C 246 13.72 64.09 -59.07
C HIS C 246 14.59 65.23 -59.55
N TYR C 247 14.54 65.56 -60.84
CA TYR C 247 15.44 66.57 -61.37
C TYR C 247 15.14 67.95 -60.81
N ARG C 248 13.94 68.16 -60.26
CA ARG C 248 13.71 69.35 -59.45
C ARG C 248 14.41 69.24 -58.11
N ALA C 249 14.47 68.02 -57.54
CA ALA C 249 15.23 67.83 -56.32
C ALA C 249 16.70 68.16 -56.54
N ILE C 250 17.32 67.57 -57.56
CA ILE C 250 18.70 67.88 -57.90
C ILE C 250 18.86 69.25 -58.54
N TYR C 251 17.74 69.92 -58.85
CA TYR C 251 17.80 71.24 -59.48
C TYR C 251 18.37 72.31 -58.55
N ASP C 252 18.40 72.04 -57.24
CA ASP C 252 18.80 73.08 -56.30
C ASP C 252 20.30 73.08 -56.05
N THR C 253 20.94 71.90 -56.09
CA THR C 253 22.35 71.75 -55.75
C THR C 253 23.25 72.60 -56.63
N PRO C 254 23.02 72.66 -57.94
CA PRO C 254 23.70 73.68 -58.77
C PRO C 254 23.14 75.09 -58.58
N CYS C 255 22.17 75.28 -57.71
CA CYS C 255 21.69 76.60 -57.31
C CYS C 255 22.16 77.01 -55.92
N ILE C 256 22.08 76.10 -54.94
CA ILE C 256 22.83 76.31 -53.70
C ILE C 256 24.29 76.55 -54.01
N GLN C 257 24.90 75.64 -54.78
CA GLN C 257 26.14 75.94 -55.49
C GLN C 257 25.80 76.76 -56.72
N ALA C 258 25.50 78.04 -56.47
CA ALA C 258 24.94 78.91 -57.50
C ALA C 258 25.96 79.11 -58.61
N GLU C 259 25.83 78.31 -59.66
CA GLU C 259 26.78 78.29 -60.75
C GLU C 259 26.10 78.73 -62.04
N SER C 260 24.95 78.12 -62.32
CA SER C 260 24.09 78.49 -63.44
C SER C 260 24.65 78.01 -64.77
N GLU C 261 25.55 77.02 -64.75
CA GLU C 261 25.88 76.25 -65.93
C GLU C 261 25.45 74.80 -65.81
N LYS C 262 25.93 74.10 -64.78
CA LYS C 262 25.32 72.83 -64.43
C LYS C 262 23.89 73.03 -63.96
N TRP C 263 23.65 74.08 -63.18
CA TRP C 263 22.29 74.52 -62.92
C TRP C 263 21.56 74.80 -64.23
N GLN C 264 22.23 75.46 -65.16
CA GLN C 264 21.63 75.77 -66.45
C GLN C 264 21.15 74.52 -67.16
N GLN C 265 22.00 73.48 -67.25
CA GLN C 265 21.56 72.23 -67.81
C GLN C 265 20.55 71.52 -66.92
N ALA C 266 20.49 71.86 -65.63
CA ALA C 266 19.42 71.36 -64.79
C ALA C 266 18.07 71.89 -65.25
N LEU C 267 18.03 73.16 -65.67
CA LEU C 267 16.78 73.72 -66.19
C LEU C 267 16.24 72.91 -67.35
N LYS C 268 17.03 72.73 -68.41
CA LYS C 268 16.59 71.91 -69.53
C LYS C 268 16.34 70.48 -69.13
N SER C 269 17.18 69.93 -68.24
CA SER C 269 17.06 68.55 -67.84
C SER C 269 15.70 68.25 -67.23
N VAL C 270 15.28 69.06 -66.25
CA VAL C 270 14.01 68.82 -65.57
C VAL C 270 12.81 68.90 -66.49
N VAL C 271 12.93 69.58 -67.62
CA VAL C 271 11.77 69.87 -68.46
C VAL C 271 11.71 69.01 -69.72
N LEU C 272 12.85 68.52 -70.22
CA LEU C 272 12.86 67.86 -71.52
C LEU C 272 12.05 66.56 -71.57
N TYR C 273 11.45 66.11 -70.47
CA TYR C 273 10.75 64.84 -70.44
C TYR C 273 9.39 64.93 -69.75
N VAL C 274 9.04 66.08 -69.17
CA VAL C 274 7.72 66.26 -68.62
C VAL C 274 6.67 66.04 -69.70
N ILE C 275 6.97 66.44 -70.93
CA ILE C 275 6.15 66.03 -72.06
C ILE C 275 6.25 64.52 -72.26
N LEU C 276 7.40 63.96 -71.92
CA LEU C 276 7.63 62.52 -72.08
C LEU C 276 6.98 61.69 -70.99
N ALA C 277 6.26 62.31 -70.06
CA ALA C 277 5.51 61.57 -69.07
C ALA C 277 4.04 61.45 -69.52
N PRO C 278 3.40 60.32 -69.25
CA PRO C 278 1.98 60.18 -69.59
C PRO C 278 1.16 61.20 -68.82
N PHE C 279 0.04 61.60 -69.41
CA PHE C 279 -0.71 62.72 -68.86
C PHE C 279 -1.35 62.35 -67.53
N ASP C 280 -1.22 63.26 -66.56
CA ASP C 280 -1.86 63.14 -65.28
C ASP C 280 -2.20 64.55 -64.82
N ASN C 281 -3.08 64.65 -63.83
CA ASN C 281 -3.26 65.94 -63.17
C ASN C 281 -1.97 66.39 -62.49
N GLU C 282 -1.18 65.45 -61.99
CA GLU C 282 0.15 65.74 -61.47
C GLU C 282 1.07 66.29 -62.55
N GLN C 283 0.80 65.96 -63.82
CA GLN C 283 1.55 66.59 -64.91
C GLN C 283 0.98 67.95 -65.25
N SER C 284 -0.35 68.05 -65.30
CA SER C 284 -1.02 69.29 -65.67
C SER C 284 -0.78 70.41 -64.68
N ASP C 285 -0.55 70.10 -63.41
CA ASP C 285 -0.24 71.12 -62.42
C ASP C 285 1.26 71.33 -62.26
N LEU C 286 2.06 70.27 -62.31
CA LEU C 286 3.50 70.44 -62.24
C LEU C 286 4.03 71.24 -63.42
N VAL C 287 3.39 71.11 -64.59
CA VAL C 287 3.74 71.99 -65.69
C VAL C 287 3.37 73.43 -65.38
N HIS C 288 2.37 73.65 -64.53
CA HIS C 288 2.07 74.99 -64.06
C HIS C 288 3.15 75.51 -63.13
N ARG C 289 3.59 74.67 -62.18
CA ARG C 289 4.61 75.10 -61.24
C ARG C 289 5.94 75.37 -61.93
N ILE C 290 6.37 74.46 -62.80
CA ILE C 290 7.52 74.74 -63.66
C ILE C 290 7.25 75.96 -64.54
N SER C 291 5.99 76.19 -64.91
CA SER C 291 5.60 77.41 -65.58
C SER C 291 5.70 78.59 -64.61
N GLY C 292 5.79 79.79 -65.18
CA GLY C 292 5.94 80.97 -64.36
C GLY C 292 7.25 81.06 -63.61
N ASP C 293 8.26 80.29 -64.01
CA ASP C 293 9.55 80.32 -63.33
C ASP C 293 10.27 81.64 -63.61
N LYS C 294 11.00 82.13 -62.62
CA LYS C 294 11.75 83.37 -62.74
C LYS C 294 13.00 83.15 -63.58
N LYS C 295 13.37 81.89 -63.80
CA LYS C 295 14.49 81.55 -64.66
C LYS C 295 14.06 80.76 -65.88
N LEU C 296 12.75 80.52 -66.05
CA LEU C 296 12.25 79.72 -67.15
C LEU C 296 12.50 80.36 -68.50
N GLU C 297 12.51 81.70 -68.56
CA GLU C 297 12.81 82.40 -69.80
C GLU C 297 14.23 82.18 -70.27
N GLU C 298 15.11 81.67 -69.40
CA GLU C 298 16.47 81.32 -69.81
C GLU C 298 16.48 80.33 -70.98
N ILE C 299 15.45 79.50 -71.08
CA ILE C 299 15.32 78.55 -72.19
C ILE C 299 14.30 79.13 -73.17
N PRO C 300 14.74 79.83 -74.21
CA PRO C 300 13.78 80.38 -75.18
C PRO C 300 12.98 79.32 -75.92
N LYS C 301 13.47 78.09 -75.99
CA LYS C 301 12.69 77.01 -76.58
C LYS C 301 11.60 76.49 -75.65
N TYR C 302 11.50 77.01 -74.43
CA TYR C 302 10.44 76.57 -73.54
C TYR C 302 9.07 76.97 -74.06
N LYS C 303 8.99 78.05 -74.83
CA LYS C 303 7.71 78.45 -75.40
C LYS C 303 7.33 77.54 -76.57
N ASP C 304 8.31 77.23 -77.43
CA ASP C 304 8.07 76.25 -78.48
C ASP C 304 7.64 74.91 -77.87
N LEU C 305 8.22 74.56 -76.72
CA LEU C 305 7.72 73.44 -75.94
C LEU C 305 6.34 73.74 -75.34
N LEU C 306 6.03 75.02 -75.14
CA LEU C 306 4.75 75.43 -74.58
C LEU C 306 3.62 75.25 -75.56
N LYS C 307 3.92 75.22 -76.86
CA LYS C 307 2.89 74.95 -77.86
C LYS C 307 2.20 73.61 -77.62
N LEU C 308 2.91 72.64 -77.06
CA LEU C 308 2.32 71.34 -76.76
C LEU C 308 1.37 71.39 -75.58
N PHE C 309 1.21 72.53 -74.92
CA PHE C 309 0.49 72.55 -73.64
C PHE C 309 -1.01 72.48 -73.85
N THR C 310 -1.60 73.48 -74.52
CA THR C 310 -3.04 73.67 -74.54
C THR C 310 -3.59 73.61 -75.96
N THR C 311 -4.66 72.84 -76.14
CA THR C 311 -5.45 72.81 -77.39
C THR C 311 -4.63 72.38 -78.60
N MET C 312 -3.48 71.76 -78.33
CA MET C 312 -2.51 71.20 -79.29
C MET C 312 -2.67 71.48 -80.80
N GLU C 313 -3.80 71.03 -81.36
CA GLU C 313 -4.18 71.21 -82.77
C GLU C 313 -3.14 70.87 -83.86
N LEU C 314 -2.52 71.89 -84.45
CA LEU C 314 -1.56 71.70 -85.53
C LEU C 314 -0.11 71.39 -85.14
N MET C 315 0.10 70.87 -83.94
CA MET C 315 1.44 70.52 -83.50
C MET C 315 1.86 69.26 -84.25
N ARG C 316 1.97 69.40 -85.57
CA ARG C 316 2.32 68.28 -86.43
C ARG C 316 3.72 67.83 -86.04
N TRP C 317 3.91 66.50 -85.95
CA TRP C 317 5.21 65.98 -85.54
C TRP C 317 6.29 66.31 -86.56
N SER C 318 5.92 66.46 -87.84
CA SER C 318 6.87 66.85 -88.85
C SER C 318 7.43 68.24 -88.57
N THR C 319 6.54 69.22 -88.39
CA THR C 319 6.96 70.55 -87.97
C THR C 319 7.69 70.52 -86.64
N LEU C 320 7.30 69.61 -85.75
CA LEU C 320 7.99 69.44 -84.47
C LEU C 320 9.46 69.11 -84.68
N VAL C 321 9.74 68.04 -85.43
CA VAL C 321 11.12 67.68 -85.71
C VAL C 321 11.82 68.77 -86.49
N GLU C 322 11.09 69.47 -87.35
CA GLU C 322 11.66 70.59 -88.09
C GLU C 322 12.07 71.73 -87.17
N ASP C 323 11.42 71.86 -86.01
CA ASP C 323 11.77 72.90 -85.05
C ASP C 323 12.68 72.42 -83.95
N TYR C 324 12.93 71.10 -83.88
CA TYR C 324 13.56 70.49 -82.73
C TYR C 324 14.78 69.63 -83.09
N GLY C 325 15.10 69.50 -84.38
CA GLY C 325 16.19 68.64 -84.77
C GLY C 325 17.56 69.07 -84.28
N MET C 326 17.69 70.31 -83.82
CA MET C 326 18.96 70.83 -83.33
C MET C 326 19.00 71.00 -81.82
N GLU C 327 17.88 70.81 -81.13
CA GLU C 327 17.94 70.73 -79.67
C GLU C 327 18.39 69.36 -79.22
N LEU C 328 18.24 68.35 -80.08
CA LEU C 328 18.78 67.02 -79.78
C LEU C 328 20.29 67.02 -79.82
N ARG C 329 20.85 67.38 -80.98
CA ARG C 329 22.30 67.35 -81.19
C ARG C 329 22.99 68.66 -80.84
N LYS C 330 22.48 69.78 -81.35
CA LYS C 330 23.07 71.08 -81.11
C LYS C 330 22.63 71.60 -79.74
N GLY C 331 22.99 72.83 -79.44
CA GLY C 331 22.63 73.47 -78.19
C GLY C 331 23.86 73.95 -77.44
N SER C 332 23.61 74.51 -76.27
CA SER C 332 24.68 74.94 -75.39
C SER C 332 24.97 73.97 -74.26
N LEU C 333 23.93 73.41 -73.65
CA LEU C 333 24.09 72.34 -72.67
C LEU C 333 23.88 70.97 -73.32
N GLU C 334 22.69 70.74 -73.88
CA GLU C 334 22.47 69.64 -74.82
C GLU C 334 22.53 68.25 -74.18
N SER C 335 22.89 68.16 -72.90
CA SER C 335 23.10 66.86 -72.27
C SER C 335 21.81 66.13 -71.93
N PRO C 336 20.79 66.79 -71.34
CA PRO C 336 19.53 66.07 -71.13
C PRO C 336 18.89 65.65 -72.44
N ALA C 337 18.97 66.50 -73.46
CA ALA C 337 18.52 66.12 -74.79
C ALA C 337 19.33 64.97 -75.35
N THR C 338 20.60 64.84 -74.93
CA THR C 338 21.38 63.67 -75.32
C THR C 338 20.86 62.42 -74.65
N ASP C 339 20.55 62.51 -73.35
CA ASP C 339 19.92 61.37 -72.67
C ASP C 339 18.55 61.06 -73.27
N VAL C 340 17.92 62.05 -73.91
CA VAL C 340 16.61 61.81 -74.50
C VAL C 340 16.75 61.17 -75.87
N PHE C 341 17.70 61.62 -76.68
CA PHE C 341 17.85 61.10 -78.03
C PHE C 341 19.27 60.75 -78.42
N GLY C 342 20.28 61.23 -77.70
CA GLY C 342 21.66 60.94 -78.06
C GLY C 342 21.99 59.46 -78.04
N SER C 343 21.87 58.83 -76.87
CA SER C 343 22.11 57.40 -76.75
C SER C 343 21.13 56.63 -77.61
N THR C 344 21.66 55.68 -78.39
CA THR C 344 20.85 55.00 -79.40
C THR C 344 19.70 54.22 -78.77
N GLU C 345 20.01 53.39 -77.78
CA GLU C 345 18.97 52.57 -77.15
C GLU C 345 17.99 53.42 -76.34
N GLU C 346 18.50 54.41 -75.59
CA GLU C 346 17.63 55.32 -74.86
C GLU C 346 16.98 56.34 -75.78
N GLY C 347 17.79 56.97 -76.63
CA GLY C 347 17.26 57.97 -77.55
C GLY C 347 16.15 57.43 -78.42
N GLU C 348 16.36 56.27 -79.04
CA GLU C 348 15.34 55.64 -79.87
C GLU C 348 14.03 55.43 -79.12
N LYS C 349 14.12 54.86 -77.92
CA LYS C 349 12.95 54.70 -77.05
C LYS C 349 12.25 56.02 -76.83
N ARG C 350 13.01 57.11 -76.77
CA ARG C 350 12.36 58.41 -76.57
C ARG C 350 11.94 59.06 -77.88
N TRP C 351 12.43 58.61 -79.04
CA TRP C 351 11.80 58.95 -80.30
C TRP C 351 10.39 58.40 -80.33
N LYS C 352 10.27 57.10 -80.11
CA LYS C 352 8.95 56.47 -80.09
C LYS C 352 8.07 57.06 -78.99
N ASP C 353 8.65 57.33 -77.82
CA ASP C 353 7.88 57.97 -76.75
C ASP C 353 7.39 59.34 -77.18
N LEU C 354 8.24 60.11 -77.87
CA LEU C 354 7.81 61.40 -78.38
C LEU C 354 6.64 61.24 -79.33
N LYS C 355 6.70 60.25 -80.21
CA LYS C 355 5.57 59.95 -81.08
C LYS C 355 4.30 59.68 -80.28
N ASN C 356 4.49 58.85 -79.26
CA ASN C 356 3.44 58.49 -78.33
C ASN C 356 2.90 59.80 -77.80
N ARG C 357 3.78 60.66 -77.30
CA ARG C 357 3.37 61.96 -76.79
C ARG C 357 2.58 62.77 -77.83
N VAL C 358 3.05 62.78 -79.06
CA VAL C 358 2.38 63.53 -80.13
C VAL C 358 0.96 63.03 -80.41
N VAL C 359 0.81 61.80 -80.91
CA VAL C 359 -0.51 61.28 -81.22
C VAL C 359 -1.45 61.33 -80.01
N GLU C 360 -1.01 60.83 -78.87
CA GLU C 360 -1.84 60.86 -77.67
C GLU C 360 -2.19 62.29 -77.29
N HIS C 361 -1.28 63.23 -77.54
CA HIS C 361 -1.58 64.63 -77.27
C HIS C 361 -2.77 65.10 -78.10
N ASN C 362 -2.79 64.76 -79.37
CA ASN C 362 -3.81 65.28 -80.27
C ASN C 362 -5.13 64.60 -80.06
N ILE C 363 -5.09 63.30 -79.74
CA ILE C 363 -6.32 62.54 -79.56
C ILE C 363 -7.21 63.16 -78.51
N ARG C 364 -6.62 63.68 -77.43
CA ARG C 364 -7.40 64.26 -76.35
C ARG C 364 -8.24 65.44 -76.85
N ILE C 365 -7.59 66.41 -77.51
CA ILE C 365 -8.35 67.53 -78.04
C ILE C 365 -9.33 67.09 -79.12
N MET C 366 -9.02 66.01 -79.84
CA MET C 366 -9.99 65.46 -80.78
C MET C 366 -11.28 65.09 -80.04
N ALA C 367 -11.15 64.33 -78.96
CA ALA C 367 -12.30 64.06 -78.11
C ALA C 367 -12.90 65.35 -77.54
N LYS C 368 -12.09 66.40 -77.40
CA LYS C 368 -12.59 67.66 -76.87
C LYS C 368 -13.52 68.36 -77.86
N TYR C 369 -13.22 68.26 -79.15
CA TYR C 369 -13.85 69.13 -80.14
C TYR C 369 -14.33 68.37 -81.36
N TYR C 370 -14.73 67.11 -81.21
CA TYR C 370 -15.26 66.38 -82.35
C TYR C 370 -16.42 65.50 -81.94
N THR C 371 -17.62 65.85 -82.42
CA THR C 371 -18.76 64.97 -82.29
C THR C 371 -18.49 63.63 -82.96
N ARG C 372 -18.33 63.64 -84.28
CA ARG C 372 -17.91 62.49 -85.03
C ARG C 372 -16.68 62.88 -85.84
N ILE C 373 -15.98 61.87 -86.33
CA ILE C 373 -14.74 62.09 -87.08
C ILE C 373 -14.58 60.94 -88.06
N THR C 374 -14.33 61.28 -89.32
CA THR C 374 -14.15 60.28 -90.35
C THR C 374 -12.79 59.60 -90.19
N MET C 375 -12.75 58.33 -90.60
CA MET C 375 -11.51 57.57 -90.50
C MET C 375 -10.41 58.18 -91.35
N LYS C 376 -10.75 58.62 -92.57
CA LYS C 376 -9.74 59.18 -93.45
C LYS C 376 -9.20 60.50 -92.92
N ARG C 377 -10.09 61.40 -92.48
CA ARG C 377 -9.62 62.66 -91.92
C ARG C 377 -8.82 62.46 -90.64
N MET C 378 -9.08 61.37 -89.92
CA MET C 378 -8.23 61.07 -88.78
C MET C 378 -6.85 60.60 -89.22
N ALA C 379 -6.81 59.70 -90.20
CA ALA C 379 -5.53 59.21 -90.70
C ALA C 379 -4.70 60.35 -91.31
N GLN C 380 -5.36 61.34 -91.91
CA GLN C 380 -4.66 62.47 -92.49
C GLN C 380 -4.27 63.51 -91.45
N LEU C 381 -5.12 63.78 -90.47
CA LEU C 381 -4.79 64.69 -89.39
C LEU C 381 -3.81 64.09 -88.39
N LEU C 382 -3.50 62.80 -88.51
CA LEU C 382 -2.41 62.20 -87.78
C LEU C 382 -1.23 61.85 -88.68
N ASP C 383 -1.41 61.91 -90.00
CA ASP C 383 -0.35 61.58 -90.95
C ASP C 383 0.19 60.17 -90.69
N LEU C 384 -0.68 59.20 -90.90
CA LEU C 384 -0.32 57.81 -90.66
C LEU C 384 -1.45 56.93 -91.15
N SER C 385 -1.13 55.66 -91.35
CA SER C 385 -2.09 54.70 -91.87
C SER C 385 -3.30 54.57 -90.96
N VAL C 386 -4.46 54.36 -91.57
CA VAL C 386 -5.68 54.12 -90.82
C VAL C 386 -5.53 52.91 -89.91
N ASP C 387 -4.76 51.91 -90.32
CA ASP C 387 -4.45 50.80 -89.44
C ASP C 387 -3.72 51.29 -88.19
N GLU C 388 -2.70 52.12 -88.39
CA GLU C 388 -1.98 52.69 -87.27
C GLU C 388 -2.88 53.50 -86.36
N SER C 389 -3.82 54.26 -86.93
CA SER C 389 -4.83 54.94 -86.13
C SER C 389 -5.64 53.93 -85.33
N GLU C 390 -5.94 52.77 -85.94
CA GLU C 390 -6.63 51.72 -85.21
C GLU C 390 -5.81 51.25 -84.02
N ALA C 391 -4.49 51.16 -84.18
CA ALA C 391 -3.65 50.81 -83.05
C ALA C 391 -3.70 51.87 -81.96
N PHE C 392 -3.54 53.15 -82.35
CA PHE C 392 -3.49 54.23 -81.38
C PHE C 392 -4.80 54.38 -80.60
N LEU C 393 -5.93 54.17 -81.27
CA LEU C 393 -7.20 54.24 -80.55
C LEU C 393 -7.47 52.97 -79.75
N SER C 394 -7.03 51.81 -80.25
CA SER C 394 -7.25 50.57 -79.53
C SER C 394 -6.48 50.54 -78.21
N ASN C 395 -5.18 50.77 -78.26
CA ASN C 395 -4.38 50.74 -77.04
C ASN C 395 -4.66 51.91 -76.11
N LEU C 396 -5.39 52.93 -76.56
CA LEU C 396 -5.83 54.01 -75.69
C LEU C 396 -7.21 53.78 -75.11
N VAL C 397 -8.08 53.03 -75.81
CA VAL C 397 -9.36 52.64 -75.25
C VAL C 397 -9.23 51.48 -74.27
N VAL C 398 -8.36 50.52 -74.54
CA VAL C 398 -8.02 49.54 -73.51
C VAL C 398 -7.37 50.25 -72.32
N ASN C 399 -6.61 51.31 -72.57
CA ASN C 399 -6.22 52.22 -71.52
C ASN C 399 -7.43 52.89 -70.89
N LYS C 400 -8.52 53.03 -71.64
CA LYS C 400 -9.75 53.71 -71.28
C LYS C 400 -9.49 55.07 -70.64
N THR C 401 -8.42 55.74 -71.07
CA THR C 401 -8.20 57.14 -70.75
C THR C 401 -8.90 58.06 -71.73
N ILE C 402 -9.30 57.54 -72.89
CA ILE C 402 -10.16 58.23 -73.83
C ILE C 402 -11.09 57.19 -74.44
N PHE C 403 -12.39 57.39 -74.25
CA PHE C 403 -13.39 56.47 -74.75
C PHE C 403 -13.73 56.81 -76.21
N ALA C 404 -13.95 55.77 -77.01
CA ALA C 404 -14.30 55.95 -78.40
C ALA C 404 -14.99 54.68 -78.89
N LYS C 405 -15.44 54.72 -80.15
CA LYS C 405 -16.10 53.56 -80.75
C LYS C 405 -15.81 53.61 -82.25
N VAL C 406 -14.90 52.77 -82.70
CA VAL C 406 -14.45 52.80 -84.11
C VAL C 406 -15.48 51.97 -84.90
N ASP C 407 -16.53 52.63 -85.33
CA ASP C 407 -17.49 52.02 -86.23
C ASP C 407 -16.85 51.96 -87.61
N ARG C 408 -16.34 50.78 -87.98
CA ARG C 408 -15.32 50.68 -89.02
C ARG C 408 -15.84 50.17 -90.36
N LEU C 409 -17.02 49.57 -90.42
CA LEU C 409 -17.56 49.22 -91.73
C LEU C 409 -18.05 50.45 -92.47
N ALA C 410 -18.28 51.55 -91.76
CA ALA C 410 -18.47 52.85 -92.39
C ALA C 410 -17.34 53.81 -92.09
N GLY C 411 -16.48 53.50 -91.10
CA GLY C 411 -15.37 54.35 -90.76
C GLY C 411 -15.69 55.53 -89.88
N ILE C 412 -16.89 56.08 -89.97
CA ILE C 412 -17.28 57.21 -89.13
C ILE C 412 -17.29 56.74 -87.68
N ILE C 413 -16.64 57.51 -86.81
CA ILE C 413 -16.56 57.16 -85.41
C ILE C 413 -16.91 58.39 -84.58
N ASN C 414 -17.33 58.14 -83.35
CA ASN C 414 -17.79 59.18 -82.45
C ASN C 414 -16.89 59.27 -81.23
N PHE C 415 -16.89 60.44 -80.61
CA PHE C 415 -16.18 60.66 -79.35
C PHE C 415 -17.14 60.93 -78.20
N GLN C 416 -18.43 60.68 -78.39
CA GLN C 416 -19.43 61.07 -77.41
C GLN C 416 -19.85 59.90 -76.55
N ARG C 417 -20.86 60.14 -75.75
CA ARG C 417 -21.41 59.18 -74.80
C ARG C 417 -22.91 59.13 -74.98
N PRO C 418 -23.55 57.99 -74.77
CA PRO C 418 -25.02 57.91 -74.87
C PRO C 418 -25.68 58.80 -73.82
N LYS C 419 -26.99 58.93 -73.94
CA LYS C 419 -27.72 59.89 -73.10
C LYS C 419 -28.99 59.22 -72.55
N ASP C 420 -28.94 58.84 -71.28
CA ASP C 420 -30.16 58.52 -70.58
C ASP C 420 -31.05 59.76 -70.55
N PRO C 421 -32.32 59.64 -70.98
CA PRO C 421 -33.24 60.78 -70.83
C PRO C 421 -33.36 61.29 -69.41
N ASN C 422 -33.16 60.41 -68.42
CA ASN C 422 -32.97 60.88 -67.05
C ASN C 422 -31.83 61.89 -66.99
N ASN C 423 -30.73 61.62 -67.69
CA ASN C 423 -29.60 62.54 -67.70
C ASN C 423 -29.90 63.79 -68.51
N LEU C 424 -30.47 63.62 -69.71
CA LEU C 424 -30.76 64.75 -70.58
C LEU C 424 -31.70 65.74 -69.91
N LEU C 425 -32.88 65.26 -69.50
CA LEU C 425 -33.81 66.10 -68.77
C LEU C 425 -33.19 66.65 -67.49
N ASN C 426 -32.29 65.88 -66.86
CA ASN C 426 -31.61 66.38 -65.67
C ASN C 426 -30.79 67.61 -65.99
N ASP C 427 -30.05 67.58 -67.09
CA ASP C 427 -29.24 68.73 -67.47
C ASP C 427 -30.11 69.90 -67.91
N TRP C 428 -31.19 69.61 -68.64
CA TRP C 428 -32.12 70.67 -69.03
C TRP C 428 -32.66 71.39 -67.80
N SER C 429 -33.14 70.62 -66.82
CA SER C 429 -33.49 71.18 -65.52
C SER C 429 -32.32 71.91 -64.88
N GLN C 430 -31.09 71.45 -65.13
CA GLN C 430 -29.93 72.11 -64.56
C GLN C 430 -29.79 73.53 -65.08
N LYS C 431 -29.71 73.68 -66.40
CA LYS C 431 -29.59 75.01 -66.98
C LYS C 431 -30.80 75.87 -66.66
N LEU C 432 -31.99 75.26 -66.64
CA LEU C 432 -33.20 76.03 -66.33
C LEU C 432 -33.16 76.57 -64.91
N ASN C 433 -32.68 75.77 -63.97
CA ASN C 433 -32.66 76.21 -62.59
C ASN C 433 -31.52 77.19 -62.34
N SER C 434 -30.29 76.73 -62.54
CA SER C 434 -29.12 77.52 -62.15
C SER C 434 -29.01 78.82 -62.93
N LEU C 435 -28.89 78.75 -64.24
CA LEU C 435 -28.47 79.89 -65.04
C LEU C 435 -29.66 80.62 -65.63
N MET C 436 -30.83 80.46 -65.03
CA MET C 436 -31.99 81.18 -65.53
C MET C 436 -32.61 82.00 -64.42
N SER C 437 -32.69 81.44 -63.22
CA SER C 437 -33.28 82.13 -62.09
C SER C 437 -32.27 82.93 -61.29
N LEU C 438 -31.05 82.40 -61.14
CA LEU C 438 -30.07 83.04 -60.29
C LEU C 438 -29.52 84.32 -60.92
N VAL C 439 -28.95 84.20 -62.12
CA VAL C 439 -28.47 85.39 -62.82
C VAL C 439 -29.59 86.39 -63.02
N ASN C 440 -30.80 85.90 -63.28
CA ASN C 440 -31.97 86.77 -63.29
C ASN C 440 -32.09 87.52 -61.99
N LYS C 441 -31.86 86.83 -60.87
CA LYS C 441 -31.87 87.51 -59.58
C LYS C 441 -30.81 88.58 -59.49
N THR C 442 -29.61 88.31 -60.02
CA THR C 442 -28.50 89.24 -59.84
C THR C 442 -28.71 90.51 -60.67
N THR C 443 -29.17 90.33 -61.92
CA THR C 443 -29.36 91.45 -62.83
C THR C 443 -30.26 92.53 -62.22
N HIS C 444 -31.36 92.11 -61.59
CA HIS C 444 -32.25 93.09 -60.97
C HIS C 444 -31.54 93.89 -59.88
N LEU C 445 -30.62 93.25 -59.15
CA LEU C 445 -29.94 93.98 -58.08
C LEU C 445 -28.92 94.97 -58.62
N ILE C 446 -28.15 94.58 -59.65
CA ILE C 446 -27.29 95.58 -60.27
C ILE C 446 -28.12 96.72 -60.84
N ALA C 447 -29.26 96.40 -61.46
CA ALA C 447 -30.15 97.44 -61.96
C ALA C 447 -30.62 98.35 -60.85
N LYS C 448 -30.91 97.80 -59.66
CA LYS C 448 -31.31 98.65 -58.55
C LYS C 448 -30.16 99.54 -58.10
N GLU C 449 -28.93 99.02 -58.11
CA GLU C 449 -27.78 99.86 -57.77
C GLU C 449 -27.64 101.00 -58.76
N GLU C 450 -27.96 100.77 -60.04
CA GLU C 450 -27.83 101.83 -61.04
C GLU C 450 -28.68 103.05 -60.72
N MET C 451 -29.88 102.85 -60.18
CA MET C 451 -30.68 103.99 -59.73
C MET C 451 -29.95 104.76 -58.64
N ILE C 452 -29.40 104.06 -57.66
CA ILE C 452 -28.72 104.72 -56.55
C ILE C 452 -27.52 105.51 -57.05
N HIS C 453 -26.84 105.00 -58.07
CA HIS C 453 -25.68 105.70 -58.60
C HIS C 453 -26.06 106.87 -59.49
N ASN C 454 -27.12 106.73 -60.28
CA ASN C 454 -27.57 107.78 -61.16
C ASN C 454 -28.68 108.60 -60.49
N LEU C 455 -29.59 109.12 -61.30
CA LEU C 455 -30.69 109.90 -60.77
C LEU C 455 -31.53 109.04 -59.84
N GLN C 456 -31.93 109.62 -58.71
CA GLN C 456 -32.59 108.87 -57.65
C GLN C 456 -33.82 108.12 -58.16
N VAL D 43 39.32 -10.97 -43.36
CA VAL D 43 38.03 -11.55 -43.01
C VAL D 43 36.96 -10.46 -42.95
N GLN D 44 37.08 -9.59 -41.94
CA GLN D 44 36.08 -8.53 -41.75
C GLN D 44 36.40 -7.29 -42.57
N VAL D 45 37.67 -6.91 -42.66
CA VAL D 45 38.06 -5.72 -43.39
C VAL D 45 37.70 -5.82 -44.87
N LYS D 46 37.63 -7.03 -45.42
CA LYS D 46 37.17 -7.17 -46.79
C LYS D 46 35.65 -7.03 -46.89
N GLU D 47 34.92 -7.67 -45.97
CA GLU D 47 33.47 -7.59 -46.00
C GLU D 47 32.97 -6.16 -45.83
N GLN D 48 33.65 -5.37 -44.99
CA GLN D 48 33.39 -3.93 -45.00
C GLN D 48 33.88 -3.28 -46.27
N SER D 49 34.88 -3.87 -46.93
CA SER D 49 35.39 -3.33 -48.18
C SER D 49 34.43 -3.51 -49.34
N ILE D 50 33.52 -4.49 -49.27
CA ILE D 50 32.43 -4.53 -50.24
C ILE D 50 31.56 -3.29 -50.08
N LEU D 51 31.32 -2.88 -48.84
CA LEU D 51 30.59 -1.65 -48.59
C LEU D 51 31.38 -0.44 -49.08
N GLU D 52 32.71 -0.47 -48.91
CA GLU D 52 33.53 0.63 -49.39
C GLU D 52 33.48 0.76 -50.91
N LEU D 53 33.87 -0.31 -51.62
CA LEU D 53 33.91 -0.27 -53.08
C LEU D 53 32.52 -0.04 -53.67
N GLY D 54 31.49 -0.63 -53.06
CA GLY D 54 30.13 -0.28 -53.47
C GLY D 54 29.83 1.19 -53.29
N SER D 55 30.32 1.78 -52.19
CA SER D 55 30.19 3.21 -52.00
C SER D 55 30.94 3.98 -53.09
N LEU D 56 32.06 3.44 -53.58
CA LEU D 56 32.76 4.10 -54.69
C LEU D 56 31.94 4.02 -55.97
N LEU D 57 31.41 2.84 -56.27
CA LEU D 57 30.53 2.66 -57.42
C LEU D 57 29.30 3.55 -57.34
N ALA D 58 28.86 3.90 -56.13
CA ALA D 58 27.71 4.77 -55.95
C ALA D 58 28.08 6.25 -55.95
N LYS D 59 29.31 6.60 -55.60
CA LYS D 59 29.71 8.00 -55.58
C LYS D 59 30.17 8.46 -56.95
N THR D 60 30.99 7.66 -57.63
CA THR D 60 31.48 8.04 -58.95
C THR D 60 30.40 8.00 -60.01
N GLY D 61 29.28 7.31 -59.76
CA GLY D 61 28.12 7.42 -60.61
C GLY D 61 28.01 6.42 -61.74
N GLN D 62 28.07 5.12 -61.41
CA GLN D 62 27.90 4.08 -62.43
C GLN D 62 27.02 2.97 -61.88
N ALA D 63 26.38 2.26 -62.81
CA ALA D 63 25.35 1.28 -62.47
C ALA D 63 25.77 -0.14 -62.75
N ALA D 64 26.26 -0.44 -63.96
CA ALA D 64 26.63 -1.82 -64.28
C ALA D 64 27.82 -2.29 -63.46
N GLU D 65 28.80 -1.40 -63.23
CA GLU D 65 29.98 -1.76 -62.45
C GLU D 65 29.62 -2.23 -61.05
N LEU D 66 28.56 -1.65 -60.47
CA LEU D 66 28.06 -2.15 -59.19
C LEU D 66 27.18 -3.38 -59.39
N GLY D 67 26.42 -3.41 -60.48
CA GLY D 67 25.57 -4.56 -60.77
C GLY D 67 26.35 -5.87 -60.85
N GLY D 68 27.59 -5.81 -61.33
CA GLY D 68 28.46 -6.97 -61.21
C GLY D 68 28.95 -7.22 -59.80
N LEU D 69 29.17 -6.15 -59.02
CA LEU D 69 29.67 -6.31 -57.66
C LEU D 69 28.64 -7.00 -56.78
N LEU D 70 27.34 -6.75 -57.01
CA LEU D 70 26.32 -7.46 -56.26
C LEU D 70 26.40 -8.96 -56.48
N LYS D 71 26.35 -9.39 -57.74
CA LYS D 71 26.38 -10.81 -58.04
C LYS D 71 27.72 -11.45 -57.70
N TYR D 72 28.79 -10.67 -57.62
CA TYR D 72 30.10 -11.24 -57.31
C TYR D 72 30.18 -11.76 -55.88
N VAL D 73 29.35 -11.23 -54.98
CA VAL D 73 29.45 -11.56 -53.57
C VAL D 73 28.23 -12.33 -53.08
N ARG D 74 27.53 -13.00 -53.98
CA ARG D 74 26.33 -13.75 -53.58
C ARG D 74 26.73 -15.00 -52.80
N PRO D 75 27.59 -15.87 -53.34
CA PRO D 75 28.03 -17.03 -52.56
C PRO D 75 28.92 -16.67 -51.39
N PHE D 76 29.66 -15.57 -51.47
CA PHE D 76 30.48 -15.11 -50.37
C PHE D 76 29.64 -14.77 -49.14
N LEU D 77 28.34 -14.51 -49.32
CA LEU D 77 27.46 -14.20 -48.22
C LEU D 77 27.44 -15.30 -47.16
N ASN D 78 27.68 -16.55 -47.58
CA ASN D 78 27.50 -17.71 -46.68
C ASN D 78 28.72 -17.90 -45.78
N SER D 79 29.13 -16.81 -45.12
CA SER D 79 30.23 -16.88 -44.17
C SER D 79 30.05 -16.03 -42.91
N ILE D 80 28.98 -15.25 -42.77
CA ILE D 80 28.86 -14.37 -41.62
C ILE D 80 27.42 -14.32 -41.10
N SER D 81 27.21 -13.49 -40.09
CA SER D 81 25.94 -13.45 -39.37
C SER D 81 24.81 -12.93 -40.26
N LYS D 82 23.59 -13.32 -39.90
CA LYS D 82 22.42 -12.87 -40.65
C LYS D 82 22.16 -11.38 -40.45
N ALA D 83 22.63 -10.81 -39.35
CA ALA D 83 22.49 -9.37 -39.14
C ALA D 83 23.37 -8.59 -40.11
N LYS D 84 24.67 -8.86 -40.09
CA LYS D 84 25.57 -8.22 -41.05
C LYS D 84 25.18 -8.54 -42.48
N ALA D 85 24.65 -9.74 -42.73
CA ALA D 85 24.09 -10.04 -44.03
C ALA D 85 22.92 -9.11 -44.36
N ALA D 86 22.07 -8.83 -43.37
CA ALA D 86 20.96 -7.91 -43.57
C ALA D 86 21.48 -6.54 -43.95
N ARG D 87 22.41 -6.00 -43.16
CA ARG D 87 23.00 -4.70 -43.46
C ARG D 87 23.64 -4.68 -44.85
N LEU D 88 24.32 -5.76 -45.22
CA LEU D 88 24.98 -5.81 -46.52
C LEU D 88 23.97 -5.78 -47.67
N VAL D 89 22.99 -6.69 -47.63
CA VAL D 89 22.03 -6.78 -48.73
C VAL D 89 21.20 -5.51 -48.83
N ARG D 90 20.76 -4.97 -47.70
CA ARG D 90 20.02 -3.71 -47.72
C ARG D 90 20.85 -2.58 -48.30
N SER D 91 22.09 -2.43 -47.81
CA SER D 91 22.94 -1.33 -48.26
C SER D 91 23.23 -1.43 -49.76
N LEU D 92 23.72 -2.58 -50.21
CA LEU D 92 24.03 -2.75 -51.62
C LEU D 92 22.80 -2.58 -52.51
N LEU D 93 21.66 -3.18 -52.11
CA LEU D 93 20.48 -3.09 -52.95
C LEU D 93 19.96 -1.66 -53.05
N ASP D 94 19.98 -0.93 -51.94
CA ASP D 94 19.48 0.44 -51.98
C ASP D 94 20.42 1.36 -52.75
N LEU D 95 21.73 1.25 -52.51
CA LEU D 95 22.69 2.02 -53.30
C LEU D 95 22.64 1.67 -54.78
N PHE D 96 22.24 0.45 -55.12
CA PHE D 96 22.08 0.07 -56.52
C PHE D 96 20.80 0.60 -57.12
N LEU D 97 19.72 0.65 -56.35
CA LEU D 97 18.41 1.04 -56.86
C LEU D 97 18.23 2.55 -56.94
N ASP D 98 18.72 3.29 -55.96
CA ASP D 98 18.41 4.70 -55.85
C ASP D 98 19.05 5.56 -56.94
N MET D 99 20.02 5.04 -57.68
CA MET D 99 20.84 5.85 -58.56
C MET D 99 20.34 5.89 -60.00
N GLU D 100 20.28 4.74 -60.66
CA GLU D 100 20.14 4.69 -62.11
C GLU D 100 18.77 4.15 -62.51
N ALA D 101 18.26 4.70 -63.62
CA ALA D 101 17.04 4.18 -64.25
C ALA D 101 17.41 3.23 -65.38
N ALA D 102 18.18 2.19 -65.03
CA ALA D 102 18.62 1.17 -65.96
C ALA D 102 17.97 -0.15 -65.56
N THR D 103 16.85 -0.48 -66.19
CA THR D 103 16.07 -1.67 -65.85
C THR D 103 16.71 -2.96 -66.33
N GLY D 104 17.91 -2.90 -66.92
CA GLY D 104 18.56 -4.10 -67.39
C GLY D 104 18.99 -5.04 -66.29
N GLN D 105 19.12 -4.54 -65.06
CA GLN D 105 19.58 -5.36 -63.94
C GLN D 105 18.72 -5.26 -62.70
N GLU D 106 18.01 -4.15 -62.48
CA GLU D 106 17.30 -3.97 -61.22
C GLU D 106 16.18 -4.99 -61.07
N VAL D 107 15.35 -5.16 -62.10
CA VAL D 107 14.22 -6.09 -62.02
C VAL D 107 14.69 -7.52 -61.85
N GLU D 108 15.93 -7.83 -62.22
CA GLU D 108 16.45 -9.18 -62.03
C GLU D 108 17.07 -9.36 -60.65
N LEU D 109 18.01 -8.50 -60.27
CA LEU D 109 18.67 -8.63 -58.97
C LEU D 109 17.70 -8.47 -57.80
N CYS D 110 16.69 -7.62 -57.93
CA CYS D 110 15.69 -7.52 -56.88
C CYS D 110 14.98 -8.85 -56.67
N LEU D 111 14.57 -9.50 -57.76
CA LEU D 111 14.01 -10.84 -57.65
C LEU D 111 15.02 -11.83 -57.09
N GLU D 112 16.31 -11.63 -57.37
CA GLU D 112 17.35 -12.43 -56.74
C GLU D 112 17.26 -12.34 -55.22
N CYS D 113 17.34 -11.11 -54.69
CA CYS D 113 17.32 -10.94 -53.24
C CYS D 113 15.98 -11.37 -52.64
N ILE D 114 14.90 -11.27 -53.41
CA ILE D 114 13.60 -11.71 -52.91
C ILE D 114 13.57 -13.22 -52.75
N GLU D 115 13.92 -13.95 -53.81
CA GLU D 115 13.92 -15.40 -53.71
C GLU D 115 14.96 -15.92 -52.72
N TRP D 116 16.11 -15.25 -52.62
CA TRP D 116 17.03 -15.60 -51.54
C TRP D 116 16.43 -15.35 -50.19
N ALA D 117 15.59 -14.31 -50.07
CA ALA D 117 14.80 -14.14 -48.86
C ALA D 117 13.86 -15.32 -48.66
N LYS D 118 13.35 -15.89 -49.75
CA LYS D 118 12.59 -17.13 -49.62
C LYS D 118 13.47 -18.24 -49.04
N SER D 119 14.73 -18.29 -49.46
CA SER D 119 15.60 -19.37 -48.98
C SER D 119 16.07 -19.13 -47.55
N GLU D 120 16.04 -17.88 -47.09
CA GLU D 120 16.52 -17.56 -45.75
C GLU D 120 15.39 -17.47 -44.73
N LYS D 121 14.14 -17.30 -45.19
CA LYS D 121 12.97 -17.25 -44.32
C LYS D 121 13.03 -16.07 -43.35
N ARG D 122 13.01 -14.87 -43.91
CA ARG D 122 12.86 -13.64 -43.15
C ARG D 122 11.61 -12.91 -43.63
N THR D 123 10.76 -12.53 -42.68
CA THR D 123 9.51 -11.85 -43.02
C THR D 123 9.77 -10.44 -43.51
N PHE D 124 10.43 -9.62 -42.68
CA PHE D 124 10.54 -8.20 -42.99
C PHE D 124 11.42 -7.96 -44.21
N LEU D 125 12.41 -8.82 -44.44
CA LEU D 125 13.28 -8.64 -45.60
C LEU D 125 12.50 -8.68 -46.89
N ARG D 126 11.83 -9.81 -47.16
CA ARG D 126 11.01 -9.92 -48.36
C ARG D 126 9.86 -8.92 -48.35
N GLN D 127 9.27 -8.65 -47.19
CA GLN D 127 8.14 -7.74 -47.16
C GLN D 127 8.55 -6.31 -47.48
N ALA D 128 9.80 -5.94 -47.23
CA ALA D 128 10.26 -4.61 -47.64
C ALA D 128 10.72 -4.60 -49.09
N LEU D 129 11.45 -5.64 -49.50
CA LEU D 129 11.93 -5.69 -50.88
C LEU D 129 10.79 -5.82 -51.88
N GLU D 130 9.64 -6.33 -51.45
CA GLU D 130 8.46 -6.32 -52.31
C GLU D 130 7.97 -4.90 -52.54
N ALA D 131 7.80 -4.13 -51.46
CA ALA D 131 7.36 -2.74 -51.58
C ALA D 131 8.33 -1.93 -52.42
N ARG D 132 9.63 -2.20 -52.31
CA ARG D 132 10.57 -1.59 -53.25
C ARG D 132 10.31 -2.09 -54.66
N LEU D 133 9.98 -3.38 -54.80
CA LEU D 133 9.83 -3.97 -56.13
C LEU D 133 8.68 -3.34 -56.90
N VAL D 134 7.52 -3.18 -56.27
CA VAL D 134 6.39 -2.56 -56.96
C VAL D 134 6.70 -1.12 -57.34
N SER D 135 7.44 -0.40 -56.50
CA SER D 135 7.90 0.93 -56.89
C SER D 135 8.82 0.85 -58.09
N LEU D 136 9.55 -0.24 -58.24
CA LEU D 136 10.28 -0.46 -59.48
C LEU D 136 9.35 -0.73 -60.65
N TYR D 137 8.24 -1.43 -60.41
CA TYR D 137 7.30 -1.75 -61.48
C TYR D 137 6.61 -0.50 -62.00
N PHE D 138 6.29 0.45 -61.11
CA PHE D 138 5.65 1.69 -61.55
C PHE D 138 6.56 2.48 -62.49
N ASP D 139 7.88 2.30 -62.38
CA ASP D 139 8.81 3.05 -63.21
C ASP D 139 8.62 2.75 -64.69
N THR D 140 8.11 1.58 -65.04
CA THR D 140 7.84 1.22 -66.42
C THR D 140 6.35 1.25 -66.75
N LYS D 141 5.53 1.75 -65.84
CA LYS D 141 4.08 1.81 -66.01
C LYS D 141 3.51 0.40 -66.25
N ARG D 142 3.81 -0.47 -65.30
CA ARG D 142 3.35 -1.85 -65.34
C ARG D 142 1.87 -1.89 -64.98
N TYR D 143 1.08 -2.54 -65.83
CA TYR D 143 -0.35 -2.33 -65.86
C TYR D 143 -1.12 -3.24 -64.91
N GLN D 144 -0.59 -4.40 -64.57
CA GLN D 144 -1.32 -5.26 -63.63
C GLN D 144 -0.51 -5.66 -62.42
N GLU D 145 0.77 -6.01 -62.59
CA GLU D 145 1.57 -6.38 -61.43
C GLU D 145 1.80 -5.21 -60.51
N ALA D 146 1.74 -3.98 -61.01
CA ALA D 146 1.66 -2.82 -60.14
C ALA D 146 0.32 -2.74 -59.41
N LEU D 147 -0.68 -3.49 -59.87
CA LEU D 147 -1.98 -3.51 -59.23
C LEU D 147 -2.18 -4.74 -58.34
N HIS D 148 -1.28 -5.72 -58.41
CA HIS D 148 -1.38 -6.90 -57.57
C HIS D 148 -0.70 -6.72 -56.22
N LEU D 149 -0.11 -5.56 -55.97
CA LEU D 149 0.48 -5.28 -54.67
C LEU D 149 -0.56 -5.36 -53.56
N GLY D 150 -1.82 -5.03 -53.88
CA GLY D 150 -2.87 -5.14 -52.88
C GLY D 150 -3.21 -6.58 -52.55
N SER D 151 -3.49 -7.38 -53.58
CA SER D 151 -3.87 -8.76 -53.34
C SER D 151 -2.71 -9.61 -52.85
N GLN D 152 -1.48 -9.15 -53.02
CA GLN D 152 -0.31 -9.91 -52.60
C GLN D 152 0.27 -9.41 -51.29
N LEU D 153 0.08 -8.14 -50.95
CA LEU D 153 0.72 -7.53 -49.79
C LEU D 153 -0.26 -6.91 -48.80
N LEU D 154 -1.34 -6.29 -49.28
CA LEU D 154 -2.28 -5.67 -48.36
C LEU D 154 -2.95 -6.69 -47.45
N ARG D 155 -3.06 -7.95 -47.88
CA ARG D 155 -3.57 -8.98 -47.00
C ARG D 155 -2.64 -9.21 -45.81
N GLU D 156 -1.34 -8.93 -45.97
CA GLU D 156 -0.40 -9.13 -44.89
C GLU D 156 -0.23 -7.86 -44.05
N LEU D 157 -0.18 -6.69 -44.70
CA LEU D 157 0.09 -5.44 -44.00
C LEU D 157 -0.98 -5.14 -42.97
N LYS D 158 -2.22 -4.92 -43.41
CA LYS D 158 -3.31 -4.65 -42.48
C LYS D 158 -3.57 -5.82 -41.54
N LYS D 159 -3.24 -7.04 -41.96
CA LYS D 159 -3.32 -8.17 -41.04
C LYS D 159 -2.28 -8.07 -39.94
N MET D 160 -1.19 -7.33 -40.19
CA MET D 160 -0.19 -7.08 -39.17
C MET D 160 -0.52 -5.78 -38.45
N ASP D 161 0.41 -5.29 -37.64
CA ASP D 161 0.19 -4.09 -36.85
C ASP D 161 0.77 -2.82 -37.49
N ASP D 162 1.51 -2.97 -38.59
CA ASP D 162 2.31 -1.90 -39.20
C ASP D 162 1.55 -0.58 -39.39
N LYS D 163 2.21 0.53 -39.08
CA LYS D 163 1.66 1.86 -39.18
C LYS D 163 2.51 2.75 -40.09
N ALA D 164 3.57 2.18 -40.67
CA ALA D 164 4.48 2.94 -41.50
C ALA D 164 4.42 2.51 -42.95
N LEU D 165 4.38 1.19 -43.18
CA LEU D 165 4.41 0.69 -44.55
C LEU D 165 3.04 0.74 -45.19
N LEU D 166 1.97 0.59 -44.42
CA LEU D 166 0.63 0.61 -44.99
C LEU D 166 0.30 1.95 -45.63
N VAL D 167 0.75 3.05 -45.03
CA VAL D 167 0.56 4.35 -45.67
C VAL D 167 1.27 4.39 -47.01
N GLU D 168 2.47 3.82 -47.09
CA GLU D 168 3.24 3.86 -48.34
C GLU D 168 2.55 3.02 -49.41
N VAL D 169 2.12 1.81 -49.05
CA VAL D 169 1.46 0.96 -50.04
C VAL D 169 0.15 1.57 -50.49
N GLN D 170 -0.60 2.19 -49.57
CA GLN D 170 -1.85 2.84 -49.96
C GLN D 170 -1.59 4.02 -50.87
N LEU D 171 -0.52 4.77 -50.62
CA LEU D 171 -0.21 5.92 -51.46
C LEU D 171 0.21 5.48 -52.87
N LEU D 172 1.15 4.53 -52.94
CA LEU D 172 1.56 4.00 -54.24
C LEU D 172 0.38 3.41 -55.00
N GLU D 173 -0.51 2.72 -54.30
CA GLU D 173 -1.73 2.24 -54.93
C GLU D 173 -2.63 3.39 -55.38
N SER D 174 -2.58 4.53 -54.68
CA SER D 174 -3.21 5.73 -55.19
C SER D 174 -2.55 6.23 -56.46
N LYS D 175 -1.27 5.92 -56.65
CA LYS D 175 -0.61 6.25 -57.91
C LYS D 175 -1.08 5.32 -59.03
N THR D 176 -1.09 4.02 -58.77
CA THR D 176 -1.27 3.04 -59.83
C THR D 176 -2.62 3.15 -60.53
N TYR D 177 -3.65 3.68 -59.88
CA TYR D 177 -4.95 3.80 -60.52
C TYR D 177 -5.18 5.15 -61.17
N HIS D 178 -4.63 6.22 -60.60
CA HIS D 178 -4.72 7.52 -61.27
C HIS D 178 -3.86 7.54 -62.54
N ALA D 179 -2.64 7.02 -62.45
CA ALA D 179 -1.81 6.89 -63.64
C ALA D 179 -2.44 5.93 -64.65
N LEU D 180 -3.21 4.96 -64.16
CA LEU D 180 -3.89 4.00 -65.02
C LEU D 180 -5.38 4.33 -65.16
N SER D 181 -5.72 5.61 -65.07
CA SER D 181 -7.05 6.11 -65.42
C SER D 181 -8.14 5.47 -64.57
N ASN D 182 -8.10 5.78 -63.28
CA ASN D 182 -9.15 5.37 -62.35
C ASN D 182 -9.18 6.38 -61.20
N LEU D 183 -10.10 7.34 -61.29
CA LEU D 183 -10.15 8.41 -60.30
C LEU D 183 -10.77 7.97 -58.99
N PRO D 184 -11.99 7.41 -58.95
CA PRO D 184 -12.64 7.16 -57.67
C PRO D 184 -11.90 6.16 -56.79
N LYS D 185 -11.35 5.09 -57.37
CA LYS D 185 -10.60 4.12 -56.56
C LYS D 185 -9.37 4.76 -55.94
N ALA D 186 -8.62 5.53 -56.72
CA ALA D 186 -7.48 6.25 -56.17
C ALA D 186 -7.91 7.26 -55.11
N ARG D 187 -9.11 7.82 -55.26
CA ARG D 187 -9.62 8.75 -54.25
C ARG D 187 -9.89 8.03 -52.94
N ALA D 188 -10.60 6.90 -52.99
CA ALA D 188 -10.91 6.16 -51.77
C ALA D 188 -9.64 5.63 -51.11
N ALA D 189 -8.72 5.06 -51.89
CA ALA D 189 -7.45 4.61 -51.34
C ALA D 189 -6.66 5.77 -50.73
N LEU D 190 -6.66 6.93 -51.39
CA LEU D 190 -5.98 8.09 -50.84
C LEU D 190 -6.58 8.48 -49.50
N THR D 191 -7.91 8.46 -49.38
CA THR D 191 -8.54 8.77 -48.10
C THR D 191 -8.19 7.74 -47.04
N SER D 192 -8.14 6.46 -47.41
CA SER D 192 -7.72 5.42 -46.47
C SER D 192 -6.31 5.69 -45.96
N ALA D 193 -5.40 6.07 -46.85
CA ALA D 193 -4.08 6.52 -46.40
C ALA D 193 -4.17 7.77 -45.53
N ARG D 194 -5.18 8.61 -45.76
CA ARG D 194 -5.35 9.79 -44.92
C ARG D 194 -5.65 9.40 -43.49
N THR D 195 -6.70 8.61 -43.28
CA THR D 195 -7.03 8.15 -41.94
C THR D 195 -5.93 7.27 -41.35
N THR D 196 -5.16 6.58 -42.19
CA THR D 196 -4.05 5.78 -41.69
C THR D 196 -2.90 6.66 -41.23
N ALA D 197 -2.73 7.82 -41.85
CA ALA D 197 -1.64 8.75 -41.53
C ALA D 197 -1.83 9.45 -40.19
N ASN D 198 -2.93 9.17 -39.48
CA ASN D 198 -3.25 9.83 -38.22
C ASN D 198 -2.64 9.10 -37.03
N ALA D 199 -1.59 8.30 -37.23
CA ALA D 199 -1.00 7.56 -36.13
C ALA D 199 0.53 7.53 -36.18
N ILE D 200 1.15 8.31 -37.07
CA ILE D 200 2.61 8.35 -37.20
C ILE D 200 3.11 9.62 -36.51
N TYR D 201 4.03 9.45 -35.57
CA TYR D 201 4.55 10.59 -34.83
C TYR D 201 5.60 11.36 -35.62
N CYS D 202 6.25 10.71 -36.59
CA CYS D 202 7.29 11.35 -37.39
C CYS D 202 7.23 10.86 -38.83
N PRO D 203 6.28 11.37 -39.62
CA PRO D 203 6.39 11.25 -41.08
C PRO D 203 7.06 12.48 -41.66
N PRO D 204 8.38 12.63 -41.50
CA PRO D 204 9.01 13.92 -41.84
C PRO D 204 9.04 14.19 -43.33
N LYS D 205 9.04 13.15 -44.16
CA LYS D 205 9.10 13.31 -45.60
C LYS D 205 7.88 12.67 -46.24
N LEU D 206 7.40 11.58 -45.63
CA LEU D 206 6.16 10.95 -46.09
C LEU D 206 4.96 11.89 -45.96
N GLN D 207 5.05 12.88 -45.07
CA GLN D 207 4.00 13.89 -44.97
C GLN D 207 3.84 14.63 -46.29
N ALA D 208 4.89 15.32 -46.72
CA ALA D 208 4.86 16.02 -48.01
C ALA D 208 4.65 15.06 -49.17
N THR D 209 5.18 13.83 -49.06
CA THR D 209 4.91 12.82 -50.07
C THR D 209 3.42 12.58 -50.23
N LEU D 210 2.69 12.53 -49.12
CA LEU D 210 1.24 12.42 -49.20
C LEU D 210 0.62 13.72 -49.70
N ASP D 211 1.18 14.87 -49.31
CA ASP D 211 0.59 16.15 -49.66
C ASP D 211 0.62 16.43 -51.16
N MET D 212 1.72 16.10 -51.83
CA MET D 212 1.81 16.36 -53.26
C MET D 212 0.70 15.66 -54.03
N GLN D 213 0.56 14.35 -53.86
CA GLN D 213 -0.52 13.63 -54.51
C GLN D 213 -1.86 13.90 -53.84
N SER D 214 -1.87 14.61 -52.72
CA SER D 214 -3.12 15.18 -52.23
C SER D 214 -3.61 16.27 -53.15
N GLY D 215 -2.74 17.25 -53.44
CA GLY D 215 -3.06 18.24 -54.45
C GLY D 215 -3.28 17.65 -55.83
N ILE D 216 -2.62 16.53 -56.14
CA ILE D 216 -2.75 15.93 -57.47
C ILE D 216 -4.18 15.49 -57.71
N ILE D 217 -4.68 14.55 -56.90
CA ILE D 217 -6.02 14.04 -57.11
C ILE D 217 -7.09 15.03 -56.66
N HIS D 218 -6.81 15.86 -55.64
CA HIS D 218 -7.76 16.92 -55.30
C HIS D 218 -7.93 17.90 -56.46
N ALA D 219 -6.88 18.09 -57.26
CA ALA D 219 -6.99 18.86 -58.50
C ALA D 219 -7.37 17.99 -59.69
N ALA D 220 -7.51 16.68 -59.50
CA ALA D 220 -7.79 15.78 -60.61
C ALA D 220 -9.16 16.00 -61.22
N GLU D 221 -10.13 16.47 -60.45
CA GLU D 221 -11.47 16.72 -60.96
C GLU D 221 -11.74 18.19 -61.21
N GLU D 222 -10.81 19.07 -60.84
CA GLU D 222 -10.92 20.50 -61.12
C GLU D 222 -12.17 21.09 -60.48
N LYS D 223 -12.24 20.99 -59.15
CA LYS D 223 -13.33 21.57 -58.38
C LYS D 223 -12.85 22.60 -57.39
N ASP D 224 -11.71 22.35 -56.74
CA ASP D 224 -11.13 23.27 -55.77
C ASP D 224 -9.69 23.52 -56.18
N TRP D 225 -9.47 24.68 -56.80
CA TRP D 225 -8.14 25.09 -57.23
C TRP D 225 -7.45 25.99 -56.22
N LYS D 226 -7.89 25.97 -54.97
CA LYS D 226 -7.23 26.69 -53.90
C LYS D 226 -6.65 25.76 -52.85
N THR D 227 -7.48 24.89 -52.27
CA THR D 227 -6.98 23.99 -51.24
C THR D 227 -5.98 23.00 -51.81
N ALA D 228 -6.22 22.51 -53.03
CA ALA D 228 -5.23 21.68 -53.69
C ALA D 228 -3.92 22.43 -53.85
N TYR D 229 -4.00 23.72 -54.21
CA TYR D 229 -2.82 24.57 -54.20
C TYR D 229 -2.17 24.57 -52.82
N SER D 230 -2.97 24.52 -51.76
CA SER D 230 -2.41 24.41 -50.42
C SER D 230 -1.73 23.06 -50.21
N TYR D 231 -2.22 22.00 -50.85
CA TYR D 231 -1.55 20.71 -50.74
C TYR D 231 -0.19 20.76 -51.43
N PHE D 232 -0.12 21.38 -52.61
CA PHE D 232 1.17 21.51 -53.27
C PHE D 232 2.13 22.37 -52.47
N TYR D 233 1.64 23.50 -51.94
CA TYR D 233 2.49 24.36 -51.11
C TYR D 233 2.99 23.61 -49.88
N GLU D 234 2.10 22.84 -49.24
CA GLU D 234 2.50 22.08 -48.07
C GLU D 234 3.53 21.04 -48.40
N ALA D 235 3.30 20.26 -49.46
CA ALA D 235 4.25 19.23 -49.85
C ALA D 235 5.60 19.82 -50.22
N PHE D 236 5.61 20.95 -50.92
CA PHE D 236 6.89 21.60 -51.22
C PHE D 236 7.59 22.07 -49.96
N GLU D 237 6.83 22.65 -49.03
CA GLU D 237 7.44 23.06 -47.75
C GLU D 237 8.02 21.87 -47.02
N GLY D 238 7.40 20.69 -47.15
CA GLY D 238 7.99 19.50 -46.58
C GLY D 238 9.27 19.09 -47.29
N TYR D 239 9.27 19.18 -48.62
CA TYR D 239 10.47 18.89 -49.40
C TYR D 239 11.53 19.99 -49.29
N ASP D 240 11.26 21.05 -48.54
CA ASP D 240 12.16 22.18 -48.45
C ASP D 240 13.50 21.76 -47.86
N SER D 241 14.56 21.92 -48.65
CA SER D 241 15.94 21.76 -48.18
C SER D 241 16.27 20.33 -47.79
N ILE D 242 15.41 19.37 -48.12
CA ILE D 242 15.68 17.97 -47.84
C ILE D 242 15.55 17.08 -49.06
N ASP D 243 14.91 17.52 -50.13
CA ASP D 243 14.80 16.70 -51.33
C ASP D 243 14.60 17.61 -52.52
N SER D 244 15.67 17.83 -53.28
CA SER D 244 15.69 18.67 -54.47
C SER D 244 14.85 18.09 -55.61
N PRO D 245 15.02 16.81 -55.97
CA PRO D 245 14.20 16.26 -57.06
C PRO D 245 12.70 16.30 -56.77
N LYS D 246 12.28 16.09 -55.53
CA LYS D 246 10.86 16.12 -55.23
C LYS D 246 10.35 17.55 -55.04
N ALA D 247 11.15 18.43 -54.45
CA ALA D 247 10.71 19.81 -54.27
C ALA D 247 10.67 20.58 -55.58
N ILE D 248 11.52 20.21 -56.53
CA ILE D 248 11.62 20.95 -57.78
C ILE D 248 10.34 20.83 -58.61
N THR D 249 9.60 19.73 -58.44
CA THR D 249 8.40 19.51 -59.23
C THR D 249 7.17 20.20 -58.65
N SER D 250 7.20 20.58 -57.38
CA SER D 250 6.02 21.20 -56.77
C SER D 250 5.69 22.54 -57.40
N LEU D 251 6.72 23.31 -57.77
CA LEU D 251 6.48 24.65 -58.32
C LEU D 251 5.64 24.60 -59.59
N LYS D 252 5.89 23.62 -60.46
CA LYS D 252 5.13 23.50 -61.70
C LYS D 252 3.64 23.37 -61.42
N TYR D 253 3.29 22.60 -60.39
CA TYR D 253 1.90 22.38 -60.07
C TYR D 253 1.27 23.52 -59.29
N MET D 254 2.03 24.15 -58.40
CA MET D 254 1.50 25.32 -57.69
C MET D 254 1.22 26.47 -58.65
N LEU D 255 2.18 26.81 -59.50
CA LEU D 255 1.97 27.90 -60.45
C LEU D 255 1.02 27.49 -61.57
N LEU D 256 0.97 26.20 -61.91
CA LEU D 256 -0.04 25.74 -62.85
C LEU D 256 -1.45 25.94 -62.28
N CYS D 257 -1.62 25.67 -60.98
CA CYS D 257 -2.92 25.83 -60.37
C CYS D 257 -3.24 27.30 -60.13
N LYS D 258 -2.23 28.16 -60.00
CA LYS D 258 -2.48 29.58 -59.85
C LYS D 258 -2.86 30.22 -61.18
N ILE D 259 -2.06 29.99 -62.23
CA ILE D 259 -2.40 30.50 -63.55
C ILE D 259 -3.73 29.94 -64.01
N MET D 260 -3.95 28.64 -63.81
CA MET D 260 -5.26 28.06 -64.05
C MET D 260 -6.31 28.66 -63.14
N LEU D 261 -5.90 29.21 -62.00
CA LEU D 261 -6.78 29.96 -61.11
C LEU D 261 -7.01 31.39 -61.59
N ASN D 262 -6.29 31.84 -62.61
CA ASN D 262 -6.48 33.15 -63.22
C ASN D 262 -5.99 34.28 -62.31
N THR D 263 -4.94 34.01 -61.55
CA THR D 263 -4.26 35.00 -60.71
C THR D 263 -2.79 34.98 -61.11
N PRO D 264 -2.44 35.60 -62.23
CA PRO D 264 -1.12 35.37 -62.83
C PRO D 264 0.03 36.07 -62.12
N GLU D 265 -0.19 37.31 -61.69
CA GLU D 265 0.92 38.14 -61.23
C GLU D 265 1.59 37.56 -59.98
N ASP D 266 0.83 36.85 -59.15
CA ASP D 266 1.42 36.20 -57.99
C ASP D 266 2.32 35.04 -58.36
N VAL D 267 2.29 34.58 -59.61
CA VAL D 267 3.27 33.59 -60.06
C VAL D 267 4.65 34.25 -60.15
N GLN D 268 4.74 35.36 -60.89
CA GLN D 268 5.99 36.12 -60.92
C GLN D 268 6.36 36.63 -59.54
N ALA D 269 5.38 36.89 -58.68
CA ALA D 269 5.68 37.26 -57.30
C ALA D 269 6.33 36.10 -56.54
N LEU D 270 5.76 34.90 -56.65
CA LEU D 270 6.31 33.72 -55.96
C LEU D 270 7.72 33.42 -56.45
N VAL D 271 7.91 33.32 -57.77
CA VAL D 271 9.25 33.12 -58.32
C VAL D 271 10.18 34.26 -57.96
N SER D 272 9.65 35.47 -57.75
CA SER D 272 10.45 36.58 -57.26
C SER D 272 10.77 36.46 -55.77
N GLY D 273 10.05 35.60 -55.05
CA GLY D 273 10.41 35.35 -53.67
C GLY D 273 11.78 34.71 -53.55
N LYS D 274 12.42 34.94 -52.40
CA LYS D 274 13.77 34.44 -52.19
C LYS D 274 13.83 32.93 -52.08
N LEU D 275 12.72 32.29 -51.70
CA LEU D 275 12.71 30.83 -51.64
C LEU D 275 12.79 30.23 -53.05
N ALA D 276 12.14 30.88 -54.03
CA ALA D 276 12.18 30.39 -55.39
C ALA D 276 13.57 30.54 -56.02
N LEU D 277 14.33 31.55 -55.61
CA LEU D 277 15.70 31.70 -56.09
C LEU D 277 16.56 30.48 -55.78
N ARG D 278 16.30 29.82 -54.65
CA ARG D 278 16.97 28.56 -54.36
C ARG D 278 16.72 27.53 -55.44
N TYR D 279 15.52 27.51 -56.00
CA TYR D 279 15.10 26.47 -56.93
C TYR D 279 14.70 27.08 -58.28
N ALA D 280 15.43 28.08 -58.74
CA ALA D 280 15.21 28.60 -60.08
C ALA D 280 15.67 27.58 -61.12
N GLY D 281 15.16 27.72 -62.34
CA GLY D 281 15.55 26.81 -63.39
C GLY D 281 14.72 27.00 -64.65
N ARG D 282 14.97 26.12 -65.62
CA ARG D 282 14.28 26.17 -66.91
C ARG D 282 12.78 26.01 -66.76
N GLN D 283 12.33 25.28 -65.73
CA GLN D 283 10.90 25.06 -65.56
C GLN D 283 10.20 26.29 -65.00
N THR D 284 10.76 26.90 -63.95
CA THR D 284 10.19 28.14 -63.45
C THR D 284 10.29 29.25 -64.49
N GLU D 285 11.34 29.24 -65.31
CA GLU D 285 11.41 30.17 -66.42
C GLU D 285 10.32 29.88 -67.44
N ALA D 286 10.03 28.59 -67.67
CA ALA D 286 8.94 28.24 -68.57
C ALA D 286 7.60 28.71 -68.02
N LEU D 287 7.44 28.72 -66.70
CA LEU D 287 6.23 29.26 -66.10
C LEU D 287 6.19 30.77 -66.13
N LYS D 288 7.36 31.42 -66.14
CA LYS D 288 7.40 32.87 -66.23
C LYS D 288 6.79 33.36 -67.55
N CYS D 289 7.28 32.82 -68.67
CA CYS D 289 6.76 33.24 -69.96
C CYS D 289 5.30 32.84 -70.15
N VAL D 290 4.89 31.71 -69.57
CA VAL D 290 3.49 31.29 -69.71
C VAL D 290 2.59 32.23 -68.92
N ALA D 291 2.96 32.56 -67.69
CA ALA D 291 2.19 33.52 -66.92
C ALA D 291 2.17 34.88 -67.58
N GLN D 292 3.26 35.25 -68.25
CA GLN D 292 3.31 36.54 -68.93
C GLN D 292 2.39 36.55 -70.14
N ALA D 293 2.39 35.47 -70.93
CA ALA D 293 1.52 35.40 -72.10
C ALA D 293 0.05 35.36 -71.68
N SER D 294 -0.26 34.59 -70.64
CA SER D 294 -1.60 34.60 -70.10
C SER D 294 -2.00 36.00 -69.61
N LYS D 295 -1.07 36.70 -68.95
CA LYS D 295 -1.35 38.06 -68.49
C LYS D 295 -1.63 38.98 -69.66
N ASN D 296 -0.87 38.86 -70.74
CA ASN D 296 -1.02 39.73 -71.88
C ASN D 296 -2.16 39.31 -72.80
N ARG D 297 -2.74 38.14 -72.58
CA ARG D 297 -3.85 37.66 -73.41
C ARG D 297 -3.42 37.54 -74.87
N SER D 298 -2.44 36.69 -75.11
CA SER D 298 -1.86 36.49 -76.43
C SER D 298 -2.05 35.05 -76.88
N LEU D 299 -2.85 34.88 -77.93
CA LEU D 299 -3.01 33.57 -78.56
C LEU D 299 -1.74 33.11 -79.25
N ALA D 300 -0.84 34.03 -79.56
CA ALA D 300 0.42 33.73 -80.22
C ALA D 300 1.59 33.63 -79.27
N ASP D 301 1.61 34.44 -78.20
CA ASP D 301 2.65 34.30 -77.20
C ASP D 301 2.53 32.96 -76.49
N PHE D 302 1.30 32.58 -76.12
CA PHE D 302 1.08 31.30 -75.46
C PHE D 302 1.48 30.13 -76.37
N GLU D 303 1.09 30.21 -77.64
CA GLU D 303 1.51 29.17 -78.58
C GLU D 303 3.01 29.15 -78.76
N LYS D 304 3.65 30.32 -78.72
CA LYS D 304 5.09 30.38 -78.89
C LYS D 304 5.82 29.73 -77.72
N ALA D 305 5.43 30.08 -76.48
CA ALA D 305 6.05 29.43 -75.33
C ALA D 305 5.74 27.94 -75.29
N LEU D 306 4.51 27.56 -75.66
CA LEU D 306 4.14 26.15 -75.69
C LEU D 306 5.01 25.37 -76.66
N THR D 307 5.28 25.94 -77.85
CA THR D 307 6.12 25.27 -78.82
C THR D 307 7.58 25.25 -78.36
N ASP D 308 8.05 26.36 -77.79
CA ASP D 308 9.46 26.47 -77.43
C ASP D 308 9.82 25.53 -76.28
N TYR D 309 9.04 25.56 -75.21
CA TYR D 309 9.32 24.75 -74.02
C TYR D 309 8.44 23.51 -73.97
N ARG D 310 8.17 22.92 -75.14
CA ARG D 310 7.27 21.79 -75.21
C ARG D 310 7.80 20.60 -74.41
N ALA D 311 9.07 20.25 -74.60
CA ALA D 311 9.66 19.15 -73.83
C ALA D 311 9.62 19.44 -72.33
N GLU D 312 9.92 20.68 -71.94
CA GLU D 312 9.73 21.09 -70.55
C GLU D 312 8.25 21.18 -70.19
N LEU D 313 7.37 21.30 -71.19
CA LEU D 313 5.94 21.42 -70.96
C LEU D 313 5.23 20.08 -70.92
N ARG D 314 5.83 19.03 -71.48
CA ARG D 314 5.19 17.72 -71.54
C ARG D 314 5.05 17.07 -70.17
N ASP D 315 5.74 17.58 -69.15
CA ASP D 315 5.87 16.89 -67.88
C ASP D 315 4.55 16.77 -67.10
N ASP D 316 3.50 17.50 -67.48
CA ASP D 316 2.24 17.35 -66.79
C ASP D 316 1.67 15.95 -67.02
N PRO D 317 1.21 15.28 -65.95
CA PRO D 317 0.58 13.97 -66.15
C PRO D 317 -0.65 14.03 -67.04
N ILE D 318 -1.35 15.16 -67.03
CA ILE D 318 -2.48 15.40 -67.92
C ILE D 318 -2.22 16.75 -68.59
N ILE D 319 -1.57 16.71 -69.75
CA ILE D 319 -1.37 17.94 -70.52
C ILE D 319 -2.53 18.20 -71.47
N SER D 320 -3.43 17.23 -71.65
CA SER D 320 -4.54 17.41 -72.58
C SER D 320 -5.56 18.39 -72.01
N THR D 321 -6.17 18.04 -70.88
CA THR D 321 -7.17 18.92 -70.28
C THR D 321 -6.55 20.21 -69.76
N HIS D 322 -5.37 20.11 -69.14
CA HIS D 322 -4.76 21.28 -68.53
C HIS D 322 -4.35 22.31 -69.57
N LEU D 323 -4.03 21.88 -70.79
CA LEU D 323 -3.66 22.82 -71.83
C LEU D 323 -4.86 23.25 -72.65
N ALA D 324 -5.79 22.32 -72.91
CA ALA D 324 -6.97 22.64 -73.70
C ALA D 324 -7.88 23.62 -72.96
N LYS D 325 -8.10 23.40 -71.66
CA LYS D 325 -8.97 24.29 -70.90
C LYS D 325 -8.37 25.68 -70.79
N LEU D 326 -7.10 25.78 -70.41
CA LEU D 326 -6.45 27.09 -70.34
C LEU D 326 -6.44 27.77 -71.71
N TYR D 327 -6.28 26.99 -72.77
CA TYR D 327 -6.32 27.54 -74.12
C TYR D 327 -7.68 28.15 -74.43
N ASP D 328 -8.73 27.35 -74.29
CA ASP D 328 -10.09 27.81 -74.52
C ASP D 328 -10.47 28.98 -73.60
N ASN D 329 -9.82 29.11 -72.45
CA ASN D 329 -9.86 30.37 -71.73
C ASN D 329 -9.19 31.46 -72.54
N LEU D 330 -8.00 31.17 -73.08
CA LEU D 330 -7.22 32.16 -73.82
C LEU D 330 -7.97 32.68 -75.04
N LEU D 331 -8.93 31.93 -75.58
CA LEU D 331 -9.69 32.41 -76.73
C LEU D 331 -10.41 33.72 -76.40
N GLU D 332 -11.38 33.66 -75.48
CA GLU D 332 -12.08 34.88 -75.09
C GLU D 332 -11.20 35.81 -74.29
N GLN D 333 -10.14 35.32 -73.67
CA GLN D 333 -9.14 36.24 -73.12
C GLN D 333 -8.59 37.13 -74.21
N ASN D 334 -8.33 36.57 -75.39
CA ASN D 334 -7.97 37.38 -76.54
C ASN D 334 -9.13 38.26 -76.98
N LEU D 335 -10.33 37.68 -77.02
CA LEU D 335 -11.47 38.36 -77.62
C LEU D 335 -11.90 39.59 -76.81
N ILE D 336 -11.68 39.57 -75.50
CA ILE D 336 -12.11 40.70 -74.67
C ILE D 336 -11.31 41.95 -75.00
N ARG D 337 -10.05 41.80 -75.40
CA ARG D 337 -9.27 42.95 -75.84
C ARG D 337 -9.48 43.22 -77.31
N VAL D 338 -9.38 42.17 -78.14
CA VAL D 338 -9.42 42.34 -79.60
C VAL D 338 -10.82 42.62 -80.11
N ILE D 339 -11.82 42.68 -79.23
CA ILE D 339 -13.16 43.06 -79.62
C ILE D 339 -13.60 44.36 -78.97
N GLU D 340 -13.01 44.71 -77.84
CA GLU D 340 -13.35 45.92 -77.07
C GLU D 340 -13.41 47.21 -77.87
N PRO D 341 -12.38 47.60 -78.63
CA PRO D 341 -12.33 48.99 -79.12
C PRO D 341 -13.30 49.34 -80.25
N PHE D 342 -14.21 48.44 -80.62
CA PHE D 342 -15.09 48.72 -81.76
C PHE D 342 -16.47 48.16 -81.47
N SER D 343 -17.47 48.65 -82.21
CA SER D 343 -18.84 48.16 -82.07
C SER D 343 -19.30 47.46 -83.34
N ARG D 344 -19.25 48.11 -84.49
CA ARG D 344 -19.84 47.56 -85.72
C ARG D 344 -18.73 47.15 -86.69
N VAL D 345 -18.37 45.86 -86.62
CA VAL D 345 -17.19 45.36 -87.31
C VAL D 345 -17.61 44.38 -88.39
N GLN D 346 -16.76 44.28 -89.41
CA GLN D 346 -16.81 43.20 -90.38
C GLN D 346 -15.86 42.10 -89.95
N ILE D 347 -16.32 40.85 -90.02
CA ILE D 347 -15.70 39.76 -89.27
C ILE D 347 -14.39 39.27 -89.85
N GLU D 348 -14.15 39.49 -91.15
CA GLU D 348 -12.89 39.05 -91.73
C GLU D 348 -11.68 39.73 -91.08
N HIS D 349 -11.80 41.01 -90.75
CA HIS D 349 -10.69 41.70 -90.10
C HIS D 349 -10.41 41.12 -88.72
N ILE D 350 -11.44 40.90 -87.92
CA ILE D 350 -11.22 40.30 -86.61
C ILE D 350 -10.68 38.88 -86.74
N SER D 351 -11.07 38.16 -87.80
CA SER D 351 -10.43 36.89 -88.08
C SER D 351 -8.96 37.08 -88.39
N SER D 352 -8.60 38.23 -88.97
CA SER D 352 -7.20 38.54 -89.22
C SER D 352 -6.44 38.80 -87.93
N LEU D 353 -6.95 39.72 -87.11
CA LEU D 353 -6.33 40.04 -85.83
C LEU D 353 -6.20 38.82 -84.94
N ILE D 354 -7.24 37.98 -84.86
CA ILE D 354 -7.12 36.71 -84.16
C ILE D 354 -6.21 35.74 -84.87
N LYS D 355 -5.99 35.92 -86.17
CA LYS D 355 -5.15 35.03 -86.97
C LYS D 355 -5.70 33.60 -86.93
N LEU D 356 -6.91 33.47 -87.47
CA LEU D 356 -7.62 32.21 -87.43
C LEU D 356 -8.82 32.29 -88.37
N SER D 357 -9.35 31.12 -88.71
CA SER D 357 -10.56 31.05 -89.52
C SER D 357 -11.71 31.77 -88.82
N LYS D 358 -12.72 32.14 -89.60
CA LYS D 358 -13.83 32.93 -89.10
C LYS D 358 -15.06 32.11 -88.76
N ALA D 359 -15.14 30.86 -89.21
CA ALA D 359 -16.29 30.03 -88.87
C ALA D 359 -16.30 29.71 -87.38
N ASP D 360 -15.22 29.11 -86.88
CA ASP D 360 -15.08 28.87 -85.45
C ASP D 360 -15.11 30.14 -84.63
N VAL D 361 -14.74 31.28 -85.22
CA VAL D 361 -14.93 32.55 -84.55
C VAL D 361 -16.41 32.87 -84.42
N GLU D 362 -17.18 32.58 -85.48
CA GLU D 362 -18.62 32.79 -85.42
C GLU D 362 -19.28 31.93 -84.37
N ARG D 363 -18.91 30.65 -84.33
CA ARG D 363 -19.45 29.76 -83.30
C ARG D 363 -18.97 30.14 -81.91
N LYS D 364 -17.74 30.64 -81.79
CA LYS D 364 -17.21 31.00 -80.49
C LYS D 364 -17.89 32.23 -79.94
N LEU D 365 -17.87 33.34 -80.68
CA LEU D 365 -18.55 34.55 -80.24
C LEU D 365 -20.04 34.33 -80.07
N SER D 366 -20.66 33.58 -80.99
CA SER D 366 -22.05 33.18 -80.80
C SER D 366 -22.23 32.48 -79.47
N GLN D 367 -21.28 31.61 -79.10
CA GLN D 367 -21.27 31.07 -77.76
C GLN D 367 -21.16 32.17 -76.70
N MET D 368 -20.43 33.25 -77.02
CA MET D 368 -20.28 34.33 -76.05
C MET D 368 -21.62 35.01 -75.77
N ILE D 369 -22.28 35.51 -76.81
CA ILE D 369 -23.56 36.18 -76.61
C ILE D 369 -24.59 35.21 -76.07
N LEU D 370 -24.56 33.96 -76.54
CA LEU D 370 -25.45 32.94 -75.99
C LEU D 370 -25.17 32.66 -74.53
N ASP D 371 -23.96 32.97 -74.05
CA ASP D 371 -23.59 32.74 -72.67
C ASP D 371 -23.49 34.03 -71.86
N LYS D 372 -23.95 35.15 -72.42
CA LYS D 372 -24.00 36.42 -71.71
C LYS D 372 -22.62 36.94 -71.36
N LYS D 373 -21.59 36.46 -72.05
CA LYS D 373 -20.25 36.98 -71.89
C LYS D 373 -20.01 38.24 -72.71
N PHE D 374 -21.03 38.77 -73.36
CA PHE D 374 -20.81 39.76 -74.40
C PHE D 374 -22.14 40.36 -74.82
N HIS D 375 -22.14 41.67 -75.07
CA HIS D 375 -23.33 42.40 -75.49
C HIS D 375 -23.14 42.80 -76.95
N GLY D 376 -23.52 41.90 -77.86
CA GLY D 376 -23.35 42.15 -79.26
C GLY D 376 -24.49 41.56 -80.07
N ILE D 377 -24.26 41.47 -81.37
CA ILE D 377 -25.25 40.93 -82.30
C ILE D 377 -24.54 40.62 -83.61
N LEU D 378 -24.89 39.48 -84.20
CA LEU D 378 -24.25 39.01 -85.41
C LEU D 378 -25.21 39.11 -86.58
N ASP D 379 -24.65 39.29 -87.77
CA ASP D 379 -25.43 39.47 -88.99
C ASP D 379 -24.93 38.49 -90.04
N GLN D 380 -25.76 37.47 -90.32
CA GLN D 380 -25.38 36.48 -91.32
C GLN D 380 -25.28 37.08 -92.70
N GLY D 381 -26.28 37.86 -93.10
CA GLY D 381 -26.24 38.55 -94.38
C GLY D 381 -25.27 39.70 -94.47
N GLU D 382 -24.58 40.03 -93.37
CA GLU D 382 -23.63 41.13 -93.35
C GLU D 382 -22.23 40.73 -92.97
N GLY D 383 -22.02 39.60 -92.31
CA GLY D 383 -20.71 39.29 -91.76
C GLY D 383 -20.25 40.34 -90.78
N VAL D 384 -21.18 40.89 -89.99
CA VAL D 384 -20.93 42.05 -89.17
C VAL D 384 -21.33 41.74 -87.74
N LEU D 385 -20.49 42.15 -86.79
CA LEU D 385 -20.82 42.13 -85.37
C LEU D 385 -21.02 43.57 -84.90
N ILE D 386 -22.01 43.78 -84.03
CA ILE D 386 -22.36 45.11 -83.56
C ILE D 386 -22.63 45.04 -82.06
N ILE D 387 -22.02 45.96 -81.31
CA ILE D 387 -22.13 45.98 -79.86
C ILE D 387 -23.03 47.13 -79.46
N PHE D 388 -23.76 46.94 -78.36
CA PHE D 388 -24.64 47.96 -77.79
C PHE D 388 -24.38 48.06 -76.30
N ASP D 389 -25.21 48.87 -75.64
CA ASP D 389 -25.12 49.07 -74.20
C ASP D 389 -26.35 48.48 -73.51
N GLU D 390 -26.20 48.13 -72.23
CA GLU D 390 -27.24 47.39 -71.53
C GLU D 390 -28.02 48.31 -70.58
N PRO D 391 -29.23 48.71 -70.96
CA PRO D 391 -30.06 49.52 -70.08
C PRO D 391 -30.86 48.66 -69.11
N PRO D 392 -30.55 48.73 -67.83
CA PRO D 392 -31.40 48.04 -66.84
C PRO D 392 -32.49 48.94 -66.28
N VAL D 393 -33.55 49.21 -67.04
CA VAL D 393 -34.55 50.19 -66.58
C VAL D 393 -35.92 49.53 -66.51
N ASP D 394 -35.95 48.25 -66.11
CA ASP D 394 -37.19 47.49 -65.99
C ASP D 394 -37.63 47.33 -64.54
N LYS D 395 -36.96 48.01 -63.61
CA LYS D 395 -37.15 47.72 -62.20
C LYS D 395 -38.51 48.15 -61.69
N THR D 396 -38.97 49.36 -62.04
CA THR D 396 -40.25 49.84 -61.52
C THR D 396 -41.40 48.99 -62.02
N TYR D 397 -41.46 48.74 -63.33
CA TYR D 397 -42.48 47.86 -63.86
C TYR D 397 -42.37 46.46 -63.27
N GLU D 398 -41.15 46.03 -62.96
CA GLU D 398 -40.97 44.75 -62.28
C GLU D 398 -41.67 44.74 -60.94
N ALA D 399 -41.37 45.73 -60.09
CA ALA D 399 -41.91 45.79 -58.74
C ALA D 399 -43.38 46.15 -58.71
N ALA D 400 -43.95 46.66 -59.81
CA ALA D 400 -45.34 47.06 -59.81
C ALA D 400 -46.27 45.86 -59.85
N LEU D 401 -45.94 44.86 -60.67
CA LEU D 401 -46.84 43.75 -60.91
C LEU D 401 -47.06 42.88 -59.69
N GLU D 402 -46.01 42.63 -58.90
CA GLU D 402 -46.17 41.75 -57.74
C GLU D 402 -47.11 42.35 -56.71
N THR D 403 -47.10 43.68 -56.58
CA THR D 403 -48.12 44.34 -55.77
C THR D 403 -49.52 43.99 -56.27
N ILE D 404 -49.70 43.91 -57.58
CA ILE D 404 -50.96 43.39 -58.12
C ILE D 404 -51.17 41.96 -57.67
N GLN D 405 -50.10 41.16 -57.64
CA GLN D 405 -50.21 39.78 -57.18
C GLN D 405 -50.76 39.70 -55.76
N ASN D 406 -50.36 40.63 -54.90
CA ASN D 406 -50.94 40.67 -53.57
C ASN D 406 -52.36 41.21 -53.60
N MET D 407 -52.61 42.26 -54.38
CA MET D 407 -53.94 42.86 -54.43
C MET D 407 -55.00 41.88 -54.90
N SER D 408 -54.64 40.94 -55.78
CA SER D 408 -55.60 39.91 -56.14
C SER D 408 -56.01 39.08 -54.93
N LYS D 409 -55.06 38.55 -54.19
CA LYS D 409 -55.39 37.68 -53.07
C LYS D 409 -56.06 38.44 -51.94
N VAL D 410 -55.72 39.71 -51.73
CA VAL D 410 -56.42 40.48 -50.70
C VAL D 410 -57.86 40.75 -51.13
N VAL D 411 -58.10 40.99 -52.41
CA VAL D 411 -59.47 41.10 -52.90
C VAL D 411 -60.19 39.77 -52.74
N ASP D 412 -59.45 38.66 -52.78
CA ASP D 412 -60.03 37.40 -52.38
C ASP D 412 -60.43 37.43 -50.91
N SER D 413 -59.55 37.98 -50.06
CA SER D 413 -59.82 38.04 -48.64
C SER D 413 -61.08 38.86 -48.33
N LEU D 414 -61.30 39.95 -49.04
CA LEU D 414 -62.59 40.60 -48.97
C LEU D 414 -63.69 39.79 -49.64
N TYR D 415 -63.32 38.95 -50.61
CA TYR D 415 -64.32 38.22 -51.37
C TYR D 415 -65.03 37.18 -50.51
N ASN D 416 -64.27 36.27 -49.91
CA ASN D 416 -64.89 35.31 -48.99
C ASN D 416 -65.41 35.97 -47.73
N LYS D 417 -64.98 37.21 -47.45
CA LYS D 417 -65.60 37.98 -46.37
C LYS D 417 -67.04 38.34 -46.70
N ALA D 418 -67.25 39.05 -47.82
CA ALA D 418 -68.60 39.40 -48.23
C ALA D 418 -69.45 38.18 -48.55
N LYS D 419 -68.83 37.12 -49.08
CA LYS D 419 -69.56 35.89 -49.33
C LYS D 419 -69.99 35.23 -48.02
N LYS D 420 -69.07 35.12 -47.07
CA LYS D 420 -69.41 34.57 -45.76
C LYS D 420 -70.52 35.37 -45.09
N LEU D 421 -70.50 36.69 -45.27
CA LEU D 421 -71.57 37.54 -44.78
C LEU D 421 -71.55 38.84 -45.58
N THR D 422 -72.72 39.23 -46.08
CA THR D 422 -72.89 40.45 -46.86
C THR D 422 -72.28 41.67 -46.18
N PRO E 12 -41.56 -9.54 -54.75
CA PRO E 12 -42.95 -9.87 -55.06
C PRO E 12 -43.69 -8.72 -55.74
N LYS E 13 -44.37 -7.93 -54.91
CA LYS E 13 -44.98 -6.69 -55.38
C LYS E 13 -43.93 -5.70 -55.86
N ASN E 14 -42.66 -5.93 -55.53
CA ASN E 14 -41.52 -5.11 -55.90
C ASN E 14 -41.21 -5.38 -57.36
N PRO E 15 -41.18 -6.64 -57.81
CA PRO E 15 -41.07 -6.85 -59.24
C PRO E 15 -42.45 -6.86 -59.89
N ASP E 16 -43.48 -6.51 -59.09
CA ASP E 16 -44.85 -6.45 -59.61
C ASP E 16 -45.06 -5.32 -60.61
N LEU E 17 -44.09 -4.39 -60.70
CA LEU E 17 -44.08 -3.33 -61.72
C LEU E 17 -44.36 -3.84 -63.12
N ARG E 18 -43.52 -4.75 -63.61
CA ARG E 18 -43.35 -4.96 -65.04
C ARG E 18 -44.64 -5.48 -65.68
N ILE E 19 -45.47 -6.17 -64.90
CA ILE E 19 -46.70 -6.72 -65.44
C ILE E 19 -47.64 -5.61 -65.86
N ALA E 20 -47.84 -4.62 -64.99
CA ALA E 20 -48.71 -3.49 -65.32
C ALA E 20 -48.15 -2.67 -66.47
N GLN E 21 -46.82 -2.67 -66.64
CA GLN E 21 -46.20 -1.86 -67.68
C GLN E 21 -46.31 -2.53 -69.05
N LEU E 22 -46.03 -3.83 -69.12
CA LEU E 22 -46.14 -4.53 -70.40
C LEU E 22 -47.60 -4.76 -70.79
N ARG E 23 -48.48 -4.98 -69.82
CA ARG E 23 -49.91 -4.99 -70.13
C ARG E 23 -50.39 -3.60 -70.53
N PHE E 24 -49.82 -2.57 -69.92
CA PHE E 24 -50.13 -1.20 -70.31
C PHE E 24 -49.44 -0.81 -71.62
N LEU E 25 -48.62 -1.71 -72.17
CA LEU E 25 -47.91 -1.49 -73.42
C LEU E 25 -48.37 -2.38 -74.55
N LEU E 26 -49.12 -3.44 -74.25
CA LEU E 26 -49.34 -4.52 -75.23
C LEU E 26 -50.46 -4.17 -76.21
N SER E 27 -51.69 -4.08 -75.72
CA SER E 27 -52.86 -4.15 -76.59
C SER E 27 -53.04 -2.89 -77.40
N LEU E 28 -52.62 -1.75 -76.88
CA LEU E 28 -52.77 -0.47 -77.55
C LEU E 28 -52.07 -0.47 -78.91
N PRO E 29 -50.79 -0.88 -78.98
CA PRO E 29 -50.18 -1.08 -80.30
C PRO E 29 -50.73 -2.35 -80.94
N GLU E 30 -51.63 -2.18 -81.91
CA GLU E 30 -52.26 -3.33 -82.54
C GLU E 30 -51.32 -4.02 -83.51
N HIS E 31 -50.75 -3.27 -84.44
CA HIS E 31 -49.73 -3.81 -85.32
C HIS E 31 -48.52 -4.30 -84.54
N ARG E 32 -48.26 -3.71 -83.37
CA ARG E 32 -47.06 -4.01 -82.58
C ARG E 32 -47.49 -4.64 -81.27
N GLY E 33 -47.67 -5.97 -81.29
CA GLY E 33 -47.99 -6.69 -80.06
C GLY E 33 -47.38 -8.08 -80.01
N ASP E 34 -46.51 -8.39 -80.96
CA ASP E 34 -46.00 -9.76 -81.10
C ASP E 34 -45.09 -10.15 -79.94
N ALA E 35 -44.07 -9.33 -79.68
CA ALA E 35 -43.25 -9.55 -78.50
C ALA E 35 -44.04 -9.34 -77.21
N ALA E 36 -44.97 -8.37 -77.22
CA ALA E 36 -45.78 -8.09 -76.03
C ALA E 36 -46.58 -9.31 -75.60
N VAL E 37 -47.02 -10.13 -76.56
CA VAL E 37 -47.63 -11.40 -76.19
C VAL E 37 -46.58 -12.47 -75.94
N ARG E 38 -45.47 -12.44 -76.68
CA ARG E 38 -44.42 -13.44 -76.49
C ARG E 38 -43.88 -13.49 -75.07
N ASP E 39 -43.81 -12.35 -74.39
CA ASP E 39 -43.48 -12.32 -72.99
C ASP E 39 -44.70 -12.08 -72.10
N GLU E 40 -45.78 -11.54 -72.66
CA GLU E 40 -47.01 -11.39 -71.88
C GLU E 40 -47.54 -12.74 -71.44
N LEU E 41 -47.33 -13.78 -72.25
CA LEU E 41 -47.60 -15.13 -71.75
C LEU E 41 -46.73 -15.45 -70.55
N MET E 42 -45.49 -14.96 -70.53
CA MET E 42 -44.63 -15.16 -69.38
C MET E 42 -45.17 -14.42 -68.17
N ALA E 43 -45.88 -13.31 -68.39
CA ALA E 43 -46.59 -12.61 -67.34
C ALA E 43 -48.00 -13.13 -67.12
N ALA E 44 -48.41 -14.17 -67.84
CA ALA E 44 -49.78 -14.64 -67.83
C ALA E 44 -50.00 -15.75 -66.82
N VAL E 45 -49.33 -16.89 -67.00
CA VAL E 45 -49.40 -17.96 -66.03
C VAL E 45 -48.22 -17.90 -65.06
N ARG E 46 -47.02 -17.58 -65.53
CA ARG E 46 -45.84 -17.51 -64.70
C ARG E 46 -45.98 -16.35 -63.71
N ASP E 47 -45.24 -16.47 -62.60
CA ASP E 47 -45.34 -15.57 -61.44
C ASP E 47 -46.66 -15.76 -60.70
N ASN E 48 -47.42 -16.81 -61.04
CA ASN E 48 -48.74 -17.07 -60.46
C ASN E 48 -49.72 -15.94 -60.78
N ASN E 49 -49.41 -15.12 -61.79
CA ASN E 49 -50.18 -13.93 -62.08
C ASN E 49 -51.61 -14.30 -62.41
N MET E 50 -52.56 -13.76 -61.65
CA MET E 50 -53.96 -14.12 -61.75
C MET E 50 -54.85 -12.93 -62.10
N ALA E 51 -54.73 -11.84 -61.35
CA ALA E 51 -55.76 -10.80 -61.34
C ALA E 51 -55.95 -10.13 -62.70
N PRO E 52 -54.95 -9.43 -63.23
CA PRO E 52 -55.21 -8.45 -64.30
C PRO E 52 -55.72 -9.02 -65.61
N TYR E 53 -55.27 -10.20 -66.06
CA TYR E 53 -55.58 -10.65 -67.42
C TYR E 53 -57.03 -11.08 -67.61
N TYR E 54 -57.71 -11.54 -66.56
CA TYR E 54 -59.10 -11.92 -66.74
C TYR E 54 -59.95 -10.72 -67.15
N GLU E 55 -59.63 -9.53 -66.67
CA GLU E 55 -60.27 -8.31 -67.15
C GLU E 55 -59.80 -7.95 -68.56
N ALA E 56 -58.71 -8.53 -69.03
CA ALA E 56 -58.28 -8.41 -70.42
C ALA E 56 -58.91 -9.47 -71.31
N LEU E 57 -59.96 -10.14 -70.84
CA LEU E 57 -60.62 -11.18 -71.62
C LEU E 57 -61.21 -10.62 -72.91
N CYS E 58 -61.88 -9.47 -72.84
CA CYS E 58 -62.39 -8.78 -74.01
C CYS E 58 -61.40 -7.76 -74.55
N LYS E 59 -60.28 -7.56 -73.86
CA LYS E 59 -59.27 -6.62 -74.31
C LYS E 59 -58.21 -7.27 -75.20
N SER E 60 -58.06 -8.59 -75.12
CA SER E 60 -57.16 -9.32 -75.98
C SER E 60 -57.98 -10.08 -77.03
N LEU E 61 -57.30 -10.57 -78.07
CA LEU E 61 -57.96 -11.28 -79.14
C LEU E 61 -57.58 -12.74 -78.99
N ASP E 62 -56.31 -13.08 -78.79
CA ASP E 62 -55.93 -14.48 -78.63
C ASP E 62 -55.41 -14.71 -77.21
N TRP E 63 -55.66 -15.90 -76.69
CA TRP E 63 -55.25 -16.24 -75.33
C TRP E 63 -55.21 -17.75 -75.20
N GLN E 64 -54.01 -18.31 -75.03
CA GLN E 64 -53.87 -19.74 -74.73
C GLN E 64 -54.59 -20.05 -73.44
N ILE E 65 -55.12 -21.27 -73.30
CA ILE E 65 -55.97 -21.61 -72.16
C ILE E 65 -55.22 -21.42 -70.85
N ASP E 66 -55.68 -20.46 -70.06
CA ASP E 66 -55.13 -20.14 -68.75
C ASP E 66 -56.23 -20.07 -67.69
N VAL E 67 -57.48 -20.28 -68.09
CA VAL E 67 -58.60 -20.28 -67.14
C VAL E 67 -58.43 -21.41 -66.14
N ASP E 68 -58.39 -22.65 -66.63
CA ASP E 68 -58.26 -23.81 -65.76
C ASP E 68 -56.85 -23.93 -65.18
N LEU E 69 -55.84 -23.62 -65.98
CA LEU E 69 -54.46 -23.78 -65.53
C LEU E 69 -54.12 -22.81 -64.40
N LEU E 70 -54.83 -21.68 -64.31
CA LEU E 70 -54.47 -20.66 -63.35
C LEU E 70 -55.50 -20.42 -62.26
N ASN E 71 -56.80 -20.59 -62.55
CA ASN E 71 -57.83 -20.42 -61.53
C ASN E 71 -57.63 -21.36 -60.36
N LYS E 72 -57.19 -22.60 -60.62
CA LYS E 72 -56.80 -23.48 -59.53
C LYS E 72 -55.63 -22.91 -58.75
N MET E 73 -54.78 -22.10 -59.40
CA MET E 73 -53.60 -21.55 -58.74
C MET E 73 -53.96 -20.37 -57.84
N LYS E 74 -54.83 -19.48 -58.30
CA LYS E 74 -55.34 -18.44 -57.41
C LYS E 74 -56.21 -19.02 -56.32
N LYS E 75 -56.90 -20.13 -56.59
CA LYS E 75 -57.77 -20.75 -55.60
C LYS E 75 -56.98 -21.45 -54.51
N ALA E 76 -55.87 -22.09 -54.88
CA ALA E 76 -55.06 -22.78 -53.89
C ALA E 76 -54.41 -21.80 -52.91
N ASN E 77 -53.75 -20.76 -53.41
CA ASN E 77 -53.12 -19.79 -52.54
C ASN E 77 -54.15 -18.94 -51.82
N GLU E 78 -55.26 -18.61 -52.49
CA GLU E 78 -56.37 -17.94 -51.81
C GLU E 78 -56.84 -18.74 -50.62
N ASP E 79 -56.96 -20.06 -50.78
CA ASP E 79 -57.20 -20.93 -49.65
C ASP E 79 -56.02 -20.92 -48.67
N GLU E 80 -54.83 -20.58 -49.15
CA GLU E 80 -53.64 -20.55 -48.29
C GLU E 80 -53.60 -19.29 -47.44
N LEU E 81 -54.39 -18.29 -47.78
CA LEU E 81 -54.35 -17.02 -47.06
C LEU E 81 -55.63 -16.70 -46.31
N LYS E 82 -56.77 -16.97 -46.91
CA LYS E 82 -58.05 -16.62 -46.31
C LYS E 82 -58.35 -17.38 -45.04
N ARG E 83 -57.70 -18.53 -44.80
CA ARG E 83 -57.99 -19.31 -43.60
C ARG E 83 -57.48 -18.61 -42.35
N LEU E 84 -56.41 -17.83 -42.47
CA LEU E 84 -55.93 -17.10 -41.31
C LEU E 84 -56.30 -15.62 -41.38
N ASP E 85 -56.50 -15.09 -42.59
CA ASP E 85 -56.71 -13.65 -42.75
C ASP E 85 -58.07 -13.21 -42.19
N GLU E 86 -58.94 -14.16 -41.84
CA GLU E 86 -60.30 -13.83 -41.46
C GLU E 86 -60.72 -14.37 -40.09
N GLU E 87 -59.93 -15.25 -39.47
CA GLU E 87 -60.35 -15.87 -38.21
C GLU E 87 -59.21 -16.05 -37.21
N LEU E 88 -58.06 -15.44 -37.49
CA LEU E 88 -56.72 -15.89 -37.08
C LEU E 88 -56.65 -16.58 -35.73
N GLU E 89 -57.11 -15.90 -34.67
CA GLU E 89 -57.12 -16.39 -33.28
C GLU E 89 -55.84 -17.17 -32.93
N ASP E 90 -54.70 -16.60 -33.30
CA ASP E 90 -53.43 -17.27 -33.07
C ASP E 90 -52.82 -16.94 -31.72
N ALA E 91 -52.89 -15.69 -31.30
CA ALA E 91 -52.27 -15.26 -30.05
C ALA E 91 -53.30 -14.67 -29.09
N GLU E 92 -54.50 -15.26 -29.07
CA GLU E 92 -55.52 -14.87 -28.11
C GLU E 92 -55.95 -16.06 -27.27
N LYS E 93 -55.03 -16.97 -26.98
CA LYS E 93 -55.35 -18.15 -26.18
C LYS E 93 -55.05 -17.99 -24.70
N ASN E 94 -54.00 -17.25 -24.31
CA ASN E 94 -53.75 -17.05 -22.89
C ASN E 94 -54.35 -15.75 -22.37
N LEU E 95 -53.79 -14.62 -22.79
CA LEU E 95 -54.19 -13.30 -22.29
C LEU E 95 -53.64 -12.24 -23.25
N GLY E 96 -53.67 -10.99 -22.82
CA GLY E 96 -53.07 -9.92 -23.57
C GLY E 96 -54.10 -8.97 -24.13
N GLU E 97 -53.64 -8.14 -25.07
CA GLU E 97 -54.53 -7.27 -25.81
C GLU E 97 -55.54 -8.08 -26.60
N SER E 98 -56.59 -7.41 -27.08
CA SER E 98 -57.73 -8.09 -27.69
C SER E 98 -57.48 -8.47 -29.15
N GLU E 99 -56.27 -8.26 -29.65
CA GLU E 99 -55.95 -8.61 -31.03
C GLU E 99 -54.48 -9.00 -31.13
N ILE E 100 -54.06 -9.31 -32.35
CA ILE E 100 -52.65 -9.55 -32.66
C ILE E 100 -52.43 -9.20 -34.13
N ARG E 101 -51.34 -8.49 -34.39
CA ARG E 101 -51.07 -7.91 -35.70
C ARG E 101 -50.36 -8.93 -36.57
N ASP E 102 -51.13 -9.87 -37.10
CA ASP E 102 -50.58 -10.88 -37.98
C ASP E 102 -51.48 -11.19 -39.17
N ALA E 103 -52.59 -10.47 -39.36
CA ALA E 103 -53.63 -10.90 -40.28
C ALA E 103 -53.48 -10.31 -41.68
N MET E 104 -53.62 -9.00 -41.81
CA MET E 104 -53.67 -8.38 -43.12
C MET E 104 -52.39 -7.67 -43.51
N MET E 105 -51.59 -7.25 -42.52
CA MET E 105 -50.24 -6.81 -42.79
C MET E 105 -49.41 -7.91 -43.46
N ALA E 106 -49.71 -9.17 -43.18
CA ALA E 106 -48.99 -10.28 -43.78
C ALA E 106 -49.78 -11.00 -44.86
N LYS E 107 -51.03 -10.59 -45.12
CA LYS E 107 -51.88 -11.33 -46.05
C LYS E 107 -52.74 -10.45 -46.95
N ALA E 108 -52.43 -9.15 -47.07
CA ALA E 108 -53.07 -8.33 -48.07
C ALA E 108 -52.24 -8.24 -49.35
N GLU E 109 -50.94 -8.50 -49.25
CA GLU E 109 -50.07 -8.49 -50.42
C GLU E 109 -50.52 -9.50 -51.46
N TYR E 110 -50.88 -10.71 -51.04
CA TYR E 110 -51.52 -11.64 -51.97
C TYR E 110 -52.88 -11.12 -52.40
N LEU E 111 -53.56 -10.37 -51.53
CA LEU E 111 -54.85 -9.76 -51.85
C LEU E 111 -54.74 -8.68 -52.91
N CYS E 112 -53.53 -8.26 -53.27
CA CYS E 112 -53.29 -7.40 -54.42
C CYS E 112 -52.64 -8.13 -55.59
N ARG E 113 -51.59 -8.90 -55.31
CA ARG E 113 -50.87 -9.62 -56.36
C ARG E 113 -51.80 -10.57 -57.11
N ILE E 114 -52.64 -11.29 -56.38
CA ILE E 114 -53.60 -12.20 -56.98
C ILE E 114 -55.03 -11.79 -56.64
N GLY E 115 -55.28 -11.38 -55.41
CA GLY E 115 -56.49 -10.65 -55.12
C GLY E 115 -56.57 -9.40 -55.99
N ASP E 116 -57.77 -9.12 -56.47
CA ASP E 116 -57.95 -8.01 -57.40
C ASP E 116 -57.78 -6.70 -56.65
N LYS E 117 -57.97 -5.58 -57.36
CA LYS E 117 -57.82 -4.28 -56.74
C LYS E 117 -58.82 -4.06 -55.61
N GLU E 118 -59.93 -4.79 -55.62
CA GLU E 118 -60.94 -4.63 -54.58
C GLU E 118 -60.50 -5.30 -53.29
N GLY E 119 -60.25 -6.61 -53.34
CA GLY E 119 -59.72 -7.31 -52.17
C GLY E 119 -58.38 -6.79 -51.71
N ALA E 120 -57.62 -6.18 -52.61
CA ALA E 120 -56.40 -5.50 -52.20
C ALA E 120 -56.70 -4.19 -51.48
N LEU E 121 -57.63 -3.39 -52.03
CA LEU E 121 -57.89 -2.07 -51.46
C LEU E 121 -58.52 -2.18 -50.08
N THR E 122 -59.51 -3.06 -49.92
CA THR E 122 -60.20 -3.19 -48.65
C THR E 122 -59.27 -3.66 -47.53
N ALA E 123 -58.27 -4.48 -47.85
CA ALA E 123 -57.32 -4.92 -46.84
C ALA E 123 -56.20 -3.91 -46.61
N PHE E 124 -55.80 -3.21 -47.66
CA PHE E 124 -54.76 -2.20 -47.52
C PHE E 124 -55.25 -1.04 -46.65
N ARG E 125 -56.47 -0.56 -46.90
CA ARG E 125 -57.03 0.45 -46.02
C ARG E 125 -57.29 -0.09 -44.63
N LYS E 126 -57.75 -1.34 -44.53
CA LYS E 126 -58.09 -1.92 -43.23
C LYS E 126 -56.87 -2.08 -42.35
N THR E 127 -55.72 -2.39 -42.95
CA THR E 127 -54.47 -2.44 -42.21
C THR E 127 -53.86 -1.06 -42.02
N TYR E 128 -54.10 -0.16 -42.98
CA TYR E 128 -53.69 1.23 -42.83
C TYR E 128 -54.31 1.85 -41.58
N ASP E 129 -55.57 1.51 -41.30
CA ASP E 129 -56.23 1.94 -40.06
C ASP E 129 -55.94 1.02 -38.89
N LYS E 130 -55.68 -0.27 -39.17
CA LYS E 130 -55.32 -1.21 -38.12
C LYS E 130 -54.05 -0.79 -37.41
N THR E 131 -52.94 -0.74 -38.15
CA THR E 131 -51.66 -0.25 -37.63
C THR E 131 -51.62 1.26 -37.84
N VAL E 132 -51.54 1.99 -36.73
CA VAL E 132 -51.61 3.45 -36.74
C VAL E 132 -50.23 4.04 -37.02
N ALA E 133 -49.27 3.19 -37.37
CA ALA E 133 -47.87 3.60 -37.50
C ALA E 133 -47.58 4.02 -38.94
N LEU E 134 -46.81 5.09 -39.08
CA LEU E 134 -46.32 5.54 -40.38
C LEU E 134 -45.43 4.49 -41.02
N GLY E 135 -44.84 3.59 -40.22
CA GLY E 135 -44.11 2.47 -40.76
C GLY E 135 -44.93 1.60 -41.69
N HIS E 136 -46.13 1.18 -41.27
CA HIS E 136 -47.01 0.42 -42.15
C HIS E 136 -47.68 1.33 -43.17
N ARG E 137 -48.01 2.56 -42.76
CA ARG E 137 -48.60 3.52 -43.68
C ARG E 137 -47.68 3.84 -44.86
N LEU E 138 -46.38 3.58 -44.72
CA LEU E 138 -45.43 3.56 -45.81
C LEU E 138 -45.79 2.55 -46.89
N ASP E 139 -45.68 1.27 -46.52
CA ASP E 139 -45.78 0.21 -47.51
C ASP E 139 -47.20 0.05 -48.02
N ILE E 140 -48.21 0.26 -47.18
CA ILE E 140 -49.57 0.11 -47.65
C ILE E 140 -49.90 1.16 -48.70
N VAL E 141 -49.73 2.44 -48.36
CA VAL E 141 -50.06 3.52 -49.28
C VAL E 141 -49.21 3.43 -50.55
N PHE E 142 -47.94 3.04 -50.42
CA PHE E 142 -47.14 2.92 -51.63
C PHE E 142 -47.55 1.71 -52.47
N TYR E 143 -48.12 0.67 -51.86
CA TYR E 143 -48.75 -0.37 -52.65
C TYR E 143 -49.99 0.16 -53.37
N LEU E 144 -50.76 1.04 -52.70
CA LEU E 144 -51.87 1.71 -53.37
C LEU E 144 -51.38 2.53 -54.56
N LEU E 145 -50.20 3.11 -54.47
CA LEU E 145 -49.69 3.89 -55.59
C LEU E 145 -49.17 3.01 -56.72
N ARG E 146 -48.38 1.98 -56.40
CA ARG E 146 -47.87 1.11 -57.44
C ARG E 146 -48.99 0.32 -58.11
N ILE E 147 -50.10 0.08 -57.37
CA ILE E 147 -51.27 -0.50 -58.00
C ILE E 147 -52.02 0.54 -58.80
N GLY E 148 -52.00 1.80 -58.35
CA GLY E 148 -52.45 2.89 -59.19
C GLY E 148 -51.76 2.93 -60.53
N LEU E 149 -50.50 2.50 -60.58
CA LEU E 149 -49.87 2.20 -61.85
C LEU E 149 -50.26 0.82 -62.39
N PHE E 150 -50.68 -0.11 -61.53
CA PHE E 150 -50.97 -1.46 -61.98
C PHE E 150 -52.17 -1.48 -62.90
N TYR E 151 -53.34 -1.11 -62.38
CA TYR E 151 -54.53 -1.10 -63.21
C TYR E 151 -54.73 0.23 -63.92
N MET E 152 -53.68 1.05 -63.99
CA MET E 152 -53.67 2.39 -64.59
C MET E 152 -54.87 3.22 -64.14
N ASP E 153 -55.33 3.01 -62.91
CA ASP E 153 -56.42 3.80 -62.33
C ASP E 153 -55.79 5.06 -61.74
N ASN E 154 -55.37 5.94 -62.64
CA ASN E 154 -54.53 7.08 -62.30
C ASN E 154 -55.33 8.29 -61.90
N ASP E 155 -56.51 8.10 -61.33
CA ASP E 155 -57.30 9.18 -60.74
C ASP E 155 -57.55 8.99 -59.26
N LEU E 156 -57.92 7.78 -58.84
CA LEU E 156 -58.10 7.53 -57.42
C LEU E 156 -56.77 7.54 -56.68
N ILE E 157 -55.72 6.98 -57.28
CA ILE E 157 -54.38 7.03 -56.69
C ILE E 157 -53.73 8.40 -56.85
N THR E 158 -54.40 9.35 -57.48
CA THR E 158 -54.02 10.74 -57.35
C THR E 158 -54.43 11.31 -56.01
N ARG E 159 -55.33 10.61 -55.30
CA ARG E 159 -55.85 11.10 -54.03
C ARG E 159 -54.95 10.70 -52.87
N ASN E 160 -54.67 9.39 -52.74
CA ASN E 160 -53.82 8.90 -51.66
C ASN E 160 -52.42 9.48 -51.67
N THR E 161 -51.98 10.07 -52.79
CA THR E 161 -50.68 10.73 -52.83
C THR E 161 -50.69 12.01 -52.02
N GLU E 162 -51.55 12.95 -52.39
CA GLU E 162 -51.69 14.18 -51.60
C GLU E 162 -52.15 13.87 -50.19
N LYS E 163 -53.01 12.87 -50.03
CA LYS E 163 -53.37 12.39 -48.71
C LYS E 163 -52.15 11.91 -47.94
N ALA E 164 -51.14 11.38 -48.62
CA ALA E 164 -49.85 11.13 -48.00
C ALA E 164 -49.11 12.43 -47.69
N LYS E 165 -49.26 13.44 -48.54
CA LYS E 165 -48.53 14.69 -48.35
C LYS E 165 -49.00 15.45 -47.13
N SER E 166 -50.31 15.41 -46.86
CA SER E 166 -50.86 16.14 -45.73
C SER E 166 -50.26 15.67 -44.41
N LEU E 167 -50.57 14.45 -44.00
CA LEU E 167 -50.15 13.93 -42.71
C LEU E 167 -49.02 12.93 -42.82
N ILE E 168 -49.09 12.05 -43.82
CA ILE E 168 -48.09 11.02 -44.03
C ILE E 168 -46.69 11.60 -44.16
N GLU E 169 -46.55 12.69 -44.89
CA GLU E 169 -45.25 13.23 -45.23
C GLU E 169 -44.85 14.26 -44.19
N GLU E 170 -43.66 14.12 -43.63
CA GLU E 170 -43.15 15.11 -42.71
C GLU E 170 -41.66 15.42 -42.87
N GLY E 171 -40.99 14.94 -43.92
CA GLY E 171 -39.62 15.33 -44.16
C GLY E 171 -38.65 14.19 -44.44
N GLY E 172 -39.15 12.96 -44.48
CA GLY E 172 -38.27 11.82 -44.65
C GLY E 172 -38.56 10.71 -43.67
N ASP E 173 -37.63 10.49 -42.75
CA ASP E 173 -37.83 9.55 -41.64
C ASP E 173 -37.79 8.11 -42.12
N TRP E 174 -36.95 7.85 -43.12
CA TRP E 174 -36.73 6.50 -43.68
C TRP E 174 -38.00 6.00 -44.37
N ASP E 175 -38.93 6.93 -44.59
CA ASP E 175 -40.28 6.56 -44.91
C ASP E 175 -40.76 7.41 -46.08
N ARG E 176 -40.21 8.62 -46.20
CA ARG E 176 -40.40 9.45 -47.39
C ARG E 176 -39.13 10.14 -47.88
N ARG E 177 -38.01 9.99 -47.17
CA ARG E 177 -36.72 10.49 -47.67
C ARG E 177 -36.02 9.41 -48.50
N ASN E 178 -35.88 8.22 -47.92
CA ASN E 178 -35.34 7.07 -48.64
C ASN E 178 -36.23 6.75 -49.83
N ARG E 179 -37.52 7.09 -49.74
CA ARG E 179 -38.42 6.79 -50.84
C ARG E 179 -38.98 8.06 -51.46
N LEU E 180 -38.35 9.18 -51.15
CA LEU E 180 -38.80 10.44 -51.72
C LEU E 180 -38.71 10.33 -53.23
N LYS E 181 -38.13 9.23 -53.69
CA LYS E 181 -38.21 8.85 -55.10
C LYS E 181 -39.36 7.85 -55.22
N VAL E 182 -40.41 8.11 -54.45
CA VAL E 182 -41.74 7.57 -54.71
C VAL E 182 -42.50 8.71 -55.36
N TYR E 183 -41.78 9.76 -55.76
CA TYR E 183 -42.39 11.04 -56.07
C TYR E 183 -41.83 11.68 -57.33
N GLN E 184 -41.13 10.91 -58.18
CA GLN E 184 -40.78 11.42 -59.49
C GLN E 184 -41.25 10.45 -60.57
N GLY E 185 -41.15 9.16 -60.30
CA GLY E 185 -41.55 8.13 -61.23
C GLY E 185 -42.83 7.42 -60.82
N LEU E 186 -42.98 7.16 -59.51
CA LEU E 186 -44.18 6.49 -59.01
C LEU E 186 -45.43 7.30 -59.29
N TYR E 187 -45.55 8.50 -58.71
CA TYR E 187 -46.70 9.37 -58.94
C TYR E 187 -46.25 10.73 -59.44
N CYS E 188 -46.15 10.86 -60.76
CA CYS E 188 -45.91 12.11 -61.45
C CYS E 188 -46.57 12.07 -62.81
N VAL E 189 -46.11 12.89 -63.74
CA VAL E 189 -46.78 13.00 -65.04
C VAL E 189 -46.71 11.69 -65.81
N ALA E 190 -47.83 10.99 -65.88
CA ALA E 190 -48.05 10.01 -66.94
C ALA E 190 -48.62 10.80 -68.11
N ILE E 191 -49.78 11.41 -67.91
CA ILE E 191 -50.28 12.51 -68.75
C ILE E 191 -50.70 13.68 -67.86
N ARG E 192 -49.73 14.52 -67.50
CA ARG E 192 -50.00 15.85 -66.96
C ARG E 192 -49.30 16.89 -67.81
N ASP E 193 -47.99 16.73 -67.98
CA ASP E 193 -47.18 17.57 -68.87
C ASP E 193 -47.28 19.04 -68.47
N PHE E 194 -46.79 19.37 -67.28
CA PHE E 194 -46.87 20.71 -66.70
C PHE E 194 -45.59 20.93 -65.88
N LYS E 195 -45.57 21.89 -64.94
CA LYS E 195 -44.30 22.25 -64.30
C LYS E 195 -43.87 21.24 -63.24
N GLN E 196 -43.82 19.96 -63.63
CA GLN E 196 -43.23 18.92 -62.80
C GLN E 196 -42.19 18.23 -63.66
N ALA E 197 -42.04 18.73 -64.88
CA ALA E 197 -41.08 18.21 -65.82
C ALA E 197 -39.67 18.75 -65.59
N ALA E 198 -39.50 20.06 -65.60
CA ALA E 198 -38.18 20.65 -65.40
C ALA E 198 -37.78 20.77 -63.94
N GLU E 199 -38.73 21.02 -63.05
CA GLU E 199 -38.42 21.25 -61.65
C GLU E 199 -38.57 19.98 -60.82
N LEU E 200 -39.70 19.29 -60.98
CA LEU E 200 -39.96 18.11 -60.17
C LEU E 200 -39.05 16.96 -60.55
N PHE E 201 -38.48 17.00 -61.76
CA PHE E 201 -37.73 15.87 -62.30
C PHE E 201 -36.25 16.23 -62.39
N LEU E 202 -35.79 16.99 -61.41
CA LEU E 202 -34.41 17.43 -61.45
C LEU E 202 -33.59 16.67 -60.42
N ASP E 203 -34.02 16.72 -59.17
CA ASP E 203 -33.25 16.12 -58.07
C ASP E 203 -33.36 14.60 -58.15
N THR E 204 -32.67 14.04 -59.14
CA THR E 204 -32.39 12.61 -59.24
C THR E 204 -31.26 12.26 -58.29
N VAL E 205 -31.47 12.49 -57.01
CA VAL E 205 -30.41 12.54 -56.01
C VAL E 205 -29.73 11.19 -55.89
N SER E 206 -30.50 10.15 -55.60
CA SER E 206 -29.94 8.83 -55.41
C SER E 206 -29.46 8.26 -56.74
N THR E 207 -28.44 7.41 -56.66
CA THR E 207 -28.03 6.66 -57.84
C THR E 207 -29.19 5.84 -58.38
N PHE E 208 -29.98 5.26 -57.49
CA PHE E 208 -31.28 4.69 -57.83
C PHE E 208 -32.01 4.36 -56.53
N THR E 209 -33.25 4.80 -56.44
CA THR E 209 -34.08 4.52 -55.26
C THR E 209 -34.91 3.27 -55.49
N SER E 210 -35.01 2.43 -54.46
CA SER E 210 -35.62 1.10 -54.64
C SER E 210 -37.03 0.79 -54.14
N TYR E 211 -37.84 0.40 -55.12
CA TYR E 211 -39.24 -0.01 -55.02
C TYR E 211 -39.69 -0.26 -56.45
N GLU E 212 -39.29 0.67 -57.30
CA GLU E 212 -39.64 0.78 -58.72
C GLU E 212 -38.95 1.87 -59.51
N LEU E 213 -38.32 2.88 -58.89
CA LEU E 213 -37.70 3.89 -59.73
C LEU E 213 -36.24 3.59 -60.04
N MET E 214 -35.96 3.34 -61.32
CA MET E 214 -34.65 2.91 -61.80
C MET E 214 -33.90 4.09 -62.40
N ASP E 215 -33.29 4.90 -61.53
CA ASP E 215 -32.36 5.92 -62.00
C ASP E 215 -31.21 5.30 -62.77
N TYR E 216 -30.50 4.38 -62.13
CA TYR E 216 -29.27 3.82 -62.64
C TYR E 216 -29.46 3.13 -63.99
N LYS E 217 -30.69 2.79 -64.35
CA LYS E 217 -30.92 2.24 -65.68
C LYS E 217 -31.73 3.14 -66.58
N THR E 218 -32.94 3.54 -66.20
CA THR E 218 -33.80 4.29 -67.12
C THR E 218 -34.57 5.45 -66.51
N PHE E 219 -34.54 5.67 -65.20
CA PHE E 219 -35.09 6.93 -64.73
C PHE E 219 -34.26 8.09 -65.25
N VAL E 220 -32.95 7.90 -65.37
CA VAL E 220 -32.08 8.88 -65.99
C VAL E 220 -32.55 9.18 -67.41
N THR E 221 -33.11 8.18 -68.11
CA THR E 221 -33.73 8.46 -69.39
C THR E 221 -34.91 9.39 -69.24
N TYR E 222 -35.70 9.23 -68.17
CA TYR E 222 -36.77 10.18 -67.89
C TYR E 222 -36.20 11.59 -67.71
N THR E 223 -35.32 11.75 -66.73
CA THR E 223 -34.79 13.04 -66.34
C THR E 223 -33.81 13.60 -67.36
N VAL E 224 -33.52 12.89 -68.44
CA VAL E 224 -32.68 13.42 -69.51
C VAL E 224 -33.61 13.82 -70.64
N TYR E 225 -34.69 13.06 -70.82
CA TYR E 225 -35.74 13.45 -71.75
C TYR E 225 -36.54 14.63 -71.23
N VAL E 226 -36.34 14.99 -69.97
CA VAL E 226 -37.10 16.07 -69.33
C VAL E 226 -36.19 17.16 -68.79
N SER E 227 -34.88 16.93 -68.75
CA SER E 227 -33.96 17.93 -68.20
C SER E 227 -33.92 19.18 -69.07
N MET E 228 -33.96 19.01 -70.37
CA MET E 228 -33.67 20.08 -71.32
C MET E 228 -34.88 20.94 -71.63
N ILE E 229 -35.86 21.00 -70.74
CA ILE E 229 -37.06 21.77 -70.92
C ILE E 229 -37.10 23.00 -70.00
N ALA E 230 -36.34 22.97 -68.92
CA ALA E 230 -36.35 24.03 -67.92
C ALA E 230 -35.92 25.38 -68.50
N LEU E 231 -34.67 25.48 -68.94
CA LEU E 231 -34.01 26.72 -69.30
C LEU E 231 -33.28 26.54 -70.64
N GLU E 232 -32.86 27.66 -71.24
CA GLU E 232 -32.09 27.61 -72.48
C GLU E 232 -30.60 27.74 -72.23
N ARG E 233 -30.16 28.89 -71.73
CA ARG E 233 -28.78 29.02 -71.25
C ARG E 233 -28.64 29.93 -70.03
N PRO E 234 -29.44 29.77 -68.96
CA PRO E 234 -28.96 30.17 -67.62
C PRO E 234 -28.30 29.01 -66.90
N ASP E 235 -27.36 28.37 -67.58
CA ASP E 235 -26.52 27.31 -67.04
C ASP E 235 -27.34 26.07 -66.65
N LEU E 236 -28.03 25.54 -67.65
CA LEU E 236 -28.51 24.16 -67.56
C LEU E 236 -27.37 23.18 -67.79
N ARG E 237 -26.30 23.66 -68.42
CA ARG E 237 -25.11 22.86 -68.69
C ARG E 237 -24.36 22.47 -67.43
N GLU E 238 -24.63 23.12 -66.30
CA GLU E 238 -24.00 22.71 -65.07
C GLU E 238 -24.63 21.44 -64.50
N LYS E 239 -25.92 21.26 -64.69
CA LYS E 239 -26.63 20.12 -64.14
C LYS E 239 -26.86 19.04 -65.17
N VAL E 240 -26.58 19.34 -66.44
CA VAL E 240 -26.70 18.32 -67.48
C VAL E 240 -25.31 17.96 -67.98
N ILE E 241 -24.40 18.93 -67.93
CA ILE E 241 -23.07 18.78 -68.48
C ILE E 241 -22.02 18.68 -67.38
N LYS E 242 -22.09 19.55 -66.38
CA LYS E 242 -21.21 19.46 -65.24
C LYS E 242 -21.66 18.44 -64.21
N GLY E 243 -22.84 17.83 -64.41
CA GLY E 243 -23.30 16.81 -63.50
C GLY E 243 -22.48 15.54 -63.61
N ALA E 244 -22.08 15.03 -62.44
CA ALA E 244 -21.23 13.85 -62.36
C ALA E 244 -21.99 12.54 -62.52
N GLU E 245 -22.98 12.30 -61.66
CA GLU E 245 -23.78 11.08 -61.77
C GLU E 245 -24.50 11.03 -63.10
N ILE E 246 -24.96 12.18 -63.61
CA ILE E 246 -25.46 12.23 -64.98
C ILE E 246 -24.34 12.07 -65.99
N LEU E 247 -23.12 12.46 -65.62
CA LEU E 247 -21.99 12.30 -66.53
C LEU E 247 -21.67 10.83 -66.74
N GLU E 248 -21.87 10.01 -65.73
CA GLU E 248 -21.63 8.57 -65.87
C GLU E 248 -22.71 7.91 -66.70
N VAL E 249 -23.98 8.23 -66.45
CA VAL E 249 -25.06 7.65 -67.23
C VAL E 249 -24.99 8.09 -68.69
N LEU E 250 -24.65 9.35 -68.94
CA LEU E 250 -24.39 9.76 -70.32
C LEU E 250 -23.15 9.05 -70.87
N HIS E 251 -22.19 8.74 -69.99
CA HIS E 251 -21.05 7.93 -70.41
C HIS E 251 -21.48 6.54 -70.82
N SER E 252 -22.59 6.04 -70.28
CA SER E 252 -23.07 4.71 -70.62
C SER E 252 -23.92 4.75 -71.89
N LEU E 253 -24.82 5.73 -72.00
CA LEU E 253 -25.72 5.82 -73.14
C LEU E 253 -25.23 6.88 -74.10
N PRO E 254 -24.80 6.52 -75.30
CA PRO E 254 -24.37 7.52 -76.28
C PRO E 254 -25.54 8.30 -76.86
N ALA E 255 -26.65 7.60 -77.12
CA ALA E 255 -27.85 8.26 -77.63
C ALA E 255 -28.33 9.34 -76.66
N VAL E 256 -28.32 9.05 -75.37
CA VAL E 256 -28.54 10.08 -74.38
C VAL E 256 -27.41 11.10 -74.42
N ARG E 257 -26.16 10.62 -74.50
CA ARG E 257 -25.01 11.52 -74.45
C ARG E 257 -24.93 12.36 -75.71
N GLN E 258 -25.08 11.74 -76.88
CA GLN E 258 -25.03 12.50 -78.13
C GLN E 258 -26.20 13.47 -78.24
N TYR E 259 -27.40 13.04 -77.82
CA TYR E 259 -28.56 13.91 -77.91
C TYR E 259 -28.40 15.15 -77.05
N LEU E 260 -27.83 15.02 -75.86
CA LEU E 260 -27.51 16.20 -75.06
C LEU E 260 -26.37 16.98 -75.70
N PHE E 261 -25.21 16.36 -75.86
CA PHE E 261 -24.04 17.02 -76.43
C PHE E 261 -24.29 17.55 -77.82
N SER E 262 -25.21 16.96 -78.58
CA SER E 262 -25.74 17.65 -79.74
C SER E 262 -26.27 19.02 -79.34
N LEU E 263 -27.25 19.03 -78.42
CA LEU E 263 -28.01 20.23 -78.11
C LEU E 263 -27.12 21.37 -77.65
N TYR E 264 -26.32 21.14 -76.62
CA TYR E 264 -25.48 22.22 -76.11
C TYR E 264 -24.42 22.62 -77.12
N GLU E 265 -23.80 21.66 -77.77
CA GLU E 265 -22.69 21.95 -78.66
C GLU E 265 -23.13 22.29 -80.08
N CYS E 266 -24.09 23.22 -80.21
CA CYS E 266 -24.48 23.85 -81.47
C CYS E 266 -24.63 22.85 -82.62
N ARG E 267 -25.11 21.66 -82.30
CA ARG E 267 -25.19 20.57 -83.28
C ARG E 267 -26.48 20.67 -84.09
N TYR E 268 -26.68 21.86 -84.67
CA TYR E 268 -27.92 22.23 -85.32
C TYR E 268 -28.35 21.26 -86.40
N SER E 269 -27.39 20.66 -87.12
CA SER E 269 -27.75 19.74 -88.19
C SER E 269 -28.16 18.37 -87.67
N VAL E 270 -27.66 17.98 -86.50
CA VAL E 270 -27.93 16.65 -85.96
C VAL E 270 -29.00 16.69 -84.87
N PHE E 271 -29.51 17.88 -84.54
CA PHE E 271 -30.66 18.00 -83.65
C PHE E 271 -31.82 17.14 -84.15
N PHE E 272 -32.03 17.11 -85.47
CA PHE E 272 -33.09 16.28 -86.02
C PHE E 272 -32.72 14.82 -85.98
N GLN E 273 -31.43 14.50 -85.96
CA GLN E 273 -31.02 13.11 -85.94
C GLN E 273 -31.25 12.51 -84.56
N SER E 274 -30.58 13.05 -83.56
CA SER E 274 -30.80 12.59 -82.19
C SER E 274 -32.24 12.81 -81.73
N LEU E 275 -32.81 13.97 -82.05
CA LEU E 275 -34.21 14.25 -81.78
C LEU E 275 -35.12 13.21 -82.41
N ALA E 276 -34.86 12.85 -83.67
CA ALA E 276 -35.61 11.78 -84.32
C ALA E 276 -35.42 10.46 -83.60
N VAL E 277 -34.23 10.23 -83.03
CA VAL E 277 -34.01 9.02 -82.26
C VAL E 277 -34.93 8.98 -81.04
N VAL E 278 -34.91 10.03 -80.23
CA VAL E 278 -35.68 9.99 -78.99
C VAL E 278 -37.18 10.00 -79.30
N GLU E 279 -37.58 10.66 -80.40
CA GLU E 279 -38.97 10.58 -80.80
C GLU E 279 -39.33 9.18 -81.26
N GLN E 280 -38.37 8.47 -81.85
CA GLN E 280 -38.55 7.04 -82.05
C GLN E 280 -38.78 6.34 -80.72
N GLU E 281 -38.10 6.80 -79.67
CA GLU E 281 -38.37 6.26 -78.34
C GLU E 281 -39.80 6.54 -77.90
N MET E 282 -40.28 7.78 -78.08
CA MET E 282 -41.65 8.13 -77.73
C MET E 282 -42.68 7.36 -78.53
N LYS E 283 -42.33 6.95 -79.74
CA LYS E 283 -43.18 6.06 -80.52
C LYS E 283 -43.48 4.77 -79.78
N LYS E 284 -42.45 4.12 -79.26
CA LYS E 284 -42.58 2.87 -78.52
C LYS E 284 -42.53 3.21 -77.04
N ASP E 285 -43.70 3.53 -76.49
CA ASP E 285 -43.76 3.90 -75.08
C ASP E 285 -45.08 3.46 -74.45
N TRP E 286 -45.20 3.61 -73.14
CA TRP E 286 -46.45 3.45 -72.42
C TRP E 286 -47.31 4.70 -72.43
N LEU E 287 -46.70 5.89 -72.53
CA LEU E 287 -47.42 7.15 -72.55
C LEU E 287 -47.89 7.45 -73.97
N PHE E 288 -49.10 7.00 -74.28
CA PHE E 288 -49.67 7.20 -75.60
C PHE E 288 -50.27 8.59 -75.82
N ALA E 289 -51.25 8.95 -74.99
CA ALA E 289 -51.91 10.25 -75.14
C ALA E 289 -50.86 11.34 -75.00
N PRO E 290 -50.05 11.33 -73.93
CA PRO E 290 -48.84 12.19 -73.94
C PRO E 290 -47.71 11.53 -74.72
N HIS E 291 -47.95 11.33 -76.01
CA HIS E 291 -46.90 10.95 -76.93
C HIS E 291 -45.83 12.03 -76.89
N TYR E 292 -46.23 13.28 -77.19
CA TYR E 292 -45.51 14.46 -76.73
C TYR E 292 -46.35 15.71 -77.00
N ARG E 293 -46.55 16.54 -75.99
CA ARG E 293 -47.19 17.83 -76.22
C ARG E 293 -46.15 18.87 -76.66
N TYR E 294 -44.99 18.85 -76.04
CA TYR E 294 -43.96 19.85 -76.30
C TYR E 294 -42.58 19.20 -76.43
N TYR E 295 -42.48 18.03 -77.04
CA TYR E 295 -41.15 17.44 -77.08
C TYR E 295 -40.40 17.71 -78.38
N VAL E 296 -40.93 17.23 -79.50
CA VAL E 296 -40.12 17.15 -80.73
C VAL E 296 -39.79 18.54 -81.25
N ARG E 297 -40.79 19.27 -81.69
CA ARG E 297 -40.52 20.57 -82.25
C ARG E 297 -40.69 21.69 -81.24
N GLU E 298 -40.98 21.36 -79.99
CA GLU E 298 -40.62 22.31 -78.93
C GLU E 298 -39.13 22.20 -78.64
N MET E 299 -38.51 21.10 -79.07
CA MET E 299 -37.06 21.09 -79.19
C MET E 299 -36.60 21.68 -80.52
N ARG E 300 -37.41 21.60 -81.57
CA ARG E 300 -37.09 22.38 -82.76
C ARG E 300 -37.07 23.87 -82.45
N ILE E 301 -38.21 24.41 -82.00
CA ILE E 301 -38.28 25.80 -81.57
C ILE E 301 -37.32 26.07 -80.42
N HIS E 302 -37.03 25.06 -79.60
CA HIS E 302 -35.97 25.21 -78.62
C HIS E 302 -34.63 25.48 -79.29
N ALA E 303 -34.41 24.85 -80.46
CA ALA E 303 -33.24 25.17 -81.26
C ALA E 303 -33.44 26.46 -82.05
N TYR E 304 -34.66 26.98 -82.04
CA TYR E 304 -34.95 28.22 -82.75
C TYR E 304 -34.76 29.43 -81.85
N SER E 305 -34.82 29.22 -80.53
CA SER E 305 -34.43 30.27 -79.60
C SER E 305 -32.94 30.55 -79.69
N GLN E 306 -32.11 29.53 -79.53
CA GLN E 306 -30.67 29.70 -79.65
C GLN E 306 -30.23 29.92 -81.10
N LEU E 307 -30.87 29.25 -82.06
CA LEU E 307 -30.53 29.47 -83.46
C LEU E 307 -30.88 30.89 -83.88
N LEU E 308 -32.14 31.30 -83.67
CA LEU E 308 -32.55 32.66 -83.97
C LEU E 308 -31.83 33.68 -83.08
N GLU E 309 -31.23 33.24 -81.99
CA GLU E 309 -30.57 34.14 -81.07
C GLU E 309 -29.36 34.81 -81.71
N SER E 310 -29.30 36.13 -81.59
CA SER E 310 -28.10 36.91 -81.90
C SER E 310 -27.84 36.99 -83.40
N TYR E 311 -28.83 36.57 -84.17
CA TYR E 311 -28.68 36.47 -85.63
C TYR E 311 -29.81 37.25 -86.31
N ARG E 312 -30.03 38.50 -85.88
CA ARG E 312 -31.11 39.30 -86.43
C ARG E 312 -30.99 39.43 -87.94
N SER E 313 -29.78 39.56 -88.45
CA SER E 313 -29.53 39.58 -89.90
C SER E 313 -29.15 38.18 -90.37
N LEU E 314 -30.04 37.23 -90.10
CA LEU E 314 -29.84 35.86 -90.51
C LEU E 314 -30.53 35.60 -91.84
N THR E 315 -29.96 34.72 -92.63
CA THR E 315 -30.54 34.31 -93.90
C THR E 315 -30.83 32.82 -93.87
N LEU E 316 -32.01 32.44 -94.37
CA LEU E 316 -32.40 31.04 -94.42
C LEU E 316 -31.52 30.23 -95.36
N GLY E 317 -30.82 30.87 -96.28
CA GLY E 317 -29.80 30.16 -97.05
C GLY E 317 -28.76 29.53 -96.16
N TYR E 318 -28.33 30.25 -95.12
CA TYR E 318 -27.47 29.66 -94.11
C TYR E 318 -28.19 28.55 -93.36
N MET E 319 -29.52 28.64 -93.24
CA MET E 319 -30.31 27.55 -92.67
C MET E 319 -30.37 26.34 -93.59
N ALA E 320 -30.06 26.51 -94.88
CA ALA E 320 -30.13 25.41 -95.81
C ALA E 320 -29.05 24.37 -95.55
N GLU E 321 -28.03 24.69 -94.76
CA GLU E 321 -27.01 23.72 -94.38
C GLU E 321 -26.66 23.72 -92.90
N ALA E 322 -26.80 24.85 -92.20
CA ALA E 322 -26.29 24.94 -90.84
C ALA E 322 -27.13 24.14 -89.85
N PHE E 323 -28.44 24.10 -90.02
CA PHE E 323 -29.34 23.50 -89.05
C PHE E 323 -30.05 22.30 -89.67
N GLY E 324 -29.99 22.21 -90.99
CA GLY E 324 -30.71 21.20 -91.72
C GLY E 324 -30.88 21.66 -93.14
N VAL E 325 -31.77 20.97 -93.85
CA VAL E 325 -32.00 21.26 -95.26
C VAL E 325 -33.49 21.32 -95.53
N GLY E 326 -33.86 21.58 -96.78
CA GLY E 326 -35.26 21.80 -97.10
C GLY E 326 -35.72 23.21 -96.79
N VAL E 327 -35.17 24.18 -97.53
CA VAL E 327 -35.44 25.60 -97.31
C VAL E 327 -36.94 25.89 -97.26
N GLU E 328 -37.72 25.17 -98.07
CA GLU E 328 -39.17 25.35 -98.02
C GLU E 328 -39.77 24.76 -96.76
N PHE E 329 -39.21 23.66 -96.24
CA PHE E 329 -39.73 23.07 -95.01
C PHE E 329 -39.42 23.94 -93.81
N ILE E 330 -38.18 24.42 -93.70
CA ILE E 330 -37.86 25.41 -92.68
C ILE E 330 -38.73 26.65 -92.88
N ASP E 331 -39.01 26.98 -94.14
CA ASP E 331 -39.86 28.12 -94.46
C ASP E 331 -41.24 27.97 -93.85
N GLN E 332 -41.98 26.94 -94.24
CA GLN E 332 -43.31 26.71 -93.70
C GLN E 332 -43.30 26.41 -92.21
N GLU E 333 -42.19 25.91 -91.66
CA GLU E 333 -42.10 25.70 -90.22
C GLU E 333 -42.06 27.03 -89.49
N LEU E 334 -41.15 27.91 -89.88
CA LEU E 334 -41.11 29.25 -89.30
C LEU E 334 -42.42 29.99 -89.51
N SER E 335 -43.07 29.76 -90.66
CA SER E 335 -44.42 30.26 -90.82
C SER E 335 -45.36 29.66 -89.79
N ARG E 336 -45.15 28.40 -89.42
CA ARG E 336 -45.98 27.77 -88.40
C ARG E 336 -45.72 28.38 -87.02
N PHE E 337 -44.52 28.86 -86.77
CA PHE E 337 -44.16 29.25 -85.43
C PHE E 337 -44.35 30.74 -85.17
N ILE E 338 -43.87 31.60 -86.08
CA ILE E 338 -44.07 33.04 -85.92
C ILE E 338 -45.54 33.38 -85.92
N ALA E 339 -46.31 32.74 -86.82
CA ALA E 339 -47.75 33.00 -86.88
C ALA E 339 -48.50 32.43 -85.68
N ALA E 340 -47.86 31.64 -84.84
CA ALA E 340 -48.48 31.05 -83.67
C ALA E 340 -47.94 31.68 -82.39
N GLY E 341 -47.55 32.95 -82.48
CA GLY E 341 -47.06 33.68 -81.32
C GLY E 341 -45.76 33.19 -80.74
N ARG E 342 -45.15 32.16 -81.32
CA ARG E 342 -43.88 31.63 -80.87
C ARG E 342 -42.79 32.10 -81.83
N LEU E 343 -41.53 31.97 -81.37
CA LEU E 343 -40.38 32.27 -82.20
C LEU E 343 -40.41 33.73 -82.66
N HIS E 344 -40.28 34.61 -81.67
CA HIS E 344 -40.50 36.04 -81.87
C HIS E 344 -39.46 36.63 -82.80
N CYS E 345 -39.86 36.91 -84.05
CA CYS E 345 -39.01 37.56 -85.03
C CYS E 345 -39.84 37.80 -86.28
N LYS E 346 -39.24 38.48 -87.25
CA LYS E 346 -39.89 38.76 -88.53
C LYS E 346 -39.08 38.13 -89.65
N ILE E 347 -39.61 37.06 -90.24
CA ILE E 347 -38.95 36.41 -91.35
C ILE E 347 -39.40 37.03 -92.67
N ASP E 348 -38.54 36.93 -93.68
CA ASP E 348 -38.70 37.70 -94.91
C ASP E 348 -38.95 36.78 -96.10
N LYS E 349 -39.63 37.35 -97.10
CA LYS E 349 -39.80 36.81 -98.44
C LYS E 349 -38.52 37.13 -99.21
N VAL E 350 -38.58 37.17 -100.55
CA VAL E 350 -37.51 36.88 -101.50
C VAL E 350 -36.11 37.33 -101.11
N ASN E 351 -36.00 38.36 -100.26
CA ASN E 351 -34.70 38.75 -99.72
C ASN E 351 -33.98 37.58 -99.04
N GLU E 352 -34.72 36.59 -98.54
CA GLU E 352 -34.14 35.41 -97.91
C GLU E 352 -33.41 35.81 -96.63
N ILE E 353 -34.10 36.60 -95.82
CA ILE E 353 -33.55 37.18 -94.61
C ILE E 353 -34.40 36.75 -93.44
N VAL E 354 -33.76 36.35 -92.35
CA VAL E 354 -34.42 35.96 -91.12
C VAL E 354 -34.19 37.07 -90.12
N GLU E 355 -35.11 38.02 -90.07
CA GLU E 355 -35.01 39.16 -89.18
C GLU E 355 -35.66 38.83 -87.85
N THR E 356 -35.29 39.55 -86.81
CA THR E 356 -35.87 39.40 -85.49
C THR E 356 -35.97 40.75 -84.80
N ASN E 357 -36.97 40.86 -83.93
CA ASN E 357 -37.15 42.05 -83.11
C ASN E 357 -38.02 41.77 -81.89
N ARG E 358 -37.43 41.85 -80.71
CA ARG E 358 -38.14 41.67 -79.45
C ARG E 358 -38.61 43.04 -78.94
N PRO E 359 -39.47 43.08 -77.92
CA PRO E 359 -39.94 44.39 -77.44
C PRO E 359 -38.87 45.12 -76.66
N ASP E 360 -39.21 46.29 -76.14
CA ASP E 360 -38.30 47.08 -75.33
C ASP E 360 -38.51 46.74 -73.86
N SER E 361 -37.70 47.37 -73.01
CA SER E 361 -37.82 47.18 -71.57
C SER E 361 -39.07 47.82 -70.99
N LYS E 362 -39.86 48.51 -71.81
CA LYS E 362 -41.09 49.16 -71.35
C LYS E 362 -42.32 48.76 -72.13
N ASN E 363 -42.17 48.48 -73.43
CA ASN E 363 -43.30 48.00 -74.22
C ASN E 363 -43.89 46.73 -73.62
N TRP E 364 -43.03 45.80 -73.23
CA TRP E 364 -43.49 44.54 -72.68
C TRP E 364 -44.25 44.75 -71.38
N GLN E 365 -43.59 45.35 -70.38
CA GLN E 365 -44.22 45.54 -69.08
C GLN E 365 -45.46 46.40 -69.15
N TYR E 366 -45.49 47.38 -70.05
CA TYR E 366 -46.74 48.07 -70.34
C TYR E 366 -47.79 47.09 -70.83
N GLN E 367 -47.40 46.18 -71.71
CA GLN E 367 -48.31 45.20 -72.26
C GLN E 367 -48.86 44.25 -71.21
N GLU E 368 -48.11 44.03 -70.13
CA GLU E 368 -48.59 43.12 -69.09
C GLU E 368 -49.40 43.86 -68.03
N THR E 369 -48.88 45.00 -67.57
CA THR E 369 -49.60 45.86 -66.63
C THR E 369 -50.97 46.24 -67.15
N ILE E 370 -51.11 46.52 -68.45
CA ILE E 370 -52.43 46.74 -69.00
C ILE E 370 -53.31 45.52 -68.83
N LYS E 371 -52.74 44.32 -68.82
CA LYS E 371 -53.51 43.10 -68.58
C LYS E 371 -53.97 43.01 -67.13
N LYS E 372 -53.01 43.06 -66.19
CA LYS E 372 -53.34 42.88 -64.78
C LYS E 372 -54.28 43.96 -64.27
N GLY E 373 -54.06 45.21 -64.67
CA GLY E 373 -54.97 46.28 -64.29
C GLY E 373 -56.39 46.02 -64.75
N ASP E 374 -56.55 45.48 -65.95
CA ASP E 374 -57.88 45.14 -66.43
C ASP E 374 -58.48 43.99 -65.64
N LEU E 375 -57.68 42.98 -65.32
CA LEU E 375 -58.17 41.86 -64.52
C LEU E 375 -58.68 42.33 -63.17
N LEU E 376 -57.80 42.94 -62.36
CA LEU E 376 -58.19 43.37 -61.03
C LEU E 376 -59.31 44.42 -61.08
N LEU E 377 -59.27 45.31 -62.06
CA LEU E 377 -60.34 46.29 -62.20
C LEU E 377 -61.68 45.60 -62.45
N ASN E 378 -61.69 44.56 -63.29
CA ASN E 378 -62.91 43.77 -63.46
C ASN E 378 -63.32 43.12 -62.15
N ARG E 379 -62.36 42.67 -61.35
CA ARG E 379 -62.67 42.08 -60.05
C ARG E 379 -63.40 43.07 -59.15
N VAL E 380 -62.79 44.24 -58.93
CA VAL E 380 -63.43 45.27 -58.11
C VAL E 380 -64.72 45.78 -58.71
N GLN E 381 -64.92 45.61 -60.02
CA GLN E 381 -66.25 45.86 -60.58
C GLN E 381 -67.29 45.00 -59.91
N LYS E 382 -67.13 43.68 -60.00
CA LYS E 382 -68.08 42.75 -59.40
C LYS E 382 -68.19 42.96 -57.89
N LEU E 383 -67.05 42.93 -57.20
CA LEU E 383 -67.09 43.08 -55.76
C LEU E 383 -67.60 44.45 -55.33
N SER E 384 -67.58 45.44 -56.21
CA SER E 384 -68.17 46.74 -55.88
C SER E 384 -69.67 46.65 -55.71
N ARG E 385 -70.35 45.92 -56.58
CA ARG E 385 -71.80 45.82 -56.53
C ARG E 385 -72.30 44.62 -55.76
N VAL E 386 -71.42 43.67 -55.41
CA VAL E 386 -71.82 42.59 -54.52
C VAL E 386 -72.38 43.15 -53.22
N ILE E 387 -71.63 44.04 -52.59
CA ILE E 387 -72.13 44.79 -51.45
C ILE E 387 -72.83 46.05 -51.93
N ASN E 388 -73.59 46.66 -51.01
CA ASN E 388 -74.33 47.89 -51.30
C ASN E 388 -75.34 47.65 -52.42
N MET E 389 -76.27 46.73 -52.15
CA MET E 389 -77.28 46.33 -53.12
C MET E 389 -76.63 45.67 -54.33
N ALA F 5 -14.64 84.99 -48.14
CA ALA F 5 -16.06 85.12 -48.46
C ALA F 5 -16.92 84.63 -47.30
N VAL F 6 -18.17 85.09 -47.27
CA VAL F 6 -19.12 84.67 -46.25
C VAL F 6 -20.24 83.81 -46.84
N GLN F 7 -20.73 84.20 -48.02
CA GLN F 7 -21.52 83.41 -48.97
C GLN F 7 -22.93 83.07 -48.50
N LYS F 8 -23.22 83.27 -47.21
CA LYS F 8 -24.57 83.23 -46.68
C LYS F 8 -24.54 83.46 -45.18
N VAL F 9 -25.68 83.84 -44.62
CA VAL F 9 -25.80 84.13 -43.20
C VAL F 9 -27.15 83.64 -42.72
N VAL F 10 -27.22 83.39 -41.42
CA VAL F 10 -28.41 82.83 -40.78
C VAL F 10 -28.86 83.80 -39.70
N VAL F 11 -29.90 84.57 -39.98
CA VAL F 11 -30.40 85.61 -39.10
C VAL F 11 -31.57 85.06 -38.30
N HIS F 12 -31.56 85.30 -36.99
CA HIS F 12 -32.61 84.77 -36.14
C HIS F 12 -33.81 85.72 -36.10
N PRO F 13 -34.98 85.21 -35.76
CA PRO F 13 -36.20 86.03 -35.76
C PRO F 13 -36.23 87.10 -34.68
N LEU F 14 -35.39 87.02 -33.66
CA LEU F 14 -35.34 88.07 -32.65
C LEU F 14 -34.98 89.40 -33.28
N VAL F 15 -33.80 89.49 -33.86
CA VAL F 15 -33.51 90.55 -34.81
C VAL F 15 -34.50 90.40 -35.95
N LEU F 16 -34.76 91.52 -36.64
CA LEU F 16 -35.89 91.77 -37.52
C LEU F 16 -37.14 92.08 -36.70
N LEU F 17 -37.10 91.90 -35.39
CA LEU F 17 -38.07 92.47 -34.48
C LEU F 17 -37.45 93.49 -33.55
N SER F 18 -36.23 93.22 -33.09
CA SER F 18 -35.43 94.18 -32.33
C SER F 18 -34.97 95.36 -33.18
N VAL F 19 -35.26 95.36 -34.48
CA VAL F 19 -35.14 96.54 -35.30
C VAL F 19 -36.48 97.25 -35.45
N VAL F 20 -37.55 96.48 -35.62
CA VAL F 20 -38.88 97.06 -35.77
C VAL F 20 -39.27 97.85 -34.53
N ASP F 21 -38.91 97.36 -33.35
CA ASP F 21 -39.22 98.10 -32.13
C ASP F 21 -38.55 99.45 -32.12
N HIS F 22 -37.32 99.54 -32.64
CA HIS F 22 -36.59 100.80 -32.58
C HIS F 22 -37.02 101.74 -33.70
N PHE F 23 -37.33 101.22 -34.88
CA PHE F 23 -38.00 102.02 -35.89
C PHE F 23 -39.30 102.58 -35.34
N ASN F 24 -39.99 101.80 -34.51
CA ASN F 24 -41.12 102.31 -33.74
C ASN F 24 -40.70 103.35 -32.71
N ARG F 25 -39.48 103.24 -32.18
CA ARG F 25 -39.04 104.17 -31.14
C ARG F 25 -38.98 105.60 -31.66
N ILE F 26 -38.23 105.82 -32.74
CA ILE F 26 -38.12 107.13 -33.35
C ILE F 26 -39.12 107.25 -34.49
N GLY F 27 -40.09 106.34 -34.53
CA GLY F 27 -41.10 106.37 -35.56
C GLY F 27 -42.11 107.49 -35.45
N LYS F 28 -42.00 108.34 -34.43
CA LYS F 28 -42.94 109.44 -34.27
C LYS F 28 -42.66 110.56 -35.28
N VAL F 29 -41.43 110.65 -35.79
CA VAL F 29 -41.10 111.71 -36.75
C VAL F 29 -41.89 111.52 -38.04
N GLY F 30 -42.11 110.27 -38.43
CA GLY F 30 -42.97 109.97 -39.56
C GLY F 30 -42.38 110.23 -40.93
N ASN F 31 -41.94 111.48 -41.17
CA ASN F 31 -41.47 111.87 -42.49
C ASN F 31 -40.28 111.03 -42.92
N GLN F 32 -39.15 111.17 -42.22
CA GLN F 32 -38.03 110.28 -42.46
C GLN F 32 -37.03 110.34 -41.32
N LYS F 33 -36.71 109.18 -40.76
CA LYS F 33 -35.63 109.08 -39.79
C LYS F 33 -35.08 107.65 -39.92
N ARG F 34 -34.05 107.49 -40.74
CA ARG F 34 -33.52 106.16 -41.01
C ARG F 34 -32.98 105.53 -39.74
N VAL F 35 -33.47 104.33 -39.44
CA VAL F 35 -33.07 103.62 -38.24
C VAL F 35 -31.80 102.85 -38.52
N VAL F 36 -30.78 103.10 -37.71
CA VAL F 36 -29.49 102.42 -37.83
C VAL F 36 -29.10 101.90 -36.46
N GLY F 37 -28.76 100.62 -36.40
CA GLY F 37 -28.26 100.03 -35.18
C GLY F 37 -27.09 99.10 -35.46
N VAL F 38 -26.67 98.34 -34.45
CA VAL F 38 -25.52 97.46 -34.55
C VAL F 38 -26.01 96.04 -34.76
N LEU F 39 -25.35 95.33 -35.68
CA LEU F 39 -25.64 93.92 -35.92
C LEU F 39 -24.64 93.07 -35.15
N LEU F 40 -25.15 91.98 -34.57
CA LEU F 40 -24.34 91.08 -33.76
C LEU F 40 -24.49 89.67 -34.31
N GLY F 41 -23.35 89.00 -34.49
CA GLY F 41 -23.37 87.69 -35.11
C GLY F 41 -22.23 86.84 -34.60
N SER F 42 -22.00 85.74 -35.31
CA SER F 42 -21.02 84.74 -34.93
C SER F 42 -20.03 84.52 -36.07
N TRP F 43 -18.76 84.36 -35.72
CA TRP F 43 -17.72 83.93 -36.66
C TRP F 43 -17.84 82.41 -36.80
N GLN F 44 -18.90 81.99 -37.47
CA GLN F 44 -19.29 80.59 -37.50
C GLN F 44 -18.42 79.76 -38.44
N LYS F 45 -18.27 80.23 -39.67
CA LYS F 45 -17.69 79.47 -40.77
C LYS F 45 -17.44 80.49 -41.87
N LYS F 46 -17.14 80.03 -43.09
CA LYS F 46 -17.37 80.88 -44.24
C LYS F 46 -18.77 81.47 -44.19
N VAL F 47 -19.79 80.61 -44.12
CA VAL F 47 -21.12 81.05 -43.73
C VAL F 47 -21.06 81.73 -42.37
N LEU F 48 -21.92 82.72 -42.16
CA LEU F 48 -21.90 83.48 -40.92
C LEU F 48 -23.28 83.45 -40.28
N ASP F 49 -23.26 83.48 -38.95
CA ASP F 49 -24.47 83.45 -38.14
C ASP F 49 -24.72 84.82 -37.53
N VAL F 50 -26.00 85.16 -37.44
CA VAL F 50 -26.44 86.43 -36.88
C VAL F 50 -27.46 86.12 -35.80
N SER F 51 -27.20 86.61 -34.59
CA SER F 51 -28.06 86.33 -33.46
C SER F 51 -28.64 87.59 -32.82
N ASN F 52 -27.82 88.59 -32.55
CA ASN F 52 -28.25 89.73 -31.76
C ASN F 52 -28.03 91.00 -32.57
N SER F 53 -28.65 92.08 -32.10
CA SER F 53 -28.49 93.40 -32.69
C SER F 53 -28.99 94.43 -31.69
N PHE F 54 -28.53 95.66 -31.85
CA PHE F 54 -29.00 96.76 -31.03
C PHE F 54 -28.89 98.05 -31.80
N ALA F 55 -29.40 99.12 -31.21
CA ALA F 55 -29.54 100.41 -31.88
C ALA F 55 -28.40 101.34 -31.50
N VAL F 56 -28.46 102.54 -32.07
CA VAL F 56 -27.44 103.58 -31.86
C VAL F 56 -28.00 104.87 -32.47
N PRO F 57 -27.77 106.03 -31.86
CA PRO F 57 -28.35 107.26 -32.41
C PRO F 57 -27.79 107.59 -33.78
N PHE F 58 -28.67 108.01 -34.68
CA PHE F 58 -28.31 108.25 -36.07
C PHE F 58 -29.27 109.25 -36.69
N ASP F 59 -28.74 110.29 -37.30
CA ASP F 59 -29.53 111.26 -38.03
C ASP F 59 -28.80 111.62 -39.32
N GLU F 60 -29.53 112.25 -40.24
CA GLU F 60 -28.97 112.64 -41.51
C GLU F 60 -29.94 113.58 -42.21
N ASP F 61 -29.38 114.58 -42.89
CA ASP F 61 -30.17 115.65 -43.50
C ASP F 61 -30.83 115.15 -44.78
N ASP F 62 -31.40 116.07 -45.55
CA ASP F 62 -32.04 115.68 -46.80
C ASP F 62 -31.09 115.85 -47.98
N LYS F 63 -30.42 117.00 -48.04
CA LYS F 63 -29.51 117.29 -49.13
C LYS F 63 -28.07 117.00 -48.71
N ASP F 64 -27.27 116.61 -49.69
CA ASP F 64 -25.85 116.33 -49.48
C ASP F 64 -25.67 115.24 -48.42
N ASP F 65 -26.06 114.02 -48.80
CA ASP F 65 -26.08 112.92 -47.85
C ASP F 65 -24.66 112.53 -47.47
N SER F 66 -24.03 113.36 -46.64
CA SER F 66 -22.69 113.12 -46.13
C SER F 66 -22.68 113.49 -44.65
N VAL F 67 -23.85 113.86 -44.13
CA VAL F 67 -24.00 114.36 -42.78
C VAL F 67 -24.82 113.34 -42.00
N TRP F 68 -24.13 112.39 -41.38
CA TRP F 68 -24.78 111.34 -40.61
C TRP F 68 -23.94 111.02 -39.41
N PHE F 69 -24.58 110.49 -38.36
CA PHE F 69 -23.94 110.38 -37.05
C PHE F 69 -24.23 109.02 -36.44
N LEU F 70 -23.17 108.32 -36.06
CA LEU F 70 -23.26 107.10 -35.26
C LEU F 70 -22.46 107.34 -33.99
N ASP F 71 -23.13 107.30 -32.84
CA ASP F 71 -22.47 107.55 -31.57
C ASP F 71 -21.49 106.43 -31.29
N HIS F 72 -20.21 106.69 -31.53
CA HIS F 72 -19.19 105.70 -31.19
C HIS F 72 -19.13 105.48 -29.69
N ASP F 73 -19.41 106.52 -28.91
CA ASP F 73 -19.45 106.38 -27.45
C ASP F 73 -20.56 105.43 -27.04
N TYR F 74 -21.79 105.71 -27.48
CA TYR F 74 -22.93 104.84 -27.22
C TYR F 74 -22.67 103.41 -27.68
N LEU F 75 -22.08 103.26 -28.87
CA LEU F 75 -21.70 101.94 -29.35
C LEU F 75 -20.72 101.25 -28.42
N GLU F 76 -19.72 101.98 -27.94
CA GLU F 76 -18.70 101.38 -27.08
C GLU F 76 -19.30 100.94 -25.75
N ASN F 77 -20.08 101.81 -25.11
CA ASN F 77 -20.64 101.45 -23.82
C ASN F 77 -21.66 100.33 -23.95
N MET F 78 -22.62 100.48 -24.86
CA MET F 78 -23.69 99.49 -24.94
C MET F 78 -23.17 98.14 -25.37
N TYR F 79 -22.18 98.11 -26.28
CA TYR F 79 -21.57 96.84 -26.64
C TYR F 79 -20.70 96.31 -25.51
N GLY F 80 -20.12 97.19 -24.70
CA GLY F 80 -19.46 96.74 -23.49
C GLY F 80 -20.43 96.03 -22.56
N MET F 81 -21.65 96.56 -22.44
CA MET F 81 -22.67 95.90 -21.66
C MET F 81 -23.06 94.56 -22.28
N PHE F 82 -23.15 94.51 -23.61
CA PHE F 82 -23.59 93.29 -24.26
C PHE F 82 -22.47 92.25 -24.31
N LYS F 83 -21.23 92.66 -24.09
CA LYS F 83 -20.14 91.70 -23.96
C LYS F 83 -20.04 91.20 -22.54
N LYS F 84 -20.15 92.12 -21.57
CA LYS F 84 -20.28 91.74 -20.18
C LYS F 84 -21.44 90.78 -19.95
N VAL F 85 -22.54 90.98 -20.67
CA VAL F 85 -23.68 90.09 -20.53
C VAL F 85 -23.59 88.93 -21.52
N ASN F 86 -22.73 89.02 -22.53
CA ASN F 86 -22.59 87.92 -23.48
C ASN F 86 -21.27 88.10 -24.23
N ALA F 87 -20.25 87.36 -23.82
CA ALA F 87 -19.03 87.26 -24.62
C ALA F 87 -19.22 86.32 -25.79
N ARG F 88 -20.17 85.38 -25.68
CA ARG F 88 -20.51 84.52 -26.80
C ARG F 88 -21.01 85.34 -27.98
N GLU F 89 -21.64 86.48 -27.70
CA GLU F 89 -22.09 87.37 -28.75
C GLU F 89 -20.99 88.38 -29.07
N ARG F 90 -21.07 88.95 -30.27
CA ARG F 90 -20.06 89.91 -30.73
C ARG F 90 -20.59 90.66 -31.93
N ILE F 91 -20.01 91.83 -32.20
CA ILE F 91 -20.40 92.63 -33.35
C ILE F 91 -20.09 91.89 -34.64
N VAL F 92 -21.00 91.97 -35.60
CA VAL F 92 -20.77 91.39 -36.91
C VAL F 92 -21.01 92.38 -38.04
N GLY F 93 -21.85 93.40 -37.85
CA GLY F 93 -22.17 94.32 -38.92
C GLY F 93 -23.12 95.42 -38.51
N TRP F 94 -24.12 95.70 -39.33
CA TRP F 94 -25.05 96.78 -39.05
C TRP F 94 -26.24 96.67 -40.00
N TYR F 95 -27.22 97.53 -39.78
CA TYR F 95 -28.47 97.49 -40.55
C TYR F 95 -29.01 98.90 -40.69
N HIS F 96 -30.00 99.03 -41.57
CA HIS F 96 -30.78 100.25 -41.66
C HIS F 96 -32.14 99.90 -42.26
N THR F 97 -33.16 100.62 -41.80
CA THR F 97 -34.54 100.31 -42.17
C THR F 97 -34.92 100.84 -43.55
N GLY F 98 -33.96 101.31 -44.34
CA GLY F 98 -34.25 101.81 -45.66
C GLY F 98 -34.89 100.77 -46.54
N PRO F 99 -36.03 101.11 -47.15
CA PRO F 99 -36.69 100.17 -48.06
C PRO F 99 -35.81 99.88 -49.26
N LYS F 100 -35.18 100.93 -49.78
CA LYS F 100 -34.13 100.82 -50.78
C LYS F 100 -32.89 101.50 -50.23
N LEU F 101 -31.75 100.82 -50.34
CA LEU F 101 -30.53 101.35 -49.76
C LEU F 101 -30.13 102.64 -50.46
N HIS F 102 -29.50 103.53 -49.71
CA HIS F 102 -29.16 104.85 -50.21
C HIS F 102 -27.71 104.91 -50.64
N LYS F 103 -27.39 105.93 -51.44
CA LYS F 103 -26.02 106.16 -51.87
C LYS F 103 -25.11 106.45 -50.69
N ASN F 104 -25.65 107.02 -49.62
CA ASN F 104 -24.87 107.27 -48.41
C ASN F 104 -24.44 105.97 -47.75
N ASP F 105 -25.23 104.91 -47.91
CA ASP F 105 -24.98 103.64 -47.21
C ASP F 105 -23.61 103.00 -47.32
N ILE F 106 -22.75 103.48 -48.21
CA ILE F 106 -21.43 102.88 -48.35
C ILE F 106 -20.47 103.50 -47.34
N ALA F 107 -20.67 104.78 -47.04
CA ALA F 107 -19.82 105.47 -46.07
C ALA F 107 -19.95 104.89 -44.67
N ILE F 108 -21.10 104.31 -44.34
CA ILE F 108 -21.30 103.73 -43.02
C ILE F 108 -20.48 102.45 -42.87
N ASN F 109 -20.66 101.52 -43.82
CA ASN F 109 -19.82 100.32 -43.85
C ASN F 109 -18.35 100.69 -43.85
N GLU F 110 -17.95 101.59 -44.76
CA GLU F 110 -16.56 102.04 -44.82
C GLU F 110 -16.09 102.63 -43.51
N LEU F 111 -16.99 103.23 -42.73
CA LEU F 111 -16.61 103.70 -41.40
C LEU F 111 -16.34 102.52 -40.47
N MET F 112 -17.35 101.68 -40.25
CA MET F 112 -17.23 100.65 -39.23
C MET F 112 -16.66 99.34 -39.76
N LYS F 113 -15.86 99.37 -40.82
CA LYS F 113 -15.06 98.21 -41.17
C LYS F 113 -13.88 98.02 -40.24
N ARG F 114 -13.70 98.90 -39.27
CA ARG F 114 -12.62 98.79 -38.30
C ARG F 114 -13.01 97.99 -37.07
N TYR F 115 -14.30 97.84 -36.80
CA TYR F 115 -14.75 97.00 -35.69
C TYR F 115 -14.83 95.55 -36.13
N CYS F 116 -15.61 95.26 -37.15
CA CYS F 116 -15.68 93.97 -37.78
C CYS F 116 -14.71 93.93 -38.96
N PRO F 117 -14.15 92.77 -39.29
CA PRO F 117 -13.38 92.63 -40.54
C PRO F 117 -14.13 93.15 -41.75
N ASN F 118 -15.45 92.96 -41.75
CA ASN F 118 -16.33 93.64 -42.71
C ASN F 118 -17.71 93.80 -42.08
N SER F 119 -18.03 95.02 -41.67
CA SER F 119 -19.31 95.29 -41.04
C SER F 119 -20.39 95.20 -42.11
N VAL F 120 -20.94 94.01 -42.29
CA VAL F 120 -21.92 93.75 -43.33
C VAL F 120 -23.18 94.57 -43.05
N LEU F 121 -23.76 95.12 -44.10
CA LEU F 121 -24.98 95.88 -43.92
C LEU F 121 -26.14 94.91 -43.77
N VAL F 122 -27.28 95.45 -43.33
CA VAL F 122 -28.52 94.68 -43.28
C VAL F 122 -29.66 95.60 -43.63
N ILE F 123 -30.24 95.40 -44.81
CA ILE F 123 -31.43 96.15 -45.21
C ILE F 123 -32.66 95.37 -44.77
N ILE F 124 -33.50 96.01 -43.97
CA ILE F 124 -34.78 95.42 -43.60
C ILE F 124 -35.87 96.25 -44.26
N ASP F 125 -37.07 95.68 -44.34
CA ASP F 125 -38.23 96.38 -44.89
C ASP F 125 -39.37 96.27 -43.90
N VAL F 126 -39.72 97.40 -43.27
CA VAL F 126 -40.87 97.39 -42.38
C VAL F 126 -42.15 97.12 -43.15
N LYS F 127 -42.25 97.62 -44.37
CA LYS F 127 -43.42 97.41 -45.22
C LYS F 127 -42.99 96.72 -46.51
N PRO F 128 -42.65 95.43 -46.44
CA PRO F 128 -42.39 94.68 -47.67
C PRO F 128 -43.67 94.42 -48.44
N LYS F 129 -44.08 95.40 -49.24
CA LYS F 129 -45.21 95.23 -50.14
C LYS F 129 -45.06 93.95 -50.98
N ASP F 130 -43.84 93.63 -51.39
CA ASP F 130 -43.58 92.34 -51.98
C ASP F 130 -43.83 91.25 -50.96
N LEU F 131 -44.57 90.22 -51.34
CA LEU F 131 -44.84 89.09 -50.47
C LEU F 131 -43.72 88.06 -50.51
N GLY F 132 -42.54 88.43 -50.98
CA GLY F 132 -41.38 87.57 -50.94
C GLY F 132 -40.61 87.71 -49.64
N LEU F 133 -39.32 87.37 -49.72
CA LEU F 133 -38.48 87.37 -48.53
C LEU F 133 -37.84 88.73 -48.32
N PRO F 134 -38.19 89.46 -47.25
CA PRO F 134 -37.58 90.78 -47.01
C PRO F 134 -36.25 90.68 -46.27
N THR F 135 -35.69 91.84 -45.92
CA THR F 135 -34.53 91.94 -45.04
C THR F 135 -33.32 91.20 -45.62
N GLU F 136 -32.82 91.76 -46.72
CA GLU F 136 -31.63 91.26 -47.39
C GLU F 136 -30.44 92.15 -47.07
N ALA F 137 -29.24 91.56 -47.09
CA ALA F 137 -28.04 92.22 -46.62
C ALA F 137 -26.94 92.16 -47.68
N TYR F 138 -26.05 93.15 -47.64
CA TYR F 138 -24.98 93.32 -48.62
C TYR F 138 -23.64 93.47 -47.91
N ILE F 139 -22.56 93.26 -48.68
CA ILE F 139 -21.21 93.46 -48.19
C ILE F 139 -20.35 94.05 -49.29
N SER F 140 -19.76 95.21 -49.02
CA SER F 140 -19.11 96.03 -50.04
C SER F 140 -17.78 95.45 -50.47
N VAL F 141 -17.39 95.73 -51.72
CA VAL F 141 -16.12 95.31 -52.29
C VAL F 141 -15.65 96.39 -53.27
N GLU F 142 -14.50 96.13 -53.89
CA GLU F 142 -13.93 96.99 -54.93
C GLU F 142 -13.87 96.22 -56.24
N GLU F 143 -14.35 96.85 -57.31
CA GLU F 143 -14.45 96.20 -58.62
C GLU F 143 -13.92 97.14 -59.72
N VAL F 144 -12.71 97.66 -59.51
CA VAL F 144 -12.12 98.67 -60.38
C VAL F 144 -12.21 98.24 -61.84
N HIS F 145 -12.71 99.16 -62.68
CA HIS F 145 -13.24 98.84 -63.98
C HIS F 145 -12.31 99.34 -65.09
N ASP F 146 -12.48 98.77 -66.28
CA ASP F 146 -11.72 99.19 -67.46
C ASP F 146 -11.87 100.67 -67.74
N ASP F 147 -12.98 101.27 -67.31
CA ASP F 147 -13.24 102.69 -67.51
C ASP F 147 -12.10 103.54 -66.95
N GLY F 148 -11.54 103.13 -65.82
CA GLY F 148 -10.49 103.90 -65.19
C GLY F 148 -10.91 104.39 -63.82
N THR F 149 -11.87 103.71 -63.22
CA THR F 149 -12.30 104.05 -61.87
C THR F 149 -11.13 103.86 -60.91
N PRO F 150 -10.71 104.88 -60.17
CA PRO F 150 -9.64 104.68 -59.18
C PRO F 150 -9.98 103.62 -58.15
N THR F 151 -11.24 103.58 -57.70
CA THR F 151 -11.70 102.52 -56.81
C THR F 151 -13.18 102.30 -57.08
N SER F 152 -13.49 101.36 -57.98
CA SER F 152 -14.87 100.96 -58.21
C SER F 152 -15.33 100.15 -57.01
N LYS F 153 -16.03 100.81 -56.09
CA LYS F 153 -16.44 100.23 -54.81
C LYS F 153 -17.97 100.14 -54.78
N THR F 154 -18.49 98.94 -54.55
CA THR F 154 -19.93 98.74 -54.48
C THR F 154 -20.23 97.49 -53.67
N PHE F 155 -21.38 97.49 -53.01
CA PHE F 155 -21.78 96.37 -52.18
C PHE F 155 -22.04 95.12 -53.01
N GLU F 156 -22.19 94.00 -52.33
CA GLU F 156 -22.41 92.71 -52.94
C GLU F 156 -23.60 92.03 -52.31
N HIS F 157 -24.49 91.51 -53.15
CA HIS F 157 -25.59 90.69 -52.68
C HIS F 157 -25.07 89.38 -52.14
N VAL F 158 -25.47 89.05 -50.91
CA VAL F 158 -25.13 87.79 -50.27
C VAL F 158 -26.41 87.13 -49.80
N THR F 159 -26.61 85.87 -50.18
CA THR F 159 -27.79 85.15 -49.77
C THR F 159 -27.85 85.02 -48.25
N SER F 160 -29.06 85.05 -47.71
CA SER F 160 -29.26 84.92 -46.28
C SER F 160 -30.49 84.07 -46.04
N GLU F 161 -30.74 83.78 -44.76
CA GLU F 161 -31.90 82.99 -44.39
C GLU F 161 -32.28 83.32 -42.96
N ILE F 162 -33.39 82.74 -42.51
CA ILE F 162 -33.92 82.98 -41.18
C ILE F 162 -33.42 81.89 -40.25
N GLY F 163 -32.81 82.31 -39.15
CA GLY F 163 -32.31 81.37 -38.16
C GLY F 163 -33.44 80.68 -37.42
N ALA F 164 -33.05 79.66 -36.67
CA ALA F 164 -34.01 78.87 -35.90
C ALA F 164 -33.32 78.30 -34.67
N GLU F 165 -34.12 78.04 -33.65
CA GLU F 165 -33.63 77.52 -32.39
C GLU F 165 -34.80 76.85 -31.69
N GLU F 166 -34.49 75.87 -30.84
CA GLU F 166 -35.55 75.10 -30.18
C GLU F 166 -36.48 76.00 -29.39
N ALA F 167 -35.94 76.85 -28.52
CA ALA F 167 -36.79 77.69 -27.67
C ALA F 167 -37.54 78.72 -28.50
N GLU F 168 -36.84 79.45 -29.36
CA GLU F 168 -37.49 80.51 -30.12
C GLU F 168 -38.56 79.98 -31.07
N GLU F 169 -38.37 78.78 -31.63
CA GLU F 169 -39.46 78.14 -32.37
C GLU F 169 -40.64 77.86 -31.46
N VAL F 170 -40.37 77.46 -30.22
CA VAL F 170 -41.43 77.25 -29.24
C VAL F 170 -42.23 78.53 -29.05
N GLY F 171 -41.57 79.59 -28.59
CA GLY F 171 -42.29 80.81 -28.26
C GLY F 171 -42.94 81.46 -29.46
N VAL F 172 -42.23 81.54 -30.59
CA VAL F 172 -42.80 82.13 -31.79
C VAL F 172 -44.00 81.32 -32.25
N GLU F 173 -43.80 80.03 -32.51
CA GLU F 173 -44.87 79.21 -33.05
C GLU F 173 -46.06 79.08 -32.11
N HIS F 174 -45.85 79.26 -30.81
CA HIS F 174 -46.99 79.42 -29.91
C HIS F 174 -47.69 80.75 -30.17
N LEU F 175 -46.95 81.75 -30.65
CA LEU F 175 -47.56 83.01 -31.04
C LEU F 175 -48.24 82.93 -32.40
N LEU F 176 -47.86 81.97 -33.24
CA LEU F 176 -48.50 81.83 -34.55
C LEU F 176 -49.92 81.31 -34.46
N ARG F 177 -50.37 80.89 -33.27
CA ARG F 177 -51.74 80.44 -33.11
C ARG F 177 -52.77 81.54 -33.35
N ASP F 178 -52.36 82.81 -33.31
CA ASP F 178 -53.27 83.90 -33.61
C ASP F 178 -53.84 83.83 -35.02
N ILE F 179 -53.13 83.20 -35.95
CA ILE F 179 -53.60 83.03 -37.32
C ILE F 179 -53.55 81.55 -37.66
N LYS F 180 -54.39 81.15 -38.62
CA LYS F 180 -54.41 79.79 -39.09
C LYS F 180 -53.27 79.55 -40.07
N ASP F 181 -52.82 78.30 -40.14
CA ASP F 181 -51.72 77.96 -41.02
C ASP F 181 -51.82 76.48 -41.35
N THR F 182 -51.53 76.16 -42.61
CA THR F 182 -51.48 74.78 -43.08
C THR F 182 -50.04 74.51 -43.51
N THR F 183 -49.21 74.13 -42.53
CA THR F 183 -47.85 73.72 -42.81
C THR F 183 -47.74 72.22 -43.06
N VAL F 184 -48.65 71.45 -42.49
CA VAL F 184 -48.77 70.02 -42.79
C VAL F 184 -49.75 69.75 -43.92
N GLY F 185 -50.34 70.80 -44.51
CA GLY F 185 -51.27 70.63 -45.60
C GLY F 185 -50.64 69.92 -46.78
N THR F 186 -51.04 68.66 -46.97
CA THR F 186 -50.47 67.84 -48.03
C THR F 186 -50.81 68.42 -49.39
N LEU F 187 -49.80 68.48 -50.26
CA LEU F 187 -49.95 68.90 -51.66
C LEU F 187 -50.64 70.26 -51.80
N SER F 188 -50.53 71.08 -50.76
CA SER F 188 -51.03 72.43 -50.78
C SER F 188 -49.91 73.44 -50.73
N GLN F 189 -48.92 73.21 -49.86
CA GLN F 189 -47.76 74.08 -49.78
C GLN F 189 -47.01 74.12 -51.09
N ARG F 190 -47.00 73.01 -51.83
CA ARG F 190 -46.37 73.01 -53.15
C ARG F 190 -47.07 73.98 -54.08
N ILE F 191 -48.39 73.85 -54.19
CA ILE F 191 -49.19 74.70 -55.07
C ILE F 191 -48.98 76.17 -54.72
N THR F 192 -49.04 76.49 -53.43
CA THR F 192 -48.67 77.82 -52.99
C THR F 192 -47.27 78.20 -53.44
N ASN F 193 -46.34 77.25 -53.38
CA ASN F 193 -44.96 77.53 -53.79
C ASN F 193 -44.88 77.96 -55.25
N GLN F 194 -45.42 77.17 -56.18
CA GLN F 194 -45.35 77.59 -57.57
C GLN F 194 -46.13 78.87 -57.81
N VAL F 195 -47.21 79.10 -57.05
CA VAL F 195 -47.93 80.36 -57.18
C VAL F 195 -47.02 81.53 -56.86
N HIS F 196 -46.50 81.58 -55.63
CA HIS F 196 -45.64 82.68 -55.23
C HIS F 196 -44.38 82.77 -56.07
N GLY F 197 -43.91 81.65 -56.62
CA GLY F 197 -42.78 81.67 -57.50
C GLY F 197 -43.07 82.41 -58.79
N LEU F 198 -44.11 81.98 -59.50
CA LEU F 198 -44.51 82.68 -60.71
C LEU F 198 -44.83 84.15 -60.45
N LYS F 199 -45.38 84.46 -59.28
CA LYS F 199 -45.58 85.86 -58.91
C LYS F 199 -44.26 86.61 -58.90
N GLY F 200 -43.24 86.03 -58.28
CA GLY F 200 -41.93 86.65 -58.29
C GLY F 200 -41.36 86.81 -59.69
N LEU F 201 -41.57 85.80 -60.54
CA LEU F 201 -41.15 85.92 -61.93
C LEU F 201 -41.78 87.14 -62.60
N ASN F 202 -43.11 87.23 -62.52
CA ASN F 202 -43.81 88.35 -63.16
C ASN F 202 -43.36 89.68 -62.60
N SER F 203 -43.17 89.77 -61.28
CA SER F 203 -42.69 91.01 -60.68
C SER F 203 -41.32 91.40 -61.22
N LYS F 204 -40.38 90.46 -61.23
CA LYS F 204 -39.06 90.72 -61.78
C LYS F 204 -39.11 91.16 -63.24
N LEU F 205 -39.91 90.50 -64.07
CA LEU F 205 -40.03 90.92 -65.46
C LEU F 205 -40.59 92.32 -65.60
N LEU F 206 -41.65 92.65 -64.85
CA LEU F 206 -42.19 94.00 -64.90
C LEU F 206 -41.16 95.03 -64.45
N ASP F 207 -40.34 94.69 -63.46
CA ASP F 207 -39.30 95.62 -63.04
C ASP F 207 -38.26 95.82 -64.13
N ILE F 208 -37.73 94.72 -64.67
CA ILE F 208 -36.66 94.82 -65.65
C ILE F 208 -37.13 95.48 -66.93
N ARG F 209 -38.40 95.31 -67.30
CA ARG F 209 -38.93 96.04 -68.45
C ARG F 209 -39.15 97.50 -68.13
N SER F 210 -39.38 97.84 -66.86
CA SER F 210 -39.57 99.23 -66.48
C SER F 210 -38.22 99.89 -66.70
N TYR F 211 -37.17 99.28 -66.17
CA TYR F 211 -35.84 99.82 -66.39
C TYR F 211 -35.48 99.86 -67.87
N LEU F 212 -35.82 98.80 -68.60
CA LEU F 212 -35.37 98.66 -69.98
C LEU F 212 -36.00 99.68 -70.91
N GLU F 213 -37.29 99.98 -70.73
CA GLU F 213 -37.89 101.02 -71.56
C GLU F 213 -37.31 102.38 -71.23
N LYS F 214 -37.07 102.64 -69.94
CA LYS F 214 -36.48 103.90 -69.51
C LYS F 214 -35.12 104.11 -70.16
N VAL F 215 -34.22 103.13 -70.04
CA VAL F 215 -32.92 103.25 -70.69
C VAL F 215 -32.99 103.27 -72.20
N ALA F 216 -34.00 102.61 -72.78
CA ALA F 216 -34.08 102.47 -74.23
C ALA F 216 -34.21 103.83 -74.92
N THR F 217 -34.94 104.75 -74.30
CA THR F 217 -35.29 105.99 -74.96
C THR F 217 -35.40 107.11 -73.93
N GLY F 218 -35.04 108.31 -74.35
CA GLY F 218 -35.26 109.52 -73.58
C GLY F 218 -34.18 109.87 -72.58
N LYS F 219 -34.15 109.22 -71.42
CA LYS F 219 -33.22 109.60 -70.37
C LYS F 219 -32.92 108.41 -69.47
N LEU F 220 -31.76 107.77 -69.68
CA LEU F 220 -31.09 106.82 -68.80
C LEU F 220 -29.69 106.49 -69.31
N PRO F 221 -28.75 106.27 -68.40
CA PRO F 221 -27.40 105.88 -68.80
C PRO F 221 -27.42 104.57 -69.57
N ILE F 222 -26.59 104.49 -70.60
CA ILE F 222 -26.59 103.36 -71.51
C ILE F 222 -25.32 102.55 -71.31
N ASN F 223 -24.84 102.50 -70.06
CA ASN F 223 -23.59 101.83 -69.72
C ASN F 223 -23.57 100.37 -70.16
N HIS F 224 -22.38 99.82 -70.33
CA HIS F 224 -22.14 98.41 -70.63
C HIS F 224 -22.20 97.54 -69.39
N GLN F 225 -22.85 98.05 -68.34
CA GLN F 225 -22.96 97.35 -67.08
C GLN F 225 -23.61 95.99 -67.25
N ILE F 226 -24.86 95.99 -67.69
CA ILE F 226 -25.66 94.77 -67.76
C ILE F 226 -25.95 94.43 -69.21
N ILE F 227 -26.08 95.47 -70.04
CA ILE F 227 -26.80 95.46 -71.32
C ILE F 227 -26.54 94.23 -72.17
N TYR F 228 -25.32 93.70 -72.12
CA TYR F 228 -25.02 92.44 -72.78
C TYR F 228 -25.03 91.24 -71.84
N GLN F 229 -24.73 91.47 -70.56
CA GLN F 229 -24.82 90.39 -69.58
C GLN F 229 -26.23 89.81 -69.53
N LEU F 230 -27.23 90.68 -69.47
CA LEU F 230 -28.62 90.24 -69.54
C LEU F 230 -28.97 89.68 -70.91
N GLN F 231 -28.25 90.09 -71.95
CA GLN F 231 -28.35 89.43 -73.24
C GLN F 231 -27.96 87.96 -73.15
N ASP F 232 -26.85 87.67 -72.46
CA ASP F 232 -26.48 86.29 -72.21
C ASP F 232 -27.55 85.53 -71.45
N VAL F 233 -28.34 86.22 -70.63
CA VAL F 233 -29.54 85.59 -70.06
C VAL F 233 -30.43 85.09 -71.17
N PHE F 234 -30.62 85.89 -72.22
CA PHE F 234 -31.32 85.43 -73.40
C PHE F 234 -30.61 84.28 -74.08
N ASN F 235 -29.28 84.19 -73.92
CA ASN F 235 -28.52 83.14 -74.60
C ASN F 235 -28.99 81.74 -74.22
N LEU F 236 -29.48 81.52 -73.00
CA LEU F 236 -29.76 80.14 -72.59
C LEU F 236 -31.07 79.65 -73.21
N LEU F 237 -32.21 80.19 -72.75
CA LEU F 237 -33.56 80.11 -73.31
C LEU F 237 -33.84 78.78 -74.01
N PRO F 238 -33.83 77.67 -73.28
CA PRO F 238 -33.86 76.35 -73.93
C PRO F 238 -35.08 76.16 -74.81
N ASP F 239 -34.81 75.80 -76.07
CA ASP F 239 -35.86 75.53 -77.05
C ASP F 239 -36.56 74.22 -76.76
N VAL F 240 -37.58 74.27 -75.91
CA VAL F 240 -38.20 73.11 -75.29
C VAL F 240 -38.69 72.10 -76.32
N SER F 241 -39.56 72.53 -77.22
CA SER F 241 -40.18 71.61 -78.18
C SER F 241 -39.21 71.40 -79.33
N LEU F 242 -38.48 70.29 -79.28
CA LEU F 242 -37.61 69.92 -80.37
C LEU F 242 -37.61 68.40 -80.48
N GLN F 243 -36.63 67.87 -81.20
CA GLN F 243 -36.66 66.49 -81.67
C GLN F 243 -36.69 65.49 -80.52
N GLU F 244 -35.59 65.39 -79.78
CA GLU F 244 -35.42 64.31 -78.82
C GLU F 244 -35.92 64.66 -77.43
N PHE F 245 -36.07 65.96 -77.13
CA PHE F 245 -36.61 66.38 -75.85
C PHE F 245 -37.98 65.77 -75.58
N VAL F 246 -38.76 65.49 -76.63
CA VAL F 246 -40.01 64.76 -76.47
C VAL F 246 -39.76 63.44 -75.77
N LYS F 247 -38.72 62.72 -76.19
CA LYS F 247 -38.32 61.50 -75.52
C LYS F 247 -37.85 61.76 -74.09
N ALA F 248 -37.44 62.98 -73.77
CA ALA F 248 -37.16 63.32 -72.40
C ALA F 248 -38.41 63.24 -71.52
N PHE F 249 -39.53 63.78 -72.00
CA PHE F 249 -40.75 63.73 -71.22
C PHE F 249 -41.45 62.39 -71.26
N TYR F 250 -41.78 61.88 -72.44
CA TYR F 250 -42.63 60.72 -72.51
C TYR F 250 -41.96 59.46 -71.99
N LEU F 251 -40.65 59.47 -71.80
CA LEU F 251 -39.96 58.31 -71.26
C LEU F 251 -39.88 58.31 -69.73
N LYS F 252 -40.35 59.37 -69.07
CA LYS F 252 -40.36 59.44 -67.62
C LYS F 252 -41.72 59.79 -67.04
N THR F 253 -42.46 60.68 -67.71
CA THR F 253 -43.76 61.12 -67.22
C THR F 253 -44.69 59.93 -67.02
N ASN F 254 -44.79 59.06 -68.02
CA ASN F 254 -45.56 57.84 -67.87
C ASN F 254 -44.98 56.92 -66.80
N ASP F 255 -43.67 56.96 -66.56
CA ASP F 255 -43.10 56.23 -65.43
C ASP F 255 -43.76 56.65 -64.13
N GLN F 256 -43.71 57.94 -63.82
CA GLN F 256 -44.37 58.41 -62.60
C GLN F 256 -45.87 58.18 -62.64
N MET F 257 -46.47 58.27 -63.83
CA MET F 257 -47.88 57.92 -63.99
C MET F 257 -48.16 56.49 -63.61
N VAL F 258 -47.21 55.58 -63.85
CA VAL F 258 -47.41 54.19 -63.47
C VAL F 258 -47.49 54.05 -61.95
N VAL F 259 -46.56 54.70 -61.25
CA VAL F 259 -46.56 54.64 -59.79
C VAL F 259 -47.84 55.23 -59.24
N VAL F 260 -48.25 56.39 -59.76
CA VAL F 260 -49.50 57.00 -59.32
C VAL F 260 -50.67 56.06 -59.59
N TYR F 261 -50.65 55.39 -60.74
CA TYR F 261 -51.67 54.41 -61.08
C TYR F 261 -51.76 53.31 -60.04
N LEU F 262 -50.62 52.72 -59.68
CA LEU F 262 -50.62 51.67 -58.66
C LEU F 262 -51.14 52.19 -57.33
N ALA F 263 -50.71 53.40 -56.95
CA ALA F 263 -51.15 53.98 -55.68
C ALA F 263 -52.66 54.13 -55.64
N SER F 264 -53.26 54.70 -56.70
CA SER F 264 -54.72 54.73 -56.76
C SER F 264 -55.31 53.34 -56.71
N LEU F 265 -54.67 52.37 -57.36
CA LEU F 265 -55.14 51.00 -57.36
C LEU F 265 -55.30 50.44 -55.96
N ILE F 266 -54.28 50.55 -55.12
CA ILE F 266 -54.39 50.03 -53.77
C ILE F 266 -55.30 50.90 -52.91
N ARG F 267 -55.26 52.22 -53.13
CA ARG F 267 -56.11 53.12 -52.37
C ARG F 267 -57.59 52.79 -52.53
N SER F 268 -58.00 52.43 -53.76
CA SER F 268 -59.39 52.07 -53.99
C SER F 268 -59.79 50.83 -53.17
N VAL F 269 -58.94 49.80 -53.18
CA VAL F 269 -59.26 48.58 -52.45
C VAL F 269 -59.31 48.84 -50.96
N VAL F 270 -58.34 49.59 -50.44
CA VAL F 270 -58.32 49.94 -49.02
C VAL F 270 -59.58 50.68 -48.64
N ALA F 271 -60.01 51.63 -49.47
CA ALA F 271 -61.30 52.27 -49.23
C ALA F 271 -62.45 51.27 -49.29
N LEU F 272 -62.33 50.23 -50.11
CA LEU F 272 -63.38 49.24 -50.26
C LEU F 272 -63.51 48.33 -49.04
N HIS F 273 -62.43 48.14 -48.28
CA HIS F 273 -62.52 47.30 -47.09
C HIS F 273 -63.57 47.82 -46.10
N ASN F 274 -63.56 49.12 -45.84
CA ASN F 274 -64.45 49.69 -44.83
C ASN F 274 -65.91 49.54 -45.19
N LEU F 275 -66.23 49.42 -46.48
CA LEU F 275 -67.62 49.17 -46.88
C LEU F 275 -68.10 47.83 -46.32
N ILE F 276 -67.31 46.78 -46.51
CA ILE F 276 -67.66 45.49 -45.92
C ILE F 276 -67.63 45.58 -44.41
N ASN F 277 -66.63 46.31 -43.88
CA ASN F 277 -66.45 46.37 -42.43
C ASN F 277 -67.65 47.00 -41.73
N ASN F 278 -68.21 48.06 -42.30
CA ASN F 278 -69.32 48.74 -41.65
C ASN F 278 -70.67 48.18 -42.08
N LYS F 279 -70.76 47.67 -43.31
CA LYS F 279 -71.99 47.02 -43.73
C LYS F 279 -72.21 45.71 -42.99
N ILE F 280 -71.14 45.10 -42.49
CA ILE F 280 -71.29 43.95 -41.60
C ILE F 280 -71.84 44.39 -40.25
N ALA F 281 -71.17 45.34 -39.61
CA ALA F 281 -71.52 45.75 -38.26
C ALA F 281 -72.89 46.39 -38.16
N ASN F 282 -73.31 47.14 -39.19
CA ASN F 282 -74.61 47.80 -39.16
C ASN F 282 -75.73 46.79 -39.05
N ARG F 283 -75.90 45.97 -40.09
CA ARG F 283 -76.99 45.02 -40.15
C ARG F 283 -76.85 43.89 -39.14
N ASP F 284 -75.62 43.47 -38.83
CA ASP F 284 -75.46 42.41 -37.83
C ASP F 284 -75.84 42.90 -36.44
N ALA F 285 -75.58 44.17 -36.13
CA ALA F 285 -76.04 44.74 -34.88
C ALA F 285 -77.52 45.08 -34.92
N GLU F 286 -78.07 45.33 -36.11
CA GLU F 286 -79.48 45.64 -36.25
C GLU F 286 -80.33 44.39 -36.03
N LYS F 287 -80.07 43.33 -36.79
CA LYS F 287 -80.81 42.08 -36.67
C LYS F 287 -80.73 41.50 -35.27
N LYS F 288 -79.61 41.67 -34.59
CA LYS F 288 -79.50 41.27 -33.19
C LYS F 288 -80.17 42.25 -32.24
N GLU F 289 -80.27 43.52 -32.66
CA GLU F 289 -80.98 44.51 -31.85
C GLU F 289 -82.48 44.24 -31.83
N GLY F 290 -83.04 43.87 -32.97
CA GLY F 290 -84.46 43.58 -33.06
C GLY F 290 -84.80 42.15 -32.66
N VAL G 4 21.36 132.75 -45.85
CA VAL G 4 20.00 132.57 -46.34
C VAL G 4 19.26 133.92 -46.49
N PRO G 5 19.23 134.73 -45.43
CA PRO G 5 18.63 136.07 -45.57
C PRO G 5 19.33 136.93 -46.61
N GLY G 6 20.62 136.76 -46.81
CA GLY G 6 21.31 137.46 -47.87
C GLY G 6 21.12 136.79 -49.22
N PHE G 7 20.92 135.47 -49.21
CA PHE G 7 20.69 134.73 -50.45
C PHE G 7 19.35 135.08 -51.07
N LEU G 8 18.30 135.23 -50.25
CA LEU G 8 17.01 135.64 -50.78
C LEU G 8 17.02 137.07 -51.26
N GLN G 9 17.95 137.90 -50.78
CA GLN G 9 18.05 139.28 -51.24
C GLN G 9 18.62 139.35 -52.66
N GLN G 10 19.63 138.55 -52.96
CA GLN G 10 20.20 138.51 -54.31
C GLN G 10 19.36 137.68 -55.27
N SER G 11 18.75 136.58 -54.79
CA SER G 11 17.73 135.90 -55.57
C SER G 11 16.55 136.81 -55.85
N GLN G 12 16.27 137.76 -54.97
CA GLN G 12 15.29 138.80 -55.24
C GLN G 12 15.62 139.56 -56.52
N ASN G 13 16.91 139.71 -56.82
CA ASN G 13 17.36 140.32 -58.06
C ASN G 13 17.54 139.27 -59.14
N SER G 14 17.25 139.66 -60.38
CA SER G 14 17.41 138.86 -61.60
C SER G 14 16.36 137.77 -61.75
N GLY G 15 15.50 137.54 -60.76
CA GLY G 15 14.37 136.68 -60.94
C GLY G 15 13.34 137.43 -61.77
N PRO G 16 13.05 136.91 -62.97
CA PRO G 16 12.28 137.66 -63.97
C PRO G 16 10.96 138.17 -63.44
N GLY G 17 10.73 139.47 -63.60
CA GLY G 17 9.67 140.14 -62.87
C GLY G 17 10.11 140.34 -61.44
N GLN G 18 11.30 140.94 -61.29
CA GLN G 18 11.91 141.05 -59.97
C GLN G 18 11.03 141.77 -58.97
N PRO G 19 10.56 143.00 -59.22
CA PRO G 19 9.75 143.71 -58.22
C PRO G 19 8.40 143.05 -58.00
N ALA G 20 7.83 142.45 -59.05
CA ALA G 20 6.49 141.91 -58.96
C ALA G 20 6.42 140.71 -58.02
N VAL G 21 7.39 139.81 -58.08
CA VAL G 21 7.30 138.55 -57.36
C VAL G 21 8.22 138.50 -56.14
N TRP G 22 9.30 139.27 -56.11
CA TRP G 22 10.29 139.12 -55.06
C TRP G 22 10.02 140.00 -53.84
N HIS G 23 9.57 141.23 -54.02
CA HIS G 23 9.16 142.03 -52.88
C HIS G 23 7.97 141.41 -52.16
N ARG G 24 7.12 140.69 -52.89
CA ARG G 24 6.05 139.94 -52.25
C ARG G 24 6.59 138.65 -51.63
N LEU G 25 7.49 137.97 -52.34
CA LEU G 25 8.09 136.74 -51.83
C LEU G 25 8.81 136.96 -50.51
N GLU G 26 9.40 138.14 -50.32
CA GLU G 26 10.09 138.46 -49.07
C GLU G 26 9.13 138.80 -47.94
N GLU G 27 7.84 138.53 -48.11
CA GLU G 27 6.86 138.70 -47.05
C GLU G 27 6.18 137.40 -46.65
N LEU G 28 6.29 136.35 -47.46
CA LEU G 28 5.64 135.09 -47.12
C LEU G 28 6.32 134.40 -45.94
N TYR G 29 7.62 134.11 -46.08
CA TYR G 29 8.34 133.46 -45.00
C TYR G 29 8.44 134.34 -43.76
N THR G 30 8.40 135.67 -43.93
CA THR G 30 8.35 136.56 -42.77
C THR G 30 7.13 136.27 -41.91
N LYS G 31 6.00 135.98 -42.53
CA LYS G 31 4.83 135.46 -41.82
C LYS G 31 4.98 133.98 -41.50
N LYS G 32 6.04 133.34 -42.02
CA LYS G 32 6.34 131.93 -41.75
C LYS G 32 5.24 131.00 -42.25
N LEU G 33 4.44 131.45 -43.22
CA LEU G 33 3.44 130.57 -43.79
C LEU G 33 4.09 129.68 -44.86
N TRP G 34 3.52 128.49 -45.01
CA TRP G 34 4.18 127.47 -45.83
C TRP G 34 3.30 126.96 -46.95
N HIS G 35 2.19 127.64 -47.26
CA HIS G 35 1.27 127.18 -48.29
C HIS G 35 0.99 128.23 -49.35
N GLN G 36 0.84 129.49 -48.97
CA GLN G 36 1.02 130.54 -49.95
C GLN G 36 2.48 130.61 -50.37
N LEU G 37 3.39 130.27 -49.45
CA LEU G 37 4.80 130.21 -49.75
C LEU G 37 5.12 129.02 -50.65
N THR G 38 4.60 127.84 -50.30
CA THR G 38 4.84 126.65 -51.11
C THR G 38 4.17 126.77 -52.47
N LEU G 39 2.90 127.17 -52.49
CA LEU G 39 2.20 127.37 -53.76
C LEU G 39 2.88 128.44 -54.59
N GLN G 40 3.48 129.44 -53.93
CA GLN G 40 4.25 130.42 -54.70
C GLN G 40 5.58 129.82 -55.15
N VAL G 41 6.04 128.76 -54.47
CA VAL G 41 7.19 128.01 -54.96
C VAL G 41 6.82 127.28 -56.26
N LEU G 42 5.63 126.68 -56.28
CA LEU G 42 5.16 126.05 -57.51
C LEU G 42 4.86 127.09 -58.58
N ASP G 43 4.54 128.32 -58.18
CA ASP G 43 4.25 129.36 -59.17
C ASP G 43 5.54 129.91 -59.78
N PHE G 44 6.58 130.09 -58.95
CA PHE G 44 7.88 130.52 -59.44
C PHE G 44 8.44 129.58 -60.49
N VAL G 45 8.21 128.28 -60.34
CA VAL G 45 8.79 127.29 -61.22
C VAL G 45 7.85 126.92 -62.38
N GLN G 46 6.53 126.97 -62.16
CA GLN G 46 5.58 126.80 -63.24
C GLN G 46 5.48 128.04 -64.12
N ASP G 47 6.05 129.17 -63.66
CA ASP G 47 6.08 130.41 -64.42
C ASP G 47 6.69 130.17 -65.79
N PRO G 48 6.01 130.55 -66.88
CA PRO G 48 6.60 130.36 -68.21
C PRO G 48 7.75 131.32 -68.45
N CYS G 49 8.96 130.79 -68.34
CA CYS G 49 10.19 131.54 -68.56
C CYS G 49 11.25 130.55 -69.04
N PHE G 50 12.49 131.02 -69.17
CA PHE G 50 13.56 130.11 -69.50
C PHE G 50 13.86 129.13 -68.37
N ALA G 51 13.55 129.51 -67.13
CA ALA G 51 13.69 128.63 -65.97
C ALA G 51 15.14 128.19 -65.78
N GLN G 52 16.05 129.16 -65.87
CA GLN G 52 17.47 128.88 -65.68
C GLN G 52 17.89 128.93 -64.22
N GLY G 53 17.12 129.60 -63.36
CA GLY G 53 17.53 129.79 -61.99
C GLY G 53 17.27 128.60 -61.08
N ASP G 54 17.33 127.39 -61.64
CA ASP G 54 17.15 126.19 -60.82
C ASP G 54 18.38 125.90 -59.96
N GLY G 55 19.56 126.31 -60.43
CA GLY G 55 20.75 126.14 -59.62
C GLY G 55 20.76 127.02 -58.38
N LEU G 56 20.08 128.16 -58.45
CA LEU G 56 20.00 129.06 -57.30
C LEU G 56 18.78 128.73 -56.44
N ILE G 57 17.62 128.59 -57.07
CA ILE G 57 16.41 128.30 -56.33
C ILE G 57 16.42 126.87 -55.79
N LYS G 58 17.35 126.03 -56.25
CA LYS G 58 17.57 124.77 -55.57
C LYS G 58 18.27 124.97 -54.23
N LEU G 59 19.10 126.01 -54.13
CA LEU G 59 19.69 126.38 -52.85
C LEU G 59 18.70 127.14 -51.97
N TYR G 60 17.86 128.00 -52.57
CA TYR G 60 16.83 128.66 -51.78
C TYR G 60 15.79 127.68 -51.28
N GLU G 61 15.38 126.73 -52.12
CA GLU G 61 14.48 125.68 -51.71
C GLU G 61 15.16 124.66 -50.80
N ASN G 62 16.48 124.53 -50.89
CA ASN G 62 17.21 123.82 -49.86
C ASN G 62 17.11 124.55 -48.53
N PHE G 63 17.11 125.89 -48.57
CA PHE G 63 16.88 126.68 -47.38
C PHE G 63 15.47 126.50 -46.85
N ILE G 64 14.48 126.46 -47.74
CA ILE G 64 13.11 126.20 -47.32
C ILE G 64 12.99 124.82 -46.70
N SER G 65 13.71 123.85 -47.25
CA SER G 65 13.74 122.50 -46.69
C SER G 65 14.56 122.45 -45.40
N GLU G 66 15.37 123.47 -45.12
CA GLU G 66 16.11 123.50 -43.86
C GLU G 66 15.16 123.50 -42.67
N PHE G 67 14.33 124.53 -42.56
CA PHE G 67 13.43 124.68 -41.43
C PHE G 67 11.98 124.55 -41.88
N GLU G 68 11.76 123.87 -43.00
CA GLU G 68 10.40 123.75 -43.50
C GLU G 68 9.67 122.66 -42.74
N HIS G 69 10.06 121.40 -42.95
CA HIS G 69 9.59 120.21 -42.24
C HIS G 69 8.06 120.18 -42.04
N ARG G 70 7.35 120.88 -42.92
CA ARG G 70 5.94 121.16 -42.69
C ARG G 70 5.08 120.86 -43.91
N VAL G 71 5.62 121.11 -45.10
CA VAL G 71 4.79 121.14 -46.29
C VAL G 71 4.77 119.77 -46.96
N ASN G 72 3.62 119.45 -47.54
CA ASN G 72 3.52 118.29 -48.40
C ASN G 72 4.53 118.42 -49.55
N PRO G 73 5.52 117.53 -49.64
CA PRO G 73 6.56 117.65 -50.66
C PRO G 73 6.11 117.29 -52.07
N LEU G 74 4.80 117.15 -52.32
CA LEU G 74 4.33 117.07 -53.69
C LEU G 74 4.85 118.24 -54.51
N SER G 75 4.73 119.45 -53.96
CA SER G 75 5.39 120.61 -54.54
C SER G 75 6.90 120.41 -54.64
N LEU G 76 7.50 119.71 -53.68
CA LEU G 76 8.94 119.48 -53.71
C LEU G 76 9.34 118.70 -54.95
N VAL G 77 8.61 117.64 -55.27
CA VAL G 77 8.90 116.92 -56.51
C VAL G 77 8.52 117.76 -57.71
N GLU G 78 7.43 118.54 -57.61
CA GLU G 78 7.01 119.41 -58.69
C GLU G 78 8.07 120.45 -59.05
N ILE G 79 8.93 120.81 -58.11
CA ILE G 79 9.97 121.79 -58.38
C ILE G 79 11.25 121.06 -58.76
N ILE G 80 11.49 119.89 -58.16
CA ILE G 80 12.69 119.14 -58.48
C ILE G 80 12.67 118.63 -59.91
N LEU G 81 11.48 118.37 -60.45
CA LEU G 81 11.41 117.92 -61.84
C LEU G 81 11.81 119.02 -62.81
N HIS G 82 11.53 120.28 -62.47
CA HIS G 82 12.03 121.37 -63.27
C HIS G 82 13.51 121.64 -63.00
N VAL G 83 13.97 121.41 -61.77
CA VAL G 83 15.39 121.54 -61.47
C VAL G 83 16.20 120.59 -62.33
N VAL G 84 15.80 119.31 -62.36
CA VAL G 84 16.38 118.37 -63.31
C VAL G 84 15.98 118.68 -64.75
N ARG G 85 14.96 119.51 -64.94
CA ARG G 85 14.56 119.90 -66.29
C ARG G 85 15.58 120.85 -66.92
N GLN G 86 16.01 121.86 -66.16
CA GLN G 86 16.99 122.82 -66.68
C GLN G 86 18.42 122.35 -66.46
N MET G 87 18.67 121.59 -65.39
CA MET G 87 20.01 121.06 -65.16
C MET G 87 20.28 119.85 -66.03
N THR G 88 19.38 118.87 -66.01
CA THR G 88 19.50 117.66 -66.82
C THR G 88 20.80 116.91 -66.52
N ASP G 89 20.98 116.57 -65.24
CA ASP G 89 22.13 115.80 -64.81
C ASP G 89 21.62 114.58 -64.04
N PRO G 90 21.85 113.36 -64.55
CA PRO G 90 21.34 112.17 -63.86
C PRO G 90 21.99 111.93 -62.52
N ASN G 91 23.22 112.40 -62.31
CA ASN G 91 23.89 112.13 -61.04
C ASN G 91 23.37 113.03 -59.93
N VAL G 92 23.36 114.35 -60.16
CA VAL G 92 22.84 115.27 -59.15
C VAL G 92 21.33 115.22 -59.02
N ALA G 93 20.63 114.76 -60.06
CA ALA G 93 19.19 114.65 -60.03
C ALA G 93 18.71 113.34 -59.42
N LEU G 94 19.34 112.22 -59.80
CA LEU G 94 18.91 110.93 -59.28
C LEU G 94 19.33 110.74 -57.83
N THR G 95 20.56 111.11 -57.49
CA THR G 95 21.02 110.96 -56.11
C THR G 95 20.25 111.86 -55.17
N PHE G 96 20.13 113.15 -55.51
CA PHE G 96 19.31 114.05 -54.71
C PHE G 96 17.85 113.61 -54.68
N LEU G 97 17.38 113.00 -55.77
CA LEU G 97 16.00 112.54 -55.82
C LEU G 97 15.75 111.40 -54.84
N GLU G 98 16.63 110.40 -54.84
CA GLU G 98 16.51 109.32 -53.85
C GLU G 98 16.72 109.84 -52.45
N LYS G 99 17.59 110.84 -52.29
CA LYS G 99 17.78 111.47 -50.99
C LYS G 99 16.46 112.05 -50.47
N THR G 100 15.77 112.80 -51.33
CA THR G 100 14.47 113.34 -50.95
C THR G 100 13.46 112.23 -50.72
N ARG G 101 13.51 111.16 -51.52
CA ARG G 101 12.56 110.06 -51.39
C ARG G 101 12.72 109.34 -50.06
N GLU G 102 13.95 109.17 -49.59
CA GLU G 102 14.18 108.53 -48.30
C GLU G 102 13.99 109.47 -47.13
N LYS G 103 14.26 110.76 -47.32
CA LYS G 103 13.97 111.74 -46.28
C LYS G 103 12.51 112.15 -46.25
N VAL G 104 11.69 111.62 -47.16
CA VAL G 104 10.26 111.86 -47.18
C VAL G 104 9.60 110.50 -47.40
N LYS G 105 9.17 109.86 -46.31
CA LYS G 105 8.54 108.55 -46.37
C LYS G 105 7.29 108.51 -45.49
N SER G 106 6.60 109.64 -45.37
CA SER G 106 5.63 109.84 -44.29
C SER G 106 4.25 110.12 -44.86
N SER G 107 3.35 110.63 -43.99
CA SER G 107 1.96 110.86 -44.36
C SER G 107 1.83 111.65 -45.67
N ASP G 108 2.77 112.54 -45.94
CA ASP G 108 2.88 113.12 -47.27
C ASP G 108 3.23 112.02 -48.27
N GLU G 109 2.30 111.70 -49.17
CA GLU G 109 2.51 110.61 -50.12
C GLU G 109 3.32 111.07 -51.33
N ALA G 110 4.47 111.69 -51.08
CA ALA G 110 5.35 112.12 -52.16
C ALA G 110 6.39 111.08 -52.52
N VAL G 111 6.70 110.16 -51.60
CA VAL G 111 7.69 109.12 -51.88
C VAL G 111 7.23 108.20 -52.99
N ILE G 112 5.92 107.90 -53.04
CA ILE G 112 5.41 106.99 -54.05
C ILE G 112 5.62 107.54 -55.45
N LEU G 113 5.58 108.85 -55.61
CA LEU G 113 5.90 109.49 -56.88
C LEU G 113 7.36 109.88 -56.97
N CYS G 114 8.11 109.80 -55.87
CA CYS G 114 9.56 109.82 -55.97
C CYS G 114 10.06 108.57 -56.68
N LYS G 115 9.41 107.42 -56.44
CA LYS G 115 9.67 106.26 -57.28
C LYS G 115 9.42 106.56 -58.76
N THR G 116 8.27 107.18 -59.06
CA THR G 116 7.95 107.52 -60.44
C THR G 116 9.01 108.44 -61.03
N ALA G 117 9.46 109.42 -60.26
CA ALA G 117 10.57 110.25 -60.69
C ALA G 117 11.83 109.44 -60.89
N ILE G 118 12.01 108.35 -60.14
CA ILE G 118 13.14 107.46 -60.36
C ILE G 118 13.03 106.84 -61.75
N GLY G 119 11.88 106.23 -62.04
CA GLY G 119 11.68 105.63 -63.35
C GLY G 119 11.53 106.62 -64.49
N ALA G 120 11.46 107.91 -64.19
CA ALA G 120 11.20 108.91 -65.23
C ALA G 120 12.44 109.22 -66.05
N LEU G 121 13.61 109.28 -65.42
CA LEU G 121 14.85 109.53 -66.12
C LEU G 121 15.48 108.24 -66.65
N LYS G 122 14.87 107.11 -66.34
CA LYS G 122 15.35 105.81 -66.78
C LYS G 122 14.88 105.45 -68.17
N LEU G 123 14.07 106.31 -68.79
CA LEU G 123 13.64 106.06 -70.16
C LEU G 123 14.80 106.09 -71.15
N ASN G 124 15.89 106.76 -70.78
CA ASN G 124 17.04 106.85 -71.68
C ASN G 124 17.85 105.55 -71.65
N ILE G 125 18.40 105.21 -70.48
CA ILE G 125 19.21 104.01 -70.33
C ILE G 125 18.70 103.22 -69.12
N GLY G 126 19.29 102.05 -68.92
CA GLY G 126 18.85 101.16 -67.87
C GLY G 126 17.40 100.76 -68.02
N ASP G 127 16.97 100.46 -69.24
CA ASP G 127 15.57 100.26 -69.56
C ASP G 127 15.02 98.93 -69.09
N LEU G 128 15.78 98.16 -68.31
CA LEU G 128 15.27 96.88 -67.84
C LEU G 128 15.49 96.68 -66.35
N GLN G 129 16.49 97.35 -65.77
CA GLN G 129 16.97 96.95 -64.45
C GLN G 129 15.94 97.19 -63.36
N VAL G 130 15.26 98.34 -63.37
CA VAL G 130 14.15 98.53 -62.44
C VAL G 130 12.95 99.08 -63.18
N THR G 131 13.07 99.22 -64.50
CA THR G 131 11.89 99.58 -65.29
C THR G 131 10.81 98.52 -65.13
N LYS G 132 11.21 97.26 -65.02
CA LYS G 132 10.29 96.17 -64.75
C LYS G 132 9.96 96.03 -63.27
N GLU G 133 10.76 96.62 -62.39
CA GLU G 133 10.66 96.37 -60.95
C GLU G 133 9.92 97.48 -60.21
N THR G 134 10.46 98.71 -60.24
CA THR G 134 9.81 99.81 -59.55
C THR G 134 8.52 100.23 -60.23
N ILE G 135 8.43 100.13 -61.56
CA ILE G 135 7.14 100.26 -62.23
C ILE G 135 6.19 99.17 -61.75
N GLU G 136 6.73 98.00 -61.42
CA GLU G 136 5.91 96.93 -60.86
C GLU G 136 5.56 97.17 -59.41
N ASP G 137 6.24 98.11 -58.75
CA ASP G 137 5.98 98.35 -57.34
C ASP G 137 4.96 99.46 -57.13
N VAL G 138 4.82 100.36 -58.11
CA VAL G 138 4.02 101.57 -57.92
C VAL G 138 2.55 101.22 -57.73
N GLU G 139 2.01 100.33 -58.56
CA GLU G 139 0.62 99.92 -58.39
C GLU G 139 0.40 99.17 -57.09
N GLU G 140 1.38 98.35 -56.66
CA GLU G 140 1.30 97.74 -55.35
C GLU G 140 1.24 98.80 -54.26
N MET G 141 1.91 99.93 -54.47
CA MET G 141 1.75 101.07 -53.59
C MET G 141 0.40 101.73 -53.75
N LEU G 142 -0.24 101.56 -54.90
CA LEU G 142 -1.55 102.16 -55.17
C LEU G 142 -2.58 101.36 -54.38
N ASN G 143 -2.71 101.70 -53.10
CA ASN G 143 -3.62 101.01 -52.21
C ASN G 143 -4.13 102.00 -51.18
N ASN G 144 -5.45 102.10 -51.07
CA ASN G 144 -6.15 102.95 -50.12
C ASN G 144 -6.09 104.43 -50.49
N LEU G 145 -5.47 104.78 -51.61
CA LEU G 145 -5.43 106.19 -52.01
C LEU G 145 -5.24 106.28 -53.51
N PRO G 146 -6.31 106.13 -54.29
CA PRO G 146 -6.24 106.41 -55.72
C PRO G 146 -6.71 107.83 -55.99
N GLY G 147 -6.93 108.58 -54.92
CA GLY G 147 -7.54 109.89 -55.05
C GLY G 147 -6.71 110.86 -55.86
N VAL G 148 -5.38 110.75 -55.77
CA VAL G 148 -4.51 111.62 -56.54
C VAL G 148 -4.71 111.36 -58.02
N THR G 149 -4.39 110.15 -58.45
CA THR G 149 -4.56 109.68 -59.83
C THR G 149 -3.54 110.32 -60.79
N SER G 150 -2.83 111.34 -60.32
CA SER G 150 -1.66 111.83 -61.04
C SER G 150 -0.48 110.90 -60.83
N VAL G 151 -0.43 110.23 -59.69
CA VAL G 151 0.45 109.08 -59.53
C VAL G 151 0.11 108.01 -60.57
N HIS G 152 -1.18 107.89 -60.89
CA HIS G 152 -1.57 107.04 -62.01
C HIS G 152 -1.20 107.67 -63.35
N SER G 153 -1.05 108.99 -63.40
CA SER G 153 -0.58 109.63 -64.62
C SER G 153 0.87 109.29 -64.89
N ARG G 154 1.74 109.52 -63.90
CA ARG G 154 3.13 109.09 -64.02
C ARG G 154 3.24 107.60 -64.25
N PHE G 155 2.43 106.81 -63.54
CA PHE G 155 2.44 105.37 -63.72
C PHE G 155 2.02 104.96 -65.13
N TYR G 156 1.14 105.72 -65.76
CA TYR G 156 0.76 105.37 -67.13
C TYR G 156 1.77 105.91 -68.13
N ASP G 157 2.52 106.95 -67.74
CA ASP G 157 3.60 107.39 -68.61
C ASP G 157 4.72 106.35 -68.64
N LEU G 158 5.20 105.96 -67.46
CA LEU G 158 6.20 104.89 -67.38
C LEU G 158 5.64 103.56 -67.86
N SER G 159 4.33 103.36 -67.75
CA SER G 159 3.74 102.11 -68.18
C SER G 159 3.63 102.04 -69.69
N SER G 160 3.22 103.14 -70.33
CA SER G 160 3.16 103.22 -71.77
C SER G 160 4.53 103.23 -72.41
N LYS G 161 5.50 103.89 -71.79
CA LYS G 161 6.87 103.88 -72.28
C LYS G 161 7.55 102.54 -72.09
N TYR G 162 7.32 101.88 -70.94
CA TYR G 162 7.75 100.51 -70.77
C TYR G 162 7.00 99.57 -71.70
N TYR G 163 5.82 99.98 -72.16
CA TYR G 163 5.04 99.18 -73.10
C TYR G 163 5.79 98.92 -74.39
N GLN G 164 6.73 99.80 -74.77
CA GLN G 164 7.50 99.56 -76.00
C GLN G 164 8.66 98.60 -75.76
N THR G 165 8.34 97.50 -75.09
CA THR G 165 9.05 96.24 -75.22
C THR G 165 8.16 95.44 -76.16
N ILE G 166 8.72 95.08 -77.33
CA ILE G 166 7.91 94.78 -78.51
C ILE G 166 6.90 93.68 -78.25
N GLY G 167 7.21 92.76 -77.34
CA GLY G 167 6.29 91.70 -76.99
C GLY G 167 5.23 92.10 -75.97
N ASN G 168 4.55 93.22 -76.20
CA ASN G 168 3.48 93.68 -75.33
C ASN G 168 2.44 94.40 -76.15
N HIS G 169 1.16 94.08 -75.91
CA HIS G 169 0.07 94.68 -76.67
C HIS G 169 -1.15 95.07 -75.84
N ALA G 170 -1.25 94.68 -74.57
CA ALA G 170 -2.50 94.85 -73.84
C ALA G 170 -2.39 95.83 -72.69
N SER G 171 -1.16 96.23 -72.33
CA SER G 171 -0.98 97.12 -71.19
C SER G 171 -1.14 98.58 -71.59
N TYR G 172 -0.70 98.94 -72.78
CA TYR G 172 -0.95 100.29 -73.28
C TYR G 172 -2.41 100.46 -73.66
N TYR G 173 -2.95 99.52 -74.43
CA TYR G 173 -4.37 99.57 -74.77
C TYR G 173 -5.24 99.44 -73.54
N LYS G 174 -4.77 98.70 -72.53
CA LYS G 174 -5.57 98.51 -71.33
C LYS G 174 -5.49 99.71 -70.40
N ASP G 175 -4.30 99.99 -69.89
CA ASP G 175 -4.10 101.11 -68.98
C ASP G 175 -4.38 102.45 -69.63
N ALA G 176 -4.36 102.51 -70.96
CA ALA G 176 -4.74 103.74 -71.66
C ALA G 176 -6.17 104.12 -71.34
N LEU G 177 -7.06 103.14 -71.24
CA LEU G 177 -8.42 103.41 -70.82
C LEU G 177 -8.47 103.88 -69.38
N ARG G 178 -7.45 103.54 -68.58
CA ARG G 178 -7.38 104.04 -67.21
C ARG G 178 -6.93 105.48 -67.16
N PHE G 179 -5.90 105.82 -67.94
CA PHE G 179 -5.41 107.20 -67.95
C PHE G 179 -6.41 108.14 -68.60
N LEU G 180 -6.82 107.83 -69.82
CA LEU G 180 -7.88 108.62 -70.46
C LEU G 180 -9.18 108.55 -69.66
N GLY G 181 -9.42 107.44 -68.96
CA GLY G 181 -10.58 107.34 -68.09
C GLY G 181 -10.47 108.14 -66.82
N CYS G 182 -9.27 108.54 -66.43
CA CYS G 182 -9.06 109.34 -65.24
C CYS G 182 -8.75 110.79 -65.55
N VAL G 183 -8.54 111.14 -66.82
CA VAL G 183 -8.38 112.50 -67.28
C VAL G 183 -9.63 112.90 -68.05
N ASP G 184 -10.15 114.08 -67.78
CA ASP G 184 -11.42 114.53 -68.34
C ASP G 184 -11.25 115.71 -69.30
N ILE G 185 -10.65 116.79 -68.83
CA ILE G 185 -10.49 117.99 -69.65
C ILE G 185 -9.53 117.71 -70.79
N LYS G 186 -9.48 118.61 -71.76
CA LYS G 186 -8.50 118.53 -72.81
C LYS G 186 -7.11 118.79 -72.23
N ASP G 187 -6.07 118.53 -73.01
CA ASP G 187 -4.70 118.74 -72.57
C ASP G 187 -4.09 119.93 -73.31
N LEU G 188 -4.57 120.15 -74.52
CA LEU G 188 -3.98 121.13 -75.40
C LEU G 188 -4.86 121.22 -76.65
N PRO G 189 -4.62 122.18 -77.55
CA PRO G 189 -5.37 122.20 -78.82
C PRO G 189 -5.32 120.85 -79.52
N VAL G 190 -6.48 120.39 -79.98
CA VAL G 190 -6.80 118.96 -80.15
C VAL G 190 -5.74 118.12 -80.85
N SER G 191 -4.80 118.77 -81.57
CA SER G 191 -3.85 118.11 -82.44
C SER G 191 -2.86 117.16 -81.76
N GLU G 192 -2.97 116.92 -80.46
CA GLU G 192 -2.21 115.85 -79.83
C GLU G 192 -3.07 114.64 -79.53
N GLN G 193 -4.22 114.83 -78.87
CA GLN G 193 -5.01 113.70 -78.42
C GLN G 193 -5.50 112.85 -79.57
N GLN G 194 -5.68 113.42 -80.76
CA GLN G 194 -6.14 112.65 -81.90
C GLN G 194 -5.12 111.62 -82.35
N GLU G 195 -3.85 111.98 -82.48
CA GLU G 195 -2.82 111.00 -82.77
C GLU G 195 -2.48 110.15 -81.56
N ARG G 196 -2.74 110.66 -80.35
CA ARG G 196 -2.68 109.81 -79.18
C ARG G 196 -3.63 108.62 -79.32
N ALA G 197 -4.88 108.89 -79.68
CA ALA G 197 -5.79 107.82 -80.00
C ALA G 197 -5.40 107.10 -81.28
N PHE G 198 -4.59 107.74 -82.14
CA PHE G 198 -4.09 107.06 -83.32
C PHE G 198 -3.18 105.91 -82.93
N THR G 199 -2.08 106.21 -82.24
CA THR G 199 -1.20 105.17 -81.71
C THR G 199 -1.92 104.24 -80.75
N LEU G 200 -2.95 104.74 -80.05
CA LEU G 200 -3.76 103.87 -79.22
C LEU G 200 -4.43 102.79 -80.07
N GLY G 201 -5.10 103.19 -81.15
CA GLY G 201 -5.69 102.22 -82.05
C GLY G 201 -4.66 101.36 -82.75
N LEU G 202 -3.43 101.86 -82.87
CA LEU G 202 -2.36 101.05 -83.45
C LEU G 202 -1.96 99.92 -82.52
N ALA G 203 -1.65 100.25 -81.26
CA ALA G 203 -1.27 99.22 -80.30
C ALA G 203 -2.42 98.26 -80.05
N GLY G 204 -3.62 98.78 -79.78
CA GLY G 204 -4.78 97.92 -79.62
C GLY G 204 -5.10 97.11 -80.85
N LEU G 205 -4.79 97.64 -82.04
CA LEU G 205 -4.98 96.86 -83.26
C LEU G 205 -3.98 95.71 -83.34
N LEU G 206 -2.75 95.95 -82.94
CA LEU G 206 -1.75 94.89 -82.88
C LEU G 206 -1.89 94.03 -81.64
N GLY G 207 -2.87 94.30 -80.80
CA GLY G 207 -3.11 93.46 -79.64
C GLY G 207 -3.49 92.05 -80.03
N GLU G 208 -3.18 91.11 -79.13
CA GLU G 208 -3.41 89.71 -79.45
C GLU G 208 -4.88 89.33 -79.37
N GLY G 209 -5.47 89.44 -78.19
CA GLY G 209 -6.89 89.13 -78.03
C GLY G 209 -7.78 90.23 -78.55
N VAL G 210 -7.25 91.45 -78.55
CA VAL G 210 -8.02 92.62 -79.01
C VAL G 210 -7.81 92.80 -80.51
N PHE G 211 -8.90 92.92 -81.24
CA PHE G 211 -8.86 93.26 -82.65
C PHE G 211 -9.54 94.60 -82.93
N ASN G 212 -10.78 94.79 -82.50
CA ASN G 212 -11.38 96.11 -82.35
C ASN G 212 -11.87 96.34 -80.93
N PHE G 213 -12.58 95.38 -80.34
CA PHE G 213 -13.30 95.56 -79.09
C PHE G 213 -14.12 96.84 -79.13
N GLY G 214 -15.12 96.81 -80.01
CA GLY G 214 -15.84 98.01 -80.46
C GLY G 214 -16.44 98.91 -79.40
N GLU G 215 -16.28 98.56 -78.12
CA GLU G 215 -16.45 99.54 -77.05
C GLU G 215 -15.68 100.82 -77.34
N LEU G 216 -14.45 100.70 -77.85
CA LEU G 216 -13.73 101.89 -78.28
C LEU G 216 -14.37 102.53 -79.50
N LEU G 217 -14.91 101.72 -80.42
CA LEU G 217 -15.66 102.28 -81.53
C LEU G 217 -16.82 103.12 -81.04
N MET G 218 -17.40 102.76 -79.90
CA MET G 218 -18.44 103.54 -79.23
C MET G 218 -17.83 104.39 -78.12
N HIS G 219 -16.51 104.60 -78.13
CA HIS G 219 -15.90 105.39 -77.09
C HIS G 219 -16.34 106.85 -77.23
N PRO G 220 -16.82 107.47 -76.17
CA PRO G 220 -17.47 108.78 -76.30
C PRO G 220 -16.50 109.95 -76.46
N VAL G 221 -15.39 109.94 -75.74
CA VAL G 221 -14.58 111.14 -75.59
C VAL G 221 -13.21 111.01 -76.24
N LEU G 222 -13.04 110.11 -77.21
CA LEU G 222 -11.88 110.14 -78.08
C LEU G 222 -12.26 109.87 -79.53
N GLU G 223 -13.53 109.57 -79.80
CA GLU G 223 -13.95 109.29 -81.17
C GLU G 223 -13.83 110.53 -82.06
N SER G 224 -14.13 111.71 -81.51
CA SER G 224 -13.99 112.95 -82.25
C SER G 224 -12.56 113.19 -82.71
N LEU G 225 -11.57 112.77 -81.91
CA LEU G 225 -10.18 112.83 -82.34
C LEU G 225 -9.98 112.10 -83.66
N ARG G 226 -10.63 110.95 -83.81
CA ARG G 226 -10.53 110.17 -85.03
C ARG G 226 -11.39 110.74 -86.14
N ASN G 227 -12.53 111.34 -85.78
CA ASN G 227 -13.40 111.95 -86.77
C ASN G 227 -12.72 113.14 -87.45
N THR G 228 -12.00 113.95 -86.69
CA THR G 228 -11.23 115.04 -87.27
C THR G 228 -9.99 114.56 -88.00
N ASP G 229 -9.61 113.29 -87.84
CA ASP G 229 -8.46 112.73 -88.52
C ASP G 229 -8.87 112.08 -89.84
N ARG G 230 -7.91 111.51 -90.55
CA ARG G 230 -8.19 110.66 -91.70
C ARG G 230 -8.83 109.40 -91.16
N GLN G 231 -10.10 109.21 -91.49
CA GLN G 231 -10.89 108.17 -90.86
C GLN G 231 -10.68 106.80 -91.49
N TRP G 232 -9.58 106.58 -92.20
CA TRP G 232 -9.30 105.24 -92.70
C TRP G 232 -9.18 104.25 -91.55
N LEU G 233 -8.57 104.66 -90.45
CA LEU G 233 -8.47 103.79 -89.27
C LEU G 233 -9.84 103.50 -88.70
N ILE G 234 -10.70 104.52 -88.61
CA ILE G 234 -12.05 104.32 -88.12
C ILE G 234 -12.82 103.38 -89.04
N ASP G 235 -12.54 103.46 -90.34
CA ASP G 235 -13.26 102.63 -91.31
C ASP G 235 -12.85 101.17 -91.19
N THR G 236 -11.54 100.90 -91.15
CA THR G 236 -11.11 99.53 -90.95
C THR G 236 -11.55 98.99 -89.59
N LEU G 237 -11.61 99.85 -88.57
CA LEU G 237 -12.22 99.46 -87.31
C LEU G 237 -13.68 99.08 -87.49
N TYR G 238 -14.37 99.74 -88.44
CA TYR G 238 -15.72 99.34 -88.78
C TYR G 238 -15.72 98.07 -89.61
N ALA G 239 -14.58 97.71 -90.19
CA ALA G 239 -14.45 96.42 -90.84
C ALA G 239 -14.32 95.30 -89.82
N PHE G 240 -13.54 95.52 -88.76
CA PHE G 240 -13.56 94.60 -87.63
C PHE G 240 -14.93 94.53 -86.98
N ASN G 241 -15.59 95.68 -86.80
CA ASN G 241 -16.91 95.70 -86.21
C ASN G 241 -17.90 94.94 -87.08
N SER G 242 -17.76 95.07 -88.40
CA SER G 242 -18.60 94.32 -89.32
C SER G 242 -18.11 92.90 -89.55
N GLY G 243 -16.99 92.50 -88.92
CA GLY G 243 -16.54 91.13 -88.91
C GLY G 243 -16.31 90.48 -90.26
N ASN G 244 -16.41 91.24 -91.36
CA ASN G 244 -16.28 90.68 -92.70
C ASN G 244 -14.82 90.53 -93.08
N VAL G 245 -14.59 89.79 -94.18
CA VAL G 245 -13.27 89.72 -94.77
C VAL G 245 -12.82 91.10 -95.23
N GLU G 246 -13.58 91.67 -96.17
CA GLU G 246 -13.44 93.06 -96.62
C GLU G 246 -12.00 93.38 -97.02
N ARG G 247 -11.59 92.72 -98.10
CA ARG G 247 -10.25 92.86 -98.64
C ARG G 247 -9.86 94.30 -98.90
N PHE G 248 -10.82 95.18 -99.21
CA PHE G 248 -10.42 96.52 -99.63
C PHE G 248 -9.88 97.33 -98.46
N GLN G 249 -10.72 97.63 -97.46
CA GLN G 249 -10.25 98.41 -96.33
C GLN G 249 -9.33 97.62 -95.42
N THR G 250 -9.48 96.28 -95.39
CA THR G 250 -8.55 95.48 -94.60
C THR G 250 -7.11 95.65 -95.07
N LEU G 251 -6.90 96.03 -96.33
CA LEU G 251 -5.60 96.44 -96.82
C LEU G 251 -5.42 97.95 -96.80
N LYS G 252 -6.50 98.72 -96.97
CA LYS G 252 -6.39 100.17 -97.01
C LYS G 252 -5.87 100.72 -95.69
N THR G 253 -6.19 100.06 -94.59
CA THR G 253 -5.53 100.42 -93.33
C THR G 253 -4.01 100.25 -93.45
N ALA G 254 -3.56 99.23 -94.21
CA ALA G 254 -2.14 99.08 -94.47
C ALA G 254 -1.61 100.13 -95.43
N TRP G 255 -2.43 100.56 -96.40
CA TRP G 255 -2.03 101.66 -97.26
C TRP G 255 -1.80 102.93 -96.45
N GLY G 256 -2.66 103.18 -95.46
CA GLY G 256 -2.45 104.31 -94.57
C GLY G 256 -1.24 104.12 -93.68
N GLN G 257 -1.30 103.13 -92.78
CA GLN G 257 -0.22 102.87 -91.84
C GLN G 257 0.64 101.74 -92.39
N GLN G 258 1.75 102.09 -93.01
CA GLN G 258 2.71 101.12 -93.49
C GLN G 258 3.50 100.51 -92.33
N PRO G 259 4.24 101.31 -91.54
CA PRO G 259 5.10 100.72 -90.52
C PRO G 259 4.31 100.11 -89.38
N ASP G 260 4.76 98.92 -88.96
CA ASP G 260 4.19 98.17 -87.85
C ASP G 260 2.82 97.59 -88.15
N LEU G 261 2.28 97.88 -89.32
CA LEU G 261 0.98 97.38 -89.70
C LEU G 261 1.04 96.45 -90.90
N ALA G 262 1.71 96.85 -91.98
CA ALA G 262 1.89 95.94 -93.10
C ALA G 262 2.75 94.75 -92.70
N ALA G 263 3.68 94.94 -91.77
CA ALA G 263 4.53 93.84 -91.34
C ALA G 263 3.73 92.79 -90.57
N ASN G 264 2.74 93.21 -89.80
CA ASN G 264 1.95 92.32 -88.96
C ASN G 264 0.60 91.99 -89.58
N GLU G 265 0.57 91.84 -90.90
CA GLU G 265 -0.70 91.65 -91.61
C GLU G 265 -1.32 90.31 -91.27
N ALA G 266 -0.53 89.23 -91.23
CA ALA G 266 -1.05 87.90 -91.01
C ALA G 266 -1.81 87.77 -89.70
N GLN G 267 -1.37 88.48 -88.66
CA GLN G 267 -2.08 88.44 -87.38
C GLN G 267 -3.52 88.93 -87.53
N LEU G 268 -3.68 90.15 -88.04
CA LEU G 268 -5.02 90.70 -88.23
C LEU G 268 -5.80 89.94 -89.29
N LEU G 269 -5.11 89.42 -90.31
CA LEU G 269 -5.77 88.55 -91.28
C LEU G 269 -6.45 87.38 -90.59
N ARG G 270 -5.71 86.64 -89.77
CA ARG G 270 -6.30 85.56 -88.97
C ARG G 270 -7.40 86.09 -88.06
N LYS G 271 -7.16 87.23 -87.41
CA LYS G 271 -8.10 87.76 -86.43
C LYS G 271 -9.46 88.06 -87.05
N ILE G 272 -9.48 88.50 -88.30
CA ILE G 272 -10.75 88.66 -89.01
C ILE G 272 -11.23 87.37 -89.66
N GLN G 273 -10.31 86.45 -89.96
CA GLN G 273 -10.72 85.11 -90.42
C GLN G 273 -11.62 84.44 -89.40
N LEU G 274 -11.24 84.47 -88.13
CA LEU G 274 -12.09 83.99 -87.06
C LEU G 274 -13.17 84.97 -86.67
N LEU G 275 -13.16 86.17 -87.25
CA LEU G 275 -14.05 87.25 -86.85
C LEU G 275 -15.46 87.12 -87.39
N CYS G 276 -15.62 86.72 -88.65
CA CYS G 276 -16.97 86.56 -89.19
C CYS G 276 -17.74 85.44 -88.52
N LEU G 277 -17.06 84.55 -87.80
CA LEU G 277 -17.75 83.48 -87.07
C LEU G 277 -18.71 84.06 -86.05
N MET G 278 -18.21 84.94 -85.19
CA MET G 278 -19.01 85.50 -84.09
C MET G 278 -20.23 86.27 -84.58
N GLU G 279 -20.26 86.66 -85.85
CA GLU G 279 -21.41 87.33 -86.42
C GLU G 279 -22.33 86.38 -87.18
N MET G 280 -21.77 85.42 -87.92
CA MET G 280 -22.59 84.40 -88.54
C MET G 280 -23.36 83.60 -87.49
N THR G 281 -22.76 83.38 -86.33
CA THR G 281 -23.45 82.77 -85.20
C THR G 281 -24.36 83.74 -84.47
N PHE G 282 -24.03 85.04 -84.47
CA PHE G 282 -24.85 86.04 -83.83
C PHE G 282 -26.10 86.36 -84.62
N THR G 283 -26.13 86.04 -85.91
CA THR G 283 -27.24 86.47 -86.75
C THR G 283 -28.49 85.64 -86.50
N ARG G 284 -28.42 84.35 -86.80
CA ARG G 284 -29.57 83.49 -86.59
C ARG G 284 -29.84 83.34 -85.10
N PRO G 285 -31.09 83.51 -84.65
CA PRO G 285 -31.40 83.48 -83.21
C PRO G 285 -31.44 82.06 -82.65
N ALA G 286 -30.35 81.32 -82.88
CA ALA G 286 -30.17 79.98 -82.31
C ALA G 286 -31.28 79.02 -82.72
N ASN G 287 -31.92 79.28 -83.86
CA ASN G 287 -32.93 78.34 -84.37
C ASN G 287 -32.25 77.12 -84.99
N HIS G 288 -31.42 77.35 -86.00
CA HIS G 288 -30.53 76.33 -86.54
C HIS G 288 -29.14 76.94 -86.62
N ARG G 289 -28.43 76.92 -85.50
CA ARG G 289 -27.11 77.51 -85.42
C ARG G 289 -26.00 76.50 -85.62
N GLN G 290 -26.34 75.24 -85.94
CA GLN G 290 -25.35 74.23 -86.29
C GLN G 290 -24.98 74.41 -87.76
N LEU G 291 -24.29 75.51 -88.04
CA LEU G 291 -23.99 75.89 -89.40
C LEU G 291 -23.01 74.89 -90.02
N THR G 292 -23.20 74.62 -91.30
CA THR G 292 -22.28 73.76 -92.02
C THR G 292 -21.06 74.57 -92.48
N PHE G 293 -20.00 73.83 -92.80
CA PHE G 293 -18.70 74.41 -93.17
C PHE G 293 -18.81 75.45 -94.29
N GLU G 294 -19.75 75.27 -95.21
CA GLU G 294 -19.73 76.04 -96.45
C GLU G 294 -19.90 77.53 -96.19
N GLU G 295 -20.85 77.90 -95.35
CA GLU G 295 -21.04 79.32 -95.03
C GLU G 295 -19.81 79.90 -94.35
N ILE G 296 -19.07 79.08 -93.60
CA ILE G 296 -17.84 79.57 -93.00
C ILE G 296 -16.79 79.81 -94.06
N ALA G 297 -16.57 78.81 -94.93
CA ALA G 297 -15.58 78.95 -95.98
C ALA G 297 -15.89 80.08 -96.95
N LYS G 298 -17.17 80.43 -97.11
CA LYS G 298 -17.56 81.52 -97.98
C LYS G 298 -17.44 82.87 -97.29
N SER G 299 -18.04 82.99 -96.10
CA SER G 299 -17.99 84.25 -95.37
C SER G 299 -16.57 84.65 -95.02
N ALA G 300 -15.80 83.72 -94.45
CA ALA G 300 -14.37 83.95 -94.24
C ALA G 300 -13.55 83.71 -95.49
N LYS G 301 -14.19 83.25 -96.56
CA LYS G 301 -13.58 82.94 -97.86
C LYS G 301 -12.27 82.16 -97.71
N ILE G 302 -12.24 81.21 -96.79
CA ILE G 302 -11.12 80.32 -96.63
C ILE G 302 -11.49 78.97 -97.22
N THR G 303 -10.48 78.17 -97.53
CA THR G 303 -10.72 76.85 -98.08
C THR G 303 -11.45 75.98 -97.06
N VAL G 304 -12.03 74.88 -97.53
CA VAL G 304 -12.83 74.03 -96.67
C VAL G 304 -11.94 73.29 -95.67
N ASN G 305 -10.72 72.93 -96.08
CA ASN G 305 -9.84 72.14 -95.24
C ASN G 305 -9.15 72.96 -94.17
N GLU G 306 -9.45 74.25 -94.06
CA GLU G 306 -8.87 75.10 -93.03
C GLU G 306 -9.89 75.56 -92.00
N VAL G 307 -11.18 75.52 -92.32
CA VAL G 307 -12.21 75.98 -91.41
C VAL G 307 -12.17 75.25 -90.08
N GLU G 308 -11.85 73.95 -90.09
CA GLU G 308 -11.73 73.22 -88.84
C GLU G 308 -10.61 73.78 -88.00
N LEU G 309 -9.45 74.01 -88.60
CA LEU G 309 -8.33 74.58 -87.86
C LEU G 309 -8.63 76.00 -87.38
N LEU G 310 -9.49 76.72 -88.08
CA LEU G 310 -9.86 78.06 -87.62
C LEU G 310 -10.80 77.99 -86.43
N VAL G 311 -11.86 77.20 -86.55
CA VAL G 311 -12.83 77.07 -85.45
C VAL G 311 -12.21 76.46 -84.21
N MET G 312 -11.35 75.47 -84.35
CA MET G 312 -10.65 74.93 -83.19
C MET G 312 -9.77 75.98 -82.53
N LYS G 313 -9.23 76.91 -83.31
CA LYS G 313 -8.50 78.03 -82.72
C LYS G 313 -9.44 78.96 -81.98
N ALA G 314 -10.59 79.27 -82.55
CA ALA G 314 -11.55 80.13 -81.88
C ALA G 314 -12.02 79.52 -80.57
N LEU G 315 -12.31 78.22 -80.56
CA LEU G 315 -12.71 77.55 -79.33
C LEU G 315 -11.55 77.50 -78.35
N SER G 316 -10.33 77.28 -78.86
CA SER G 316 -9.16 77.33 -78.00
C SER G 316 -9.03 78.68 -77.31
N VAL G 317 -9.39 79.75 -78.02
CA VAL G 317 -9.41 81.07 -77.41
C VAL G 317 -10.51 81.15 -76.37
N GLY G 318 -11.73 80.79 -76.74
CA GLY G 318 -12.82 80.74 -75.81
C GLY G 318 -13.87 81.81 -76.02
N LEU G 319 -14.06 82.25 -77.26
CA LEU G 319 -15.10 83.20 -77.60
C LEU G 319 -16.39 82.51 -77.98
N VAL G 320 -16.43 81.18 -77.89
CA VAL G 320 -17.56 80.39 -78.36
C VAL G 320 -17.40 79.01 -77.79
N LYS G 321 -18.51 78.30 -77.64
CA LYS G 321 -18.50 76.93 -77.12
C LYS G 321 -19.24 75.99 -78.04
N GLY G 322 -18.94 76.04 -79.33
CA GLY G 322 -19.55 75.15 -80.30
C GLY G 322 -18.98 73.75 -80.25
N SER G 323 -19.29 72.96 -81.29
CA SER G 323 -18.77 71.62 -81.44
C SER G 323 -18.65 71.29 -82.92
N ILE G 324 -18.00 70.17 -83.22
CA ILE G 324 -17.60 69.85 -84.58
C ILE G 324 -18.11 68.47 -84.95
N ASP G 325 -18.83 68.40 -86.06
CA ASP G 325 -19.15 67.12 -86.69
C ASP G 325 -18.42 67.03 -88.03
N GLU G 326 -18.10 65.80 -88.42
CA GLU G 326 -17.42 65.57 -89.68
C GLU G 326 -18.21 64.73 -90.67
N VAL G 327 -19.01 63.76 -90.21
CA VAL G 327 -19.85 62.98 -91.11
C VAL G 327 -20.77 63.89 -91.92
N ASP G 328 -21.21 65.00 -91.34
CA ASP G 328 -21.89 66.04 -92.08
C ASP G 328 -21.09 67.32 -92.20
N LYS G 329 -19.99 67.45 -91.43
CA LYS G 329 -19.17 68.65 -91.44
C LYS G 329 -19.99 69.88 -91.05
N ARG G 330 -20.96 69.65 -90.16
CA ARG G 330 -21.71 70.73 -89.54
C ARG G 330 -21.04 71.09 -88.22
N VAL G 331 -20.90 72.39 -87.99
CA VAL G 331 -20.26 72.90 -86.78
C VAL G 331 -21.37 73.49 -85.92
N HIS G 332 -21.75 72.77 -84.88
CA HIS G 332 -22.84 73.24 -84.04
C HIS G 332 -22.39 74.42 -83.17
N MET G 333 -23.30 75.36 -82.97
CA MET G 333 -23.05 76.52 -82.12
C MET G 333 -23.84 76.39 -80.83
N THR G 334 -23.18 76.64 -79.72
CA THR G 334 -23.88 76.68 -78.44
C THR G 334 -23.76 78.05 -77.77
N TRP G 335 -22.54 78.55 -77.60
CA TRP G 335 -22.31 79.75 -76.83
C TRP G 335 -21.75 80.84 -77.71
N VAL G 336 -22.20 82.06 -77.49
CA VAL G 336 -21.64 83.25 -78.10
C VAL G 336 -21.31 84.23 -77.00
N GLN G 337 -20.16 84.88 -77.13
CA GLN G 337 -19.79 85.90 -76.18
C GLN G 337 -20.79 87.05 -76.27
N PRO G 338 -21.19 87.61 -75.13
CA PRO G 338 -22.08 88.77 -75.15
C PRO G 338 -21.38 90.00 -75.71
N ARG G 339 -22.03 90.63 -76.69
CA ARG G 339 -21.47 91.77 -77.39
C ARG G 339 -22.28 93.03 -77.08
N VAL G 340 -21.84 94.14 -77.64
CA VAL G 340 -22.56 95.40 -77.52
C VAL G 340 -23.71 95.43 -78.50
N LEU G 341 -24.77 96.15 -78.13
CA LEU G 341 -25.95 96.29 -78.96
C LEU G 341 -26.40 97.75 -78.88
N ASP G 342 -27.62 98.02 -79.35
CA ASP G 342 -28.05 99.40 -79.48
C ASP G 342 -29.55 99.49 -79.21
N LEU G 343 -30.14 100.62 -79.60
CA LEU G 343 -31.54 100.92 -79.28
C LEU G 343 -32.47 99.86 -79.85
N GLN G 344 -32.40 99.62 -81.16
CA GLN G 344 -33.30 98.66 -81.80
C GLN G 344 -33.17 97.26 -81.21
N GLN G 345 -31.94 96.82 -80.91
CA GLN G 345 -31.75 95.57 -80.19
C GLN G 345 -32.47 95.60 -78.85
N ILE G 346 -32.43 96.75 -78.18
CA ILE G 346 -33.25 96.93 -76.99
C ILE G 346 -34.73 96.79 -77.32
N LYS G 347 -35.13 97.19 -78.52
CA LYS G 347 -36.54 97.15 -78.90
C LYS G 347 -37.02 95.72 -79.04
N GLY G 348 -36.42 94.96 -79.96
CA GLY G 348 -36.78 93.56 -80.11
C GLY G 348 -36.58 92.77 -78.84
N MET G 349 -35.56 93.13 -78.06
CA MET G 349 -35.37 92.53 -76.76
C MET G 349 -36.58 92.76 -75.85
N LYS G 350 -37.10 93.98 -75.82
CA LYS G 350 -38.32 94.23 -75.07
C LYS G 350 -39.50 93.45 -75.64
N ASP G 351 -39.48 93.22 -76.94
CA ASP G 351 -40.51 92.38 -77.55
C ASP G 351 -40.46 90.96 -76.99
N ARG G 352 -39.28 90.35 -76.96
CA ARG G 352 -39.13 89.03 -76.35
C ARG G 352 -39.53 89.06 -74.88
N LEU G 353 -39.13 90.10 -74.16
CA LEU G 353 -39.41 90.21 -72.74
C LEU G 353 -40.92 90.23 -72.47
N GLU G 354 -41.65 91.10 -73.17
CA GLU G 354 -43.10 91.15 -72.98
C GLU G 354 -43.75 89.85 -73.44
N PHE G 355 -43.39 89.38 -74.64
CA PHE G 355 -43.96 88.16 -75.20
C PHE G 355 -43.80 86.97 -74.27
N TRP G 356 -42.71 86.92 -73.50
CA TRP G 356 -42.51 85.84 -72.54
C TRP G 356 -43.22 86.10 -71.22
N CYS G 357 -43.14 87.34 -70.72
CA CYS G 357 -43.74 87.68 -69.44
C CYS G 357 -45.26 87.46 -69.44
N THR G 358 -45.94 87.96 -70.48
CA THR G 358 -47.38 87.75 -70.61
C THR G 358 -47.75 86.27 -70.63
N ASP G 359 -46.97 85.44 -71.33
CA ASP G 359 -47.22 84.01 -71.30
C ASP G 359 -47.05 83.44 -69.90
N VAL G 360 -46.02 83.89 -69.17
CA VAL G 360 -45.81 83.42 -67.80
C VAL G 360 -47.03 83.74 -66.94
N LYS G 361 -47.44 85.02 -66.93
CA LYS G 361 -48.56 85.43 -66.09
C LYS G 361 -49.84 84.70 -66.45
N SER G 362 -50.21 84.70 -67.73
CA SER G 362 -51.43 84.02 -68.15
C SER G 362 -51.39 82.54 -67.79
N MET G 363 -50.24 81.90 -67.97
CA MET G 363 -50.14 80.48 -67.69
C MET G 363 -50.18 80.18 -66.20
N GLU G 364 -49.81 81.14 -65.36
CA GLU G 364 -50.11 80.98 -63.93
C GLU G 364 -51.61 81.19 -63.67
N MET G 365 -52.23 82.10 -64.42
CA MET G 365 -53.67 82.27 -64.34
C MET G 365 -54.39 80.97 -64.66
N LEU G 366 -53.82 80.17 -65.56
CA LEU G 366 -54.36 78.84 -65.78
C LEU G 366 -54.28 77.97 -64.54
N VAL G 367 -53.22 78.12 -63.76
CA VAL G 367 -53.08 77.33 -62.53
C VAL G 367 -54.14 77.74 -61.52
N GLU G 368 -54.19 79.04 -61.18
CA GLU G 368 -55.17 79.51 -60.21
C GLU G 368 -56.59 79.23 -60.66
N HIS G 369 -56.86 79.42 -61.96
CA HIS G 369 -58.17 79.07 -62.50
C HIS G 369 -58.46 77.59 -62.33
N GLN G 370 -57.46 76.75 -62.57
CA GLN G 370 -57.69 75.31 -62.46
C GLN G 370 -57.92 74.89 -61.02
N ALA G 371 -57.36 75.63 -60.06
CA ALA G 371 -57.47 75.30 -58.64
C ALA G 371 -57.76 76.58 -57.87
N HIS G 372 -59.02 76.78 -57.49
CA HIS G 372 -59.38 77.98 -56.72
C HIS G 372 -59.45 77.66 -55.24
N ASP G 373 -60.33 76.73 -54.86
CA ASP G 373 -60.55 76.35 -53.47
C ASP G 373 -59.84 75.05 -53.13
N ILE G 374 -58.91 74.64 -53.99
CA ILE G 374 -58.26 73.36 -53.86
C ILE G 374 -57.00 73.44 -53.01
N LEU G 375 -56.19 74.48 -53.15
CA LEU G 375 -55.00 74.68 -52.34
C LEU G 375 -55.28 75.46 -51.07
N THR G 376 -56.50 75.97 -50.91
CA THR G 376 -56.87 76.76 -49.75
C THR G 376 -56.16 78.11 -49.71
N MET H 1 -21.31 127.44 -14.85
CA MET H 1 -22.48 126.89 -14.18
C MET H 1 -23.63 126.72 -15.16
N VAL H 2 -23.62 127.55 -16.21
CA VAL H 2 -24.62 127.43 -17.25
C VAL H 2 -24.53 126.06 -17.92
N LEU H 3 -25.67 125.59 -18.41
CA LEU H 3 -25.77 124.33 -19.13
C LEU H 3 -25.54 124.59 -20.61
N GLU H 4 -24.54 123.95 -21.18
CA GLU H 4 -24.33 124.03 -22.62
C GLU H 4 -23.55 122.80 -23.08
N SER H 5 -23.40 122.69 -24.40
CA SER H 5 -22.63 121.62 -25.02
C SER H 5 -21.68 122.28 -26.01
N THR H 6 -20.39 122.28 -25.66
CA THR H 6 -19.39 122.91 -26.50
C THR H 6 -19.01 121.98 -27.64
N MET H 7 -19.01 122.51 -28.86
CA MET H 7 -18.62 121.76 -30.05
C MET H 7 -17.54 122.57 -30.75
N VAL H 8 -16.31 122.08 -30.74
CA VAL H 8 -15.17 122.78 -31.31
C VAL H 8 -14.89 122.22 -32.70
N CYS H 9 -14.54 123.11 -33.62
CA CYS H 9 -14.17 122.73 -34.98
C CYS H 9 -12.69 123.05 -35.17
N VAL H 10 -11.84 122.06 -34.90
CA VAL H 10 -10.40 122.18 -35.10
C VAL H 10 -10.11 122.21 -36.59
N ASP H 11 -8.89 122.56 -36.95
CA ASP H 11 -8.47 122.70 -38.35
C ASP H 11 -7.20 121.89 -38.56
N ASN H 12 -7.34 120.72 -39.18
CA ASN H 12 -6.21 119.91 -39.61
C ASN H 12 -6.05 119.98 -41.13
N SER H 13 -6.40 121.13 -41.71
CA SER H 13 -6.15 121.36 -43.11
C SER H 13 -4.67 121.64 -43.31
N GLU H 14 -4.26 121.74 -44.58
CA GLU H 14 -2.85 122.00 -44.87
C GLU H 14 -2.41 123.39 -44.41
N TYR H 15 -3.24 124.42 -44.62
CA TYR H 15 -2.84 125.79 -44.35
C TYR H 15 -2.57 126.07 -42.89
N MET H 16 -3.00 125.21 -41.97
CA MET H 16 -2.57 125.29 -40.59
C MET H 16 -1.09 124.99 -40.43
N ARG H 17 -0.48 124.35 -41.43
CA ARG H 17 0.92 123.98 -41.39
C ARG H 17 1.85 125.16 -41.68
N ASN H 18 1.91 126.14 -40.79
CA ASN H 18 2.81 127.26 -40.97
C ASN H 18 3.11 127.95 -39.65
N GLY H 19 3.75 129.12 -39.74
CA GLY H 19 4.26 129.77 -38.55
C GLY H 19 3.92 131.24 -38.41
N ASP H 20 2.73 131.67 -38.86
CA ASP H 20 2.28 133.00 -38.51
C ASP H 20 2.05 133.15 -37.01
N PHE H 21 1.74 132.07 -36.32
CA PHE H 21 1.87 131.97 -34.88
C PHE H 21 3.30 131.62 -34.56
N LEU H 22 3.70 131.87 -33.31
CA LEU H 22 5.13 131.81 -32.99
C LEU H 22 5.69 130.40 -33.17
N PRO H 23 5.31 129.39 -32.35
CA PRO H 23 5.80 128.03 -32.65
C PRO H 23 5.16 127.44 -33.90
N THR H 24 3.82 127.33 -33.87
CA THR H 24 3.05 126.65 -34.90
C THR H 24 1.56 126.77 -34.60
N ARG H 25 0.73 126.83 -35.65
CA ARG H 25 -0.72 126.86 -35.45
C ARG H 25 -1.22 125.64 -34.69
N LEU H 26 -0.54 124.50 -34.84
CA LEU H 26 -0.94 123.30 -34.11
C LEU H 26 -0.88 123.54 -32.61
N GLN H 27 0.25 124.04 -32.12
CA GLN H 27 0.38 124.38 -30.71
C GLN H 27 -0.56 125.53 -30.34
N ALA H 28 -0.79 126.46 -31.26
CA ALA H 28 -1.65 127.60 -30.94
C ALA H 28 -3.09 127.14 -30.68
N GLN H 29 -3.74 126.57 -31.69
CA GLN H 29 -5.10 126.07 -31.52
C GLN H 29 -5.19 124.99 -30.46
N GLN H 30 -4.15 124.17 -30.32
CA GLN H 30 -4.12 123.19 -29.24
C GLN H 30 -4.21 123.86 -27.88
N ASP H 31 -3.39 124.89 -27.66
CA ASP H 31 -3.43 125.61 -26.40
C ASP H 31 -4.76 126.29 -26.19
N ALA H 32 -5.35 126.84 -27.25
CA ALA H 32 -6.69 127.42 -27.13
C ALA H 32 -7.71 126.36 -26.75
N VAL H 33 -7.51 125.12 -27.22
CA VAL H 33 -8.32 124.03 -26.72
C VAL H 33 -8.06 123.82 -25.24
N ASN H 34 -6.81 124.01 -24.80
CA ASN H 34 -6.49 123.86 -23.39
C ASN H 34 -7.23 124.89 -22.54
N ILE H 35 -7.33 126.12 -23.03
CA ILE H 35 -8.02 127.15 -22.26
C ILE H 35 -9.54 127.01 -22.35
N VAL H 36 -10.07 126.51 -23.47
CA VAL H 36 -11.51 126.35 -23.56
C VAL H 36 -11.98 125.17 -22.72
N CYS H 37 -11.23 124.07 -22.71
CA CYS H 37 -11.63 122.92 -21.91
C CYS H 37 -11.55 123.22 -20.42
N HIS H 38 -10.49 123.91 -19.99
CA HIS H 38 -10.43 124.35 -18.60
C HIS H 38 -11.50 125.39 -18.31
N SER H 39 -11.84 126.21 -19.30
CA SER H 39 -12.89 127.21 -19.12
C SER H 39 -14.23 126.55 -18.81
N LYS H 40 -14.69 125.66 -19.70
CA LYS H 40 -15.95 124.97 -19.45
C LYS H 40 -15.88 124.04 -18.25
N THR H 41 -14.71 123.45 -17.98
CA THR H 41 -14.55 122.63 -16.79
C THR H 41 -14.80 123.42 -15.53
N ARG H 42 -14.16 124.59 -15.40
CA ARG H 42 -14.35 125.43 -14.22
C ARG H 42 -15.71 126.07 -14.20
N SER H 43 -16.33 126.28 -15.37
CA SER H 43 -17.69 126.80 -15.41
C SER H 43 -18.67 125.79 -14.85
N ASN H 44 -18.74 124.61 -15.45
CA ASN H 44 -19.68 123.60 -15.01
C ASN H 44 -19.22 122.21 -15.45
N PRO H 45 -19.04 121.28 -14.51
CA PRO H 45 -18.72 119.90 -14.92
C PRO H 45 -19.86 119.22 -15.64
N GLU H 46 -21.10 119.67 -15.45
CA GLU H 46 -22.22 119.10 -16.18
C GLU H 46 -22.12 119.34 -17.68
N ASN H 47 -21.52 120.46 -18.08
CA ASN H 47 -21.33 120.73 -19.50
C ASN H 47 -20.40 119.68 -20.12
N ASN H 48 -20.52 119.54 -21.43
CA ASN H 48 -19.85 118.47 -22.15
C ASN H 48 -19.20 119.02 -23.41
N VAL H 49 -18.12 118.37 -23.83
CA VAL H 49 -17.27 118.85 -24.90
C VAL H 49 -17.21 117.81 -26.00
N GLY H 50 -17.38 118.26 -27.25
CA GLY H 50 -17.20 117.41 -28.40
C GLY H 50 -16.49 118.16 -29.51
N LEU H 51 -15.63 117.43 -30.21
CA LEU H 51 -14.76 118.05 -31.21
C LEU H 51 -15.06 117.46 -32.59
N ILE H 52 -14.69 118.24 -33.59
CA ILE H 52 -14.91 117.91 -34.99
C ILE H 52 -13.78 118.55 -35.79
N THR H 53 -13.44 117.95 -36.91
CA THR H 53 -12.46 118.55 -37.81
C THR H 53 -13.15 119.05 -39.06
N LEU H 54 -12.34 119.63 -39.95
CA LEU H 54 -12.82 120.19 -41.20
C LEU H 54 -12.16 119.55 -42.42
N ALA H 55 -11.68 118.31 -42.27
CA ALA H 55 -10.98 117.64 -43.35
C ALA H 55 -11.96 117.09 -44.37
N ASN H 56 -11.47 116.24 -45.28
CA ASN H 56 -12.32 115.66 -46.32
C ASN H 56 -13.50 114.92 -45.73
N ASP H 57 -13.33 114.30 -44.56
CA ASP H 57 -14.33 113.42 -43.95
C ASP H 57 -14.50 113.80 -42.48
N CYS H 58 -14.83 115.08 -42.25
CA CYS H 58 -14.84 115.75 -40.95
C CYS H 58 -15.30 114.86 -39.81
N GLU H 59 -14.43 114.67 -38.82
CA GLU H 59 -14.46 113.50 -37.95
C GLU H 59 -14.86 113.89 -36.53
N VAL H 60 -15.75 113.09 -35.94
CA VAL H 60 -16.11 113.22 -34.54
C VAL H 60 -15.14 112.35 -33.76
N LEU H 61 -13.95 112.88 -33.47
CA LEU H 61 -12.97 112.10 -32.73
C LEU H 61 -13.41 111.86 -31.30
N THR H 62 -14.12 112.82 -30.71
CA THR H 62 -14.73 112.66 -29.39
C THR H 62 -16.19 113.07 -29.48
N THR H 63 -17.08 112.12 -29.21
CA THR H 63 -18.48 112.46 -29.04
C THR H 63 -18.62 113.46 -27.90
N LEU H 64 -19.69 114.25 -27.95
CA LEU H 64 -19.93 115.30 -26.98
C LEU H 64 -19.92 114.74 -25.56
N THR H 65 -18.92 115.12 -24.77
CA THR H 65 -18.69 114.53 -23.46
C THR H 65 -18.12 115.57 -22.51
N PRO H 66 -18.50 115.51 -21.23
CA PRO H 66 -17.96 116.47 -20.26
C PRO H 66 -16.49 116.29 -19.98
N ASP H 67 -15.96 115.07 -20.05
CA ASP H 67 -14.54 114.87 -19.85
C ASP H 67 -13.74 115.56 -20.95
N THR H 68 -12.57 116.06 -20.59
CA THR H 68 -11.69 116.73 -21.54
C THR H 68 -10.41 115.97 -21.80
N GLY H 69 -10.02 115.04 -20.93
CA GLY H 69 -8.80 114.28 -21.14
C GLY H 69 -8.82 113.49 -22.44
N ARG H 70 -9.99 113.01 -22.85
CA ARG H 70 -10.10 112.35 -24.14
C ARG H 70 -9.81 113.31 -25.28
N ILE H 71 -10.36 114.52 -25.21
CA ILE H 71 -10.09 115.53 -26.24
C ILE H 71 -8.61 115.86 -26.27
N LEU H 72 -7.98 115.97 -25.10
CA LEU H 72 -6.55 116.19 -25.05
C LEU H 72 -5.77 115.04 -25.67
N SER H 73 -6.24 113.80 -25.49
CA SER H 73 -5.61 112.67 -26.17
C SER H 73 -5.80 112.76 -27.67
N LYS H 74 -6.91 113.34 -28.12
CA LYS H 74 -7.17 113.48 -29.55
C LYS H 74 -6.37 114.60 -30.18
N LEU H 75 -6.04 115.65 -29.42
CA LEU H 75 -5.32 116.78 -29.97
C LEU H 75 -3.96 116.38 -30.52
N HIS H 76 -3.26 115.47 -29.85
CA HIS H 76 -1.95 115.04 -30.31
C HIS H 76 -2.07 114.30 -31.64
N THR H 77 -0.97 114.34 -32.40
CA THR H 77 -0.85 113.78 -33.76
C THR H 77 -2.07 114.09 -34.61
N VAL H 78 -2.51 115.35 -34.52
CA VAL H 78 -3.72 115.78 -35.21
C VAL H 78 -3.54 115.72 -36.73
N GLN H 79 -2.31 115.82 -37.23
CA GLN H 79 -2.03 115.74 -38.65
C GLN H 79 -2.77 116.83 -39.42
N PRO H 80 -2.37 118.10 -39.26
CA PRO H 80 -3.05 119.17 -39.99
C PRO H 80 -2.71 119.16 -41.48
N LYS H 81 -3.28 118.21 -42.22
CA LYS H 81 -3.05 118.12 -43.65
C LYS H 81 -4.39 117.98 -44.36
N GLY H 82 -4.50 118.60 -45.53
CA GLY H 82 -5.71 118.50 -46.31
C GLY H 82 -6.15 119.84 -46.88
N LYS H 83 -7.39 120.22 -46.58
CA LYS H 83 -7.95 121.47 -47.08
C LYS H 83 -9.03 121.92 -46.13
N ILE H 84 -9.05 123.22 -45.84
CA ILE H 84 -10.04 123.78 -44.93
C ILE H 84 -11.42 123.65 -45.57
N THR H 85 -12.37 123.09 -44.84
CA THR H 85 -13.73 122.96 -45.30
C THR H 85 -14.65 123.51 -44.21
N PHE H 86 -15.51 124.44 -44.61
CA PHE H 86 -16.27 125.26 -43.66
C PHE H 86 -17.75 124.92 -43.64
N CYS H 87 -18.41 124.97 -44.80
CA CYS H 87 -19.86 124.78 -44.85
C CYS H 87 -20.27 123.41 -44.35
N THR H 88 -19.45 122.39 -44.58
CA THR H 88 -19.71 121.08 -44.02
C THR H 88 -19.21 120.95 -42.58
N GLY H 89 -18.30 121.83 -42.16
CA GLY H 89 -17.91 121.86 -40.77
C GLY H 89 -19.03 122.34 -39.86
N ILE H 90 -19.64 123.48 -40.20
CA ILE H 90 -20.79 123.95 -39.43
C ILE H 90 -21.96 122.98 -39.56
N ARG H 91 -22.02 122.24 -40.67
CA ARG H 91 -23.09 121.27 -40.83
C ARG H 91 -22.90 120.07 -39.92
N VAL H 92 -21.72 119.43 -39.96
CA VAL H 92 -21.43 118.31 -39.08
C VAL H 92 -21.48 118.71 -37.62
N ALA H 93 -21.09 119.95 -37.29
CA ALA H 93 -21.35 120.45 -35.95
C ALA H 93 -22.81 120.77 -35.73
N HIS H 94 -23.60 120.86 -36.80
CA HIS H 94 -25.00 121.26 -36.68
C HIS H 94 -25.87 120.04 -36.36
N LEU H 95 -25.95 119.08 -37.28
CA LEU H 95 -26.78 117.90 -37.07
C LEU H 95 -26.29 117.04 -35.91
N ALA H 96 -25.05 117.23 -35.46
CA ALA H 96 -24.53 116.42 -34.37
C ALA H 96 -25.24 116.71 -33.05
N LEU H 97 -25.46 117.99 -32.74
CA LEU H 97 -25.96 118.37 -31.43
C LEU H 97 -27.44 118.08 -31.24
N LYS H 98 -28.12 117.52 -32.23
CA LYS H 98 -29.46 116.99 -32.04
C LYS H 98 -29.44 115.57 -31.51
N HIS H 99 -28.26 114.97 -31.35
CA HIS H 99 -28.11 113.64 -30.77
C HIS H 99 -27.82 113.72 -29.29
N ARG H 100 -28.08 114.87 -28.68
CA ARG H 100 -27.73 115.09 -27.29
C ARG H 100 -28.68 114.32 -26.36
N GLN H 101 -28.10 113.69 -25.35
CA GLN H 101 -28.87 113.06 -24.29
C GLN H 101 -29.42 114.10 -23.33
N GLY H 102 -28.62 115.08 -22.95
CA GLY H 102 -29.08 116.20 -22.17
C GLY H 102 -29.51 117.36 -23.04
N LYS H 103 -30.75 117.81 -22.89
CA LYS H 103 -31.30 118.86 -23.72
C LYS H 103 -31.29 120.23 -23.06
N ASN H 104 -31.10 120.31 -21.74
CA ASN H 104 -31.01 121.60 -21.08
C ASN H 104 -29.75 122.33 -21.49
N HIS H 105 -28.72 121.60 -21.92
CA HIS H 105 -27.48 122.23 -22.34
C HIS H 105 -27.69 122.99 -23.65
N LYS H 106 -27.23 124.24 -23.67
CA LYS H 106 -27.35 125.08 -24.84
C LYS H 106 -26.26 124.76 -25.86
N MET H 107 -26.69 124.53 -27.10
CA MET H 107 -25.78 124.11 -28.17
C MET H 107 -24.82 125.26 -28.46
N ARG H 108 -23.58 125.12 -28.02
CA ARG H 108 -22.54 126.11 -28.27
C ARG H 108 -21.46 125.51 -29.18
N ILE H 109 -20.81 126.37 -29.95
CA ILE H 109 -19.77 125.94 -30.88
C ILE H 109 -18.67 126.98 -30.90
N ILE H 110 -17.42 126.52 -30.88
CA ILE H 110 -16.25 127.38 -31.10
C ILE H 110 -15.42 126.74 -32.21
N ALA H 111 -14.92 127.57 -33.11
CA ALA H 111 -14.21 127.08 -34.29
C ALA H 111 -12.85 127.73 -34.38
N PHE H 112 -11.84 126.93 -34.76
CA PHE H 112 -10.49 127.40 -34.97
C PHE H 112 -10.20 127.33 -36.46
N VAL H 113 -10.37 128.44 -37.16
CA VAL H 113 -10.29 128.50 -38.61
C VAL H 113 -9.00 129.22 -38.97
N GLY H 114 -8.06 128.48 -39.57
CA GLY H 114 -6.78 129.04 -39.92
C GLY H 114 -6.32 128.69 -41.33
N SER H 115 -7.26 128.70 -42.27
CA SER H 115 -6.96 128.41 -43.66
C SER H 115 -7.94 129.19 -44.52
N PRO H 116 -7.57 129.56 -45.74
CA PRO H 116 -8.45 130.41 -46.56
C PRO H 116 -9.73 129.68 -46.92
N VAL H 117 -10.86 130.25 -46.52
CA VAL H 117 -12.16 129.67 -46.76
C VAL H 117 -12.71 130.22 -48.08
N GLU H 118 -13.59 129.45 -48.70
CA GLU H 118 -14.19 129.80 -49.99
C GLU H 118 -15.71 129.72 -49.95
N ASP H 119 -16.32 130.33 -48.94
CA ASP H 119 -17.75 130.20 -48.70
C ASP H 119 -18.49 131.31 -49.45
N ASN H 120 -19.82 131.31 -49.37
CA ASN H 120 -20.63 132.36 -49.95
C ASN H 120 -21.56 132.98 -48.91
N GLU H 121 -21.89 134.26 -49.06
CA GLU H 121 -22.71 134.94 -48.07
C GLU H 121 -24.14 134.43 -48.04
N LYS H 122 -24.68 133.98 -49.17
CA LYS H 122 -25.99 133.33 -49.13
C LYS H 122 -25.90 131.99 -48.40
N ASP H 123 -24.77 131.30 -48.50
CA ASP H 123 -24.55 130.10 -47.71
C ASP H 123 -24.51 130.43 -46.22
N LEU H 124 -23.82 131.51 -45.85
CA LEU H 124 -23.74 131.88 -44.44
C LEU H 124 -25.07 132.41 -43.92
N VAL H 125 -25.92 132.95 -44.80
CA VAL H 125 -27.24 133.38 -44.33
C VAL H 125 -28.21 132.21 -44.22
N LYS H 126 -28.14 131.24 -45.15
CA LYS H 126 -28.95 130.04 -45.00
C LYS H 126 -28.56 129.28 -43.74
N LEU H 127 -27.26 128.97 -43.59
CA LEU H 127 -26.77 128.33 -42.38
C LEU H 127 -27.02 129.20 -41.15
N ALA H 128 -27.05 130.53 -41.33
CA ALA H 128 -27.25 131.43 -40.20
C ALA H 128 -28.67 131.34 -39.67
N LYS H 129 -29.66 131.40 -40.55
CA LYS H 129 -31.04 131.22 -40.13
C LYS H 129 -31.32 129.80 -39.65
N ARG H 130 -30.70 128.81 -40.29
CA ARG H 130 -30.76 127.44 -39.76
C ARG H 130 -30.24 127.39 -38.33
N LEU H 131 -29.23 128.22 -38.01
CA LEU H 131 -28.80 128.37 -36.64
C LEU H 131 -29.68 129.34 -35.86
N LYS H 132 -30.62 130.02 -36.53
CA LYS H 132 -31.65 130.76 -35.82
C LYS H 132 -32.72 129.82 -35.29
N LYS H 133 -33.02 128.75 -36.03
CA LYS H 133 -34.06 127.81 -35.62
C LYS H 133 -33.71 127.16 -34.28
N GLU H 134 -32.51 126.62 -34.17
CA GLU H 134 -32.06 125.99 -32.93
C GLU H 134 -31.31 126.97 -32.03
N LYS H 135 -30.94 128.13 -32.54
CA LYS H 135 -30.28 129.18 -31.75
C LYS H 135 -28.92 128.71 -31.24
N VAL H 136 -28.15 128.11 -32.14
CA VAL H 136 -26.83 127.62 -31.79
C VAL H 136 -25.83 128.75 -31.93
N ASN H 137 -25.68 129.54 -30.87
CA ASN H 137 -24.74 130.66 -30.89
C ASN H 137 -23.30 130.13 -30.93
N VAL H 138 -22.59 130.48 -31.97
CA VAL H 138 -21.24 129.99 -32.22
C VAL H 138 -20.27 131.16 -32.20
N ASP H 139 -19.20 131.02 -31.43
CA ASP H 139 -18.15 132.04 -31.37
C ASP H 139 -16.87 131.42 -31.93
N ILE H 140 -16.42 131.92 -33.07
CA ILE H 140 -15.27 131.37 -33.77
C ILE H 140 -14.05 132.24 -33.49
N ILE H 141 -12.96 131.61 -33.07
CA ILE H 141 -11.69 132.28 -32.86
C ILE H 141 -10.75 131.82 -33.95
N ASN H 142 -10.43 132.71 -34.89
CA ASN H 142 -9.68 132.36 -36.09
C ASN H 142 -8.19 132.32 -35.78
N PHE H 143 -7.53 131.25 -36.27
CA PHE H 143 -6.12 131.01 -36.00
C PHE H 143 -5.36 130.86 -37.32
N GLY H 144 -4.99 132.00 -37.92
CA GLY H 144 -4.25 132.02 -39.16
C GLY H 144 -5.05 132.69 -40.28
N GLU H 145 -4.54 132.57 -41.50
CA GLU H 145 -5.27 133.10 -42.65
C GLU H 145 -6.65 132.44 -42.72
N GLU H 146 -7.69 133.25 -42.67
CA GLU H 146 -9.05 132.72 -42.67
C GLU H 146 -9.81 133.21 -43.89
N GLU H 147 -9.77 134.52 -44.10
CA GLU H 147 -10.56 135.18 -45.12
C GLU H 147 -10.14 136.64 -45.12
N VAL H 148 -10.69 137.42 -46.05
CA VAL H 148 -10.36 138.84 -46.08
C VAL H 148 -11.00 139.48 -44.87
N ASN H 149 -10.21 139.71 -43.83
CA ASN H 149 -10.66 140.32 -42.58
C ASN H 149 -11.82 139.54 -41.98
N THR H 150 -11.72 138.21 -42.06
CA THR H 150 -12.74 137.28 -41.55
C THR H 150 -14.11 137.59 -42.15
N GLU H 151 -14.09 137.87 -43.45
CA GLU H 151 -15.30 138.17 -44.19
C GLU H 151 -16.12 136.90 -44.36
N LYS H 152 -17.43 137.07 -44.50
CA LYS H 152 -18.41 135.99 -44.50
C LYS H 152 -18.55 135.31 -43.15
N LEU H 153 -17.93 135.84 -42.11
CA LEU H 153 -18.03 135.27 -40.77
C LEU H 153 -18.70 136.23 -39.79
N THR H 154 -18.39 137.52 -39.88
CA THR H 154 -19.20 138.51 -39.17
C THR H 154 -20.56 138.65 -39.83
N ALA H 155 -20.62 138.46 -41.15
CA ALA H 155 -21.91 138.39 -41.83
C ALA H 155 -22.66 137.14 -41.46
N PHE H 156 -21.96 136.01 -41.34
CA PHE H 156 -22.58 134.78 -40.85
C PHE H 156 -23.13 134.97 -39.44
N VAL H 157 -22.33 135.56 -38.55
CA VAL H 157 -22.76 135.76 -37.18
C VAL H 157 -23.95 136.70 -37.11
N ASN H 158 -23.85 137.87 -37.76
CA ASN H 158 -24.93 138.85 -37.68
C ASN H 158 -26.20 138.32 -38.32
N THR H 159 -26.06 137.61 -39.43
CA THR H 159 -27.19 136.91 -40.03
C THR H 159 -27.64 135.70 -39.20
N LEU H 160 -26.89 135.35 -38.17
CA LEU H 160 -27.29 134.31 -37.22
C LEU H 160 -28.09 134.88 -36.07
N ASN H 161 -27.62 135.98 -35.49
CA ASN H 161 -28.23 136.65 -34.36
C ASN H 161 -28.83 137.99 -34.79
N GLY H 162 -29.45 138.01 -35.97
CA GLY H 162 -30.04 139.21 -36.52
C GLY H 162 -31.15 139.78 -35.66
N LYS H 163 -31.42 141.08 -35.83
CA LYS H 163 -32.43 141.78 -35.05
C LYS H 163 -32.06 141.80 -33.57
N ASP H 164 -30.82 142.22 -33.33
CA ASP H 164 -30.28 142.40 -31.99
C ASP H 164 -30.25 141.08 -31.23
N GLY H 165 -29.49 140.14 -31.80
CA GLY H 165 -29.26 138.86 -31.15
C GLY H 165 -28.00 138.85 -30.33
N THR H 166 -26.89 139.27 -30.96
CA THR H 166 -25.56 139.43 -30.37
C THR H 166 -25.11 138.22 -29.53
N GLY H 167 -25.60 137.02 -29.83
CA GLY H 167 -25.15 135.84 -29.13
C GLY H 167 -23.90 135.21 -29.68
N SER H 168 -23.79 135.08 -31.00
CA SER H 168 -22.61 134.57 -31.66
C SER H 168 -21.64 135.71 -31.90
N HIS H 169 -20.35 135.38 -32.06
CA HIS H 169 -19.31 136.38 -32.26
C HIS H 169 -18.27 135.82 -33.21
N LEU H 170 -17.40 136.72 -33.68
CA LEU H 170 -16.31 136.36 -34.59
C LEU H 170 -15.03 137.01 -34.07
N VAL H 171 -14.00 136.19 -33.83
CA VAL H 171 -12.71 136.73 -33.36
C VAL H 171 -11.79 137.13 -34.54
N THR H 172 -10.51 137.36 -34.25
CA THR H 172 -9.56 137.76 -35.30
C THR H 172 -8.35 136.83 -35.43
N VAL H 173 -7.72 136.83 -36.60
CA VAL H 173 -6.57 135.96 -36.88
C VAL H 173 -5.35 136.66 -37.50
N PRO H 174 -4.86 137.74 -36.88
CA PRO H 174 -3.70 138.37 -37.52
C PRO H 174 -2.40 138.46 -36.71
N PRO H 175 -2.47 138.32 -35.38
CA PRO H 175 -1.26 138.51 -34.58
C PRO H 175 -0.64 137.23 -34.00
N GLY H 176 -1.45 136.37 -33.36
CA GLY H 176 -0.92 135.17 -32.77
C GLY H 176 -1.76 134.58 -31.64
N PRO H 177 -1.14 133.72 -30.82
CA PRO H 177 -1.90 132.89 -29.88
C PRO H 177 -2.58 133.72 -28.81
N SER H 178 -3.68 134.37 -29.19
CA SER H 178 -4.39 135.29 -28.32
C SER H 178 -4.81 134.59 -27.04
N LEU H 179 -4.44 135.18 -25.90
CA LEU H 179 -4.86 134.64 -24.62
C LEU H 179 -6.37 134.77 -24.53
N ALA H 180 -7.08 133.65 -24.71
CA ALA H 180 -8.53 133.72 -24.83
C ALA H 180 -9.18 134.11 -23.52
N ASP H 181 -8.48 133.92 -22.40
CA ASP H 181 -8.94 134.52 -21.16
C ASP H 181 -8.98 136.04 -21.28
N ALA H 182 -8.05 136.61 -22.05
CA ALA H 182 -8.10 138.02 -22.36
C ALA H 182 -9.13 138.34 -23.43
N LEU H 183 -9.34 137.41 -24.36
CA LEU H 183 -10.32 137.63 -25.43
C LEU H 183 -11.74 137.62 -24.88
N ILE H 184 -11.97 136.91 -23.78
CA ILE H 184 -13.30 136.80 -23.18
C ILE H 184 -13.25 137.42 -21.79
N SER H 185 -12.47 138.49 -21.64
CA SER H 185 -12.40 139.20 -20.36
C SER H 185 -13.80 139.60 -19.89
N SER H 186 -14.52 140.35 -20.71
CA SER H 186 -15.92 140.62 -20.44
C SER H 186 -16.78 139.42 -20.85
N PRO H 187 -16.62 138.88 -22.08
CA PRO H 187 -17.43 137.72 -22.48
C PRO H 187 -16.89 136.40 -21.95
N ILE H 188 -16.60 136.33 -20.65
CA ILE H 188 -16.00 135.12 -20.09
C ILE H 188 -17.03 133.99 -20.03
N LEU H 189 -18.29 134.32 -19.72
CA LEU H 189 -19.33 133.30 -19.70
C LEU H 189 -19.87 133.03 -21.10
N ALA H 190 -20.03 134.09 -21.90
CA ALA H 190 -20.49 133.96 -23.28
C ALA H 190 -19.65 134.86 -24.16
N GLY H 191 -18.72 134.25 -24.90
CA GLY H 191 -17.81 135.00 -25.76
C GLY H 191 -18.51 135.82 -26.82
N ALA I 23 -59.00 103.16 -3.54
CA ALA I 23 -57.95 102.20 -3.85
C ALA I 23 -58.46 100.78 -3.66
N VAL I 24 -58.45 99.99 -4.73
CA VAL I 24 -58.88 98.60 -4.68
C VAL I 24 -58.33 97.90 -5.92
N ASP I 25 -58.24 96.58 -5.85
CA ASP I 25 -57.78 95.82 -7.00
C ASP I 25 -58.86 95.83 -8.09
N THR I 26 -58.57 95.18 -9.20
CA THR I 26 -59.51 95.10 -10.31
C THR I 26 -59.27 93.78 -11.03
N ALA I 27 -59.79 93.68 -12.26
CA ALA I 27 -59.42 92.61 -13.17
C ALA I 27 -58.32 93.15 -14.08
N GLU I 28 -57.07 92.99 -13.63
CA GLU I 28 -55.95 93.59 -14.34
C GLU I 28 -55.55 92.73 -15.53
N GLN I 29 -54.88 93.38 -16.49
CA GLN I 29 -54.43 92.69 -17.68
C GLN I 29 -52.95 92.98 -17.87
N VAL I 30 -52.20 91.96 -18.31
CA VAL I 30 -50.78 92.10 -18.55
C VAL I 30 -50.55 92.22 -20.04
N TYR I 31 -50.35 93.45 -20.49
CA TYR I 31 -49.92 93.71 -21.85
C TYR I 31 -48.43 93.43 -21.98
N ILE I 32 -48.04 92.91 -23.14
CA ILE I 32 -46.71 92.38 -23.35
C ILE I 32 -46.05 93.15 -24.48
N SER I 33 -44.81 92.76 -24.77
CA SER I 33 -44.13 93.12 -26.00
C SER I 33 -43.56 91.85 -26.61
N SER I 34 -43.77 91.69 -27.91
CA SER I 34 -43.37 90.46 -28.59
C SER I 34 -41.88 90.16 -28.42
N LEU I 35 -41.04 91.20 -28.38
CA LEU I 35 -39.63 90.98 -28.08
C LEU I 35 -39.44 90.46 -26.66
N ALA I 36 -40.33 90.86 -25.74
CA ALA I 36 -40.19 90.48 -24.34
C ALA I 36 -40.22 88.96 -24.20
N LEU I 37 -41.14 88.30 -24.91
CA LEU I 37 -41.25 86.85 -24.82
C LEU I 37 -39.96 86.16 -25.25
N LEU I 38 -39.44 86.50 -26.42
CA LEU I 38 -38.23 85.88 -26.91
C LEU I 38 -37.04 86.17 -26.01
N LYS I 39 -36.90 87.41 -25.55
CA LYS I 39 -35.84 87.73 -24.60
C LYS I 39 -35.97 86.91 -23.33
N MET I 40 -37.19 86.62 -22.90
CA MET I 40 -37.40 85.72 -21.78
C MET I 40 -36.85 84.34 -22.09
N LEU I 41 -37.41 83.69 -23.10
CA LEU I 41 -37.11 82.28 -23.32
C LEU I 41 -35.65 82.04 -23.70
N LYS I 42 -35.03 82.96 -24.44
CA LYS I 42 -33.63 82.76 -24.78
C LYS I 42 -32.74 82.91 -23.55
N HIS I 43 -33.03 83.90 -22.71
CA HIS I 43 -32.27 84.07 -21.48
C HIS I 43 -32.40 82.86 -20.57
N GLY I 44 -33.64 82.46 -20.26
CA GLY I 44 -33.84 81.33 -19.37
C GLY I 44 -33.28 80.04 -19.94
N ARG I 45 -33.46 79.83 -21.25
CA ARG I 45 -32.93 78.62 -21.88
C ARG I 45 -31.41 78.60 -21.82
N ALA I 46 -30.77 79.73 -22.13
CA ALA I 46 -29.31 79.80 -22.02
C ALA I 46 -28.84 79.56 -20.60
N GLY I 47 -29.57 80.07 -19.60
CA GLY I 47 -29.22 79.80 -18.22
C GLY I 47 -30.11 78.72 -17.64
N VAL I 48 -30.37 77.68 -18.44
CA VAL I 48 -31.36 76.68 -18.05
C VAL I 48 -31.08 76.00 -16.70
N PRO I 49 -29.84 75.62 -16.35
CA PRO I 49 -29.66 74.85 -15.13
C PRO I 49 -29.80 75.64 -13.83
N MET I 50 -30.24 76.90 -13.89
CA MET I 50 -30.40 77.70 -12.68
C MET I 50 -31.42 78.80 -12.92
N GLU I 51 -31.83 79.44 -11.83
CA GLU I 51 -32.74 80.56 -11.92
C GLU I 51 -32.04 81.76 -12.52
N VAL I 52 -32.46 82.17 -13.71
CA VAL I 52 -31.92 83.35 -14.36
C VAL I 52 -32.86 84.51 -14.07
N MET I 53 -32.28 85.65 -13.74
CA MET I 53 -33.00 86.84 -13.28
C MET I 53 -32.93 87.93 -14.33
N GLY I 54 -33.92 88.81 -14.32
CA GLY I 54 -33.91 89.94 -15.21
C GLY I 54 -35.00 90.93 -14.86
N LEU I 55 -34.88 92.11 -15.44
CA LEU I 55 -35.83 93.18 -15.19
C LEU I 55 -36.91 93.22 -16.27
N MET I 56 -38.13 93.50 -15.84
CA MET I 56 -39.25 93.72 -16.74
C MET I 56 -39.51 95.21 -16.84
N LEU I 57 -39.44 95.74 -18.06
CA LEU I 57 -39.51 97.18 -18.31
C LEU I 57 -40.73 97.45 -19.18
N GLY I 58 -41.55 98.42 -18.79
CA GLY I 58 -42.79 98.65 -19.52
C GLY I 58 -43.42 100.00 -19.28
N GLU I 59 -44.74 100.00 -19.13
CA GLU I 59 -45.46 101.25 -18.90
C GLU I 59 -46.72 100.95 -18.08
N PHE I 60 -47.00 101.85 -17.13
CA PHE I 60 -48.20 101.76 -16.30
C PHE I 60 -49.32 102.47 -17.02
N VAL I 61 -50.07 101.72 -17.83
CA VAL I 61 -51.11 102.35 -18.64
C VAL I 61 -52.26 102.89 -17.80
N ASP I 62 -52.65 102.18 -16.74
CA ASP I 62 -53.72 102.66 -15.88
C ASP I 62 -53.70 101.89 -14.57
N ASP I 63 -54.69 102.16 -13.73
CA ASP I 63 -54.96 101.38 -12.53
C ASP I 63 -55.48 99.99 -12.84
N TYR I 64 -55.88 99.74 -14.09
CA TYR I 64 -56.52 98.50 -14.47
C TYR I 64 -55.57 97.54 -15.16
N THR I 65 -54.87 97.99 -16.19
CA THR I 65 -53.97 97.14 -16.93
C THR I 65 -52.55 97.67 -16.84
N VAL I 66 -51.60 96.80 -17.19
CA VAL I 66 -50.19 97.14 -17.24
C VAL I 66 -49.71 96.82 -18.65
N ARG I 67 -48.55 97.36 -19.02
CA ARG I 67 -47.98 97.10 -20.33
C ARG I 67 -46.46 97.04 -20.22
N VAL I 68 -45.89 95.94 -20.68
CA VAL I 68 -44.45 95.77 -20.77
C VAL I 68 -44.05 95.87 -22.22
N ILE I 69 -42.95 96.58 -22.49
CA ILE I 69 -42.46 96.74 -23.85
C ILE I 69 -40.99 96.36 -24.00
N ASP I 70 -40.20 96.38 -22.93
CA ASP I 70 -38.78 96.12 -23.02
C ASP I 70 -38.37 95.13 -21.94
N VAL I 71 -37.40 94.29 -22.26
CA VAL I 71 -36.91 93.27 -21.34
C VAL I 71 -35.41 93.16 -21.48
N PHE I 72 -34.71 93.05 -20.35
CA PHE I 72 -33.28 92.87 -20.36
C PHE I 72 -32.84 92.31 -19.01
N ALA I 73 -31.68 91.67 -18.99
CA ALA I 73 -31.16 91.07 -17.76
C ALA I 73 -29.76 91.58 -17.44
N MET I 74 -29.20 91.08 -16.34
CA MET I 74 -27.87 91.46 -15.90
C MET I 74 -27.05 90.25 -15.50
N PRO I 75 -25.84 90.49 -14.98
CA PRO I 75 -24.93 89.41 -14.55
C PRO I 75 -25.30 88.87 -13.17
N GLN I 76 -25.06 87.58 -12.95
CA GLN I 76 -25.37 86.96 -11.67
C GLN I 76 -24.57 85.66 -11.50
N SER I 77 -23.76 85.61 -10.45
CA SER I 77 -22.95 84.43 -10.16
C SER I 77 -23.41 83.74 -8.89
N VAL I 83 -29.75 84.19 -5.60
CA VAL I 83 -29.73 85.10 -6.73
C VAL I 83 -29.59 86.55 -6.33
N GLU I 84 -28.37 87.03 -6.35
CA GLU I 84 -28.12 88.40 -5.98
C GLU I 84 -27.44 89.13 -7.10
N ALA I 85 -28.11 90.15 -7.61
CA ALA I 85 -27.58 90.94 -8.71
C ALA I 85 -26.38 91.78 -8.30
N VAL I 86 -25.49 91.99 -9.24
CA VAL I 86 -24.29 92.77 -8.95
C VAL I 86 -24.52 94.19 -9.39
N ASP I 87 -23.48 95.02 -9.32
CA ASP I 87 -23.45 96.48 -9.32
C ASP I 87 -24.55 97.15 -10.12
N PRO I 88 -25.36 98.01 -9.47
CA PRO I 88 -26.39 98.77 -10.20
C PRO I 88 -25.84 99.89 -11.05
N VAL I 89 -24.52 100.05 -11.13
CA VAL I 89 -23.94 100.96 -12.11
C VAL I 89 -24.34 100.55 -13.52
N PHE I 90 -24.47 99.25 -13.78
CA PHE I 90 -25.09 98.78 -15.00
C PHE I 90 -26.53 99.28 -15.12
N GLN I 91 -27.22 99.43 -13.99
CA GLN I 91 -28.62 99.81 -14.01
C GLN I 91 -28.81 101.21 -14.60
N ALA I 92 -28.21 102.20 -13.94
CA ALA I 92 -28.43 103.59 -14.32
C ALA I 92 -27.91 103.89 -15.71
N LYS I 93 -26.70 103.41 -16.04
CA LYS I 93 -26.19 103.61 -17.39
C LYS I 93 -27.04 102.89 -18.42
N MET I 94 -27.51 101.69 -18.09
CA MET I 94 -28.37 100.94 -19.01
C MET I 94 -29.63 101.72 -19.33
N LEU I 95 -30.38 102.11 -18.30
CA LEU I 95 -31.61 102.85 -18.53
C LEU I 95 -31.33 104.19 -19.20
N ASP I 96 -30.21 104.82 -18.88
CA ASP I 96 -29.83 106.08 -19.52
C ASP I 96 -29.68 105.89 -21.03
N MET I 97 -28.77 105.02 -21.44
CA MET I 97 -28.54 104.80 -22.86
C MET I 97 -29.75 104.22 -23.57
N LEU I 98 -30.64 103.53 -22.85
CA LEU I 98 -31.93 103.16 -23.40
C LEU I 98 -32.85 104.36 -23.57
N LYS I 99 -32.67 105.41 -22.78
CA LYS I 99 -33.46 106.62 -22.94
C LYS I 99 -32.97 107.43 -24.13
N GLN I 100 -31.67 107.72 -24.17
CA GLN I 100 -31.14 108.57 -25.23
C GLN I 100 -31.27 107.95 -26.62
N THR I 101 -31.25 106.63 -26.71
CA THR I 101 -31.50 105.94 -27.98
C THR I 101 -32.85 105.25 -27.85
N GLY I 102 -33.79 105.65 -28.70
CA GLY I 102 -35.17 105.24 -28.53
C GLY I 102 -35.92 106.28 -27.73
N ARG I 103 -36.07 106.04 -26.43
CA ARG I 103 -36.72 107.01 -25.57
C ARG I 103 -36.61 106.57 -24.11
N PRO I 104 -37.02 107.41 -23.17
CA PRO I 104 -37.12 106.97 -21.78
C PRO I 104 -38.43 106.26 -21.53
N GLU I 105 -38.39 105.30 -20.60
CA GLU I 105 -39.54 104.47 -20.29
C GLU I 105 -39.58 104.25 -18.78
N MET I 106 -40.41 103.31 -18.34
CA MET I 106 -40.59 103.07 -16.93
C MET I 106 -40.40 101.60 -16.62
N VAL I 107 -39.74 101.32 -15.50
CA VAL I 107 -39.59 99.96 -15.01
C VAL I 107 -40.87 99.56 -14.31
N VAL I 108 -41.46 98.45 -14.77
CA VAL I 108 -42.76 98.02 -14.29
C VAL I 108 -42.70 96.75 -13.45
N GLY I 109 -41.75 95.85 -13.69
CA GLY I 109 -41.67 94.62 -12.94
C GLY I 109 -40.38 93.88 -13.19
N TRP I 110 -40.43 92.55 -13.21
CA TRP I 110 -39.19 91.78 -13.34
C TRP I 110 -39.56 90.33 -13.57
N TYR I 111 -38.53 89.48 -13.69
CA TYR I 111 -38.75 88.10 -14.07
C TYR I 111 -37.55 87.27 -13.64
N HIS I 112 -37.76 85.96 -13.65
CA HIS I 112 -36.66 85.00 -13.52
C HIS I 112 -37.22 83.62 -13.88
N SER I 113 -36.40 82.60 -13.72
CA SER I 113 -36.76 81.25 -14.11
C SER I 113 -37.04 80.35 -12.92
N HIS I 114 -37.98 79.43 -13.12
CA HIS I 114 -38.15 78.25 -12.27
C HIS I 114 -37.96 77.03 -13.17
N PRO I 115 -36.72 76.66 -13.46
CA PRO I 115 -36.47 75.60 -14.45
C PRO I 115 -37.05 74.25 -14.06
N GLY I 116 -38.00 73.76 -14.84
CA GLY I 116 -38.68 72.53 -14.52
C GLY I 116 -39.44 72.56 -13.21
N PHE I 117 -39.83 73.74 -12.75
CA PHE I 117 -40.42 73.91 -11.44
C PHE I 117 -41.94 74.08 -11.55
N GLY I 118 -42.57 74.39 -10.43
CA GLY I 118 -43.99 74.61 -10.39
C GLY I 118 -44.36 76.06 -10.64
N CYS I 119 -43.44 76.79 -11.28
CA CYS I 119 -43.59 78.19 -11.66
C CYS I 119 -44.21 79.03 -10.54
N TRP I 120 -43.67 78.83 -9.34
CA TRP I 120 -44.23 79.40 -8.14
C TRP I 120 -43.19 80.28 -7.46
N LEU I 121 -43.66 81.37 -6.88
CA LEU I 121 -42.78 82.34 -6.24
C LEU I 121 -42.03 81.68 -5.08
N SER I 122 -40.72 81.54 -5.23
CA SER I 122 -39.90 80.89 -4.22
C SER I 122 -39.85 81.74 -2.97
N GLY I 123 -39.26 81.18 -1.90
CA GLY I 123 -39.17 81.88 -0.64
C GLY I 123 -38.45 83.20 -0.73
N VAL I 124 -37.32 83.25 -1.43
CA VAL I 124 -36.65 84.53 -1.64
C VAL I 124 -37.35 85.34 -2.71
N ASP I 125 -37.94 84.66 -3.70
CA ASP I 125 -38.68 85.36 -4.75
C ASP I 125 -39.75 86.26 -4.16
N ILE I 126 -40.51 85.77 -3.19
CA ILE I 126 -41.40 86.65 -2.46
C ILE I 126 -40.63 87.65 -1.62
N ASN I 127 -39.43 87.30 -1.17
CA ASN I 127 -38.65 88.20 -0.33
C ASN I 127 -38.16 89.43 -1.08
N THR I 128 -38.07 89.39 -2.39
CA THR I 128 -37.79 90.61 -3.15
C THR I 128 -39.05 91.42 -3.38
N GLN I 129 -40.21 90.85 -3.10
CA GLN I 129 -41.49 91.47 -3.43
C GLN I 129 -41.90 92.55 -2.47
N GLN I 130 -41.73 92.36 -1.16
CA GLN I 130 -41.89 93.50 -0.26
C GLN I 130 -40.88 94.59 -0.57
N SER I 131 -39.70 94.21 -1.08
CA SER I 131 -38.74 95.21 -1.52
C SER I 131 -39.29 96.02 -2.69
N PHE I 132 -39.88 95.34 -3.68
CA PHE I 132 -40.27 96.00 -4.91
C PHE I 132 -41.59 96.74 -4.82
N GLU I 133 -42.64 96.08 -4.31
CA GLU I 133 -43.92 96.76 -4.17
C GLU I 133 -43.82 97.99 -3.28
N ALA I 134 -42.92 97.97 -2.30
CA ALA I 134 -42.65 99.17 -1.53
C ALA I 134 -42.06 100.27 -2.40
N LEU I 135 -41.41 99.90 -3.50
CA LEU I 135 -40.89 100.90 -4.42
C LEU I 135 -41.99 101.39 -5.36
N SER I 136 -42.55 100.49 -6.16
CA SER I 136 -43.69 100.78 -7.01
C SER I 136 -44.86 99.91 -6.59
N GLU I 137 -46.07 100.46 -6.71
CA GLU I 137 -47.26 99.75 -6.28
C GLU I 137 -47.46 98.46 -7.05
N ARG I 138 -47.65 98.56 -8.36
CA ARG I 138 -47.95 97.40 -9.18
C ARG I 138 -46.68 96.70 -9.69
N ALA I 139 -45.76 96.44 -8.77
CA ALA I 139 -44.57 95.67 -9.12
C ALA I 139 -44.99 94.24 -9.41
N VAL I 140 -44.52 93.70 -10.53
CA VAL I 140 -44.99 92.41 -11.00
C VAL I 140 -43.82 91.43 -11.05
N ALA I 141 -44.02 90.26 -10.46
CA ALA I 141 -43.09 89.16 -10.62
C ALA I 141 -43.44 88.42 -11.90
N VAL I 142 -42.43 87.86 -12.56
CA VAL I 142 -42.61 87.13 -13.80
C VAL I 142 -41.87 85.81 -13.71
N VAL I 143 -42.61 84.71 -13.67
CA VAL I 143 -42.05 83.37 -13.64
C VAL I 143 -41.95 82.86 -15.07
N VAL I 144 -40.83 82.22 -15.39
CA VAL I 144 -40.68 81.60 -16.71
C VAL I 144 -40.02 80.23 -16.54
N ASP I 145 -40.44 79.30 -17.39
CA ASP I 145 -39.80 77.99 -17.49
C ASP I 145 -39.61 77.59 -18.94
N PRO I 146 -38.39 77.62 -19.44
CA PRO I 146 -38.16 77.18 -20.82
C PRO I 146 -38.09 75.66 -20.93
N ILE I 147 -38.38 74.97 -19.85
CA ILE I 147 -38.33 73.51 -19.79
C ILE I 147 -39.69 72.90 -20.09
N GLN I 148 -40.71 73.31 -19.34
CA GLN I 148 -42.06 72.78 -19.51
C GLN I 148 -42.74 73.29 -20.76
N SER I 149 -42.13 74.23 -21.47
CA SER I 149 -42.72 74.83 -22.66
C SER I 149 -42.39 73.98 -23.87
N VAL I 150 -43.41 73.45 -24.52
CA VAL I 150 -43.25 72.73 -25.76
C VAL I 150 -43.42 73.72 -26.91
N LYS I 151 -42.88 73.37 -28.08
CA LYS I 151 -42.88 74.27 -29.23
C LYS I 151 -44.27 74.75 -29.62
N GLY I 152 -45.31 74.00 -29.29
CA GLY I 152 -46.67 74.45 -29.48
C GLY I 152 -47.06 75.54 -28.50
N LYS I 153 -46.77 75.34 -27.21
CA LYS I 153 -47.21 76.29 -26.20
C LYS I 153 -46.13 76.44 -25.13
N VAL I 154 -45.98 77.67 -24.67
CA VAL I 154 -44.96 78.02 -23.67
C VAL I 154 -45.63 78.08 -22.31
N VAL I 155 -44.87 77.77 -21.27
CA VAL I 155 -45.33 77.87 -19.89
C VAL I 155 -44.80 79.19 -19.33
N ILE I 156 -45.57 80.25 -19.52
CA ILE I 156 -45.23 81.56 -19.03
C ILE I 156 -46.05 81.83 -17.77
N ASP I 157 -45.56 82.74 -16.94
CA ASP I 157 -46.22 82.97 -15.66
C ASP I 157 -45.79 84.34 -15.11
N ALA I 158 -46.57 84.83 -14.15
CA ALA I 158 -46.28 86.09 -13.46
C ALA I 158 -47.24 86.21 -12.29
N PHE I 159 -46.77 86.81 -11.20
CA PHE I 159 -47.60 86.94 -10.02
C PHE I 159 -47.48 88.33 -9.40
N ARG I 160 -48.30 88.52 -8.37
CA ARG I 160 -48.48 89.82 -7.71
C ARG I 160 -48.67 89.58 -6.21
N LEU I 161 -47.75 90.12 -5.43
CA LEU I 161 -47.75 89.92 -3.98
C LEU I 161 -49.02 90.48 -3.34
N ILE I 162 -49.50 89.81 -2.31
CA ILE I 162 -50.63 90.29 -1.52
C ILE I 162 -50.21 90.38 -0.06
N ASN I 163 -50.79 91.34 0.65
CA ASN I 163 -50.50 91.51 2.05
C ASN I 163 -51.05 90.33 2.86
N ALA I 164 -50.52 90.16 4.07
CA ALA I 164 -51.06 89.21 5.03
C ALA I 164 -51.89 89.89 6.11
N ASN I 165 -51.70 91.20 6.31
CA ASN I 165 -52.51 91.93 7.27
C ASN I 165 -53.99 91.90 6.90
N MET I 166 -54.29 91.87 5.61
CA MET I 166 -55.66 91.79 5.11
C MET I 166 -56.05 90.35 4.78
N MET I 167 -55.49 89.39 5.51
CA MET I 167 -55.80 87.98 5.24
C MET I 167 -57.26 87.66 5.44
N VAL I 168 -57.96 88.37 6.33
CA VAL I 168 -59.38 88.17 6.52
C VAL I 168 -60.19 89.14 5.67
N LEU I 169 -59.73 90.37 5.55
CA LEU I 169 -60.43 91.36 4.74
C LEU I 169 -60.28 91.04 3.26
N GLY I 170 -61.30 91.43 2.48
CA GLY I 170 -61.24 91.23 1.05
C GLY I 170 -60.10 92.02 0.41
N HIS I 171 -59.55 91.46 -0.65
CA HIS I 171 -58.42 92.06 -1.34
C HIS I 171 -58.75 92.55 -2.74
N GLU I 172 -59.61 91.85 -3.47
CA GLU I 172 -60.05 92.28 -4.79
C GLU I 172 -61.56 92.47 -4.79
N PRO I 173 -62.06 93.52 -5.44
CA PRO I 173 -63.50 93.75 -5.45
C PRO I 173 -64.25 92.77 -6.32
N ARG I 174 -63.65 92.25 -7.39
CA ARG I 174 -64.26 91.24 -8.24
C ARG I 174 -65.52 91.79 -8.92
N GLN I 175 -65.30 92.89 -9.63
CA GLN I 175 -66.36 93.63 -10.32
C GLN I 175 -66.55 93.17 -11.76
N THR I 176 -66.06 91.98 -12.11
CA THR I 176 -66.12 91.48 -13.47
C THR I 176 -65.59 90.05 -13.46
N THR I 177 -66.04 89.25 -14.43
CA THR I 177 -65.75 87.83 -14.43
C THR I 177 -64.34 87.51 -14.90
N SER I 178 -63.64 88.47 -15.53
CA SER I 178 -62.46 88.14 -16.34
C SER I 178 -61.34 87.53 -15.51
N ASN I 179 -61.04 88.10 -14.34
CA ASN I 179 -59.97 87.57 -13.50
C ASN I 179 -60.51 86.62 -12.43
N LEU I 180 -61.63 85.96 -12.71
CA LEU I 180 -62.22 85.07 -11.70
C LEU I 180 -62.83 83.81 -12.28
N GLY I 181 -63.93 83.96 -13.02
CA GLY I 181 -64.59 82.83 -13.63
C GLY I 181 -64.48 82.86 -15.13
N HIS I 182 -63.52 83.62 -15.64
CA HIS I 182 -63.32 83.73 -17.09
C HIS I 182 -61.91 83.37 -17.53
N LEU I 183 -60.98 83.24 -16.60
CA LEU I 183 -59.61 82.88 -16.96
C LEU I 183 -59.43 81.35 -16.89
N ASN I 184 -58.34 80.88 -16.27
CA ASN I 184 -58.13 79.45 -16.21
C ASN I 184 -58.38 78.89 -14.83
N LYS I 185 -57.55 77.93 -14.42
CA LYS I 185 -57.66 77.31 -13.11
C LYS I 185 -56.26 77.11 -12.54
N PRO I 186 -56.04 77.60 -11.31
CA PRO I 186 -54.74 77.49 -10.64
C PRO I 186 -54.20 76.07 -10.66
N SER I 187 -52.92 75.91 -11.02
CA SER I 187 -52.32 74.59 -11.08
C SER I 187 -51.96 74.08 -9.69
N ILE I 188 -51.72 72.76 -9.63
CA ILE I 188 -51.58 72.09 -8.34
C ILE I 188 -50.20 72.34 -7.74
N GLN I 189 -49.15 72.30 -8.55
CA GLN I 189 -47.78 72.41 -8.06
C GLN I 189 -47.41 73.81 -7.62
N ALA I 190 -48.13 74.83 -8.08
CA ALA I 190 -47.97 76.18 -7.55
C ALA I 190 -49.00 76.52 -6.49
N LEU I 191 -50.22 75.95 -6.60
CA LEU I 191 -51.18 76.10 -5.52
C LEU I 191 -50.69 75.47 -4.23
N ILE I 192 -49.84 74.44 -4.33
CA ILE I 192 -49.23 73.86 -3.14
C ILE I 192 -48.30 74.84 -2.46
N HIS I 193 -47.97 75.96 -3.12
CA HIS I 193 -47.20 76.99 -2.46
C HIS I 193 -48.00 78.25 -2.15
N GLY I 194 -48.53 78.98 -3.13
CA GLY I 194 -49.44 80.02 -2.68
C GLY I 194 -50.89 79.94 -3.09
N LEU I 195 -51.14 79.82 -4.39
CA LEU I 195 -52.45 79.61 -5.00
C LEU I 195 -53.49 80.72 -4.81
N ASN I 196 -53.44 81.39 -3.67
CA ASN I 196 -54.15 82.60 -3.35
C ASN I 196 -53.38 83.43 -2.34
N ARG I 197 -52.39 82.82 -1.71
CA ARG I 197 -51.83 83.28 -0.46
C ARG I 197 -50.42 83.79 -0.68
N HIS I 198 -50.13 84.92 -0.04
CA HIS I 198 -48.87 85.66 -0.18
C HIS I 198 -48.82 86.38 -1.53
N TYR I 199 -49.84 86.22 -2.37
CA TYR I 199 -49.87 86.87 -3.67
C TYR I 199 -51.20 86.56 -4.33
N TYR I 200 -51.38 87.10 -5.53
CA TYR I 200 -52.52 86.76 -6.38
C TYR I 200 -52.04 86.69 -7.81
N SER I 201 -52.57 85.72 -8.55
CA SER I 201 -52.19 85.54 -9.94
C SER I 201 -52.70 86.73 -10.77
N ILE I 202 -52.36 86.73 -12.06
CA ILE I 202 -52.74 87.82 -12.94
C ILE I 202 -52.77 87.30 -14.37
N THR I 203 -53.64 87.90 -15.18
CA THR I 203 -53.82 87.48 -16.56
C THR I 203 -52.83 88.20 -17.46
N ILE I 204 -52.49 87.56 -18.58
CA ILE I 204 -51.53 88.09 -19.53
C ILE I 204 -52.06 87.85 -20.93
N ASN I 205 -51.86 88.82 -21.82
CA ASN I 205 -52.23 88.67 -23.21
C ASN I 205 -51.08 89.10 -24.12
N TYR I 206 -51.35 89.25 -25.41
CA TYR I 206 -50.33 89.63 -26.38
C TYR I 206 -50.89 90.74 -27.26
N ARG I 207 -50.29 91.91 -27.20
CA ARG I 207 -50.56 92.97 -28.15
C ARG I 207 -49.59 92.88 -29.30
N LYS I 208 -50.10 92.99 -30.52
CA LYS I 208 -49.29 92.79 -31.72
C LYS I 208 -49.41 94.01 -32.62
N ASN I 209 -48.30 94.71 -32.81
CA ASN I 209 -48.25 95.73 -33.84
C ASN I 209 -48.48 95.10 -35.20
N GLU I 210 -49.18 95.83 -36.07
CA GLU I 210 -49.38 95.34 -37.42
C GLU I 210 -48.06 95.23 -38.17
N LEU I 211 -47.10 96.11 -37.87
CA LEU I 211 -45.83 96.10 -38.56
C LEU I 211 -45.09 94.78 -38.34
N GLU I 212 -44.85 94.42 -37.09
CA GLU I 212 -44.27 93.12 -36.78
C GLU I 212 -45.20 91.98 -37.14
N GLN I 213 -46.51 92.25 -37.14
CA GLN I 213 -47.48 91.20 -37.42
C GLN I 213 -47.36 90.71 -38.86
N LYS I 214 -47.22 91.63 -39.80
CA LYS I 214 -47.15 91.26 -41.20
C LYS I 214 -45.88 90.46 -41.50
N MET I 215 -44.71 90.97 -41.11
CA MET I 215 -43.47 90.25 -41.31
C MET I 215 -43.41 88.94 -40.55
N LEU I 216 -43.94 88.90 -39.33
CA LEU I 216 -44.06 87.65 -38.60
C LEU I 216 -44.95 86.66 -39.32
N LEU I 217 -45.94 87.16 -40.07
CA LEU I 217 -46.78 86.29 -40.88
C LEU I 217 -45.94 85.51 -41.89
N ASN I 218 -44.99 86.18 -42.54
CA ASN I 218 -44.15 85.59 -43.58
C ASN I 218 -42.71 85.51 -43.10
N LEU I 219 -42.32 84.31 -42.65
CA LEU I 219 -40.92 84.04 -42.39
C LEU I 219 -40.53 82.61 -42.76
N HIS I 220 -41.43 81.86 -43.40
CA HIS I 220 -41.15 80.48 -43.77
C HIS I 220 -41.30 80.22 -45.26
N LYS I 221 -41.56 81.25 -46.05
CA LYS I 221 -41.64 81.13 -47.50
C LYS I 221 -40.27 81.33 -48.12
N LYS I 222 -40.16 80.94 -49.38
CA LYS I 222 -38.91 81.05 -50.11
C LYS I 222 -39.14 81.83 -51.41
N SER I 223 -38.08 81.96 -52.20
CA SER I 223 -38.15 82.63 -53.48
C SER I 223 -38.70 81.67 -54.53
N TRP I 224 -38.90 82.16 -55.75
CA TRP I 224 -39.44 81.33 -56.83
C TRP I 224 -38.54 80.14 -57.17
N MET I 225 -37.26 80.21 -56.82
CA MET I 225 -36.36 79.09 -57.09
C MET I 225 -36.88 77.81 -56.47
N GLU I 226 -37.21 77.86 -55.17
CA GLU I 226 -37.76 76.70 -54.48
C GLU I 226 -39.02 76.19 -55.16
N GLY I 227 -39.99 77.07 -55.42
CA GLY I 227 -41.20 76.65 -56.08
C GLY I 227 -41.03 76.23 -57.53
N LEU I 228 -39.84 76.41 -58.09
CA LEU I 228 -39.57 76.05 -59.48
C LEU I 228 -38.47 75.00 -59.61
N THR I 229 -38.03 74.42 -58.50
CA THR I 229 -37.04 73.36 -58.60
C THR I 229 -37.66 72.08 -59.16
N LEU I 230 -36.83 71.31 -59.86
CA LEU I 230 -37.13 69.94 -60.26
C LEU I 230 -36.06 69.08 -59.61
N GLN I 231 -36.44 68.35 -58.56
CA GLN I 231 -35.47 67.77 -57.64
C GLN I 231 -34.47 66.85 -58.33
N ASP I 232 -34.93 65.70 -58.81
CA ASP I 232 -34.16 64.89 -59.74
C ASP I 232 -34.97 63.67 -60.11
N TYR I 233 -34.77 63.20 -61.34
CA TYR I 233 -35.46 62.00 -61.79
C TYR I 233 -34.62 60.74 -61.60
N SER I 234 -33.32 60.89 -61.38
CA SER I 234 -32.50 59.73 -61.07
C SER I 234 -32.70 59.29 -59.63
N GLU I 235 -32.63 60.23 -58.69
CA GLU I 235 -32.96 59.90 -57.31
C GLU I 235 -34.46 59.92 -57.07
N HIS I 236 -35.22 60.58 -57.95
CA HIS I 236 -36.66 60.50 -57.85
C HIS I 236 -37.15 59.12 -58.26
N CYS I 237 -36.84 58.71 -59.50
CA CYS I 237 -37.16 57.36 -59.93
C CYS I 237 -36.49 56.31 -59.04
N LYS I 238 -35.27 56.60 -58.57
CA LYS I 238 -34.64 55.72 -57.61
C LYS I 238 -35.46 55.61 -56.34
N HIS I 239 -36.07 56.73 -55.93
CA HIS I 239 -36.85 56.74 -54.70
C HIS I 239 -38.13 55.94 -54.85
N ASN I 240 -38.87 56.18 -55.94
CA ASN I 240 -40.06 55.40 -56.19
C ASN I 240 -39.73 53.92 -56.31
N GLU I 241 -38.65 53.61 -57.05
CA GLU I 241 -38.14 52.24 -57.12
C GLU I 241 -37.85 51.70 -55.73
N SER I 242 -37.44 52.57 -54.80
CA SER I 242 -37.25 52.13 -53.44
C SER I 242 -38.58 51.77 -52.80
N VAL I 243 -39.47 52.75 -52.66
CA VAL I 243 -40.67 52.60 -51.84
C VAL I 243 -41.56 51.49 -52.37
N VAL I 244 -41.66 51.36 -53.69
CA VAL I 244 -42.46 50.29 -54.27
C VAL I 244 -41.95 48.93 -53.82
N LYS I 245 -40.63 48.81 -53.64
CA LYS I 245 -40.03 47.53 -53.30
C LYS I 245 -40.58 47.00 -51.97
N GLU I 246 -40.34 47.74 -50.89
CA GLU I 246 -40.85 47.29 -49.60
C GLU I 246 -42.37 47.34 -49.54
N MET I 247 -43.01 48.24 -50.29
CA MET I 247 -44.46 48.24 -50.34
C MET I 247 -44.99 46.91 -50.86
N LEU I 248 -44.26 46.28 -51.79
CA LEU I 248 -44.58 44.91 -52.19
C LEU I 248 -44.65 43.99 -50.98
N GLU I 249 -43.66 44.07 -50.10
CA GLU I 249 -43.67 43.24 -48.90
C GLU I 249 -44.82 43.61 -47.97
N LEU I 250 -45.11 44.90 -47.84
CA LEU I 250 -46.26 45.32 -47.05
C LEU I 250 -47.55 44.68 -47.55
N ALA I 251 -47.68 44.55 -48.86
CA ALA I 251 -48.81 43.79 -49.41
C ALA I 251 -48.70 42.31 -49.08
N LYS I 252 -47.48 41.76 -49.08
CA LYS I 252 -47.28 40.38 -48.69
C LYS I 252 -47.84 40.10 -47.31
N ASN I 253 -47.43 40.90 -46.33
CA ASN I 253 -48.00 40.80 -44.99
C ASN I 253 -49.50 41.07 -44.99
N TYR I 254 -49.96 42.04 -45.77
CA TYR I 254 -51.36 42.45 -45.72
C TYR I 254 -52.28 41.32 -46.15
N ASN I 255 -51.88 40.55 -47.16
CA ASN I 255 -52.66 39.38 -47.57
C ASN I 255 -52.87 38.43 -46.41
N LYS I 256 -51.79 38.01 -45.76
CA LYS I 256 -51.90 37.06 -44.67
C LYS I 256 -52.70 37.62 -43.50
N ALA I 257 -52.47 38.90 -43.18
CA ALA I 257 -53.14 39.50 -42.04
C ALA I 257 -54.64 39.61 -42.25
N VAL I 258 -55.06 40.16 -43.39
CA VAL I 258 -56.49 40.43 -43.59
C VAL I 258 -57.27 39.13 -43.68
N GLU I 259 -56.80 38.19 -44.50
CA GLU I 259 -57.47 36.90 -44.62
C GLU I 259 -57.43 36.11 -43.30
N GLU I 260 -56.48 36.42 -42.42
CA GLU I 260 -56.25 35.64 -41.22
C GLU I 260 -57.48 35.59 -40.33
N GLU I 261 -57.84 36.75 -39.77
CA GLU I 261 -59.09 36.96 -39.03
C GLU I 261 -59.42 35.84 -38.04
N ASP I 262 -58.66 35.73 -36.96
CA ASP I 262 -59.15 34.93 -35.84
C ASP I 262 -60.42 35.55 -35.29
N LYS I 263 -61.46 34.74 -35.13
CA LYS I 263 -62.67 35.23 -34.48
C LYS I 263 -62.34 35.44 -33.01
N MET I 264 -61.95 36.67 -32.65
CA MET I 264 -61.30 36.91 -31.36
C MET I 264 -61.86 38.12 -30.63
N THR I 265 -62.88 38.75 -31.22
CA THR I 265 -63.52 40.00 -30.77
C THR I 265 -62.66 41.26 -31.11
N PRO I 266 -63.31 42.35 -31.53
CA PRO I 266 -62.58 43.56 -31.95
C PRO I 266 -61.68 44.26 -30.93
N GLU I 267 -61.10 43.57 -29.95
CA GLU I 267 -60.26 44.28 -29.00
C GLU I 267 -59.08 43.41 -28.59
N GLN I 268 -59.27 42.09 -28.57
CA GLN I 268 -58.15 41.16 -28.48
C GLN I 268 -57.24 41.27 -29.67
N LEU I 269 -57.80 41.57 -30.85
CA LEU I 269 -56.96 41.94 -31.98
C LEU I 269 -56.17 43.19 -31.66
N ALA I 270 -56.78 44.14 -30.95
CA ALA I 270 -56.14 45.38 -30.54
C ALA I 270 -55.18 45.18 -29.37
N ILE I 271 -55.12 43.99 -28.78
CA ILE I 271 -54.11 43.68 -27.79
C ILE I 271 -53.02 42.77 -28.34
N LYS I 272 -53.30 41.97 -29.35
CA LYS I 272 -52.26 41.17 -29.99
C LYS I 272 -51.63 41.87 -31.18
N ASN I 273 -52.14 43.05 -31.56
CA ASN I 273 -51.54 43.84 -32.63
C ASN I 273 -50.37 44.69 -32.16
N VAL I 274 -50.34 45.08 -30.88
CA VAL I 274 -49.10 45.60 -30.31
C VAL I 274 -48.08 44.48 -30.31
N GLY I 275 -46.87 44.80 -30.74
CA GLY I 275 -45.93 43.74 -31.09
C GLY I 275 -45.08 44.18 -32.26
N LYS I 276 -45.19 43.46 -33.37
CA LYS I 276 -44.57 43.88 -34.62
C LYS I 276 -45.57 43.97 -35.76
N GLN I 277 -46.87 44.02 -35.46
CA GLN I 277 -47.90 43.94 -36.48
C GLN I 277 -48.20 45.31 -37.06
N ASP I 278 -48.13 45.42 -38.38
CA ASP I 278 -48.49 46.69 -38.99
C ASP I 278 -48.88 46.60 -40.47
N PRO I 279 -49.86 45.79 -40.85
CA PRO I 279 -50.47 45.97 -42.17
C PRO I 279 -51.48 47.09 -42.10
N LYS I 280 -51.87 47.57 -43.28
CA LYS I 280 -52.97 48.52 -43.40
C LYS I 280 -52.60 49.92 -42.90
N ARG I 281 -51.41 50.07 -42.33
CA ARG I 281 -50.94 51.36 -41.85
C ARG I 281 -49.86 51.94 -42.76
N HIS I 282 -48.78 51.19 -42.97
CA HIS I 282 -47.77 51.62 -43.93
C HIS I 282 -48.34 51.68 -45.34
N LEU I 283 -49.35 50.86 -45.63
CA LEU I 283 -49.89 50.78 -46.99
C LEU I 283 -50.44 52.12 -47.44
N GLU I 284 -51.21 52.80 -46.60
CA GLU I 284 -51.69 54.12 -46.94
C GLU I 284 -50.56 55.13 -46.98
N GLU I 285 -49.55 54.95 -46.13
CA GLU I 285 -48.46 55.93 -46.03
C GLU I 285 -47.66 55.97 -47.32
N HIS I 286 -47.12 54.82 -47.74
CA HIS I 286 -46.32 54.77 -48.95
C HIS I 286 -47.11 55.24 -50.17
N VAL I 287 -48.41 54.96 -50.22
CA VAL I 287 -49.24 55.44 -51.31
C VAL I 287 -49.35 56.96 -51.27
N ASP I 288 -49.51 57.53 -50.08
CA ASP I 288 -49.58 58.97 -49.96
C ASP I 288 -48.29 59.63 -50.42
N VAL I 289 -47.15 59.15 -49.92
CA VAL I 289 -45.88 59.76 -50.28
C VAL I 289 -45.62 59.62 -51.78
N LEU I 290 -45.77 58.40 -52.31
CA LEU I 290 -45.61 58.18 -53.74
C LEU I 290 -46.54 59.05 -54.57
N MET I 291 -47.71 59.39 -54.02
CA MET I 291 -48.60 60.33 -54.69
C MET I 291 -47.99 61.73 -54.70
N THR I 292 -47.76 62.30 -53.51
CA THR I 292 -47.31 63.68 -53.39
C THR I 292 -45.98 63.92 -54.08
N SER I 293 -45.15 62.89 -54.23
CA SER I 293 -43.91 63.05 -54.99
C SER I 293 -44.18 63.18 -56.48
N ASN I 294 -44.79 62.14 -57.06
CA ASN I 294 -45.00 62.09 -58.50
C ASN I 294 -45.86 63.26 -58.99
N ILE I 295 -46.82 63.69 -58.18
CA ILE I 295 -47.73 64.75 -58.61
C ILE I 295 -46.97 66.04 -58.84
N VAL I 296 -46.33 66.56 -57.79
CA VAL I 296 -45.58 67.81 -57.93
C VAL I 296 -44.45 67.65 -58.92
N GLN I 297 -43.80 66.48 -58.92
CA GLN I 297 -42.69 66.24 -59.83
C GLN I 297 -43.12 66.35 -61.28
N CYS I 298 -44.31 65.88 -61.61
CA CYS I 298 -44.83 66.08 -62.96
C CYS I 298 -45.22 67.53 -63.18
N LEU I 299 -45.91 68.12 -62.19
CA LEU I 299 -46.49 69.44 -62.36
C LEU I 299 -45.44 70.50 -62.65
N ALA I 300 -44.37 70.54 -61.86
CA ALA I 300 -43.36 71.57 -62.08
C ALA I 300 -42.72 71.43 -63.46
N ALA I 301 -42.44 70.18 -63.89
CA ALA I 301 -41.97 69.98 -65.25
C ALA I 301 -42.96 70.47 -66.27
N MET I 302 -44.27 70.32 -66.01
CA MET I 302 -45.28 70.86 -66.90
C MET I 302 -45.14 72.37 -67.03
N LEU I 303 -45.14 73.06 -65.89
CA LEU I 303 -45.09 74.51 -65.88
C LEU I 303 -43.81 75.03 -66.53
N ASP I 304 -42.69 74.36 -66.29
CA ASP I 304 -41.41 74.81 -66.82
C ASP I 304 -41.37 74.81 -68.33
N THR I 305 -42.25 74.06 -68.98
CA THR I 305 -42.31 74.00 -70.43
C THR I 305 -43.45 74.82 -71.00
N VAL I 306 -44.62 74.82 -70.36
CA VAL I 306 -45.69 75.71 -70.79
C VAL I 306 -45.20 77.16 -70.72
N VAL I 307 -44.70 77.56 -69.56
CA VAL I 307 -44.28 78.94 -69.35
C VAL I 307 -43.06 79.29 -70.19
N PHE I 308 -42.03 78.46 -70.13
CA PHE I 308 -40.72 78.81 -70.69
C PHE I 308 -40.68 78.46 -72.17
N LYS I 309 -40.39 79.46 -73.00
CA LYS I 309 -40.22 79.26 -74.44
C LYS I 309 -41.45 78.64 -75.08
N MET J 93 -113.13 55.29 -108.44
CA MET J 93 -113.14 53.86 -108.17
C MET J 93 -112.59 53.07 -109.36
N TYR J 94 -111.36 52.61 -109.23
CA TYR J 94 -110.68 51.85 -110.28
C TYR J 94 -110.46 52.71 -111.51
N GLU J 95 -109.98 53.92 -111.29
CA GLU J 95 -109.71 54.86 -112.37
C GLU J 95 -108.47 54.42 -113.14
N GLN J 96 -108.65 54.19 -114.44
CA GLN J 96 -107.56 53.77 -115.33
C GLN J 96 -106.85 52.53 -114.78
N LEU J 97 -107.63 51.45 -114.66
CA LEU J 97 -107.11 50.22 -114.07
C LEU J 97 -105.93 49.69 -114.88
N LYS J 98 -106.12 49.52 -116.19
CA LYS J 98 -105.05 49.08 -117.08
C LYS J 98 -105.07 49.91 -118.35
N GLY J 99 -105.19 51.23 -118.20
CA GLY J 99 -105.20 52.12 -119.33
C GLY J 99 -103.94 52.04 -120.16
N GLU J 100 -102.80 52.27 -119.51
CA GLU J 100 -101.48 52.10 -120.12
C GLU J 100 -100.66 51.24 -119.17
N TRP J 101 -100.89 49.93 -119.25
CA TRP J 101 -100.19 48.99 -118.37
C TRP J 101 -99.25 48.08 -119.16
N ASN J 102 -99.76 47.36 -120.15
CA ASN J 102 -98.91 46.44 -120.90
C ASN J 102 -98.23 47.11 -122.08
N ARG J 103 -98.90 48.07 -122.72
CA ARG J 103 -98.40 48.57 -123.98
C ARG J 103 -97.18 49.47 -123.78
N LYS J 104 -97.39 50.64 -123.17
CA LYS J 104 -96.37 51.64 -122.91
C LYS J 104 -96.95 52.71 -122.00
N SER J 105 -96.16 53.75 -121.73
CA SER J 105 -96.61 54.92 -120.97
C SER J 105 -96.44 56.16 -121.84
N PRO J 106 -97.25 56.28 -122.89
CA PRO J 106 -97.08 57.43 -123.79
C PRO J 106 -97.46 58.75 -123.15
N ASN J 107 -98.44 58.74 -122.25
CA ASN J 107 -98.93 59.95 -121.61
C ASN J 107 -98.64 59.90 -120.12
N LEU J 108 -98.08 60.99 -119.60
CA LEU J 108 -97.80 61.08 -118.18
C LEU J 108 -98.99 61.58 -117.37
N SER J 109 -100.08 61.96 -118.04
CA SER J 109 -101.29 62.31 -117.32
C SER J 109 -101.89 61.11 -116.61
N LYS J 110 -101.70 59.91 -117.17
CA LYS J 110 -102.09 58.69 -116.47
C LYS J 110 -101.26 58.48 -115.21
N CYS J 111 -100.07 59.09 -115.15
CA CYS J 111 -99.29 59.05 -113.93
C CYS J 111 -100.00 59.78 -112.80
N GLY J 112 -100.25 61.08 -112.98
CA GLY J 112 -100.92 61.85 -111.95
C GLY J 112 -102.35 61.43 -111.73
N GLU J 113 -102.98 60.82 -112.74
CA GLU J 113 -104.34 60.31 -112.56
C GLU J 113 -104.35 59.03 -111.74
N GLU J 114 -103.40 58.14 -112.00
CA GLU J 114 -103.23 56.96 -111.15
C GLU J 114 -102.91 57.36 -109.72
N LEU J 115 -102.05 58.37 -109.56
CA LEU J 115 -101.80 58.89 -108.22
C LEU J 115 -103.06 59.52 -107.63
N GLY J 116 -103.94 60.03 -108.48
CA GLY J 116 -105.26 60.41 -108.02
C GLY J 116 -106.07 59.21 -107.55
N ARG J 117 -105.82 58.04 -108.14
CA ARG J 117 -106.40 56.82 -107.60
C ARG J 117 -105.83 56.50 -106.23
N LEU J 118 -104.52 56.70 -106.06
CA LEU J 118 -103.92 56.56 -104.74
C LEU J 118 -104.40 57.63 -103.77
N LYS J 119 -105.03 58.70 -104.27
CA LYS J 119 -105.72 59.62 -103.36
C LYS J 119 -106.79 58.90 -102.56
N LEU J 120 -107.62 58.10 -103.24
CA LEU J 120 -108.67 57.37 -102.56
C LEU J 120 -108.16 56.09 -101.92
N VAL J 121 -107.12 55.48 -102.50
CA VAL J 121 -106.57 54.25 -101.94
C VAL J 121 -106.15 54.45 -100.49
N LEU J 122 -105.44 55.55 -100.21
CA LEU J 122 -104.99 55.83 -98.86
C LEU J 122 -106.12 56.35 -97.96
N LEU J 123 -107.29 56.68 -98.51
CA LEU J 123 -108.30 57.40 -97.74
C LEU J 123 -109.68 56.76 -97.81
N GLU J 124 -109.79 55.50 -98.21
CA GLU J 124 -111.09 54.83 -98.19
C GLU J 124 -111.53 54.56 -96.76
N LEU J 125 -110.78 53.74 -96.04
CA LEU J 125 -110.94 53.60 -94.59
C LEU J 125 -109.65 53.97 -93.89
N ASN J 126 -108.52 53.34 -94.24
CA ASN J 126 -107.23 53.59 -93.64
C ASN J 126 -106.16 53.18 -94.64
N PHE J 127 -104.90 53.44 -94.29
CA PHE J 127 -103.83 52.82 -95.09
C PHE J 127 -102.79 52.12 -94.23
N LEU J 128 -102.50 52.61 -93.03
CA LEU J 128 -101.46 52.00 -92.22
C LEU J 128 -102.01 50.92 -91.34
N PRO J 129 -102.82 51.32 -90.37
CA PRO J 129 -103.39 50.32 -89.47
C PRO J 129 -104.27 49.33 -90.20
N THR J 130 -105.10 49.81 -91.15
CA THR J 130 -106.07 48.95 -91.82
C THR J 130 -106.81 48.06 -90.83
N THR J 131 -107.50 48.71 -89.88
CA THR J 131 -108.12 48.06 -88.73
C THR J 131 -109.01 46.87 -89.11
N GLY J 132 -110.03 47.10 -89.94
CA GLY J 132 -110.93 46.04 -90.34
C GLY J 132 -111.19 46.11 -91.84
N THR J 133 -112.19 45.35 -92.28
CA THR J 133 -112.62 45.36 -93.66
C THR J 133 -111.49 44.94 -94.60
N LYS J 134 -111.17 43.66 -94.54
CA LYS J 134 -110.11 43.09 -95.37
C LYS J 134 -110.32 43.40 -96.84
N LEU J 135 -111.58 43.51 -97.26
CA LEU J 135 -111.84 43.81 -98.67
C LEU J 135 -111.24 45.13 -99.10
N THR J 136 -110.96 46.03 -98.15
CA THR J 136 -110.28 47.27 -98.52
C THR J 136 -108.78 47.05 -98.73
N LYS J 137 -108.28 45.88 -98.37
CA LYS J 137 -106.89 45.52 -98.61
C LYS J 137 -106.65 45.03 -100.03
N GLN J 138 -107.70 44.83 -100.82
CA GLN J 138 -107.54 44.37 -102.19
C GLN J 138 -107.08 45.49 -103.11
N GLN J 139 -107.70 46.67 -103.01
CA GLN J 139 -107.20 47.84 -103.72
C GLN J 139 -105.93 48.39 -103.08
N LEU J 140 -105.52 47.84 -101.94
CA LEU J 140 -104.15 48.00 -101.48
C LEU J 140 -103.24 46.95 -102.08
N ILE J 141 -103.79 45.82 -102.51
CA ILE J 141 -103.03 44.87 -103.33
C ILE J 141 -102.70 45.49 -104.68
N LEU J 142 -103.74 45.84 -105.44
CA LEU J 142 -103.55 46.57 -106.68
C LEU J 142 -102.93 47.93 -106.46
N ALA J 143 -103.17 48.53 -105.29
CA ALA J 143 -102.45 49.74 -104.90
C ALA J 143 -100.96 49.48 -104.78
N ARG J 144 -100.57 48.27 -104.40
CA ARG J 144 -99.16 47.91 -104.40
C ARG J 144 -98.66 47.74 -105.82
N ASP J 145 -99.35 46.92 -106.63
CA ASP J 145 -98.87 46.67 -107.99
C ASP J 145 -98.78 47.95 -108.82
N ILE J 146 -99.72 48.87 -108.64
CA ILE J 146 -99.65 50.15 -109.32
C ILE J 146 -98.48 50.99 -108.86
N LEU J 147 -98.08 50.87 -107.59
CA LEU J 147 -96.83 51.46 -107.13
C LEU J 147 -95.62 50.73 -107.68
N GLU J 148 -95.77 49.46 -108.03
CA GLU J 148 -94.67 48.71 -108.63
C GLU J 148 -94.42 49.19 -110.05
N ILE J 149 -95.48 49.31 -110.86
CA ILE J 149 -95.32 49.90 -112.18
C ILE J 149 -94.98 51.38 -112.08
N GLY J 150 -95.41 52.04 -111.01
CA GLY J 150 -94.97 53.41 -110.79
C GLY J 150 -93.47 53.50 -110.60
N ALA J 151 -92.91 52.57 -109.82
CA ALA J 151 -91.45 52.51 -109.69
C ALA J 151 -90.81 51.98 -110.96
N GLN J 152 -91.59 51.34 -111.84
CA GLN J 152 -91.08 51.03 -113.17
C GLN J 152 -91.06 52.25 -114.05
N TRP J 153 -91.89 53.25 -113.72
CA TRP J 153 -91.80 54.53 -114.39
C TRP J 153 -90.66 55.36 -113.82
N SER J 154 -90.44 55.27 -112.51
CA SER J 154 -89.30 55.92 -111.89
C SER J 154 -87.98 55.33 -112.38
N ILE J 155 -87.93 54.02 -112.58
CA ILE J 155 -86.73 53.40 -113.13
C ILE J 155 -86.55 53.78 -114.59
N LEU J 156 -87.63 54.11 -115.29
CA LEU J 156 -87.52 54.55 -116.67
C LEU J 156 -87.10 56.02 -116.77
N ARG J 157 -87.48 56.84 -115.79
CA ARG J 157 -87.18 58.26 -115.80
C ARG J 157 -86.06 58.63 -114.84
N LYS J 158 -85.35 57.64 -114.32
CA LYS J 158 -84.26 57.86 -113.36
C LYS J 158 -84.78 58.60 -112.13
N ASP J 159 -85.78 58.02 -111.47
CA ASP J 159 -86.48 58.69 -110.38
C ASP J 159 -86.22 57.91 -109.10
N ILE J 160 -85.15 58.28 -108.40
CA ILE J 160 -84.70 57.59 -107.20
C ILE J 160 -85.66 57.86 -106.03
N PRO J 161 -85.88 59.12 -105.64
CA PRO J 161 -86.73 59.37 -104.46
C PRO J 161 -88.16 58.89 -104.64
N SER J 162 -88.73 59.05 -105.82
CA SER J 162 -90.05 58.47 -106.04
C SER J 162 -89.98 56.96 -106.08
N PHE J 163 -88.92 56.39 -106.65
CA PHE J 163 -88.74 54.95 -106.65
C PHE J 163 -88.80 54.36 -105.24
N GLU J 164 -87.94 54.85 -104.35
CA GLU J 164 -88.02 54.46 -102.95
C GLU J 164 -89.39 54.80 -102.36
N ARG J 165 -90.03 55.87 -102.83
CA ARG J 165 -91.37 56.19 -102.35
C ARG J 165 -92.34 55.05 -102.66
N TYR J 166 -92.34 54.55 -103.90
CA TYR J 166 -93.18 53.41 -104.25
C TYR J 166 -92.82 52.21 -103.39
N MET J 167 -91.54 51.87 -103.31
CA MET J 167 -91.13 50.68 -102.56
C MET J 167 -91.49 50.79 -101.09
N ALA J 168 -91.60 52.00 -100.55
CA ALA J 168 -91.98 52.18 -99.15
C ALA J 168 -93.39 51.68 -98.89
N GLN J 169 -94.37 52.37 -99.50
CA GLN J 169 -95.77 52.00 -99.40
C GLN J 169 -95.99 50.54 -99.78
N LEU J 170 -95.26 50.07 -100.80
CA LEU J 170 -95.23 48.65 -101.09
C LEU J 170 -94.91 47.82 -99.86
N LYS J 171 -93.68 48.01 -99.37
CA LYS J 171 -93.16 47.32 -98.20
C LYS J 171 -93.98 47.68 -96.97
N CYS J 172 -94.72 48.78 -97.08
CA CYS J 172 -95.60 49.23 -96.01
C CYS J 172 -96.78 48.29 -96.03
N TYR J 173 -97.20 47.91 -97.23
CA TYR J 173 -98.31 46.98 -97.40
C TYR J 173 -97.86 45.56 -97.06
N TYR J 174 -96.60 45.21 -97.30
CA TYR J 174 -96.20 43.85 -96.93
C TYR J 174 -96.01 43.70 -95.43
N PHE J 175 -95.75 44.79 -94.72
CA PHE J 175 -95.80 44.82 -93.27
C PHE J 175 -97.11 45.49 -92.89
N ASP J 176 -98.16 45.19 -93.64
CA ASP J 176 -99.49 45.59 -93.24
C ASP J 176 -99.79 44.99 -91.87
N TYR J 177 -100.35 45.81 -90.98
CA TYR J 177 -100.44 45.44 -89.57
C TYR J 177 -101.34 44.24 -89.33
N LYS J 178 -102.15 43.85 -90.31
CA LYS J 178 -103.03 42.70 -90.18
C LYS J 178 -102.46 41.51 -90.93
N GLU J 179 -102.69 40.31 -90.38
CA GLU J 179 -102.28 39.07 -91.05
C GLU J 179 -103.30 38.76 -92.15
N GLN J 180 -103.04 39.33 -93.33
CA GLN J 180 -103.88 39.10 -94.49
C GLN J 180 -103.34 37.92 -95.27
N LEU J 181 -103.95 37.62 -96.41
CA LEU J 181 -103.52 36.49 -97.24
C LEU J 181 -102.42 36.91 -98.22
N PRO J 182 -102.06 36.00 -99.14
CA PRO J 182 -101.03 36.24 -100.15
C PRO J 182 -101.27 37.55 -100.90
N GLU J 183 -100.22 38.32 -101.11
CA GLU J 183 -100.32 39.60 -101.79
C GLU J 183 -100.46 39.43 -103.31
N SER J 184 -99.44 38.85 -103.96
CA SER J 184 -99.31 38.78 -105.40
C SER J 184 -98.08 37.96 -105.72
N ALA J 185 -97.77 37.76 -107.00
CA ALA J 185 -96.49 37.19 -107.39
C ALA J 185 -95.40 38.24 -107.60
N TYR J 186 -95.71 39.51 -107.39
CA TYR J 186 -94.82 40.60 -107.76
C TYR J 186 -94.01 41.16 -106.59
N MET J 187 -94.14 40.58 -105.40
CA MET J 187 -93.36 41.08 -104.27
C MET J 187 -91.89 40.72 -104.40
N HIS J 188 -91.60 39.46 -104.73
CA HIS J 188 -90.25 38.92 -104.56
C HIS J 188 -89.24 39.56 -105.52
N GLN J 189 -89.65 39.89 -106.74
CA GLN J 189 -88.77 40.64 -107.61
C GLN J 189 -88.80 42.14 -107.36
N LEU J 190 -89.94 42.67 -106.94
CA LEU J 190 -90.01 44.05 -106.48
C LEU J 190 -88.95 44.34 -105.42
N LEU J 191 -88.89 43.49 -104.40
CA LEU J 191 -87.82 43.58 -103.41
C LEU J 191 -86.47 43.25 -104.03
N GLY J 192 -86.44 42.61 -105.19
CA GLY J 192 -85.20 42.45 -105.92
C GLY J 192 -84.67 43.76 -106.46
N LEU J 193 -85.56 44.59 -107.01
CA LEU J 193 -85.14 45.91 -107.48
C LEU J 193 -84.91 46.85 -106.31
N ASN J 194 -85.58 46.62 -105.18
CA ASN J 194 -85.23 47.35 -103.98
C ASN J 194 -83.83 46.99 -103.48
N LEU J 195 -83.53 45.68 -103.43
CA LEU J 195 -82.25 45.20 -102.94
C LEU J 195 -81.09 45.56 -103.85
N LEU J 196 -81.31 45.57 -105.17
CA LEU J 196 -80.33 46.12 -106.08
C LEU J 196 -80.24 47.64 -105.99
N PHE J 197 -81.37 48.29 -105.68
CA PHE J 197 -81.36 49.72 -105.39
C PHE J 197 -80.41 50.05 -104.25
N LEU J 198 -80.59 49.38 -103.12
CA LEU J 198 -79.89 49.71 -101.89
C LEU J 198 -78.51 49.08 -101.82
N LEU J 199 -78.27 47.99 -102.57
CA LEU J 199 -76.97 47.35 -102.53
C LEU J 199 -75.90 48.21 -103.21
N SER J 200 -76.13 48.58 -104.47
CA SER J 200 -75.13 49.30 -105.25
C SER J 200 -74.79 50.67 -104.69
N GLN J 201 -75.64 51.24 -103.83
CA GLN J 201 -75.46 52.59 -103.33
C GLN J 201 -74.78 52.60 -101.96
N ASN J 202 -73.97 51.58 -101.69
CA ASN J 202 -73.15 51.54 -100.48
C ASN J 202 -74.01 51.48 -99.23
N ARG J 203 -75.18 50.87 -99.34
CA ARG J 203 -76.07 50.69 -98.20
C ARG J 203 -75.95 49.26 -97.66
N VAL J 204 -74.88 49.02 -96.89
CA VAL J 204 -74.64 47.69 -96.35
C VAL J 204 -75.43 47.48 -95.05
N ALA J 205 -75.43 48.46 -94.15
CA ALA J 205 -76.23 48.33 -92.93
C ALA J 205 -77.71 48.24 -93.26
N GLU J 206 -78.19 49.12 -94.16
CA GLU J 206 -79.53 48.97 -94.70
C GLU J 206 -79.69 47.64 -95.44
N PHE J 207 -78.62 47.16 -96.07
CA PHE J 207 -78.69 45.91 -96.81
C PHE J 207 -79.03 44.73 -95.90
N HIS J 208 -78.28 44.58 -94.82
CA HIS J 208 -78.35 43.39 -93.99
C HIS J 208 -79.47 43.47 -92.96
N THR J 209 -80.30 44.50 -93.07
CA THR J 209 -81.52 44.59 -92.28
C THR J 209 -82.72 44.41 -93.21
N GLU J 210 -82.48 43.78 -94.34
CA GLU J 210 -83.52 43.60 -95.37
C GLU J 210 -83.69 42.12 -95.69
N LEU J 211 -82.61 41.36 -95.62
CA LEU J 211 -82.61 39.94 -95.96
C LEU J 211 -83.03 39.07 -94.77
N GLU J 212 -83.71 39.66 -93.80
CA GLU J 212 -84.07 38.96 -92.57
C GLU J 212 -85.55 39.19 -92.28
N ARG J 213 -86.41 38.99 -93.28
CA ARG J 213 -87.84 39.15 -93.07
C ARG J 213 -88.66 38.02 -93.68
N LEU J 214 -88.04 37.20 -94.51
CA LEU J 214 -88.64 36.11 -95.26
C LEU J 214 -87.66 34.93 -95.27
N PRO J 215 -87.26 34.48 -94.07
CA PRO J 215 -85.96 33.82 -93.85
C PRO J 215 -85.39 32.97 -94.98
N ALA J 216 -86.19 32.10 -95.58
CA ALA J 216 -85.76 31.33 -96.74
C ALA J 216 -86.67 31.66 -97.93
N LYS J 217 -86.52 32.86 -98.48
CA LYS J 217 -87.19 33.22 -99.72
C LYS J 217 -86.23 33.93 -100.66
N ASP J 218 -85.09 34.35 -100.12
CA ASP J 218 -84.09 35.11 -100.87
C ASP J 218 -82.71 34.46 -100.79
N ILE J 219 -82.68 33.16 -100.57
CA ILE J 219 -81.42 32.43 -100.50
C ILE J 219 -81.41 31.37 -101.58
N GLN J 220 -82.39 30.46 -101.54
CA GLN J 220 -82.47 29.35 -102.48
C GLN J 220 -83.60 29.54 -103.50
N THR J 221 -84.12 30.76 -103.61
CA THR J 221 -85.17 31.07 -104.57
C THR J 221 -85.22 32.59 -104.73
N ASN J 222 -86.16 33.06 -105.54
CA ASN J 222 -86.33 34.48 -105.83
C ASN J 222 -85.03 35.06 -106.42
N VAL J 223 -84.73 34.61 -107.63
CA VAL J 223 -83.51 34.96 -108.37
C VAL J 223 -83.30 36.47 -108.42
N TYR J 224 -84.40 37.23 -108.38
CA TYR J 224 -84.33 38.69 -108.30
C TYR J 224 -83.70 39.19 -107.01
N ILE J 225 -83.68 38.37 -105.96
CA ILE J 225 -82.86 38.64 -104.80
C ILE J 225 -81.58 37.81 -104.81
N LYS J 226 -81.62 36.58 -105.33
CA LYS J 226 -80.46 35.70 -105.32
C LYS J 226 -79.30 36.29 -106.11
N HIS J 227 -79.60 37.04 -107.16
CA HIS J 227 -78.56 37.74 -107.91
C HIS J 227 -78.05 38.93 -107.10
N PRO J 228 -78.92 39.72 -106.46
CA PRO J 228 -78.41 40.75 -105.53
C PRO J 228 -77.69 40.19 -104.32
N VAL J 229 -78.15 39.06 -103.75
CA VAL J 229 -77.49 38.57 -102.54
C VAL J 229 -76.13 37.94 -102.85
N SER J 230 -76.05 37.07 -103.86
CA SER J 230 -74.76 36.59 -104.31
C SER J 230 -73.92 37.74 -104.84
N LEU J 231 -74.57 38.77 -105.37
CA LEU J 231 -73.90 40.02 -105.71
C LEU J 231 -73.16 40.59 -104.50
N GLU J 232 -73.88 40.76 -103.38
CA GLU J 232 -73.26 41.29 -102.19
C GLU J 232 -72.18 40.37 -101.67
N GLN J 233 -72.37 39.04 -101.75
CA GLN J 233 -71.30 38.12 -101.41
C GLN J 233 -70.08 38.34 -102.29
N TYR J 234 -70.29 38.75 -103.53
CA TYR J 234 -69.17 39.20 -104.37
C TYR J 234 -68.57 40.49 -103.82
N LEU J 235 -69.42 41.38 -103.31
CA LEU J 235 -68.97 42.62 -102.68
C LEU J 235 -68.35 42.38 -101.31
N MET J 236 -68.23 41.11 -100.91
CA MET J 236 -67.64 40.76 -99.62
C MET J 236 -66.12 40.79 -99.64
N GLU J 237 -65.49 39.93 -100.45
CA GLU J 237 -64.06 39.69 -100.32
C GLU J 237 -63.23 40.57 -101.25
N GLY J 238 -63.32 40.33 -102.55
CA GLY J 238 -62.73 41.21 -103.54
C GLY J 238 -63.50 41.19 -104.84
N SER J 239 -64.63 40.48 -104.84
CA SER J 239 -65.35 40.15 -106.07
C SER J 239 -66.21 41.35 -106.47
N TYR J 240 -65.53 42.46 -106.80
CA TYR J 240 -66.21 43.64 -107.29
C TYR J 240 -66.16 43.75 -108.81
N ASN J 241 -65.04 43.37 -109.42
CA ASN J 241 -64.97 43.29 -110.88
C ASN J 241 -65.33 41.88 -111.33
N LYS J 242 -65.17 40.90 -110.42
CA LYS J 242 -65.69 39.57 -110.68
C LYS J 242 -67.20 39.59 -110.86
N VAL J 243 -67.88 40.52 -110.18
CA VAL J 243 -69.26 40.84 -110.52
C VAL J 243 -69.39 41.16 -111.99
N PHE J 244 -68.46 41.97 -112.51
CA PHE J 244 -68.54 42.34 -113.92
C PHE J 244 -68.16 41.18 -114.83
N LEU J 245 -67.44 40.19 -114.30
CA LEU J 245 -67.39 38.90 -114.98
C LEU J 245 -68.68 38.11 -114.79
N ALA J 246 -69.56 38.56 -113.89
CA ALA J 246 -70.86 37.96 -113.68
C ALA J 246 -72.01 38.93 -113.97
N LYS J 247 -71.84 39.82 -114.95
CA LYS J 247 -72.87 40.81 -115.23
C LYS J 247 -73.93 40.25 -116.17
N GLY J 248 -73.57 39.29 -117.02
CA GLY J 248 -74.46 38.82 -118.06
C GLY J 248 -75.67 38.03 -117.60
N ASN J 249 -75.86 37.92 -116.29
CA ASN J 249 -76.96 37.15 -115.72
C ASN J 249 -77.92 38.14 -115.06
N ILE J 250 -79.05 38.38 -115.71
CA ILE J 250 -80.16 39.10 -115.12
C ILE J 250 -81.44 38.31 -115.41
N PRO J 251 -82.37 38.22 -114.46
CA PRO J 251 -83.62 37.51 -114.73
C PRO J 251 -84.62 38.26 -115.59
N ALA J 252 -84.74 39.59 -115.47
CA ALA J 252 -85.82 40.28 -116.16
C ALA J 252 -85.37 41.42 -117.09
N GLU J 253 -84.56 42.33 -116.57
CA GLU J 253 -84.25 43.60 -117.20
C GLU J 253 -82.74 43.69 -117.43
N SER J 254 -82.25 44.88 -117.74
CA SER J 254 -80.82 45.08 -117.90
C SER J 254 -80.09 45.15 -116.56
N TYR J 255 -80.76 45.64 -115.51
CA TYR J 255 -80.11 45.99 -114.24
C TYR J 255 -79.04 47.06 -114.44
N THR J 256 -79.19 47.86 -115.50
CA THR J 256 -78.15 48.83 -115.85
C THR J 256 -77.99 49.89 -114.77
N PHE J 257 -79.08 50.25 -114.10
CA PHE J 257 -79.06 51.37 -113.17
C PHE J 257 -78.27 51.07 -111.91
N PHE J 258 -77.85 49.82 -111.71
CA PHE J 258 -77.06 49.45 -110.55
C PHE J 258 -75.89 48.55 -110.87
N ILE J 259 -75.79 48.07 -112.11
CA ILE J 259 -74.48 47.71 -112.64
C ILE J 259 -73.66 48.97 -112.90
N ASP J 260 -74.32 50.11 -113.14
CA ASP J 260 -73.62 51.38 -113.27
C ASP J 260 -73.27 51.97 -111.92
N ILE J 261 -74.21 51.93 -110.96
CA ILE J 261 -73.86 52.36 -109.61
C ILE J 261 -72.87 51.37 -109.01
N LEU J 262 -72.88 50.13 -109.48
CA LEU J 262 -71.85 49.18 -109.10
C LEU J 262 -70.56 49.45 -109.85
N LEU J 263 -70.63 50.19 -110.96
CA LEU J 263 -69.43 50.75 -111.57
C LEU J 263 -68.82 51.82 -110.66
N ASP J 264 -69.61 52.83 -110.33
CA ASP J 264 -69.11 53.98 -109.58
C ASP J 264 -68.66 53.58 -108.20
N THR J 265 -69.46 52.77 -107.50
CA THR J 265 -69.12 52.31 -106.16
C THR J 265 -67.79 51.58 -106.10
N ILE J 266 -67.33 51.03 -107.21
CA ILE J 266 -65.98 50.50 -107.33
C ILE J 266 -65.03 51.56 -107.86
N ARG J 267 -65.58 52.63 -108.43
CA ARG J 267 -64.73 53.69 -108.97
C ARG J 267 -64.18 54.62 -107.90
N ASP J 268 -65.00 55.07 -106.95
CA ASP J 268 -64.47 55.85 -105.83
C ASP J 268 -63.40 55.08 -105.06
N GLU J 269 -63.54 53.76 -104.97
CA GLU J 269 -62.62 52.97 -104.16
C GLU J 269 -61.38 52.53 -104.94
N ILE J 270 -61.49 52.33 -106.26
CA ILE J 270 -60.27 52.15 -107.04
C ILE J 270 -59.50 53.45 -107.12
N ALA J 271 -60.23 54.58 -107.17
CA ALA J 271 -59.59 55.88 -107.12
C ALA J 271 -58.92 56.12 -105.77
N GLY J 272 -59.55 55.69 -104.69
CA GLY J 272 -58.93 55.81 -103.38
C GLY J 272 -57.75 54.89 -103.20
N CYS J 273 -57.87 53.64 -103.67
CA CYS J 273 -56.76 52.69 -103.59
C CYS J 273 -55.56 53.15 -104.40
N ILE J 274 -55.78 53.65 -105.62
CA ILE J 274 -54.68 54.24 -106.36
C ILE J 274 -54.14 55.48 -105.65
N GLU J 275 -55.02 56.28 -105.04
CA GLU J 275 -54.53 57.42 -104.27
C GLU J 275 -53.72 56.99 -103.05
N LYS J 276 -53.88 55.74 -102.61
CA LYS J 276 -53.08 55.21 -101.50
C LYS J 276 -51.61 55.17 -101.90
N ALA J 277 -50.75 54.82 -100.95
CA ALA J 277 -49.32 54.68 -101.19
C ALA J 277 -49.11 53.58 -102.23
N TYR J 278 -48.68 53.96 -103.43
CA TYR J 278 -48.64 53.01 -104.53
C TYR J 278 -47.74 53.56 -105.62
N GLU J 279 -47.31 52.66 -106.50
CA GLU J 279 -46.32 52.95 -107.53
C GLU J 279 -46.85 52.75 -108.94
N LYS J 280 -48.03 53.31 -109.26
CA LYS J 280 -48.42 53.63 -110.63
C LYS J 280 -48.46 52.47 -111.62
N ILE J 281 -49.42 51.57 -111.46
CA ILE J 281 -49.86 50.73 -112.58
C ILE J 281 -50.17 51.63 -113.77
N LEU J 282 -49.60 51.30 -114.93
CA LEU J 282 -49.65 52.15 -116.11
C LEU J 282 -51.07 52.37 -116.63
N PHE J 283 -51.21 53.27 -117.62
CA PHE J 283 -52.47 53.49 -118.33
C PHE J 283 -53.18 52.19 -118.69
N THR J 284 -52.43 51.17 -119.13
CA THR J 284 -53.05 49.90 -119.50
C THR J 284 -53.62 49.14 -118.30
N GLU J 285 -53.11 49.39 -117.09
CA GLU J 285 -53.64 48.72 -115.91
C GLU J 285 -54.75 49.52 -115.25
N ALA J 286 -54.72 50.83 -115.40
CA ALA J 286 -55.74 51.66 -114.75
C ALA J 286 -56.86 52.04 -115.71
N THR J 287 -56.74 51.65 -116.98
CA THR J 287 -57.68 52.12 -117.99
C THR J 287 -58.24 50.99 -118.83
N ARG J 288 -57.53 49.86 -118.93
CA ARG J 288 -58.00 48.76 -119.75
C ARG J 288 -58.50 47.57 -118.95
N ILE J 289 -57.75 47.13 -117.93
CA ILE J 289 -58.26 46.08 -117.06
C ILE J 289 -59.59 46.47 -116.42
N LEU J 290 -59.77 47.74 -116.06
CA LEU J 290 -60.87 48.07 -115.16
C LEU J 290 -62.18 48.21 -115.92
N PHE J 291 -62.33 49.33 -116.63
CA PHE J 291 -63.52 49.71 -117.39
C PHE J 291 -63.05 50.55 -118.57
N PHE J 292 -63.97 51.34 -119.13
CA PHE J 292 -63.66 52.62 -119.79
C PHE J 292 -62.63 52.47 -120.92
N ASN J 293 -63.09 51.95 -122.06
CA ASN J 293 -62.22 51.80 -123.21
C ASN J 293 -61.79 53.16 -123.75
N THR J 294 -60.76 53.72 -123.10
CA THR J 294 -60.15 55.04 -123.29
C THR J 294 -61.17 56.12 -123.61
N PRO J 295 -62.16 56.38 -122.73
CA PRO J 295 -62.94 57.61 -122.83
C PRO J 295 -62.18 58.72 -122.13
N LYS J 296 -62.87 59.78 -121.77
CA LYS J 296 -62.32 60.80 -120.88
C LYS J 296 -62.16 60.31 -119.44
N LYS J 297 -62.22 59.00 -119.21
CA LYS J 297 -61.78 58.46 -117.92
C LYS J 297 -60.37 58.94 -117.56
N MET J 298 -59.50 59.11 -118.54
CA MET J 298 -58.23 59.77 -118.28
C MET J 298 -58.42 61.20 -117.78
N THR J 299 -59.54 61.84 -118.12
CA THR J 299 -59.96 63.06 -117.47
C THR J 299 -60.56 62.78 -116.09
N ASP J 300 -61.02 61.56 -115.86
CA ASP J 300 -61.60 61.21 -114.56
C ASP J 300 -60.51 61.03 -113.51
N TYR J 301 -59.49 60.23 -113.83
CA TYR J 301 -58.35 60.07 -112.93
C TYR J 301 -57.38 61.24 -113.03
N ALA J 302 -57.30 61.88 -114.20
CA ALA J 302 -56.42 63.01 -114.38
C ALA J 302 -57.00 64.30 -113.81
N LYS J 303 -58.31 64.35 -113.60
CA LYS J 303 -58.99 65.55 -113.12
C LYS J 303 -59.62 65.35 -111.76
N LYS J 304 -60.45 64.32 -111.60
CA LYS J 304 -60.96 63.97 -110.29
C LYS J 304 -59.85 63.64 -109.31
N ARG J 305 -58.78 63.00 -109.79
CA ARG J 305 -57.67 62.60 -108.93
C ARG J 305 -56.34 63.06 -109.51
N GLY J 306 -55.24 62.67 -108.88
CA GLY J 306 -53.91 63.01 -109.38
C GLY J 306 -53.40 61.99 -110.37
N TRP J 307 -52.14 61.60 -110.24
CA TRP J 307 -51.54 60.56 -111.08
C TRP J 307 -51.52 61.00 -112.54
N VAL J 308 -50.87 62.14 -112.78
CA VAL J 308 -50.95 62.83 -114.06
C VAL J 308 -50.23 62.05 -115.14
N LEU J 309 -51.01 61.43 -116.04
CA LEU J 309 -50.51 60.57 -117.11
C LEU J 309 -49.95 61.34 -118.29
N GLY J 310 -48.72 61.87 -118.19
CA GLY J 310 -48.08 62.40 -119.37
C GLY J 310 -47.03 61.48 -119.95
N PRO J 311 -46.03 61.11 -119.15
CA PRO J 311 -44.98 60.18 -119.62
C PRO J 311 -45.30 58.71 -119.32
N ASN J 312 -46.37 58.21 -119.94
CA ASN J 312 -46.58 56.77 -120.10
C ASN J 312 -46.96 56.09 -118.79
N ASN J 313 -47.50 56.87 -117.86
CA ASN J 313 -47.89 56.26 -116.59
C ASN J 313 -48.59 57.31 -115.74
N TYR J 314 -49.25 56.85 -114.68
CA TYR J 314 -49.77 57.75 -113.67
C TYR J 314 -48.65 58.04 -112.67
N TYR J 315 -48.76 59.13 -111.94
CA TYR J 315 -47.67 59.59 -111.10
C TYR J 315 -48.15 60.00 -109.72
N SER J 316 -47.54 59.41 -108.69
CA SER J 316 -47.93 59.56 -107.31
C SER J 316 -47.40 60.87 -106.72
N PHE J 317 -47.57 60.99 -105.42
CA PHE J 317 -47.05 62.08 -104.61
C PHE J 317 -46.83 61.57 -103.18
N ALA J 318 -46.38 62.47 -102.31
CA ALA J 318 -46.02 62.08 -100.95
C ALA J 318 -47.21 61.50 -100.20
N SER J 319 -48.31 62.26 -100.13
CA SER J 319 -49.49 61.85 -99.38
C SER J 319 -49.15 61.57 -97.92
N GLN J 320 -48.52 62.55 -97.29
CA GLN J 320 -48.01 62.40 -95.94
C GLN J 320 -47.66 63.79 -95.40
N GLN J 321 -47.69 63.93 -94.07
CA GLN J 321 -47.25 65.15 -93.44
C GLN J 321 -45.77 65.06 -93.10
N GLN J 322 -45.28 66.04 -92.33
CA GLN J 322 -43.86 66.13 -91.96
C GLN J 322 -43.60 65.65 -90.55
N LYS J 323 -44.54 64.91 -89.96
CA LYS J 323 -44.46 64.48 -88.57
C LYS J 323 -44.38 65.69 -87.63
N PRO J 324 -45.41 66.53 -87.59
CA PRO J 324 -45.38 67.68 -86.68
C PRO J 324 -45.85 67.31 -85.27
N GLU J 325 -44.97 66.70 -84.48
CA GLU J 325 -45.32 66.29 -83.12
C GLU J 325 -44.74 67.32 -82.15
N ASP J 326 -45.63 68.07 -81.50
CA ASP J 326 -45.18 68.97 -80.46
C ASP J 326 -44.94 68.22 -79.15
N THR J 327 -45.98 67.56 -78.64
CA THR J 327 -45.96 66.76 -77.42
C THR J 327 -45.89 67.60 -76.15
N THR J 328 -45.71 68.91 -76.30
CA THR J 328 -45.82 69.85 -75.20
C THR J 328 -47.11 70.63 -75.26
N ILE J 329 -47.90 70.44 -76.31
CA ILE J 329 -49.29 70.93 -76.36
C ILE J 329 -50.05 70.39 -75.16
N PRO J 330 -49.99 69.09 -74.85
CA PRO J 330 -50.65 68.60 -73.63
C PRO J 330 -49.97 69.05 -72.34
N SER J 331 -48.90 69.83 -72.41
CA SER J 331 -48.23 70.30 -71.20
C SER J 331 -49.10 71.21 -70.35
N THR J 332 -50.18 71.76 -70.92
CA THR J 332 -51.09 72.57 -70.13
C THR J 332 -52.25 71.73 -69.59
N GLU J 333 -53.00 71.12 -70.49
CA GLU J 333 -54.17 70.33 -70.13
C GLU J 333 -53.84 69.16 -69.23
N LEU J 334 -52.70 68.51 -69.42
CA LEU J 334 -52.33 67.42 -68.53
C LEU J 334 -52.02 67.92 -67.13
N ALA J 335 -51.34 69.06 -67.02
CA ALA J 335 -51.20 69.71 -65.73
C ALA J 335 -52.57 70.01 -65.13
N LYS J 336 -53.53 70.38 -65.98
CA LYS J 336 -54.91 70.51 -65.50
C LYS J 336 -55.44 69.18 -64.98
N GLN J 337 -55.11 68.07 -65.64
CA GLN J 337 -55.56 66.76 -65.16
C GLN J 337 -54.99 66.45 -63.79
N VAL J 338 -53.70 66.74 -63.58
CA VAL J 338 -53.10 66.51 -62.28
C VAL J 338 -53.73 67.41 -61.23
N ILE J 339 -53.97 68.68 -61.58
CA ILE J 339 -54.60 69.60 -60.67
C ILE J 339 -55.97 69.10 -60.26
N GLU J 340 -56.67 68.45 -61.20
CA GLU J 340 -57.91 67.78 -60.83
C GLU J 340 -57.63 66.59 -59.92
N TYR J 341 -56.53 65.89 -60.15
CA TYR J 341 -56.21 64.71 -59.33
C TYR J 341 -56.06 65.09 -57.87
N ALA J 342 -55.08 65.94 -57.57
CA ALA J 342 -54.94 66.45 -56.21
C ALA J 342 -56.15 67.25 -55.78
N ARG J 343 -56.93 67.78 -56.72
CA ARG J 343 -58.16 68.48 -56.39
C ARG J 343 -59.13 67.54 -55.68
N GLN J 344 -59.59 66.52 -56.38
CA GLN J 344 -60.55 65.59 -55.80
C GLN J 344 -59.96 64.80 -54.65
N LEU J 345 -58.67 64.45 -54.75
CA LEU J 345 -58.04 63.73 -53.64
C LEU J 345 -57.93 64.58 -52.40
N GLU J 346 -57.78 65.90 -52.55
CA GLU J 346 -57.67 66.80 -51.40
C GLU J 346 -59.02 67.27 -50.89
N MET J 347 -60.06 67.22 -51.72
CA MET J 347 -61.38 67.67 -51.30
C MET J 347 -61.94 66.80 -50.19
N ILE J 348 -62.56 67.44 -49.21
CA ILE J 348 -63.26 66.70 -48.16
C ILE J 348 -64.51 66.09 -48.78
N VAL J 349 -64.47 64.80 -49.06
CA VAL J 349 -65.58 64.14 -49.73
C VAL J 349 -66.64 63.72 -48.73
N MET K 1 -59.54 -12.74 18.53
CA MET K 1 -60.69 -13.37 19.14
C MET K 1 -60.42 -14.85 19.42
N GLU K 2 -59.78 -15.13 20.55
CA GLU K 2 -59.39 -16.49 20.93
C GLU K 2 -60.39 -17.06 21.94
N GLU K 3 -61.54 -17.46 21.42
CA GLU K 3 -62.56 -18.15 22.19
C GLU K 3 -62.87 -19.50 21.56
N GLY K 4 -63.43 -20.38 22.37
CA GLY K 4 -63.76 -21.72 21.92
C GLY K 4 -62.69 -22.74 22.25
N GLY K 5 -63.07 -23.77 23.00
CA GLY K 5 -62.12 -24.79 23.42
C GLY K 5 -61.68 -24.61 24.86
N ARG K 6 -61.56 -23.36 25.30
CA ARG K 6 -61.08 -23.02 26.63
C ARG K 6 -62.17 -22.40 27.50
N ASP K 7 -63.41 -22.39 27.03
CA ASP K 7 -64.51 -21.82 27.80
C ASP K 7 -65.10 -22.92 28.70
N LYS K 8 -64.24 -23.45 29.56
CA LYS K 8 -64.69 -24.43 30.54
C LYS K 8 -65.72 -23.81 31.49
N ALA K 9 -65.44 -22.61 31.99
CA ALA K 9 -66.36 -21.86 32.82
C ALA K 9 -67.65 -21.56 32.07
N PRO K 10 -67.59 -21.15 30.79
CA PRO K 10 -68.81 -21.04 29.99
C PRO K 10 -69.42 -22.37 29.55
N VAL K 11 -69.02 -23.50 30.12
CA VAL K 11 -69.62 -24.78 29.78
C VAL K 11 -70.16 -25.51 31.01
N GLN K 12 -69.26 -25.90 31.93
CA GLN K 12 -69.70 -26.64 33.10
C GLN K 12 -70.54 -25.72 33.98
N PRO K 13 -70.09 -24.50 34.27
CA PRO K 13 -70.99 -23.50 34.86
C PRO K 13 -72.03 -22.95 33.90
N GLN K 14 -72.14 -23.49 32.68
CA GLN K 14 -73.23 -23.15 31.80
C GLN K 14 -74.23 -24.29 31.67
N GLN K 15 -73.87 -25.48 32.15
CA GLN K 15 -74.77 -26.62 32.12
C GLN K 15 -75.32 -26.95 33.51
N SER K 16 -74.44 -27.14 34.49
CA SER K 16 -74.87 -27.47 35.83
C SER K 16 -75.67 -26.32 36.43
N PRO K 17 -75.20 -25.06 36.32
CA PRO K 17 -76.03 -23.93 36.74
C PRO K 17 -77.31 -23.76 35.95
N ALA K 18 -77.37 -24.32 34.74
CA ALA K 18 -78.56 -24.15 33.91
C ALA K 18 -79.70 -25.02 34.40
N ALA K 19 -79.43 -26.30 34.64
CA ALA K 19 -80.46 -27.25 35.05
C ALA K 19 -80.55 -27.37 36.56
N ALA K 20 -81.19 -26.39 37.20
CA ALA K 20 -81.58 -26.56 38.60
C ALA K 20 -82.74 -27.53 38.78
N PRO K 21 -83.80 -27.50 37.96
CA PRO K 21 -84.78 -28.59 38.00
C PRO K 21 -84.15 -29.96 37.76
N GLY K 22 -83.05 -30.02 37.01
CA GLY K 22 -82.28 -31.24 36.91
C GLY K 22 -81.13 -31.33 37.89
N GLY K 23 -80.64 -30.20 38.37
CA GLY K 23 -79.58 -30.18 39.35
C GLY K 23 -80.06 -30.09 40.79
N THR K 24 -80.91 -29.11 41.10
CA THR K 24 -81.46 -29.01 42.45
C THR K 24 -82.25 -30.25 42.80
N ASP K 25 -83.17 -30.65 41.92
CA ASP K 25 -83.78 -31.96 42.02
C ASP K 25 -82.83 -33.02 41.47
N GLU K 26 -83.01 -34.25 41.96
CA GLU K 26 -82.42 -35.49 41.42
C GLU K 26 -80.90 -35.51 41.41
N LYS K 27 -80.24 -34.47 41.94
CA LYS K 27 -78.79 -34.43 41.99
C LYS K 27 -78.31 -33.58 43.16
N PRO K 28 -78.18 -34.15 44.35
CA PRO K 28 -77.68 -33.34 45.49
C PRO K 28 -76.26 -32.84 45.26
N SER K 29 -75.36 -33.71 44.77
CA SER K 29 -74.01 -33.27 44.45
C SER K 29 -74.01 -32.39 43.20
N GLY K 30 -75.03 -32.50 42.37
CA GLY K 30 -75.11 -31.72 41.15
C GLY K 30 -75.51 -30.28 41.40
N LYS K 31 -76.42 -30.06 42.35
CA LYS K 31 -76.81 -28.70 42.70
C LYS K 31 -75.88 -28.12 43.76
N GLU K 32 -75.41 -28.96 44.68
CA GLU K 32 -74.61 -28.50 45.82
C GLU K 32 -73.12 -28.42 45.52
N ARG K 33 -72.53 -29.51 45.01
CA ARG K 33 -71.08 -29.56 44.86
C ARG K 33 -70.60 -28.81 43.62
N ARG K 34 -71.39 -28.82 42.54
CA ARG K 34 -71.00 -28.05 41.37
C ARG K 34 -71.26 -26.56 41.54
N ASP K 35 -72.27 -26.18 42.32
CA ASP K 35 -72.51 -24.76 42.60
C ASP K 35 -71.50 -24.25 43.62
N ALA K 36 -71.17 -25.05 44.63
CA ALA K 36 -70.12 -24.65 45.57
C ALA K 36 -68.77 -24.55 44.87
N GLY K 37 -68.42 -25.58 44.09
CA GLY K 37 -67.24 -25.52 43.26
C GLY K 37 -67.28 -24.44 42.19
N ASP K 38 -68.46 -23.88 41.93
CA ASP K 38 -68.55 -22.68 41.11
C ASP K 38 -68.50 -21.43 41.98
N LYS K 39 -68.57 -21.61 43.30
CA LYS K 39 -68.51 -20.47 44.23
C LYS K 39 -67.08 -20.19 44.67
N ASP K 40 -66.25 -21.23 44.77
CA ASP K 40 -64.83 -20.98 44.95
C ASP K 40 -64.15 -20.66 43.63
N LYS K 41 -64.67 -21.20 42.53
CA LYS K 41 -64.10 -20.89 41.21
C LYS K 41 -64.57 -19.52 40.72
N GLU K 42 -65.79 -19.12 41.07
CA GLU K 42 -66.24 -17.79 40.69
C GLU K 42 -65.85 -16.75 41.74
N GLN K 43 -65.87 -17.13 43.01
CA GLN K 43 -65.42 -16.21 44.06
C GLN K 43 -63.92 -16.00 44.00
N GLU K 44 -63.18 -17.01 43.54
CA GLU K 44 -61.73 -16.90 43.39
C GLU K 44 -61.31 -16.54 41.97
N LEU K 45 -62.21 -16.63 41.00
CA LEU K 45 -61.84 -16.43 39.61
C LEU K 45 -62.69 -15.36 38.91
N SER K 46 -63.92 -15.12 39.39
CA SER K 46 -64.81 -14.17 38.73
C SER K 46 -65.40 -13.18 39.72
N GLU K 47 -64.67 -12.85 40.78
CA GLU K 47 -65.22 -12.14 41.93
C GLU K 47 -64.36 -10.97 42.38
N GLU K 48 -63.18 -10.81 41.78
CA GLU K 48 -62.28 -9.73 42.12
C GLU K 48 -62.21 -8.73 40.97
N ASP K 49 -61.89 -7.48 41.29
CA ASP K 49 -61.65 -6.48 40.25
C ASP K 49 -60.41 -6.87 39.46
N LYS K 50 -60.58 -7.44 38.26
CA LYS K 50 -59.43 -7.83 37.44
C LYS K 50 -59.49 -7.26 36.02
N GLN K 51 -60.69 -7.15 35.45
CA GLN K 51 -60.84 -6.49 34.14
C GLN K 51 -62.33 -6.31 33.88
N LEU K 52 -62.65 -5.86 32.66
CA LEU K 52 -64.04 -5.78 32.24
C LEU K 52 -64.66 -7.17 32.11
N GLN K 53 -64.12 -7.96 31.19
CA GLN K 53 -64.69 -9.28 30.87
C GLN K 53 -63.87 -10.34 31.60
N ASP K 54 -64.41 -10.81 32.72
CA ASP K 54 -63.78 -11.91 33.42
C ASP K 54 -64.10 -13.22 32.70
N GLU K 55 -63.45 -14.30 33.12
CA GLU K 55 -63.71 -15.63 32.57
C GLU K 55 -65.17 -16.02 32.80
N LEU K 56 -65.77 -15.50 33.88
CA LEU K 56 -67.19 -15.74 34.14
C LEU K 56 -67.99 -14.44 34.18
N GLU K 57 -67.44 -13.40 34.82
CA GLU K 57 -68.20 -12.20 35.16
C GLU K 57 -68.87 -11.54 33.96
N MET K 58 -68.32 -11.72 32.77
CA MET K 58 -68.97 -11.30 31.53
C MET K 58 -69.27 -12.49 30.64
N LEU K 59 -68.55 -13.61 30.81
CA LEU K 59 -68.66 -14.71 29.88
C LEU K 59 -69.67 -15.76 30.36
N VAL K 60 -69.72 -16.04 31.65
CA VAL K 60 -70.67 -17.04 32.14
C VAL K 60 -72.09 -16.47 32.16
N GLU K 61 -72.25 -15.17 31.93
CA GLU K 61 -73.56 -14.54 31.98
C GLU K 61 -74.17 -14.33 30.60
N ARG K 62 -73.35 -14.40 29.54
CA ARG K 62 -73.87 -14.18 28.18
C ARG K 62 -74.95 -15.18 27.85
N LEU K 63 -74.73 -16.45 28.20
CA LEU K 63 -75.82 -17.41 28.29
C LEU K 63 -76.18 -17.71 29.73
N GLY K 64 -75.40 -17.20 30.68
CA GLY K 64 -75.68 -17.35 32.09
C GLY K 64 -76.85 -16.55 32.60
N GLU K 65 -77.44 -15.70 31.76
CA GLU K 65 -78.63 -14.96 32.17
C GLU K 65 -79.77 -15.91 32.50
N LYS K 66 -80.28 -16.62 31.50
CA LYS K 66 -81.27 -17.65 31.74
C LYS K 66 -80.71 -18.84 32.50
N ASP K 67 -79.43 -19.15 32.30
CA ASP K 67 -78.72 -20.08 33.17
C ASP K 67 -78.92 -19.72 34.63
N THR K 68 -78.72 -18.46 34.98
CA THR K 68 -79.03 -17.97 36.32
C THR K 68 -80.52 -17.79 36.54
N SER K 69 -81.30 -17.60 35.47
CA SER K 69 -82.70 -17.20 35.60
C SER K 69 -83.52 -18.24 36.34
N LEU K 70 -83.23 -19.52 36.13
CA LEU K 70 -83.86 -20.60 36.90
C LEU K 70 -82.76 -21.51 37.44
N TYR K 71 -82.13 -21.09 38.52
CA TYR K 71 -81.36 -22.02 39.33
C TYR K 71 -81.83 -21.93 40.77
N ARG K 72 -82.06 -20.70 41.24
CA ARG K 72 -82.74 -20.45 42.49
C ARG K 72 -83.31 -19.04 42.54
N PRO K 73 -84.15 -18.61 41.56
CA PRO K 73 -85.13 -17.57 41.88
C PRO K 73 -86.50 -18.16 42.17
N ALA K 74 -86.65 -19.46 41.90
CA ALA K 74 -87.97 -20.09 41.98
C ALA K 74 -87.77 -21.57 42.37
N LEU K 75 -87.86 -21.83 43.67
CA LEU K 75 -87.97 -23.21 44.14
C LEU K 75 -89.11 -23.26 45.17
N GLU K 76 -89.32 -22.16 45.88
CA GLU K 76 -90.44 -21.99 46.80
C GLU K 76 -90.40 -23.01 47.94
N GLU K 77 -89.23 -23.56 48.19
CA GLU K 77 -89.03 -24.46 49.32
C GLU K 77 -87.67 -24.21 49.97
N LEU K 78 -87.22 -22.96 49.95
CA LEU K 78 -85.88 -22.63 50.40
C LEU K 78 -85.71 -22.96 51.88
N ARG K 79 -84.54 -23.50 52.22
CA ARG K 79 -84.25 -23.91 53.59
C ARG K 79 -82.98 -23.27 54.11
N ARG K 80 -82.54 -23.69 55.29
CA ARG K 80 -81.36 -23.12 55.93
C ARG K 80 -80.10 -23.86 55.50
N GLN K 81 -80.15 -24.53 54.36
CA GLN K 81 -79.01 -25.32 53.88
C GLN K 81 -78.71 -25.03 52.42
N ILE K 82 -79.70 -24.52 51.69
CA ILE K 82 -79.58 -24.28 50.26
C ILE K 82 -79.47 -22.78 50.02
N ARG K 83 -78.85 -22.07 50.95
CA ARG K 83 -78.62 -20.63 50.82
C ARG K 83 -77.14 -20.29 50.75
N SER K 84 -76.26 -21.27 50.93
CA SER K 84 -74.83 -21.02 50.91
C SER K 84 -74.24 -21.44 49.56
N SER K 85 -74.57 -22.65 49.12
CA SER K 85 -74.10 -23.11 47.82
C SER K 85 -75.24 -23.23 46.82
N THR K 86 -76.27 -22.40 46.94
CA THR K 86 -77.29 -22.24 45.91
C THR K 86 -77.32 -20.82 45.37
N THR K 87 -77.40 -19.81 46.25
CA THR K 87 -77.05 -18.43 45.91
C THR K 87 -75.53 -18.31 45.97
N SER K 88 -74.89 -19.01 45.05
CA SER K 88 -73.49 -19.38 45.24
C SER K 88 -72.62 -18.91 44.08
N MET K 89 -73.12 -18.96 42.85
CA MET K 89 -72.43 -18.38 41.71
C MET K 89 -73.40 -17.57 40.86
N THR K 90 -74.70 -17.85 41.00
CA THR K 90 -75.72 -16.99 40.39
C THR K 90 -75.71 -15.58 40.93
N SER K 91 -75.36 -15.42 42.21
CA SER K 91 -75.53 -14.14 42.90
C SER K 91 -74.43 -13.15 42.57
N VAL K 92 -73.20 -13.62 42.37
CA VAL K 92 -72.07 -12.70 42.24
C VAL K 92 -72.10 -11.92 40.93
N PRO K 93 -72.18 -12.55 39.76
CA PRO K 93 -72.23 -11.78 38.52
C PRO K 93 -73.61 -11.21 38.22
N LYS K 94 -74.23 -10.60 39.20
CA LYS K 94 -75.54 -9.98 39.04
C LYS K 94 -75.51 -8.61 38.36
N PRO K 95 -74.59 -7.69 38.69
CA PRO K 95 -74.80 -6.30 38.26
C PRO K 95 -74.74 -6.09 36.77
N LEU K 96 -74.15 -7.03 36.02
CA LEU K 96 -73.99 -6.87 34.58
C LEU K 96 -74.78 -7.91 33.78
N LYS K 97 -75.41 -8.86 34.47
CA LYS K 97 -76.47 -9.66 33.87
C LYS K 97 -77.76 -8.89 33.70
N PHE K 98 -78.03 -7.93 34.58
CA PHE K 98 -79.21 -7.08 34.46
C PHE K 98 -78.81 -5.72 33.91
N LEU K 99 -79.75 -4.78 33.90
CA LEU K 99 -79.51 -3.47 33.30
C LEU K 99 -79.70 -2.40 34.37
N ARG K 100 -79.60 -1.14 33.94
CA ARG K 100 -79.54 0.04 34.79
C ARG K 100 -80.67 0.15 35.82
N PRO K 101 -81.90 -0.30 35.50
CA PRO K 101 -82.90 -0.43 36.58
C PRO K 101 -82.66 -1.63 37.49
N HIS K 102 -81.46 -1.69 38.07
CA HIS K 102 -81.13 -2.73 39.04
C HIS K 102 -81.25 -2.20 40.47
N TYR K 103 -81.48 -0.88 40.61
CA TYR K 103 -81.48 -0.24 41.91
C TYR K 103 -82.77 -0.49 42.68
N GLY K 104 -83.87 -0.78 41.98
CA GLY K 104 -85.13 -1.03 42.65
C GLY K 104 -85.25 -2.46 43.12
N LYS K 105 -84.71 -3.40 42.34
CA LYS K 105 -84.72 -4.82 42.67
C LYS K 105 -83.31 -5.34 42.87
N LEU K 106 -82.47 -4.56 43.54
CA LEU K 106 -81.09 -4.92 43.84
C LEU K 106 -80.97 -5.72 45.15
N LYS K 107 -82.03 -6.40 45.55
CA LYS K 107 -82.09 -7.05 46.86
C LYS K 107 -82.40 -8.55 46.77
N GLU K 108 -82.31 -9.14 45.57
CA GLU K 108 -82.76 -10.51 45.37
C GLU K 108 -81.60 -11.44 45.01
N ILE K 109 -80.39 -10.89 44.89
CA ILE K 109 -79.29 -11.67 44.33
C ILE K 109 -78.16 -11.79 45.35
N TYR K 110 -77.54 -10.68 45.70
CA TYR K 110 -76.56 -10.69 46.78
C TYR K 110 -77.01 -9.91 48.01
N GLU K 111 -77.82 -8.86 47.81
CA GLU K 111 -78.57 -8.28 48.92
C GLU K 111 -79.60 -9.25 49.47
N ASN K 112 -79.95 -10.28 48.71
CA ASN K 112 -80.83 -11.34 49.20
C ASN K 112 -80.25 -12.00 50.43
N MET K 113 -79.09 -12.65 50.29
CA MET K 113 -78.51 -13.37 51.41
C MET K 113 -77.08 -13.75 51.08
N ALA K 114 -76.17 -13.48 52.01
CA ALA K 114 -74.83 -14.02 51.90
C ALA K 114 -74.65 -15.17 52.88
N PRO K 115 -73.78 -16.12 52.57
CA PRO K 115 -73.51 -17.20 53.54
C PRO K 115 -72.76 -16.73 54.77
N GLY K 116 -73.52 -16.20 55.73
CA GLY K 116 -72.97 -15.72 56.99
C GLY K 116 -72.63 -14.25 57.02
N GLU K 117 -71.57 -13.84 56.32
CA GLU K 117 -71.13 -12.45 56.33
C GLU K 117 -70.64 -12.06 54.94
N ASN K 118 -70.62 -10.75 54.70
CA ASN K 118 -70.12 -10.25 53.41
C ASN K 118 -68.62 -10.49 53.27
N LYS K 119 -67.90 -10.54 54.39
CA LYS K 119 -66.44 -10.70 54.33
C LYS K 119 -66.02 -12.16 54.40
N ARG K 120 -66.94 -13.08 54.69
CA ARG K 120 -66.63 -14.51 54.71
C ARG K 120 -66.06 -14.96 53.38
N PHE K 121 -66.54 -14.36 52.30
CA PHE K 121 -66.05 -14.63 50.94
C PHE K 121 -65.85 -13.36 50.14
N ALA K 122 -66.16 -12.21 50.74
CA ALA K 122 -65.81 -10.90 50.19
C ALA K 122 -64.70 -10.25 50.98
N ALA K 123 -63.81 -11.06 51.57
CA ALA K 123 -62.55 -10.56 52.09
C ALA K 123 -61.41 -10.74 51.09
N ASP K 124 -61.56 -11.68 50.16
CA ASP K 124 -60.61 -11.85 49.07
C ASP K 124 -60.98 -11.00 47.86
N ILE K 125 -61.65 -9.86 48.09
CA ILE K 125 -62.28 -9.07 47.05
C ILE K 125 -61.75 -7.63 47.11
N ILE K 126 -62.06 -6.84 46.08
CA ILE K 126 -61.92 -5.39 46.19
C ILE K 126 -63.29 -4.73 46.26
N SER K 127 -64.10 -4.86 45.19
CA SER K 127 -65.42 -4.24 45.21
C SER K 127 -66.50 -4.95 44.37
N VAL K 128 -66.21 -6.09 43.74
CA VAL K 128 -67.15 -6.62 42.75
C VAL K 128 -68.39 -7.21 43.40
N LEU K 129 -68.22 -8.27 44.18
CA LEU K 129 -69.30 -9.00 44.83
C LEU K 129 -70.06 -8.18 45.87
N ALA K 130 -69.36 -7.70 46.90
CA ALA K 130 -70.03 -7.14 48.07
C ALA K 130 -69.85 -5.65 48.27
N MET K 131 -68.69 -5.08 47.96
CA MET K 131 -68.44 -3.67 48.22
C MET K 131 -69.34 -2.76 47.40
N THR K 132 -69.21 -2.83 46.07
CA THR K 132 -70.03 -2.00 45.20
C THR K 132 -71.50 -2.34 45.35
N MET K 133 -71.81 -3.58 45.72
CA MET K 133 -73.18 -3.93 46.10
C MET K 133 -73.64 -3.06 47.26
N SER K 134 -72.86 -3.01 48.34
CA SER K 134 -73.23 -2.25 49.52
C SER K 134 -73.38 -0.77 49.21
N GLY K 135 -72.46 -0.23 48.40
CA GLY K 135 -72.65 1.14 47.92
C GLY K 135 -73.95 1.30 47.15
N GLU K 136 -74.30 0.30 46.33
CA GLU K 136 -75.57 0.33 45.63
C GLU K 136 -76.76 0.21 46.58
N ARG K 137 -76.57 -0.36 47.76
CA ARG K 137 -77.61 -0.33 48.77
C ARG K 137 -77.78 1.08 49.33
N GLU K 138 -76.72 1.60 49.94
CA GLU K 138 -76.81 2.84 50.68
C GLU K 138 -77.04 4.04 49.79
N CYS K 139 -76.78 3.93 48.48
CA CYS K 139 -77.16 4.98 47.56
C CYS K 139 -78.67 5.21 47.59
N LEU K 140 -79.43 4.17 47.25
CA LEU K 140 -80.85 4.33 46.94
C LEU K 140 -81.77 3.68 47.97
N LYS K 141 -81.52 2.42 48.33
CA LYS K 141 -82.49 1.66 49.11
C LYS K 141 -82.57 2.17 50.55
N TYR K 142 -81.41 2.32 51.21
CA TYR K 142 -81.42 2.83 52.57
C TYR K 142 -81.87 4.28 52.64
N ARG K 143 -81.80 5.00 51.53
CA ARG K 143 -82.32 6.37 51.53
C ARG K 143 -83.84 6.37 51.42
N LEU K 144 -84.40 5.64 50.46
CA LEU K 144 -85.85 5.58 50.34
C LEU K 144 -86.49 4.98 51.58
N VAL K 145 -85.85 3.98 52.20
CA VAL K 145 -86.36 3.44 53.46
C VAL K 145 -86.11 4.38 54.63
N GLY K 146 -84.96 5.03 54.67
CA GLY K 146 -84.59 5.90 55.77
C GLY K 146 -85.15 7.29 55.71
N SER K 147 -85.97 7.59 54.71
CA SER K 147 -86.64 8.90 54.66
C SER K 147 -87.63 9.04 55.81
N GLN K 148 -88.59 8.12 55.90
CA GLN K 148 -89.64 8.24 56.90
C GLN K 148 -89.61 7.10 57.91
N GLU K 149 -89.65 5.86 57.43
CA GLU K 149 -89.65 4.70 58.33
C GLU K 149 -88.37 3.89 58.18
N GLU K 150 -87.38 4.15 59.04
CA GLU K 150 -86.09 3.48 58.95
C GLU K 150 -86.17 2.06 59.50
N LEU K 151 -86.60 1.91 60.76
CA LEU K 151 -86.62 0.63 61.46
C LEU K 151 -87.76 -0.26 60.99
N ALA K 152 -87.65 -0.94 59.83
CA ALA K 152 -88.73 -1.78 59.40
C ALA K 152 -88.46 -3.22 59.79
N SER K 153 -87.62 -3.96 59.06
CA SER K 153 -87.19 -5.28 59.55
C SER K 153 -85.71 -5.56 59.33
N TRP K 154 -85.29 -5.43 58.06
CA TRP K 154 -84.02 -5.98 57.59
C TRP K 154 -83.25 -4.98 56.75
N GLY K 155 -83.93 -4.00 56.16
CA GLY K 155 -83.24 -2.89 55.52
C GLY K 155 -82.67 -1.90 56.52
N HIS K 156 -82.81 -2.19 57.81
CA HIS K 156 -82.16 -1.42 58.86
C HIS K 156 -81.27 -2.27 59.77
N GLU K 157 -81.72 -3.46 60.16
CA GLU K 157 -80.97 -4.30 61.10
C GLU K 157 -79.66 -4.78 60.48
N TYR K 158 -79.74 -5.52 59.39
CA TYR K 158 -78.53 -5.94 58.70
C TYR K 158 -77.75 -4.75 58.16
N VAL K 159 -78.44 -3.65 57.87
CA VAL K 159 -77.75 -2.44 57.46
C VAL K 159 -76.92 -1.88 58.60
N ARG K 160 -77.40 -2.00 59.84
CA ARG K 160 -76.68 -1.44 60.97
C ARG K 160 -75.32 -2.10 61.13
N HIS K 161 -75.27 -3.42 61.05
CA HIS K 161 -74.01 -4.13 61.12
C HIS K 161 -73.18 -4.00 59.85
N LEU K 162 -73.83 -3.97 58.69
CA LEU K 162 -73.12 -3.82 57.42
C LEU K 162 -72.39 -2.49 57.33
N ALA K 163 -72.99 -1.41 57.82
CA ALA K 163 -72.33 -0.11 57.79
C ALA K 163 -71.06 -0.07 58.61
N GLY K 164 -71.02 -0.77 59.74
CA GLY K 164 -69.80 -0.81 60.54
C GLY K 164 -68.65 -1.50 59.83
N GLU K 165 -68.94 -2.50 59.01
CA GLU K 165 -67.87 -3.22 58.32
C GLU K 165 -67.50 -2.55 57.01
N VAL K 166 -68.47 -1.91 56.35
CA VAL K 166 -68.17 -1.16 55.14
C VAL K 166 -67.34 0.08 55.48
N ALA K 167 -67.66 0.71 56.61
CA ALA K 167 -66.95 1.92 57.03
C ALA K 167 -65.46 1.67 57.13
N LYS K 168 -65.05 0.72 57.97
CA LYS K 168 -63.65 0.34 58.02
C LYS K 168 -63.22 -0.42 56.78
N GLU K 169 -64.16 -0.88 55.97
CA GLU K 169 -63.79 -1.57 54.74
C GLU K 169 -63.21 -0.62 53.71
N TRP K 170 -63.66 0.64 53.69
CA TRP K 170 -63.04 1.62 52.79
C TRP K 170 -61.56 1.79 53.14
N GLN K 171 -61.21 1.59 54.40
CA GLN K 171 -59.83 1.59 54.86
C GLN K 171 -59.29 0.18 55.01
N GLU K 172 -60.07 -0.83 54.65
CA GLU K 172 -59.72 -2.20 54.99
C GLU K 172 -58.79 -2.85 53.98
N LEU K 173 -59.16 -2.81 52.68
CA LEU K 173 -58.25 -3.31 51.65
C LEU K 173 -56.93 -2.56 51.71
N ASP K 174 -57.00 -1.24 51.86
CA ASP K 174 -55.83 -0.47 52.23
C ASP K 174 -56.26 0.85 52.86
N ASP K 175 -55.78 1.13 54.08
CA ASP K 175 -56.21 2.28 54.85
C ASP K 175 -55.62 3.57 54.27
N ALA K 176 -55.95 3.89 53.01
CA ALA K 176 -55.14 4.91 52.37
C ALA K 176 -55.86 6.03 51.63
N GLU K 177 -56.75 5.69 50.70
CA GLU K 177 -57.20 6.69 49.76
C GLU K 177 -58.71 6.84 49.76
N LYS K 178 -59.42 5.71 49.70
CA LYS K 178 -60.87 5.71 49.72
C LYS K 178 -61.36 5.76 51.16
N VAL K 179 -60.42 5.98 52.08
CA VAL K 179 -60.74 6.51 53.40
C VAL K 179 -61.69 7.69 53.27
N GLN K 180 -61.29 8.69 52.48
CA GLN K 180 -62.19 9.79 52.19
C GLN K 180 -63.39 9.34 51.37
N ARG K 181 -63.27 8.23 50.64
CA ARG K 181 -64.42 7.64 49.96
C ARG K 181 -65.48 7.15 50.94
N GLU K 182 -65.11 6.87 52.18
CA GLU K 182 -66.06 6.43 53.19
C GLU K 182 -67.07 7.53 53.48
N PRO K 183 -66.63 8.78 53.69
CA PRO K 183 -67.61 9.89 53.80
C PRO K 183 -68.53 10.04 52.60
N LEU K 184 -68.18 9.48 51.43
CA LEU K 184 -69.15 9.33 50.36
C LEU K 184 -70.27 8.38 50.75
N LEU K 185 -70.03 7.48 51.71
CA LEU K 185 -71.05 6.55 52.18
C LEU K 185 -71.78 7.09 53.41
N THR K 186 -71.04 7.71 54.32
CA THR K 186 -71.65 8.25 55.53
C THR K 186 -72.41 9.54 55.26
N LEU K 187 -71.96 10.32 54.27
CA LEU K 187 -72.63 11.56 53.90
C LEU K 187 -73.81 11.32 52.97
N VAL K 188 -73.61 10.56 51.88
CA VAL K 188 -74.71 10.22 51.00
C VAL K 188 -75.73 9.37 51.73
N LYS K 189 -75.27 8.49 52.62
CA LYS K 189 -76.16 7.77 53.49
C LYS K 189 -76.74 8.72 54.53
N GLU K 190 -78.07 8.83 54.55
CA GLU K 190 -78.83 9.71 55.47
C GLU K 190 -78.22 11.11 55.51
N ILE K 191 -78.37 11.80 54.36
CA ILE K 191 -77.80 13.12 54.16
C ILE K 191 -78.11 14.05 55.34
N VAL K 192 -79.39 14.24 55.63
CA VAL K 192 -79.82 15.10 56.74
C VAL K 192 -79.33 14.51 58.07
N PRO K 193 -79.62 13.21 58.38
CA PRO K 193 -79.17 12.62 59.66
C PRO K 193 -77.71 12.16 59.63
N TYR K 194 -76.81 13.04 59.20
CA TYR K 194 -75.40 12.68 59.13
C TYR K 194 -74.85 12.31 60.51
N ASN K 195 -75.35 12.98 61.56
CA ASN K 195 -74.88 12.68 62.90
C ASN K 195 -75.32 11.29 63.35
N MET K 196 -76.34 10.73 62.70
CA MET K 196 -76.71 9.34 62.97
C MET K 196 -75.67 8.40 62.38
N ALA K 197 -75.12 8.74 61.22
CA ALA K 197 -74.05 7.95 60.63
C ALA K 197 -72.70 8.28 61.26
N HIS K 198 -72.42 9.56 61.48
CA HIS K 198 -71.15 9.94 62.10
C HIS K 198 -71.15 9.66 63.60
N ASN K 199 -72.28 9.21 64.16
CA ASN K 199 -72.27 8.80 65.56
C ASN K 199 -71.58 7.46 65.71
N ALA K 200 -71.85 6.52 64.79
CA ALA K 200 -71.11 5.27 64.77
C ALA K 200 -69.77 5.42 64.08
N GLU K 201 -69.72 6.22 63.01
CA GLU K 201 -68.48 6.48 62.31
C GLU K 201 -67.48 7.26 63.16
N HIS K 202 -67.97 7.99 64.17
CA HIS K 202 -67.07 8.76 65.02
C HIS K 202 -66.26 7.86 65.93
N GLU K 203 -66.93 6.94 66.64
CA GLU K 203 -66.21 6.01 67.49
C GLU K 203 -65.50 4.93 66.69
N ALA K 204 -66.11 4.49 65.58
CA ALA K 204 -65.41 3.54 64.70
C ALA K 204 -64.15 4.15 64.14
N CYS K 205 -64.15 5.46 63.90
CA CYS K 205 -62.91 6.16 63.58
C CYS K 205 -62.02 6.29 64.80
N ASP K 206 -62.60 6.46 65.99
CA ASP K 206 -61.81 6.54 67.21
C ASP K 206 -61.01 5.28 67.45
N LEU K 207 -61.54 4.13 67.02
CA LEU K 207 -60.85 2.87 67.06
C LEU K 207 -60.23 2.51 65.72
N LEU K 208 -60.38 3.37 64.71
CA LEU K 208 -59.90 3.04 63.38
C LEU K 208 -58.38 3.02 63.33
N MET K 209 -57.74 4.14 63.63
CA MET K 209 -56.28 4.21 63.60
C MET K 209 -55.82 5.57 64.12
N GLU K 210 -54.81 5.57 64.97
CA GLU K 210 -54.25 6.83 65.43
C GLU K 210 -53.67 7.64 64.28
N ILE K 211 -52.96 6.98 63.36
CA ILE K 211 -52.38 7.65 62.21
C ILE K 211 -53.43 7.97 61.16
N GLU K 212 -54.59 7.33 61.24
CA GLU K 212 -55.63 7.47 60.23
C GLU K 212 -56.80 8.29 60.76
N GLN K 213 -56.48 9.39 61.43
CA GLN K 213 -57.52 10.32 61.88
C GLN K 213 -57.50 11.61 61.08
N VAL K 214 -56.33 12.01 60.58
CA VAL K 214 -56.16 13.35 60.07
C VAL K 214 -56.62 13.47 58.62
N ASP K 215 -56.48 12.41 57.83
CA ASP K 215 -56.86 12.53 56.42
C ASP K 215 -58.36 12.37 56.19
N MET K 216 -58.98 11.36 56.81
CA MET K 216 -60.44 11.32 56.76
C MET K 216 -61.04 12.43 57.61
N LEU K 217 -60.32 12.87 58.63
CA LEU K 217 -60.71 14.05 59.37
C LEU K 217 -60.81 15.27 58.45
N GLU K 218 -59.72 15.57 57.74
CA GLU K 218 -59.72 16.66 56.77
C GLU K 218 -60.64 16.38 55.59
N LYS K 219 -61.08 15.14 55.41
CA LYS K 219 -62.15 14.89 54.43
C LYS K 219 -63.51 15.22 55.01
N ASP K 220 -63.68 15.09 56.33
CA ASP K 220 -64.91 15.56 56.96
C ASP K 220 -65.00 17.07 56.87
N ILE K 221 -63.93 17.77 57.25
CA ILE K 221 -63.91 19.21 57.02
C ILE K 221 -63.95 19.53 55.53
N ASP K 222 -63.42 18.64 54.69
CA ASP K 222 -63.54 18.80 53.25
C ASP K 222 -65.00 18.86 52.83
N GLU K 223 -65.80 17.91 53.30
CA GLU K 223 -67.24 17.94 53.10
C GLU K 223 -67.94 18.93 54.01
N ASN K 224 -67.18 19.70 54.79
CA ASN K 224 -67.73 20.77 55.62
C ASN K 224 -67.29 22.14 55.15
N ALA K 225 -66.59 22.22 54.02
CA ALA K 225 -66.42 23.51 53.36
C ALA K 225 -67.76 24.12 53.00
N TYR K 226 -68.75 23.28 52.68
CA TYR K 226 -70.14 23.67 52.56
C TYR K 226 -70.96 22.40 52.33
N ALA K 227 -72.20 22.38 52.82
CA ALA K 227 -73.05 21.23 52.58
C ALA K 227 -74.50 21.66 52.57
N LYS K 228 -75.41 20.70 52.68
CA LYS K 228 -76.80 21.03 52.94
C LYS K 228 -76.91 21.81 54.24
N VAL K 229 -77.98 22.58 54.38
CA VAL K 229 -78.10 23.51 55.50
C VAL K 229 -78.06 22.76 56.82
N CYS K 230 -78.61 21.55 56.84
CA CYS K 230 -78.60 20.70 58.04
C CYS K 230 -77.36 19.81 58.11
N LEU K 231 -76.52 19.83 57.07
CA LEU K 231 -75.29 19.05 57.06
C LEU K 231 -74.06 19.85 57.48
N TYR K 232 -73.93 21.09 57.01
CA TYR K 232 -72.91 21.96 57.55
C TYR K 232 -73.15 22.24 59.03
N LEU K 233 -74.42 22.26 59.46
CA LEU K 233 -74.75 22.32 60.87
C LEU K 233 -74.29 21.07 61.63
N THR K 234 -74.39 19.90 60.99
CA THR K 234 -74.22 18.63 61.68
C THR K 234 -72.78 18.13 61.66
N SER K 235 -72.25 17.88 60.46
CA SER K 235 -70.93 17.27 60.32
C SER K 235 -69.81 18.14 60.85
N CYS K 236 -70.06 19.43 61.08
CA CYS K 236 -69.06 20.26 61.75
C CYS K 236 -68.95 19.94 63.24
N VAL K 237 -70.08 19.87 63.95
CA VAL K 237 -70.01 19.43 65.34
C VAL K 237 -69.59 17.97 65.42
N ASN K 238 -69.88 17.18 64.39
CA ASN K 238 -69.25 15.87 64.27
C ASN K 238 -67.73 16.01 64.14
N TYR K 239 -67.27 17.08 63.51
CA TYR K 239 -65.86 17.21 63.14
C TYR K 239 -64.96 17.44 64.36
N VAL K 240 -65.52 17.89 65.47
CA VAL K 240 -64.74 18.35 66.61
C VAL K 240 -64.03 17.21 67.33
N PRO K 241 -64.75 16.22 67.88
CA PRO K 241 -64.12 15.30 68.84
C PRO K 241 -63.18 14.27 68.24
N GLU K 242 -62.90 14.33 66.94
CA GLU K 242 -61.96 13.35 66.39
C GLU K 242 -60.55 13.61 66.91
N PRO K 243 -60.05 14.84 66.88
CA PRO K 243 -58.79 15.15 67.57
C PRO K 243 -58.92 15.23 69.09
N GLU K 244 -60.09 14.92 69.64
CA GLU K 244 -60.35 14.94 71.06
C GLU K 244 -60.42 13.55 71.68
N ASN K 245 -60.77 12.53 70.89
CA ASN K 245 -60.93 11.17 71.37
C ASN K 245 -59.88 10.24 70.79
N SER K 246 -59.88 10.07 69.47
CA SER K 246 -58.89 9.20 68.84
C SER K 246 -57.56 9.91 68.69
N ALA K 247 -57.53 11.01 67.94
CA ALA K 247 -56.33 11.81 67.83
C ALA K 247 -56.31 12.82 68.96
N LEU K 248 -55.25 13.61 69.07
CA LEU K 248 -55.08 14.50 70.22
C LEU K 248 -54.49 15.85 69.84
N LEU K 249 -54.60 16.23 68.56
CA LEU K 249 -54.03 17.49 68.07
C LEU K 249 -54.45 18.68 68.91
N ARG K 250 -55.76 18.94 68.97
CA ARG K 250 -56.39 19.81 69.96
C ARG K 250 -55.83 21.23 70.06
N CYS K 251 -54.97 21.63 69.14
CA CYS K 251 -54.59 23.04 69.04
C CYS K 251 -55.34 23.75 67.92
N ALA K 252 -55.99 22.98 67.04
CA ALA K 252 -57.01 23.50 66.14
C ALA K 252 -58.39 23.49 66.79
N LEU K 253 -58.43 23.54 68.12
CA LEU K 253 -59.70 23.57 68.83
C LEU K 253 -60.28 24.99 68.85
N GLY K 254 -59.53 25.93 69.42
CA GLY K 254 -60.05 27.27 69.60
C GLY K 254 -60.45 27.96 68.32
N VAL K 255 -59.63 27.86 67.28
CA VAL K 255 -59.96 28.52 66.02
C VAL K 255 -60.81 27.65 65.11
N PHE K 256 -60.51 26.36 65.00
CA PHE K 256 -61.22 25.49 64.07
C PHE K 256 -62.44 24.83 64.71
N ARG K 257 -62.74 25.17 65.96
CA ARG K 257 -64.08 25.00 66.48
C ARG K 257 -64.82 26.32 66.54
N LYS K 258 -64.15 27.43 66.20
CA LYS K 258 -64.88 28.61 65.75
C LYS K 258 -65.55 28.34 64.40
N PHE K 259 -65.07 27.32 63.67
CA PHE K 259 -65.91 26.66 62.67
C PHE K 259 -67.29 26.38 63.23
N SER K 260 -67.35 25.80 64.44
CA SER K 260 -68.57 25.25 65.01
C SER K 260 -69.05 26.00 66.26
N ARG K 261 -68.71 27.28 66.40
CA ARG K 261 -69.30 28.08 67.48
C ARG K 261 -70.69 28.57 67.09
N PHE K 262 -70.74 29.43 66.07
CA PHE K 262 -71.96 30.10 65.64
C PHE K 262 -72.88 29.25 64.78
N PRO K 263 -72.38 28.45 63.77
CA PRO K 263 -73.30 27.75 62.87
C PRO K 263 -74.26 26.76 63.51
N GLU K 264 -74.06 26.45 64.79
CA GLU K 264 -75.00 25.56 65.49
C GLU K 264 -75.92 26.37 66.39
N ALA K 265 -75.34 27.20 67.26
CA ALA K 265 -76.13 28.00 68.18
C ALA K 265 -75.24 29.11 68.74
N LEU K 266 -75.72 29.78 69.79
CA LEU K 266 -74.99 30.87 70.40
C LEU K 266 -73.88 30.33 71.29
N ARG K 267 -74.25 29.53 72.30
CA ARG K 267 -73.24 28.95 73.18
C ARG K 267 -72.87 27.53 72.76
N LEU K 268 -71.77 27.39 72.02
CA LEU K 268 -71.16 26.08 71.87
C LEU K 268 -69.66 26.17 72.13
N ALA K 269 -69.05 27.26 71.67
CA ALA K 269 -67.61 27.43 71.83
C ALA K 269 -67.28 28.24 73.09
N LEU K 270 -68.29 28.64 73.85
CA LEU K 270 -68.05 29.06 75.23
C LEU K 270 -68.00 27.85 76.14
N MET K 271 -68.83 26.84 75.88
CA MET K 271 -68.64 25.54 76.49
C MET K 271 -67.40 24.86 75.92
N LEU K 272 -66.95 25.28 74.75
CA LEU K 272 -65.66 24.84 74.23
C LEU K 272 -64.52 25.68 74.79
N ASN K 273 -64.83 26.88 75.30
CA ASN K 273 -63.86 27.59 76.12
C ASN K 273 -63.70 26.91 77.47
N ASP K 274 -64.81 26.45 78.04
CA ASP K 274 -64.72 25.53 79.17
C ASP K 274 -63.98 24.27 78.75
N MET K 275 -64.17 23.82 77.51
CA MET K 275 -63.33 22.76 76.97
C MET K 275 -61.87 23.11 77.01
N GLU K 276 -61.52 24.38 76.77
CA GLU K 276 -60.14 24.82 76.96
C GLU K 276 -59.73 24.68 78.41
N LEU K 277 -60.59 25.15 79.33
CA LEU K 277 -60.34 25.05 80.77
C LEU K 277 -60.48 23.65 81.32
N VAL K 278 -60.71 22.64 80.48
CA VAL K 278 -60.79 21.26 80.90
C VAL K 278 -59.64 20.49 80.24
N GLU K 279 -59.21 20.95 79.07
CA GLU K 279 -58.07 20.37 78.38
C GLU K 279 -56.79 21.10 78.78
N ASP K 280 -56.59 21.21 80.10
CA ASP K 280 -55.48 22.00 80.65
C ASP K 280 -54.20 21.17 80.68
N ILE K 281 -53.88 20.61 79.53
CA ILE K 281 -52.61 19.94 79.25
C ILE K 281 -51.61 21.04 78.87
N PHE K 282 -50.34 20.64 78.66
CA PHE K 282 -49.15 21.49 78.62
C PHE K 282 -49.34 22.85 77.95
N THR K 283 -48.72 23.87 78.53
CA THR K 283 -49.11 25.26 78.31
C THR K 283 -48.52 25.89 77.05
N SER K 284 -47.79 25.13 76.25
CA SER K 284 -47.37 25.69 74.97
C SER K 284 -48.46 25.54 73.92
N CYS K 285 -48.99 24.32 73.76
CA CYS K 285 -50.15 24.14 72.90
C CYS K 285 -51.37 24.85 73.48
N LYS K 286 -51.53 24.83 74.81
CA LYS K 286 -52.56 25.64 75.45
C LYS K 286 -52.36 27.13 75.16
N ASP K 287 -51.14 27.62 75.39
CA ASP K 287 -50.84 29.04 75.23
C ASP K 287 -51.16 29.52 73.82
N VAL K 288 -50.84 28.70 72.82
CA VAL K 288 -51.06 29.12 71.44
C VAL K 288 -52.49 28.86 70.98
N VAL K 289 -53.17 27.89 71.58
CA VAL K 289 -54.62 27.80 71.39
C VAL K 289 -55.29 29.07 71.88
N VAL K 290 -54.85 29.60 73.02
CA VAL K 290 -55.46 30.81 73.56
C VAL K 290 -54.85 32.08 72.98
N GLN K 291 -53.79 31.98 72.17
CA GLN K 291 -53.25 33.16 71.53
C GLN K 291 -54.29 33.84 70.64
N LYS K 292 -54.97 33.05 69.82
CA LYS K 292 -55.94 33.59 68.87
C LYS K 292 -57.16 34.18 69.53
N GLN K 293 -57.38 33.88 70.81
CA GLN K 293 -58.64 34.23 71.47
C GLN K 293 -58.79 35.71 71.76
N MET K 294 -57.77 36.53 71.52
CA MET K 294 -57.87 37.96 71.79
C MET K 294 -57.89 38.78 70.51
N ALA K 295 -56.88 38.62 69.66
CA ALA K 295 -56.75 39.44 68.45
C ALA K 295 -56.35 38.57 67.27
N PHE K 296 -56.98 37.41 67.11
CA PHE K 296 -56.70 36.63 65.91
C PHE K 296 -57.96 36.13 65.22
N MET K 297 -59.02 35.87 65.98
CA MET K 297 -60.35 35.77 65.38
C MET K 297 -61.45 36.41 66.21
N LEU K 298 -61.26 36.58 67.52
CA LEU K 298 -62.23 37.24 68.38
C LEU K 298 -61.50 37.64 69.65
N GLY K 299 -62.18 38.44 70.46
CA GLY K 299 -61.62 38.92 71.71
C GLY K 299 -62.67 38.85 72.80
N ARG K 300 -62.44 39.60 73.89
CA ARG K 300 -63.34 39.68 75.05
C ARG K 300 -63.58 38.35 75.79
N HIS K 301 -62.62 37.43 75.71
CA HIS K 301 -62.72 36.14 76.36
C HIS K 301 -61.81 36.15 77.57
N GLY K 302 -61.69 37.31 78.20
CA GLY K 302 -60.82 37.43 79.36
C GLY K 302 -61.53 37.55 80.69
N VAL K 303 -62.69 36.92 80.82
CA VAL K 303 -63.41 36.86 82.08
C VAL K 303 -63.66 35.40 82.42
N PHE K 304 -62.83 34.51 81.88
CA PHE K 304 -62.98 33.09 82.10
C PHE K 304 -61.67 32.40 82.48
N LEU K 305 -60.59 33.16 82.68
CA LEU K 305 -59.31 32.60 83.06
C LEU K 305 -58.83 33.20 84.39
N GLU K 306 -59.77 33.51 85.27
CA GLU K 306 -59.50 34.08 86.59
C GLU K 306 -60.07 33.16 87.68
N LEU K 307 -59.93 31.86 87.47
CA LEU K 307 -60.39 30.88 88.44
C LEU K 307 -59.24 30.53 89.38
N SER K 308 -59.39 29.43 90.12
CA SER K 308 -58.41 29.08 91.16
C SER K 308 -57.03 28.80 90.57
N GLU K 309 -56.95 28.51 89.28
CA GLU K 309 -55.71 28.19 88.58
C GLU K 309 -54.93 29.43 88.16
N ASP K 310 -55.16 30.58 88.79
CA ASP K 310 -54.48 31.81 88.40
C ASP K 310 -53.03 31.84 88.88
N VAL K 311 -52.17 31.01 88.29
CA VAL K 311 -50.74 31.09 88.56
C VAL K 311 -50.01 31.33 87.26
N GLU K 312 -50.07 30.36 86.36
CA GLU K 312 -49.63 30.54 84.97
C GLU K 312 -50.60 29.97 83.95
N GLU K 313 -51.34 28.90 84.27
CA GLU K 313 -52.22 28.29 83.30
C GLU K 313 -53.52 29.07 83.15
N TYR K 314 -53.83 29.96 84.09
CA TYR K 314 -54.89 30.94 83.89
C TYR K 314 -54.36 32.36 83.84
N GLU K 315 -53.10 32.59 84.17
CA GLU K 315 -52.45 33.88 83.93
C GLU K 315 -52.04 34.06 82.48
N ASP K 316 -52.28 33.07 81.63
CA ASP K 316 -52.10 33.20 80.20
C ASP K 316 -53.13 34.15 79.59
N LEU K 317 -54.22 34.41 80.31
CA LEU K 317 -55.32 35.22 79.76
C LEU K 317 -54.87 36.63 79.43
N THR K 318 -54.46 37.39 80.45
CA THR K 318 -54.03 38.78 80.23
C THR K 318 -52.84 38.83 79.28
N GLU K 319 -51.98 37.81 79.32
CA GLU K 319 -50.91 37.71 78.34
C GLU K 319 -51.49 37.68 76.92
N ILE K 320 -52.59 36.95 76.74
CA ILE K 320 -53.30 36.97 75.47
C ILE K 320 -53.86 38.36 75.19
N MET K 321 -54.48 38.97 76.19
CA MET K 321 -55.29 40.15 75.96
C MET K 321 -54.43 41.35 75.58
N SER K 322 -53.33 41.57 76.29
CA SER K 322 -52.44 42.68 75.96
C SER K 322 -50.96 42.32 75.93
N ASN K 323 -50.52 41.27 76.62
CA ASN K 323 -49.09 40.99 76.69
C ASN K 323 -48.56 40.37 75.40
N VAL K 324 -49.22 39.31 74.91
CA VAL K 324 -48.87 38.80 73.60
C VAL K 324 -49.19 39.85 72.54
N GLN K 325 -50.19 40.69 72.79
CA GLN K 325 -50.39 41.88 71.97
C GLN K 325 -49.18 42.82 72.08
N LEU K 326 -48.56 42.85 73.26
CA LEU K 326 -47.33 43.63 73.41
C LEU K 326 -46.17 43.00 72.64
N ASN K 327 -46.23 41.68 72.41
CA ASN K 327 -45.27 41.06 71.51
C ASN K 327 -45.61 41.35 70.06
N SER K 328 -46.89 41.60 69.78
CA SER K 328 -47.26 42.19 68.50
C SER K 328 -46.68 43.59 68.37
N ASN K 329 -46.57 44.31 69.48
CA ASN K 329 -45.84 45.57 69.47
C ASN K 329 -44.37 45.35 69.16
N PHE K 330 -43.70 44.53 69.96
CA PHE K 330 -42.30 44.19 69.76
C PHE K 330 -42.00 43.68 68.35
N LEU K 331 -42.99 43.10 67.67
CA LEU K 331 -42.92 42.65 66.29
C LEU K 331 -42.20 43.68 65.41
N ALA K 332 -42.73 44.89 65.40
CA ALA K 332 -42.09 46.01 64.75
C ALA K 332 -41.14 46.65 65.78
N LEU K 333 -41.39 46.38 67.08
CA LEU K 333 -40.61 46.86 68.21
C LEU K 333 -39.15 46.64 67.94
N ALA K 334 -38.81 45.38 67.68
CA ALA K 334 -37.44 45.02 67.41
C ALA K 334 -37.31 44.33 66.07
N ARG K 335 -38.42 44.12 65.36
CA ARG K 335 -38.25 43.42 64.09
C ARG K 335 -38.33 44.36 62.89
N GLU K 336 -39.29 45.27 62.83
CA GLU K 336 -39.44 46.08 61.63
C GLU K 336 -38.53 47.29 61.64
N LEU K 337 -38.24 47.85 62.82
CA LEU K 337 -37.19 48.84 62.92
C LEU K 337 -35.85 48.27 62.46
N ASP K 338 -35.52 47.07 62.95
CA ASP K 338 -34.27 46.44 62.57
C ASP K 338 -34.25 46.05 61.09
N ILE K 339 -35.36 45.57 60.56
CA ILE K 339 -35.35 45.08 59.19
C ILE K 339 -35.49 46.22 58.20
N MET K 340 -36.66 46.89 58.19
CA MET K 340 -36.97 47.70 57.02
C MET K 340 -37.72 49.00 57.32
N GLU K 341 -37.79 49.43 58.58
CA GLU K 341 -38.73 50.50 58.93
C GLU K 341 -38.06 51.62 59.71
N PRO K 342 -37.77 52.76 59.08
CA PRO K 342 -37.67 54.02 59.82
C PRO K 342 -39.07 54.60 60.00
N LYS K 343 -39.16 55.56 60.92
CA LYS K 343 -40.47 56.06 61.34
C LYS K 343 -41.21 56.75 60.20
N VAL K 344 -40.48 57.29 59.23
CA VAL K 344 -41.10 58.10 58.19
C VAL K 344 -40.53 57.79 56.82
N PRO K 345 -41.09 56.79 56.12
CA PRO K 345 -40.60 56.47 54.78
C PRO K 345 -40.76 57.71 53.89
N ASP K 346 -41.96 58.27 53.86
CA ASP K 346 -42.26 59.47 53.08
C ASP K 346 -41.73 59.40 51.65
N ASP K 347 -42.14 58.38 50.92
CA ASP K 347 -41.70 58.22 49.53
C ASP K 347 -42.88 58.05 48.59
N ILE K 348 -44.07 58.44 49.05
CA ILE K 348 -45.24 58.31 48.21
C ILE K 348 -45.43 59.67 47.60
N TYR K 349 -45.33 60.69 48.45
CA TYR K 349 -45.45 62.06 48.03
C TYR K 349 -44.17 62.44 47.31
N LYS K 350 -43.13 61.62 47.46
CA LYS K 350 -41.87 61.93 46.80
C LYS K 350 -41.65 61.06 45.57
N THR K 351 -42.22 59.85 45.55
CA THR K 351 -42.17 59.01 44.36
C THR K 351 -42.92 59.64 43.20
N HIS K 352 -43.82 60.58 43.48
CA HIS K 352 -44.45 61.40 42.45
C HIS K 352 -43.58 62.62 42.12
N LEU K 353 -42.33 62.32 41.77
CA LEU K 353 -41.32 63.35 41.49
C LEU K 353 -41.06 63.53 40.00
N GLU K 354 -41.09 62.45 39.23
CA GLU K 354 -40.79 62.51 37.80
C GLU K 354 -41.93 63.05 36.97
N ASN K 355 -43.16 63.10 37.52
CA ASN K 355 -44.31 63.49 36.71
C ASN K 355 -44.23 64.94 36.22
N ASN K 356 -43.52 65.80 36.96
CA ASN K 356 -43.42 67.20 36.55
C ASN K 356 -42.63 67.36 35.26
N ARG K 357 -41.86 66.36 34.85
CA ARG K 357 -41.06 66.41 33.63
C ARG K 357 -41.72 65.68 32.48
N PHE K 358 -43.05 65.60 32.47
CA PHE K 358 -43.81 64.96 31.39
C PHE K 358 -44.95 65.90 31.03
N GLY K 359 -44.80 66.61 29.92
CA GLY K 359 -45.80 67.57 29.50
C GLY K 359 -45.32 68.99 29.69
N GLY K 360 -44.05 69.15 30.08
CA GLY K 360 -43.45 70.44 30.26
C GLY K 360 -43.26 70.84 31.71
N SER K 361 -43.80 71.99 32.09
CA SER K 361 -43.62 72.53 33.42
C SER K 361 -44.70 71.98 34.36
N GLY K 362 -44.60 72.34 35.64
CA GLY K 362 -45.57 71.91 36.62
C GLY K 362 -46.08 73.05 37.47
N SER K 363 -46.31 72.78 38.76
CA SER K 363 -46.80 73.77 39.71
C SER K 363 -48.20 74.25 39.38
N GLN K 364 -48.93 73.52 38.54
CA GLN K 364 -50.30 73.89 38.18
C GLN K 364 -51.34 73.19 39.05
N VAL K 365 -50.99 72.08 39.69
CA VAL K 365 -51.90 71.37 40.58
C VAL K 365 -51.82 71.99 41.97
N ASP K 366 -52.66 73.00 42.22
CA ASP K 366 -52.69 73.71 43.50
C ASP K 366 -54.03 73.55 44.20
N SER K 367 -54.63 72.36 44.13
CA SER K 367 -55.91 72.11 44.79
C SER K 367 -55.67 71.91 46.28
N ALA K 368 -56.43 72.64 47.11
CA ALA K 368 -56.24 72.56 48.55
C ALA K 368 -56.75 71.24 49.11
N ARG K 369 -57.79 70.69 48.50
CA ARG K 369 -58.38 69.43 48.96
C ARG K 369 -57.40 68.26 48.78
N MET K 370 -56.41 68.42 47.89
CA MET K 370 -55.34 67.45 47.80
C MET K 370 -54.56 67.35 49.10
N ASN K 371 -54.51 68.44 49.87
CA ASN K 371 -53.91 68.41 51.19
C ASN K 371 -54.65 67.45 52.13
N LEU K 372 -55.91 67.14 51.84
CA LEU K 372 -56.60 66.06 52.55
C LEU K 372 -55.87 64.74 52.36
N ALA K 373 -55.46 64.43 51.13
CA ALA K 373 -54.60 63.28 50.91
C ALA K 373 -53.22 63.49 51.50
N SER K 374 -52.79 64.75 51.62
CA SER K 374 -51.51 65.03 52.25
C SER K 374 -51.47 64.54 53.70
N SER K 375 -52.62 64.43 54.36
CA SER K 375 -52.64 63.90 55.72
C SER K 375 -52.38 62.40 55.74
N PHE K 376 -52.78 61.69 54.69
CA PHE K 376 -52.63 60.23 54.67
C PHE K 376 -51.22 59.77 54.35
N VAL K 377 -50.39 60.67 53.81
CA VAL K 377 -48.97 60.36 53.66
C VAL K 377 -48.35 60.06 55.02
N ASN K 378 -48.86 60.69 56.07
CA ASN K 378 -48.45 60.35 57.43
C ASN K 378 -49.40 59.33 58.05
N GLY K 379 -50.69 59.45 57.77
CA GLY K 379 -51.68 58.60 58.40
C GLY K 379 -51.51 57.13 58.09
N PHE K 380 -51.46 56.79 56.80
CA PHE K 380 -51.33 55.38 56.42
C PHE K 380 -49.95 54.83 56.78
N VAL K 381 -48.88 55.62 56.56
CA VAL K 381 -47.55 55.07 56.70
C VAL K 381 -47.25 54.65 58.13
N ASN K 382 -47.70 55.42 59.11
CA ASN K 382 -47.53 55.06 60.51
C ASN K 382 -48.66 54.19 61.02
N ALA K 383 -49.57 53.78 60.14
CA ALA K 383 -50.71 52.98 60.57
C ALA K 383 -50.20 51.68 61.19
N ALA K 384 -50.13 51.75 62.53
CA ALA K 384 -49.57 50.75 63.46
C ALA K 384 -48.03 50.74 63.41
N PHE K 385 -47.47 51.27 64.50
CA PHE K 385 -46.02 51.47 64.80
C PHE K 385 -45.33 52.63 64.09
N GLY K 386 -45.04 53.69 64.85
CA GLY K 386 -44.38 54.88 64.35
C GLY K 386 -44.92 56.17 64.95
N GLN K 387 -44.05 57.14 65.20
CA GLN K 387 -44.48 58.42 65.77
C GLN K 387 -43.97 59.57 64.92
N ASP K 388 -44.31 60.80 65.33
CA ASP K 388 -43.88 62.02 64.64
C ASP K 388 -43.80 63.20 65.60
N LYS K 389 -42.60 63.72 65.83
CA LYS K 389 -42.40 64.94 66.62
C LYS K 389 -42.09 66.09 65.67
N LEU K 390 -43.11 66.89 65.37
CA LEU K 390 -43.05 68.00 64.42
C LEU K 390 -42.93 67.48 62.98
N LEU K 391 -42.97 66.17 62.79
CA LEU K 391 -43.20 65.59 61.47
C LEU K 391 -44.64 65.69 61.03
N THR K 392 -45.52 66.15 61.92
CA THR K 392 -46.92 66.39 61.62
C THR K 392 -47.23 67.86 61.46
N ASP K 393 -46.21 68.71 61.30
CA ASP K 393 -46.43 70.15 61.24
C ASP K 393 -47.25 70.57 60.03
N ASP K 394 -47.31 69.74 58.98
CA ASP K 394 -48.26 69.99 57.91
C ASP K 394 -49.69 69.95 58.43
N GLY K 395 -49.98 69.00 59.32
CA GLY K 395 -51.27 69.02 60.00
C GLY K 395 -51.30 70.02 61.13
N ASN K 396 -50.14 70.58 61.49
CA ASN K 396 -50.11 71.67 62.46
C ASN K 396 -50.62 72.96 61.81
N LYS K 397 -50.12 73.26 60.62
CA LYS K 397 -50.56 74.47 59.91
C LYS K 397 -51.93 74.25 59.28
N TRP K 398 -52.08 73.19 58.49
CA TRP K 398 -53.37 72.89 57.89
C TRP K 398 -54.44 72.59 58.94
N LEU K 399 -54.04 72.11 60.12
CA LEU K 399 -54.99 71.93 61.20
C LEU K 399 -55.47 73.27 61.74
N TYR K 400 -54.61 74.29 61.68
CA TYR K 400 -54.97 75.64 62.13
C TYR K 400 -55.25 76.58 60.97
N LYS K 401 -55.58 76.05 59.80
CA LYS K 401 -55.72 76.87 58.60
C LYS K 401 -57.14 76.91 58.07
N ASN K 402 -57.73 75.78 57.70
CA ASN K 402 -59.12 75.75 57.26
C ASN K 402 -59.60 74.30 57.24
N LYS K 403 -60.74 74.06 56.57
CA LYS K 403 -61.21 72.71 56.33
C LYS K 403 -61.49 72.00 57.64
N ASP K 404 -62.51 72.46 58.36
CA ASP K 404 -62.85 71.93 59.68
C ASP K 404 -62.87 70.40 59.71
N HIS K 405 -63.51 69.77 58.71
CA HIS K 405 -63.45 68.33 58.60
C HIS K 405 -62.04 67.87 58.27
N GLY K 406 -61.20 68.76 57.76
CA GLY K 406 -59.77 68.49 57.68
C GLY K 406 -59.06 68.60 59.01
N MET K 407 -59.62 69.37 59.95
CA MET K 407 -59.11 69.36 61.31
C MET K 407 -59.48 68.05 62.01
N LEU K 408 -60.70 67.59 61.80
CA LEU K 408 -61.08 66.28 62.30
C LEU K 408 -60.27 65.18 61.62
N SER K 409 -59.97 65.36 60.34
CA SER K 409 -59.23 64.35 59.61
C SER K 409 -57.79 64.29 60.08
N ALA K 410 -57.09 65.42 60.05
CA ALA K 410 -55.70 65.46 60.51
C ALA K 410 -55.59 65.06 61.97
N ALA K 411 -56.55 65.47 62.80
CA ALA K 411 -56.56 65.01 64.18
C ALA K 411 -56.85 63.51 64.27
N ALA K 412 -57.52 62.95 63.25
CA ALA K 412 -57.84 61.53 63.26
C ALA K 412 -56.69 60.66 62.79
N SER K 413 -55.81 61.18 61.94
CA SER K 413 -54.68 60.39 61.47
C SER K 413 -53.67 60.08 62.57
N LEU K 414 -53.70 60.83 63.67
CA LEU K 414 -52.74 60.60 64.75
C LEU K 414 -52.90 59.21 65.35
N GLY K 415 -54.14 58.75 65.56
CA GLY K 415 -54.34 57.41 66.07
C GLY K 415 -53.80 56.35 65.12
N MET K 416 -53.97 56.56 63.82
CA MET K 416 -53.30 55.69 62.86
C MET K 416 -51.78 55.75 63.04
N ILE K 417 -51.27 56.93 63.39
CA ILE K 417 -49.83 57.07 63.64
C ILE K 417 -49.40 56.18 64.80
N LEU K 418 -50.07 56.33 65.94
CA LEU K 418 -49.79 55.52 67.12
C LEU K 418 -50.89 54.46 67.24
N LEU K 419 -50.73 53.38 66.48
CA LEU K 419 -51.66 52.27 66.51
C LEU K 419 -51.02 51.09 67.24
N TRP K 420 -51.86 50.33 67.94
CA TRP K 420 -51.39 49.24 68.79
C TRP K 420 -50.49 49.79 69.90
N ASP K 421 -50.94 50.86 70.54
CA ASP K 421 -50.17 51.54 71.57
C ASP K 421 -51.02 51.74 72.82
N VAL K 422 -50.37 51.65 73.98
CA VAL K 422 -51.06 51.90 75.24
C VAL K 422 -50.19 52.81 76.11
N ASP K 423 -48.92 52.97 75.74
CA ASP K 423 -47.98 53.62 76.62
C ASP K 423 -48.09 55.14 76.57
N GLY K 424 -48.11 55.72 75.37
CA GLY K 424 -48.04 57.16 75.26
C GLY K 424 -48.96 57.75 74.20
N GLY K 425 -49.87 56.92 73.69
CA GLY K 425 -50.83 57.41 72.70
C GLY K 425 -51.67 58.57 73.22
N LEU K 426 -52.06 58.51 74.49
CA LEU K 426 -52.78 59.63 75.09
C LEU K 426 -51.85 60.81 75.36
N THR K 427 -50.60 60.53 75.72
CA THR K 427 -49.63 61.61 75.94
C THR K 427 -49.39 62.40 74.67
N GLN K 428 -49.49 61.76 73.50
CA GLN K 428 -49.38 62.49 72.26
C GLN K 428 -50.62 63.31 71.97
N ILE K 429 -51.80 62.77 72.31
CA ILE K 429 -53.05 63.46 72.00
C ILE K 429 -53.25 64.67 72.89
N ASP K 430 -52.73 64.62 74.13
CA ASP K 430 -52.99 65.68 75.10
C ASP K 430 -52.44 67.03 74.66
N LYS K 431 -51.23 67.05 74.10
CA LYS K 431 -50.66 68.31 73.65
C LYS K 431 -51.47 68.93 72.51
N TYR K 432 -51.84 68.12 71.52
CA TYR K 432 -52.63 68.59 70.38
C TYR K 432 -54.12 68.61 70.68
N LEU K 433 -54.51 68.43 71.95
CA LEU K 433 -55.91 68.44 72.34
C LEU K 433 -56.39 69.80 72.80
N TYR K 434 -55.56 70.56 73.51
CA TYR K 434 -55.97 71.84 74.09
C TYR K 434 -55.82 72.92 73.02
N SER K 435 -56.79 72.96 72.10
CA SER K 435 -56.75 74.02 71.08
C SER K 435 -58.11 74.68 70.87
N SER K 436 -59.12 74.39 71.69
CA SER K 436 -60.45 74.94 71.51
C SER K 436 -61.02 74.55 70.15
N GLU K 437 -60.97 73.26 69.87
CA GLU K 437 -61.42 72.72 68.59
C GLU K 437 -62.24 71.47 68.82
N ASP K 438 -63.33 71.34 68.07
CA ASP K 438 -64.17 70.15 68.13
C ASP K 438 -63.69 69.05 67.20
N TYR K 439 -63.36 69.40 65.96
CA TYR K 439 -62.84 68.41 65.03
C TYR K 439 -61.50 67.82 65.50
N ILE K 440 -60.64 68.65 66.08
CA ILE K 440 -59.34 68.18 66.53
C ILE K 440 -59.48 67.27 67.75
N LYS K 441 -60.25 67.72 68.75
CA LYS K 441 -60.43 66.93 69.96
C LYS K 441 -61.16 65.63 69.66
N SER K 442 -62.32 65.71 69.02
CA SER K 442 -63.08 64.52 68.67
C SER K 442 -62.36 63.63 67.65
N GLY K 443 -61.39 64.17 66.92
CA GLY K 443 -60.63 63.34 66.01
C GLY K 443 -59.48 62.61 66.67
N ALA K 444 -58.69 63.32 67.49
CA ALA K 444 -57.60 62.67 68.19
C ALA K 444 -58.10 61.71 69.26
N LEU K 445 -59.10 62.14 70.03
CA LEU K 445 -59.70 61.25 71.02
C LEU K 445 -60.33 60.01 70.39
N LEU K 446 -61.09 60.19 69.32
CA LEU K 446 -61.57 59.04 68.54
C LEU K 446 -60.40 58.18 68.08
N ALA K 447 -59.29 58.81 67.72
CA ALA K 447 -58.08 58.07 67.38
C ALA K 447 -57.54 57.29 68.56
N CYS K 448 -57.82 57.74 69.80
CA CYS K 448 -57.31 57.05 70.97
C CYS K 448 -57.86 55.63 71.08
N GLY K 449 -59.18 55.48 70.91
CA GLY K 449 -59.76 54.15 70.82
C GLY K 449 -59.14 53.30 69.73
N ILE K 450 -58.76 53.92 68.62
CA ILE K 450 -57.93 53.23 67.64
C ILE K 450 -56.61 52.80 68.26
N VAL K 451 -56.08 53.61 69.18
CA VAL K 451 -54.77 53.33 69.75
C VAL K 451 -54.84 52.13 70.69
N ASN K 452 -55.87 52.05 71.51
CA ASN K 452 -56.03 50.97 72.48
C ASN K 452 -56.88 49.82 71.96
N SER K 453 -57.17 49.79 70.67
CA SER K 453 -58.04 48.76 70.12
C SER K 453 -57.42 47.38 70.29
N GLY K 454 -58.24 46.43 70.75
CA GLY K 454 -57.78 45.10 71.06
C GLY K 454 -56.88 45.00 72.27
N VAL K 455 -56.60 46.12 72.95
CA VAL K 455 -55.69 46.08 74.09
C VAL K 455 -56.39 45.52 75.32
N ARG K 456 -57.46 46.19 75.76
CA ARG K 456 -58.23 45.86 76.96
C ARG K 456 -57.47 46.22 78.24
N ASN K 457 -56.23 46.65 78.12
CA ASN K 457 -55.55 47.31 79.23
C ASN K 457 -56.28 48.62 79.46
N GLU K 458 -56.24 49.15 80.68
CA GLU K 458 -56.97 50.39 80.94
C GLU K 458 -56.35 51.54 80.16
N CYS K 459 -57.09 52.04 79.16
CA CYS K 459 -56.71 53.25 78.45
C CYS K 459 -57.80 54.31 78.58
N ASP K 460 -59.04 53.96 78.31
CA ASP K 460 -60.17 54.84 78.56
C ASP K 460 -61.48 54.06 78.51
N PRO K 461 -61.71 53.14 79.45
CA PRO K 461 -63.02 52.48 79.51
C PRO K 461 -64.16 53.47 79.72
N ALA K 462 -63.94 54.50 80.53
CA ALA K 462 -64.86 55.63 80.64
C ALA K 462 -64.11 56.95 80.76
N LEU K 463 -62.80 56.95 80.55
CA LEU K 463 -62.00 58.14 80.83
C LEU K 463 -62.01 59.12 79.66
N ALA K 464 -61.50 58.70 78.51
CA ALA K 464 -61.19 59.64 77.43
C ALA K 464 -62.41 59.96 76.58
N LEU K 465 -63.00 58.95 75.94
CA LEU K 465 -64.10 59.20 75.02
C LEU K 465 -65.44 59.34 75.72
N LEU K 466 -65.56 58.84 76.95
CA LEU K 466 -66.75 59.15 77.73
C LEU K 466 -66.75 60.63 78.11
N SER K 467 -65.63 61.11 78.65
CA SER K 467 -65.48 62.54 78.88
C SER K 467 -65.60 63.34 77.59
N ASP K 468 -65.21 62.76 76.46
CA ASP K 468 -65.43 63.41 75.17
C ASP K 468 -66.92 63.51 74.88
N TYR K 469 -67.68 62.46 75.19
CA TYR K 469 -69.10 62.46 74.87
C TYR K 469 -69.89 63.34 75.85
N VAL K 470 -69.37 63.58 77.04
CA VAL K 470 -70.16 64.30 78.05
C VAL K 470 -70.19 65.80 77.75
N LEU K 471 -69.53 66.21 76.67
CA LEU K 471 -69.70 67.57 76.15
C LEU K 471 -70.12 67.43 74.68
N HIS K 472 -71.44 67.33 74.45
CA HIS K 472 -71.96 66.95 73.16
C HIS K 472 -73.19 67.74 72.74
N ASN K 473 -73.26 69.01 73.11
CA ASN K 473 -74.38 69.89 72.75
C ASN K 473 -74.43 70.27 71.28
N SER K 474 -73.60 69.63 70.47
CA SER K 474 -73.08 70.23 69.25
C SER K 474 -72.55 69.21 68.27
N ASN K 475 -71.52 69.64 67.55
CA ASN K 475 -70.79 69.00 66.46
C ASN K 475 -70.10 67.71 66.94
N THR K 476 -69.06 67.28 66.23
CA THR K 476 -68.39 66.00 66.47
C THR K 476 -67.94 65.74 67.90
N MET K 477 -68.03 66.72 68.80
CA MET K 477 -68.14 66.37 70.21
C MET K 477 -69.28 65.38 70.41
N ARG K 478 -70.49 65.77 69.98
CA ARG K 478 -71.62 64.85 69.96
C ARG K 478 -71.41 63.73 68.95
N LEU K 479 -70.83 64.03 67.79
CA LEU K 479 -70.81 63.06 66.68
C LEU K 479 -69.72 62.00 66.86
N GLY K 480 -68.46 62.39 66.79
CA GLY K 480 -67.36 61.46 66.75
C GLY K 480 -66.89 60.93 68.09
N SER K 481 -67.43 61.44 69.19
CA SER K 481 -67.03 60.92 70.49
C SER K 481 -67.48 59.48 70.69
N ILE K 482 -68.59 59.08 70.09
CA ILE K 482 -69.11 57.73 70.26
C ILE K 482 -68.49 56.71 69.30
N PHE K 483 -67.72 57.17 68.31
CA PHE K 483 -67.16 56.26 67.32
C PHE K 483 -65.92 55.55 67.85
N GLY K 484 -65.02 56.28 68.50
CA GLY K 484 -63.75 55.70 68.88
C GLY K 484 -63.87 54.62 69.94
N LEU K 485 -64.85 54.74 70.83
CA LEU K 485 -64.99 53.75 71.88
C LEU K 485 -65.62 52.48 71.35
N GLY K 486 -66.50 52.60 70.34
CA GLY K 486 -67.01 51.42 69.66
C GLY K 486 -65.96 50.76 68.81
N LEU K 487 -65.08 51.53 68.18
CA LEU K 487 -63.97 50.97 67.43
C LEU K 487 -63.01 50.22 68.36
N ALA K 488 -62.58 50.87 69.44
CA ALA K 488 -61.70 50.22 70.40
C ALA K 488 -62.35 49.00 71.05
N TYR K 489 -63.64 49.07 71.34
CA TYR K 489 -64.35 48.02 72.06
C TYR K 489 -65.21 47.18 71.14
N ALA K 490 -64.81 47.09 69.86
CA ALA K 490 -65.47 46.16 68.95
C ALA K 490 -65.02 44.73 69.17
N GLY K 491 -63.71 44.51 69.32
CA GLY K 491 -63.20 43.19 69.61
C GLY K 491 -63.62 42.71 70.98
N SER K 492 -63.69 43.63 71.94
CA SER K 492 -64.15 43.31 73.29
C SER K 492 -65.58 43.77 73.48
N ASN K 493 -66.52 42.84 73.45
CA ASN K 493 -67.94 43.17 73.52
C ASN K 493 -68.38 43.45 74.96
N ARG K 494 -67.89 44.54 75.54
CA ARG K 494 -68.41 44.98 76.83
C ARG K 494 -69.75 45.67 76.63
N GLU K 495 -70.73 45.27 77.44
CA GLU K 495 -72.08 45.79 77.28
C GLU K 495 -72.33 47.06 78.08
N ASP K 496 -71.53 47.31 79.13
CA ASP K 496 -71.82 48.44 80.00
C ASP K 496 -71.67 49.78 79.28
N VAL K 497 -70.48 50.07 78.75
CA VAL K 497 -70.28 51.34 78.06
C VAL K 497 -71.16 51.45 76.83
N LEU K 498 -71.48 50.33 76.17
CA LEU K 498 -72.47 50.36 75.11
C LEU K 498 -73.82 50.82 75.63
N THR K 499 -74.18 50.41 76.84
CA THR K 499 -75.37 50.96 77.48
C THR K 499 -75.18 52.42 77.87
N LEU K 500 -73.93 52.85 78.08
CA LEU K 500 -73.68 54.27 78.28
C LEU K 500 -73.97 55.08 77.03
N LEU K 501 -73.67 54.52 75.85
CA LEU K 501 -73.88 55.21 74.60
C LEU K 501 -75.13 54.76 73.86
N LEU K 502 -76.01 54.01 74.52
CA LEU K 502 -77.32 53.72 73.97
C LEU K 502 -78.21 54.95 74.08
N PRO K 503 -78.17 55.70 75.19
CA PRO K 503 -78.81 57.04 75.20
C PRO K 503 -78.30 57.99 74.12
N VAL K 504 -77.19 57.70 73.44
CA VAL K 504 -76.83 58.48 72.27
C VAL K 504 -77.91 58.36 71.20
N MET K 505 -78.40 57.14 70.99
CA MET K 505 -79.48 56.93 70.04
C MET K 505 -80.84 57.24 70.67
N GLY K 506 -80.99 56.92 71.95
CA GLY K 506 -82.22 57.18 72.66
C GLY K 506 -82.45 58.63 73.03
N ASP K 507 -81.50 59.51 72.71
CA ASP K 507 -81.64 60.92 73.04
C ASP K 507 -82.72 61.58 72.19
N SER K 508 -82.81 61.21 70.92
CA SER K 508 -83.71 61.82 69.94
C SER K 508 -83.31 63.26 69.62
N LYS K 509 -82.15 63.69 70.08
CA LYS K 509 -81.61 64.99 69.71
C LYS K 509 -81.18 64.96 68.25
N SER K 510 -81.21 66.12 67.59
CA SER K 510 -80.88 66.21 66.17
C SER K 510 -79.50 65.63 65.88
N SER K 511 -79.48 64.51 65.16
CA SER K 511 -78.26 63.77 64.88
C SER K 511 -78.22 63.41 63.40
N MET K 512 -78.40 64.42 62.54
CA MET K 512 -78.50 64.28 61.09
C MET K 512 -77.49 63.30 60.50
N GLU K 513 -76.21 63.59 60.68
CA GLU K 513 -75.16 62.63 60.36
C GLU K 513 -74.50 62.07 61.62
N VAL K 514 -75.14 62.24 62.78
CA VAL K 514 -74.61 61.78 64.05
C VAL K 514 -75.30 60.51 64.51
N ALA K 515 -76.57 60.33 64.15
CA ALA K 515 -77.32 59.17 64.61
C ALA K 515 -76.94 57.91 63.84
N GLY K 516 -76.79 58.00 62.52
CA GLY K 516 -76.39 56.82 61.75
C GLY K 516 -75.04 56.29 62.18
N VAL K 517 -74.04 57.17 62.25
CA VAL K 517 -72.76 56.77 62.81
C VAL K 517 -72.81 56.48 64.30
N THR K 518 -73.88 56.91 64.97
CA THR K 518 -74.09 56.50 66.35
C THR K 518 -74.42 55.01 66.44
N ALA K 519 -75.45 54.57 65.71
CA ALA K 519 -75.76 53.15 65.64
C ALA K 519 -74.60 52.37 65.04
N LEU K 520 -73.84 52.98 64.15
CA LEU K 520 -72.65 52.31 63.61
C LEU K 520 -71.59 52.13 64.69
N ALA K 521 -71.41 53.14 65.56
CA ALA K 521 -70.32 53.10 66.52
C ALA K 521 -70.66 52.20 67.71
N CYS K 522 -71.80 52.45 68.36
CA CYS K 522 -72.25 51.52 69.40
C CYS K 522 -72.45 50.13 68.83
N GLY K 523 -72.88 50.03 67.57
CA GLY K 523 -72.89 48.75 66.89
C GLY K 523 -71.51 48.15 66.79
N MET K 524 -70.47 48.98 66.70
CA MET K 524 -69.11 48.44 66.71
C MET K 524 -68.81 47.71 68.00
N ILE K 525 -69.25 48.24 69.14
CA ILE K 525 -69.18 47.47 70.37
C ILE K 525 -70.05 46.23 70.28
N ALA K 526 -71.36 46.40 70.13
CA ALA K 526 -72.25 45.25 70.04
C ALA K 526 -73.45 45.52 69.15
N VAL K 527 -73.35 45.15 67.90
CA VAL K 527 -74.49 45.06 67.02
C VAL K 527 -74.59 43.61 66.58
N GLY K 528 -75.57 43.29 65.73
CA GLY K 528 -75.62 41.97 65.14
C GLY K 528 -76.36 41.08 66.11
N SER K 529 -77.59 40.74 65.70
CA SER K 529 -78.56 40.09 66.59
C SER K 529 -78.56 41.01 67.84
N CYS K 530 -78.45 42.32 67.57
CA CYS K 530 -78.41 43.36 68.56
C CYS K 530 -79.69 43.34 69.33
N ASN K 531 -79.57 43.06 70.61
CA ASN K 531 -80.75 43.01 71.46
C ASN K 531 -81.26 44.39 71.84
N GLY K 532 -80.36 45.28 72.23
CA GLY K 532 -80.76 46.59 72.70
C GLY K 532 -80.58 47.71 71.71
N ASP K 533 -79.48 47.69 70.95
CA ASP K 533 -79.18 48.82 70.09
C ASP K 533 -80.04 48.82 68.83
N VAL K 534 -80.33 47.63 68.28
CA VAL K 534 -81.36 47.55 67.24
C VAL K 534 -82.67 48.10 67.76
N THR K 535 -82.96 47.88 69.04
CA THR K 535 -84.16 48.45 69.63
C THR K 535 -84.13 49.97 69.59
N SER K 536 -83.16 50.56 70.31
CA SER K 536 -83.09 52.01 70.44
C SER K 536 -82.95 52.70 69.10
N THR K 537 -82.25 52.08 68.15
CA THR K 537 -82.16 52.67 66.81
C THR K 537 -83.52 52.73 66.13
N ILE K 538 -84.11 51.58 65.84
CA ILE K 538 -85.30 51.56 64.99
C ILE K 538 -86.56 52.03 65.70
N LEU K 539 -86.50 52.20 67.02
CA LEU K 539 -87.49 53.04 67.67
C LEU K 539 -87.44 54.45 67.10
N GLN K 540 -86.26 55.05 67.09
CA GLN K 540 -86.09 56.36 66.49
C GLN K 540 -86.25 56.32 64.98
N THR K 541 -86.10 55.14 64.39
CA THR K 541 -86.36 55.00 62.95
C THR K 541 -87.85 55.09 62.68
N ILE K 542 -88.66 54.36 63.44
CA ILE K 542 -90.11 54.43 63.30
C ILE K 542 -90.62 55.80 63.73
N MET K 543 -89.85 56.51 64.55
CA MET K 543 -90.27 57.85 64.95
C MET K 543 -89.96 58.89 63.88
N GLU K 544 -88.72 58.93 63.38
CA GLU K 544 -88.30 59.98 62.47
C GLU K 544 -88.23 59.52 61.02
N LYS K 545 -87.49 58.45 60.75
CA LYS K 545 -87.31 58.02 59.36
C LYS K 545 -88.60 57.49 58.78
N SER K 546 -89.55 57.09 59.64
CA SER K 546 -90.89 56.73 59.19
C SER K 546 -91.53 57.91 58.48
N GLU K 547 -91.17 59.13 58.87
CA GLU K 547 -91.71 60.35 58.30
C GLU K 547 -90.74 61.12 57.42
N THR K 548 -89.48 60.73 57.36
CA THR K 548 -88.54 61.35 56.42
C THR K 548 -87.38 60.40 56.17
N GLU K 549 -87.13 60.11 54.89
CA GLU K 549 -85.96 59.34 54.48
C GLU K 549 -85.59 59.79 53.07
N LEU K 550 -84.52 60.56 52.95
CA LEU K 550 -84.13 61.11 51.65
C LEU K 550 -82.73 60.65 51.24
N LYS K 551 -81.75 60.85 52.11
CA LYS K 551 -80.37 60.51 51.80
C LYS K 551 -79.93 59.28 52.59
N ASP K 552 -78.77 58.75 52.21
CA ASP K 552 -78.25 57.53 52.81
C ASP K 552 -77.65 57.75 54.19
N THR K 553 -77.56 58.99 54.65
CA THR K 553 -77.15 59.23 56.03
C THR K 553 -78.16 58.68 57.01
N TYR K 554 -79.45 58.78 56.71
CA TYR K 554 -80.50 58.16 57.51
C TYR K 554 -80.61 56.67 57.23
N ALA K 555 -80.98 56.32 56.00
CA ALA K 555 -81.36 54.96 55.66
C ALA K 555 -80.17 54.00 55.63
N ARG K 556 -79.00 54.49 55.25
CA ARG K 556 -77.89 53.60 54.94
C ARG K 556 -77.07 53.25 56.17
N TRP K 557 -77.43 53.79 57.33
CA TRP K 557 -76.61 53.63 58.53
C TRP K 557 -77.34 52.89 59.64
N LEU K 558 -78.66 52.85 59.58
CA LEU K 558 -79.44 52.19 60.63
C LEU K 558 -79.49 50.68 60.47
N PRO K 559 -79.83 50.15 59.29
CA PRO K 559 -79.87 48.68 59.11
C PRO K 559 -78.52 48.01 59.27
N LEU K 560 -77.44 48.72 58.96
CA LEU K 560 -76.10 48.22 59.23
C LEU K 560 -75.96 47.89 60.71
N GLY K 561 -76.43 48.81 61.56
CA GLY K 561 -76.62 48.55 62.98
C GLY K 561 -77.85 47.71 63.29
N LEU K 562 -78.51 47.17 62.27
CA LEU K 562 -79.44 46.07 62.52
C LEU K 562 -78.71 44.74 62.52
N GLY K 563 -78.01 44.42 61.44
CA GLY K 563 -77.39 43.10 61.37
C GLY K 563 -75.96 42.98 60.90
N LEU K 564 -75.07 43.89 61.33
CA LEU K 564 -73.75 43.96 60.73
C LEU K 564 -72.60 43.41 61.58
N ASN K 565 -72.72 43.33 62.90
CA ASN K 565 -71.69 42.64 63.66
C ASN K 565 -71.78 41.16 63.36
N HIS K 566 -72.91 40.55 63.66
CA HIS K 566 -73.04 39.10 63.55
C HIS K 566 -73.31 38.74 62.10
N LEU K 567 -72.29 38.98 61.26
CA LEU K 567 -72.24 38.50 59.90
C LEU K 567 -71.57 37.12 59.81
N GLY K 568 -71.21 36.56 60.96
CA GLY K 568 -70.62 35.24 61.00
C GLY K 568 -71.67 34.20 61.36
N LYS K 569 -72.83 34.68 61.81
CA LYS K 569 -73.94 33.82 62.14
C LYS K 569 -74.73 33.47 60.88
N GLY K 570 -75.51 32.40 60.95
CA GLY K 570 -76.32 31.97 59.83
C GLY K 570 -77.70 31.47 60.25
N GLU K 571 -78.15 31.92 61.43
CA GLU K 571 -79.41 31.41 61.97
C GLU K 571 -80.63 32.04 61.31
N ALA K 572 -80.53 33.31 60.88
CA ALA K 572 -81.59 34.00 60.13
C ALA K 572 -82.81 34.30 61.01
N ILE K 573 -82.61 34.37 62.32
CA ILE K 573 -83.67 34.77 63.23
C ILE K 573 -83.68 36.28 63.45
N GLU K 574 -82.49 36.88 63.55
CA GLU K 574 -82.42 38.31 63.82
C GLU K 574 -82.88 39.15 62.63
N ALA K 575 -82.84 38.59 61.42
CA ALA K 575 -83.56 39.22 60.32
C ALA K 575 -85.04 39.30 60.62
N ILE K 576 -85.58 38.29 61.31
CA ILE K 576 -86.98 38.32 61.71
C ILE K 576 -87.20 39.31 62.83
N LEU K 577 -86.30 39.33 63.83
CA LEU K 577 -86.49 40.22 64.97
C LEU K 577 -86.37 41.68 64.55
N ALA K 578 -85.20 42.07 64.03
CA ALA K 578 -85.00 43.45 63.63
C ALA K 578 -85.85 43.84 62.44
N ALA K 579 -86.01 42.93 61.46
CA ALA K 579 -86.72 43.28 60.24
C ALA K 579 -88.20 43.52 60.48
N LEU K 580 -88.86 42.67 61.26
CA LEU K 580 -90.31 42.79 61.44
C LEU K 580 -90.71 44.03 62.21
N GLU K 581 -89.77 44.68 62.90
CA GLU K 581 -90.12 45.90 63.61
C GLU K 581 -90.13 47.11 62.69
N VAL K 582 -89.64 46.95 61.45
CA VAL K 582 -89.57 48.05 60.50
C VAL K 582 -90.21 47.64 59.18
N VAL K 583 -91.22 46.76 59.23
CA VAL K 583 -91.86 46.25 58.03
C VAL K 583 -92.95 47.23 57.63
N SER K 584 -92.56 48.27 56.91
CA SER K 584 -93.50 49.35 56.59
C SER K 584 -93.68 49.55 55.09
N GLU K 585 -92.60 49.85 54.38
CA GLU K 585 -92.64 50.40 53.04
C GLU K 585 -91.33 50.12 52.31
N PRO K 586 -91.20 50.51 51.04
CA PRO K 586 -89.97 50.17 50.30
C PRO K 586 -88.72 50.89 50.80
N PHE K 587 -88.80 52.19 51.08
CA PHE K 587 -87.61 52.92 51.50
C PHE K 587 -87.11 52.49 52.88
N ARG K 588 -88.01 52.34 53.85
CA ARG K 588 -87.64 51.71 55.12
C ARG K 588 -87.42 50.20 54.98
N SER K 589 -87.78 49.64 53.83
CA SER K 589 -87.57 48.23 53.52
C SER K 589 -86.29 48.01 52.73
N PHE K 590 -85.52 49.07 52.49
CA PHE K 590 -84.17 48.90 51.97
C PHE K 590 -83.32 48.06 52.90
N ALA K 591 -83.63 48.08 54.20
CA ALA K 591 -83.00 47.22 55.18
C ALA K 591 -83.40 45.76 55.03
N ASN K 592 -84.40 45.45 54.20
CA ASN K 592 -84.87 44.08 54.05
C ASN K 592 -83.75 43.17 53.54
N THR K 593 -82.94 43.68 52.63
CA THR K 593 -81.84 42.90 52.08
C THR K 593 -80.56 42.99 52.91
N LEU K 594 -80.57 43.72 54.03
CA LEU K 594 -79.36 43.83 54.84
C LEU K 594 -79.16 42.57 55.68
N VAL K 595 -80.04 42.33 56.65
CA VAL K 595 -79.85 41.24 57.59
C VAL K 595 -80.23 39.90 56.98
N ASP K 596 -80.86 39.91 55.80
CA ASP K 596 -81.14 38.67 55.08
C ASP K 596 -79.87 37.89 54.84
N VAL K 597 -78.90 38.50 54.17
CA VAL K 597 -77.63 37.86 53.85
C VAL K 597 -76.52 38.27 54.82
N CYS K 598 -76.74 39.28 55.66
CA CYS K 598 -75.77 39.56 56.73
C CYS K 598 -75.71 38.43 57.75
N ALA K 599 -76.64 37.48 57.71
CA ALA K 599 -76.40 36.18 58.33
C ALA K 599 -75.99 35.13 57.31
N TYR K 600 -75.59 35.54 56.11
CA TYR K 600 -75.23 34.62 55.03
C TYR K 600 -73.86 34.95 54.46
N ALA K 601 -72.84 35.10 55.31
CA ALA K 601 -71.55 35.58 54.86
C ALA K 601 -70.94 34.65 53.81
N GLY K 602 -70.55 33.45 54.21
CA GLY K 602 -69.98 32.49 53.29
C GLY K 602 -70.40 31.09 53.64
N SER K 603 -70.99 30.39 52.67
CA SER K 603 -71.47 29.02 52.84
C SER K 603 -72.06 28.54 51.53
N GLY K 604 -72.61 27.34 51.55
CA GLY K 604 -73.25 26.81 50.36
C GLY K 604 -74.74 27.09 50.32
N ASN K 605 -75.12 28.16 49.62
CA ASN K 605 -76.53 28.44 49.32
C ASN K 605 -76.76 29.09 47.95
N VAL K 606 -76.21 28.51 46.88
CA VAL K 606 -76.45 29.01 45.52
C VAL K 606 -77.92 29.21 45.22
N LEU K 607 -78.81 28.41 45.83
CA LEU K 607 -80.23 28.74 45.78
C LEU K 607 -80.51 30.10 46.43
N LYS K 608 -79.75 30.46 47.46
CA LYS K 608 -79.85 31.82 47.98
C LYS K 608 -79.28 32.82 47.00
N VAL K 609 -78.34 32.39 46.15
CA VAL K 609 -77.82 33.31 45.15
C VAL K 609 -78.85 33.56 44.06
N GLN K 610 -79.54 32.52 43.60
CA GLN K 610 -80.56 32.71 42.58
C GLN K 610 -81.74 33.51 43.13
N GLN K 611 -82.03 33.38 44.42
CA GLN K 611 -82.94 34.33 45.06
C GLN K 611 -82.24 35.65 45.34
N LEU K 612 -80.95 35.75 45.06
CA LEU K 612 -80.20 36.99 45.19
C LEU K 612 -80.11 37.76 43.88
N LEU K 613 -80.44 37.14 42.74
CA LEU K 613 -80.46 37.87 41.48
C LEU K 613 -81.83 37.86 40.80
N HIS K 614 -82.49 36.70 40.76
CA HIS K 614 -83.66 36.54 39.93
C HIS K 614 -84.84 37.39 40.38
N ILE K 615 -84.95 37.70 41.67
CA ILE K 615 -86.07 38.50 42.16
C ILE K 615 -86.00 39.92 41.62
N CYS K 616 -84.84 40.56 41.75
CA CYS K 616 -84.66 41.95 41.33
C CYS K 616 -83.40 42.04 40.46
N SER K 617 -83.60 41.89 39.15
CA SER K 617 -82.45 41.89 38.26
C SER K 617 -82.19 43.26 37.65
N GLU K 618 -83.09 43.72 36.77
CA GLU K 618 -83.05 45.10 36.28
C GLU K 618 -84.35 45.86 36.53
N HIS K 619 -85.45 45.41 35.91
CA HIS K 619 -86.83 45.77 36.19
C HIS K 619 -87.25 47.20 35.87
N PHE K 620 -86.27 48.10 35.67
CA PHE K 620 -86.44 49.48 35.18
C PHE K 620 -87.72 50.16 35.65
N ASP K 621 -87.86 50.32 36.96
CA ASP K 621 -89.11 50.88 37.46
C ASP K 621 -88.99 52.39 37.60
N SER K 622 -88.12 53.01 36.79
CA SER K 622 -87.96 54.46 36.76
C SER K 622 -87.49 55.00 38.10
N LYS K 623 -86.42 54.42 38.63
CA LYS K 623 -85.75 54.96 39.81
C LYS K 623 -86.65 54.94 41.06
N GLU K 624 -87.12 53.75 41.41
CA GLU K 624 -87.81 53.57 42.68
C GLU K 624 -87.06 52.60 43.60
N LYS K 625 -86.75 51.40 43.14
CA LYS K 625 -86.01 50.43 43.93
C LYS K 625 -84.65 50.13 43.31
N GLU K 626 -84.12 51.07 42.52
CA GLU K 626 -82.79 50.91 41.96
C GLU K 626 -81.75 50.74 43.05
N GLU K 627 -81.89 51.48 44.15
CA GLU K 627 -81.03 51.25 45.31
C GLU K 627 -81.29 49.88 45.92
N ASP K 628 -82.54 49.42 45.87
CA ASP K 628 -82.86 48.09 46.38
C ASP K 628 -82.08 47.01 45.63
N LYS K 629 -82.01 47.12 44.30
CA LYS K 629 -81.23 46.16 43.52
C LYS K 629 -79.73 46.41 43.64
N ASP K 630 -79.32 47.66 43.86
CA ASP K 630 -77.91 47.94 44.11
C ASP K 630 -77.43 47.25 45.37
N LYS K 631 -78.23 47.31 46.44
CA LYS K 631 -77.87 46.63 47.68
C LYS K 631 -78.05 45.13 47.56
N LYS K 632 -79.07 44.67 46.81
CA LYS K 632 -79.21 43.25 46.57
C LYS K 632 -77.98 42.69 45.88
N GLU K 633 -77.42 43.44 44.92
CA GLU K 633 -76.14 43.06 44.34
C GLU K 633 -75.01 43.24 45.34
N LYS K 634 -75.15 44.19 46.27
CA LYS K 634 -74.17 44.31 47.34
C LYS K 634 -74.09 43.03 48.16
N LYS K 635 -75.21 42.38 48.39
CA LYS K 635 -75.24 41.11 49.09
C LYS K 635 -74.82 39.95 48.19
N ASP K 636 -74.69 40.20 46.88
CA ASP K 636 -74.02 39.27 45.99
C ASP K 636 -72.51 39.30 46.19
N LYS K 637 -72.01 40.26 46.95
CA LYS K 637 -70.58 40.45 47.13
C LYS K 637 -70.03 39.50 48.19
N ASP K 638 -70.70 39.40 49.34
CA ASP K 638 -70.43 38.26 50.19
C ASP K 638 -71.11 37.03 49.60
N LYS K 639 -70.82 35.86 50.18
CA LYS K 639 -71.16 34.57 49.61
C LYS K 639 -70.39 34.33 48.31
N LYS K 640 -69.29 35.04 48.13
CA LYS K 640 -68.41 34.90 47.00
C LYS K 640 -66.93 34.85 47.39
N GLU K 641 -66.55 35.37 48.54
CA GLU K 641 -65.17 35.28 49.02
C GLU K 641 -64.90 34.01 49.81
N ALA K 642 -65.85 33.56 50.62
CA ALA K 642 -65.66 32.31 51.33
C ALA K 642 -66.77 31.29 51.07
N PRO K 643 -67.14 31.03 49.80
CA PRO K 643 -67.65 29.69 49.47
C PRO K 643 -66.51 28.78 49.07
N ALA K 644 -65.29 29.20 49.38
CA ALA K 644 -64.09 28.44 49.02
C ALA K 644 -63.96 28.30 47.51
N ASP K 645 -63.82 29.43 46.81
CA ASP K 645 -63.54 29.49 45.39
C ASP K 645 -64.77 29.15 44.54
N MET K 646 -65.85 28.76 45.19
CA MET K 646 -67.06 28.42 44.46
C MET K 646 -67.73 29.67 43.88
N GLY K 647 -67.93 30.69 44.70
CA GLY K 647 -68.60 31.89 44.24
C GLY K 647 -67.71 32.82 43.45
N ALA K 648 -66.39 32.66 43.56
CA ALA K 648 -65.48 33.60 42.92
C ALA K 648 -65.55 33.52 41.40
N HIS K 649 -65.34 32.32 40.84
CA HIS K 649 -65.32 32.16 39.40
C HIS K 649 -66.66 32.53 38.77
N GLN K 650 -67.76 32.23 39.46
CA GLN K 650 -69.07 32.54 38.90
C GLN K 650 -69.41 34.02 39.07
N GLY K 651 -68.85 34.65 40.10
CA GLY K 651 -69.05 36.09 40.26
C GLY K 651 -68.26 36.89 39.24
N VAL K 652 -67.05 36.42 38.90
CA VAL K 652 -66.30 37.09 37.85
C VAL K 652 -66.87 36.80 36.49
N ALA K 653 -67.36 35.57 36.27
CA ALA K 653 -68.03 35.28 35.00
C ALA K 653 -69.29 36.10 34.84
N VAL K 654 -70.09 36.21 35.91
CA VAL K 654 -71.36 36.95 35.82
C VAL K 654 -71.10 38.45 35.70
N LEU K 655 -70.33 39.02 36.64
CA LEU K 655 -70.06 40.44 36.60
C LEU K 655 -69.32 40.87 35.33
N GLY K 656 -68.46 40.00 34.80
CA GLY K 656 -67.72 40.33 33.60
C GLY K 656 -68.53 40.29 32.32
N ILE K 657 -69.75 39.78 32.39
CA ILE K 657 -70.60 39.60 31.21
C ILE K 657 -71.84 40.48 31.29
N ALA K 658 -72.51 40.48 32.43
CA ALA K 658 -73.79 41.18 32.53
C ALA K 658 -73.59 42.68 32.67
N LEU K 659 -72.99 43.13 33.77
CA LEU K 659 -73.01 44.54 34.13
C LEU K 659 -72.12 45.38 33.22
N ILE K 660 -70.82 45.08 33.22
CA ILE K 660 -69.87 45.90 32.49
C ILE K 660 -70.10 45.83 30.99
N ALA K 661 -70.65 44.74 30.47
CA ALA K 661 -70.89 44.60 29.05
C ALA K 661 -72.22 45.23 28.64
N MET K 662 -73.31 44.78 29.26
CA MET K 662 -74.65 45.28 28.95
C MET K 662 -75.41 45.46 30.26
N GLY K 663 -75.29 46.63 30.85
CA GLY K 663 -75.81 46.81 32.19
C GLY K 663 -76.57 48.10 32.36
N GLU K 664 -76.82 48.43 33.62
CA GLU K 664 -77.63 49.58 33.99
C GLU K 664 -76.92 50.44 35.03
N GLU K 665 -77.66 51.36 35.64
CA GLU K 665 -77.12 52.15 36.75
C GLU K 665 -76.49 51.28 37.83
N ILE K 666 -77.04 50.09 38.05
CA ILE K 666 -76.52 49.15 39.04
C ILE K 666 -75.06 48.83 38.73
N GLY K 667 -74.75 48.65 37.46
CA GLY K 667 -73.40 48.31 37.05
C GLY K 667 -72.51 49.52 36.85
N ALA K 668 -73.08 50.58 36.30
CA ALA K 668 -72.34 51.81 36.01
C ALA K 668 -72.18 52.71 37.23
N GLU K 669 -72.67 52.31 38.39
CA GLU K 669 -72.61 53.14 39.58
C GLU K 669 -71.97 52.45 40.78
N MET K 670 -72.17 51.14 40.93
CA MET K 670 -71.87 50.46 42.18
C MET K 670 -71.23 49.09 42.02
N ALA K 671 -71.19 48.53 40.82
CA ALA K 671 -70.89 47.12 40.59
C ALA K 671 -69.44 46.74 40.86
N LEU K 672 -68.60 47.64 41.36
CA LEU K 672 -67.20 47.31 41.60
C LEU K 672 -66.91 46.97 43.06
N ARG K 673 -67.80 47.36 43.98
CA ARG K 673 -67.65 46.96 45.37
C ARG K 673 -67.59 45.45 45.55
N THR K 674 -68.12 44.67 44.61
CA THR K 674 -67.92 43.22 44.63
C THR K 674 -66.45 42.88 44.61
N PHE K 675 -65.65 43.71 43.91
CA PHE K 675 -64.20 43.55 43.94
C PHE K 675 -63.59 44.30 45.11
N GLY K 676 -64.26 45.36 45.57
CA GLY K 676 -63.81 46.03 46.78
C GLY K 676 -64.07 45.28 48.06
N HIS K 677 -64.67 44.09 47.97
CA HIS K 677 -64.98 43.26 49.11
C HIS K 677 -64.57 41.82 48.85
N LEU K 678 -64.42 41.48 47.57
CA LEU K 678 -64.21 40.08 47.19
C LEU K 678 -62.75 39.69 47.36
N LEU K 679 -61.85 40.32 46.61
CA LEU K 679 -60.45 39.98 46.70
C LEU K 679 -59.70 41.05 47.48
N ARG K 680 -58.63 40.62 48.14
CA ARG K 680 -57.85 41.53 48.98
C ARG K 680 -56.38 41.35 48.70
N TYR K 681 -56.03 40.40 47.84
CA TYR K 681 -54.64 40.15 47.51
C TYR K 681 -54.29 40.71 46.13
N GLY K 682 -55.19 40.58 45.17
CA GLY K 682 -54.94 41.06 43.84
C GLY K 682 -54.27 40.05 42.93
N GLU K 683 -54.86 39.84 41.76
CA GLU K 683 -54.33 38.96 40.73
C GLU K 683 -54.56 39.64 39.38
N PRO K 684 -53.89 39.16 38.32
CA PRO K 684 -53.97 39.90 37.05
C PRO K 684 -55.37 39.91 36.42
N THR K 685 -56.22 38.94 36.76
CA THR K 685 -57.53 38.86 36.14
C THR K 685 -58.37 40.10 36.43
N LEU K 686 -58.73 40.30 37.71
CA LEU K 686 -59.45 41.51 38.06
C LEU K 686 -58.53 42.72 38.05
N ARG K 687 -57.25 42.52 38.35
CA ARG K 687 -56.30 43.62 38.35
C ARG K 687 -56.20 44.29 36.99
N ARG K 688 -56.47 43.56 35.91
CA ARG K 688 -56.54 44.16 34.59
C ARG K 688 -57.96 44.46 34.15
N ALA K 689 -58.92 43.60 34.49
CA ALA K 689 -60.30 43.82 34.08
C ALA K 689 -60.92 45.06 34.72
N VAL K 690 -60.55 45.37 35.95
CA VAL K 690 -61.11 46.53 36.66
C VAL K 690 -60.67 47.82 35.98
N PRO K 691 -59.37 48.03 35.73
CA PRO K 691 -58.96 49.24 35.01
C PRO K 691 -59.49 49.31 33.59
N LEU K 692 -59.96 48.20 33.03
CA LEU K 692 -60.73 48.24 31.79
C LEU K 692 -62.06 48.96 31.95
N ALA K 693 -62.51 49.15 33.19
CA ALA K 693 -63.65 49.99 33.48
C ALA K 693 -63.27 51.16 34.38
N LEU K 694 -61.98 51.32 34.67
CA LEU K 694 -61.46 52.34 35.58
C LEU K 694 -60.69 53.44 34.88
N ALA K 695 -59.73 53.09 34.02
CA ALA K 695 -59.07 54.11 33.21
C ALA K 695 -60.09 54.83 32.36
N LEU K 696 -61.05 54.10 31.81
CA LEU K 696 -62.25 54.69 31.20
C LEU K 696 -63.24 54.92 32.34
N ILE K 697 -63.21 56.13 32.90
CA ILE K 697 -63.98 56.42 34.10
C ILE K 697 -65.47 56.44 33.82
N SER K 698 -65.86 56.79 32.59
CA SER K 698 -67.27 56.98 32.24
C SER K 698 -67.88 58.08 33.12
N VAL K 699 -67.28 59.26 33.02
CA VAL K 699 -67.54 60.36 33.95
C VAL K 699 -68.92 60.98 33.74
N SER K 700 -69.67 60.48 32.74
CA SER K 700 -71.04 60.91 32.56
C SER K 700 -71.87 60.64 33.81
N ASN K 701 -71.55 59.58 34.54
CA ASN K 701 -72.16 59.29 35.83
C ASN K 701 -71.59 60.24 36.87
N PRO K 702 -71.99 60.09 38.12
CA PRO K 702 -71.19 60.71 39.19
C PRO K 702 -69.84 60.02 39.24
N ARG K 703 -68.93 60.49 38.39
CA ARG K 703 -67.67 59.82 38.08
C ARG K 703 -66.88 59.39 39.30
N LEU K 704 -67.10 60.03 40.46
CA LEU K 704 -66.46 59.60 41.70
C LEU K 704 -66.98 58.26 42.21
N ASN K 705 -67.84 57.58 41.45
CA ASN K 705 -68.09 56.16 41.70
C ASN K 705 -67.00 55.31 41.08
N ILE K 706 -66.66 55.57 39.83
CA ILE K 706 -65.52 54.87 39.23
C ILE K 706 -64.23 55.35 39.88
N LEU K 707 -64.20 56.60 40.35
CA LEU K 707 -63.09 57.06 41.17
C LEU K 707 -63.13 56.47 42.56
N ASP K 708 -64.32 56.20 43.10
CA ASP K 708 -64.42 55.45 44.34
C ASP K 708 -63.80 54.06 44.18
N THR K 709 -64.14 53.39 43.08
CA THR K 709 -63.56 52.10 42.71
C THR K 709 -62.07 52.20 42.45
N LEU K 710 -61.60 53.36 42.00
CA LEU K 710 -60.17 53.63 41.95
C LEU K 710 -59.53 53.38 43.31
N SER K 711 -60.14 53.92 44.37
CA SER K 711 -59.55 53.82 45.70
C SER K 711 -59.44 52.37 46.15
N LYS K 712 -60.56 51.66 46.21
CA LYS K 712 -60.57 50.30 46.71
C LYS K 712 -60.19 49.27 45.65
N PHE K 713 -59.71 49.72 44.49
CA PHE K 713 -59.00 48.80 43.61
C PHE K 713 -57.53 48.71 44.00
N SER K 714 -57.06 49.65 44.83
CA SER K 714 -55.75 49.56 45.45
C SER K 714 -55.77 48.69 46.70
N HIS K 715 -56.74 47.79 46.79
CA HIS K 715 -57.07 47.02 47.97
C HIS K 715 -56.34 45.68 48.02
N ASP K 716 -55.35 45.49 47.16
CA ASP K 716 -54.73 44.20 46.94
C ASP K 716 -53.57 44.00 47.91
N ALA K 717 -52.85 42.88 47.80
CA ALA K 717 -51.82 42.50 48.81
C ALA K 717 -50.75 43.53 49.18
N ASP K 718 -51.14 44.66 49.77
CA ASP K 718 -50.23 45.75 50.11
C ASP K 718 -49.45 46.25 48.89
N PRO K 719 -48.14 45.98 48.83
CA PRO K 719 -47.31 46.42 47.70
C PRO K 719 -47.42 45.51 46.48
N GLU K 720 -47.29 46.09 45.28
CA GLU K 720 -47.38 45.35 44.02
C GLU K 720 -46.78 46.15 42.88
N VAL K 721 -46.81 45.59 41.66
CA VAL K 721 -46.24 46.31 40.53
C VAL K 721 -47.32 47.25 39.97
N SER K 722 -48.44 47.34 40.67
CA SER K 722 -49.56 48.19 40.32
C SER K 722 -49.26 49.67 40.46
N TYR K 723 -48.07 50.05 40.97
CA TYR K 723 -47.71 51.47 40.98
C TYR K 723 -47.65 52.03 39.57
N ASN K 724 -47.37 51.19 38.58
CA ASN K 724 -47.51 51.62 37.19
C ASN K 724 -48.95 52.05 36.91
N SER K 725 -49.90 51.23 37.32
CA SER K 725 -51.30 51.55 37.06
C SER K 725 -51.75 52.79 37.84
N ILE K 726 -51.55 52.79 39.15
CA ILE K 726 -52.00 53.92 39.97
C ILE K 726 -51.28 55.20 39.59
N PHE K 727 -49.98 55.09 39.34
CA PHE K 727 -49.18 56.25 38.96
C PHE K 727 -49.62 56.81 37.61
N ALA K 728 -49.76 55.95 36.60
CA ALA K 728 -50.23 56.42 35.30
C ALA K 728 -51.61 57.03 35.38
N MET K 729 -52.51 56.41 36.15
CA MET K 729 -53.86 56.97 36.29
C MET K 729 -53.84 58.24 37.12
N GLY K 730 -52.77 58.48 37.88
CA GLY K 730 -52.57 59.76 38.51
C GLY K 730 -52.04 60.82 37.56
N MET K 731 -51.26 60.40 36.57
CA MET K 731 -50.80 61.35 35.55
C MET K 731 -51.95 61.75 34.63
N VAL K 732 -52.68 60.77 34.08
CA VAL K 732 -53.86 61.09 33.30
C VAL K 732 -54.96 61.68 34.18
N GLY K 733 -54.92 61.43 35.49
CA GLY K 733 -55.85 62.00 36.43
C GLY K 733 -55.40 63.30 37.05
N SER K 734 -54.27 63.87 36.63
CA SER K 734 -53.86 65.18 37.13
C SER K 734 -54.81 66.27 36.65
N GLY K 735 -54.92 66.45 35.34
CA GLY K 735 -55.87 67.37 34.78
C GLY K 735 -57.26 66.79 34.71
N THR K 736 -57.43 65.72 33.94
CA THR K 736 -58.70 65.01 33.90
C THR K 736 -58.92 64.31 35.23
N ASN K 737 -60.19 64.00 35.52
CA ASN K 737 -60.57 63.46 36.83
C ASN K 737 -60.14 64.44 37.93
N ASN K 738 -60.80 65.60 37.89
CA ASN K 738 -60.35 66.82 38.54
C ASN K 738 -59.92 66.60 39.99
N ALA K 739 -58.88 67.32 40.38
CA ALA K 739 -58.37 67.26 41.75
C ALA K 739 -59.31 67.91 42.75
N ARG K 740 -60.34 68.62 42.29
CA ARG K 740 -61.29 69.23 43.20
C ARG K 740 -62.05 68.19 44.00
N LEU K 741 -62.20 66.98 43.46
CA LEU K 741 -62.87 65.89 44.15
C LEU K 741 -62.08 64.60 44.20
N ALA K 742 -60.96 64.51 43.47
CA ALA K 742 -60.21 63.27 43.42
C ALA K 742 -58.77 63.42 43.91
N ALA K 743 -58.29 64.65 44.12
CA ALA K 743 -56.89 64.86 44.50
C ALA K 743 -56.54 64.13 45.77
N MET K 744 -57.49 64.04 46.72
CA MET K 744 -57.28 63.20 47.88
C MET K 744 -57.40 61.73 47.52
N LEU K 745 -58.22 61.42 46.51
CA LEU K 745 -58.60 60.04 46.24
C LEU K 745 -57.45 59.26 45.59
N ARG K 746 -56.85 59.82 44.54
CA ARG K 746 -55.86 59.06 43.77
C ARG K 746 -54.66 58.69 44.63
N GLN K 747 -54.02 59.68 45.27
CA GLN K 747 -52.95 59.36 46.20
C GLN K 747 -53.45 58.61 47.42
N LEU K 748 -54.72 58.78 47.79
CA LEU K 748 -55.30 57.98 48.86
C LEU K 748 -55.17 56.50 48.56
N ALA K 749 -55.56 56.10 47.35
CA ALA K 749 -55.43 54.70 46.95
C ALA K 749 -53.98 54.34 46.66
N GLN K 750 -53.20 55.30 46.15
CA GLN K 750 -51.79 55.06 45.90
C GLN K 750 -51.07 54.66 47.18
N TYR K 751 -51.43 55.26 48.30
CA TYR K 751 -50.66 55.14 49.52
C TYR K 751 -51.17 54.02 50.41
N HIS K 752 -52.41 53.56 50.20
CA HIS K 752 -53.04 52.53 51.02
C HIS K 752 -52.30 51.21 51.00
N ALA K 753 -51.86 50.77 49.82
CA ALA K 753 -51.05 49.58 49.74
C ALA K 753 -49.74 49.76 50.49
N LYS K 754 -49.10 50.91 50.27
CA LYS K 754 -47.79 51.17 50.85
C LYS K 754 -47.84 52.00 52.12
N ASP K 755 -48.69 51.59 53.06
CA ASP K 755 -48.75 52.33 54.31
C ASP K 755 -47.65 51.97 55.32
N PRO K 756 -47.69 50.84 56.11
CA PRO K 756 -46.42 50.40 56.71
C PRO K 756 -45.71 49.29 55.92
N ASN K 757 -46.19 49.01 54.71
CA ASN K 757 -45.57 48.05 53.79
C ASN K 757 -45.96 46.62 54.17
N ASN K 758 -46.99 46.51 54.99
CA ASN K 758 -47.47 45.23 55.47
C ASN K 758 -48.85 45.42 56.08
N LEU K 759 -49.33 44.42 56.82
CA LEU K 759 -50.49 44.64 57.68
C LEU K 759 -51.75 44.93 56.89
N PHE K 760 -52.19 43.98 56.08
CA PHE K 760 -53.58 43.97 55.63
C PHE K 760 -54.20 42.62 55.98
N MET K 761 -55.03 42.59 57.03
CA MET K 761 -55.81 41.40 57.32
C MET K 761 -57.17 41.83 57.87
N VAL K 762 -58.13 41.96 56.97
CA VAL K 762 -59.54 42.09 57.33
C VAL K 762 -60.36 41.20 56.41
N ARG K 763 -59.74 40.17 55.84
CA ARG K 763 -60.35 39.39 54.77
C ARG K 763 -61.43 38.45 55.24
N LEU K 764 -61.71 38.41 56.54
CA LEU K 764 -62.67 37.47 57.10
C LEU K 764 -62.13 36.06 56.88
N ALA K 765 -60.81 35.96 56.90
CA ALA K 765 -60.12 34.69 56.71
C ALA K 765 -58.94 34.58 57.67
N GLN K 766 -58.76 33.40 58.25
CA GLN K 766 -57.64 33.16 59.16
C GLN K 766 -57.22 31.69 59.14
N GLY K 767 -55.94 31.44 59.38
CA GLY K 767 -55.43 30.08 59.43
C GLY K 767 -55.34 29.53 58.03
N LEU K 768 -56.46 29.12 57.48
CA LEU K 768 -56.53 28.99 56.03
C LEU K 768 -57.79 29.61 55.44
N THR K 769 -58.94 29.39 56.06
CA THR K 769 -60.17 29.86 55.45
C THR K 769 -61.28 30.30 56.40
N HIS K 770 -61.11 30.27 57.72
CA HIS K 770 -62.27 30.58 58.56
C HIS K 770 -62.51 32.08 58.64
N LEU K 771 -63.35 32.50 59.59
CA LEU K 771 -63.91 33.84 59.56
C LEU K 771 -63.37 34.69 60.71
N GLY K 772 -63.72 35.96 60.88
CA GLY K 772 -63.20 36.72 61.99
C GLY K 772 -63.37 38.21 61.84
N LYS K 773 -64.48 38.71 62.36
CA LYS K 773 -64.84 40.13 62.30
C LYS K 773 -64.70 40.61 60.85
N GLY K 774 -63.67 41.41 60.61
CA GLY K 774 -63.38 41.96 59.34
C GLY K 774 -64.58 42.53 58.66
N THR K 775 -65.75 42.64 59.32
CA THR K 775 -66.80 43.21 58.47
C THR K 775 -67.39 44.48 59.05
N LEU K 776 -67.61 44.51 60.38
CA LEU K 776 -68.08 45.70 61.07
C LEU K 776 -67.25 46.94 60.76
N THR K 777 -65.96 46.75 60.51
CA THR K 777 -65.04 47.86 60.39
C THR K 777 -64.70 48.17 58.94
N LEU K 778 -64.64 47.15 58.11
CA LEU K 778 -64.34 47.33 56.70
C LEU K 778 -65.58 47.79 55.93
N CYS K 779 -66.68 47.04 56.07
CA CYS K 779 -67.92 47.22 55.33
C CYS K 779 -68.47 48.65 55.37
N PRO K 780 -68.54 49.30 56.54
CA PRO K 780 -69.11 50.66 56.58
C PRO K 780 -68.42 51.67 55.70
N TYR K 781 -67.16 51.44 55.33
CA TYR K 781 -66.54 52.30 54.32
C TYR K 781 -67.23 52.11 52.96
N HIS K 782 -67.22 50.88 52.45
CA HIS K 782 -67.81 50.59 51.14
C HIS K 782 -69.29 50.93 51.08
N SER K 783 -70.02 50.79 52.19
CA SER K 783 -71.37 51.31 52.23
C SER K 783 -71.37 52.83 52.29
N ASP K 784 -70.35 53.42 52.90
CA ASP K 784 -70.22 54.87 53.03
C ASP K 784 -69.70 55.52 51.75
N ARG K 785 -69.47 54.73 50.70
CA ARG K 785 -68.84 55.27 49.49
C ARG K 785 -69.85 55.43 48.37
N GLN K 786 -71.14 55.76 48.60
CA GLN K 786 -72.10 55.76 47.40
C GLN K 786 -71.73 56.58 46.19
N LEU K 787 -71.54 57.87 46.40
CA LEU K 787 -71.15 58.70 45.30
C LEU K 787 -70.51 60.01 45.63
N MET K 788 -71.22 60.85 46.38
CA MET K 788 -70.78 62.24 46.46
C MET K 788 -70.77 62.69 47.90
N SER K 789 -71.11 63.96 48.16
CA SER K 789 -70.74 64.77 49.33
C SER K 789 -70.79 64.11 50.71
N GLN K 790 -71.14 62.82 50.78
CA GLN K 790 -70.72 61.93 51.87
C GLN K 790 -69.20 61.70 51.86
N VAL K 791 -68.46 62.40 51.01
CA VAL K 791 -67.02 62.51 51.10
C VAL K 791 -66.68 63.92 51.60
N ALA K 792 -67.72 64.71 51.89
CA ALA K 792 -67.52 66.12 52.19
C ALA K 792 -67.62 66.42 53.68
N VAL K 793 -68.74 66.06 54.31
CA VAL K 793 -68.98 66.43 55.70
C VAL K 793 -69.09 65.19 56.58
N ALA K 794 -70.13 64.38 56.35
CA ALA K 794 -70.36 63.20 57.17
C ALA K 794 -69.30 62.14 56.94
N GLY K 795 -68.73 62.10 55.75
CA GLY K 795 -67.82 61.03 55.38
C GLY K 795 -66.48 61.04 56.09
N LEU K 796 -65.92 62.22 56.37
CA LEU K 796 -64.55 62.29 56.86
C LEU K 796 -64.36 61.59 58.20
N LEU K 797 -65.44 61.31 58.94
CA LEU K 797 -65.31 60.53 60.16
C LEU K 797 -65.03 59.06 59.86
N THR K 798 -65.80 58.48 58.95
CA THR K 798 -65.63 57.06 58.63
C THR K 798 -64.46 56.84 57.69
N VAL K 799 -64.45 57.57 56.56
CA VAL K 799 -63.54 57.35 55.44
C VAL K 799 -62.08 57.27 55.87
N LEU K 800 -61.69 57.96 56.93
CA LEU K 800 -60.30 57.89 57.39
C LEU K 800 -60.03 56.61 58.17
N VAL K 801 -60.79 56.37 59.24
CA VAL K 801 -60.53 55.27 60.14
C VAL K 801 -61.72 54.32 60.15
N SER K 802 -62.38 54.19 59.00
CA SER K 802 -63.49 53.25 58.88
C SER K 802 -63.08 51.85 59.31
N PHE K 803 -62.08 51.28 58.66
CA PHE K 803 -61.63 49.92 58.93
C PHE K 803 -60.25 49.97 59.59
N LEU K 804 -60.14 49.38 60.77
CA LEU K 804 -58.87 49.31 61.49
C LEU K 804 -58.75 47.97 62.19
N ASP K 805 -59.42 46.94 61.68
CA ASP K 805 -59.36 45.62 62.27
C ASP K 805 -58.30 44.76 61.58
N VAL K 806 -57.23 45.39 61.12
CA VAL K 806 -56.14 44.65 60.48
C VAL K 806 -55.24 44.08 61.57
N ARG K 807 -55.07 42.76 61.52
CA ARG K 807 -54.24 42.04 62.48
C ARG K 807 -52.86 41.73 61.89
N ASN K 808 -51.97 42.71 61.96
CA ASN K 808 -50.60 42.55 61.47
C ASN K 808 -50.48 42.00 60.05
N ILE K 809 -49.50 41.12 59.85
CA ILE K 809 -49.25 40.50 58.56
C ILE K 809 -48.72 39.07 58.61
N ILE K 810 -47.57 38.87 59.28
CA ILE K 810 -46.71 37.73 58.96
C ILE K 810 -46.59 36.76 60.13
N LEU K 811 -45.86 35.66 59.92
CA LEU K 811 -45.82 34.59 60.91
C LEU K 811 -44.41 34.19 61.31
N GLY K 812 -43.40 34.69 60.61
CA GLY K 812 -42.04 34.31 60.95
C GLY K 812 -41.67 34.77 62.34
N LYS K 813 -41.68 33.82 63.28
CA LYS K 813 -41.50 34.09 64.69
C LYS K 813 -41.19 32.77 65.38
N SER K 814 -40.55 32.87 66.54
CA SER K 814 -40.09 31.67 67.26
C SER K 814 -40.76 31.47 68.60
N HIS K 815 -40.65 32.44 69.51
CA HIS K 815 -41.36 32.44 70.79
C HIS K 815 -41.07 31.22 71.65
N TYR K 816 -39.96 30.52 71.39
CA TYR K 816 -39.41 29.63 72.41
C TYR K 816 -39.21 30.51 73.63
N VAL K 817 -39.54 30.01 74.83
CA VAL K 817 -39.88 30.80 76.02
C VAL K 817 -38.99 32.02 76.21
N LEU K 818 -37.68 31.85 75.98
CA LEU K 818 -36.77 32.99 75.98
C LEU K 818 -37.01 33.93 74.80
N TYR K 819 -37.56 33.44 73.70
CA TYR K 819 -37.71 34.18 72.45
C TYR K 819 -36.35 34.65 71.92
N GLY K 820 -35.56 33.66 71.53
CA GLY K 820 -34.30 33.93 70.87
C GLY K 820 -34.15 33.16 69.57
N LEU K 821 -34.99 32.15 69.38
CA LEU K 821 -34.88 31.26 68.24
C LEU K 821 -35.15 31.99 66.94
N VAL K 822 -34.53 31.49 65.87
CA VAL K 822 -34.78 31.97 64.52
C VAL K 822 -35.08 30.84 63.54
N ALA K 823 -35.76 29.78 63.97
CA ALA K 823 -35.89 28.50 63.28
C ALA K 823 -36.07 28.61 61.77
N ALA K 824 -35.37 27.73 61.03
CA ALA K 824 -35.29 27.79 59.57
C ALA K 824 -36.67 27.54 58.98
N MET K 825 -37.25 28.59 58.42
CA MET K 825 -38.51 28.46 57.69
C MET K 825 -38.23 28.24 56.21
N GLN K 826 -39.28 28.23 55.40
CA GLN K 826 -39.09 28.03 53.98
C GLN K 826 -40.33 28.52 53.22
N PRO K 827 -40.38 29.80 52.87
CA PRO K 827 -41.56 30.37 52.22
C PRO K 827 -41.90 29.71 50.90
N ARG K 828 -43.21 29.60 50.65
CA ARG K 828 -43.73 28.94 49.46
C ARG K 828 -45.09 29.47 49.05
N MET K 829 -45.77 28.75 48.17
CA MET K 829 -47.14 29.04 47.76
C MET K 829 -48.11 28.40 48.75
N LEU K 830 -49.36 28.86 48.71
CA LEU K 830 -50.42 28.27 49.52
C LEU K 830 -50.54 26.78 49.24
N VAL K 831 -50.77 26.00 50.29
CA VAL K 831 -50.95 24.56 50.14
C VAL K 831 -52.20 24.29 49.32
N THR K 832 -52.02 23.71 48.13
CA THR K 832 -53.11 23.45 47.22
C THR K 832 -53.73 22.07 47.38
N PHE K 833 -53.27 21.28 48.36
CA PHE K 833 -53.55 19.85 48.37
C PHE K 833 -54.78 19.55 49.21
N ASP K 834 -55.65 18.68 48.70
CA ASP K 834 -56.77 18.18 49.49
C ASP K 834 -56.70 16.67 49.65
N GLU K 835 -56.54 15.90 48.56
CA GLU K 835 -56.29 14.47 48.66
C GLU K 835 -55.77 13.98 47.32
N GLU K 836 -54.53 13.48 47.30
CA GLU K 836 -54.03 12.80 46.12
C GLU K 836 -53.37 11.47 46.47
N LEU K 837 -52.64 11.44 47.57
CA LEU K 837 -51.90 10.26 48.00
C LEU K 837 -51.34 10.53 49.40
N ARG K 838 -50.46 9.64 49.85
CA ARG K 838 -49.86 9.76 51.18
C ARG K 838 -48.59 10.59 51.18
N PRO K 839 -47.66 10.27 50.26
CA PRO K 839 -46.52 11.13 49.99
C PRO K 839 -46.88 12.26 49.03
N LEU K 840 -47.66 13.22 49.51
CA LEU K 840 -48.10 14.35 48.69
C LEU K 840 -47.54 15.67 49.21
N PRO K 841 -46.84 16.39 48.33
CA PRO K 841 -46.18 17.69 48.53
C PRO K 841 -47.14 18.80 48.95
N VAL K 842 -46.85 19.44 50.07
CA VAL K 842 -47.78 20.41 50.64
C VAL K 842 -47.75 21.74 49.87
N SER K 843 -46.60 22.14 49.34
CA SER K 843 -46.53 23.35 48.54
C SER K 843 -45.59 23.11 47.36
N VAL K 844 -45.46 24.13 46.50
CA VAL K 844 -44.71 23.98 45.26
C VAL K 844 -43.52 24.92 45.20
N ARG K 845 -43.69 26.16 45.67
CA ARG K 845 -42.65 27.17 45.53
C ARG K 845 -41.59 27.00 46.61
N VAL K 846 -40.91 25.86 46.62
CA VAL K 846 -39.96 25.51 47.66
C VAL K 846 -38.67 26.32 47.57
N GLY K 847 -38.51 27.15 46.55
CA GLY K 847 -37.29 27.90 46.33
C GLY K 847 -36.88 28.79 47.49
N GLN K 848 -37.77 29.68 47.91
CA GLN K 848 -37.43 30.62 48.96
C GLN K 848 -37.29 29.90 50.30
N ALA K 849 -36.38 30.39 51.13
CA ALA K 849 -36.14 29.80 52.44
C ALA K 849 -35.70 30.91 53.39
N VAL K 850 -36.50 31.14 54.43
CA VAL K 850 -36.18 32.17 55.42
C VAL K 850 -36.14 31.54 56.81
N ASP K 851 -35.88 32.35 57.82
CA ASP K 851 -35.75 31.83 59.19
C ASP K 851 -36.46 32.71 60.21
N VAL K 852 -36.61 33.99 59.90
CA VAL K 852 -37.06 35.00 60.86
C VAL K 852 -38.23 35.74 60.25
N VAL K 853 -38.70 36.81 60.91
CA VAL K 853 -39.82 37.64 60.49
C VAL K 853 -39.75 37.95 59.00
N GLY K 854 -40.79 37.56 58.26
CA GLY K 854 -40.76 37.64 56.82
C GLY K 854 -42.04 38.19 56.20
N GLN K 855 -42.60 37.44 55.26
CA GLN K 855 -43.79 37.88 54.55
C GLN K 855 -44.79 36.74 54.52
N ALA K 856 -45.95 36.96 55.13
CA ALA K 856 -47.00 35.94 55.12
C ALA K 856 -47.59 35.79 53.73
N GLY K 857 -48.07 36.90 53.16
CA GLY K 857 -48.74 36.85 51.86
C GLY K 857 -50.07 36.14 51.92
N LYS K 858 -50.92 36.32 50.90
CA LYS K 858 -52.24 35.69 50.95
C LYS K 858 -52.15 34.19 50.72
N PRO K 859 -51.65 33.69 49.57
CA PRO K 859 -51.56 32.22 49.38
C PRO K 859 -50.22 31.65 49.85
N LYS K 860 -50.07 31.49 51.16
CA LYS K 860 -48.87 30.89 51.72
C LYS K 860 -49.25 29.97 52.87
N THR K 861 -48.72 28.75 52.87
CA THR K 861 -48.97 27.80 53.95
C THR K 861 -47.64 27.14 54.32
N ILE K 862 -46.63 27.96 54.59
CA ILE K 862 -45.27 27.47 54.80
C ILE K 862 -45.22 26.54 56.02
N THR K 863 -44.36 25.53 55.91
CA THR K 863 -44.15 24.58 56.99
C THR K 863 -42.74 24.65 57.57
N GLY K 864 -41.73 24.48 56.72
CA GLY K 864 -40.37 24.42 57.20
C GLY K 864 -39.84 23.00 57.14
N PHE K 865 -38.65 22.83 57.70
CA PHE K 865 -38.00 21.51 57.68
C PHE K 865 -37.02 21.34 58.83
N GLN K 866 -36.21 20.27 58.76
CA GLN K 866 -35.14 19.97 59.72
C GLN K 866 -35.66 19.40 61.04
N THR K 867 -36.98 19.44 61.23
CA THR K 867 -37.67 19.04 62.45
C THR K 867 -36.92 19.52 63.69
N HIS K 868 -36.83 20.84 63.79
CA HIS K 868 -36.34 21.48 65.00
C HIS K 868 -37.49 21.45 66.05
N THR K 869 -38.63 20.82 65.68
CA THR K 869 -39.86 20.58 66.46
C THR K 869 -40.98 21.65 66.57
N THR K 870 -41.86 21.67 65.57
CA THR K 870 -43.05 22.52 65.58
C THR K 870 -44.20 21.77 66.24
N PRO K 871 -44.13 21.53 67.55
CA PRO K 871 -45.16 20.71 68.22
C PRO K 871 -46.31 21.52 68.80
N VAL K 872 -46.17 22.83 68.84
CA VAL K 872 -47.13 23.71 69.51
C VAL K 872 -48.49 23.59 68.87
N LEU K 873 -48.58 23.96 67.59
CA LEU K 873 -49.86 23.92 66.88
C LEU K 873 -49.84 23.13 65.59
N LEU K 874 -48.81 23.24 64.78
CA LEU K 874 -48.72 22.51 63.51
C LEU K 874 -49.84 22.88 62.55
N ALA K 875 -50.49 24.01 62.83
CA ALA K 875 -51.57 24.54 61.99
C ALA K 875 -51.37 26.05 61.78
N HIS K 876 -50.12 26.49 61.84
CA HIS K 876 -49.71 27.90 61.65
C HIS K 876 -50.28 28.92 62.63
N GLY K 877 -50.19 30.21 62.29
CA GLY K 877 -50.68 31.26 63.16
C GLY K 877 -49.72 32.21 63.86
N GLU K 878 -48.48 32.29 63.39
CA GLU K 878 -47.62 33.48 63.48
C GLU K 878 -47.15 33.83 64.89
N ARG K 879 -47.50 33.05 65.91
CA ARG K 879 -46.85 33.17 67.21
C ARG K 879 -46.63 31.78 67.80
N ALA K 880 -46.08 30.87 67.00
CA ALA K 880 -45.78 29.53 67.48
C ALA K 880 -44.81 29.59 68.65
N GLU K 881 -44.86 28.58 69.51
CA GLU K 881 -44.11 28.60 70.76
C GLU K 881 -42.79 27.82 70.67
N LEU K 882 -42.69 26.89 69.72
CA LEU K 882 -41.47 26.12 69.48
C LEU K 882 -41.02 25.30 70.69
N ALA K 883 -41.80 24.31 71.09
CA ALA K 883 -41.35 23.33 72.08
C ALA K 883 -40.23 22.53 71.42
N THR K 884 -39.00 22.66 71.94
CA THR K 884 -37.84 22.13 71.25
C THR K 884 -37.57 20.68 71.67
N GLU K 885 -37.22 19.85 70.68
CA GLU K 885 -36.96 18.43 70.93
C GLU K 885 -36.27 17.76 69.76
N GLU K 886 -35.40 16.79 70.04
CA GLU K 886 -34.65 16.11 69.00
C GLU K 886 -35.33 14.78 68.67
N PHE K 887 -36.32 14.88 67.79
CA PHE K 887 -37.12 13.73 67.36
C PHE K 887 -36.44 13.05 66.19
N LEU K 888 -35.30 12.41 66.48
CA LEU K 888 -34.52 11.69 65.49
C LEU K 888 -34.17 12.56 64.28
N PRO K 889 -33.43 13.66 64.49
CA PRO K 889 -33.11 14.53 63.36
C PRO K 889 -31.93 13.99 62.54
N LYS L 34 -72.54 -4.81 31.18
CA LYS L 34 -72.22 -3.51 30.60
C LYS L 34 -71.31 -2.71 31.54
N THR L 35 -71.88 -2.28 32.66
CA THR L 35 -71.14 -1.55 33.67
C THR L 35 -71.88 -1.66 35.00
N TYR L 36 -71.39 -0.92 35.99
CA TYR L 36 -72.03 -0.86 37.29
C TYR L 36 -71.78 0.51 37.90
N GLY L 37 -72.44 0.77 39.02
CA GLY L 37 -72.26 2.05 39.69
C GLY L 37 -71.10 1.99 40.66
N GLN L 38 -69.93 2.45 40.21
CA GLN L 38 -68.73 2.46 41.03
C GLN L 38 -68.85 3.34 42.26
N SER L 39 -69.31 4.59 42.10
CA SER L 39 -69.68 5.41 43.23
C SER L 39 -71.10 5.92 42.94
N THR L 40 -71.89 6.06 44.01
CA THR L 40 -73.35 5.98 44.02
C THR L 40 -74.05 6.63 42.84
N TYR L 41 -73.90 7.94 42.67
CA TYR L 41 -74.59 8.64 41.59
C TYR L 41 -73.65 8.89 40.42
N SER L 42 -73.16 7.80 39.81
CA SER L 42 -71.96 7.84 38.97
C SER L 42 -72.13 8.80 37.79
N ARG L 43 -73.07 8.51 36.90
CA ARG L 43 -73.41 9.49 35.86
C ARG L 43 -74.19 10.67 36.42
N GLN L 44 -74.87 10.47 37.55
CA GLN L 44 -75.75 11.50 38.11
C GLN L 44 -74.99 12.77 38.46
N ILE L 45 -73.69 12.68 38.72
CA ILE L 45 -72.87 13.88 38.73
C ILE L 45 -72.23 14.16 37.38
N LYS L 46 -72.04 13.14 36.56
CA LYS L 46 -71.22 13.29 35.37
C LYS L 46 -71.94 14.10 34.31
N GLN L 47 -73.10 13.62 33.85
CA GLN L 47 -73.86 14.38 32.87
C GLN L 47 -74.38 15.69 33.43
N VAL L 48 -74.66 15.74 34.73
CA VAL L 48 -75.08 16.99 35.36
C VAL L 48 -73.98 18.04 35.26
N GLU L 49 -72.74 17.62 35.47
CA GLU L 49 -71.64 18.55 35.23
C GLU L 49 -71.50 18.89 33.76
N ASP L 50 -71.60 17.88 32.89
CA ASP L 50 -71.29 18.05 31.48
C ASP L 50 -72.26 18.99 30.79
N ASP L 51 -73.56 18.79 30.98
CA ASP L 51 -74.54 19.61 30.27
C ASP L 51 -74.47 21.08 30.68
N ILE L 52 -74.14 21.37 31.94
CA ILE L 52 -73.97 22.76 32.32
C ILE L 52 -72.64 23.29 31.79
N GLN L 53 -71.64 22.43 31.66
CA GLN L 53 -70.42 22.84 30.97
C GLN L 53 -70.72 23.26 29.53
N GLN L 54 -71.48 22.45 28.80
CA GLN L 54 -71.86 22.82 27.44
C GLN L 54 -72.74 24.06 27.45
N LEU L 55 -73.62 24.18 28.43
CA LEU L 55 -74.46 25.36 28.55
C LEU L 55 -73.64 26.62 28.79
N LEU L 56 -72.44 26.49 29.37
CA LEU L 56 -71.55 27.63 29.43
C LEU L 56 -71.19 28.12 28.04
N LYS L 57 -70.93 27.19 27.11
CA LYS L 57 -70.69 27.56 25.73
C LYS L 57 -71.94 28.18 25.11
N LYS L 58 -73.05 27.44 25.16
CA LYS L 58 -74.30 27.88 24.56
C LYS L 58 -74.77 29.23 25.08
N ILE L 59 -74.41 29.59 26.31
CA ILE L 59 -74.59 30.98 26.76
C ILE L 59 -73.76 31.92 25.88
N ASN L 60 -72.51 31.55 25.63
CA ASN L 60 -71.61 32.45 24.90
C ASN L 60 -72.03 32.61 23.45
N GLU L 61 -72.30 31.50 22.75
CA GLU L 61 -72.73 31.66 21.37
C GLU L 61 -74.14 32.24 21.28
N LEU L 62 -74.97 32.03 22.30
CA LEU L 62 -76.29 32.66 22.29
C LEU L 62 -76.17 34.17 22.42
N THR L 63 -75.31 34.64 23.33
CA THR L 63 -75.12 36.07 23.48
C THR L 63 -74.38 36.68 22.31
N GLY L 64 -73.63 35.88 21.57
CA GLY L 64 -72.90 36.37 20.40
C GLY L 64 -71.47 36.72 20.73
N ILE L 65 -70.54 35.89 20.24
CA ILE L 65 -69.12 36.06 20.49
C ILE L 65 -68.39 36.10 19.15
N LYS L 66 -67.57 37.12 18.94
CA LYS L 66 -66.82 37.28 17.70
C LYS L 66 -65.45 36.64 17.89
N GLU L 67 -65.35 35.39 17.46
CA GLU L 67 -64.12 34.62 17.58
C GLU L 67 -63.45 34.46 16.23
N SER L 68 -62.14 34.22 16.26
CA SER L 68 -61.35 33.96 15.06
C SER L 68 -61.29 35.18 14.14
N ASP L 69 -60.89 36.31 14.70
CA ASP L 69 -60.67 37.52 13.92
C ASP L 69 -59.20 37.76 13.59
N THR L 70 -58.48 36.68 13.26
CA THR L 70 -57.07 36.66 12.89
C THR L 70 -56.20 37.48 13.83
N GLY L 71 -56.16 37.08 15.10
CA GLY L 71 -55.22 37.63 16.04
C GLY L 71 -55.64 38.94 16.66
N LEU L 72 -56.77 38.93 17.39
CA LEU L 72 -57.17 40.10 18.16
C LEU L 72 -57.59 39.68 19.56
N ALA L 73 -58.17 40.60 20.31
CA ALA L 73 -58.70 40.30 21.63
C ALA L 73 -60.21 40.25 21.61
N PRO L 74 -60.83 39.52 22.54
CA PRO L 74 -62.29 39.48 22.58
C PRO L 74 -62.87 40.83 22.95
N PRO L 75 -63.92 41.27 22.27
CA PRO L 75 -64.39 42.66 22.43
C PRO L 75 -64.85 43.00 23.83
N ALA L 76 -65.09 42.01 24.69
CA ALA L 76 -65.58 42.28 26.03
C ALA L 76 -64.62 43.12 26.87
N LEU L 77 -63.33 43.11 26.56
CA LEU L 77 -62.37 43.83 27.38
C LEU L 77 -61.60 44.93 26.66
N TRP L 78 -61.62 44.98 25.33
CA TRP L 78 -60.99 46.09 24.64
C TRP L 78 -61.99 47.12 24.12
N ASP L 79 -63.28 46.91 24.33
CA ASP L 79 -64.25 47.96 24.02
C ASP L 79 -64.03 49.17 24.92
N LEU L 80 -63.78 48.96 26.21
CA LEU L 80 -63.54 50.03 27.16
C LEU L 80 -62.05 50.29 27.34
N ALA L 81 -61.26 49.95 26.34
CA ALA L 81 -59.85 50.28 26.28
C ALA L 81 -59.53 50.85 24.92
N ALA L 82 -60.50 50.76 23.99
CA ALA L 82 -60.30 51.23 22.63
C ALA L 82 -60.47 52.74 22.51
N ASP L 83 -60.68 53.42 23.64
CA ASP L 83 -60.96 54.86 23.62
C ASP L 83 -59.66 55.65 23.45
N LYS L 84 -59.74 56.96 23.70
CA LYS L 84 -58.56 57.82 23.59
C LYS L 84 -57.42 57.39 24.50
N GLN L 85 -57.68 56.50 25.47
CA GLN L 85 -56.61 55.86 26.23
C GLN L 85 -56.01 54.69 25.44
N THR L 86 -55.74 54.96 24.20
CA THR L 86 -54.85 54.38 23.21
C THR L 86 -54.12 55.47 22.45
N LEU L 87 -54.77 56.62 22.23
CA LEU L 87 -54.09 57.81 21.77
C LEU L 87 -53.11 58.32 22.79
N GLN L 88 -53.38 58.10 24.08
CA GLN L 88 -52.37 58.35 25.09
C GLN L 88 -51.12 57.51 24.86
N SER L 89 -51.25 56.38 24.18
CA SER L 89 -50.11 55.67 23.62
C SER L 89 -49.75 56.14 22.22
N GLU L 90 -50.63 56.88 21.55
CA GLU L 90 -50.40 57.28 20.16
C GLU L 90 -49.48 58.50 20.09
N GLN L 91 -49.92 59.60 20.66
CA GLN L 91 -49.24 60.89 20.59
C GLN L 91 -48.12 61.01 21.62
N PRO L 92 -48.37 60.70 22.90
CA PRO L 92 -47.29 60.82 23.89
C PRO L 92 -46.08 59.94 23.60
N LEU L 93 -46.27 58.84 22.87
CA LEU L 93 -45.17 57.94 22.51
C LEU L 93 -45.05 57.87 21.00
N GLN L 94 -43.93 58.36 20.49
CA GLN L 94 -43.66 58.33 19.05
C GLN L 94 -43.04 57.00 18.66
N VAL L 95 -42.61 56.87 17.41
CA VAL L 95 -42.09 55.62 16.89
C VAL L 95 -40.84 55.17 17.62
N ALA L 96 -39.96 56.11 17.98
CA ALA L 96 -38.78 55.85 18.80
C ALA L 96 -37.88 54.80 18.15
N ARG L 97 -37.32 55.17 17.00
CA ARG L 97 -36.48 54.24 16.27
C ARG L 97 -35.23 53.91 17.07
N CYS L 98 -34.89 52.62 17.14
CA CYS L 98 -33.78 52.21 17.98
C CYS L 98 -32.46 52.26 17.20
N THR L 99 -31.39 52.57 17.92
CA THR L 99 -30.07 52.75 17.31
C THR L 99 -29.02 52.29 18.31
N LYS L 100 -27.75 52.40 17.92
CA LYS L 100 -26.64 51.95 18.74
C LYS L 100 -25.58 53.04 18.84
N ILE L 101 -25.03 53.19 20.05
CA ILE L 101 -24.10 54.26 20.39
C ILE L 101 -22.68 53.79 20.12
N ILE L 102 -21.81 54.71 19.73
CA ILE L 102 -20.40 54.43 19.53
C ILE L 102 -19.57 55.11 20.61
N ASN L 103 -19.61 56.45 20.64
CA ASN L 103 -18.79 57.19 21.58
C ASN L 103 -19.40 58.57 21.82
N ALA L 104 -18.80 59.30 22.75
CA ALA L 104 -19.20 60.65 23.12
C ALA L 104 -18.07 61.62 22.82
N ASP L 105 -18.26 62.87 23.25
CA ASP L 105 -17.25 63.90 23.04
C ASP L 105 -17.02 64.71 24.31
N SER L 106 -16.26 65.79 24.22
CA SER L 106 -15.83 66.54 25.38
C SER L 106 -16.72 67.76 25.63
N GLU L 107 -17.04 67.98 26.91
CA GLU L 107 -17.78 69.15 27.38
C GLU L 107 -19.27 69.10 27.03
N ASP L 108 -19.65 68.13 26.21
CA ASP L 108 -20.99 68.03 25.64
C ASP L 108 -21.21 66.59 25.23
N PRO L 109 -22.46 66.18 25.05
CA PRO L 109 -22.72 64.81 24.60
C PRO L 109 -22.09 64.53 23.25
N LYS L 110 -22.52 65.26 22.22
CA LYS L 110 -22.05 65.13 20.84
C LYS L 110 -21.86 63.65 20.46
N TYR L 111 -22.96 62.92 20.55
CA TYR L 111 -22.91 61.46 20.48
C TYR L 111 -22.85 60.98 19.04
N ILE L 112 -22.03 59.97 18.80
CA ILE L 112 -21.92 59.36 17.48
C ILE L 112 -22.67 58.05 17.50
N ILE L 113 -23.62 57.88 16.58
CA ILE L 113 -24.56 56.76 16.67
C ILE L 113 -24.86 56.25 15.27
N ASN L 114 -25.04 54.94 15.14
CA ASN L 114 -25.60 54.38 13.92
C ASN L 114 -27.00 53.87 14.19
N VAL L 115 -27.79 53.69 13.13
CA VAL L 115 -29.15 53.27 13.39
C VAL L 115 -29.21 51.76 13.49
N LYS L 116 -29.17 51.08 12.34
CA LYS L 116 -28.63 49.73 12.29
C LYS L 116 -27.85 49.56 10.98
N GLN L 117 -28.47 50.02 9.90
CA GLN L 117 -27.88 49.96 8.57
C GLN L 117 -28.24 51.20 7.77
N PHE L 118 -28.90 52.17 8.41
CA PHE L 118 -29.44 53.34 7.71
C PHE L 118 -28.36 54.38 7.45
N ALA L 119 -27.73 54.88 8.50
CA ALA L 119 -26.64 55.84 8.38
C ALA L 119 -26.14 56.16 9.77
N LYS L 120 -24.95 56.75 9.84
CA LYS L 120 -24.37 57.15 11.11
C LYS L 120 -24.43 58.67 11.24
N PHE L 121 -24.82 59.13 12.42
CA PHE L 121 -25.08 60.54 12.67
C PHE L 121 -24.37 60.99 13.93
N VAL L 122 -24.22 62.31 14.02
CA VAL L 122 -23.77 62.99 15.22
C VAL L 122 -25.00 63.64 15.84
N VAL L 123 -25.61 62.96 16.81
CA VAL L 123 -26.88 63.39 17.38
C VAL L 123 -26.69 63.66 18.85
N ASP L 124 -27.74 64.20 19.46
CA ASP L 124 -27.77 64.64 20.83
C ASP L 124 -29.02 64.10 21.53
N LEU L 125 -28.93 63.98 22.84
CA LEU L 125 -30.04 63.52 23.65
C LEU L 125 -31.13 64.58 23.74
N SER L 126 -32.36 64.12 23.91
CA SER L 126 -33.45 65.03 24.22
C SER L 126 -33.36 65.47 25.67
N ASP L 127 -34.09 66.53 26.00
CA ASP L 127 -34.07 67.08 27.35
C ASP L 127 -34.73 66.16 28.38
N GLN L 128 -35.37 65.08 27.94
CA GLN L 128 -36.04 64.15 28.83
C GLN L 128 -35.09 63.19 29.52
N VAL L 129 -33.79 63.30 29.25
CA VAL L 129 -32.83 62.34 29.75
C VAL L 129 -31.72 63.09 30.50
N ALA L 130 -31.00 62.34 31.33
CA ALA L 130 -29.84 62.84 32.04
C ALA L 130 -28.57 62.33 31.40
N PRO L 131 -27.56 63.19 31.23
CA PRO L 131 -26.33 62.81 30.52
C PRO L 131 -25.40 61.94 31.34
N THR L 132 -25.95 60.90 31.97
CA THR L 132 -25.17 59.96 32.75
C THR L 132 -25.27 58.55 32.21
N ASP L 133 -26.47 58.02 32.06
CA ASP L 133 -26.67 56.63 31.65
C ASP L 133 -26.82 56.52 30.14
N ILE L 134 -25.88 57.10 29.42
CA ILE L 134 -25.88 57.04 27.96
C ILE L 134 -24.51 56.56 27.52
N GLU L 135 -23.89 55.72 28.34
CA GLU L 135 -22.56 55.21 28.06
C GLU L 135 -22.53 54.47 26.72
N GLU L 136 -21.32 54.28 26.20
CA GLU L 136 -21.14 53.77 24.85
C GLU L 136 -21.63 52.32 24.74
N GLY L 137 -21.65 51.84 23.50
CA GLY L 137 -22.13 50.50 23.22
C GLY L 137 -23.52 50.24 23.76
N MET L 138 -24.45 51.15 23.52
CA MET L 138 -25.77 51.10 24.13
C MET L 138 -26.85 51.19 23.06
N ARG L 139 -27.92 50.41 23.24
CA ARG L 139 -29.06 50.48 22.35
C ARG L 139 -30.03 51.54 22.87
N VAL L 140 -30.24 52.59 22.10
CA VAL L 140 -30.99 53.74 22.58
C VAL L 140 -32.04 54.14 21.55
N GLY L 141 -33.21 54.53 22.05
CA GLY L 141 -34.31 54.97 21.22
C GLY L 141 -34.20 56.46 20.94
N VAL L 142 -34.32 56.81 19.67
CA VAL L 142 -34.12 58.16 19.16
C VAL L 142 -35.30 58.54 18.29
N ASP L 143 -35.62 59.82 18.26
CA ASP L 143 -36.69 60.34 17.42
C ASP L 143 -36.41 60.06 15.95
N ARG L 144 -37.48 59.79 15.21
CA ARG L 144 -37.37 59.61 13.76
C ARG L 144 -37.22 60.93 13.03
N ASN L 145 -37.75 62.01 13.58
CA ASN L 145 -37.75 63.29 12.86
C ASN L 145 -36.44 64.04 13.03
N LYS L 146 -36.11 64.40 14.27
CA LYS L 146 -34.97 65.26 14.54
C LYS L 146 -33.72 64.51 14.94
N TYR L 147 -33.81 63.20 15.16
CA TYR L 147 -32.66 62.37 15.50
C TYR L 147 -32.02 62.86 16.80
N GLN L 148 -32.81 62.78 17.87
CA GLN L 148 -32.33 63.06 19.20
C GLN L 148 -32.63 61.87 20.10
N ILE L 149 -31.67 61.52 20.95
CA ILE L 149 -31.82 60.38 21.83
C ILE L 149 -32.97 60.63 22.79
N HIS L 150 -33.79 59.60 22.99
CA HIS L 150 -34.90 59.68 23.93
C HIS L 150 -34.79 58.68 25.07
N ILE L 151 -34.38 57.45 24.79
CA ILE L 151 -34.45 56.43 25.83
C ILE L 151 -33.21 55.56 25.86
N PRO L 152 -32.67 55.25 27.03
CA PRO L 152 -31.68 54.17 27.13
C PRO L 152 -32.38 52.82 27.16
N LEU L 153 -31.72 51.82 26.59
CA LEU L 153 -32.37 50.53 26.42
C LEU L 153 -31.58 49.42 27.09
N PRO L 154 -32.22 48.28 27.34
CA PRO L 154 -31.47 47.10 27.73
C PRO L 154 -30.69 46.57 26.54
N PRO L 155 -29.46 46.11 26.75
CA PRO L 155 -28.65 45.63 25.63
C PRO L 155 -29.26 44.40 24.98
N LYS L 156 -28.62 43.98 23.89
CA LYS L 156 -29.15 42.90 23.07
C LYS L 156 -28.75 41.55 23.64
N ILE L 157 -29.67 40.60 23.61
CA ILE L 157 -29.43 39.23 24.05
C ILE L 157 -30.29 38.32 23.18
N ASP L 158 -29.64 37.40 22.45
CA ASP L 158 -30.32 36.62 21.43
C ASP L 158 -31.06 35.44 22.03
N PRO L 159 -32.04 34.90 21.30
CA PRO L 159 -32.96 33.91 21.90
C PRO L 159 -32.29 32.58 22.13
N THR L 160 -31.30 32.27 21.29
CA THR L 160 -30.59 30.99 21.39
C THR L 160 -29.98 30.79 22.77
N VAL L 161 -29.55 31.87 23.43
CA VAL L 161 -29.09 31.78 24.81
C VAL L 161 -30.16 32.24 25.79
N THR L 162 -31.11 33.07 25.35
CA THR L 162 -32.21 33.44 26.23
C THR L 162 -33.01 32.21 26.66
N MET L 163 -33.07 31.20 25.80
CA MET L 163 -33.87 30.01 26.07
C MET L 163 -33.17 29.02 26.98
N MET L 164 -31.84 29.06 27.07
CA MET L 164 -31.13 28.14 27.96
C MET L 164 -31.12 28.61 29.40
N GLN L 165 -31.35 29.90 29.65
CA GLN L 165 -31.64 30.35 31.00
C GLN L 165 -32.90 29.68 31.48
N VAL L 166 -32.82 28.98 32.62
CA VAL L 166 -33.93 28.16 33.06
C VAL L 166 -35.13 29.02 33.47
N GLU L 167 -34.89 30.10 34.21
CA GLU L 167 -35.94 31.03 34.62
C GLU L 167 -36.94 30.40 35.60
N GLU L 168 -36.66 29.17 36.04
CA GLU L 168 -37.54 28.44 36.94
C GLU L 168 -36.71 27.45 37.74
N LYS L 169 -37.21 27.08 38.91
CA LYS L 169 -36.53 26.14 39.79
C LYS L 169 -37.42 24.92 39.98
N PRO L 170 -37.05 23.76 39.46
CA PRO L 170 -37.81 22.55 39.75
C PRO L 170 -37.74 22.21 41.23
N ASP L 171 -38.80 21.57 41.72
CA ASP L 171 -38.89 21.17 43.12
C ASP L 171 -38.10 19.89 43.31
N VAL L 172 -36.84 20.04 43.70
CA VAL L 172 -35.95 18.91 43.95
C VAL L 172 -35.29 19.12 45.29
N THR L 173 -35.83 18.49 46.33
CA THR L 173 -35.33 18.65 47.69
C THR L 173 -34.09 17.79 47.89
N TYR L 174 -33.17 18.30 48.72
CA TYR L 174 -31.91 17.61 48.96
C TYR L 174 -32.12 16.21 49.51
N SER L 175 -33.19 16.00 50.28
CA SER L 175 -33.47 14.68 50.83
C SER L 175 -33.70 13.63 49.74
N ASP L 176 -34.16 14.02 48.56
CA ASP L 176 -34.39 13.10 47.46
C ASP L 176 -33.10 12.55 46.88
N VAL L 177 -31.95 13.02 47.35
CA VAL L 177 -30.67 12.61 46.78
C VAL L 177 -29.90 11.89 47.87
N GLY L 178 -30.63 11.21 48.76
CA GLY L 178 -29.97 10.41 49.77
C GLY L 178 -29.13 9.31 49.15
N GLY L 179 -28.12 8.88 49.89
CA GLY L 179 -27.20 7.87 49.44
C GLY L 179 -25.86 8.36 48.93
N CYS L 180 -25.60 9.67 49.03
CA CYS L 180 -24.34 10.28 48.60
C CYS L 180 -23.89 11.33 49.61
N LYS L 181 -23.95 10.97 50.90
CA LYS L 181 -23.70 11.93 51.98
C LYS L 181 -22.37 12.64 51.84
N GLU L 182 -21.33 11.94 51.40
CA GLU L 182 -20.04 12.59 51.19
C GLU L 182 -20.10 13.58 50.04
N GLN L 183 -20.71 13.17 48.93
CA GLN L 183 -20.75 14.02 47.75
C GLN L 183 -21.56 15.29 47.99
N ILE L 184 -22.78 15.14 48.51
CA ILE L 184 -23.62 16.31 48.75
C ILE L 184 -22.97 17.24 49.76
N GLU L 185 -22.18 16.68 50.69
CA GLU L 185 -21.44 17.53 51.60
C GLU L 185 -20.34 18.30 50.88
N LYS L 186 -19.57 17.61 50.03
CA LYS L 186 -18.50 18.28 49.29
C LYS L 186 -19.05 19.39 48.41
N LEU L 187 -20.10 19.11 47.65
CA LEU L 187 -20.76 20.15 46.88
C LEU L 187 -21.32 21.25 47.74
N ARG L 188 -21.89 20.90 48.90
CA ARG L 188 -22.40 21.92 49.82
C ARG L 188 -21.32 22.89 50.23
N GLU L 189 -20.10 22.38 50.47
CA GLU L 189 -19.00 23.24 50.86
C GLU L 189 -18.63 24.23 49.76
N VAL L 190 -19.00 23.95 48.52
CA VAL L 190 -18.55 24.72 47.37
C VAL L 190 -19.62 25.69 46.88
N VAL L 191 -20.77 25.17 46.47
CA VAL L 191 -21.74 25.99 45.77
C VAL L 191 -22.67 26.69 46.74
N GLU L 192 -22.68 26.27 48.00
CA GLU L 192 -23.68 26.76 48.94
C GLU L 192 -23.06 27.60 50.04
N THR L 193 -22.11 27.02 50.77
CA THR L 193 -21.59 27.66 51.97
C THR L 193 -20.91 29.00 51.73
N PRO L 194 -20.05 29.20 50.72
CA PRO L 194 -19.47 30.54 50.54
C PRO L 194 -20.51 31.56 50.19
N LEU L 195 -21.49 31.19 49.37
CA LEU L 195 -22.53 32.12 48.98
C LEU L 195 -23.40 32.54 50.16
N LEU L 196 -24.12 31.59 50.76
CA LEU L 196 -25.01 31.94 51.86
C LEU L 196 -24.28 32.35 53.12
N HIS L 197 -22.99 32.06 53.23
CA HIS L 197 -22.21 32.48 54.39
C HIS L 197 -20.85 32.95 53.93
N PRO L 198 -20.78 34.14 53.33
CA PRO L 198 -19.51 34.78 53.01
C PRO L 198 -18.89 35.44 54.24
N GLU L 199 -18.84 34.70 55.35
CA GLU L 199 -18.32 35.21 56.60
C GLU L 199 -17.12 34.40 57.07
N ARG L 200 -17.25 33.07 57.14
CA ARG L 200 -16.14 32.24 57.56
C ARG L 200 -14.92 32.42 56.67
N PHE L 201 -15.14 32.48 55.35
CA PHE L 201 -14.02 32.56 54.43
C PHE L 201 -13.30 33.89 54.55
N VAL L 202 -13.96 34.91 55.10
CA VAL L 202 -13.28 36.17 55.37
C VAL L 202 -12.60 36.10 56.73
N ASN L 203 -13.27 35.51 57.72
CA ASN L 203 -12.69 35.39 59.04
C ASN L 203 -11.46 34.49 59.07
N LEU L 204 -11.27 33.66 58.05
CA LEU L 204 -10.05 32.88 57.92
C LEU L 204 -9.20 33.31 56.75
N GLY L 205 -9.78 34.00 55.76
CA GLY L 205 -9.02 34.49 54.63
C GLY L 205 -8.72 33.44 53.58
N ILE L 206 -9.77 32.91 52.94
CA ILE L 206 -9.62 31.91 51.90
C ILE L 206 -10.59 32.21 50.77
N GLU L 207 -10.43 31.48 49.66
CA GLU L 207 -11.25 31.65 48.47
C GLU L 207 -11.89 30.31 48.13
N PRO L 208 -13.17 30.29 47.75
CA PRO L 208 -13.83 29.01 47.51
C PRO L 208 -13.49 28.45 46.14
N PRO L 209 -13.45 27.15 45.99
CA PRO L 209 -13.14 26.53 44.70
C PRO L 209 -14.30 26.60 43.71
N LYS L 210 -14.36 27.67 42.93
CA LYS L 210 -15.45 27.94 42.01
C LYS L 210 -15.70 26.85 40.96
N GLY L 211 -14.78 25.89 40.82
CA GLY L 211 -14.87 24.90 39.77
C GLY L 211 -15.11 23.47 40.22
N VAL L 212 -16.30 22.94 39.92
CA VAL L 212 -16.68 21.61 40.38
C VAL L 212 -17.01 20.75 39.17
N LEU L 213 -16.50 19.53 39.16
CA LEU L 213 -16.86 18.52 38.18
C LEU L 213 -17.44 17.30 38.86
N LEU L 214 -18.50 16.76 38.28
CA LEU L 214 -19.13 15.55 38.75
C LEU L 214 -18.93 14.45 37.73
N PHE L 215 -18.86 13.22 38.21
CA PHE L 215 -18.65 12.08 37.33
C PHE L 215 -19.00 10.81 38.07
N GLY L 216 -18.94 9.69 37.37
CA GLY L 216 -19.38 8.41 37.90
C GLY L 216 -20.29 7.71 36.91
N PRO L 217 -20.73 6.51 37.25
CA PRO L 217 -21.59 5.75 36.35
C PRO L 217 -22.94 6.44 36.16
N PRO L 218 -23.60 6.21 35.04
CA PRO L 218 -24.87 6.88 34.78
C PRO L 218 -25.95 6.43 35.74
N GLY L 219 -27.09 7.13 35.69
CA GLY L 219 -28.23 6.78 36.50
C GLY L 219 -27.96 6.75 37.99
N THR L 220 -27.30 7.78 38.52
CA THR L 220 -26.80 7.72 39.89
C THR L 220 -27.18 8.92 40.74
N GLY L 221 -27.44 10.16 40.31
CA GLY L 221 -27.72 11.24 41.33
C GLY L 221 -26.99 12.55 41.11
N LYS L 222 -26.52 12.73 39.88
CA LYS L 222 -25.82 13.95 39.48
C LYS L 222 -26.87 14.95 39.00
N THR L 223 -27.74 14.50 38.09
CA THR L 223 -28.81 15.34 37.58
C THR L 223 -29.64 15.81 38.77
N LEU L 224 -30.05 14.85 39.58
CA LEU L 224 -30.81 15.14 40.79
C LEU L 224 -30.11 16.19 41.63
N CYS L 225 -28.81 16.02 41.84
CA CYS L 225 -28.06 17.04 42.56
C CYS L 225 -28.11 18.38 41.86
N ALA L 226 -28.04 18.37 40.53
CA ALA L 226 -28.14 19.63 39.79
C ALA L 226 -29.47 20.30 40.05
N ARG L 227 -30.57 19.58 39.89
CA ARG L 227 -31.89 20.17 40.07
C ARG L 227 -32.12 20.61 41.50
N ALA L 228 -31.60 19.85 42.47
CA ALA L 228 -31.77 20.24 43.87
C ALA L 228 -30.99 21.49 44.20
N VAL L 229 -29.72 21.55 43.79
CA VAL L 229 -28.94 22.76 43.99
C VAL L 229 -29.62 23.94 43.32
N ALA L 230 -30.14 23.74 42.12
CA ALA L 230 -30.91 24.78 41.45
C ALA L 230 -32.18 25.11 42.21
N ASN L 231 -32.69 24.19 43.03
CA ASN L 231 -33.88 24.48 43.83
C ASN L 231 -33.60 25.60 44.81
N ARG L 232 -32.58 25.44 45.63
CA ARG L 232 -32.14 26.47 46.57
C ARG L 232 -31.04 27.32 45.97
N THR L 233 -31.05 27.48 44.65
CA THR L 233 -29.96 28.17 43.97
C THR L 233 -29.85 29.61 44.43
N ASP L 234 -30.99 30.30 44.62
CA ASP L 234 -31.04 31.70 45.00
C ASP L 234 -30.13 32.54 44.10
N ALA L 235 -30.13 32.20 42.82
CA ALA L 235 -29.13 32.73 41.89
C ALA L 235 -29.65 32.56 40.47
N CYS L 236 -29.07 33.34 39.55
CA CYS L 236 -29.38 33.22 38.14
C CYS L 236 -28.70 31.94 37.66
N PHE L 237 -29.41 30.83 37.84
CA PHE L 237 -28.89 29.55 37.38
C PHE L 237 -29.11 29.42 35.89
N ILE L 238 -28.10 28.93 35.18
CA ILE L 238 -28.12 28.84 33.74
C ILE L 238 -27.76 27.43 33.32
N ARG L 239 -28.72 26.74 32.71
CA ARG L 239 -28.46 25.47 32.07
C ARG L 239 -27.55 25.67 30.87
N VAL L 240 -26.78 24.64 30.54
CA VAL L 240 -26.05 24.59 29.29
C VAL L 240 -26.08 23.15 28.79
N ILE L 241 -26.59 22.95 27.57
CA ILE L 241 -26.57 21.65 26.95
C ILE L 241 -25.32 21.53 26.07
N GLY L 242 -24.51 20.50 26.32
CA GLY L 242 -23.17 20.44 25.77
C GLY L 242 -23.11 20.48 24.27
N SER L 243 -24.08 19.89 23.59
CA SER L 243 -24.06 19.84 22.14
C SER L 243 -24.62 21.10 21.49
N GLU L 244 -25.21 22.00 22.28
CA GLU L 244 -25.82 23.19 21.70
C GLU L 244 -24.80 24.12 21.06
N LEU L 245 -23.52 23.97 21.36
CA LEU L 245 -22.52 24.91 20.89
C LEU L 245 -22.01 24.61 19.49
N VAL L 246 -21.93 23.33 19.12
CA VAL L 246 -21.46 22.98 17.79
C VAL L 246 -22.42 23.55 16.76
N GLN L 247 -21.89 24.25 15.77
CA GLN L 247 -22.74 24.94 14.81
C GLN L 247 -22.18 24.84 13.40
N LYS L 248 -22.82 25.51 12.45
CA LYS L 248 -22.44 25.40 11.06
C LYS L 248 -21.42 26.44 10.63
N TYR L 249 -21.40 27.59 11.29
CA TYR L 249 -20.48 28.65 10.92
C TYR L 249 -19.35 28.77 11.94
N VAL L 250 -18.30 29.44 11.53
CA VAL L 250 -17.09 29.54 12.33
C VAL L 250 -17.23 30.67 13.34
N GLY L 251 -16.86 30.38 14.58
CA GLY L 251 -16.80 31.39 15.62
C GLY L 251 -18.11 31.74 16.27
N GLU L 252 -19.24 31.38 15.63
CA GLU L 252 -20.54 31.75 16.15
C GLU L 252 -20.78 31.11 17.51
N GLY L 253 -20.38 29.86 17.67
CA GLY L 253 -20.47 29.20 18.96
C GLY L 253 -19.71 29.95 20.03
N ALA L 254 -18.53 30.46 19.68
CA ALA L 254 -17.82 31.33 20.60
C ALA L 254 -18.64 32.56 20.92
N ARG L 255 -19.21 33.20 19.90
CA ARG L 255 -20.11 34.32 20.08
C ARG L 255 -21.22 34.02 21.07
N MET L 256 -21.72 32.78 21.08
CA MET L 256 -22.54 32.33 22.19
C MET L 256 -21.82 32.57 23.51
N VAL L 257 -20.63 31.99 23.64
CA VAL L 257 -19.89 32.01 24.90
C VAL L 257 -19.68 33.43 25.41
N ARG L 258 -19.44 34.37 24.51
CA ARG L 258 -19.33 35.77 24.89
C ARG L 258 -20.58 36.23 25.60
N GLU L 259 -21.74 36.03 24.97
CA GLU L 259 -23.00 36.42 25.60
C GLU L 259 -23.24 35.66 26.90
N LEU L 260 -22.80 34.41 26.97
CA LEU L 260 -22.88 33.66 28.23
C LEU L 260 -22.17 34.40 29.34
N PHE L 261 -20.87 34.62 29.20
CA PHE L 261 -20.13 35.29 30.26
C PHE L 261 -20.55 36.74 30.43
N GLU L 262 -21.23 37.32 29.45
CA GLU L 262 -21.78 38.66 29.61
C GLU L 262 -22.99 38.64 30.55
N MET L 263 -24.01 37.84 30.23
CA MET L 263 -25.14 37.69 31.13
C MET L 263 -24.71 37.20 32.49
N ALA L 264 -23.66 36.39 32.56
CA ALA L 264 -23.11 36.00 33.85
C ALA L 264 -22.64 37.21 34.63
N ARG L 265 -21.71 37.98 34.07
CA ARG L 265 -21.14 39.13 34.76
C ARG L 265 -22.20 40.16 35.10
N THR L 266 -23.24 40.28 34.28
CA THR L 266 -24.36 41.15 34.58
C THR L 266 -25.15 40.64 35.78
N LYS L 267 -25.64 39.42 35.70
CA LYS L 267 -26.40 38.82 36.78
C LYS L 267 -25.47 38.42 37.92
N LYS L 268 -25.39 39.25 38.96
CA LYS L 268 -24.50 38.98 40.07
C LYS L 268 -24.91 37.70 40.79
N ALA L 269 -23.91 36.88 41.14
CA ALA L 269 -24.13 35.62 41.83
C ALA L 269 -25.04 34.70 41.02
N CYS L 270 -24.54 34.32 39.86
CA CYS L 270 -25.23 33.42 38.95
C CYS L 270 -24.43 32.14 38.78
N LEU L 271 -25.14 31.04 38.53
CA LEU L 271 -24.52 29.73 38.42
C LEU L 271 -24.57 29.24 36.99
N ILE L 272 -23.58 28.44 36.60
CA ILE L 272 -23.53 27.88 35.25
C ILE L 272 -23.41 26.38 35.37
N PHE L 273 -24.18 25.64 34.58
CA PHE L 273 -24.05 24.20 34.51
C PHE L 273 -23.71 23.77 33.09
N PHE L 274 -22.69 22.94 32.98
CA PHE L 274 -22.38 22.24 31.74
C PHE L 274 -22.66 20.75 31.93
N ASP L 275 -22.85 20.06 30.80
CA ASP L 275 -23.26 18.66 30.88
C ASP L 275 -22.74 17.92 29.67
N GLU L 276 -21.98 16.85 29.92
CA GLU L 276 -21.28 16.09 28.88
C GLU L 276 -20.49 17.01 27.96
N ILE L 277 -19.47 17.64 28.55
CA ILE L 277 -18.61 18.60 27.85
C ILE L 277 -17.61 17.89 26.95
N ASP L 278 -17.72 16.57 26.86
CA ASP L 278 -16.83 15.79 26.00
C ASP L 278 -16.88 16.26 24.56
N ALA L 279 -18.02 16.77 24.10
CA ALA L 279 -18.14 17.22 22.74
C ALA L 279 -17.25 18.42 22.45
N ILE L 280 -16.85 19.15 23.48
CA ILE L 280 -16.20 20.43 23.28
C ILE L 280 -14.74 20.26 22.90
N GLY L 281 -13.93 19.79 23.85
CA GLY L 281 -12.49 19.86 23.70
C GLY L 281 -11.73 18.65 24.20
N GLY L 282 -12.36 17.47 24.15
CA GLY L 282 -11.84 16.24 24.71
C GLY L 282 -10.37 15.94 24.44
N ALA L 283 -9.90 16.25 23.24
CA ALA L 283 -8.50 16.01 22.90
C ALA L 283 -8.03 17.09 21.94
N ARG L 284 -6.78 16.95 21.53
CA ARG L 284 -6.15 17.85 20.56
C ARG L 284 -5.57 17.01 19.43
N PHE L 285 -6.41 16.13 18.89
CA PHE L 285 -6.05 15.24 17.78
C PHE L 285 -5.37 16.00 16.65
N ASP L 286 -4.10 15.70 16.42
CA ASP L 286 -3.31 16.41 15.42
C ASP L 286 -2.51 15.49 14.53
N ASP L 287 -2.38 14.21 14.85
CA ASP L 287 -1.80 13.24 13.93
C ASP L 287 -2.79 13.09 12.77
N GLY L 288 -2.51 13.79 11.68
CA GLY L 288 -3.51 14.00 10.65
C GLY L 288 -4.44 15.12 11.06
N ALA L 289 -3.91 16.34 11.15
CA ALA L 289 -4.63 17.46 11.72
C ALA L 289 -5.69 18.00 10.76
N GLY L 290 -6.75 17.23 10.56
CA GLY L 290 -7.84 17.63 9.71
C GLY L 290 -9.18 17.15 10.23
N GLY L 291 -9.24 16.87 11.53
CA GLY L 291 -10.41 16.29 12.17
C GLY L 291 -11.27 17.38 12.76
N ASP L 292 -11.29 17.49 14.08
CA ASP L 292 -12.11 18.48 14.78
C ASP L 292 -11.22 19.64 15.19
N ASN L 293 -11.57 20.83 14.75
CA ASN L 293 -10.85 22.03 15.13
C ASN L 293 -11.74 23.14 15.68
N GLU L 294 -12.94 23.32 15.10
CA GLU L 294 -13.78 24.46 15.48
C GLU L 294 -14.17 24.43 16.95
N VAL L 295 -14.67 23.30 17.45
CA VAL L 295 -15.06 23.24 18.85
C VAL L 295 -13.81 23.20 19.72
N GLN L 296 -12.66 22.91 19.14
CA GLN L 296 -11.40 23.13 19.84
C GLN L 296 -11.16 24.61 20.07
N ARG L 297 -11.36 25.43 19.03
CA ARG L 297 -11.26 26.88 19.21
C ARG L 297 -12.27 27.39 20.20
N THR L 298 -13.52 26.96 20.08
CA THR L 298 -14.55 27.35 21.04
C THR L 298 -14.15 26.94 22.45
N MET L 299 -13.63 25.73 22.60
CA MET L 299 -13.11 25.29 23.90
C MET L 299 -12.02 26.21 24.40
N LEU L 300 -11.20 26.74 23.48
CA LEU L 300 -10.21 27.73 23.87
C LEU L 300 -10.85 29.02 24.36
N GLU L 301 -11.92 29.45 23.70
CA GLU L 301 -12.64 30.63 24.16
C GLU L 301 -13.20 30.41 25.56
N LEU L 302 -13.75 29.22 25.83
CA LEU L 302 -14.17 28.90 27.19
C LEU L 302 -12.99 28.90 28.15
N ILE L 303 -11.82 28.51 27.66
CA ILE L 303 -10.60 28.64 28.45
C ILE L 303 -10.38 30.08 28.88
N ASN L 304 -10.24 30.98 27.91
CA ASN L 304 -9.90 32.36 28.24
C ASN L 304 -10.99 33.02 29.07
N GLN L 305 -12.22 33.01 28.56
CA GLN L 305 -13.33 33.62 29.29
C GLN L 305 -13.67 32.87 30.57
N LEU L 306 -13.07 31.71 30.81
CA LEU L 306 -13.17 31.08 32.12
C LEU L 306 -12.12 31.65 33.07
N ASP L 307 -10.84 31.54 32.71
CA ASP L 307 -9.77 32.10 33.52
C ASP L 307 -8.71 32.73 32.63
N GLY L 308 -7.99 33.70 33.20
CA GLY L 308 -6.97 34.42 32.48
C GLY L 308 -7.36 35.84 32.15
N PHE L 309 -6.46 36.80 32.41
CA PHE L 309 -6.73 38.19 32.07
C PHE L 309 -7.98 38.75 32.74
N ASP L 310 -7.85 39.18 34.00
CA ASP L 310 -8.98 39.84 34.66
C ASP L 310 -10.08 38.84 34.95
N PRO L 311 -9.90 38.01 35.98
CA PRO L 311 -10.87 36.96 36.31
C PRO L 311 -12.30 37.49 36.45
N ARG L 312 -13.23 36.55 36.48
CA ARG L 312 -14.64 36.84 36.33
C ARG L 312 -15.28 37.51 37.54
N GLY L 313 -14.89 37.15 38.74
CA GLY L 313 -15.53 37.72 39.93
C GLY L 313 -16.38 36.68 40.66
N ASN L 314 -17.71 36.86 40.62
CA ASN L 314 -18.64 36.06 41.40
C ASN L 314 -19.43 35.15 40.47
N ILE L 315 -18.85 33.99 40.16
CA ILE L 315 -19.48 33.01 39.28
C ILE L 315 -19.08 31.61 39.76
N LYS L 316 -19.95 30.64 39.57
CA LYS L 316 -19.67 29.26 39.96
C LYS L 316 -20.01 28.30 38.83
N VAL L 317 -19.13 27.33 38.61
CA VAL L 317 -19.23 26.41 37.47
C VAL L 317 -19.41 24.99 37.98
N LEU L 318 -20.50 24.35 37.54
CA LEU L 318 -20.78 22.96 37.83
C LEU L 318 -20.83 22.16 36.53
N MET L 319 -19.99 21.14 36.44
CA MET L 319 -19.96 20.26 35.28
C MET L 319 -20.25 18.84 35.73
N ALA L 320 -20.42 17.96 34.76
CA ALA L 320 -20.66 16.55 35.04
C ALA L 320 -20.53 15.78 33.73
N THR L 321 -19.79 14.67 33.78
CA THR L 321 -19.64 13.82 32.60
C THR L 321 -19.58 12.37 33.03
N ASN L 322 -19.84 11.48 32.10
CA ASN L 322 -19.78 10.05 32.37
C ASN L 322 -18.40 9.48 32.08
N ARG L 323 -17.67 10.10 31.16
CA ARG L 323 -16.32 9.64 30.85
C ARG L 323 -15.32 10.76 31.07
N PRO L 324 -15.06 11.15 32.33
CA PRO L 324 -14.05 12.19 32.59
C PRO L 324 -12.63 11.68 32.45
N ASP L 325 -12.34 11.08 31.30
CA ASP L 325 -11.07 10.42 31.05
C ASP L 325 -10.43 10.85 29.75
N THR L 326 -11.21 11.37 28.81
CA THR L 326 -10.74 11.78 27.49
C THR L 326 -10.86 13.28 27.30
N LEU L 327 -10.45 14.07 28.27
CA LEU L 327 -10.57 15.52 28.21
C LEU L 327 -9.20 16.19 28.16
N ASP L 328 -9.18 17.36 27.53
CA ASP L 328 -7.96 18.14 27.45
C ASP L 328 -7.51 18.53 28.86
N PRO L 329 -6.26 18.29 29.22
CA PRO L 329 -5.80 18.62 30.58
C PRO L 329 -5.91 20.09 30.94
N ALA L 330 -6.05 21.00 29.98
CA ALA L 330 -6.22 22.40 30.31
C ALA L 330 -7.45 22.61 31.19
N LEU L 331 -8.57 21.95 30.87
CA LEU L 331 -9.70 21.96 31.78
C LEU L 331 -9.37 21.25 33.08
N MET L 332 -8.50 20.25 33.01
CA MET L 332 -8.11 19.51 34.20
C MET L 332 -7.25 20.33 35.15
N ARG L 333 -6.72 21.46 34.69
CA ARG L 333 -5.94 22.31 35.58
C ARG L 333 -6.84 22.85 36.69
N PRO L 334 -6.39 22.85 37.94
CA PRO L 334 -7.18 23.43 39.02
C PRO L 334 -7.40 24.91 38.78
N GLY L 335 -8.29 25.48 39.59
CA GLY L 335 -8.70 26.85 39.39
C GLY L 335 -9.94 26.90 38.50
N ARG L 336 -9.93 26.07 37.46
CA ARG L 336 -11.07 25.91 36.58
C ARG L 336 -11.95 24.74 37.01
N LEU L 337 -11.38 23.54 37.01
CA LEU L 337 -12.06 22.34 37.49
C LEU L 337 -11.35 21.94 38.76
N ASP L 338 -11.86 22.41 39.90
CA ASP L 338 -11.18 22.24 41.17
C ASP L 338 -11.49 20.89 41.81
N ARG L 339 -12.75 20.60 42.09
CA ARG L 339 -13.11 19.39 42.80
C ARG L 339 -13.64 18.34 41.82
N LYS L 340 -13.37 17.08 42.10
CA LYS L 340 -13.79 15.96 41.26
C LYS L 340 -14.65 15.04 42.10
N ILE L 341 -15.94 15.34 42.19
CA ILE L 341 -16.88 14.53 42.96
C ILE L 341 -17.46 13.47 42.04
N GLU L 342 -17.49 12.24 42.55
CA GLU L 342 -18.04 11.11 41.82
C GLU L 342 -19.18 10.47 42.60
N PHE L 343 -20.08 9.83 41.87
CA PHE L 343 -21.22 9.12 42.44
C PHE L 343 -21.01 7.64 42.17
N SER L 344 -21.00 6.84 43.22
CA SER L 344 -20.70 5.43 43.10
C SER L 344 -21.98 4.61 43.03
N LEU L 345 -21.83 3.27 43.05
CA LEU L 345 -22.94 2.33 43.03
C LEU L 345 -23.18 1.87 44.46
N PRO L 346 -24.41 2.02 44.99
CA PRO L 346 -24.67 1.68 46.40
C PRO L 346 -24.41 0.21 46.70
N ASP L 347 -23.59 -0.05 47.71
CA ASP L 347 -23.18 -1.41 48.02
C ASP L 347 -24.37 -2.30 48.40
N LEU L 348 -25.07 -1.99 49.49
CA LEU L 348 -26.32 -2.67 49.82
C LEU L 348 -27.33 -1.67 50.36
N GLU L 349 -26.84 -0.59 50.95
CA GLU L 349 -27.65 0.30 51.76
C GLU L 349 -28.11 1.55 51.03
N GLY L 350 -27.31 2.06 50.09
CA GLY L 350 -27.80 3.09 49.21
C GLY L 350 -29.03 2.63 48.45
N ARG L 351 -29.06 1.36 48.06
CA ARG L 351 -30.25 0.81 47.41
C ARG L 351 -31.41 0.71 48.39
N THR L 352 -31.12 0.42 49.66
CA THR L 352 -32.17 0.45 50.67
C THR L 352 -32.79 1.83 50.79
N HIS L 353 -31.96 2.84 51.00
CA HIS L 353 -32.45 4.20 51.16
C HIS L 353 -33.16 4.69 49.91
N ILE L 354 -32.71 4.25 48.73
CA ILE L 354 -33.41 4.64 47.50
C ILE L 354 -34.71 3.87 47.35
N PHE L 355 -34.80 2.69 47.98
CA PHE L 355 -36.11 2.07 48.16
C PHE L 355 -36.99 2.95 49.03
N LYS L 356 -36.38 3.61 50.01
CA LYS L 356 -37.10 4.56 50.84
C LYS L 356 -37.39 5.87 50.11
N ILE L 357 -36.75 6.12 48.98
CA ILE L 357 -36.96 7.35 48.23
C ILE L 357 -37.99 7.17 47.14
N HIS L 358 -37.89 6.07 46.41
CA HIS L 358 -38.76 5.82 45.26
C HIS L 358 -39.94 4.95 45.65
N ALA L 359 -39.86 4.31 46.81
CA ALA L 359 -40.95 3.53 47.36
C ALA L 359 -41.81 4.34 48.32
N ARG L 360 -41.36 5.54 48.70
CA ARG L 360 -42.10 6.34 49.68
C ARG L 360 -43.23 7.12 49.00
N SER L 361 -42.98 7.61 47.79
CA SER L 361 -43.93 8.48 47.09
C SER L 361 -44.89 7.62 46.30
N MET L 362 -45.51 6.67 46.99
CA MET L 362 -46.46 5.76 46.35
C MET L 362 -47.31 5.07 47.39
N SER L 363 -48.43 4.50 46.95
CA SER L 363 -49.40 3.89 47.85
C SER L 363 -49.09 2.42 48.07
N VAL L 364 -48.83 2.05 49.32
CA VAL L 364 -48.57 0.68 49.74
C VAL L 364 -49.20 0.43 51.10
N GLU L 365 -49.31 -0.86 51.44
CA GLU L 365 -49.82 -1.29 52.74
C GLU L 365 -48.82 -0.96 53.84
N ARG L 366 -49.27 -1.09 55.09
CA ARG L 366 -48.45 -0.80 56.27
C ARG L 366 -47.45 -1.90 56.61
N ASP L 367 -47.24 -2.87 55.73
CA ASP L 367 -46.37 -4.02 56.01
C ASP L 367 -45.03 -3.91 55.28
N ILE L 368 -44.45 -2.71 55.23
CA ILE L 368 -43.24 -2.48 54.46
C ILE L 368 -42.06 -3.23 55.06
N ARG L 369 -41.10 -3.59 54.19
CA ARG L 369 -39.75 -3.95 54.58
C ARG L 369 -38.90 -3.99 53.32
N PHE L 370 -37.75 -3.32 53.39
CA PHE L 370 -36.92 -3.12 52.19
C PHE L 370 -35.53 -3.70 52.28
N GLU L 371 -35.00 -3.96 53.48
CA GLU L 371 -33.72 -4.64 53.58
C GLU L 371 -33.76 -5.99 52.89
N LEU L 372 -34.86 -6.72 53.03
CA LEU L 372 -35.06 -7.95 52.28
C LEU L 372 -34.94 -7.68 50.78
N LEU L 373 -35.45 -6.55 50.32
CA LEU L 373 -35.36 -6.21 48.90
C LEU L 373 -33.92 -5.94 48.49
N ALA L 374 -33.26 -4.98 49.13
CA ALA L 374 -31.94 -4.56 48.69
C ALA L 374 -30.92 -5.68 48.85
N ARG L 375 -31.14 -6.59 49.80
CA ARG L 375 -30.29 -7.78 49.86
C ARG L 375 -30.47 -8.67 48.66
N LEU L 376 -31.57 -8.49 47.92
CA LEU L 376 -31.84 -9.29 46.73
C LEU L 376 -31.27 -8.68 45.46
N CYS L 377 -30.95 -7.40 45.46
CA CYS L 377 -30.41 -6.71 44.28
C CYS L 377 -29.00 -6.26 44.58
N PRO L 378 -28.01 -7.14 44.41
CA PRO L 378 -26.63 -6.79 44.73
C PRO L 378 -26.08 -5.62 43.93
N ASN L 379 -26.52 -5.48 42.67
CA ASN L 379 -26.03 -4.40 41.80
C ASN L 379 -27.20 -3.81 41.04
N SER L 380 -27.72 -2.70 41.56
CA SER L 380 -28.76 -1.94 40.89
C SER L 380 -28.69 -0.48 41.33
N THR L 381 -29.07 0.41 40.43
CA THR L 381 -28.97 1.84 40.69
C THR L 381 -30.28 2.38 41.25
N GLY L 382 -30.26 3.65 41.66
CA GLY L 382 -31.48 4.30 42.09
C GLY L 382 -32.51 4.36 40.98
N ALA L 383 -32.08 4.55 39.74
CA ALA L 383 -33.01 4.54 38.61
C ALA L 383 -33.72 3.21 38.49
N GLU L 384 -32.98 2.10 38.53
CA GLU L 384 -33.61 0.79 38.57
C GLU L 384 -34.49 0.62 39.80
N ILE L 385 -34.14 1.28 40.91
CA ILE L 385 -34.96 1.24 42.11
C ILE L 385 -36.33 1.85 41.84
N ARG L 386 -36.35 3.02 41.21
CA ARG L 386 -37.62 3.61 40.81
C ARG L 386 -38.34 2.73 39.78
N SER L 387 -37.58 2.05 38.92
CA SER L 387 -38.21 1.15 37.96
C SER L 387 -38.94 0.02 38.67
N VAL L 388 -38.38 -0.48 39.77
CA VAL L 388 -39.04 -1.54 40.51
C VAL L 388 -40.21 -1.00 41.31
N CYS L 389 -40.08 0.22 41.84
CA CYS L 389 -41.18 0.81 42.59
C CYS L 389 -42.39 1.08 41.70
N THR L 390 -42.18 1.71 40.53
CA THR L 390 -43.28 1.97 39.62
C THR L 390 -43.80 0.69 38.98
N GLU L 391 -42.90 -0.24 38.65
CA GLU L 391 -43.33 -1.55 38.17
C GLU L 391 -44.17 -2.27 39.21
N ALA L 392 -43.96 -1.95 40.49
CA ALA L 392 -44.81 -2.51 41.54
C ALA L 392 -46.26 -2.13 41.34
N GLY L 393 -46.52 -0.85 41.07
CA GLY L 393 -47.88 -0.40 40.84
C GLY L 393 -48.54 -1.03 39.64
N MET L 394 -47.76 -1.41 38.63
CA MET L 394 -48.35 -1.89 37.38
C MET L 394 -49.14 -3.18 37.56
N PHE L 395 -48.85 -3.95 38.61
CA PHE L 395 -49.60 -5.17 38.83
C PHE L 395 -51.03 -4.86 39.27
N ALA L 396 -51.20 -4.07 40.32
CA ALA L 396 -52.51 -3.62 40.74
C ALA L 396 -53.19 -2.77 39.68
N ILE L 397 -52.41 -1.98 38.95
CA ILE L 397 -52.92 -1.19 37.84
C ILE L 397 -53.54 -2.09 36.77
N ARG L 398 -52.87 -3.20 36.42
CA ARG L 398 -53.45 -4.16 35.51
C ARG L 398 -54.43 -5.09 36.19
N ALA L 399 -54.32 -5.26 37.51
CA ALA L 399 -55.20 -6.15 38.27
C ALA L 399 -56.32 -5.39 38.97
N ARG L 400 -56.71 -4.23 38.45
CA ARG L 400 -57.86 -3.45 38.89
C ARG L 400 -57.90 -3.29 40.42
N ARG L 401 -56.80 -2.77 40.95
CA ARG L 401 -56.66 -2.57 42.39
C ARG L 401 -56.47 -1.09 42.68
N LYS L 402 -56.84 -0.69 43.89
CA LYS L 402 -56.69 0.70 44.33
C LYS L 402 -55.22 1.07 44.45
N ILE L 403 -54.48 0.29 45.24
CA ILE L 403 -53.10 0.64 45.56
C ILE L 403 -52.18 -0.55 45.34
N ALA L 404 -50.87 -0.29 45.32
CA ALA L 404 -49.86 -1.35 45.28
C ALA L 404 -49.73 -1.89 46.70
N THR L 405 -50.41 -3.01 46.95
CA THR L 405 -50.33 -3.69 48.24
C THR L 405 -48.88 -4.09 48.51
N GLU L 406 -48.53 -4.27 49.79
CA GLU L 406 -47.17 -4.69 50.13
C GLU L 406 -46.79 -5.98 49.42
N LYS L 407 -47.66 -6.99 49.50
CA LYS L 407 -47.39 -8.25 48.83
C LYS L 407 -47.30 -8.08 47.33
N ASP L 408 -48.09 -7.16 46.77
CA ASP L 408 -47.96 -6.85 45.35
C ASP L 408 -46.57 -6.29 45.06
N PHE L 409 -46.04 -5.48 45.98
CA PHE L 409 -44.67 -5.01 45.85
C PHE L 409 -43.68 -6.16 45.95
N LEU L 410 -44.01 -7.17 46.76
CA LEU L 410 -43.25 -8.41 46.75
C LEU L 410 -43.20 -9.01 45.35
N GLU L 411 -44.37 -9.19 44.74
CA GLU L 411 -44.43 -9.68 43.37
C GLU L 411 -43.62 -8.81 42.41
N ALA L 412 -43.63 -7.50 42.64
CA ALA L 412 -42.88 -6.59 41.79
C ALA L 412 -41.39 -6.85 41.88
N VAL L 413 -40.86 -6.88 43.11
CA VAL L 413 -39.43 -7.16 43.27
C VAL L 413 -39.07 -8.54 42.77
N ASN L 414 -39.97 -9.52 42.88
CA ASN L 414 -39.70 -10.84 42.31
C ASN L 414 -39.54 -10.76 40.81
N LYS L 415 -40.49 -10.12 40.11
CA LYS L 415 -40.37 -10.06 38.65
C LYS L 415 -39.21 -9.18 38.22
N VAL L 416 -38.77 -8.26 39.08
CA VAL L 416 -37.59 -7.47 38.74
C VAL L 416 -36.32 -8.14 39.21
N ILE L 417 -36.41 -9.01 40.22
CA ILE L 417 -35.25 -9.83 40.58
C ILE L 417 -34.94 -10.81 39.46
N LYS L 418 -35.96 -11.51 38.97
CA LYS L 418 -35.75 -12.41 37.84
C LYS L 418 -35.51 -11.64 36.55
N SER L 419 -36.25 -10.54 36.36
CA SER L 419 -36.08 -9.73 35.16
C SER L 419 -34.65 -9.19 35.07
N TYR L 420 -34.16 -8.60 36.14
CA TYR L 420 -32.79 -8.12 36.18
C TYR L 420 -31.79 -9.26 36.22
N ALA L 421 -32.22 -10.45 36.65
CA ALA L 421 -31.32 -11.60 36.67
C ALA L 421 -31.05 -12.11 35.26
N LYS L 422 -32.09 -12.25 34.44
CA LYS L 422 -31.99 -12.69 33.07
C LYS L 422 -32.26 -11.54 32.11
N PHE L 423 -31.79 -10.35 32.48
CA PHE L 423 -32.04 -9.15 31.70
C PHE L 423 -31.46 -9.30 30.30
N SER L 424 -32.05 -8.55 29.36
CA SER L 424 -31.62 -8.60 27.96
C SER L 424 -30.14 -8.29 27.81
N ALA L 425 -29.74 -7.08 28.19
CA ALA L 425 -28.32 -6.73 28.15
C ALA L 425 -27.54 -7.46 29.24
N THR L 426 -28.19 -7.82 30.33
CA THR L 426 -27.51 -8.48 31.45
C THR L 426 -28.24 -9.74 31.88
N ALA M 46 -64.06 28.08 30.15
CA ALA M 46 -62.61 28.24 30.10
C ALA M 46 -62.05 28.49 31.50
N SER M 47 -61.55 27.43 32.13
CA SER M 47 -60.97 27.50 33.47
C SER M 47 -62.01 28.00 34.48
N LYS M 48 -63.24 27.53 34.31
CA LYS M 48 -64.33 28.00 35.16
C LYS M 48 -64.16 27.54 36.61
N LEU M 49 -63.48 26.41 36.82
CA LEU M 49 -63.30 25.95 38.19
C LEU M 49 -62.16 24.94 38.22
N PRO M 50 -61.15 25.15 39.08
CA PRO M 50 -59.95 24.31 39.06
C PRO M 50 -60.06 23.00 39.82
N LEU M 51 -61.03 22.86 40.72
CA LEU M 51 -61.07 21.77 41.67
C LEU M 51 -61.44 20.46 40.96
N VAL M 52 -60.58 19.46 41.11
CA VAL M 52 -60.88 18.10 40.68
C VAL M 52 -60.46 17.13 41.79
N THR M 53 -60.23 17.66 42.98
CA THR M 53 -59.56 16.89 44.04
C THR M 53 -60.29 15.63 44.50
N PRO M 54 -61.63 15.54 44.48
CA PRO M 54 -62.24 14.28 44.94
C PRO M 54 -61.94 13.09 44.04
N HIS M 55 -62.01 13.26 42.73
CA HIS M 55 -61.70 12.18 41.78
C HIS M 55 -62.64 10.99 41.96
N THR M 56 -63.91 11.28 42.26
CA THR M 56 -64.87 10.25 42.58
C THR M 56 -66.27 10.84 42.44
N GLN M 57 -67.26 10.10 42.94
CA GLN M 57 -68.63 10.59 43.07
C GLN M 57 -68.90 11.17 44.45
N CYS M 58 -67.93 11.87 45.02
CA CYS M 58 -68.10 12.47 46.33
C CYS M 58 -69.20 13.52 46.30
N ARG M 59 -70.02 13.56 47.36
CA ARG M 59 -71.05 14.58 47.47
C ARG M 59 -70.48 15.99 47.46
N LEU M 60 -69.21 16.13 47.85
CA LEU M 60 -68.46 17.35 47.57
C LEU M 60 -68.57 17.76 46.12
N LYS M 61 -68.21 16.86 45.21
CA LYS M 61 -68.27 17.17 43.79
C LYS M 61 -69.69 17.46 43.33
N LEU M 62 -70.68 16.70 43.82
CA LEU M 62 -72.05 16.96 43.42
C LEU M 62 -72.49 18.35 43.85
N LEU M 63 -72.14 18.74 45.07
CA LEU M 63 -72.40 20.10 45.53
C LEU M 63 -71.67 21.12 44.65
N LYS M 64 -70.42 20.81 44.29
CA LYS M 64 -69.64 21.71 43.44
C LYS M 64 -70.33 21.94 42.10
N LEU M 65 -70.64 20.86 41.38
CA LEU M 65 -71.11 21.00 40.01
C LEU M 65 -72.56 21.46 39.98
N GLU M 66 -73.33 21.17 41.02
CA GLU M 66 -74.67 21.73 41.16
C GLU M 66 -74.64 23.22 41.47
N ARG M 67 -73.72 23.66 42.32
CA ARG M 67 -73.57 25.09 42.55
C ARG M 67 -73.16 25.81 41.28
N ILE M 68 -72.07 25.35 40.66
CA ILE M 68 -71.63 25.92 39.38
C ILE M 68 -72.74 25.89 38.35
N LYS M 69 -73.54 24.84 38.36
CA LYS M 69 -74.70 24.79 37.48
C LYS M 69 -75.67 25.92 37.76
N ASP M 70 -76.07 26.09 39.02
CA ASP M 70 -77.05 27.11 39.33
C ASP M 70 -76.49 28.51 39.09
N TYR M 71 -75.18 28.70 39.32
CA TYR M 71 -74.55 29.96 38.96
C TYR M 71 -74.64 30.21 37.46
N LEU M 72 -74.25 29.25 36.63
CA LEU M 72 -74.36 29.41 35.18
C LEU M 72 -75.78 29.70 34.73
N LEU M 73 -76.76 28.99 35.27
CA LEU M 73 -78.15 29.27 34.93
C LEU M 73 -78.51 30.70 35.31
N MET M 74 -78.06 31.15 36.48
CA MET M 74 -78.33 32.50 36.92
C MET M 74 -77.72 33.53 35.99
N GLU M 75 -76.47 33.33 35.58
CA GLU M 75 -75.85 34.24 34.64
C GLU M 75 -76.59 34.27 33.32
N GLU M 76 -76.89 33.09 32.77
CA GLU M 76 -77.59 33.00 31.49
C GLU M 76 -78.97 33.65 31.56
N GLU M 77 -79.59 33.63 32.73
CA GLU M 77 -80.91 34.22 32.88
C GLU M 77 -80.85 35.72 33.11
N PHE M 78 -79.92 36.18 33.96
CA PHE M 78 -79.77 37.61 34.19
C PHE M 78 -79.35 38.32 32.91
N ILE M 79 -78.35 37.79 32.22
CA ILE M 79 -78.05 38.28 30.87
C ILE M 79 -79.22 38.04 29.93
N ARG M 80 -80.00 36.98 30.17
CA ARG M 80 -81.17 36.72 29.35
C ARG M 80 -82.20 37.84 29.47
N ASN M 81 -82.29 38.47 30.65
CA ASN M 81 -83.22 39.56 30.89
C ASN M 81 -82.67 40.89 30.39
N GLN M 82 -81.55 40.89 29.67
CA GLN M 82 -81.07 42.10 29.02
C GLN M 82 -81.70 42.27 27.65
N GLU M 83 -81.70 41.22 26.84
CA GLU M 83 -82.37 41.23 25.55
C GLU M 83 -83.87 41.12 25.66
N GLN M 84 -84.40 41.04 26.89
CA GLN M 84 -85.84 41.06 27.11
C GLN M 84 -86.36 42.47 27.39
N MET M 85 -85.79 43.15 28.37
CA MET M 85 -86.19 44.53 28.66
C MET M 85 -85.64 45.50 27.62
N LYS M 86 -84.36 45.33 27.27
CA LYS M 86 -83.74 46.25 26.32
C LYS M 86 -82.80 45.52 25.37
N PRO M 87 -83.32 44.66 24.49
CA PRO M 87 -82.48 44.05 23.46
C PRO M 87 -81.89 45.10 22.53
N LEU M 88 -80.57 45.30 22.63
CA LEU M 88 -79.86 46.34 21.91
C LEU M 88 -78.59 45.78 21.29
N GLU M 89 -78.06 46.50 20.30
CA GLU M 89 -76.94 46.00 19.52
C GLU M 89 -75.89 47.09 19.29
N GLU M 90 -75.51 47.79 20.35
CA GLU M 90 -74.52 48.86 20.28
C GLU M 90 -73.13 48.35 20.67
N LYS M 91 -72.90 47.06 20.48
CA LYS M 91 -71.64 46.48 20.92
C LYS M 91 -71.12 45.45 19.92
N GLN M 92 -71.54 45.54 18.66
CA GLN M 92 -71.03 44.62 17.64
C GLN M 92 -70.19 45.38 16.62
N GLU M 93 -70.79 46.38 15.98
CA GLU M 93 -70.10 47.16 14.96
C GLU M 93 -69.68 48.53 15.44
N GLU M 94 -70.12 48.95 16.64
CA GLU M 94 -69.67 50.23 17.17
C GLU M 94 -68.21 50.14 17.61
N GLU M 95 -67.90 49.20 18.50
CA GLU M 95 -66.52 49.01 18.92
C GLU M 95 -65.67 48.43 17.80
N ARG M 96 -66.21 47.46 17.06
CA ARG M 96 -65.47 46.84 15.97
C ARG M 96 -65.17 47.85 14.87
N SER M 97 -66.20 48.56 14.40
CA SER M 97 -65.99 49.58 13.39
C SER M 97 -65.09 50.71 13.89
N LYS M 98 -65.29 51.15 15.14
CA LYS M 98 -64.50 52.25 15.68
C LYS M 98 -63.00 51.94 15.69
N VAL M 99 -62.63 50.73 16.05
CA VAL M 99 -61.23 50.32 16.10
C VAL M 99 -60.71 49.92 14.72
N ASP M 100 -61.57 49.34 13.88
CA ASP M 100 -61.17 49.08 12.50
C ASP M 100 -60.77 50.36 11.79
N ASP M 101 -61.40 51.48 12.14
CA ASP M 101 -61.01 52.77 11.60
C ASP M 101 -59.90 53.43 12.38
N LEU M 102 -59.83 53.21 13.70
CA LEU M 102 -58.71 53.72 14.48
C LEU M 102 -57.41 53.13 13.98
N ARG M 103 -57.31 51.80 13.96
CA ARG M 103 -56.17 51.14 13.34
C ARG M 103 -56.19 51.39 11.84
N GLY M 104 -55.22 50.84 11.11
CA GLY M 104 -55.17 51.12 9.66
C GLY M 104 -55.34 50.03 8.61
N THR M 105 -55.25 50.44 7.34
CA THR M 105 -55.37 49.55 6.17
C THR M 105 -54.02 48.89 5.93
N PRO M 106 -53.29 49.30 4.85
CA PRO M 106 -51.92 48.90 4.51
C PRO M 106 -51.11 48.11 5.55
N MET M 107 -51.81 47.59 6.58
CA MET M 107 -51.41 46.68 7.64
C MET M 107 -50.06 46.03 7.37
N SER M 108 -49.01 46.84 7.42
CA SER M 108 -47.64 46.38 7.27
C SER M 108 -47.37 45.25 8.25
N VAL M 109 -46.82 44.15 7.73
CA VAL M 109 -46.47 43.01 8.56
C VAL M 109 -45.06 43.23 9.09
N GLY M 110 -44.92 43.18 10.42
CA GLY M 110 -43.64 43.32 11.07
C GLY M 110 -43.20 42.06 11.78
N THR M 111 -42.07 42.17 12.48
CA THR M 111 -41.55 41.03 13.21
C THR M 111 -41.22 41.44 14.64
N LEU M 112 -41.71 40.68 15.61
CA LEU M 112 -41.38 40.95 17.00
C LEU M 112 -39.89 40.78 17.23
N GLU M 113 -39.32 41.66 18.05
CA GLU M 113 -37.94 41.51 18.49
C GLU M 113 -37.84 41.23 19.97
N GLU M 114 -38.39 42.11 20.81
CA GLU M 114 -38.31 41.95 22.24
C GLU M 114 -39.59 42.47 22.87
N ILE M 115 -39.81 42.07 24.11
CA ILE M 115 -40.97 42.50 24.89
C ILE M 115 -40.46 43.25 26.10
N ILE M 116 -40.98 44.46 26.28
CA ILE M 116 -40.58 45.29 27.40
C ILE M 116 -41.81 45.81 28.13
N ASP M 117 -41.78 45.65 29.45
CA ASP M 117 -42.85 46.11 30.33
C ASP M 117 -44.27 45.65 29.98
N ASP M 118 -45.09 46.59 29.53
CA ASP M 118 -46.50 46.33 29.25
C ASP M 118 -46.97 46.72 27.86
N ASN M 119 -46.52 47.83 27.31
CA ASN M 119 -47.18 48.34 26.12
C ASN M 119 -46.22 48.60 24.97
N HIS M 120 -45.02 49.06 25.28
CA HIS M 120 -43.99 49.30 24.27
C HIS M 120 -43.14 48.05 24.13
N ALA M 121 -42.91 47.63 22.89
CA ALA M 121 -41.96 46.59 22.55
C ALA M 121 -41.13 47.07 21.39
N ILE M 122 -40.10 46.29 21.06
CA ILE M 122 -39.21 46.60 19.96
C ILE M 122 -39.52 45.67 18.79
N VAL M 123 -39.74 46.27 17.63
CA VAL M 123 -40.16 45.54 16.45
C VAL M 123 -39.11 45.75 15.36
N SER M 124 -39.23 44.95 14.31
CA SER M 124 -38.32 45.00 13.17
C SER M 124 -39.14 44.97 11.89
N THR M 125 -38.91 45.95 11.04
CA THR M 125 -39.57 45.99 9.75
C THR M 125 -38.98 44.92 8.83
N SER M 126 -39.52 44.82 7.62
CA SER M 126 -39.05 43.82 6.67
C SER M 126 -37.60 44.06 6.24
N VAL M 127 -37.09 45.28 6.38
CA VAL M 127 -35.75 45.59 5.92
C VAL M 127 -34.73 45.69 7.06
N GLY M 128 -35.18 45.86 8.30
CA GLY M 128 -34.30 46.01 9.43
C GLY M 128 -34.54 47.25 10.25
N SER M 129 -35.33 48.21 9.76
CA SER M 129 -35.68 49.38 10.55
C SER M 129 -36.49 48.96 11.77
N GLU M 130 -35.91 49.12 12.94
CA GLU M 130 -36.49 48.60 14.18
C GLU M 130 -36.99 49.75 15.05
N HIS M 131 -38.26 49.65 15.42
CA HIS M 131 -38.93 50.77 16.07
C HIS M 131 -39.39 50.37 17.47
N TYR M 132 -39.39 51.35 18.35
CA TYR M 132 -39.69 51.19 19.77
C TYR M 132 -41.15 51.57 19.98
N VAL M 133 -42.04 50.70 19.53
CA VAL M 133 -43.44 51.06 19.35
C VAL M 133 -44.28 50.40 20.42
N SER M 134 -45.29 51.15 20.88
CA SER M 134 -46.24 50.65 21.86
C SER M 134 -47.35 49.86 21.18
N ILE M 135 -47.92 48.92 21.92
CA ILE M 135 -48.96 48.05 21.39
C ILE M 135 -50.31 48.45 21.99
N LEU M 136 -51.38 48.06 21.31
CA LEU M 136 -52.73 48.35 21.76
C LEU M 136 -53.27 47.18 22.58
N SER M 137 -54.35 47.44 23.31
CA SER M 137 -55.03 46.40 24.07
C SER M 137 -56.08 45.71 23.21
N PHE M 138 -55.69 45.33 22.00
CA PHE M 138 -56.59 44.76 21.02
C PHE M 138 -56.16 43.38 20.55
N VAL M 139 -54.87 43.11 20.50
CA VAL M 139 -54.33 41.83 20.09
C VAL M 139 -54.20 40.96 21.33
N ASP M 140 -54.26 39.65 21.13
CA ASP M 140 -54.08 38.71 22.23
C ASP M 140 -52.66 38.84 22.78
N LYS M 141 -52.55 39.42 23.97
CA LYS M 141 -51.27 39.54 24.62
C LYS M 141 -50.72 38.19 25.07
N ASP M 142 -51.56 37.16 25.11
CA ASP M 142 -51.11 35.83 25.52
C ASP M 142 -50.30 35.15 24.43
N LEU M 143 -50.76 35.22 23.18
CA LEU M 143 -50.08 34.61 22.05
C LEU M 143 -48.97 35.49 21.50
N LEU M 144 -48.46 36.42 22.29
CA LEU M 144 -47.45 37.39 21.86
C LEU M 144 -46.10 36.94 22.42
N GLU M 145 -45.31 36.28 21.58
CA GLU M 145 -43.96 35.89 21.95
C GLU M 145 -42.98 36.32 20.86
N PRO M 146 -41.68 36.35 21.17
CA PRO M 146 -40.70 36.79 20.18
C PRO M 146 -40.67 35.88 18.96
N GLY M 147 -40.20 36.43 17.85
CA GLY M 147 -40.17 35.68 16.61
C GLY M 147 -41.53 35.49 15.98
N CYS M 148 -42.41 36.48 16.07
CA CYS M 148 -43.77 36.36 15.56
C CYS M 148 -44.09 37.53 14.64
N SER M 149 -44.85 37.23 13.59
CA SER M 149 -45.36 38.26 12.69
C SER M 149 -46.36 39.13 13.42
N VAL M 150 -46.38 40.41 13.05
CA VAL M 150 -47.25 41.38 13.71
C VAL M 150 -47.85 42.33 12.70
N LEU M 151 -48.78 43.15 13.15
CA LEU M 151 -49.43 44.15 12.32
C LEU M 151 -49.06 45.53 12.84
N LEU M 152 -48.69 46.42 11.94
CA LEU M 152 -48.21 47.73 12.34
C LEU M 152 -48.97 48.84 11.63
N ASN M 153 -48.78 50.04 12.14
CA ASN M 153 -49.38 51.26 11.64
C ASN M 153 -48.39 51.93 10.68
N HIS M 154 -48.88 52.92 9.94
CA HIS M 154 -48.03 53.69 9.04
C HIS M 154 -47.34 54.83 9.77
N LYS M 155 -48.12 55.74 10.36
CA LYS M 155 -47.52 56.92 11.00
C LYS M 155 -46.73 56.52 12.23
N VAL M 156 -47.42 56.00 13.26
CA VAL M 156 -46.73 55.61 14.49
C VAL M 156 -46.14 54.21 14.40
N HIS M 157 -46.57 53.41 13.43
CA HIS M 157 -46.11 52.03 13.30
C HIS M 157 -46.46 51.19 14.52
N ALA M 158 -47.50 51.59 15.24
CA ALA M 158 -47.89 50.88 16.45
C ALA M 158 -48.39 49.48 16.10
N VAL M 159 -48.19 48.56 17.04
CA VAL M 159 -48.64 47.18 16.84
C VAL M 159 -50.16 47.16 16.86
N ILE M 160 -50.76 46.79 15.74
CA ILE M 160 -52.21 46.75 15.61
C ILE M 160 -52.75 45.35 15.87
N GLY M 161 -52.31 44.38 15.08
CA GLY M 161 -52.79 43.01 15.23
C GLY M 161 -51.65 42.03 15.05
N VAL M 162 -51.98 40.75 15.25
CA VAL M 162 -51.02 39.67 15.10
C VAL M 162 -51.54 38.72 14.03
N LEU M 163 -50.63 38.17 13.25
CA LEU M 163 -50.95 37.17 12.25
C LEU M 163 -50.72 35.78 12.81
N MET M 164 -51.72 34.91 12.65
CA MET M 164 -51.57 33.54 13.08
C MET M 164 -50.45 32.86 12.29
N ASP M 165 -49.81 31.89 12.95
CA ASP M 165 -48.67 31.21 12.36
C ASP M 165 -49.13 30.11 11.41
N ASP M 166 -48.19 29.62 10.61
CA ASP M 166 -48.47 28.55 9.67
C ASP M 166 -48.17 27.19 10.30
N THR M 167 -48.46 26.14 9.56
CA THR M 167 -48.06 24.78 9.94
C THR M 167 -46.68 24.53 9.36
N ASP M 168 -45.70 24.38 10.24
CA ASP M 168 -44.31 24.19 9.87
C ASP M 168 -44.12 22.97 8.97
N PRO M 169 -43.17 23.02 8.05
CA PRO M 169 -42.99 21.90 7.11
C PRO M 169 -42.50 20.64 7.77
N LEU M 170 -41.85 20.78 8.94
CA LEU M 170 -41.27 19.62 9.62
C LEU M 170 -42.33 18.60 9.99
N VAL M 171 -43.46 19.04 10.54
CA VAL M 171 -44.54 18.13 10.88
C VAL M 171 -45.01 17.37 9.65
N THR M 172 -45.22 18.10 8.55
CA THR M 172 -45.59 17.47 7.29
C THR M 172 -44.54 16.48 6.81
N VAL M 173 -43.28 16.70 7.15
CA VAL M 173 -42.21 15.83 6.65
C VAL M 173 -42.15 14.54 7.47
N MET M 174 -42.17 14.67 8.79
CA MET M 174 -41.85 13.55 9.67
C MET M 174 -43.08 12.82 10.21
N LYS M 175 -44.19 13.53 10.44
CA LYS M 175 -45.34 12.92 11.06
C LYS M 175 -46.13 12.10 10.05
N VAL M 176 -46.37 10.84 10.37
CA VAL M 176 -47.30 10.03 9.60
C VAL M 176 -48.69 10.63 9.80
N GLU M 177 -49.23 11.23 8.74
CA GLU M 177 -50.38 12.13 8.90
C GLU M 177 -51.63 11.39 9.35
N LYS M 178 -51.93 10.26 8.73
CA LYS M 178 -53.16 9.53 9.00
C LYS M 178 -52.85 8.12 9.48
N ALA M 179 -53.90 7.35 9.69
CA ALA M 179 -53.73 5.92 9.95
C ALA M 179 -53.18 5.27 8.69
N PRO M 180 -51.89 4.92 8.65
CA PRO M 180 -51.27 4.56 7.37
C PRO M 180 -51.69 3.21 6.84
N GLN M 181 -51.74 2.21 7.70
CA GLN M 181 -51.81 0.81 7.27
C GLN M 181 -52.75 0.04 8.19
N GLU M 182 -52.68 -1.29 8.08
CA GLU M 182 -53.70 -2.18 8.63
C GLU M 182 -53.74 -2.12 10.15
N THR M 183 -54.92 -2.44 10.67
CA THR M 183 -55.18 -2.48 12.10
C THR M 183 -54.89 -3.89 12.60
N TYR M 184 -55.32 -4.20 13.82
CA TYR M 184 -54.90 -5.40 14.53
C TYR M 184 -55.35 -6.72 13.87
N ALA M 185 -56.01 -6.68 12.72
CA ALA M 185 -56.21 -7.90 11.95
C ALA M 185 -54.98 -8.32 11.16
N ASP M 186 -53.87 -7.58 11.26
CA ASP M 186 -52.68 -7.82 10.45
C ASP M 186 -51.59 -8.54 11.23
N ILE M 187 -51.76 -8.69 12.55
CA ILE M 187 -50.75 -9.38 13.35
C ILE M 187 -50.62 -10.83 12.91
N GLY M 188 -49.37 -11.27 12.79
CA GLY M 188 -49.10 -12.69 12.65
C GLY M 188 -49.14 -13.33 14.02
N GLY M 189 -48.39 -12.76 14.97
CA GLY M 189 -48.57 -13.11 16.36
C GLY M 189 -47.71 -12.32 17.32
N LEU M 190 -48.37 -11.73 18.33
CA LEU M 190 -47.72 -11.03 19.44
C LEU M 190 -48.75 -10.82 20.54
N ASP M 191 -48.50 -11.32 21.75
CA ASP M 191 -49.47 -11.11 22.81
C ASP M 191 -48.82 -10.43 24.01
N ASN M 192 -47.62 -10.87 24.37
CA ASN M 192 -46.91 -10.22 25.47
C ASN M 192 -46.33 -8.89 25.02
N GLN M 193 -45.89 -8.84 23.76
CA GLN M 193 -45.50 -7.58 23.15
C GLN M 193 -46.64 -6.58 23.18
N ILE M 194 -47.81 -6.98 22.70
CA ILE M 194 -48.99 -6.11 22.67
C ILE M 194 -49.37 -5.70 24.09
N GLN M 195 -49.25 -6.62 25.04
CA GLN M 195 -49.55 -6.27 26.43
C GLN M 195 -48.60 -5.22 26.96
N GLU M 196 -47.30 -5.42 26.77
CA GLU M 196 -46.30 -4.47 27.25
C GLU M 196 -46.51 -3.08 26.66
N ILE M 197 -46.60 -2.99 25.32
CA ILE M 197 -46.79 -1.69 24.71
C ILE M 197 -48.14 -1.09 25.06
N LYS M 198 -49.15 -1.92 25.28
CA LYS M 198 -50.49 -1.40 25.58
C LYS M 198 -50.54 -0.78 26.97
N GLU M 199 -50.28 -1.59 28.01
CA GLU M 199 -50.28 -1.05 29.36
C GLU M 199 -49.16 -0.04 29.60
N SER M 200 -48.16 -0.01 28.74
CA SER M 200 -47.17 1.05 28.78
C SER M 200 -47.68 2.34 28.17
N VAL M 201 -48.50 2.26 27.13
CA VAL M 201 -48.98 3.45 26.45
C VAL M 201 -50.50 3.48 26.39
N GLU M 202 -51.10 2.42 25.81
CA GLU M 202 -52.52 2.45 25.51
C GLU M 202 -53.37 2.51 26.77
N LEU M 203 -53.22 1.50 27.64
CA LEU M 203 -53.94 1.51 28.91
C LEU M 203 -53.75 2.78 29.73
N PRO M 204 -52.54 3.35 29.86
CA PRO M 204 -52.39 4.63 30.57
C PRO M 204 -53.27 5.74 30.03
N LEU M 205 -53.12 6.08 28.75
CA LEU M 205 -53.88 7.21 28.21
C LEU M 205 -55.37 6.91 28.16
N THR M 206 -55.74 5.69 27.78
CA THR M 206 -57.14 5.34 27.67
C THR M 206 -57.84 5.38 29.02
N HIS M 207 -57.28 4.69 30.01
CA HIS M 207 -57.89 4.62 31.34
C HIS M 207 -56.88 5.14 32.37
N PRO M 208 -56.69 6.46 32.46
CA PRO M 208 -55.76 7.03 33.44
C PRO M 208 -56.37 7.10 34.85
N GLU M 209 -56.84 5.95 35.32
CA GLU M 209 -57.43 5.84 36.65
C GLU M 209 -56.76 4.75 37.46
N TYR M 210 -55.51 4.42 37.13
CA TYR M 210 -54.73 3.49 37.93
C TYR M 210 -53.45 4.17 38.40
N TYR M 211 -52.92 5.06 37.57
CA TYR M 211 -51.65 5.71 37.87
C TYR M 211 -51.81 6.84 38.87
N GLU M 212 -52.96 7.51 38.87
CA GLU M 212 -53.23 8.58 39.82
C GLU M 212 -53.92 8.06 41.07
N GLU M 213 -54.23 6.76 41.14
CA GLU M 213 -54.68 6.18 42.40
C GLU M 213 -53.51 6.04 43.37
N MET M 214 -52.38 5.55 42.87
CA MET M 214 -51.17 5.37 43.67
C MET M 214 -50.17 6.51 43.49
N GLY M 215 -50.36 7.35 42.48
CA GLY M 215 -49.35 8.33 42.14
C GLY M 215 -48.14 7.75 41.44
N ILE M 216 -48.27 6.58 40.82
CA ILE M 216 -47.17 5.90 40.15
C ILE M 216 -47.17 6.27 38.68
N LYS M 217 -46.03 6.77 38.20
CA LYS M 217 -45.91 7.14 36.81
C LYS M 217 -45.55 5.93 35.96
N PRO M 218 -45.95 5.93 34.69
CA PRO M 218 -45.72 4.75 33.84
C PRO M 218 -44.27 4.65 33.42
N PRO M 219 -43.86 3.50 32.87
CA PRO M 219 -42.52 3.40 32.30
C PRO M 219 -42.38 4.32 31.08
N LYS M 220 -41.14 4.74 30.84
CA LYS M 220 -40.89 5.74 29.81
C LYS M 220 -40.51 5.13 28.46
N GLY M 221 -39.40 4.41 28.41
CA GLY M 221 -38.83 3.95 27.16
C GLY M 221 -39.18 2.51 26.87
N VAL M 222 -39.19 2.17 25.58
CA VAL M 222 -39.49 0.82 25.13
C VAL M 222 -38.59 0.49 23.94
N ILE M 223 -37.85 -0.61 24.06
CA ILE M 223 -36.98 -1.10 23.01
C ILE M 223 -37.62 -2.33 22.40
N LEU M 224 -37.87 -2.27 21.09
CA LEU M 224 -38.43 -3.41 20.35
C LEU M 224 -37.29 -4.06 19.57
N TYR M 225 -36.92 -5.27 19.97
CA TYR M 225 -35.76 -5.91 19.36
C TYR M 225 -36.04 -7.38 19.10
N GLY M 226 -35.22 -7.94 18.22
CA GLY M 226 -35.39 -9.28 17.73
C GLY M 226 -34.78 -9.40 16.35
N PRO M 227 -34.86 -10.59 15.75
CA PRO M 227 -34.29 -10.77 14.42
C PRO M 227 -35.01 -9.89 13.41
N PRO M 228 -34.36 -9.58 12.28
CA PRO M 228 -35.00 -8.72 11.27
C PRO M 228 -36.17 -9.43 10.61
N GLY M 229 -36.97 -8.64 9.90
CA GLY M 229 -38.16 -9.18 9.28
C GLY M 229 -39.16 -9.73 10.28
N THR M 230 -39.19 -9.17 11.49
CA THR M 230 -40.05 -9.67 12.55
C THR M 230 -41.42 -9.01 12.58
N GLY M 231 -41.53 -7.77 12.10
CA GLY M 231 -42.81 -7.08 12.11
C GLY M 231 -42.81 -5.88 13.02
N LYS M 232 -41.62 -5.37 13.33
CA LYS M 232 -41.50 -4.16 14.13
C LYS M 232 -42.25 -3.01 13.49
N THR M 233 -42.03 -2.79 12.19
CA THR M 233 -42.80 -1.81 11.44
C THR M 233 -44.29 -2.11 11.51
N LEU M 234 -44.65 -3.41 11.53
CA LEU M 234 -46.05 -3.78 11.62
C LEU M 234 -46.68 -3.26 12.91
N LEU M 235 -46.05 -3.54 14.05
CA LEU M 235 -46.64 -3.11 15.30
C LEU M 235 -46.57 -1.60 15.47
N ALA M 236 -45.48 -0.98 15.04
CA ALA M 236 -45.39 0.48 15.15
C ALA M 236 -46.50 1.15 14.34
N LYS M 237 -46.66 0.73 13.09
CA LYS M 237 -47.72 1.30 12.27
C LYS M 237 -49.10 0.84 12.73
N ALA M 238 -49.15 -0.22 13.54
CA ALA M 238 -50.41 -0.70 14.07
C ALA M 238 -50.89 0.18 15.21
N VAL M 239 -50.03 0.42 16.19
CA VAL M 239 -50.36 1.34 17.25
C VAL M 239 -50.56 2.75 16.70
N ALA M 240 -49.79 3.11 15.67
CA ALA M 240 -50.03 4.39 15.01
C ALA M 240 -51.40 4.41 14.34
N ASN M 241 -51.84 3.26 13.81
CA ASN M 241 -53.18 3.17 13.24
C ASN M 241 -54.23 3.36 14.31
N GLN M 242 -54.26 2.46 15.29
CA GLN M 242 -55.18 2.53 16.41
C GLN M 242 -54.52 3.36 17.50
N THR M 243 -54.76 4.66 17.49
CA THR M 243 -54.20 5.56 18.47
C THR M 243 -55.10 6.79 18.57
N SER M 244 -54.86 7.59 19.61
CA SER M 244 -55.60 8.82 19.80
C SER M 244 -54.70 10.05 19.82
N ALA M 245 -53.42 9.91 20.11
CA ALA M 245 -52.47 11.00 20.14
C ALA M 245 -51.66 11.02 18.85
N THR M 246 -50.85 12.06 18.70
CA THR M 246 -50.01 12.21 17.52
C THR M 246 -48.99 11.08 17.45
N PHE M 247 -48.50 10.83 16.25
CA PHE M 247 -47.48 9.82 16.03
C PHE M 247 -46.37 10.40 15.17
N LEU M 248 -45.13 9.97 15.44
CA LEU M 248 -43.98 10.40 14.67
C LEU M 248 -43.15 9.18 14.29
N ARG M 249 -42.69 9.15 13.04
CA ARG M 249 -41.78 8.12 12.57
C ARG M 249 -40.44 8.76 12.23
N VAL M 250 -39.35 8.11 12.66
CA VAL M 250 -38.02 8.66 12.48
C VAL M 250 -37.07 7.59 11.97
N VAL M 251 -36.22 7.98 11.03
CA VAL M 251 -35.16 7.12 10.49
C VAL M 251 -33.84 7.66 11.01
N GLY M 252 -32.84 6.78 11.15
CA GLY M 252 -31.58 7.17 11.75
C GLY M 252 -30.48 7.52 10.76
N SER M 253 -30.50 6.89 9.58
CA SER M 253 -29.48 7.15 8.57
C SER M 253 -29.49 8.59 8.09
N GLU M 254 -30.59 9.31 8.31
CA GLU M 254 -30.78 10.66 7.80
C GLU M 254 -30.19 11.72 8.72
N LEU M 255 -29.43 11.31 9.73
CA LEU M 255 -28.87 12.20 10.72
C LEU M 255 -27.41 12.53 10.44
N ILE M 256 -27.05 12.69 9.17
CA ILE M 256 -25.70 12.99 8.76
C ILE M 256 -25.76 14.12 7.75
N GLN M 257 -25.20 15.27 8.11
CA GLN M 257 -25.19 16.43 7.24
C GLN M 257 -23.82 16.63 6.60
N LYS M 258 -23.83 17.00 5.32
CA LYS M 258 -22.63 17.57 4.71
C LYS M 258 -22.26 18.90 5.34
N TYR M 259 -23.24 19.69 5.77
CA TYR M 259 -22.98 20.75 6.72
C TYR M 259 -22.51 20.11 8.02
N LEU M 260 -21.83 20.87 8.85
CA LEU M 260 -21.14 20.32 10.01
C LEU M 260 -21.91 20.60 11.28
N GLY M 261 -22.42 19.54 11.89
CA GLY M 261 -22.97 19.61 13.22
C GLY M 261 -24.40 20.08 13.36
N ASP M 262 -25.28 19.78 12.41
CA ASP M 262 -26.67 20.12 12.66
C ASP M 262 -27.28 19.06 13.58
N GLY M 263 -27.48 17.84 13.05
CA GLY M 263 -27.59 16.65 13.87
C GLY M 263 -28.56 16.77 15.01
N PRO M 264 -27.97 16.92 16.21
CA PRO M 264 -28.73 17.38 17.38
C PRO M 264 -29.62 18.58 17.14
N LYS M 265 -29.33 19.43 16.15
CA LYS M 265 -30.34 20.35 15.68
C LYS M 265 -31.61 19.61 15.28
N LEU M 266 -31.46 18.60 14.41
CA LEU M 266 -32.60 17.79 14.02
C LEU M 266 -33.26 17.12 15.20
N VAL M 267 -32.47 16.63 16.16
CA VAL M 267 -33.04 15.98 17.32
C VAL M 267 -33.85 16.97 18.15
N ARG M 268 -33.23 18.07 18.57
CA ARG M 268 -33.87 19.05 19.42
C ARG M 268 -35.12 19.65 18.79
N GLU M 269 -35.06 19.99 17.50
CA GLU M 269 -36.28 20.45 16.84
C GLU M 269 -37.32 19.35 16.74
N LEU M 270 -36.88 18.11 16.56
CA LEU M 270 -37.79 16.97 16.57
C LEU M 270 -38.59 16.92 17.87
N PHE M 271 -37.91 16.75 19.00
CA PHE M 271 -38.60 16.68 20.28
C PHE M 271 -39.29 17.98 20.62
N ARG M 272 -38.79 19.11 20.12
CA ARG M 272 -39.48 20.37 20.34
C ARG M 272 -40.87 20.35 19.69
N VAL M 273 -40.94 19.92 18.43
CA VAL M 273 -42.23 19.89 17.75
C VAL M 273 -43.13 18.81 18.37
N ALA M 274 -42.56 17.65 18.67
CA ALA M 274 -43.35 16.59 19.28
C ALA M 274 -43.95 17.02 20.61
N GLU M 275 -43.18 17.74 21.42
CA GLU M 275 -43.68 18.19 22.71
C GLU M 275 -44.67 19.33 22.56
N GLU M 276 -44.28 20.40 21.87
CA GLU M 276 -45.13 21.57 21.74
C GLU M 276 -46.44 21.27 21.01
N HIS M 277 -46.45 20.25 20.15
CA HIS M 277 -47.56 20.04 19.26
C HIS M 277 -48.80 19.53 20.00
N ALA M 278 -48.68 18.39 20.67
CA ALA M 278 -49.82 17.75 21.30
C ALA M 278 -49.33 16.54 22.08
N PRO M 279 -50.21 15.75 22.70
CA PRO M 279 -49.78 14.43 23.20
C PRO M 279 -49.09 13.64 22.11
N SER M 280 -47.79 13.40 22.32
CA SER M 280 -46.92 12.94 21.25
C SER M 280 -46.49 11.51 21.50
N ILE M 281 -46.62 10.70 20.46
CA ILE M 281 -46.13 9.33 20.46
C ILE M 281 -44.95 9.31 19.48
N VAL M 282 -43.74 9.41 20.01
CA VAL M 282 -42.56 9.43 19.17
C VAL M 282 -42.11 8.01 18.90
N PHE M 283 -41.70 7.75 17.67
CA PHE M 283 -41.15 6.46 17.29
C PHE M 283 -39.91 6.68 16.45
N ILE M 284 -38.80 6.08 16.86
CA ILE M 284 -37.56 6.14 16.11
C ILE M 284 -37.19 4.71 15.75
N ASP M 285 -37.18 4.40 14.47
CA ASP M 285 -36.68 3.11 14.03
C ASP M 285 -35.22 3.24 13.59
N GLU M 286 -34.49 2.14 13.71
CA GLU M 286 -33.10 2.07 13.30
C GLU M 286 -32.24 3.08 14.08
N ILE M 287 -32.11 2.79 15.38
CA ILE M 287 -31.11 3.48 16.19
C ILE M 287 -29.86 2.63 16.37
N ASP M 288 -29.89 1.36 15.95
CA ASP M 288 -28.77 0.45 16.17
C ASP M 288 -27.56 0.80 15.34
N ALA M 289 -27.74 1.16 14.07
CA ALA M 289 -26.63 1.55 13.21
C ALA M 289 -26.28 3.03 13.36
N ILE M 290 -26.73 3.66 14.43
CA ILE M 290 -26.43 5.08 14.66
C ILE M 290 -26.04 5.41 16.09
N GLY M 291 -26.32 4.57 17.09
CA GLY M 291 -26.03 4.92 18.47
C GLY M 291 -25.41 3.84 19.32
N THR M 292 -24.57 3.00 18.72
CA THR M 292 -24.21 1.73 19.36
C THR M 292 -23.36 1.93 20.62
N LYS M 293 -22.17 2.51 20.48
CA LYS M 293 -21.28 2.70 21.63
C LYS M 293 -20.03 3.41 21.13
N ARG M 294 -19.15 3.77 22.07
CA ARG M 294 -17.87 4.39 21.74
C ARG M 294 -16.80 3.32 21.47
N TYR M 295 -16.85 2.78 20.24
CA TYR M 295 -16.08 1.59 19.92
C TYR M 295 -14.58 1.84 19.98
N ASP M 296 -14.13 2.97 19.44
CA ASP M 296 -12.71 3.29 19.44
C ASP M 296 -12.41 4.71 19.89
N SER M 297 -13.40 5.56 20.12
CA SER M 297 -13.19 6.95 20.54
C SER M 297 -12.37 7.70 19.50
N ASN M 298 -12.80 7.60 18.23
CA ASN M 298 -12.09 8.22 17.13
C ASN M 298 -12.67 9.62 16.87
N SER M 299 -12.26 10.24 15.77
CA SER M 299 -12.80 11.55 15.43
C SER M 299 -13.30 11.58 13.98
N GLY M 300 -13.61 12.77 13.48
CA GLY M 300 -13.90 12.94 12.07
C GLY M 300 -15.20 12.30 11.65
N GLY M 301 -16.32 12.86 12.08
CA GLY M 301 -17.61 12.34 11.73
C GLY M 301 -18.16 11.38 12.76
N GLU M 302 -17.38 10.35 13.11
CA GLU M 302 -17.80 9.45 14.19
C GLU M 302 -17.94 10.19 15.51
N ARG M 303 -16.96 11.02 15.84
CA ARG M 303 -17.06 11.90 17.00
C ARG M 303 -18.30 12.79 16.90
N GLU M 304 -18.62 13.25 15.69
CA GLU M 304 -19.83 14.03 15.48
C GLU M 304 -21.07 13.23 15.85
N ILE M 305 -21.14 11.97 15.41
CA ILE M 305 -22.27 11.13 15.75
C ILE M 305 -22.33 10.91 17.25
N GLN M 306 -21.17 10.77 17.89
CA GLN M 306 -21.14 10.66 19.35
C GLN M 306 -21.75 11.89 20.01
N ARG M 307 -21.43 13.07 19.49
CA ARG M 307 -22.08 14.28 19.99
C ARG M 307 -23.58 14.25 19.75
N THR M 308 -24.00 13.76 18.58
CA THR M 308 -25.42 13.76 18.25
C THR M 308 -26.21 12.85 19.18
N MET M 309 -25.78 11.60 19.31
CA MET M 309 -26.42 10.69 20.25
C MET M 309 -26.30 11.20 21.68
N LEU M 310 -25.26 11.95 21.97
CA LEU M 310 -25.19 12.64 23.26
C LEU M 310 -26.35 13.59 23.44
N GLU M 311 -26.61 14.42 22.42
CA GLU M 311 -27.73 15.36 22.50
C GLU M 311 -29.06 14.62 22.52
N LEU M 312 -29.11 13.42 21.93
CA LEU M 312 -30.31 12.61 22.03
C LEU M 312 -30.40 11.98 23.41
N LEU M 313 -29.30 11.96 24.14
CA LEU M 313 -29.30 11.43 25.50
C LEU M 313 -29.79 12.48 26.49
N ASN M 314 -29.05 13.58 26.61
CA ASN M 314 -29.50 14.68 27.44
C ASN M 314 -30.86 15.20 26.98
N GLN M 315 -31.01 15.43 25.69
CA GLN M 315 -32.30 15.80 25.13
C GLN M 315 -33.34 14.70 25.33
N LEU M 316 -32.92 13.43 25.34
CA LEU M 316 -33.83 12.35 25.69
C LEU M 316 -34.44 12.60 27.07
N ASP M 317 -33.61 12.62 28.10
CA ASP M 317 -34.08 13.13 29.38
C ASP M 317 -32.94 13.72 30.20
N GLY M 318 -32.77 15.04 30.13
CA GLY M 318 -31.81 15.70 30.99
C GLY M 318 -32.39 16.49 32.15
N PHE M 319 -33.33 17.38 31.84
CA PHE M 319 -33.75 18.45 32.75
C PHE M 319 -35.23 18.71 32.59
N ASP M 320 -35.92 18.95 33.72
CA ASP M 320 -37.31 19.41 33.77
C ASP M 320 -38.19 18.54 32.87
N SER M 321 -38.38 17.30 33.33
CA SER M 321 -38.93 16.17 32.59
C SER M 321 -40.06 16.57 31.65
N ARG M 322 -39.99 16.06 30.42
CA ARG M 322 -40.77 16.62 29.32
C ARG M 322 -42.27 16.56 29.61
N GLY M 323 -42.82 15.38 29.85
CA GLY M 323 -44.23 15.27 30.17
C GLY M 323 -45.09 15.18 28.92
N ASP M 324 -45.97 14.17 28.88
CA ASP M 324 -46.79 13.91 27.71
C ASP M 324 -45.91 13.61 26.49
N VAL M 325 -44.75 13.03 26.75
CA VAL M 325 -43.76 12.75 25.72
C VAL M 325 -43.52 11.26 25.68
N LYS M 326 -44.29 10.56 24.84
CA LYS M 326 -44.16 9.13 24.67
C LYS M 326 -42.99 8.88 23.73
N VAL M 327 -42.17 7.88 24.06
CA VAL M 327 -40.97 7.57 23.31
C VAL M 327 -40.94 6.06 23.07
N ILE M 328 -40.70 5.67 21.82
CA ILE M 328 -40.66 4.28 21.42
C ILE M 328 -39.51 4.08 20.44
N MET M 329 -38.70 3.06 20.67
CA MET M 329 -37.48 2.85 19.91
C MET M 329 -37.43 1.45 19.33
N ALA M 330 -37.01 1.37 18.06
CA ALA M 330 -36.94 0.12 17.32
C ALA M 330 -35.49 -0.23 17.05
N THR M 331 -35.15 -1.50 17.27
CA THR M 331 -33.80 -2.00 17.04
C THR M 331 -33.88 -3.42 16.51
N ASN M 332 -32.88 -3.79 15.69
CA ASN M 332 -32.74 -5.16 15.24
C ASN M 332 -31.85 -5.95 16.20
N ARG M 333 -30.60 -5.52 16.32
CA ARG M 333 -29.72 -6.02 17.37
C ARG M 333 -29.95 -5.25 18.65
N ILE M 334 -29.53 -5.83 19.77
CA ILE M 334 -29.78 -5.22 21.07
C ILE M 334 -28.54 -5.18 21.96
N GLU M 335 -27.48 -5.92 21.64
CA GLU M 335 -26.33 -5.99 22.54
C GLU M 335 -25.38 -4.81 22.34
N THR M 336 -25.20 -4.38 21.09
CA THR M 336 -24.29 -3.26 20.79
C THR M 336 -25.04 -1.93 20.91
N LEU M 337 -25.56 -1.68 22.11
CA LEU M 337 -26.26 -0.45 22.42
C LEU M 337 -25.59 0.24 23.61
N ASP M 338 -25.81 1.53 23.70
CA ASP M 338 -25.18 2.30 24.77
C ASP M 338 -25.93 2.09 26.08
N PRO M 339 -25.32 1.48 27.09
CA PRO M 339 -26.05 1.22 28.35
C PRO M 339 -26.47 2.48 29.07
N ALA M 340 -25.80 3.62 28.86
CA ALA M 340 -26.28 4.86 29.44
C ALA M 340 -27.68 5.20 28.96
N LEU M 341 -27.99 4.94 27.70
CA LEU M 341 -29.37 4.99 27.23
C LEU M 341 -30.15 3.79 27.73
N ILE M 342 -29.47 2.66 27.96
CA ILE M 342 -30.16 1.45 28.38
C ILE M 342 -30.72 1.56 29.79
N ARG M 343 -30.17 2.40 30.64
CA ARG M 343 -30.55 2.43 32.05
C ARG M 343 -31.98 2.94 32.21
N PRO M 344 -32.59 2.68 33.36
CA PRO M 344 -33.93 3.20 33.62
C PRO M 344 -33.96 4.72 33.60
N GLY M 345 -35.16 5.28 33.54
CA GLY M 345 -35.33 6.70 33.34
C GLY M 345 -35.47 7.02 31.86
N ARG M 346 -34.76 6.26 31.04
CA ARG M 346 -34.80 6.44 29.60
C ARG M 346 -35.60 5.35 28.90
N ILE M 347 -35.39 4.09 29.28
CA ILE M 347 -36.19 2.99 28.75
C ILE M 347 -36.49 2.02 29.88
N ASP M 348 -37.76 1.68 30.04
CA ASP M 348 -38.19 0.81 31.13
C ASP M 348 -38.78 -0.51 30.66
N ARG M 349 -38.97 -0.69 29.36
CA ARG M 349 -39.51 -1.92 28.80
C ARG M 349 -38.67 -2.37 27.62
N LYS M 350 -38.04 -3.52 27.74
CA LYS M 350 -37.32 -4.14 26.64
C LYS M 350 -38.07 -5.40 26.24
N ILE M 351 -38.58 -5.43 25.01
CA ILE M 351 -39.45 -6.50 24.56
C ILE M 351 -38.72 -7.34 23.54
N GLU M 352 -38.77 -8.66 23.72
CA GLU M 352 -38.21 -9.59 22.74
C GLU M 352 -39.25 -9.91 21.69
N PHE M 353 -38.78 -10.13 20.46
CA PHE M 353 -39.65 -10.53 19.36
C PHE M 353 -39.31 -11.94 18.91
N PRO M 354 -39.98 -12.95 19.45
CA PRO M 354 -39.69 -14.33 19.04
C PRO M 354 -40.19 -14.61 17.64
N LEU M 355 -39.89 -15.79 17.12
CA LEU M 355 -40.34 -16.21 15.79
C LEU M 355 -41.13 -17.50 15.92
N PRO M 356 -42.45 -17.46 15.76
CA PRO M 356 -43.24 -18.69 15.88
C PRO M 356 -42.84 -19.73 14.85
N ASP M 357 -43.35 -20.95 15.07
CA ASP M 357 -42.89 -22.11 14.33
C ASP M 357 -43.93 -22.69 13.38
N GLU M 358 -45.12 -23.04 13.87
CA GLU M 358 -46.16 -23.57 13.01
C GLU M 358 -47.57 -23.16 13.43
N LYS M 359 -47.73 -22.30 14.43
CA LYS M 359 -49.03 -21.99 14.99
C LYS M 359 -49.59 -20.68 14.46
N THR M 360 -48.82 -19.59 14.57
CA THR M 360 -49.26 -18.33 13.99
C THR M 360 -48.93 -18.22 12.51
N LYS M 361 -48.00 -19.04 12.03
CA LYS M 361 -47.68 -19.04 10.61
C LYS M 361 -48.90 -19.41 9.77
N LYS M 362 -49.70 -20.36 10.26
CA LYS M 362 -50.91 -20.73 9.53
C LYS M 362 -51.89 -19.56 9.43
N ARG M 363 -51.79 -18.58 10.33
CA ARG M 363 -52.55 -17.35 10.19
C ARG M 363 -51.81 -16.28 9.41
N ILE M 364 -50.48 -16.40 9.29
CA ILE M 364 -49.73 -15.42 8.52
C ILE M 364 -49.85 -15.70 7.03
N PHE M 365 -49.62 -16.95 6.62
CA PHE M 365 -49.96 -17.38 5.28
C PHE M 365 -51.44 -17.15 4.98
N GLN M 366 -52.30 -17.28 5.99
CA GLN M 366 -53.72 -17.10 5.80
C GLN M 366 -54.09 -15.63 5.65
N ILE M 367 -53.32 -14.74 6.26
CA ILE M 367 -53.56 -13.31 6.08
C ILE M 367 -53.00 -12.83 4.75
N HIS M 368 -51.78 -13.27 4.41
CA HIS M 368 -51.17 -12.89 3.15
C HIS M 368 -51.78 -13.63 1.96
N THR M 369 -52.63 -14.63 2.22
CA THR M 369 -53.42 -15.29 1.20
C THR M 369 -54.90 -15.00 1.35
N SER M 370 -55.28 -14.17 2.32
CA SER M 370 -56.70 -13.88 2.52
C SER M 370 -57.28 -13.11 1.34
N ARG M 371 -56.57 -12.09 0.87
CA ARG M 371 -56.98 -11.32 -0.30
C ARG M 371 -56.23 -11.88 -1.50
N MET M 372 -56.64 -13.05 -1.95
CA MET M 372 -56.10 -13.67 -3.14
C MET M 372 -56.92 -14.92 -3.42
N THR M 373 -56.94 -15.31 -4.69
CA THR M 373 -57.54 -16.57 -5.07
C THR M 373 -56.75 -17.73 -4.46
N LEU M 374 -57.36 -18.91 -4.47
CA LEU M 374 -56.71 -20.09 -3.92
C LEU M 374 -57.37 -21.33 -4.55
N ALA M 375 -56.71 -21.91 -5.54
CA ALA M 375 -57.18 -23.17 -6.08
C ALA M 375 -57.09 -24.27 -5.03
N ASP M 376 -57.89 -25.32 -5.22
CA ASP M 376 -57.94 -26.41 -4.26
C ASP M 376 -56.71 -27.31 -4.29
N ASP M 377 -55.76 -27.05 -5.20
CA ASP M 377 -54.55 -27.86 -5.29
C ASP M 377 -53.53 -27.54 -4.21
N VAL M 378 -53.74 -26.48 -3.44
CA VAL M 378 -52.75 -25.98 -2.49
C VAL M 378 -53.18 -26.36 -1.07
N THR M 379 -52.18 -26.56 -0.21
CA THR M 379 -52.38 -26.80 1.21
C THR M 379 -51.25 -26.14 1.97
N LEU M 380 -51.59 -25.21 2.86
CA LEU M 380 -50.56 -24.42 3.55
C LEU M 380 -49.67 -25.27 4.43
N ASP M 381 -50.13 -26.45 4.87
CA ASP M 381 -49.33 -27.29 5.73
C ASP M 381 -48.11 -27.89 5.03
N ASP M 382 -48.12 -27.94 3.70
CA ASP M 382 -46.95 -28.40 2.96
C ASP M 382 -45.71 -27.62 3.29
N LEU M 383 -45.86 -26.35 3.65
CA LEU M 383 -44.74 -25.49 3.95
C LEU M 383 -44.76 -24.94 5.37
N ILE M 384 -45.93 -24.90 6.00
CA ILE M 384 -46.04 -24.42 7.37
C ILE M 384 -45.66 -25.56 8.31
N MET M 385 -46.01 -26.78 7.94
CA MET M 385 -45.80 -27.92 8.82
C MET M 385 -44.40 -28.49 8.63
N ALA M 386 -43.55 -27.74 7.93
CA ALA M 386 -42.22 -28.24 7.59
C ALA M 386 -41.13 -27.46 8.29
N LYS M 387 -41.29 -26.15 8.44
CA LYS M 387 -40.29 -25.30 9.06
C LYS M 387 -40.88 -24.61 10.28
N ASP M 388 -39.99 -24.15 11.17
CA ASP M 388 -40.38 -23.64 12.48
C ASP M 388 -39.68 -22.35 12.87
N ASP M 389 -39.05 -21.62 11.94
CA ASP M 389 -38.42 -20.36 12.28
C ASP M 389 -38.66 -19.27 11.24
N LEU M 390 -39.37 -19.60 10.15
CA LEU M 390 -39.49 -18.70 9.02
C LEU M 390 -40.22 -17.42 9.42
N SER M 391 -39.66 -16.29 9.03
CA SER M 391 -40.15 -14.97 9.45
C SER M 391 -41.42 -14.64 8.69
N GLY M 392 -42.26 -13.77 9.27
CA GLY M 392 -43.45 -13.28 8.60
C GLY M 392 -43.11 -12.52 7.34
N ALA M 393 -41.94 -11.89 7.31
CA ALA M 393 -41.45 -11.33 6.05
C ALA M 393 -41.29 -12.41 5.00
N ASP M 394 -40.93 -13.62 5.41
CA ASP M 394 -40.79 -14.72 4.48
C ASP M 394 -42.14 -15.22 3.98
N ILE M 395 -43.13 -15.30 4.87
CA ILE M 395 -44.48 -15.63 4.45
C ILE M 395 -45.01 -14.58 3.49
N LYS M 396 -44.62 -13.32 3.71
CA LYS M 396 -45.01 -12.24 2.81
C LYS M 396 -44.36 -12.41 1.44
N ALA M 397 -43.06 -12.69 1.41
CA ALA M 397 -42.38 -12.94 0.14
C ALA M 397 -42.94 -14.17 -0.56
N ILE M 398 -43.50 -15.12 0.21
CA ILE M 398 -44.15 -16.28 -0.39
C ILE M 398 -45.47 -15.88 -1.03
N CYS M 399 -46.39 -15.34 -0.22
CA CYS M 399 -47.73 -15.02 -0.71
C CYS M 399 -47.72 -13.93 -1.76
N THR M 400 -46.65 -13.15 -1.86
CA THR M 400 -46.45 -12.21 -2.95
C THR M 400 -45.77 -12.87 -4.15
N GLU M 401 -44.81 -13.76 -3.87
CA GLU M 401 -44.16 -14.52 -4.92
C GLU M 401 -45.18 -15.34 -5.71
N ALA M 402 -46.27 -15.75 -5.07
CA ALA M 402 -47.38 -16.34 -5.81
C ALA M 402 -47.93 -15.37 -6.85
N GLY M 403 -48.22 -14.14 -6.42
CA GLY M 403 -48.68 -13.10 -7.33
C GLY M 403 -47.71 -12.78 -8.43
N LEU M 404 -46.41 -13.03 -8.22
CA LEU M 404 -45.46 -12.87 -9.31
C LEU M 404 -45.48 -14.06 -10.25
N MET M 405 -45.50 -15.28 -9.69
CA MET M 405 -45.38 -16.48 -10.51
C MET M 405 -46.61 -16.72 -11.37
N ALA M 406 -47.79 -16.79 -10.76
CA ALA M 406 -48.98 -17.19 -11.51
C ALA M 406 -49.32 -16.18 -12.60
N LEU M 407 -49.16 -14.90 -12.31
CA LEU M 407 -49.61 -13.87 -13.24
C LEU M 407 -48.48 -13.36 -14.12
N ARG M 408 -47.24 -13.73 -13.82
CA ARG M 408 -46.18 -13.60 -14.82
C ARG M 408 -46.51 -14.43 -16.06
N GLU M 409 -47.10 -15.60 -15.86
CA GLU M 409 -47.55 -16.46 -16.94
C GLU M 409 -49.01 -16.26 -17.29
N ARG M 410 -49.74 -15.51 -16.45
CA ARG M 410 -51.14 -15.16 -16.71
C ARG M 410 -52.00 -16.42 -16.66
N ARG M 411 -51.68 -17.33 -15.76
CA ARG M 411 -52.44 -18.55 -15.59
C ARG M 411 -53.67 -18.25 -14.72
N MET M 412 -54.31 -19.32 -14.24
CA MET M 412 -55.50 -19.19 -13.42
C MET M 412 -55.11 -18.86 -11.98
N LYS M 413 -56.06 -18.98 -11.05
CA LYS M 413 -55.95 -18.47 -9.69
C LYS M 413 -54.68 -18.87 -8.96
N VAL M 414 -54.50 -20.17 -8.72
CA VAL M 414 -53.44 -20.67 -7.84
C VAL M 414 -53.10 -22.09 -8.26
N THR M 415 -51.86 -22.50 -8.04
CA THR M 415 -51.46 -23.91 -8.07
C THR M 415 -50.53 -24.20 -6.91
N ASN M 416 -50.46 -25.48 -6.52
CA ASN M 416 -49.63 -25.87 -5.40
C ASN M 416 -48.15 -25.61 -5.69
N GLU M 417 -47.73 -25.81 -6.94
CA GLU M 417 -46.36 -25.48 -7.33
C GLU M 417 -46.07 -24.00 -7.24
N ASP M 418 -47.11 -23.15 -7.22
CA ASP M 418 -46.89 -21.74 -6.94
C ASP M 418 -46.30 -21.55 -5.55
N PHE M 419 -46.89 -22.19 -4.54
CA PHE M 419 -46.35 -22.15 -3.20
C PHE M 419 -45.07 -22.96 -3.08
N LYS M 420 -44.89 -24.00 -3.88
CA LYS M 420 -43.64 -24.75 -3.84
C LYS M 420 -42.48 -23.89 -4.31
N LYS M 421 -42.55 -23.40 -5.57
CA LYS M 421 -41.51 -22.55 -6.11
C LYS M 421 -41.37 -21.26 -5.33
N SER M 422 -42.46 -20.76 -4.76
CA SER M 422 -42.39 -19.55 -3.96
C SER M 422 -41.61 -19.79 -2.66
N LYS M 423 -41.95 -20.87 -1.95
CA LYS M 423 -41.25 -21.20 -0.72
C LYS M 423 -39.78 -21.49 -0.97
N GLU M 424 -39.47 -22.26 -2.03
CA GLU M 424 -38.08 -22.51 -2.36
C GLU M 424 -37.36 -21.22 -2.74
N ASN M 425 -38.06 -20.32 -3.45
CA ASN M 425 -37.47 -19.05 -3.83
C ASN M 425 -37.09 -18.24 -2.60
N VAL M 426 -37.98 -18.16 -1.62
CA VAL M 426 -37.63 -17.46 -0.38
C VAL M 426 -36.55 -18.23 0.37
N LEU M 427 -36.50 -19.56 0.20
CA LEU M 427 -35.43 -20.35 0.80
C LEU M 427 -34.08 -19.91 0.27
N TYR M 428 -33.98 -19.63 -1.03
CA TYR M 428 -32.77 -19.02 -1.55
C TYR M 428 -32.67 -17.56 -1.21
N LYS M 429 -33.79 -16.92 -0.85
CA LYS M 429 -33.74 -15.53 -0.43
C LYS M 429 -33.03 -15.39 0.91
N LYS M 430 -33.25 -16.36 1.81
CA LYS M 430 -32.53 -16.42 3.08
C LYS M 430 -31.15 -17.03 2.91
N GLN M 431 -31.09 -18.19 2.24
CA GLN M 431 -29.85 -18.94 2.14
C GLN M 431 -28.80 -18.21 1.32
N GLU M 432 -29.17 -17.73 0.13
CA GLU M 432 -28.24 -17.03 -0.75
C GLU M 432 -27.73 -15.75 -0.09
N GLY N 9 -107.00 69.83 -59.05
CA GLY N 9 -106.27 68.59 -58.84
C GLY N 9 -105.29 68.28 -59.95
N SER N 10 -105.84 67.92 -61.12
CA SER N 10 -105.00 67.61 -62.28
C SER N 10 -104.37 68.84 -62.91
N GLY N 11 -105.14 69.91 -63.08
CA GLY N 11 -104.60 71.11 -63.69
C GLY N 11 -104.03 72.08 -62.68
N LEU N 12 -104.68 72.23 -61.52
CA LEU N 12 -104.24 73.21 -60.55
C LEU N 12 -103.42 72.63 -59.41
N ARG N 13 -103.85 71.51 -58.82
CA ARG N 13 -103.10 70.89 -57.73
C ARG N 13 -101.87 70.12 -58.20
N GLN N 14 -101.98 69.39 -59.31
CA GLN N 14 -100.92 68.47 -59.71
C GLN N 14 -99.58 69.16 -59.96
N TYR N 15 -99.59 70.44 -60.31
CA TYR N 15 -98.35 71.13 -60.59
C TYR N 15 -97.54 71.36 -59.31
N TYR N 16 -98.21 71.55 -58.18
CA TYR N 16 -97.51 71.71 -56.91
C TYR N 16 -97.37 70.39 -56.17
N LEU N 17 -98.39 69.53 -56.23
CA LEU N 17 -98.27 68.20 -55.65
C LEU N 17 -97.15 67.41 -56.30
N SER N 18 -96.95 67.59 -57.61
CA SER N 18 -95.86 66.89 -58.29
C SER N 18 -94.55 67.64 -58.21
N LYS N 19 -94.57 68.89 -57.72
CA LYS N 19 -93.33 69.66 -57.65
C LYS N 19 -92.76 69.65 -56.24
N ILE N 20 -93.58 69.34 -55.23
CA ILE N 20 -93.04 69.03 -53.91
C ILE N 20 -92.38 67.66 -53.88
N GLU N 21 -92.55 66.90 -54.96
CA GLU N 21 -91.88 65.61 -55.15
C GLU N 21 -90.40 65.69 -54.80
N GLU N 22 -89.65 66.48 -55.56
CA GLU N 22 -88.21 66.50 -55.40
C GLU N 22 -87.79 67.37 -54.23
N LEU N 23 -88.61 68.36 -53.89
CA LEU N 23 -88.38 69.12 -52.67
C LEU N 23 -88.41 68.23 -51.44
N GLN N 24 -89.20 67.15 -51.48
CA GLN N 24 -89.21 66.19 -50.40
C GLN N 24 -88.09 65.16 -50.56
N LEU N 25 -87.79 64.75 -51.80
CA LEU N 25 -86.76 63.73 -51.99
C LEU N 25 -85.38 64.23 -51.60
N ILE N 26 -85.08 65.49 -51.92
CA ILE N 26 -83.74 66.03 -51.66
C ILE N 26 -83.47 66.08 -50.17
N VAL N 27 -84.39 66.68 -49.41
CA VAL N 27 -84.26 66.67 -47.94
C VAL N 27 -84.31 65.24 -47.42
N ASN N 28 -84.97 64.34 -48.16
CA ASN N 28 -84.96 62.93 -47.81
C ASN N 28 -83.55 62.35 -47.82
N ASP N 29 -82.72 62.72 -48.80
CA ASP N 29 -81.40 62.12 -48.92
C ASP N 29 -80.36 62.86 -48.07
N LYS N 30 -80.40 64.19 -48.12
CA LYS N 30 -79.38 64.98 -47.45
C LYS N 30 -79.45 64.88 -45.94
N SER N 31 -80.50 64.28 -45.38
CA SER N 31 -80.49 63.96 -43.96
C SER N 31 -79.63 62.74 -43.68
N GLN N 32 -79.72 61.71 -44.54
CA GLN N 32 -78.79 60.59 -44.47
C GLN N 32 -77.36 61.09 -44.56
N ASN N 33 -77.05 61.85 -45.62
CA ASN N 33 -75.71 62.41 -45.75
C ASN N 33 -75.32 63.25 -44.54
N LEU N 34 -76.24 64.10 -44.08
CA LEU N 34 -75.97 64.99 -42.96
C LEU N 34 -75.58 64.21 -41.71
N ARG N 35 -76.34 63.17 -41.39
CA ARG N 35 -76.01 62.35 -40.21
C ARG N 35 -74.72 61.57 -40.40
N ARG N 36 -74.40 61.16 -41.63
CA ARG N 36 -73.07 60.59 -41.87
C ARG N 36 -71.98 61.56 -41.43
N LEU N 37 -72.01 62.78 -41.98
CA LEU N 37 -71.07 63.82 -41.58
C LEU N 37 -71.09 64.08 -40.09
N GLN N 38 -72.27 64.02 -39.47
CA GLN N 38 -72.37 64.22 -38.02
C GLN N 38 -71.58 63.16 -37.28
N ALA N 39 -71.76 61.89 -37.66
CA ALA N 39 -71.03 60.80 -37.03
C ALA N 39 -69.53 61.00 -37.14
N GLN N 40 -69.04 61.37 -38.34
CA GLN N 40 -67.61 61.61 -38.47
C GLN N 40 -67.15 62.75 -37.56
N ARG N 41 -67.86 63.88 -37.58
CA ARG N 41 -67.47 65.02 -36.77
C ARG N 41 -67.42 64.67 -35.29
N ASN N 42 -68.42 63.94 -34.80
CA ASN N 42 -68.38 63.50 -33.41
C ASN N 42 -67.20 62.59 -33.12
N GLU N 43 -66.84 61.73 -34.07
CA GLU N 43 -65.61 60.96 -33.94
C GLU N 43 -64.43 61.87 -33.68
N LEU N 44 -64.27 62.91 -34.51
CA LEU N 44 -63.16 63.83 -34.31
C LEU N 44 -63.23 64.53 -32.96
N ASN N 45 -64.43 64.93 -32.55
CA ASN N 45 -64.57 65.64 -31.28
C ASN N 45 -64.13 64.77 -30.11
N ALA N 46 -64.58 63.53 -30.07
CA ALA N 46 -64.13 62.59 -29.05
C ALA N 46 -62.63 62.40 -29.09
N LYS N 47 -62.05 62.17 -30.27
CA LYS N 47 -60.62 61.91 -30.36
C LYS N 47 -59.79 63.09 -29.83
N VAL N 48 -60.01 64.28 -30.39
CA VAL N 48 -59.17 65.41 -30.00
C VAL N 48 -59.46 65.83 -28.56
N ARG N 49 -60.68 65.56 -28.06
CA ARG N 49 -60.94 65.83 -26.66
C ARG N 49 -60.12 64.93 -25.76
N LEU N 50 -60.17 63.61 -26.00
CA LEU N 50 -59.36 62.68 -25.23
C LEU N 50 -57.88 63.00 -25.32
N LEU N 51 -57.41 63.51 -26.46
CA LEU N 51 -56.02 63.96 -26.54
C LEU N 51 -55.77 65.18 -25.68
N ARG N 52 -56.62 66.20 -25.76
CA ARG N 52 -56.38 67.44 -25.03
C ARG N 52 -56.42 67.22 -23.53
N GLU N 53 -57.25 66.29 -23.06
CA GLU N 53 -57.44 66.13 -21.63
C GLU N 53 -56.34 65.31 -20.98
N GLU N 54 -55.69 64.42 -21.74
CA GLU N 54 -54.77 63.45 -21.16
C GLU N 54 -53.61 64.08 -20.40
N LEU N 55 -53.26 65.34 -20.72
CA LEU N 55 -52.07 65.97 -20.16
C LEU N 55 -52.09 65.98 -18.64
N GLN N 56 -53.27 66.19 -18.05
CA GLN N 56 -53.38 66.08 -16.59
C GLN N 56 -53.55 64.61 -16.16
N LEU N 57 -54.23 63.81 -16.98
CA LEU N 57 -54.51 62.42 -16.62
C LEU N 57 -53.24 61.63 -16.35
N LEU N 58 -52.24 61.75 -17.21
CA LEU N 58 -50.96 61.12 -16.92
C LEU N 58 -50.05 62.02 -16.11
N GLN N 59 -50.58 63.09 -15.53
CA GLN N 59 -49.95 63.74 -14.39
C GLN N 59 -50.49 63.13 -13.09
N GLU N 60 -50.40 61.80 -13.06
CA GLU N 60 -50.99 61.00 -12.00
C GLU N 60 -50.07 59.84 -11.64
N GLN N 61 -50.02 59.45 -10.37
CA GLN N 61 -49.15 58.36 -9.94
C GLN N 61 -49.65 57.66 -8.68
N GLY N 62 -49.44 56.36 -8.59
CA GLY N 62 -49.85 55.59 -7.42
C GLY N 62 -50.15 54.14 -7.75
N SER N 63 -50.47 53.90 -9.02
CA SER N 63 -50.80 52.55 -9.47
C SER N 63 -49.71 51.53 -9.14
N TYR N 64 -49.79 50.93 -7.96
CA TYR N 64 -48.81 49.92 -7.59
C TYR N 64 -49.26 48.57 -8.15
N VAL N 65 -48.38 47.58 -8.07
CA VAL N 65 -48.68 46.23 -8.53
C VAL N 65 -48.33 45.26 -7.42
N GLY N 66 -49.24 44.32 -7.14
CA GLY N 66 -49.05 43.39 -6.05
C GLY N 66 -49.33 41.96 -6.47
N GLU N 67 -48.97 41.03 -5.58
CA GLU N 67 -49.31 39.63 -5.73
C GLU N 67 -49.94 39.14 -4.43
N VAL N 68 -51.12 38.55 -4.54
CA VAL N 68 -51.83 38.07 -3.35
C VAL N 68 -51.31 36.69 -2.99
N VAL N 69 -50.75 36.55 -1.79
CA VAL N 69 -50.47 35.23 -1.26
C VAL N 69 -51.77 34.48 -1.02
N ARG N 70 -52.66 35.08 -0.23
CA ARG N 70 -53.99 34.56 0.01
C ARG N 70 -54.76 35.58 0.85
N ALA N 71 -56.08 35.52 0.77
CA ALA N 71 -56.93 36.45 1.49
C ALA N 71 -57.37 35.85 2.82
N MET N 72 -58.13 36.64 3.57
CA MET N 72 -58.72 36.18 4.81
C MET N 72 -60.07 36.90 4.97
N ASP N 73 -60.64 36.78 6.17
CA ASP N 73 -62.00 37.27 6.41
C ASP N 73 -62.07 38.79 6.31
N LYS N 74 -63.30 39.30 6.31
CA LYS N 74 -63.56 40.74 6.37
C LYS N 74 -63.09 41.43 5.10
N LYS N 75 -63.15 40.71 3.98
CA LYS N 75 -62.85 41.27 2.67
C LYS N 75 -61.42 41.81 2.61
N LYS N 76 -60.49 41.05 3.15
CA LYS N 76 -59.09 41.45 3.18
C LYS N 76 -58.24 40.35 2.56
N VAL N 77 -56.98 40.71 2.27
CA VAL N 77 -56.05 39.81 1.64
C VAL N 77 -54.67 40.03 2.24
N LEU N 78 -53.73 39.17 1.85
CA LEU N 78 -52.33 39.31 2.24
C LEU N 78 -51.53 39.41 0.95
N VAL N 79 -50.90 40.57 0.72
CA VAL N 79 -50.25 40.83 -0.56
C VAL N 79 -48.83 41.32 -0.30
N LYS N 80 -47.85 40.68 -0.94
CA LYS N 80 -46.48 41.15 -0.87
C LYS N 80 -46.18 42.07 -2.05
N VAL N 81 -45.29 43.04 -1.83
CA VAL N 81 -44.87 43.97 -2.86
C VAL N 81 -43.53 43.47 -3.39
N HIS N 82 -43.12 43.98 -4.56
CA HIS N 82 -41.98 43.49 -5.33
C HIS N 82 -40.70 43.41 -4.49
N PRO N 83 -40.14 44.53 -3.97
CA PRO N 83 -38.99 44.36 -3.06
C PRO N 83 -39.42 44.28 -1.61
N GLU N 84 -40.61 44.76 -1.31
CA GLU N 84 -40.98 45.11 0.06
C GLU N 84 -41.73 43.96 0.73
N GLY N 85 -42.18 44.20 1.97
CA GLY N 85 -42.83 43.19 2.76
C GLY N 85 -44.30 43.04 2.43
N LYS N 86 -44.96 42.23 3.25
CA LYS N 86 -46.35 41.85 3.03
C LYS N 86 -47.29 42.72 3.83
N PHE N 87 -48.43 43.05 3.22
CA PHE N 87 -49.39 43.99 3.76
C PHE N 87 -50.77 43.35 3.79
N VAL N 88 -51.56 43.70 4.80
CA VAL N 88 -52.97 43.35 4.85
C VAL N 88 -53.74 44.60 4.46
N VAL N 89 -54.63 44.47 3.48
CA VAL N 89 -55.16 45.59 2.74
C VAL N 89 -56.67 45.43 2.58
N ASP N 90 -57.28 46.39 1.90
CA ASP N 90 -58.69 46.42 1.59
C ASP N 90 -58.93 46.01 0.14
N VAL N 91 -60.14 45.53 -0.12
CA VAL N 91 -60.54 45.11 -1.45
C VAL N 91 -61.43 46.18 -2.06
N ASP N 92 -61.56 46.15 -3.38
CA ASP N 92 -62.37 47.12 -4.11
C ASP N 92 -63.84 46.70 -4.09
N LYS N 93 -64.71 47.71 -4.11
CA LYS N 93 -66.14 47.47 -4.13
C LYS N 93 -66.59 46.76 -5.39
N ASN N 94 -65.86 46.91 -6.48
CA ASN N 94 -66.23 46.27 -7.74
C ASN N 94 -65.64 44.87 -7.89
N ILE N 95 -64.67 44.52 -7.07
CA ILE N 95 -64.03 43.23 -7.16
C ILE N 95 -64.66 42.29 -6.13
N ASP N 96 -64.44 40.99 -6.31
CA ASP N 96 -65.03 39.97 -5.46
C ASP N 96 -63.94 39.20 -4.73
N ILE N 97 -64.28 38.78 -3.51
CA ILE N 97 -63.36 37.97 -2.72
C ILE N 97 -63.08 36.65 -3.42
N ASN N 98 -64.13 35.99 -3.92
CA ASN N 98 -63.95 34.76 -4.65
C ASN N 98 -63.11 34.95 -5.91
N ASP N 99 -63.17 36.13 -6.52
CA ASP N 99 -62.29 36.44 -7.64
C ASP N 99 -60.82 36.36 -7.24
N VAL N 100 -60.51 36.60 -5.98
CA VAL N 100 -59.12 36.63 -5.53
C VAL N 100 -58.58 35.21 -5.51
N THR N 101 -57.81 34.89 -6.48
CA THR N 101 -57.13 33.61 -6.35
C THR N 101 -55.71 33.83 -5.85
N PRO N 102 -55.17 32.91 -5.07
CA PRO N 102 -53.81 33.08 -4.55
C PRO N 102 -52.79 33.07 -5.68
N ASN N 103 -51.71 33.82 -5.46
CA ASN N 103 -50.63 33.95 -6.43
C ASN N 103 -51.13 34.62 -7.72
N CYS N 104 -51.73 35.80 -7.54
CA CYS N 104 -52.25 36.57 -8.66
C CYS N 104 -51.94 38.05 -8.43
N ARG N 105 -51.63 38.75 -9.51
CA ARG N 105 -51.33 40.17 -9.42
C ARG N 105 -52.61 40.98 -9.26
N VAL N 106 -52.46 42.16 -8.64
CA VAL N 106 -53.57 43.05 -8.39
C VAL N 106 -53.09 44.48 -8.56
N ALA N 107 -53.96 45.31 -9.13
CA ALA N 107 -53.76 46.74 -9.18
C ALA N 107 -53.93 47.32 -7.78
N LEU N 108 -52.95 48.08 -7.34
CA LEU N 108 -52.91 48.59 -5.98
C LEU N 108 -52.90 50.10 -6.01
N ARG N 109 -53.41 50.72 -4.94
CA ARG N 109 -53.19 52.14 -4.74
C ARG N 109 -51.78 52.36 -4.20
N ASN N 110 -51.36 53.61 -4.19
CA ASN N 110 -50.13 53.99 -3.50
C ASN N 110 -50.39 54.74 -2.20
N ASP N 111 -51.56 55.37 -2.05
CA ASP N 111 -51.87 56.11 -0.84
C ASP N 111 -52.52 55.21 0.21
N SER N 112 -53.61 54.56 -0.17
CA SER N 112 -54.30 53.62 0.69
C SER N 112 -54.01 52.17 0.34
N TYR N 113 -53.35 51.91 -0.79
CA TYR N 113 -53.11 50.56 -1.27
C TYR N 113 -54.41 49.80 -1.44
N THR N 114 -55.44 50.50 -1.93
CA THR N 114 -56.71 49.88 -2.21
C THR N 114 -56.63 49.15 -3.55
N LEU N 115 -57.21 47.96 -3.61
CA LEU N 115 -57.20 47.20 -4.85
C LEU N 115 -58.00 47.91 -5.91
N HIS N 116 -57.40 48.08 -7.08
CA HIS N 116 -58.11 48.67 -8.21
C HIS N 116 -58.62 47.64 -9.19
N LYS N 117 -57.76 46.70 -9.57
CA LYS N 117 -58.13 45.65 -10.51
C LYS N 117 -57.20 44.45 -10.41
N ILE N 118 -57.78 43.26 -10.35
CA ILE N 118 -56.99 42.03 -10.27
C ILE N 118 -56.39 41.73 -11.63
N LEU N 119 -55.15 42.16 -11.84
CA LEU N 119 -54.48 41.94 -13.10
C LEU N 119 -54.29 40.45 -13.39
N PRO N 120 -54.49 40.07 -14.66
CA PRO N 120 -54.36 38.71 -15.18
C PRO N 120 -52.93 38.20 -15.11
N ASN N 121 -52.81 36.91 -14.85
CA ASN N 121 -51.50 36.29 -14.84
C ASN N 121 -50.89 36.33 -16.24
N LYS N 122 -49.56 36.21 -16.31
CA LYS N 122 -48.90 36.13 -17.59
C LYS N 122 -49.34 34.88 -18.33
N VAL N 123 -48.93 33.74 -17.80
CA VAL N 123 -49.20 32.40 -18.31
C VAL N 123 -48.92 31.47 -17.13
N ASP N 124 -49.74 30.44 -16.98
CA ASP N 124 -49.45 29.45 -15.95
C ASP N 124 -48.19 28.71 -16.38
N PRO N 125 -47.05 28.92 -15.69
CA PRO N 125 -45.75 28.48 -16.23
C PRO N 125 -45.66 26.98 -16.52
N LEU N 126 -46.31 26.16 -15.69
CA LEU N 126 -46.39 24.74 -15.99
C LEU N 126 -47.26 24.49 -17.21
N VAL N 127 -48.23 25.39 -17.44
CA VAL N 127 -49.15 25.24 -18.57
C VAL N 127 -48.57 25.77 -19.87
N SER N 128 -47.55 26.63 -19.79
CA SER N 128 -46.80 27.02 -20.98
C SER N 128 -45.65 26.04 -21.22
N LEU N 129 -45.14 25.42 -20.15
CA LEU N 129 -44.17 24.33 -20.24
C LEU N 129 -44.87 22.99 -20.07
N MET N 130 -46.10 22.89 -20.58
CA MET N 130 -46.86 21.65 -20.49
C MET N 130 -46.15 20.59 -21.32
N MET N 131 -45.87 19.45 -20.69
CA MET N 131 -45.05 18.42 -21.31
C MET N 131 -45.75 17.83 -22.52
N VAL N 132 -44.96 17.41 -23.50
CA VAL N 132 -45.50 17.06 -24.81
C VAL N 132 -46.31 15.78 -24.73
N GLU N 133 -47.44 15.77 -25.44
CA GLU N 133 -48.23 14.55 -25.68
C GLU N 133 -48.25 14.20 -27.17
N LYS N 134 -47.10 14.28 -27.83
CA LYS N 134 -46.99 14.03 -29.25
C LYS N 134 -47.41 12.59 -29.58
N VAL N 135 -47.51 12.30 -30.88
CA VAL N 135 -47.87 10.97 -31.35
C VAL N 135 -46.87 9.95 -30.83
N PRO N 136 -47.27 9.10 -29.91
CA PRO N 136 -46.34 8.12 -29.35
C PRO N 136 -46.20 6.90 -30.26
N ASP N 137 -45.41 7.02 -31.33
CA ASP N 137 -45.18 5.88 -32.20
C ASP N 137 -44.35 4.83 -31.47
N ILE N 143 -35.22 0.09 -31.61
CA ILE N 143 -34.03 0.16 -30.76
C ILE N 143 -33.26 -1.16 -30.70
N GLY N 144 -32.46 -1.42 -31.73
CA GLY N 144 -31.30 -2.27 -31.66
C GLY N 144 -30.60 -2.13 -30.33
N GLY N 145 -30.65 -3.17 -29.51
CA GLY N 145 -30.04 -3.11 -28.20
C GLY N 145 -31.05 -3.15 -27.08
N LEU N 146 -32.22 -2.55 -27.31
CA LEU N 146 -33.31 -2.53 -26.33
C LEU N 146 -34.48 -3.33 -26.88
N ASP N 147 -34.48 -4.61 -26.60
CA ASP N 147 -35.63 -5.48 -26.83
C ASP N 147 -35.92 -6.40 -25.67
N LYS N 148 -34.90 -6.82 -24.93
CA LYS N 148 -35.10 -7.69 -23.79
C LYS N 148 -35.84 -6.97 -22.67
N GLN N 149 -35.44 -5.73 -22.38
CA GLN N 149 -36.12 -4.95 -21.35
C GLN N 149 -37.54 -4.59 -21.77
N ILE N 150 -37.80 -4.63 -23.08
CA ILE N 150 -39.12 -4.33 -23.60
C ILE N 150 -40.12 -5.30 -22.99
N LYS N 151 -39.74 -6.58 -22.89
CA LYS N 151 -40.61 -7.54 -22.23
C LYS N 151 -40.80 -7.21 -20.75
N GLU N 152 -39.72 -6.81 -20.08
CA GLU N 152 -39.81 -6.47 -18.66
C GLU N 152 -40.79 -5.33 -18.43
N ILE N 153 -40.81 -4.36 -19.34
CA ILE N 153 -41.74 -3.26 -19.22
C ILE N 153 -43.12 -3.70 -19.72
N LYS N 154 -43.16 -4.75 -20.53
CA LYS N 154 -44.43 -5.33 -20.95
C LYS N 154 -45.10 -6.07 -19.80
N GLU N 155 -44.31 -6.52 -18.83
CA GLU N 155 -44.89 -7.21 -17.69
C GLU N 155 -45.09 -6.28 -16.52
N VAL N 156 -44.26 -5.23 -16.41
CA VAL N 156 -44.39 -4.29 -15.32
C VAL N 156 -45.43 -3.25 -15.70
N ILE N 157 -45.75 -3.18 -16.99
CA ILE N 157 -46.77 -2.26 -17.47
C ILE N 157 -47.85 -3.00 -18.24
N GLU N 158 -47.49 -3.67 -19.32
CA GLU N 158 -48.51 -4.30 -20.17
C GLU N 158 -49.30 -5.39 -19.45
N LEU N 159 -48.75 -5.94 -18.35
CA LEU N 159 -49.50 -6.94 -17.59
C LEU N 159 -50.59 -6.32 -16.72
N PRO N 160 -50.27 -5.42 -15.76
CA PRO N 160 -51.32 -4.94 -14.85
C PRO N 160 -52.37 -4.11 -15.58
N VAL N 161 -51.95 -3.44 -16.65
CA VAL N 161 -52.87 -2.64 -17.45
C VAL N 161 -53.95 -3.53 -18.05
N LYS N 162 -53.55 -4.52 -18.84
CA LYS N 162 -54.51 -5.42 -19.49
C LYS N 162 -55.15 -6.37 -18.49
N HIS N 163 -54.63 -6.43 -17.26
CA HIS N 163 -55.00 -7.45 -16.29
C HIS N 163 -55.21 -6.81 -14.93
N PRO N 164 -56.30 -6.07 -14.74
CA PRO N 164 -56.66 -5.66 -13.38
C PRO N 164 -57.06 -6.88 -12.56
N GLU N 165 -57.82 -7.78 -13.19
CA GLU N 165 -58.45 -8.89 -12.50
C GLU N 165 -57.46 -9.94 -12.02
N LEU N 166 -56.21 -9.90 -12.50
CA LEU N 166 -55.25 -10.88 -12.02
C LEU N 166 -54.70 -10.48 -10.65
N PHE N 167 -54.10 -9.29 -10.54
CA PHE N 167 -53.62 -8.83 -9.25
C PHE N 167 -54.77 -8.41 -8.33
N GLU N 168 -55.97 -8.30 -8.89
CA GLU N 168 -57.16 -8.25 -8.03
C GLU N 168 -57.50 -9.65 -7.52
N ALA N 169 -57.38 -10.66 -8.37
CA ALA N 169 -57.69 -12.03 -7.97
C ALA N 169 -56.75 -12.49 -6.86
N LEU N 170 -55.45 -12.22 -7.00
CA LEU N 170 -54.52 -12.55 -5.95
C LEU N 170 -54.32 -11.40 -4.97
N GLY N 171 -55.00 -10.28 -5.19
CA GLY N 171 -55.00 -9.17 -4.26
C GLY N 171 -53.62 -8.62 -3.95
N ILE N 172 -52.87 -8.28 -4.99
CA ILE N 172 -51.53 -7.72 -4.81
C ILE N 172 -51.42 -6.43 -5.61
N ALA N 173 -50.77 -5.42 -5.02
CA ALA N 173 -50.62 -4.13 -5.64
C ALA N 173 -49.91 -4.23 -6.99
N GLN N 174 -50.61 -3.88 -8.06
CA GLN N 174 -50.05 -3.97 -9.40
C GLN N 174 -48.86 -3.03 -9.52
N PRO N 175 -47.72 -3.51 -10.00
CA PRO N 175 -46.55 -2.64 -10.11
C PRO N 175 -46.77 -1.46 -11.05
N LYS N 176 -46.80 -0.25 -10.50
CA LYS N 176 -46.91 0.96 -11.29
C LYS N 176 -45.56 1.67 -11.40
N GLY N 177 -44.83 1.77 -10.28
CA GLY N 177 -43.54 2.41 -10.26
C GLY N 177 -42.48 1.48 -10.82
N VAL N 178 -41.75 1.97 -11.81
CA VAL N 178 -40.77 1.14 -12.50
C VAL N 178 -39.42 1.84 -12.46
N LEU N 179 -38.34 1.07 -12.50
CA LEU N 179 -37.01 1.65 -12.59
C LEU N 179 -36.16 0.81 -13.52
N LEU N 180 -35.35 1.49 -14.32
CA LEU N 180 -34.36 0.85 -15.17
C LEU N 180 -33.00 1.48 -14.89
N TYR N 181 -31.94 0.87 -15.41
CA TYR N 181 -30.61 1.42 -15.18
C TYR N 181 -29.64 0.93 -16.24
N GLY N 182 -28.74 1.82 -16.64
CA GLY N 182 -27.72 1.53 -17.62
C GLY N 182 -26.92 2.77 -17.97
N PRO N 183 -26.22 2.71 -19.10
CA PRO N 183 -25.45 3.87 -19.56
C PRO N 183 -26.34 5.05 -19.87
N PRO N 184 -25.77 6.20 -20.21
CA PRO N 184 -26.57 7.42 -20.35
C PRO N 184 -27.57 7.33 -21.51
N GLY N 185 -28.81 7.70 -21.21
CA GLY N 185 -29.85 7.76 -22.21
C GLY N 185 -30.35 6.39 -22.55
N THR N 186 -29.56 5.66 -23.34
CA THR N 186 -29.72 4.24 -23.68
C THR N 186 -31.17 3.84 -23.91
N GLY N 187 -31.94 4.69 -24.59
CA GLY N 187 -33.34 4.40 -24.82
C GLY N 187 -34.22 4.40 -23.59
N LYS N 188 -33.70 4.86 -22.45
CA LYS N 188 -34.52 4.99 -21.25
C LYS N 188 -35.71 5.91 -21.51
N THR N 189 -35.49 6.96 -22.30
CA THR N 189 -36.54 7.91 -22.60
C THR N 189 -37.58 7.34 -23.56
N LEU N 190 -37.15 7.03 -24.79
CA LEU N 190 -38.09 6.67 -25.85
C LEU N 190 -38.67 5.27 -25.67
N LEU N 191 -37.96 4.35 -25.03
CA LEU N 191 -38.55 3.05 -24.72
C LEU N 191 -39.77 3.23 -23.83
N ALA N 192 -39.64 4.04 -22.78
CA ALA N 192 -40.82 4.45 -22.02
C ALA N 192 -41.83 5.17 -22.89
N ARG N 193 -41.36 6.05 -23.77
CA ARG N 193 -42.25 6.78 -24.67
C ARG N 193 -43.15 5.84 -25.45
N ALA N 194 -42.65 4.66 -25.80
CA ALA N 194 -43.40 3.72 -26.61
C ALA N 194 -44.22 2.78 -25.75
N VAL N 195 -43.66 2.36 -24.61
CA VAL N 195 -44.40 1.50 -23.71
C VAL N 195 -45.66 2.19 -23.20
N ALA N 196 -45.61 3.51 -23.03
CA ALA N 196 -46.84 4.24 -22.73
C ALA N 196 -47.88 4.06 -23.83
N HIS N 197 -47.45 3.87 -25.07
CA HIS N 197 -48.42 3.75 -26.15
C HIS N 197 -48.90 2.33 -26.39
N HIS N 198 -48.06 1.32 -26.10
CA HIS N 198 -48.37 -0.07 -26.41
C HIS N 198 -49.74 -0.51 -25.89
N THR N 199 -50.19 0.06 -24.78
CA THR N 199 -51.55 -0.15 -24.29
C THR N 199 -52.39 1.11 -24.42
N ASP N 200 -52.01 2.01 -25.33
CA ASP N 200 -52.76 3.24 -25.58
C ASP N 200 -52.79 4.12 -24.33
N CYS N 201 -51.65 4.21 -23.65
CA CYS N 201 -51.63 4.79 -22.31
C CYS N 201 -50.78 6.05 -22.23
N THR N 202 -50.91 6.92 -23.24
CA THR N 202 -50.70 8.37 -23.12
C THR N 202 -49.45 8.78 -22.35
N PHE N 203 -48.27 8.57 -22.95
CA PHE N 203 -47.01 8.95 -22.34
C PHE N 203 -47.04 10.41 -21.88
N ILE N 204 -46.53 10.64 -20.67
CA ILE N 204 -46.43 11.98 -20.11
C ILE N 204 -44.97 12.20 -19.72
N ARG N 205 -44.22 12.84 -20.62
CA ARG N 205 -42.82 13.15 -20.38
C ARG N 205 -42.72 14.08 -19.19
N VAL N 206 -41.68 13.90 -18.38
CA VAL N 206 -41.33 14.85 -17.34
C VAL N 206 -39.83 15.05 -17.40
N SER N 207 -39.39 16.03 -18.19
CA SER N 207 -37.98 16.38 -18.18
C SER N 207 -37.63 17.08 -16.87
N GLY N 208 -38.20 18.26 -16.65
CA GLY N 208 -38.15 18.97 -15.37
C GLY N 208 -36.79 18.99 -14.70
N SER N 209 -35.72 19.02 -15.50
CA SER N 209 -34.37 18.67 -15.05
C SER N 209 -33.93 19.57 -13.91
N GLU N 210 -33.80 20.86 -14.18
CA GLU N 210 -33.50 21.84 -13.17
C GLU N 210 -34.32 23.11 -13.34
N LEU N 211 -34.91 23.32 -14.52
CA LEU N 211 -35.70 24.49 -14.83
C LEU N 211 -36.95 24.59 -13.96
N VAL N 212 -37.55 23.46 -13.60
CA VAL N 212 -38.71 23.47 -12.72
C VAL N 212 -38.33 23.31 -11.26
N GLN N 213 -37.10 22.89 -10.97
CA GLN N 213 -36.70 22.65 -9.58
C GLN N 213 -36.59 23.94 -8.79
N LYS N 214 -36.15 25.02 -9.43
CA LYS N 214 -36.02 26.28 -8.72
C LYS N 214 -37.36 26.98 -8.54
N PHE N 215 -38.36 26.63 -9.34
CA PHE N 215 -39.65 27.31 -9.32
C PHE N 215 -40.35 27.01 -8.01
N ILE N 216 -40.33 27.99 -7.10
CA ILE N 216 -40.84 27.78 -5.75
C ILE N 216 -42.35 27.97 -5.71
N GLY N 217 -42.87 28.93 -6.47
CA GLY N 217 -44.28 29.23 -6.42
C GLY N 217 -45.17 28.11 -6.94
N GLU N 218 -44.83 27.55 -8.09
CA GLU N 218 -45.62 26.49 -8.70
C GLU N 218 -45.09 25.10 -8.39
N GLY N 219 -44.04 24.99 -7.58
CA GLY N 219 -43.52 23.69 -7.20
C GLY N 219 -44.47 22.86 -6.35
N ALA N 220 -45.49 23.49 -5.77
CA ALA N 220 -46.51 22.80 -5.01
C ALA N 220 -47.68 22.33 -5.88
N ARG N 221 -47.63 22.59 -7.19
CA ARG N 221 -48.68 22.17 -8.10
C ARG N 221 -48.19 21.50 -9.37
N MET N 222 -46.90 21.63 -9.71
CA MET N 222 -46.38 21.02 -10.93
C MET N 222 -46.61 19.51 -10.96
N VAL N 223 -46.64 18.87 -9.79
CA VAL N 223 -47.07 17.48 -9.72
C VAL N 223 -48.58 17.37 -9.81
N ARG N 224 -49.31 18.28 -9.17
CA ARG N 224 -50.76 18.19 -9.07
C ARG N 224 -51.41 18.24 -10.45
N GLU N 225 -51.28 19.36 -11.15
CA GLU N 225 -51.96 19.48 -12.43
C GLU N 225 -51.36 18.57 -13.49
N LEU N 226 -50.12 18.16 -13.34
CA LEU N 226 -49.59 17.10 -14.20
C LEU N 226 -50.40 15.82 -14.05
N PHE N 227 -50.53 15.33 -12.81
CA PHE N 227 -51.31 14.12 -12.59
C PHE N 227 -52.78 14.28 -12.95
N VAL N 228 -53.35 15.47 -12.75
CA VAL N 228 -54.71 15.72 -13.23
C VAL N 228 -54.76 15.58 -14.75
N MET N 229 -53.72 16.05 -15.43
CA MET N 229 -53.60 15.80 -16.86
C MET N 229 -53.59 14.31 -17.18
N ALA N 230 -52.83 13.53 -16.40
CA ALA N 230 -52.75 12.09 -16.63
C ALA N 230 -54.10 11.43 -16.49
N ARG N 231 -54.85 11.77 -15.44
CA ARG N 231 -56.16 11.18 -15.22
C ARG N 231 -57.25 11.82 -16.07
N GLU N 232 -56.95 12.90 -16.79
CA GLU N 232 -57.96 13.57 -17.58
C GLU N 232 -57.89 13.23 -19.06
N HIS N 233 -56.68 13.22 -19.64
CA HIS N 233 -56.54 12.96 -21.07
C HIS N 233 -57.08 11.59 -21.44
N ALA N 234 -56.48 10.55 -20.90
CA ALA N 234 -56.79 9.17 -21.24
C ALA N 234 -56.07 8.26 -20.24
N PRO N 235 -56.13 6.93 -20.41
CA PRO N 235 -55.10 6.09 -19.78
C PRO N 235 -53.73 6.64 -20.15
N SER N 236 -52.87 6.96 -19.18
CA SER N 236 -51.66 7.71 -19.44
C SER N 236 -50.51 7.18 -18.57
N ILE N 237 -49.36 6.95 -19.20
CA ILE N 237 -48.14 6.52 -18.53
C ILE N 237 -47.22 7.72 -18.41
N ILE N 238 -46.71 7.97 -17.21
CA ILE N 238 -45.78 9.05 -16.94
C ILE N 238 -44.41 8.45 -16.71
N PHE N 239 -43.37 9.18 -17.10
CA PHE N 239 -42.00 8.73 -16.99
C PHE N 239 -41.16 9.79 -16.28
N MET N 240 -40.25 9.32 -15.42
CA MET N 240 -39.30 10.17 -14.72
C MET N 240 -37.89 9.70 -15.04
N ASP N 241 -36.89 10.44 -14.60
CA ASP N 241 -35.51 10.13 -14.93
C ASP N 241 -34.61 10.61 -13.79
N GLU N 242 -33.32 10.72 -14.06
CA GLU N 242 -32.29 11.11 -13.10
C GLU N 242 -32.51 12.50 -12.50
N ILE N 243 -33.52 13.26 -12.93
CA ILE N 243 -33.69 14.64 -12.52
C ILE N 243 -33.86 14.77 -11.00
N ASP N 244 -34.74 13.96 -10.41
CA ASP N 244 -34.94 14.02 -8.97
C ASP N 244 -33.70 13.57 -8.21
N SER N 245 -33.03 12.53 -8.71
CA SER N 245 -31.77 12.08 -8.13
C SER N 245 -30.73 13.19 -8.15
N ILE N 246 -30.77 14.07 -9.15
CA ILE N 246 -29.82 15.17 -9.21
C ILE N 246 -30.28 16.33 -8.32
N GLY N 247 -31.58 16.51 -8.19
CA GLY N 247 -32.11 17.62 -7.42
C GLY N 247 -32.05 17.42 -5.92
N SER N 248 -32.79 16.45 -5.42
CA SER N 248 -32.76 16.15 -3.99
C SER N 248 -33.02 14.67 -3.78
N SER N 249 -32.42 14.13 -2.73
CA SER N 249 -32.56 12.72 -2.40
C SER N 249 -33.31 12.51 -1.09
N ARG N 250 -32.89 13.16 -0.02
CA ARG N 250 -33.49 12.96 1.28
C ARG N 250 -33.16 14.19 2.12
N LEU N 251 -33.31 14.09 3.43
CA LEU N 251 -33.20 15.19 4.39
C LEU N 251 -31.79 15.80 4.47
N GLU N 252 -30.84 15.35 3.64
CA GLU N 252 -29.52 15.99 3.59
C GLU N 252 -29.65 17.49 3.37
N GLY N 253 -30.44 17.89 2.37
CA GLY N 253 -30.83 19.27 2.24
C GLY N 253 -32.13 19.49 2.99
N GLY N 254 -32.14 19.12 4.27
CA GLY N 254 -33.36 19.08 5.04
C GLY N 254 -33.58 20.32 5.88
N SER N 255 -33.28 20.23 7.17
CA SER N 255 -33.47 21.34 8.08
C SER N 255 -32.71 22.59 7.67
N GLY N 256 -31.66 22.47 6.87
CA GLY N 256 -30.86 23.61 6.47
C GLY N 256 -31.33 24.33 5.21
N GLY N 257 -32.64 24.40 5.01
CA GLY N 257 -33.17 25.14 3.86
C GLY N 257 -34.21 24.40 3.06
N ASP N 258 -34.20 23.06 3.13
CA ASP N 258 -35.17 22.17 2.49
C ASP N 258 -34.94 22.06 0.98
N SER N 259 -34.09 22.94 0.42
CA SER N 259 -33.65 22.87 -0.97
C SER N 259 -34.75 23.01 -2.02
N GLU N 260 -36.00 23.19 -1.58
CA GLU N 260 -37.14 23.44 -2.46
C GLU N 260 -37.50 22.23 -3.34
N VAL N 261 -36.76 21.14 -3.23
CA VAL N 261 -36.90 20.01 -4.13
C VAL N 261 -37.38 18.76 -3.41
N GLN N 262 -36.71 18.38 -2.31
CA GLN N 262 -37.15 17.23 -1.53
C GLN N 262 -38.57 17.41 -1.01
N ARG N 263 -39.00 18.65 -0.78
CA ARG N 263 -40.39 18.90 -0.41
C ARG N 263 -41.35 18.54 -1.53
N THR N 264 -41.06 18.99 -2.75
CA THR N 264 -41.87 18.60 -3.90
C THR N 264 -41.85 17.09 -4.07
N MET N 265 -40.71 16.45 -3.79
CA MET N 265 -40.69 15.00 -3.71
C MET N 265 -41.66 14.48 -2.66
N LEU N 266 -41.76 15.18 -1.52
CA LEU N 266 -42.70 14.79 -0.49
C LEU N 266 -44.14 14.93 -0.94
N GLU N 267 -44.43 15.88 -1.84
CA GLU N 267 -45.72 15.93 -2.49
C GLU N 267 -45.91 14.80 -3.50
N LEU N 268 -44.83 14.41 -4.18
CA LEU N 268 -44.87 13.24 -5.04
C LEU N 268 -45.31 12.00 -4.28
N LEU N 269 -44.59 11.67 -3.20
CA LEU N 269 -45.03 10.57 -2.33
C LEU N 269 -46.39 10.85 -1.73
N ASN N 270 -46.74 12.13 -1.53
CA ASN N 270 -48.08 12.49 -1.11
C ASN N 270 -49.13 11.96 -2.09
N GLN N 271 -48.83 12.01 -3.39
CA GLN N 271 -49.79 11.50 -4.36
C GLN N 271 -49.68 10.01 -4.59
N LEU N 272 -48.47 9.45 -4.67
CA LEU N 272 -48.32 8.01 -4.83
C LEU N 272 -48.98 7.26 -3.69
N ASP N 273 -48.93 7.81 -2.47
CA ASP N 273 -49.64 7.22 -1.34
C ASP N 273 -51.13 7.55 -1.45
N GLY N 274 -51.76 6.95 -2.45
CA GLY N 274 -53.18 7.10 -2.67
C GLY N 274 -53.81 5.77 -3.03
N PHE N 275 -54.68 5.76 -4.04
CA PHE N 275 -55.26 4.51 -4.53
C PHE N 275 -55.33 4.55 -6.05
N GLU N 276 -54.49 3.77 -6.71
CA GLU N 276 -54.62 3.63 -8.15
C GLU N 276 -54.75 2.17 -8.55
N ALA N 277 -53.93 1.29 -7.97
CA ALA N 277 -53.78 -0.10 -8.40
C ALA N 277 -53.27 -0.17 -9.84
N THR N 278 -52.74 0.96 -10.34
CA THR N 278 -52.36 1.23 -11.71
C THR N 278 -53.55 1.35 -12.65
N LYS N 279 -54.51 0.42 -12.47
CA LYS N 279 -55.74 0.24 -13.26
C LYS N 279 -55.42 -0.19 -14.70
N ASN N 280 -54.54 0.61 -15.31
CA ASN N 280 -53.97 0.51 -16.62
C ASN N 280 -52.96 1.67 -16.68
N ILE N 281 -52.70 2.35 -15.53
CA ILE N 281 -51.75 3.45 -15.61
C ILE N 281 -50.49 3.09 -14.87
N LYS N 282 -49.35 3.32 -15.50
CA LYS N 282 -48.03 3.09 -14.91
C LYS N 282 -47.20 4.37 -14.88
N VAL N 283 -46.09 4.29 -14.14
CA VAL N 283 -45.10 5.36 -14.07
C VAL N 283 -43.71 4.73 -14.03
N ILE N 284 -42.92 5.01 -15.06
CA ILE N 284 -41.59 4.44 -15.21
C ILE N 284 -40.59 5.45 -14.67
N MET N 285 -39.41 4.98 -14.28
CA MET N 285 -38.31 5.84 -13.88
C MET N 285 -36.99 5.18 -14.23
N ALA N 286 -36.02 6.00 -14.63
CA ALA N 286 -34.68 5.54 -14.99
C ALA N 286 -33.68 6.57 -14.50
N THR N 287 -32.77 6.13 -13.64
CA THR N 287 -31.85 7.06 -12.98
C THR N 287 -30.57 6.34 -12.60
N ASN N 288 -29.47 7.09 -12.69
CA ASN N 288 -28.22 6.75 -12.02
C ASN N 288 -28.20 7.47 -10.67
N ARG N 289 -27.19 7.16 -9.86
CA ARG N 289 -27.08 7.66 -8.49
C ARG N 289 -28.31 7.22 -7.68
N ILE N 290 -28.48 5.90 -7.66
CA ILE N 290 -29.69 5.28 -7.11
C ILE N 290 -29.58 5.10 -5.60
N ASP N 291 -28.42 5.37 -5.01
CA ASP N 291 -28.19 5.10 -3.59
C ASP N 291 -28.27 6.36 -2.74
N ILE N 292 -29.12 7.32 -3.11
CA ILE N 292 -29.22 8.54 -2.34
C ILE N 292 -30.67 8.83 -1.96
N LEU N 293 -31.61 8.40 -2.79
CA LEU N 293 -32.98 8.82 -2.64
C LEU N 293 -33.64 8.05 -1.50
N ASP N 294 -34.92 8.34 -1.25
CA ASP N 294 -35.67 7.82 -0.11
C ASP N 294 -36.48 6.59 -0.50
N SER N 295 -35.92 5.75 -1.38
CA SER N 295 -36.63 4.59 -1.90
C SER N 295 -37.08 3.62 -0.81
N ALA N 296 -36.55 3.72 0.42
CA ALA N 296 -37.04 2.88 1.50
C ALA N 296 -38.52 3.05 1.72
N LEU N 297 -39.00 4.30 1.76
CA LEU N 297 -40.42 4.54 1.93
C LEU N 297 -41.21 4.12 0.70
N LEU N 298 -40.63 4.27 -0.49
CA LEU N 298 -41.34 4.04 -1.74
C LEU N 298 -41.31 2.58 -2.17
N ARG N 299 -40.52 1.72 -1.51
CA ARG N 299 -40.57 0.29 -1.80
C ARG N 299 -41.96 -0.29 -1.64
N PRO N 300 -42.63 -0.17 -0.48
CA PRO N 300 -43.92 -0.86 -0.29
C PRO N 300 -45.02 -0.24 -1.12
N GLY N 301 -45.44 -0.96 -2.17
CA GLY N 301 -46.60 -0.57 -2.94
C GLY N 301 -46.39 0.53 -3.95
N ARG N 302 -45.62 1.56 -3.58
CA ARG N 302 -45.49 2.77 -4.40
C ARG N 302 -44.79 2.47 -5.72
N ILE N 303 -43.56 1.98 -5.65
CA ILE N 303 -42.73 1.72 -6.82
C ILE N 303 -42.03 0.38 -6.65
N ASP N 304 -41.37 -0.07 -7.72
CA ASP N 304 -40.91 -1.45 -7.81
C ASP N 304 -39.60 -1.59 -8.57
N ARG N 305 -39.35 -2.80 -9.07
CA ARG N 305 -38.03 -3.25 -9.51
C ARG N 305 -37.41 -2.39 -10.60
N LYS N 306 -36.13 -2.64 -10.88
CA LYS N 306 -35.41 -1.96 -11.94
C LYS N 306 -34.75 -3.04 -12.80
N ILE N 307 -34.59 -2.76 -14.09
CA ILE N 307 -33.98 -3.73 -14.99
C ILE N 307 -32.71 -3.13 -15.58
N GLU N 308 -31.74 -3.99 -15.88
CA GLU N 308 -30.40 -3.61 -16.29
C GLU N 308 -30.32 -3.37 -17.79
N PHE N 309 -29.22 -2.72 -18.21
CA PHE N 309 -28.91 -2.59 -19.63
C PHE N 309 -27.64 -3.33 -19.98
N PRO N 310 -27.71 -4.41 -20.77
CA PRO N 310 -26.49 -4.97 -21.37
C PRO N 310 -26.12 -4.23 -22.63
N PRO N 311 -24.88 -4.39 -23.11
CA PRO N 311 -24.40 -3.52 -24.18
C PRO N 311 -25.13 -3.78 -25.48
N PRO N 312 -25.01 -2.88 -26.46
CA PRO N 312 -25.64 -3.10 -27.76
C PRO N 312 -24.88 -4.10 -28.62
N ASN N 313 -25.30 -4.27 -29.87
CA ASN N 313 -24.71 -5.28 -30.74
C ASN N 313 -24.53 -4.68 -32.13
N GLU N 314 -24.13 -5.51 -33.09
CA GLU N 314 -23.82 -5.04 -34.43
C GLU N 314 -25.08 -4.66 -35.20
N GLU N 315 -25.99 -5.61 -35.39
CA GLU N 315 -27.26 -5.28 -36.03
C GLU N 315 -28.05 -4.27 -35.20
N ALA N 316 -27.87 -4.31 -33.88
CA ALA N 316 -28.46 -3.30 -33.01
C ALA N 316 -28.03 -1.89 -33.42
N ARG N 317 -26.72 -1.66 -33.47
CA ARG N 317 -26.21 -0.36 -33.86
C ARG N 317 -26.43 -0.08 -35.34
N LEU N 318 -26.76 -1.11 -36.12
CA LEU N 318 -27.13 -0.90 -37.51
C LEU N 318 -28.52 -0.29 -37.62
N ASP N 319 -29.52 -0.94 -37.02
CA ASP N 319 -30.86 -0.38 -37.00
C ASP N 319 -30.88 0.97 -36.32
N ILE N 320 -30.12 1.13 -35.24
CA ILE N 320 -29.88 2.45 -34.67
C ILE N 320 -29.31 3.38 -35.72
N LEU N 321 -28.40 2.87 -36.57
CA LEU N 321 -27.77 3.70 -37.58
C LEU N 321 -28.77 4.23 -38.60
N LYS N 322 -29.74 3.40 -38.99
CA LYS N 322 -30.77 3.89 -39.89
C LYS N 322 -31.74 4.83 -39.18
N ILE N 323 -32.15 4.47 -37.96
CA ILE N 323 -33.15 5.25 -37.24
C ILE N 323 -32.62 6.62 -36.87
N HIS N 324 -31.30 6.78 -36.78
CA HIS N 324 -30.74 8.08 -36.42
C HIS N 324 -30.06 8.77 -37.58
N SER N 325 -29.74 8.04 -38.65
CA SER N 325 -29.52 8.61 -39.97
C SER N 325 -30.84 8.82 -40.70
N ARG N 326 -31.94 8.81 -39.95
CA ARG N 326 -33.28 8.72 -40.53
C ARG N 326 -33.72 10.06 -41.10
N LYS N 327 -33.41 11.16 -40.41
CA LYS N 327 -33.76 12.50 -40.86
C LYS N 327 -32.56 13.15 -41.55
N MET N 328 -32.25 12.63 -42.73
CA MET N 328 -31.07 13.08 -43.46
C MET N 328 -31.34 12.99 -44.95
N ASN N 329 -30.27 13.00 -45.75
CA ASN N 329 -30.34 12.85 -47.20
C ASN N 329 -29.15 11.97 -47.58
N LEU N 330 -29.41 10.72 -47.96
CA LEU N 330 -28.37 9.71 -48.03
C LEU N 330 -28.25 9.17 -49.45
N THR N 331 -27.43 8.12 -49.61
CA THR N 331 -27.16 7.54 -50.91
C THR N 331 -27.28 6.02 -50.86
N ARG N 332 -27.64 5.40 -51.98
CA ARG N 332 -27.65 3.96 -52.09
C ARG N 332 -26.30 3.53 -52.64
N GLY N 333 -26.00 2.24 -52.50
CA GLY N 333 -24.70 1.74 -52.89
C GLY N 333 -23.77 1.70 -51.70
N ILE N 334 -24.25 1.10 -50.61
CA ILE N 334 -23.53 1.10 -49.35
C ILE N 334 -23.94 -0.11 -48.53
N ASN N 335 -22.96 -0.81 -47.97
CA ASN N 335 -23.25 -1.87 -47.03
C ASN N 335 -23.22 -1.29 -45.62
N LEU N 336 -24.31 -0.66 -45.21
CA LEU N 336 -24.45 -0.03 -43.91
C LEU N 336 -24.18 -1.05 -42.80
N ARG N 337 -24.54 -2.31 -43.05
CA ARG N 337 -24.17 -3.39 -42.14
C ARG N 337 -22.67 -3.39 -41.86
N LYS N 338 -21.85 -3.20 -42.90
CA LYS N 338 -20.42 -3.08 -42.69
C LYS N 338 -20.09 -1.91 -41.77
N ILE N 339 -20.88 -0.84 -41.87
CA ILE N 339 -20.62 0.34 -41.04
C ILE N 339 -20.92 0.05 -39.58
N ALA N 340 -22.10 -0.53 -39.29
CA ALA N 340 -22.41 -0.90 -37.92
C ALA N 340 -21.47 -1.98 -37.40
N GLU N 341 -20.89 -2.76 -38.30
CA GLU N 341 -19.89 -3.76 -37.96
C GLU N 341 -18.49 -3.17 -37.78
N LEU N 342 -18.28 -1.94 -38.21
CA LEU N 342 -16.99 -1.28 -37.99
C LEU N 342 -16.87 -0.69 -36.59
N MET N 343 -17.94 -0.70 -35.81
CA MET N 343 -17.89 -0.21 -34.44
C MET N 343 -18.21 -1.36 -33.49
N PRO N 344 -17.23 -2.19 -33.14
CA PRO N 344 -17.49 -3.28 -32.21
C PRO N 344 -17.90 -2.78 -30.83
N GLY N 345 -17.06 -1.96 -30.22
CA GLY N 345 -17.33 -1.46 -28.89
C GLY N 345 -18.04 -0.12 -28.89
N ALA N 346 -19.20 -0.06 -29.53
CA ALA N 346 -19.96 1.19 -29.63
C ALA N 346 -21.26 1.04 -28.88
N SER N 347 -21.65 2.09 -28.16
CA SER N 347 -22.91 2.14 -27.43
C SER N 347 -24.04 2.57 -28.34
N GLY N 348 -25.11 3.07 -27.74
CA GLY N 348 -26.33 3.44 -28.43
C GLY N 348 -26.23 4.87 -28.91
N ALA N 349 -26.67 5.82 -28.08
CA ALA N 349 -26.61 7.25 -28.34
C ALA N 349 -25.36 7.72 -29.07
N GLU N 350 -24.21 7.13 -28.75
CA GLU N 350 -22.99 7.36 -29.52
C GLU N 350 -23.21 7.16 -31.02
N VAL N 351 -24.05 6.19 -31.40
CA VAL N 351 -24.35 5.97 -32.80
C VAL N 351 -25.02 7.20 -33.41
N LYS N 352 -25.81 7.91 -32.61
CA LYS N 352 -26.40 9.16 -33.08
C LYS N 352 -25.33 10.18 -33.45
N GLY N 353 -24.35 10.37 -32.57
CA GLY N 353 -23.19 11.17 -32.93
C GLY N 353 -22.43 10.62 -34.11
N VAL N 354 -22.50 9.32 -34.33
CA VAL N 354 -21.93 8.73 -35.55
C VAL N 354 -22.65 9.27 -36.77
N CYS N 355 -23.98 9.25 -36.75
CA CYS N 355 -24.76 9.83 -37.84
C CYS N 355 -24.47 11.31 -38.03
N THR N 356 -24.33 12.07 -36.93
CA THR N 356 -23.99 13.47 -37.05
C THR N 356 -22.62 13.66 -37.69
N GLU N 357 -21.66 12.80 -37.33
CA GLU N 357 -20.34 12.87 -37.94
C GLU N 357 -20.40 12.56 -39.43
N ALA N 358 -21.16 11.54 -39.81
CA ALA N 358 -21.32 11.22 -41.23
C ALA N 358 -21.94 12.40 -41.98
N GLY N 359 -22.95 13.03 -41.40
CA GLY N 359 -23.49 14.24 -42.01
C GLY N 359 -22.46 15.34 -42.12
N MET N 360 -21.57 15.45 -41.13
CA MET N 360 -20.48 16.41 -41.21
C MET N 360 -19.58 16.09 -42.40
N TYR N 361 -19.27 14.82 -42.61
CA TYR N 361 -18.41 14.45 -43.72
C TYR N 361 -19.09 14.68 -45.05
N ALA N 362 -20.41 14.45 -45.14
CA ALA N 362 -21.13 14.87 -46.33
C ALA N 362 -21.04 16.37 -46.52
N LEU N 363 -21.03 17.13 -45.42
CA LEU N 363 -20.83 18.57 -45.51
C LEU N 363 -19.48 18.90 -46.14
N ARG N 364 -18.41 18.24 -45.68
CA ARG N 364 -17.10 18.53 -46.23
C ARG N 364 -16.89 17.96 -47.62
N GLU N 365 -17.69 16.98 -48.04
CA GLU N 365 -17.62 16.42 -49.37
C GLU N 365 -18.20 17.32 -50.44
N ARG N 366 -18.74 18.47 -50.05
CA ARG N 366 -19.34 19.42 -51.00
C ARG N 366 -20.51 18.79 -51.74
N ARG N 367 -21.38 18.14 -50.98
CA ARG N 367 -22.57 17.51 -51.55
C ARG N 367 -23.48 17.08 -50.41
N VAL N 368 -24.73 16.79 -50.73
CA VAL N 368 -25.69 16.41 -49.70
C VAL N 368 -25.83 14.90 -49.58
N HIS N 369 -25.23 14.17 -50.50
CA HIS N 369 -25.28 12.71 -50.45
C HIS N 369 -24.49 12.19 -49.27
N VAL N 370 -25.18 11.57 -48.32
CA VAL N 370 -24.53 10.94 -47.18
C VAL N 370 -24.07 9.56 -47.65
N THR N 371 -22.86 9.52 -48.22
CA THR N 371 -22.38 8.34 -48.91
C THR N 371 -21.55 7.47 -47.98
N GLN N 372 -21.04 6.35 -48.52
CA GLN N 372 -20.33 5.37 -47.71
C GLN N 372 -18.98 5.90 -47.25
N GLU N 373 -18.40 6.81 -48.02
CA GLU N 373 -17.21 7.52 -47.57
C GLU N 373 -17.42 8.17 -46.20
N ASP N 374 -18.56 8.86 -46.04
CA ASP N 374 -18.83 9.60 -44.81
C ASP N 374 -18.85 8.69 -43.60
N PHE N 375 -19.55 7.56 -43.68
CA PHE N 375 -19.60 6.65 -42.55
C PHE N 375 -18.29 5.93 -42.35
N GLU N 376 -17.66 5.48 -43.43
CA GLU N 376 -16.39 4.76 -43.32
C GLU N 376 -15.31 5.61 -42.68
N MET N 377 -15.34 6.92 -42.86
CA MET N 377 -14.42 7.77 -42.11
C MET N 377 -14.95 8.11 -40.73
N ALA N 378 -16.28 8.25 -40.59
CA ALA N 378 -16.86 8.69 -39.32
C ALA N 378 -16.68 7.64 -38.25
N VAL N 379 -16.69 6.35 -38.62
CA VAL N 379 -16.36 5.31 -37.65
C VAL N 379 -14.96 5.52 -37.11
N ALA N 380 -14.01 5.81 -38.01
CA ALA N 380 -12.63 6.05 -37.61
C ALA N 380 -12.49 7.27 -36.71
N LYS N 381 -13.20 8.36 -37.00
CA LYS N 381 -13.04 9.56 -36.19
C LYS N 381 -13.75 9.44 -34.84
N VAL N 382 -14.97 8.91 -34.85
CA VAL N 382 -15.73 8.77 -33.61
C VAL N 382 -14.99 7.80 -32.70
N MET N 383 -14.51 6.69 -33.25
CA MET N 383 -13.72 5.76 -32.46
C MET N 383 -12.40 6.38 -32.03
N GLN N 384 -11.81 7.22 -32.90
CA GLN N 384 -10.58 7.91 -32.53
C GLN N 384 -10.80 8.82 -31.33
N LYS N 385 -11.93 9.52 -31.29
CA LYS N 385 -12.32 10.26 -30.10
C LYS N 385 -12.59 9.31 -28.94
N ASP N 386 -12.99 8.08 -29.22
CA ASP N 386 -13.17 7.05 -28.22
C ASP N 386 -11.90 6.27 -27.93
N SER N 387 -10.75 6.79 -28.35
CA SER N 387 -9.47 6.11 -28.17
C SER N 387 -8.83 6.36 -26.81
N GLU N 388 -9.41 7.25 -25.99
CA GLU N 388 -8.86 7.55 -24.67
C GLU N 388 -9.48 6.59 -23.67
N LYS N 389 -8.74 5.54 -23.32
CA LYS N 389 -9.20 4.54 -22.36
C LYS N 389 -10.48 3.86 -22.85
N ASP O 39 -101.86 74.22 -46.87
CA ASP O 39 -100.71 73.38 -46.58
C ASP O 39 -99.91 73.06 -47.84
N LEU O 40 -100.61 72.74 -48.92
CA LEU O 40 -99.94 72.22 -50.11
C LEU O 40 -99.01 73.25 -50.73
N TYR O 41 -99.43 74.51 -50.82
CA TYR O 41 -98.50 75.55 -51.23
C TYR O 41 -97.45 75.82 -50.15
N SER O 42 -97.87 75.76 -48.88
CA SER O 42 -96.91 75.90 -47.79
C SER O 42 -96.04 74.67 -47.67
N ARG O 43 -96.53 73.50 -48.10
CA ARG O 43 -95.63 72.35 -48.27
C ARG O 43 -94.50 72.69 -49.22
N TYR O 44 -94.84 73.24 -50.39
CA TYR O 44 -93.86 73.51 -51.42
C TYR O 44 -92.93 74.66 -51.04
N LYS O 45 -93.40 75.59 -50.21
CA LYS O 45 -92.51 76.63 -49.72
C LYS O 45 -91.61 76.11 -48.59
N LYS O 46 -92.19 75.32 -47.69
CA LYS O 46 -91.45 74.85 -46.53
C LYS O 46 -90.39 73.82 -46.90
N LEU O 47 -90.63 73.02 -47.95
CA LEU O 47 -89.56 72.15 -48.42
C LEU O 47 -88.40 72.95 -48.99
N GLN O 48 -88.71 74.00 -49.76
CA GLN O 48 -87.68 74.93 -50.20
C GLN O 48 -86.88 75.46 -49.03
N GLN O 49 -87.56 75.95 -48.00
CA GLN O 49 -86.85 76.43 -46.81
C GLN O 49 -86.05 75.31 -46.15
N GLU O 50 -86.51 74.08 -46.27
CA GLU O 50 -85.79 72.92 -45.77
C GLU O 50 -84.65 72.50 -46.68
N LEU O 51 -84.46 73.19 -47.80
CA LEU O 51 -83.36 72.84 -48.70
C LEU O 51 -82.08 73.60 -48.35
N GLU O 52 -82.11 74.93 -48.44
CA GLU O 52 -80.89 75.71 -48.22
C GLU O 52 -80.43 75.66 -46.77
N PHE O 53 -81.37 75.82 -45.83
CA PHE O 53 -81.02 75.71 -44.41
C PHE O 53 -80.42 74.35 -44.08
N LEU O 54 -80.77 73.33 -44.85
CA LEU O 54 -80.12 72.03 -44.74
C LEU O 54 -78.76 72.00 -45.42
N GLU O 55 -78.57 72.78 -46.48
CA GLU O 55 -77.30 72.76 -47.19
C GLU O 55 -76.20 73.49 -46.44
N VAL O 56 -76.53 74.62 -45.79
CA VAL O 56 -75.56 75.33 -44.98
C VAL O 56 -74.94 74.44 -43.92
N GLN O 57 -75.69 73.48 -43.40
CA GLN O 57 -75.11 72.46 -42.54
C GLN O 57 -74.14 71.58 -43.31
N GLU O 58 -74.45 71.28 -44.57
CA GLU O 58 -73.55 70.46 -45.38
C GLU O 58 -72.19 71.11 -45.52
N GLU O 59 -72.15 72.39 -45.90
CA GLU O 59 -70.88 73.11 -45.91
C GLU O 59 -70.30 73.21 -44.50
N TYR O 60 -71.16 73.31 -43.49
CA TYR O 60 -70.72 73.51 -42.13
C TYR O 60 -69.89 72.33 -41.62
N ILE O 61 -70.36 71.11 -41.84
CA ILE O 61 -69.58 69.95 -41.42
C ILE O 61 -68.24 69.89 -42.14
N LYS O 62 -68.19 70.34 -43.39
CA LYS O 62 -66.91 70.47 -44.08
C LYS O 62 -65.98 71.38 -43.30
N ASP O 63 -66.46 72.57 -42.95
CA ASP O 63 -65.69 73.51 -42.13
C ASP O 63 -65.19 72.87 -40.85
N GLU O 64 -66.10 72.25 -40.09
CA GLU O 64 -65.73 71.65 -38.82
C GLU O 64 -64.67 70.59 -39.00
N GLN O 65 -64.84 69.71 -39.98
CA GLN O 65 -63.87 68.64 -40.18
C GLN O 65 -62.49 69.19 -40.52
N LYS O 66 -62.42 70.13 -41.48
CA LYS O 66 -61.14 70.69 -41.85
C LYS O 66 -60.47 71.39 -40.68
N ASN O 67 -61.25 72.12 -39.86
CA ASN O 67 -60.66 72.76 -38.70
C ASN O 67 -60.17 71.73 -37.68
N LEU O 68 -60.94 70.66 -37.49
CA LEU O 68 -60.55 69.61 -36.56
C LEU O 68 -59.25 68.94 -36.97
N LYS O 69 -59.00 68.81 -38.28
CA LYS O 69 -57.71 68.29 -38.71
C LYS O 69 -56.56 69.12 -38.16
N LYS O 70 -56.70 70.45 -38.19
CA LYS O 70 -55.67 71.31 -37.60
C LYS O 70 -55.63 71.13 -36.09
N GLU O 71 -56.78 71.21 -35.43
CA GLU O 71 -56.83 71.19 -33.98
C GLU O 71 -56.23 69.90 -33.40
N PHE O 72 -56.41 68.78 -34.09
CA PHE O 72 -55.83 67.54 -33.63
C PHE O 72 -54.30 67.57 -33.69
N LEU O 73 -53.76 68.11 -34.78
CA LEU O 73 -52.32 68.24 -34.88
C LEU O 73 -51.77 69.22 -33.86
N HIS O 74 -52.51 70.28 -33.55
CA HIS O 74 -52.12 71.10 -32.41
C HIS O 74 -52.19 70.31 -31.12
N ALA O 75 -53.09 69.32 -31.06
CA ALA O 75 -53.23 68.51 -29.86
C ALA O 75 -52.03 67.61 -29.63
N GLN O 76 -51.53 66.96 -30.68
CA GLN O 76 -50.38 66.07 -30.50
C GLN O 76 -49.17 66.80 -29.97
N GLU O 77 -48.87 67.99 -30.51
CA GLU O 77 -47.66 68.69 -30.11
C GLU O 77 -47.70 69.10 -28.65
N GLU O 78 -48.84 69.62 -28.18
CA GLU O 78 -48.94 70.12 -26.82
C GLU O 78 -48.79 69.03 -25.78
N VAL O 79 -48.98 67.76 -26.14
CA VAL O 79 -48.72 66.67 -25.21
C VAL O 79 -47.23 66.54 -24.94
N LYS O 80 -46.40 67.05 -25.85
CA LYS O 80 -44.95 66.84 -25.79
C LYS O 80 -44.30 67.47 -24.56
N ARG O 81 -44.96 68.41 -23.88
CA ARG O 81 -44.36 69.03 -22.71
C ARG O 81 -44.12 68.05 -21.57
N ILE O 82 -44.77 66.89 -21.60
CA ILE O 82 -44.68 65.94 -20.50
C ILE O 82 -43.26 65.42 -20.30
N GLN O 83 -42.43 65.39 -21.34
CA GLN O 83 -41.13 64.74 -21.20
C GLN O 83 -40.10 65.67 -20.59
N SER O 84 -39.73 66.74 -21.30
CA SER O 84 -38.83 67.80 -20.81
C SER O 84 -37.43 67.30 -20.42
N ILE O 85 -37.20 66.02 -20.75
CA ILE O 85 -35.97 65.17 -20.57
C ILE O 85 -35.84 64.35 -19.29
N PRO O 86 -35.43 64.98 -18.17
CA PRO O 86 -35.30 64.26 -16.90
C PRO O 86 -36.57 63.51 -16.49
N LEU O 87 -36.71 62.30 -17.02
CA LEU O 87 -37.86 61.44 -16.72
C LEU O 87 -37.59 60.31 -15.74
N VAL O 88 -37.07 59.19 -16.25
CA VAL O 88 -36.31 58.13 -15.60
C VAL O 88 -36.06 57.12 -16.70
N ILE O 89 -34.99 56.35 -16.56
CA ILE O 89 -34.73 55.22 -17.45
C ILE O 89 -35.25 53.96 -16.77
N GLY O 90 -36.32 53.39 -17.30
CA GLY O 90 -36.84 52.12 -16.83
C GLY O 90 -36.92 51.12 -17.97
N GLN O 91 -37.63 50.01 -17.77
CA GLN O 91 -37.76 49.00 -18.81
C GLN O 91 -39.21 48.56 -18.88
N PHE O 92 -39.74 48.53 -20.11
CA PHE O 92 -41.06 47.95 -20.32
C PHE O 92 -41.03 46.47 -19.98
N LEU O 93 -42.07 46.02 -19.29
CA LEU O 93 -42.16 44.60 -18.93
C LEU O 93 -43.30 43.90 -19.67
N GLU O 94 -44.54 44.35 -19.47
CA GLU O 94 -45.71 43.69 -20.06
C GLU O 94 -46.87 44.66 -20.03
N ALA O 95 -47.89 44.35 -20.82
CA ALA O 95 -49.10 45.15 -20.89
C ALA O 95 -50.29 44.27 -20.56
N VAL O 96 -51.18 44.79 -19.71
CA VAL O 96 -52.40 44.06 -19.37
C VAL O 96 -53.39 44.10 -20.52
N ASP O 97 -53.70 45.30 -20.99
CA ASP O 97 -54.76 45.49 -21.97
C ASP O 97 -54.40 46.70 -22.83
N GLN O 98 -55.39 47.23 -23.53
CA GLN O 98 -55.21 48.49 -24.26
C GLN O 98 -54.71 49.57 -23.32
N ASN O 99 -53.78 50.37 -23.83
CA ASN O 99 -53.16 51.55 -23.21
C ASN O 99 -52.95 51.45 -21.70
N THR O 100 -52.42 50.32 -21.24
CA THR O 100 -52.03 50.19 -19.84
C THR O 100 -51.18 48.93 -19.71
N ALA O 101 -50.03 49.05 -19.06
CA ALA O 101 -49.03 47.99 -19.05
C ALA O 101 -48.32 48.00 -17.70
N ILE O 102 -47.29 47.14 -17.59
CA ILE O 102 -46.49 47.01 -16.39
C ILE O 102 -45.04 47.21 -16.75
N VAL O 103 -44.30 47.91 -15.89
CA VAL O 103 -42.89 48.20 -16.14
C VAL O 103 -42.12 48.05 -14.83
N GLY O 104 -40.95 47.43 -14.93
CA GLY O 104 -40.05 47.33 -13.79
C GLY O 104 -38.92 48.34 -13.89
N SER O 105 -39.00 49.40 -13.10
CA SER O 105 -38.03 50.47 -13.18
C SER O 105 -36.65 50.01 -12.71
N THR O 106 -35.64 50.80 -13.07
CA THR O 106 -34.28 50.60 -12.56
C THR O 106 -34.14 51.05 -11.12
N THR O 107 -35.20 51.56 -10.50
CA THR O 107 -35.24 51.87 -9.10
C THR O 107 -35.48 50.64 -8.23
N GLY O 108 -35.35 49.44 -8.80
CA GLY O 108 -35.47 48.20 -8.08
C GLY O 108 -36.88 47.67 -7.94
N SER O 109 -37.88 48.54 -8.05
CA SER O 109 -39.26 48.15 -7.83
C SER O 109 -39.97 47.95 -9.17
N ASN O 110 -41.24 47.56 -9.11
CA ASN O 110 -42.05 47.29 -10.29
C ASN O 110 -43.36 48.05 -10.13
N TYR O 111 -44.00 48.40 -11.25
CA TYR O 111 -45.16 49.26 -11.19
C TYR O 111 -46.22 48.81 -12.20
N TYR O 112 -47.41 49.37 -12.03
CA TYR O 112 -48.51 49.23 -12.97
C TYR O 112 -48.85 50.63 -13.47
N VAL O 113 -48.84 50.82 -14.78
CA VAL O 113 -48.87 52.16 -15.34
C VAL O 113 -49.75 52.23 -16.58
N ARG O 114 -50.04 53.44 -17.03
CA ARG O 114 -50.71 53.68 -18.30
C ARG O 114 -49.68 54.11 -19.33
N ILE O 115 -50.11 54.23 -20.58
CA ILE O 115 -49.22 54.62 -21.66
C ILE O 115 -49.84 55.79 -22.43
N LEU O 116 -49.00 56.47 -23.20
CA LEU O 116 -49.46 57.51 -24.10
C LEU O 116 -49.99 56.89 -25.38
N SER O 117 -51.01 57.54 -25.96
CA SER O 117 -51.56 57.07 -27.22
C SER O 117 -50.65 57.37 -28.40
N THR O 118 -49.57 58.13 -28.19
CA THR O 118 -48.70 58.50 -29.29
C THR O 118 -47.73 57.39 -29.66
N ILE O 119 -47.37 56.53 -28.71
CA ILE O 119 -46.36 55.51 -28.94
C ILE O 119 -46.90 54.49 -29.94
N ASP O 120 -46.07 54.09 -30.89
CA ASP O 120 -46.42 53.03 -31.82
C ASP O 120 -46.27 51.67 -31.14
N ARG O 121 -47.29 50.82 -31.29
CA ARG O 121 -47.33 49.54 -30.60
C ARG O 121 -46.43 48.49 -31.23
N GLU O 122 -45.67 48.84 -32.25
CA GLU O 122 -44.72 47.90 -32.83
C GLU O 122 -43.38 47.92 -32.10
N LEU O 123 -43.21 48.82 -31.15
CA LEU O 123 -41.94 48.97 -30.47
C LEU O 123 -41.81 48.12 -29.22
N LEU O 124 -42.75 47.22 -28.98
CA LEU O 124 -42.74 46.43 -27.74
C LEU O 124 -41.81 45.22 -27.65
N LYS O 125 -42.38 44.10 -27.24
CA LYS O 125 -41.69 42.81 -27.04
C LYS O 125 -40.59 42.85 -25.96
N PRO O 126 -39.65 41.92 -26.05
CA PRO O 126 -38.50 41.65 -25.18
C PRO O 126 -38.00 42.83 -24.34
N ASN O 127 -38.77 43.20 -23.32
CA ASN O 127 -38.45 44.29 -22.37
C ASN O 127 -37.59 45.45 -22.87
N ALA O 128 -38.18 46.29 -23.71
CA ALA O 128 -37.46 47.43 -24.27
C ALA O 128 -37.07 48.45 -23.20
N SER O 129 -35.99 49.17 -23.48
CA SER O 129 -35.64 50.32 -22.67
C SER O 129 -36.70 51.40 -22.85
N VAL O 130 -37.20 51.92 -21.74
CA VAL O 130 -38.30 52.88 -21.76
C VAL O 130 -37.96 54.03 -20.82
N ALA O 131 -38.73 55.11 -20.95
CA ALA O 131 -38.62 56.24 -20.05
C ALA O 131 -39.90 56.36 -19.25
N LEU O 132 -39.81 57.03 -18.10
CA LEU O 132 -41.00 57.16 -17.26
C LEU O 132 -40.98 58.50 -16.56
N HIS O 133 -42.16 58.97 -16.16
CA HIS O 133 -42.20 60.25 -15.46
C HIS O 133 -41.67 60.09 -14.05
N LYS O 134 -40.98 61.12 -13.56
CA LYS O 134 -40.56 61.15 -12.17
C LYS O 134 -41.76 61.04 -11.24
N HIS O 135 -42.63 62.04 -11.28
CA HIS O 135 -43.79 62.03 -10.39
C HIS O 135 -44.80 60.97 -10.80
N SER O 136 -45.33 61.08 -12.01
CA SER O 136 -46.37 60.17 -12.46
C SER O 136 -45.86 58.75 -12.66
N ASN O 137 -44.66 58.58 -13.21
CA ASN O 137 -44.15 57.26 -13.56
C ASN O 137 -45.09 56.57 -14.56
N ALA O 138 -45.18 57.19 -15.73
CA ALA O 138 -45.98 56.69 -16.82
C ALA O 138 -45.11 56.50 -18.06
N LEU O 139 -45.41 55.46 -18.83
CA LEU O 139 -44.67 55.19 -20.06
C LEU O 139 -44.92 56.32 -21.05
N VAL O 140 -43.91 57.16 -21.23
CA VAL O 140 -44.01 58.33 -22.11
C VAL O 140 -43.18 58.15 -23.37
N ASP O 141 -42.12 57.36 -23.32
CA ASP O 141 -41.23 57.22 -24.46
C ASP O 141 -40.59 55.85 -24.48
N VAL O 142 -40.37 55.35 -25.70
CA VAL O 142 -39.64 54.11 -25.94
C VAL O 142 -38.26 54.49 -26.45
N LEU O 143 -37.24 54.03 -25.75
CA LEU O 143 -35.86 54.37 -26.11
C LEU O 143 -35.34 53.41 -27.16
N PRO O 144 -34.16 53.68 -27.70
CA PRO O 144 -33.50 52.70 -28.56
C PRO O 144 -33.21 51.43 -27.79
N PRO O 145 -33.31 50.27 -28.44
CA PRO O 145 -33.17 49.00 -27.72
C PRO O 145 -31.80 48.79 -27.10
N GLU O 146 -30.77 49.46 -27.60
CA GLU O 146 -29.40 49.27 -27.15
C GLU O 146 -28.95 50.32 -26.16
N ALA O 147 -29.87 51.14 -25.67
CA ALA O 147 -29.50 52.22 -24.76
C ALA O 147 -29.07 51.67 -23.40
N ASP O 148 -30.00 51.03 -22.70
CA ASP O 148 -29.71 50.51 -21.37
C ASP O 148 -28.94 49.22 -21.46
N SER O 149 -27.63 49.31 -21.50
CA SER O 149 -26.78 48.12 -21.55
C SER O 149 -25.77 48.05 -20.42
N SER O 150 -25.17 49.19 -20.05
CA SER O 150 -24.12 49.31 -19.03
C SER O 150 -22.81 48.68 -19.47
N ILE O 151 -22.77 48.06 -20.64
CA ILE O 151 -21.58 47.39 -21.16
C ILE O 151 -21.54 47.56 -22.67
N MET O 152 -20.32 47.59 -23.21
CA MET O 152 -20.12 47.75 -24.63
C MET O 152 -19.47 46.50 -25.20
N MET O 153 -19.63 46.32 -26.52
CA MET O 153 -19.00 45.21 -27.21
C MET O 153 -17.52 45.52 -27.42
N LEU O 154 -16.84 44.69 -28.18
CA LEU O 154 -15.46 45.02 -28.60
C LEU O 154 -15.47 46.32 -29.39
N THR O 155 -14.73 47.32 -28.91
CA THR O 155 -14.79 48.65 -29.50
C THR O 155 -14.30 48.65 -30.94
N SER O 156 -14.47 49.76 -31.63
CA SER O 156 -14.13 49.84 -33.04
C SER O 156 -12.65 49.65 -33.34
N ASP O 157 -11.78 49.70 -32.34
CA ASP O 157 -10.34 49.65 -32.61
C ASP O 157 -9.60 48.60 -31.80
N GLN O 158 -10.19 47.99 -30.79
CA GLN O 158 -9.46 47.10 -29.90
C GLN O 158 -9.31 45.71 -30.47
N LYS O 159 -8.74 45.63 -31.67
CA LYS O 159 -8.37 44.35 -32.23
C LYS O 159 -7.03 43.92 -31.62
N PRO O 160 -6.94 42.71 -31.07
CA PRO O 160 -5.75 42.31 -30.30
C PRO O 160 -4.46 42.23 -31.10
N ASP O 161 -4.50 42.43 -32.41
CA ASP O 161 -3.31 42.35 -33.26
C ASP O 161 -2.69 40.95 -33.18
N VAL O 162 -3.52 39.95 -33.45
CA VAL O 162 -3.09 38.56 -33.46
C VAL O 162 -3.56 37.97 -34.78
N MET O 163 -2.63 37.78 -35.70
CA MET O 163 -2.98 37.23 -37.01
C MET O 163 -3.51 35.82 -36.86
N TYR O 164 -4.42 35.46 -37.76
CA TYR O 164 -4.95 34.10 -37.74
C TYR O 164 -3.85 33.10 -38.09
N ALA O 165 -2.96 33.46 -39.00
CA ALA O 165 -1.76 32.66 -39.26
C ALA O 165 -0.69 32.84 -38.20
N ASP O 166 -0.96 33.69 -37.21
CA ASP O 166 0.03 33.94 -36.15
C ASP O 166 0.20 32.74 -35.24
N ILE O 167 -0.90 32.04 -34.92
CA ILE O 167 -0.82 30.87 -34.06
C ILE O 167 -0.21 29.72 -34.84
N GLY O 168 1.06 29.43 -34.58
CA GLY O 168 1.73 28.35 -35.27
C GLY O 168 1.50 26.99 -34.66
N GLY O 169 0.91 26.08 -35.42
CA GLY O 169 0.74 24.72 -34.96
C GLY O 169 -0.60 24.38 -34.37
N MET O 170 -1.66 25.10 -34.75
CA MET O 170 -3.00 24.73 -34.30
C MET O 170 -3.93 24.64 -35.51
N ASP O 171 -3.48 23.95 -36.55
CA ASP O 171 -4.23 23.90 -37.80
C ASP O 171 -5.58 23.22 -37.65
N ILE O 172 -5.62 22.09 -36.96
CA ILE O 172 -6.84 21.30 -36.83
C ILE O 172 -7.94 22.09 -36.15
N GLN O 173 -7.69 22.51 -34.93
CA GLN O 173 -8.76 23.04 -34.09
C GLN O 173 -9.05 24.52 -34.39
N LYS O 174 -8.04 25.27 -34.82
CA LYS O 174 -8.31 26.64 -35.28
C LYS O 174 -9.29 26.64 -36.43
N GLN O 175 -8.91 26.03 -37.55
CA GLN O 175 -9.78 25.93 -38.71
C GLN O 175 -11.10 25.27 -38.36
N GLU O 176 -11.06 24.23 -37.50
CA GLU O 176 -12.27 23.54 -37.10
C GLU O 176 -13.26 24.48 -36.41
N VAL O 177 -12.76 25.34 -35.52
CA VAL O 177 -13.62 26.30 -34.86
C VAL O 177 -14.08 27.37 -35.84
N ARG O 178 -13.20 27.78 -36.74
CA ARG O 178 -13.54 28.79 -37.73
C ARG O 178 -14.72 28.35 -38.57
N GLU O 179 -14.75 27.08 -38.96
CA GLU O 179 -15.98 26.53 -39.52
C GLU O 179 -17.06 26.34 -38.47
N ALA O 180 -16.69 26.17 -37.21
CA ALA O 180 -17.68 25.98 -36.15
C ALA O 180 -18.52 27.22 -35.93
N VAL O 181 -18.04 28.39 -36.34
CA VAL O 181 -18.77 29.64 -36.16
C VAL O 181 -19.05 30.31 -37.49
N GLU O 182 -18.01 30.68 -38.23
CA GLU O 182 -18.21 31.48 -39.44
C GLU O 182 -18.84 30.69 -40.57
N LEU O 183 -18.57 29.38 -40.65
CA LEU O 183 -19.14 28.56 -41.71
C LEU O 183 -20.65 28.55 -41.69
N PRO O 184 -21.33 28.53 -40.54
CA PRO O 184 -22.80 28.68 -40.54
C PRO O 184 -23.24 30.12 -40.75
N LEU O 185 -22.65 30.80 -41.72
CA LEU O 185 -23.12 32.08 -42.21
C LEU O 185 -23.07 32.01 -43.73
N THR O 186 -22.34 31.02 -44.24
CA THR O 186 -22.18 30.80 -45.66
C THR O 186 -22.75 29.47 -46.13
N HIS O 187 -22.94 28.52 -45.21
CA HIS O 187 -23.47 27.23 -45.60
C HIS O 187 -24.54 26.77 -44.63
N PHE O 188 -25.81 26.97 -45.00
CA PHE O 188 -26.91 26.72 -44.10
C PHE O 188 -27.86 25.64 -44.63
N GLU O 189 -28.25 25.73 -45.90
CA GLU O 189 -29.18 24.76 -46.46
C GLU O 189 -28.62 23.37 -46.55
N LEU O 190 -27.30 23.20 -46.51
CA LEU O 190 -26.75 21.88 -46.30
C LEU O 190 -27.18 21.31 -44.97
N TYR O 191 -27.27 22.16 -43.93
CA TYR O 191 -27.71 21.72 -42.62
C TYR O 191 -29.17 21.28 -42.63
N LYS O 192 -29.95 21.81 -43.56
CA LYS O 192 -31.35 21.42 -43.67
C LYS O 192 -31.52 20.19 -44.54
N GLN O 193 -30.75 20.11 -45.63
CA GLN O 193 -30.92 19.01 -46.57
C GLN O 193 -30.31 17.72 -46.04
N ILE O 194 -29.18 17.81 -45.34
CA ILE O 194 -28.60 16.65 -44.69
C ILE O 194 -29.09 16.64 -43.26
N GLY O 195 -28.96 17.78 -42.60
CA GLY O 195 -29.34 17.95 -41.21
C GLY O 195 -28.13 17.90 -40.31
N ILE O 196 -27.64 19.07 -39.91
CA ILE O 196 -26.43 19.14 -39.09
C ILE O 196 -26.74 19.80 -37.76
N ASP O 197 -27.61 20.80 -37.77
CA ASP O 197 -28.00 21.52 -36.56
C ASP O 197 -26.77 22.17 -35.91
N PRO O 198 -26.24 23.24 -36.49
CA PRO O 198 -25.03 23.87 -35.95
C PRO O 198 -25.24 24.32 -34.52
N PRO O 199 -24.32 23.97 -33.63
CA PRO O 199 -24.52 24.24 -32.20
C PRO O 199 -24.52 25.73 -31.91
N ARG O 200 -25.35 26.12 -30.95
CA ARG O 200 -25.44 27.53 -30.58
C ARG O 200 -24.13 28.02 -29.97
N GLY O 201 -23.50 27.19 -29.13
CA GLY O 201 -22.29 27.58 -28.44
C GLY O 201 -21.22 26.50 -28.54
N VAL O 202 -20.02 26.87 -28.13
CA VAL O 202 -18.85 26.00 -28.19
C VAL O 202 -18.03 26.17 -26.92
N LEU O 203 -17.38 25.09 -26.49
CA LEU O 203 -16.59 25.08 -25.27
C LEU O 203 -15.15 24.73 -25.58
N MET O 204 -14.24 25.42 -24.92
CA MET O 204 -12.81 25.18 -25.02
C MET O 204 -12.25 24.87 -23.65
N TYR O 205 -11.31 23.94 -23.60
CA TYR O 205 -10.77 23.48 -22.33
C TYR O 205 -9.44 22.79 -22.59
N GLY O 206 -8.55 22.90 -21.62
CA GLY O 206 -7.23 22.32 -21.73
C GLY O 206 -6.31 22.78 -20.62
N PRO O 207 -5.02 22.42 -20.72
CA PRO O 207 -4.07 22.85 -19.71
C PRO O 207 -3.90 24.35 -19.71
N PRO O 208 -3.43 24.93 -18.61
CA PRO O 208 -3.44 26.40 -18.48
C PRO O 208 -2.34 27.08 -19.27
N GLY O 209 -2.62 27.38 -20.53
CA GLY O 209 -1.60 28.01 -21.36
C GLY O 209 -1.35 27.27 -22.65
N CYS O 210 -2.34 26.50 -23.09
CA CYS O 210 -2.30 25.84 -24.38
C CYS O 210 -2.90 26.71 -25.48
N GLY O 211 -2.83 28.02 -25.33
CA GLY O 211 -3.37 28.91 -26.33
C GLY O 211 -4.88 29.01 -26.31
N LYS O 212 -5.48 28.68 -25.18
CA LYS O 212 -6.94 28.73 -25.02
C LYS O 212 -7.51 30.07 -25.45
N THR O 213 -6.96 31.16 -24.92
CA THR O 213 -7.42 32.49 -25.28
C THR O 213 -6.64 32.98 -26.49
N MET O 214 -5.43 32.45 -26.64
CA MET O 214 -4.57 32.83 -27.75
C MET O 214 -5.29 32.65 -29.08
N LEU O 215 -6.37 31.88 -29.07
CA LEU O 215 -7.16 31.64 -30.27
C LEU O 215 -8.34 32.60 -30.37
N ALA O 216 -9.14 32.69 -29.31
CA ALA O 216 -10.21 33.68 -29.29
C ALA O 216 -9.66 35.09 -29.40
N LYS O 217 -8.45 35.32 -28.87
CA LYS O 217 -7.83 36.63 -29.02
C LYS O 217 -7.55 36.94 -30.49
N ALA O 218 -7.34 35.92 -31.31
CA ALA O 218 -7.03 36.13 -32.71
C ALA O 218 -8.28 36.19 -33.58
N VAL O 219 -9.28 35.38 -33.26
CA VAL O 219 -10.51 35.37 -34.06
C VAL O 219 -11.19 36.73 -34.08
N ALA O 220 -11.17 37.45 -32.96
CA ALA O 220 -11.77 38.78 -32.93
C ALA O 220 -11.03 39.74 -33.86
N HIS O 221 -9.73 39.52 -34.05
CA HIS O 221 -8.97 40.39 -34.93
C HIS O 221 -9.32 40.17 -36.39
N HIS O 222 -9.81 38.98 -36.73
CA HIS O 222 -10.06 38.60 -38.11
C HIS O 222 -11.52 38.24 -38.36
N THR O 223 -12.43 38.96 -37.75
CA THR O 223 -13.86 38.83 -38.01
C THR O 223 -14.48 40.21 -38.09
N THR O 224 -15.74 40.25 -38.52
CA THR O 224 -16.47 41.49 -38.67
C THR O 224 -17.72 41.58 -37.80
N ALA O 225 -18.24 40.45 -37.32
CA ALA O 225 -19.44 40.48 -36.52
C ALA O 225 -19.20 41.20 -35.19
N ALA O 226 -20.28 41.44 -34.47
CA ALA O 226 -20.17 42.08 -33.16
C ALA O 226 -19.52 41.12 -32.18
N PHE O 227 -18.61 41.63 -31.36
CA PHE O 227 -17.89 40.83 -30.38
C PHE O 227 -17.99 41.48 -29.01
N ILE O 228 -18.31 40.69 -28.00
CA ILE O 228 -18.40 41.17 -26.62
C ILE O 228 -17.62 40.21 -25.75
N ARG O 229 -16.52 40.68 -25.18
CA ARG O 229 -15.75 39.90 -24.22
C ARG O 229 -16.41 40.00 -22.85
N VAL O 230 -16.31 38.92 -22.07
CA VAL O 230 -17.01 38.83 -20.80
C VAL O 230 -16.10 38.23 -19.76
N VAL O 231 -15.90 38.95 -18.65
CA VAL O 231 -15.22 38.39 -17.50
C VAL O 231 -16.01 37.20 -16.96
N GLY O 232 -15.33 36.32 -16.25
CA GLY O 232 -16.01 35.19 -15.66
C GLY O 232 -16.92 35.58 -14.51
N SER O 233 -16.44 36.47 -13.64
CA SER O 233 -17.08 36.71 -12.34
C SER O 233 -17.21 38.20 -12.05
N GLU O 234 -17.77 38.95 -13.00
CA GLU O 234 -18.01 40.37 -12.77
C GLU O 234 -19.41 40.65 -12.26
N PHE O 235 -20.35 39.73 -12.44
CA PHE O 235 -21.75 39.90 -12.07
C PHE O 235 -22.04 39.38 -10.66
N VAL O 236 -21.22 39.71 -9.68
CA VAL O 236 -21.38 39.14 -8.35
C VAL O 236 -21.53 40.25 -7.33
N GLN O 237 -22.03 41.39 -7.77
CA GLN O 237 -22.25 42.52 -6.88
C GLN O 237 -23.18 42.11 -5.74
N LYS O 238 -23.07 42.83 -4.63
CA LYS O 238 -23.76 42.44 -3.40
C LYS O 238 -25.22 42.87 -3.38
N TYR O 239 -25.81 43.18 -4.53
CA TYR O 239 -27.20 43.56 -4.59
C TYR O 239 -28.06 42.31 -4.75
N LEU O 240 -29.35 42.48 -5.05
CA LEU O 240 -30.26 41.34 -5.00
C LEU O 240 -30.19 40.48 -6.24
N GLY O 241 -30.54 41.05 -7.39
CA GLY O 241 -30.58 40.30 -8.63
C GLY O 241 -29.84 41.00 -9.75
N GLU O 242 -28.81 41.77 -9.37
CA GLU O 242 -28.06 42.52 -10.35
C GLU O 242 -27.33 41.62 -11.33
N GLY O 243 -27.03 40.39 -10.91
CA GLY O 243 -26.44 39.40 -11.79
C GLY O 243 -27.35 39.09 -12.96
N PRO O 244 -28.52 38.50 -12.68
CA PRO O 244 -29.45 38.21 -13.77
C PRO O 244 -29.88 39.46 -14.52
N ARG O 245 -29.95 40.61 -13.85
CA ARG O 245 -30.21 41.85 -14.55
C ARG O 245 -29.11 42.14 -15.57
N MET O 246 -27.86 41.88 -15.20
CA MET O 246 -26.75 42.08 -16.14
C MET O 246 -26.80 41.06 -17.26
N VAL O 247 -27.19 39.81 -16.97
CA VAL O 247 -27.33 38.83 -18.03
C VAL O 247 -28.39 39.28 -19.04
N ARG O 248 -29.51 39.80 -18.55
CA ARG O 248 -30.50 40.40 -19.42
C ARG O 248 -29.91 41.54 -20.23
N ASP O 249 -29.13 42.40 -19.58
CA ASP O 249 -28.48 43.51 -20.26
C ASP O 249 -27.59 43.03 -21.39
N VAL O 250 -26.88 41.93 -21.18
CA VAL O 250 -25.94 41.44 -22.17
C VAL O 250 -26.67 40.80 -23.33
N PHE O 251 -27.48 39.77 -23.04
CA PHE O 251 -28.12 39.03 -24.13
C PHE O 251 -29.10 39.90 -24.90
N ARG O 252 -29.75 40.86 -24.24
CA ARG O 252 -30.60 41.78 -24.98
C ARG O 252 -29.78 42.63 -25.96
N LEU O 253 -28.57 43.02 -25.57
CA LEU O 253 -27.71 43.75 -26.49
C LEU O 253 -27.22 42.86 -27.62
N ALA O 254 -26.86 41.62 -27.32
CA ALA O 254 -26.43 40.70 -28.35
C ALA O 254 -27.53 40.45 -29.37
N LYS O 255 -28.73 40.12 -28.90
CA LYS O 255 -29.88 40.00 -29.79
C LYS O 255 -30.13 41.30 -30.55
N GLU O 256 -29.88 42.43 -29.90
CA GLU O 256 -30.25 43.71 -30.48
C GLU O 256 -29.34 44.10 -31.63
N ASN O 257 -28.03 43.93 -31.47
CA ASN O 257 -27.09 44.57 -32.39
C ASN O 257 -27.07 43.93 -33.77
N ALA O 258 -26.64 42.68 -33.83
CA ALA O 258 -26.37 42.05 -35.11
C ALA O 258 -26.02 40.59 -34.89
N PRO O 259 -25.64 39.85 -35.93
CA PRO O 259 -24.95 38.58 -35.69
C PRO O 259 -23.64 38.86 -34.96
N ALA O 260 -23.52 38.31 -33.76
CA ALA O 260 -22.44 38.70 -32.86
C ALA O 260 -21.83 37.46 -32.21
N ILE O 261 -20.73 37.70 -31.50
CA ILE O 261 -19.97 36.65 -30.84
C ILE O 261 -19.78 37.05 -29.38
N ILE O 262 -20.46 36.35 -28.48
CA ILE O 262 -20.31 36.55 -27.05
C ILE O 262 -19.28 35.57 -26.54
N PHE O 263 -18.21 36.09 -25.96
CA PHE O 263 -17.15 35.27 -25.40
C PHE O 263 -17.17 35.41 -23.89
N ILE O 264 -17.22 34.28 -23.20
CA ILE O 264 -17.22 34.23 -21.75
C ILE O 264 -15.99 33.44 -21.34
N ASP O 265 -15.00 34.12 -20.78
CA ASP O 265 -13.80 33.45 -20.32
C ASP O 265 -13.93 33.05 -18.86
N GLU O 266 -13.36 31.89 -18.52
CA GLU O 266 -13.35 31.38 -17.17
C GLU O 266 -14.76 31.21 -16.62
N ILE O 267 -15.54 30.39 -17.34
CA ILE O 267 -16.87 30.04 -16.86
C ILE O 267 -16.83 29.13 -15.65
N ASP O 268 -15.67 28.58 -15.32
CA ASP O 268 -15.55 27.72 -14.15
C ASP O 268 -15.85 28.45 -12.86
N ALA O 269 -15.75 29.78 -12.85
CA ALA O 269 -16.04 30.55 -11.64
C ALA O 269 -17.51 30.47 -11.26
N ILE O 270 -18.37 30.06 -12.19
CA ILE O 270 -19.81 30.08 -12.00
C ILE O 270 -20.42 28.70 -12.22
N ALA O 271 -20.03 28.04 -13.31
CA ALA O 271 -20.63 26.77 -13.71
C ALA O 271 -20.09 25.65 -12.82
N THR O 272 -20.57 25.63 -11.58
CA THR O 272 -20.26 24.55 -10.67
C THR O 272 -21.33 23.47 -10.79
N LYS O 273 -21.26 22.49 -9.89
CA LYS O 273 -22.16 21.36 -9.87
C LYS O 273 -22.67 21.04 -8.48
N ARG O 274 -22.03 21.59 -7.45
CA ARG O 274 -22.13 21.08 -6.09
C ARG O 274 -23.54 21.19 -5.49
N PHE O 275 -24.01 22.40 -5.19
CA PHE O 275 -25.39 22.58 -4.71
C PHE O 275 -25.76 24.05 -4.50
N ASP O 276 -26.94 24.28 -3.92
CA ASP O 276 -27.40 25.59 -3.49
C ASP O 276 -27.30 25.70 -1.98
N ALA O 277 -26.31 26.45 -1.50
CA ALA O 277 -26.11 26.66 -0.07
C ALA O 277 -26.96 27.86 0.35
N GLN O 278 -26.83 28.37 1.57
CA GLN O 278 -27.51 29.60 1.94
C GLN O 278 -26.71 30.38 2.97
N THR O 279 -25.83 31.27 2.52
CA THR O 279 -25.26 32.28 3.42
C THR O 279 -25.61 33.68 2.96
N GLY O 280 -25.08 34.13 1.82
CA GLY O 280 -25.58 35.29 1.11
C GLY O 280 -25.29 35.22 -0.37
N ALA O 281 -24.73 34.09 -0.81
CA ALA O 281 -24.04 34.03 -2.09
C ALA O 281 -24.66 33.07 -3.09
N ASP O 282 -24.79 31.79 -2.75
CA ASP O 282 -25.18 30.80 -3.74
C ASP O 282 -26.58 31.04 -4.29
N ARG O 283 -27.44 31.73 -3.53
CA ARG O 283 -28.66 32.28 -4.11
C ARG O 283 -28.33 33.14 -5.32
N GLU O 284 -27.55 34.21 -5.09
CA GLU O 284 -27.30 35.19 -6.14
C GLU O 284 -26.52 34.59 -7.29
N VAL O 285 -25.57 33.71 -7.01
CA VAL O 285 -24.79 33.09 -8.09
C VAL O 285 -25.66 32.13 -8.89
N GLN O 286 -26.30 31.18 -8.19
CA GLN O 286 -27.03 30.14 -8.91
C GLN O 286 -28.23 30.70 -9.64
N ARG O 287 -28.86 31.75 -9.11
CA ARG O 287 -29.92 32.42 -9.87
C ARG O 287 -29.39 33.01 -11.15
N ILE O 288 -28.11 33.40 -11.19
CA ILE O 288 -27.53 33.91 -12.42
C ILE O 288 -27.19 32.75 -13.34
N LEU O 289 -26.84 31.60 -12.77
CA LEU O 289 -26.81 30.37 -13.56
C LEU O 289 -28.14 30.15 -14.26
N LEU O 290 -29.23 30.26 -13.52
CA LEU O 290 -30.56 30.03 -14.08
C LEU O 290 -30.89 31.06 -15.13
N GLU O 291 -30.56 32.33 -14.88
CA GLU O 291 -30.72 33.35 -15.91
C GLU O 291 -29.94 33.01 -17.17
N LEU O 292 -28.70 32.57 -17.01
CA LEU O 292 -27.87 32.20 -18.14
C LEU O 292 -28.51 31.09 -18.96
N LEU O 293 -29.01 30.05 -18.28
CA LEU O 293 -29.65 28.97 -19.02
C LEU O 293 -30.94 29.43 -19.69
N ASN O 294 -31.75 30.20 -18.97
CA ASN O 294 -33.03 30.67 -19.50
C ASN O 294 -32.84 31.47 -20.78
N GLN O 295 -32.03 32.52 -20.72
CA GLN O 295 -31.72 33.27 -21.93
C GLN O 295 -30.71 32.56 -22.81
N MET O 296 -30.30 31.34 -22.45
CA MET O 296 -29.40 30.58 -23.30
C MET O 296 -30.14 29.57 -24.15
N ASP O 297 -31.35 29.21 -23.77
CA ASP O 297 -32.06 28.13 -24.44
C ASP O 297 -32.88 28.60 -25.64
N GLY O 298 -33.46 29.78 -25.56
CA GLY O 298 -34.55 30.14 -26.45
C GLY O 298 -34.35 31.31 -27.40
N PHE O 299 -33.20 31.41 -28.07
CA PHE O 299 -32.95 32.60 -28.87
C PHE O 299 -33.96 32.76 -30.00
N ASP O 300 -33.79 32.05 -31.11
CA ASP O 300 -34.89 31.70 -31.98
C ASP O 300 -34.59 30.46 -32.81
N GLN O 301 -33.38 29.92 -32.64
CA GLN O 301 -32.79 28.96 -33.58
C GLN O 301 -32.60 29.62 -34.94
N ASN O 302 -32.59 30.95 -34.99
CA ASN O 302 -32.36 31.67 -36.25
C ASN O 302 -31.43 32.85 -36.14
N VAL O 303 -31.24 33.43 -34.96
CA VAL O 303 -30.39 34.61 -34.82
C VAL O 303 -28.94 34.17 -34.79
N ASN O 304 -28.10 34.85 -35.56
CA ASN O 304 -26.68 34.52 -35.63
C ASN O 304 -25.96 35.05 -34.39
N VAL O 305 -26.12 34.34 -33.28
CA VAL O 305 -25.45 34.67 -32.03
C VAL O 305 -24.58 33.48 -31.65
N LYS O 306 -23.27 33.67 -31.69
CA LYS O 306 -22.33 32.60 -31.41
C LYS O 306 -21.76 32.76 -30.02
N VAL O 307 -21.93 31.73 -29.20
CA VAL O 307 -21.48 31.72 -27.81
C VAL O 307 -20.20 30.91 -27.74
N ILE O 308 -19.18 31.46 -27.10
CA ILE O 308 -17.90 30.80 -26.95
C ILE O 308 -17.48 30.88 -25.49
N MET O 309 -17.32 29.72 -24.85
CA MET O 309 -16.87 29.67 -23.48
C MET O 309 -15.64 28.78 -23.40
N ALA O 310 -14.83 28.96 -22.37
CA ALA O 310 -13.61 28.18 -22.24
C ALA O 310 -13.05 28.32 -20.83
N THR O 311 -12.51 27.22 -20.31
CA THR O 311 -11.75 27.19 -19.07
C THR O 311 -10.64 26.16 -19.21
N ASN O 312 -9.99 25.86 -18.09
CA ASN O 312 -8.97 24.81 -18.07
C ASN O 312 -9.50 23.52 -17.46
N ARG O 313 -10.43 23.62 -16.51
CA ARG O 313 -10.99 22.46 -15.83
C ARG O 313 -12.37 22.17 -16.40
N ALA O 314 -12.44 21.25 -17.35
CA ALA O 314 -13.74 20.83 -17.89
C ALA O 314 -14.29 19.65 -17.11
N ASP O 315 -14.31 19.78 -15.79
CA ASP O 315 -14.85 18.74 -14.94
C ASP O 315 -15.81 19.26 -13.87
N THR O 316 -15.52 20.39 -13.27
CA THR O 316 -16.31 20.91 -12.14
C THR O 316 -17.43 21.82 -12.64
N LEU O 317 -18.22 21.28 -13.55
CA LEU O 317 -19.27 22.03 -14.20
C LEU O 317 -20.58 21.26 -14.15
N ASP O 318 -21.67 21.98 -14.31
CA ASP O 318 -22.97 21.34 -14.34
C ASP O 318 -23.25 20.81 -15.74
N PRO O 319 -23.56 19.51 -15.89
CA PRO O 319 -23.92 18.97 -17.22
C PRO O 319 -25.18 19.57 -17.81
N ALA O 320 -25.93 20.39 -17.07
CA ALA O 320 -26.99 21.17 -17.69
C ALA O 320 -26.45 22.04 -18.81
N LEU O 321 -25.20 22.52 -18.68
CA LEU O 321 -24.53 23.11 -19.81
C LEU O 321 -24.16 22.06 -20.84
N LEU O 322 -23.99 20.81 -20.41
CA LEU O 322 -23.62 19.71 -21.29
C LEU O 322 -24.86 19.09 -21.94
N ARG O 323 -25.68 19.95 -22.53
CA ARG O 323 -26.93 19.49 -23.11
C ARG O 323 -26.99 19.82 -24.59
N PRO O 324 -27.58 18.94 -25.39
CA PRO O 324 -27.83 19.26 -26.80
C PRO O 324 -28.80 20.43 -26.89
N GLY O 325 -28.37 21.50 -27.57
CA GLY O 325 -29.17 22.69 -27.66
C GLY O 325 -28.50 23.88 -27.01
N ARG O 326 -27.76 23.63 -25.94
CA ARG O 326 -26.98 24.68 -25.27
C ARG O 326 -25.54 24.67 -25.76
N LEU O 327 -24.84 23.55 -25.60
CA LEU O 327 -23.45 23.43 -25.99
C LEU O 327 -23.22 22.04 -26.57
N ASP O 328 -22.69 21.98 -27.79
CA ASP O 328 -22.43 20.72 -28.47
C ASP O 328 -20.96 20.55 -28.84
N ARG O 329 -20.34 21.57 -29.44
CA ARG O 329 -18.95 21.48 -29.84
C ARG O 329 -18.04 21.62 -28.64
N LYS O 330 -17.31 20.56 -28.33
CA LYS O 330 -16.40 20.51 -27.20
C LYS O 330 -14.99 20.34 -27.75
N ILE O 331 -14.09 21.23 -27.36
CA ILE O 331 -12.75 21.27 -27.94
C ILE O 331 -11.73 21.47 -26.82
N GLU O 332 -10.74 20.59 -26.77
CA GLU O 332 -9.62 20.68 -25.86
C GLU O 332 -8.38 21.15 -26.62
N PHE O 333 -7.48 21.83 -25.90
CA PHE O 333 -6.19 22.25 -26.45
C PHE O 333 -5.12 21.44 -25.75
N PRO O 334 -4.92 20.20 -26.16
CA PRO O 334 -3.90 19.35 -25.53
C PRO O 334 -2.50 19.88 -25.80
N LEU O 335 -1.51 19.24 -25.19
CA LEU O 335 -0.15 19.65 -25.40
C LEU O 335 0.30 19.32 -26.82
N PRO O 336 1.31 20.02 -27.32
CA PRO O 336 1.77 19.79 -28.69
C PRO O 336 2.52 18.47 -28.82
N ASP O 337 2.92 18.18 -30.05
CA ASP O 337 3.72 17.03 -30.39
C ASP O 337 5.06 17.51 -30.95
N ARG O 338 5.85 16.59 -31.48
CA ARG O 338 7.11 16.98 -32.11
C ARG O 338 6.87 17.96 -33.25
N ARG O 339 5.93 17.65 -34.13
CA ARG O 339 5.67 18.50 -35.29
C ARG O 339 5.18 19.88 -34.87
N GLN O 340 4.19 19.94 -33.99
CA GLN O 340 3.69 21.23 -33.54
C GLN O 340 4.75 22.00 -32.77
N LYS O 341 5.62 21.30 -32.05
CA LYS O 341 6.79 21.95 -31.47
C LYS O 341 7.65 22.58 -32.55
N ARG O 342 7.85 21.86 -33.66
CA ARG O 342 8.61 22.43 -34.76
C ARG O 342 7.94 23.67 -35.34
N LEU O 343 6.62 23.62 -35.52
CA LEU O 343 5.91 24.77 -36.05
C LEU O 343 6.03 25.97 -35.11
N ILE O 344 5.78 25.75 -33.82
CA ILE O 344 5.87 26.83 -32.85
C ILE O 344 7.29 27.38 -32.80
N PHE O 345 8.29 26.52 -32.87
CA PHE O 345 9.66 27.00 -32.88
C PHE O 345 9.96 27.82 -34.12
N SER O 346 9.43 27.41 -35.26
CA SER O 346 9.60 28.20 -36.48
C SER O 346 8.98 29.58 -36.33
N THR O 347 7.72 29.62 -35.91
CA THR O 347 7.03 30.90 -35.78
C THR O 347 7.72 31.80 -34.77
N ILE O 348 8.10 31.25 -33.61
CA ILE O 348 8.70 32.05 -32.57
C ILE O 348 10.09 32.52 -32.98
N THR O 349 10.96 31.58 -33.32
CA THR O 349 12.32 31.89 -33.73
C THR O 349 12.38 32.76 -34.98
N SER O 350 11.32 32.80 -35.78
CA SER O 350 11.33 33.60 -36.99
C SER O 350 11.44 35.09 -36.73
N LYS O 351 11.23 35.52 -35.49
CA LYS O 351 11.26 36.94 -35.16
C LYS O 351 12.67 37.43 -34.81
N MET O 352 13.36 36.70 -33.96
CA MET O 352 14.70 37.08 -33.53
C MET O 352 15.74 36.87 -34.61
N ASN O 353 16.90 37.52 -34.43
CA ASN O 353 18.01 37.41 -35.38
C ASN O 353 18.34 35.96 -35.65
N LEU O 354 18.59 35.22 -34.56
CA LEU O 354 18.89 33.79 -34.61
C LEU O 354 20.08 33.36 -35.48
N SER O 355 21.28 33.48 -34.93
CA SER O 355 22.50 33.06 -35.60
C SER O 355 22.42 31.60 -36.00
N GLU O 356 22.88 31.29 -37.20
CA GLU O 356 22.59 30.01 -37.84
C GLU O 356 23.32 28.83 -37.22
N GLU O 357 24.07 29.01 -36.14
CA GLU O 357 24.76 27.92 -35.49
C GLU O 357 23.90 27.22 -34.45
N VAL O 358 22.61 27.56 -34.35
CA VAL O 358 21.73 26.99 -33.35
C VAL O 358 20.83 25.98 -34.04
N ASP O 359 20.94 24.72 -33.64
CA ASP O 359 20.09 23.68 -34.19
C ASP O 359 18.80 23.59 -33.40
N LEU O 360 17.68 23.89 -34.05
CA LEU O 360 16.40 23.92 -33.37
C LEU O 360 15.92 22.52 -33.00
N GLU O 361 16.03 21.56 -33.91
CA GLU O 361 15.48 20.23 -33.67
C GLU O 361 16.18 19.53 -32.51
N ASP O 362 17.45 19.87 -32.26
CA ASP O 362 18.20 19.21 -31.19
C ASP O 362 17.50 19.34 -29.84
N TYR O 363 16.98 20.51 -29.53
CA TYR O 363 16.11 20.66 -28.37
C TYR O 363 14.73 20.11 -28.63
N VAL O 364 14.34 19.94 -29.90
CA VAL O 364 13.01 19.41 -30.19
C VAL O 364 12.91 17.96 -29.77
N ALA O 365 14.00 17.21 -29.89
CA ALA O 365 13.97 15.80 -29.54
C ALA O 365 13.65 15.57 -28.07
N ARG O 366 14.11 16.44 -27.18
CA ARG O 366 13.80 16.30 -25.77
C ARG O 366 12.30 16.48 -25.56
N PRO O 367 11.55 15.41 -25.26
CA PRO O 367 10.09 15.55 -25.15
C PRO O 367 9.66 16.47 -24.01
N ASP O 368 10.01 16.09 -22.78
CA ASP O 368 9.96 16.99 -21.62
C ASP O 368 8.58 17.48 -21.21
N LYS O 369 7.54 17.16 -22.00
CA LYS O 369 6.17 17.55 -21.70
C LYS O 369 6.04 19.07 -21.51
N ILE O 370 6.30 19.79 -22.59
CA ILE O 370 6.30 21.25 -22.56
C ILE O 370 4.96 21.77 -23.04
N SER O 371 4.49 22.86 -22.43
CA SER O 371 3.34 23.55 -22.94
C SER O 371 3.76 24.62 -23.94
N GLY O 372 2.80 25.04 -24.78
CA GLY O 372 3.09 26.00 -25.82
C GLY O 372 3.63 27.32 -25.31
N ALA O 373 3.08 27.84 -24.22
CA ALA O 373 3.60 29.09 -23.66
C ALA O 373 5.01 28.94 -23.15
N ASP O 374 5.44 27.72 -22.80
CA ASP O 374 6.79 27.51 -22.32
C ASP O 374 7.83 27.86 -23.37
N ILE O 375 7.50 27.63 -24.64
CA ILE O 375 8.44 27.92 -25.72
C ILE O 375 8.77 29.41 -25.74
N ASN O 376 7.74 30.25 -25.69
CA ASN O 376 7.93 31.69 -25.66
C ASN O 376 8.80 32.10 -24.48
N SER O 377 8.57 31.48 -23.32
CA SER O 377 9.46 31.71 -22.19
C SER O 377 10.88 31.29 -22.50
N ILE O 378 11.04 30.23 -23.30
CA ILE O 378 12.37 29.77 -23.66
C ILE O 378 13.10 30.82 -24.48
N CYS O 379 12.52 31.21 -25.60
CA CYS O 379 13.15 32.21 -26.45
C CYS O 379 13.35 33.53 -25.71
N GLN O 380 12.42 33.87 -24.82
CA GLN O 380 12.63 35.04 -23.97
C GLN O 380 13.87 34.89 -23.11
N GLU O 381 13.98 33.77 -22.40
CA GLU O 381 15.11 33.57 -21.50
C GLU O 381 16.43 33.59 -22.26
N SER O 382 16.49 32.92 -23.42
CA SER O 382 17.70 32.97 -24.22
C SER O 382 18.00 34.38 -24.68
N GLY O 383 16.97 35.12 -25.13
CA GLY O 383 17.19 36.46 -25.64
C GLY O 383 17.73 37.40 -24.58
N MET O 384 17.05 37.50 -23.44
CA MET O 384 17.56 38.27 -22.33
C MET O 384 18.88 37.73 -21.80
N LEU O 385 19.19 36.46 -22.07
CA LEU O 385 20.49 35.94 -21.71
C LEU O 385 21.59 36.57 -22.56
N ALA O 386 21.44 36.50 -23.89
CA ALA O 386 22.43 37.14 -24.76
C ALA O 386 22.48 38.64 -24.53
N VAL O 387 21.34 39.25 -24.24
CA VAL O 387 21.36 40.66 -23.89
C VAL O 387 22.16 40.90 -22.63
N ARG O 388 22.01 40.02 -21.63
CA ARG O 388 22.82 40.13 -20.44
C ARG O 388 24.29 39.95 -20.75
N GLU O 389 24.60 39.19 -21.80
CA GLU O 389 25.96 39.11 -22.34
C GLU O 389 26.35 40.36 -23.11
N ASN O 390 25.45 41.33 -23.23
CA ASN O 390 25.68 42.50 -24.06
C ASN O 390 25.93 42.06 -25.51
N ARG O 391 24.93 41.40 -26.07
CA ARG O 391 25.03 40.86 -27.41
C ARG O 391 23.69 40.98 -28.10
N TYR O 392 23.70 41.36 -29.36
CA TYR O 392 22.47 41.50 -30.14
C TYR O 392 22.24 40.32 -31.07
N ILE O 393 22.90 39.19 -30.83
CA ILE O 393 22.73 37.99 -31.65
C ILE O 393 22.71 36.78 -30.73
N VAL O 394 21.88 35.80 -31.08
CA VAL O 394 21.65 34.64 -30.22
C VAL O 394 22.55 33.50 -30.67
N LEU O 395 23.02 32.71 -29.71
CA LEU O 395 23.77 31.49 -29.97
C LEU O 395 23.10 30.33 -29.25
N ALA O 396 23.69 29.14 -29.41
CA ALA O 396 23.11 27.93 -28.83
C ALA O 396 23.22 27.90 -27.32
N LYS O 397 24.26 28.51 -26.75
CA LYS O 397 24.43 28.53 -25.30
C LYS O 397 23.24 29.16 -24.59
N ASP O 398 22.62 30.17 -25.20
CA ASP O 398 21.43 30.76 -24.61
C ASP O 398 20.29 29.75 -24.55
N PHE O 399 20.29 28.77 -25.45
CA PHE O 399 19.29 27.71 -25.44
C PHE O 399 19.63 26.59 -24.48
N GLU O 400 20.90 26.21 -24.38
CA GLU O 400 21.32 25.30 -23.32
C GLU O 400 20.92 25.86 -21.97
N LYS O 401 21.30 27.09 -21.68
CA LYS O 401 20.78 27.79 -20.51
C LYS O 401 19.27 27.89 -20.51
N ALA O 402 18.65 27.93 -21.69
CA ALA O 402 17.19 28.02 -21.76
C ALA O 402 16.55 26.80 -21.12
N TYR O 403 16.85 25.61 -21.62
CA TYR O 403 16.29 24.43 -20.96
C TYR O 403 16.86 24.23 -19.58
N LYS O 404 18.06 24.72 -19.31
CA LYS O 404 18.62 24.68 -17.96
C LYS O 404 17.93 25.66 -17.02
N THR O 405 17.02 26.49 -17.52
CA THR O 405 16.25 27.40 -16.68
C THR O 405 14.78 27.02 -16.62
N VAL O 406 14.12 26.90 -17.77
CA VAL O 406 12.70 26.57 -17.81
C VAL O 406 12.52 25.07 -17.64
N ILE O 407 13.19 24.29 -18.48
CA ILE O 407 13.10 22.84 -18.40
C ILE O 407 13.66 22.30 -17.10
N LYS O 408 14.48 23.08 -16.41
CA LYS O 408 14.93 22.74 -15.07
C LYS O 408 13.72 22.52 -14.16
N LYS O 409 13.98 21.88 -13.02
CA LYS O 409 12.93 21.38 -12.11
C LYS O 409 12.11 20.30 -12.82
N ASP O 410 12.81 19.22 -13.15
CA ASP O 410 12.21 18.06 -13.78
C ASP O 410 12.62 16.72 -13.19
N GLU O 411 13.74 16.64 -12.46
CA GLU O 411 14.33 15.36 -12.10
C GLU O 411 14.30 15.17 -10.58
N GLN O 412 13.51 14.20 -10.13
CA GLN O 412 13.64 13.66 -8.79
C GLN O 412 13.21 12.20 -8.88
N GLU O 413 14.15 11.30 -8.60
CA GLU O 413 13.88 9.88 -8.79
C GLU O 413 14.74 9.07 -7.84
N HIS O 414 14.24 7.90 -7.48
CA HIS O 414 14.97 6.96 -6.66
C HIS O 414 15.16 5.67 -7.45
N GLU O 415 16.41 5.41 -7.83
CA GLU O 415 16.71 4.36 -8.79
C GLU O 415 16.21 2.99 -8.36
N PHE O 416 16.19 2.71 -7.06
CA PHE O 416 15.83 1.38 -6.60
C PHE O 416 14.37 1.04 -6.84
N TYR O 417 13.54 2.03 -7.17
CA TYR O 417 12.16 1.78 -7.58
C TYR O 417 12.10 0.82 -8.77
N LYS O 418 13.10 0.88 -9.65
CA LYS O 418 13.17 0.01 -10.80
C LYS O 418 14.47 -0.77 -10.76
N GLN P 53 -10.22 88.45 11.13
CA GLN P 53 -11.29 87.54 11.55
C GLN P 53 -12.61 87.87 10.86
N TYR P 54 -12.90 89.16 10.66
CA TYR P 54 -14.06 89.53 9.87
C TYR P 54 -13.95 88.99 8.44
N GLU P 55 -12.74 88.98 7.88
CA GLU P 55 -12.53 88.40 6.56
C GLU P 55 -12.84 86.91 6.55
N LYS P 56 -12.39 86.18 7.58
CA LYS P 56 -12.76 84.77 7.69
C LYS P 56 -14.28 84.61 7.79
N SER P 57 -14.94 85.46 8.58
CA SER P 57 -16.39 85.38 8.72
C SER P 57 -17.08 85.59 7.38
N GLU P 58 -16.60 86.55 6.59
CA GLU P 58 -17.13 86.73 5.24
C GLU P 58 -16.87 85.50 4.38
N ASN P 59 -15.70 84.88 4.56
CA ASN P 59 -15.39 83.66 3.83
C ASN P 59 -16.42 82.57 4.10
N ASP P 60 -16.74 82.33 5.37
CA ASP P 60 -17.80 81.38 5.69
C ASP P 60 -19.15 81.83 5.20
N LEU P 61 -19.42 83.14 5.21
CA LEU P 61 -20.65 83.66 4.64
C LEU P 61 -20.82 83.21 3.19
N LYS P 62 -19.79 83.41 2.37
CA LYS P 62 -19.84 82.93 1.00
C LYS P 62 -19.90 81.40 0.95
N ALA P 63 -19.24 80.74 1.90
CA ALA P 63 -19.20 79.28 1.89
C ALA P 63 -20.54 78.66 2.25
N LEU P 64 -21.45 79.44 2.84
CA LEU P 64 -22.70 78.87 3.33
C LEU P 64 -23.57 78.31 2.21
N GLN P 65 -23.67 79.04 1.10
CA GLN P 65 -24.71 78.80 0.10
C GLN P 65 -24.26 77.89 -1.04
N SER P 66 -23.33 76.98 -0.77
CA SER P 66 -22.81 76.07 -1.79
C SER P 66 -23.39 74.68 -1.52
N VAL P 67 -24.16 74.17 -2.47
CA VAL P 67 -24.75 72.84 -2.34
C VAL P 67 -24.00 71.86 -3.24
N GLY P 68 -23.87 70.62 -2.78
CA GLY P 68 -23.10 69.60 -3.47
C GLY P 68 -23.73 69.16 -4.77
N GLN P 69 -23.29 68.00 -5.25
CA GLN P 69 -23.78 67.47 -6.51
C GLN P 69 -23.77 65.95 -6.45
N ILE P 70 -24.42 65.35 -7.43
CA ILE P 70 -24.46 63.91 -7.57
C ILE P 70 -23.37 63.48 -8.54
N VAL P 71 -22.75 62.35 -8.26
CA VAL P 71 -21.67 61.81 -9.08
C VAL P 71 -22.21 60.65 -9.88
N GLY P 72 -21.93 60.63 -11.18
CA GLY P 72 -22.40 59.57 -12.05
C GLY P 72 -21.53 59.45 -13.29
N GLU P 73 -21.88 58.50 -14.13
CA GLU P 73 -21.14 58.20 -15.35
C GLU P 73 -22.02 58.43 -16.57
N VAL P 74 -21.38 58.70 -17.69
CA VAL P 74 -22.10 58.90 -18.95
C VAL P 74 -22.23 57.57 -19.66
N LEU P 75 -23.46 57.10 -19.82
CA LEU P 75 -23.69 55.85 -20.53
C LEU P 75 -23.57 56.03 -22.03
N LYS P 76 -24.44 56.87 -22.60
CA LYS P 76 -24.43 57.09 -24.03
C LYS P 76 -25.13 58.41 -24.32
N GLN P 77 -24.71 59.05 -25.41
CA GLN P 77 -25.32 60.29 -25.86
C GLN P 77 -26.51 59.98 -26.75
N LEU P 78 -27.72 60.27 -26.26
CA LEU P 78 -28.90 60.07 -27.09
C LEU P 78 -28.96 61.11 -28.19
N THR P 79 -28.95 62.39 -27.83
CA THR P 79 -28.91 63.46 -28.81
C THR P 79 -27.93 64.54 -28.38
N GLU P 80 -27.98 65.68 -29.04
CA GLU P 80 -27.08 66.77 -28.71
C GLU P 80 -27.30 67.27 -27.29
N GLU P 81 -28.52 67.18 -26.78
CA GLU P 81 -28.82 67.60 -25.42
C GLU P 81 -29.48 66.50 -24.60
N LYS P 82 -29.63 65.30 -25.14
CA LYS P 82 -30.19 64.18 -24.41
C LYS P 82 -29.08 63.17 -24.12
N PHE P 83 -28.89 62.85 -22.84
CA PHE P 83 -27.84 61.94 -22.43
C PHE P 83 -28.42 60.89 -21.51
N ILE P 84 -27.81 59.72 -21.54
CA ILE P 84 -28.19 58.58 -20.69
C ILE P 84 -27.09 58.39 -19.66
N VAL P 85 -27.44 58.57 -18.39
CA VAL P 85 -26.46 58.46 -17.32
C VAL P 85 -27.01 57.50 -16.26
N LYS P 86 -26.13 57.13 -15.33
CA LYS P 86 -26.50 56.25 -14.24
C LYS P 86 -25.90 56.74 -12.95
N ALA P 87 -26.72 56.82 -11.91
CA ALA P 87 -26.19 57.07 -10.58
C ALA P 87 -25.31 55.92 -10.16
N THR P 88 -24.27 56.24 -9.39
CA THR P 88 -23.35 55.21 -8.93
C THR P 88 -24.02 54.22 -7.98
N ASN P 89 -25.11 54.62 -7.33
CA ASN P 89 -25.79 53.78 -6.36
C ASN P 89 -27.01 53.09 -6.90
N GLY P 90 -27.24 53.10 -8.22
CA GLY P 90 -28.44 52.51 -8.75
C GLY P 90 -28.92 53.10 -10.07
N PRO P 91 -30.16 53.58 -10.09
CA PRO P 91 -30.88 53.75 -11.36
C PRO P 91 -30.27 54.78 -12.30
N ARG P 92 -30.93 54.98 -13.44
CA ARG P 92 -30.41 55.78 -14.54
C ARG P 92 -31.39 56.89 -14.88
N TYR P 93 -30.88 57.88 -15.62
CA TYR P 93 -31.66 59.07 -15.92
C TYR P 93 -31.28 59.60 -17.31
N VAL P 94 -32.14 60.48 -17.81
CA VAL P 94 -31.94 61.18 -19.07
C VAL P 94 -31.75 62.64 -18.75
N VAL P 95 -30.63 63.22 -19.20
CA VAL P 95 -30.25 64.56 -18.75
C VAL P 95 -29.77 65.41 -19.91
N GLY P 96 -29.33 66.62 -19.59
CA GLY P 96 -28.74 67.52 -20.57
C GLY P 96 -27.68 68.38 -19.93
N CYS P 97 -26.72 68.81 -20.76
CA CYS P 97 -25.65 69.69 -20.31
C CYS P 97 -26.21 71.09 -20.14
N ARG P 98 -25.34 72.08 -19.89
CA ARG P 98 -25.89 73.41 -19.68
C ARG P 98 -25.97 74.21 -20.95
N ARG P 99 -24.83 74.71 -21.43
CA ARG P 99 -24.69 75.19 -22.79
C ARG P 99 -23.32 74.81 -23.34
N GLN P 100 -22.30 74.90 -22.49
CA GLN P 100 -20.91 74.99 -22.90
C GLN P 100 -20.06 74.00 -22.13
N LEU P 101 -20.49 72.75 -22.07
CA LEU P 101 -19.73 71.71 -21.41
C LEU P 101 -18.66 71.10 -22.30
N ASP P 102 -18.61 71.47 -23.58
CA ASP P 102 -17.74 70.81 -24.55
C ASP P 102 -18.09 69.33 -24.64
N LYS P 103 -19.32 69.09 -25.12
CA LYS P 103 -19.92 67.77 -25.11
C LYS P 103 -19.11 66.74 -25.88
N SER P 104 -18.21 67.15 -26.76
CA SER P 104 -17.34 66.21 -27.45
C SER P 104 -16.55 65.36 -26.47
N LYS P 105 -16.12 65.96 -25.35
CA LYS P 105 -15.38 65.19 -24.36
C LYS P 105 -16.21 64.14 -23.67
N LEU P 106 -17.54 64.26 -23.69
CA LEU P 106 -18.40 63.28 -23.05
C LEU P 106 -18.44 62.03 -23.91
N LYS P 107 -18.01 60.91 -23.36
CA LYS P 107 -18.00 59.64 -24.05
C LYS P 107 -18.65 58.57 -23.19
N PRO P 108 -19.11 57.47 -23.79
CA PRO P 108 -19.68 56.38 -23.01
C PRO P 108 -18.68 55.80 -22.03
N GLY P 109 -18.95 55.94 -20.74
CA GLY P 109 -18.05 55.48 -19.70
C GLY P 109 -17.38 56.58 -18.90
N THR P 110 -17.36 57.81 -19.38
CA THR P 110 -16.78 58.89 -18.61
C THR P 110 -17.61 59.16 -17.35
N ARG P 111 -17.06 59.99 -16.49
CA ARG P 111 -17.70 60.35 -15.23
C ARG P 111 -18.01 61.83 -15.24
N VAL P 112 -19.16 62.19 -14.66
CA VAL P 112 -19.65 63.55 -14.69
C VAL P 112 -20.28 63.89 -13.35
N ALA P 113 -20.46 65.18 -13.12
CA ALA P 113 -21.15 65.69 -11.94
C ALA P 113 -22.51 66.24 -12.35
N LEU P 114 -23.53 65.86 -11.60
CA LEU P 114 -24.90 66.24 -11.92
C LEU P 114 -25.43 67.22 -10.89
N ASP P 115 -26.39 68.05 -11.33
CA ASP P 115 -27.10 68.91 -10.41
C ASP P 115 -28.02 68.09 -9.52
N MET P 116 -28.08 68.48 -8.25
CA MET P 116 -28.91 67.74 -7.30
C MET P 116 -30.38 67.84 -7.67
N THR P 117 -30.88 69.06 -7.82
CA THR P 117 -32.30 69.29 -8.09
C THR P 117 -32.63 69.23 -9.57
N THR P 118 -32.02 70.11 -10.36
CA THR P 118 -32.29 70.10 -11.79
C THR P 118 -31.85 68.80 -12.45
N LEU P 119 -30.85 68.13 -11.88
CA LEU P 119 -30.43 66.82 -12.34
C LEU P 119 -29.91 66.90 -13.78
N THR P 120 -28.84 67.67 -13.95
CA THR P 120 -28.19 67.85 -15.23
C THR P 120 -26.68 67.84 -15.06
N ILE P 121 -26.00 67.63 -16.17
CA ILE P 121 -24.55 67.42 -16.16
C ILE P 121 -23.86 68.77 -16.02
N MET P 122 -22.91 68.85 -15.07
CA MET P 122 -22.19 70.10 -14.84
C MET P 122 -20.71 69.99 -15.16
N ARG P 123 -19.97 69.12 -14.46
CA ARG P 123 -18.51 69.23 -14.40
C ARG P 123 -17.85 67.85 -14.48
N TYR P 124 -18.09 67.12 -15.58
CA TYR P 124 -17.43 65.84 -15.86
C TYR P 124 -15.97 65.81 -15.43
N LEU P 125 -15.59 64.78 -14.68
CA LEU P 125 -14.34 64.73 -13.93
C LEU P 125 -13.51 63.53 -14.33
N PRO P 126 -12.25 63.47 -13.88
CA PRO P 126 -11.38 62.34 -14.22
C PRO P 126 -11.78 61.06 -13.50
N ARG P 127 -10.95 60.03 -13.62
CA ARG P 127 -11.29 58.73 -13.06
C ARG P 127 -11.33 58.80 -11.53
N GLU P 128 -11.66 57.65 -10.93
CA GLU P 128 -11.97 57.60 -9.50
C GLU P 128 -10.77 57.14 -8.68
N VAL P 129 -10.98 56.89 -7.38
CA VAL P 129 -9.86 56.99 -6.46
C VAL P 129 -9.66 55.78 -5.55
N ASP P 130 -10.52 54.75 -5.69
CA ASP P 130 -10.33 53.37 -5.24
C ASP P 130 -9.62 53.22 -3.88
N PRO P 131 -10.32 53.49 -2.76
CA PRO P 131 -9.64 53.62 -1.46
C PRO P 131 -8.87 52.41 -0.96
N LEU P 132 -8.87 51.31 -1.71
CA LEU P 132 -7.99 50.18 -1.42
C LEU P 132 -6.62 50.41 -2.05
N VAL P 133 -6.38 51.63 -2.53
CA VAL P 133 -5.19 51.90 -3.32
C VAL P 133 -4.37 53.03 -2.70
N TYR P 134 -5.03 54.14 -2.36
CA TYR P 134 -4.31 55.29 -1.81
C TYR P 134 -3.58 54.91 -0.52
N ASN P 135 -4.13 53.96 0.22
CA ASN P 135 -3.47 53.47 1.42
C ASN P 135 -2.30 52.58 1.06
N MET P 136 -2.19 52.18 -0.21
CA MET P 136 -1.07 51.36 -0.67
C MET P 136 -0.28 52.06 -1.76
N SER P 137 -0.43 53.38 -1.90
CA SER P 137 0.28 54.13 -2.91
C SER P 137 1.22 55.15 -2.29
N HIS P 138 0.69 56.03 -1.44
CA HIS P 138 1.48 57.05 -0.75
C HIS P 138 1.76 56.66 0.69
N GLU P 139 1.97 55.37 0.94
CA GLU P 139 2.02 54.86 2.31
C GLU P 139 3.42 54.46 2.77
N ASP P 140 4.21 53.82 1.92
CA ASP P 140 5.49 53.28 2.38
C ASP P 140 6.48 54.40 2.62
N PRO P 141 7.13 54.45 3.78
CA PRO P 141 8.23 55.38 4.01
C PRO P 141 9.48 54.95 3.26
N GLY P 142 10.47 55.85 3.26
CA GLY P 142 11.71 55.60 2.55
C GLY P 142 12.47 54.40 3.08
N ASN P 143 13.62 54.17 2.46
CA ASN P 143 14.45 53.02 2.80
C ASN P 143 15.81 53.18 2.16
N VAL P 144 16.81 52.55 2.79
CA VAL P 144 18.15 52.50 2.21
C VAL P 144 18.10 51.68 0.92
N SER P 145 18.97 52.03 -0.02
CA SER P 145 19.06 51.30 -1.28
C SER P 145 19.53 49.87 -0.99
N TYR P 146 19.59 49.05 -2.05
CA TYR P 146 19.98 47.65 -1.91
C TYR P 146 21.42 47.48 -1.45
N SER P 147 22.22 48.56 -1.41
CA SER P 147 23.55 48.50 -0.81
C SER P 147 23.49 47.97 0.61
N GLU P 148 22.42 48.28 1.34
CA GLU P 148 22.28 47.78 2.71
C GLU P 148 22.27 46.26 2.74
N ILE P 149 21.38 45.63 1.98
CA ILE P 149 21.33 44.19 1.91
C ILE P 149 22.56 43.67 1.18
N GLY P 150 22.78 42.37 1.25
CA GLY P 150 23.88 41.75 0.54
C GLY P 150 23.73 40.25 0.48
N GLY P 151 24.73 39.61 -0.09
CA GLY P 151 24.82 38.17 -0.13
C GLY P 151 24.07 37.50 -1.26
N LEU P 152 23.24 38.23 -2.00
CA LEU P 152 22.45 37.67 -3.08
C LEU P 152 22.48 38.61 -4.29
N SER P 153 23.63 39.26 -4.48
CA SER P 153 23.79 40.23 -5.56
C SER P 153 23.48 39.65 -6.94
N GLU P 154 23.66 38.34 -7.11
CA GLU P 154 23.22 37.69 -8.35
C GLU P 154 21.74 37.96 -8.59
N GLN P 155 20.92 37.70 -7.58
CA GLN P 155 19.50 38.00 -7.69
C GLN P 155 19.25 39.49 -7.75
N ILE P 156 20.06 40.28 -7.04
CA ILE P 156 19.92 41.73 -7.04
C ILE P 156 19.99 42.28 -8.45
N ARG P 157 21.06 41.94 -9.16
CA ARG P 157 21.13 42.29 -10.57
C ARG P 157 20.03 41.63 -11.37
N GLU P 158 19.68 40.39 -11.03
CA GLU P 158 18.75 39.60 -11.84
C GLU P 158 17.38 40.25 -11.93
N LEU P 159 16.88 40.82 -10.85
CA LEU P 159 15.61 41.51 -10.91
C LEU P 159 15.71 42.78 -11.74
N ARG P 160 16.89 43.38 -11.79
CA ARG P 160 17.08 44.63 -12.54
C ARG P 160 16.74 44.47 -14.00
N GLU P 161 17.07 43.33 -14.61
CA GLU P 161 16.75 43.12 -16.01
C GLU P 161 15.26 42.99 -16.26
N VAL P 162 14.51 42.43 -15.32
CA VAL P 162 13.07 42.29 -15.53
C VAL P 162 12.32 43.56 -15.19
N ILE P 163 12.87 44.42 -14.32
CA ILE P 163 12.12 45.60 -13.90
C ILE P 163 12.77 46.88 -14.42
N GLU P 164 13.97 47.19 -13.94
CA GLU P 164 14.53 48.51 -14.19
C GLU P 164 14.97 48.67 -15.63
N LEU P 165 15.72 47.69 -16.14
CA LEU P 165 16.26 47.78 -17.50
C LEU P 165 15.19 47.90 -18.58
N PRO P 166 14.15 47.05 -18.64
CA PRO P 166 13.26 47.06 -19.81
C PRO P 166 12.52 48.37 -20.00
N LEU P 167 12.39 49.19 -18.97
CA LEU P 167 11.81 50.51 -19.12
C LEU P 167 12.85 51.59 -19.39
N THR P 168 14.04 51.46 -18.78
CA THR P 168 15.07 52.47 -19.00
C THR P 168 15.62 52.40 -20.41
N ASN P 169 15.85 51.20 -20.93
CA ASN P 169 16.44 50.99 -22.25
C ASN P 169 15.68 49.87 -22.94
N PRO P 170 14.45 50.13 -23.40
CA PRO P 170 13.69 49.13 -24.14
C PRO P 170 14.22 48.89 -25.55
N GLU P 171 15.26 49.59 -25.96
CA GLU P 171 15.73 49.49 -27.34
C GLU P 171 16.33 48.13 -27.63
N LEU P 172 17.11 47.58 -26.70
CA LEU P 172 17.80 46.32 -26.96
C LEU P 172 16.82 45.17 -27.17
N PHE P 173 15.77 45.11 -26.34
CA PHE P 173 14.71 44.11 -26.52
C PHE P 173 14.13 44.17 -27.92
N GLN P 174 14.05 45.37 -28.50
CA GLN P 174 13.56 45.51 -29.87
C GLN P 174 14.63 45.10 -30.88
N ARG P 175 15.89 45.43 -30.60
CA ARG P 175 16.96 45.11 -31.53
C ARG P 175 17.10 43.60 -31.70
N VAL P 176 17.15 42.87 -30.59
CA VAL P 176 17.13 41.42 -30.70
C VAL P 176 15.73 40.95 -31.09
N GLY P 177 14.72 41.75 -30.84
CA GLY P 177 13.36 41.41 -31.18
C GLY P 177 12.69 40.42 -30.28
N ILE P 178 12.77 40.60 -28.96
CA ILE P 178 12.19 39.67 -27.99
C ILE P 178 11.50 40.46 -26.90
N ILE P 179 10.28 40.06 -26.57
CA ILE P 179 9.50 40.81 -25.58
C ILE P 179 10.09 40.56 -24.20
N PRO P 180 10.15 41.58 -23.33
CA PRO P 180 10.71 41.37 -21.99
C PRO P 180 9.82 40.49 -21.16
N PRO P 181 10.29 40.02 -20.02
CA PRO P 181 9.44 39.22 -19.13
C PRO P 181 8.29 40.01 -18.55
N LYS P 182 7.39 39.34 -17.83
CA LYS P 182 6.20 40.01 -17.31
C LYS P 182 6.14 40.00 -15.79
N GLY P 183 6.24 38.82 -15.19
CA GLY P 183 6.04 38.70 -13.75
C GLY P 183 7.09 37.79 -13.13
N CYS P 184 7.43 38.11 -11.88
CA CYS P 184 8.47 37.42 -11.15
C CYS P 184 7.95 36.98 -9.80
N LEU P 185 8.49 35.86 -9.32
CA LEU P 185 8.07 35.29 -8.04
C LEU P 185 9.27 35.17 -7.12
N LEU P 186 9.03 35.33 -5.82
CA LEU P 186 10.07 35.21 -4.81
C LEU P 186 9.65 34.20 -3.76
N TYR P 187 10.53 33.24 -3.49
CA TYR P 187 10.23 32.17 -2.56
C TYR P 187 11.50 31.74 -1.86
N GLY P 188 11.32 31.10 -0.71
CA GLY P 188 12.41 30.70 0.14
C GLY P 188 11.98 30.71 1.58
N PRO P 189 12.87 30.31 2.48
CA PRO P 189 12.54 30.28 3.89
C PRO P 189 12.22 31.68 4.40
N PRO P 190 11.47 31.77 5.50
CA PRO P 190 11.20 33.09 6.07
C PRO P 190 12.48 33.77 6.51
N GLY P 191 12.46 35.10 6.47
CA GLY P 191 13.60 35.85 6.94
C GLY P 191 14.82 35.79 6.06
N THR P 192 14.68 35.31 4.83
CA THR P 192 15.75 35.43 3.86
C THR P 192 15.88 36.86 3.33
N GLY P 193 15.00 37.77 3.74
CA GLY P 193 15.05 39.14 3.30
C GLY P 193 14.14 39.37 2.12
N LYS P 194 13.13 38.51 1.95
CA LYS P 194 12.23 38.63 0.81
C LYS P 194 11.51 39.98 0.82
N THR P 195 10.84 40.29 1.93
CA THR P 195 10.21 41.61 2.05
C THR P 195 11.25 42.72 1.95
N LEU P 196 12.44 42.49 2.51
CA LEU P 196 13.44 43.54 2.57
C LEU P 196 13.89 43.95 1.17
N LEU P 197 14.12 42.99 0.29
CA LEU P 197 14.54 43.31 -1.07
C LEU P 197 13.50 44.16 -1.78
N ALA P 198 12.23 43.77 -1.70
CA ALA P 198 11.18 44.59 -2.26
C ALA P 198 11.15 45.98 -1.64
N ARG P 199 11.44 46.09 -0.34
CA ARG P 199 11.54 47.40 0.28
C ARG P 199 12.60 48.25 -0.37
N ALA P 200 13.78 47.68 -0.60
CA ALA P 200 14.84 48.43 -1.26
C ALA P 200 14.45 48.82 -2.68
N VAL P 201 13.82 47.90 -3.42
CA VAL P 201 13.45 48.20 -4.80
C VAL P 201 12.43 49.33 -4.85
N ALA P 202 11.37 49.23 -4.05
CA ALA P 202 10.38 50.31 -4.01
C ALA P 202 10.99 51.60 -3.50
N SER P 203 12.06 51.51 -2.70
CA SER P 203 12.74 52.71 -2.20
C SER P 203 13.36 53.54 -3.32
N GLN P 204 13.49 52.99 -4.52
CA GLN P 204 13.95 53.81 -5.65
C GLN P 204 12.84 54.72 -6.17
N LEU P 205 11.76 54.14 -6.68
CA LEU P 205 10.68 54.94 -7.24
C LEU P 205 9.96 55.72 -6.14
N ASP P 206 9.35 55.01 -5.19
CA ASP P 206 8.65 55.57 -4.04
C ASP P 206 7.36 56.29 -4.42
N CYS P 207 7.00 56.34 -5.70
CA CYS P 207 5.81 57.07 -6.12
C CYS P 207 4.95 56.24 -7.07
N ASN P 208 5.57 55.30 -7.78
CA ASN P 208 4.90 54.51 -8.79
C ASN P 208 4.92 53.04 -8.41
N PHE P 209 4.63 52.77 -7.14
CA PHE P 209 4.71 51.43 -6.58
C PHE P 209 3.46 51.14 -5.76
N LEU P 210 2.79 50.04 -6.08
CA LEU P 210 1.66 49.57 -5.30
C LEU P 210 2.07 48.32 -4.53
N LYS P 211 1.64 48.24 -3.28
CA LYS P 211 1.94 47.11 -2.41
C LYS P 211 0.65 46.51 -1.89
N VAL P 212 0.63 45.20 -1.71
CA VAL P 212 -0.57 44.47 -1.33
C VAL P 212 -0.20 43.33 -0.39
N VAL P 213 -0.93 43.23 0.73
CA VAL P 213 -0.77 42.12 1.65
C VAL P 213 -1.32 40.81 1.11
N SER P 214 -2.22 40.88 0.14
CA SER P 214 -2.92 39.72 -0.41
C SER P 214 -3.84 39.06 0.62
N SER P 215 -4.19 39.79 1.68
CA SER P 215 -5.09 39.28 2.69
C SER P 215 -6.19 40.26 3.10
N SER P 216 -5.99 41.56 2.93
CA SER P 216 -7.00 42.55 3.23
C SER P 216 -8.00 42.72 2.11
N ILE P 217 -7.96 41.85 1.09
CA ILE P 217 -8.83 42.01 -0.06
C ILE P 217 -10.21 41.46 0.23
N VAL P 218 -10.31 40.46 1.13
CA VAL P 218 -11.60 39.86 1.42
C VAL P 218 -12.53 40.87 2.08
N ASP P 219 -13.81 40.53 2.12
CA ASP P 219 -14.86 41.44 2.57
C ASP P 219 -15.98 40.65 3.21
N LYS P 220 -17.16 41.27 3.33
CA LYS P 220 -18.35 40.58 3.79
C LYS P 220 -19.38 40.36 2.69
N TYR P 221 -19.19 40.97 1.52
CA TYR P 221 -20.20 40.89 0.48
C TYR P 221 -19.82 39.84 -0.56
N ILE P 222 -20.66 39.71 -1.58
CA ILE P 222 -20.49 38.67 -2.57
C ILE P 222 -19.41 39.06 -3.58
N GLY P 223 -19.61 40.17 -4.29
CA GLY P 223 -18.55 40.73 -5.09
C GLY P 223 -17.67 41.60 -4.24
N GLU P 224 -17.38 42.82 -4.71
CA GLU P 224 -16.75 43.84 -3.88
C GLU P 224 -15.27 43.57 -3.62
N SER P 225 -14.78 42.40 -4.03
CA SER P 225 -13.38 42.05 -3.89
C SER P 225 -12.66 41.95 -5.22
N ALA P 226 -13.26 41.26 -6.19
CA ALA P 226 -12.70 41.26 -7.54
C ALA P 226 -12.64 42.67 -8.09
N ARG P 227 -13.73 43.44 -7.94
CA ARG P 227 -13.79 44.83 -8.38
C ARG P 227 -12.60 45.64 -7.90
N LEU P 228 -12.16 45.42 -6.66
CA LEU P 228 -10.94 46.04 -6.17
C LEU P 228 -9.77 45.72 -7.07
N ILE P 229 -9.63 44.45 -7.45
CA ILE P 229 -8.57 44.05 -8.37
C ILE P 229 -8.73 44.77 -9.69
N ARG P 230 -9.95 44.84 -10.19
CA ARG P 230 -10.24 45.57 -11.43
C ARG P 230 -9.70 46.99 -11.38
N GLU P 231 -10.15 47.77 -10.41
CA GLU P 231 -9.72 49.16 -10.36
C GLU P 231 -8.24 49.27 -10.04
N MET P 232 -7.66 48.25 -9.40
CA MET P 232 -6.21 48.23 -9.24
C MET P 232 -5.52 48.18 -10.59
N PHE P 233 -5.91 47.20 -11.43
CA PHE P 233 -5.30 47.09 -12.75
C PHE P 233 -5.71 48.25 -13.66
N ASN P 234 -6.76 48.98 -13.30
CA ASN P 234 -7.19 50.11 -14.13
C ASN P 234 -6.43 51.37 -13.78
N TYR P 235 -6.19 51.60 -12.50
CA TYR P 235 -5.26 52.65 -12.08
C TYR P 235 -3.87 52.36 -12.60
N ALA P 236 -3.38 51.13 -12.39
CA ALA P 236 -2.13 50.69 -12.98
C ALA P 236 -2.16 50.78 -14.50
N ARG P 237 -3.34 50.71 -15.10
CA ARG P 237 -3.44 51.04 -16.51
C ARG P 237 -3.29 52.53 -16.73
N ASP P 238 -3.75 53.32 -15.76
CA ASP P 238 -3.70 54.78 -15.89
C ASP P 238 -2.25 55.26 -15.93
N HIS P 239 -1.50 54.98 -14.86
CA HIS P 239 -0.09 55.29 -14.90
C HIS P 239 0.62 54.22 -15.72
N GLN P 240 1.55 54.65 -16.56
CA GLN P 240 2.03 53.68 -17.52
C GLN P 240 3.06 52.73 -16.91
N PRO P 241 4.10 53.24 -16.23
CA PRO P 241 5.12 52.33 -15.67
C PRO P 241 4.82 51.85 -14.25
N CYS P 242 3.81 51.01 -14.11
CA CYS P 242 3.33 50.62 -12.80
C CYS P 242 3.97 49.32 -12.31
N ILE P 243 4.30 49.32 -11.03
CA ILE P 243 4.88 48.17 -10.34
C ILE P 243 3.89 47.70 -9.28
N ILE P 244 3.44 46.47 -9.40
CA ILE P 244 2.54 45.86 -8.44
C ILE P 244 3.33 44.87 -7.62
N PHE P 245 3.08 44.85 -6.31
CA PHE P 245 3.70 43.91 -5.40
C PHE P 245 2.62 43.23 -4.58
N MET P 246 2.70 41.91 -4.48
CA MET P 246 1.75 41.14 -3.68
C MET P 246 2.54 40.15 -2.83
N ASP P 247 2.45 40.32 -1.51
CA ASP P 247 3.08 39.37 -0.62
C ASP P 247 2.10 38.27 -0.26
N GLU P 248 2.64 37.08 0.01
CA GLU P 248 1.92 35.94 0.58
C GLU P 248 0.63 35.64 -0.19
N ILE P 249 0.84 35.22 -1.45
CA ILE P 249 -0.27 34.83 -2.31
C ILE P 249 -1.05 33.68 -1.70
N ASP P 250 -0.39 32.85 -0.89
CA ASP P 250 -1.00 31.62 -0.37
C ASP P 250 -2.31 31.86 0.35
N ALA P 251 -2.51 33.05 0.91
CA ALA P 251 -3.84 33.41 1.40
C ALA P 251 -4.84 33.36 0.27
N ILE P 252 -4.67 34.22 -0.74
CA ILE P 252 -5.58 34.23 -1.88
C ILE P 252 -5.22 33.22 -2.94
N GLY P 253 -4.01 32.66 -2.89
CA GLY P 253 -3.56 31.78 -3.96
C GLY P 253 -4.36 30.50 -4.08
N GLY P 254 -4.21 29.61 -3.11
CA GLY P 254 -4.86 28.31 -3.20
C GLY P 254 -4.40 27.54 -4.44
N ARG P 255 -4.93 26.32 -4.56
CA ARG P 255 -4.76 25.57 -5.79
C ARG P 255 -6.10 25.27 -6.45
N ARG P 256 -7.00 24.55 -5.77
CA ARG P 256 -8.28 24.14 -6.34
C ARG P 256 -9.04 23.32 -5.32
N PHE P 257 -10.37 23.27 -5.43
CA PHE P 257 -11.17 22.44 -4.54
C PHE P 257 -12.35 21.84 -5.27
N SER P 258 -12.65 20.58 -4.95
CA SER P 258 -13.75 19.85 -5.58
C SER P 258 -15.06 20.22 -4.90
N GLU P 259 -15.50 21.45 -5.17
CA GLU P 259 -16.79 21.97 -4.71
C GLU P 259 -16.88 21.93 -3.18
N GLY P 260 -16.00 22.71 -2.57
CA GLY P 260 -15.97 22.80 -1.12
C GLY P 260 -17.02 23.77 -0.63
N THR P 261 -16.61 24.83 0.03
CA THR P 261 -17.54 25.79 0.63
C THR P 261 -17.74 26.96 -0.34
N SER P 262 -18.84 27.71 -0.19
CA SER P 262 -19.11 28.86 -1.02
C SER P 262 -18.09 29.97 -0.87
N ALA P 263 -17.64 30.25 0.36
CA ALA P 263 -16.57 31.23 0.55
C ALA P 263 -15.33 30.85 -0.25
N ASP P 264 -15.06 29.55 -0.35
CA ASP P 264 -14.05 29.09 -1.31
C ASP P 264 -14.35 29.59 -2.71
N ARG P 265 -15.61 29.62 -3.11
CA ARG P 265 -15.97 30.10 -4.44
C ARG P 265 -15.76 31.59 -4.57
N GLU P 266 -16.08 32.38 -3.54
CA GLU P 266 -15.75 33.79 -3.57
C GLU P 266 -14.24 33.99 -3.74
N ILE P 267 -13.45 33.22 -2.99
CA ILE P 267 -12.00 33.33 -3.09
C ILE P 267 -11.54 32.97 -4.49
N GLN P 268 -11.95 31.81 -5.00
CA GLN P 268 -11.49 31.33 -6.29
C GLN P 268 -11.90 32.27 -7.41
N ARG P 269 -13.09 32.84 -7.32
CA ARG P 269 -13.47 33.86 -8.30
C ARG P 269 -12.57 35.07 -8.20
N THR P 270 -12.27 35.50 -6.97
CA THR P 270 -11.38 36.64 -6.79
C THR P 270 -10.00 36.38 -7.36
N LEU P 271 -9.57 35.11 -7.37
CA LEU P 271 -8.28 34.77 -7.96
C LEU P 271 -8.37 34.72 -9.48
N MET P 272 -9.38 34.04 -10.01
CA MET P 272 -9.62 33.97 -11.44
C MET P 272 -9.75 35.35 -12.07
N GLU P 273 -10.19 36.36 -11.34
CA GLU P 273 -10.07 37.72 -11.85
C GLU P 273 -8.62 38.07 -12.11
N LEU P 274 -7.72 37.68 -11.21
CA LEU P 274 -6.30 37.90 -11.46
C LEU P 274 -5.84 37.11 -12.68
N LEU P 275 -6.21 35.84 -12.76
CA LEU P 275 -5.82 35.01 -13.89
C LEU P 275 -6.25 35.62 -15.21
N ASN P 276 -7.45 36.19 -15.25
CA ASN P 276 -7.93 36.88 -16.44
C ASN P 276 -7.11 38.12 -16.69
N GLN P 277 -7.15 39.07 -15.76
CA GLN P 277 -6.58 40.38 -16.00
C GLN P 277 -5.06 40.40 -15.93
N MET P 278 -4.45 39.22 -15.98
CA MET P 278 -3.01 39.08 -16.02
C MET P 278 -2.65 38.87 -17.49
N ASP P 279 -3.27 37.87 -18.11
CA ASP P 279 -3.08 37.54 -19.51
C ASP P 279 -4.33 37.89 -20.31
N GLY P 280 -5.47 37.27 -19.98
CA GLY P 280 -6.79 37.58 -20.51
C GLY P 280 -6.89 37.99 -21.96
N PHE P 281 -7.70 39.02 -22.21
CA PHE P 281 -7.86 39.59 -23.54
C PHE P 281 -7.02 40.85 -23.69
N ASP P 282 -7.19 41.80 -22.79
CA ASP P 282 -6.42 43.04 -22.80
C ASP P 282 -4.98 42.74 -22.40
N THR P 283 -4.05 42.92 -23.32
CA THR P 283 -2.64 42.81 -22.96
C THR P 283 -2.25 43.96 -22.05
N LEU P 284 -1.04 43.87 -21.51
CA LEU P 284 -0.54 44.86 -20.57
C LEU P 284 0.75 45.48 -21.09
N HIS P 285 1.09 46.63 -20.52
CA HIS P 285 2.28 47.37 -20.94
C HIS P 285 2.87 48.09 -19.75
N ARG P 286 4.16 47.87 -19.52
CA ARG P 286 4.87 48.49 -18.40
C ARG P 286 4.23 48.18 -17.06
N VAL P 287 3.62 47.01 -16.94
CA VAL P 287 2.93 46.59 -15.74
C VAL P 287 3.68 45.39 -15.19
N LYS P 288 4.49 45.60 -14.15
CA LYS P 288 5.34 44.55 -13.63
C LYS P 288 4.74 43.97 -12.36
N MET P 289 4.69 42.64 -12.29
CA MET P 289 4.07 41.92 -11.18
C MET P 289 5.15 41.23 -10.38
N ILE P 290 5.25 41.58 -9.10
CA ILE P 290 6.18 40.92 -8.17
C ILE P 290 5.37 40.18 -7.13
N MET P 291 5.63 38.89 -6.99
CA MET P 291 4.92 38.07 -6.03
C MET P 291 5.89 37.56 -4.98
N ALA P 292 5.39 37.33 -3.77
CA ALA P 292 6.21 36.83 -2.67
C ALA P 292 5.44 35.75 -1.92
N THR P 293 6.15 34.68 -1.55
CA THR P 293 5.53 33.61 -0.79
C THR P 293 6.61 32.88 0.01
N ASN P 294 6.17 31.85 0.73
CA ASN P 294 7.06 30.96 1.45
C ASN P 294 7.09 29.56 0.83
N ARG P 295 5.92 28.97 0.56
CA ARG P 295 5.86 27.67 -0.08
C ARG P 295 5.15 27.78 -1.40
N PRO P 296 5.83 27.51 -2.50
CA PRO P 296 5.17 27.63 -3.82
C PRO P 296 4.29 26.43 -4.12
N ASP P 297 4.52 25.34 -3.39
CA ASP P 297 3.85 24.08 -3.68
C ASP P 297 2.33 24.18 -3.53
N THR P 298 1.86 25.12 -2.73
CA THR P 298 0.44 25.25 -2.45
C THR P 298 -0.28 26.21 -3.40
N LEU P 299 0.29 26.50 -4.56
CA LEU P 299 -0.30 27.47 -5.46
C LEU P 299 -0.97 26.79 -6.65
N ASP P 300 -1.69 27.60 -7.43
CA ASP P 300 -2.41 27.06 -8.58
C ASP P 300 -1.46 26.93 -9.77
N PRO P 301 -1.38 25.75 -10.38
CA PRO P 301 -0.51 25.59 -11.55
C PRO P 301 -0.86 26.52 -12.70
N ALA P 302 -2.15 26.75 -12.95
CA ALA P 302 -2.55 27.70 -13.98
C ALA P 302 -1.95 29.08 -13.72
N LEU P 303 -1.92 29.50 -12.45
CA LEU P 303 -1.23 30.73 -12.11
C LEU P 303 0.28 30.57 -12.24
N LEU P 304 0.78 29.36 -12.09
CA LEU P 304 2.22 29.11 -12.09
C LEU P 304 2.79 28.91 -13.49
N ARG P 305 1.97 28.88 -14.51
CA ARG P 305 2.54 28.65 -15.83
C ARG P 305 3.20 29.92 -16.34
N PRO P 306 4.23 29.77 -17.19
CA PRO P 306 4.92 30.95 -17.71
C PRO P 306 4.00 31.80 -18.57
N GLY P 307 4.23 33.10 -18.56
CA GLY P 307 3.41 34.03 -19.30
C GLY P 307 2.76 34.93 -18.27
N ARG P 308 2.16 34.31 -17.26
CA ARG P 308 1.55 35.03 -16.16
C ARG P 308 2.69 35.29 -15.20
N LEU P 309 3.23 34.22 -14.63
CA LEU P 309 4.37 34.32 -13.73
C LEU P 309 5.60 33.96 -14.55
N ASP P 310 6.33 34.98 -15.01
CA ASP P 310 7.38 34.73 -15.98
C ASP P 310 8.55 33.95 -15.37
N ARG P 311 9.22 34.54 -14.38
CA ARG P 311 10.44 33.96 -13.83
C ARG P 311 10.26 33.67 -12.35
N LYS P 312 10.83 32.56 -11.90
CA LYS P 312 10.79 32.16 -10.49
C LYS P 312 12.17 32.35 -9.91
N ILE P 313 12.34 33.36 -9.06
CA ILE P 313 13.60 33.63 -8.39
C ILE P 313 13.63 32.84 -7.09
N HIS P 314 14.73 32.13 -6.87
CA HIS P 314 14.91 31.28 -5.70
C HIS P 314 15.82 31.97 -4.70
N ILE P 315 15.31 32.17 -3.48
CA ILE P 315 16.10 32.74 -2.40
C ILE P 315 16.43 31.62 -1.43
N ASP P 316 17.67 31.62 -0.93
CA ASP P 316 18.10 30.57 -0.02
C ASP P 316 18.89 31.15 1.16
N LEU P 317 19.28 30.29 2.08
CA LEU P 317 20.01 30.75 3.25
C LEU P 317 21.39 31.24 2.84
N PRO P 318 22.01 32.09 3.67
CA PRO P 318 23.32 32.63 3.31
C PRO P 318 24.39 31.56 3.35
N ASN P 319 25.35 31.68 2.44
CA ASN P 319 26.55 30.86 2.53
C ASN P 319 27.45 31.42 3.62
N GLU P 320 28.67 30.88 3.71
CA GLU P 320 29.62 31.40 4.69
C GLU P 320 29.95 32.86 4.39
N GLN P 321 30.31 33.16 3.14
CA GLN P 321 30.64 34.53 2.79
C GLN P 321 29.45 35.45 2.95
N ALA P 322 28.26 34.99 2.57
CA ALA P 322 27.06 35.78 2.77
C ALA P 322 26.84 36.10 4.24
N ARG P 323 26.97 35.08 5.10
CA ARG P 323 26.83 35.29 6.54
C ARG P 323 27.83 36.31 7.04
N LEU P 324 29.10 36.19 6.62
CA LEU P 324 30.10 37.17 7.00
C LEU P 324 29.70 38.57 6.55
N ASP P 325 29.13 38.68 5.36
CA ASP P 325 28.80 39.98 4.80
C ASP P 325 27.66 40.64 5.58
N ILE P 326 26.55 39.93 5.75
CA ILE P 326 25.43 40.49 6.51
C ILE P 326 25.87 40.81 7.93
N LEU P 327 26.70 39.94 8.51
CA LEU P 327 27.26 40.19 9.83
C LEU P 327 28.00 41.53 9.85
N LYS P 328 28.86 41.76 8.87
CA LYS P 328 29.47 43.07 8.74
C LYS P 328 28.44 44.16 8.55
N ILE P 329 27.31 43.84 7.93
CA ILE P 329 26.28 44.85 7.68
C ILE P 329 25.71 45.35 8.99
N HIS P 330 25.14 44.46 9.78
CA HIS P 330 24.60 44.89 11.06
C HIS P 330 25.68 45.32 12.05
N ALA P 331 26.92 44.90 11.84
CA ALA P 331 28.01 45.19 12.76
C ALA P 331 28.52 46.61 12.64
N GLY P 332 27.98 47.40 11.73
CA GLY P 332 28.50 48.72 11.46
C GLY P 332 28.31 49.67 12.62
N PRO P 333 27.06 50.06 12.86
CA PRO P 333 26.77 51.07 13.90
C PRO P 333 26.71 50.46 15.29
N ILE P 334 27.86 50.02 15.79
CA ILE P 334 27.93 49.31 17.06
C ILE P 334 29.19 49.76 17.79
N THR P 335 29.01 50.44 18.92
CA THR P 335 30.13 50.86 19.75
C THR P 335 30.81 49.62 20.32
N LYS P 336 32.01 49.33 19.84
CA LYS P 336 32.69 48.08 20.16
C LYS P 336 34.17 48.37 20.36
N HIS P 337 34.99 47.31 20.35
CA HIS P 337 36.43 47.44 20.35
C HIS P 337 37.00 46.89 19.04
N GLY P 338 38.26 47.21 18.80
CA GLY P 338 38.99 46.66 17.67
C GLY P 338 39.42 45.24 17.96
N GLU P 339 38.44 44.36 18.15
CA GLU P 339 38.70 43.01 18.63
C GLU P 339 37.78 42.00 17.95
N ILE P 340 36.96 42.41 17.00
CA ILE P 340 35.88 41.60 16.49
C ILE P 340 36.46 40.53 15.56
N ASP P 341 36.27 39.27 15.93
CA ASP P 341 36.59 38.15 15.04
C ASP P 341 35.29 37.71 14.38
N TYR P 342 34.96 38.34 13.26
CA TYR P 342 33.79 37.92 12.50
C TYR P 342 33.93 36.47 12.04
N GLU P 343 35.16 36.03 11.77
CA GLU P 343 35.36 34.73 11.16
C GLU P 343 34.92 33.59 12.07
N ALA P 344 35.30 33.65 13.34
CA ALA P 344 34.88 32.60 14.27
C ALA P 344 33.36 32.59 14.43
N ILE P 345 32.76 33.76 14.53
CA ILE P 345 31.31 33.86 14.67
C ILE P 345 30.63 33.22 13.46
N VAL P 346 31.14 33.47 12.26
CA VAL P 346 30.62 32.79 11.08
C VAL P 346 30.86 31.30 11.18
N LYS P 347 31.99 30.90 11.77
CA LYS P 347 32.31 29.48 11.88
C LYS P 347 31.27 28.75 12.72
N LEU P 348 30.87 29.33 13.84
CA LEU P 348 29.72 28.81 14.56
C LEU P 348 28.40 29.18 13.91
N SER P 349 28.45 29.99 12.84
CA SER P 349 27.26 30.47 12.16
C SER P 349 26.89 29.49 11.07
N ASP P 350 25.80 28.75 11.28
CA ASP P 350 25.35 27.74 10.33
C ASP P 350 23.86 27.93 10.10
N GLY P 351 23.49 28.38 8.91
CA GLY P 351 22.09 28.47 8.54
C GLY P 351 21.29 29.42 9.38
N PHE P 352 21.56 30.72 9.25
CA PHE P 352 20.84 31.75 9.99
C PHE P 352 20.39 32.86 9.05
N ASN P 353 19.13 33.24 9.17
CA ASN P 353 18.57 34.32 8.37
C ASN P 353 19.27 35.65 8.65
N GLY P 354 19.12 36.61 7.74
CA GLY P 354 19.62 37.94 8.01
C GLY P 354 19.00 38.53 9.26
N ALA P 355 17.70 38.32 9.45
CA ALA P 355 17.08 38.67 10.72
C ALA P 355 17.67 37.84 11.86
N ASP P 356 18.16 36.64 11.58
CA ASP P 356 18.79 35.85 12.63
C ASP P 356 20.08 36.50 13.10
N LEU P 357 20.97 36.84 12.16
CA LEU P 357 22.20 37.51 12.55
C LEU P 357 21.91 38.85 13.20
N ARG P 358 20.92 39.57 12.68
CA ARG P 358 20.42 40.77 13.37
C ARG P 358 20.07 40.45 14.81
N ASN P 359 19.42 39.31 15.04
CA ASN P 359 19.12 38.86 16.39
C ASN P 359 20.41 38.65 17.17
N VAL P 360 21.45 38.14 16.53
CA VAL P 360 22.72 37.95 17.20
C VAL P 360 23.28 39.28 17.67
N CYS P 361 23.31 40.26 16.76
CA CYS P 361 23.78 41.59 17.12
C CYS P 361 22.94 42.19 18.24
N THR P 362 21.64 41.88 18.27
CA THR P 362 20.80 42.38 19.35
C THR P 362 21.19 41.74 20.68
N GLU P 363 21.30 40.41 20.70
CA GLU P 363 21.57 39.71 21.95
C GLU P 363 22.94 40.04 22.50
N ALA P 364 23.96 40.14 21.64
CA ALA P 364 25.28 40.54 22.11
C ALA P 364 25.22 41.89 22.81
N GLY P 365 24.49 42.85 22.24
CA GLY P 365 24.25 44.09 22.94
C GLY P 365 23.50 43.90 24.23
N MET P 366 22.64 42.87 24.29
CA MET P 366 21.97 42.55 25.55
C MET P 366 22.97 42.16 26.62
N PHE P 367 23.87 41.22 26.30
CA PHE P 367 24.92 40.85 27.24
C PHE P 367 25.78 42.05 27.59
N ALA P 368 26.00 42.96 26.65
CA ALA P 368 26.74 44.17 26.97
C ALA P 368 26.01 45.02 27.99
N ILE P 369 24.70 45.18 27.83
CA ILE P 369 23.91 45.85 28.85
C ILE P 369 24.03 45.14 30.18
N ARG P 370 24.10 43.81 30.14
CA ARG P 370 24.51 43.05 31.31
C ARG P 370 25.92 43.49 31.72
N ALA P 371 26.08 43.81 32.99
CA ALA P 371 27.31 44.37 33.55
C ALA P 371 27.56 45.81 33.13
N ASP P 372 26.69 46.37 32.27
CA ASP P 372 26.67 47.80 31.98
C ASP P 372 27.96 48.29 31.36
N HIS P 373 28.63 47.43 30.60
CA HIS P 373 29.80 47.82 29.83
C HIS P 373 29.33 48.42 28.51
N ASP P 374 29.46 49.73 28.38
CA ASP P 374 28.95 50.42 27.19
C ASP P 374 29.62 49.93 25.91
N PHE P 375 30.86 49.48 26.00
CA PHE P 375 31.53 48.87 24.86
C PHE P 375 30.91 47.50 24.55
N VAL P 376 31.54 46.80 23.62
CA VAL P 376 31.13 45.44 23.27
C VAL P 376 32.37 44.58 23.19
N VAL P 377 32.37 43.46 23.93
CA VAL P 377 33.45 42.49 23.84
C VAL P 377 33.08 41.44 22.80
N GLN P 378 34.10 40.72 22.31
CA GLN P 378 33.87 39.71 21.29
C GLN P 378 33.13 38.51 21.84
N GLU P 379 33.37 38.14 23.10
CA GLU P 379 32.82 36.92 23.64
C GLU P 379 31.30 36.94 23.71
N ASP P 380 30.72 38.11 24.01
CA ASP P 380 29.26 38.24 23.97
C ASP P 380 28.69 37.88 22.61
N PHE P 381 29.45 38.10 21.54
CA PHE P 381 29.03 37.65 20.23
C PHE P 381 28.83 36.14 20.20
N MET P 382 29.88 35.39 20.56
CA MET P 382 29.77 33.94 20.53
C MET P 382 28.70 33.42 21.50
N LYS P 383 28.54 34.07 22.65
CA LYS P 383 27.49 33.68 23.56
C LYS P 383 26.12 33.86 22.92
N ALA P 384 25.87 35.04 22.35
CA ALA P 384 24.59 35.26 21.67
C ALA P 384 24.40 34.31 20.50
N VAL P 385 25.49 33.93 19.84
CA VAL P 385 25.40 32.95 18.76
C VAL P 385 24.96 31.61 19.30
N ARG P 386 25.53 31.20 20.44
CA ARG P 386 25.10 29.97 21.08
C ARG P 386 23.63 30.02 21.47
N LYS P 387 23.18 31.14 22.03
CA LYS P 387 21.78 31.26 22.43
C LYS P 387 20.85 31.17 21.22
N VAL P 388 21.10 32.00 20.22
CA VAL P 388 20.23 32.05 19.04
C VAL P 388 20.21 30.71 18.33
N ALA P 389 21.40 30.14 18.08
CA ALA P 389 21.49 28.81 17.51
C ALA P 389 20.74 27.79 18.34
N ASP P 390 20.79 27.92 19.67
CA ASP P 390 20.01 27.03 20.52
C ASP P 390 18.52 27.22 20.30
N SER P 391 18.09 28.44 20.03
CA SER P 391 16.67 28.73 19.86
C SER P 391 16.07 28.07 18.62
N LYS P 392 16.89 27.55 17.71
CA LYS P 392 16.39 26.98 16.47
C LYS P 392 16.17 25.47 16.60
N LYS P 393 15.85 25.02 17.81
CA LYS P 393 15.42 23.66 18.03
C LYS P 393 13.90 23.52 17.92
N LEU P 394 13.26 24.47 17.25
CA LEU P 394 11.81 24.47 17.12
C LEU P 394 11.34 24.71 15.69
N GLU P 395 12.26 24.87 14.75
CA GLU P 395 11.92 25.19 13.36
C GLU P 395 12.27 23.99 12.49
N SER P 396 11.23 23.28 12.03
CA SER P 396 11.37 22.14 11.14
C SER P 396 10.60 22.43 9.87
N LYS P 397 10.96 21.74 8.78
CA LYS P 397 10.32 21.95 7.48
C LYS P 397 10.47 23.41 7.07
N LEU P 398 11.71 23.85 6.86
CA LEU P 398 11.96 25.20 6.38
C LEU P 398 12.09 25.28 4.87
N ASP P 399 12.38 24.16 4.21
CA ASP P 399 12.50 24.11 2.76
C ASP P 399 11.17 23.74 2.13
N TYR P 400 10.97 24.16 0.90
CA TYR P 400 9.81 23.77 0.12
C TYR P 400 10.22 23.62 -1.33
N LYS P 401 9.72 22.57 -1.96
CA LYS P 401 10.03 22.33 -3.35
C LYS P 401 9.47 23.47 -4.19
N PRO P 402 10.18 23.90 -5.23
CA PRO P 402 9.64 24.95 -6.10
C PRO P 402 8.39 24.46 -6.79
N VAL P 403 7.52 25.40 -7.15
CA VAL P 403 6.26 25.08 -7.79
C VAL P 403 5.38 24.29 -6.84
N LYS Q 70 -16.01 94.73 15.91
CA LYS Q 70 -16.37 93.75 16.93
C LYS Q 70 -17.86 93.39 16.84
N ASP Q 71 -18.71 94.39 16.60
CA ASP Q 71 -20.13 94.11 16.35
C ASP Q 71 -20.29 93.16 15.17
N LYS Q 72 -19.58 93.42 14.07
CA LYS Q 72 -19.70 92.57 12.89
C LYS Q 72 -19.29 91.14 13.16
N ILE Q 73 -18.13 90.92 13.78
CA ILE Q 73 -17.74 89.56 14.12
C ILE Q 73 -18.74 88.89 15.05
N LYS Q 74 -19.32 89.65 15.98
CA LYS Q 74 -20.38 89.13 16.82
C LYS Q 74 -21.54 88.61 15.98
N GLU Q 75 -21.98 89.41 15.00
CA GLU Q 75 -23.12 89.00 14.18
C GLU Q 75 -22.80 87.77 13.33
N ASN Q 76 -21.64 87.77 12.65
CA ASN Q 76 -21.27 86.64 11.80
C ASN Q 76 -21.16 85.35 12.60
N SER Q 77 -20.44 85.39 13.72
CA SER Q 77 -20.39 84.21 14.59
C SER Q 77 -21.78 83.79 15.06
N GLU Q 78 -22.65 84.78 15.32
CA GLU Q 78 -24.02 84.48 15.71
C GLU Q 78 -24.73 83.66 14.64
N LYS Q 79 -24.62 84.07 13.37
CA LYS Q 79 -25.20 83.26 12.31
C LYS Q 79 -24.55 81.89 12.22
N ILE Q 80 -23.23 81.83 12.47
CA ILE Q 80 -22.52 80.55 12.43
C ILE Q 80 -23.11 79.56 13.42
N LYS Q 81 -23.37 80.01 14.65
CA LYS Q 81 -24.03 79.15 15.62
C LYS Q 81 -25.36 78.63 15.09
N VAL Q 82 -26.14 79.49 14.44
CA VAL Q 82 -27.46 79.09 13.98
C VAL Q 82 -27.36 78.02 12.90
N ASN Q 83 -26.63 78.32 11.83
CA ASN Q 83 -26.57 77.39 10.72
C ASN Q 83 -25.68 76.18 10.99
N LYS Q 84 -24.93 76.17 12.08
CA LYS Q 84 -24.14 75.01 12.46
C LYS Q 84 -24.90 74.28 13.55
N THR Q 85 -25.80 73.39 13.14
CA THR Q 85 -26.67 72.70 14.09
C THR Q 85 -25.99 71.42 14.58
N LEU Q 86 -26.68 70.69 15.43
CA LEU Q 86 -26.13 69.49 16.05
C LEU Q 86 -26.18 68.26 15.14
N PRO Q 87 -27.33 67.90 14.55
CA PRO Q 87 -27.40 66.65 13.79
C PRO Q 87 -26.54 66.72 12.53
N TYR Q 88 -25.68 65.71 12.36
CA TYR Q 88 -24.86 65.58 11.17
C TYR Q 88 -24.93 64.17 10.64
N LEU Q 89 -24.79 64.04 9.33
CA LEU Q 89 -24.63 62.76 8.67
C LEU Q 89 -23.15 62.57 8.36
N VAL Q 90 -22.57 61.50 8.88
CA VAL Q 90 -21.16 61.24 8.67
C VAL Q 90 -20.96 60.77 7.25
N SER Q 91 -19.70 60.75 6.82
CA SER Q 91 -19.36 60.36 5.46
C SER Q 91 -17.84 60.14 5.39
N ASN Q 92 -17.34 59.91 4.18
CA ASN Q 92 -15.94 59.62 3.97
C ASN Q 92 -15.36 60.59 2.95
N VAL Q 93 -14.15 61.06 3.23
CA VAL Q 93 -13.42 61.90 2.28
C VAL Q 93 -12.82 60.97 1.23
N ILE Q 94 -13.41 60.94 0.05
CA ILE Q 94 -12.99 59.98 -0.96
C ILE Q 94 -11.75 60.47 -1.68
N GLU Q 95 -11.74 61.73 -2.10
CA GLU Q 95 -10.55 62.33 -2.69
C GLU Q 95 -10.73 63.84 -2.76
N LEU Q 96 -9.66 64.52 -3.17
CA LEU Q 96 -9.66 65.95 -3.39
C LEU Q 96 -9.21 66.26 -4.81
N LEU Q 97 -9.64 67.41 -5.32
CA LEU Q 97 -9.26 67.85 -6.65
C LEU Q 97 -9.00 69.34 -6.64
N ASP Q 98 -8.88 69.91 -7.83
CA ASP Q 98 -8.75 71.35 -7.99
C ASP Q 98 -9.11 71.69 -9.43
N VAL Q 99 -10.21 72.39 -9.60
CA VAL Q 99 -10.69 72.79 -10.92
C VAL Q 99 -10.17 74.18 -11.24
N ASP Q 100 -9.89 74.43 -12.51
CA ASP Q 100 -9.44 75.74 -12.96
C ASP Q 100 -10.58 76.49 -13.61
N PRO Q 101 -10.41 77.79 -13.86
CA PRO Q 101 -11.47 78.56 -14.51
C PRO Q 101 -11.69 78.14 -15.96
N LYS Q 118 -10.43 78.70 -8.38
CA LYS Q 118 -9.39 77.78 -8.79
C LYS Q 118 -8.76 77.04 -7.62
N GLY Q 119 -9.39 77.07 -6.45
CA GLY Q 119 -8.82 76.43 -5.27
C GLY Q 119 -8.98 74.92 -5.26
N LYS Q 120 -9.04 74.36 -4.06
CA LYS Q 120 -9.13 72.92 -3.89
C LYS Q 120 -10.58 72.45 -4.01
N CYS Q 121 -10.77 71.16 -3.75
CA CYS Q 121 -12.08 70.54 -3.91
C CYS Q 121 -11.99 69.11 -3.41
N ALA Q 122 -13.14 68.43 -3.41
CA ALA Q 122 -13.18 67.06 -2.91
C ALA Q 122 -14.49 66.41 -3.30
N VAL Q 123 -14.54 65.09 -3.10
CA VAL Q 123 -15.73 64.29 -3.37
C VAL Q 123 -15.97 63.39 -2.17
N ILE Q 124 -17.23 63.17 -1.82
CA ILE Q 124 -17.57 62.51 -0.57
C ILE Q 124 -18.56 61.40 -0.83
N LYS Q 125 -18.48 60.34 -0.03
CA LYS Q 125 -19.51 59.31 0.02
C LYS Q 125 -20.14 59.32 1.40
N THR Q 126 -21.47 59.40 1.43
CA THR Q 126 -22.18 59.45 2.70
C THR Q 126 -22.35 58.05 3.26
N SER Q 127 -22.96 57.98 4.45
CA SER Q 127 -23.31 56.69 5.03
C SER Q 127 -24.48 56.06 4.31
N THR Q 128 -25.19 56.81 3.47
CA THR Q 128 -26.35 56.32 2.74
C THR Q 128 -25.99 55.77 1.38
N ARG Q 129 -24.71 55.52 1.12
CA ARG Q 129 -24.26 54.99 -0.17
C ARG Q 129 -24.63 55.94 -1.30
N GLN Q 130 -24.18 57.18 -1.17
CA GLN Q 130 -24.40 58.20 -2.19
C GLN Q 130 -23.15 59.06 -2.28
N THR Q 131 -22.76 59.40 -3.49
CA THR Q 131 -21.59 60.25 -3.69
C THR Q 131 -22.02 61.66 -4.07
N TYR Q 132 -21.25 62.63 -3.59
CA TYR Q 132 -21.56 64.03 -3.80
C TYR Q 132 -20.27 64.77 -4.13
N PHE Q 133 -20.41 65.79 -4.97
CA PHE Q 133 -19.30 66.62 -5.40
C PHE Q 133 -19.55 68.05 -4.94
N LEU Q 134 -18.68 68.53 -4.06
CA LEU Q 134 -18.83 69.86 -3.52
C LEU Q 134 -17.63 70.69 -3.95
N PRO Q 135 -17.86 71.80 -4.64
CA PRO Q 135 -16.74 72.69 -4.98
C PRO Q 135 -16.29 73.50 -3.78
N VAL Q 136 -17.26 73.91 -2.97
CA VAL Q 136 -16.99 74.64 -1.73
C VAL Q 136 -16.92 73.62 -0.60
N ILE Q 137 -15.79 73.62 0.10
CA ILE Q 137 -15.55 72.57 1.10
C ILE Q 137 -16.31 72.87 2.38
N GLY Q 138 -16.02 73.99 3.02
CA GLY Q 138 -16.75 74.37 4.21
C GLY Q 138 -15.87 74.70 5.41
N LEU Q 139 -16.36 74.39 6.59
CA LEU Q 139 -15.70 74.76 7.84
C LEU Q 139 -14.58 73.78 8.20
N VAL Q 140 -13.66 73.53 7.27
CA VAL Q 140 -12.53 72.65 7.48
C VAL Q 140 -11.37 73.15 6.63
N ASP Q 141 -10.22 72.48 6.77
CA ASP Q 141 -9.00 72.88 6.09
C ASP Q 141 -8.57 71.80 5.10
N ALA Q 142 -8.38 72.21 3.84
CA ALA Q 142 -7.97 71.27 2.80
C ALA Q 142 -6.67 70.57 3.13
N GLU Q 143 -5.72 71.27 3.74
CA GLU Q 143 -4.47 70.61 4.12
C GLU Q 143 -4.72 69.62 5.25
N LYS Q 144 -5.59 69.96 6.19
CA LYS Q 144 -5.91 69.04 7.28
C LYS Q 144 -6.60 67.78 6.79
N LEU Q 145 -7.44 67.89 5.77
CA LEU Q 145 -8.20 66.75 5.28
C LEU Q 145 -7.30 65.89 4.40
N LYS Q 146 -7.61 64.60 4.33
CA LYS Q 146 -6.88 63.64 3.52
C LYS Q 146 -7.83 62.59 2.97
N PRO Q 147 -7.40 61.82 1.95
CA PRO Q 147 -8.28 60.81 1.37
C PRO Q 147 -8.67 59.75 2.40
N GLY Q 148 -9.97 59.54 2.54
CA GLY Q 148 -10.46 58.53 3.46
C GLY Q 148 -10.56 59.03 4.88
N ASP Q 149 -11.25 60.14 5.09
CA ASP Q 149 -11.46 60.70 6.42
C ASP Q 149 -12.92 60.60 6.82
N LEU Q 150 -13.17 60.83 8.10
CA LEU Q 150 -14.52 60.81 8.68
C LEU Q 150 -14.85 62.23 9.11
N VAL Q 151 -16.00 62.73 8.65
CA VAL Q 151 -16.37 64.12 8.84
C VAL Q 151 -17.86 64.24 9.13
N GLY Q 152 -18.22 65.28 9.87
CA GLY Q 152 -19.61 65.64 10.05
C GLY Q 152 -20.08 66.56 8.96
N VAL Q 153 -21.13 66.17 8.26
CA VAL Q 153 -21.62 66.89 7.09
C VAL Q 153 -23.09 67.22 7.28
N ASN Q 154 -23.51 68.36 6.76
CA ASN Q 154 -24.92 68.73 6.81
C ASN Q 154 -25.75 67.74 6.00
N LYS Q 155 -26.94 67.45 6.51
CA LYS Q 155 -27.85 66.53 5.82
C LYS Q 155 -28.33 67.12 4.51
N ASP Q 156 -28.96 68.30 4.56
CA ASP Q 156 -29.55 68.91 3.37
C ASP Q 156 -28.51 69.60 2.50
N SER Q 157 -27.70 70.47 3.08
CA SER Q 157 -26.71 71.18 2.29
C SER Q 157 -25.62 70.24 1.77
N TYR Q 158 -25.34 69.15 2.48
CA TYR Q 158 -24.23 68.27 2.13
C TYR Q 158 -22.93 69.07 2.12
N LEU Q 159 -22.61 69.60 3.30
CA LEU Q 159 -21.45 70.46 3.44
C LEU Q 159 -20.62 69.98 4.62
N ILE Q 160 -19.31 70.12 4.50
CA ILE Q 160 -18.40 69.64 5.52
C ILE Q 160 -18.40 70.62 6.69
N LEU Q 161 -18.79 70.15 7.87
CA LEU Q 161 -18.92 71.01 9.03
C LEU Q 161 -18.15 70.53 10.25
N GLU Q 162 -17.65 69.29 10.26
CA GLU Q 162 -16.89 68.80 11.38
C GLU Q 162 -15.87 67.78 10.91
N THR Q 163 -14.82 67.60 11.70
CA THR Q 163 -13.78 66.62 11.45
C THR Q 163 -13.83 65.61 12.58
N LEU Q 164 -14.09 64.41 12.26
CA LEU Q 164 -14.36 63.45 13.30
C LEU Q 164 -13.11 62.62 13.62
N PRO Q 165 -12.87 62.35 14.90
CA PRO Q 165 -11.80 61.42 15.25
C PRO Q 165 -12.12 60.02 14.77
N THR Q 166 -11.15 59.40 14.11
CA THR Q 166 -11.38 58.07 13.54
C THR Q 166 -11.63 57.05 14.64
N GLU Q 167 -12.63 56.21 14.45
CA GLU Q 167 -12.98 55.16 15.39
C GLU Q 167 -12.64 53.81 14.79
N TYR Q 168 -12.66 52.78 15.64
CA TYR Q 168 -12.33 51.42 15.26
C TYR Q 168 -13.58 50.55 15.45
N ASP Q 169 -13.45 49.26 15.20
CA ASP Q 169 -14.54 48.33 15.43
C ASP Q 169 -14.86 48.24 16.91
N SER Q 170 -16.14 48.01 17.21
CA SER Q 170 -16.57 47.91 18.60
C SER Q 170 -15.89 46.76 19.34
N ARG Q 171 -15.66 45.64 18.66
CA ARG Q 171 -14.88 44.57 19.25
C ARG Q 171 -13.49 45.06 19.63
N VAL Q 172 -12.90 45.93 18.81
CA VAL Q 172 -11.60 46.50 19.15
C VAL Q 172 -11.69 47.30 20.43
N LYS Q 173 -12.74 48.10 20.59
CA LYS Q 173 -12.95 48.86 21.81
C LYS Q 173 -13.03 47.95 23.03
N ALA Q 174 -13.56 46.74 22.87
CA ALA Q 174 -13.59 45.80 23.97
C ALA Q 174 -12.19 45.33 24.36
N MET Q 175 -11.27 45.28 23.41
CA MET Q 175 -9.93 44.76 23.69
C MET Q 175 -9.11 45.71 24.55
N GLU Q 176 -9.51 46.96 24.67
CA GLU Q 176 -8.81 47.91 25.52
C GLU Q 176 -8.81 47.42 26.96
N VAL Q 177 -7.82 47.89 27.73
CA VAL Q 177 -7.71 47.56 29.15
C VAL Q 177 -7.92 48.84 29.94
N ASP Q 178 -8.69 48.74 31.03
CA ASP Q 178 -9.04 49.91 31.83
C ASP Q 178 -8.91 49.71 33.34
N GLU Q 179 -8.79 48.46 33.81
CA GLU Q 179 -8.79 48.24 35.25
C GLU Q 179 -7.41 48.46 35.85
N ARG Q 180 -6.36 48.01 35.18
CA ARG Q 180 -5.00 48.08 35.71
C ARG Q 180 -4.90 47.31 37.02
N PRO Q 181 -4.92 45.98 36.98
CA PRO Q 181 -4.81 45.20 38.22
C PRO Q 181 -3.46 45.38 38.90
N THR Q 182 -3.27 44.69 40.03
CA THR Q 182 -2.02 44.76 40.78
C THR Q 182 -1.49 43.37 41.04
N GLU Q 183 -0.35 43.06 40.44
CA GLU Q 183 0.30 41.75 40.55
C GLU Q 183 1.81 41.92 40.74
N GLN Q 184 2.20 42.74 41.72
CA GLN Q 184 3.62 43.06 41.92
C GLN Q 184 4.46 41.80 42.04
N TYR Q 185 5.74 41.93 41.64
CA TYR Q 185 6.59 40.78 41.39
C TYR Q 185 6.85 39.95 42.64
N SER Q 186 6.69 40.53 43.82
CA SER Q 186 6.82 39.75 45.04
C SER Q 186 5.80 38.62 45.11
N ASP Q 187 4.67 38.77 44.42
CA ASP Q 187 3.64 37.73 44.47
C ASP Q 187 4.06 36.48 43.71
N ILE Q 188 4.77 36.63 42.59
CA ILE Q 188 5.18 35.52 41.75
C ILE Q 188 6.51 34.98 42.27
N GLY Q 189 6.72 33.67 42.14
CA GLY Q 189 7.95 33.04 42.60
C GLY Q 189 8.43 31.98 41.64
N GLY Q 190 9.67 31.53 41.89
CA GLY Q 190 10.26 30.43 41.16
C GLY Q 190 10.56 30.71 39.70
N LEU Q 191 10.61 31.99 39.35
CA LEU Q 191 10.88 32.39 37.97
C LEU Q 191 11.68 33.70 37.95
N ASP Q 192 12.83 33.69 38.59
CA ASP Q 192 13.70 34.85 38.66
C ASP Q 192 14.34 35.13 37.30
N LYS Q 193 15.06 34.14 36.78
CA LYS Q 193 15.74 34.25 35.49
C LYS Q 193 14.81 34.75 34.40
N GLN Q 194 13.72 34.02 34.17
CA GLN Q 194 12.76 34.43 33.16
C GLN Q 194 12.25 35.84 33.39
N ILE Q 195 12.03 36.20 34.66
CA ILE Q 195 11.60 37.56 34.98
C ILE Q 195 12.63 38.57 34.52
N GLN Q 196 13.91 38.29 34.80
CA GLN Q 196 14.97 39.15 34.30
C GLN Q 196 14.94 39.26 32.79
N GLU Q 197 14.83 38.12 32.11
CA GLU Q 197 14.81 38.13 30.65
C GLU Q 197 13.61 38.86 30.08
N LEU Q 198 12.55 39.01 30.87
CA LEU Q 198 11.40 39.78 30.41
C LEU Q 198 11.61 41.27 30.63
N VAL Q 199 11.93 41.65 31.87
CA VAL Q 199 12.13 43.07 32.19
C VAL Q 199 13.23 43.66 31.32
N GLU Q 200 14.24 42.86 30.99
CA GLU Q 200 15.22 43.29 30.00
C GLU Q 200 14.55 43.62 28.67
N ALA Q 201 13.86 42.65 28.09
CA ALA Q 201 13.34 42.79 26.73
C ALA Q 201 12.28 43.86 26.60
N ILE Q 202 11.59 44.23 27.68
CA ILE Q 202 10.44 45.11 27.61
C ILE Q 202 10.61 46.35 28.49
N VAL Q 203 10.87 46.13 29.78
CA VAL Q 203 10.82 47.23 30.74
C VAL Q 203 11.88 48.27 30.44
N LEU Q 204 13.12 47.85 30.34
CA LEU Q 204 14.26 48.71 30.06
C LEU Q 204 14.07 49.49 28.76
N PRO Q 205 13.65 48.85 27.65
CA PRO Q 205 13.36 49.63 26.44
C PRO Q 205 12.34 50.72 26.65
N MET Q 206 11.39 50.53 27.57
CA MET Q 206 10.39 51.56 27.82
C MET Q 206 10.93 52.67 28.70
N ASN Q 207 12.05 52.43 29.38
CA ASN Q 207 12.52 53.36 30.40
C ASN Q 207 13.80 54.07 30.03
N HIS Q 208 14.86 53.33 29.71
CA HIS Q 208 16.17 53.89 29.43
C HIS Q 208 16.52 53.58 27.98
N LYS Q 209 16.04 54.42 27.07
CA LYS Q 209 16.41 54.28 25.66
C LYS Q 209 17.84 54.72 25.44
N GLU Q 210 18.33 55.68 26.22
CA GLU Q 210 19.70 56.14 26.07
C GLU Q 210 20.70 55.03 26.33
N LYS Q 211 20.34 54.06 27.19
CA LYS Q 211 21.22 52.92 27.37
C LYS Q 211 21.28 52.06 26.11
N PHE Q 212 20.16 51.93 25.40
CA PHE Q 212 20.15 51.14 24.17
C PHE Q 212 20.76 51.93 23.02
N GLU Q 213 20.92 53.24 23.19
CA GLU Q 213 21.43 54.07 22.11
C GLU Q 213 22.92 54.36 22.25
N ASN Q 214 23.42 54.51 23.48
CA ASN Q 214 24.84 54.76 23.67
C ASN Q 214 25.67 53.62 23.10
N LEU Q 215 25.34 52.38 23.48
CA LEU Q 215 25.81 51.24 22.70
C LEU Q 215 25.15 51.25 21.33
N GLY Q 216 23.84 51.48 21.28
CA GLY Q 216 23.17 51.79 20.04
C GLY Q 216 23.06 50.65 19.04
N ILE Q 217 22.22 49.66 19.30
CA ILE Q 217 21.91 48.70 18.26
C ILE Q 217 20.43 48.69 17.92
N GLN Q 218 19.59 48.20 18.84
CA GLN Q 218 18.16 47.96 18.68
C GLN Q 218 17.54 47.46 19.97
N PRO Q 219 16.23 47.59 20.15
CA PRO Q 219 15.54 46.79 21.16
C PRO Q 219 15.00 45.52 20.53
N PRO Q 220 14.73 44.48 21.33
CA PRO Q 220 14.21 43.23 20.76
C PRO Q 220 12.81 43.43 20.18
N LYS Q 221 12.29 42.36 19.59
CA LYS Q 221 11.00 42.39 18.90
C LYS Q 221 10.23 41.10 19.16
N GLY Q 222 9.37 41.11 20.17
CA GLY Q 222 8.47 40.01 20.41
C GLY Q 222 8.99 38.98 21.39
N VAL Q 223 8.22 38.75 22.45
CA VAL Q 223 8.57 37.78 23.49
C VAL Q 223 7.50 36.71 23.52
N LEU Q 224 7.91 35.47 23.74
CA LEU Q 224 7.00 34.33 23.75
C LEU Q 224 7.17 33.51 25.02
N MET Q 225 6.06 33.04 25.57
CA MET Q 225 6.03 32.18 26.73
C MET Q 225 5.44 30.82 26.37
N TYR Q 226 6.20 29.77 26.64
CA TYR Q 226 5.73 28.42 26.32
C TYR Q 226 6.16 27.48 27.44
N GLY Q 227 5.39 26.40 27.57
CA GLY Q 227 5.62 25.42 28.61
C GLY Q 227 4.35 24.71 28.99
N PRO Q 228 4.37 24.01 30.13
CA PRO Q 228 3.17 23.33 30.61
C PRO Q 228 2.14 24.38 31.01
N PRO Q 229 0.85 24.08 30.81
CA PRO Q 229 -0.23 25.03 31.14
C PRO Q 229 -0.20 25.50 32.59
N GLY Q 230 -0.01 24.57 33.52
CA GLY Q 230 -0.01 24.89 34.93
C GLY Q 230 1.23 25.57 35.49
N THR Q 231 2.15 25.97 34.63
CA THR Q 231 3.35 26.63 35.13
C THR Q 231 3.13 28.08 35.50
N GLY Q 232 2.11 28.70 34.93
CA GLY Q 232 1.81 30.10 35.22
C GLY Q 232 2.34 31.03 34.16
N LYS Q 233 1.48 31.32 33.18
CA LYS Q 233 1.82 32.20 32.09
C LYS Q 233 1.01 33.50 32.18
N THR Q 234 -0.17 33.41 32.79
CA THR Q 234 -1.02 34.57 32.95
C THR Q 234 -0.43 35.54 33.97
N LEU Q 235 0.26 35.00 34.96
CA LEU Q 235 0.84 35.82 36.00
C LEU Q 235 1.83 36.84 35.46
N LEU Q 236 2.70 36.44 34.56
CA LEU Q 236 3.66 37.44 34.11
C LEU Q 236 2.98 38.54 33.32
N ALA Q 237 1.97 38.19 32.53
CA ALA Q 237 1.26 39.20 31.76
C ALA Q 237 0.57 40.20 32.67
N ARG Q 238 -0.38 39.72 33.48
CA ARG Q 238 -1.14 40.62 34.34
C ARG Q 238 -0.23 41.35 35.33
N ALA Q 239 0.85 40.72 35.73
CA ALA Q 239 1.78 41.35 36.66
C ALA Q 239 2.51 42.51 35.99
N CYS Q 240 3.18 42.24 34.87
CA CYS Q 240 3.92 43.29 34.17
C CYS Q 240 3.01 44.43 33.73
N ALA Q 241 1.82 44.11 33.23
CA ALA Q 241 0.85 45.16 32.97
C ALA Q 241 0.47 45.88 34.25
N ALA Q 242 0.43 45.17 35.37
CA ALA Q 242 0.08 45.79 36.64
C ALA Q 242 1.14 46.78 37.08
N GLN Q 243 2.40 46.56 36.70
CA GLN Q 243 3.49 47.41 37.13
C GLN Q 243 3.73 48.57 36.17
N THR Q 244 3.84 48.26 34.89
CA THR Q 244 4.09 49.27 33.87
C THR Q 244 2.94 50.26 33.80
N LYS Q 245 3.18 51.38 33.10
CA LYS Q 245 2.16 52.39 32.90
C LYS Q 245 1.96 52.72 31.42
N ALA Q 246 2.56 51.95 30.52
CA ALA Q 246 2.27 52.11 29.11
C ALA Q 246 0.87 51.57 28.81
N THR Q 247 0.40 51.81 27.61
CA THR Q 247 -0.94 51.38 27.21
C THR Q 247 -0.90 49.87 27.00
N PHE Q 248 -1.28 49.12 28.04
CA PHE Q 248 -1.38 47.67 27.90
C PHE Q 248 -2.63 47.33 27.13
N LEU Q 249 -2.52 46.40 26.18
CA LEU Q 249 -3.64 45.98 25.37
C LEU Q 249 -3.66 44.46 25.30
N LYS Q 250 -4.82 43.88 25.57
CA LYS Q 250 -4.98 42.43 25.60
C LYS Q 250 -5.39 41.90 24.24
N LEU Q 251 -5.54 40.59 24.17
CA LEU Q 251 -6.07 39.93 22.99
C LEU Q 251 -6.27 38.46 23.28
N ALA Q 252 -7.39 37.92 22.83
CA ALA Q 252 -7.64 36.48 22.91
C ALA Q 252 -7.40 35.82 21.56
N GLY Q 253 -7.13 34.53 21.60
CA GLY Q 253 -6.87 33.77 20.40
C GLY Q 253 -8.09 33.68 19.49
N PRO Q 254 -9.12 33.00 19.96
CA PRO Q 254 -10.30 32.76 19.10
C PRO Q 254 -11.03 34.01 18.67
N GLN Q 255 -10.81 35.15 19.35
CA GLN Q 255 -11.50 36.38 18.98
C GLN Q 255 -11.23 36.79 17.55
N LEU Q 256 -10.01 36.58 17.06
CA LEU Q 256 -9.68 36.97 15.69
C LEU Q 256 -10.50 36.20 14.67
N VAL Q 257 -10.94 34.99 15.00
CA VAL Q 257 -11.84 34.26 14.12
C VAL Q 257 -13.18 34.99 14.08
N GLN Q 258 -13.67 35.23 12.88
CA GLN Q 258 -14.93 35.94 12.70
C GLN Q 258 -15.87 35.12 11.82
N MET Q 259 -17.16 35.43 11.93
CA MET Q 259 -18.16 34.71 11.16
C MET Q 259 -17.95 34.93 9.67
N PHE Q 260 -18.06 36.18 9.23
CA PHE Q 260 -17.83 36.48 7.83
C PHE Q 260 -16.34 36.44 7.53
N ILE Q 261 -16.01 36.07 6.30
CA ILE Q 261 -14.62 36.01 5.87
C ILE Q 261 -14.06 37.42 5.90
N GLY Q 262 -12.75 37.54 6.01
CA GLY Q 262 -12.19 38.81 6.43
C GLY Q 262 -12.44 39.00 7.90
N ASP Q 263 -12.44 40.26 8.34
CA ASP Q 263 -12.74 40.67 9.72
C ASP Q 263 -11.61 40.36 10.68
N GLY Q 264 -10.58 39.64 10.26
CA GLY Q 264 -9.42 39.44 11.09
C GLY Q 264 -8.36 40.43 10.66
N ALA Q 265 -8.22 40.61 9.34
CA ALA Q 265 -7.35 41.67 8.84
C ALA Q 265 -7.83 43.04 9.29
N LYS Q 266 -9.14 43.28 9.24
CA LYS Q 266 -9.68 44.52 9.75
C LYS Q 266 -9.39 44.66 11.24
N LEU Q 267 -9.69 43.62 12.01
CA LEU Q 267 -9.57 43.68 13.46
C LEU Q 267 -8.14 43.94 13.90
N VAL Q 268 -7.21 43.11 13.45
CA VAL Q 268 -5.82 43.22 13.89
C VAL Q 268 -5.24 44.57 13.48
N ARG Q 269 -5.50 44.98 12.24
CA ARG Q 269 -5.00 46.26 11.77
C ARG Q 269 -5.54 47.41 12.60
N ASP Q 270 -6.84 47.38 12.90
CA ASP Q 270 -7.42 48.38 13.79
C ASP Q 270 -6.73 48.37 15.14
N ALA Q 271 -6.41 47.18 15.66
CA ALA Q 271 -5.73 47.09 16.95
C ALA Q 271 -4.36 47.76 16.89
N PHE Q 272 -3.54 47.37 15.92
CA PHE Q 272 -2.20 47.92 15.79
C PHE Q 272 -2.23 49.43 15.61
N ALA Q 273 -3.15 49.93 14.79
CA ALA Q 273 -3.32 51.38 14.70
C ALA Q 273 -3.69 51.98 16.05
N LEU Q 274 -4.54 51.28 16.81
CA LEU Q 274 -4.91 51.77 18.14
C LEU Q 274 -3.69 51.92 19.04
N ALA Q 275 -2.83 50.90 19.09
CA ALA Q 275 -1.59 51.04 19.84
C ALA Q 275 -0.72 52.16 19.26
N LYS Q 276 -0.77 52.36 17.95
CA LYS Q 276 -0.07 53.49 17.35
C LYS Q 276 -0.53 54.80 17.93
N GLU Q 277 -1.84 54.95 18.15
CA GLU Q 277 -2.37 56.18 18.73
C GLU Q 277 -1.93 56.40 20.17
N LYS Q 278 -1.35 55.38 20.80
CA LYS Q 278 -1.00 55.39 22.21
C LYS Q 278 0.41 54.82 22.39
N ALA Q 279 1.38 55.41 21.67
CA ALA Q 279 2.75 54.97 21.40
C ALA Q 279 3.39 54.14 22.51
N PRO Q 280 3.27 54.53 23.77
CA PRO Q 280 3.62 53.56 24.82
C PRO Q 280 2.58 52.47 24.83
N SER Q 281 2.91 51.32 24.24
CA SER Q 281 1.88 50.35 23.86
C SER Q 281 2.46 48.95 23.88
N ILE Q 282 1.82 48.08 24.65
CA ILE Q 282 2.19 46.67 24.71
C ILE Q 282 0.94 45.85 24.48
N ILE Q 283 1.05 44.84 23.62
CA ILE Q 283 -0.06 43.97 23.26
C ILE Q 283 0.29 42.56 23.72
N PHE Q 284 -0.67 41.90 24.36
CA PHE Q 284 -0.52 40.50 24.74
C PHE Q 284 -1.48 39.66 23.93
N ILE Q 285 -1.06 38.43 23.64
CA ILE Q 285 -1.88 37.46 22.93
C ILE Q 285 -1.70 36.11 23.60
N ASP Q 286 -2.80 35.46 23.94
CA ASP Q 286 -2.80 34.15 24.54
C ASP Q 286 -3.36 33.15 23.54
N GLU Q 287 -3.15 31.87 23.83
CA GLU Q 287 -3.54 30.74 22.98
C GLU Q 287 -3.23 31.00 21.51
N LEU Q 288 -2.00 31.47 21.28
CA LEU Q 288 -1.58 31.83 19.93
C LEU Q 288 -1.62 30.64 18.98
N ASP Q 289 -1.58 29.41 19.49
CA ASP Q 289 -1.72 28.24 18.66
C ASP Q 289 -3.05 28.20 17.92
N ALA Q 290 -4.11 28.79 18.48
CA ALA Q 290 -5.43 28.70 17.86
C ALA Q 290 -5.45 29.34 16.48
N ILE Q 291 -4.61 30.34 16.25
CA ILE Q 291 -4.53 31.01 14.95
C ILE Q 291 -3.28 30.57 14.24
N GLY Q 292 -2.19 30.38 14.99
CA GLY Q 292 -0.94 29.94 14.42
C GLY Q 292 -0.91 28.44 14.27
N THR Q 293 -0.85 27.97 13.03
CA THR Q 293 -0.92 26.54 12.76
C THR Q 293 -0.18 26.26 11.47
N LYS Q 294 0.50 25.12 11.41
CA LYS Q 294 1.21 24.76 10.20
C LYS Q 294 0.23 24.47 9.08
N ARG Q 295 0.20 25.37 8.10
CA ARG Q 295 -0.67 25.20 6.95
C ARG Q 295 -0.34 23.92 6.20
N PHE Q 296 -1.26 23.50 5.35
CA PHE Q 296 -1.04 22.32 4.53
C PHE Q 296 -2.12 22.28 3.45
N ASP Q 297 -2.18 21.20 2.68
CA ASP Q 297 -3.22 21.01 1.68
C ASP Q 297 -4.54 20.86 2.44
N SER Q 298 -5.10 22.00 2.84
CA SER Q 298 -6.31 22.04 3.65
C SER Q 298 -7.51 22.36 2.76
N GLU Q 299 -8.61 21.67 3.03
CA GLU Q 299 -9.80 21.66 2.20
C GLU Q 299 -10.76 22.78 2.63
N LYS Q 300 -12.03 22.67 2.21
CA LYS Q 300 -13.02 23.74 2.09
C LYS Q 300 -13.00 24.84 3.15
N ALA Q 301 -12.97 24.50 4.44
CA ALA Q 301 -13.26 25.52 5.44
C ALA Q 301 -12.18 25.60 6.53
N GLY Q 302 -12.46 26.38 7.57
CA GLY Q 302 -11.50 26.52 8.65
C GLY Q 302 -10.33 27.37 8.27
N ASP Q 303 -9.21 26.70 8.00
CA ASP Q 303 -7.95 27.33 7.63
C ASP Q 303 -8.11 28.43 6.59
N ARG Q 304 -9.04 28.25 5.64
CA ARG Q 304 -9.26 29.14 4.51
C ARG Q 304 -9.65 30.56 4.90
N GLU Q 305 -9.81 30.88 6.18
CA GLU Q 305 -9.73 32.25 6.65
C GLU Q 305 -8.71 32.43 7.74
N VAL Q 306 -8.41 31.37 8.49
CA VAL Q 306 -7.48 31.48 9.60
C VAL Q 306 -6.10 31.90 9.11
N GLN Q 307 -5.56 31.21 8.10
CA GLN Q 307 -4.25 31.64 7.64
C GLN Q 307 -4.28 33.00 6.97
N ARG Q 308 -5.43 33.42 6.45
CA ARG Q 308 -5.53 34.78 5.95
C ARG Q 308 -5.33 35.78 7.07
N THR Q 309 -6.10 35.64 8.14
CA THR Q 309 -5.95 36.52 9.30
C THR Q 309 -4.55 36.46 9.87
N MET Q 310 -4.01 35.25 10.06
CA MET Q 310 -2.67 35.11 10.61
C MET Q 310 -1.62 35.78 9.73
N LEU Q 311 -1.73 35.62 8.42
CA LEU Q 311 -0.81 36.29 7.52
C LEU Q 311 -0.91 37.80 7.67
N GLU Q 312 -2.14 38.31 7.79
CA GLU Q 312 -2.31 39.72 8.14
C GLU Q 312 -1.59 40.06 9.44
N LEU Q 313 -1.58 39.13 10.39
CA LEU Q 313 -0.87 39.34 11.63
C LEU Q 313 0.63 39.45 11.40
N LEU Q 314 1.20 38.52 10.61
CA LEU Q 314 2.62 38.54 10.33
C LEU Q 314 3.03 39.85 9.66
N ASN Q 315 2.32 40.21 8.58
CA ASN Q 315 2.71 41.39 7.84
C ASN Q 315 2.52 42.66 8.66
N GLN Q 316 1.39 42.74 9.36
CA GLN Q 316 1.14 43.89 10.23
C GLN Q 316 2.07 43.94 11.43
N LEU Q 317 2.76 42.84 11.73
CA LEU Q 317 3.66 42.78 12.86
C LEU Q 317 5.09 43.14 12.48
N ASP Q 318 5.65 42.43 11.50
CA ASP Q 318 7.04 42.60 11.14
C ASP Q 318 7.16 42.73 9.63
N GLY Q 319 8.14 43.52 9.20
CA GLY Q 319 8.43 43.67 7.79
C GLY Q 319 8.10 45.03 7.23
N PHE Q 320 7.05 45.10 6.43
CA PHE Q 320 6.71 46.33 5.73
C PHE Q 320 6.35 47.42 6.73
N GLN Q 321 7.10 48.51 6.70
CA GLN Q 321 6.88 49.64 7.60
C GLN Q 321 6.98 49.22 9.05
N PRO Q 322 8.17 48.88 9.53
CA PRO Q 322 8.32 48.52 10.94
C PRO Q 322 8.03 49.71 11.83
N ASN Q 323 7.86 49.42 13.11
CA ASN Q 323 7.66 50.45 14.13
C ASN Q 323 8.35 50.01 15.40
N THR Q 324 8.50 50.96 16.33
CA THR Q 324 9.12 50.70 17.62
C THR Q 324 8.22 51.12 18.78
N GLN Q 325 7.02 51.61 18.49
CA GLN Q 325 6.13 52.12 19.52
C GLN Q 325 5.09 51.09 19.93
N VAL Q 326 5.47 49.81 19.94
CA VAL Q 326 4.61 48.76 20.45
C VAL Q 326 5.47 47.53 20.67
N LYS Q 327 5.17 46.82 21.76
CA LYS Q 327 5.89 45.60 22.07
C LYS Q 327 4.89 44.45 22.18
N VAL Q 328 5.31 43.27 21.76
CA VAL Q 328 4.43 42.14 21.57
C VAL Q 328 4.82 41.02 22.52
N ILE Q 329 3.86 40.56 23.32
CA ILE Q 329 4.01 39.41 24.19
C ILE Q 329 2.98 38.37 23.79
N ALA Q 330 3.40 37.13 23.63
CA ALA Q 330 2.50 36.04 23.32
C ALA Q 330 2.78 34.87 24.25
N ALA Q 331 1.79 33.99 24.40
CA ALA Q 331 1.96 32.82 25.24
C ALA Q 331 1.09 31.69 24.72
N THR Q 332 1.59 30.47 24.81
CA THR Q 332 0.86 29.29 24.35
C THR Q 332 1.16 28.11 25.26
N ASN Q 333 0.75 26.93 24.81
CA ASN Q 333 1.06 25.68 25.50
C ASN Q 333 1.93 24.75 24.67
N ARG Q 334 1.48 24.38 23.48
CA ARG Q 334 2.23 23.53 22.58
C ARG Q 334 2.83 24.38 21.47
N VAL Q 335 4.06 24.06 21.09
CA VAL Q 335 4.82 24.93 20.20
C VAL Q 335 4.81 24.36 18.79
N ASP Q 336 4.57 23.06 18.67
CA ASP Q 336 4.82 22.36 17.41
C ASP Q 336 3.83 22.70 16.31
N ILE Q 337 2.71 23.35 16.62
CA ILE Q 337 1.73 23.63 15.58
C ILE Q 337 2.08 24.90 14.82
N LEU Q 338 2.91 25.77 15.41
CA LEU Q 338 3.13 27.10 14.86
C LEU Q 338 3.89 27.04 13.55
N ASP Q 339 3.93 28.18 12.86
CA ASP Q 339 4.65 28.28 11.60
C ASP Q 339 6.03 28.89 11.83
N PRO Q 340 6.94 28.75 10.86
CA PRO Q 340 8.25 29.39 10.99
C PRO Q 340 8.18 30.90 10.98
N ALA Q 341 7.38 31.49 10.09
CA ALA Q 341 7.30 32.95 10.00
C ALA Q 341 6.84 33.57 11.31
N LEU Q 342 6.05 32.84 12.09
CA LEU Q 342 5.71 33.31 13.43
C LEU Q 342 6.95 33.42 14.30
N LEU Q 343 7.74 32.35 14.38
CA LEU Q 343 8.88 32.29 15.28
C LEU Q 343 10.19 32.58 14.58
N ARG Q 344 10.17 33.45 13.56
CA ARG Q 344 11.31 33.52 12.66
C ARG Q 344 12.58 33.99 13.37
N SER Q 345 12.75 35.30 13.55
CA SER Q 345 13.60 35.78 14.63
C SER Q 345 13.22 37.20 15.04
N GLY Q 346 12.28 37.79 14.32
CA GLY Q 346 11.99 39.21 14.53
C GLY Q 346 10.53 39.45 14.82
N ARG Q 347 9.68 38.56 14.32
CA ARG Q 347 8.28 38.59 14.73
C ARG Q 347 8.17 38.22 16.20
N LEU Q 348 8.87 37.16 16.60
CA LEU Q 348 9.00 36.78 18.00
C LEU Q 348 10.49 36.69 18.30
N ASP Q 349 10.99 37.64 19.09
CA ASP Q 349 12.43 37.73 19.32
C ASP Q 349 12.90 36.68 20.31
N ARG Q 350 12.40 36.74 21.54
CA ARG Q 350 12.89 35.91 22.62
C ARG Q 350 11.91 34.80 22.95
N LYS Q 351 12.46 33.61 23.17
CA LYS Q 351 11.68 32.43 23.51
C LYS Q 351 11.93 32.10 24.98
N ILE Q 352 10.87 31.98 25.76
CA ILE Q 352 10.98 31.72 27.18
C ILE Q 352 10.19 30.46 27.49
N GLU Q 353 10.89 29.42 27.93
CA GLU Q 353 10.23 28.21 28.40
C GLU Q 353 10.00 28.30 29.90
N PHE Q 354 9.00 27.56 30.37
CA PHE Q 354 8.63 27.58 31.79
C PHE Q 354 8.71 26.18 32.38
N PRO Q 355 9.79 25.85 33.09
CA PRO Q 355 9.83 24.57 33.80
C PRO Q 355 9.11 24.69 35.13
N MET Q 356 8.52 23.58 35.56
CA MET Q 356 7.74 23.56 36.78
C MET Q 356 8.65 23.72 37.99
N PRO Q 357 8.09 24.07 39.16
CA PRO Q 357 8.89 24.27 40.37
C PRO Q 357 9.73 23.06 40.75
N ASN Q 358 11.04 23.26 40.94
CA ASN Q 358 11.91 22.11 41.15
C ASN Q 358 11.76 21.54 42.54
N GLU Q 359 12.19 22.28 43.57
CA GLU Q 359 11.71 22.01 44.93
C GLU Q 359 11.29 23.29 45.64
N GLU Q 360 12.22 24.24 45.68
CA GLU Q 360 12.03 25.43 46.48
C GLU Q 360 11.00 26.35 45.86
N ALA Q 361 10.80 26.26 44.55
CA ALA Q 361 9.68 26.98 43.95
C ALA Q 361 8.36 26.43 44.44
N ARG Q 362 8.22 25.11 44.52
CA ARG Q 362 7.00 24.54 45.10
C ARG Q 362 6.82 25.02 46.53
N ALA Q 363 7.83 24.79 47.38
CA ALA Q 363 7.70 25.12 48.80
C ALA Q 363 7.40 26.58 49.00
N ARG Q 364 8.05 27.45 48.24
CA ARG Q 364 7.86 28.87 48.42
C ARG Q 364 6.52 29.33 47.87
N ILE Q 365 6.05 28.76 46.75
CA ILE Q 365 4.73 29.11 46.25
C ILE Q 365 3.66 28.78 47.27
N MET Q 366 3.71 27.56 47.81
CA MET Q 366 2.83 27.21 48.92
C MET Q 366 2.99 28.19 50.07
N GLN Q 367 4.21 28.65 50.31
CA GLN Q 367 4.43 29.66 51.34
C GLN Q 367 3.84 31.01 50.94
N ILE Q 368 3.56 31.21 49.66
CA ILE Q 368 3.07 32.49 49.20
C ILE Q 368 1.56 32.55 49.29
N HIS Q 369 0.87 31.51 48.81
CA HIS Q 369 -0.57 31.49 49.05
C HIS Q 369 -0.86 31.21 50.51
N SER Q 370 0.12 30.71 51.27
CA SER Q 370 -0.02 30.63 52.72
C SER Q 370 0.51 31.92 53.34
N ARG Q 371 -0.08 33.01 52.89
CA ARG Q 371 0.22 34.36 53.36
C ARG Q 371 -1.03 34.99 53.97
N LYS Q 372 -2.19 34.72 53.37
CA LYS Q 372 -3.45 35.25 53.86
C LYS Q 372 -4.20 34.29 54.78
N MET Q 373 -3.60 33.17 55.17
CA MET Q 373 -4.30 32.23 56.01
C MET Q 373 -3.64 32.12 57.38
N ASN Q 374 -4.48 32.01 58.41
CA ASN Q 374 -4.00 31.89 59.79
C ASN Q 374 -3.28 30.56 59.91
N VAL Q 375 -1.97 30.62 60.13
CA VAL Q 375 -1.11 29.44 60.10
C VAL Q 375 -0.56 29.17 61.48
N SER Q 376 -0.75 27.95 61.96
CA SER Q 376 -0.02 27.52 63.14
C SER Q 376 1.47 27.56 62.83
N PRO Q 377 2.27 28.29 63.59
CA PRO Q 377 3.68 28.46 63.22
C PRO Q 377 4.54 27.26 63.55
N ASP Q 378 4.04 26.05 63.28
CA ASP Q 378 4.84 24.83 63.23
C ASP Q 378 4.46 24.14 61.93
N VAL Q 379 5.12 24.56 60.84
CA VAL Q 379 4.83 24.04 59.52
C VAL Q 379 6.10 24.15 58.68
N ASN Q 380 6.54 23.02 58.11
CA ASN Q 380 7.73 23.02 57.28
C ASN Q 380 7.33 23.03 55.81
N TYR Q 381 7.56 24.16 55.16
CA TYR Q 381 7.33 24.25 53.73
C TYR Q 381 8.29 23.36 52.96
N GLU Q 382 9.41 22.98 53.56
CA GLU Q 382 10.30 22.04 52.90
C GLU Q 382 9.74 20.63 52.91
N GLU Q 383 9.22 20.18 54.06
CA GLU Q 383 8.45 18.95 54.08
C GLU Q 383 7.32 19.01 53.07
N LEU Q 384 6.59 20.12 53.06
CA LEU Q 384 5.49 20.30 52.12
C LEU Q 384 5.96 20.17 50.68
N ALA Q 385 7.10 20.77 50.36
CA ALA Q 385 7.61 20.67 49.00
C ALA Q 385 8.01 19.24 48.66
N ARG Q 386 8.82 18.62 49.51
CA ARG Q 386 9.33 17.29 49.19
C ARG Q 386 8.24 16.25 49.15
N CYS Q 387 7.12 16.49 49.83
CA CYS Q 387 5.95 15.62 49.70
C CYS Q 387 5.04 16.03 48.56
N THR Q 388 5.18 17.27 48.06
CA THR Q 388 4.42 17.73 46.89
C THR Q 388 5.27 17.51 45.65
N ASP Q 389 4.95 16.44 44.93
CA ASP Q 389 5.75 16.05 43.78
C ASP Q 389 4.93 16.20 42.50
N ASP Q 390 5.55 16.79 41.47
CA ASP Q 390 4.96 16.87 40.14
C ASP Q 390 3.69 17.72 40.15
N PHE Q 391 3.73 18.82 40.85
CA PHE Q 391 2.63 19.77 40.86
C PHE Q 391 3.03 21.02 40.08
N ASN Q 392 2.09 21.95 39.99
CA ASN Q 392 2.33 23.24 39.36
C ASN Q 392 2.03 24.36 40.35
N GLY Q 393 2.25 25.59 39.91
CA GLY Q 393 1.87 26.73 40.73
C GLY Q 393 0.38 26.75 41.03
N ALA Q 394 -0.44 26.39 40.05
CA ALA Q 394 -1.87 26.32 40.26
C ALA Q 394 -2.23 25.28 41.32
N GLN Q 395 -1.74 24.05 41.17
CA GLN Q 395 -2.09 23.00 42.12
C GLN Q 395 -1.56 23.32 43.51
N CYS Q 396 -0.30 23.77 43.59
CA CYS Q 396 0.25 24.18 44.88
C CYS Q 396 -0.58 25.27 45.52
N LYS Q 397 -1.15 26.16 44.72
CA LYS Q 397 -2.13 27.10 45.25
C LYS Q 397 -3.35 26.36 45.75
N ALA Q 398 -3.82 25.38 44.99
CA ALA Q 398 -5.09 24.72 45.29
C ALA Q 398 -5.03 23.95 46.60
N VAL Q 399 -3.90 23.33 46.90
CA VAL Q 399 -3.78 22.60 48.16
C VAL Q 399 -3.91 23.58 49.33
N CYS Q 400 -3.19 24.70 49.27
CA CYS Q 400 -3.34 25.73 50.27
C CYS Q 400 -4.77 26.22 50.36
N VAL Q 401 -5.49 26.21 49.24
CA VAL Q 401 -6.91 26.57 49.28
C VAL Q 401 -7.70 25.55 50.08
N GLU Q 402 -7.60 24.27 49.70
CA GLU Q 402 -8.43 23.25 50.31
C GLU Q 402 -8.14 23.09 51.79
N ALA Q 403 -6.89 23.30 52.20
CA ALA Q 403 -6.55 23.14 53.62
C ALA Q 403 -7.38 24.03 54.53
N GLY Q 404 -7.61 25.29 54.13
CA GLY Q 404 -8.40 26.18 54.97
C GLY Q 404 -9.82 25.70 55.16
N MET Q 405 -10.45 25.23 54.09
CA MET Q 405 -11.79 24.68 54.22
C MET Q 405 -11.80 23.40 55.04
N ILE Q 406 -10.77 22.57 54.88
CA ILE Q 406 -10.68 21.34 55.66
C ILE Q 406 -10.64 21.66 57.14
N ALA Q 407 -9.77 22.59 57.54
CA ALA Q 407 -9.78 23.03 58.93
C ALA Q 407 -11.11 23.66 59.30
N LEU Q 408 -11.76 24.31 58.34
CA LEU Q 408 -13.08 24.87 58.59
C LEU Q 408 -14.12 23.80 58.84
N ARG Q 409 -13.88 22.57 58.38
CA ARG Q 409 -14.76 21.47 58.71
C ARG Q 409 -14.88 21.29 60.21
N ARG Q 410 -13.75 21.25 60.90
CA ARG Q 410 -13.74 21.19 62.35
C ARG Q 410 -13.74 22.57 63.01
N GLY Q 411 -13.84 23.63 62.21
CA GLY Q 411 -13.90 24.97 62.77
C GLY Q 411 -12.62 25.46 63.41
N ALA Q 412 -11.50 24.78 63.21
CA ALA Q 412 -10.24 25.24 63.77
C ALA Q 412 -9.83 26.57 63.16
N THR Q 413 -8.97 27.29 63.86
CA THR Q 413 -8.54 28.61 63.40
C THR Q 413 -7.25 28.55 62.59
N GLU Q 414 -6.17 28.09 63.21
CA GLU Q 414 -4.90 27.92 62.52
C GLU Q 414 -4.93 26.61 61.73
N LEU Q 415 -3.76 26.18 61.26
CA LEU Q 415 -3.67 25.00 60.42
C LEU Q 415 -2.73 23.98 61.04
N THR Q 416 -2.57 22.86 60.34
CA THR Q 416 -1.64 21.83 60.76
C THR Q 416 -1.02 21.21 59.52
N HIS Q 417 0.18 20.65 59.70
CA HIS Q 417 0.80 19.88 58.62
C HIS Q 417 -0.12 18.77 58.14
N GLU Q 418 -0.84 18.14 59.06
CA GLU Q 418 -1.84 17.14 58.67
C GLU Q 418 -2.90 17.74 57.76
N ASP Q 419 -3.27 19.00 57.99
CA ASP Q 419 -4.22 19.67 57.12
C ASP Q 419 -3.70 19.70 55.69
N TYR Q 420 -2.47 20.17 55.52
CA TYR Q 420 -1.87 20.19 54.19
C TYR Q 420 -1.78 18.80 53.60
N MET Q 421 -1.48 17.80 54.42
CA MET Q 421 -1.44 16.43 53.92
C MET Q 421 -2.79 16.01 53.35
N GLU Q 422 -3.86 16.22 54.11
CA GLU Q 422 -5.19 15.86 53.64
C GLU Q 422 -5.55 16.61 52.36
N GLY Q 423 -5.26 17.91 52.31
CA GLY Q 423 -5.48 18.64 51.07
C GLY Q 423 -4.69 18.07 49.91
N ILE Q 424 -3.48 17.59 50.17
CA ILE Q 424 -2.72 16.89 49.16
C ILE Q 424 -3.48 15.67 48.67
N LEU Q 425 -4.03 14.89 49.61
CA LEU Q 425 -4.81 13.73 49.24
C LEU Q 425 -6.00 14.09 48.37
N GLU Q 426 -6.72 15.15 48.72
CA GLU Q 426 -7.84 15.57 47.89
C GLU Q 426 -7.39 16.00 46.50
N VAL Q 427 -6.28 16.75 46.44
CA VAL Q 427 -5.80 17.22 45.14
C VAL Q 427 -5.33 16.07 44.28
N GLN Q 428 -4.90 14.98 44.91
CA GLN Q 428 -4.34 13.87 44.15
C GLN Q 428 -5.38 12.91 43.60
N ALA Q 429 -6.64 13.04 43.99
CA ALA Q 429 -7.73 12.22 43.44
C ALA Q 429 -7.50 10.73 43.69
N LYS Q 430 -7.51 10.38 44.98
CA LYS Q 430 -7.42 8.98 45.37
C LYS Q 430 -8.60 8.19 44.81
N LYS Q 431 -8.31 7.01 44.28
CA LYS Q 431 -9.37 6.19 43.66
C LYS Q 431 -10.14 5.33 44.66
N LYS Q 432 -9.46 4.39 45.29
CA LYS Q 432 -10.15 3.30 45.95
C LYS Q 432 -9.39 2.74 47.14
N ALA Q 433 -9.85 1.58 47.62
CA ALA Q 433 -9.23 0.89 48.74
C ALA Q 433 -8.93 -0.54 48.28
N ASN Q 434 -8.59 -1.41 49.23
CA ASN Q 434 -8.20 -2.80 49.03
C ASN Q 434 -6.78 -2.91 48.50
N LEU Q 435 -6.11 -1.79 48.23
CA LEU Q 435 -4.68 -1.80 47.91
C LEU Q 435 -3.95 -2.09 49.22
N GLN Q 436 -3.95 -3.36 49.59
CA GLN Q 436 -3.44 -3.78 50.88
C GLN Q 436 -2.55 -5.00 50.80
N TYR Q 437 -2.46 -5.64 49.64
CA TYR Q 437 -1.58 -6.78 49.47
C TYR Q 437 -0.15 -6.36 49.15
N TYR Q 438 0.21 -5.12 49.45
CA TYR Q 438 1.57 -4.65 49.30
C TYR Q 438 2.33 -4.82 50.62
N ALA Q 439 3.60 -4.45 50.62
CA ALA Q 439 4.43 -4.53 51.81
C ALA Q 439 4.57 -5.98 52.29
N MET R 1 -81.94 36.66 -64.51
CA MET R 1 -82.13 35.41 -63.80
C MET R 1 -83.45 34.78 -64.16
N SER R 2 -83.68 33.57 -63.64
CA SER R 2 -84.97 32.88 -63.74
C SER R 2 -85.39 32.69 -65.19
N GLU R 3 -84.44 32.26 -66.01
CA GLU R 3 -84.72 32.02 -67.42
C GLU R 3 -84.67 30.54 -67.75
N LYS R 4 -83.50 29.93 -67.50
CA LYS R 4 -83.26 28.51 -67.77
C LYS R 4 -83.73 28.13 -69.17
N LYS R 5 -83.12 28.73 -70.18
CA LYS R 5 -83.53 28.52 -71.57
C LYS R 5 -82.40 27.86 -72.34
N GLN R 6 -81.83 26.81 -71.75
CA GLN R 6 -80.63 26.15 -72.24
C GLN R 6 -80.92 24.74 -72.74
N PRO R 7 -79.99 24.11 -73.49
CA PRO R 7 -80.00 22.66 -73.64
C PRO R 7 -79.68 21.93 -72.34
N VAL R 8 -79.52 20.60 -72.44
CA VAL R 8 -79.76 19.65 -71.35
C VAL R 8 -79.24 20.14 -69.99
N ASP R 9 -78.05 20.74 -69.99
CA ASP R 9 -77.45 21.17 -68.73
C ASP R 9 -76.71 22.50 -68.88
N GLU R 40 -57.80 23.23 -71.51
CA GLU R 40 -58.20 24.38 -72.31
C GLU R 40 -58.84 23.94 -73.61
N ASP R 41 -58.05 23.28 -74.45
CA ASP R 41 -58.55 22.70 -75.70
C ASP R 41 -58.99 23.77 -76.70
N ASN R 42 -58.59 25.01 -76.44
CA ASN R 42 -58.96 26.11 -77.31
C ASN R 42 -57.73 26.55 -78.08
N TRP R 43 -56.70 26.99 -77.37
CA TRP R 43 -55.47 27.39 -78.03
C TRP R 43 -54.46 26.27 -78.02
N ASP R 44 -54.36 25.54 -76.91
CA ASP R 44 -53.45 24.41 -76.81
C ASP R 44 -53.93 23.22 -77.63
N ASP R 45 -55.25 23.05 -77.79
CA ASP R 45 -55.74 22.06 -78.73
C ASP R 45 -55.95 22.67 -80.11
N ASP R 46 -56.32 23.97 -80.17
CA ASP R 46 -56.23 24.68 -81.44
C ASP R 46 -54.84 24.53 -82.03
N ASN R 47 -53.81 24.63 -81.18
CA ASN R 47 -52.50 24.17 -81.58
C ASN R 47 -52.49 22.69 -81.91
N VAL R 48 -52.67 21.84 -80.90
CA VAL R 48 -52.16 20.47 -80.96
C VAL R 48 -52.87 19.64 -82.02
N GLU R 49 -54.02 20.09 -82.52
CA GLU R 49 -54.68 19.31 -83.56
C GLU R 49 -54.44 19.88 -84.95
N ASP R 50 -54.58 21.20 -85.11
CA ASP R 50 -54.45 21.83 -86.41
C ASP R 50 -53.28 22.81 -86.48
N ASP R 51 -53.21 23.76 -85.54
CA ASP R 51 -52.08 24.69 -85.53
C ASP R 51 -50.78 23.94 -85.31
N PHE R 52 -50.81 22.93 -84.45
CA PHE R 52 -49.75 21.94 -84.37
C PHE R 52 -49.99 20.85 -85.42
N SER R 53 -48.92 20.40 -86.02
CA SER R 53 -49.00 19.43 -87.11
C SER R 53 -48.35 18.11 -86.78
N ASN R 54 -47.17 18.12 -86.15
CA ASN R 54 -46.46 16.89 -85.82
C ASN R 54 -46.84 16.39 -84.43
N GLN R 55 -47.90 16.95 -83.85
CA GLN R 55 -48.34 16.59 -82.51
C GLN R 55 -49.38 15.48 -82.50
N LEU R 56 -50.33 15.50 -83.43
CA LEU R 56 -51.24 14.39 -83.63
C LEU R 56 -50.67 13.33 -84.55
N ARG R 57 -50.05 13.75 -85.64
CA ARG R 57 -49.48 12.85 -86.64
C ARG R 57 -47.98 13.07 -86.73
N ALA R 58 -47.31 12.18 -87.45
CA ALA R 58 -45.87 12.28 -87.64
C ALA R 58 -45.57 13.24 -88.80
N GLU R 59 -44.38 13.82 -88.76
CA GLU R 59 -43.95 14.72 -89.82
C GLU R 59 -42.49 14.43 -90.18
N LEU R 60 -41.84 13.59 -89.38
CA LEU R 60 -40.43 13.32 -89.57
C LEU R 60 -40.22 12.19 -90.57
N GLU R 61 -40.24 12.54 -91.85
CA GLU R 61 -39.86 11.65 -92.93
C GLU R 61 -39.03 12.47 -93.91
N LYS R 62 -38.91 13.76 -93.61
CA LYS R 62 -38.29 14.65 -94.57
C LYS R 62 -36.82 14.29 -94.79
N HIS R 63 -36.15 13.74 -93.77
CA HIS R 63 -34.75 13.37 -93.94
C HIS R 63 -34.61 12.22 -94.93
N GLY R 64 -35.51 11.25 -94.87
CA GLY R 64 -35.70 10.36 -95.99
C GLY R 64 -35.96 11.11 -97.28
N TYR R 65 -36.56 12.30 -97.19
CA TYR R 65 -36.54 13.24 -98.31
C TYR R 65 -35.37 14.22 -98.26
N LYS R 66 -34.26 13.88 -97.60
CA LYS R 66 -33.16 14.80 -97.41
C LYS R 66 -31.80 14.13 -97.52
N MET R 67 -31.79 12.87 -97.91
CA MET R 67 -30.55 12.13 -98.05
C MET R 67 -30.05 12.26 -99.47
N GLU R 68 -30.47 13.34 -100.13
CA GLU R 68 -30.08 13.60 -101.51
C GLU R 68 -30.01 15.09 -101.81
N THR R 69 -30.58 15.90 -100.93
CA THR R 69 -30.59 17.35 -101.11
C THR R 69 -29.34 17.98 -100.52
N SER S 4 0.04 9.12 -0.12
CA SER S 4 -0.97 8.93 0.91
C SER S 4 -0.51 7.92 1.95
N SER S 5 -1.26 7.83 3.05
CA SER S 5 -0.98 6.89 4.12
C SER S 5 -2.05 5.83 4.17
N ALA S 6 -1.62 4.56 4.26
CA ALA S 6 -2.54 3.43 4.33
C ALA S 6 -1.97 2.42 5.30
N GLY S 7 -2.68 2.15 6.38
CA GLY S 7 -2.19 1.23 7.38
C GLY S 7 -0.95 1.76 8.06
N PHE S 8 0.20 1.18 7.73
CA PHE S 8 1.46 1.57 8.37
C PHE S 8 2.56 1.72 7.33
N ASP S 9 2.17 2.03 6.09
CA ASP S 9 3.16 2.32 5.05
C ASP S 9 4.01 3.52 5.44
N ARG S 10 3.44 4.46 6.17
CA ARG S 10 4.18 5.60 6.69
C ARG S 10 5.12 5.22 7.83
N HIS S 11 5.00 4.00 8.36
CA HIS S 11 5.74 3.60 9.55
C HIS S 11 6.73 2.49 9.30
N ILE S 12 6.41 1.53 8.45
CA ILE S 12 7.26 0.35 8.29
C ILE S 12 7.59 0.12 6.82
N THR S 13 8.35 -0.94 6.55
CA THR S 13 8.82 -1.24 5.20
C THR S 13 7.77 -2.10 4.49
N ILE S 14 6.70 -1.44 4.04
CA ILE S 14 5.64 -2.08 3.31
C ILE S 14 5.35 -1.26 2.06
N PHE S 15 4.44 -1.77 1.23
CA PHE S 15 4.10 -1.13 -0.02
C PHE S 15 2.99 -0.11 0.18
N SER S 16 3.03 0.95 -0.62
CA SER S 16 1.95 1.92 -0.65
C SER S 16 0.89 1.45 -1.62
N PRO S 17 -0.30 2.03 -1.55
CA PRO S 17 -1.30 1.77 -2.60
C PRO S 17 -0.79 2.13 -3.97
N GLU S 18 0.05 3.16 -4.07
CA GLU S 18 0.72 3.50 -5.32
C GLU S 18 1.89 2.59 -5.62
N GLY S 19 2.22 1.68 -4.71
CA GLY S 19 3.38 0.82 -4.87
C GLY S 19 4.66 1.38 -4.30
N ARG S 20 4.58 2.50 -3.58
CA ARG S 20 5.75 3.13 -3.01
C ARG S 20 6.08 2.51 -1.65
N LEU S 21 7.18 3.00 -1.07
CA LEU S 21 7.52 2.74 0.32
C LEU S 21 8.18 4.01 0.84
N TYR S 22 7.58 4.62 1.86
CA TYR S 22 8.01 5.96 2.26
C TYR S 22 9.29 5.95 3.07
N GLN S 23 9.62 4.82 3.70
CA GLN S 23 10.74 4.80 4.63
C GLN S 23 12.07 5.10 3.95
N VAL S 24 12.41 4.35 2.91
CA VAL S 24 13.71 4.51 2.27
C VAL S 24 13.87 5.91 1.70
N GLU S 25 12.86 6.39 0.99
CA GLU S 25 12.91 7.76 0.50
C GLU S 25 12.99 8.78 1.61
N TYR S 26 12.44 8.48 2.79
CA TYR S 26 12.79 9.26 3.97
C TYR S 26 14.28 9.14 4.28
N ALA S 27 14.87 7.98 3.99
CA ALA S 27 16.26 7.74 4.34
C ALA S 27 17.24 8.49 3.46
N PHE S 28 16.92 8.68 2.17
CA PHE S 28 17.86 9.37 1.30
C PHE S 28 18.16 10.78 1.79
N LYS S 29 17.12 11.56 2.10
CA LYS S 29 17.34 12.86 2.68
C LYS S 29 17.83 12.76 4.12
N ALA S 30 17.73 11.58 4.73
CA ALA S 30 18.37 11.38 6.02
C ALA S 30 19.88 11.52 5.94
N ILE S 31 20.46 11.32 4.75
CA ILE S 31 21.89 11.61 4.58
C ILE S 31 22.13 13.11 4.59
N ASN S 32 21.15 13.89 4.15
CA ASN S 32 21.36 15.32 3.97
C ASN S 32 21.59 16.07 5.28
N GLN S 33 21.21 15.51 6.42
CA GLN S 33 21.50 16.18 7.68
C GLN S 33 22.98 16.18 8.01
N GLY S 34 23.79 15.40 7.31
CA GLY S 34 25.22 15.41 7.57
C GLY S 34 25.88 16.76 7.33
N GLY S 35 25.25 17.60 6.50
CA GLY S 35 25.79 18.92 6.22
C GLY S 35 27.14 18.84 5.54
N LEU S 36 27.24 18.00 4.52
CA LEU S 36 28.50 17.79 3.84
C LEU S 36 28.21 17.38 2.41
N THR S 37 29.21 17.52 1.54
CA THR S 37 29.11 17.11 0.16
C THR S 37 30.44 16.53 -0.27
N SER S 38 30.40 15.34 -0.87
CA SER S 38 31.59 14.61 -1.25
C SER S 38 31.76 14.60 -2.76
N VAL S 39 32.98 14.36 -3.23
CA VAL S 39 33.27 14.33 -4.65
C VAL S 39 34.26 13.21 -4.94
N ALA S 40 34.00 12.49 -6.03
CA ALA S 40 34.86 11.41 -6.49
C ALA S 40 35.05 11.50 -7.99
N VAL S 41 36.24 11.16 -8.47
CA VAL S 41 36.55 11.25 -9.90
C VAL S 41 37.50 10.12 -10.26
N ARG S 42 37.31 9.54 -11.44
CA ARG S 42 38.23 8.56 -11.99
C ARG S 42 39.00 9.16 -13.16
N GLY S 43 40.31 8.91 -13.18
CA GLY S 43 41.14 9.39 -14.26
C GLY S 43 41.59 8.28 -15.20
N LYS S 44 42.52 8.60 -16.09
CA LYS S 44 43.02 7.61 -17.03
C LYS S 44 43.72 6.47 -16.32
N ASP S 45 44.56 6.78 -15.32
CA ASP S 45 45.23 5.75 -14.55
C ASP S 45 45.14 6.03 -13.05
N CYS S 46 44.17 6.82 -12.62
CA CYS S 46 44.06 7.20 -11.22
C CYS S 46 42.63 7.59 -10.90
N ALA S 47 42.31 7.57 -9.61
CA ALA S 47 41.03 8.01 -9.10
C ALA S 47 41.26 8.72 -7.78
N VAL S 48 40.46 9.76 -7.52
CA VAL S 48 40.66 10.64 -6.39
C VAL S 48 39.33 10.91 -5.71
N ILE S 49 39.36 10.98 -4.39
CA ILE S 49 38.24 11.40 -3.56
C ILE S 49 38.60 12.73 -2.92
N VAL S 50 37.60 13.53 -2.58
CA VAL S 50 37.83 14.79 -1.90
C VAL S 50 36.53 15.24 -1.25
N THR S 51 36.63 15.78 -0.03
CA THR S 51 35.48 16.29 0.69
C THR S 51 35.94 17.17 1.84
N GLN S 52 35.26 18.29 2.05
CA GLN S 52 35.63 19.22 3.10
C GLN S 52 35.22 18.67 4.47
N LYS S 53 35.59 19.42 5.50
CA LYS S 53 35.16 19.13 6.86
C LYS S 53 34.84 20.44 7.56
N LYS S 54 34.13 20.33 8.69
CA LYS S 54 33.76 21.48 9.50
C LYS S 54 34.31 21.28 10.91
N VAL S 55 35.27 22.11 11.29
CA VAL S 55 35.88 22.02 12.61
C VAL S 55 35.47 23.25 13.42
N PRO S 56 34.27 23.28 14.00
CA PRO S 56 33.84 24.46 14.74
C PRO S 56 34.50 24.63 16.10
N ASP S 57 35.30 23.67 16.55
CA ASP S 57 35.90 23.73 17.87
C ASP S 57 37.42 23.72 17.75
N LYS S 58 38.07 24.59 18.52
CA LYS S 58 39.50 24.47 18.73
C LYS S 58 39.84 23.30 19.65
N LEU S 59 38.97 22.99 20.60
CA LEU S 59 39.15 21.83 21.46
C LEU S 59 38.94 20.52 20.72
N LEU S 60 38.24 20.54 19.59
CA LEU S 60 37.98 19.34 18.83
C LEU S 60 39.21 19.00 17.99
N ASP S 61 39.67 17.76 18.12
CA ASP S 61 40.89 17.33 17.46
C ASP S 61 40.75 17.43 15.95
N SER S 62 41.88 17.32 15.25
CA SER S 62 41.89 17.41 13.80
C SER S 62 41.85 16.06 13.12
N SER S 63 42.75 15.15 13.49
CA SER S 63 42.82 13.84 12.86
C SER S 63 41.62 12.97 13.16
N THR S 64 40.78 13.33 14.11
CA THR S 64 39.63 12.53 14.50
C THR S 64 38.35 12.99 13.81
N VAL S 65 38.46 13.49 12.59
CA VAL S 65 37.31 14.06 11.90
C VAL S 65 37.22 13.45 10.50
N THR S 66 38.26 12.71 10.12
CA THR S 66 38.37 12.22 8.75
C THR S 66 37.25 11.22 8.44
N HIS S 67 36.71 11.33 7.23
CA HIS S 67 35.79 10.34 6.71
C HIS S 67 36.46 9.40 5.71
N LEU S 68 37.62 9.78 5.20
CA LEU S 68 38.38 8.90 4.32
C LEU S 68 38.82 7.67 5.10
N PHE S 69 38.27 6.52 4.74
CA PHE S 69 38.44 5.31 5.52
C PHE S 69 39.18 4.27 4.69
N LYS S 70 40.40 3.94 5.12
CA LYS S 70 41.16 2.89 4.46
C LYS S 70 40.54 1.53 4.77
N ILE S 71 40.03 0.86 3.74
CA ILE S 71 39.50 -0.48 3.94
C ILE S 71 40.63 -1.50 3.83
N THR S 72 41.34 -1.48 2.71
CA THR S 72 42.41 -2.44 2.48
C THR S 72 43.61 -1.68 1.91
N GLU S 73 44.72 -2.38 1.69
CA GLU S 73 45.89 -1.74 1.12
C GLU S 73 45.64 -1.20 -0.27
N ASN S 74 44.62 -1.70 -0.96
CA ASN S 74 44.28 -1.24 -2.29
C ASN S 74 42.81 -0.86 -2.43
N ILE S 75 42.18 -0.40 -1.35
CA ILE S 75 40.76 -0.06 -1.38
C ILE S 75 40.53 1.12 -0.44
N GLY S 76 40.13 2.25 -1.02
CA GLY S 76 39.71 3.40 -0.25
C GLY S 76 38.22 3.66 -0.43
N CYS S 77 37.64 4.28 0.60
CA CYS S 77 36.21 4.54 0.62
C CYS S 77 35.95 5.81 1.39
N VAL S 78 34.80 6.43 1.11
CA VAL S 78 34.36 7.61 1.83
C VAL S 78 32.89 7.48 2.15
N MET S 79 32.46 8.19 3.18
CA MET S 79 31.14 8.04 3.77
C MET S 79 30.39 9.35 3.78
N THR S 80 29.06 9.26 3.89
CA THR S 80 28.18 10.39 4.12
C THR S 80 27.08 9.96 5.07
N GLY S 81 26.06 10.79 5.20
CA GLY S 81 24.96 10.46 6.08
C GLY S 81 25.32 10.68 7.54
N MET S 82 25.00 9.67 8.35
CA MET S 82 25.23 9.75 9.77
C MET S 82 26.42 8.90 10.19
N THR S 83 27.22 9.47 11.09
CA THR S 83 28.49 8.87 11.49
C THR S 83 28.30 7.49 12.11
N ALA S 84 27.19 7.28 12.81
CA ALA S 84 26.93 5.96 13.38
C ALA S 84 26.83 4.91 12.29
N ASP S 85 25.88 5.07 11.37
CA ASP S 85 25.71 4.09 10.30
C ASP S 85 26.99 3.97 9.47
N SER S 86 27.71 5.07 9.29
CA SER S 86 28.96 4.99 8.55
C SER S 86 29.95 4.07 9.24
N ARG S 87 30.26 4.36 10.51
CA ARG S 87 31.26 3.58 11.22
C ARG S 87 30.85 2.11 11.32
N SER S 88 29.59 1.86 11.67
CA SER S 88 29.10 0.48 11.67
C SER S 88 29.25 -0.18 10.31
N GLN S 89 29.03 0.57 9.23
CA GLN S 89 29.31 0.07 7.90
C GLN S 89 30.77 -0.32 7.75
N VAL S 90 31.67 0.42 8.41
CA VAL S 90 33.10 0.22 8.24
C VAL S 90 33.51 -1.19 8.63
N GLN S 91 33.19 -1.62 9.85
CA GLN S 91 33.59 -2.94 10.30
C GLN S 91 32.99 -4.04 9.45
N ARG S 92 31.80 -3.83 8.90
CA ARG S 92 31.27 -4.77 7.93
C ARG S 92 32.19 -4.88 6.72
N ALA S 93 32.55 -3.73 6.12
CA ALA S 93 33.40 -3.74 4.95
C ALA S 93 34.74 -4.41 5.21
N ARG S 94 35.46 -3.95 6.24
CA ARG S 94 36.72 -4.56 6.61
C ARG S 94 36.55 -6.04 6.88
N TYR S 95 35.48 -6.41 7.58
CA TYR S 95 35.29 -7.79 8.02
C TYR S 95 35.11 -8.74 6.86
N GLU S 96 34.09 -8.54 6.03
CA GLU S 96 33.95 -9.41 4.87
C GLU S 96 35.11 -9.27 3.91
N ALA S 97 35.77 -8.12 3.89
CA ALA S 97 36.99 -7.99 3.11
C ALA S 97 38.02 -9.03 3.51
N ALA S 98 38.34 -9.11 4.80
CA ALA S 98 39.28 -10.12 5.25
C ALA S 98 38.75 -11.53 5.02
N ASN S 99 37.45 -11.73 5.24
CA ASN S 99 36.86 -13.05 5.00
C ASN S 99 37.09 -13.50 3.57
N TRP S 100 37.06 -12.56 2.63
CA TRP S 100 37.43 -12.87 1.25
C TRP S 100 38.81 -13.48 1.17
N LYS S 101 39.81 -12.80 1.72
CA LYS S 101 41.18 -13.30 1.65
C LYS S 101 41.30 -14.67 2.29
N TYR S 102 40.57 -14.88 3.40
CA TYR S 102 40.67 -16.18 4.04
C TYR S 102 40.04 -17.28 3.18
N LYS S 103 38.96 -16.97 2.48
CA LYS S 103 38.26 -18.03 1.76
C LYS S 103 38.87 -18.30 0.40
N TYR S 104 39.35 -17.27 -0.30
CA TYR S 104 39.71 -17.39 -1.70
C TYR S 104 41.17 -17.06 -1.97
N GLY S 105 41.92 -16.63 -0.97
CA GLY S 105 43.33 -16.33 -1.17
C GLY S 105 43.59 -14.95 -1.73
N TYR S 106 43.22 -14.72 -2.98
CA TYR S 106 43.57 -13.48 -3.65
C TYR S 106 42.69 -12.34 -3.14
N GLU S 107 42.89 -11.16 -3.72
CA GLU S 107 42.27 -9.96 -3.21
C GLU S 107 40.86 -9.78 -3.74
N ILE S 108 40.02 -9.13 -2.96
CA ILE S 108 38.61 -9.01 -3.33
C ILE S 108 38.45 -7.95 -4.40
N PRO S 109 37.56 -8.15 -5.37
CA PRO S 109 37.24 -7.08 -6.30
C PRO S 109 36.38 -6.01 -5.64
N VAL S 110 36.73 -4.76 -5.94
CA VAL S 110 35.99 -3.63 -5.39
C VAL S 110 34.52 -3.71 -5.79
N ASP S 111 34.24 -4.20 -6.99
CA ASP S 111 32.85 -4.39 -7.38
C ASP S 111 32.18 -5.46 -6.53
N MET S 112 32.87 -6.58 -6.33
CA MET S 112 32.33 -7.66 -5.50
C MET S 112 31.99 -7.19 -4.10
N LEU S 113 32.89 -6.43 -3.46
CA LEU S 113 32.60 -5.94 -2.12
C LEU S 113 31.36 -5.06 -2.12
N CYS S 114 31.21 -4.21 -3.13
CA CYS S 114 29.97 -3.46 -3.29
C CYS S 114 28.76 -4.39 -3.38
N LYS S 115 28.93 -5.53 -4.07
CA LYS S 115 27.86 -6.52 -4.09
C LYS S 115 27.51 -6.98 -2.68
N ARG S 116 28.52 -7.32 -1.89
CA ARG S 116 28.25 -7.78 -0.52
C ARG S 116 27.55 -6.71 0.29
N ILE S 117 27.99 -5.46 0.19
CA ILE S 117 27.41 -4.41 1.00
C ILE S 117 25.97 -4.15 0.59
N ALA S 118 25.72 -4.07 -0.71
CA ALA S 118 24.36 -3.86 -1.18
C ALA S 118 23.45 -5.00 -0.77
N ASP S 119 23.94 -6.24 -0.86
CA ASP S 119 23.14 -7.38 -0.46
C ASP S 119 22.83 -7.34 1.03
N ILE S 120 23.81 -6.97 1.85
CA ILE S 120 23.57 -6.84 3.28
C ILE S 120 22.51 -5.78 3.54
N SER S 121 22.67 -4.60 2.92
CA SER S 121 21.70 -3.53 3.07
C SER S 121 20.33 -3.93 2.56
N GLN S 122 20.26 -4.93 1.67
CA GLN S 122 18.98 -5.37 1.14
C GLN S 122 18.02 -5.79 2.24
N VAL S 123 18.52 -6.54 3.21
CA VAL S 123 17.64 -7.07 4.25
C VAL S 123 17.19 -5.97 5.19
N TYR S 124 18.02 -4.94 5.39
CA TYR S 124 17.64 -3.83 6.24
C TYR S 124 16.36 -3.18 5.76
N THR S 125 16.14 -3.17 4.45
CA THR S 125 14.85 -2.75 3.94
C THR S 125 13.89 -3.92 3.88
N GLN S 126 14.40 -5.14 3.71
CA GLN S 126 13.54 -6.26 3.39
C GLN S 126 12.71 -6.70 4.59
N ASN S 127 13.37 -7.01 5.70
CA ASN S 127 12.66 -7.25 6.93
C ASN S 127 11.93 -5.99 7.37
N ALA S 128 10.85 -6.17 8.12
CA ALA S 128 10.04 -5.06 8.60
C ALA S 128 10.26 -4.82 10.10
N GLU S 129 11.41 -5.21 10.62
CA GLU S 129 11.71 -5.02 12.03
C GLU S 129 13.14 -4.58 12.21
N MET S 130 13.59 -3.63 11.39
CA MET S 130 14.99 -3.24 11.43
C MET S 130 15.19 -1.93 10.69
N ARG S 131 15.87 -1.01 11.35
CA ARG S 131 16.14 0.32 10.81
C ARG S 131 17.05 0.21 9.60
N PRO S 132 16.86 1.05 8.57
CA PRO S 132 17.57 0.83 7.30
C PRO S 132 18.92 1.51 7.16
N LEU S 133 19.49 2.06 8.23
CA LEU S 133 20.88 2.54 8.23
C LEU S 133 21.09 3.65 7.20
N GLY S 134 20.48 4.78 7.48
CA GLY S 134 20.46 5.88 6.52
C GLY S 134 21.80 6.59 6.32
N CYS S 135 22.73 5.91 5.67
CA CYS S 135 23.99 6.51 5.27
C CYS S 135 24.34 6.03 3.87
N CYS S 136 25.33 6.68 3.26
CA CYS S 136 25.76 6.35 1.90
C CYS S 136 27.22 5.91 1.89
N MET S 137 27.58 5.18 0.84
CA MET S 137 28.86 4.50 0.73
C MET S 137 29.52 4.88 -0.59
N ILE S 138 30.84 5.07 -0.55
CA ILE S 138 31.59 5.40 -1.76
C ILE S 138 32.89 4.59 -1.75
N LEU S 139 33.22 3.97 -2.88
CA LEU S 139 34.40 3.14 -2.98
C LEU S 139 35.20 3.49 -4.22
N ILE S 140 36.51 3.24 -4.13
CA ILE S 140 37.43 3.40 -5.25
C ILE S 140 38.49 2.31 -5.15
N GLY S 141 39.12 2.01 -6.28
CA GLY S 141 40.19 1.04 -6.26
C GLY S 141 40.61 0.65 -7.66
N ILE S 142 41.87 0.25 -7.78
CA ILE S 142 42.48 -0.15 -9.03
C ILE S 142 42.16 -1.61 -9.29
N ASP S 143 41.91 -1.95 -10.55
CA ASP S 143 41.64 -3.32 -10.94
C ASP S 143 42.65 -3.77 -11.99
N GLU S 144 43.05 -5.03 -11.86
CA GLU S 144 43.92 -5.63 -12.87
C GLU S 144 43.15 -5.85 -14.16
N GLU S 145 43.73 -5.42 -15.27
CA GLU S 145 43.09 -5.46 -16.58
C GLU S 145 41.86 -4.56 -16.64
N GLN S 146 41.69 -3.67 -15.67
CA GLN S 146 40.54 -2.77 -15.65
C GLN S 146 40.85 -1.36 -15.23
N GLY S 147 42.01 -1.07 -14.64
CA GLY S 147 42.35 0.27 -14.24
C GLY S 147 41.58 0.72 -13.02
N PRO S 148 41.29 2.02 -12.94
CA PRO S 148 40.59 2.55 -11.77
C PRO S 148 39.09 2.32 -11.85
N GLN S 149 38.48 2.19 -10.68
CA GLN S 149 37.04 1.98 -10.56
C GLN S 149 36.51 2.72 -9.35
N VAL S 150 35.26 3.16 -9.48
CA VAL S 150 34.57 3.91 -8.44
C VAL S 150 33.14 3.40 -8.38
N TYR S 151 32.60 3.25 -7.17
CA TYR S 151 31.25 2.75 -6.99
C TYR S 151 30.58 3.46 -5.84
N LYS S 152 29.25 3.39 -5.85
CA LYS S 152 28.43 4.08 -4.86
C LYS S 152 27.40 3.10 -4.30
N CYS S 153 27.50 2.81 -3.01
CA CYS S 153 26.52 1.98 -2.34
C CYS S 153 25.50 2.85 -1.65
N ASP S 154 24.25 2.42 -1.70
CA ASP S 154 23.14 3.23 -1.21
C ASP S 154 22.39 2.48 -0.13
N PRO S 155 21.68 3.19 0.74
CA PRO S 155 20.80 2.51 1.71
C PRO S 155 19.71 1.71 1.03
N ALA S 156 19.31 2.10 -0.18
CA ALA S 156 18.31 1.32 -0.91
C ALA S 156 18.82 -0.09 -1.21
N GLY S 157 20.12 -0.23 -1.44
CA GLY S 157 20.68 -1.55 -1.70
C GLY S 157 20.96 -1.81 -3.16
N TYR S 158 21.53 -0.83 -3.84
CA TYR S 158 21.97 -1.00 -5.21
C TYR S 158 23.19 -0.14 -5.46
N TYR S 159 23.86 -0.41 -6.57
CA TYR S 159 25.14 0.20 -6.88
C TYR S 159 25.31 0.28 -8.38
N CYS S 160 26.37 0.95 -8.81
CA CYS S 160 26.66 1.06 -10.23
C CYS S 160 27.98 1.78 -10.42
N GLY S 161 28.69 1.41 -11.49
CA GLY S 161 29.93 2.06 -11.83
C GLY S 161 29.73 3.48 -12.31
N PHE S 162 30.84 4.19 -12.41
CA PHE S 162 30.84 5.58 -12.85
C PHE S 162 32.13 5.89 -13.59
N LYS S 163 32.36 7.18 -13.78
CA LYS S 163 33.64 7.71 -14.22
C LYS S 163 34.12 8.85 -13.34
N ALA S 164 33.17 9.57 -12.74
CA ALA S 164 33.45 10.55 -11.69
C ALA S 164 32.11 10.95 -11.11
N THR S 165 32.00 11.00 -9.79
CA THR S 165 30.71 11.25 -9.17
C THR S 165 30.90 11.93 -7.82
N ALA S 166 29.93 12.73 -7.45
CA ALA S 166 29.92 13.40 -6.15
C ALA S 166 28.68 13.00 -5.36
N ALA S 167 28.67 13.40 -4.09
CA ALA S 167 27.55 13.14 -3.20
C ALA S 167 27.64 14.10 -2.03
N GLY S 168 26.74 13.94 -1.08
CA GLY S 168 26.64 14.89 0.01
C GLY S 168 25.31 15.63 0.00
N VAL S 169 25.35 16.91 -0.33
CA VAL S 169 24.15 17.74 -0.39
C VAL S 169 23.96 18.34 -1.77
N LYS S 170 25.02 18.40 -2.57
CA LYS S 170 25.02 19.11 -3.85
C LYS S 170 25.09 18.15 -5.03
N GLN S 171 24.36 17.03 -4.94
CA GLN S 171 24.38 16.04 -6.01
C GLN S 171 24.03 16.63 -7.35
N THR S 172 22.86 17.28 -7.45
CA THR S 172 22.40 17.83 -8.72
C THR S 172 23.39 18.83 -9.29
N GLU S 173 23.88 19.77 -8.48
CA GLU S 173 24.81 20.78 -8.96
C GLU S 173 26.13 20.18 -9.42
N SER S 174 26.75 19.35 -8.58
CA SER S 174 28.03 18.75 -8.95
C SER S 174 27.89 17.87 -10.19
N THR S 175 26.80 17.11 -10.28
CA THR S 175 26.55 16.32 -11.48
C THR S 175 26.37 17.22 -12.70
N SER S 176 25.64 18.33 -12.55
CA SER S 176 25.50 19.25 -13.66
C SER S 176 26.85 19.79 -14.12
N PHE S 177 27.73 20.14 -13.18
CA PHE S 177 29.04 20.64 -13.53
C PHE S 177 29.87 19.56 -14.21
N LEU S 178 29.85 18.35 -13.67
CA LEU S 178 30.69 17.28 -14.17
C LEU S 178 30.25 16.81 -15.56
N GLU S 179 28.94 16.80 -15.82
CA GLU S 179 28.48 16.34 -17.11
C GLU S 179 28.98 17.24 -18.23
N LYS S 180 28.82 18.56 -18.10
CA LYS S 180 29.39 19.46 -19.07
C LYS S 180 30.91 19.50 -19.00
N LYS S 181 31.50 19.04 -17.89
CA LYS S 181 32.94 19.09 -17.71
C LYS S 181 33.67 17.94 -18.39
N VAL S 182 33.11 16.74 -18.38
CA VAL S 182 33.88 15.57 -18.78
C VAL S 182 33.59 15.20 -20.22
N LYS S 183 32.32 15.21 -20.61
CA LYS S 183 31.89 14.72 -21.92
C LYS S 183 32.51 15.49 -23.08
N LYS S 184 33.15 16.62 -22.84
CA LYS S 184 33.75 17.41 -23.92
C LYS S 184 35.17 16.92 -24.23
N LYS S 185 35.31 15.62 -24.43
CA LYS S 185 36.55 14.98 -24.87
C LYS S 185 37.74 15.39 -23.98
N PHE S 186 37.62 15.08 -22.69
CA PHE S 186 38.60 15.48 -21.71
C PHE S 186 39.65 14.39 -21.54
N ASP S 187 40.91 14.72 -21.80
CA ASP S 187 42.02 13.86 -21.48
C ASP S 187 42.39 14.06 -20.01
N TRP S 188 42.52 12.95 -19.29
CA TRP S 188 42.62 13.00 -17.84
C TRP S 188 44.01 12.56 -17.40
N THR S 189 44.80 13.52 -16.95
CA THR S 189 46.06 13.24 -16.27
C THR S 189 45.79 13.21 -14.77
N PHE S 190 46.85 13.02 -13.99
CA PHE S 190 46.70 13.02 -12.54
C PHE S 190 46.24 14.38 -12.04
N GLU S 191 47.06 15.41 -12.26
CA GLU S 191 46.69 16.76 -11.86
C GLU S 191 45.51 17.28 -12.63
N GLN S 192 45.23 16.72 -13.81
CA GLN S 192 43.99 17.02 -14.49
C GLN S 192 42.80 16.64 -13.62
N THR S 193 42.68 15.36 -13.29
CA THR S 193 41.58 14.89 -12.47
C THR S 193 41.55 15.58 -11.12
N VAL S 194 42.72 15.79 -10.52
CA VAL S 194 42.77 16.43 -9.21
C VAL S 194 42.26 17.86 -9.30
N GLU S 195 42.91 18.68 -10.12
CA GLU S 195 42.54 20.08 -10.29
C GLU S 195 41.07 20.22 -10.61
N THR S 196 40.54 19.38 -11.51
CA THR S 196 39.10 19.36 -11.72
C THR S 196 38.33 19.02 -10.46
N ALA S 197 38.86 18.10 -9.64
CA ALA S 197 38.18 17.74 -8.41
C ALA S 197 38.06 18.93 -7.47
N ILE S 198 39.15 19.64 -7.20
CA ILE S 198 39.09 20.81 -6.35
C ILE S 198 38.20 21.88 -6.96
N THR S 199 38.32 22.08 -8.27
CA THR S 199 37.58 23.14 -8.93
C THR S 199 36.07 22.94 -8.88
N CYS S 200 35.58 21.73 -9.12
CA CYS S 200 34.13 21.53 -9.10
C CYS S 200 33.54 21.85 -7.74
N LEU S 201 34.16 21.33 -6.68
CA LEU S 201 33.69 21.62 -5.33
C LEU S 201 33.80 23.11 -5.00
N SER S 202 34.97 23.71 -5.22
CA SER S 202 35.16 25.12 -4.92
C SER S 202 34.25 26.03 -5.74
N THR S 203 33.72 25.53 -6.85
CA THR S 203 32.69 26.25 -7.60
C THR S 203 31.29 26.03 -7.04
N VAL S 204 30.96 24.80 -6.66
CA VAL S 204 29.63 24.54 -6.11
C VAL S 204 29.44 25.29 -4.80
N LEU S 205 30.49 25.34 -3.99
CA LEU S 205 30.41 26.00 -2.69
C LEU S 205 30.93 27.43 -2.72
N SER S 206 31.77 27.77 -3.68
CA SER S 206 32.36 29.11 -3.78
C SER S 206 33.14 29.45 -2.52
N ILE S 207 34.21 28.68 -2.31
CA ILE S 207 34.96 28.69 -1.05
C ILE S 207 36.31 29.36 -1.20
N ASP S 208 37.15 28.84 -2.09
CA ASP S 208 38.57 29.19 -2.13
C ASP S 208 39.22 28.84 -0.79
N PHE S 209 39.02 27.58 -0.43
CA PHE S 209 39.35 27.03 0.87
C PHE S 209 40.84 27.17 1.17
N LYS S 210 41.15 27.18 2.47
CA LYS S 210 42.50 26.92 2.92
C LYS S 210 42.77 25.42 2.81
N PRO S 211 44.04 25.02 2.62
CA PRO S 211 44.33 23.60 2.41
C PRO S 211 44.06 22.69 3.60
N SER S 212 43.55 23.22 4.70
CA SER S 212 43.28 22.43 5.89
C SER S 212 41.91 21.77 5.89
N GLU S 213 40.87 22.47 5.41
CA GLU S 213 39.50 22.00 5.63
C GLU S 213 39.16 20.76 4.82
N ILE S 214 39.65 20.66 3.59
CA ILE S 214 39.25 19.57 2.70
C ILE S 214 40.18 18.39 2.90
N GLU S 215 39.74 17.23 2.43
CA GLU S 215 40.51 16.00 2.47
C GLU S 215 40.49 15.35 1.09
N VAL S 216 41.59 14.68 0.77
CA VAL S 216 41.82 14.13 -0.56
C VAL S 216 42.36 12.72 -0.43
N GLY S 217 41.57 11.75 -0.86
CA GLY S 217 42.04 10.39 -1.05
C GLY S 217 42.49 10.20 -2.49
N VAL S 218 43.34 9.21 -2.71
CA VAL S 218 43.95 9.03 -4.02
C VAL S 218 44.41 7.59 -4.19
N VAL S 219 44.25 7.08 -5.41
CA VAL S 219 44.83 5.82 -5.83
C VAL S 219 45.21 5.96 -7.29
N THR S 220 46.32 5.35 -7.67
CA THR S 220 46.85 5.52 -9.01
C THR S 220 47.62 4.28 -9.41
N VAL S 221 47.62 3.97 -10.71
CA VAL S 221 48.38 2.80 -11.12
C VAL S 221 49.80 3.25 -11.39
N GLU S 222 50.50 3.59 -10.31
CA GLU S 222 51.94 3.47 -10.14
C GLU S 222 52.28 3.01 -8.75
N ASN S 223 51.40 3.24 -7.79
CA ASN S 223 51.51 2.73 -6.42
C ASN S 223 50.08 2.42 -6.00
N PRO S 224 49.64 1.17 -6.11
CA PRO S 224 48.24 0.84 -5.82
C PRO S 224 47.83 1.05 -4.37
N LYS S 225 48.77 1.33 -3.47
CA LYS S 225 48.41 1.62 -2.09
C LYS S 225 47.50 2.84 -2.01
N PHE S 226 46.33 2.65 -1.42
CA PHE S 226 45.44 3.77 -1.17
C PHE S 226 46.13 4.81 -0.30
N ARG S 227 46.10 6.06 -0.75
CA ARG S 227 46.91 7.09 -0.14
C ARG S 227 46.06 8.29 0.21
N ILE S 228 46.29 8.84 1.40
CA ILE S 228 45.64 10.06 1.84
C ILE S 228 46.63 11.22 1.67
N LEU S 229 46.12 12.38 1.28
CA LEU S 229 47.01 13.49 0.99
C LEU S 229 47.33 14.29 2.25
N THR S 230 48.55 14.81 2.28
CA THR S 230 49.01 15.71 3.33
C THR S 230 48.75 17.15 2.90
N GLU S 231 48.41 18.00 3.87
CA GLU S 231 48.05 19.37 3.56
C GLU S 231 49.16 20.13 2.85
N ALA S 232 50.41 19.71 2.99
CA ALA S 232 51.48 20.34 2.23
C ALA S 232 51.26 20.17 0.73
N GLU S 233 51.31 18.92 0.26
CA GLU S 233 51.07 18.64 -1.15
C GLU S 233 49.68 19.10 -1.60
N ILE S 234 48.69 18.96 -0.73
CA ILE S 234 47.35 19.46 -1.04
C ILE S 234 47.40 20.94 -1.35
N ASP S 235 48.13 21.70 -0.55
CA ASP S 235 48.37 23.11 -0.84
C ASP S 235 49.15 23.28 -2.14
N ALA S 236 50.05 22.34 -2.44
CA ALA S 236 50.79 22.41 -3.70
C ALA S 236 49.84 22.36 -4.89
N HIS S 237 48.86 21.46 -4.83
CA HIS S 237 47.84 21.42 -5.88
C HIS S 237 46.92 22.62 -5.83
N LEU S 238 46.64 23.12 -4.64
CA LEU S 238 45.75 24.27 -4.49
C LEU S 238 46.33 25.49 -5.17
N VAL S 239 47.57 25.87 -4.83
CA VAL S 239 48.28 26.88 -5.58
C VAL S 239 48.51 26.48 -7.02
N ALA S 240 48.58 25.18 -7.30
CA ALA S 240 48.74 24.72 -8.67
C ALA S 240 47.59 25.19 -9.55
N LEU S 241 46.36 24.93 -9.12
CA LEU S 241 45.20 25.52 -9.78
C LEU S 241 45.09 27.01 -9.52
N ALA S 242 45.82 27.54 -8.54
CA ALA S 242 45.84 28.97 -8.27
C ALA S 242 46.86 29.61 -9.20
N GLU S 243 46.40 29.98 -10.39
CA GLU S 243 47.28 30.58 -11.38
C GLU S 243 47.81 31.92 -10.90
N GLU T 2 16.74 -10.78 16.22
CA GLU T 2 15.36 -10.34 16.36
C GLU T 2 14.73 -10.88 17.63
N ARG T 3 13.41 -11.01 17.61
CA ARG T 3 12.64 -11.49 18.75
C ARG T 3 11.82 -12.74 18.45
N GLY T 4 11.37 -12.93 17.22
CA GLY T 4 10.63 -14.12 16.86
C GLY T 4 9.13 -13.90 16.71
N TYR T 5 8.75 -12.74 16.17
CA TYR T 5 7.34 -12.40 16.04
C TYR T 5 6.61 -13.39 15.13
N SER T 6 7.17 -13.68 13.96
CA SER T 6 6.70 -14.75 13.09
C SER T 6 5.33 -14.50 12.48
N PHE T 7 4.62 -13.44 12.86
CA PHE T 7 3.26 -13.27 12.41
C PHE T 7 3.23 -12.67 11.00
N SER T 8 2.52 -13.34 10.11
CA SER T 8 2.46 -12.89 8.73
C SER T 8 1.74 -11.56 8.64
N LEU T 9 2.26 -10.66 7.81
CA LEU T 9 1.68 -9.35 7.58
C LEU T 9 0.68 -9.33 6.44
N THR T 10 0.40 -10.49 5.85
CA THR T 10 -0.48 -10.57 4.68
C THR T 10 -1.71 -11.40 5.06
N THR T 11 -2.87 -10.75 5.06
CA THR T 11 -4.12 -11.39 5.39
C THR T 11 -5.10 -11.21 4.25
N PHE T 12 -6.18 -11.99 4.28
CA PHE T 12 -7.20 -11.90 3.26
C PHE T 12 -8.11 -10.71 3.50
N SER T 13 -8.57 -10.11 2.42
CA SER T 13 -9.50 -9.01 2.53
C SER T 13 -10.85 -9.51 3.02
N PRO T 14 -11.67 -8.62 3.58
CA PRO T 14 -13.07 -8.99 3.84
C PRO T 14 -13.77 -9.44 2.58
N SER T 15 -13.47 -8.79 1.45
CA SER T 15 -13.92 -9.30 0.16
C SER T 15 -13.27 -10.63 -0.18
N GLY T 16 -12.12 -10.94 0.40
CA GLY T 16 -11.41 -12.15 0.06
C GLY T 16 -10.32 -11.90 -0.96
N LYS T 17 -9.48 -10.89 -0.70
CA LYS T 17 -8.41 -10.52 -1.61
C LYS T 17 -7.15 -10.30 -0.80
N LEU T 18 -6.02 -10.27 -1.50
CA LEU T 18 -4.70 -10.13 -0.90
C LEU T 18 -4.15 -8.76 -1.25
N VAL T 19 -4.36 -7.80 -0.36
CA VAL T 19 -4.04 -6.40 -0.65
C VAL T 19 -2.57 -6.22 -0.95
N GLN T 20 -1.70 -6.88 -0.17
CA GLN T 20 -0.28 -6.69 -0.36
C GLN T 20 0.20 -7.22 -1.71
N ILE T 21 -0.21 -8.43 -2.07
CA ILE T 21 0.15 -8.96 -3.39
C ILE T 21 -0.40 -8.07 -4.48
N GLU T 22 -1.65 -7.62 -4.32
CA GLU T 22 -2.27 -6.73 -5.28
C GLU T 22 -1.45 -5.45 -5.47
N TYR T 23 -0.89 -4.93 -4.38
CA TYR T 23 -0.07 -3.74 -4.51
C TYR T 23 1.28 -4.04 -5.14
N ALA T 24 1.90 -5.16 -4.76
CA ALA T 24 3.19 -5.52 -5.33
C ALA T 24 3.10 -5.72 -6.83
N LEU T 25 1.98 -6.26 -7.32
CA LEU T 25 1.77 -6.34 -8.76
C LEU T 25 1.80 -4.96 -9.39
N ALA T 26 1.32 -3.94 -8.69
CA ALA T 26 1.38 -2.58 -9.23
C ALA T 26 2.82 -2.13 -9.45
N ALA T 27 3.66 -2.23 -8.41
CA ALA T 27 5.06 -1.87 -8.56
C ALA T 27 5.75 -2.73 -9.61
N VAL T 28 5.32 -3.98 -9.77
CA VAL T 28 5.85 -4.79 -10.85
C VAL T 28 5.49 -4.17 -12.20
N ALA T 29 4.24 -3.75 -12.36
CA ALA T 29 3.83 -3.10 -13.59
C ALA T 29 4.57 -1.81 -13.84
N GLY T 30 4.96 -1.11 -12.78
CA GLY T 30 5.73 0.12 -12.92
C GLY T 30 7.20 -0.09 -13.25
N GLY T 31 7.62 -1.31 -13.53
CA GLY T 31 9.01 -1.59 -13.82
C GLY T 31 9.37 -1.33 -15.27
N ALA T 32 10.62 -1.63 -15.59
CA ALA T 32 11.10 -1.44 -16.95
C ALA T 32 10.46 -2.48 -17.88
N PRO T 33 10.16 -2.11 -19.11
CA PRO T 33 9.53 -3.07 -20.03
C PRO T 33 10.56 -4.00 -20.65
N SER T 34 10.09 -5.17 -21.04
CA SER T 34 10.93 -6.17 -21.71
C SER T 34 10.03 -7.28 -22.21
N VAL T 35 10.58 -8.10 -23.11
CA VAL T 35 9.81 -9.15 -23.75
C VAL T 35 10.73 -10.28 -24.18
N GLY T 36 10.14 -11.45 -24.41
CA GLY T 36 10.85 -12.62 -24.90
C GLY T 36 9.98 -13.45 -25.82
N ILE T 37 10.59 -14.29 -26.65
CA ILE T 37 9.86 -15.06 -27.65
C ILE T 37 10.50 -16.44 -27.79
N LYS T 38 9.68 -17.46 -28.05
CA LYS T 38 10.15 -18.80 -28.32
C LYS T 38 9.62 -19.23 -29.68
N ALA T 39 10.51 -19.35 -30.67
CA ALA T 39 10.11 -19.67 -32.04
C ALA T 39 10.96 -20.80 -32.62
N ALA T 40 10.55 -22.04 -32.35
CA ALA T 40 10.90 -23.20 -33.17
C ALA T 40 12.37 -23.60 -33.16
N ASN T 41 13.23 -22.78 -32.55
CA ASN T 41 14.65 -23.10 -32.43
C ASN T 41 15.25 -22.73 -31.09
N GLY T 42 14.65 -21.78 -30.36
CA GLY T 42 15.20 -21.30 -29.11
C GLY T 42 14.31 -20.19 -28.61
N VAL T 43 14.87 -19.38 -27.72
CA VAL T 43 14.16 -18.25 -27.14
C VAL T 43 15.07 -17.04 -27.18
N VAL T 44 14.47 -15.86 -27.29
CA VAL T 44 15.19 -14.60 -27.28
C VAL T 44 14.60 -13.72 -26.20
N LEU T 45 15.46 -13.03 -25.46
CA LEU T 45 15.06 -12.14 -24.39
C LEU T 45 15.68 -10.77 -24.59
N ALA T 46 14.83 -9.74 -24.56
CA ALA T 46 15.27 -8.37 -24.76
C ALA T 46 14.62 -7.50 -23.70
N THR T 47 15.36 -6.51 -23.21
CA THR T 47 14.92 -5.68 -22.11
C THR T 47 14.82 -4.23 -22.57
N GLU T 48 14.53 -3.35 -21.61
CA GLU T 48 14.46 -1.91 -21.83
C GLU T 48 15.41 -1.26 -20.82
N LYS T 49 16.68 -1.12 -21.21
CA LYS T 49 17.73 -0.68 -20.31
C LYS T 49 18.16 0.74 -20.69
N LYS T 50 17.84 1.71 -19.84
CA LYS T 50 18.22 3.10 -20.05
C LYS T 50 19.09 3.58 -18.91
N GLN T 51 20.15 4.29 -19.24
CA GLN T 51 20.95 4.98 -18.23
C GLN T 51 20.39 6.37 -18.01
N LYS T 52 19.99 6.67 -16.76
CA LYS T 52 19.41 7.97 -16.44
C LYS T 52 20.37 9.12 -16.68
N SER T 53 21.67 8.85 -16.73
CA SER T 53 22.66 9.88 -17.03
C SER T 53 23.72 9.29 -17.94
N ILE T 54 24.47 10.17 -18.60
CA ILE T 54 25.58 9.72 -19.46
C ILE T 54 26.80 9.34 -18.67
N LEU T 55 26.78 9.51 -17.34
CA LEU T 55 27.92 9.17 -16.51
C LEU T 55 27.89 7.73 -16.01
N TYR T 56 26.79 7.02 -16.24
CA TYR T 56 26.69 5.64 -15.82
C TYR T 56 27.64 4.77 -16.62
N ASP T 57 27.94 3.60 -16.09
CA ASP T 57 28.62 2.56 -16.84
C ASP T 57 27.59 1.54 -17.31
N GLU T 58 27.86 0.94 -18.47
CA GLU T 58 26.94 -0.02 -19.05
C GLU T 58 27.44 -1.45 -18.95
N ARG T 59 28.76 -1.65 -19.05
CA ARG T 59 29.36 -2.97 -18.91
C ARG T 59 29.42 -3.43 -17.46
N SER T 60 28.94 -2.61 -16.52
CA SER T 60 28.91 -2.97 -15.11
C SER T 60 27.62 -3.70 -14.74
N VAL T 61 26.49 -3.04 -14.90
CA VAL T 61 25.21 -3.63 -14.58
C VAL T 61 24.76 -4.46 -15.76
N HIS T 62 24.08 -5.57 -15.48
CA HIS T 62 23.64 -6.50 -16.52
C HIS T 62 22.24 -7.00 -16.17
N LYS T 63 21.42 -7.22 -17.20
CA LYS T 63 20.03 -7.60 -16.99
C LYS T 63 19.75 -9.03 -17.43
N VAL T 64 20.00 -9.37 -18.70
CA VAL T 64 19.86 -10.75 -19.14
C VAL T 64 20.90 -11.57 -18.40
N GLU T 65 20.44 -12.48 -17.56
CA GLU T 65 21.35 -13.17 -16.69
C GLU T 65 21.30 -14.67 -16.92
N PRO T 66 22.44 -15.32 -17.10
CA PRO T 66 22.47 -16.78 -17.22
C PRO T 66 22.47 -17.44 -15.86
N ILE T 67 21.84 -18.61 -15.80
CA ILE T 67 21.90 -19.46 -14.61
C ILE T 67 22.72 -20.70 -14.89
N THR T 68 22.37 -21.44 -15.93
CA THR T 68 23.19 -22.56 -16.37
C THR T 68 23.60 -22.26 -17.80
N LYS T 69 24.45 -23.09 -18.39
CA LYS T 69 24.88 -22.92 -19.77
C LYS T 69 23.74 -22.97 -20.77
N HIS T 70 22.58 -23.47 -20.37
CA HIS T 70 21.45 -23.58 -21.27
C HIS T 70 20.20 -22.92 -20.71
N ILE T 71 20.34 -22.02 -19.75
CA ILE T 71 19.20 -21.46 -19.03
C ILE T 71 19.43 -19.97 -18.82
N GLY T 72 18.58 -19.14 -19.44
CA GLY T 72 18.65 -17.71 -19.27
C GLY T 72 17.39 -17.16 -18.59
N LEU T 73 17.57 -16.00 -17.95
CA LEU T 73 16.49 -15.41 -17.18
C LEU T 73 16.58 -13.89 -17.24
N VAL T 74 15.43 -13.23 -17.29
CA VAL T 74 15.34 -11.77 -17.19
C VAL T 74 14.19 -11.42 -16.26
N TYR T 75 13.97 -10.12 -16.02
CA TYR T 75 13.01 -9.72 -15.02
C TYR T 75 12.36 -8.39 -15.40
N SER T 76 11.34 -8.03 -14.63
CA SER T 76 10.68 -6.73 -14.77
C SER T 76 10.15 -6.35 -13.39
N GLY T 77 10.71 -5.31 -12.81
CA GLY T 77 10.33 -4.87 -11.48
C GLY T 77 11.36 -3.93 -10.91
N MET T 78 11.75 -4.15 -9.65
CA MET T 78 12.82 -3.38 -9.04
C MET T 78 14.10 -4.19 -9.05
N GLY T 79 15.17 -3.57 -9.54
CA GLY T 79 16.46 -4.21 -9.67
C GLY T 79 16.99 -4.97 -8.46
N PRO T 80 17.03 -4.32 -7.29
CA PRO T 80 17.72 -4.93 -6.14
C PRO T 80 17.17 -6.29 -5.73
N ASP T 81 15.85 -6.43 -5.60
CA ASP T 81 15.30 -7.72 -5.18
C ASP T 81 15.59 -8.82 -6.17
N TYR T 82 15.86 -8.46 -7.43
CA TYR T 82 16.18 -9.46 -8.45
C TYR T 82 17.39 -10.29 -8.05
N ARG T 83 18.50 -9.62 -7.74
CA ARG T 83 19.77 -10.29 -7.49
C ARG T 83 19.70 -11.33 -6.38
N VAL T 84 18.88 -11.11 -5.35
CA VAL T 84 18.80 -12.07 -4.26
C VAL T 84 18.30 -13.42 -4.78
N LEU T 85 17.09 -13.43 -5.31
CA LEU T 85 16.53 -14.64 -5.90
C LEU T 85 17.37 -15.18 -7.04
N VAL T 86 18.10 -14.32 -7.74
CA VAL T 86 19.06 -14.80 -8.73
C VAL T 86 20.06 -15.75 -8.07
N HIS T 87 20.74 -15.28 -7.04
CA HIS T 87 21.69 -16.10 -6.32
C HIS T 87 21.04 -17.36 -5.76
N ARG T 88 19.83 -17.22 -5.21
CA ARG T 88 19.10 -18.37 -4.69
C ARG T 88 18.92 -19.43 -5.75
N ALA T 89 18.45 -19.04 -6.93
CA ALA T 89 18.33 -19.98 -8.04
C ALA T 89 19.67 -20.54 -8.45
N ARG T 90 20.73 -19.74 -8.33
CA ARG T 90 22.07 -20.22 -8.60
C ARG T 90 22.38 -21.44 -7.76
N LYS T 91 22.24 -21.32 -6.44
CA LYS T 91 22.49 -22.47 -5.58
C LYS T 91 21.52 -23.61 -5.90
N LEU T 92 20.24 -23.28 -5.99
CA LEU T 92 19.19 -24.30 -6.12
C LEU T 92 19.41 -25.15 -7.35
N ALA T 93 19.83 -24.56 -8.46
CA ALA T 93 20.21 -25.35 -9.62
C ALA T 93 21.44 -26.20 -9.33
N GLN T 94 22.32 -25.73 -8.46
CA GLN T 94 23.52 -26.50 -8.17
C GLN T 94 23.21 -27.79 -7.44
N GLN T 95 22.40 -27.73 -6.38
CA GLN T 95 22.17 -28.93 -5.58
C GLN T 95 21.55 -30.04 -6.41
N TYR T 96 20.69 -29.70 -7.37
CA TYR T 96 20.15 -30.74 -8.25
C TYR T 96 21.28 -31.44 -8.99
N TYR T 97 22.18 -30.67 -9.60
CA TYR T 97 23.29 -31.26 -10.33
C TYR T 97 24.16 -32.11 -9.42
N LEU T 98 24.37 -31.67 -8.18
CA LEU T 98 25.09 -32.50 -7.22
C LEU T 98 24.38 -33.81 -6.98
N VAL T 99 23.06 -33.79 -6.87
CA VAL T 99 22.31 -35.01 -6.58
C VAL T 99 22.37 -35.97 -7.75
N TYR T 100 22.09 -35.48 -8.96
CA TYR T 100 21.86 -36.34 -10.10
C TYR T 100 22.99 -36.30 -11.12
N GLN T 101 23.88 -35.32 -11.04
CA GLN T 101 24.98 -35.21 -12.00
C GLN T 101 24.45 -35.02 -13.42
N GLU T 102 23.64 -33.97 -13.59
CA GLU T 102 23.06 -33.70 -14.89
C GLU T 102 22.40 -32.33 -14.83
N PRO T 103 22.39 -31.57 -15.92
CA PRO T 103 21.78 -30.24 -15.88
C PRO T 103 20.30 -30.30 -15.57
N ILE T 104 19.88 -29.51 -14.61
CA ILE T 104 18.49 -29.51 -14.15
C ILE T 104 17.57 -29.09 -15.30
N PRO T 105 16.45 -29.77 -15.49
CA PRO T 105 15.47 -29.30 -16.48
C PRO T 105 14.86 -27.98 -16.04
N THR T 106 14.44 -27.20 -17.04
CA THR T 106 13.96 -25.85 -16.79
C THR T 106 12.73 -25.84 -15.89
N ALA T 107 11.74 -26.68 -16.17
CA ALA T 107 10.50 -26.68 -15.41
C ALA T 107 10.74 -26.92 -13.92
N GLN T 108 11.74 -27.74 -13.58
CA GLN T 108 12.08 -27.92 -12.18
C GLN T 108 12.44 -26.60 -11.51
N LEU T 109 13.19 -25.75 -12.21
CA LEU T 109 13.59 -24.47 -11.62
C LEU T 109 12.36 -23.59 -11.37
N VAL T 110 11.44 -23.55 -12.34
CA VAL T 110 10.23 -22.78 -12.13
C VAL T 110 9.43 -23.36 -10.97
N GLN T 111 9.48 -24.68 -10.79
CA GLN T 111 8.82 -25.27 -9.63
C GLN T 111 9.43 -24.77 -8.33
N ARG T 112 10.72 -25.00 -8.15
CA ARG T 112 11.36 -24.72 -6.88
C ARG T 112 11.41 -23.23 -6.57
N VAL T 113 11.75 -22.40 -7.56
CA VAL T 113 11.80 -20.97 -7.36
C VAL T 113 10.43 -20.43 -6.97
N ALA T 114 9.39 -20.83 -7.71
CA ALA T 114 8.04 -20.39 -7.38
C ALA T 114 7.65 -20.86 -5.99
N SER T 115 8.10 -22.05 -5.59
CA SER T 115 7.85 -22.49 -4.23
C SER T 115 8.51 -21.57 -3.21
N VAL T 116 9.77 -21.21 -3.45
CA VAL T 116 10.49 -20.31 -2.54
C VAL T 116 9.76 -18.99 -2.43
N MET T 117 9.28 -18.48 -3.56
CA MET T 117 8.63 -17.17 -3.54
C MET T 117 7.28 -17.23 -2.85
N GLN T 118 6.47 -18.25 -3.18
CA GLN T 118 5.16 -18.42 -2.55
C GLN T 118 5.29 -18.59 -1.05
N GLU T 119 6.13 -19.52 -0.61
CA GLU T 119 6.39 -19.68 0.81
C GLU T 119 6.87 -18.37 1.41
N TYR T 120 7.73 -17.66 0.71
CA TYR T 120 8.18 -16.37 1.21
C TYR T 120 7.03 -15.38 1.30
N THR T 121 6.02 -15.51 0.45
CA THR T 121 4.84 -14.66 0.58
C THR T 121 4.02 -15.03 1.80
N GLN T 122 3.82 -16.33 2.05
CA GLN T 122 3.01 -16.74 3.18
C GLN T 122 3.73 -16.57 4.51
N SER T 123 5.05 -16.39 4.49
CA SER T 123 5.81 -16.28 5.71
C SER T 123 5.43 -15.02 6.47
N GLY T 124 6.08 -14.82 7.62
CA GLY T 124 5.71 -13.74 8.50
C GLY T 124 6.73 -12.61 8.50
N GLY T 125 6.22 -11.38 8.45
CA GLY T 125 7.04 -10.21 8.66
C GLY T 125 7.89 -9.77 7.49
N VAL T 126 7.60 -10.26 6.29
CA VAL T 126 8.36 -9.87 5.11
C VAL T 126 7.41 -9.66 3.95
N ARG T 127 7.51 -8.50 3.32
CA ARG T 127 6.75 -8.22 2.13
C ARG T 127 7.16 -9.18 1.02
N PRO T 128 6.25 -9.51 0.11
CA PRO T 128 6.63 -10.29 -1.07
C PRO T 128 7.60 -9.50 -1.93
N PHE T 129 8.08 -10.16 -2.97
CA PHE T 129 9.03 -9.52 -3.86
C PHE T 129 8.31 -8.53 -4.78
N GLY T 130 9.10 -7.72 -5.47
CA GLY T 130 8.56 -6.70 -6.35
C GLY T 130 9.07 -6.83 -7.76
N VAL T 131 9.19 -8.05 -8.27
CA VAL T 131 9.70 -8.30 -9.60
C VAL T 131 9.02 -9.54 -10.16
N SER T 132 8.67 -9.50 -11.44
CA SER T 132 8.27 -10.68 -12.17
C SER T 132 9.46 -11.17 -12.99
N LEU T 133 9.41 -12.44 -13.40
CA LEU T 133 10.56 -13.06 -14.03
C LEU T 133 10.18 -13.78 -15.30
N LEU T 134 11.18 -13.99 -16.15
CA LEU T 134 11.01 -14.72 -17.40
C LEU T 134 12.20 -15.66 -17.56
N ILE T 135 11.92 -16.90 -17.91
CA ILE T 135 12.94 -17.94 -17.98
C ILE T 135 12.82 -18.66 -19.31
N CYS T 136 13.97 -19.05 -19.86
CA CYS T 136 14.00 -19.75 -21.13
C CYS T 136 15.18 -20.70 -21.18
N GLY T 137 14.99 -21.82 -21.89
CA GLY T 137 16.05 -22.80 -22.02
C GLY T 137 15.69 -23.96 -22.93
N TRP T 138 16.62 -24.35 -23.80
CA TRP T 138 16.36 -25.38 -24.80
C TRP T 138 16.73 -26.74 -24.20
N ASN T 139 15.94 -27.16 -23.22
CA ASN T 139 16.12 -28.45 -22.59
C ASN T 139 15.52 -29.54 -23.46
N GLU T 140 16.36 -30.43 -23.96
CA GLU T 140 15.93 -31.55 -24.79
C GLU T 140 15.27 -31.06 -26.08
N GLY T 141 16.03 -30.31 -26.85
CA GLY T 141 15.56 -29.83 -28.13
C GLY T 141 14.57 -28.69 -28.01
N ARG T 142 13.36 -29.00 -27.58
CA ARG T 142 12.32 -28.00 -27.46
C ARG T 142 12.68 -27.00 -26.36
N PRO T 143 12.93 -25.74 -26.70
CA PRO T 143 13.14 -24.72 -25.68
C PRO T 143 11.85 -24.45 -24.92
N TYR T 144 12.00 -23.70 -23.82
CA TYR T 144 10.87 -23.39 -22.95
C TYR T 144 11.00 -21.96 -22.43
N LEU T 145 9.85 -21.37 -22.14
CA LEU T 145 9.76 -19.96 -21.79
C LEU T 145 8.61 -19.77 -20.81
N PHE T 146 8.95 -19.57 -19.54
CA PHE T 146 7.97 -19.46 -18.47
C PHE T 146 8.05 -18.09 -17.82
N GLN T 147 7.01 -17.74 -17.08
CA GLN T 147 6.93 -16.46 -16.39
C GLN T 147 6.48 -16.70 -14.95
N SER T 148 7.14 -16.01 -14.01
CA SER T 148 6.74 -16.01 -12.62
C SER T 148 6.00 -14.72 -12.32
N ASP T 149 5.73 -14.47 -11.04
CA ASP T 149 5.00 -13.29 -10.62
C ASP T 149 5.15 -13.14 -9.12
N PRO T 150 4.81 -11.96 -8.58
CA PRO T 150 4.88 -11.78 -7.12
C PRO T 150 4.02 -12.76 -6.35
N SER T 151 2.91 -13.22 -6.91
CA SER T 151 2.08 -14.22 -6.26
C SER T 151 2.67 -15.62 -6.31
N GLY T 152 3.89 -15.77 -6.85
CA GLY T 152 4.52 -17.05 -6.94
C GLY T 152 4.05 -17.91 -8.09
N ALA T 153 3.02 -17.50 -8.81
CA ALA T 153 2.50 -18.28 -9.91
C ALA T 153 3.46 -18.24 -11.09
N TYR T 154 3.13 -18.99 -12.14
CA TYR T 154 3.98 -19.08 -13.32
C TYR T 154 3.14 -19.63 -14.46
N PHE T 155 3.63 -19.41 -15.67
CA PHE T 155 2.91 -19.87 -16.86
C PHE T 155 3.93 -20.30 -17.91
N ALA T 156 3.41 -20.65 -19.08
CA ALA T 156 4.23 -21.07 -20.21
C ALA T 156 3.80 -20.23 -21.40
N TRP T 157 4.61 -19.25 -21.76
CA TRP T 157 4.24 -18.30 -22.81
C TRP T 157 5.04 -18.56 -24.07
N LYS T 158 4.34 -18.61 -25.20
CA LYS T 158 5.02 -18.62 -26.49
C LYS T 158 5.83 -17.34 -26.67
N ALA T 159 5.30 -16.22 -26.20
CA ALA T 159 6.01 -14.97 -26.13
C ALA T 159 5.14 -13.97 -25.39
N THR T 160 5.77 -13.09 -24.61
CA THR T 160 5.04 -12.08 -23.87
C THR T 160 6.03 -10.98 -23.45
N ALA T 161 5.51 -10.02 -22.70
CA ALA T 161 6.32 -8.88 -22.30
C ALA T 161 5.85 -8.36 -20.96
N MET T 162 6.79 -7.85 -20.17
CA MET T 162 6.49 -7.23 -18.90
C MET T 162 6.98 -5.79 -18.93
N GLY T 163 6.62 -5.04 -17.89
CA GLY T 163 6.99 -3.64 -17.82
C GLY T 163 5.80 -2.74 -18.04
N LYS T 164 6.04 -1.57 -18.65
CA LYS T 164 4.95 -0.67 -18.96
C LYS T 164 4.39 -0.97 -20.34
N ASN T 165 3.07 -0.79 -20.47
CA ASN T 165 2.38 -0.99 -21.75
C ASN T 165 2.50 -2.43 -22.22
N TYR T 166 2.64 -3.35 -21.26
CA TYR T 166 2.70 -4.77 -21.59
C TYR T 166 1.41 -5.27 -22.22
N VAL T 167 0.31 -4.53 -22.08
CA VAL T 167 -0.92 -4.86 -22.80
C VAL T 167 -0.89 -4.36 -24.23
N ASN T 168 -0.37 -3.16 -24.47
CA ASN T 168 -0.25 -2.68 -25.84
C ASN T 168 0.73 -3.53 -26.63
N GLY T 169 1.96 -3.67 -26.13
CA GLY T 169 2.88 -4.63 -26.71
C GLY T 169 2.37 -6.05 -26.65
N LYS T 170 1.49 -6.35 -25.70
CA LYS T 170 0.81 -7.64 -25.68
C LYS T 170 0.04 -7.86 -26.98
N THR T 171 -0.88 -6.94 -27.29
CA THR T 171 -1.64 -7.04 -28.54
C THR T 171 -0.72 -7.02 -29.75
N PHE T 172 0.30 -6.16 -29.73
CA PHE T 172 1.27 -6.12 -30.82
C PHE T 172 1.91 -7.48 -31.04
N LEU T 173 2.24 -8.17 -29.96
CA LEU T 173 2.75 -9.53 -30.07
C LEU T 173 1.68 -10.47 -30.60
N GLU T 174 0.43 -10.25 -30.23
CA GLU T 174 -0.63 -11.12 -30.72
C GLU T 174 -0.79 -11.00 -32.23
N LYS T 175 -0.64 -9.79 -32.76
CA LYS T 175 -0.81 -9.60 -34.19
C LYS T 175 0.46 -9.94 -34.98
N ARG T 176 1.56 -9.24 -34.69
CA ARG T 176 2.80 -9.48 -35.43
C ARG T 176 3.30 -10.89 -35.22
N TYR T 177 3.10 -11.45 -34.03
CA TYR T 177 3.52 -12.81 -33.76
C TYR T 177 2.70 -13.80 -34.57
N ASN T 178 3.18 -15.03 -34.61
CA ASN T 178 2.48 -16.11 -35.30
C ASN T 178 2.78 -17.41 -34.56
N GLU T 179 2.53 -18.54 -35.23
CA GLU T 179 2.86 -19.83 -34.64
C GLU T 179 4.36 -20.05 -34.58
N ASP T 180 5.02 -20.04 -35.74
CA ASP T 180 6.43 -20.36 -35.83
C ASP T 180 7.18 -19.25 -36.54
N LEU T 181 8.45 -19.11 -36.17
CA LEU T 181 9.36 -18.15 -36.78
C LEU T 181 10.77 -18.71 -36.67
N GLU T 182 11.76 -17.84 -36.83
CA GLU T 182 13.15 -18.17 -36.55
C GLU T 182 13.71 -17.17 -35.54
N LEU T 183 14.94 -17.45 -35.11
CA LEU T 183 15.55 -16.64 -34.06
C LEU T 183 15.70 -15.20 -34.51
N GLU T 184 16.27 -14.98 -35.69
CA GLU T 184 16.51 -13.62 -36.16
C GLU T 184 15.21 -12.85 -36.33
N ASP T 185 14.22 -13.47 -36.96
CA ASP T 185 12.93 -12.81 -37.13
C ASP T 185 12.30 -12.45 -35.79
N ALA T 186 12.28 -13.41 -34.86
CA ALA T 186 11.77 -13.14 -33.52
C ALA T 186 12.54 -12.00 -32.85
N ILE T 187 13.84 -11.90 -33.12
CA ILE T 187 14.60 -10.75 -32.66
C ILE T 187 14.04 -9.49 -33.29
N HIS T 188 13.73 -9.55 -34.58
CA HIS T 188 13.22 -8.38 -35.28
C HIS T 188 11.93 -7.89 -34.69
N THR T 189 10.98 -8.79 -34.45
CA THR T 189 9.72 -8.39 -33.82
C THR T 189 9.89 -7.98 -32.37
N ALA T 190 10.80 -8.63 -31.65
CA ALA T 190 11.06 -8.24 -30.27
C ALA T 190 11.58 -6.83 -30.19
N ILE T 191 12.51 -6.46 -31.07
CA ILE T 191 12.95 -5.07 -31.12
C ILE T 191 11.85 -4.20 -31.69
N LEU T 192 10.92 -4.77 -32.44
CA LEU T 192 9.77 -4.01 -32.91
C LEU T 192 8.94 -3.52 -31.73
N THR T 193 8.49 -4.42 -30.88
CA THR T 193 7.77 -4.01 -29.68
C THR T 193 8.66 -3.25 -28.71
N LEU T 194 9.97 -3.47 -28.74
CA LEU T 194 10.86 -2.68 -27.92
C LEU T 194 10.84 -1.21 -28.32
N LYS T 195 10.93 -0.94 -29.61
CA LYS T 195 10.71 0.42 -30.13
C LYS T 195 9.27 0.85 -30.00
N GLU T 196 8.35 -0.09 -29.79
CA GLU T 196 6.94 0.25 -29.64
C GLU T 196 6.73 1.19 -28.45
N SER T 197 7.57 1.10 -27.43
CA SER T 197 7.48 1.97 -26.28
C SER T 197 8.83 2.55 -25.87
N PHE T 198 9.89 2.30 -26.62
CA PHE T 198 11.20 2.76 -26.23
C PHE T 198 11.30 4.27 -26.39
N GLU T 199 12.44 4.83 -25.98
CA GLU T 199 12.69 6.26 -26.14
C GLU T 199 13.04 6.55 -27.60
N GLY T 200 13.48 7.77 -27.87
CA GLY T 200 13.81 8.15 -29.23
C GLY T 200 14.98 7.37 -29.80
N GLN T 201 16.18 7.61 -29.28
CA GLN T 201 17.36 6.93 -29.77
C GLN T 201 17.47 5.56 -29.14
N MET T 202 17.59 4.53 -29.97
CA MET T 202 17.73 3.16 -29.51
C MET T 202 19.06 2.63 -30.03
N THR T 203 20.04 2.55 -29.13
CA THR T 203 21.39 2.16 -29.46
C THR T 203 21.66 0.78 -28.87
N GLU T 204 22.91 0.32 -29.00
CA GLU T 204 23.31 -0.95 -28.42
C GLU T 204 23.14 -0.95 -26.90
N ASP T 205 23.27 0.21 -26.26
CA ASP T 205 23.15 0.29 -24.81
C ASP T 205 21.74 0.62 -24.35
N ASN T 206 20.88 1.10 -25.25
CA ASN T 206 19.50 1.36 -24.87
C ASN T 206 18.75 0.07 -24.57
N ILE T 207 19.29 -1.07 -25.00
CA ILE T 207 18.71 -2.37 -24.71
C ILE T 207 19.83 -3.37 -24.48
N GLU T 208 19.43 -4.61 -24.25
CA GLU T 208 20.38 -5.70 -24.07
C GLU T 208 19.62 -7.00 -24.24
N VAL T 209 20.20 -7.97 -24.95
CA VAL T 209 19.47 -9.15 -25.39
C VAL T 209 20.34 -10.39 -25.21
N GLY T 210 19.72 -11.45 -24.72
CA GLY T 210 20.35 -12.76 -24.69
C GLY T 210 19.45 -13.75 -25.39
N ILE T 211 19.97 -14.96 -25.61
CA ILE T 211 19.22 -16.00 -26.31
C ILE T 211 19.58 -17.37 -25.76
N CYS T 212 18.63 -18.29 -25.90
CA CYS T 212 18.89 -19.72 -25.74
C CYS T 212 18.94 -20.37 -27.11
N ASN T 213 19.86 -21.30 -27.26
CA ASN T 213 19.92 -22.14 -28.45
C ASN T 213 19.92 -23.59 -27.99
N GLU T 214 19.71 -24.49 -28.94
CA GLU T 214 19.88 -25.89 -28.60
C GLU T 214 21.36 -26.23 -28.40
N ALA T 215 22.25 -25.36 -28.88
CA ALA T 215 23.67 -25.46 -28.52
C ALA T 215 23.96 -24.86 -27.17
N GLY T 216 22.95 -24.31 -26.49
CA GLY T 216 23.16 -23.78 -25.16
C GLY T 216 22.77 -22.32 -25.02
N PHE T 217 22.81 -21.80 -23.80
CA PHE T 217 22.48 -20.40 -23.59
C PHE T 217 23.65 -19.51 -23.95
N ARG T 218 23.34 -18.31 -24.41
CA ARG T 218 24.34 -17.34 -24.86
C ARG T 218 23.80 -15.94 -24.62
N ARG T 219 24.71 -14.99 -24.41
CA ARG T 219 24.35 -13.60 -24.28
C ARG T 219 24.78 -12.86 -25.55
N LEU T 220 24.10 -11.77 -25.85
CA LEU T 220 24.45 -10.99 -27.03
C LEU T 220 25.27 -9.77 -26.64
N THR T 221 26.27 -9.46 -27.45
CA THR T 221 27.13 -8.34 -27.15
C THR T 221 26.65 -7.08 -27.85
N PRO T 222 27.08 -5.91 -27.37
CA PRO T 222 26.70 -4.65 -28.03
C PRO T 222 27.16 -4.57 -29.47
N THR T 223 28.21 -5.29 -29.83
CA THR T 223 28.66 -5.34 -31.21
C THR T 223 27.55 -5.85 -32.11
N GLU T 224 27.13 -7.09 -31.92
CA GLU T 224 26.08 -7.66 -32.73
C GLU T 224 24.74 -6.99 -32.46
N VAL T 225 24.60 -6.33 -31.31
CA VAL T 225 23.40 -5.55 -31.05
C VAL T 225 23.29 -4.41 -32.03
N LYS T 226 24.27 -3.50 -32.04
CA LYS T 226 24.28 -2.42 -33.00
C LYS T 226 24.29 -2.94 -34.43
N ASP T 227 24.98 -4.07 -34.67
CA ASP T 227 25.00 -4.66 -35.99
C ASP T 227 23.61 -5.09 -36.43
N TYR T 228 22.79 -5.54 -35.49
CA TYR T 228 21.41 -5.89 -35.78
C TYR T 228 20.50 -4.68 -35.78
N LEU T 229 20.97 -3.55 -35.23
CA LEU T 229 20.17 -2.34 -35.21
C LEU T 229 19.78 -1.88 -36.60
N ALA T 230 20.58 -2.19 -37.61
CA ALA T 230 20.17 -1.98 -38.99
C ALA T 230 18.89 -2.75 -39.25
N ALA T 231 18.04 -2.21 -40.12
CA ALA T 231 16.69 -2.72 -40.30
C ALA T 231 15.94 -2.65 -38.97
N ILE T 232 15.76 -1.41 -38.51
CA ILE T 232 15.22 -1.16 -37.18
C ILE T 232 13.80 -1.70 -37.08
N ALA T 233 13.35 -1.85 -35.83
CA ALA T 233 12.03 -2.42 -35.53
C ALA T 233 11.92 -3.86 -36.00
N SER U 1 6.10 -4.14 16.42
CA SER U 1 6.21 -5.01 17.58
C SER U 1 4.91 -5.72 17.87
N ARG U 2 4.01 -5.03 18.57
CA ARG U 2 2.73 -5.59 18.94
C ARG U 2 1.55 -5.03 18.17
N ARG U 3 1.55 -3.74 17.85
CA ARG U 3 0.45 -3.13 17.13
C ARG U 3 0.41 -3.50 15.66
N TYR U 4 1.35 -4.31 15.20
CA TYR U 4 1.38 -4.74 13.81
C TYR U 4 0.82 -6.14 13.61
N ASP U 5 0.53 -6.86 14.69
CA ASP U 5 -0.05 -8.18 14.56
C ASP U 5 -1.43 -8.11 13.92
N SER U 6 -1.74 -9.12 13.11
CA SER U 6 -3.02 -9.20 12.43
C SER U 6 -4.10 -9.86 13.27
N ARG U 7 -3.73 -10.71 14.23
CA ARG U 7 -4.68 -11.38 15.09
C ARG U 7 -5.63 -12.26 14.27
N THR U 8 -5.04 -13.20 13.53
CA THR U 8 -5.79 -14.11 12.67
C THR U 8 -6.06 -15.44 13.35
N THR U 9 -6.41 -15.42 14.64
CA THR U 9 -6.66 -16.66 15.36
C THR U 9 -7.83 -16.50 16.32
N ILE U 10 -8.29 -15.26 16.50
CA ILE U 10 -9.38 -14.99 17.43
C ILE U 10 -10.71 -15.24 16.76
N PHE U 11 -11.72 -15.61 17.56
CA PHE U 11 -13.05 -15.84 17.02
C PHE U 11 -13.72 -14.51 16.65
N SER U 12 -14.94 -14.61 16.15
CA SER U 12 -15.75 -13.45 15.85
C SER U 12 -16.58 -13.06 17.06
N PRO U 13 -16.85 -11.76 17.22
CA PRO U 13 -17.66 -11.31 18.35
C PRO U 13 -19.03 -11.97 18.41
N GLU U 14 -19.57 -12.38 17.28
CA GLU U 14 -20.76 -13.22 17.28
C GLU U 14 -20.50 -14.54 18.00
N GLY U 15 -19.26 -15.01 18.00
CA GLY U 15 -18.95 -16.31 18.55
C GLY U 15 -18.65 -17.29 17.44
N ARG U 16 -18.03 -16.80 16.37
CA ARG U 16 -17.71 -17.61 15.21
C ARG U 16 -16.31 -17.23 14.75
N LEU U 17 -15.93 -17.67 13.56
CA LEU U 17 -14.67 -17.25 12.97
C LEU U 17 -14.86 -15.99 12.14
N TYR U 18 -13.75 -15.37 11.78
CA TYR U 18 -13.81 -14.08 11.10
C TYR U 18 -12.89 -14.05 9.89
N GLN U 19 -11.78 -14.77 9.95
CA GLN U 19 -10.81 -14.81 8.87
C GLN U 19 -11.08 -15.91 7.86
N VAL U 20 -11.34 -17.12 8.33
CA VAL U 20 -11.64 -18.23 7.44
C VAL U 20 -12.87 -17.94 6.62
N GLU U 21 -13.80 -17.15 7.18
CA GLU U 21 -14.94 -16.69 6.40
C GLU U 21 -14.48 -15.88 5.20
N TYR U 22 -13.53 -14.96 5.40
CA TYR U 22 -12.97 -14.24 4.26
C TYR U 22 -12.26 -15.20 3.31
N ALA U 23 -11.61 -16.23 3.86
CA ALA U 23 -10.85 -17.14 3.02
C ALA U 23 -11.74 -17.94 2.09
N MET U 24 -12.77 -18.59 2.62
CA MET U 24 -13.62 -19.45 1.81
C MET U 24 -14.36 -18.68 0.73
N GLU U 25 -14.55 -17.37 0.91
CA GLU U 25 -15.18 -16.56 -0.11
C GLU U 25 -14.41 -16.55 -1.42
N ALA U 26 -13.07 -16.53 -1.36
CA ALA U 26 -12.28 -16.45 -2.57
C ALA U 26 -12.37 -17.71 -3.41
N ILE U 27 -12.63 -18.87 -2.80
CA ILE U 27 -12.63 -20.12 -3.55
C ILE U 27 -13.74 -20.14 -4.58
N GLY U 28 -14.88 -19.51 -4.28
CA GLY U 28 -15.96 -19.45 -5.26
C GLY U 28 -15.55 -18.76 -6.54
N HIS U 29 -14.82 -17.66 -6.42
CA HIS U 29 -14.26 -16.99 -7.58
C HIS U 29 -13.00 -17.70 -8.04
N ALA U 30 -12.70 -17.52 -9.33
CA ALA U 30 -11.47 -18.03 -9.93
C ALA U 30 -11.34 -19.55 -9.73
N GLY U 31 -12.30 -20.25 -10.31
CA GLY U 31 -12.30 -21.71 -10.27
C GLY U 31 -13.71 -22.26 -10.18
N THR U 32 -13.97 -23.29 -10.97
CA THR U 32 -15.24 -24.00 -10.92
C THR U 32 -15.02 -25.39 -11.51
N CYS U 33 -15.09 -26.41 -10.66
CA CYS U 33 -14.85 -27.78 -11.09
C CYS U 33 -15.76 -28.70 -10.29
N LEU U 34 -15.73 -30.00 -10.65
CA LEU U 34 -16.60 -30.94 -9.98
C LEU U 34 -16.14 -32.36 -10.25
N GLY U 35 -16.91 -33.31 -9.74
CA GLY U 35 -16.66 -34.72 -9.97
C GLY U 35 -17.90 -35.51 -9.68
N ILE U 36 -17.94 -36.74 -10.20
CA ILE U 36 -19.09 -37.61 -10.06
C ILE U 36 -18.65 -39.05 -10.25
N LEU U 37 -19.22 -39.95 -9.45
CA LEU U 37 -19.04 -41.39 -9.63
C LEU U 37 -20.22 -42.11 -9.02
N ALA U 38 -20.71 -43.10 -9.74
CA ALA U 38 -21.72 -44.01 -9.19
C ALA U 38 -21.41 -45.47 -9.46
N ASN U 39 -20.47 -45.78 -10.35
CA ASN U 39 -20.08 -47.15 -10.65
C ASN U 39 -18.60 -47.12 -11.02
N ASP U 40 -18.14 -48.18 -11.67
CA ASP U 40 -16.74 -48.33 -12.05
C ASP U 40 -16.22 -47.12 -12.82
N GLY U 41 -15.22 -46.44 -12.26
CA GLY U 41 -14.69 -45.24 -12.85
C GLY U 41 -15.17 -44.01 -12.12
N VAL U 42 -14.52 -42.86 -12.37
CA VAL U 42 -14.93 -41.61 -11.76
C VAL U 42 -14.55 -40.49 -12.70
N LEU U 43 -15.35 -39.42 -12.68
CA LEU U 43 -15.17 -38.30 -13.58
C LEU U 43 -14.67 -37.09 -12.81
N LEU U 44 -14.12 -36.14 -13.56
CA LEU U 44 -13.61 -34.89 -13.02
C LEU U 44 -13.76 -33.80 -14.05
N ALA U 45 -14.57 -32.80 -13.72
CA ALA U 45 -14.86 -31.67 -14.59
C ALA U 45 -13.98 -30.50 -14.20
N ALA U 46 -13.18 -30.03 -15.14
CA ALA U 46 -12.27 -28.91 -14.94
C ALA U 46 -12.72 -27.71 -15.76
N GLU U 47 -12.06 -26.58 -15.54
CA GLU U 47 -12.39 -25.36 -16.24
C GLU U 47 -11.10 -24.62 -16.54
N ARG U 48 -10.98 -24.12 -17.77
CA ARG U 48 -9.84 -23.28 -18.15
C ARG U 48 -10.14 -21.83 -17.77
N ARG U 49 -9.73 -21.44 -16.56
CA ARG U 49 -9.94 -20.05 -16.14
C ARG U 49 -9.14 -19.10 -17.00
N ASN U 50 -8.00 -19.55 -17.54
CA ASN U 50 -7.20 -18.78 -18.47
C ASN U 50 -7.14 -19.55 -19.79
N ILE U 51 -7.68 -18.96 -20.84
CA ILE U 51 -7.75 -19.62 -22.14
C ILE U 51 -7.12 -18.73 -23.21
N HIS U 52 -6.16 -17.91 -22.82
CA HIS U 52 -5.54 -16.98 -23.75
C HIS U 52 -4.80 -17.75 -24.85
N LYS U 53 -4.85 -17.20 -26.06
CA LYS U 53 -4.39 -17.89 -27.26
C LYS U 53 -2.90 -17.69 -27.53
N LEU U 54 -2.13 -17.27 -26.54
CA LEU U 54 -0.69 -17.12 -26.71
C LEU U 54 0.11 -17.97 -25.75
N LEU U 55 -0.54 -18.68 -24.84
CA LEU U 55 0.14 -19.56 -23.91
C LEU U 55 0.85 -20.68 -24.67
N ASP U 56 1.64 -21.45 -23.93
CA ASP U 56 2.31 -22.60 -24.54
C ASP U 56 1.43 -23.84 -24.53
N GLU U 57 0.69 -24.04 -23.43
CA GLU U 57 -0.15 -25.23 -23.26
C GLU U 57 0.66 -26.51 -23.42
N VAL U 58 1.92 -26.45 -22.99
CA VAL U 58 2.86 -27.55 -23.18
C VAL U 58 3.03 -28.38 -21.91
N PHE U 59 2.37 -27.99 -20.82
CA PHE U 59 2.43 -28.80 -19.61
C PHE U 59 1.84 -30.18 -19.84
N PHE U 60 0.80 -30.28 -20.67
CA PHE U 60 0.15 -31.55 -20.96
C PHE U 60 -0.45 -32.15 -19.70
N SER U 61 -0.79 -31.28 -18.76
CA SER U 61 -1.39 -31.63 -17.49
C SER U 61 -1.72 -30.33 -16.80
N GLU U 62 -2.68 -30.40 -15.88
CA GLU U 62 -3.30 -29.19 -15.35
C GLU U 62 -3.74 -29.52 -13.92
N LYS U 63 -4.72 -28.77 -13.42
CA LYS U 63 -5.38 -28.94 -12.14
C LYS U 63 -5.59 -30.39 -11.73
N ILE U 64 -5.82 -31.27 -12.70
CA ILE U 64 -5.74 -32.70 -12.44
C ILE U 64 -4.29 -33.03 -12.09
N TYR U 65 -4.03 -33.34 -10.82
CA TYR U 65 -2.69 -33.70 -10.37
C TYR U 65 -2.70 -35.14 -9.90
N LYS U 66 -1.97 -36.01 -10.61
CA LYS U 66 -1.84 -37.41 -10.21
C LYS U 66 -0.89 -37.49 -9.03
N LEU U 67 -1.46 -37.51 -7.83
CA LEU U 67 -0.69 -37.58 -6.60
C LEU U 67 -0.22 -39.00 -6.27
N ASN U 68 -0.61 -39.99 -7.07
CA ASN U 68 -0.32 -41.37 -6.75
C ASN U 68 -0.83 -42.23 -7.90
N GLU U 69 -0.41 -43.49 -7.92
CA GLU U 69 -0.93 -44.43 -8.91
C GLU U 69 -2.41 -44.73 -8.74
N ASP U 70 -3.02 -44.32 -7.64
CA ASP U 70 -4.42 -44.63 -7.41
C ASP U 70 -5.25 -43.43 -6.97
N MET U 71 -4.65 -42.27 -6.74
CA MET U 71 -5.40 -41.10 -6.34
C MET U 71 -4.87 -39.86 -7.03
N ALA U 72 -5.77 -38.93 -7.30
CA ALA U 72 -5.44 -37.65 -7.88
C ALA U 72 -6.43 -36.62 -7.35
N CYS U 73 -6.14 -35.35 -7.60
CA CYS U 73 -6.91 -34.28 -7.01
C CYS U 73 -6.98 -33.10 -7.96
N SER U 74 -7.98 -32.25 -7.72
CA SER U 74 -8.17 -31.00 -8.45
C SER U 74 -8.31 -29.89 -7.43
N VAL U 75 -7.56 -28.81 -7.61
CA VAL U 75 -7.45 -27.76 -6.62
C VAL U 75 -8.18 -26.51 -7.12
N ALA U 76 -8.58 -25.66 -6.17
CA ALA U 76 -9.26 -24.42 -6.49
C ALA U 76 -8.91 -23.38 -5.44
N GLY U 77 -8.50 -22.21 -5.90
CA GLY U 77 -8.12 -21.13 -5.01
C GLY U 77 -6.82 -20.50 -5.50
N ILE U 78 -5.96 -20.15 -4.55
CA ILE U 78 -4.65 -19.62 -4.90
C ILE U 78 -3.83 -20.73 -5.52
N THR U 79 -3.33 -20.48 -6.73
CA THR U 79 -2.63 -21.52 -7.49
C THR U 79 -1.37 -21.97 -6.76
N SER U 80 -0.42 -21.06 -6.60
CA SER U 80 0.86 -21.41 -5.97
C SER U 80 0.70 -21.86 -4.53
N ASP U 81 -0.34 -21.40 -3.84
CA ASP U 81 -0.65 -21.96 -2.54
C ASP U 81 -0.95 -23.45 -2.64
N ALA U 82 -1.53 -23.88 -3.76
CA ALA U 82 -1.87 -25.29 -3.92
C ALA U 82 -0.63 -26.15 -4.05
N ASN U 83 0.40 -25.66 -4.74
CA ASN U 83 1.58 -26.48 -5.04
C ASN U 83 2.24 -27.02 -3.78
N VAL U 84 2.32 -26.21 -2.73
CA VAL U 84 2.87 -26.68 -1.46
C VAL U 84 2.10 -27.88 -0.96
N LEU U 85 0.77 -27.79 -0.97
CA LEU U 85 -0.05 -28.90 -0.50
C LEU U 85 0.10 -30.11 -1.40
N THR U 86 0.27 -29.89 -2.70
CA THR U 86 0.48 -31.00 -3.61
C THR U 86 1.75 -31.76 -3.25
N ASN U 87 2.88 -31.05 -3.19
CA ASN U 87 4.14 -31.71 -2.90
C ASN U 87 4.14 -32.35 -1.53
N GLU U 88 3.57 -31.67 -0.53
CA GLU U 88 3.51 -32.24 0.80
C GLU U 88 2.69 -33.51 0.82
N LEU U 89 1.46 -33.44 0.32
CA LEU U 89 0.56 -34.59 0.33
C LEU U 89 1.15 -35.77 -0.43
N ARG U 90 1.64 -35.53 -1.63
CA ARG U 90 2.26 -36.60 -2.41
C ARG U 90 3.37 -37.29 -1.64
N LEU U 91 4.23 -36.51 -0.98
CA LEU U 91 5.28 -37.12 -0.19
C LEU U 91 4.73 -37.86 1.02
N ILE U 92 3.59 -37.41 1.55
CA ILE U 92 2.97 -38.14 2.66
C ILE U 92 2.54 -39.52 2.21
N ALA U 93 1.72 -39.57 1.15
CA ALA U 93 1.31 -40.86 0.60
C ALA U 93 2.50 -41.72 0.22
N GLN U 94 3.58 -41.11 -0.25
CA GLN U 94 4.77 -41.88 -0.54
C GLN U 94 5.40 -42.49 0.71
N ARG U 95 5.62 -41.68 1.76
CA ARG U 95 6.23 -42.19 2.98
C ARG U 95 5.38 -43.27 3.64
N TYR U 96 4.06 -43.18 3.52
CA TYR U 96 3.23 -44.30 3.94
C TYR U 96 3.64 -45.58 3.22
N LEU U 97 3.76 -45.51 1.91
CA LEU U 97 4.21 -46.65 1.12
C LEU U 97 5.58 -47.11 1.55
N LEU U 98 6.46 -46.19 1.93
CA LEU U 98 7.75 -46.60 2.48
C LEU U 98 7.58 -47.35 3.79
N GLN U 99 6.55 -47.00 4.56
CA GLN U 99 6.42 -47.60 5.87
C GLN U 99 5.79 -48.98 5.81
N TYR U 100 4.82 -49.20 4.92
CA TYR U 100 4.07 -50.44 4.92
C TYR U 100 4.19 -51.25 3.64
N GLN U 101 4.79 -50.70 2.59
CA GLN U 101 4.80 -51.31 1.26
C GLN U 101 3.38 -51.69 0.84
N GLU U 102 2.52 -50.68 0.86
CA GLU U 102 1.14 -50.86 0.44
C GLU U 102 0.53 -49.49 0.20
N PRO U 103 -0.36 -49.35 -0.78
CA PRO U 103 -0.90 -48.02 -1.11
C PRO U 103 -1.73 -47.44 0.01
N ILE U 104 -1.63 -46.13 0.15
CA ILE U 104 -2.35 -45.45 1.22
C ILE U 104 -3.85 -45.48 0.93
N PRO U 105 -4.67 -45.92 1.88
CA PRO U 105 -6.12 -45.71 1.77
C PRO U 105 -6.43 -44.25 1.56
N CYS U 106 -7.55 -44.01 0.87
CA CYS U 106 -7.89 -42.67 0.44
C CYS U 106 -8.21 -41.74 1.60
N GLU U 107 -8.96 -42.21 2.59
CA GLU U 107 -9.48 -41.32 3.62
C GLU U 107 -8.35 -40.74 4.46
N GLN U 108 -7.65 -41.59 5.19
CA GLN U 108 -6.67 -41.15 6.17
C GLN U 108 -5.58 -40.27 5.58
N LEU U 109 -5.30 -40.40 4.28
CA LEU U 109 -4.47 -39.41 3.62
C LEU U 109 -5.12 -38.03 3.69
N VAL U 110 -6.38 -37.94 3.26
CA VAL U 110 -7.09 -36.67 3.29
C VAL U 110 -7.18 -36.15 4.71
N THR U 111 -7.40 -37.02 5.68
CA THR U 111 -7.40 -36.60 7.07
C THR U 111 -6.05 -36.01 7.46
N ALA U 112 -4.96 -36.67 7.04
CA ALA U 112 -3.63 -36.16 7.34
C ALA U 112 -3.45 -34.76 6.79
N LEU U 113 -3.90 -34.52 5.56
CA LEU U 113 -3.76 -33.17 5.00
C LEU U 113 -4.63 -32.18 5.76
N CYS U 114 -5.88 -32.55 6.02
CA CYS U 114 -6.80 -31.68 6.75
C CYS U 114 -6.25 -31.28 8.11
N ASP U 115 -5.53 -32.18 8.78
CA ASP U 115 -4.88 -31.80 10.03
C ASP U 115 -3.90 -30.67 9.82
N ILE U 116 -3.09 -30.74 8.75
CA ILE U 116 -2.18 -29.65 8.44
C ILE U 116 -2.95 -28.37 8.18
N LYS U 117 -4.09 -28.47 7.48
CA LYS U 117 -4.88 -27.27 7.23
C LYS U 117 -5.39 -26.65 8.53
N GLN U 118 -5.97 -27.46 9.41
CA GLN U 118 -6.46 -26.93 10.67
C GLN U 118 -5.33 -26.43 11.55
N ALA U 119 -4.10 -26.91 11.31
CA ALA U 119 -2.97 -26.53 12.13
C ALA U 119 -2.75 -25.02 12.15
N TYR U 120 -2.77 -24.37 10.98
CA TYR U 120 -2.64 -22.93 10.97
C TYR U 120 -3.84 -22.24 11.59
N THR U 121 -5.01 -22.86 11.52
CA THR U 121 -6.21 -22.27 12.09
C THR U 121 -6.18 -22.27 13.61
N GLN U 122 -5.60 -23.31 14.20
CA GLN U 122 -5.70 -23.51 15.64
C GLN U 122 -4.90 -22.46 16.39
N PHE U 123 -3.71 -22.14 15.91
CA PHE U 123 -2.80 -21.24 16.60
C PHE U 123 -1.77 -20.73 15.63
N GLY U 124 -1.13 -19.62 16.00
CA GLY U 124 -0.03 -19.09 15.22
C GLY U 124 -0.31 -17.73 14.62
N GLY U 125 -1.50 -17.56 14.04
CA GLY U 125 -1.79 -16.36 13.30
C GLY U 125 -1.18 -16.31 11.93
N LYS U 126 -0.50 -17.37 11.51
CA LYS U 126 -0.03 -17.47 10.14
C LYS U 126 -1.20 -17.38 9.17
N ARG U 127 -0.95 -16.84 7.99
CA ARG U 127 -2.00 -16.72 6.99
C ARG U 127 -2.49 -18.09 6.58
N PRO U 128 -3.78 -18.36 6.67
CA PRO U 128 -4.29 -19.70 6.37
C PRO U 128 -4.20 -20.02 4.89
N PHE U 129 -4.69 -21.20 4.54
CA PHE U 129 -4.68 -21.64 3.15
C PHE U 129 -5.94 -21.18 2.42
N GLY U 130 -5.74 -20.51 1.30
CA GLY U 130 -6.85 -20.18 0.43
C GLY U 130 -7.03 -21.22 -0.66
N VAL U 131 -7.35 -22.45 -0.26
CA VAL U 131 -7.41 -23.57 -1.18
C VAL U 131 -8.50 -24.53 -0.73
N SER U 132 -9.28 -25.02 -1.70
CA SER U 132 -10.18 -26.15 -1.50
C SER U 132 -10.11 -27.03 -2.74
N LEU U 133 -10.11 -28.34 -2.53
CA LEU U 133 -9.84 -29.26 -3.61
C LEU U 133 -10.64 -30.54 -3.39
N LEU U 134 -10.56 -31.42 -4.38
CA LEU U 134 -11.32 -32.67 -4.35
C LEU U 134 -10.36 -33.86 -4.37
N TYR U 135 -10.95 -35.05 -4.40
CA TYR U 135 -10.17 -36.28 -4.29
C TYR U 135 -10.78 -37.35 -5.15
N ILE U 136 -9.93 -38.15 -5.77
CA ILE U 136 -10.35 -39.34 -6.49
C ILE U 136 -9.35 -40.44 -6.21
N GLY U 137 -9.87 -41.62 -5.91
CA GLY U 137 -8.98 -42.72 -5.57
C GLY U 137 -9.74 -44.03 -5.45
N TRP U 138 -9.05 -45.09 -5.85
CA TRP U 138 -9.52 -46.46 -5.68
C TRP U 138 -8.81 -47.07 -4.48
N ASP U 139 -9.49 -47.99 -3.80
CA ASP U 139 -8.90 -48.62 -2.62
C ASP U 139 -9.27 -50.10 -2.61
N LYS U 140 -8.86 -50.78 -1.55
CA LYS U 140 -9.21 -52.16 -1.33
C LYS U 140 -10.41 -52.33 -0.40
N HIS U 141 -10.95 -51.23 0.11
CA HIS U 141 -12.02 -51.31 1.08
C HIS U 141 -13.33 -50.71 0.60
N TYR U 142 -13.28 -49.77 -0.34
CA TYR U 142 -14.49 -49.17 -0.87
C TYR U 142 -14.41 -48.91 -2.37
N GLY U 143 -13.35 -49.31 -3.05
CA GLY U 143 -13.21 -49.04 -4.46
C GLY U 143 -13.04 -47.57 -4.72
N PHE U 144 -13.99 -46.99 -5.46
CA PHE U 144 -13.91 -45.59 -5.87
C PHE U 144 -14.47 -44.70 -4.77
N GLN U 145 -13.97 -43.47 -4.69
CA GLN U 145 -14.34 -42.57 -3.60
C GLN U 145 -14.18 -41.12 -4.04
N LEU U 146 -14.92 -40.24 -3.36
CA LEU U 146 -14.84 -38.80 -3.56
C LEU U 146 -14.87 -38.10 -2.21
N TYR U 147 -14.05 -37.06 -2.07
CA TYR U 147 -13.97 -36.34 -0.80
C TYR U 147 -13.77 -34.86 -1.05
N GLN U 148 -14.52 -34.05 -0.31
CA GLN U 148 -14.42 -32.60 -0.39
C GLN U 148 -13.39 -32.11 0.61
N SER U 149 -12.63 -31.09 0.23
CA SER U 149 -11.64 -30.48 1.09
C SER U 149 -12.09 -29.08 1.48
N ASP U 150 -11.65 -28.63 2.64
CA ASP U 150 -12.03 -27.34 3.17
C ASP U 150 -10.81 -26.59 3.64
N PRO U 151 -10.81 -25.27 3.54
CA PRO U 151 -9.74 -24.49 4.17
C PRO U 151 -9.69 -24.67 5.67
N SER U 152 -10.84 -24.95 6.29
CA SER U 152 -10.92 -25.19 7.72
C SER U 152 -10.36 -26.54 8.14
N GLY U 153 -9.85 -27.33 7.21
CA GLY U 153 -9.45 -28.69 7.52
C GLY U 153 -10.59 -29.66 7.61
N ASN U 154 -11.79 -29.25 7.23
CA ASN U 154 -12.94 -30.13 7.21
C ASN U 154 -13.04 -30.82 5.85
N TYR U 155 -13.64 -32.00 5.84
CA TYR U 155 -13.78 -32.78 4.63
C TYR U 155 -15.08 -33.58 4.71
N GLY U 156 -15.28 -34.45 3.74
CA GLY U 156 -16.45 -35.31 3.73
C GLY U 156 -16.46 -36.19 2.51
N GLY U 157 -17.26 -37.26 2.61
CA GLY U 157 -17.45 -38.17 1.50
C GLY U 157 -18.61 -37.72 0.62
N TRP U 158 -18.41 -37.83 -0.69
CA TRP U 158 -19.35 -37.29 -1.65
C TRP U 158 -19.44 -38.22 -2.85
N LYS U 159 -20.53 -38.06 -3.60
CA LYS U 159 -20.69 -38.71 -4.89
C LYS U 159 -20.79 -37.73 -6.05
N ALA U 160 -21.41 -36.57 -5.83
CA ALA U 160 -21.35 -35.45 -6.74
C ALA U 160 -21.03 -34.23 -5.92
N THR U 161 -20.33 -33.26 -6.52
CA THR U 161 -19.78 -32.16 -5.75
C THR U 161 -19.90 -30.86 -6.53
N CYS U 162 -19.27 -29.82 -5.98
CA CYS U 162 -19.32 -28.45 -6.48
C CYS U 162 -18.08 -27.73 -5.99
N ILE U 163 -17.55 -26.86 -6.84
CA ILE U 163 -16.38 -26.07 -6.46
C ILE U 163 -16.64 -24.60 -6.72
N GLY U 164 -16.92 -24.26 -7.98
CA GLY U 164 -17.09 -22.87 -8.34
C GLY U 164 -18.43 -22.32 -7.90
N ASN U 165 -18.44 -21.01 -7.67
CA ASN U 165 -19.68 -20.33 -7.32
C ASN U 165 -20.71 -20.48 -8.42
N ASN U 166 -20.27 -20.51 -9.68
CA ASN U 166 -21.19 -20.78 -10.78
C ASN U 166 -21.86 -22.13 -10.62
N SER U 167 -21.18 -23.10 -10.02
CA SER U 167 -21.72 -24.43 -9.81
C SER U 167 -22.64 -24.54 -8.60
N ALA U 168 -22.86 -23.44 -7.88
CA ALA U 168 -23.74 -23.49 -6.72
C ALA U 168 -25.13 -23.98 -7.10
N ALA U 169 -25.74 -23.42 -8.13
CA ALA U 169 -26.96 -23.99 -8.67
C ALA U 169 -26.70 -25.32 -9.37
N ALA U 170 -25.47 -25.54 -9.85
CA ALA U 170 -25.14 -26.82 -10.47
C ALA U 170 -25.35 -27.97 -9.51
N VAL U 171 -25.19 -27.72 -8.20
CA VAL U 171 -25.61 -28.69 -7.21
C VAL U 171 -27.08 -29.02 -7.39
N SER U 172 -27.92 -27.99 -7.55
CA SER U 172 -29.34 -28.20 -7.78
C SER U 172 -29.59 -29.00 -9.05
N MET U 173 -28.82 -28.73 -10.10
CA MET U 173 -28.89 -29.57 -11.29
C MET U 173 -28.56 -31.01 -10.96
N LEU U 174 -27.58 -31.22 -10.09
CA LEU U 174 -27.17 -32.57 -9.71
C LEU U 174 -28.29 -33.31 -8.99
N LYS U 175 -28.90 -32.69 -7.99
CA LYS U 175 -30.02 -33.31 -7.30
C LYS U 175 -31.17 -33.64 -8.24
N GLN U 176 -31.37 -32.83 -9.29
CA GLN U 176 -32.46 -33.07 -10.22
C GLN U 176 -32.14 -34.18 -11.20
N ASP U 177 -30.86 -34.32 -11.59
CA ASP U 177 -30.46 -35.27 -12.62
C ASP U 177 -29.51 -36.34 -12.11
N TYR U 178 -29.75 -36.87 -10.92
CA TYR U 178 -28.88 -37.91 -10.38
C TYR U 178 -29.64 -39.22 -10.24
N LYS U 179 -28.89 -40.32 -10.30
CA LYS U 179 -29.38 -41.69 -10.34
C LYS U 179 -28.93 -42.42 -9.08
N GLU U 180 -29.00 -43.75 -9.11
CA GLU U 180 -28.52 -44.57 -7.99
C GLU U 180 -27.75 -45.77 -8.52
N GLY U 181 -26.45 -45.59 -8.75
CA GLY U 181 -25.62 -46.68 -9.22
C GLY U 181 -25.98 -47.14 -10.61
N GLU U 182 -25.89 -46.24 -11.58
CA GLU U 182 -26.03 -46.60 -12.99
C GLU U 182 -24.97 -45.86 -13.80
N MET U 183 -23.82 -45.60 -13.18
CA MET U 183 -22.83 -44.70 -13.75
C MET U 183 -22.10 -45.40 -14.90
N THR U 184 -22.84 -45.58 -15.99
CA THR U 184 -22.17 -45.88 -17.24
C THR U 184 -21.36 -44.65 -17.64
N LEU U 185 -20.14 -44.88 -18.10
CA LEU U 185 -19.26 -43.75 -18.39
C LEU U 185 -19.50 -43.21 -19.80
N LYS U 186 -20.79 -43.04 -20.11
CA LYS U 186 -21.27 -42.17 -21.16
C LYS U 186 -22.43 -41.39 -20.55
N SER U 187 -23.12 -42.03 -19.62
CA SER U 187 -24.16 -41.34 -18.86
C SER U 187 -23.54 -40.30 -17.94
N ALA U 188 -22.52 -40.70 -17.17
CA ALA U 188 -21.81 -39.73 -16.36
C ALA U 188 -21.21 -38.62 -17.20
N LEU U 189 -20.67 -38.98 -18.37
CA LEU U 189 -20.05 -37.98 -19.22
C LEU U 189 -21.06 -36.97 -19.74
N ALA U 190 -22.11 -37.45 -20.40
CA ALA U 190 -23.15 -36.55 -20.92
C ALA U 190 -23.79 -35.75 -19.80
N LEU U 191 -23.95 -36.35 -18.62
CA LEU U 191 -24.41 -35.58 -17.48
C LEU U 191 -23.45 -34.44 -17.17
N ALA U 192 -22.16 -34.72 -17.23
CA ALA U 192 -21.17 -33.68 -16.94
C ALA U 192 -21.22 -32.56 -17.97
N ILE U 193 -21.14 -32.90 -19.26
CA ILE U 193 -21.19 -31.89 -20.30
C ILE U 193 -22.50 -31.11 -20.23
N LYS U 194 -23.59 -31.78 -19.84
CA LYS U 194 -24.83 -31.08 -19.60
C LYS U 194 -24.69 -30.08 -18.46
N VAL U 195 -23.97 -30.46 -17.40
CA VAL U 195 -23.78 -29.56 -16.27
C VAL U 195 -22.98 -28.33 -16.70
N LEU U 196 -21.79 -28.55 -17.24
CA LEU U 196 -20.95 -27.45 -17.67
C LEU U 196 -21.58 -26.62 -18.78
N ASN U 197 -22.52 -27.20 -19.52
CA ASN U 197 -23.19 -26.44 -20.57
C ASN U 197 -24.00 -25.30 -19.98
N LYS U 198 -24.82 -25.59 -18.98
CA LYS U 198 -25.63 -24.56 -18.35
C LYS U 198 -24.81 -23.73 -17.37
N THR U 199 -23.96 -24.38 -16.58
CA THR U 199 -23.16 -23.67 -15.59
C THR U 199 -22.18 -22.73 -16.27
N MET U 200 -21.30 -23.27 -17.09
CA MET U 200 -20.33 -22.45 -17.81
C MET U 200 -21.06 -21.49 -18.72
N ASP U 201 -20.99 -20.19 -18.38
CA ASP U 201 -21.71 -19.18 -19.16
C ASP U 201 -21.12 -18.98 -20.55
N VAL U 202 -19.91 -19.45 -20.80
CA VAL U 202 -19.33 -19.39 -22.14
C VAL U 202 -20.19 -20.23 -23.08
N SER U 203 -20.83 -19.57 -24.04
CA SER U 203 -21.75 -20.25 -24.93
C SER U 203 -21.01 -21.24 -25.81
N LYS U 204 -21.73 -22.27 -26.24
CA LYS U 204 -21.27 -23.33 -27.14
C LYS U 204 -20.34 -24.31 -26.44
N LEU U 205 -19.90 -24.05 -25.21
CA LEU U 205 -19.10 -24.97 -24.42
C LEU U 205 -17.83 -25.36 -25.17
N SER U 206 -16.98 -24.36 -25.37
CA SER U 206 -15.74 -24.57 -26.11
C SER U 206 -14.88 -25.63 -25.43
N ALA U 207 -14.46 -26.63 -26.21
CA ALA U 207 -13.71 -27.75 -25.66
C ALA U 207 -12.39 -27.31 -25.03
N GLU U 208 -11.73 -26.33 -25.62
CA GLU U 208 -10.44 -25.88 -25.09
C GLU U 208 -10.58 -25.22 -23.73
N LYS U 209 -11.69 -24.51 -23.49
CA LYS U 209 -11.88 -23.82 -22.22
C LYS U 209 -12.24 -24.75 -21.08
N VAL U 210 -12.35 -26.05 -21.34
CA VAL U 210 -12.73 -27.01 -20.30
C VAL U 210 -11.74 -28.15 -20.25
N GLU U 211 -11.98 -29.11 -19.37
CA GLU U 211 -11.16 -30.31 -19.29
C GLU U 211 -11.85 -31.33 -18.40
N ILE U 212 -11.72 -32.60 -18.77
CA ILE U 212 -12.29 -33.70 -18.01
C ILE U 212 -11.23 -34.77 -17.85
N ALA U 213 -11.15 -35.36 -16.66
CA ALA U 213 -10.22 -36.44 -16.38
C ALA U 213 -10.94 -37.50 -15.57
N THR U 214 -10.76 -38.76 -15.96
CA THR U 214 -11.45 -39.87 -15.32
C THR U 214 -10.46 -40.88 -14.78
N LEU U 215 -10.95 -41.74 -13.89
CA LEU U 215 -10.14 -42.81 -13.33
C LEU U 215 -10.90 -44.13 -13.53
N THR U 216 -10.20 -45.11 -14.06
CA THR U 216 -10.78 -46.41 -14.32
C THR U 216 -9.96 -47.49 -13.61
N ARG U 217 -10.64 -48.54 -13.17
CA ARG U 217 -9.96 -49.66 -12.54
C ARG U 217 -9.66 -50.72 -13.59
N GLU U 218 -8.38 -51.02 -13.77
CA GLU U 218 -7.96 -52.09 -14.64
C GLU U 218 -7.97 -53.38 -13.82
N ASN U 219 -7.37 -54.45 -14.35
CA ASN U 219 -7.19 -55.67 -13.57
C ASN U 219 -6.48 -55.37 -12.25
N GLY U 220 -5.30 -54.79 -12.34
CA GLY U 220 -4.58 -54.34 -11.16
C GLY U 220 -3.87 -53.03 -11.42
N LYS U 221 -4.17 -52.41 -12.57
CA LYS U 221 -3.48 -51.20 -12.98
C LYS U 221 -4.13 -49.93 -12.45
N THR U 222 -5.46 -49.82 -12.52
CA THR U 222 -6.16 -48.60 -12.14
C THR U 222 -5.70 -47.43 -13.02
N VAL U 223 -5.98 -47.59 -14.31
CA VAL U 223 -5.57 -46.63 -15.31
C VAL U 223 -6.20 -45.27 -15.01
N ILE U 224 -5.35 -44.25 -14.89
CA ILE U 224 -5.82 -42.87 -14.82
C ILE U 224 -5.84 -42.32 -16.24
N ARG U 225 -6.98 -41.77 -16.63
CA ARG U 225 -7.22 -41.39 -18.03
C ARG U 225 -7.45 -39.90 -18.13
N VAL U 226 -6.57 -39.23 -18.87
CA VAL U 226 -6.77 -37.85 -19.28
C VAL U 226 -7.06 -37.90 -20.78
N LEU U 227 -8.34 -37.91 -21.12
CA LEU U 227 -8.77 -38.05 -22.51
C LEU U 227 -8.29 -36.90 -23.36
N LYS U 228 -8.06 -37.19 -24.64
CA LYS U 228 -7.56 -36.20 -25.59
C LYS U 228 -8.66 -35.19 -25.93
N GLN U 229 -8.33 -34.27 -26.85
CA GLN U 229 -9.23 -33.18 -27.18
C GLN U 229 -10.27 -33.55 -28.25
N LYS U 230 -9.96 -34.53 -29.11
CA LYS U 230 -10.87 -34.87 -30.19
C LYS U 230 -12.21 -35.36 -29.67
N GLU U 231 -12.19 -36.43 -28.88
CA GLU U 231 -13.39 -36.97 -28.26
C GLU U 231 -14.14 -35.96 -27.41
N VAL U 232 -13.44 -34.96 -26.88
CA VAL U 232 -14.13 -33.83 -26.25
C VAL U 232 -15.09 -33.18 -27.23
N GLU U 233 -14.62 -32.92 -28.44
CA GLU U 233 -15.45 -32.27 -29.44
C GLU U 233 -16.64 -33.13 -29.82
N GLN U 234 -16.40 -34.40 -30.14
CA GLN U 234 -17.48 -35.30 -30.49
C GLN U 234 -18.47 -35.48 -29.35
N LEU U 235 -18.00 -35.44 -28.12
CA LEU U 235 -18.92 -35.46 -26.99
C LEU U 235 -19.77 -34.20 -26.96
N ILE U 236 -19.16 -33.04 -27.24
CA ILE U 236 -19.93 -31.79 -27.25
C ILE U 236 -21.00 -31.84 -28.34
N LYS U 237 -20.62 -32.22 -29.56
CA LYS U 237 -21.61 -32.36 -30.62
C LYS U 237 -22.66 -33.39 -30.28
N LYS U 238 -22.28 -34.44 -29.55
CA LYS U 238 -23.25 -35.43 -29.12
C LYS U 238 -24.28 -34.81 -28.18
N HIS U 239 -23.82 -34.05 -27.20
CA HIS U 239 -24.74 -33.39 -26.27
C HIS U 239 -25.63 -32.38 -26.98
N GLU U 240 -25.04 -31.56 -27.86
CA GLU U 240 -25.83 -30.60 -28.62
C GLU U 240 -26.88 -31.29 -29.46
N GLU U 241 -26.50 -32.38 -30.13
CA GLU U 241 -27.46 -33.21 -30.84
C GLU U 241 -28.55 -33.71 -29.90
N GLU U 242 -28.20 -34.02 -28.65
CA GLU U 242 -29.20 -34.39 -27.67
C GLU U 242 -30.16 -33.24 -27.39
N GLU U 243 -29.66 -32.02 -27.34
CA GLU U 243 -30.54 -30.87 -27.17
C GLU U 243 -31.49 -30.73 -28.35
N ALA U 244 -30.95 -30.75 -29.57
CA ALA U 244 -31.78 -30.61 -30.76
C ALA U 244 -32.81 -31.73 -30.86
N LYS U 245 -32.46 -32.94 -30.46
CA LYS U 245 -33.44 -34.02 -30.46
C LYS U 245 -34.48 -33.82 -29.37
N ALA U 246 -34.07 -33.25 -28.24
CA ALA U 246 -35.00 -33.03 -27.14
C ALA U 246 -36.00 -31.92 -27.44
N GLU U 247 -35.60 -30.90 -28.19
CA GLU U 247 -36.49 -29.79 -28.49
C GLU U 247 -37.59 -30.15 -29.47
N ARG U 248 -37.58 -31.37 -30.03
CA ARG U 248 -38.67 -31.82 -30.88
C ARG U 248 -39.99 -31.88 -30.13
N GLU U 249 -39.95 -32.06 -28.81
CA GLU U 249 -41.19 -32.03 -28.03
C GLU U 249 -41.85 -30.66 -28.08
N LYS U 250 -41.07 -29.61 -28.24
CA LYS U 250 -41.62 -28.26 -28.32
C LYS U 250 -42.19 -27.99 -29.71
N SER V 1 6.93 -19.85 16.93
CA SER V 1 7.03 -19.04 18.14
C SER V 1 6.19 -17.78 18.02
N TYR V 2 5.16 -17.67 18.85
CA TYR V 2 4.30 -16.48 18.87
C TYR V 2 4.13 -16.09 20.34
N ASP V 3 5.08 -15.30 20.84
CA ASP V 3 5.05 -14.84 22.23
C ASP V 3 4.03 -13.72 22.35
N ARG V 4 2.76 -14.10 22.20
CA ARG V 4 1.67 -13.14 22.27
C ARG V 4 0.47 -13.81 22.92
N ALA V 5 0.08 -13.31 24.08
CA ALA V 5 -1.09 -13.84 24.76
C ALA V 5 -2.33 -13.55 23.94
N ILE V 6 -3.35 -14.37 24.14
CA ILE V 6 -4.62 -14.21 23.45
C ILE V 6 -5.76 -13.96 24.43
N THR V 7 -5.72 -14.64 25.57
CA THR V 7 -6.76 -14.55 26.58
C THR V 7 -6.26 -13.62 27.69
N VAL V 8 -7.09 -12.66 28.06
CA VAL V 8 -6.79 -11.73 29.15
C VAL V 8 -8.06 -11.48 29.95
N PHE V 9 -7.94 -10.64 30.96
CA PHE V 9 -9.05 -10.35 31.84
C PHE V 9 -9.76 -9.08 31.39
N SER V 10 -11.01 -8.96 31.80
CA SER V 10 -11.82 -7.82 31.45
C SER V 10 -11.90 -6.84 32.61
N PRO V 11 -12.25 -5.58 32.32
CA PRO V 11 -12.40 -4.60 33.40
C PRO V 11 -13.46 -4.98 34.42
N ASP V 12 -14.51 -5.66 34.00
CA ASP V 12 -15.50 -6.18 34.93
C ASP V 12 -15.05 -7.47 35.59
N GLY V 13 -13.96 -8.07 35.13
CA GLY V 13 -13.44 -9.27 35.73
C GLY V 13 -13.74 -10.56 35.01
N HIS V 14 -13.98 -10.51 33.71
CA HIS V 14 -14.27 -11.71 32.93
C HIS V 14 -13.17 -11.97 31.91
N LEU V 15 -13.14 -13.21 31.44
CA LEU V 15 -12.43 -13.52 30.21
C LEU V 15 -13.33 -13.18 29.03
N PHE V 16 -12.72 -12.97 27.87
CA PHE V 16 -13.53 -12.80 26.68
C PHE V 16 -13.72 -14.14 26.00
N GLN V 17 -12.61 -14.76 25.58
CA GLN V 17 -12.64 -15.93 24.72
C GLN V 17 -13.51 -17.06 25.24
N VAL V 18 -13.47 -17.34 26.54
CA VAL V 18 -14.31 -18.39 27.10
C VAL V 18 -15.78 -18.04 26.89
N GLU V 19 -16.15 -16.80 27.16
CA GLU V 19 -17.49 -16.30 26.85
C GLU V 19 -17.59 -15.80 25.42
N TYR V 20 -16.71 -16.30 24.55
CA TYR V 20 -16.58 -15.78 23.20
C TYR V 20 -16.57 -16.88 22.15
N ALA V 21 -16.36 -18.13 22.55
CA ALA V 21 -16.41 -19.27 21.64
C ALA V 21 -17.51 -20.26 21.99
N GLN V 22 -17.96 -20.29 23.24
CA GLN V 22 -19.05 -21.17 23.62
C GLN V 22 -20.30 -20.93 22.79
N GLU V 23 -20.51 -19.69 22.35
CA GLU V 23 -21.58 -19.41 21.41
C GLU V 23 -21.46 -20.26 20.15
N ALA V 24 -20.24 -20.51 19.69
CA ALA V 24 -20.05 -21.39 18.56
C ALA V 24 -20.56 -22.79 18.85
N VAL V 25 -20.31 -23.30 20.05
CA VAL V 25 -20.89 -24.58 20.44
C VAL V 25 -22.41 -24.48 20.47
N LYS V 26 -22.94 -23.32 20.86
CA LYS V 26 -24.38 -23.11 20.80
C LYS V 26 -24.90 -23.18 19.37
N LYS V 27 -24.11 -22.76 18.39
CA LYS V 27 -24.52 -22.75 17.00
C LYS V 27 -24.36 -24.10 16.34
N GLY V 28 -23.94 -25.12 17.08
CA GLY V 28 -23.81 -26.45 16.56
C GLY V 28 -25.09 -27.25 16.72
N SER V 29 -25.11 -28.40 16.05
CA SER V 29 -26.25 -29.29 16.16
C SER V 29 -26.40 -29.79 17.59
N THR V 30 -27.65 -30.06 17.98
CA THR V 30 -27.94 -30.58 19.29
C THR V 30 -27.72 -32.09 19.31
N ALA V 31 -27.41 -32.61 20.49
CA ALA V 31 -27.25 -34.04 20.67
C ALA V 31 -27.23 -34.31 22.17
N VAL V 32 -28.09 -35.23 22.61
CA VAL V 32 -28.25 -35.51 24.03
C VAL V 32 -27.81 -36.93 24.31
N GLY V 33 -27.85 -37.29 25.59
CA GLY V 33 -27.48 -38.62 26.01
C GLY V 33 -27.89 -38.88 27.44
N VAL V 34 -28.33 -40.11 27.73
CA VAL V 34 -28.74 -40.48 29.07
C VAL V 34 -28.25 -41.89 29.37
N ARG V 35 -28.16 -42.19 30.65
CA ARG V 35 -27.70 -43.49 31.11
C ARG V 35 -28.83 -44.20 31.83
N GLY V 36 -29.12 -45.42 31.42
CA GLY V 36 -30.02 -46.29 32.14
C GLY V 36 -29.33 -46.88 33.36
N ARG V 37 -29.65 -48.12 33.67
CA ARG V 37 -28.90 -48.85 34.68
C ARG V 37 -28.09 -50.00 34.11
N ASP V 38 -28.39 -50.43 32.91
CA ASP V 38 -27.58 -51.43 32.22
C ASP V 38 -27.19 -51.00 30.82
N ILE V 39 -28.06 -50.28 30.12
CA ILE V 39 -27.80 -49.83 28.76
C ILE V 39 -27.82 -48.31 28.76
N VAL V 40 -26.70 -47.71 28.40
CA VAL V 40 -26.62 -46.28 28.21
C VAL V 40 -26.91 -45.96 26.75
N VAL V 41 -27.46 -44.78 26.50
CA VAL V 41 -27.88 -44.42 25.15
C VAL V 41 -27.61 -42.94 24.94
N LEU V 42 -27.55 -42.54 23.67
CA LEU V 42 -27.40 -41.14 23.32
C LEU V 42 -27.74 -40.95 21.86
N GLY V 43 -28.19 -39.75 21.52
CA GLY V 43 -28.55 -39.47 20.15
C GLY V 43 -28.18 -38.08 19.70
N VAL V 44 -27.56 -37.99 18.53
CA VAL V 44 -27.33 -36.69 17.92
C VAL V 44 -28.49 -36.38 16.98
N GLU V 45 -28.83 -35.09 16.90
CA GLU V 45 -29.88 -34.62 16.01
C GLU V 45 -29.25 -33.79 14.91
N LYS V 46 -30.10 -33.20 14.07
CA LYS V 46 -29.68 -32.30 13.01
C LYS V 46 -28.76 -33.03 12.02
N LYS V 47 -29.29 -34.13 11.49
CA LYS V 47 -28.59 -34.84 10.43
C LYS V 47 -28.41 -33.94 9.21
N SER V 48 -29.53 -33.49 8.63
CA SER V 48 -29.51 -32.54 7.51
C SER V 48 -28.72 -33.10 6.32
N VAL V 49 -28.96 -34.37 6.01
CA VAL V 49 -28.22 -35.02 4.95
C VAL V 49 -28.54 -34.38 3.61
N ALA V 50 -27.61 -34.54 2.66
CA ALA V 50 -27.80 -34.04 1.31
C ALA V 50 -28.79 -34.86 0.51
N LYS V 51 -29.18 -36.03 1.01
CA LYS V 51 -30.12 -36.94 0.37
C LYS V 51 -29.54 -37.61 -0.87
N LEU V 52 -28.34 -37.22 -1.29
CA LEU V 52 -27.68 -37.84 -2.43
C LEU V 52 -26.19 -38.01 -2.19
N GLN V 53 -25.71 -37.85 -0.97
CA GLN V 53 -24.28 -37.87 -0.70
C GLN V 53 -24.01 -38.67 0.56
N ASP V 54 -22.73 -38.95 0.81
CA ASP V 54 -22.33 -39.87 1.86
C ASP V 54 -22.66 -39.31 3.24
N GLU V 55 -22.79 -40.23 4.20
CA GLU V 55 -23.03 -39.87 5.60
C GLU V 55 -22.14 -40.62 6.57
N ARG V 56 -21.55 -41.75 6.17
CA ARG V 56 -20.67 -42.50 7.04
C ARG V 56 -19.37 -41.77 7.35
N THR V 57 -19.09 -40.68 6.66
CA THR V 57 -17.92 -39.85 6.93
C THR V 57 -18.25 -38.68 7.83
N VAL V 58 -19.52 -38.34 8.00
CA VAL V 58 -19.93 -37.19 8.80
C VAL V 58 -20.36 -37.70 10.16
N ARG V 59 -19.87 -38.87 10.54
CA ARG V 59 -20.24 -39.48 11.81
C ARG V 59 -19.87 -38.55 12.96
N LYS V 60 -20.88 -38.07 13.66
CA LYS V 60 -20.69 -37.20 14.81
C LYS V 60 -20.46 -37.98 16.09
N ILE V 61 -20.39 -39.30 16.02
CA ILE V 61 -20.25 -40.14 17.20
C ILE V 61 -19.18 -41.18 16.89
N CYS V 62 -18.12 -41.20 17.68
CA CYS V 62 -17.10 -42.22 17.54
C CYS V 62 -16.82 -42.85 18.90
N ALA V 63 -15.78 -43.68 18.98
CA ALA V 63 -15.44 -44.35 20.22
C ALA V 63 -13.97 -44.16 20.52
N LEU V 64 -13.66 -44.02 21.81
CA LEU V 64 -12.25 -43.95 22.21
C LEU V 64 -11.68 -45.33 22.50
N ASP V 65 -12.45 -46.16 23.19
CA ASP V 65 -12.07 -47.53 23.48
C ASP V 65 -13.36 -48.34 23.56
N ASP V 66 -13.26 -49.60 23.96
CA ASP V 66 -14.40 -50.49 24.04
C ASP V 66 -15.28 -50.22 25.25
N ASN V 67 -15.05 -49.11 25.95
CA ASN V 67 -15.90 -48.73 27.07
C ASN V 67 -16.22 -47.25 26.97
N VAL V 68 -15.62 -46.58 26.00
CA VAL V 68 -15.69 -45.12 25.90
C VAL V 68 -16.32 -44.73 24.57
N CYS V 69 -17.41 -43.99 24.64
CA CYS V 69 -18.10 -43.47 23.48
C CYS V 69 -18.16 -41.96 23.55
N MET V 70 -18.05 -41.31 22.39
CA MET V 70 -17.80 -39.89 22.28
C MET V 70 -19.00 -39.13 21.73
N ALA V 71 -18.98 -37.82 21.98
CA ALA V 71 -20.01 -36.91 21.49
C ALA V 71 -19.46 -35.50 21.65
N PHE V 72 -19.96 -34.57 20.84
CA PHE V 72 -19.41 -33.23 20.82
C PHE V 72 -20.39 -32.29 20.14
N ALA V 73 -20.11 -30.99 20.24
CA ALA V 73 -20.90 -29.94 19.63
C ALA V 73 -19.95 -28.92 19.03
N GLY V 74 -20.49 -27.76 18.67
CA GLY V 74 -19.66 -26.72 18.09
C GLY V 74 -19.22 -27.06 16.68
N LEU V 75 -17.98 -26.73 16.37
CA LEU V 75 -17.43 -27.00 15.05
C LEU V 75 -16.92 -28.43 14.95
N THR V 76 -16.37 -28.77 13.79
CA THR V 76 -16.06 -30.16 13.50
C THR V 76 -14.58 -30.46 13.68
N ALA V 77 -13.71 -29.67 13.03
CA ALA V 77 -12.31 -30.04 12.89
C ALA V 77 -11.62 -30.17 14.25
N ASP V 78 -11.95 -29.30 15.20
CA ASP V 78 -11.34 -29.40 16.52
C ASP V 78 -11.66 -30.73 17.18
N ALA V 79 -12.89 -31.21 17.02
CA ALA V 79 -13.26 -32.51 17.58
C ALA V 79 -12.39 -33.61 17.03
N ARG V 80 -12.01 -33.51 15.75
CA ARG V 80 -11.10 -34.50 15.18
C ARG V 80 -9.77 -34.53 15.92
N ILE V 81 -9.11 -33.38 16.03
CA ILE V 81 -7.82 -33.33 16.70
C ILE V 81 -7.93 -33.82 18.14
N VAL V 82 -8.98 -33.39 18.84
CA VAL V 82 -9.17 -33.80 20.22
C VAL V 82 -9.31 -35.31 20.31
N ILE V 83 -10.14 -35.89 19.45
CA ILE V 83 -10.41 -37.33 19.53
C ILE V 83 -9.15 -38.12 19.19
N ASN V 84 -8.43 -37.71 18.15
CA ASN V 84 -7.16 -38.34 17.83
C ASN V 84 -6.19 -38.25 18.99
N ARG V 85 -6.21 -37.14 19.73
CA ARG V 85 -5.42 -37.05 20.95
C ARG V 85 -5.85 -38.11 21.94
N ALA V 86 -7.14 -38.14 22.27
CA ALA V 86 -7.63 -39.01 23.33
C ALA V 86 -7.43 -40.48 23.01
N ARG V 87 -7.46 -40.85 21.73
CA ARG V 87 -7.21 -42.25 21.38
C ARG V 87 -5.80 -42.67 21.81
N VAL V 88 -4.79 -41.91 21.41
CA VAL V 88 -3.43 -42.22 21.81
C VAL V 88 -3.28 -42.11 23.32
N GLU V 89 -4.04 -41.20 23.94
CA GLU V 89 -3.97 -41.08 25.39
C GLU V 89 -4.44 -42.35 26.07
N CYS V 90 -5.70 -42.71 25.87
CA CYS V 90 -6.27 -43.88 26.53
C CYS V 90 -5.51 -45.15 26.18
N GLN V 91 -5.16 -45.32 24.91
CA GLN V 91 -4.37 -46.49 24.55
C GLN V 91 -3.02 -46.48 25.25
N SER V 92 -2.40 -45.31 25.36
CA SER V 92 -1.18 -45.17 26.12
C SER V 92 -1.36 -45.56 27.58
N HIS V 93 -2.56 -45.37 28.13
CA HIS V 93 -2.83 -45.88 29.48
C HIS V 93 -2.65 -47.38 29.53
N ARG V 94 -3.27 -48.10 28.59
CA ARG V 94 -3.14 -49.54 28.56
C ARG V 94 -1.71 -49.96 28.25
N LEU V 95 -0.94 -49.11 27.56
CA LEU V 95 0.49 -49.36 27.48
C LEU V 95 1.11 -49.24 28.86
N THR V 96 0.65 -48.28 29.65
CA THR V 96 0.80 -48.25 31.09
C THR V 96 -0.26 -49.19 31.66
N VAL V 97 -0.66 -48.94 32.91
CA VAL V 97 -1.44 -49.86 33.73
C VAL V 97 -2.54 -50.58 32.95
N GLU V 98 -2.56 -51.90 33.06
CA GLU V 98 -3.20 -52.75 32.07
C GLU V 98 -4.72 -52.74 32.14
N ASP V 99 -5.30 -52.05 33.11
CA ASP V 99 -6.74 -51.88 33.13
C ASP V 99 -7.20 -51.10 31.90
N PRO V 100 -8.48 -51.15 31.59
CA PRO V 100 -9.04 -50.21 30.63
C PRO V 100 -9.13 -48.83 31.25
N VAL V 101 -9.06 -47.81 30.39
CA VAL V 101 -9.11 -46.44 30.86
C VAL V 101 -10.46 -46.17 31.50
N THR V 102 -10.45 -45.41 32.60
CA THR V 102 -11.70 -45.00 33.21
C THR V 102 -12.18 -43.68 32.62
N VAL V 103 -13.50 -43.58 32.46
CA VAL V 103 -14.09 -42.41 31.82
C VAL V 103 -13.76 -41.14 32.58
N GLU V 104 -13.79 -41.18 33.92
CA GLU V 104 -13.38 -40.03 34.69
C GLU V 104 -11.93 -39.64 34.39
N TYR V 105 -11.04 -40.64 34.31
CA TYR V 105 -9.65 -40.37 34.00
C TYR V 105 -9.50 -39.66 32.65
N ILE V 106 -10.05 -40.25 31.59
CA ILE V 106 -9.93 -39.64 30.28
C ILE V 106 -10.58 -38.26 30.24
N THR V 107 -11.68 -38.08 30.97
CA THR V 107 -12.28 -36.76 31.03
C THR V 107 -11.36 -35.73 31.66
N ARG V 108 -10.70 -36.09 32.77
CA ARG V 108 -9.74 -35.16 33.35
C ARG V 108 -8.62 -34.86 32.37
N TYR V 109 -8.17 -35.87 31.62
CA TYR V 109 -7.15 -35.62 30.61
C TYR V 109 -7.62 -34.58 29.61
N ILE V 110 -8.79 -34.80 29.01
CA ILE V 110 -9.26 -33.90 27.96
C ILE V 110 -9.48 -32.50 28.51
N ALA V 111 -10.16 -32.39 29.65
CA ALA V 111 -10.40 -31.07 30.24
C ALA V 111 -9.09 -30.36 30.53
N SER V 112 -8.09 -31.11 31.00
CA SER V 112 -6.76 -30.52 31.17
C SER V 112 -6.21 -30.00 29.85
N LEU V 113 -6.31 -30.81 28.79
CA LEU V 113 -5.76 -30.41 27.50
C LEU V 113 -6.41 -29.13 27.00
N LYS V 114 -7.73 -29.04 27.08
CA LYS V 114 -8.38 -27.80 26.72
C LYS V 114 -7.99 -26.65 27.64
N GLN V 115 -7.77 -26.94 28.92
CA GLN V 115 -7.42 -25.88 29.86
C GLN V 115 -6.08 -25.25 29.53
N ARG V 116 -5.00 -26.03 29.53
CA ARG V 116 -3.71 -25.51 29.11
C ARG V 116 -3.76 -24.97 27.69
N TYR V 117 -4.56 -25.59 26.84
CA TYR V 117 -4.75 -25.15 25.46
C TYR V 117 -5.22 -23.71 25.37
N THR V 118 -5.90 -23.21 26.40
CA THR V 118 -6.24 -21.80 26.51
C THR V 118 -5.29 -21.03 27.40
N GLN V 119 -4.60 -21.71 28.30
CA GLN V 119 -3.70 -21.02 29.22
C GLN V 119 -2.40 -20.63 28.54
N SER V 120 -2.09 -21.23 27.40
CA SER V 120 -0.84 -20.96 26.70
C SER V 120 -0.91 -19.61 26.01
N ASN V 121 0.05 -19.36 25.12
CA ASN V 121 0.11 -18.13 24.34
C ASN V 121 -0.01 -18.45 22.86
N GLY V 122 -0.48 -17.46 22.09
CA GLY V 122 -0.65 -17.64 20.65
C GLY V 122 -1.49 -18.81 20.27
N ARG V 123 -2.54 -19.12 21.02
CA ARG V 123 -3.30 -20.34 20.83
C ARG V 123 -4.78 -20.05 21.08
N ARG V 124 -5.57 -20.07 20.01
CA ARG V 124 -7.01 -19.96 20.14
C ARG V 124 -7.54 -21.12 20.99
N PRO V 125 -8.59 -20.89 21.79
CA PRO V 125 -9.22 -22.00 22.50
C PRO V 125 -9.96 -22.91 21.53
N PHE V 126 -10.50 -23.99 22.06
CA PHE V 126 -11.33 -24.83 21.21
C PHE V 126 -12.73 -24.27 21.09
N GLY V 127 -13.49 -24.84 20.16
CA GLY V 127 -14.86 -24.43 19.94
C GLY V 127 -15.84 -25.58 20.00
N ILE V 128 -15.62 -26.53 20.91
CA ILE V 128 -16.47 -27.69 21.02
C ILE V 128 -16.72 -27.99 22.50
N SER V 129 -17.76 -28.77 22.75
CA SER V 129 -18.07 -29.26 24.08
C SER V 129 -18.50 -30.72 23.91
N ALA V 130 -17.96 -31.59 24.74
CA ALA V 130 -18.09 -33.02 24.54
C ALA V 130 -18.98 -33.67 25.59
N LEU V 131 -19.69 -34.70 25.15
CA LEU V 131 -20.41 -35.60 26.03
C LEU V 131 -19.78 -36.98 25.91
N ILE V 132 -19.50 -37.62 27.04
CA ILE V 132 -18.72 -38.84 27.07
C ILE V 132 -19.53 -39.88 27.81
N VAL V 133 -19.52 -41.11 27.32
CA VAL V 133 -20.30 -42.19 27.90
C VAL V 133 -19.38 -43.38 28.13
N GLY V 134 -19.59 -44.06 29.25
CA GLY V 134 -18.81 -45.25 29.55
C GLY V 134 -19.36 -45.96 30.76
N PHE V 135 -19.32 -47.30 30.70
CA PHE V 135 -19.64 -48.15 31.84
C PHE V 135 -18.33 -48.75 32.31
N ASP V 136 -17.65 -48.08 33.23
CA ASP V 136 -16.33 -48.50 33.67
C ASP V 136 -16.40 -49.86 34.36
N PHE V 137 -15.24 -50.40 34.72
CA PHE V 137 -15.19 -51.61 35.52
C PHE V 137 -16.02 -51.41 36.78
N ASP V 138 -16.61 -52.52 37.25
CA ASP V 138 -17.75 -52.57 38.16
C ASP V 138 -19.04 -52.31 37.40
N GLY V 139 -18.98 -51.95 36.12
CA GLY V 139 -20.18 -51.73 35.33
C GLY V 139 -21.08 -50.63 35.83
N THR V 140 -20.50 -49.59 36.43
CA THR V 140 -21.29 -48.47 36.90
C THR V 140 -21.50 -47.51 35.75
N PRO V 141 -22.67 -47.49 35.12
CA PRO V 141 -22.88 -46.64 33.94
C PRO V 141 -22.92 -45.17 34.35
N ARG V 142 -22.19 -44.34 33.62
CA ARG V 142 -22.14 -42.92 33.95
C ARG V 142 -21.80 -42.13 32.70
N LEU V 143 -21.86 -40.81 32.84
CA LEU V 143 -21.56 -39.91 31.74
C LEU V 143 -20.85 -38.68 32.28
N TYR V 144 -20.26 -37.93 31.35
CA TYR V 144 -19.58 -36.68 31.66
C TYR V 144 -19.76 -35.72 30.51
N GLN V 145 -19.56 -34.43 30.80
CA GLN V 145 -19.59 -33.40 29.79
C GLN V 145 -18.34 -32.56 29.91
N THR V 146 -18.04 -31.82 28.84
CA THR V 146 -16.89 -30.94 28.81
C THR V 146 -17.37 -29.50 28.75
N ASP V 147 -16.42 -28.58 28.62
CA ASP V 147 -16.72 -27.17 28.44
C ASP V 147 -15.49 -26.51 27.84
N PRO V 148 -15.67 -25.51 26.98
CA PRO V 148 -14.51 -24.77 26.46
C PRO V 148 -13.63 -24.20 27.55
N SER V 149 -14.16 -23.91 28.73
CA SER V 149 -13.30 -23.61 29.86
C SER V 149 -12.42 -24.79 30.21
N GLY V 150 -12.89 -26.01 29.95
CA GLY V 150 -12.13 -27.20 30.27
C GLY V 150 -12.45 -27.70 31.65
N THR V 151 -13.73 -27.90 31.95
CA THR V 151 -14.18 -28.35 33.26
C THR V 151 -15.01 -29.61 33.07
N TYR V 152 -14.41 -30.77 33.37
CA TYR V 152 -15.16 -32.01 33.28
C TYR V 152 -16.25 -32.01 34.35
N HIS V 153 -17.39 -32.59 34.01
CA HIS V 153 -18.57 -32.42 34.85
C HIS V 153 -19.57 -33.51 34.52
N ALA V 154 -19.97 -34.29 35.52
CA ALA V 154 -20.85 -35.43 35.32
C ALA V 154 -22.30 -35.04 35.53
N TRP V 155 -23.17 -35.56 34.66
CA TRP V 155 -24.61 -35.41 34.78
C TRP V 155 -25.30 -36.78 34.73
N LYS V 156 -26.62 -36.76 34.88
CA LYS V 156 -27.44 -37.90 34.59
C LYS V 156 -28.17 -37.77 33.25
N ALA V 157 -28.20 -36.57 32.69
CA ALA V 157 -28.80 -36.30 31.38
C ALA V 157 -28.27 -34.95 30.91
N ASN V 158 -28.13 -34.78 29.61
CA ASN V 158 -27.57 -33.55 29.07
C ASN V 158 -28.23 -33.17 27.76
N ALA V 159 -28.25 -31.87 27.49
CA ALA V 159 -28.70 -31.33 26.21
C ALA V 159 -27.73 -30.24 25.78
N ILE V 160 -27.31 -30.28 24.53
CA ILE V 160 -26.37 -29.33 23.96
C ILE V 160 -26.85 -28.89 22.59
N GLY V 161 -26.04 -28.10 21.91
CA GLY V 161 -26.39 -27.62 20.59
C GLY V 161 -27.40 -26.51 20.63
N ARG V 162 -27.89 -26.15 19.44
CA ARG V 162 -28.85 -25.06 19.30
C ARG V 162 -30.17 -25.49 19.91
N GLY V 163 -30.42 -25.08 21.15
CA GLY V 163 -31.66 -25.42 21.83
C GLY V 163 -31.44 -26.34 23.00
N ALA V 164 -30.25 -26.28 23.59
CA ALA V 164 -29.93 -27.16 24.71
C ALA V 164 -30.78 -26.86 25.93
N LYS V 165 -30.95 -25.56 26.25
CA LYS V 165 -31.72 -25.18 27.43
C LYS V 165 -33.16 -25.66 27.33
N SER V 166 -33.72 -25.70 26.12
CA SER V 166 -35.08 -26.21 25.95
C SER V 166 -35.16 -27.69 26.31
N VAL V 167 -34.25 -28.50 25.76
CA VAL V 167 -34.26 -29.92 26.04
C VAL V 167 -34.00 -30.18 27.52
N ARG V 168 -33.10 -29.41 28.11
CA ARG V 168 -32.92 -29.47 29.56
C ARG V 168 -34.21 -29.12 30.28
N GLU V 169 -35.02 -28.23 29.70
CA GLU V 169 -36.32 -27.93 30.28
C GLU V 169 -37.25 -29.13 30.22
N PHE V 170 -37.30 -29.81 29.07
CA PHE V 170 -38.15 -30.99 28.94
C PHE V 170 -37.73 -32.09 29.89
N LEU V 171 -36.45 -32.45 29.88
CA LEU V 171 -35.96 -33.45 30.82
C LEU V 171 -36.15 -33.02 32.26
N GLU V 172 -36.11 -31.70 32.52
CA GLU V 172 -36.32 -31.20 33.87
C GLU V 172 -37.68 -31.63 34.40
N LYS V 173 -38.71 -31.60 33.56
CA LYS V 173 -40.00 -32.20 33.88
C LYS V 173 -40.03 -33.68 33.51
N ASN V 174 -38.87 -34.30 33.34
CA ASN V 174 -38.77 -35.66 32.85
C ASN V 174 -37.71 -36.42 33.63
N TYR V 175 -37.70 -36.23 34.95
CA TYR V 175 -36.75 -36.90 35.83
C TYR V 175 -37.19 -38.30 36.22
N THR V 176 -38.11 -38.89 35.47
CA THR V 176 -38.75 -40.11 35.90
C THR V 176 -37.76 -41.27 35.94
N ASP V 177 -37.50 -41.77 37.14
CA ASP V 177 -36.77 -43.03 37.28
C ASP V 177 -37.47 -44.17 36.55
N GLU V 178 -38.80 -44.12 36.48
CA GLU V 178 -39.53 -45.12 35.73
C GLU V 178 -39.10 -45.17 34.27
N ALA V 179 -38.78 -44.02 33.68
CA ALA V 179 -38.26 -44.02 32.32
C ALA V 179 -36.94 -44.78 32.22
N ILE V 180 -36.11 -44.72 33.26
CA ILE V 180 -34.89 -45.51 33.31
C ILE V 180 -35.17 -46.95 33.75
N GLU V 181 -36.40 -47.26 34.13
CA GLU V 181 -36.76 -48.63 34.47
C GLU V 181 -36.58 -49.56 33.28
N THR V 182 -37.28 -49.29 32.18
CA THR V 182 -37.19 -50.13 31.00
C THR V 182 -36.18 -49.55 30.01
N ASP V 183 -35.40 -50.42 29.39
CA ASP V 183 -34.37 -49.99 28.46
C ASP V 183 -34.98 -49.31 27.24
N ASP V 184 -35.84 -50.03 26.52
CA ASP V 184 -36.54 -49.43 25.39
C ASP V 184 -37.39 -48.25 25.82
N LEU V 185 -37.86 -48.25 27.06
CA LEU V 185 -38.55 -47.08 27.59
C LEU V 185 -37.63 -45.88 27.62
N THR V 186 -36.38 -46.06 28.05
CA THR V 186 -35.42 -44.97 28.01
C THR V 186 -35.11 -44.56 26.58
N ILE V 187 -34.99 -45.54 25.68
CA ILE V 187 -34.70 -45.27 24.29
C ILE V 187 -35.77 -44.38 23.68
N LYS V 188 -37.03 -44.82 23.75
CA LYS V 188 -38.14 -44.01 23.30
C LYS V 188 -38.25 -42.71 24.07
N LEU V 189 -37.74 -42.68 25.31
CA LEU V 189 -37.68 -41.44 26.05
C LEU V 189 -36.80 -40.43 25.33
N VAL V 190 -35.58 -40.84 24.98
CA VAL V 190 -34.69 -39.94 24.26
C VAL V 190 -35.24 -39.60 22.89
N ILE V 191 -35.91 -40.56 22.25
CA ILE V 191 -36.52 -40.29 20.96
C ILE V 191 -37.59 -39.23 21.10
N LYS V 192 -38.34 -39.25 22.20
CA LYS V 192 -39.29 -38.18 22.46
C LYS V 192 -38.57 -36.87 22.74
N ALA V 193 -37.39 -36.95 23.36
CA ALA V 193 -36.59 -35.76 23.59
C ALA V 193 -36.21 -35.09 22.27
N LEU V 194 -35.63 -35.86 21.35
CA LEU V 194 -35.33 -35.32 20.02
C LEU V 194 -36.59 -34.93 19.27
N LEU V 195 -37.72 -35.56 19.59
CA LEU V 195 -39.00 -35.08 19.05
C LEU V 195 -39.27 -33.65 19.51
N GLU V 196 -39.07 -33.36 20.80
CA GLU V 196 -39.16 -31.99 21.27
C GLU V 196 -38.09 -31.10 20.66
N VAL V 197 -37.09 -31.73 20.03
CA VAL V 197 -36.07 -31.00 19.32
C VAL V 197 -36.64 -30.64 17.93
N VAL V 198 -36.01 -29.67 17.26
CA VAL V 198 -36.45 -29.20 15.94
C VAL V 198 -36.87 -30.28 14.94
N GLN V 199 -38.04 -30.08 14.33
CA GLN V 199 -38.68 -30.99 13.35
C GLN V 199 -38.67 -32.49 13.73
N SER V 200 -37.50 -33.12 13.64
CA SER V 200 -37.29 -34.52 14.01
C SER V 200 -38.29 -35.43 13.31
N GLY V 201 -38.24 -35.41 11.98
CA GLY V 201 -39.16 -36.21 11.20
C GLY V 201 -38.74 -37.66 11.05
N GLY V 202 -38.06 -38.19 12.06
CA GLY V 202 -37.58 -39.55 12.02
C GLY V 202 -36.41 -39.79 11.08
N LYS V 203 -35.91 -38.77 10.41
CA LYS V 203 -34.84 -38.91 9.45
C LYS V 203 -33.52 -38.30 9.89
N ASN V 204 -33.56 -37.27 10.73
CA ASN V 204 -32.35 -36.58 11.17
C ASN V 204 -31.83 -37.09 12.49
N ILE V 205 -32.48 -38.09 13.08
CA ILE V 205 -32.13 -38.59 14.40
C ILE V 205 -31.13 -39.71 14.22
N GLU V 206 -29.90 -39.50 14.67
CA GLU V 206 -28.85 -40.50 14.63
C GLU V 206 -28.55 -40.92 16.07
N LEU V 207 -29.16 -42.02 16.50
CA LEU V 207 -29.04 -42.50 17.87
C LEU V 207 -28.20 -43.76 17.92
N ALA V 208 -27.49 -43.93 19.04
CA ALA V 208 -26.68 -45.11 19.28
C ALA V 208 -26.66 -45.40 20.76
N VAL V 209 -26.40 -46.66 21.11
CA VAL V 209 -26.48 -47.11 22.49
C VAL V 209 -25.29 -48.00 22.78
N MET V 210 -25.29 -48.53 24.01
CA MET V 210 -24.25 -49.45 24.46
C MET V 210 -24.78 -50.14 25.71
N ARG V 211 -24.73 -51.47 25.72
CA ARG V 211 -25.32 -52.27 26.78
C ARG V 211 -24.44 -52.35 28.02
N ARG V 212 -23.39 -51.53 28.11
CA ARG V 212 -22.42 -51.51 29.18
C ARG V 212 -21.55 -52.77 29.21
N ASP V 213 -21.77 -53.70 28.29
CA ASP V 213 -21.04 -54.97 28.24
C ASP V 213 -20.70 -55.34 26.81
N GLN V 214 -20.62 -54.35 25.92
CA GLN V 214 -20.54 -54.62 24.49
C GLN V 214 -20.20 -53.32 23.79
N SER V 215 -19.59 -53.45 22.61
CA SER V 215 -19.29 -52.29 21.79
C SER V 215 -20.57 -51.55 21.42
N LEU V 216 -20.42 -50.28 21.05
CA LEU V 216 -21.57 -49.45 20.75
C LEU V 216 -22.27 -49.97 19.50
N LYS V 217 -23.60 -50.07 19.57
CA LYS V 217 -24.42 -50.54 18.46
C LYS V 217 -25.30 -49.38 18.01
N ILE V 218 -25.26 -49.08 16.72
CA ILE V 218 -26.11 -48.04 16.15
C ILE V 218 -27.39 -48.67 15.64
N LEU V 219 -28.52 -48.09 16.00
CA LEU V 219 -29.81 -48.60 15.54
C LEU V 219 -29.96 -48.35 14.04
N ASN V 220 -30.73 -49.21 13.39
CA ASN V 220 -30.98 -49.04 11.97
C ASN V 220 -32.15 -48.09 11.75
N PRO V 221 -32.34 -47.60 10.52
CA PRO V 221 -33.44 -46.71 10.19
C PRO V 221 -34.77 -47.43 10.04
N GLU V 222 -35.04 -48.37 10.92
CA GLU V 222 -36.30 -49.08 11.04
C GLU V 222 -36.81 -49.09 12.47
N GLU V 223 -35.91 -49.23 13.45
CA GLU V 223 -36.31 -49.04 14.83
C GLU V 223 -36.56 -47.57 15.12
N ILE V 224 -35.95 -46.68 14.34
CA ILE V 224 -36.30 -45.27 14.44
C ILE V 224 -37.75 -45.06 14.08
N GLU V 225 -38.15 -45.54 12.89
CA GLU V 225 -39.54 -45.40 12.47
C GLU V 225 -40.48 -46.15 13.40
N LYS V 226 -40.09 -47.34 13.86
CA LYS V 226 -40.95 -48.12 14.73
C LYS V 226 -41.16 -47.42 16.07
N TYR V 227 -40.08 -47.01 16.71
CA TYR V 227 -40.18 -46.31 17.99
C TYR V 227 -40.92 -45.00 17.84
N VAL V 228 -40.76 -44.30 16.72
CA VAL V 228 -41.58 -43.13 16.46
C VAL V 228 -43.05 -43.51 16.36
N ALA V 229 -43.33 -44.66 15.74
CA ALA V 229 -44.71 -45.11 15.60
C ALA V 229 -45.34 -45.36 16.97
N GLU V 230 -44.70 -46.19 17.79
CA GLU V 230 -45.18 -46.44 19.14
C GLU V 230 -45.24 -45.17 19.98
N ILE V 231 -44.36 -44.21 19.70
CA ILE V 231 -44.45 -42.91 20.35
C ILE V 231 -45.75 -42.23 19.96
N GLU V 232 -46.12 -42.30 18.69
CA GLU V 232 -47.40 -41.73 18.26
C GLU V 232 -48.56 -42.49 18.86
N LYS V 233 -48.41 -43.79 19.08
CA LYS V 233 -49.51 -44.58 19.66
C LYS V 233 -49.73 -44.21 21.12
N GLU V 234 -48.65 -44.19 21.91
CA GLU V 234 -48.77 -43.76 23.31
C GLU V 234 -49.25 -42.32 23.39
N LYS V 235 -48.81 -41.46 22.47
CA LYS V 235 -49.34 -40.11 22.40
C LYS V 235 -50.82 -40.09 22.04
N GLU V 236 -51.31 -41.12 21.35
CA GLU V 236 -52.71 -41.20 20.96
C GLU V 236 -53.64 -41.42 22.14
N GLU V 237 -53.11 -41.82 23.29
CA GLU V 237 -53.92 -42.06 24.48
C GLU V 237 -54.18 -40.79 25.28
N ASN V 238 -54.05 -39.61 24.64
CA ASN V 238 -54.29 -38.36 25.33
C ASN V 238 -55.72 -38.25 25.86
N GLU V 239 -56.69 -38.84 25.18
CA GLU V 239 -58.07 -38.81 25.63
C GLU V 239 -58.30 -39.79 26.78
N TYR W 7 -7.74 -0.15 23.50
CA TYR W 7 -8.28 -1.10 24.47
C TYR W 7 -7.40 -2.34 24.55
N ASP W 8 -6.16 -2.23 24.07
CA ASP W 8 -5.21 -3.34 24.04
C ASP W 8 -3.86 -2.82 24.48
N ARG W 9 -3.59 -2.89 25.78
CA ARG W 9 -2.34 -2.41 26.36
C ARG W 9 -1.51 -3.61 26.84
N GLY W 10 -0.38 -3.30 27.48
CA GLY W 10 0.53 -4.34 27.89
C GLY W 10 0.00 -5.16 29.06
N VAL W 11 0.15 -6.48 28.93
CA VAL W 11 -0.22 -7.40 30.00
C VAL W 11 0.80 -7.40 31.13
N ASN W 12 1.90 -6.68 30.98
CA ASN W 12 2.95 -6.61 31.97
C ASN W 12 3.30 -5.16 32.24
N THR W 13 2.28 -4.30 32.32
CA THR W 13 2.50 -2.88 32.48
C THR W 13 1.77 -2.40 33.73
N PHE W 14 2.41 -1.50 34.48
CA PHE W 14 1.83 -1.00 35.70
C PHE W 14 0.80 0.09 35.40
N SER W 15 -0.07 0.31 36.38
CA SER W 15 -1.04 1.38 36.27
C SER W 15 -0.33 2.73 36.14
N PRO W 16 -0.98 3.70 35.51
CA PRO W 16 -0.49 5.09 35.64
C PRO W 16 -0.49 5.53 37.08
N GLU W 17 -1.46 5.05 37.86
CA GLU W 17 -1.42 5.24 39.30
C GLU W 17 -0.42 4.30 39.94
N GLY W 18 -0.16 3.16 39.30
CA GLY W 18 1.02 2.40 39.62
C GLY W 18 0.85 0.98 40.11
N ARG W 19 -0.38 0.48 40.23
CA ARG W 19 -0.54 -0.85 40.80
C ARG W 19 -0.28 -1.94 39.77
N LEU W 20 -1.14 -2.04 38.74
CA LEU W 20 -1.13 -3.13 37.76
C LEU W 20 -2.16 -2.86 36.68
N PHE W 21 -2.26 -3.78 35.72
CA PHE W 21 -3.35 -3.76 34.76
C PHE W 21 -4.26 -4.98 34.88
N GLN W 22 -3.70 -6.18 34.82
CA GLN W 22 -4.53 -7.36 34.70
C GLN W 22 -4.82 -8.03 36.02
N VAL W 23 -3.81 -8.17 36.90
CA VAL W 23 -4.01 -8.82 38.18
C VAL W 23 -5.09 -8.13 38.99
N GLU W 24 -5.21 -6.81 38.86
CA GLU W 24 -6.34 -6.10 39.44
C GLU W 24 -7.65 -6.70 38.95
N TYR W 25 -7.71 -7.08 37.66
CA TYR W 25 -8.86 -7.81 37.17
C TYR W 25 -8.95 -9.21 37.76
N ALA W 26 -7.80 -9.86 37.96
CA ALA W 26 -7.79 -11.21 38.52
C ALA W 26 -8.45 -11.25 39.88
N ILE W 27 -8.08 -10.32 40.77
CA ILE W 27 -8.76 -10.26 42.05
C ILE W 27 -10.24 -10.00 41.87
N GLU W 28 -10.60 -9.23 40.84
CA GLU W 28 -12.01 -9.00 40.58
C GLU W 28 -12.74 -10.28 40.20
N ALA W 29 -12.05 -11.20 39.50
CA ALA W 29 -12.71 -12.41 39.04
C ALA W 29 -13.08 -13.35 40.19
N ILE W 30 -12.38 -13.28 41.32
CA ILE W 30 -12.69 -14.20 42.40
C ILE W 30 -14.02 -13.83 43.05
N LYS W 31 -14.46 -12.58 42.92
CA LYS W 31 -15.67 -12.15 43.59
C LYS W 31 -16.91 -12.91 43.10
N LEU W 32 -16.90 -13.33 41.84
CA LEU W 32 -18.03 -14.03 41.26
C LEU W 32 -18.04 -15.52 41.58
N GLY W 33 -17.05 -16.01 42.34
CA GLY W 33 -16.96 -17.41 42.66
C GLY W 33 -17.77 -17.77 43.89
N SER W 34 -17.93 -19.08 44.09
CA SER W 34 -18.63 -19.55 45.27
C SER W 34 -17.88 -19.14 46.53
N THR W 35 -18.61 -19.03 47.62
CA THR W 35 -18.01 -18.63 48.87
C THR W 35 -17.49 -19.84 49.63
N ALA W 36 -16.64 -19.58 50.62
CA ALA W 36 -16.07 -20.63 51.44
C ALA W 36 -15.53 -20.00 52.71
N ILE W 37 -15.43 -20.82 53.76
CA ILE W 37 -15.04 -20.34 55.08
C ILE W 37 -14.11 -21.36 55.73
N GLY W 38 -13.08 -20.88 56.40
CA GLY W 38 -12.22 -21.73 57.18
C GLY W 38 -12.04 -21.17 58.57
N ILE W 39 -11.78 -22.07 59.52
CA ILE W 39 -11.60 -21.68 60.91
C ILE W 39 -10.45 -22.49 61.50
N GLN W 40 -9.47 -21.78 62.06
CA GLN W 40 -8.34 -22.41 62.71
C GLN W 40 -8.54 -22.38 64.22
N THR W 41 -8.80 -23.54 64.80
CA THR W 41 -9.01 -23.69 66.23
C THR W 41 -7.78 -24.36 66.85
N SER W 42 -7.50 -24.01 68.10
CA SER W 42 -6.51 -24.75 68.85
C SER W 42 -6.82 -26.24 68.91
N GLU W 43 -8.10 -26.59 68.91
CA GLU W 43 -8.52 -27.98 68.81
C GLU W 43 -8.23 -28.57 67.43
N GLY W 44 -8.29 -27.76 66.39
CA GLY W 44 -8.10 -28.24 65.04
C GLY W 44 -8.54 -27.19 64.04
N VAL W 45 -8.62 -27.59 62.78
CA VAL W 45 -9.02 -26.68 61.72
C VAL W 45 -10.21 -27.26 60.99
N CYS W 46 -11.25 -26.46 60.83
CA CYS W 46 -12.44 -26.84 60.10
C CYS W 46 -12.60 -25.97 58.86
N LEU W 47 -13.39 -26.48 57.91
CA LEU W 47 -13.54 -25.81 56.63
C LEU W 47 -14.90 -26.15 56.05
N ALA W 48 -15.45 -25.21 55.29
CA ALA W 48 -16.78 -25.36 54.71
C ALA W 48 -16.86 -24.58 53.41
N VAL W 49 -17.75 -25.04 52.53
CA VAL W 49 -17.97 -24.39 51.24
C VAL W 49 -19.33 -24.82 50.73
N GLU W 50 -19.92 -23.98 49.88
CA GLU W 50 -21.20 -24.27 49.24
C GLU W 50 -20.93 -24.82 47.84
N LYS W 51 -21.75 -25.79 47.44
CA LYS W 51 -21.52 -26.45 46.15
C LYS W 51 -22.10 -25.66 44.99
N ARG W 52 -23.18 -24.91 45.21
CA ARG W 52 -23.84 -24.15 44.15
C ARG W 52 -24.34 -25.08 43.05
N ILE W 53 -25.25 -25.97 43.47
CA ILE W 53 -25.85 -26.92 42.54
C ILE W 53 -26.77 -26.17 41.59
N THR W 54 -26.85 -26.63 40.34
CA THR W 54 -27.64 -25.97 39.31
C THR W 54 -28.82 -26.82 38.85
N SER W 55 -28.59 -28.05 38.41
CA SER W 55 -29.66 -28.88 37.90
C SER W 55 -29.74 -30.18 38.67
N PRO W 56 -30.95 -30.69 38.89
CA PRO W 56 -31.07 -32.00 39.56
C PRO W 56 -30.43 -33.13 38.78
N LEU W 57 -30.41 -33.04 37.46
CA LEU W 57 -29.65 -34.01 36.67
C LEU W 57 -28.17 -33.95 36.97
N MET W 58 -27.69 -32.82 37.45
CA MET W 58 -26.28 -32.70 37.81
C MET W 58 -25.97 -33.53 39.05
N GLU W 59 -25.05 -34.46 38.90
CA GLU W 59 -24.63 -35.25 40.05
C GLU W 59 -23.91 -34.35 41.03
N PRO W 60 -24.24 -34.40 42.32
CA PRO W 60 -23.66 -33.45 43.27
C PRO W 60 -22.21 -33.75 43.62
N SER W 61 -21.91 -35.02 43.91
CA SER W 61 -20.59 -35.36 44.44
C SER W 61 -19.48 -35.16 43.42
N SER W 62 -19.80 -35.13 42.12
CA SER W 62 -18.79 -34.84 41.11
C SER W 62 -18.21 -33.45 41.26
N ILE W 63 -18.88 -32.55 41.96
CA ILE W 63 -18.39 -31.20 42.21
C ILE W 63 -17.81 -31.20 43.62
N GLU W 64 -16.57 -30.74 43.75
CA GLU W 64 -15.89 -30.68 45.03
C GLU W 64 -15.02 -29.44 45.12
N LYS W 65 -14.93 -28.91 46.33
CA LYS W 65 -14.05 -27.79 46.64
C LYS W 65 -12.97 -28.17 47.62
N ILE W 66 -13.30 -28.95 48.63
CA ILE W 66 -12.30 -29.51 49.54
C ILE W 66 -11.55 -30.61 48.80
N VAL W 67 -10.23 -30.47 48.69
CA VAL W 67 -9.39 -31.47 48.09
C VAL W 67 -8.12 -31.60 48.93
N GLU W 68 -7.71 -32.83 49.17
CA GLU W 68 -6.50 -33.06 49.96
C GLU W 68 -5.26 -32.92 49.10
N ILE W 69 -4.25 -32.26 49.66
CA ILE W 69 -2.92 -32.27 49.08
C ILE W 69 -2.03 -33.30 49.76
N ASP W 70 -2.15 -33.39 51.08
CA ASP W 70 -1.47 -34.44 51.82
C ASP W 70 -2.47 -35.05 52.80
N ALA W 71 -2.10 -36.17 53.43
CA ALA W 71 -2.97 -36.78 54.41
C ALA W 71 -3.28 -35.85 55.57
N HIS W 72 -2.40 -34.90 55.88
CA HIS W 72 -2.68 -33.92 56.92
C HIS W 72 -2.74 -32.51 56.35
N ILE W 73 -3.11 -32.37 55.08
CA ILE W 73 -3.10 -31.08 54.40
C ILE W 73 -4.33 -30.98 53.51
N GLY W 74 -5.27 -30.12 53.89
CA GLY W 74 -6.47 -29.89 53.12
C GLY W 74 -6.37 -28.64 52.25
N CYS W 75 -7.35 -28.51 51.37
CA CYS W 75 -7.34 -27.43 50.38
C CYS W 75 -8.74 -26.86 50.23
N ALA W 76 -8.80 -25.60 49.83
CA ALA W 76 -10.05 -24.91 49.57
C ALA W 76 -9.83 -23.93 48.44
N MET W 77 -10.69 -23.99 47.42
CA MET W 77 -10.51 -23.19 46.21
C MET W 77 -11.76 -22.37 45.95
N SER W 78 -11.59 -21.30 45.18
CA SER W 78 -12.74 -20.50 44.74
C SER W 78 -12.36 -19.75 43.47
N GLY W 79 -13.14 -19.95 42.41
CA GLY W 79 -12.87 -19.29 41.15
C GLY W 79 -12.80 -20.26 39.99
N LEU W 80 -11.72 -20.19 39.22
CA LEU W 80 -11.58 -21.05 38.06
C LEU W 80 -11.05 -22.41 38.48
N ILE W 81 -11.93 -23.40 38.48
CA ILE W 81 -11.63 -24.68 39.11
C ILE W 81 -10.52 -25.40 38.37
N ALA W 82 -10.70 -25.59 37.05
CA ALA W 82 -9.70 -26.27 36.25
C ALA W 82 -8.33 -25.63 36.35
N ASP W 83 -8.27 -24.30 36.39
CA ASP W 83 -7.00 -23.64 36.67
C ASP W 83 -6.47 -24.03 38.04
N ALA W 84 -7.36 -24.12 39.03
CA ALA W 84 -6.92 -24.54 40.36
C ALA W 84 -6.32 -25.94 40.33
N LYS W 85 -6.81 -26.80 39.42
CA LYS W 85 -6.35 -28.18 39.37
C LYS W 85 -4.85 -28.31 39.20
N THR W 86 -4.26 -27.51 38.30
CA THR W 86 -2.81 -27.56 38.10
C THR W 86 -2.06 -27.24 39.38
N LEU W 87 -2.46 -26.16 40.06
CA LEU W 87 -1.82 -25.81 41.32
C LEU W 87 -1.99 -26.91 42.34
N ILE W 88 -3.13 -27.59 42.34
CA ILE W 88 -3.31 -28.73 43.22
C ILE W 88 -2.28 -29.80 42.92
N ASP W 89 -2.14 -30.16 41.65
CA ASP W 89 -1.22 -31.22 41.27
C ASP W 89 0.21 -30.87 41.65
N LYS W 90 0.68 -29.67 41.29
CA LYS W 90 2.02 -29.27 41.70
C LYS W 90 2.17 -29.28 43.21
N ALA W 91 1.12 -28.85 43.92
CA ALA W 91 1.15 -28.85 45.37
C ALA W 91 1.42 -30.24 45.91
N ARG W 92 0.67 -31.24 45.46
CA ARG W 92 0.96 -32.61 45.86
C ARG W 92 2.36 -33.02 45.48
N VAL W 93 2.77 -32.68 44.26
CA VAL W 93 4.05 -33.14 43.73
C VAL W 93 5.20 -32.69 44.60
N GLU W 94 5.33 -31.38 44.81
CA GLU W 94 6.48 -30.86 45.52
C GLU W 94 6.54 -31.33 46.97
N THR W 95 5.41 -31.43 47.64
CA THR W 95 5.38 -32.04 48.96
C THR W 95 5.92 -33.46 48.93
N GLN W 96 5.46 -34.25 47.96
CA GLN W 96 6.01 -35.60 47.82
C GLN W 96 7.51 -35.57 47.57
N ASN W 97 7.99 -34.59 46.81
CA ASN W 97 9.42 -34.38 46.71
C ASN W 97 10.04 -34.16 48.08
N HIS W 98 9.39 -33.33 48.90
CA HIS W 98 9.89 -33.05 50.23
C HIS W 98 10.02 -34.31 51.06
N TRP W 99 9.01 -35.17 51.05
CA TRP W 99 9.14 -36.37 51.87
C TRP W 99 10.12 -37.36 51.29
N PHE W 100 10.07 -37.59 49.98
CA PHE W 100 10.99 -38.50 49.31
C PHE W 100 12.37 -37.90 49.10
N THR W 101 12.65 -36.77 49.74
CA THR W 101 13.99 -36.25 49.86
C THR W 101 14.40 -35.95 51.29
N TYR W 102 13.46 -36.01 52.24
CA TYR W 102 13.77 -35.69 53.63
C TYR W 102 13.19 -36.64 54.65
N ASN W 103 12.23 -37.48 54.29
CA ASN W 103 11.59 -38.38 55.25
C ASN W 103 10.88 -37.60 56.36
N GLU W 104 10.38 -36.42 56.02
CA GLU W 104 9.54 -35.67 56.94
C GLU W 104 8.48 -34.94 56.13
N THR W 105 7.44 -34.50 56.83
CA THR W 105 6.33 -33.82 56.18
C THR W 105 6.64 -32.34 56.06
N MET W 106 6.49 -31.80 54.85
CA MET W 106 6.67 -30.38 54.63
C MET W 106 5.59 -29.61 55.40
N THR W 107 5.98 -28.49 56.01
CA THR W 107 5.04 -27.73 56.80
C THR W 107 4.06 -26.99 55.89
N VAL W 108 2.92 -26.60 56.48
CA VAL W 108 1.83 -26.03 55.71
C VAL W 108 2.27 -24.75 55.02
N GLU W 109 2.81 -23.81 55.80
CA GLU W 109 3.29 -22.56 55.22
C GLU W 109 4.35 -22.80 54.16
N SER W 110 5.37 -23.59 54.50
CA SER W 110 6.44 -23.94 53.58
C SER W 110 5.91 -24.47 52.25
N VAL W 111 4.83 -25.24 52.26
CA VAL W 111 4.23 -25.70 51.02
C VAL W 111 3.74 -24.51 50.20
N THR W 112 2.91 -23.68 50.82
CA THR W 112 2.28 -22.58 50.10
C THR W 112 3.29 -21.55 49.62
N GLN W 113 4.46 -21.48 50.25
CA GLN W 113 5.57 -20.77 49.63
C GLN W 113 5.86 -21.36 48.26
N ALA W 114 6.05 -22.67 48.20
CA ALA W 114 6.33 -23.35 46.96
C ALA W 114 5.23 -23.11 45.93
N VAL W 115 3.96 -23.18 46.35
CA VAL W 115 2.88 -22.95 45.41
C VAL W 115 2.92 -21.52 44.90
N SER W 116 3.00 -20.56 45.81
CA SER W 116 2.97 -19.15 45.48
C SER W 116 4.23 -18.68 44.76
N ASN W 117 5.25 -19.53 44.64
CA ASN W 117 6.41 -19.17 43.83
C ASN W 117 6.00 -18.84 42.41
N LEU W 118 5.32 -19.77 41.74
CA LEU W 118 4.77 -19.52 40.43
C LEU W 118 3.37 -18.91 40.49
N ALA W 119 3.04 -18.29 41.62
CA ALA W 119 1.79 -17.52 41.67
C ALA W 119 1.78 -16.44 40.61
N LEU W 120 2.94 -15.85 40.32
CA LEU W 120 3.08 -14.81 39.30
C LEU W 120 4.32 -15.11 38.49
N GLN W 121 4.16 -15.90 37.42
CA GLN W 121 5.28 -16.19 36.53
C GLN W 121 4.86 -16.20 35.07
N PHE W 122 3.65 -15.73 34.76
CA PHE W 122 3.21 -15.66 33.37
C PHE W 122 4.08 -14.67 32.60
N GLY W 123 4.22 -14.93 31.30
CA GLY W 123 5.05 -14.08 30.47
C GLY W 123 5.03 -14.55 29.03
N GLU W 124 6.05 -14.13 28.27
CA GLU W 124 6.18 -14.48 26.86
C GLU W 124 7.23 -15.56 26.64
N GLU W 125 8.46 -15.31 27.06
CA GLU W 125 9.57 -16.23 26.82
C GLU W 125 9.63 -17.28 27.92
N ASP W 126 10.65 -18.12 27.88
CA ASP W 126 10.85 -19.18 28.87
C ASP W 126 9.72 -20.20 28.82
N SER W 133 2.18 -16.96 29.51
CA SER W 133 0.76 -17.18 29.78
C SER W 133 0.16 -15.99 30.52
N ARG W 134 -1.03 -16.18 31.07
CA ARG W 134 -1.74 -15.17 31.81
C ARG W 134 -1.75 -15.51 33.30
N PRO W 135 -2.13 -14.57 34.15
CA PRO W 135 -2.22 -14.87 35.58
C PRO W 135 -3.37 -15.83 35.87
N PHE W 136 -3.37 -16.34 37.10
CA PHE W 136 -4.38 -17.30 37.50
C PHE W 136 -5.59 -16.59 38.11
N GLY W 137 -6.67 -17.34 38.25
CA GLY W 137 -7.94 -16.77 38.66
C GLY W 137 -8.65 -17.50 39.78
N VAL W 138 -7.93 -17.98 40.76
CA VAL W 138 -8.53 -18.71 41.88
C VAL W 138 -7.90 -18.27 43.18
N ALA W 139 -8.69 -18.27 44.25
CA ALA W 139 -8.22 -18.00 45.60
C ALA W 139 -8.24 -19.29 46.40
N LEU W 140 -7.39 -19.37 47.41
CA LEU W 140 -7.18 -20.62 48.14
C LEU W 140 -7.03 -20.39 49.62
N LEU W 141 -7.65 -21.29 50.39
CA LEU W 141 -7.46 -21.42 51.82
C LEU W 141 -6.88 -22.79 52.11
N PHE W 142 -5.78 -22.82 52.86
CA PHE W 142 -5.07 -24.05 53.16
C PHE W 142 -5.08 -24.29 54.65
N GLY W 143 -5.51 -25.47 55.06
CA GLY W 143 -5.46 -25.87 56.44
C GLY W 143 -4.65 -27.14 56.61
N GLY W 144 -4.01 -27.24 57.78
CA GLY W 144 -3.24 -28.44 58.09
C GLY W 144 -2.45 -28.33 59.37
N VAL W 145 -2.48 -29.39 60.17
CA VAL W 145 -1.78 -29.41 61.45
C VAL W 145 -0.33 -29.77 61.18
N ASP W 146 0.57 -29.11 61.90
CA ASP W 146 2.00 -29.37 61.78
C ASP W 146 2.61 -29.30 63.17
N GLU W 147 3.93 -29.17 63.24
CA GLU W 147 4.62 -29.05 64.52
C GLU W 147 4.16 -27.83 65.30
N LYS W 148 3.64 -26.80 64.62
CA LYS W 148 3.11 -25.62 65.28
C LYS W 148 1.61 -25.70 65.47
N GLY W 149 1.06 -26.90 65.64
CA GLY W 149 -0.36 -27.07 65.80
C GLY W 149 -1.09 -26.92 64.48
N PRO W 150 -2.42 -26.81 64.54
CA PRO W 150 -3.18 -26.59 63.31
C PRO W 150 -2.85 -25.25 62.70
N GLN W 151 -2.74 -25.23 61.37
CA GLN W 151 -2.34 -24.04 60.65
C GLN W 151 -3.40 -23.70 59.60
N LEU W 152 -3.53 -22.41 59.34
CA LEU W 152 -4.50 -21.93 58.36
C LEU W 152 -3.93 -20.71 57.65
N PHE W 153 -3.77 -20.84 56.34
CA PHE W 153 -3.21 -19.77 55.53
C PHE W 153 -4.17 -19.45 54.39
N HIS W 154 -4.01 -18.25 53.83
CA HIS W 154 -4.84 -17.76 52.75
C HIS W 154 -3.97 -17.12 51.69
N MET W 155 -4.30 -17.36 50.43
CA MET W 155 -3.52 -16.77 49.36
C MET W 155 -4.41 -16.01 48.38
N ASP W 156 -3.85 -15.61 47.25
CA ASP W 156 -4.58 -14.85 46.26
C ASP W 156 -3.89 -15.02 44.92
N PRO W 157 -4.49 -14.55 43.83
CA PRO W 157 -3.81 -14.61 42.54
C PRO W 157 -2.51 -13.83 42.49
N SER W 158 -2.39 -12.76 43.29
CA SER W 158 -1.20 -11.93 43.28
C SER W 158 -0.04 -12.54 44.04
N GLY W 159 -0.15 -13.80 44.43
CA GLY W 159 0.90 -14.42 45.22
C GLY W 159 1.01 -13.94 46.64
N THR W 160 0.16 -13.00 47.06
CA THR W 160 0.20 -12.48 48.42
C THR W 160 -0.18 -13.62 49.36
N PHE W 161 0.80 -14.12 50.10
CA PHE W 161 0.61 -15.22 51.01
C PHE W 161 0.60 -14.73 52.45
N VAL W 162 -0.41 -15.17 53.21
CA VAL W 162 -0.62 -14.67 54.57
C VAL W 162 -1.36 -15.71 55.37
N GLN W 163 -1.22 -15.63 56.69
CA GLN W 163 -1.93 -16.49 57.62
C GLN W 163 -3.16 -15.76 58.14
N CYS W 164 -4.21 -16.53 58.42
CA CYS W 164 -5.43 -16.00 59.02
C CYS W 164 -5.96 -16.99 60.05
N ASP W 165 -6.67 -16.47 61.05
CA ASP W 165 -7.23 -17.31 62.08
C ASP W 165 -8.49 -18.01 61.60
N ALA W 166 -9.40 -17.26 60.98
CA ALA W 166 -10.60 -17.85 60.40
C ALA W 166 -11.03 -16.93 59.26
N ARG W 167 -10.69 -17.33 58.04
CA ARG W 167 -10.93 -16.53 56.85
C ARG W 167 -12.14 -17.07 56.10
N ALA W 168 -12.81 -16.18 55.37
CA ALA W 168 -13.95 -16.55 54.53
C ALA W 168 -13.84 -15.78 53.23
N ILE W 169 -13.98 -16.49 52.11
CA ILE W 169 -13.88 -15.87 50.79
C ILE W 169 -14.97 -16.45 49.89
N GLY W 170 -15.16 -15.81 48.74
CA GLY W 170 -16.18 -16.15 47.79
C GLY W 170 -16.99 -14.93 47.41
N SER W 171 -18.23 -15.15 47.02
CA SER W 171 -19.08 -14.04 46.64
C SER W 171 -19.42 -13.16 47.84
N ALA W 172 -20.01 -13.74 48.87
CA ALA W 172 -20.45 -12.99 50.06
C ALA W 172 -19.37 -12.94 51.12
N SER W 173 -18.10 -12.97 50.69
CA SER W 173 -16.99 -12.99 51.64
C SER W 173 -16.96 -11.74 52.50
N GLU W 174 -17.50 -10.63 52.00
CA GLU W 174 -17.55 -9.40 52.78
C GLU W 174 -18.34 -9.60 54.07
N GLY W 175 -19.64 -9.85 53.95
CA GLY W 175 -20.44 -10.15 55.12
C GLY W 175 -19.96 -11.37 55.88
N ALA W 176 -19.32 -12.31 55.19
CA ALA W 176 -18.76 -13.48 55.85
C ALA W 176 -17.72 -13.06 56.88
N GLN W 177 -16.68 -12.33 56.45
CA GLN W 177 -15.68 -11.86 57.38
C GLN W 177 -16.27 -10.90 58.41
N SER W 178 -17.20 -10.05 57.98
CA SER W 178 -17.80 -9.08 58.89
C SER W 178 -18.49 -9.76 60.06
N SER W 179 -19.54 -10.54 59.78
CA SER W 179 -20.25 -11.23 60.84
C SER W 179 -19.34 -12.22 61.57
N LEU W 180 -18.44 -12.87 60.84
CA LEU W 180 -17.54 -13.85 61.45
C LEU W 180 -16.68 -13.22 62.53
N GLN W 181 -16.17 -12.01 62.28
CA GLN W 181 -15.47 -11.27 63.32
C GLN W 181 -16.33 -11.06 64.55
N GLU W 182 -17.64 -10.96 64.36
CA GLU W 182 -18.54 -10.76 65.49
C GLU W 182 -18.63 -12.02 66.35
N VAL W 183 -18.27 -13.18 65.79
CA VAL W 183 -18.57 -14.45 66.44
C VAL W 183 -17.32 -15.22 66.84
N TYR W 184 -16.15 -14.84 66.35
CA TYR W 184 -14.94 -15.59 66.65
C TYR W 184 -14.20 -15.00 67.85
N HIS W 185 -13.66 -15.88 68.69
CA HIS W 185 -12.68 -15.52 69.68
C HIS W 185 -11.59 -16.59 69.68
N LYS W 186 -10.52 -16.31 70.42
CA LYS W 186 -9.34 -17.17 70.34
C LYS W 186 -9.59 -18.57 70.88
N SER W 187 -10.38 -18.71 71.93
CA SER W 187 -10.51 -19.99 72.64
C SER W 187 -11.68 -20.81 72.14
N MET W 188 -12.01 -20.70 70.85
CA MET W 188 -13.11 -21.46 70.28
C MET W 188 -12.88 -22.97 70.42
N THR W 189 -13.95 -23.73 70.25
CA THR W 189 -13.89 -25.18 70.22
C THR W 189 -14.31 -25.66 68.84
N LEU W 190 -14.12 -26.96 68.60
CA LEU W 190 -14.24 -27.49 67.25
C LEU W 190 -15.68 -27.45 66.76
N LYS W 191 -16.57 -28.20 67.39
CA LYS W 191 -17.97 -28.22 66.98
C LYS W 191 -18.59 -26.85 67.07
N GLU W 192 -18.22 -26.07 68.09
CA GLU W 192 -18.71 -24.70 68.21
C GLU W 192 -18.38 -23.89 66.96
N ALA W 193 -17.12 -23.90 66.55
CA ALA W 193 -16.74 -23.27 65.30
C ALA W 193 -17.47 -23.87 64.12
N ILE W 194 -17.81 -25.15 64.18
CA ILE W 194 -18.52 -25.80 63.09
C ILE W 194 -19.89 -25.18 62.89
N LYS W 195 -20.74 -25.29 63.91
CA LYS W 195 -22.09 -24.75 63.79
C LYS W 195 -22.07 -23.24 63.62
N SER W 196 -21.16 -22.54 64.30
CA SER W 196 -21.00 -21.11 64.07
C SER W 196 -20.72 -20.82 62.61
N SER W 197 -19.88 -21.64 61.97
CA SER W 197 -19.61 -21.48 60.55
C SER W 197 -20.86 -21.69 59.71
N LEU W 198 -21.49 -22.85 59.87
CA LEU W 198 -22.66 -23.18 59.05
C LEU W 198 -23.80 -22.19 59.23
N ILE W 199 -23.91 -21.56 60.40
CA ILE W 199 -24.90 -20.50 60.56
C ILE W 199 -24.62 -19.36 59.60
N ILE W 200 -23.36 -18.94 59.53
CA ILE W 200 -22.98 -17.96 58.52
C ILE W 200 -23.27 -18.48 57.13
N LEU W 201 -23.11 -19.79 56.92
CA LEU W 201 -23.37 -20.38 55.62
C LEU W 201 -24.82 -20.19 55.20
N LYS W 202 -25.75 -20.64 56.04
CA LYS W 202 -27.16 -20.45 55.75
C LYS W 202 -27.52 -18.99 55.64
N GLN W 203 -26.89 -18.12 56.42
CA GLN W 203 -27.20 -16.71 56.36
C GLN W 203 -26.71 -16.07 55.07
N VAL W 204 -25.68 -16.63 54.45
CA VAL W 204 -25.10 -16.04 53.24
C VAL W 204 -25.64 -16.67 51.96
N MET W 205 -25.99 -17.94 51.97
CA MET W 205 -26.46 -18.63 50.78
C MET W 205 -27.91 -18.26 50.52
N GLU W 206 -28.46 -18.86 49.46
CA GLU W 206 -29.85 -18.63 49.07
C GLU W 206 -30.67 -19.90 48.99
N GLU W 207 -30.08 -21.02 48.58
CA GLU W 207 -30.79 -22.28 48.57
C GLU W 207 -30.88 -22.83 49.99
N LYS W 208 -31.96 -23.58 50.24
CA LYS W 208 -32.17 -24.16 51.55
C LYS W 208 -31.06 -25.15 51.88
N LEU W 209 -30.41 -24.95 53.02
CA LEU W 209 -29.29 -25.79 53.43
C LEU W 209 -29.77 -27.22 53.62
N ASN W 210 -28.96 -28.17 53.19
CA ASN W 210 -29.36 -29.57 53.21
C ASN W 210 -28.10 -30.43 53.17
N ALA W 211 -28.28 -31.72 52.88
CA ALA W 211 -27.17 -32.66 52.80
C ALA W 211 -26.48 -32.64 51.44
N THR W 212 -26.73 -31.64 50.61
CA THR W 212 -26.11 -31.57 49.29
C THR W 212 -25.57 -30.21 48.91
N ASN W 213 -26.00 -29.13 49.58
CA ASN W 213 -25.58 -27.81 49.15
C ASN W 213 -24.12 -27.52 49.49
N ILE W 214 -23.66 -27.99 50.64
CA ILE W 214 -22.36 -27.60 51.17
C ILE W 214 -21.59 -28.84 51.59
N GLU W 215 -20.44 -28.61 52.21
CA GLU W 215 -19.54 -29.70 52.59
C GLU W 215 -18.44 -29.14 53.49
N LEU W 216 -17.96 -29.99 54.39
CA LEU W 216 -16.98 -29.62 55.39
C LEU W 216 -15.69 -30.39 55.18
N ALA W 217 -14.71 -30.06 56.02
CA ALA W 217 -13.43 -30.77 56.05
C ALA W 217 -12.77 -30.42 57.37
N THR W 218 -12.43 -31.44 58.16
CA THR W 218 -11.99 -31.23 59.53
C THR W 218 -10.67 -31.96 59.74
N VAL W 219 -9.61 -31.20 59.97
CA VAL W 219 -8.30 -31.74 60.29
C VAL W 219 -8.03 -31.54 61.77
N GLN W 220 -7.54 -32.58 62.43
CA GLN W 220 -7.28 -32.59 63.85
C GLN W 220 -5.90 -33.14 64.14
N PRO W 221 -5.29 -32.74 65.25
CA PRO W 221 -4.03 -33.38 65.64
C PRO W 221 -4.19 -34.85 65.91
N GLY W 222 -5.19 -35.23 66.71
CA GLY W 222 -5.53 -36.63 66.86
C GLY W 222 -6.18 -37.15 65.61
N GLN W 223 -7.33 -36.58 65.24
CA GLN W 223 -7.95 -36.94 63.98
C GLN W 223 -7.11 -36.36 62.85
N ASN W 224 -6.05 -37.08 62.50
CA ASN W 224 -5.02 -36.55 61.61
C ASN W 224 -5.55 -36.31 60.21
N PHE W 225 -6.66 -36.93 59.84
CA PHE W 225 -7.20 -36.81 58.51
C PHE W 225 -8.48 -36.00 58.56
N HIS W 226 -8.84 -35.42 57.42
CA HIS W 226 -10.13 -34.76 57.28
C HIS W 226 -11.14 -35.78 56.78
N MET W 227 -12.30 -35.82 57.43
CA MET W 227 -13.23 -36.92 57.23
C MET W 227 -14.65 -36.35 57.32
N PHE W 228 -15.31 -36.22 56.18
CA PHE W 228 -16.63 -35.60 56.16
C PHE W 228 -17.61 -36.41 55.32
N THR W 229 -17.74 -37.69 55.65
CA THR W 229 -18.84 -38.46 55.09
C THR W 229 -20.17 -37.78 55.40
N LYS W 230 -21.11 -37.93 54.48
CA LYS W 230 -22.40 -37.27 54.60
C LYS W 230 -23.19 -37.86 55.77
N GLU W 231 -24.31 -37.20 56.07
CA GLU W 231 -25.28 -37.60 57.09
C GLU W 231 -24.75 -37.40 58.51
N GLU W 232 -23.46 -37.14 58.64
CA GLU W 232 -22.98 -36.37 59.78
C GLU W 232 -23.25 -34.90 59.54
N LEU W 233 -23.14 -34.50 58.27
CA LEU W 233 -23.67 -33.22 57.84
C LEU W 233 -25.12 -33.06 58.25
N GLU W 234 -25.98 -33.98 57.80
CA GLU W 234 -27.37 -33.99 58.24
C GLU W 234 -27.48 -34.10 59.76
N GLU W 235 -26.58 -34.87 60.38
CA GLU W 235 -26.56 -34.97 61.83
C GLU W 235 -26.36 -33.60 62.48
N VAL W 236 -25.61 -32.71 61.83
CA VAL W 236 -25.39 -31.39 62.38
C VAL W 236 -26.50 -30.42 61.99
N ILE W 237 -27.07 -30.59 60.80
CA ILE W 237 -28.20 -29.74 60.41
C ILE W 237 -29.38 -29.98 61.34
N LYS W 238 -29.68 -31.24 61.65
CA LYS W 238 -30.70 -31.52 62.64
C LYS W 238 -30.32 -30.97 64.01
N ASP W 239 -29.03 -30.84 64.29
CA ASP W 239 -28.56 -30.20 65.50
C ASP W 239 -28.57 -28.68 65.41
N ILE W 240 -28.89 -28.15 64.23
CA ILE W 240 -28.89 -26.70 64.05
C ILE W 240 -30.28 -26.25 63.62
N ASN X 9 -0.16 10.31 26.50
CA ASN X 9 -0.43 9.08 27.22
C ASN X 9 -0.17 7.86 26.36
N GLN X 10 -0.46 7.98 25.06
CA GLN X 10 -0.22 6.90 24.12
C GLN X 10 1.23 6.45 24.11
N TYR X 11 2.17 7.36 24.33
CA TYR X 11 3.56 7.01 24.51
C TYR X 11 3.86 6.63 25.96
N ASP X 12 2.84 6.47 26.78
CA ASP X 12 3.00 6.12 28.20
C ASP X 12 2.52 4.71 28.48
N ASN X 13 2.82 3.76 27.59
CA ASN X 13 2.34 2.40 27.74
C ASN X 13 3.48 1.41 28.00
N ASP X 14 4.55 1.49 27.23
CA ASP X 14 5.60 0.49 27.28
C ASP X 14 6.93 1.08 27.75
N VAL X 15 7.80 0.19 28.22
CA VAL X 15 9.07 0.61 28.80
C VAL X 15 10.01 1.15 27.73
N THR X 16 9.99 0.56 26.54
CA THR X 16 10.95 0.97 25.52
C THR X 16 10.66 2.38 25.02
N VAL X 17 9.44 2.87 25.22
CA VAL X 17 9.03 4.17 24.71
C VAL X 17 9.62 5.27 25.57
N TRP X 18 10.36 6.18 24.96
CA TRP X 18 10.80 7.39 25.65
C TRP X 18 9.65 8.38 25.75
N SER X 19 9.93 9.49 26.40
CA SER X 19 8.96 10.57 26.48
C SER X 19 9.46 11.78 25.71
N PRO X 20 8.55 12.56 25.12
CA PRO X 20 8.96 13.82 24.49
C PRO X 20 9.61 14.78 25.46
N GLN X 21 9.33 14.65 26.75
CA GLN X 21 10.10 15.35 27.76
C GLN X 21 11.30 14.53 28.22
N GLY X 22 11.36 13.26 27.85
CA GLY X 22 12.51 12.42 28.19
C GLY X 22 12.36 11.75 29.53
N ARG X 23 11.21 11.14 29.79
CA ARG X 23 10.93 10.52 31.07
C ARG X 23 10.02 9.33 30.84
N ILE X 24 10.57 8.12 30.91
CA ILE X 24 9.76 6.92 30.74
C ILE X 24 8.83 6.80 31.93
N HIS X 25 7.54 7.04 31.71
CA HIS X 25 6.58 7.11 32.80
C HIS X 25 6.36 5.78 33.48
N GLN X 26 6.80 4.68 32.88
CA GLN X 26 6.66 3.38 33.54
C GLN X 26 7.43 3.34 34.85
N ILE X 27 8.72 3.66 34.80
CA ILE X 27 9.54 3.65 36.01
C ILE X 27 8.97 4.64 37.03
N GLU X 28 8.50 5.78 36.54
CA GLU X 28 7.81 6.73 37.41
C GLU X 28 6.60 6.10 38.08
N TYR X 29 5.92 5.19 37.39
CA TYR X 29 4.81 4.47 38.01
C TYR X 29 5.31 3.50 39.06
N ALA X 30 6.35 2.74 38.75
CA ALA X 30 6.95 1.83 39.71
C ALA X 30 7.38 2.55 40.98
N MET X 31 7.94 3.74 40.86
CA MET X 31 8.20 4.56 42.04
C MET X 31 6.92 4.80 42.84
N GLU X 32 5.79 4.97 42.15
CA GLU X 32 4.52 5.08 42.86
C GLU X 32 4.17 3.78 43.56
N ALA X 33 4.56 2.65 42.97
CA ALA X 33 4.23 1.36 43.57
C ALA X 33 4.86 1.20 44.95
N VAL X 34 6.04 1.79 45.16
CA VAL X 34 6.72 1.62 46.44
C VAL X 34 6.05 2.46 47.52
N LYS X 35 5.44 3.58 47.14
CA LYS X 35 4.85 4.48 48.12
C LYS X 35 3.68 3.86 48.87
N GLN X 36 3.09 2.78 48.35
CA GLN X 36 1.92 2.18 48.97
C GLN X 36 2.25 1.27 50.13
N GLY X 37 3.43 0.67 50.14
CA GLY X 37 3.78 -0.27 51.18
C GLY X 37 3.87 0.38 52.54
N SER X 38 4.01 -0.46 53.56
CA SER X 38 4.17 0.03 54.91
C SER X 38 5.47 0.80 55.05
N ALA X 39 5.61 1.49 56.17
CA ALA X 39 6.81 2.27 56.39
C ALA X 39 7.86 1.46 57.12
N THR X 40 9.11 1.88 56.96
CA THR X 40 10.23 1.27 57.65
C THR X 40 11.45 2.17 57.49
N VAL X 41 12.37 2.08 58.44
CA VAL X 41 13.51 2.98 58.51
C VAL X 41 14.75 2.19 58.90
N GLY X 42 15.89 2.58 58.36
CA GLY X 42 17.15 1.98 58.72
C GLY X 42 18.20 3.03 59.02
N LEU X 43 19.20 2.63 59.78
CA LEU X 43 20.30 3.50 60.14
C LEU X 43 21.42 2.66 60.73
N LYS X 44 22.50 3.31 61.11
CA LYS X 44 23.62 2.57 61.66
C LYS X 44 24.46 3.47 62.56
N SER X 45 25.01 2.87 63.60
CA SER X 45 25.96 3.52 64.48
C SER X 45 27.32 3.55 63.81
N LYS X 46 28.35 3.92 64.57
CA LYS X 46 29.70 3.69 64.08
C LYS X 46 30.00 2.21 63.99
N THR X 47 29.33 1.40 64.80
CA THR X 47 29.64 -0.02 64.90
C THR X 47 28.41 -0.91 64.87
N HIS X 48 27.24 -0.38 64.58
CA HIS X 48 26.02 -1.19 64.56
C HIS X 48 25.07 -0.65 63.52
N ALA X 49 24.23 -1.54 62.99
CA ALA X 49 23.23 -1.17 62.01
C ALA X 49 21.90 -1.75 62.45
N VAL X 50 20.86 -0.92 62.47
CA VAL X 50 19.54 -1.32 62.92
C VAL X 50 18.50 -0.75 61.97
N LEU X 51 17.50 -1.56 61.65
CA LEU X 51 16.39 -1.15 60.80
C LEU X 51 15.11 -1.77 61.34
N VAL X 52 14.06 -0.96 61.43
CA VAL X 52 12.78 -1.41 61.96
C VAL X 52 11.73 -1.23 60.87
N ALA X 53 10.78 -2.16 60.81
CA ALA X 53 9.72 -2.12 59.83
C ALA X 53 8.37 -2.20 60.52
N LEU X 54 7.39 -1.55 59.91
CA LEU X 54 6.01 -1.53 60.37
C LEU X 54 5.25 -2.65 59.69
N LYS X 55 4.44 -3.36 60.46
CA LYS X 55 3.58 -4.41 59.93
C LYS X 55 2.19 -3.86 59.66
N ARG X 56 1.49 -4.52 58.75
CA ARG X 56 0.08 -4.27 58.52
C ARG X 56 -0.67 -5.59 58.49
N ALA X 57 -1.96 -5.52 58.76
CA ALA X 57 -2.82 -6.69 58.76
C ALA X 57 -3.99 -6.47 57.82
N GLN X 58 -4.37 -7.51 57.08
CA GLN X 58 -5.54 -7.43 56.21
C GLN X 58 -6.80 -7.25 57.03
N SER X 59 -6.93 -7.99 58.13
CA SER X 59 -8.09 -7.89 59.01
C SER X 59 -7.65 -8.22 60.42
N GLU X 60 -8.61 -8.23 61.35
CA GLU X 60 -8.28 -8.51 62.74
C GLU X 60 -7.76 -9.93 62.92
N LEU X 61 -8.57 -10.93 62.57
CA LEU X 61 -8.15 -12.31 62.74
C LEU X 61 -7.00 -12.68 61.82
N ALA X 62 -6.77 -11.89 60.76
CA ALA X 62 -5.61 -12.11 59.92
C ALA X 62 -4.37 -11.51 60.56
N ALA X 63 -3.27 -12.24 60.48
CA ALA X 63 -2.03 -11.77 61.07
C ALA X 63 -1.50 -10.57 60.29
N HIS X 64 -0.43 -9.97 60.82
CA HIS X 64 0.20 -8.85 60.15
C HIS X 64 1.27 -9.36 59.19
N GLN X 65 1.33 -8.75 58.01
CA GLN X 65 2.32 -9.16 57.02
C GLN X 65 3.71 -8.83 57.51
N LYS X 66 4.63 -9.79 57.37
CA LYS X 66 5.99 -9.59 57.83
C LYS X 66 6.80 -8.81 56.80
N LYS X 67 7.76 -8.05 57.30
CA LYS X 67 8.56 -7.15 56.46
C LYS X 67 10.03 -7.52 56.45
N ILE X 68 10.66 -7.63 57.61
CA ILE X 68 12.07 -8.00 57.66
C ILE X 68 12.22 -9.46 57.28
N LEU X 69 13.35 -9.81 56.68
CA LEU X 69 13.63 -11.19 56.33
C LEU X 69 15.13 -11.41 56.36
N HIS X 70 15.54 -12.47 57.05
CA HIS X 70 16.95 -12.81 57.12
C HIS X 70 17.45 -13.30 55.77
N VAL X 71 18.69 -12.94 55.44
CA VAL X 71 19.33 -13.39 54.21
C VAL X 71 20.63 -14.12 54.51
N ASP X 72 21.59 -13.43 55.11
CA ASP X 72 22.85 -14.02 55.51
C ASP X 72 23.17 -13.53 56.92
N ASN X 73 24.17 -14.16 57.54
CA ASN X 73 24.55 -13.84 58.91
C ASN X 73 24.92 -12.38 59.11
N HIS X 74 25.35 -11.69 58.05
CA HIS X 74 25.76 -10.31 58.18
C HIS X 74 24.94 -9.44 57.23
N ILE X 75 23.97 -10.02 56.56
CA ILE X 75 23.14 -9.29 55.60
C ILE X 75 21.69 -9.35 56.00
N GLY X 76 21.10 -8.18 56.25
CA GLY X 76 19.68 -8.09 56.51
C GLY X 76 19.07 -7.01 55.63
N ILE X 77 17.82 -7.25 55.23
CA ILE X 77 17.13 -6.33 54.33
C ILE X 77 15.67 -6.22 54.72
N SER X 78 15.09 -5.08 54.40
CA SER X 78 13.66 -4.84 54.57
C SER X 78 12.96 -5.07 53.24
N ILE X 79 11.70 -4.69 53.20
CA ILE X 79 10.86 -4.90 52.02
C ILE X 79 9.82 -3.79 51.93
N ALA X 80 9.32 -3.54 50.73
CA ALA X 80 8.28 -2.55 50.53
C ALA X 80 7.75 -2.65 49.11
N GLY X 81 6.43 -2.57 48.98
CA GLY X 81 5.81 -2.61 47.66
C GLY X 81 5.13 -3.93 47.35
N LEU X 82 5.57 -4.59 46.29
CA LEU X 82 5.00 -5.88 45.94
C LEU X 82 5.63 -6.99 46.77
N THR X 83 5.22 -8.22 46.49
CA THR X 83 5.77 -9.38 47.18
C THR X 83 6.37 -10.41 46.24
N ALA X 84 5.84 -10.54 45.02
CA ALA X 84 6.40 -11.50 44.08
C ALA X 84 7.84 -11.14 43.74
N ASP X 85 8.08 -9.90 43.31
CA ASP X 85 9.44 -9.43 43.14
C ASP X 85 10.26 -9.55 44.42
N ALA X 86 9.61 -9.35 45.57
CA ALA X 86 10.29 -9.49 46.85
C ALA X 86 10.90 -10.88 46.99
N ARG X 87 10.07 -11.92 46.88
CA ARG X 87 10.58 -13.27 47.01
C ARG X 87 11.53 -13.63 45.88
N LEU X 88 11.28 -13.14 44.67
CA LEU X 88 12.15 -13.46 43.55
C LEU X 88 13.56 -12.92 43.78
N LEU X 89 13.69 -11.60 43.89
CA LEU X 89 14.99 -10.99 44.09
C LEU X 89 15.63 -11.43 45.39
N CYS X 90 14.81 -11.70 46.41
CA CYS X 90 15.34 -12.30 47.64
C CYS X 90 16.01 -13.63 47.35
N ASN X 91 15.33 -14.49 46.60
CA ASN X 91 15.93 -15.77 46.23
C ASN X 91 17.22 -15.56 45.46
N PHE X 92 17.24 -14.60 44.54
CA PHE X 92 18.49 -14.24 43.89
C PHE X 92 19.56 -13.85 44.89
N MET X 93 19.17 -13.17 45.96
CA MET X 93 20.14 -12.71 46.95
C MET X 93 20.72 -13.88 47.72
N ARG X 94 19.86 -14.70 48.34
CA ARG X 94 20.31 -15.89 49.04
C ARG X 94 21.17 -16.76 48.15
N GLN X 95 20.83 -16.86 46.87
CA GLN X 95 21.70 -17.54 45.93
C GLN X 95 23.07 -16.90 45.89
N GLU X 96 23.12 -15.59 45.63
CA GLU X 96 24.39 -14.91 45.42
C GLU X 96 25.30 -15.00 46.63
N CYS X 97 24.76 -14.87 47.84
CA CYS X 97 25.59 -14.93 49.03
C CYS X 97 26.32 -16.27 49.13
N LEU X 98 25.56 -17.36 49.11
CA LEU X 98 26.15 -18.69 49.15
C LEU X 98 27.01 -18.99 47.93
N ASP X 99 26.87 -18.23 46.85
CA ASP X 99 27.74 -18.45 45.69
C ASP X 99 29.20 -18.20 46.06
N SER X 100 29.56 -16.95 46.36
CA SER X 100 30.92 -16.68 46.79
C SER X 100 31.21 -17.33 48.12
N ARG X 101 30.18 -17.56 48.92
CA ARG X 101 30.34 -18.37 50.13
C ARG X 101 30.92 -19.73 49.79
N PHE X 102 30.57 -20.27 48.62
CA PHE X 102 31.06 -21.57 48.21
C PHE X 102 32.36 -21.45 47.42
N VAL X 103 32.60 -20.30 46.80
CA VAL X 103 33.76 -20.16 45.93
C VAL X 103 34.97 -19.69 46.72
N PHE X 104 34.87 -18.50 47.30
CA PHE X 104 36.00 -17.93 48.02
C PHE X 104 35.99 -18.27 49.50
N ASP X 105 34.91 -18.84 50.01
CA ASP X 105 34.81 -19.17 51.43
C ASP X 105 34.93 -17.91 52.28
N ARG X 106 34.14 -16.90 51.92
CA ARG X 106 34.15 -15.63 52.62
C ARG X 106 32.82 -14.96 52.41
N PRO X 107 32.44 -14.03 53.28
CA PRO X 107 31.19 -13.30 53.07
C PRO X 107 31.29 -12.36 51.89
N LEU X 108 30.13 -11.99 51.36
CA LEU X 108 30.09 -11.03 50.28
C LEU X 108 30.07 -9.62 50.84
N PRO X 109 31.02 -8.78 50.44
CA PRO X 109 30.93 -7.36 50.78
C PRO X 109 29.68 -6.75 50.18
N VAL X 110 29.07 -5.85 50.94
CA VAL X 110 27.73 -5.36 50.62
C VAL X 110 27.71 -4.63 49.28
N SER X 111 28.75 -3.84 49.00
CA SER X 111 28.71 -2.91 47.87
C SER X 111 28.53 -3.63 46.55
N ARG X 112 29.52 -4.42 46.15
CA ARG X 112 29.45 -5.09 44.86
C ARG X 112 28.27 -6.04 44.76
N LEU X 113 27.80 -6.60 45.88
CA LEU X 113 26.54 -7.31 45.87
C LEU X 113 25.40 -6.41 45.41
N VAL X 114 25.29 -5.23 46.01
CA VAL X 114 24.25 -4.29 45.62
C VAL X 114 24.36 -3.93 44.15
N SER X 115 25.58 -3.65 43.68
CA SER X 115 25.80 -3.41 42.26
C SER X 115 25.30 -4.59 41.42
N LEU X 116 25.52 -5.81 41.90
CA LEU X 116 24.97 -6.97 41.21
C LEU X 116 23.45 -6.90 41.16
N ILE X 117 22.83 -6.38 42.22
CA ILE X 117 21.38 -6.22 42.19
C ILE X 117 20.96 -5.24 41.11
N GLY X 118 21.57 -4.06 41.09
CA GLY X 118 21.23 -3.08 40.06
C GLY X 118 21.43 -3.59 38.66
N SER X 119 22.58 -4.24 38.40
CA SER X 119 22.79 -4.88 37.12
C SER X 119 21.70 -5.91 36.83
N LYS X 120 21.24 -6.63 37.85
CA LYS X 120 20.17 -7.58 37.66
C LYS X 120 18.89 -6.91 37.19
N THR X 121 18.51 -5.82 37.85
CA THR X 121 17.28 -5.12 37.48
C THR X 121 17.41 -4.31 36.21
N GLN X 122 18.63 -4.10 35.72
CA GLN X 122 18.82 -3.21 34.57
C GLN X 122 18.13 -3.71 33.31
N ILE X 123 18.24 -5.02 33.04
CA ILE X 123 17.82 -5.54 31.74
C ILE X 123 16.31 -5.38 31.50
N PRO X 124 15.44 -5.90 32.37
CA PRO X 124 14.00 -5.73 32.13
C PRO X 124 13.54 -4.30 32.13
N THR X 125 14.33 -3.36 32.62
CA THR X 125 14.05 -1.94 32.51
C THR X 125 14.31 -1.42 31.11
N GLN X 126 14.87 -2.23 30.25
CA GLN X 126 15.14 -1.75 28.89
C GLN X 126 14.57 -2.65 27.82
N ARG X 127 14.54 -3.96 28.03
CA ARG X 127 14.04 -4.82 26.98
C ARG X 127 12.52 -4.73 26.89
N TYR X 128 12.00 -5.11 25.74
CA TYR X 128 10.56 -5.03 25.49
C TYR X 128 9.81 -6.04 26.33
N GLY X 129 8.59 -5.68 26.72
CA GLY X 129 7.73 -6.60 27.43
C GLY X 129 8.26 -7.09 28.75
N ARG X 130 8.86 -6.21 29.55
CA ARG X 130 9.45 -6.58 30.82
C ARG X 130 9.21 -5.47 31.82
N ARG X 131 8.34 -5.71 32.79
CA ARG X 131 8.07 -4.71 33.80
C ARG X 131 9.28 -4.53 34.71
N PRO X 132 9.38 -3.39 35.37
CA PRO X 132 10.34 -3.26 36.46
C PRO X 132 9.92 -4.07 37.67
N TYR X 133 10.70 -3.94 38.73
CA TYR X 133 10.41 -4.62 39.98
C TYR X 133 9.98 -3.59 41.02
N GLY X 134 8.72 -3.66 41.45
CA GLY X 134 8.25 -2.77 42.48
C GLY X 134 8.70 -3.21 43.85
N VAL X 135 9.68 -2.51 44.42
CA VAL X 135 10.25 -2.91 45.69
C VAL X 135 11.00 -1.71 46.27
N GLY X 136 11.15 -1.71 47.59
CA GLY X 136 11.81 -0.63 48.30
C GLY X 136 12.97 -1.13 49.13
N LEU X 137 13.76 -2.04 48.57
CA LEU X 137 14.75 -2.81 49.30
C LEU X 137 15.69 -1.93 50.10
N LEU X 138 15.71 -2.14 51.41
CA LEU X 138 16.68 -1.52 52.30
C LEU X 138 17.65 -2.59 52.77
N ILE X 139 18.93 -2.22 52.84
CA ILE X 139 20.00 -3.18 53.08
C ILE X 139 20.88 -2.70 54.22
N ALA X 140 21.30 -3.62 55.07
CA ALA X 140 22.17 -3.32 56.19
C ALA X 140 23.05 -4.52 56.51
N GLY X 141 24.29 -4.24 56.90
CA GLY X 141 25.22 -5.29 57.26
C GLY X 141 26.62 -4.72 57.35
N TYR X 142 27.58 -5.62 57.54
CA TYR X 142 28.99 -5.28 57.60
C TYR X 142 29.72 -5.78 56.36
N ASP X 143 30.58 -4.93 55.84
CA ASP X 143 31.74 -5.41 55.10
C ASP X 143 32.89 -5.54 56.09
N ASP X 144 34.12 -5.64 55.60
CA ASP X 144 35.26 -5.61 56.51
C ASP X 144 35.43 -4.25 57.19
N MET X 145 34.72 -3.21 56.75
CA MET X 145 34.91 -1.88 57.30
C MET X 145 33.60 -1.27 57.78
N GLY X 146 32.81 -2.02 58.54
CA GLY X 146 31.72 -1.45 59.29
C GLY X 146 30.36 -1.59 58.62
N PRO X 147 29.34 -1.09 59.29
CA PRO X 147 27.97 -1.22 58.78
C PRO X 147 27.73 -0.33 57.58
N HIS X 148 26.67 -0.66 56.84
CA HIS X 148 26.28 0.09 55.65
C HIS X 148 24.78 0.03 55.49
N ILE X 149 24.21 1.11 54.96
CA ILE X 149 22.77 1.23 54.77
C ILE X 149 22.51 1.66 53.34
N PHE X 150 21.94 0.76 52.55
CA PHE X 150 21.67 1.00 51.15
C PHE X 150 20.18 0.89 50.88
N GLN X 151 19.67 1.79 50.04
CA GLN X 151 18.28 1.76 49.62
C GLN X 151 18.22 1.58 48.12
N THR X 152 17.11 1.03 47.65
CA THR X 152 16.94 0.63 46.26
C THR X 152 15.83 1.46 45.62
N CYS X 153 15.45 1.07 44.42
CA CYS X 153 14.38 1.74 43.69
C CYS X 153 14.09 0.94 42.43
N PRO X 154 12.90 1.10 41.85
CA PRO X 154 12.65 0.51 40.53
C PRO X 154 13.61 1.02 39.47
N SER X 155 14.08 2.26 39.59
CA SER X 155 15.11 2.78 38.69
C SER X 155 16.47 2.17 38.95
N ALA X 156 16.61 1.38 40.01
CA ALA X 156 17.88 0.72 40.34
C ALA X 156 18.97 1.76 40.62
N ASN X 157 18.71 2.58 41.63
CA ASN X 157 19.66 3.62 42.05
C ASN X 157 20.02 3.36 43.50
N TYR X 158 20.98 2.47 43.70
CA TYR X 158 21.47 2.16 45.04
C TYR X 158 22.15 3.38 45.65
N PHE X 159 21.78 3.70 46.88
CA PHE X 159 22.23 4.91 47.55
C PHE X 159 22.95 4.56 48.84
N ASP X 160 24.19 5.02 48.97
CA ASP X 160 24.97 4.84 50.19
C ASP X 160 24.58 5.94 51.16
N CYS X 161 23.49 5.72 51.87
CA CYS X 161 22.96 6.70 52.81
C CYS X 161 23.49 6.43 54.20
N ARG X 162 23.07 7.27 55.14
CA ARG X 162 23.24 7.02 56.57
C ARG X 162 21.97 6.57 57.26
N ALA X 163 20.80 6.98 56.76
CA ALA X 163 19.52 6.47 57.24
C ALA X 163 18.44 6.97 56.30
N MET X 164 17.49 6.10 55.97
CA MET X 164 16.43 6.48 55.06
C MET X 164 15.11 5.90 55.54
N SER X 165 14.04 6.30 54.87
CA SER X 165 12.71 5.81 55.17
C SER X 165 11.88 5.84 53.90
N ILE X 166 11.20 4.73 53.64
CA ILE X 166 10.43 4.58 52.42
C ILE X 166 9.10 3.91 52.75
N GLY X 167 8.10 4.22 51.94
CA GLY X 167 6.75 3.75 52.16
C GLY X 167 5.78 4.89 52.38
N ALA X 168 4.66 4.55 53.00
CA ALA X 168 3.60 5.53 53.25
C ALA X 168 4.09 6.62 54.18
N ARG X 169 3.97 7.87 53.73
CA ARG X 169 4.29 9.07 54.51
C ARG X 169 5.65 8.99 55.18
N SER X 170 6.63 8.49 54.45
CA SER X 170 8.01 8.56 54.89
C SER X 170 8.58 9.96 54.80
N GLN X 171 7.85 10.87 54.14
CA GLN X 171 8.22 12.28 54.06
C GLN X 171 8.56 12.84 55.43
N SER X 172 7.57 12.88 56.32
CA SER X 172 7.83 13.35 57.68
C SER X 172 8.81 12.46 58.41
N ALA X 173 8.83 11.17 58.08
CA ALA X 173 9.75 10.24 58.73
C ALA X 173 11.20 10.68 58.53
N ARG X 174 11.54 11.15 57.34
CA ARG X 174 12.90 11.60 57.10
C ARG X 174 13.25 12.79 57.97
N THR X 175 12.27 13.66 58.24
CA THR X 175 12.53 14.91 58.95
C THR X 175 13.15 14.67 60.32
N TYR X 176 12.63 13.71 61.08
CA TYR X 176 13.19 13.41 62.39
C TYR X 176 14.64 12.95 62.31
N LEU X 177 15.06 12.44 61.15
CA LEU X 177 16.41 11.90 61.01
C LEU X 177 17.47 12.98 61.17
N GLU X 178 17.36 14.08 60.42
CA GLU X 178 18.42 15.07 60.39
C GLU X 178 18.63 15.75 61.73
N ARG X 179 17.57 16.07 62.45
CA ARG X 179 17.70 16.77 63.71
C ARG X 179 18.25 15.90 64.83
N HIS X 180 18.61 14.64 64.55
CA HIS X 180 19.28 13.81 65.54
C HIS X 180 20.39 12.98 64.91
N MET X 181 20.71 13.26 63.64
CA MET X 181 21.73 12.48 62.93
C MET X 181 23.08 12.56 63.62
N SER X 182 23.42 13.71 64.19
CA SER X 182 24.65 13.80 64.98
C SER X 182 24.64 12.82 66.13
N GLU X 183 23.47 12.54 66.71
CA GLU X 183 23.34 11.53 67.74
C GLU X 183 23.49 10.11 67.19
N PHE X 184 23.51 9.95 65.88
CA PHE X 184 23.46 8.63 65.26
C PHE X 184 24.85 8.05 65.04
N MET X 185 25.81 8.45 65.85
CA MET X 185 27.15 7.90 65.75
C MET X 185 27.69 7.42 67.08
N GLU X 186 27.26 8.01 68.19
CA GLU X 186 27.82 7.68 69.49
C GLU X 186 26.93 6.77 70.32
N CYS X 187 25.63 6.79 70.12
CA CYS X 187 24.73 5.97 70.90
C CYS X 187 24.82 4.51 70.47
N ASN X 188 24.76 3.61 71.44
CA ASN X 188 24.79 2.19 71.15
C ASN X 188 23.37 1.69 70.93
N LEU X 189 23.19 0.37 70.98
CA LEU X 189 21.96 -0.25 70.52
C LEU X 189 20.75 0.19 71.34
N ASN X 190 20.91 0.32 72.65
CA ASN X 190 19.75 0.48 73.53
C ASN X 190 18.99 1.76 73.22
N GLU X 191 19.68 2.90 73.27
CA GLU X 191 19.05 4.16 72.92
C GLU X 191 18.98 4.38 71.43
N LEU X 192 19.86 3.75 70.65
CA LEU X 192 19.82 3.90 69.21
C LEU X 192 18.51 3.36 68.64
N VAL X 193 18.12 2.16 69.06
CA VAL X 193 16.90 1.55 68.55
C VAL X 193 15.71 2.46 68.81
N LYS X 194 15.59 2.95 70.04
CA LYS X 194 14.53 3.88 70.34
C LYS X 194 14.69 5.20 69.61
N HIS X 195 15.91 5.58 69.24
CA HIS X 195 16.08 6.70 68.32
C HIS X 195 15.37 6.44 67.02
N GLY X 196 15.60 5.28 66.42
CA GLY X 196 14.96 4.97 65.15
C GLY X 196 13.45 4.88 65.26
N LEU X 197 12.96 4.07 66.20
CA LEU X 197 11.53 3.88 66.34
C LEU X 197 10.79 5.15 66.72
N ARG X 198 11.47 6.14 67.31
CA ARG X 198 10.84 7.43 67.51
C ARG X 198 10.43 8.06 66.19
N ALA X 199 11.11 7.73 65.09
CA ALA X 199 10.80 8.31 63.79
C ALA X 199 9.61 7.63 63.11
N LEU X 200 9.35 6.37 63.44
CA LEU X 200 8.20 5.70 62.83
C LEU X 200 6.89 6.20 63.40
N ARG X 201 6.89 6.58 64.67
CA ARG X 201 5.65 6.92 65.36
C ARG X 201 4.99 8.18 64.82
N GLU X 202 5.68 8.97 63.99
CA GLU X 202 5.07 10.11 63.33
C GLU X 202 4.43 9.74 62.01
N THR X 203 4.77 8.58 61.46
CA THR X 203 4.20 8.10 60.20
C THR X 203 2.91 7.33 60.42
N LEU X 204 2.21 7.61 61.51
CA LEU X 204 1.01 6.88 61.89
C LEU X 204 -0.06 7.86 62.34
N PRO X 205 -1.29 7.40 62.48
CA PRO X 205 -2.30 8.23 63.15
C PRO X 205 -1.90 8.52 64.58
N ALA X 206 -2.60 9.48 65.18
CA ALA X 206 -2.25 9.97 66.51
C ALA X 206 -2.85 9.14 67.63
N GLU X 207 -3.20 7.88 67.36
CA GLU X 207 -3.89 7.08 68.37
C GLU X 207 -3.44 5.64 68.46
N GLN X 208 -2.38 5.23 67.77
CA GLN X 208 -1.84 3.88 67.95
C GLN X 208 -0.45 3.85 67.35
N ASP X 209 0.52 3.35 68.12
CA ASP X 209 1.92 3.43 67.70
C ASP X 209 2.57 2.07 67.48
N LEU X 210 2.63 1.21 68.50
CA LEU X 210 3.55 0.07 68.41
C LEU X 210 3.01 -1.17 69.10
N THR X 211 1.70 -1.40 69.08
CA THR X 211 1.10 -2.29 70.07
C THR X 211 1.45 -3.75 69.87
N THR X 212 2.75 -4.07 69.86
CA THR X 212 3.28 -5.44 69.96
C THR X 212 2.67 -6.40 68.95
N LYS X 213 2.15 -5.87 67.85
CA LYS X 213 1.67 -6.73 66.78
C LYS X 213 1.99 -6.19 65.40
N ASN X 214 2.70 -5.07 65.30
CA ASN X 214 2.87 -4.39 64.02
C ASN X 214 4.28 -3.81 63.83
N VAL X 215 5.32 -4.48 64.34
CA VAL X 215 6.67 -3.94 64.28
C VAL X 215 7.66 -5.09 64.28
N SER X 216 8.78 -4.90 63.60
CA SER X 216 9.87 -5.86 63.62
C SER X 216 11.19 -5.10 63.56
N ILE X 217 12.23 -5.71 64.12
CA ILE X 217 13.50 -5.03 64.33
C ILE X 217 14.64 -5.94 63.92
N GLY X 218 15.36 -5.56 62.88
CA GLY X 218 16.54 -6.27 62.41
C GLY X 218 17.80 -5.50 62.80
N ILE X 219 18.81 -6.24 63.22
CA ILE X 219 20.02 -5.66 63.79
C ILE X 219 21.22 -6.43 63.27
N VAL X 220 22.35 -5.74 63.14
CA VAL X 220 23.64 -6.37 62.86
C VAL X 220 24.70 -5.61 63.65
N GLY X 221 25.52 -6.37 64.39
CA GLY X 221 26.56 -5.81 65.23
C GLY X 221 27.88 -6.52 65.00
N LYS X 222 28.93 -5.98 65.63
CA LYS X 222 30.28 -6.50 65.42
C LYS X 222 30.35 -7.97 65.78
N ASP X 223 30.15 -8.30 67.05
CA ASP X 223 29.99 -9.68 67.48
C ASP X 223 28.53 -10.12 67.45
N LEU X 224 27.71 -9.46 66.64
CA LEU X 224 26.28 -9.69 66.62
C LEU X 224 25.83 -10.05 65.22
N GLU X 225 25.50 -11.32 65.01
CA GLU X 225 24.89 -11.73 63.76
C GLU X 225 23.54 -11.04 63.59
N PHE X 226 23.16 -10.81 62.33
CA PHE X 226 21.89 -10.19 62.00
C PHE X 226 20.71 -10.91 62.64
N THR X 227 20.00 -10.22 63.53
CA THR X 227 18.93 -10.81 64.32
C THR X 227 17.64 -10.06 64.05
N ILE X 228 16.51 -10.76 64.15
CA ILE X 228 15.20 -10.19 63.90
C ILE X 228 14.34 -10.38 65.14
N TYR X 229 13.56 -9.36 65.47
CA TYR X 229 12.67 -9.36 66.62
C TYR X 229 11.27 -8.96 66.18
N ASP X 230 10.26 -9.55 66.84
CA ASP X 230 8.88 -9.32 66.45
C ASP X 230 7.95 -9.53 67.64
N ASP X 231 7.58 -8.43 68.29
CA ASP X 231 6.37 -8.38 69.12
C ASP X 231 6.48 -9.12 70.44
N ASP X 232 7.54 -9.86 70.65
CA ASP X 232 7.65 -10.55 71.92
C ASP X 232 8.94 -10.24 72.65
N ASP X 233 10.06 -10.19 71.92
CA ASP X 233 11.30 -9.64 72.46
C ASP X 233 11.40 -8.15 72.16
N VAL X 234 10.49 -7.62 71.33
CA VAL X 234 10.48 -6.20 71.06
C VAL X 234 9.93 -5.43 72.25
N SER X 235 9.05 -6.06 73.03
CA SER X 235 8.45 -5.51 74.24
C SER X 235 9.50 -4.91 75.16
N PRO X 236 10.60 -5.62 75.46
CA PRO X 236 11.68 -4.99 76.21
C PRO X 236 12.25 -3.77 75.51
N PHE X 237 12.24 -3.75 74.18
CA PHE X 237 12.63 -2.53 73.47
C PHE X 237 11.50 -1.53 73.45
N LEU X 238 10.25 -2.01 73.52
CA LEU X 238 9.09 -1.13 73.47
C LEU X 238 8.95 -0.28 74.72
N GLU X 239 9.66 -0.60 75.79
CA GLU X 239 9.59 0.17 77.02
C GLU X 239 10.56 1.33 76.97
N GLY X 240 10.34 2.28 77.87
CA GLY X 240 11.19 3.46 77.94
C GLY X 240 10.95 4.41 76.79
N LEU X 241 9.70 4.81 76.61
CA LEU X 241 9.32 5.73 75.54
C LEU X 241 8.43 6.82 76.09
N GLU X 242 8.57 8.02 75.54
CA GLU X 242 7.68 9.13 75.86
C GLU X 242 6.56 9.19 74.85
N GLU X 243 5.34 9.41 75.35
CA GLU X 243 4.18 9.46 74.48
C GLU X 243 4.28 10.63 73.51
N ARG X 244 3.39 10.66 72.54
CA ARG X 244 3.41 11.72 71.55
C ARG X 244 2.76 12.98 72.12
N PRO X 245 3.38 14.15 71.95
CA PRO X 245 2.75 15.39 72.41
C PRO X 245 1.60 15.80 71.50
N GLN X 246 1.04 16.97 71.79
CA GLN X 246 -0.07 17.51 71.02
C GLN X 246 -0.35 18.97 71.38
N THR Y 5 4.10 14.05 15.74
CA THR Y 5 3.60 12.83 16.35
C THR Y 5 3.23 11.80 15.29
N GLY Y 6 2.85 10.60 15.74
CA GLY Y 6 2.51 9.52 14.85
C GLY Y 6 3.69 8.80 14.24
N TYR Y 7 4.91 9.26 14.49
CA TYR Y 7 6.11 8.68 13.93
C TYR Y 7 7.24 8.54 14.93
N ASP Y 8 7.22 9.28 16.02
CA ASP Y 8 8.29 9.29 17.00
C ASP Y 8 8.29 8.06 17.89
N LEU Y 9 7.36 7.13 17.68
CA LEU Y 9 7.18 6.03 18.61
C LEU Y 9 8.35 5.05 18.54
N SER Y 10 8.54 4.41 17.39
CA SER Y 10 9.51 3.34 17.28
C SER Y 10 10.93 3.89 17.19
N ALA Y 11 11.89 2.99 17.37
CA ALA Y 11 13.28 3.23 17.06
C ALA Y 11 13.67 2.65 15.72
N SER Y 12 12.70 2.19 14.94
CA SER Y 12 12.95 1.60 13.65
C SER Y 12 12.16 2.27 12.53
N THR Y 13 11.66 3.48 12.76
CA THR Y 13 10.83 4.17 11.79
C THR Y 13 11.37 5.57 11.53
N PHE Y 14 11.64 5.87 10.27
CA PHE Y 14 12.15 7.18 9.91
C PHE Y 14 11.03 8.21 9.90
N SER Y 15 11.34 9.39 10.41
CA SER Y 15 10.42 10.50 10.30
C SER Y 15 10.22 10.84 8.83
N PRO Y 16 9.14 11.56 8.52
CA PRO Y 16 8.89 11.93 7.13
C PRO Y 16 9.92 12.90 6.58
N ASP Y 17 10.74 13.47 7.46
CA ASP Y 17 11.86 14.31 7.05
C ASP Y 17 13.21 13.61 7.12
N GLY Y 18 13.34 12.55 7.92
CA GLY Y 18 14.58 11.81 7.91
C GLY Y 18 15.38 11.74 9.19
N ARG Y 19 14.73 11.72 10.35
CA ARG Y 19 15.45 11.53 11.60
C ARG Y 19 14.63 10.65 12.54
N VAL Y 20 15.07 10.59 13.80
CA VAL Y 20 14.48 9.70 14.80
C VAL Y 20 14.21 10.50 16.07
N PHE Y 21 12.94 10.80 16.31
CA PHE Y 21 12.57 11.59 17.48
C PHE Y 21 12.79 10.85 18.79
N GLN Y 22 12.99 9.53 18.74
CA GLN Y 22 13.43 8.83 19.93
C GLN Y 22 14.78 9.34 20.41
N VAL Y 23 15.81 9.19 19.58
CA VAL Y 23 17.13 9.71 19.91
C VAL Y 23 17.08 11.22 20.12
N GLU Y 24 16.20 11.90 19.36
CA GLU Y 24 15.97 13.31 19.59
C GLU Y 24 15.59 13.60 21.03
N TYR Y 25 14.63 12.84 21.57
CA TYR Y 25 14.23 13.05 22.96
C TYR Y 25 15.36 12.68 23.90
N ALA Y 26 15.99 11.52 23.67
CA ALA Y 26 17.00 11.03 24.58
C ALA Y 26 18.19 11.97 24.72
N MET Y 27 18.56 12.67 23.64
CA MET Y 27 19.71 13.57 23.73
C MET Y 27 19.46 14.68 24.76
N LYS Y 28 18.42 15.48 24.53
CA LYS Y 28 18.07 16.52 25.49
C LYS Y 28 17.72 15.96 26.87
N ALA Y 29 17.22 14.72 26.93
CA ALA Y 29 17.08 14.06 28.22
C ALA Y 29 18.41 14.01 28.96
N VAL Y 30 19.50 13.71 28.26
CA VAL Y 30 20.81 13.81 28.87
C VAL Y 30 21.19 15.26 29.10
N GLU Y 31 20.66 16.17 28.28
CA GLU Y 31 21.02 17.57 28.39
C GLU Y 31 20.60 18.16 29.73
N ASN Y 32 19.61 17.56 30.39
CA ASN Y 32 19.04 18.14 31.59
C ASN Y 32 19.84 17.82 32.85
N SER Y 33 20.87 16.98 32.75
CA SER Y 33 21.67 16.64 33.92
C SER Y 33 22.66 17.74 34.23
N SER Y 34 23.34 17.60 35.37
CA SER Y 34 24.34 18.56 35.78
C SER Y 34 25.53 18.52 34.82
N THR Y 35 26.51 19.38 35.07
CA THR Y 35 27.62 19.54 34.15
C THR Y 35 28.80 18.67 34.56
N ALA Y 36 29.39 18.01 33.57
CA ALA Y 36 30.64 17.26 33.72
C ALA Y 36 31.53 17.61 32.54
N ILE Y 37 32.74 18.05 32.82
CA ILE Y 37 33.65 18.53 31.80
C ILE Y 37 35.00 17.84 31.96
N GLY Y 38 35.76 17.84 30.88
CA GLY Y 38 37.08 17.25 30.89
C GLY Y 38 38.02 18.06 30.03
N ILE Y 39 39.32 17.91 30.30
CA ILE Y 39 40.33 18.63 29.55
C ILE Y 39 41.59 17.78 29.56
N ARG Y 40 42.58 18.16 28.76
CA ARG Y 40 43.85 17.46 28.77
C ARG Y 40 44.99 18.44 28.56
N CYS Y 41 45.97 18.38 29.44
CA CYS Y 41 47.17 19.17 29.28
C CYS Y 41 48.13 18.41 28.37
N LYS Y 42 49.37 18.90 28.28
CA LYS Y 42 50.35 18.26 27.42
C LYS Y 42 50.75 16.88 27.90
N ASP Y 43 50.64 16.60 29.19
CA ASP Y 43 51.11 15.33 29.74
C ASP Y 43 50.08 14.73 30.69
N GLY Y 44 48.81 14.76 30.29
CA GLY Y 44 47.78 14.14 31.10
C GLY Y 44 46.41 14.63 30.72
N VAL Y 45 45.42 14.13 31.45
CA VAL Y 45 44.03 14.49 31.27
C VAL Y 45 43.39 14.66 32.64
N VAL Y 46 42.52 15.65 32.78
CA VAL Y 46 41.87 15.98 34.03
C VAL Y 46 40.36 15.96 33.82
N PHE Y 47 39.64 15.40 34.78
CA PHE Y 47 38.19 15.36 34.76
C PHE Y 47 37.62 16.17 35.92
N GLY Y 48 36.55 16.90 35.64
CA GLY Y 48 35.84 17.64 36.65
C GLY Y 48 34.34 17.44 36.50
N VAL Y 49 33.62 17.36 37.62
CA VAL Y 49 32.18 17.11 37.59
C VAL Y 49 31.53 17.90 38.71
N GLU Y 50 30.39 18.51 38.42
CA GLU Y 50 29.61 19.13 39.49
C GLU Y 50 28.47 18.22 39.89
N LYS Y 51 28.40 17.91 41.18
CA LYS Y 51 27.35 17.10 41.75
C LYS Y 51 26.46 17.98 42.61
N LEU Y 52 25.22 17.57 42.82
CA LEU Y 52 24.26 18.36 43.57
C LEU Y 52 23.78 17.59 44.78
N VAL Y 53 24.01 18.15 45.97
CA VAL Y 53 23.40 17.65 47.19
C VAL Y 53 22.04 18.33 47.32
N LEU Y 54 20.99 17.54 47.55
CA LEU Y 54 19.65 18.11 47.53
C LEU Y 54 19.35 18.83 48.83
N SER Y 55 19.20 18.09 49.92
CA SER Y 55 19.27 18.68 51.26
C SER Y 55 20.33 18.01 52.12
N LYS Y 56 20.16 16.73 52.42
CA LYS Y 56 21.22 15.92 53.01
C LYS Y 56 21.50 14.70 52.15
N LEU Y 57 20.50 13.83 51.97
CA LEU Y 57 20.33 12.94 50.84
C LEU Y 57 21.30 11.76 50.79
N TYR Y 58 22.38 11.80 51.56
CA TYR Y 58 23.32 10.69 51.55
C TYR Y 58 24.51 10.99 52.43
N GLU Y 59 25.24 9.94 52.78
CA GLU Y 59 26.61 10.09 53.25
C GLU Y 59 27.48 10.55 52.10
N GLU Y 60 28.10 11.72 52.26
CA GLU Y 60 28.85 12.35 51.18
C GLU Y 60 29.92 11.42 50.63
N GLY Y 61 30.19 11.53 49.34
CA GLY Y 61 31.04 10.61 48.63
C GLY Y 61 30.28 9.53 47.90
N SER Y 62 28.96 9.47 48.07
CA SER Y 62 28.17 8.43 47.45
C SER Y 62 28.09 8.62 45.94
N ASN Y 63 27.72 7.54 45.25
CA ASN Y 63 27.33 7.46 43.84
C ASN Y 63 28.08 8.42 42.92
N LYS Y 64 29.40 8.44 43.04
CA LYS Y 64 30.21 9.37 42.25
C LYS Y 64 30.14 8.97 40.77
N ARG Y 65 29.93 9.97 39.92
CA ARG Y 65 29.85 9.73 38.49
C ARG Y 65 31.23 9.61 37.85
N LEU Y 66 32.30 9.88 38.59
CA LEU Y 66 33.65 9.72 38.07
C LEU Y 66 34.00 8.25 38.19
N PHE Y 67 33.75 7.49 37.14
CA PHE Y 67 33.99 6.06 37.16
C PHE Y 67 35.46 5.78 36.86
N ASN Y 68 35.80 4.51 36.69
CA ASN Y 68 37.17 4.13 36.43
C ASN Y 68 37.13 2.75 35.77
N VAL Y 69 37.45 2.69 34.47
CA VAL Y 69 37.30 1.44 33.75
C VAL Y 69 38.57 0.59 33.88
N ASP Y 70 39.70 1.12 33.43
CA ASP Y 70 40.97 0.42 33.52
C ASP Y 70 41.87 1.18 34.48
N ARG Y 71 43.01 0.57 34.82
CA ARG Y 71 44.01 1.26 35.62
C ARG Y 71 44.47 2.55 34.95
N HIS Y 72 44.40 2.63 33.62
CA HIS Y 72 44.78 3.83 32.89
C HIS Y 72 43.60 4.45 32.15
N VAL Y 73 42.37 4.07 32.48
CA VAL Y 73 41.21 4.44 31.66
C VAL Y 73 40.15 5.06 32.56
N GLY Y 74 39.77 6.31 32.26
CA GLY Y 74 38.87 7.05 33.09
C GLY Y 74 37.59 7.41 32.37
N MET Y 75 36.50 7.43 33.15
CA MET Y 75 35.16 7.72 32.68
C MET Y 75 34.71 9.09 33.16
N ALA Y 76 33.70 9.62 32.46
CA ALA Y 76 33.04 10.86 32.88
C ALA Y 76 31.59 10.77 32.41
N VAL Y 77 30.73 10.29 33.29
CA VAL Y 77 29.35 10.00 32.91
C VAL Y 77 28.48 11.19 33.23
N ALA Y 78 27.33 11.26 32.55
CA ALA Y 78 26.39 12.34 32.71
C ALA Y 78 25.10 11.96 32.01
N GLY Y 79 24.01 12.59 32.43
CA GLY Y 79 22.69 12.22 31.99
C GLY Y 79 22.03 11.29 33.00
N LEU Y 80 21.58 10.13 32.55
CA LEU Y 80 21.07 9.14 33.48
C LEU Y 80 22.22 8.39 34.13
N LEU Y 81 21.95 7.82 35.31
CA LEU Y 81 22.99 7.21 36.11
C LEU Y 81 23.13 5.70 35.90
N ALA Y 82 22.03 4.96 36.07
CA ALA Y 82 22.10 3.50 36.02
C ALA Y 82 22.62 2.99 34.69
N ASP Y 83 22.05 3.47 33.58
CA ASP Y 83 22.55 3.10 32.25
C ASP Y 83 24.02 3.43 32.10
N ALA Y 84 24.47 4.54 32.66
CA ALA Y 84 25.90 4.81 32.72
C ALA Y 84 26.65 3.70 33.44
N ARG Y 85 26.10 3.23 34.56
CA ARG Y 85 26.73 2.10 35.24
C ARG Y 85 26.82 0.86 34.36
N SER Y 86 25.73 0.51 33.67
CA SER Y 86 25.77 -0.60 32.75
C SER Y 86 26.86 -0.41 31.69
N LEU Y 87 26.98 0.81 31.18
CA LEU Y 87 28.02 1.10 30.20
C LEU Y 87 29.41 0.87 30.77
N ALA Y 88 29.66 1.37 31.99
CA ALA Y 88 30.96 1.16 32.61
C ALA Y 88 31.26 -0.33 32.76
N ASP Y 89 30.25 -1.12 33.13
CA ASP Y 89 30.45 -2.56 33.17
C ASP Y 89 30.80 -3.12 31.80
N ILE Y 90 30.14 -2.62 30.75
CA ILE Y 90 30.44 -3.07 29.40
C ILE Y 90 31.88 -2.78 29.04
N ALA Y 91 32.35 -1.58 29.39
CA ALA Y 91 33.72 -1.21 29.08
C ALA Y 91 34.72 -2.07 29.84
N ARG Y 92 34.54 -2.22 31.15
CA ARG Y 92 35.43 -3.07 31.93
C ARG Y 92 35.50 -4.48 31.37
N GLU Y 93 34.34 -5.06 31.08
CA GLU Y 93 34.29 -6.37 30.45
C GLU Y 93 35.08 -6.37 29.15
N GLU Y 94 34.89 -5.35 28.32
CA GLU Y 94 35.55 -5.29 27.03
C GLU Y 94 37.06 -5.28 27.17
N ALA Y 95 37.59 -4.31 27.93
CA ALA Y 95 39.04 -4.24 28.16
C ALA Y 95 39.57 -5.52 28.77
N SER Y 96 38.79 -6.17 29.63
CA SER Y 96 39.18 -7.49 30.12
C SER Y 96 39.33 -8.48 28.99
N ASN Y 97 38.43 -8.46 28.01
CA ASN Y 97 38.59 -9.35 26.87
C ASN Y 97 39.83 -9.02 26.07
N PHE Y 98 40.08 -7.74 25.83
CA PHE Y 98 41.25 -7.35 25.06
C PHE Y 98 42.53 -7.80 25.74
N ARG Y 99 42.67 -7.50 27.03
CA ARG Y 99 43.82 -7.97 27.80
C ARG Y 99 43.93 -9.48 27.75
N SER Y 100 42.79 -10.17 27.85
CA SER Y 100 42.79 -11.62 27.85
C SER Y 100 43.34 -12.19 26.55
N ASN Y 101 42.86 -11.70 25.42
CA ASN Y 101 43.23 -12.27 24.13
C ASN Y 101 44.60 -11.81 23.67
N PHE Y 102 44.96 -10.56 23.96
CA PHE Y 102 46.13 -9.94 23.36
C PHE Y 102 47.19 -9.54 24.36
N GLY Y 103 46.85 -9.48 25.65
CA GLY Y 103 47.86 -9.32 26.68
C GLY Y 103 48.54 -7.97 26.74
N TYR Y 104 47.78 -6.88 26.72
CA TYR Y 104 48.31 -5.55 26.99
C TYR Y 104 47.17 -4.56 27.03
N ASN Y 105 47.49 -3.30 27.29
CA ASN Y 105 46.46 -2.29 27.49
C ASN Y 105 45.73 -2.00 26.19
N ILE Y 106 44.43 -1.77 26.29
CA ILE Y 106 43.62 -1.49 25.12
C ILE Y 106 43.82 -0.03 24.71
N PRO Y 107 44.03 0.24 23.42
CA PRO Y 107 44.07 1.63 22.97
C PRO Y 107 42.71 2.29 23.12
N LEU Y 108 42.75 3.56 23.54
CA LEU Y 108 41.55 4.35 23.71
C LEU Y 108 40.70 4.40 22.46
N LYS Y 109 41.33 4.43 21.29
CA LYS Y 109 40.57 4.46 20.05
C LYS Y 109 39.73 3.21 19.89
N HIS Y 110 40.36 2.03 19.96
CA HIS Y 110 39.63 0.79 19.81
C HIS Y 110 38.55 0.65 20.87
N LEU Y 111 38.86 1.00 22.11
CA LEU Y 111 37.88 0.89 23.16
C LEU Y 111 36.66 1.76 22.88
N ALA Y 112 36.89 3.05 22.60
CA ALA Y 112 35.78 3.95 22.33
C ALA Y 112 34.99 3.51 21.09
N ASP Y 113 35.69 2.95 20.11
CA ASP Y 113 35.00 2.51 18.90
C ASP Y 113 34.09 1.33 19.17
N ARG Y 114 34.61 0.33 19.88
CA ARG Y 114 33.79 -0.82 20.25
C ARG Y 114 32.58 -0.40 21.05
N VAL Y 115 32.79 0.41 22.08
CA VAL Y 115 31.66 0.89 22.88
C VAL Y 115 30.68 1.66 22.01
N ALA Y 116 31.20 2.41 21.04
CA ALA Y 116 30.32 3.16 20.15
C ALA Y 116 29.45 2.24 19.31
N MET Y 117 30.04 1.18 18.75
CA MET Y 117 29.24 0.20 18.03
C MET Y 117 28.17 -0.41 18.92
N TYR Y 118 28.54 -0.81 20.13
CA TYR Y 118 27.56 -1.40 21.03
C TYR Y 118 26.43 -0.42 21.35
N VAL Y 119 26.75 0.86 21.47
CA VAL Y 119 25.70 1.85 21.62
C VAL Y 119 24.82 1.88 20.38
N HIS Y 120 25.45 1.80 19.20
CA HIS Y 120 24.69 1.88 17.96
C HIS Y 120 23.74 0.70 17.82
N ALA Y 121 24.06 -0.43 18.42
CA ALA Y 121 23.20 -1.59 18.35
C ALA Y 121 21.80 -1.33 18.89
N TYR Y 122 21.66 -0.42 19.85
CA TYR Y 122 20.37 -0.17 20.48
C TYR Y 122 19.63 1.00 19.86
N THR Y 123 19.81 1.21 18.56
CA THR Y 123 19.11 2.27 17.83
C THR Y 123 18.52 1.78 16.53
N LEU Y 124 18.35 0.47 16.38
CA LEU Y 124 17.91 -0.09 15.11
C LEU Y 124 16.70 -0.99 15.22
N TYR Y 125 16.08 -1.08 16.39
CA TYR Y 125 15.00 -2.03 16.62
C TYR Y 125 13.92 -1.39 17.49
N SER Y 126 12.75 -2.01 17.48
CA SER Y 126 11.70 -1.61 18.40
C SER Y 126 11.81 -2.31 19.74
N ALA Y 127 12.52 -3.43 19.80
CA ALA Y 127 12.62 -4.19 21.05
C ALA Y 127 13.31 -3.39 22.14
N VAL Y 128 14.24 -2.52 21.79
CA VAL Y 128 15.00 -1.77 22.79
C VAL Y 128 15.00 -0.30 22.42
N ARG Y 129 15.15 0.54 23.44
CA ARG Y 129 15.29 1.97 23.24
C ARG Y 129 16.77 2.35 23.19
N PRO Y 130 17.06 3.60 22.89
CA PRO Y 130 18.44 4.08 23.03
C PRO Y 130 18.79 4.31 24.49
N PHE Y 131 20.05 4.64 24.71
CA PHE Y 131 20.49 4.96 26.07
C PHE Y 131 20.20 6.41 26.41
N GLY Y 132 20.18 6.68 27.71
CA GLY Y 132 20.00 8.03 28.21
C GLY Y 132 21.25 8.53 28.91
N CYS Y 133 22.42 8.26 28.34
CA CYS Y 133 23.68 8.62 28.97
C CYS Y 133 24.64 9.22 27.96
N SER Y 134 25.66 9.89 28.50
CA SER Y 134 26.81 10.30 27.72
C SER Y 134 27.98 10.36 28.69
N PHE Y 135 29.19 10.55 28.15
CA PHE Y 135 30.36 10.41 28.99
C PHE Y 135 31.61 10.82 28.23
N MET Y 136 32.75 10.65 28.89
CA MET Y 136 34.05 11.00 28.36
C MET Y 136 34.96 9.78 28.49
N LEU Y 137 36.10 9.84 27.81
CA LEU Y 137 37.08 8.76 27.89
C LEU Y 137 38.46 9.37 28.02
N GLY Y 138 39.08 9.22 29.19
CA GLY Y 138 40.41 9.75 29.44
C GLY Y 138 41.44 8.64 29.45
N SER Y 139 42.53 8.85 28.72
CA SER Y 139 43.63 7.89 28.73
C SER Y 139 44.95 8.62 28.56
N TYR Y 140 46.02 7.97 29.01
CA TYR Y 140 47.35 8.52 28.89
C TYR Y 140 48.32 7.37 28.66
N SER Y 141 49.40 7.65 27.93
CA SER Y 141 50.39 6.64 27.62
C SER Y 141 51.75 7.31 27.55
N VAL Y 142 52.80 6.50 27.72
CA VAL Y 142 54.14 6.97 27.41
C VAL Y 142 54.42 6.81 25.93
N ASN Y 143 53.82 5.81 25.29
CA ASN Y 143 53.94 5.63 23.85
C ASN Y 143 52.84 6.35 23.09
N ASP Y 144 51.85 6.90 23.78
CA ASP Y 144 50.77 7.57 23.07
C ASP Y 144 50.49 8.97 23.57
N GLY Y 145 50.59 9.21 24.87
CA GLY Y 145 50.26 10.50 25.43
C GLY Y 145 48.83 10.58 25.92
N ALA Y 146 48.34 11.81 25.99
CA ALA Y 146 47.01 12.08 26.50
C ALA Y 146 46.00 12.02 25.35
N GLN Y 147 44.96 11.21 25.52
CA GLN Y 147 43.87 11.13 24.57
C GLN Y 147 42.53 11.18 25.30
N LEU Y 148 41.62 11.98 24.75
CA LEU Y 148 40.32 12.21 25.35
C LEU Y 148 39.25 12.07 24.29
N TYR Y 149 38.29 11.19 24.54
CA TYR Y 149 37.21 10.92 23.60
C TYR Y 149 35.87 11.28 24.22
N MET Y 150 34.85 11.31 23.37
CA MET Y 150 33.51 11.76 23.73
C MET Y 150 32.49 10.90 23.01
N ILE Y 151 31.39 10.58 23.68
CA ILE Y 151 30.38 9.71 23.11
C ILE Y 151 29.00 10.32 23.36
N ASP Y 152 28.18 10.36 22.31
CA ASP Y 152 26.83 10.86 22.40
C ASP Y 152 25.86 9.71 22.56
N PRO Y 153 24.58 10.01 22.82
CA PRO Y 153 23.57 8.94 22.80
C PRO Y 153 23.43 8.28 21.45
N SER Y 154 23.53 9.03 20.36
CA SER Y 154 23.34 8.46 19.04
C SER Y 154 24.42 7.44 18.69
N GLY Y 155 25.68 7.74 19.00
CA GLY Y 155 26.74 6.80 18.71
C GLY Y 155 27.98 7.45 18.13
N VAL Y 156 27.93 8.75 17.91
CA VAL Y 156 29.09 9.49 17.46
C VAL Y 156 30.13 9.51 18.57
N SER Y 157 31.39 9.37 18.21
CA SER Y 157 32.47 9.35 19.20
C SER Y 157 33.78 9.71 18.54
N TYR Y 158 34.55 10.58 19.20
CA TYR Y 158 35.84 11.00 18.69
C TYR Y 158 36.54 11.78 19.81
N GLY Y 159 37.62 12.47 19.44
CA GLY Y 159 38.47 13.11 20.42
C GLY Y 159 38.28 14.62 20.53
N TYR Y 160 38.91 15.17 21.57
CA TYR Y 160 38.97 16.61 21.80
C TYR Y 160 40.29 16.92 22.48
N TRP Y 161 40.52 18.21 22.70
CA TRP Y 161 41.42 18.62 23.77
C TRP Y 161 40.63 19.02 25.01
N GLY Y 162 39.37 19.36 24.83
CA GLY Y 162 38.47 19.61 25.93
C GLY Y 162 37.04 19.49 25.46
N CYS Y 163 36.14 19.22 26.41
CA CYS Y 163 34.73 19.08 26.09
C CYS Y 163 33.92 19.22 27.36
N ALA Y 164 32.63 19.49 27.19
CA ALA Y 164 31.72 19.71 28.31
C ALA Y 164 30.42 18.98 28.06
N ILE Y 165 29.73 18.68 29.15
CA ILE Y 165 28.47 17.95 29.11
C ILE Y 165 27.60 18.42 30.26
N GLY Y 166 26.30 18.55 30.01
CA GLY Y 166 25.35 18.94 31.02
C GLY Y 166 24.56 20.14 30.54
N LYS Y 167 23.75 20.68 31.45
CA LYS Y 167 22.97 21.86 31.10
C LYS Y 167 23.88 23.01 30.70
N ALA Y 168 24.70 23.48 31.64
CA ALA Y 168 25.65 24.53 31.32
C ALA Y 168 26.76 23.97 30.45
N ARG Y 169 26.53 23.93 29.14
CA ARG Y 169 27.47 23.31 28.21
C ARG Y 169 28.10 24.33 27.28
N GLN Y 170 27.29 25.05 26.51
CA GLN Y 170 27.85 26.02 25.57
C GLN Y 170 28.49 27.19 26.32
N ALA Y 171 27.79 27.74 27.31
CA ALA Y 171 28.40 28.74 28.16
C ALA Y 171 29.65 28.21 28.85
N ALA Y 172 29.65 26.94 29.24
CA ALA Y 172 30.81 26.34 29.85
C ALA Y 172 32.01 26.31 28.93
N LYS Y 173 31.85 25.82 27.70
CA LYS Y 173 32.94 25.70 26.75
C LYS Y 173 33.47 27.06 26.29
N THR Y 174 32.74 28.13 26.57
CA THR Y 174 33.17 29.46 26.14
C THR Y 174 34.50 29.85 26.74
N GLU Y 175 34.55 30.04 28.06
CA GLU Y 175 35.79 30.35 28.74
C GLU Y 175 36.77 29.20 28.73
N ILE Y 176 36.32 27.98 28.42
CA ILE Y 176 37.22 26.84 28.34
C ILE Y 176 38.27 27.07 27.27
N GLU Y 177 37.86 27.52 26.09
CA GLU Y 177 38.82 27.80 25.04
C GLU Y 177 39.66 29.03 25.36
N LYS Y 178 39.26 29.84 26.34
CA LYS Y 178 40.07 30.98 26.74
C LYS Y 178 41.44 30.56 27.24
N LEU Y 179 41.55 29.39 27.85
CA LEU Y 179 42.82 28.96 28.41
C LEU Y 179 43.75 28.46 27.31
N GLN Y 180 45.04 28.64 27.56
CA GLN Y 180 46.03 27.89 26.81
C GLN Y 180 46.01 26.46 27.30
N MET Y 181 46.33 25.54 26.39
CA MET Y 181 46.11 24.13 26.67
C MET Y 181 47.32 23.30 26.30
N LYS Y 182 48.10 23.79 25.34
CA LYS Y 182 49.26 23.03 24.86
C LYS Y 182 50.30 22.86 25.95
N GLU Y 183 50.81 23.97 26.48
CA GLU Y 183 51.95 23.93 27.39
C GLU Y 183 51.54 23.75 28.84
N MET Y 184 50.25 23.86 29.15
CA MET Y 184 49.80 23.84 30.54
C MET Y 184 50.08 22.49 31.17
N THR Y 185 50.40 22.53 32.46
CA THR Y 185 50.51 21.32 33.26
C THR Y 185 49.16 21.00 33.86
N CYS Y 186 48.82 19.71 33.88
CA CYS Y 186 47.55 19.31 34.45
C CYS Y 186 47.42 19.69 35.91
N ARG Y 187 48.52 19.79 36.65
CA ARG Y 187 48.41 20.24 38.04
C ARG Y 187 47.88 21.66 38.12
N ASP Y 188 48.39 22.56 37.26
CA ASP Y 188 47.79 23.89 37.19
C ASP Y 188 46.37 23.82 36.68
N ILE Y 189 46.10 22.95 35.71
CA ILE Y 189 44.77 22.90 35.11
C ILE Y 189 43.74 22.42 36.11
N VAL Y 190 44.17 21.71 37.16
CA VAL Y 190 43.27 21.29 38.21
C VAL Y 190 42.61 22.50 38.86
N LYS Y 191 43.43 23.33 39.48
CA LYS Y 191 42.92 24.51 40.12
C LYS Y 191 42.22 25.38 39.07
N GLU Y 192 42.61 25.21 37.82
CA GLU Y 192 42.03 25.95 36.71
C GLU Y 192 40.54 25.64 36.55
N VAL Y 193 40.22 24.38 36.32
CA VAL Y 193 38.83 23.97 36.12
C VAL Y 193 37.98 24.34 37.32
N ALA Y 194 38.58 24.45 38.50
CA ALA Y 194 37.82 24.74 39.71
C ALA Y 194 37.11 26.08 39.61
N LYS Y 195 37.70 26.99 38.84
CA LYS Y 195 37.11 28.28 38.60
C LYS Y 195 35.99 28.09 37.59
N ILE Y 196 36.21 27.20 36.62
CA ILE Y 196 35.18 26.94 35.62
C ILE Y 196 33.90 26.47 36.28
N ILE Y 197 34.00 25.34 36.98
CA ILE Y 197 32.86 24.71 37.63
C ILE Y 197 32.39 25.41 38.90
N TYR Y 198 32.93 26.58 39.17
CA TYR Y 198 32.49 27.33 40.33
C TYR Y 198 31.99 28.72 39.94
N ILE Y 199 31.76 28.88 38.63
CA ILE Y 199 31.25 30.11 38.06
C ILE Y 199 30.03 29.69 37.22
N VAL Y 200 29.44 28.55 37.58
CA VAL Y 200 28.27 28.03 36.87
C VAL Y 200 27.01 28.04 37.72
N HIS Y 201 26.53 26.87 38.13
CA HIS Y 201 25.30 26.74 38.92
C HIS Y 201 25.25 27.60 40.18
N ASP Y 202 24.16 28.32 40.38
CA ASP Y 202 24.06 29.20 41.56
C ASP Y 202 22.81 28.96 42.39
N GLU Y 203 22.23 30.05 42.90
CA GLU Y 203 21.04 29.99 43.73
C GLU Y 203 19.78 30.02 42.86
N VAL Y 204 18.63 30.06 43.52
CA VAL Y 204 17.31 30.07 42.87
C VAL Y 204 17.18 29.13 41.68
N LYS Y 205 17.57 27.87 41.90
CA LYS Y 205 17.53 26.82 40.89
C LYS Y 205 17.72 25.50 41.61
N ASP Y 206 18.93 25.27 42.11
CA ASP Y 206 19.21 24.04 42.84
C ASP Y 206 19.67 24.28 44.30
N LYS Y 207 20.88 23.85 44.66
CA LYS Y 207 21.29 23.95 46.06
C LYS Y 207 22.79 23.76 46.14
N ALA Y 208 23.30 23.53 47.35
CA ALA Y 208 24.72 23.31 47.54
C ALA Y 208 25.10 22.09 46.70
N PHE Y 209 26.01 22.29 45.75
CA PHE Y 209 26.41 21.20 44.87
C PHE Y 209 27.60 20.42 45.42
N GLU Y 210 28.46 19.96 44.52
CA GLU Y 210 29.61 19.16 44.91
C GLU Y 210 30.63 19.15 43.78
N LEU Y 211 31.92 19.25 44.12
CA LEU Y 211 32.96 19.25 43.11
C LEU Y 211 33.93 18.08 43.23
N GLU Y 212 33.73 17.06 42.38
CA GLU Y 212 34.59 15.89 42.36
C GLU Y 212 35.66 16.13 41.31
N LEU Y 213 36.81 15.47 41.43
CA LEU Y 213 37.88 15.68 40.47
C LEU Y 213 38.74 14.47 40.14
N SER Y 214 38.62 13.95 38.93
CA SER Y 214 39.46 12.83 38.52
C SER Y 214 40.69 13.39 37.81
N TRP Y 215 41.74 12.57 37.77
CA TRP Y 215 43.03 13.06 37.29
C TRP Y 215 43.89 11.89 36.88
N VAL Y 216 44.30 11.87 35.62
CA VAL Y 216 45.20 10.84 35.12
C VAL Y 216 46.25 11.52 34.26
N GLY Y 217 47.34 10.81 33.98
CA GLY Y 217 48.34 11.36 33.09
C GLY Y 217 49.72 10.90 33.49
N GLU Y 218 50.71 11.73 33.11
CA GLU Y 218 52.10 11.38 33.37
C GLU Y 218 52.38 11.25 34.86
N LEU Y 219 52.02 12.26 35.65
CA LEU Y 219 52.33 12.23 37.07
C LEU Y 219 51.65 11.06 37.75
N THR Y 220 50.51 10.62 37.23
CA THR Y 220 49.81 9.46 37.72
C THR Y 220 50.46 8.16 37.24
N ASN Y 221 51.53 8.25 36.46
CA ASN Y 221 52.25 7.07 35.98
C ASN Y 221 51.37 6.22 35.08
N GLY Y 222 50.43 6.84 34.37
CA GLY Y 222 49.46 6.13 33.58
C GLY Y 222 48.30 5.57 34.37
N ARG Y 223 48.50 5.26 35.64
CA ARG Y 223 47.40 4.82 36.48
C ARG Y 223 46.38 5.94 36.62
N HIS Y 224 45.11 5.59 36.51
CA HIS Y 224 44.02 6.52 36.77
C HIS Y 224 43.68 6.50 38.25
N GLU Y 225 43.50 7.68 38.82
CA GLU Y 225 43.01 7.80 40.19
C GLU Y 225 42.36 9.16 40.36
N ILE Y 226 41.53 9.28 41.39
CA ILE Y 226 40.97 10.57 41.73
C ILE Y 226 42.08 11.51 42.18
N VAL Y 227 41.84 12.80 42.02
CA VAL Y 227 42.75 13.81 42.54
C VAL Y 227 42.82 13.65 44.05
N PRO Y 228 43.93 13.97 44.68
CA PRO Y 228 43.89 14.17 46.12
C PRO Y 228 43.11 15.44 46.39
N LYS Y 229 41.86 15.30 46.82
CA LYS Y 229 40.90 16.40 46.74
C LYS Y 229 40.99 17.32 47.95
N ASP Y 230 40.73 16.78 49.14
CA ASP Y 230 41.07 17.48 50.37
C ASP Y 230 42.55 17.84 50.39
N ILE Y 231 43.39 16.99 49.80
CA ILE Y 231 44.81 17.28 49.70
C ILE Y 231 45.03 18.50 48.82
N ARG Y 232 45.70 19.49 49.39
CA ARG Y 232 46.20 20.65 48.67
C ARG Y 232 45.10 21.64 48.27
N GLU Y 233 43.84 21.19 48.27
CA GLU Y 233 42.62 22.00 48.34
C GLU Y 233 42.71 23.34 47.63
N GLU Y 234 43.35 23.37 46.47
CA GLU Y 234 43.55 24.62 45.76
C GLU Y 234 42.44 24.91 44.76
N ALA Y 235 41.63 23.90 44.45
CA ALA Y 235 40.43 24.15 43.66
C ALA Y 235 39.54 25.18 44.34
N GLU Y 236 39.38 25.05 45.65
CA GLU Y 236 38.47 25.94 46.37
C GLU Y 236 39.11 27.28 46.66
N LYS Y 237 40.35 27.27 47.13
CA LYS Y 237 41.05 28.52 47.40
C LYS Y 237 41.27 29.24 46.08
N TYR Y 238 41.36 28.46 45.00
CA TYR Y 238 41.55 29.01 43.67
C TYR Y 238 40.20 29.14 42.98
N ALA Y 239 39.20 28.43 43.48
CA ALA Y 239 37.87 28.48 42.91
C ALA Y 239 36.94 29.40 43.69
N LYS Y 240 37.52 30.43 44.29
CA LYS Y 240 36.75 31.39 45.07
C LYS Y 240 37.19 32.81 44.77
N GLU Y 241 38.49 32.98 44.56
CA GLU Y 241 39.06 34.27 44.26
C GLU Y 241 38.36 34.96 43.10
N SER Y 242 37.35 34.33 42.51
CA SER Y 242 36.54 34.94 41.47
C SER Y 242 35.35 35.70 42.03
N LEU Y 243 35.46 36.18 43.26
CA LEU Y 243 34.40 36.95 43.89
C LEU Y 243 34.03 38.20 43.10
N LYS Y 244 34.96 38.76 42.34
CA LYS Y 244 34.70 39.97 41.57
C LYS Y 244 35.27 39.82 40.17
N THR Z 34 64.23 -31.84 9.13
CA THR Z 34 63.79 -30.45 9.23
C THR Z 34 64.51 -29.74 10.36
N THR Z 35 64.91 -28.50 10.11
CA THR Z 35 65.63 -27.72 11.11
C THR Z 35 65.42 -26.24 10.86
N ILE Z 36 65.09 -25.53 11.93
CA ILE Z 36 64.75 -24.11 11.92
C ILE Z 36 65.69 -23.37 12.85
N MET Z 37 66.07 -22.16 12.41
CA MET Z 37 67.10 -21.37 13.05
C MET Z 37 66.66 -19.92 13.09
N ALA Z 38 66.75 -19.30 14.27
CA ALA Z 38 66.34 -17.91 14.42
C ALA Z 38 67.27 -17.23 15.42
N VAL Z 39 67.74 -16.03 15.08
CA VAL Z 39 68.60 -15.25 15.96
C VAL Z 39 68.33 -13.78 15.73
N GLN Z 40 68.26 -13.01 16.81
CA GLN Z 40 68.10 -11.57 16.66
C GLN Z 40 69.43 -10.86 16.84
N PHE Z 41 69.55 -9.71 16.20
CA PHE Z 41 70.74 -8.87 16.33
C PHE Z 41 70.26 -7.44 16.51
N ASP Z 42 71.20 -6.50 16.45
CA ASP Z 42 70.86 -5.11 16.75
C ASP Z 42 69.90 -4.53 15.72
N GLY Z 43 70.32 -4.49 14.45
CA GLY Z 43 69.50 -3.87 13.43
C GLY Z 43 68.18 -4.57 13.22
N GLY Z 44 68.14 -5.89 13.39
CA GLY Z 44 66.92 -6.64 13.22
C GLY Z 44 67.09 -8.08 13.64
N VAL Z 45 66.53 -8.99 12.84
CA VAL Z 45 66.61 -10.41 13.14
C VAL Z 45 66.94 -11.17 11.86
N VAL Z 46 67.32 -12.42 12.04
CA VAL Z 46 67.76 -13.29 10.95
C VAL Z 46 67.16 -14.67 11.18
N LEU Z 47 66.60 -15.25 10.13
CA LEU Z 47 65.97 -16.55 10.16
C LEU Z 47 66.55 -17.45 9.08
N GLY Z 48 66.33 -18.74 9.23
CA GLY Z 48 66.80 -19.69 8.25
C GLY Z 48 66.30 -21.09 8.56
N ALA Z 49 66.44 -22.00 7.61
CA ALA Z 49 66.01 -23.37 7.84
C ALA Z 49 66.43 -24.23 6.65
N ASP Z 50 66.26 -25.54 6.81
CA ASP Z 50 66.51 -26.44 5.70
C ASP Z 50 65.26 -26.50 4.81
N SER Z 51 65.40 -27.04 3.60
CA SER Z 51 64.28 -27.14 2.69
C SER Z 51 63.73 -28.55 2.56
N ARG Z 52 64.22 -29.49 3.36
CA ARG Z 52 63.96 -30.91 3.16
C ARG Z 52 62.65 -31.31 3.81
N THR Z 53 61.80 -32.00 3.05
CA THR Z 53 60.50 -32.47 3.52
C THR Z 53 60.38 -33.95 3.19
N THR Z 54 60.15 -34.76 4.20
CA THR Z 54 60.17 -36.21 4.05
C THR Z 54 58.88 -36.83 4.55
N THR Z 55 58.83 -38.15 4.49
CA THR Z 55 57.69 -38.93 4.96
C THR Z 55 58.16 -40.36 5.16
N GLY Z 56 58.01 -40.86 6.38
CA GLY Z 56 58.55 -42.17 6.71
C GLY Z 56 60.04 -42.18 6.49
N SER Z 57 60.49 -42.89 5.46
CA SER Z 57 61.86 -42.85 5.02
C SER Z 57 61.96 -42.50 3.54
N TYR Z 58 61.06 -41.63 3.08
CA TYR Z 58 61.07 -41.15 1.71
C TYR Z 58 61.16 -39.63 1.70
N ILE Z 59 61.96 -39.10 0.77
CA ILE Z 59 62.07 -37.66 0.57
C ILE Z 59 60.87 -37.21 -0.22
N ALA Z 60 59.82 -36.78 0.48
CA ALA Z 60 58.63 -36.29 -0.20
C ALA Z 60 58.93 -35.04 -1.00
N ASN Z 61 59.83 -34.19 -0.52
CA ASN Z 61 60.16 -32.96 -1.20
C ASN Z 61 61.61 -32.61 -0.91
N ARG Z 62 62.33 -32.22 -1.96
CA ARG Z 62 63.70 -31.75 -1.78
C ARG Z 62 63.72 -30.40 -1.09
N VAL Z 63 63.15 -29.38 -1.74
CA VAL Z 63 63.21 -28.00 -1.27
C VAL Z 63 61.81 -27.59 -0.85
N THR Z 64 61.73 -26.85 0.25
CA THR Z 64 60.44 -26.44 0.77
C THR Z 64 60.60 -25.14 1.55
N ASP Z 65 59.57 -24.32 1.54
CA ASP Z 65 59.61 -23.02 2.22
C ASP Z 65 59.19 -23.22 3.67
N LYS Z 66 60.17 -23.47 4.55
CA LYS Z 66 59.85 -23.57 5.96
C LYS Z 66 59.46 -22.21 6.53
N LEU Z 67 60.14 -21.15 6.09
CA LEU Z 67 59.82 -19.80 6.53
C LEU Z 67 58.45 -19.39 6.02
N THR Z 68 57.86 -18.38 6.65
CA THR Z 68 56.52 -17.92 6.29
C THR Z 68 56.41 -16.42 6.48
N PRO Z 69 56.03 -15.68 5.45
CA PRO Z 69 55.83 -14.23 5.58
C PRO Z 69 54.46 -13.87 6.13
N ILE Z 70 54.29 -13.84 7.45
CA ILE Z 70 53.00 -13.44 8.01
C ILE Z 70 52.70 -12.00 7.63
N HIS Z 71 53.57 -11.09 8.07
CA HIS Z 71 53.47 -9.68 7.77
C HIS Z 71 54.81 -9.23 7.20
N ASP Z 72 54.85 -8.04 6.64
CA ASP Z 72 56.05 -7.52 6.00
C ASP Z 72 57.24 -7.43 6.95
N ARG Z 73 57.05 -7.56 8.25
CA ARG Z 73 58.22 -7.53 9.12
C ARG Z 73 58.18 -8.68 10.11
N ILE Z 74 57.30 -9.66 9.84
CA ILE Z 74 57.07 -10.77 10.75
C ILE Z 74 57.04 -12.07 9.96
N PHE Z 75 58.01 -12.94 10.21
CA PHE Z 75 58.05 -14.28 9.65
C PHE Z 75 57.88 -15.31 10.74
N CYS Z 76 57.61 -16.54 10.33
CA CYS Z 76 57.55 -17.65 11.26
C CYS Z 76 58.13 -18.89 10.59
N CYS Z 77 58.93 -19.63 11.34
CA CYS Z 77 59.42 -20.93 10.92
C CYS Z 77 58.61 -22.00 11.62
N ARG Z 78 58.11 -22.96 10.84
CA ARG Z 78 57.22 -23.99 11.33
C ARG Z 78 57.91 -25.34 11.31
N SER Z 79 57.44 -26.25 12.17
CA SER Z 79 58.04 -27.56 12.28
C SER Z 79 57.02 -28.52 12.88
N GLY Z 80 57.24 -29.80 12.64
CA GLY Z 80 56.34 -30.84 13.09
C GLY Z 80 55.41 -31.29 11.97
N SER Z 81 54.11 -31.33 12.26
CA SER Z 81 53.14 -31.65 11.22
C SER Z 81 53.19 -30.59 10.11
N ALA Z 82 52.71 -30.99 8.94
CA ALA Z 82 52.69 -30.05 7.82
C ALA Z 82 51.37 -29.30 7.75
N ALA Z 83 50.27 -30.02 7.59
CA ALA Z 83 48.96 -29.38 7.48
C ALA Z 83 48.63 -28.57 8.72
N ASP Z 84 49.04 -29.02 9.90
CA ASP Z 84 48.81 -28.25 11.12
C ASP Z 84 49.46 -26.88 11.01
N THR Z 85 50.77 -26.84 10.79
CA THR Z 85 51.48 -25.59 10.69
C THR Z 85 50.96 -24.71 9.57
N GLN Z 86 50.63 -25.30 8.42
CA GLN Z 86 50.13 -24.49 7.32
C GLN Z 86 48.78 -23.85 7.66
N ALA Z 87 47.82 -24.65 8.12
CA ALA Z 87 46.52 -24.09 8.47
C ALA Z 87 46.61 -23.06 9.57
N VAL Z 88 47.38 -23.35 10.62
CA VAL Z 88 47.56 -22.39 11.70
C VAL Z 88 48.14 -21.09 11.17
N ALA Z 89 49.15 -21.19 10.31
CA ALA Z 89 49.71 -20.01 9.68
C ALA Z 89 48.67 -19.22 8.92
N ASP Z 90 47.79 -19.91 8.18
CA ASP Z 90 46.75 -19.21 7.45
C ASP Z 90 45.82 -18.46 8.39
N ALA Z 91 45.34 -19.13 9.42
CA ALA Z 91 44.40 -18.47 10.35
C ALA Z 91 45.05 -17.29 11.05
N VAL Z 92 46.25 -17.48 11.57
CA VAL Z 92 46.93 -16.40 12.27
C VAL Z 92 47.17 -15.24 11.32
N THR Z 93 47.53 -15.53 10.08
CA THR Z 93 47.62 -14.48 9.07
C THR Z 93 46.28 -13.78 8.90
N TYR Z 94 45.19 -14.51 9.02
CA TYR Z 94 43.87 -13.91 8.90
C TYR Z 94 43.61 -12.92 10.02
N GLN Z 95 43.60 -13.40 11.28
CA GLN Z 95 43.28 -12.52 12.40
C GLN Z 95 44.26 -11.37 12.51
N LEU Z 96 45.55 -11.65 12.39
CA LEU Z 96 46.54 -10.58 12.47
C LEU Z 96 46.35 -9.58 11.34
N GLY Z 97 46.10 -10.06 10.13
CA GLY Z 97 45.92 -9.16 9.01
C GLY Z 97 44.73 -8.23 9.21
N PHE Z 98 43.57 -8.79 9.53
CA PHE Z 98 42.40 -7.95 9.78
C PHE Z 98 42.64 -6.99 10.92
N HIS Z 99 43.10 -7.52 12.06
CA HIS Z 99 43.30 -6.71 13.25
C HIS Z 99 44.26 -5.55 12.99
N SER Z 100 45.31 -5.80 12.22
CA SER Z 100 46.22 -4.71 11.86
C SER Z 100 45.51 -3.66 11.02
N ILE Z 101 44.64 -4.08 10.10
CA ILE Z 101 43.92 -3.12 9.28
C ILE Z 101 43.04 -2.24 10.15
N GLU Z 102 42.36 -2.83 11.12
CA GLU Z 102 41.61 -2.01 12.06
C GLU Z 102 42.52 -1.12 12.88
N LEU Z 103 43.71 -1.62 13.23
CA LEU Z 103 44.64 -0.83 14.01
C LEU Z 103 45.07 0.42 13.26
N ASN Z 104 45.19 0.31 11.94
CA ASN Z 104 45.74 1.38 11.13
C ASN Z 104 47.17 1.69 11.56
N GLU Z 105 47.88 0.63 11.95
CA GLU Z 105 49.23 0.75 12.49
C GLU Z 105 49.94 -0.58 12.29
N PRO Z 106 51.26 -0.60 12.42
CA PRO Z 106 52.00 -1.84 12.28
C PRO Z 106 51.69 -2.79 13.43
N PRO Z 107 51.67 -4.08 13.18
CA PRO Z 107 51.42 -5.04 14.25
C PRO Z 107 52.63 -5.23 15.14
N LEU Z 108 52.41 -5.87 16.28
CA LEU Z 108 53.47 -6.14 17.24
C LEU Z 108 53.81 -7.62 17.28
N VAL Z 109 55.11 -7.91 17.18
CA VAL Z 109 55.60 -9.29 17.17
C VAL Z 109 55.13 -10.04 18.40
N HIS Z 110 55.20 -9.41 19.57
CA HIS Z 110 54.66 -10.02 20.78
C HIS Z 110 53.19 -10.36 20.63
N THR Z 111 52.43 -9.50 19.95
CA THR Z 111 51.04 -9.80 19.68
C THR Z 111 50.90 -11.06 18.82
N ALA Z 112 51.66 -11.11 17.73
CA ALA Z 112 51.57 -12.24 16.81
C ALA Z 112 51.89 -13.55 17.52
N ALA Z 113 52.99 -13.58 18.28
CA ALA Z 113 53.28 -14.75 19.08
C ALA Z 113 52.16 -15.04 20.08
N SER Z 114 51.53 -14.01 20.63
CA SER Z 114 50.40 -14.21 21.52
C SER Z 114 49.30 -15.00 20.82
N LEU Z 115 49.03 -14.71 19.55
CA LEU Z 115 48.04 -15.48 18.82
C LEU Z 115 48.38 -16.96 18.76
N PHE Z 116 49.59 -17.29 18.31
CA PHE Z 116 49.99 -18.69 18.23
C PHE Z 116 49.92 -19.37 19.58
N LYS Z 117 50.27 -18.66 20.65
CA LYS Z 117 50.09 -19.23 21.97
C LYS Z 117 48.62 -19.56 22.22
N GLU Z 118 47.73 -18.64 21.83
CA GLU Z 118 46.31 -18.89 22.01
C GLU Z 118 45.85 -20.13 21.28
N MET Z 119 46.10 -20.22 19.97
CA MET Z 119 45.61 -21.38 19.24
C MET Z 119 46.28 -22.67 19.69
N CYS Z 120 47.61 -22.68 19.76
CA CYS Z 120 48.33 -23.89 20.10
C CYS Z 120 47.95 -24.40 21.48
N TYR Z 121 47.92 -23.52 22.48
CA TYR Z 121 47.46 -23.97 23.78
C TYR Z 121 46.01 -24.40 23.76
N ARG Z 122 45.18 -23.74 22.94
CA ARG Z 122 43.77 -24.08 22.90
C ARG Z 122 43.54 -25.48 22.35
N TYR Z 123 44.31 -25.89 21.36
CA TYR Z 123 44.13 -27.18 20.73
C TYR Z 123 45.40 -28.01 20.84
N ARG Z 124 46.03 -27.98 22.02
CA ARG Z 124 47.25 -28.74 22.23
C ARG Z 124 47.02 -30.23 22.08
N GLU Z 125 45.79 -30.70 22.25
CA GLU Z 125 45.50 -32.12 22.16
C GLU Z 125 45.44 -32.64 20.73
N ASP Z 126 45.57 -31.77 19.73
CA ASP Z 126 45.37 -32.18 18.35
C ASP Z 126 46.41 -31.66 17.38
N LEU Z 127 47.50 -31.08 17.87
CA LEU Z 127 48.45 -30.42 16.99
C LEU Z 127 49.87 -30.80 17.36
N MET Z 128 50.77 -30.71 16.38
CA MET Z 128 52.19 -30.98 16.57
C MET Z 128 52.95 -29.87 15.83
N ALA Z 129 53.21 -28.78 16.54
CA ALA Z 129 53.82 -27.60 15.95
C ALA Z 129 55.00 -27.14 16.79
N GLY Z 130 56.07 -26.74 16.11
CA GLY Z 130 57.23 -26.18 16.76
C GLY Z 130 57.45 -24.75 16.35
N ILE Z 131 56.38 -23.96 16.31
CA ILE Z 131 56.41 -22.67 15.64
C ILE Z 131 57.33 -21.72 16.37
N ILE Z 132 58.18 -21.04 15.62
CA ILE Z 132 59.00 -19.96 16.14
C ILE Z 132 58.69 -18.71 15.33
N ILE Z 133 58.40 -17.61 16.03
CA ILE Z 133 58.01 -16.37 15.40
C ILE Z 133 59.16 -15.39 15.53
N ALA Z 134 59.33 -14.54 14.51
CA ALA Z 134 60.36 -13.52 14.57
C ALA Z 134 59.95 -12.36 13.69
N GLY Z 135 60.65 -11.24 13.86
CA GLY Z 135 60.42 -10.12 12.97
C GLY Z 135 60.87 -8.83 13.59
N TRP Z 136 61.14 -7.86 12.72
CA TRP Z 136 61.53 -6.54 13.17
C TRP Z 136 60.31 -5.72 13.53
N ASP Z 137 60.42 -4.98 14.62
CA ASP Z 137 59.36 -4.07 14.98
C ASP Z 137 59.90 -2.66 15.08
N PRO Z 138 59.12 -1.66 14.67
CA PRO Z 138 59.55 -0.28 14.88
C PRO Z 138 59.61 0.08 16.34
N GLN Z 139 58.62 -0.35 17.13
CA GLN Z 139 58.58 0.01 18.53
C GLN Z 139 59.67 -0.69 19.32
N GLU Z 140 60.12 -1.86 18.87
CA GLU Z 140 61.07 -2.65 19.65
C GLU Z 140 62.14 -3.35 18.83
N GLY Z 141 62.32 -3.01 17.56
CA GLY Z 141 63.38 -3.63 16.79
C GLY Z 141 63.11 -5.11 16.55
N GLY Z 142 64.20 -5.84 16.36
CA GLY Z 142 64.09 -7.27 16.10
C GLY Z 142 63.60 -8.03 17.33
N GLN Z 143 62.76 -9.03 17.10
CA GLN Z 143 62.23 -9.85 18.17
C GLN Z 143 62.15 -11.30 17.71
N VAL Z 144 62.39 -12.19 18.66
CA VAL Z 144 62.33 -13.63 18.47
C VAL Z 144 61.52 -14.22 19.61
N TYR Z 145 60.54 -15.05 19.28
CA TYR Z 145 59.74 -15.75 20.28
C TYR Z 145 59.65 -17.22 19.93
N SER Z 146 59.66 -18.05 20.97
CA SER Z 146 59.66 -19.50 20.85
C SER Z 146 58.26 -20.02 21.16
N VAL Z 147 57.82 -20.99 20.37
CA VAL Z 147 56.52 -21.62 20.55
C VAL Z 147 56.69 -23.12 20.34
N PRO Z 148 57.01 -23.85 21.39
CA PRO Z 148 57.17 -25.31 21.25
C PRO Z 148 55.84 -26.01 21.14
N MET Z 149 55.86 -27.34 21.02
CA MET Z 149 54.63 -28.09 20.86
C MET Z 149 53.71 -27.98 22.06
N GLY Z 150 54.25 -27.66 23.24
CA GLY Z 150 53.43 -27.59 24.42
C GLY Z 150 52.37 -26.52 24.34
N GLY Z 151 52.76 -25.31 23.97
CA GLY Z 151 51.83 -24.20 23.92
C GLY Z 151 52.31 -23.01 24.71
N MET Z 152 53.49 -23.15 25.30
CA MET Z 152 54.09 -22.05 26.03
C MET Z 152 54.67 -21.03 25.06
N MET Z 153 54.98 -19.85 25.59
CA MET Z 153 55.59 -18.79 24.81
C MET Z 153 56.75 -18.21 25.59
N VAL Z 154 57.79 -17.79 24.87
CA VAL Z 154 58.97 -17.23 25.52
C VAL Z 154 59.78 -16.47 24.48
N ARG Z 155 60.45 -15.42 24.94
CA ARG Z 155 61.39 -14.66 24.12
C ARG Z 155 62.79 -15.16 24.40
N GLN Z 156 63.67 -15.04 23.41
CA GLN Z 156 65.04 -15.48 23.55
C GLN Z 156 65.97 -14.57 22.78
N SER Z 157 67.26 -14.74 23.03
CA SER Z 157 68.28 -14.14 22.17
C SER Z 157 68.44 -14.91 20.88
N PHE Z 158 68.09 -16.19 20.88
CA PHE Z 158 68.15 -17.02 19.69
C PHE Z 158 67.46 -18.35 20.00
N ALA Z 159 66.70 -18.84 19.04
CA ALA Z 159 65.95 -20.08 19.20
C ALA Z 159 66.19 -20.98 18.01
N ILE Z 160 66.15 -22.30 18.27
CA ILE Z 160 66.34 -23.29 17.24
C ILE Z 160 65.31 -24.38 17.46
N GLY Z 161 64.94 -25.04 16.36
CA GLY Z 161 63.95 -26.09 16.47
C GLY Z 161 64.10 -27.10 15.35
N GLY Z 162 63.29 -28.15 15.43
CA GLY Z 162 63.30 -29.21 14.44
C GLY Z 162 63.93 -30.47 14.99
N SER Z 163 63.79 -31.53 14.18
CA SER Z 163 64.29 -32.84 14.59
C SER Z 163 65.79 -32.82 14.82
N GLY Z 164 66.58 -32.49 13.81
CA GLY Z 164 68.01 -32.45 13.96
C GLY Z 164 68.54 -31.39 14.91
N SER Z 165 67.67 -30.50 15.38
CA SER Z 165 68.07 -29.42 16.27
C SER Z 165 68.74 -29.90 17.54
N SER Z 166 68.52 -31.15 17.95
CA SER Z 166 69.19 -31.67 19.13
C SER Z 166 70.66 -31.95 18.88
N TYR Z 167 71.10 -31.90 17.63
CA TYR Z 167 72.47 -32.27 17.31
C TYR Z 167 73.45 -31.11 17.40
N ILE Z 168 72.98 -29.91 17.69
CA ILE Z 168 73.82 -28.73 17.50
C ILE Z 168 73.85 -27.83 18.73
N TYR Z 169 73.37 -28.31 19.87
CA TYR Z 169 73.37 -27.49 21.07
C TYR Z 169 74.78 -27.10 21.48
N GLY Z 170 75.69 -28.08 21.50
CA GLY Z 170 77.06 -27.77 21.88
C GLY Z 170 77.71 -26.76 20.98
N TYR Z 171 77.60 -26.95 19.67
CA TYR Z 171 78.24 -26.00 18.74
C TYR Z 171 77.59 -24.63 18.84
N VAL Z 172 76.27 -24.58 18.92
CA VAL Z 172 75.62 -23.27 18.99
C VAL Z 172 75.95 -22.55 20.28
N ASP Z 173 76.16 -23.28 21.37
CA ASP Z 173 76.42 -22.61 22.64
C ASP Z 173 77.79 -21.95 22.66
N ALA Z 174 78.86 -22.73 22.54
CA ALA Z 174 80.19 -22.14 22.54
C ALA Z 174 80.39 -21.25 21.32
N THR Z 175 79.75 -21.57 20.21
CA THR Z 175 79.92 -20.78 19.00
C THR Z 175 79.31 -19.40 19.15
N TYR Z 176 78.23 -19.28 19.91
CA TYR Z 176 77.56 -17.99 20.03
C TYR Z 176 78.42 -16.99 20.78
N ARG Z 177 78.31 -15.73 20.37
CA ARG Z 177 78.98 -14.62 21.04
C ARG Z 177 78.06 -13.42 20.98
N GLU Z 178 77.90 -12.75 22.12
CA GLU Z 178 76.93 -11.66 22.21
C GLU Z 178 77.36 -10.47 21.38
N GLY Z 179 76.38 -9.76 20.83
CA GLY Z 179 76.64 -8.52 20.13
C GLY Z 179 77.26 -8.69 18.77
N MET Z 180 76.77 -9.65 18.01
CA MET Z 180 77.31 -9.87 16.67
C MET Z 180 76.68 -8.91 15.68
N THR Z 181 77.27 -8.85 14.49
CA THR Z 181 76.71 -8.06 13.41
C THR Z 181 75.77 -8.94 12.60
N LYS Z 182 75.07 -8.34 11.64
CA LYS Z 182 74.13 -9.10 10.83
C LYS Z 182 74.83 -10.20 10.05
N GLU Z 183 75.86 -9.84 9.27
CA GLU Z 183 76.57 -10.84 8.48
C GLU Z 183 77.21 -11.90 9.35
N GLU Z 184 77.72 -11.50 10.52
CA GLU Z 184 78.17 -12.48 11.51
C GLU Z 184 77.05 -13.46 11.85
N CYS Z 185 75.83 -12.95 11.99
CA CYS Z 185 74.69 -13.84 12.19
C CYS Z 185 74.51 -14.77 10.99
N LEU Z 186 74.68 -14.24 9.78
CA LEU Z 186 74.52 -15.07 8.59
C LEU Z 186 75.51 -16.22 8.55
N GLN Z 187 76.80 -15.94 8.73
CA GLN Z 187 77.77 -17.01 8.74
C GLN Z 187 77.52 -17.96 9.90
N PHE Z 188 77.13 -17.43 11.06
CA PHE Z 188 76.83 -18.25 12.22
C PHE Z 188 75.76 -19.28 11.90
N THR Z 189 74.56 -18.82 11.57
CA THR Z 189 73.47 -19.71 11.19
C THR Z 189 73.84 -20.61 10.02
N ALA Z 190 74.62 -20.10 9.08
CA ALA Z 190 75.02 -20.90 7.92
C ALA Z 190 75.80 -22.13 8.37
N ASN Z 191 76.83 -21.94 9.19
CA ASN Z 191 77.56 -23.08 9.72
C ASN Z 191 76.65 -23.96 10.55
N ALA Z 192 75.72 -23.37 11.31
CA ALA Z 192 74.83 -24.16 12.15
C ALA Z 192 74.00 -25.13 11.31
N LEU Z 193 73.14 -24.60 10.45
CA LEU Z 193 72.29 -25.46 9.64
C LEU Z 193 73.12 -26.35 8.71
N ALA Z 194 74.32 -25.90 8.34
CA ALA Z 194 75.22 -26.77 7.62
C ALA Z 194 75.52 -28.04 8.41
N LEU Z 195 75.99 -27.88 9.65
CA LEU Z 195 76.32 -29.04 10.46
C LEU Z 195 75.09 -29.90 10.73
N ALA Z 196 73.96 -29.26 11.05
CA ALA Z 196 72.75 -30.02 11.32
C ALA Z 196 72.32 -30.85 10.12
N MET Z 197 72.24 -30.21 8.95
CA MET Z 197 71.90 -30.93 7.73
C MET Z 197 72.89 -32.06 7.45
N GLU Z 198 74.16 -31.83 7.78
CA GLU Z 198 75.15 -32.89 7.55
C GLU Z 198 74.89 -34.10 8.45
N ARG Z 199 74.70 -33.87 9.75
CA ARG Z 199 74.64 -34.99 10.67
C ARG Z 199 73.28 -35.68 10.66
N ASP Z 200 72.20 -34.93 10.53
CA ASP Z 200 70.87 -35.52 10.57
C ASP Z 200 70.54 -36.19 9.24
N GLY Z 201 69.93 -37.36 9.33
CA GLY Z 201 69.36 -37.98 8.14
C GLY Z 201 68.00 -37.46 7.80
N SER Z 202 67.37 -36.71 8.70
CA SER Z 202 66.06 -36.15 8.41
C SER Z 202 66.18 -34.80 7.70
N SER Z 203 67.06 -33.94 8.19
CA SER Z 203 67.24 -32.63 7.59
C SER Z 203 68.18 -32.72 6.39
N GLY Z 204 68.13 -31.69 5.56
CA GLY Z 204 68.91 -31.68 4.34
C GLY Z 204 68.23 -30.81 3.30
N GLY Z 205 68.55 -31.08 2.05
CA GLY Z 205 67.97 -30.33 0.93
C GLY Z 205 68.84 -29.13 0.56
N VAL Z 206 68.46 -27.95 1.03
CA VAL Z 206 69.20 -26.72 0.78
C VAL Z 206 68.89 -25.74 1.91
N ILE Z 207 69.76 -24.75 2.05
CA ILE Z 207 69.67 -23.78 3.13
C ILE Z 207 68.95 -22.54 2.62
N ARG Z 208 67.83 -22.22 3.26
CA ARG Z 208 67.10 -20.99 3.00
C ARG Z 208 67.37 -20.02 4.14
N LEU Z 209 67.60 -18.76 3.79
CA LEU Z 209 67.95 -17.73 4.74
C LEU Z 209 67.17 -16.45 4.46
N ALA Z 210 66.89 -15.73 5.54
CA ALA Z 210 66.15 -14.47 5.46
C ALA Z 210 66.66 -13.54 6.54
N ALA Z 211 66.55 -12.25 6.31
CA ALA Z 211 67.01 -11.22 7.23
C ALA Z 211 66.01 -10.08 7.17
N ILE Z 212 65.62 -9.58 8.34
CA ILE Z 212 64.64 -8.51 8.44
C ILE Z 212 65.21 -7.41 9.30
N ALA Z 213 65.03 -6.16 8.86
CA ALA Z 213 65.40 -5.01 9.65
C ALA Z 213 64.35 -3.93 9.38
N GLU Z 214 64.66 -2.71 9.80
CA GLU Z 214 63.77 -1.60 9.50
C GLU Z 214 63.65 -1.36 8.00
N SER Z 215 64.67 -1.71 7.22
CA SER Z 215 64.63 -1.41 5.80
C SER Z 215 63.65 -2.30 5.07
N GLY Z 216 63.88 -3.61 5.07
CA GLY Z 216 63.00 -4.52 4.34
C GLY Z 216 63.27 -5.95 4.71
N VAL Z 217 63.23 -6.81 3.69
CA VAL Z 217 63.37 -8.24 3.86
C VAL Z 217 64.31 -8.76 2.77
N GLU Z 218 65.32 -9.51 3.17
CA GLU Z 218 66.30 -10.08 2.25
C GLU Z 218 66.29 -11.59 2.38
N ARG Z 219 66.05 -12.28 1.27
CA ARG Z 219 66.01 -13.73 1.26
C ARG Z 219 67.06 -14.27 0.32
N GLN Z 220 67.47 -15.51 0.54
CA GLN Z 220 68.47 -16.12 -0.34
C GLN Z 220 68.59 -17.60 -0.01
N VAL Z 221 69.14 -18.34 -0.96
CA VAL Z 221 69.37 -19.77 -0.84
C VAL Z 221 70.86 -20.00 -1.03
N LEU Z 222 71.42 -20.96 -0.31
CA LEU Z 222 72.86 -21.14 -0.34
C LEU Z 222 73.23 -22.61 -0.50
N LEU Z 223 74.53 -22.87 -0.38
CA LEU Z 223 75.05 -24.22 -0.33
C LEU Z 223 76.50 -24.17 0.16
N GLY Z 224 76.81 -24.93 1.20
CA GLY Z 224 78.13 -24.95 1.77
C GLY Z 224 78.20 -24.41 3.18
N THR AA 43 47.62 -47.88 -8.73
CA THR AA 43 47.25 -46.57 -9.26
C THR AA 43 48.45 -45.66 -9.32
N THR AA 44 48.55 -44.89 -10.40
CA THR AA 44 49.68 -43.99 -10.61
C THR AA 44 49.22 -42.82 -11.47
N ILE AA 45 49.36 -41.61 -10.94
CA ILE AA 45 48.99 -40.39 -11.66
C ILE AA 45 50.12 -39.39 -11.51
N ALA AA 46 50.22 -38.48 -12.47
CA ALA AA 46 51.25 -37.46 -12.36
C ALA AA 46 51.02 -36.38 -13.40
N GLY AA 47 51.80 -35.30 -13.27
CA GLY AA 47 51.75 -34.21 -14.21
C GLY AA 47 52.97 -33.34 -14.06
N VAL AA 48 53.12 -32.39 -14.99
CA VAL AA 48 54.25 -31.49 -14.99
C VAL AA 48 53.89 -30.26 -15.81
N VAL AA 49 54.60 -29.17 -15.57
CA VAL AA 49 54.38 -27.92 -16.28
C VAL AA 49 55.54 -27.73 -17.26
N TYR AA 50 55.23 -27.69 -18.54
CA TYR AA 50 56.25 -27.43 -19.55
C TYR AA 50 56.37 -25.93 -19.74
N LYS AA 51 57.07 -25.51 -20.79
CA LYS AA 51 57.40 -24.10 -20.98
C LYS AA 51 56.17 -23.22 -21.14
N ASP AA 52 55.00 -23.79 -21.44
CA ASP AA 52 53.82 -22.99 -21.70
C ASP AA 52 52.56 -23.46 -21.00
N GLY AA 53 52.50 -24.69 -20.55
CA GLY AA 53 51.26 -25.22 -20.00
C GLY AA 53 51.49 -26.34 -19.03
N ILE AA 54 50.52 -27.24 -18.96
CA ILE AA 54 50.51 -28.32 -17.97
C ILE AA 54 50.05 -29.59 -18.64
N VAL AA 55 50.62 -30.72 -18.25
CA VAL AA 55 50.29 -32.02 -18.80
C VAL AA 55 50.05 -32.99 -17.66
N LEU AA 56 49.01 -33.80 -17.77
CA LEU AA 56 48.61 -34.75 -16.75
C LEU AA 56 48.34 -36.11 -17.38
N GLY AA 57 48.48 -37.16 -16.57
CA GLY AA 57 48.28 -38.49 -17.07
C GLY AA 57 48.19 -39.52 -15.97
N ALA AA 58 47.60 -40.65 -16.32
CA ALA AA 58 47.46 -41.77 -15.40
C ALA AA 58 47.07 -43.01 -16.20
N ASP AA 59 46.77 -44.08 -15.48
CA ASP AA 59 46.30 -45.32 -16.09
C ASP AA 59 44.79 -45.42 -15.95
N THR AA 60 44.22 -46.44 -16.59
CA THR AA 60 42.78 -46.67 -16.49
C THR AA 60 42.47 -47.96 -15.74
N ARG AA 61 43.36 -48.39 -14.84
CA ARG AA 61 43.13 -49.58 -14.06
C ARG AA 61 42.43 -49.22 -12.76
N ALA AA 62 41.47 -50.05 -12.36
CA ALA AA 62 40.75 -49.90 -11.10
C ALA AA 62 40.65 -51.29 -10.48
N THR AA 63 41.25 -51.45 -9.31
CA THR AA 63 41.33 -52.76 -8.68
C THR AA 63 40.44 -52.83 -7.44
N GLU AA 64 40.41 -54.00 -6.83
CA GLU AA 64 39.63 -54.23 -5.63
C GLU AA 64 40.23 -55.44 -4.93
N GLY AA 65 40.78 -55.23 -3.74
CA GLY AA 65 41.51 -56.28 -3.07
C GLY AA 65 42.71 -56.67 -3.90
N MET AA 66 42.66 -57.85 -4.53
CA MET AA 66 43.70 -58.26 -5.47
C MET AA 66 43.11 -58.65 -6.82
N VAL AA 67 41.99 -58.04 -7.20
CA VAL AA 67 41.29 -58.36 -8.42
C VAL AA 67 41.11 -57.08 -9.24
N VAL AA 68 41.34 -57.17 -10.54
CA VAL AA 68 41.15 -56.03 -11.42
C VAL AA 68 39.65 -55.73 -11.48
N ALA AA 69 39.25 -54.59 -10.96
CA ALA AA 69 37.85 -54.21 -10.98
C ALA AA 69 37.44 -53.58 -12.32
N ASP AA 70 38.14 -52.53 -12.73
CA ASP AA 70 37.85 -51.84 -13.98
C ASP AA 70 39.07 -51.89 -14.87
N LYS AA 71 38.92 -52.47 -16.06
CA LYS AA 71 39.99 -52.49 -17.03
C LYS AA 71 40.21 -51.13 -17.68
N ASN AA 72 39.25 -50.21 -17.55
CA ASN AA 72 39.37 -48.86 -18.11
C ASN AA 72 38.53 -47.93 -17.24
N CYS AA 73 39.18 -47.23 -16.32
CA CYS AA 73 38.51 -46.24 -15.50
C CYS AA 73 38.87 -44.84 -15.98
N SER AA 74 38.37 -43.83 -15.27
CA SER AA 74 38.61 -42.44 -15.66
C SER AA 74 39.00 -41.68 -14.39
N LYS AA 75 40.30 -41.53 -14.18
CA LYS AA 75 40.81 -40.86 -12.98
C LYS AA 75 41.21 -39.42 -13.26
N ILE AA 76 40.74 -38.86 -14.37
CA ILE AA 76 40.91 -37.45 -14.68
C ILE AA 76 39.55 -36.78 -14.51
N HIS AA 77 39.54 -35.55 -14.03
CA HIS AA 77 38.30 -34.90 -13.66
C HIS AA 77 38.28 -33.44 -14.07
N PHE AA 78 37.16 -33.05 -14.69
CA PHE AA 78 36.87 -31.66 -14.97
C PHE AA 78 36.76 -30.89 -13.67
N ILE AA 79 37.33 -29.69 -13.64
CA ILE AA 79 37.18 -28.81 -12.50
C ILE AA 79 36.64 -27.49 -13.03
N SER AA 80 37.39 -26.88 -13.93
CA SER AA 80 36.97 -25.69 -14.64
C SER AA 80 37.38 -25.88 -16.09
N PRO AA 81 37.00 -24.98 -16.99
CA PRO AA 81 37.54 -25.04 -18.36
C PRO AA 81 39.06 -24.94 -18.41
N ASN AA 82 39.68 -24.38 -17.38
CA ASN AA 82 41.13 -24.25 -17.32
C ASN AA 82 41.78 -25.06 -16.21
N ILE AA 83 41.03 -25.91 -15.52
CA ILE AA 83 41.53 -26.62 -14.35
C ILE AA 83 40.91 -28.00 -14.30
N TYR AA 84 41.77 -29.03 -14.26
CA TYR AA 84 41.35 -30.39 -14.00
C TYR AA 84 42.04 -30.89 -12.74
N CYS AA 85 41.66 -32.10 -12.32
CA CYS AA 85 42.28 -32.73 -11.17
C CYS AA 85 42.21 -34.23 -11.32
N CYS AA 86 43.29 -34.90 -10.92
CA CYS AA 86 43.34 -36.36 -10.89
C CYS AA 86 43.33 -36.82 -9.44
N GLY AA 87 42.66 -37.95 -9.20
CA GLY AA 87 42.46 -38.46 -7.85
C GLY AA 87 43.33 -39.66 -7.56
N ALA AA 88 43.24 -40.16 -6.34
CA ALA AA 88 44.00 -41.32 -5.91
C ALA AA 88 43.52 -41.75 -4.54
N GLY AA 89 43.51 -43.06 -4.32
CA GLY AA 89 43.06 -43.62 -3.05
C GLY AA 89 41.58 -43.94 -3.08
N THR AA 90 40.85 -43.42 -2.09
CA THR AA 90 39.41 -43.68 -2.01
C THR AA 90 38.71 -43.04 -3.18
N ALA AA 91 38.28 -43.87 -4.14
CA ALA AA 91 37.67 -43.37 -5.35
C ALA AA 91 36.40 -42.58 -5.05
N ALA AA 92 35.55 -43.10 -4.16
CA ALA AA 92 34.32 -42.39 -3.82
C ALA AA 92 34.60 -41.03 -3.20
N ASP AA 93 35.56 -40.95 -2.28
CA ASP AA 93 35.91 -39.65 -1.71
C ASP AA 93 36.44 -38.71 -2.77
N THR AA 94 37.26 -39.22 -3.69
CA THR AA 94 37.74 -38.39 -4.79
C THR AA 94 36.58 -37.83 -5.61
N ASP AA 95 35.67 -38.69 -6.07
CA ASP AA 95 34.57 -38.24 -6.90
C ASP AA 95 33.68 -37.25 -6.16
N MET AA 96 33.14 -37.66 -5.01
CA MET AA 96 32.24 -36.82 -4.25
C MET AA 96 32.88 -35.49 -3.85
N THR AA 97 34.19 -35.49 -3.58
CA THR AA 97 34.84 -34.25 -3.24
C THR AA 97 35.00 -33.35 -4.46
N THR AA 98 35.58 -33.90 -5.53
CA THR AA 98 35.86 -33.11 -6.72
C THR AA 98 34.60 -32.53 -7.34
N GLN AA 99 33.49 -33.29 -7.35
CA GLN AA 99 32.25 -32.73 -7.86
C GLN AA 99 31.76 -31.58 -7.00
N LEU AA 100 31.84 -31.73 -5.68
CA LEU AA 100 31.44 -30.65 -4.78
C LEU AA 100 32.23 -29.39 -5.04
N ILE AA 101 33.56 -29.50 -5.04
CA ILE AA 101 34.39 -28.32 -5.23
C ILE AA 101 34.15 -27.71 -6.60
N SER AA 102 33.98 -28.56 -7.62
CA SER AA 102 33.73 -28.03 -8.95
C SER AA 102 32.41 -27.27 -9.00
N SER AA 103 31.39 -27.77 -8.32
CA SER AA 103 30.14 -27.02 -8.22
C SER AA 103 30.36 -25.67 -7.54
N ASN AA 104 31.12 -25.68 -6.44
CA ASN AA 104 31.39 -24.44 -5.72
C ASN AA 104 32.08 -23.43 -6.62
N LEU AA 105 33.13 -23.85 -7.32
CA LEU AA 105 33.88 -22.93 -8.15
C LEU AA 105 33.05 -22.45 -9.34
N GLU AA 106 32.28 -23.35 -9.95
CA GLU AA 106 31.43 -22.91 -11.06
C GLU AA 106 30.43 -21.86 -10.61
N LEU AA 107 29.82 -22.08 -9.44
CA LEU AA 107 28.95 -21.06 -8.87
C LEU AA 107 29.71 -19.75 -8.67
N HIS AA 108 30.91 -19.84 -8.11
CA HIS AA 108 31.69 -18.63 -7.84
C HIS AA 108 31.97 -17.86 -9.11
N SER AA 109 32.59 -18.51 -10.09
CA SER AA 109 32.91 -17.84 -11.35
C SER AA 109 31.67 -17.32 -12.04
N LEU AA 110 30.57 -18.06 -11.96
CA LEU AA 110 29.32 -17.54 -12.49
C LEU AA 110 28.89 -16.28 -11.74
N SER AA 111 29.29 -16.14 -10.47
CA SER AA 111 28.94 -14.95 -9.72
C SER AA 111 29.85 -13.78 -10.10
N THR AA 112 31.14 -14.05 -10.26
CA THR AA 112 32.11 -13.00 -10.53
C THR AA 112 32.15 -12.60 -11.98
N GLY AA 113 31.52 -13.38 -12.86
CA GLY AA 113 31.66 -13.16 -14.28
C GLY AA 113 33.09 -13.21 -14.77
N ARG AA 114 33.93 -14.04 -14.15
CA ARG AA 114 35.35 -14.05 -14.49
C ARG AA 114 35.90 -15.47 -14.51
N LEU AA 115 37.17 -15.60 -14.84
CA LEU AA 115 37.80 -16.91 -14.85
C LEU AA 115 38.34 -17.24 -13.46
N PRO AA 116 38.10 -18.47 -12.98
CA PRO AA 116 38.56 -18.85 -11.64
C PRO AA 116 40.08 -18.83 -11.54
N ARG AA 117 40.55 -19.01 -10.31
CA ARG AA 117 41.98 -19.06 -10.04
C ARG AA 117 42.32 -20.32 -9.25
N VAL AA 118 43.43 -20.94 -9.64
CA VAL AA 118 43.83 -22.24 -9.09
C VAL AA 118 44.02 -22.14 -7.58
N VAL AA 119 44.61 -21.04 -7.10
CA VAL AA 119 44.84 -20.89 -5.68
C VAL AA 119 43.54 -20.92 -4.89
N THR AA 120 42.44 -20.46 -5.49
CA THR AA 120 41.15 -20.55 -4.82
C THR AA 120 40.77 -22.01 -4.56
N ALA AA 121 40.79 -22.84 -5.61
CA ALA AA 121 40.46 -24.25 -5.43
C ALA AA 121 41.40 -24.91 -4.44
N ASN AA 122 42.69 -24.59 -4.53
CA ASN AA 122 43.64 -25.13 -3.55
C ASN AA 122 43.24 -24.77 -2.14
N ARG AA 123 42.92 -23.49 -1.91
CA ARG AA 123 42.48 -23.05 -0.60
C ARG AA 123 41.25 -23.81 -0.12
N MET AA 124 40.26 -23.98 -1.01
CA MET AA 124 39.06 -24.70 -0.61
C MET AA 124 39.37 -26.12 -0.20
N LEU AA 125 40.11 -26.85 -1.04
CA LEU AA 125 40.41 -28.25 -0.74
C LEU AA 125 41.19 -28.39 0.56
N LYS AA 126 42.32 -27.69 0.67
CA LYS AA 126 43.12 -27.78 1.87
C LYS AA 126 42.35 -27.37 3.10
N GLN AA 127 41.47 -26.39 2.97
CA GLN AA 127 40.65 -25.97 4.10
C GLN AA 127 39.61 -27.02 4.46
N MET AA 128 39.19 -27.83 3.49
CA MET AA 128 38.15 -28.82 3.75
C MET AA 128 38.72 -30.07 4.40
N LEU AA 129 39.71 -30.68 3.74
CA LEU AA 129 40.25 -31.95 4.23
C LEU AA 129 40.80 -31.82 5.63
N PHE AA 130 41.52 -30.74 5.92
CA PHE AA 130 42.01 -30.51 7.27
C PHE AA 130 40.87 -30.46 8.27
N ARG AA 131 39.74 -29.89 7.89
CA ARG AA 131 38.60 -29.91 8.78
C ARG AA 131 38.09 -31.34 8.96
N TYR AA 132 38.19 -32.17 7.92
CA TYR AA 132 37.75 -33.55 8.03
C TYR AA 132 38.80 -34.47 8.61
N GLN AA 133 39.93 -33.94 9.05
CA GLN AA 133 40.88 -34.70 9.87
C GLN AA 133 41.48 -35.88 9.11
N GLY AA 134 41.53 -35.79 7.79
CA GLY AA 134 42.16 -36.82 7.00
C GLY AA 134 41.39 -38.11 6.90
N TYR AA 135 40.21 -38.21 7.51
CA TYR AA 135 39.41 -39.42 7.34
C TYR AA 135 39.03 -39.64 5.89
N ILE AA 136 38.83 -38.55 5.15
CA ILE AA 136 38.49 -38.64 3.74
C ILE AA 136 39.80 -38.87 3.00
N GLY AA 137 40.14 -40.13 2.77
CA GLY AA 137 41.40 -40.47 2.13
C GLY AA 137 41.38 -40.20 0.65
N ALA AA 138 42.11 -39.16 0.22
CA ALA AA 138 42.12 -38.76 -1.18
C ALA AA 138 43.43 -38.04 -1.46
N ALA AA 139 44.23 -38.59 -2.36
CA ALA AA 139 45.42 -37.91 -2.87
C ALA AA 139 45.08 -37.25 -4.18
N LEU AA 140 45.37 -35.96 -4.30
CA LEU AA 140 44.94 -35.19 -5.44
C LEU AA 140 46.12 -34.63 -6.21
N VAL AA 141 45.88 -34.36 -7.49
CA VAL AA 141 46.79 -33.63 -8.35
C VAL AA 141 45.97 -32.56 -9.04
N LEU AA 142 46.22 -31.31 -8.67
CA LEU AA 142 45.43 -30.18 -9.14
C LEU AA 142 46.19 -29.44 -10.24
N GLY AA 143 45.51 -29.16 -11.35
CA GLY AA 143 46.14 -28.47 -12.45
C GLY AA 143 45.26 -27.44 -13.11
N GLY AA 144 45.86 -26.35 -13.59
CA GLY AA 144 45.10 -25.34 -14.28
C GLY AA 144 46.01 -24.21 -14.73
N VAL AA 145 45.51 -23.45 -15.68
CA VAL AA 145 46.22 -22.28 -16.21
C VAL AA 145 45.40 -21.05 -15.86
N ASP AA 146 45.93 -20.23 -14.96
CA ASP AA 146 45.28 -19.00 -14.56
C ASP AA 146 45.83 -17.84 -15.38
N VAL AA 147 45.37 -16.64 -15.07
CA VAL AA 147 45.91 -15.45 -15.71
C VAL AA 147 47.40 -15.33 -15.43
N THR AA 148 47.82 -15.73 -14.22
CA THR AA 148 49.24 -15.75 -13.90
C THR AA 148 49.99 -16.81 -14.67
N GLY AA 149 49.30 -17.74 -15.33
CA GLY AA 149 49.95 -18.76 -16.11
C GLY AA 149 49.67 -20.15 -15.56
N PRO AA 150 50.52 -21.10 -15.90
CA PRO AA 150 50.35 -22.46 -15.39
C PRO AA 150 50.73 -22.56 -13.93
N HIS AA 151 50.03 -23.44 -13.22
CA HIS AA 151 50.30 -23.69 -11.82
C HIS AA 151 49.98 -25.14 -11.52
N LEU AA 152 50.72 -25.73 -10.59
CA LEU AA 152 50.57 -27.13 -10.24
C LEU AA 152 50.61 -27.27 -8.73
N TYR AA 153 49.78 -28.19 -8.22
CA TYR AA 153 49.71 -28.41 -6.78
C TYR AA 153 49.53 -29.89 -6.49
N SER AA 154 50.01 -30.27 -5.32
CA SER AA 154 49.81 -31.61 -4.77
C SER AA 154 49.04 -31.46 -3.47
N ILE AA 155 48.18 -32.42 -3.19
CA ILE AA 155 47.31 -32.36 -2.02
C ILE AA 155 47.39 -33.70 -1.29
N TYR AA 156 47.60 -33.65 -0.04
CA TYR AA 156 47.59 -34.88 0.72
C TYR AA 156 46.35 -34.94 1.61
N PRO AA 157 45.98 -36.13 2.07
CA PRO AA 157 44.67 -36.30 2.74
C PRO AA 157 44.53 -35.55 4.05
N HIS AA 158 45.58 -34.94 4.60
CA HIS AA 158 45.45 -34.21 5.85
C HIS AA 158 45.42 -32.71 5.66
N GLY AA 159 45.93 -32.19 4.55
CA GLY AA 159 45.89 -30.76 4.32
C GLY AA 159 47.21 -30.20 3.83
N SER AA 160 48.26 -31.00 3.93
CA SER AA 160 49.56 -30.60 3.41
C SER AA 160 49.47 -30.39 1.90
N THR AA 161 49.70 -29.16 1.47
CA THR AA 161 49.60 -28.77 0.07
C THR AA 161 50.94 -28.26 -0.42
N ASP AA 162 51.21 -28.47 -1.71
CA ASP AA 162 52.52 -28.16 -2.27
C ASP AA 162 52.38 -27.59 -3.67
N LYS AA 163 53.37 -26.78 -4.06
CA LYS AA 163 53.51 -26.32 -5.43
C LYS AA 163 54.86 -26.77 -5.97
N LEU AA 164 54.85 -27.52 -7.06
CA LEU AA 164 56.08 -28.05 -7.63
C LEU AA 164 55.93 -28.13 -9.14
N PRO AA 165 57.04 -28.23 -9.86
CA PRO AA 165 56.95 -28.36 -11.33
C PRO AA 165 56.39 -29.70 -11.76
N TYR AA 166 56.44 -30.71 -10.90
CA TYR AA 166 56.04 -32.05 -11.29
C TYR AA 166 55.95 -32.90 -10.04
N VAL AA 167 54.90 -33.72 -9.96
CA VAL AA 167 54.66 -34.57 -8.80
C VAL AA 167 54.11 -35.90 -9.27
N THR AA 168 54.19 -36.90 -8.39
CA THR AA 168 53.67 -38.23 -8.66
C THR AA 168 52.87 -38.69 -7.46
N MET AA 169 51.69 -39.23 -7.72
CA MET AA 169 50.86 -39.80 -6.66
C MET AA 169 50.33 -41.14 -7.12
N GLY AA 170 50.14 -42.02 -6.15
CA GLY AA 170 49.62 -43.35 -6.41
C GLY AA 170 50.60 -44.42 -6.00
N SER AA 171 50.15 -45.67 -6.15
CA SER AA 171 50.96 -46.80 -5.72
C SER AA 171 52.28 -46.87 -6.47
N GLY AA 172 52.25 -46.74 -7.79
CA GLY AA 172 53.47 -46.78 -8.55
C GLY AA 172 54.08 -45.41 -8.75
N SER AA 173 53.69 -44.46 -7.90
CA SER AA 173 54.16 -43.09 -8.03
C SER AA 173 55.68 -42.98 -7.93
N LEU AA 174 56.32 -43.88 -7.17
CA LEU AA 174 57.76 -43.82 -7.03
C LEU AA 174 58.48 -44.02 -8.36
N ALA AA 175 58.07 -45.04 -9.12
CA ALA AA 175 58.73 -45.31 -10.39
C ALA AA 175 58.64 -44.12 -11.33
N ALA AA 176 57.45 -43.54 -11.47
CA ALA AA 176 57.31 -42.36 -12.31
C ALA AA 176 58.14 -41.20 -11.79
N MET AA 177 58.20 -41.04 -10.46
CA MET AA 177 59.05 -40.00 -9.92
C MET AA 177 60.51 -40.20 -10.30
N ALA AA 178 60.95 -41.46 -10.36
CA ALA AA 178 62.31 -41.74 -10.81
C ALA AA 178 62.53 -41.27 -12.23
N VAL AA 179 61.57 -41.52 -13.12
CA VAL AA 179 61.72 -41.08 -14.51
C VAL AA 179 61.75 -39.57 -14.59
N PHE AA 180 60.87 -38.90 -13.83
CA PHE AA 180 60.87 -37.44 -13.83
C PHE AA 180 62.21 -36.88 -13.39
N GLU AA 181 62.67 -37.29 -12.21
CA GLU AA 181 63.93 -36.76 -11.70
C GLU AA 181 65.10 -37.13 -12.59
N ASP AA 182 65.01 -38.25 -13.30
CA ASP AA 182 66.13 -38.67 -14.13
C ASP AA 182 66.16 -37.93 -15.46
N LYS AA 183 65.00 -37.58 -16.01
CA LYS AA 183 64.94 -37.03 -17.36
C LYS AA 183 64.04 -35.81 -17.41
N PHE AA 184 64.17 -34.93 -16.41
CA PHE AA 184 63.48 -33.65 -16.46
C PHE AA 184 64.46 -32.53 -16.75
N ARG AA 185 63.98 -31.55 -17.50
CA ARG AA 185 64.68 -30.30 -17.71
C ARG AA 185 63.62 -29.23 -17.80
N PRO AA 186 63.87 -28.04 -17.28
CA PRO AA 186 62.85 -27.00 -17.25
C PRO AA 186 62.51 -26.49 -18.65
N ASP AA 187 61.25 -26.07 -18.79
CA ASP AA 187 60.79 -25.39 -20.00
C ASP AA 187 60.85 -26.29 -21.23
N MET AA 188 60.47 -27.54 -21.03
CA MET AA 188 60.47 -28.46 -22.16
C MET AA 188 59.38 -28.10 -23.15
N GLU AA 189 59.35 -28.82 -24.26
CA GLU AA 189 58.36 -28.60 -25.29
C GLU AA 189 57.14 -29.48 -25.04
N GLU AA 190 56.09 -29.24 -25.82
CA GLU AA 190 54.85 -29.98 -25.65
C GLU AA 190 55.05 -31.46 -25.94
N GLU AA 191 55.55 -31.79 -27.14
CA GLU AA 191 55.73 -33.19 -27.49
C GLU AA 191 56.77 -33.87 -26.62
N GLU AA 192 57.88 -33.20 -26.32
CA GLU AA 192 58.85 -33.75 -25.39
C GLU AA 192 58.21 -34.08 -24.05
N ALA AA 193 57.47 -33.14 -23.47
CA ALA AA 193 56.79 -33.38 -22.21
C ALA AA 193 55.83 -34.56 -22.32
N LYS AA 194 55.10 -34.66 -23.42
CA LYS AA 194 54.22 -35.79 -23.62
C LYS AA 194 54.97 -37.11 -23.59
N ASN AA 195 56.08 -37.18 -24.32
CA ASN AA 195 56.91 -38.38 -24.28
C ASN AA 195 57.40 -38.66 -22.86
N LEU AA 196 57.73 -37.63 -22.11
CA LEU AA 196 58.20 -37.82 -20.74
C LEU AA 196 57.14 -38.44 -19.86
N VAL AA 197 55.99 -37.77 -19.75
CA VAL AA 197 54.92 -38.27 -18.88
C VAL AA 197 54.48 -39.66 -19.32
N SER AA 198 54.29 -39.85 -20.63
CA SER AA 198 53.96 -41.16 -21.17
C SER AA 198 54.98 -42.22 -20.76
N GLU AA 199 56.26 -41.88 -20.80
CA GLU AA 199 57.27 -42.83 -20.39
C GLU AA 199 57.15 -43.17 -18.91
N ALA AA 200 56.97 -42.15 -18.07
CA ALA AA 200 56.87 -42.39 -16.63
C ALA AA 200 55.69 -43.28 -16.28
N ILE AA 201 54.50 -42.91 -16.77
CA ILE AA 201 53.32 -43.73 -16.52
C ILE AA 201 53.52 -45.12 -17.09
N ALA AA 202 54.25 -45.24 -18.19
CA ALA AA 202 54.60 -46.55 -18.71
C ALA AA 202 55.39 -47.37 -17.70
N ALA AA 203 56.45 -46.80 -17.13
CA ALA AA 203 57.23 -47.52 -16.14
C ALA AA 203 56.37 -47.92 -14.95
N GLY AA 204 55.54 -47.00 -14.46
CA GLY AA 204 54.61 -47.34 -13.41
C GLY AA 204 53.68 -48.48 -13.78
N ILE AA 205 53.30 -48.57 -15.04
CA ILE AA 205 52.44 -49.68 -15.48
C ILE AA 205 53.21 -50.99 -15.44
N PHE AA 206 54.43 -51.01 -15.97
CA PHE AA 206 55.20 -52.23 -16.01
C PHE AA 206 55.95 -52.51 -14.72
N ASN AA 207 55.67 -51.77 -13.66
CA ASN AA 207 56.36 -51.98 -12.39
C ASN AA 207 55.46 -52.04 -11.18
N ASP AA 208 54.29 -51.42 -11.21
CA ASP AA 208 53.36 -51.46 -10.10
C ASP AA 208 52.29 -52.50 -10.35
N LEU AA 209 52.05 -53.36 -9.35
CA LEU AA 209 51.00 -54.35 -9.48
C LEU AA 209 49.64 -53.68 -9.58
N GLY AA 210 49.46 -52.54 -8.92
CA GLY AA 210 48.19 -51.87 -8.92
C GLY AA 210 47.87 -51.10 -10.18
N SER AA 211 48.88 -50.63 -10.90
CA SER AA 211 48.67 -49.88 -12.12
C SER AA 211 48.77 -50.83 -13.32
N GLY AA 212 48.52 -50.28 -14.50
CA GLY AA 212 48.55 -51.05 -15.74
C GLY AA 212 47.23 -51.06 -16.47
N SER AA 213 47.11 -50.17 -17.44
CA SER AA 213 45.93 -50.04 -18.30
C SER AA 213 46.27 -49.01 -19.36
N ASN AA 214 45.28 -48.65 -20.17
CA ASN AA 214 45.47 -47.58 -21.13
C ASN AA 214 45.82 -46.29 -20.40
N ILE AA 215 46.48 -45.39 -21.13
CA ILE AA 215 47.04 -44.17 -20.57
C ILE AA 215 46.14 -43.00 -20.90
N ASP AA 216 45.62 -42.35 -19.86
CA ASP AA 216 44.86 -41.13 -20.01
C ASP AA 216 45.80 -39.94 -19.91
N LEU AA 217 45.67 -39.03 -20.87
CA LEU AA 217 46.49 -37.83 -20.88
C LEU AA 217 45.63 -36.60 -21.10
N CYS AA 218 46.13 -35.46 -20.66
CA CYS AA 218 45.44 -34.20 -20.85
C CYS AA 218 46.47 -33.09 -20.87
N VAL AA 219 46.23 -32.10 -21.74
CA VAL AA 219 47.12 -30.96 -21.91
C VAL AA 219 46.29 -29.70 -21.74
N ILE AA 220 46.85 -28.73 -21.02
CA ILE AA 220 46.20 -27.45 -20.78
C ILE AA 220 47.20 -26.36 -21.14
N SER AA 221 46.78 -25.45 -22.02
CA SER AA 221 47.61 -24.32 -22.42
C SER AA 221 46.92 -23.03 -22.01
N LYS AA 222 47.50 -21.89 -22.40
CA LYS AA 222 46.82 -20.62 -22.15
C LYS AA 222 45.49 -20.54 -22.89
N ASN AA 223 45.37 -21.24 -24.00
CA ASN AA 223 44.17 -21.23 -24.82
C ASN AA 223 43.65 -22.60 -25.16
N LYS AA 224 44.52 -23.57 -25.40
CA LYS AA 224 44.11 -24.88 -25.90
C LYS AA 224 43.91 -25.84 -24.75
N LEU AA 225 42.91 -26.72 -24.90
CA LEU AA 225 42.62 -27.76 -23.92
C LEU AA 225 42.42 -29.08 -24.65
N ASP AA 226 43.37 -30.00 -24.49
CA ASP AA 226 43.34 -31.27 -25.20
C ASP AA 226 43.14 -32.39 -24.20
N PHE AA 227 42.39 -33.40 -24.60
CA PHE AA 227 42.09 -34.54 -23.76
C PHE AA 227 42.21 -35.80 -24.58
N LEU AA 228 42.97 -36.78 -24.08
CA LEU AA 228 43.18 -38.03 -24.78
C LEU AA 228 42.87 -39.18 -23.82
N ARG AA 229 41.67 -39.73 -23.92
CA ARG AA 229 41.34 -40.89 -23.10
C ARG AA 229 42.20 -42.06 -23.56
N PRO AA 230 42.05 -42.55 -24.80
CA PRO AA 230 43.02 -43.56 -25.25
C PRO AA 230 44.24 -42.89 -25.84
N TYR AA 231 45.42 -43.20 -25.33
CA TYR AA 231 46.63 -42.60 -25.87
C TYR AA 231 47.65 -43.65 -26.31
N THR AA 232 47.72 -44.77 -25.59
CA THR AA 232 48.69 -45.81 -25.91
C THR AA 232 48.24 -47.10 -25.27
N VAL AA 233 48.07 -48.13 -26.08
CA VAL AA 233 47.64 -49.44 -25.60
C VAL AA 233 48.86 -50.34 -25.49
N PRO AA 234 49.49 -50.41 -24.34
CA PRO AA 234 50.71 -51.23 -24.21
C PRO AA 234 50.39 -52.72 -24.18
N ASN AA 235 49.23 -53.08 -23.65
CA ASN AA 235 48.85 -54.47 -23.46
C ASN AA 235 47.62 -54.80 -24.28
N LYS AA 236 47.53 -56.05 -24.70
CA LYS AA 236 46.39 -56.58 -25.43
C LYS AA 236 45.87 -57.83 -24.72
N LYS AA 237 44.97 -58.53 -25.39
CA LYS AA 237 44.50 -59.82 -24.93
C LYS AA 237 44.66 -60.84 -26.06
N GLY AA 238 45.24 -62.00 -25.72
CA GLY AA 238 45.38 -63.06 -26.69
C GLY AA 238 44.02 -63.52 -27.21
N THR AA 239 44.04 -64.06 -28.42
CA THR AA 239 42.80 -64.48 -29.06
C THR AA 239 42.29 -65.78 -28.45
N ARG AA 240 40.98 -65.96 -28.52
CA ARG AA 240 40.35 -67.18 -28.06
C ARG AA 240 40.47 -68.23 -29.16
N LEU AA 241 40.83 -69.45 -28.78
CA LEU AA 241 41.07 -70.50 -29.76
C LEU AA 241 39.97 -71.55 -29.78
N GLY AA 242 39.42 -71.90 -28.62
CA GLY AA 242 38.45 -72.97 -28.52
C GLY AA 242 37.03 -72.41 -28.51
N ARG AA 243 36.26 -72.84 -29.51
CA ARG AA 243 34.84 -72.49 -29.55
C ARG AA 243 34.12 -73.19 -28.41
N TYR AA 244 33.46 -72.40 -27.57
CA TYR AA 244 32.86 -72.91 -26.34
C TYR AA 244 31.35 -72.77 -26.32
N ARG AA 245 30.78 -71.96 -27.19
CA ARG AA 245 29.35 -71.67 -27.16
C ARG AA 245 28.53 -72.91 -27.39
N CYS AA 246 27.66 -73.24 -26.43
CA CYS AA 246 26.67 -74.28 -26.62
C CYS AA 246 25.37 -73.66 -27.14
N GLU AA 247 24.76 -74.35 -28.08
CA GLU AA 247 23.59 -73.80 -28.76
C GLU AA 247 22.41 -73.74 -27.80
N LYS AA 248 21.35 -73.07 -28.25
CA LYS AA 248 20.15 -72.89 -27.44
C LYS AA 248 19.50 -74.23 -27.17
N GLY AA 249 19.20 -74.51 -25.91
CA GLY AA 249 18.53 -75.75 -25.56
C GLY AA 249 19.38 -76.64 -24.66
N THR AA 250 20.64 -76.27 -24.49
CA THR AA 250 21.56 -77.04 -23.66
C THR AA 250 21.44 -76.71 -22.18
N THR AA 251 20.33 -76.10 -21.77
CA THR AA 251 20.13 -75.70 -20.38
C THR AA 251 18.70 -76.05 -19.97
N ALA AA 252 18.58 -76.77 -18.86
CA ALA AA 252 17.27 -77.15 -18.36
C ALA AA 252 16.58 -75.95 -17.74
N VAL AA 253 15.36 -75.67 -18.20
CA VAL AA 253 14.56 -74.56 -17.70
C VAL AA 253 13.47 -75.12 -16.82
N LEU AA 254 13.27 -74.51 -15.65
CA LEU AA 254 12.23 -74.96 -14.74
C LEU AA 254 10.91 -74.24 -15.05
N THR AA 255 10.98 -72.96 -15.38
CA THR AA 255 9.78 -72.18 -15.64
C THR AA 255 10.15 -70.96 -16.47
N GLU AA 256 9.35 -70.67 -17.48
CA GLU AA 256 9.49 -69.47 -18.30
C GLU AA 256 8.38 -68.48 -17.95
N LYS AA 257 8.52 -67.27 -18.47
CA LYS AA 257 7.55 -66.21 -18.21
C LYS AA 257 7.82 -65.06 -19.16
N ILE AA 258 6.77 -64.52 -19.74
CA ILE AA 258 6.88 -63.47 -20.75
C ILE AA 258 5.97 -62.32 -20.35
N THR AA 259 6.38 -61.11 -20.69
CA THR AA 259 5.56 -59.92 -20.46
C THR AA 259 5.78 -58.93 -21.59
N PRO AA 260 4.84 -58.80 -22.51
CA PRO AA 260 4.99 -57.84 -23.60
C PRO AA 260 5.04 -56.42 -23.09
N LEU AA 261 5.41 -55.50 -23.99
CA LEU AA 261 5.58 -54.10 -23.62
C LEU AA 261 5.04 -53.19 -24.72
N GLU AA 262 5.38 -51.92 -24.65
CA GLU AA 262 4.92 -50.96 -25.64
C GLU AA 262 6.09 -50.31 -26.38
N SER BA 1 32.98 -63.03 6.63
CA SER BA 1 32.85 -61.65 7.09
C SER BA 1 31.41 -61.16 7.02
N ILE BA 2 31.24 -59.86 7.23
CA ILE BA 2 29.91 -59.26 7.22
C ILE BA 2 29.22 -59.51 5.89
N MET BA 3 29.91 -59.21 4.79
CA MET BA 3 29.35 -59.52 3.47
C MET BA 3 29.14 -61.02 3.32
N SER BA 4 29.96 -61.83 3.98
CA SER BA 4 29.83 -63.28 3.94
C SER BA 4 28.81 -63.79 4.93
N TYR BA 5 28.04 -62.91 5.56
CA TYR BA 5 27.06 -63.37 6.53
C TYR BA 5 25.95 -64.17 5.85
N ASN BA 6 25.32 -63.59 4.82
CA ASN BA 6 24.25 -64.25 4.11
C ASN BA 6 24.65 -64.77 2.74
N GLY BA 7 25.78 -64.32 2.20
CA GLY BA 7 26.19 -64.73 0.87
C GLY BA 7 25.23 -64.22 -0.19
N GLY BA 8 25.48 -64.66 -1.41
CA GLY BA 8 24.65 -64.25 -2.53
C GLY BA 8 25.47 -63.81 -3.72
N ALA BA 9 24.85 -63.73 -4.89
CA ALA BA 9 25.56 -63.38 -6.10
C ALA BA 9 24.60 -62.70 -7.06
N VAL BA 10 25.09 -61.68 -7.76
CA VAL BA 10 24.31 -60.93 -8.73
C VAL BA 10 25.18 -60.71 -9.95
N MET BA 11 24.66 -61.06 -11.13
CA MET BA 11 25.43 -60.94 -12.36
C MET BA 11 24.61 -60.24 -13.42
N ALA BA 12 25.28 -59.43 -14.23
CA ALA BA 12 24.65 -58.75 -15.35
C ALA BA 12 25.59 -58.78 -16.55
N MET BA 13 25.00 -58.85 -17.74
CA MET BA 13 25.78 -58.94 -18.97
C MET BA 13 25.05 -58.21 -20.07
N LYS BA 14 25.79 -57.53 -20.93
CA LYS BA 14 25.22 -56.83 -22.06
C LYS BA 14 25.37 -57.67 -23.32
N GLY BA 15 24.29 -57.78 -24.08
CA GLY BA 15 24.30 -58.57 -25.30
C GLY BA 15 24.37 -57.71 -26.54
N LYS BA 16 23.86 -58.23 -27.65
CA LYS BA 16 23.84 -57.44 -28.88
C LYS BA 16 22.98 -56.19 -28.73
N ASN BA 17 21.70 -56.37 -28.48
CA ASN BA 17 20.80 -55.25 -28.27
C ASN BA 17 19.88 -55.45 -27.08
N CYS BA 18 19.90 -56.63 -26.47
CA CYS BA 18 19.18 -56.93 -25.26
C CYS BA 18 20.17 -57.02 -24.11
N VAL BA 19 19.65 -57.05 -22.88
CA VAL BA 19 20.51 -57.09 -21.71
C VAL BA 19 20.01 -58.17 -20.77
N ALA BA 20 20.95 -58.77 -20.03
CA ALA BA 20 20.66 -59.91 -19.19
C ALA BA 20 21.10 -59.65 -17.76
N ILE BA 21 20.34 -60.19 -16.83
CA ILE BA 21 20.61 -60.09 -15.40
C ILE BA 21 20.17 -61.38 -14.75
N ALA BA 22 20.79 -61.74 -13.63
CA ALA BA 22 20.38 -62.96 -12.95
C ALA BA 22 21.01 -63.02 -11.57
N ALA BA 23 20.39 -63.83 -10.71
CA ALA BA 23 20.88 -64.01 -9.36
C ALA BA 23 20.47 -65.38 -8.86
N ASP BA 24 20.99 -65.74 -7.69
CA ASP BA 24 20.72 -67.02 -7.08
C ASP BA 24 19.43 -66.94 -6.26
N ARG BA 25 19.16 -67.96 -5.47
CA ARG BA 25 17.92 -68.05 -4.72
C ARG BA 25 18.09 -68.47 -3.28
N ARG BA 26 19.30 -68.79 -2.84
CA ARG BA 26 19.50 -69.31 -1.49
C ARG BA 26 19.34 -68.20 -0.46
N PHE BA 27 18.94 -68.57 0.75
CA PHE BA 27 18.83 -67.66 1.87
C PHE BA 27 19.10 -68.42 3.15
N GLY BA 28 20.21 -68.13 3.81
CA GLY BA 28 20.57 -68.82 5.03
C GLY BA 28 21.40 -67.95 5.96
N ILE BA 29 21.80 -68.54 7.08
CA ILE BA 29 22.63 -67.85 8.06
C ILE BA 29 23.87 -68.71 8.28
N GLN BA 30 24.87 -68.51 7.43
CA GLN BA 30 26.24 -68.96 7.62
C GLN BA 30 26.46 -70.47 7.51
N ALA BA 31 25.42 -71.26 7.68
CA ALA BA 31 25.50 -72.68 7.35
C ALA BA 31 24.15 -73.20 6.90
N GLN BA 32 23.12 -72.42 7.21
CA GLN BA 32 21.76 -72.94 7.36
C GLN BA 32 20.81 -72.09 6.53
N MET BA 33 20.43 -72.59 5.36
CA MET BA 33 19.46 -71.89 4.55
C MET BA 33 18.13 -71.79 5.28
N VAL BA 34 17.28 -70.89 4.81
CA VAL BA 34 15.94 -70.71 5.33
C VAL BA 34 14.90 -70.87 4.24
N THR BA 35 15.14 -70.27 3.08
CA THR BA 35 14.22 -70.39 1.96
C THR BA 35 15.02 -70.43 0.67
N THR BA 36 14.29 -70.49 -0.44
CA THR BA 36 14.89 -70.47 -1.78
C THR BA 36 14.20 -69.45 -2.67
N ASP BA 37 13.38 -68.58 -2.09
CA ASP BA 37 12.56 -67.66 -2.85
C ASP BA 37 12.86 -66.22 -2.46
N PHE BA 38 13.95 -66.00 -1.74
CA PHE BA 38 14.31 -64.67 -1.31
C PHE BA 38 14.66 -63.82 -2.53
N GLN BA 39 13.85 -62.80 -2.79
CA GLN BA 39 14.03 -61.99 -3.99
C GLN BA 39 15.23 -61.07 -3.84
N LYS BA 40 15.98 -60.91 -4.94
CA LYS BA 40 17.10 -60.00 -4.98
C LYS BA 40 17.10 -59.11 -6.20
N ILE BA 41 16.36 -59.45 -7.24
CA ILE BA 41 16.21 -58.62 -8.43
C ILE BA 41 14.92 -57.83 -8.27
N PHE BA 42 14.95 -56.56 -8.61
CA PHE BA 42 13.84 -55.68 -8.33
C PHE BA 42 13.61 -54.72 -9.48
N PRO BA 43 12.36 -54.53 -9.91
CA PRO BA 43 12.09 -53.68 -11.07
C PRO BA 43 12.13 -52.21 -10.69
N MET BA 44 12.64 -51.40 -11.62
CA MET BA 44 12.63 -49.94 -11.48
C MET BA 44 12.30 -49.39 -12.86
N GLY BA 45 11.02 -49.08 -13.07
CA GLY BA 45 10.56 -48.73 -14.39
C GLY BA 45 10.60 -49.93 -15.32
N ASP BA 46 10.19 -49.69 -16.55
CA ASP BA 46 10.15 -50.75 -17.55
C ASP BA 46 11.49 -50.83 -18.26
N ARG BA 47 11.92 -52.05 -18.56
CA ARG BA 47 13.20 -52.28 -19.23
C ARG BA 47 14.36 -51.79 -18.38
N LEU BA 48 14.23 -51.86 -17.06
CA LEU BA 48 15.29 -51.40 -16.16
C LEU BA 48 15.10 -52.04 -14.80
N TYR BA 49 16.00 -52.94 -14.44
CA TYR BA 49 15.99 -53.60 -13.14
C TYR BA 49 17.26 -53.27 -12.38
N ILE BA 50 17.22 -53.55 -11.08
CA ILE BA 50 18.39 -53.39 -10.22
C ILE BA 50 18.47 -54.60 -9.31
N GLY BA 51 19.71 -55.04 -9.05
CA GLY BA 51 19.96 -56.15 -8.15
C GLY BA 51 20.89 -55.73 -7.04
N LEU BA 52 20.76 -56.39 -5.90
CA LEU BA 52 21.58 -56.11 -4.73
C LEU BA 52 22.14 -57.41 -4.17
N ALA BA 53 23.25 -57.28 -3.44
CA ALA BA 53 23.88 -58.44 -2.81
C ALA BA 53 24.60 -57.98 -1.57
N GLY BA 54 24.80 -58.93 -0.64
CA GLY BA 54 25.48 -58.66 0.61
C GLY BA 54 24.57 -58.94 1.80
N LEU BA 55 24.32 -57.92 2.59
CA LEU BA 55 23.49 -58.08 3.78
C LEU BA 55 22.02 -57.94 3.44
N ALA BA 56 21.23 -58.94 3.84
CA ALA BA 56 19.82 -58.97 3.50
C ALA BA 56 19.07 -57.74 4.00
N THR BA 57 19.34 -57.31 5.23
CA THR BA 57 18.57 -56.20 5.79
C THR BA 57 18.84 -54.91 5.05
N ASP BA 58 20.11 -54.61 4.77
CA ASP BA 58 20.41 -53.50 3.88
C ASP BA 58 19.77 -53.68 2.52
N VAL BA 59 19.63 -54.91 2.04
CA VAL BA 59 18.94 -55.15 0.79
C VAL BA 59 17.50 -54.66 0.86
N GLN BA 60 16.71 -55.25 1.76
CA GLN BA 60 15.31 -54.90 1.88
C GLN BA 60 15.09 -53.44 2.27
N THR BA 61 16.08 -52.81 2.90
CA THR BA 61 15.91 -51.41 3.27
C THR BA 61 16.20 -50.51 2.07
N VAL BA 62 17.37 -50.69 1.46
CA VAL BA 62 17.77 -49.87 0.33
C VAL BA 62 16.79 -50.01 -0.82
N ALA BA 63 16.28 -51.22 -1.06
CA ALA BA 63 15.29 -51.41 -2.10
C ALA BA 63 14.05 -50.57 -1.86
N GLN BA 64 13.72 -50.31 -0.61
CA GLN BA 64 12.54 -49.51 -0.29
C GLN BA 64 12.83 -48.02 -0.31
N ARG BA 65 13.98 -47.59 0.19
CA ARG BA 65 14.34 -46.18 0.11
C ARG BA 65 14.46 -45.74 -1.35
N LEU BA 66 15.17 -46.52 -2.16
CA LEU BA 66 15.38 -46.17 -3.55
C LEU BA 66 14.05 -46.02 -4.28
N LYS BA 67 13.15 -46.99 -4.10
CA LYS BA 67 11.81 -46.84 -4.62
C LYS BA 67 11.14 -45.58 -4.09
N PHE BA 68 11.37 -45.28 -2.80
CA PHE BA 68 10.77 -44.10 -2.19
C PHE BA 68 11.12 -42.83 -2.95
N ARG BA 69 12.42 -42.53 -3.05
CA ARG BA 69 12.82 -41.35 -3.80
C ARG BA 69 12.43 -41.44 -5.26
N LEU BA 70 12.48 -42.64 -5.84
CA LEU BA 70 12.20 -42.80 -7.26
C LEU BA 70 10.78 -42.37 -7.61
N ASN BA 71 9.80 -42.81 -6.82
CA ASN BA 71 8.42 -42.42 -7.09
C ASN BA 71 8.25 -40.92 -7.00
N LEU BA 72 8.86 -40.29 -6.00
CA LEU BA 72 8.84 -38.83 -5.91
C LEU BA 72 9.44 -38.18 -7.15
N TYR BA 73 10.52 -38.77 -7.68
CA TYR BA 73 11.12 -38.23 -8.89
C TYR BA 73 10.15 -38.32 -10.06
N GLU BA 74 9.61 -39.51 -10.32
CA GLU BA 74 8.71 -39.69 -11.45
C GLU BA 74 7.37 -39.00 -11.26
N LEU BA 75 7.10 -38.45 -10.08
CA LEU BA 75 5.93 -37.60 -9.91
C LEU BA 75 6.25 -36.13 -10.07
N LYS BA 76 7.42 -35.68 -9.61
CA LYS BA 76 7.81 -34.31 -9.87
C LYS BA 76 8.01 -34.08 -11.36
N GLU BA 77 8.78 -34.95 -12.01
CA GLU BA 77 8.87 -34.92 -13.45
C GLU BA 77 7.81 -35.85 -14.04
N GLY BA 78 7.48 -35.61 -15.30
CA GLY BA 78 6.50 -36.44 -15.96
C GLY BA 78 7.13 -37.66 -16.59
N ARG BA 79 8.34 -37.50 -17.08
CA ARG BA 79 9.03 -38.57 -17.80
C ARG BA 79 9.41 -39.69 -16.83
N GLN BA 80 10.00 -40.74 -17.38
CA GLN BA 80 10.60 -41.78 -16.57
C GLN BA 80 12.04 -41.38 -16.24
N ILE BA 81 12.72 -42.23 -15.49
CA ILE BA 81 14.09 -41.96 -15.06
C ILE BA 81 15.04 -42.56 -16.07
N LYS BA 82 16.20 -41.96 -16.21
CA LYS BA 82 17.23 -42.49 -17.08
C LYS BA 82 18.30 -43.21 -16.28
N PRO BA 83 19.03 -44.12 -16.92
CA PRO BA 83 19.97 -44.97 -16.17
C PRO BA 83 21.04 -44.22 -15.42
N TYR BA 84 21.72 -43.26 -16.08
CA TYR BA 84 22.72 -42.48 -15.37
C TYR BA 84 22.12 -41.71 -14.20
N THR BA 85 20.92 -41.19 -14.39
CA THR BA 85 20.23 -40.52 -13.29
C THR BA 85 20.04 -41.46 -12.11
N LEU BA 86 19.54 -42.66 -12.38
CA LEU BA 86 19.37 -43.65 -11.32
C LEU BA 86 20.69 -43.95 -10.62
N MET BA 87 21.77 -44.10 -11.40
CA MET BA 87 23.07 -44.37 -10.82
C MET BA 87 23.50 -43.25 -9.89
N SER BA 88 23.37 -42.00 -10.35
CA SER BA 88 23.70 -40.85 -9.51
C SER BA 88 22.90 -40.85 -8.22
N MET BA 89 21.61 -41.17 -8.29
CA MET BA 89 20.81 -41.24 -7.07
C MET BA 89 21.35 -42.31 -6.13
N VAL BA 90 21.63 -43.50 -6.67
CA VAL BA 90 22.07 -44.62 -5.84
C VAL BA 90 23.37 -44.28 -5.14
N ALA BA 91 24.37 -43.84 -5.90
CA ALA BA 91 25.63 -43.44 -5.28
C ALA BA 91 25.45 -42.31 -4.30
N ASN BA 92 24.49 -41.42 -4.56
CA ASN BA 92 24.20 -40.34 -3.63
C ASN BA 92 23.75 -40.90 -2.29
N LEU BA 93 22.69 -41.71 -2.29
CA LEU BA 93 22.18 -42.22 -1.03
C LEU BA 93 23.20 -43.13 -0.34
N LEU BA 94 23.99 -43.87 -1.12
CA LEU BA 94 25.04 -44.67 -0.52
C LEU BA 94 26.06 -43.81 0.20
N TYR BA 95 26.58 -42.78 -0.47
CA TYR BA 95 27.52 -41.88 0.15
C TYR BA 95 26.93 -41.14 1.34
N GLU BA 96 25.60 -41.04 1.41
CA GLU BA 96 24.94 -40.44 2.56
C GLU BA 96 25.42 -41.09 3.86
N LYS BA 97 25.45 -42.42 3.90
CA LYS BA 97 25.96 -43.13 5.08
C LYS BA 97 27.47 -43.33 4.94
N ARG BA 98 28.17 -42.21 4.87
CA ARG BA 98 29.61 -42.25 4.63
C ARG BA 98 30.35 -42.97 5.76
N PHE BA 99 29.76 -43.00 6.95
CA PHE BA 99 30.37 -43.67 8.08
C PHE BA 99 29.53 -44.80 8.65
N GLY BA 100 28.21 -44.75 8.49
CA GLY BA 100 27.36 -45.87 8.76
C GLY BA 100 26.99 -46.64 7.50
N PRO BA 101 27.97 -47.26 6.85
CA PRO BA 101 27.73 -47.77 5.49
C PRO BA 101 26.79 -48.95 5.48
N TYR BA 102 25.90 -48.94 4.51
CA TYR BA 102 25.10 -50.13 4.22
C TYR BA 102 26.01 -51.22 3.66
N TYR BA 103 25.63 -52.46 3.88
CA TYR BA 103 26.46 -53.59 3.50
C TYR BA 103 25.81 -54.30 2.32
N THR BA 104 26.19 -53.88 1.12
CA THR BA 104 25.68 -54.46 -0.11
C THR BA 104 26.47 -53.91 -1.28
N GLU BA 105 26.13 -54.37 -2.47
CA GLU BA 105 26.76 -53.90 -3.70
C GLU BA 105 25.73 -53.86 -4.81
N PRO BA 106 25.32 -52.67 -5.23
CA PRO BA 106 24.25 -52.56 -6.22
C PRO BA 106 24.77 -52.76 -7.64
N VAL BA 107 23.88 -53.32 -8.47
CA VAL BA 107 24.14 -53.51 -9.88
C VAL BA 107 22.90 -53.07 -10.65
N ILE BA 108 23.07 -52.07 -11.51
CA ILE BA 108 21.97 -51.51 -12.30
C ILE BA 108 22.04 -52.07 -13.71
N ALA BA 109 20.90 -52.49 -14.23
CA ALA BA 109 20.79 -52.93 -15.61
C ALA BA 109 19.55 -52.31 -16.23
N GLY BA 110 19.63 -52.00 -17.51
CA GLY BA 110 18.48 -51.45 -18.20
C GLY BA 110 18.83 -51.08 -19.62
N LEU BA 111 17.80 -50.59 -20.32
CA LEU BA 111 17.94 -50.14 -21.70
C LEU BA 111 17.62 -48.65 -21.78
N ASP BA 112 17.89 -48.08 -22.95
CA ASP BA 112 17.54 -46.70 -23.20
C ASP BA 112 16.03 -46.52 -23.08
N PRO BA 113 15.57 -45.51 -22.34
CA PRO BA 113 14.13 -45.18 -22.37
C PRO BA 113 13.65 -44.65 -23.71
N LYS BA 114 14.55 -44.27 -24.61
CA LYS BA 114 14.18 -43.82 -25.94
C LYS BA 114 14.55 -44.80 -27.03
N THR BA 115 15.77 -45.31 -27.00
CA THR BA 115 16.25 -46.29 -27.95
C THR BA 115 16.32 -47.64 -27.25
N PHE BA 116 16.85 -48.63 -27.95
CA PHE BA 116 17.12 -49.93 -27.35
C PHE BA 116 18.49 -49.99 -26.71
N LYS BA 117 19.09 -48.84 -26.40
CA LYS BA 117 20.47 -48.81 -25.97
C LYS BA 117 20.67 -49.56 -24.66
N PRO BA 118 21.55 -50.55 -24.62
CA PRO BA 118 21.79 -51.27 -23.37
C PRO BA 118 22.63 -50.44 -22.42
N PHE BA 119 22.59 -50.84 -21.15
CA PHE BA 119 23.35 -50.12 -20.12
C PHE BA 119 23.40 -50.97 -18.86
N ILE BA 120 24.60 -51.07 -18.29
CA ILE BA 120 24.82 -51.79 -17.04
C ILE BA 120 25.81 -50.97 -16.22
N CYS BA 121 25.83 -51.23 -14.91
CA CYS BA 121 26.83 -50.59 -14.06
C CYS BA 121 26.81 -51.26 -12.70
N SER BA 122 27.91 -51.06 -11.96
CA SER BA 122 28.08 -51.63 -10.64
C SER BA 122 28.60 -50.55 -9.71
N LEU BA 123 28.22 -50.67 -8.44
CA LEU BA 123 28.64 -49.69 -7.44
C LEU BA 123 29.29 -50.39 -6.25
N ASP BA 124 30.10 -49.63 -5.52
CA ASP BA 124 30.74 -50.12 -4.32
C ASP BA 124 29.87 -49.86 -3.11
N LEU BA 125 30.23 -50.46 -1.97
CA LEU BA 125 29.45 -50.30 -0.76
C LEU BA 125 29.43 -48.87 -0.26
N ILE BA 126 30.39 -48.04 -0.69
CA ILE BA 126 30.38 -46.62 -0.38
C ILE BA 126 29.82 -45.78 -1.51
N GLY BA 127 29.74 -46.32 -2.72
CA GLY BA 127 29.07 -45.63 -3.80
C GLY BA 127 29.96 -45.27 -4.98
N CYS BA 128 31.10 -45.92 -5.10
CA CYS BA 128 31.98 -45.66 -6.24
C CYS BA 128 31.36 -46.23 -7.50
N PRO BA 129 30.94 -45.41 -8.45
CA PRO BA 129 30.30 -45.93 -9.66
C PRO BA 129 31.32 -46.54 -10.61
N MET BA 130 30.82 -47.41 -11.48
CA MET BA 130 31.64 -48.03 -12.50
C MET BA 130 30.72 -48.61 -13.57
N VAL BA 131 30.91 -48.19 -14.81
CA VAL BA 131 30.09 -48.65 -15.93
C VAL BA 131 30.99 -49.38 -16.93
N THR BA 132 30.47 -50.45 -17.49
CA THR BA 132 31.22 -51.23 -18.47
C THR BA 132 30.32 -51.58 -19.65
N ASP BA 133 30.75 -52.53 -20.47
CA ASP BA 133 29.98 -52.91 -21.65
C ASP BA 133 29.76 -54.40 -21.79
N ASP BA 134 30.43 -55.23 -21.01
CA ASP BA 134 30.35 -56.67 -21.15
C ASP BA 134 29.58 -57.33 -20.02
N PHE BA 135 29.88 -57.00 -18.78
CA PHE BA 135 29.25 -57.65 -17.64
C PHE BA 135 29.77 -57.04 -16.35
N VAL BA 136 29.02 -57.25 -15.28
CA VAL BA 136 29.43 -56.86 -13.94
C VAL BA 136 28.90 -57.91 -12.97
N VAL BA 137 29.67 -58.17 -11.91
CA VAL BA 137 29.33 -59.18 -10.93
C VAL BA 137 29.44 -58.58 -9.54
N SER BA 138 28.79 -59.23 -8.58
CA SER BA 138 28.89 -58.81 -7.19
C SER BA 138 28.41 -59.93 -6.29
N GLY BA 139 28.91 -59.93 -5.07
CA GLY BA 139 28.57 -60.94 -4.09
C GLY BA 139 29.82 -61.62 -3.59
N THR BA 140 29.65 -62.87 -3.16
CA THR BA 140 30.77 -63.60 -2.58
C THR BA 140 31.66 -64.21 -3.65
N CYS BA 141 31.12 -65.10 -4.47
CA CYS BA 141 31.92 -65.87 -5.43
C CYS BA 141 32.17 -65.05 -6.70
N ALA BA 142 32.81 -63.89 -6.50
CA ALA BA 142 33.05 -62.99 -7.61
C ALA BA 142 34.11 -63.55 -8.56
N GLU BA 143 35.22 -64.04 -8.01
CA GLU BA 143 36.32 -64.53 -8.82
C GLU BA 143 35.88 -65.61 -9.79
N GLN BA 144 35.00 -66.49 -9.35
CA GLN BA 144 34.43 -67.50 -10.24
C GLN BA 144 33.70 -66.85 -11.40
N MET BA 145 32.86 -65.86 -11.10
CA MET BA 145 32.14 -65.14 -12.14
C MET BA 145 33.09 -64.51 -13.15
N TYR BA 146 34.18 -63.90 -12.68
CA TYR BA 146 35.20 -63.43 -13.61
C TYR BA 146 35.75 -64.56 -14.46
N GLY BA 147 36.01 -65.72 -13.84
CA GLY BA 147 36.50 -66.85 -14.58
C GLY BA 147 35.58 -67.28 -15.70
N MET BA 148 34.27 -67.20 -15.48
CA MET BA 148 33.33 -67.59 -16.53
C MET BA 148 33.23 -66.51 -17.60
N CYS BA 149 32.85 -65.30 -17.20
CA CYS BA 149 32.57 -64.25 -18.16
C CYS BA 149 33.80 -63.87 -18.98
N GLU BA 150 34.98 -63.84 -18.36
CA GLU BA 150 36.19 -63.56 -19.12
C GLU BA 150 36.55 -64.66 -20.11
N SER BA 151 35.92 -65.82 -20.01
CA SER BA 151 36.21 -66.91 -20.92
C SER BA 151 35.04 -67.26 -21.81
N LEU BA 152 33.90 -66.60 -21.67
CA LEU BA 152 32.73 -66.94 -22.47
C LEU BA 152 32.04 -65.74 -23.11
N TRP BA 153 32.21 -64.54 -22.59
CA TRP BA 153 31.52 -63.39 -23.15
C TRP BA 153 32.05 -63.07 -24.54
N GLU BA 154 31.13 -62.73 -25.44
CA GLU BA 154 31.51 -62.25 -26.75
C GLU BA 154 30.84 -60.90 -27.01
N PRO BA 155 31.34 -60.13 -27.98
CA PRO BA 155 30.87 -58.76 -28.17
C PRO BA 155 29.38 -58.65 -28.49
N ASN BA 156 28.95 -59.31 -29.55
CA ASN BA 156 27.57 -59.20 -30.03
C ASN BA 156 26.95 -60.58 -30.02
N MET BA 157 25.80 -60.71 -29.35
CA MET BA 157 25.16 -62.00 -29.15
C MET BA 157 23.66 -61.82 -29.16
N ASP BA 158 22.95 -62.78 -29.77
CA ASP BA 158 21.50 -62.73 -29.74
C ASP BA 158 21.00 -62.89 -28.31
N PRO BA 159 19.72 -62.62 -28.08
CA PRO BA 159 19.12 -62.97 -26.78
C PRO BA 159 19.30 -64.44 -26.42
N ASP BA 160 19.33 -65.34 -27.41
CA ASP BA 160 19.49 -66.75 -27.11
C ASP BA 160 20.87 -67.06 -26.56
N HIS BA 161 21.91 -66.82 -27.36
CA HIS BA 161 23.26 -67.13 -26.91
C HIS BA 161 23.67 -66.30 -25.70
N LEU BA 162 23.15 -65.08 -25.58
CA LEU BA 162 23.27 -64.37 -24.31
C LEU BA 162 22.68 -65.19 -23.19
N PHE BA 163 21.47 -65.70 -23.40
CA PHE BA 163 20.78 -66.50 -22.38
C PHE BA 163 21.60 -67.71 -21.96
N GLU BA 164 21.95 -68.58 -22.91
CA GLU BA 164 22.72 -69.77 -22.59
C GLU BA 164 24.08 -69.43 -21.99
N THR BA 165 24.75 -68.39 -22.49
CA THR BA 165 26.05 -68.02 -21.97
C THR BA 165 25.96 -67.64 -20.50
N ILE BA 166 25.14 -66.63 -20.18
CA ILE BA 166 24.98 -66.21 -18.80
C ILE BA 166 24.49 -67.35 -17.93
N SER BA 167 23.64 -68.24 -18.46
CA SER BA 167 23.17 -69.37 -17.71
C SER BA 167 24.32 -70.28 -17.31
N GLN BA 168 25.14 -70.67 -18.29
CA GLN BA 168 26.29 -71.50 -18.00
C GLN BA 168 27.25 -70.85 -17.02
N ALA BA 169 27.48 -69.55 -17.15
CA ALA BA 169 28.38 -68.87 -16.23
C ALA BA 169 27.84 -68.93 -14.81
N MET BA 170 26.58 -68.54 -14.61
CA MET BA 170 26.01 -68.56 -13.26
C MET BA 170 26.00 -69.96 -12.66
N LEU BA 171 25.48 -70.94 -13.40
CA LEU BA 171 25.40 -72.29 -12.85
C LEU BA 171 26.76 -72.86 -12.55
N ASN BA 172 27.71 -72.76 -13.48
CA ASN BA 172 29.04 -73.28 -13.23
C ASN BA 172 29.74 -72.57 -12.09
N ALA BA 173 29.44 -71.28 -11.88
CA ALA BA 173 30.10 -70.55 -10.82
C ALA BA 173 29.52 -70.91 -9.45
N VAL BA 174 28.21 -70.78 -9.30
CA VAL BA 174 27.61 -70.99 -7.98
C VAL BA 174 27.78 -72.43 -7.52
N ASP BA 175 27.87 -73.38 -8.46
CA ASP BA 175 28.19 -74.74 -8.09
C ASP BA 175 29.53 -74.83 -7.36
N ARG BA 176 30.51 -74.01 -7.77
CA ARG BA 176 31.77 -73.99 -7.04
C ARG BA 176 31.67 -73.15 -5.78
N ASP BA 177 30.79 -72.14 -5.77
CA ASP BA 177 30.55 -71.41 -4.55
C ASP BA 177 29.82 -72.28 -3.55
N ALA BA 178 30.01 -71.98 -2.27
CA ALA BA 178 29.46 -72.81 -1.20
C ALA BA 178 28.19 -72.21 -0.60
N VAL BA 179 28.23 -70.97 -0.16
CA VAL BA 179 27.15 -70.40 0.63
C VAL BA 179 26.04 -69.87 -0.26
N SER BA 180 26.15 -70.10 -1.56
CA SER BA 180 25.16 -69.61 -2.52
C SER BA 180 24.72 -70.74 -3.41
N GLY BA 181 23.49 -70.63 -3.92
CA GLY BA 181 22.94 -71.64 -4.80
C GLY BA 181 21.45 -71.81 -4.60
N MET BA 182 20.99 -73.05 -4.69
CA MET BA 182 19.60 -73.38 -4.41
C MET BA 182 18.66 -72.72 -5.42
N GLY BA 183 18.92 -72.93 -6.69
CA GLY BA 183 18.07 -72.36 -7.71
C GLY BA 183 18.55 -70.99 -8.13
N VAL BA 184 18.40 -70.70 -9.42
CA VAL BA 184 18.85 -69.44 -10.00
C VAL BA 184 17.72 -68.86 -10.84
N ILE BA 185 17.47 -67.57 -10.65
CA ILE BA 185 16.46 -66.84 -11.41
C ILE BA 185 17.16 -65.89 -12.38
N VAL BA 186 16.56 -65.70 -13.54
CA VAL BA 186 17.17 -64.94 -14.62
C VAL BA 186 16.11 -64.04 -15.26
N HIS BA 187 16.48 -62.79 -15.49
CA HIS BA 187 15.68 -61.85 -16.26
C HIS BA 187 16.47 -61.42 -17.49
N ILE BA 188 15.91 -61.66 -18.67
CA ILE BA 188 16.46 -61.17 -19.92
C ILE BA 188 15.46 -60.19 -20.48
N ILE BA 189 15.92 -59.01 -20.87
CA ILE BA 189 15.01 -57.96 -21.31
C ILE BA 189 15.52 -57.33 -22.60
N GLU BA 190 14.58 -56.76 -23.33
CA GLU BA 190 14.80 -56.18 -24.65
C GLU BA 190 13.87 -54.99 -24.79
N LYS BA 191 13.71 -54.51 -26.03
CA LYS BA 191 12.93 -53.30 -26.25
C LYS BA 191 11.44 -53.54 -26.14
N ASP BA 192 10.99 -54.78 -26.39
CA ASP BA 192 9.58 -55.03 -26.59
C ASP BA 192 8.93 -55.89 -25.51
N LYS BA 193 9.71 -56.56 -24.68
CA LYS BA 193 9.14 -57.44 -23.67
C LYS BA 193 10.19 -57.77 -22.64
N ILE BA 194 9.80 -58.58 -21.67
CA ILE BA 194 10.67 -59.01 -20.58
C ILE BA 194 10.42 -60.49 -20.35
N THR BA 195 11.50 -61.28 -20.38
CA THR BA 195 11.44 -62.71 -20.15
C THR BA 195 12.10 -63.04 -18.82
N THR BA 196 11.53 -63.99 -18.09
CA THR BA 196 12.06 -64.42 -16.81
C THR BA 196 12.00 -65.93 -16.75
N ARG BA 197 13.12 -66.57 -16.39
CA ARG BA 197 13.17 -68.01 -16.32
C ARG BA 197 13.88 -68.45 -15.05
N THR BA 198 13.58 -69.67 -14.63
CA THR BA 198 14.18 -70.29 -13.46
C THR BA 198 14.95 -71.53 -13.90
N LEU BA 199 16.25 -71.54 -13.65
CA LEU BA 199 17.06 -72.64 -14.10
C LEU BA 199 17.03 -73.78 -13.10
N LYS BA 200 17.23 -74.99 -13.61
CA LYS BA 200 17.30 -76.19 -12.79
C LYS BA 200 18.70 -76.29 -12.22
N ALA BA 201 18.88 -75.84 -10.99
CA ALA BA 201 20.18 -75.83 -10.35
C ALA BA 201 20.29 -76.96 -9.35
N ARG BA 202 21.50 -77.18 -8.85
CA ARG BA 202 21.71 -78.17 -7.82
C ARG BA 202 21.17 -77.65 -6.49
N MET BA 203 20.19 -78.35 -5.94
CA MET BA 203 19.60 -77.99 -4.65
C MET BA 203 20.42 -78.52 -3.49
N ASP BA 204 21.63 -79.02 -3.75
CA ASP BA 204 22.49 -79.58 -2.71
C ASP BA 204 23.14 -78.50 -1.87
N MET CA 1 17.81 -70.37 22.58
CA MET CA 1 17.82 -70.92 23.92
C MET CA 1 16.52 -71.65 24.22
N GLU CA 2 15.42 -71.05 23.80
CA GLU CA 2 14.11 -71.69 23.86
C GLU CA 2 13.56 -71.83 22.44
N TYR CA 3 12.52 -72.64 22.30
CA TYR CA 3 12.08 -73.13 21.01
C TYR CA 3 10.78 -72.47 20.59
N LEU CA 4 10.63 -72.28 19.28
CA LEU CA 4 9.36 -71.93 18.67
C LEU CA 4 9.21 -72.70 17.38
N ILE CA 5 8.01 -72.67 16.81
CA ILE CA 5 7.72 -73.43 15.60
C ILE CA 5 6.44 -72.91 14.97
N GLY CA 6 6.45 -72.82 13.64
CA GLY CA 6 5.45 -72.08 12.90
C GLY CA 6 4.79 -72.78 11.72
N ILE CA 7 4.43 -74.06 11.88
CA ILE CA 7 3.90 -74.84 10.76
C ILE CA 7 2.70 -74.14 10.13
N GLN CA 8 2.71 -74.07 8.79
CA GLN CA 8 1.64 -73.43 8.03
C GLN CA 8 0.73 -74.48 7.44
N GLY CA 9 -0.57 -74.21 7.43
CA GLY CA 9 -1.53 -75.08 6.81
C GLY CA 9 -2.12 -74.46 5.56
N PRO CA 10 -2.87 -75.26 4.78
CA PRO CA 10 -3.50 -74.69 3.58
C PRO CA 10 -4.45 -73.55 3.87
N ASP CA 11 -5.12 -73.58 5.02
CA ASP CA 11 -6.01 -72.50 5.42
C ASP CA 11 -5.91 -72.19 6.91
N TYR CA 12 -4.82 -72.57 7.55
CA TYR CA 12 -4.71 -72.45 9.00
C TYR CA 12 -3.24 -72.32 9.36
N VAL CA 13 -2.97 -71.53 10.38
CA VAL CA 13 -1.61 -71.31 10.86
C VAL CA 13 -1.46 -71.99 12.20
N LEU CA 14 -0.61 -73.00 12.26
CA LEU CA 14 -0.37 -73.76 13.48
C LEU CA 14 0.98 -73.35 14.06
N VAL CA 15 0.96 -72.79 15.26
CA VAL CA 15 2.17 -72.33 15.91
C VAL CA 15 2.23 -72.93 17.31
N ALA CA 16 3.45 -73.27 17.73
CA ALA CA 16 3.66 -73.82 19.05
C ALA CA 16 4.72 -73.01 19.77
N SER CA 17 4.87 -73.28 21.05
CA SER CA 17 5.82 -72.57 21.88
C SER CA 17 6.05 -73.39 23.16
N ASP CA 18 6.71 -72.78 24.13
CA ASP CA 18 6.89 -73.37 25.43
C ASP CA 18 6.27 -72.47 26.49
N ARG CA 19 6.58 -72.78 27.75
CA ARG CA 19 6.14 -71.97 28.86
C ARG CA 19 7.26 -71.75 29.88
N VAL CA 20 8.50 -72.03 29.49
CA VAL CA 20 9.62 -71.99 30.42
C VAL CA 20 10.07 -70.55 30.60
N ALA CA 21 10.37 -70.18 31.85
CA ALA CA 21 10.99 -68.91 32.16
C ALA CA 21 12.38 -69.20 32.69
N ALA CA 22 13.39 -68.93 31.86
CA ALA CA 22 14.76 -69.29 32.18
C ALA CA 22 15.28 -68.44 33.35
N SER CA 23 16.44 -68.83 33.85
CA SER CA 23 17.12 -68.14 34.93
C SER CA 23 18.61 -68.37 34.76
N ASN CA 24 19.38 -68.16 35.83
CA ASN CA 24 20.80 -68.47 35.81
C ASN CA 24 21.02 -69.92 35.42
N ILE CA 25 20.58 -70.84 36.26
CA ILE CA 25 20.70 -72.27 35.97
C ILE CA 25 19.38 -72.94 36.31
N VAL CA 26 18.51 -72.20 36.98
CA VAL CA 26 17.31 -72.77 37.54
C VAL CA 26 16.11 -72.35 36.69
N GLN CA 27 14.96 -72.91 36.99
CA GLN CA 27 13.74 -72.69 36.23
C GLN CA 27 12.74 -71.97 37.14
N MET CA 28 12.75 -70.64 37.08
CA MET CA 28 11.90 -69.85 37.99
C MET CA 28 10.43 -70.06 37.68
N LYS CA 29 9.99 -69.67 36.50
CA LYS CA 29 8.62 -69.88 36.06
C LYS CA 29 8.60 -70.95 34.99
N ASP CA 30 7.61 -71.84 35.07
CA ASP CA 30 7.51 -72.98 34.19
C ASP CA 30 6.26 -72.96 33.33
N ASP CA 31 5.47 -71.90 33.41
CA ASP CA 31 4.23 -71.79 32.65
C ASP CA 31 4.15 -70.42 31.99
N HIS CA 32 5.29 -69.94 31.50
CA HIS CA 32 5.36 -68.65 30.84
C HIS CA 32 4.53 -68.67 29.55
N ASP CA 33 4.24 -67.49 29.04
CA ASP CA 33 3.61 -67.31 27.74
C ASP CA 33 4.45 -66.33 26.93
N LYS CA 34 4.84 -66.75 25.72
CA LYS CA 34 5.52 -65.87 24.79
C LYS CA 34 4.58 -65.24 23.79
N MET CA 35 3.31 -65.62 23.82
CA MET CA 35 2.35 -65.28 22.78
C MET CA 35 1.75 -63.92 23.05
N PHE CA 36 1.25 -63.29 21.98
CA PHE CA 36 0.70 -61.94 22.06
C PHE CA 36 -0.39 -61.80 21.01
N LYS CA 37 -1.62 -61.61 21.45
CA LYS CA 37 -2.75 -61.42 20.54
C LYS CA 37 -2.73 -59.99 20.05
N MET CA 38 -2.10 -59.76 18.90
CA MET CA 38 -2.07 -58.42 18.35
C MET CA 38 -3.46 -57.97 17.90
N SER CA 39 -4.20 -58.86 17.28
CA SER CA 39 -5.58 -58.59 16.90
C SER CA 39 -6.29 -59.92 16.67
N GLU CA 40 -7.47 -59.86 16.06
CA GLU CA 40 -8.30 -61.04 15.95
C GLU CA 40 -7.73 -62.07 15.00
N LYS CA 41 -6.81 -61.69 14.12
CA LYS CA 41 -6.23 -62.64 13.17
C LYS CA 41 -4.72 -62.50 13.08
N ILE CA 42 -4.10 -61.93 14.10
CA ILE CA 42 -2.67 -61.64 14.08
C ILE CA 42 -2.08 -61.92 15.44
N LEU CA 43 -1.21 -62.94 15.52
CA LEU CA 43 -0.50 -63.27 16.74
C LEU CA 43 0.96 -62.85 16.63
N LEU CA 44 1.67 -62.96 17.74
CA LEU CA 44 3.10 -62.62 17.75
C LEU CA 44 3.78 -63.25 18.95
N LEU CA 45 4.77 -64.10 18.68
CA LEU CA 45 5.63 -64.62 19.72
C LEU CA 45 6.80 -63.65 19.92
N CYS CA 46 7.80 -64.08 20.67
CA CYS CA 46 9.06 -63.36 20.77
C CYS CA 46 10.07 -64.19 21.52
N VAL CA 47 11.33 -64.11 21.11
CA VAL CA 47 12.42 -64.85 21.74
C VAL CA 47 13.70 -64.04 21.60
N GLY CA 48 14.38 -63.81 22.72
CA GLY CA 48 15.64 -63.08 22.66
C GLY CA 48 16.03 -62.38 23.94
N GLU CA 49 16.31 -61.09 23.83
CA GLU CA 49 16.81 -60.34 24.98
C GLU CA 49 15.70 -60.09 26.00
N ALA CA 50 16.01 -60.44 27.26
CA ALA CA 50 15.00 -60.39 28.32
C ALA CA 50 14.46 -58.99 28.56
N GLY CA 51 15.23 -57.96 28.23
CA GLY CA 51 14.76 -56.60 28.44
C GLY CA 51 13.99 -56.07 27.25
N ASP CA 52 14.22 -56.67 26.08
CA ASP CA 52 13.63 -56.15 24.85
C ASP CA 52 12.33 -56.85 24.47
N THR CA 53 12.26 -58.16 24.69
CA THR CA 53 11.16 -58.98 24.19
C THR CA 53 9.81 -58.44 24.61
N VAL CA 54 9.65 -58.10 25.89
CA VAL CA 54 8.36 -57.62 26.36
C VAL CA 54 8.02 -56.28 25.74
N GLN CA 55 8.91 -55.30 25.92
CA GLN CA 55 8.59 -53.94 25.53
C GLN CA 55 8.36 -53.79 24.04
N PHE CA 56 8.96 -54.64 23.22
CA PHE CA 56 8.78 -54.45 21.78
C PHE CA 56 7.47 -55.06 21.31
N ALA CA 57 7.13 -56.24 21.80
CA ALA CA 57 5.81 -56.79 21.54
C ALA CA 57 4.72 -55.84 22.00
N GLU CA 58 4.87 -55.29 23.20
CA GLU CA 58 3.89 -54.33 23.69
C GLU CA 58 3.83 -53.10 22.79
N TYR CA 59 5.00 -52.55 22.44
CA TYR CA 59 5.02 -51.32 21.65
C TYR CA 59 4.37 -51.52 20.29
N ILE CA 60 4.65 -52.63 19.63
CA ILE CA 60 3.95 -52.90 18.38
C ILE CA 60 2.48 -53.10 18.63
N GLN CA 61 2.13 -53.72 19.77
CA GLN CA 61 0.73 -53.98 20.09
C GLN CA 61 -0.07 -52.70 20.13
N LYS CA 62 0.40 -51.72 20.91
CA LYS CA 62 -0.33 -50.47 21.04
C LYS CA 62 -0.41 -49.74 19.72
N ASN CA 63 0.65 -49.80 18.91
CA ASN CA 63 0.62 -49.13 17.62
C ASN CA 63 -0.42 -49.74 16.69
N VAL CA 64 -0.54 -51.07 16.68
CA VAL CA 64 -1.58 -51.69 15.89
C VAL CA 64 -2.96 -51.29 16.41
N GLN CA 65 -3.11 -51.29 17.74
CA GLN CA 65 -4.36 -50.86 18.34
C GLN CA 65 -4.73 -49.44 17.92
N LEU CA 66 -3.75 -48.55 17.79
CA LEU CA 66 -4.04 -47.23 17.25
C LEU CA 66 -4.59 -47.32 15.84
N TYR CA 67 -3.99 -48.19 15.01
CA TYR CA 67 -4.47 -48.32 13.64
C TYR CA 67 -5.92 -48.74 13.61
N LYS CA 68 -6.24 -49.87 14.22
CA LYS CA 68 -7.62 -50.36 14.16
C LYS CA 68 -8.58 -49.40 14.83
N MET CA 69 -8.18 -48.82 15.96
CA MET CA 69 -9.10 -47.93 16.67
C MET CA 69 -9.31 -46.63 15.92
N ARG CA 70 -8.39 -46.27 15.02
CA ARG CA 70 -8.54 -45.04 14.27
C ARG CA 70 -9.22 -45.25 12.93
N ASN CA 71 -8.66 -46.08 12.07
CA ASN CA 71 -9.26 -46.34 10.76
C ASN CA 71 -10.42 -47.31 10.84
N GLY CA 72 -10.72 -47.85 12.01
CA GLY CA 72 -11.91 -48.66 12.17
C GLY CA 72 -11.80 -50.08 11.67
N TYR CA 73 -10.61 -50.59 11.43
CA TYR CA 73 -10.44 -51.98 11.04
C TYR CA 73 -9.00 -52.40 11.21
N GLU CA 74 -8.76 -53.69 11.07
CA GLU CA 74 -7.48 -54.31 11.38
C GLU CA 74 -6.52 -54.19 10.20
N LEU CA 75 -5.23 -54.17 10.52
CA LEU CA 75 -4.21 -54.21 9.47
C LEU CA 75 -4.18 -55.57 8.79
N SER CA 76 -3.44 -55.64 7.70
CA SER CA 76 -3.14 -56.92 7.10
C SER CA 76 -1.88 -57.50 7.75
N PRO CA 77 -1.77 -58.83 7.78
CA PRO CA 77 -0.57 -59.44 8.36
C PRO CA 77 0.71 -59.02 7.67
N THR CA 78 0.71 -58.93 6.34
CA THR CA 78 1.90 -58.50 5.62
C THR CA 78 2.30 -57.09 6.02
N ALA CA 79 1.34 -56.17 6.03
CA ALA CA 79 1.63 -54.81 6.45
C ALA CA 79 2.15 -54.76 7.87
N ALA CA 80 1.59 -55.59 8.76
CA ALA CA 80 2.08 -55.65 10.13
C ALA CA 80 3.54 -56.07 10.18
N ALA CA 81 3.88 -57.17 9.51
CA ALA CA 81 5.26 -57.61 9.46
C ALA CA 81 6.17 -56.53 8.91
N ASN CA 82 5.73 -55.82 7.88
CA ASN CA 82 6.49 -54.70 7.36
C ASN CA 82 6.70 -53.61 8.39
N PHE CA 83 5.67 -53.26 9.16
CA PHE CA 83 5.82 -52.25 10.19
C PHE CA 83 6.80 -52.67 11.27
N THR CA 84 6.75 -53.95 11.66
CA THR CA 84 7.70 -54.45 12.65
C THR CA 84 9.12 -54.37 12.12
N ARG CA 85 9.37 -54.95 10.93
CA ARG CA 85 10.71 -54.90 10.35
C ARG CA 85 11.18 -53.47 10.17
N ARG CA 86 10.26 -52.56 9.84
CA ARG CA 86 10.60 -51.15 9.83
C ARG CA 86 11.14 -50.70 11.18
N ASN CA 87 10.38 -50.96 12.25
CA ASN CA 87 10.79 -50.44 13.56
C ASN CA 87 12.10 -51.03 14.04
N LEU CA 88 12.31 -52.33 13.82
CA LEU CA 88 13.59 -52.90 14.22
C LEU CA 88 14.74 -52.33 13.41
N ALA CA 89 14.59 -52.31 12.08
CA ALA CA 89 15.66 -51.82 11.24
C ALA CA 89 15.98 -50.36 11.53
N ASP CA 90 14.98 -49.58 11.93
CA ASP CA 90 15.20 -48.18 12.22
C ASP CA 90 16.14 -48.01 13.41
N CYS CA 91 15.81 -48.62 14.53
CA CYS CA 91 16.61 -48.46 15.73
C CYS CA 91 17.77 -49.44 15.79
N LEU CA 92 18.00 -50.22 14.73
CA LEU CA 92 19.18 -51.07 14.69
C LEU CA 92 20.46 -50.23 14.77
N ARG CA 93 20.66 -49.35 13.79
CA ARG CA 93 21.82 -48.45 13.78
C ARG CA 93 21.58 -47.34 14.79
N SER CA 94 21.77 -47.68 16.07
CA SER CA 94 21.54 -46.71 17.13
C SER CA 94 22.39 -47.07 18.34
N ARG CA 95 22.41 -46.16 19.31
CA ARG CA 95 23.02 -46.46 20.59
C ARG CA 95 22.18 -47.41 21.42
N THR CA 96 20.94 -47.66 21.01
CA THR CA 96 20.03 -48.58 21.68
C THR CA 96 19.77 -49.75 20.76
N PRO CA 97 20.73 -50.65 20.58
CA PRO CA 97 20.53 -51.78 19.68
C PRO CA 97 19.50 -52.74 20.25
N TYR CA 98 18.74 -53.34 19.35
CA TYR CA 98 17.66 -54.24 19.72
C TYR CA 98 18.04 -55.67 19.37
N HIS CA 99 17.49 -56.63 20.11
CA HIS CA 99 17.91 -58.03 19.94
C HIS CA 99 16.72 -58.94 20.25
N VAL CA 100 16.00 -59.34 19.20
CA VAL CA 100 14.92 -60.31 19.29
C VAL CA 100 14.89 -61.12 18.01
N ASN CA 101 14.06 -62.17 18.01
CA ASN CA 101 13.95 -63.12 16.91
C ASN CA 101 12.56 -63.73 16.96
N LEU CA 102 11.67 -63.29 16.07
CA LEU CA 102 10.39 -63.97 15.99
C LEU CA 102 9.62 -63.48 14.77
N LEU CA 103 8.81 -64.38 14.23
CA LEU CA 103 7.99 -64.22 13.04
C LEU CA 103 6.64 -63.56 13.30
N LEU CA 104 5.74 -63.66 12.34
CA LEU CA 104 4.34 -63.30 12.52
C LEU CA 104 3.46 -64.38 11.92
N ALA CA 105 2.26 -64.49 12.48
CA ALA CA 105 1.29 -65.49 12.06
C ALA CA 105 -0.07 -64.82 12.06
N GLY CA 106 -0.66 -64.68 10.87
CA GLY CA 106 -1.97 -64.07 10.74
C GLY CA 106 -2.74 -64.73 9.62
N TYR CA 107 -4.05 -64.49 9.64
CA TYR CA 107 -4.96 -65.03 8.65
C TYR CA 107 -5.61 -63.87 7.92
N ASP CA 108 -5.55 -63.90 6.60
CA ASP CA 108 -6.19 -62.87 5.78
C ASP CA 108 -7.59 -63.30 5.39
N GLU CA 109 -8.48 -62.32 5.26
CA GLU CA 109 -9.81 -62.61 4.74
C GLU CA 109 -9.77 -62.86 3.23
N HIS CA 110 -8.69 -62.45 2.58
CA HIS CA 110 -8.53 -62.63 1.14
C HIS CA 110 -7.33 -63.50 0.78
N GLU CA 111 -6.29 -63.47 1.61
CA GLU CA 111 -5.12 -64.30 1.40
C GLU CA 111 -5.05 -65.46 2.39
N GLY CA 112 -6.04 -65.58 3.26
CA GLY CA 112 -6.11 -66.69 4.19
C GLY CA 112 -4.91 -66.73 5.12
N PRO CA 113 -4.27 -67.89 5.19
CA PRO CA 113 -3.12 -68.04 6.08
C PRO CA 113 -1.92 -67.26 5.60
N ALA CA 114 -0.96 -67.08 6.50
CA ALA CA 114 0.27 -66.38 6.18
C ALA CA 114 1.28 -66.58 7.31
N LEU CA 115 2.54 -66.63 6.93
CA LEU CA 115 3.63 -66.80 7.88
C LEU CA 115 4.88 -66.11 7.37
N TYR CA 116 5.52 -65.34 8.23
CA TYR CA 116 6.75 -64.65 7.88
C TYR CA 116 7.87 -65.13 8.79
N TYR CA 117 9.02 -64.47 8.69
CA TYR CA 117 10.15 -64.78 9.55
C TYR CA 117 10.97 -63.51 9.77
N MET CA 118 11.54 -63.40 10.96
CA MET CA 118 12.29 -62.21 11.32
C MET CA 118 13.55 -62.59 12.08
N ASP CA 119 14.60 -61.80 11.85
CA ASP CA 119 15.86 -61.89 12.57
C ASP CA 119 16.08 -60.61 13.36
N TYR CA 120 16.96 -60.68 14.37
CA TYR CA 120 17.38 -59.47 15.04
C TYR CA 120 18.15 -58.54 14.11
N LEU CA 121 18.65 -59.06 13.00
CA LEU CA 121 19.18 -58.23 11.93
C LEU CA 121 18.08 -57.66 11.05
N ALA CA 122 16.82 -57.85 11.42
CA ALA CA 122 15.68 -57.27 10.72
C ALA CA 122 15.61 -57.77 9.27
N ALA CA 123 15.39 -59.06 9.14
CA ALA CA 123 15.22 -59.71 7.85
C ALA CA 123 13.84 -60.33 7.76
N LEU CA 124 13.07 -59.92 6.75
CA LEU CA 124 11.78 -60.51 6.47
C LEU CA 124 11.93 -61.73 5.58
N ALA CA 125 11.02 -62.69 5.75
CA ALA CA 125 11.06 -63.90 4.93
C ALA CA 125 9.71 -64.59 5.02
N LYS CA 126 9.01 -64.67 3.89
CA LYS CA 126 7.81 -65.50 3.80
C LYS CA 126 8.24 -66.96 3.69
N ALA CA 127 7.65 -67.81 4.52
CA ALA CA 127 8.06 -69.21 4.53
C ALA CA 127 6.89 -70.10 4.94
N PRO CA 128 6.90 -71.36 4.50
CA PRO CA 128 5.85 -72.30 4.90
C PRO CA 128 5.99 -72.84 6.30
N PHE CA 129 7.16 -72.70 6.92
CA PHE CA 129 7.38 -73.20 8.26
C PHE CA 129 8.77 -72.77 8.71
N ALA CA 130 8.92 -72.54 10.00
CA ALA CA 130 10.20 -72.10 10.52
C ALA CA 130 10.22 -72.26 12.03
N ALA CA 131 11.40 -72.05 12.60
CA ALA CA 131 11.61 -72.15 14.03
C ALA CA 131 12.82 -71.33 14.42
N HIS CA 132 12.90 -71.01 15.71
CA HIS CA 132 14.04 -70.29 16.27
C HIS CA 132 14.76 -71.19 17.26
N GLY CA 133 15.74 -70.62 17.94
CA GLY CA 133 16.46 -71.34 18.98
C GLY CA 133 17.19 -72.56 18.45
N TYR CA 134 17.85 -73.25 19.37
CA TYR CA 134 18.64 -74.41 19.01
C TYR CA 134 17.80 -75.57 18.54
N GLY CA 135 16.56 -75.68 19.02
CA GLY CA 135 15.70 -76.78 18.64
C GLY CA 135 15.47 -76.90 17.15
N ALA CA 136 15.49 -75.79 16.42
CA ALA CA 136 15.35 -75.85 14.98
C ALA CA 136 16.44 -76.71 14.35
N PHE CA 137 17.65 -76.68 14.92
CA PHE CA 137 18.74 -77.51 14.45
C PHE CA 137 18.40 -79.00 14.47
N LEU CA 138 17.55 -79.43 15.38
CA LEU CA 138 17.17 -80.83 15.48
C LEU CA 138 15.77 -81.09 14.96
N THR CA 139 15.03 -80.04 14.58
CA THR CA 139 13.65 -80.21 14.16
C THR CA 139 13.41 -79.94 12.68
N LEU CA 140 14.19 -79.07 12.05
CA LEU CA 140 13.96 -78.77 10.65
C LEU CA 140 14.14 -79.99 9.75
N SER CA 141 15.00 -80.93 10.12
CA SER CA 141 15.15 -82.15 9.34
C SER CA 141 13.85 -82.94 9.31
N ILE CA 142 13.27 -83.21 10.48
CA ILE CA 142 12.02 -83.97 10.53
C ILE CA 142 10.90 -83.18 9.87
N LEU CA 143 10.73 -81.93 10.27
CA LEU CA 143 9.66 -81.10 9.71
C LEU CA 143 9.77 -80.96 8.21
N ASP CA 144 10.99 -80.82 7.68
CA ASP CA 144 11.17 -80.90 6.24
C ASP CA 144 10.81 -82.27 5.72
N ARG CA 145 11.05 -83.31 6.52
CA ARG CA 145 10.84 -84.67 6.05
C ARG CA 145 9.36 -84.96 5.83
N TYR CA 146 8.56 -84.82 6.88
CA TYR CA 146 7.15 -85.20 6.83
C TYR CA 146 6.25 -84.00 6.54
N TYR CA 147 6.45 -83.34 5.43
CA TYR CA 147 5.64 -82.18 5.08
C TYR CA 147 4.88 -82.43 3.78
N THR CA 148 3.65 -81.94 3.75
CA THR CA 148 2.83 -81.89 2.55
C THR CA 148 2.19 -80.52 2.54
N PRO CA 149 2.25 -79.80 1.41
CA PRO CA 149 1.67 -78.45 1.37
C PRO CA 149 0.18 -78.42 1.62
N THR CA 150 -0.53 -79.53 1.44
CA THR CA 150 -1.96 -79.60 1.64
C THR CA 150 -2.31 -80.49 2.82
N ILE CA 151 -1.48 -80.49 3.84
CA ILE CA 151 -1.68 -81.36 4.99
C ILE CA 151 -2.88 -80.89 5.80
N SER CA 152 -3.63 -81.84 6.34
CA SER CA 152 -4.73 -81.52 7.23
C SER CA 152 -4.18 -81.02 8.56
N ARG CA 153 -5.03 -80.32 9.31
CA ARG CA 153 -4.59 -79.82 10.60
C ARG CA 153 -4.38 -80.93 11.61
N GLU CA 154 -5.15 -82.01 11.53
CA GLU CA 154 -4.95 -83.13 12.43
C GLU CA 154 -3.60 -83.79 12.17
N ARG CA 155 -3.31 -84.08 10.89
CA ARG CA 155 -1.98 -84.52 10.52
C ARG CA 155 -0.92 -83.52 10.95
N ALA CA 156 -1.26 -82.23 10.95
CA ALA CA 156 -0.32 -81.23 11.44
C ALA CA 156 -0.02 -81.46 12.91
N VAL CA 157 -1.05 -81.66 13.72
CA VAL CA 157 -0.85 -81.90 15.15
C VAL CA 157 -0.03 -83.16 15.35
N GLU CA 158 -0.32 -84.20 14.59
CA GLU CA 158 0.45 -85.43 14.70
C GLU CA 158 1.92 -85.19 14.38
N LEU CA 159 2.18 -84.49 13.28
CA LEU CA 159 3.56 -84.15 12.93
C LEU CA 159 4.22 -83.36 14.02
N LEU CA 160 3.48 -82.48 14.69
CA LEU CA 160 4.04 -81.77 15.83
C LEU CA 160 4.38 -82.72 16.95
N ARG CA 161 3.56 -83.74 17.17
CA ARG CA 161 3.93 -84.81 18.09
C ARG CA 161 5.27 -85.42 17.70
N LYS CA 162 5.45 -85.68 16.41
CA LYS CA 162 6.73 -86.23 15.96
C LYS CA 162 7.87 -85.27 16.26
N CYS CA 163 7.67 -83.97 16.03
CA CYS CA 163 8.73 -83.01 16.27
C CYS CA 163 9.08 -82.92 17.75
N LEU CA 164 8.09 -82.93 18.62
CA LEU CA 164 8.31 -82.81 20.05
C LEU CA 164 8.88 -84.06 20.69
N GLU CA 165 8.51 -85.25 20.20
CA GLU CA 165 9.08 -86.46 20.75
C GLU CA 165 10.58 -86.53 20.56
N GLU CA 166 11.07 -86.20 19.37
CA GLU CA 166 12.51 -86.12 19.14
C GLU CA 166 13.16 -85.02 19.96
N LEU CA 167 12.39 -84.01 20.37
CA LEU CA 167 12.94 -82.94 21.19
C LEU CA 167 13.52 -83.49 22.48
N GLN CA 168 12.67 -84.10 23.31
CA GLN CA 168 13.13 -84.63 24.60
C GLN CA 168 13.78 -85.99 24.44
N LYS CA 169 14.71 -86.08 23.52
CA LYS CA 169 15.53 -87.28 23.37
C LYS CA 169 17.02 -86.96 23.29
N ARG CA 170 17.38 -85.84 22.66
CA ARG CA 170 18.78 -85.54 22.41
C ARG CA 170 19.08 -84.08 22.74
N PHE CA 171 18.51 -83.58 23.82
CA PHE CA 171 18.77 -82.23 24.26
C PHE CA 171 19.62 -82.24 25.53
N ILE CA 172 19.95 -81.04 25.97
CA ILE CA 172 20.55 -80.84 27.27
C ILE CA 172 19.62 -80.02 28.17
N LEU CA 173 18.34 -79.99 27.85
CA LEU CA 173 17.38 -79.09 28.47
C LEU CA 173 16.25 -79.90 29.10
N ASN CA 174 15.33 -79.19 29.74
CA ASN CA 174 14.16 -79.87 30.29
C ASN CA 174 12.98 -79.79 29.34
N LEU CA 175 12.48 -78.57 29.10
CA LEU CA 175 11.35 -78.28 28.22
C LEU CA 175 10.18 -79.22 28.48
N PRO CA 176 9.51 -79.09 29.61
CA PRO CA 176 8.45 -80.06 29.95
C PRO CA 176 7.16 -79.88 29.17
N THR CA 177 6.71 -78.64 29.01
CA THR CA 177 5.38 -78.35 28.51
C THR CA 177 5.44 -77.28 27.42
N PHE CA 178 4.55 -77.41 26.44
CA PHE CA 178 4.51 -76.53 25.28
C PHE CA 178 3.09 -76.04 25.03
N SER CA 179 2.93 -74.72 24.96
CA SER CA 179 1.66 -74.12 24.59
C SER CA 179 1.49 -74.15 23.08
N VAL CA 180 0.24 -74.10 22.62
CA VAL CA 180 -0.08 -74.27 21.21
C VAL CA 180 -1.22 -73.32 20.86
N ARG CA 181 -1.23 -72.84 19.61
CA ARG CA 181 -2.35 -72.08 19.07
C ARG CA 181 -2.70 -72.57 17.67
N ILE CA 182 -3.66 -71.88 17.06
CA ILE CA 182 -4.05 -72.18 15.68
C ILE CA 182 -4.90 -71.02 15.17
N ILE CA 183 -4.80 -70.75 13.88
CA ILE CA 183 -5.50 -69.65 13.24
C ILE CA 183 -6.22 -70.19 12.02
N ASP CA 184 -7.44 -69.67 11.78
CA ASP CA 184 -8.28 -70.11 10.68
C ASP CA 184 -9.04 -68.90 10.18
N LYS CA 185 -10.10 -69.16 9.40
CA LYS CA 185 -11.03 -68.10 9.07
C LYS CA 185 -11.72 -67.55 10.30
N ASN CA 186 -11.89 -68.36 11.34
CA ASN CA 186 -12.51 -67.91 12.57
C ASN CA 186 -11.53 -67.20 13.49
N GLY CA 187 -10.27 -67.12 13.12
CA GLY CA 187 -9.30 -66.40 13.93
C GLY CA 187 -8.53 -67.29 14.88
N ILE CA 188 -8.49 -66.88 16.14
CA ILE CA 188 -7.66 -67.55 17.14
C ILE CA 188 -8.40 -68.74 17.70
N HIS CA 189 -7.69 -69.84 17.91
CA HIS CA 189 -8.21 -71.01 18.58
C HIS CA 189 -7.11 -71.65 19.39
N ASP CA 190 -7.36 -71.84 20.68
CA ASP CA 190 -6.39 -72.43 21.58
C ASP CA 190 -6.65 -73.93 21.70
N LEU CA 191 -5.58 -74.71 21.56
CA LEU CA 191 -5.67 -76.13 21.81
C LEU CA 191 -5.21 -76.44 23.22
N ASP CA 192 -5.12 -77.73 23.55
CA ASP CA 192 -4.62 -78.13 24.84
C ASP CA 192 -3.15 -77.78 24.99
N ASN CA 193 -2.69 -77.71 26.23
CA ASN CA 193 -1.29 -77.46 26.53
C ASN CA 193 -0.55 -78.78 26.49
N ILE CA 194 0.27 -78.97 25.46
CA ILE CA 194 1.08 -80.17 25.33
C ILE CA 194 2.05 -80.21 26.50
N SER CA 195 2.48 -81.41 26.88
CA SER CA 195 3.39 -81.57 28.00
C SER CA 195 4.01 -82.96 27.96
N PHE CA 196 4.88 -83.23 28.92
CA PHE CA 196 5.47 -84.55 29.07
C PHE CA 196 5.64 -84.87 30.55
N PRO CA 197 4.90 -85.85 31.06
CA PRO CA 197 5.06 -86.24 32.46
C PRO CA 197 6.47 -86.74 32.76
N LYS CA 198 6.74 -86.87 34.06
CA LYS CA 198 8.07 -87.28 34.52
C LYS CA 198 8.12 -88.74 34.93
N GLN CA 199 7.00 -89.32 35.33
CA GLN CA 199 6.98 -90.71 35.76
C GLN CA 199 6.03 -91.53 34.90
N THR DA 59 23.40 -63.20 51.09
CA THR DA 59 22.17 -62.55 50.67
C THR DA 59 21.16 -63.57 50.15
N THR DA 60 20.00 -63.61 50.78
CA THR DA 60 18.97 -64.56 50.36
C THR DA 60 17.60 -64.04 50.79
N THR DA 61 16.66 -64.09 49.86
CA THR DA 61 15.29 -63.68 50.06
C THR DA 61 14.36 -64.69 49.41
N LEU DA 62 13.13 -64.76 49.92
CA LEU DA 62 12.12 -65.62 49.30
C LEU DA 62 10.76 -65.16 49.76
N ALA DA 63 9.76 -65.44 48.92
CA ALA DA 63 8.39 -65.09 49.21
C ALA DA 63 7.47 -65.98 48.39
N PHE DA 64 6.25 -66.17 48.87
CA PHE DA 64 5.32 -67.06 48.20
C PHE DA 64 3.93 -66.80 48.73
N LYS DA 65 2.95 -66.86 47.83
CA LYS DA 65 1.56 -66.67 48.18
C LYS DA 65 0.89 -68.02 48.39
N PHE DA 66 -0.16 -68.02 49.21
CA PHE DA 66 -0.91 -69.22 49.51
C PHE DA 66 -2.34 -68.80 49.83
N ARG DA 67 -3.09 -69.70 50.47
CA ARG DA 67 -4.47 -69.41 50.84
C ARG DA 67 -4.58 -68.12 51.64
N HIS DA 68 -3.82 -68.01 52.73
CA HIS DA 68 -3.95 -66.88 53.63
C HIS DA 68 -2.85 -65.84 53.37
N GLY DA 69 -2.96 -65.18 52.22
CA GLY DA 69 -2.04 -64.12 51.91
C GLY DA 69 -0.68 -64.66 51.47
N VAL DA 70 0.33 -63.80 51.63
CA VAL DA 70 1.67 -64.06 51.12
C VAL DA 70 2.68 -63.96 52.25
N ILE DA 71 3.72 -64.78 52.18
CA ILE DA 71 4.79 -64.79 53.16
C ILE DA 71 6.06 -64.26 52.49
N VAL DA 72 6.81 -63.45 53.23
CA VAL DA 72 8.08 -62.91 52.76
C VAL DA 72 9.10 -63.07 53.88
N ALA DA 73 10.32 -63.46 53.51
CA ALA DA 73 11.39 -63.63 54.49
C ALA DA 73 12.73 -63.43 53.81
N ALA DA 74 13.69 -62.95 54.59
CA ALA DA 74 15.02 -62.73 54.03
C ALA DA 74 16.04 -62.65 55.16
N ASP DA 75 17.30 -62.86 54.78
CA ASP DA 75 18.40 -62.80 55.74
C ASP DA 75 18.69 -61.35 56.10
N SER DA 76 19.73 -61.13 56.89
CA SER DA 76 20.06 -59.78 57.35
C SER DA 76 21.52 -59.42 57.15
N ARG DA 77 22.32 -60.27 56.51
CA ARG DA 77 23.74 -60.08 56.41
C ARG DA 77 24.09 -59.25 55.18
N ALA DA 78 25.02 -58.32 55.33
CA ALA DA 78 25.55 -57.52 54.24
C ALA DA 78 27.06 -57.57 54.29
N THR DA 79 27.68 -57.75 53.13
CA THR DA 79 29.10 -58.01 53.05
C THR DA 79 29.80 -56.94 52.22
N ALA DA 80 31.12 -57.02 52.19
CA ALA DA 80 31.96 -56.16 51.35
C ALA DA 80 33.18 -56.98 50.97
N GLY DA 81 33.14 -57.56 49.77
CA GLY DA 81 34.19 -58.47 49.34
C GLY DA 81 34.32 -59.64 50.28
N ALA DA 82 35.45 -59.73 50.98
CA ALA DA 82 35.66 -60.74 52.00
C ALA DA 82 35.36 -60.21 53.39
N TYR DA 83 34.98 -58.94 53.51
CA TYR DA 83 34.74 -58.31 54.80
C TYR DA 83 33.24 -58.19 55.05
N ILE DA 84 32.83 -58.50 56.27
CA ILE DA 84 31.42 -58.41 56.67
C ILE DA 84 31.13 -56.98 57.06
N ALA DA 85 30.21 -56.34 56.33
CA ALA DA 85 29.86 -54.96 56.63
C ALA DA 85 29.04 -54.86 57.91
N SER DA 86 27.85 -55.46 57.90
CA SER DA 86 26.97 -55.39 59.06
C SER DA 86 26.15 -56.66 59.14
N GLN DA 87 25.46 -56.82 60.27
CA GLN DA 87 24.59 -57.96 60.48
C GLN DA 87 23.11 -57.58 60.52
N THR DA 88 22.79 -56.29 60.55
CA THR DA 88 21.42 -55.87 60.80
C THR DA 88 20.87 -55.06 59.64
N VAL DA 89 21.08 -55.54 58.42
CA VAL DA 89 20.61 -54.84 57.23
C VAL DA 89 19.19 -55.29 56.94
N LYS DA 90 18.23 -54.38 57.10
CA LYS DA 90 16.83 -54.68 56.82
C LYS DA 90 16.62 -54.69 55.32
N LYS DA 91 16.88 -55.84 54.69
CA LYS DA 91 16.75 -55.94 53.24
C LYS DA 91 15.30 -55.86 52.79
N VAL DA 92 14.34 -56.04 53.69
CA VAL DA 92 12.92 -55.98 53.35
C VAL DA 92 12.51 -54.52 53.39
N ILE DA 93 12.49 -53.88 52.23
CA ILE DA 93 12.12 -52.47 52.15
C ILE DA 93 10.59 -52.36 52.23
N GLU DA 94 10.11 -51.69 53.26
CA GLU DA 94 8.68 -51.45 53.44
C GLU DA 94 8.28 -50.23 52.64
N ILE DA 95 7.29 -50.40 51.77
CA ILE DA 95 6.88 -49.33 50.86
C ILE DA 95 5.62 -48.64 51.35
N ASN DA 96 4.60 -49.42 51.66
CA ASN DA 96 3.34 -48.85 52.09
C ASN DA 96 2.74 -49.69 53.20
N PRO DA 97 1.60 -49.27 53.76
CA PRO DA 97 0.82 -50.17 54.62
C PRO DA 97 0.23 -51.35 53.88
N TYR DA 98 0.35 -51.37 52.56
CA TYR DA 98 -0.24 -52.42 51.75
C TYR DA 98 0.70 -52.88 50.63
N LEU DA 99 1.98 -52.56 50.71
CA LEU DA 99 2.95 -52.94 49.70
C LEU DA 99 4.31 -53.11 50.34
N LEU DA 100 5.05 -54.12 49.87
CA LEU DA 100 6.38 -54.38 50.39
C LEU DA 100 7.29 -54.85 49.26
N GLY DA 101 8.54 -54.42 49.31
CA GLY DA 101 9.50 -54.77 48.28
C GLY DA 101 10.75 -55.38 48.88
N THR DA 102 11.44 -56.15 48.05
CA THR DA 102 12.62 -56.89 48.47
C THR DA 102 13.88 -56.07 48.22
N MET DA 103 15.03 -56.71 48.39
CA MET DA 103 16.32 -56.12 48.06
C MET DA 103 17.27 -57.22 47.64
N ALA DA 104 18.17 -56.91 46.71
CA ALA DA 104 19.14 -57.88 46.25
C ALA DA 104 20.16 -57.17 45.37
N GLY DA 105 21.43 -57.54 45.52
CA GLY DA 105 22.48 -56.95 44.71
C GLY DA 105 22.81 -55.53 45.13
N GLY DA 106 22.58 -54.57 44.23
CA GLY DA 106 22.90 -53.19 44.51
C GLY DA 106 22.04 -52.67 45.65
N ALA DA 107 22.64 -52.51 46.83
CA ALA DA 107 21.87 -52.11 47.99
C ALA DA 107 21.30 -50.71 47.83
N ALA DA 108 22.18 -49.72 47.66
CA ALA DA 108 21.72 -48.35 47.48
C ALA DA 108 20.80 -48.20 46.28
N ASP DA 109 21.06 -48.93 45.20
CA ASP DA 109 20.15 -48.88 44.05
C ASP DA 109 18.76 -49.36 44.43
N CYS DA 110 18.66 -50.54 45.03
CA CYS DA 110 17.36 -51.08 45.40
C CYS DA 110 16.64 -50.17 46.38
N SER DA 111 17.36 -49.57 47.33
CA SER DA 111 16.72 -48.62 48.23
C SER DA 111 16.19 -47.41 47.48
N PHE DA 112 17.07 -46.75 46.73
CA PHE DA 112 16.71 -45.53 46.01
C PHE DA 112 15.54 -45.74 45.08
N TRP DA 113 15.70 -46.62 44.09
CA TRP DA 113 14.68 -46.78 43.07
C TRP DA 113 13.34 -47.20 43.65
N GLU DA 114 13.35 -48.02 44.70
CA GLU DA 114 12.09 -48.41 45.31
C GLU DA 114 11.45 -47.25 46.05
N ARG DA 115 12.26 -46.41 46.71
CA ARG DA 115 11.71 -45.20 47.30
C ARG DA 115 11.03 -44.35 46.24
N LEU DA 116 11.72 -44.11 45.12
CA LEU DA 116 11.13 -43.37 44.02
C LEU DA 116 9.84 -44.02 43.54
N LEU DA 117 9.81 -45.35 43.49
CA LEU DA 117 8.58 -46.04 43.14
C LEU DA 117 7.46 -45.70 44.10
N ALA DA 118 7.74 -45.71 45.40
CA ALA DA 118 6.77 -45.26 46.38
C ALA DA 118 6.29 -43.85 46.09
N ARG DA 119 7.17 -42.98 45.58
CA ARG DA 119 6.74 -41.64 45.21
C ARG DA 119 5.63 -41.68 44.17
N GLN DA 120 5.89 -42.36 43.06
CA GLN DA 120 4.89 -42.45 42.00
C GLN DA 120 3.62 -43.13 42.50
N CYS DA 121 3.75 -44.11 43.39
CA CYS DA 121 2.58 -44.77 43.95
C CYS DA 121 1.71 -43.79 44.73
N ARG DA 122 2.32 -43.09 45.69
CA ARG DA 122 1.57 -42.10 46.46
C ARG DA 122 0.92 -41.07 45.56
N ILE DA 123 1.64 -40.62 44.53
CA ILE DA 123 1.04 -39.69 43.59
C ILE DA 123 -0.17 -40.30 42.92
N TYR DA 124 -0.07 -41.55 42.49
CA TYR DA 124 -1.17 -42.21 41.80
C TYR DA 124 -2.41 -42.28 42.68
N GLU DA 125 -2.25 -42.79 43.90
CA GLU DA 125 -3.41 -42.91 44.78
C GLU DA 125 -3.96 -41.55 45.14
N LEU DA 126 -3.10 -40.54 45.24
CA LEU DA 126 -3.60 -39.20 45.51
C LEU DA 126 -4.35 -38.63 44.31
N ARG DA 127 -4.05 -39.12 43.11
CA ARG DA 127 -4.72 -38.62 41.92
C ARG DA 127 -6.02 -39.35 41.62
N ASN DA 128 -6.10 -40.64 41.94
CA ASN DA 128 -7.26 -41.43 41.59
C ASN DA 128 -8.11 -41.81 42.78
N LYS DA 129 -7.74 -41.40 43.98
CA LYS DA 129 -8.50 -41.70 45.19
C LYS DA 129 -8.61 -43.21 45.38
N GLU DA 130 -7.50 -43.91 45.17
CA GLU DA 130 -7.53 -45.36 45.18
C GLU DA 130 -6.10 -45.90 45.15
N ARG DA 131 -5.88 -47.01 45.83
CA ARG DA 131 -4.56 -47.61 45.85
C ARG DA 131 -4.26 -48.30 44.53
N ILE DA 132 -3.00 -48.22 44.11
CA ILE DA 132 -2.59 -48.77 42.82
C ILE DA 132 -2.52 -50.28 42.91
N SER DA 133 -2.56 -50.93 41.75
CA SER DA 133 -2.46 -52.37 41.67
C SER DA 133 -1.01 -52.82 41.66
N VAL DA 134 -0.79 -54.03 42.15
CA VAL DA 134 0.57 -54.56 42.27
C VAL DA 134 1.23 -54.65 40.90
N ALA DA 135 0.53 -55.24 39.93
CA ALA DA 135 1.05 -55.31 38.57
C ALA DA 135 1.35 -53.93 38.01
N ALA DA 136 0.51 -52.94 38.31
CA ALA DA 136 0.81 -51.58 37.91
C ALA DA 136 2.15 -51.12 38.49
N ALA DA 137 2.36 -51.37 39.78
CA ALA DA 137 3.61 -50.97 40.40
C ALA DA 137 4.80 -51.65 39.74
N SER DA 138 4.75 -52.97 39.57
CA SER DA 138 5.82 -53.69 38.90
C SER DA 138 6.09 -53.13 37.51
N LYS DA 139 5.02 -52.84 36.77
CA LYS DA 139 5.18 -52.25 35.45
C LYS DA 139 5.93 -50.93 35.52
N LEU DA 140 5.55 -50.06 36.47
CA LEU DA 140 6.25 -48.79 36.62
C LEU DA 140 7.73 -48.99 36.93
N LEU DA 141 8.04 -49.84 37.90
CA LEU DA 141 9.44 -50.06 38.27
C LEU DA 141 10.25 -50.59 37.11
N ALA DA 142 9.72 -51.58 36.39
CA ALA DA 142 10.44 -52.11 35.24
C ALA DA 142 10.66 -51.04 34.19
N ASN DA 143 9.63 -50.25 33.90
CA ASN DA 143 9.78 -49.19 32.91
C ASN DA 143 10.84 -48.19 33.31
N MET DA 144 10.89 -47.81 34.59
CA MET DA 144 11.94 -46.91 35.04
C MET DA 144 13.31 -47.53 34.89
N VAL DA 145 13.46 -48.78 35.33
CA VAL DA 145 14.77 -49.41 35.31
C VAL DA 145 15.29 -49.65 33.90
N TYR DA 146 14.40 -49.90 32.94
CA TYR DA 146 14.86 -50.25 31.61
C TYR DA 146 15.67 -49.14 30.96
N GLN DA 147 15.40 -47.89 31.33
CA GLN DA 147 16.04 -46.77 30.66
C GLN DA 147 17.55 -46.74 30.89
N TYR DA 148 18.05 -47.46 31.88
CA TYR DA 148 19.47 -47.53 32.15
C TYR DA 148 20.04 -48.92 31.91
N LYS DA 149 19.48 -49.62 30.93
CA LYS DA 149 19.97 -50.95 30.59
C LYS DA 149 21.43 -50.89 30.19
N GLY DA 150 22.17 -51.96 30.53
CA GLY DA 150 23.56 -52.06 30.15
C GLY DA 150 24.50 -51.09 30.84
N MET DA 151 24.00 -50.28 31.76
CA MET DA 151 24.84 -49.30 32.45
C MET DA 151 25.30 -49.77 33.82
N GLY DA 152 25.22 -51.06 34.10
CA GLY DA 152 25.72 -51.58 35.36
C GLY DA 152 24.81 -51.31 36.54
N LEU DA 153 23.61 -51.89 36.51
CA LEU DA 153 22.68 -51.78 37.63
C LEU DA 153 22.28 -53.16 38.11
N SER DA 154 22.52 -53.43 39.38
CA SER DA 154 22.21 -54.72 39.99
C SER DA 154 20.93 -54.56 40.80
N MET DA 155 19.83 -55.13 40.29
CA MET DA 155 18.57 -55.08 41.02
C MET DA 155 17.65 -56.16 40.47
N GLY DA 156 17.29 -57.11 41.31
CA GLY DA 156 16.39 -58.18 40.94
C GLY DA 156 15.28 -58.35 41.95
N THR DA 157 14.74 -57.24 42.45
CA THR DA 157 13.89 -57.28 43.61
C THR DA 157 12.55 -57.95 43.30
N MET DA 158 11.82 -58.25 44.36
CA MET DA 158 10.48 -58.81 44.29
C MET DA 158 9.49 -57.81 44.88
N ILE DA 159 8.26 -57.90 44.41
CA ILE DA 159 7.19 -56.99 44.82
C ILE DA 159 6.06 -57.84 45.38
N CYS DA 160 5.51 -57.41 46.52
CA CYS DA 160 4.48 -58.15 47.20
C CYS DA 160 3.41 -57.20 47.72
N GLY DA 161 2.15 -57.64 47.60
CA GLY DA 161 1.05 -56.87 48.12
C GLY DA 161 -0.30 -57.43 47.71
N TRP DA 162 -1.28 -57.29 48.58
CA TRP DA 162 -2.62 -57.75 48.30
C TRP DA 162 -3.29 -56.84 47.29
N ASP DA 163 -4.12 -57.41 46.42
CA ASP DA 163 -4.77 -56.67 45.36
C ASP DA 163 -6.24 -57.04 45.32
N LYS DA 164 -7.03 -56.17 44.66
CA LYS DA 164 -8.43 -56.46 44.39
C LYS DA 164 -8.60 -57.79 43.66
N ARG DA 165 -7.62 -58.20 42.87
CA ARG DA 165 -7.58 -59.54 42.32
C ARG DA 165 -6.98 -60.54 43.31
N GLY DA 166 -6.87 -60.16 44.58
CA GLY DA 166 -6.41 -61.07 45.60
C GLY DA 166 -4.96 -60.84 45.97
N PRO DA 167 -4.22 -61.94 46.11
CA PRO DA 167 -2.79 -61.83 46.39
C PRO DA 167 -2.07 -61.14 45.26
N GLY DA 168 -0.91 -60.59 45.57
CA GLY DA 168 -0.10 -59.90 44.59
C GLY DA 168 1.37 -60.19 44.74
N LEU DA 169 1.98 -60.75 43.70
CA LEU DA 169 3.39 -61.13 43.73
C LEU DA 169 3.99 -60.94 42.35
N TYR DA 170 5.10 -60.21 42.27
CA TYR DA 170 5.81 -60.04 41.02
C TYR DA 170 7.30 -60.05 41.27
N TYR DA 171 8.05 -60.20 40.18
CA TYR DA 171 9.51 -60.33 40.22
C TYR DA 171 10.10 -59.48 39.12
N VAL DA 172 11.03 -58.61 39.49
CA VAL DA 172 11.62 -57.65 38.56
C VAL DA 172 13.12 -57.75 38.65
N ASP DA 173 13.77 -57.82 37.49
CA ASP DA 173 15.21 -57.81 37.37
C ASP DA 173 15.69 -56.50 36.78
N SER DA 174 16.97 -56.22 36.96
CA SER DA 174 17.61 -55.14 36.24
C SER DA 174 17.81 -55.46 34.77
N GLU DA 175 17.49 -56.69 34.34
CA GLU DA 175 17.59 -57.10 32.96
C GLU DA 175 16.26 -57.00 32.22
N GLY DA 176 15.31 -56.25 32.77
CA GLY DA 176 14.01 -56.13 32.15
C GLY DA 176 13.08 -57.29 32.39
N ASN DA 177 13.44 -58.20 33.29
CA ASN DA 177 12.57 -59.34 33.60
C ASN DA 177 11.44 -58.90 34.51
N ARG DA 178 10.21 -59.20 34.09
CA ARG DA 178 9.02 -58.88 34.89
C ARG DA 178 8.10 -60.09 34.80
N ILE DA 179 8.05 -60.86 35.88
CA ILE DA 179 7.34 -62.14 35.84
C ILE DA 179 6.50 -62.31 37.09
N SER DA 180 5.31 -62.86 36.90
CA SER DA 180 4.48 -63.26 38.02
C SER DA 180 4.82 -64.71 38.40
N GLY DA 181 4.12 -65.23 39.39
CA GLY DA 181 4.38 -66.57 39.84
C GLY DA 181 3.84 -66.79 41.24
N ALA DA 182 4.34 -67.85 41.86
CA ALA DA 182 3.92 -68.23 43.20
C ALA DA 182 5.05 -68.30 44.21
N THR DA 183 6.22 -68.79 43.81
CA THR DA 183 7.35 -68.94 44.70
C THR DA 183 8.60 -68.37 44.05
N PHE DA 184 9.40 -67.66 44.83
CA PHE DA 184 10.62 -67.07 44.34
C PHE DA 184 11.65 -67.02 45.45
N SER DA 185 12.91 -67.21 45.06
CA SER DA 185 14.02 -67.09 45.99
C SER DA 185 15.13 -66.34 45.30
N VAL DA 186 15.59 -65.25 45.90
CA VAL DA 186 16.56 -64.37 45.29
C VAL DA 186 17.73 -64.19 46.25
N GLY DA 187 18.94 -64.19 45.69
CA GLY DA 187 20.13 -64.00 46.48
C GLY DA 187 21.20 -65.01 46.16
N SER DA 188 22.36 -64.87 46.78
CA SER DA 188 23.47 -65.77 46.49
C SER DA 188 23.17 -67.18 46.96
N GLY DA 189 22.29 -67.34 47.95
CA GLY DA 189 21.98 -68.67 48.45
C GLY DA 189 20.57 -69.10 48.10
N SER DA 190 19.94 -68.39 47.18
CA SER DA 190 18.56 -68.70 46.80
C SER DA 190 18.44 -70.12 46.28
N VAL DA 191 19.42 -70.59 45.51
CA VAL DA 191 19.43 -71.95 45.04
C VAL DA 191 19.36 -72.95 46.18
N TYR DA 192 19.96 -72.61 47.32
CA TYR DA 192 19.82 -73.46 48.49
C TYR DA 192 18.40 -73.44 49.03
N ALA DA 193 17.65 -72.39 48.72
CA ALA DA 193 16.30 -72.25 49.25
C ALA DA 193 15.25 -72.92 48.39
N TYR DA 194 15.43 -72.96 47.06
CA TYR DA 194 14.42 -73.57 46.21
C TYR DA 194 14.19 -75.03 46.55
N GLY DA 195 15.22 -75.72 47.02
CA GLY DA 195 15.07 -77.11 47.38
C GLY DA 195 14.08 -77.32 48.50
N VAL DA 196 14.42 -76.83 49.70
CA VAL DA 196 13.53 -77.03 50.84
C VAL DA 196 12.19 -76.34 50.61
N MET DA 197 12.18 -75.20 49.93
CA MET DA 197 10.93 -74.51 49.65
C MET DA 197 10.00 -75.39 48.84
N ASP DA 198 10.49 -76.00 47.76
CA ASP DA 198 9.66 -76.89 46.98
C ASP DA 198 9.29 -78.14 47.75
N ARG DA 199 10.22 -78.71 48.53
CA ARG DA 199 9.92 -79.95 49.24
C ARG DA 199 8.90 -79.74 50.34
N GLY DA 200 8.76 -78.51 50.84
CA GLY DA 200 7.83 -78.27 51.91
C GLY DA 200 6.66 -77.39 51.54
N TYR DA 201 6.56 -77.02 50.27
CA TYR DA 201 5.54 -76.07 49.85
C TYR DA 201 4.22 -76.77 49.53
N SER DA 202 3.13 -76.11 49.91
CA SER DA 202 1.81 -76.42 49.41
C SER DA 202 0.98 -75.15 49.45
N TYR DA 203 0.09 -74.99 48.47
CA TYR DA 203 -0.78 -73.83 48.49
C TYR DA 203 -1.67 -73.83 49.72
N ASP DA 204 -2.07 -75.00 50.19
CA ASP DA 204 -2.98 -75.13 51.32
C ASP DA 204 -2.17 -75.45 52.55
N LEU DA 205 -1.65 -74.41 53.18
CA LEU DA 205 -0.89 -74.54 54.41
C LEU DA 205 -1.48 -73.63 55.48
N GLU DA 206 -1.05 -73.87 56.71
CA GLU DA 206 -1.49 -73.06 57.83
C GLU DA 206 -0.46 -71.99 58.16
N VAL DA 207 -0.85 -71.07 59.02
CA VAL DA 207 -0.02 -69.91 59.31
C VAL DA 207 1.30 -70.34 59.94
N GLU DA 208 1.24 -71.00 61.09
CA GLU DA 208 2.46 -71.48 61.73
C GLU DA 208 3.21 -72.45 60.84
N GLN DA 209 2.49 -73.21 60.01
CA GLN DA 209 3.13 -74.09 59.04
C GLN DA 209 4.07 -73.30 58.14
N ALA DA 210 3.55 -72.33 57.41
CA ALA DA 210 4.38 -71.50 56.55
C ALA DA 210 5.47 -70.80 57.33
N TYR DA 211 5.18 -70.33 58.54
CA TYR DA 211 6.18 -69.67 59.35
C TYR DA 211 7.39 -70.58 59.56
N ASP DA 212 7.16 -71.79 60.05
CA ASP DA 212 8.26 -72.71 60.25
C ASP DA 212 8.92 -73.11 58.94
N LEU DA 213 8.14 -73.28 57.88
CA LEU DA 213 8.71 -73.67 56.59
C LEU DA 213 9.73 -72.64 56.12
N ALA DA 214 9.29 -71.41 55.90
CA ALA DA 214 10.20 -70.36 55.49
C ALA DA 214 11.34 -70.16 56.49
N ARG DA 215 11.04 -70.27 57.79
CA ARG DA 215 12.04 -70.02 58.80
C ARG DA 215 13.20 -71.02 58.70
N ARG DA 216 12.90 -72.32 58.75
CA ARG DA 216 13.95 -73.30 58.59
C ARG DA 216 14.59 -73.20 57.21
N ALA DA 217 13.82 -72.80 56.21
CA ALA DA 217 14.38 -72.64 54.87
C ALA DA 217 15.53 -71.64 54.87
N ILE DA 218 15.27 -70.42 55.33
CA ILE DA 218 16.34 -69.42 55.41
C ILE DA 218 17.44 -69.89 56.34
N TYR DA 219 17.09 -70.65 57.38
CA TYR DA 219 18.12 -71.24 58.23
C TYR DA 219 19.11 -72.06 57.42
N GLN DA 220 18.59 -73.05 56.70
CA GLN DA 220 19.43 -73.90 55.87
C GLN DA 220 20.22 -73.10 54.84
N ALA DA 221 19.58 -72.08 54.26
CA ALA DA 221 20.28 -71.24 53.30
C ALA DA 221 21.51 -70.59 53.91
N THR DA 222 21.33 -69.94 55.07
CA THR DA 222 22.49 -69.36 55.73
C THR DA 222 23.49 -70.41 56.17
N TYR DA 223 23.02 -71.64 56.40
CA TYR DA 223 23.92 -72.68 56.88
C TYR DA 223 24.84 -73.19 55.77
N ARG DA 224 24.33 -73.28 54.55
CA ARG DA 224 25.18 -73.68 53.44
C ARG DA 224 25.97 -72.50 52.89
N ASP DA 225 25.28 -71.44 52.48
CA ASP DA 225 25.96 -70.26 51.97
C ASP DA 225 26.85 -69.66 53.05
N ALA DA 226 27.93 -69.02 52.59
CA ALA DA 226 28.78 -68.25 53.48
C ALA DA 226 28.36 -66.79 53.54
N TYR DA 227 27.82 -66.27 52.44
CA TYR DA 227 27.48 -64.85 52.36
C TYR DA 227 26.19 -64.51 53.09
N SER DA 228 25.28 -65.45 53.25
CA SER DA 228 23.99 -65.18 53.86
C SER DA 228 24.00 -65.59 55.32
N GLY DA 229 23.53 -64.70 56.19
CA GLY DA 229 23.48 -65.00 57.59
C GLY DA 229 23.00 -63.80 58.38
N GLY DA 230 23.30 -63.82 59.67
CA GLY DA 230 22.88 -62.77 60.56
C GLY DA 230 21.57 -63.07 61.26
N ALA DA 231 20.52 -62.33 60.92
CA ALA DA 231 19.20 -62.55 61.49
C ALA DA 231 18.20 -62.70 60.36
N VAL DA 232 17.05 -63.28 60.71
CA VAL DA 232 16.01 -63.61 59.74
C VAL DA 232 14.85 -62.65 59.98
N ASN DA 233 14.34 -62.09 58.89
CA ASN DA 233 13.15 -61.24 58.97
C ASN DA 233 12.00 -61.85 58.19
N LEU DA 234 10.82 -61.78 58.79
CA LEU DA 234 9.64 -62.48 58.30
C LEU DA 234 8.43 -61.57 58.40
N TYR DA 235 7.83 -61.27 57.25
CA TYR DA 235 6.61 -60.47 57.18
C TYR DA 235 5.51 -61.28 56.52
N HIS DA 236 4.28 -61.05 56.98
CA HIS DA 236 3.10 -61.70 56.43
C HIS DA 236 2.19 -60.64 55.84
N VAL DA 237 2.09 -60.61 54.52
CA VAL DA 237 1.14 -59.74 53.84
C VAL DA 237 -0.21 -60.43 53.83
N ARG DA 238 -1.22 -59.74 54.34
CA ARG DA 238 -2.58 -60.24 54.36
C ARG DA 238 -3.46 -59.35 53.50
N GLU DA 239 -4.72 -59.76 53.35
CA GLU DA 239 -5.66 -58.99 52.54
C GLU DA 239 -5.81 -57.57 53.06
N ASP DA 240 -5.97 -57.40 54.37
CA ASP DA 240 -5.98 -56.07 54.96
C ASP DA 240 -4.69 -55.32 54.68
N GLY DA 241 -3.57 -56.03 54.66
CA GLY DA 241 -2.27 -55.40 54.53
C GLY DA 241 -1.22 -56.26 55.19
N TRP DA 242 0.02 -55.83 55.02
CA TRP DA 242 1.14 -56.57 55.57
C TRP DA 242 1.25 -56.33 57.07
N ILE DA 243 1.91 -57.26 57.74
CA ILE DA 243 2.13 -57.20 59.18
C ILE DA 243 3.42 -57.93 59.49
N ARG DA 244 4.28 -57.28 60.27
CA ARG DA 244 5.51 -57.92 60.71
C ARG DA 244 5.19 -59.17 61.51
N VAL DA 245 5.91 -60.24 61.22
CA VAL DA 245 5.70 -61.49 61.94
C VAL DA 245 6.67 -61.56 63.09
N SER DA 246 7.96 -61.60 62.77
CA SER DA 246 8.98 -61.75 63.80
C SER DA 246 10.34 -61.67 63.13
N SER DA 247 11.39 -61.72 63.95
CA SER DA 247 12.75 -61.73 63.45
C SER DA 247 13.62 -62.36 64.54
N ASP DA 248 14.34 -63.41 64.19
CA ASP DA 248 15.05 -64.21 65.17
C ASP DA 248 16.52 -64.37 64.76
N ASN DA 249 17.30 -64.91 65.69
CA ASN DA 249 18.72 -65.10 65.45
C ASN DA 249 19.01 -66.48 64.89
N VAL DA 250 19.98 -66.52 63.97
CA VAL DA 250 20.47 -67.79 63.46
C VAL DA 250 21.05 -68.63 64.59
N ALA DA 251 21.63 -67.98 65.60
CA ALA DA 251 22.15 -68.71 66.74
C ALA DA 251 21.04 -69.47 67.46
N ASP DA 252 19.94 -68.80 67.77
CA ASP DA 252 18.84 -69.47 68.45
C ASP DA 252 18.19 -70.53 67.58
N LEU DA 253 17.96 -70.22 66.30
CA LEU DA 253 17.38 -71.20 65.40
C LEU DA 253 18.25 -72.45 65.31
N HIS DA 254 19.57 -72.27 65.28
CA HIS DA 254 20.48 -73.40 65.20
C HIS DA 254 20.29 -74.35 66.37
N GLU DA 255 20.16 -73.81 67.58
CA GLU DA 255 19.90 -74.66 68.74
C GLU DA 255 18.50 -75.25 68.71
N LYS DA 256 17.51 -74.49 68.22
CA LYS DA 256 16.16 -75.02 68.13
C LYS DA 256 16.10 -76.23 67.21
N TYR DA 257 16.54 -76.08 65.97
CA TYR DA 257 16.56 -77.19 65.03
C TYR DA 257 17.67 -78.16 65.32
N SER DA 258 18.53 -77.86 66.28
CA SER DA 258 19.63 -78.75 66.62
C SER DA 258 19.13 -80.08 67.14
N GLY DA 259 18.03 -80.07 67.88
CA GLY DA 259 17.42 -81.29 68.35
C GLY DA 259 16.51 -81.88 67.29
N ARG EA 28 47.43 -43.58 32.52
CA ARG EA 28 46.84 -42.29 32.20
C ARG EA 28 46.61 -41.47 33.45
N PHE EA 29 45.66 -40.54 33.36
CA PHE EA 29 45.31 -39.68 34.48
C PHE EA 29 44.34 -40.41 35.39
N SER EA 30 44.82 -40.83 36.54
CA SER EA 30 43.92 -41.48 37.50
C SER EA 30 43.22 -40.41 38.34
N PRO EA 31 41.91 -40.26 38.22
CA PRO EA 31 41.19 -39.24 38.99
C PRO EA 31 40.98 -39.59 40.45
N TYR EA 32 41.39 -40.77 40.89
CA TYR EA 32 41.22 -41.18 42.27
C TYR EA 32 42.58 -41.48 42.89
N VAL EA 33 42.65 -41.34 44.21
CA VAL EA 33 43.84 -41.68 44.96
C VAL EA 33 43.45 -41.76 46.43
N PHE EA 34 44.06 -42.70 47.15
CA PHE EA 34 43.75 -42.93 48.55
C PHE EA 34 44.50 -41.92 49.41
N ASN EA 35 43.89 -41.54 50.52
CA ASN EA 35 44.49 -40.55 51.41
C ASN EA 35 44.76 -41.07 52.81
N GLY EA 36 43.94 -41.99 53.30
CA GLY EA 36 44.10 -42.53 54.63
C GLY EA 36 43.07 -42.02 55.61
N GLY EA 37 43.35 -42.21 56.88
CA GLY EA 37 42.47 -41.79 57.93
C GLY EA 37 41.51 -42.89 58.38
N THR EA 38 40.89 -42.66 59.52
CA THR EA 38 39.93 -43.60 60.08
C THR EA 38 38.97 -42.85 60.98
N ILE EA 39 37.69 -43.16 60.87
CA ILE EA 39 36.63 -42.45 61.57
C ILE EA 39 35.98 -43.40 62.56
N LEU EA 40 35.63 -42.89 63.73
CA LEU EA 40 34.96 -43.67 64.75
C LEU EA 40 33.80 -42.89 65.35
N ALA EA 41 32.70 -43.58 65.60
CA ALA EA 41 31.53 -42.95 66.18
C ALA EA 41 30.76 -43.95 67.03
N ILE EA 42 30.24 -43.48 68.16
CA ILE EA 42 29.46 -44.29 69.08
C ILE EA 42 28.26 -43.47 69.52
N ALA EA 43 27.09 -44.11 69.53
CA ALA EA 43 25.85 -43.43 69.89
C ALA EA 43 25.64 -43.53 71.40
N GLY EA 44 25.96 -42.45 72.10
CA GLY EA 44 25.72 -42.40 73.53
C GLY EA 44 24.24 -42.45 73.86
N GLU EA 45 23.97 -42.76 75.12
CA GLU EA 45 22.58 -42.85 75.55
C GLU EA 45 21.88 -41.50 75.45
N ASP EA 46 22.54 -40.46 75.94
CA ASP EA 46 22.08 -39.09 75.74
C ASP EA 46 23.20 -38.23 75.20
N PHE EA 47 23.95 -38.75 74.24
CA PHE EA 47 25.15 -38.08 73.76
C PHE EA 47 25.65 -38.84 72.54
N ALA EA 48 26.72 -38.31 71.94
CA ALA EA 48 27.31 -38.92 70.75
C ALA EA 48 28.80 -38.68 70.78
N ILE EA 49 29.57 -39.64 70.29
CA ILE EA 49 31.02 -39.54 70.30
C ILE EA 49 31.54 -39.77 68.90
N VAL EA 50 32.39 -38.87 68.43
CA VAL EA 50 33.05 -39.00 67.13
C VAL EA 50 34.52 -38.70 67.34
N ALA EA 51 35.38 -39.39 66.60
CA ALA EA 51 36.81 -39.19 66.73
C ALA EA 51 37.55 -39.69 65.50
N SER EA 52 38.75 -39.14 65.30
CA SER EA 52 39.62 -39.54 64.22
C SER EA 52 40.94 -38.82 64.37
N ASP EA 53 41.99 -39.41 63.83
CA ASP EA 53 43.30 -38.79 63.89
C ASP EA 53 43.35 -37.60 62.93
N THR EA 54 44.54 -36.99 62.82
CA THR EA 54 44.69 -35.79 62.01
C THR EA 54 45.75 -35.96 60.92
N ARG EA 55 46.28 -37.16 60.74
CA ARG EA 55 47.33 -37.38 59.76
C ARG EA 55 46.76 -37.36 58.35
N LEU EA 56 47.50 -36.75 57.43
CA LEU EA 56 47.13 -36.69 56.03
C LEU EA 56 48.34 -37.08 55.19
N SER EA 57 48.32 -38.28 54.64
CA SER EA 57 49.44 -38.83 53.89
C SER EA 57 49.00 -39.24 52.49
N GLU EA 58 49.99 -39.63 51.70
CA GLU EA 58 49.76 -40.08 50.33
C GLU EA 58 50.95 -40.92 49.90
N GLY EA 59 50.68 -42.01 49.20
CA GLY EA 59 51.74 -42.91 48.80
C GLY EA 59 52.50 -43.43 50.00
N PHE EA 60 53.72 -42.95 50.19
CA PHE EA 60 54.54 -43.33 51.32
C PHE EA 60 54.96 -42.12 52.17
N SER EA 61 54.49 -40.93 51.84
CA SER EA 61 54.91 -39.70 52.50
C SER EA 61 53.76 -39.11 53.29
N ILE EA 62 54.10 -38.18 54.18
CA ILE EA 62 53.16 -37.53 55.06
C ILE EA 62 53.01 -36.08 54.63
N HIS EA 63 51.77 -35.66 54.40
CA HIS EA 63 51.53 -34.26 54.06
C HIS EA 63 51.46 -33.39 55.31
N THR EA 64 50.84 -33.90 56.37
CA THR EA 64 50.75 -33.14 57.61
C THR EA 64 50.26 -34.05 58.72
N ARG EA 65 50.71 -33.74 59.93
CA ARG EA 65 50.24 -34.44 61.12
C ARG EA 65 49.03 -33.75 61.73
N ASP EA 66 48.47 -32.74 61.05
CA ASP EA 66 47.33 -31.99 61.55
C ASP EA 66 46.30 -31.86 60.43
N SER EA 67 45.28 -32.70 60.49
CA SER EA 67 44.12 -32.60 59.59
C SER EA 67 42.95 -33.32 60.23
N PRO EA 68 42.11 -32.59 60.96
CA PRO EA 68 40.97 -33.23 61.62
C PRO EA 68 39.93 -33.66 60.60
N LYS EA 69 39.10 -34.62 61.03
CA LYS EA 69 38.01 -35.10 60.21
C LYS EA 69 36.65 -34.79 60.82
N CYS EA 70 36.62 -34.21 62.02
CA CYS EA 70 35.38 -33.75 62.60
C CYS EA 70 34.96 -32.44 61.94
N TYR EA 71 33.66 -32.24 61.83
CA TYR EA 71 33.13 -31.03 61.19
C TYR EA 71 31.84 -30.64 61.89
N LYS EA 72 31.88 -29.55 62.65
CA LYS EA 72 30.73 -29.09 63.42
C LYS EA 72 29.65 -28.66 62.43
N LEU EA 73 28.64 -29.50 62.27
CA LEU EA 73 27.57 -29.20 61.34
C LEU EA 73 26.53 -28.30 61.97
N THR EA 74 25.92 -28.77 63.06
CA THR EA 74 24.97 -28.01 63.84
C THR EA 74 25.38 -28.08 65.30
N ASP EA 75 24.49 -27.63 66.18
CA ASP EA 75 24.72 -27.76 67.61
C ASP EA 75 24.46 -29.17 68.10
N LYS EA 76 24.01 -30.08 67.24
CA LYS EA 76 23.71 -31.44 67.67
C LYS EA 76 24.12 -32.47 66.62
N THR EA 77 24.96 -32.09 65.67
CA THR EA 77 25.38 -33.03 64.63
C THR EA 77 26.72 -32.62 64.05
N VAL EA 78 27.64 -33.58 64.01
CA VAL EA 78 28.95 -33.41 63.39
C VAL EA 78 29.19 -34.61 62.49
N ILE EA 79 29.88 -34.39 61.39
CA ILE EA 79 30.08 -35.45 60.40
C ILE EA 79 31.56 -35.78 60.30
N GLY EA 80 31.82 -37.03 59.96
CA GLY EA 80 33.18 -37.50 59.71
C GLY EA 80 33.29 -38.04 58.30
N CYS EA 81 34.39 -37.68 57.64
CA CYS EA 81 34.58 -37.96 56.22
C CYS EA 81 35.99 -38.50 56.02
N SER EA 82 36.12 -39.56 55.24
CA SER EA 82 37.39 -40.18 54.92
C SER EA 82 37.41 -40.60 53.45
N GLY EA 83 38.57 -41.06 53.00
CA GLY EA 83 38.72 -41.47 51.63
C GLY EA 83 39.47 -40.43 50.81
N PHE EA 84 38.87 -39.97 49.72
CA PHE EA 84 39.51 -38.94 48.90
C PHE EA 84 39.30 -37.58 49.53
N HIS EA 85 40.40 -36.97 49.99
CA HIS EA 85 40.31 -35.75 50.77
C HIS EA 85 39.65 -34.62 50.01
N GLY EA 86 39.96 -34.48 48.72
CA GLY EA 86 39.33 -33.43 47.94
C GLY EA 86 37.83 -33.55 47.89
N ASP EA 87 37.33 -34.74 47.55
CA ASP EA 87 35.89 -34.96 47.54
C ASP EA 87 35.29 -34.75 48.92
N CYS EA 88 36.02 -35.11 49.97
CA CYS EA 88 35.58 -34.76 51.31
C CYS EA 88 35.37 -33.25 51.43
N LEU EA 89 36.34 -32.48 50.97
CA LEU EA 89 36.26 -31.04 51.03
C LEU EA 89 35.05 -30.51 50.28
N THR EA 90 34.89 -30.92 49.03
CA THR EA 90 33.75 -30.45 48.23
C THR EA 90 32.43 -30.81 48.90
N LEU EA 91 32.30 -32.07 49.33
CA LEU EA 91 31.07 -32.53 49.94
C LEU EA 91 30.73 -31.74 51.19
N THR EA 92 31.72 -31.43 52.02
CA THR EA 92 31.47 -30.67 53.23
C THR EA 92 30.85 -29.31 52.89
N LYS EA 93 31.50 -28.55 52.02
CA LYS EA 93 30.97 -27.26 51.62
C LYS EA 93 29.58 -27.36 51.02
N ILE EA 94 29.34 -28.37 50.18
CA ILE EA 94 28.01 -28.55 49.59
C ILE EA 94 26.98 -28.72 50.68
N ILE EA 95 27.25 -29.59 51.65
CA ILE EA 95 26.32 -29.81 52.74
C ILE EA 95 26.05 -28.52 53.50
N GLU EA 96 27.11 -27.76 53.77
CA GLU EA 96 26.92 -26.47 54.42
C GLU EA 96 26.01 -25.56 53.61
N ALA EA 97 26.12 -25.59 52.28
CA ALA EA 97 25.24 -24.78 51.46
C ALA EA 97 23.80 -25.22 51.62
N ARG EA 98 23.52 -26.50 51.42
CA ARG EA 98 22.14 -26.97 51.50
C ARG EA 98 21.55 -26.76 52.88
N LEU EA 99 22.39 -26.73 53.93
CA LEU EA 99 21.87 -26.41 55.25
C LEU EA 99 21.24 -25.02 55.28
N LYS EA 100 22.02 -24.00 54.93
CA LYS EA 100 21.50 -22.64 54.89
C LYS EA 100 20.30 -22.54 53.96
N MET EA 101 20.33 -23.28 52.85
CA MET EA 101 19.16 -23.31 51.98
C MET EA 101 17.93 -23.80 52.72
N TYR EA 102 18.06 -24.93 53.43
CA TYR EA 102 16.95 -25.47 54.20
C TYR EA 102 16.44 -24.45 55.21
N LYS EA 103 17.35 -23.82 55.94
CA LYS EA 103 16.92 -22.92 57.00
C LYS EA 103 16.20 -21.70 56.42
N HIS EA 104 16.78 -21.08 55.41
CA HIS EA 104 16.14 -19.94 54.78
C HIS EA 104 14.83 -20.32 54.11
N SER EA 105 14.64 -21.60 53.77
CA SER EA 105 13.40 -22.03 53.17
C SER EA 105 12.39 -22.55 54.18
N ASN EA 106 12.77 -22.72 55.44
CA ASN EA 106 11.87 -23.35 56.41
C ASN EA 106 11.89 -22.72 57.79
N ASN EA 107 12.72 -21.70 58.02
CA ASN EA 107 12.74 -21.00 59.30
C ASN EA 107 13.11 -21.92 60.44
N LYS EA 108 14.07 -22.82 60.21
CA LYS EA 108 14.51 -23.74 61.26
C LYS EA 108 15.71 -24.52 60.73
N ALA EA 109 16.18 -25.44 61.55
CA ALA EA 109 17.33 -26.27 61.21
C ALA EA 109 16.88 -27.69 60.85
N MET EA 110 17.77 -28.40 60.18
CA MET EA 110 17.51 -29.79 59.85
C MET EA 110 17.67 -30.68 61.06
N THR EA 111 16.98 -31.81 61.04
CA THR EA 111 17.18 -32.86 62.02
C THR EA 111 18.32 -33.75 61.57
N THR EA 112 18.72 -34.67 62.44
CA THR EA 112 19.77 -35.61 62.07
C THR EA 112 19.32 -36.51 60.93
N GLY EA 113 18.24 -37.26 61.13
CA GLY EA 113 17.73 -38.14 60.10
C GLY EA 113 17.42 -37.46 58.79
N ALA EA 114 16.90 -36.23 58.84
CA ALA EA 114 16.72 -35.47 57.62
C ALA EA 114 18.05 -35.25 56.92
N ILE EA 115 19.09 -34.90 57.68
CA ILE EA 115 20.41 -34.72 57.09
C ILE EA 115 20.88 -36.00 56.43
N ALA EA 116 20.64 -37.15 57.06
CA ALA EA 116 20.96 -38.41 56.41
C ALA EA 116 20.19 -38.57 55.11
N ALA EA 117 18.90 -38.23 55.11
CA ALA EA 117 18.09 -38.36 53.91
C ALA EA 117 18.66 -37.52 52.77
N MET EA 118 19.02 -36.27 53.04
CA MET EA 118 19.62 -35.46 51.99
C MET EA 118 20.96 -36.04 51.55
N LEU EA 119 21.75 -36.51 52.51
CA LEU EA 119 23.08 -37.03 52.18
C LEU EA 119 23.01 -38.21 51.24
N SER EA 120 22.10 -39.16 51.48
CA SER EA 120 22.05 -40.33 50.61
C SER EA 120 21.70 -39.94 49.18
N THR EA 121 20.72 -39.06 49.01
CA THR EA 121 20.39 -38.56 47.68
C THR EA 121 21.57 -37.89 47.01
N ILE EA 122 22.28 -37.03 47.76
CA ILE EA 122 23.41 -36.33 47.18
C ILE EA 122 24.49 -37.31 46.74
N LEU EA 123 24.75 -38.33 47.55
CA LEU EA 123 25.73 -39.33 47.18
C LEU EA 123 25.31 -40.09 45.94
N TYR EA 124 24.08 -40.59 45.90
CA TYR EA 124 23.60 -41.32 44.74
C TYR EA 124 23.53 -40.45 43.49
N SER EA 125 23.52 -39.12 43.66
CA SER EA 125 23.47 -38.21 42.54
C SER EA 125 24.64 -38.38 41.58
N ARG EA 126 25.71 -39.03 42.01
CA ARG EA 126 26.85 -39.26 41.12
C ARG EA 126 27.05 -40.76 40.99
N ARG EA 127 25.95 -41.47 40.76
CA ARG EA 127 25.97 -42.94 40.74
C ARG EA 127 26.90 -43.47 39.65
N PHE EA 128 27.11 -42.70 38.59
CA PHE EA 128 27.97 -43.11 37.49
C PHE EA 128 29.34 -42.48 37.56
N PHE EA 129 29.59 -41.61 38.54
CA PHE EA 129 30.94 -41.13 38.84
C PHE EA 129 30.99 -40.82 40.32
N PRO EA 130 31.02 -41.87 41.15
CA PRO EA 130 30.79 -41.67 42.58
C PRO EA 130 31.97 -41.03 43.26
N TYR EA 131 31.69 -40.38 44.39
CA TYR EA 131 32.77 -39.95 45.25
C TYR EA 131 33.49 -41.16 45.80
N TYR EA 132 34.71 -40.93 46.28
CA TYR EA 132 35.50 -41.97 46.93
C TYR EA 132 35.68 -41.54 48.36
N VAL EA 133 34.68 -41.82 49.19
CA VAL EA 133 34.58 -41.26 50.53
C VAL EA 133 33.74 -42.19 51.39
N TYR EA 134 34.15 -42.37 52.65
CA TYR EA 134 33.33 -43.02 53.65
C TYR EA 134 32.92 -41.98 54.68
N ASN EA 135 31.66 -42.02 55.09
CA ASN EA 135 31.09 -40.95 55.88
C ASN EA 135 30.25 -41.51 57.02
N ILE EA 136 30.31 -40.82 58.16
CA ILE EA 136 29.52 -41.20 59.33
C ILE EA 136 28.95 -39.94 59.94
N ILE EA 137 27.65 -39.95 60.23
CA ILE EA 137 26.98 -38.80 60.80
C ILE EA 137 26.73 -39.08 62.28
N GLY EA 138 27.17 -38.14 63.12
CA GLY EA 138 26.88 -38.21 64.54
C GLY EA 138 26.04 -37.05 65.00
N GLY EA 139 25.30 -37.25 66.06
CA GLY EA 139 24.45 -36.19 66.59
C GLY EA 139 23.28 -36.78 67.34
N LEU EA 140 22.65 -35.93 68.12
CA LEU EA 140 21.50 -36.35 68.91
C LEU EA 140 20.25 -36.41 68.05
N ASP EA 141 19.30 -37.22 68.49
CA ASP EA 141 18.02 -37.33 67.81
C ASP EA 141 17.15 -36.13 68.17
N GLU EA 142 15.88 -36.20 67.82
CA GLU EA 142 14.91 -35.24 68.31
C GLU EA 142 14.39 -35.60 69.69
N GLU EA 143 15.13 -36.40 70.44
CA GLU EA 143 14.75 -36.80 71.78
C GLU EA 143 15.95 -36.84 72.73
N GLY EA 144 17.09 -36.31 72.31
CA GLY EA 144 18.26 -36.36 73.15
C GLY EA 144 18.90 -37.73 73.24
N LYS EA 145 19.00 -38.44 72.12
CA LYS EA 145 19.56 -39.78 72.09
C LYS EA 145 20.61 -39.86 71.00
N GLY EA 146 21.65 -40.65 71.27
CA GLY EA 146 22.70 -40.83 70.29
C GLY EA 146 22.18 -41.56 69.07
N ALA EA 147 22.39 -40.99 67.90
CA ALA EA 147 22.01 -41.61 66.64
C ALA EA 147 23.24 -41.67 65.75
N VAL EA 148 23.59 -42.87 65.32
CA VAL EA 148 24.75 -43.10 64.46
C VAL EA 148 24.26 -43.57 63.11
N TYR EA 149 24.81 -43.01 62.04
CA TYR EA 149 24.43 -43.38 60.69
C TYR EA 149 25.69 -43.62 59.87
N SER EA 150 25.92 -44.87 59.51
CA SER EA 150 26.99 -45.21 58.59
C SER EA 150 26.52 -44.95 57.17
N PHE EA 151 27.46 -45.03 56.23
CA PHE EA 151 27.16 -44.79 54.83
C PHE EA 151 28.04 -45.67 53.97
N ASP EA 152 27.99 -45.41 52.67
CA ASP EA 152 28.77 -46.12 51.68
C ASP EA 152 29.09 -45.15 50.56
N PRO EA 153 30.05 -45.49 49.70
CA PRO EA 153 30.45 -44.56 48.62
C PRO EA 153 29.37 -44.32 47.57
N VAL EA 154 28.20 -44.93 47.69
CA VAL EA 154 27.14 -44.72 46.71
C VAL EA 154 25.91 -44.06 47.28
N GLY EA 155 25.58 -44.27 48.55
CA GLY EA 155 24.45 -43.58 49.14
C GLY EA 155 23.65 -44.39 50.15
N SER EA 156 23.81 -45.70 50.16
CA SER EA 156 23.08 -46.52 51.11
C SER EA 156 23.55 -46.25 52.53
N TYR EA 157 22.69 -46.53 53.49
CA TYR EA 157 23.02 -46.21 54.88
C TYR EA 157 22.04 -46.91 55.80
N GLN EA 158 22.17 -46.62 57.09
CA GLN EA 158 21.27 -47.13 58.10
C GLN EA 158 21.64 -46.50 59.43
N ARG EA 159 20.88 -46.86 60.46
CA ARG EA 159 21.14 -46.38 61.81
C ARG EA 159 21.70 -47.51 62.66
N ASP EA 160 22.82 -47.25 63.33
CA ASP EA 160 23.47 -48.25 64.15
C ASP EA 160 23.93 -47.61 65.45
N SER EA 161 24.39 -48.46 66.37
CA SER EA 161 24.82 -48.01 67.68
C SER EA 161 26.25 -47.51 67.70
N PHE EA 162 27.09 -48.01 66.79
CA PHE EA 162 28.50 -47.66 66.81
C PHE EA 162 29.14 -48.18 65.54
N LYS EA 163 29.97 -47.36 64.90
CA LYS EA 163 30.61 -47.74 63.66
C LYS EA 163 31.98 -47.11 63.57
N ALA EA 164 32.83 -47.75 62.77
CA ALA EA 164 34.17 -47.28 62.49
C ALA EA 164 34.45 -47.52 61.01
N GLY EA 165 34.83 -46.47 60.29
CA GLY EA 165 35.17 -46.60 58.90
C GLY EA 165 36.60 -46.16 58.67
N GLY EA 166 37.03 -46.31 57.41
CA GLY EA 166 38.36 -45.91 57.02
C GLY EA 166 39.30 -47.09 56.89
N SER EA 167 40.60 -46.80 57.01
CA SER EA 167 41.61 -47.82 56.77
C SER EA 167 41.50 -48.98 57.77
N ALA EA 168 41.74 -48.71 59.05
CA ALA EA 168 41.83 -49.77 60.05
C ALA EA 168 40.48 -50.10 60.65
N SER EA 169 39.38 -49.82 59.94
CA SER EA 169 38.05 -50.13 60.46
C SER EA 169 37.92 -51.60 60.77
N ALA EA 170 38.46 -52.47 59.92
CA ALA EA 170 38.53 -53.89 60.24
C ALA EA 170 39.33 -54.17 61.50
N MET EA 171 40.27 -53.30 61.85
CA MET EA 171 41.01 -53.43 63.09
C MET EA 171 40.22 -52.94 64.29
N LEU EA 172 38.98 -52.48 64.09
CA LEU EA 172 38.24 -51.82 65.15
C LEU EA 172 36.87 -52.39 65.40
N GLN EA 173 36.16 -52.82 64.36
CA GLN EA 173 34.81 -53.33 64.54
C GLN EA 173 34.71 -54.46 65.57
N PRO EA 174 35.54 -55.51 65.52
CA PRO EA 174 35.35 -56.64 66.44
C PRO EA 174 35.46 -56.25 67.90
N LEU EA 175 36.41 -55.40 68.26
CA LEU EA 175 36.59 -55.04 69.66
C LEU EA 175 35.38 -54.28 70.18
N LEU EA 176 34.92 -53.29 69.44
CA LEU EA 176 33.68 -52.61 69.78
C LEU EA 176 32.51 -53.56 69.85
N ASP EA 177 32.52 -54.61 69.04
CA ASP EA 177 31.50 -55.64 69.16
C ASP EA 177 31.61 -56.36 70.49
N ASN EA 178 32.83 -56.59 70.96
CA ASN EA 178 33.00 -57.31 72.22
C ASN EA 178 32.60 -56.44 73.39
N GLN EA 179 33.31 -55.34 73.60
CA GLN EA 179 33.01 -54.47 74.74
C GLN EA 179 31.64 -53.82 74.58
N VAL EA 180 31.45 -53.07 73.50
CA VAL EA 180 30.18 -52.38 73.29
C VAL EA 180 29.06 -53.38 73.06
N GLY EA 181 29.19 -54.25 72.05
CA GLY EA 181 28.13 -55.18 71.75
C GLY EA 181 27.92 -56.24 72.79
N PHE EA 182 28.93 -56.53 73.60
CA PHE EA 182 28.85 -57.60 74.59
C PHE EA 182 28.57 -58.94 73.93
N LYS EA 183 29.13 -59.14 72.74
CA LYS EA 183 28.92 -60.39 72.03
C LYS EA 183 29.99 -61.40 72.40
N ASN EA 184 29.61 -62.67 72.36
CA ASN EA 184 30.53 -63.78 72.60
C ASN EA 184 31.03 -63.79 74.04
N MET EA 185 30.20 -63.37 74.99
CA MET EA 185 30.54 -63.45 76.39
C MET EA 185 29.46 -64.21 77.14
N GLN EA 186 29.89 -65.13 78.01
CA GLN EA 186 28.96 -65.95 78.76
C GLN EA 186 28.71 -65.34 80.13
N ASN EA 187 27.44 -65.24 80.51
CA ASN EA 187 27.04 -64.71 81.80
C ASN EA 187 27.42 -63.25 81.95
N VAL EA 188 27.51 -62.54 80.84
CA VAL EA 188 27.88 -61.14 80.84
C VAL EA 188 26.62 -60.30 80.92
N GLU EA 189 26.44 -59.60 82.03
CA GLU EA 189 25.35 -58.65 82.16
C GLU EA 189 25.51 -57.52 81.15
N HIS EA 190 24.46 -56.70 81.03
CA HIS EA 190 24.44 -55.62 80.04
C HIS EA 190 24.15 -54.31 80.76
N VAL EA 191 25.21 -53.66 81.23
CA VAL EA 191 25.11 -52.33 81.82
C VAL EA 191 25.22 -51.32 80.69
N PRO EA 192 24.45 -50.23 80.73
CA PRO EA 192 24.58 -49.22 79.68
C PRO EA 192 25.95 -48.56 79.73
N LEU EA 193 26.52 -48.33 78.55
CA LEU EA 193 27.86 -47.76 78.44
C LEU EA 193 27.87 -46.36 79.02
N SER EA 194 28.76 -46.11 79.97
CA SER EA 194 28.89 -44.79 80.56
C SER EA 194 29.76 -43.91 79.67
N LEU EA 195 29.52 -42.60 79.76
CA LEU EA 195 30.29 -41.64 78.98
C LEU EA 195 31.79 -41.77 79.25
N ASP EA 196 32.19 -41.73 80.51
CA ASP EA 196 33.60 -41.85 80.84
C ASP EA 196 34.19 -43.17 80.37
N ARG EA 197 33.45 -44.26 80.54
CA ARG EA 197 33.94 -45.56 80.09
C ARG EA 197 34.20 -45.56 78.59
N ALA EA 198 33.23 -45.09 77.80
CA ALA EA 198 33.45 -44.96 76.37
C ALA EA 198 34.63 -44.06 76.06
N MET EA 199 34.87 -43.05 76.90
CA MET EA 199 36.01 -42.18 76.68
C MET EA 199 37.31 -42.95 76.68
N ARG EA 200 37.62 -43.63 77.78
CA ARG EA 200 38.83 -44.44 77.83
C ARG EA 200 38.83 -45.53 76.77
N LEU EA 201 37.66 -46.06 76.42
CA LEU EA 201 37.59 -47.02 75.32
C LEU EA 201 38.16 -46.43 74.05
N VAL EA 202 37.69 -45.24 73.68
CA VAL EA 202 38.23 -44.57 72.50
C VAL EA 202 39.71 -44.30 72.68
N LYS EA 203 40.13 -43.98 73.90
CA LYS EA 203 41.52 -43.64 74.12
C LYS EA 203 42.44 -44.84 73.93
N ASP EA 204 42.00 -46.03 74.28
CA ASP EA 204 42.82 -47.22 74.06
C ASP EA 204 42.75 -47.71 72.62
N VAL EA 205 41.56 -47.69 72.04
CA VAL EA 205 41.37 -48.31 70.72
C VAL EA 205 42.26 -47.66 69.67
N PHE EA 206 42.31 -46.33 69.62
CA PHE EA 206 43.19 -45.68 68.67
C PHE EA 206 44.67 -45.96 68.94
N ILE EA 207 45.03 -46.21 70.19
CA ILE EA 207 46.39 -46.62 70.48
C ILE EA 207 46.69 -47.96 69.83
N SER EA 208 45.83 -48.94 70.09
CA SER EA 208 46.00 -50.26 69.48
C SER EA 208 46.03 -50.17 67.97
N ALA EA 209 45.18 -49.32 67.39
CA ALA EA 209 45.21 -49.13 65.95
C ALA EA 209 46.54 -48.53 65.49
N ALA EA 210 47.06 -47.57 66.25
CA ALA EA 210 48.34 -46.99 65.91
C ALA EA 210 49.47 -47.99 65.99
N GLU EA 211 49.31 -49.05 66.78
CA GLU EA 211 50.37 -50.04 66.87
C GLU EA 211 50.55 -50.81 65.57
N ARG EA 212 49.47 -51.05 64.83
CA ARG EA 212 49.54 -51.88 63.64
C ARG EA 212 49.39 -51.12 62.34
N ASP EA 213 48.41 -50.23 62.23
CA ASP EA 213 48.22 -49.46 61.01
C ASP EA 213 49.37 -48.49 60.82
N VAL EA 214 49.70 -48.20 59.56
CA VAL EA 214 50.57 -47.09 59.23
C VAL EA 214 49.80 -45.81 59.03
N TYR EA 215 48.58 -45.87 58.51
CA TYR EA 215 47.77 -44.69 58.31
C TYR EA 215 47.27 -44.08 59.60
N THR EA 216 47.37 -44.80 60.70
CA THR EA 216 47.00 -44.23 61.99
C THR EA 216 47.91 -43.05 62.30
N GLY EA 217 47.31 -41.87 62.42
CA GLY EA 217 48.04 -40.64 62.59
C GLY EA 217 48.61 -40.48 63.97
N ASP EA 218 48.82 -39.23 64.38
CA ASP EA 218 49.38 -38.91 65.68
C ASP EA 218 48.37 -38.21 66.57
N ALA EA 219 47.78 -37.12 66.10
CA ALA EA 219 46.83 -36.36 66.89
C ALA EA 219 45.45 -36.97 66.80
N LEU EA 220 44.83 -37.16 67.95
CA LEU EA 220 43.50 -37.75 68.06
C LEU EA 220 42.50 -36.65 68.38
N ARG EA 221 41.64 -36.34 67.40
CA ARG EA 221 40.57 -35.38 67.60
C ARG EA 221 39.30 -36.11 68.02
N ILE EA 222 38.61 -35.54 68.99
CA ILE EA 222 37.43 -36.16 69.60
C ILE EA 222 36.40 -35.07 69.84
N CYS EA 223 35.21 -35.27 69.28
CA CYS EA 223 34.07 -34.38 69.49
C CYS EA 223 32.98 -35.16 70.21
N ILE EA 224 32.40 -34.53 71.24
CA ILE EA 224 31.34 -35.13 72.04
C ILE EA 224 30.14 -34.22 71.97
N VAL EA 225 29.03 -34.74 71.46
CA VAL EA 225 27.79 -34.00 71.31
C VAL EA 225 26.89 -34.36 72.49
N THR EA 226 26.40 -33.34 73.17
CA THR EA 226 25.50 -33.50 74.30
C THR EA 226 24.28 -32.60 74.14
N LYS EA 227 23.43 -32.58 75.15
CA LYS EA 227 22.27 -31.71 75.16
C LYS EA 227 22.62 -30.28 75.51
N GLU EA 228 23.92 -29.97 75.65
CA GLU EA 228 24.33 -28.67 76.14
C GLU EA 228 25.44 -28.05 75.30
N GLY EA 229 25.84 -28.68 74.21
CA GLY EA 229 26.86 -28.14 73.35
C GLY EA 229 27.73 -29.23 72.78
N ILE EA 230 28.84 -28.82 72.20
CA ILE EA 230 29.77 -29.71 71.52
C ILE EA 230 31.14 -29.52 72.14
N ARG EA 231 31.72 -30.59 72.65
CA ARG EA 231 33.02 -30.54 73.29
C ARG EA 231 34.08 -31.13 72.38
N GLU EA 232 35.30 -30.61 72.49
CA GLU EA 232 36.43 -31.12 71.74
C GLU EA 232 37.54 -31.55 72.68
N GLU EA 233 38.42 -32.42 72.17
CA GLU EA 233 39.57 -32.87 72.94
C GLU EA 233 40.48 -33.68 72.04
N THR EA 234 41.78 -33.43 72.14
CA THR EA 234 42.77 -34.10 71.31
C THR EA 234 43.80 -34.76 72.20
N VAL EA 235 44.27 -35.93 71.79
CA VAL EA 235 45.31 -36.66 72.49
C VAL EA 235 46.28 -37.23 71.47
N SER EA 236 47.56 -36.94 71.63
CA SER EA 236 48.55 -37.32 70.64
C SER EA 236 48.79 -38.84 70.65
N LEU EA 237 49.65 -39.27 69.74
CA LEU EA 237 49.99 -40.67 69.59
C LEU EA 237 51.46 -40.81 69.21
N ARG EA 238 51.91 -42.04 68.98
CA ARG EA 238 53.29 -42.25 68.57
C ARG EA 238 53.49 -41.80 67.14
N LYS EA 239 54.59 -41.06 66.92
CA LYS EA 239 54.83 -40.39 65.65
C LYS EA 239 55.66 -41.23 64.70
N ASP EA 240 55.65 -42.55 64.84
CA ASP EA 240 56.38 -43.41 63.92
C ASP EA 240 55.75 -43.41 62.53
N THR FA 45 44.50 -31.56 30.60
CA THR FA 45 45.73 -31.92 29.91
C THR FA 45 46.11 -33.36 30.21
N GLN FA 46 46.61 -34.06 29.20
CA GLN FA 46 46.97 -35.46 29.36
C GLN FA 46 48.47 -35.72 29.36
N ASN FA 47 49.24 -34.88 28.69
CA ASN FA 47 50.66 -35.18 28.57
C ASN FA 47 51.50 -33.94 28.80
N PRO FA 48 52.22 -33.87 29.92
CA PRO FA 48 53.04 -32.69 30.21
C PRO FA 48 54.22 -32.61 29.26
N MET FA 49 54.25 -31.56 28.45
CA MET FA 49 55.39 -31.35 27.55
C MET FA 49 56.54 -30.68 28.27
N VAL FA 50 56.34 -29.45 28.73
CA VAL FA 50 57.36 -28.68 29.43
C VAL FA 50 57.04 -28.71 30.91
N THR FA 51 57.99 -29.21 31.70
CA THR FA 51 57.76 -29.44 33.11
C THR FA 51 58.79 -28.68 33.95
N GLY FA 52 58.35 -28.26 35.12
CA GLY FA 52 59.22 -27.65 36.10
C GLY FA 52 59.91 -28.69 36.96
N THR FA 53 60.06 -28.34 38.24
CA THR FA 53 60.63 -29.26 39.22
C THR FA 53 60.05 -28.91 40.57
N SER FA 54 60.68 -29.41 41.63
CA SER FA 54 60.22 -29.16 42.99
C SER FA 54 60.22 -27.66 43.29
N VAL FA 55 59.48 -27.28 44.32
CA VAL FA 55 59.34 -25.89 44.74
C VAL FA 55 59.32 -25.84 46.25
N LEU FA 56 59.88 -24.78 46.83
CA LEU FA 56 59.98 -24.68 48.27
C LEU FA 56 59.42 -23.36 48.79
N GLY FA 57 59.01 -23.38 50.05
CA GLY FA 57 58.47 -22.21 50.71
C GLY FA 57 58.11 -22.52 52.15
N VAL FA 58 58.33 -21.58 53.04
CA VAL FA 58 58.11 -21.82 54.46
C VAL FA 58 57.83 -20.49 55.15
N LYS FA 59 57.11 -20.54 56.26
CA LYS FA 59 56.79 -19.36 57.02
C LYS FA 59 57.93 -19.02 57.97
N PHE FA 60 58.00 -17.76 58.35
CA PHE FA 60 58.87 -17.33 59.43
C PHE FA 60 58.15 -16.23 60.20
N GLU FA 61 58.88 -15.56 61.08
CA GLU FA 61 58.28 -14.53 61.92
C GLU FA 61 57.85 -13.36 61.06
N GLY FA 62 56.54 -13.16 60.97
CA GLY FA 62 55.99 -12.03 60.25
C GLY FA 62 56.34 -12.03 58.78
N GLY FA 63 56.24 -13.17 58.14
CA GLY FA 63 56.53 -13.27 56.72
C GLY FA 63 56.80 -14.71 56.33
N VAL FA 64 56.83 -14.91 55.01
CA VAL FA 64 57.03 -16.23 54.41
C VAL FA 64 57.97 -16.07 53.24
N VAL FA 65 58.79 -17.10 53.00
CA VAL FA 65 59.76 -17.09 51.92
C VAL FA 65 59.43 -18.24 50.97
N ILE FA 66 59.80 -18.08 49.70
CA ILE FA 66 59.62 -19.10 48.69
C ILE FA 66 60.86 -19.12 47.81
N ALA FA 67 61.26 -20.30 47.37
CA ALA FA 67 62.42 -20.47 46.52
C ALA FA 67 62.16 -21.54 45.48
N ALA FA 68 62.70 -21.33 44.28
CA ALA FA 68 62.60 -22.31 43.22
C ALA FA 68 63.62 -21.99 42.14
N ASP FA 69 64.09 -23.03 41.48
CA ASP FA 69 65.07 -22.87 40.42
C ASP FA 69 64.40 -22.24 39.21
N MET FA 70 65.18 -21.94 38.18
CA MET FA 70 64.68 -21.20 37.03
C MET FA 70 64.96 -21.96 35.74
N LEU FA 71 64.68 -23.25 35.74
CA LEU FA 71 64.97 -24.12 34.60
C LEU FA 71 63.70 -24.74 34.07
N GLY FA 72 63.56 -24.74 32.75
CA GLY FA 72 62.47 -25.42 32.07
C GLY FA 72 63.00 -26.65 31.34
N SER FA 73 62.30 -27.76 31.53
CA SER FA 73 62.76 -29.04 31.01
C SER FA 73 61.69 -29.67 30.12
N TYR FA 74 62.17 -30.44 29.15
CA TYR FA 74 61.34 -31.21 28.22
C TYR FA 74 61.88 -32.64 28.22
N GLY FA 75 61.26 -33.51 28.99
CA GLY FA 75 61.82 -34.84 29.15
C GLY FA 75 63.19 -34.74 29.77
N SER FA 76 64.08 -35.67 29.41
CA SER FA 76 65.43 -35.65 29.95
C SER FA 76 66.23 -34.43 29.51
N LEU FA 77 65.74 -33.68 28.52
CA LEU FA 77 66.45 -32.50 28.05
C LEU FA 77 66.04 -31.27 28.85
N ALA FA 78 67.03 -30.45 29.18
CA ALA FA 78 66.80 -29.13 29.79
C ALA FA 78 66.83 -28.11 28.67
N ARG FA 79 65.67 -27.87 28.07
CA ARG FA 79 65.61 -27.04 26.87
C ARG FA 79 65.75 -25.56 27.21
N PHE FA 80 65.01 -25.07 28.19
CA PHE FA 80 64.93 -23.65 28.48
C PHE FA 80 65.65 -23.38 29.79
N ARG FA 81 66.86 -22.85 29.70
CA ARG FA 81 67.73 -22.75 30.87
C ARG FA 81 67.48 -21.50 31.70
N ASN FA 82 66.53 -20.64 31.31
CA ASN FA 82 66.27 -19.41 32.05
C ASN FA 82 64.79 -19.05 31.91
N ILE FA 83 64.02 -19.32 32.97
CA ILE FA 83 62.59 -19.00 33.03
C ILE FA 83 62.22 -18.72 34.47
N SER FA 84 61.14 -17.97 34.64
CA SER FA 84 60.65 -17.57 35.95
C SER FA 84 59.49 -18.48 36.36
N ARG FA 85 59.68 -19.24 37.44
CA ARG FA 85 58.67 -20.16 37.93
C ARG FA 85 57.98 -19.61 39.18
N ILE FA 86 57.86 -18.30 39.30
CA ILE FA 86 57.23 -17.67 40.46
C ILE FA 86 56.47 -16.45 39.98
N MET FA 87 55.19 -16.37 40.34
CA MET FA 87 54.35 -15.25 39.96
C MET FA 87 54.11 -14.35 41.16
N ARG FA 88 54.22 -13.05 40.96
CA ARG FA 88 54.06 -12.07 42.04
C ARG FA 88 52.61 -11.62 42.06
N VAL FA 89 51.87 -12.03 43.08
CA VAL FA 89 50.56 -11.44 43.27
C VAL FA 89 50.76 -9.99 43.71
N ASN FA 90 49.65 -9.23 43.72
CA ASN FA 90 49.66 -7.78 43.90
C ASN FA 90 50.52 -7.25 45.04
N ASN FA 91 50.15 -7.48 46.29
CA ASN FA 91 50.91 -6.93 47.40
C ASN FA 91 51.16 -7.89 48.55
N SER FA 92 50.27 -8.83 48.81
CA SER FA 92 50.33 -9.60 50.04
C SER FA 92 50.58 -11.08 49.83
N THR FA 93 50.21 -11.63 48.69
CA THR FA 93 50.43 -13.04 48.43
C THR FA 93 51.27 -13.20 47.18
N MET FA 94 51.51 -14.45 46.82
CA MET FA 94 52.53 -14.78 45.84
C MET FA 94 52.42 -16.27 45.53
N LEU FA 95 52.81 -16.66 44.32
CA LEU FA 95 52.50 -18.00 43.86
C LEU FA 95 53.73 -18.69 43.29
N GLY FA 96 53.85 -19.99 43.56
CA GLY FA 96 54.77 -20.84 42.87
C GLY FA 96 54.06 -22.08 42.36
N ALA FA 97 54.72 -22.80 41.47
CA ALA FA 97 54.06 -23.93 40.84
C ALA FA 97 55.07 -24.79 40.09
N SER FA 98 54.63 -26.01 39.76
CA SER FA 98 55.38 -26.93 38.92
C SER FA 98 54.40 -27.67 38.00
N GLY FA 99 54.96 -28.41 37.04
CA GLY FA 99 54.15 -29.12 36.09
C GLY FA 99 54.20 -28.48 34.71
N ASP FA 100 53.03 -28.42 34.07
CA ASP FA 100 52.94 -27.77 32.76
C ASP FA 100 53.17 -26.28 32.90
N TYR FA 101 54.35 -25.84 32.46
CA TYR FA 101 54.66 -24.42 32.45
C TYR FA 101 53.66 -23.62 31.64
N ALA FA 102 53.11 -24.21 30.57
CA ALA FA 102 52.10 -23.52 29.80
C ALA FA 102 50.86 -23.25 30.62
N ASP FA 103 50.32 -24.28 31.28
CA ASP FA 103 49.18 -24.09 32.18
C ASP FA 103 49.51 -23.06 33.25
N PHE FA 104 50.75 -23.07 33.74
CA PHE FA 104 51.18 -22.00 34.63
C PHE FA 104 51.00 -20.64 34.00
N GLN FA 105 51.39 -20.49 32.73
CA GLN FA 105 51.09 -19.26 32.00
C GLN FA 105 49.61 -18.95 32.02
N TYR FA 106 48.78 -19.97 31.84
CA TYR FA 106 47.33 -19.77 31.80
C TYR FA 106 46.83 -19.17 33.11
N LEU FA 107 47.07 -19.87 34.22
CA LEU FA 107 46.62 -19.37 35.51
C LEU FA 107 47.21 -18.01 35.81
N LYS FA 108 48.47 -17.79 35.42
CA LYS FA 108 49.07 -16.47 35.51
C LYS FA 108 48.20 -15.42 34.84
N GLN FA 109 47.77 -15.69 33.61
CA GLN FA 109 46.90 -14.77 32.91
C GLN FA 109 45.59 -14.55 33.64
N VAL FA 110 44.97 -15.62 34.13
CA VAL FA 110 43.66 -15.49 34.75
C VAL FA 110 43.74 -14.66 36.02
N LEU FA 111 44.63 -15.04 36.93
CA LEU FA 111 44.77 -14.29 38.18
C LEU FA 111 45.18 -12.85 37.91
N GLY FA 112 46.12 -12.64 37.00
CA GLY FA 112 46.44 -11.28 36.59
C GLY FA 112 45.22 -10.51 36.13
N GLN FA 113 44.28 -11.20 35.49
CA GLN FA 113 43.01 -10.55 35.20
C GLN FA 113 42.26 -10.19 36.47
N MET FA 114 42.04 -11.16 37.36
CA MET FA 114 41.16 -10.93 38.51
C MET FA 114 41.67 -9.84 39.44
N VAL FA 115 42.97 -9.83 39.73
CA VAL FA 115 43.50 -8.82 40.63
C VAL FA 115 43.22 -7.43 40.09
N ILE FA 116 43.47 -7.22 38.80
CA ILE FA 116 43.06 -5.97 38.16
C ILE FA 116 41.56 -5.80 38.23
N ASP FA 117 40.81 -6.90 38.25
CA ASP FA 117 39.36 -6.80 38.32
C ASP FA 117 38.91 -6.15 39.61
N GLU FA 118 39.45 -6.57 40.76
CA GLU FA 118 39.05 -5.90 41.99
C GLU FA 118 39.70 -4.53 42.11
N GLU FA 119 40.94 -4.37 41.64
CA GLU FA 119 41.60 -3.08 41.73
C GLU FA 119 40.84 -2.01 40.96
N LEU FA 120 40.25 -2.36 39.83
CA LEU FA 120 39.39 -1.43 39.11
C LEU FA 120 38.21 -0.99 39.96
N LEU FA 121 37.70 -1.87 40.81
CA LEU FA 121 36.63 -1.48 41.72
C LEU FA 121 37.17 -0.51 42.77
N GLY FA 122 38.29 -0.86 43.40
CA GLY FA 122 38.89 0.02 44.38
C GLY FA 122 38.00 0.38 45.54
N ASP FA 123 37.15 -0.54 45.98
CA ASP FA 123 36.20 -0.28 47.05
C ASP FA 123 36.84 -0.28 48.44
N GLY FA 124 38.14 -0.46 48.54
CA GLY FA 124 38.78 -0.58 49.83
C GLY FA 124 38.84 -1.99 50.37
N HIS FA 125 38.93 -2.99 49.49
CA HIS FA 125 39.03 -4.38 49.89
C HIS FA 125 40.00 -5.08 48.95
N SER FA 126 40.24 -6.36 49.20
CA SER FA 126 41.11 -7.14 48.34
C SER FA 126 40.89 -8.61 48.65
N TYR FA 127 41.52 -9.46 47.84
CA TYR FA 127 41.43 -10.90 48.08
C TYR FA 127 42.52 -11.33 49.05
N SER FA 128 42.11 -11.93 50.15
CA SER FA 128 43.08 -12.51 51.06
C SER FA 128 43.75 -13.70 50.40
N PRO FA 129 44.98 -14.00 50.80
CA PRO FA 129 45.66 -15.19 50.27
C PRO FA 129 44.87 -16.47 50.52
N ARG FA 130 44.20 -16.59 51.67
CA ARG FA 130 43.37 -17.75 51.90
C ARG FA 130 42.21 -17.81 50.93
N ALA FA 131 41.56 -16.67 50.67
CA ALA FA 131 40.50 -16.67 49.67
C ALA FA 131 41.01 -17.09 48.31
N ILE FA 132 42.20 -16.60 47.93
CA ILE FA 132 42.79 -17.01 46.67
C ILE FA 132 43.01 -18.51 46.62
N HIS FA 133 43.57 -19.06 47.70
CA HIS FA 133 43.74 -20.50 47.80
C HIS FA 133 42.41 -21.23 47.63
N SER FA 134 41.36 -20.72 48.26
CA SER FA 134 40.02 -21.28 48.08
C SER FA 134 39.62 -21.31 46.62
N TRP FA 135 39.66 -20.15 45.96
CA TRP FA 135 39.24 -20.09 44.57
C TRP FA 135 40.04 -21.05 43.69
N LEU FA 136 41.36 -21.04 43.86
CA LEU FA 136 42.20 -21.98 43.12
C LEU FA 136 41.80 -23.42 43.36
N THR FA 137 41.40 -23.76 44.59
CA THR FA 137 40.99 -25.13 44.88
C THR FA 137 39.80 -25.53 44.03
N ARG FA 138 38.73 -24.73 44.08
CA ARG FA 138 37.56 -25.00 43.25
C ARG FA 138 37.92 -25.04 41.78
N ALA FA 139 38.87 -24.22 41.35
CA ALA FA 139 39.32 -24.25 39.97
C ALA FA 139 39.89 -25.62 39.62
N MET FA 140 40.84 -26.10 40.41
CA MET FA 140 41.44 -27.40 40.13
C MET FA 140 40.40 -28.52 40.18
N TYR FA 141 39.57 -28.54 41.23
CA TYR FA 141 38.62 -29.63 41.38
C TYR FA 141 37.63 -29.66 40.23
N SER FA 142 37.09 -28.51 39.87
CA SER FA 142 36.24 -28.45 38.68
C SER FA 142 37.00 -28.88 37.44
N ARG FA 143 38.31 -28.60 37.40
CA ARG FA 143 39.11 -29.03 36.27
C ARG FA 143 39.13 -30.55 36.15
N ARG FA 144 39.59 -31.24 37.19
CA ARG FA 144 39.63 -32.69 37.15
C ARG FA 144 38.25 -33.30 37.03
N SER FA 145 37.22 -32.58 37.44
CA SER FA 145 35.87 -33.11 37.40
C SER FA 145 35.42 -33.45 35.98
N LYS FA 146 36.06 -32.86 34.97
CA LYS FA 146 35.74 -33.15 33.59
C LYS FA 146 36.75 -34.09 32.94
N MET FA 147 37.63 -34.69 33.73
CA MET FA 147 38.62 -35.65 33.22
C MET FA 147 39.58 -34.97 32.25
N ASN FA 148 39.76 -33.66 32.41
CA ASN FA 148 40.71 -32.90 31.61
C ASN FA 148 41.52 -32.01 32.53
N PRO FA 149 42.30 -32.60 33.41
CA PRO FA 149 42.91 -31.87 34.52
C PRO FA 149 43.95 -30.87 34.02
N LEU FA 150 44.50 -30.13 34.98
CA LEU FA 150 45.60 -29.19 34.75
C LEU FA 150 46.83 -29.76 35.41
N TRP FA 151 47.82 -30.15 34.61
CA TRP FA 151 48.99 -30.86 35.10
C TRP FA 151 49.92 -29.89 35.81
N ASN FA 152 49.61 -29.59 37.07
CA ASN FA 152 50.41 -28.66 37.85
C ASN FA 152 50.37 -29.04 39.32
N THR FA 153 51.10 -28.26 40.10
CA THR FA 153 51.12 -28.40 41.56
C THR FA 153 51.60 -27.07 42.11
N MET FA 154 50.73 -26.37 42.83
CA MET FA 154 50.97 -24.96 43.15
C MET FA 154 51.02 -24.75 44.66
N VAL FA 155 51.71 -23.69 45.05
CA VAL FA 155 51.85 -23.31 46.45
C VAL FA 155 51.66 -21.80 46.56
N ILE FA 156 50.87 -21.38 47.54
CA ILE FA 156 50.54 -19.97 47.75
C ILE FA 156 51.21 -19.51 49.02
N GLY FA 157 51.85 -18.35 48.96
CA GLY FA 157 52.46 -17.72 50.12
C GLY FA 157 51.94 -16.30 50.29
N GLY FA 158 51.21 -16.07 51.38
CA GLY FA 158 50.62 -14.77 51.64
C GLY FA 158 51.01 -14.28 53.03
N TYR FA 159 50.72 -13.00 53.27
CA TYR FA 159 50.99 -12.40 54.56
C TYR FA 159 50.12 -11.16 54.69
N ALA FA 160 49.18 -11.21 55.63
CA ALA FA 160 48.29 -10.09 55.88
C ALA FA 160 47.86 -10.13 57.33
N ASP FA 161 47.69 -8.95 57.92
CA ASP FA 161 47.24 -8.82 59.30
C ASP FA 161 48.25 -9.45 60.25
N GLY FA 162 49.53 -9.32 59.92
CA GLY FA 162 50.56 -10.02 60.66
C GLY FA 162 50.38 -11.52 60.65
N GLU FA 163 49.86 -12.06 59.55
CA GLU FA 163 49.56 -13.49 59.47
C GLU FA 163 50.27 -14.09 58.27
N SER FA 164 51.35 -14.80 58.51
CA SER FA 164 51.99 -15.57 57.47
C SER FA 164 51.11 -16.77 57.13
N PHE FA 165 50.70 -16.85 55.87
CA PHE FA 165 49.82 -17.90 55.39
C PHE FA 165 50.50 -18.70 54.29
N LEU FA 166 50.28 -20.01 54.30
CA LEU FA 166 50.92 -20.89 53.33
C LEU FA 166 49.89 -21.94 52.92
N GLY FA 167 49.48 -21.90 51.67
CA GLY FA 167 48.50 -22.84 51.15
C GLY FA 167 49.13 -23.80 50.16
N TYR FA 168 48.66 -25.05 50.21
CA TYR FA 168 49.07 -26.07 49.27
C TYR FA 168 47.93 -26.37 48.31
N VAL FA 169 48.26 -26.58 47.04
CA VAL FA 169 47.26 -26.85 46.02
C VAL FA 169 47.77 -27.94 45.10
N ASP FA 170 46.97 -28.98 44.90
CA ASP FA 170 47.33 -30.13 44.12
C ASP FA 170 46.46 -30.23 42.86
N MET FA 171 46.98 -30.95 41.87
CA MET FA 171 46.24 -31.16 40.64
C MET FA 171 44.91 -31.87 40.89
N LEU FA 172 44.90 -32.82 41.83
CA LEU FA 172 43.69 -33.57 42.13
C LEU FA 172 42.81 -32.88 43.16
N GLY FA 173 42.91 -31.57 43.29
CA GLY FA 173 42.11 -30.89 44.28
C GLY FA 173 42.45 -31.21 45.71
N VAL FA 174 43.70 -31.57 45.99
CA VAL FA 174 44.16 -31.82 47.35
C VAL FA 174 44.82 -30.55 47.86
N ALA FA 175 44.28 -29.99 48.94
CA ALA FA 175 44.76 -28.72 49.46
C ALA FA 175 44.76 -28.76 50.98
N TYR FA 176 45.66 -27.99 51.58
CA TYR FA 176 45.74 -27.89 53.03
C TYR FA 176 46.72 -26.79 53.39
N GLU FA 177 46.96 -26.63 54.68
CA GLU FA 177 47.89 -25.63 55.20
C GLU FA 177 49.02 -26.34 55.94
N ALA FA 178 50.13 -25.65 56.11
CA ALA FA 178 51.29 -26.24 56.77
C ALA FA 178 52.37 -25.18 56.95
N PRO FA 179 53.25 -25.34 57.93
CA PRO FA 179 54.32 -24.36 58.11
C PRO FA 179 55.36 -24.41 57.02
N SER FA 180 55.56 -25.57 56.39
CA SER FA 180 56.57 -25.70 55.34
C SER FA 180 56.00 -26.62 54.28
N LEU FA 181 56.39 -26.39 53.04
CA LEU FA 181 55.90 -27.17 51.92
C LEU FA 181 57.04 -27.52 50.98
N ALA FA 182 56.87 -28.61 50.25
CA ALA FA 182 57.86 -29.06 49.29
C ALA FA 182 57.16 -29.90 48.24
N THR FA 183 57.51 -29.66 46.98
CA THR FA 183 56.88 -30.34 45.86
C THR FA 183 57.84 -31.32 45.22
N GLY FA 184 57.31 -32.16 44.34
CA GLY FA 184 58.11 -33.13 43.61
C GLY FA 184 58.92 -34.01 44.54
N TYR FA 185 60.19 -34.19 44.20
CA TYR FA 185 61.11 -34.83 45.11
C TYR FA 185 61.34 -34.04 46.38
N GLY FA 186 61.07 -32.73 46.35
CA GLY FA 186 61.27 -31.91 47.54
C GLY FA 186 60.51 -32.42 48.74
N ALA FA 187 59.33 -32.97 48.54
CA ALA FA 187 58.66 -33.65 49.63
C ALA FA 187 59.43 -34.88 50.09
N TYR FA 188 60.24 -35.47 49.22
CA TYR FA 188 61.03 -36.63 49.57
C TYR FA 188 62.34 -36.28 50.25
N LEU FA 189 62.88 -35.09 50.01
CA LEU FA 189 64.21 -34.75 50.49
C LEU FA 189 64.21 -33.56 51.44
N ALA FA 190 63.65 -32.42 51.02
CA ALA FA 190 63.72 -31.23 51.85
C ALA FA 190 62.70 -31.27 52.98
N GLN FA 191 61.60 -31.99 52.78
CA GLN FA 191 60.60 -32.12 53.83
C GLN FA 191 61.16 -32.60 55.15
N PRO FA 192 62.03 -33.63 55.20
CA PRO FA 192 62.61 -34.04 56.48
C PRO FA 192 63.36 -32.93 57.19
N LEU FA 193 64.27 -32.25 56.49
CA LEU FA 193 65.02 -31.18 57.14
C LEU FA 193 64.12 -30.06 57.62
N LEU FA 194 63.03 -29.80 56.89
CA LEU FA 194 62.08 -28.79 57.33
C LEU FA 194 61.40 -29.22 58.62
N ARG FA 195 60.72 -30.36 58.60
CA ARG FA 195 59.95 -30.80 59.75
C ARG FA 195 60.82 -31.04 60.97
N GLU FA 196 62.07 -31.48 60.78
CA GLU FA 196 62.95 -31.66 61.92
C GLU FA 196 63.22 -30.33 62.62
N VAL FA 197 63.73 -29.34 61.88
CA VAL FA 197 64.07 -28.06 62.47
C VAL FA 197 62.83 -27.38 63.03
N LEU FA 198 61.68 -27.54 62.36
CA LEU FA 198 60.48 -26.92 62.87
C LEU FA 198 60.02 -27.58 64.16
N GLU FA 199 60.13 -28.90 64.27
CA GLU FA 199 59.77 -29.56 65.52
C GLU FA 199 60.75 -29.21 66.64
N LYS FA 200 62.03 -29.04 66.32
CA LYS FA 200 62.99 -28.62 67.35
C LYS FA 200 62.69 -27.21 67.82
N GLN FA 201 62.47 -26.30 66.87
CA GLN FA 201 62.18 -24.90 67.20
C GLN FA 201 60.91 -24.50 66.46
N PRO FA 202 59.85 -24.09 67.16
CA PRO FA 202 58.60 -23.74 66.46
C PRO FA 202 58.76 -22.54 65.54
N VAL FA 203 59.26 -21.43 66.05
CA VAL FA 203 59.37 -20.21 65.26
C VAL FA 203 60.80 -20.09 64.76
N LEU FA 204 61.00 -19.22 63.77
CA LEU FA 204 62.31 -19.00 63.19
C LEU FA 204 62.40 -17.58 62.65
N SER FA 205 63.63 -17.13 62.45
CA SER FA 205 63.85 -15.80 61.93
C SER FA 205 64.01 -15.84 60.42
N GLN FA 206 63.87 -14.66 59.81
CA GLN FA 206 64.00 -14.52 58.36
C GLN FA 206 65.35 -15.01 57.88
N THR FA 207 66.43 -14.59 58.54
CA THR FA 207 67.75 -15.04 58.15
C THR FA 207 67.90 -16.55 58.30
N GLU FA 208 67.41 -17.10 59.41
CA GLU FA 208 67.46 -18.54 59.64
C GLU FA 208 66.81 -19.31 58.49
N ALA FA 209 65.53 -19.01 58.23
CA ALA FA 209 64.83 -19.69 57.15
C ALA FA 209 65.53 -19.47 55.82
N ARG FA 210 66.05 -18.27 55.58
CA ARG FA 210 66.71 -18.02 54.31
C ARG FA 210 67.95 -18.87 54.14
N ASP FA 211 68.68 -19.11 55.24
CA ASP FA 211 69.81 -20.02 55.15
C ASP FA 211 69.37 -21.45 54.91
N LEU FA 212 68.43 -21.94 55.73
CA LEU FA 212 67.99 -23.33 55.61
C LEU FA 212 67.47 -23.65 54.22
N VAL FA 213 66.70 -22.73 53.64
CA VAL FA 213 66.22 -22.92 52.28
C VAL FA 213 67.38 -23.08 51.31
N GLU FA 214 68.41 -22.25 51.49
CA GLU FA 214 69.59 -22.37 50.63
C GLU FA 214 70.23 -23.73 50.76
N ARG FA 215 70.34 -24.25 51.98
CA ARG FA 215 70.88 -25.59 52.17
C ARG FA 215 70.06 -26.64 51.43
N CYS FA 216 68.74 -26.59 51.61
CA CYS FA 216 67.88 -27.57 50.94
C CYS FA 216 68.02 -27.48 49.44
N MET FA 217 68.02 -26.27 48.88
CA MET FA 217 68.21 -26.11 47.45
C MET FA 217 69.53 -26.70 46.99
N ARG FA 218 70.59 -26.51 47.77
CA ARG FA 218 71.86 -27.15 47.44
C ARG FA 218 71.70 -28.66 47.36
N VAL FA 219 71.04 -29.25 48.37
CA VAL FA 219 70.89 -30.69 48.39
C VAL FA 219 70.12 -31.18 47.18
N LEU FA 220 69.00 -30.53 46.87
CA LEU FA 220 68.24 -30.88 45.68
C LEU FA 220 69.08 -30.75 44.42
N TYR FA 221 69.99 -29.79 44.36
CA TYR FA 221 70.90 -29.75 43.24
C TYR FA 221 71.83 -30.96 43.24
N TYR FA 222 72.15 -31.49 44.42
CA TYR FA 222 72.94 -32.71 44.44
C TYR FA 222 72.15 -33.89 43.88
N ARG FA 223 71.06 -34.27 44.55
CA ARG FA 223 70.45 -35.55 44.29
C ARG FA 223 69.39 -35.53 43.20
N ASP FA 224 68.89 -34.37 42.81
CA ASP FA 224 67.91 -34.28 41.74
C ASP FA 224 68.57 -34.71 40.43
N ALA FA 225 67.87 -35.55 39.67
CA ALA FA 225 68.34 -35.87 38.34
C ALA FA 225 68.05 -34.76 37.35
N ARG FA 226 67.18 -33.82 37.70
CA ARG FA 226 66.74 -32.79 36.77
C ARG FA 226 66.65 -31.44 37.47
N SER FA 227 67.65 -31.14 38.29
CA SER FA 227 67.75 -29.85 38.96
C SER FA 227 68.59 -28.91 38.10
N TYR FA 228 68.91 -27.76 38.67
CA TYR FA 228 69.73 -26.80 37.94
C TYR FA 228 70.23 -25.73 38.90
N ASN FA 229 71.52 -25.46 38.84
CA ASN FA 229 72.16 -24.56 39.80
C ASN FA 229 71.93 -23.10 39.44
N ARG FA 230 70.66 -22.70 39.37
CA ARG FA 230 70.32 -21.30 39.13
C ARG FA 230 68.87 -21.13 39.53
N PHE FA 231 68.62 -20.30 40.53
CA PHE FA 231 67.32 -20.25 41.17
C PHE FA 231 67.02 -18.82 41.59
N GLN FA 232 65.79 -18.62 42.04
CA GLN FA 232 65.35 -17.34 42.56
C GLN FA 232 64.50 -17.56 43.80
N ILE FA 233 64.54 -16.58 44.70
CA ILE FA 233 63.87 -16.64 45.98
C ILE FA 233 63.15 -15.32 46.21
N ALA FA 234 61.85 -15.40 46.49
CA ALA FA 234 61.05 -14.23 46.76
C ALA FA 234 60.52 -14.32 48.20
N THR FA 235 60.22 -13.17 48.77
CA THR FA 235 59.81 -13.11 50.17
C THR FA 235 58.66 -12.13 50.33
N VAL FA 236 57.72 -12.49 51.19
CA VAL FA 236 56.57 -11.64 51.49
C VAL FA 236 56.69 -11.14 52.92
N THR FA 237 56.56 -9.84 53.09
CA THR FA 237 56.57 -9.20 54.40
C THR FA 237 55.45 -8.17 54.41
N GLU FA 238 55.30 -7.50 55.54
CA GLU FA 238 54.37 -6.38 55.61
C GLU FA 238 54.78 -5.25 54.67
N LYS FA 239 56.07 -5.14 54.35
CA LYS FA 239 56.54 -4.13 53.42
C LYS FA 239 56.14 -4.41 51.98
N GLY FA 240 55.63 -5.61 51.69
CA GLY FA 240 55.23 -5.97 50.36
C GLY FA 240 55.86 -7.28 49.97
N VAL FA 241 56.05 -7.46 48.67
CA VAL FA 241 56.60 -8.69 48.11
C VAL FA 241 57.88 -8.34 47.35
N GLU FA 242 58.90 -9.17 47.51
CA GLU FA 242 60.20 -8.94 46.89
C GLU FA 242 60.63 -10.20 46.15
N ILE FA 243 61.38 -10.02 45.07
CA ILE FA 243 61.90 -11.12 44.27
C ILE FA 243 63.39 -10.92 44.09
N GLU FA 244 64.18 -11.85 44.60
CA GLU FA 244 65.63 -11.74 44.47
C GLU FA 244 66.07 -12.17 43.08
N GLY FA 245 67.38 -12.21 42.88
CA GLY FA 245 67.95 -12.50 41.59
C GLY FA 245 68.35 -13.94 41.42
N PRO FA 246 68.90 -14.27 40.25
CA PRO FA 246 69.27 -15.66 39.96
C PRO FA 246 70.44 -16.13 40.81
N LEU FA 247 70.15 -16.52 42.04
CA LEU FA 247 71.19 -17.00 42.94
C LEU FA 247 71.69 -18.36 42.50
N SER FA 248 72.81 -18.78 43.08
CA SER FA 248 73.42 -20.06 42.75
C SER FA 248 73.85 -20.76 44.03
N THR FA 249 74.40 -21.95 43.86
CA THR FA 249 74.83 -22.77 44.99
C THR FA 249 76.32 -23.07 44.90
N GLU FA 250 76.82 -23.79 45.90
CA GLU FA 250 78.23 -24.14 45.99
C GLU FA 250 78.34 -25.60 46.37
N THR FA 251 78.69 -26.44 45.40
CA THR FA 251 78.78 -27.87 45.65
C THR FA 251 80.13 -28.22 46.27
N ASN FA 252 80.20 -29.42 46.82
CA ASN FA 252 81.46 -30.00 47.27
C ASN FA 252 81.70 -31.27 46.49
N TRP FA 253 82.97 -31.58 46.24
CA TRP FA 253 83.33 -32.78 45.51
C TRP FA 253 84.58 -33.43 46.11
N ASP FA 254 84.82 -33.21 47.40
CA ASP FA 254 85.98 -33.78 48.06
C ASP FA 254 85.98 -35.29 48.02
N ILE FA 255 84.81 -35.93 48.21
CA ILE FA 255 84.73 -37.37 48.25
C ILE FA 255 85.12 -38.04 46.95
N ALA FA 256 85.14 -37.29 45.84
CA ALA FA 256 85.47 -37.88 44.54
C ALA FA 256 86.83 -38.54 44.53
N HIS FA 257 87.77 -38.07 45.34
CA HIS FA 257 89.07 -38.71 45.42
C HIS FA 257 89.00 -40.01 46.20
N MET FA 258 87.92 -40.23 46.95
CA MET FA 258 87.73 -41.49 47.65
C MET FA 258 87.18 -42.53 46.68
N ILE FA 259 88.04 -43.45 46.24
CA ILE FA 259 87.63 -44.48 45.31
C ILE FA 259 86.59 -45.41 45.94
N SER GA 4 107.49 -107.47 46.84
CA SER GA 4 106.95 -108.60 46.09
C SER GA 4 105.83 -108.15 45.17
N SER GA 5 105.39 -109.05 44.29
CA SER GA 5 104.30 -108.79 43.37
C SER GA 5 103.10 -109.64 43.74
N ALA GA 6 101.93 -109.00 43.77
CA ALA GA 6 100.69 -109.69 44.10
C ALA GA 6 99.59 -109.11 43.22
N GLY GA 7 99.00 -109.95 42.39
CA GLY GA 7 97.98 -109.48 41.48
C GLY GA 7 98.54 -108.50 40.47
N PHE GA 8 98.21 -107.22 40.62
CA PHE GA 8 98.65 -106.19 39.69
C PHE GA 8 99.18 -104.98 40.44
N ASP GA 9 99.68 -105.19 41.65
CA ASP GA 9 100.31 -104.10 42.38
C ASP GA 9 101.53 -103.57 41.62
N ARG GA 10 102.20 -104.44 40.87
CA ARG GA 10 103.30 -104.04 40.01
C ARG GA 10 102.83 -103.26 38.79
N HIS GA 11 101.54 -103.24 38.51
CA HIS GA 11 101.01 -102.67 37.28
C HIS GA 11 100.13 -101.44 37.50
N ILE GA 12 99.34 -101.42 38.56
CA ILE GA 12 98.36 -100.36 38.74
C ILE GA 12 98.49 -99.72 40.12
N THR GA 13 97.65 -98.73 40.40
CA THR GA 13 97.70 -97.99 41.65
C THR GA 13 96.87 -98.71 42.70
N ILE GA 14 97.44 -99.78 43.25
CA ILE GA 14 96.81 -100.56 44.30
C ILE GA 14 97.81 -100.77 45.41
N PHE GA 15 97.35 -101.39 46.49
CA PHE GA 15 98.18 -101.62 47.66
C PHE GA 15 98.96 -102.93 47.53
N SER GA 16 100.16 -102.93 48.10
CA SER GA 16 100.94 -104.15 48.19
C SER GA 16 100.53 -104.92 49.44
N PRO GA 17 100.89 -106.20 49.51
CA PRO GA 17 100.71 -106.92 50.78
C PRO GA 17 101.41 -106.25 51.94
N GLU GA 18 102.56 -105.62 51.67
CA GLU GA 18 103.24 -104.81 52.67
C GLU GA 18 102.61 -103.46 52.86
N GLY GA 19 101.59 -103.11 52.08
CA GLY GA 19 100.97 -101.82 52.13
C GLY GA 19 101.59 -100.79 51.21
N ARG GA 20 102.51 -101.20 50.35
CA ARG GA 20 103.18 -100.29 49.43
C ARG GA 20 102.35 -100.10 48.17
N LEU GA 21 102.86 -99.25 47.30
CA LEU GA 21 102.38 -99.12 45.93
C LEU GA 21 103.59 -98.82 45.07
N TYR GA 22 103.88 -99.69 44.11
CA TYR GA 22 105.15 -99.61 43.40
C TYR GA 22 105.17 -98.51 42.35
N GLN GA 23 104.00 -98.09 41.87
CA GLN GA 23 103.95 -97.18 40.73
C GLN GA 23 104.58 -95.83 41.05
N VAL GA 24 104.13 -95.17 42.12
CA VAL GA 24 104.62 -93.83 42.42
C VAL GA 24 106.11 -93.84 42.69
N GLU GA 25 106.57 -94.78 43.50
CA GLU GA 25 107.99 -94.90 43.74
C GLU GA 25 108.77 -95.22 42.47
N TYR GA 26 108.15 -95.91 41.51
CA TYR GA 26 108.70 -95.92 40.17
C TYR GA 26 108.76 -94.52 39.57
N ALA GA 27 107.78 -93.68 39.91
CA ALA GA 27 107.68 -92.36 39.33
C ALA GA 27 108.75 -91.40 39.84
N PHE GA 28 109.15 -91.51 41.10
CA PHE GA 28 110.14 -90.57 41.62
C PHE GA 28 111.45 -90.64 40.85
N LYS GA 29 111.97 -91.84 40.64
CA LYS GA 29 113.14 -91.99 39.79
C LYS GA 29 112.82 -91.75 38.33
N ALA GA 30 111.54 -91.74 37.97
CA ALA GA 30 111.18 -91.32 36.63
C ALA GA 30 111.55 -89.86 36.37
N ILE GA 31 111.70 -89.05 37.41
CA ILE GA 31 112.22 -87.71 37.22
C ILE GA 31 113.71 -87.74 36.90
N ASN GA 32 114.41 -88.77 37.39
CA ASN GA 32 115.86 -88.81 37.27
C ASN GA 32 116.35 -88.96 35.83
N GLN GA 33 115.51 -89.43 34.92
CA GLN GA 33 115.93 -89.51 33.53
C GLN GA 33 116.10 -88.14 32.89
N GLY GA 34 115.61 -87.07 33.54
CA GLY GA 34 115.78 -85.74 32.97
C GLY GA 34 117.23 -85.32 32.84
N GLY GA 35 118.13 -85.94 33.61
CA GLY GA 35 119.53 -85.61 33.54
C GLY GA 35 119.80 -84.17 33.91
N LEU GA 36 119.23 -83.74 35.03
CA LEU GA 36 119.35 -82.35 35.45
C LEU GA 36 119.21 -82.31 36.96
N THR GA 37 119.68 -81.20 37.54
CA THR GA 37 119.56 -80.98 38.98
C THR GA 37 119.28 -79.51 39.21
N SER GA 38 118.26 -79.21 40.00
CA SER GA 38 117.80 -77.86 40.24
C SER GA 38 118.14 -77.43 41.66
N VAL GA 39 118.19 -76.12 41.88
CA VAL GA 39 118.50 -75.57 43.19
C VAL GA 39 117.63 -74.36 43.46
N ALA GA 40 117.12 -74.26 44.68
CA ALA GA 40 116.29 -73.15 45.13
C ALA GA 40 116.74 -72.72 46.52
N VAL GA 41 116.69 -71.42 46.78
CA VAL GA 41 117.13 -70.87 48.07
C VAL GA 41 116.25 -69.68 48.42
N ARG GA 42 115.90 -69.54 49.69
CA ARG GA 42 115.21 -68.36 50.19
C ARG GA 42 116.15 -67.53 51.05
N GLY GA 43 116.11 -66.22 50.83
CA GLY GA 43 116.92 -65.31 51.61
C GLY GA 43 116.12 -64.50 52.60
N LYS GA 44 116.75 -63.50 53.22
CA LYS GA 44 116.06 -62.66 54.18
C LYS GA 44 114.92 -61.88 53.55
N ASP GA 45 115.14 -61.33 52.36
CA ASP GA 45 114.09 -60.62 51.64
C ASP GA 45 114.04 -61.02 50.18
N CYS GA 46 114.56 -62.19 49.83
CA CYS GA 46 114.61 -62.62 48.44
C CYS GA 46 114.71 -64.13 48.37
N ALA GA 47 114.38 -64.67 47.21
CA ALA GA 47 114.49 -66.09 46.91
C ALA GA 47 114.95 -66.22 45.47
N VAL GA 48 115.76 -67.25 45.21
CA VAL GA 48 116.42 -67.42 43.92
C VAL GA 48 116.34 -68.88 43.52
N ILE GA 49 116.13 -69.10 42.22
CA ILE GA 49 116.20 -70.42 41.60
C ILE GA 49 117.41 -70.43 40.67
N VAL GA 50 117.95 -71.62 40.42
CA VAL GA 50 119.07 -71.76 39.49
C VAL GA 50 119.17 -73.21 39.07
N THR GA 51 119.46 -73.43 37.78
CA THR GA 51 119.63 -74.78 37.25
C THR GA 51 120.30 -74.70 35.89
N GLN GA 52 121.23 -75.60 35.64
CA GLN GA 52 121.96 -75.62 34.39
C GLN GA 52 121.09 -76.15 33.26
N LYS GA 53 121.66 -76.13 32.04
CA LYS GA 53 121.03 -76.73 30.89
C LYS GA 53 122.09 -77.42 30.05
N LYS GA 54 121.65 -78.28 29.14
CA LYS GA 54 122.53 -79.00 28.23
C LYS GA 54 122.12 -78.69 26.81
N VAL GA 55 123.00 -77.99 26.08
CA VAL GA 55 122.73 -77.62 24.70
C VAL GA 55 123.69 -78.39 23.80
N PRO GA 56 123.41 -79.66 23.49
CA PRO GA 56 124.33 -80.44 22.66
C PRO GA 56 124.32 -80.07 21.19
N ASP GA 57 123.42 -79.20 20.74
CA ASP GA 57 123.29 -78.86 19.34
C ASP GA 57 123.53 -77.38 19.13
N LYS GA 58 124.31 -77.07 18.10
CA LYS GA 58 124.36 -75.69 17.62
C LYS GA 58 123.09 -75.30 16.87
N LEU GA 59 122.47 -76.26 16.19
CA LEU GA 59 121.19 -76.01 15.53
C LEU GA 59 120.05 -75.83 16.51
N LEU GA 60 120.21 -76.32 17.74
CA LEU GA 60 119.16 -76.20 18.74
C LEU GA 60 119.19 -74.80 19.34
N ASP GA 61 118.03 -74.14 19.34
CA ASP GA 61 117.94 -72.77 19.79
C ASP GA 61 118.33 -72.64 21.25
N SER GA 62 118.54 -71.41 21.69
CA SER GA 62 118.93 -71.17 23.08
C SER GA 62 117.76 -70.82 23.98
N SER GA 63 116.94 -69.84 23.58
CA SER GA 63 115.83 -69.41 24.40
C SER GA 63 114.73 -70.46 24.53
N THR GA 64 114.76 -71.51 23.72
CA THR GA 64 113.73 -72.54 23.74
C THR GA 64 114.11 -73.74 24.60
N VAL GA 65 114.88 -73.50 25.66
CA VAL GA 65 115.40 -74.59 26.46
C VAL GA 65 115.09 -74.32 27.93
N THR GA 66 114.61 -73.11 28.21
CA THR GA 66 114.43 -72.67 29.58
C THR GA 66 113.38 -73.50 30.30
N HIS GA 67 113.64 -73.82 31.56
CA HIS GA 67 112.65 -74.43 32.43
C HIS GA 67 112.05 -73.42 33.41
N LEU GA 68 112.71 -72.28 33.59
CA LEU GA 68 112.17 -71.22 34.43
C LEU GA 68 110.88 -70.71 33.80
N PHE GA 69 109.75 -70.96 34.45
CA PHE GA 69 108.44 -70.70 33.87
C PHE GA 69 107.73 -69.63 34.70
N LYS GA 70 107.50 -68.48 34.08
CA LYS GA 70 106.74 -67.41 34.74
C LYS GA 70 105.28 -67.81 34.81
N ILE GA 71 104.76 -68.01 36.02
CA ILE GA 71 103.34 -68.28 36.18
C ILE GA 71 102.55 -66.99 36.23
N THR GA 72 102.92 -66.10 37.15
CA THR GA 72 102.20 -64.85 37.30
C THR GA 72 103.22 -63.73 37.47
N GLU GA 73 102.77 -62.48 37.56
CA GLU GA 73 103.69 -61.38 37.74
C GLU GA 73 104.46 -61.47 39.05
N ASN GA 74 103.96 -62.25 40.01
CA ASN GA 74 104.63 -62.41 41.28
C ASN GA 74 104.80 -63.87 41.66
N ILE GA 75 104.92 -64.77 40.68
CA ILE GA 75 105.05 -66.21 40.95
C ILE GA 75 105.96 -66.81 39.90
N GLY GA 76 107.11 -67.32 40.33
CA GLY GA 76 108.01 -68.07 39.49
C GLY GA 76 108.07 -69.53 39.93
N CYS GA 77 108.36 -70.39 38.96
CA CYS GA 77 108.39 -71.83 39.21
C CYS GA 77 109.42 -72.47 38.30
N VAL GA 78 109.90 -73.63 38.70
CA VAL GA 78 110.83 -74.41 37.90
C VAL GA 78 110.42 -75.87 37.93
N MET GA 79 110.81 -76.60 36.90
CA MET GA 79 110.34 -77.95 36.65
C MET GA 79 111.49 -78.93 36.57
N THR GA 80 111.19 -80.20 36.76
CA THR GA 80 112.10 -81.31 36.54
C THR GA 80 111.31 -82.47 35.92
N GLY GA 81 111.94 -83.63 35.88
CA GLY GA 81 111.28 -84.79 35.32
C GLY GA 81 111.22 -84.74 33.80
N MET GA 82 110.04 -85.01 33.28
CA MET GA 82 109.86 -85.05 31.84
C MET GA 82 109.13 -83.81 31.33
N THR GA 83 109.61 -83.32 30.19
CA THR GA 83 109.13 -82.04 29.65
C THR GA 83 107.65 -82.09 29.34
N ALA GA 84 107.13 -83.24 28.94
CA ALA GA 84 105.70 -83.34 28.66
C ALA GA 84 104.89 -83.04 29.91
N ASP GA 85 105.09 -83.83 30.98
CA ASP GA 85 104.35 -83.61 32.21
C ASP GA 85 104.60 -82.22 32.76
N SER GA 86 105.81 -81.68 32.59
CA SER GA 86 106.08 -80.33 33.04
C SER GA 86 105.19 -79.32 32.32
N ARG GA 87 105.25 -79.30 31.00
CA ARG GA 87 104.49 -78.32 30.23
C ARG GA 87 103.01 -78.46 30.48
N SER GA 88 102.49 -79.69 30.46
CA SER GA 88 101.09 -79.90 30.80
C SER GA 88 100.76 -79.38 32.19
N GLN GA 89 101.67 -79.55 33.14
CA GLN GA 89 101.50 -78.94 34.46
C GLN GA 89 101.38 -77.42 34.36
N VAL GA 90 102.11 -76.83 33.41
CA VAL GA 90 102.16 -75.38 33.29
C VAL GA 90 100.77 -74.79 33.08
N GLN GA 91 100.05 -75.24 32.04
CA GLN GA 91 98.74 -74.68 31.76
C GLN GA 91 97.77 -74.89 32.90
N ARG GA 92 97.92 -75.98 33.64
CA ARG GA 92 97.13 -76.13 34.85
C ARG GA 92 97.41 -75.00 35.82
N ALA GA 93 98.69 -74.78 36.13
CA ALA GA 93 99.06 -73.73 37.08
C ALA GA 93 98.57 -72.37 36.66
N ARG GA 94 98.91 -71.95 35.44
CA ARG GA 94 98.42 -70.68 34.91
C ARG GA 94 96.90 -70.61 34.95
N TYR GA 95 96.25 -71.70 34.57
CA TYR GA 95 94.80 -71.71 34.42
C TYR GA 95 94.09 -71.48 35.75
N GLU GA 96 94.31 -72.36 36.73
CA GLU GA 96 93.69 -72.13 38.02
C GLU GA 96 94.19 -70.85 38.69
N ALA GA 97 95.41 -70.43 38.36
CA ALA GA 97 95.89 -69.14 38.83
C ALA GA 97 94.95 -68.02 38.40
N ALA GA 98 94.65 -67.93 37.11
CA ALA GA 98 93.73 -66.90 36.64
C ALA GA 98 92.34 -67.11 37.23
N ASN GA 99 91.89 -68.37 37.34
CA ASN GA 99 90.58 -68.64 37.92
C ASN GA 99 90.48 -68.07 39.33
N TRP GA 100 91.58 -68.10 40.07
CA TRP GA 100 91.63 -67.46 41.37
C TRP GA 100 91.26 -65.99 41.26
N LYS GA 101 91.94 -65.25 40.39
CA LYS GA 101 91.69 -63.83 40.26
C LYS GA 101 90.25 -63.57 39.85
N TYR GA 102 89.70 -64.42 38.99
CA TYR GA 102 88.33 -64.20 38.58
C TYR GA 102 87.36 -64.44 39.71
N LYS GA 103 87.63 -65.43 40.57
CA LYS GA 103 86.66 -65.76 41.59
C LYS GA 103 86.77 -64.88 42.83
N TYR GA 104 87.98 -64.49 43.21
CA TYR GA 104 88.21 -63.86 44.50
C TYR GA 104 88.81 -62.46 44.39
N GLY GA 105 89.13 -62.00 43.19
CA GLY GA 105 89.67 -60.67 43.03
C GLY GA 105 91.16 -60.57 43.27
N TYR GA 106 91.59 -60.75 44.53
CA TYR GA 106 92.98 -60.53 44.87
C TYR GA 106 93.85 -61.68 44.37
N GLU GA 107 95.13 -61.61 44.68
CA GLU GA 107 96.10 -62.52 44.10
C GLU GA 107 96.16 -63.83 44.89
N ILE GA 108 96.50 -64.90 44.20
CA ILE GA 108 96.48 -66.23 44.84
C ILE GA 108 97.70 -66.39 45.72
N PRO GA 109 97.58 -67.03 46.88
CA PRO GA 109 98.77 -67.38 47.66
C PRO GA 109 99.52 -68.52 47.02
N VAL GA 110 100.85 -68.37 47.01
CA VAL GA 110 101.72 -69.41 46.45
C VAL GA 110 101.50 -70.73 47.15
N ASP GA 111 101.23 -70.70 48.45
CA ASP GA 111 100.91 -71.93 49.17
C ASP GA 111 99.60 -72.53 48.67
N MET GA 112 98.58 -71.68 48.53
CA MET GA 112 97.29 -72.14 48.03
C MET GA 112 97.40 -72.82 46.68
N LEU GA 113 98.13 -72.21 45.74
CA LEU GA 113 98.29 -72.83 44.44
C LEU GA 113 98.96 -74.19 44.54
N CYS GA 114 99.96 -74.32 45.40
CA CYS GA 114 100.53 -75.63 45.68
C CYS GA 114 99.47 -76.59 46.20
N LYS GA 115 98.53 -76.10 47.01
CA LYS GA 115 97.42 -76.94 47.43
C LYS GA 115 96.62 -77.44 46.24
N ARG GA 116 96.28 -76.55 45.31
CA ARG GA 116 95.52 -76.96 44.14
C ARG GA 116 96.28 -78.00 43.33
N ILE GA 117 97.57 -77.77 43.11
CA ILE GA 117 98.33 -78.68 42.27
C ILE GA 117 98.45 -80.04 42.93
N ALA GA 118 98.76 -80.06 44.23
CA ALA GA 118 98.85 -81.34 44.92
C ALA GA 118 97.53 -82.07 44.93
N ASP GA 119 96.42 -81.34 45.12
CA ASP GA 119 95.12 -81.98 45.10
C ASP GA 119 94.80 -82.56 43.73
N ILE GA 120 95.13 -81.83 42.67
CA ILE GA 120 94.93 -82.34 41.32
C ILE GA 120 95.74 -83.61 41.12
N SER GA 121 97.03 -83.57 41.46
CA SER GA 121 97.88 -84.74 41.35
C SER GA 121 97.40 -85.89 42.21
N GLN GA 122 96.61 -85.61 43.24
CA GLN GA 122 96.10 -86.67 44.11
C GLN GA 122 95.31 -87.70 43.32
N VAL GA 123 94.46 -87.25 42.41
CA VAL GA 123 93.61 -88.19 41.70
C VAL GA 123 94.41 -89.00 40.70
N TYR GA 124 95.48 -88.42 40.15
CA TYR GA 124 96.32 -89.16 39.21
C TYR GA 124 96.85 -90.44 39.84
N THR GA 125 97.11 -90.42 41.15
CA THR GA 125 97.42 -91.65 41.84
C THR GA 125 96.15 -92.35 42.30
N GLN GA 126 95.10 -91.59 42.57
CA GLN GA 126 93.94 -92.14 43.26
C GLN GA 126 93.14 -93.08 42.36
N ASN GA 127 92.71 -92.58 41.21
CA ASN GA 127 92.11 -93.46 40.22
C ASN GA 127 93.14 -94.47 39.73
N ALA GA 128 92.64 -95.61 39.26
CA ALA GA 128 93.49 -96.70 38.78
C ALA GA 128 93.45 -96.80 37.26
N GLU GA 129 93.13 -95.71 36.58
CA GLU GA 129 93.06 -95.70 35.12
C GLU GA 129 93.68 -94.43 34.57
N MET GA 130 94.82 -94.04 35.10
CA MET GA 130 95.40 -92.77 34.69
C MET GA 130 96.85 -92.70 35.13
N ARG GA 131 97.72 -92.33 34.20
CA ARG GA 131 99.15 -92.23 34.42
C ARG GA 131 99.43 -91.11 35.42
N PRO GA 132 100.44 -91.26 36.29
CA PRO GA 132 100.59 -90.31 37.41
C PRO GA 132 101.49 -89.12 37.14
N LEU GA 133 101.87 -88.85 35.89
CA LEU GA 133 102.54 -87.60 35.51
C LEU GA 133 103.86 -87.43 36.27
N GLY GA 134 104.82 -88.29 35.93
CA GLY GA 134 106.07 -88.33 36.65
C GLY GA 134 106.99 -87.15 36.44
N CYS GA 135 106.61 -86.00 36.98
CA CYS GA 135 107.47 -84.82 37.00
C CYS GA 135 107.35 -84.14 38.36
N CYS GA 136 108.26 -83.20 38.61
CA CYS GA 136 108.29 -82.49 39.88
C CYS GA 136 108.09 -81.00 39.65
N MET GA 137 107.66 -80.32 40.72
CA MET GA 137 107.22 -78.93 40.66
C MET GA 137 107.95 -78.13 41.73
N ILE GA 138 108.33 -76.89 41.38
CA ILE GA 138 109.02 -76.01 42.33
C ILE GA 138 108.43 -74.61 42.17
N LEU GA 139 108.12 -73.97 43.30
CA LEU GA 139 107.51 -72.66 43.29
C LEU GA 139 108.23 -71.72 44.26
N ILE GA 140 108.17 -70.43 43.93
CA ILE GA 140 108.69 -69.36 44.78
C ILE GA 140 107.78 -68.17 44.65
N GLY GA 141 107.82 -67.30 45.66
CA GLY GA 141 107.04 -66.08 45.58
C GLY GA 141 107.02 -65.35 46.90
N ILE GA 142 106.84 -64.03 46.80
CA ILE GA 142 106.82 -63.14 47.96
C ILE GA 142 105.41 -63.13 48.53
N ASP GA 143 105.31 -63.08 49.85
CA ASP GA 143 104.03 -63.01 50.53
C ASP GA 143 103.97 -61.77 51.39
N GLU GA 144 102.78 -61.15 51.42
CA GLU GA 144 102.54 -60.02 52.28
C GLU GA 144 102.48 -60.49 53.73
N GLU GA 145 103.22 -59.81 54.60
CA GLU GA 145 103.35 -60.19 56.00
C GLU GA 145 104.05 -61.53 56.18
N GLN GA 146 104.68 -62.05 55.12
CA GLN GA 146 105.36 -63.33 55.19
C GLN GA 146 106.70 -63.38 54.48
N GLY GA 147 107.03 -62.41 53.61
CA GLY GA 147 108.29 -62.41 52.92
C GLY GA 147 108.35 -63.46 51.84
N PRO GA 148 109.54 -64.01 51.60
CA PRO GA 148 109.71 -64.99 50.53
C PRO GA 148 109.28 -66.38 50.96
N GLN GA 149 108.81 -67.15 49.99
CA GLN GA 149 108.37 -68.52 50.21
C GLN GA 149 108.76 -69.40 49.04
N VAL GA 150 109.02 -70.66 49.35
CA VAL GA 150 109.42 -71.65 48.36
C VAL GA 150 108.70 -72.96 48.71
N TYR GA 151 108.22 -73.65 47.68
CA TYR GA 151 107.49 -74.90 47.89
C TYR GA 151 107.84 -75.90 46.80
N LYS GA 152 107.57 -77.17 47.10
CA LYS GA 152 107.90 -78.26 46.20
C LYS GA 152 106.69 -79.16 46.07
N CYS GA 153 106.15 -79.25 44.86
CA CYS GA 153 105.06 -80.16 44.57
C CYS GA 153 105.61 -81.44 43.97
N ASP GA 154 105.02 -82.55 44.36
CA ASP GA 154 105.53 -83.85 43.98
C ASP GA 154 104.46 -84.63 43.23
N PRO GA 155 104.86 -85.62 42.42
CA PRO GA 155 103.87 -86.50 41.80
C PRO GA 155 103.07 -87.28 42.82
N ALA GA 156 103.64 -87.53 44.01
CA ALA GA 156 102.88 -88.21 45.05
C ALA GA 156 101.67 -87.40 45.48
N GLY GA 157 101.77 -86.08 45.45
CA GLY GA 157 100.63 -85.24 45.80
C GLY GA 157 100.73 -84.65 47.19
N TYR GA 158 101.92 -84.17 47.56
CA TYR GA 158 102.10 -83.46 48.82
C TYR GA 158 103.17 -82.40 48.64
N TYR GA 159 103.23 -81.50 49.61
CA TYR GA 159 104.08 -80.33 49.53
C TYR GA 159 104.50 -79.92 50.92
N CYS GA 160 105.40 -78.95 50.99
CA CYS GA 160 105.85 -78.42 52.28
C CYS GA 160 106.78 -77.24 52.05
N GLY GA 161 106.75 -76.31 53.01
CA GLY GA 161 107.64 -75.17 52.94
C GLY GA 161 109.08 -75.55 53.20
N PHE GA 162 109.96 -74.59 52.95
CA PHE GA 162 111.38 -74.79 53.12
C PHE GA 162 112.04 -73.46 53.50
N LYS GA 163 113.36 -73.45 53.40
CA LYS GA 163 114.17 -72.23 53.46
C LYS GA 163 115.15 -72.15 52.31
N ALA GA 164 115.57 -73.31 51.81
CA ALA GA 164 116.35 -73.41 50.57
C ALA GA 164 116.41 -74.89 50.24
N THR GA 165 116.17 -75.23 48.97
CA THR GA 165 116.08 -76.64 48.62
C THR GA 165 116.49 -76.83 47.17
N ALA GA 166 117.03 -78.00 46.86
CA ALA GA 166 117.40 -78.36 45.51
C ALA GA 166 116.67 -79.62 45.08
N ALA GA 167 116.78 -79.93 43.80
CA ALA GA 167 116.18 -81.13 43.23
C ALA GA 167 116.88 -81.43 41.91
N GLY GA 168 116.39 -82.44 41.22
CA GLY GA 168 117.06 -82.92 40.03
C GLY GA 168 117.58 -84.33 40.20
N VAL GA 169 118.90 -84.49 40.28
CA VAL GA 169 119.52 -85.79 40.45
C VAL GA 169 120.37 -85.84 41.72
N LYS GA 170 120.75 -84.68 42.24
CA LYS GA 170 121.70 -84.59 43.35
C LYS GA 170 121.03 -84.12 44.63
N GLN GA 171 119.83 -84.63 44.90
CA GLN GA 171 119.08 -84.23 46.09
C GLN GA 171 119.89 -84.45 47.36
N THR GA 172 120.36 -85.68 47.58
CA THR GA 172 121.09 -85.99 48.81
C THR GA 172 122.33 -85.13 48.98
N GLU GA 173 123.13 -84.98 47.92
CA GLU GA 173 124.35 -84.19 48.02
C GLU GA 173 124.06 -82.72 48.28
N SER GA 174 123.18 -82.11 47.49
CA SER GA 174 122.88 -80.70 47.68
C SER GA 174 122.26 -80.45 49.05
N THR GA 175 121.38 -81.33 49.50
CA THR GA 175 120.83 -81.21 50.85
C THR GA 175 121.92 -81.33 51.90
N SER GA 176 122.85 -82.27 51.72
CA SER GA 176 123.97 -82.38 52.65
C SER GA 176 124.79 -81.10 52.71
N PHE GA 177 125.05 -80.50 51.57
CA PHE GA 177 125.81 -79.26 51.54
C PHE GA 177 125.04 -78.12 52.19
N LEU GA 178 123.75 -78.02 51.89
CA LEU GA 178 122.94 -76.91 52.38
C LEU GA 178 122.71 -77.00 53.89
N GLU GA 179 122.56 -78.21 54.42
CA GLU GA 179 122.32 -78.34 55.84
C GLU GA 179 123.50 -77.82 56.65
N LYS GA 180 124.71 -78.25 56.33
CA LYS GA 180 125.88 -77.69 56.99
C LYS GA 180 126.12 -76.25 56.59
N LYS GA 181 125.55 -75.80 55.48
CA LYS GA 181 125.78 -74.45 54.99
C LYS GA 181 124.93 -73.40 55.70
N VAL GA 182 123.67 -73.71 56.00
CA VAL GA 182 122.73 -72.68 56.43
C VAL GA 182 122.63 -72.62 57.95
N LYS GA 183 122.53 -73.78 58.59
CA LYS GA 183 122.27 -73.87 60.02
C LYS GA 183 123.35 -73.21 60.87
N LYS GA 184 124.49 -72.85 60.31
CA LYS GA 184 125.56 -72.22 61.07
C LYS GA 184 125.38 -70.71 61.16
N LYS GA 185 124.17 -70.28 61.55
CA LYS GA 185 123.85 -68.88 61.81
C LYS GA 185 124.24 -67.98 60.64
N PHE GA 186 123.64 -68.27 59.49
CA PHE GA 186 123.97 -67.57 58.25
C PHE GA 186 123.04 -66.39 58.06
N ASP GA 187 123.62 -65.19 57.98
CA ASP GA 187 122.89 -64.00 57.58
C ASP GA 187 122.82 -63.96 56.07
N TRP GA 188 121.62 -63.75 55.54
CA TRP GA 188 121.39 -63.92 54.10
C TRP GA 188 121.08 -62.59 53.46
N THR GA 189 122.03 -62.07 52.69
CA THR GA 189 121.80 -60.93 51.83
C THR GA 189 121.43 -61.45 50.44
N PHE GA 190 121.23 -60.53 49.50
CA PHE GA 190 120.92 -60.94 48.14
C PHE GA 190 122.06 -61.74 47.52
N GLU GA 191 123.22 -61.09 47.38
CA GLU GA 191 124.38 -61.78 46.83
C GLU GA 191 124.88 -62.88 47.74
N GLN GA 192 124.53 -62.82 49.03
CA GLN GA 192 124.77 -63.97 49.89
C GLN GA 192 124.05 -65.21 49.38
N THR GA 193 122.73 -65.13 49.31
CA THR GA 193 121.92 -66.25 48.84
C THR GA 193 122.31 -66.65 47.43
N VAL GA 194 122.57 -65.67 46.56
CA VAL GA 194 122.92 -65.99 45.18
C VAL GA 194 124.24 -66.73 45.12
N GLU GA 195 125.30 -66.11 45.63
CA GLU GA 195 126.63 -66.71 45.63
C GLU GA 195 126.61 -68.10 46.23
N THR GA 196 125.91 -68.27 47.35
CA THR GA 196 125.72 -69.62 47.87
C THR GA 196 125.01 -70.53 46.88
N ALA GA 197 124.04 -69.99 46.14
CA ALA GA 197 123.33 -70.81 45.15
C ALA GA 197 124.27 -71.32 44.08
N ILE GA 198 125.05 -70.44 43.46
CA ILE GA 198 126.00 -70.88 42.45
C ILE GA 198 127.02 -71.84 43.05
N THR GA 199 127.51 -71.52 44.24
CA THR GA 199 128.56 -72.33 44.86
C THR GA 199 128.12 -73.74 45.15
N CYS GA 200 126.93 -73.95 45.71
CA CYS GA 200 126.51 -75.31 46.03
C CYS GA 200 126.45 -76.18 44.79
N LEU GA 201 125.83 -75.67 43.73
CA LEU GA 201 125.75 -76.43 42.48
C LEU GA 201 127.13 -76.67 41.88
N SER GA 202 127.94 -75.61 41.75
CA SER GA 202 129.27 -75.74 41.18
C SER GA 202 130.17 -76.65 41.99
N THR GA 203 129.85 -76.87 43.27
CA THR GA 203 130.54 -77.87 44.08
C THR GA 203 130.00 -79.27 43.87
N VAL GA 204 128.68 -79.43 43.79
CA VAL GA 204 128.12 -80.76 43.59
C VAL GA 204 128.54 -81.32 42.24
N LEU GA 205 128.58 -80.46 41.22
CA LEU GA 205 128.94 -80.90 39.89
C LEU GA 205 130.40 -80.67 39.56
N SER GA 206 131.07 -79.75 40.24
CA SER GA 206 132.46 -79.41 39.98
C SER GA 206 132.65 -78.95 38.53
N ILE GA 207 132.03 -77.81 38.24
CA ILE GA 207 131.88 -77.33 36.87
C ILE GA 207 132.77 -76.11 36.61
N ASP GA 208 132.57 -75.04 37.38
CA ASP GA 208 133.14 -73.74 37.05
C ASP GA 208 132.62 -73.27 35.70
N PHE GA 209 131.29 -73.30 35.60
CA PHE GA 209 130.55 -73.11 34.37
C PHE GA 209 130.84 -71.74 33.74
N LYS GA 210 130.62 -71.69 32.43
CA LYS GA 210 130.49 -70.42 31.75
C LYS GA 210 129.11 -69.85 32.06
N PRO GA 211 128.94 -68.52 32.04
CA PRO GA 211 127.66 -67.93 32.43
C PRO GA 211 126.49 -68.23 31.50
N SER GA 212 126.71 -69.03 30.46
CA SER GA 212 125.66 -69.35 29.51
C SER GA 212 124.81 -70.55 29.92
N GLU GA 213 125.41 -71.59 30.48
CA GLU GA 213 124.71 -72.86 30.65
C GLU GA 213 123.63 -72.82 31.72
N ILE GA 214 123.86 -72.10 32.81
CA ILE GA 214 122.95 -72.12 33.93
C ILE GA 214 121.89 -71.03 33.75
N GLU GA 215 120.81 -71.16 34.50
CA GLU GA 215 119.73 -70.18 34.52
C GLU GA 215 119.39 -69.82 35.96
N VAL GA 216 118.97 -68.59 36.15
CA VAL GA 216 118.75 -68.02 37.47
C VAL GA 216 117.44 -67.25 37.47
N GLY GA 217 116.47 -67.75 38.24
CA GLY GA 217 115.27 -67.01 38.54
C GLY GA 217 115.46 -66.28 39.87
N VAL GA 218 114.67 -65.23 40.07
CA VAL GA 218 114.86 -64.37 41.23
C VAL GA 218 113.58 -63.62 41.54
N VAL GA 219 113.32 -63.47 42.84
CA VAL GA 219 112.27 -62.58 43.34
C VAL GA 219 112.78 -61.98 44.63
N THR GA 220 112.43 -60.72 44.88
CA THR GA 220 112.96 -60.01 46.03
C THR GA 220 111.95 -58.96 46.46
N VAL GA 221 111.93 -58.67 47.75
CA VAL GA 221 110.99 -57.63 48.19
C VAL GA 221 111.70 -56.29 48.07
N GLU GA 222 111.91 -55.89 46.82
CA GLU GA 222 111.98 -54.50 46.38
C GLU GA 222 111.29 -54.33 45.04
N ASN GA 223 111.18 -55.40 44.27
CA ASN GA 223 110.42 -55.44 43.02
C ASN GA 223 109.82 -56.84 42.96
N PRO GA 224 108.57 -57.00 43.39
CA PRO GA 224 107.98 -58.35 43.47
C PRO GA 224 107.82 -59.04 42.13
N LYS GA 225 108.05 -58.36 41.01
CA LYS GA 225 107.98 -59.00 39.71
C LYS GA 225 109.00 -60.12 39.61
N PHE GA 226 108.52 -61.33 39.33
CA PHE GA 226 109.41 -62.45 39.09
C PHE GA 226 110.34 -62.13 37.93
N ARG GA 227 111.64 -62.32 38.15
CA ARG GA 227 112.63 -61.83 37.20
C ARG GA 227 113.59 -62.95 36.83
N ILE GA 228 113.91 -63.06 35.56
CA ILE GA 228 114.91 -63.99 35.05
C ILE GA 228 116.19 -63.22 34.81
N LEU GA 229 117.32 -63.86 35.09
CA LEU GA 229 118.59 -63.16 34.99
C LEU GA 229 119.15 -63.23 33.56
N THR GA 230 119.83 -62.17 33.18
CA THR GA 230 120.56 -62.08 31.93
C THR GA 230 121.98 -62.53 32.14
N GLU GA 231 122.56 -63.18 31.13
CA GLU GA 231 123.90 -63.74 31.27
C GLU GA 231 124.95 -62.69 31.58
N ALA GA 232 124.69 -61.42 31.25
CA ALA GA 232 125.63 -60.37 31.64
C ALA GA 232 125.74 -60.28 33.16
N GLU GA 233 124.64 -59.91 33.83
CA GLU GA 233 124.63 -59.85 35.28
C GLU GA 233 124.95 -61.18 35.92
N ILE GA 234 124.50 -62.29 35.33
CA ILE GA 234 124.83 -63.61 35.82
C ILE GA 234 126.34 -63.77 35.86
N ASP GA 235 127.02 -63.36 34.79
CA ASP GA 235 128.47 -63.35 34.78
C ASP GA 235 129.02 -62.40 35.83
N ALA GA 236 128.32 -61.29 36.09
CA ALA GA 236 128.77 -60.37 37.13
C ALA GA 236 128.82 -61.06 38.48
N HIS GA 237 127.79 -61.85 38.80
CA HIS GA 237 127.81 -62.63 40.03
C HIS GA 237 128.82 -63.76 39.97
N LEU GA 238 129.02 -64.34 38.79
CA LEU GA 238 129.96 -65.44 38.64
C LEU GA 238 131.37 -64.99 38.96
N VAL GA 239 131.84 -63.93 38.30
CA VAL GA 239 133.10 -63.30 38.69
C VAL GA 239 133.05 -62.74 40.10
N ALA GA 240 131.85 -62.39 40.58
CA ALA GA 240 131.73 -61.89 41.95
C ALA GA 240 132.19 -62.93 42.96
N LEU GA 241 131.66 -64.15 42.85
CA LEU GA 241 132.19 -65.26 43.63
C LEU GA 241 133.56 -65.71 43.14
N ALA GA 242 133.97 -65.27 41.96
CA ALA GA 242 135.30 -65.56 41.43
C ALA GA 242 136.27 -64.54 42.00
N GLU GA 243 136.80 -64.83 43.18
CA GLU GA 243 137.73 -63.93 43.84
C GLU GA 243 139.00 -63.75 43.04
N GLU HA 2 87.49 -90.63 30.75
CA GLU HA 2 87.71 -92.07 30.81
C GLU HA 2 86.81 -92.81 29.83
N ARG HA 3 86.52 -94.07 30.18
CA ARG HA 3 85.68 -94.93 29.34
C ARG HA 3 84.44 -95.44 30.05
N GLY HA 4 84.48 -95.62 31.37
CA GLY HA 4 83.31 -96.07 32.11
C GLY HA 4 83.36 -97.52 32.52
N TYR HA 5 84.54 -98.00 32.91
CA TYR HA 5 84.72 -99.41 33.26
C TYR HA 5 83.87 -99.77 34.48
N SER HA 6 83.93 -98.96 35.54
CA SER HA 6 83.03 -99.06 36.69
C SER HA 6 83.22 -100.32 37.52
N PHE HA 7 84.07 -101.26 37.11
CA PHE HA 7 84.16 -102.53 37.79
C PHE HA 7 85.05 -102.41 39.02
N SER HA 8 84.51 -102.82 40.17
CA SER HA 8 85.26 -102.70 41.41
C SER HA 8 86.47 -103.62 41.38
N LEU HA 9 87.58 -103.12 41.89
CA LEU HA 9 88.82 -103.87 41.98
C LEU HA 9 88.97 -104.63 43.30
N THR HA 10 87.96 -104.59 44.15
CA THR HA 10 88.01 -105.22 45.46
C THR HA 10 86.97 -106.33 45.52
N THR HA 11 87.44 -107.55 45.65
CA THR HA 11 86.57 -108.72 45.74
C THR HA 11 86.87 -109.50 47.01
N PHE HA 12 85.98 -110.40 47.35
CA PHE HA 12 86.16 -111.22 48.54
C PHE HA 12 87.13 -112.35 48.27
N SER HA 13 87.84 -112.83 49.28
CA SER HA 13 88.79 -113.90 49.08
C SER HA 13 88.09 -115.26 49.08
N PRO HA 14 88.83 -116.31 48.67
CA PRO HA 14 88.27 -117.67 48.67
C PRO HA 14 87.86 -117.94 50.11
N SER HA 15 88.73 -117.50 51.02
CA SER HA 15 88.47 -117.61 52.45
C SER HA 15 87.34 -116.68 52.90
N GLY HA 16 87.08 -115.62 52.15
CA GLY HA 16 86.08 -114.66 52.56
C GLY HA 16 86.70 -113.46 53.24
N LYS HA 17 87.72 -112.88 52.63
CA LYS HA 17 88.43 -111.74 53.18
C LYS HA 17 88.63 -110.70 52.10
N LEU HA 18 88.97 -109.49 52.52
CA LEU HA 18 89.14 -108.36 51.63
C LEU HA 18 90.62 -107.99 51.57
N VAL HA 19 91.33 -108.55 50.58
CA VAL HA 19 92.78 -108.42 50.52
C VAL HA 19 93.22 -106.97 50.45
N GLN HA 20 92.52 -106.17 49.65
CA GLN HA 20 92.94 -104.78 49.48
C GLN HA 20 92.80 -103.98 50.77
N ILE HA 21 91.66 -104.10 51.45
CA ILE HA 21 91.49 -103.42 52.72
C ILE HA 21 92.53 -103.91 53.72
N GLU HA 22 92.76 -105.22 53.75
CA GLU HA 22 93.75 -105.80 54.63
C GLU HA 22 95.13 -105.22 54.38
N TYR HA 23 95.47 -104.95 53.12
CA TYR HA 23 96.76 -104.35 52.83
C TYR HA 23 96.79 -102.89 53.20
N ALA HA 24 95.70 -102.15 52.92
CA ALA HA 24 95.66 -100.73 53.26
C ALA HA 24 95.80 -100.51 54.76
N LEU HA 25 95.23 -101.40 55.56
CA LEU HA 25 95.47 -101.34 57.00
C LEU HA 25 96.94 -101.43 57.34
N ALA HA 26 97.70 -102.20 56.57
CA ALA HA 26 99.14 -102.28 56.81
C ALA HA 26 99.81 -100.93 56.61
N ALA HA 27 99.59 -100.30 55.46
CA ALA HA 27 100.16 -98.98 55.23
C ALA HA 27 99.66 -97.97 56.25
N VAL HA 28 98.44 -98.13 56.73
CA VAL HA 28 97.97 -97.28 57.82
C VAL HA 28 98.83 -97.49 59.06
N ALA HA 29 99.10 -98.75 59.40
CA ALA HA 29 99.96 -99.04 60.55
C ALA HA 29 101.36 -98.50 60.36
N GLY HA 30 101.86 -98.44 59.14
CA GLY HA 30 103.16 -97.88 58.87
C GLY HA 30 103.24 -96.38 58.90
N GLY HA 31 102.18 -95.70 59.32
CA GLY HA 31 102.16 -94.25 59.34
C GLY HA 31 102.79 -93.69 60.61
N ALA HA 32 102.74 -92.36 60.70
CA ALA HA 32 103.30 -91.68 61.86
C ALA HA 32 102.43 -91.95 63.09
N PRO HA 33 103.02 -92.09 64.26
CA PRO HA 33 102.22 -92.35 65.46
C PRO HA 33 101.61 -91.08 66.02
N SER HA 34 100.50 -91.25 66.73
CA SER HA 34 99.80 -90.15 67.37
C SER HA 34 98.72 -90.72 68.27
N VAL HA 35 98.21 -89.88 69.17
CA VAL HA 35 97.23 -90.33 70.15
C VAL HA 35 96.37 -89.15 70.58
N GLY HA 36 95.22 -89.47 71.17
CA GLY HA 36 94.30 -88.49 71.70
C GLY HA 36 93.59 -89.02 72.93
N ILE HA 37 93.04 -88.13 73.77
CA ILE HA 37 92.43 -88.52 75.03
C ILE HA 37 91.23 -87.62 75.29
N LYS HA 38 90.19 -88.19 75.91
CA LYS HA 38 89.00 -87.45 76.33
C LYS HA 38 88.84 -87.63 77.84
N ALA HA 39 89.06 -86.57 78.61
CA ALA HA 39 89.02 -86.64 80.08
C ALA HA 39 88.18 -85.52 80.67
N ALA HA 40 86.86 -85.75 80.74
CA ALA HA 40 85.98 -85.06 81.68
C ALA HA 40 85.80 -83.56 81.42
N ASN HA 41 86.56 -83.00 80.50
CA ASN HA 41 86.41 -81.59 80.14
C ASN HA 41 86.53 -81.32 78.65
N GLY HA 42 87.20 -82.19 77.90
CA GLY HA 42 87.47 -81.98 76.50
C GLY HA 42 88.30 -83.13 75.98
N VAL HA 43 88.95 -82.89 74.85
CA VAL HA 43 89.81 -83.89 74.23
C VAL HA 43 91.12 -83.21 73.84
N VAL HA 44 92.20 -83.99 73.84
CA VAL HA 44 93.51 -83.50 73.43
C VAL HA 44 94.03 -84.43 72.34
N LEU HA 45 94.65 -83.85 71.32
CA LEU HA 45 95.20 -84.61 70.21
C LEU HA 45 96.66 -84.21 70.00
N ALA HA 46 97.53 -85.21 69.95
CA ALA HA 46 98.95 -85.00 69.78
C ALA HA 46 99.47 -85.97 68.74
N THR HA 47 100.40 -85.52 67.92
CA THR HA 47 100.90 -86.29 66.80
C THR HA 47 102.39 -86.56 66.97
N GLU HA 48 102.98 -87.18 65.95
CA GLU HA 48 104.41 -87.47 65.89
C GLU HA 48 104.93 -86.84 64.60
N LYS HA 49 105.33 -85.58 64.67
CA LYS HA 49 105.69 -84.80 63.49
C LYS HA 49 107.20 -84.56 63.48
N LYS HA 50 107.90 -85.20 62.55
CA LYS HA 50 109.33 -85.04 62.40
C LYS HA 50 109.65 -84.50 61.01
N GLN HA 51 110.57 -83.53 60.96
CA GLN HA 51 111.10 -83.07 59.69
C GLN HA 51 112.33 -83.90 59.33
N LYS HA 52 112.27 -84.56 58.17
CA LYS HA 52 113.37 -85.41 57.73
C LYS HA 52 114.67 -84.64 57.54
N SER HA 53 114.59 -83.33 57.34
CA SER HA 53 115.78 -82.50 57.22
C SER HA 53 115.56 -81.20 57.98
N ILE HA 54 116.66 -80.51 58.27
CA ILE HA 54 116.57 -79.21 58.94
C ILE HA 54 116.19 -78.09 57.99
N LEU HA 55 116.05 -78.38 56.70
CA LEU HA 55 115.68 -77.38 55.71
C LEU HA 55 114.19 -77.25 55.53
N TYR HA 56 113.41 -78.15 56.12
CA TYR HA 56 111.95 -78.07 56.02
C TYR HA 56 111.44 -76.85 56.75
N ASP HA 57 110.22 -76.45 56.40
CA ASP HA 57 109.48 -75.47 57.18
C ASP HA 57 108.47 -76.20 58.05
N GLU HA 58 108.18 -75.63 59.22
CA GLU HA 58 107.27 -76.24 60.17
C GLU HA 58 105.94 -75.51 60.24
N ARG HA 59 105.93 -74.19 60.09
CA ARG HA 59 104.72 -73.40 60.08
C ARG HA 59 103.96 -73.52 58.76
N SER HA 60 104.47 -74.31 57.81
CA SER HA 60 103.79 -74.53 56.54
C SER HA 60 102.84 -75.70 56.61
N VAL HA 61 103.35 -76.90 56.88
CA VAL HA 61 102.54 -78.09 56.96
C VAL HA 61 101.94 -78.16 58.36
N HIS HA 62 100.72 -78.66 58.46
CA HIS HA 62 100.00 -78.74 59.71
C HIS HA 62 99.25 -80.07 59.79
N LYS HA 63 99.16 -80.64 60.99
CA LYS HA 63 98.56 -81.94 61.18
C LYS HA 63 97.25 -81.89 61.93
N VAL HA 64 97.24 -81.35 63.15
CA VAL HA 64 96.00 -81.17 63.88
C VAL HA 64 95.17 -80.15 63.12
N GLU HA 65 94.03 -80.58 62.59
CA GLU HA 65 93.30 -79.73 61.69
C GLU HA 65 91.90 -79.47 62.21
N PRO HA 66 91.46 -78.22 62.27
CA PRO HA 66 90.09 -77.92 62.66
C PRO HA 66 89.14 -78.04 61.49
N ILE HA 67 87.92 -78.46 61.78
CA ILE HA 67 86.84 -78.47 60.81
C ILE HA 67 85.80 -77.42 61.13
N THR HA 68 85.28 -77.43 62.36
CA THR HA 68 84.41 -76.36 62.82
C THR HA 68 85.08 -75.75 64.04
N LYS HA 69 84.53 -74.67 64.58
CA LYS HA 69 85.08 -74.04 65.77
C LYS HA 69 85.10 -74.95 66.99
N HIS HA 70 84.37 -76.05 66.96
CA HIS HA 70 84.31 -76.97 68.10
C HIS HA 70 84.66 -78.39 67.69
N ILE HA 71 85.33 -78.59 66.56
CA ILE HA 71 85.55 -79.92 66.02
C ILE HA 71 86.97 -80.00 65.47
N GLY HA 72 87.79 -80.85 66.08
CA GLY HA 72 89.14 -81.08 65.62
C GLY HA 72 89.35 -82.50 65.14
N LEU HA 73 90.35 -82.67 64.27
CA LEU HA 73 90.60 -83.95 63.65
C LEU HA 73 92.09 -84.11 63.39
N VAL HA 74 92.59 -85.35 63.55
CA VAL HA 74 93.96 -85.71 63.19
C VAL HA 74 93.93 -87.05 62.48
N TYR HA 75 95.11 -87.54 62.06
CA TYR HA 75 95.13 -88.73 61.21
C TYR HA 75 96.41 -89.51 61.46
N SER HA 76 96.44 -90.71 60.88
CA SER HA 76 97.64 -91.55 60.90
C SER HA 76 97.62 -92.38 59.62
N GLY HA 77 98.57 -92.13 58.73
CA GLY HA 77 98.64 -92.83 57.47
C GLY HA 77 99.56 -92.10 56.51
N MET HA 78 99.12 -91.90 55.27
CA MET HA 78 99.86 -91.13 54.30
C MET HA 78 99.25 -89.74 54.19
N GLY HA 79 100.10 -88.73 54.31
CA GLY HA 79 99.69 -87.33 54.28
C GLY HA 79 98.76 -86.91 53.15
N PRO HA 80 99.12 -87.21 51.91
CA PRO HA 80 98.35 -86.64 50.78
C PRO HA 80 96.89 -87.00 50.76
N ASP HA 81 96.54 -88.28 50.94
CA ASP HA 81 95.13 -88.67 50.92
C ASP HA 81 94.33 -88.00 52.03
N TYR HA 82 94.99 -87.58 53.11
CA TYR HA 82 94.30 -86.90 54.19
C TYR HA 82 93.59 -85.65 53.72
N ARG HA 83 94.31 -84.76 53.04
CA ARG HA 83 93.77 -83.46 52.67
C ARG HA 83 92.51 -83.54 51.82
N VAL HA 84 92.37 -84.56 50.98
CA VAL HA 84 91.18 -84.68 50.14
C VAL HA 84 89.94 -84.82 51.00
N LEU HA 85 89.88 -85.90 51.78
CA LEU HA 85 88.79 -86.11 52.70
C LEU HA 85 88.63 -84.99 53.71
N VAL HA 86 89.72 -84.31 54.05
CA VAL HA 86 89.61 -83.11 54.89
C VAL HA 86 88.68 -82.11 54.23
N HIS HA 87 88.99 -81.71 53.00
CA HIS HA 87 88.15 -80.78 52.26
C HIS HA 87 86.73 -81.30 52.12
N ARG HA 88 86.58 -82.58 51.83
CA ARG HA 88 85.26 -83.18 51.71
C ARG HA 88 84.44 -82.97 52.98
N ALA HA 89 85.03 -83.29 54.13
CA ALA HA 89 84.36 -83.04 55.40
C ALA HA 89 84.10 -81.56 55.60
N ARG HA 90 84.99 -80.69 55.12
CA ARG HA 90 84.76 -79.26 55.18
C ARG HA 90 83.43 -78.90 54.53
N LYS HA 91 83.22 -79.31 53.29
CA LYS HA 91 81.95 -79.02 52.63
C LYS HA 91 80.80 -79.68 53.36
N LEU HA 92 80.96 -80.98 53.67
CA LEU HA 92 79.88 -81.78 54.22
C LEU HA 92 79.35 -81.19 55.52
N ALA HA 93 80.24 -80.69 56.38
CA ALA HA 93 79.79 -79.98 57.55
C ALA HA 93 79.07 -78.69 57.19
N GLN HA 94 79.43 -78.08 56.07
CA GLN HA 94 78.80 -76.83 55.68
C GLN HA 94 77.34 -77.04 55.28
N GLN HA 95 77.06 -78.02 54.43
CA GLN HA 95 75.68 -78.17 53.97
C GLN HA 95 74.71 -78.43 55.11
N TYR HA 96 75.14 -79.15 56.15
CA TYR HA 96 74.28 -79.31 57.31
C TYR HA 96 73.92 -77.97 57.92
N TYR HA 97 74.92 -77.13 58.14
CA TYR HA 97 74.67 -75.82 58.72
C TYR HA 97 73.75 -74.99 57.83
N LEU HA 98 73.92 -75.09 56.51
CA LEU HA 98 73.01 -74.43 55.60
C LEU HA 98 71.58 -74.92 55.78
N VAL HA 99 71.40 -76.22 55.96
CA VAL HA 99 70.07 -76.78 56.08
C VAL HA 99 69.41 -76.34 57.38
N TYR HA 100 70.13 -76.48 58.49
CA TYR HA 100 69.52 -76.33 59.81
C TYR HA 100 69.95 -75.07 60.53
N GLN HA 101 71.00 -74.39 60.08
CA GLN HA 101 71.46 -73.17 60.72
C GLN HA 101 71.89 -73.46 62.16
N GLU HA 102 72.83 -74.39 62.29
CA GLU HA 102 73.33 -74.77 63.61
C GLU HA 102 74.54 -75.66 63.43
N PRO HA 103 75.51 -75.61 64.32
CA PRO HA 103 76.71 -76.44 64.17
C PRO HA 103 76.38 -77.93 64.21
N ILE HA 104 76.87 -78.65 63.20
CA ILE HA 104 76.58 -80.07 63.08
C ILE HA 104 77.12 -80.81 64.28
N PRO HA 105 76.36 -81.75 64.85
CA PRO HA 105 76.91 -82.60 65.91
C PRO HA 105 78.00 -83.50 65.37
N THR HA 106 78.92 -83.87 66.27
CA THR HA 106 80.10 -84.62 65.88
C THR HA 106 79.75 -85.97 65.26
N ALA HA 107 78.86 -86.72 65.91
CA ALA HA 107 78.52 -88.07 65.45
C ALA HA 107 77.99 -88.07 64.03
N GLN HA 108 77.25 -87.02 63.64
CA GLN HA 108 76.80 -86.91 62.27
C GLN HA 108 77.97 -86.91 61.29
N LEU HA 109 79.05 -86.21 61.63
CA LEU HA 109 80.21 -86.18 60.73
C LEU HA 109 80.82 -87.55 60.59
N VAL HA 110 80.97 -88.27 61.69
CA VAL HA 110 81.50 -89.62 61.62
C VAL HA 110 80.57 -90.51 60.79
N GLN HA 111 79.27 -90.25 60.86
CA GLN HA 111 78.34 -90.99 60.02
C GLN HA 111 78.62 -90.74 58.55
N ARG HA 112 78.52 -89.48 58.13
CA ARG HA 112 78.59 -89.14 56.72
C ARG HA 112 79.97 -89.41 56.13
N VAL HA 113 81.03 -89.05 56.85
CA VAL HA 113 82.38 -89.30 56.36
C VAL HA 113 82.62 -90.79 56.17
N ALA HA 114 82.27 -91.59 57.18
CA ALA HA 114 82.43 -93.02 57.08
C ALA HA 114 81.61 -93.59 55.93
N SER HA 115 80.43 -93.01 55.68
CA SER HA 115 79.66 -93.41 54.52
C SER HA 115 80.41 -93.13 53.22
N VAL HA 116 80.98 -91.92 53.10
CA VAL HA 116 81.73 -91.56 51.90
C VAL HA 116 82.89 -92.52 51.69
N MET HA 117 83.57 -92.87 52.78
CA MET HA 117 84.75 -93.72 52.63
C MET HA 117 84.35 -95.16 52.29
N GLN HA 118 83.34 -95.69 52.98
CA GLN HA 118 82.85 -97.03 52.70
C GLN HA 118 82.36 -97.17 51.27
N GLU HA 119 81.47 -96.27 50.84
CA GLU HA 119 81.04 -96.25 49.46
C GLU HA 119 82.22 -96.13 48.52
N TYR HA 120 83.19 -95.29 48.87
CA TYR HA 120 84.38 -95.18 48.05
C TYR HA 120 85.15 -96.48 48.00
N THR HA 121 85.09 -97.28 49.07
CA THR HA 121 85.71 -98.59 49.04
C THR HA 121 84.97 -99.54 48.11
N GLN HA 122 83.64 -99.54 48.18
CA GLN HA 122 82.87 -100.47 47.35
C GLN HA 122 82.83 -100.04 45.89
N SER HA 123 83.19 -98.80 45.60
CA SER HA 123 83.12 -98.30 44.23
C SER HA 123 84.12 -99.03 43.35
N GLY HA 124 84.13 -98.65 42.07
CA GLY HA 124 84.93 -99.35 41.08
C GLY HA 124 86.15 -98.59 40.65
N GLY HA 125 87.27 -99.29 40.57
CA GLY HA 125 88.48 -98.74 39.96
C GLY HA 125 89.27 -97.78 40.81
N VAL HA 126 89.03 -97.75 42.11
CA VAL HA 126 89.78 -96.87 43.00
C VAL HA 126 90.12 -97.62 44.27
N ARG HA 127 91.39 -97.60 44.62
CA ARG HA 127 91.83 -98.17 45.88
C ARG HA 127 91.20 -97.41 47.03
N PRO HA 128 90.97 -98.06 48.17
CA PRO HA 128 90.55 -97.34 49.36
C PRO HA 128 91.63 -96.38 49.83
N PHE HA 129 91.30 -95.60 50.85
CA PHE HA 129 92.26 -94.64 51.37
C PHE HA 129 93.31 -95.35 52.21
N GLY HA 130 94.36 -94.60 52.55
CA GLY HA 130 95.47 -95.14 53.30
C GLY HA 130 95.74 -94.37 54.57
N VAL HA 131 94.69 -93.94 55.26
CA VAL HA 131 94.81 -93.17 56.49
C VAL HA 131 93.66 -93.50 57.40
N SER HA 132 93.94 -93.62 58.69
CA SER HA 132 92.92 -93.65 59.71
C SER HA 132 92.79 -92.26 60.34
N LEU HA 133 91.66 -92.02 60.98
CA LEU HA 133 91.36 -90.68 61.45
C LEU HA 133 90.90 -90.69 62.91
N LEU HA 134 91.02 -89.53 63.54
CA LEU HA 134 90.58 -89.34 64.90
C LEU HA 134 89.88 -88.00 64.99
N ILE HA 135 88.71 -87.97 65.63
CA ILE HA 135 87.87 -86.79 65.67
C ILE HA 135 87.46 -86.52 67.11
N CYS HA 136 87.36 -85.25 67.47
CA CYS HA 136 86.98 -84.87 68.82
C CYS HA 136 86.23 -83.54 68.78
N GLY HA 137 85.29 -83.40 69.72
CA GLY HA 137 84.52 -82.18 69.82
C GLY HA 137 83.56 -82.16 70.99
N TRP HA 138 83.50 -81.03 71.70
CA TRP HA 138 82.70 -80.92 72.91
C TRP HA 138 81.30 -80.43 72.52
N ASN HA 139 80.56 -81.30 71.84
CA ASN HA 139 79.21 -81.01 71.44
C ASN HA 139 78.27 -81.24 72.63
N GLU HA 140 77.65 -80.17 73.11
CA GLU HA 140 76.68 -80.24 74.20
C GLU HA 140 77.36 -80.73 75.48
N GLY HA 141 78.38 -79.99 75.91
CA GLY HA 141 79.06 -80.30 77.15
C GLY HA 141 79.99 -81.48 77.01
N ARG HA 142 79.43 -82.67 76.93
CA ARG HA 142 80.24 -83.87 76.84
C ARG HA 142 81.00 -83.90 75.52
N PRO HA 143 82.32 -83.82 75.55
CA PRO HA 143 83.10 -83.98 74.32
C PRO HA 143 83.02 -85.42 73.81
N TYR HA 144 83.52 -85.61 72.59
CA TYR HA 144 83.46 -86.91 71.94
C TYR HA 144 84.74 -87.14 71.15
N LEU HA 145 85.09 -88.41 71.00
CA LEU HA 145 86.36 -88.80 70.40
C LEU HA 145 86.17 -90.12 69.68
N PHE HA 146 86.11 -90.07 68.35
CA PHE HA 146 85.84 -91.24 67.52
C PHE HA 146 87.04 -91.52 66.61
N GLN HA 147 87.05 -92.73 66.05
CA GLN HA 147 88.12 -93.15 65.15
C GLN HA 147 87.52 -93.80 63.93
N SER HA 148 88.05 -93.47 62.76
CA SER HA 148 87.68 -94.10 61.51
C SER HA 148 88.75 -95.11 61.13
N ASP HA 149 88.66 -95.65 59.91
CA ASP HA 149 89.61 -96.63 59.45
C ASP HA 149 89.44 -96.80 57.95
N PRO HA 150 90.40 -97.43 57.28
CA PRO HA 150 90.25 -97.67 55.83
C PRO HA 150 89.03 -98.46 55.47
N SER HA 151 88.55 -99.35 56.33
CA SER HA 151 87.33 -100.10 56.09
C SER HA 151 86.07 -99.26 56.28
N GLY HA 152 86.21 -97.97 56.56
CA GLY HA 152 85.08 -97.10 56.77
C GLY HA 152 84.44 -97.20 58.13
N ALA HA 153 84.88 -98.14 58.97
CA ALA HA 153 84.30 -98.30 60.29
C ALA HA 153 84.74 -97.16 61.20
N TYR HA 154 84.21 -97.16 62.42
CA TYR HA 154 84.50 -96.11 63.38
C TYR HA 154 84.12 -96.60 64.76
N PHE HA 155 84.68 -95.95 65.77
CA PHE HA 155 84.41 -96.36 67.15
C PHE HA 155 84.37 -95.10 68.02
N ALA HA 156 84.22 -95.32 69.33
CA ALA HA 156 84.19 -94.25 70.31
C ALA HA 156 85.21 -94.59 71.38
N TRP HA 157 86.35 -93.92 71.36
CA TRP HA 157 87.45 -94.26 72.25
C TRP HA 157 87.60 -93.21 73.33
N LYS HA 158 87.72 -93.67 74.58
CA LYS HA 158 88.09 -92.78 75.67
C LYS HA 158 89.47 -92.18 75.40
N ALA HA 159 90.37 -92.98 74.85
CA ALA HA 159 91.67 -92.53 74.39
C ALA HA 159 92.34 -93.68 73.68
N THR HA 160 93.08 -93.38 72.62
CA THR HA 160 93.81 -94.39 71.88
C THR HA 160 94.89 -93.71 71.05
N ALA HA 161 95.59 -94.51 70.25
CA ALA HA 161 96.70 -94.00 69.46
C ALA HA 161 96.85 -94.81 68.19
N MET HA 162 97.26 -94.13 67.12
CA MET HA 162 97.54 -94.76 65.85
C MET HA 162 99.00 -94.54 65.49
N GLY HA 163 99.44 -95.20 64.42
CA GLY HA 163 100.82 -95.11 64.00
C GLY HA 163 101.59 -96.38 64.31
N LYS HA 164 102.88 -96.25 64.61
CA LYS HA 164 103.68 -97.40 64.96
C LYS HA 164 103.63 -97.64 66.47
N ASN HA 165 103.65 -98.92 66.84
CA ASN HA 165 103.66 -99.32 68.25
C ASN HA 165 102.39 -98.86 68.95
N TYR HA 166 101.30 -98.74 68.20
CA TYR HA 166 100.02 -98.37 68.77
C TYR HA 166 99.51 -99.42 69.75
N VAL HA 167 100.04 -100.64 69.71
CA VAL HA 167 99.72 -101.63 70.72
C VAL HA 167 100.53 -101.44 71.99
N ASN HA 168 101.81 -101.10 71.88
CA ASN HA 168 102.61 -100.82 73.07
C ASN HA 168 102.10 -99.57 73.77
N GLY HA 169 102.01 -98.45 73.05
CA GLY HA 169 101.35 -97.29 73.59
C GLY HA 169 99.89 -97.54 73.92
N LYS HA 170 99.27 -98.51 73.26
CA LYS HA 170 97.93 -98.94 73.66
C LYS HA 170 97.92 -99.41 75.10
N THR HA 171 98.74 -100.40 75.42
CA THR HA 171 98.83 -100.89 76.80
C THR HA 171 99.25 -99.78 77.75
N PHE HA 172 100.21 -98.95 77.34
CA PHE HA 172 100.62 -97.83 78.17
C PHE HA 172 99.44 -96.93 78.51
N LEU HA 173 98.59 -96.68 77.53
CA LEU HA 173 97.37 -95.93 77.80
C LEU HA 173 96.43 -96.68 78.72
N GLU HA 174 96.39 -98.01 78.60
CA GLU HA 174 95.52 -98.79 79.46
C GLU HA 174 95.96 -98.70 80.91
N LYS HA 175 97.27 -98.67 81.16
CA LYS HA 175 97.76 -98.61 82.53
C LYS HA 175 97.78 -97.18 83.06
N ARG HA 176 98.54 -96.29 82.42
CA ARG HA 176 98.64 -94.91 82.90
C ARG HA 176 97.29 -94.21 82.87
N TYR HA 177 96.46 -94.53 81.89
CA TYR HA 177 95.14 -93.93 81.79
C TYR HA 177 94.26 -94.40 82.95
N ASN HA 178 93.14 -93.72 83.13
CA ASN HA 178 92.17 -94.07 84.14
C ASN HA 178 90.78 -93.68 83.63
N GLU HA 179 89.82 -93.60 84.54
CA GLU HA 179 88.48 -93.17 84.17
C GLU HA 179 88.46 -91.68 83.82
N ASP HA 180 88.83 -90.84 84.79
CA ASP HA 180 88.73 -89.40 84.64
C ASP HA 180 90.05 -88.73 84.93
N LEU HA 181 90.27 -87.60 84.27
CA LEU HA 181 91.46 -86.78 84.47
C LEU HA 181 91.09 -85.33 84.16
N GLU HA 182 92.10 -84.50 83.94
CA GLU HA 182 91.91 -83.16 83.44
C GLU HA 182 92.71 -82.97 82.16
N LEU HA 183 92.50 -81.82 81.52
CA LEU HA 183 93.12 -81.56 80.24
C LEU HA 183 94.64 -81.59 80.35
N GLU HA 184 95.20 -80.86 81.31
CA GLU HA 184 96.64 -80.78 81.45
C GLU HA 184 97.26 -82.14 81.74
N ASP HA 185 96.67 -82.88 82.68
CA ASP HA 185 97.18 -84.22 82.99
C ASP HA 185 97.12 -85.13 81.77
N ALA HA 186 95.99 -85.15 81.07
CA ALA HA 186 95.89 -85.93 79.85
C ALA HA 186 96.93 -85.51 78.83
N ILE HA 187 97.26 -84.22 78.79
CA ILE HA 187 98.36 -83.79 77.95
C ILE HA 187 99.65 -84.43 78.42
N HIS HA 188 99.84 -84.49 79.74
CA HIS HA 188 101.07 -85.05 80.30
C HIS HA 188 101.23 -86.50 79.91
N THR HA 189 100.18 -87.30 80.05
CA THR HA 189 100.25 -88.71 79.66
C THR HA 189 100.34 -88.88 78.15
N ALA HA 190 99.67 -88.02 77.39
CA ALA HA 190 99.77 -88.09 75.94
C ALA HA 190 101.19 -87.84 75.47
N ILE HA 191 101.86 -86.85 76.04
CA ILE HA 191 103.27 -86.66 75.73
C ILE HA 191 104.10 -87.78 76.33
N LEU HA 192 103.58 -88.45 77.37
CA LEU HA 192 104.27 -89.60 77.91
C LEU HA 192 104.37 -90.71 76.88
N THR HA 193 103.25 -91.14 76.33
CA THR HA 193 103.27 -92.12 75.26
C THR HA 193 103.90 -91.58 73.99
N LEU HA 194 103.88 -90.26 73.78
CA LEU HA 194 104.58 -89.69 72.64
C LEU HA 194 106.08 -89.90 72.74
N LYS HA 195 106.65 -89.63 73.91
CA LYS HA 195 108.04 -89.98 74.18
C LYS HA 195 108.23 -91.48 74.29
N GLU HA 196 107.16 -92.25 74.47
CA GLU HA 196 107.26 -93.69 74.56
C GLU HA 196 107.87 -94.28 73.30
N SER HA 197 107.67 -93.63 72.16
CA SER HA 197 108.23 -94.08 70.90
C SER HA 197 108.88 -92.97 70.10
N PHE HA 198 108.94 -91.75 70.64
CA PHE HA 198 109.48 -90.63 69.89
C PHE HA 198 110.99 -90.78 69.73
N GLU HA 199 111.58 -89.85 68.98
CA GLU HA 199 113.03 -89.84 68.80
C GLU HA 199 113.68 -89.28 70.05
N GLY HA 200 114.98 -89.03 70.00
CA GLY HA 200 115.70 -88.52 71.15
C GLY HA 200 115.24 -87.15 71.59
N GLN HA 201 115.52 -86.13 70.78
CA GLN HA 201 115.14 -84.78 71.13
C GLN HA 201 113.67 -84.55 70.76
N MET HA 202 112.89 -84.10 71.74
CA MET HA 202 111.48 -83.79 71.55
C MET HA 202 111.27 -82.32 71.84
N THR HA 203 111.13 -81.52 70.80
CA THR HA 203 110.99 -80.08 70.90
C THR HA 203 109.56 -79.68 70.54
N GLU HA 204 109.33 -78.38 70.49
CA GLU HA 204 108.02 -77.87 70.09
C GLU HA 204 107.65 -78.31 68.67
N ASP HA 205 108.63 -78.51 67.81
CA ASP HA 205 108.38 -78.90 66.43
C ASP HA 205 108.40 -80.41 66.23
N ASN HA 206 108.95 -81.16 67.17
CA ASN HA 206 108.93 -82.61 67.07
C ASN HA 206 107.52 -83.16 67.19
N ILE HA 207 106.58 -82.37 67.71
CA ILE HA 207 105.19 -82.75 67.82
C ILE HA 207 104.32 -81.53 67.55
N GLU HA 208 103.02 -81.73 67.66
CA GLU HA 208 102.05 -80.65 67.49
C GLU HA 208 100.74 -81.13 68.07
N VAL HA 209 100.05 -80.27 68.82
CA VAL HA 209 98.91 -80.68 69.63
C VAL HA 209 97.79 -79.65 69.52
N GLY HA 210 96.56 -80.15 69.39
CA GLY HA 210 95.39 -79.32 69.47
C GLY HA 210 94.46 -79.89 70.54
N ILE HA 211 93.42 -79.13 70.87
CA ILE HA 211 92.48 -79.54 71.90
C ILE HA 211 91.08 -79.06 71.56
N CYS HA 212 90.09 -79.77 72.08
CA CYS HA 212 88.72 -79.30 72.15
C CYS HA 212 88.41 -78.90 73.58
N ASN HA 213 87.67 -77.80 73.71
CA ASN HA 213 87.12 -77.39 74.99
C ASN HA 213 85.63 -77.21 74.85
N GLU HA 214 84.95 -77.08 75.97
CA GLU HA 214 83.54 -76.72 75.88
C GLU HA 214 83.37 -75.28 75.43
N ALA HA 215 84.44 -74.47 75.54
CA ALA HA 215 84.45 -73.16 74.91
C ALA HA 215 84.76 -73.23 73.43
N GLY HA 216 85.00 -74.43 72.89
CA GLY HA 216 85.24 -74.56 71.46
C GLY HA 216 86.56 -75.21 71.14
N PHE HA 217 86.79 -75.50 69.86
CA PHE HA 217 88.05 -76.11 69.45
C PHE HA 217 89.15 -75.06 69.38
N ARG HA 218 90.38 -75.50 69.65
CA ARG HA 218 91.53 -74.63 69.67
C ARG HA 218 92.76 -75.43 69.29
N ARG HA 219 93.75 -74.76 68.70
CA ARG HA 219 95.02 -75.37 68.38
C ARG HA 219 96.07 -74.86 69.35
N LEU HA 220 97.11 -75.66 69.59
CA LEU HA 220 98.17 -75.26 70.48
C LEU HA 220 99.37 -74.74 69.69
N THR HA 221 99.99 -73.68 70.19
CA THR HA 221 101.11 -73.10 69.49
C THR HA 221 102.43 -73.65 70.02
N PRO HA 222 103.51 -73.54 69.24
CA PRO HA 222 104.82 -74.01 69.71
C PRO HA 222 105.28 -73.32 70.96
N THR HA 223 104.81 -72.10 71.23
CA THR HA 223 105.14 -71.41 72.47
C THR HA 223 104.70 -72.23 73.67
N GLU HA 224 103.40 -72.44 73.81
CA GLU HA 224 102.90 -73.22 74.94
C GLU HA 224 103.30 -74.68 74.83
N VAL HA 225 103.66 -75.14 73.63
CA VAL HA 225 104.19 -76.48 73.48
C VAL HA 225 105.50 -76.61 74.23
N LYS HA 226 106.50 -75.83 73.84
CA LYS HA 226 107.78 -75.84 74.55
C LYS HA 226 107.60 -75.48 76.02
N ASP HA 227 106.66 -74.57 76.32
CA ASP HA 227 106.39 -74.20 77.70
C ASP HA 227 105.89 -75.39 78.50
N TYR HA 228 105.14 -76.28 77.85
CA TYR HA 228 104.68 -77.48 78.51
C TYR HA 228 105.71 -78.58 78.47
N LEU HA 229 106.75 -78.43 77.62
CA LEU HA 229 107.80 -79.42 77.54
C LEU HA 229 108.51 -79.63 78.86
N ALA HA 230 108.55 -78.61 79.71
CA ALA HA 230 109.01 -78.80 81.08
C ALA HA 230 108.16 -79.85 81.76
N ALA HA 231 108.76 -80.60 82.67
CA ALA HA 231 108.14 -81.79 83.22
C ALA HA 231 107.79 -82.78 82.11
N ILE HA 232 108.86 -83.25 81.47
CA ILE HA 232 108.73 -84.06 80.27
C ILE HA 232 107.99 -85.36 80.57
N ALA HA 233 107.50 -85.99 79.52
CA ALA HA 233 106.72 -87.22 79.63
C ALA HA 233 105.41 -86.98 80.37
N SER IA 1 92.44 -102.43 31.57
CA SER IA 1 91.37 -102.37 30.60
C SER IA 1 90.43 -103.56 30.74
N ARG IA 2 90.82 -104.69 30.15
CA ARG IA 2 90.02 -105.89 30.18
C ARG IA 2 90.57 -106.98 31.08
N ARG IA 3 91.89 -107.16 31.14
CA ARG IA 3 92.48 -108.20 31.96
C ARG IA 3 92.45 -107.89 33.44
N TYR IA 4 91.89 -106.74 33.83
CA TYR IA 4 91.80 -106.38 35.23
C TYR IA 4 90.41 -106.63 35.81
N ASP IA 5 89.44 -106.98 34.98
CA ASP IA 5 88.11 -107.26 35.49
C ASP IA 5 88.13 -108.49 36.39
N SER IA 6 87.29 -108.44 37.43
CA SER IA 6 87.19 -109.54 38.38
C SER IA 6 86.21 -110.62 37.94
N ARG IA 7 85.23 -110.28 37.11
CA ARG IA 7 84.26 -111.25 36.62
C ARG IA 7 83.46 -111.85 37.78
N THR IA 8 82.81 -110.97 38.53
CA THR IA 8 82.01 -111.36 39.69
C THR IA 8 80.54 -111.51 39.36
N THR IA 9 80.23 -112.09 38.21
CA THR IA 9 78.84 -112.25 37.80
C THR IA 9 78.61 -113.58 37.11
N ILE IA 10 79.71 -114.29 36.82
CA ILE IA 10 79.61 -115.56 36.12
C ILE IA 10 79.32 -116.69 37.10
N PHE IA 11 78.66 -117.73 36.64
CA PHE IA 11 78.37 -118.87 37.50
C PHE IA 11 79.63 -119.69 37.74
N SER IA 12 79.49 -120.75 38.52
CA SER IA 12 80.56 -121.68 38.78
C SER IA 12 80.55 -122.78 37.73
N PRO IA 13 81.73 -123.32 37.39
CA PRO IA 13 81.80 -124.41 36.40
C PRO IA 13 80.96 -125.61 36.77
N GLU IA 14 80.73 -125.85 38.07
CA GLU IA 14 79.76 -126.84 38.48
C GLU IA 14 78.36 -126.49 37.98
N GLY IA 15 78.09 -125.20 37.79
CA GLY IA 15 76.75 -124.76 37.45
C GLY IA 15 76.09 -124.09 38.62
N ARG IA 16 76.89 -123.37 39.41
CA ARG IA 16 76.41 -122.69 40.61
C ARG IA 16 77.07 -121.33 40.66
N LEU IA 17 76.98 -120.66 41.80
CA LEU IA 17 77.69 -119.41 41.99
C LEU IA 17 79.06 -119.67 42.61
N TYR IA 18 79.89 -118.64 42.57
CA TYR IA 18 81.28 -118.79 42.99
C TYR IA 18 81.70 -117.68 43.95
N GLN IA 19 81.15 -116.50 43.76
CA GLN IA 19 81.50 -115.35 44.60
C GLN IA 19 80.61 -115.22 45.82
N VAL IA 20 79.30 -115.33 45.66
CA VAL IA 20 78.40 -115.24 46.79
C VAL IA 20 78.69 -116.35 47.80
N GLU IA 21 79.19 -117.49 47.31
CA GLU IA 21 79.66 -118.52 48.22
C GLU IA 21 80.77 -117.99 49.12
N TYR IA 22 81.74 -117.29 48.55
CA TYR IA 22 82.76 -116.67 49.38
C TYR IA 22 82.15 -115.62 50.30
N ALA IA 23 81.13 -114.92 49.83
CA ALA IA 23 80.53 -113.85 50.63
C ALA IA 23 79.86 -114.40 51.87
N MET IA 24 78.97 -115.37 51.71
CA MET IA 24 78.20 -115.86 52.85
C MET IA 24 79.08 -116.52 53.90
N GLU IA 25 80.27 -116.98 53.52
CA GLU IA 25 81.20 -117.54 54.49
C GLU IA 25 81.61 -116.55 55.56
N ALA IA 26 81.80 -115.28 55.21
CA ALA IA 26 82.26 -114.29 56.17
C ALA IA 26 81.22 -113.99 57.24
N ILE IA 27 79.93 -114.14 56.92
CA ILE IA 27 78.89 -113.77 57.87
C ILE IA 27 78.94 -114.65 59.11
N GLY IA 28 79.33 -115.92 58.96
CA GLY IA 28 79.45 -116.78 60.12
C GLY IA 28 80.46 -116.28 61.13
N HIS IA 29 81.60 -115.78 60.65
CA HIS IA 29 82.59 -115.16 61.51
C HIS IA 29 82.18 -113.72 61.80
N ALA IA 30 82.67 -113.22 62.92
CA ALA IA 30 82.49 -111.82 63.32
C ALA IA 30 81.00 -111.46 63.40
N GLY IA 31 80.30 -112.14 64.28
CA GLY IA 31 78.90 -111.89 64.53
C GLY IA 31 78.15 -113.16 64.85
N THR IA 32 77.30 -113.09 65.87
CA THR IA 32 76.41 -114.18 66.24
C THR IA 32 75.25 -113.61 67.01
N CYS IA 33 74.06 -113.65 66.42
CA CYS IA 33 72.87 -113.09 67.02
C CYS IA 33 71.67 -113.94 66.65
N LEU IA 34 70.52 -113.61 67.22
CA LEU IA 34 69.33 -114.41 66.95
C LEU IA 34 68.08 -113.64 67.39
N GLY IA 35 66.95 -114.32 67.25
CA GLY IA 35 65.67 -113.76 67.67
C GLY IA 35 64.67 -114.88 67.83
N ILE IA 36 63.60 -114.58 68.56
CA ILE IA 36 62.57 -115.57 68.85
C ILE IA 36 61.28 -114.85 69.21
N LEU IA 37 60.15 -115.38 68.75
CA LEU IA 37 58.85 -114.91 69.14
C LEU IA 37 57.84 -116.03 68.96
N ALA IA 38 56.96 -116.19 69.96
CA ALA IA 38 55.83 -117.10 69.82
C ALA IA 38 54.53 -116.48 70.29
N ASN IA 39 54.55 -115.35 70.98
CA ASN IA 39 53.36 -114.66 71.44
C ASN IA 39 53.68 -113.18 71.45
N ASP IA 40 52.86 -112.41 72.18
CA ASP IA 40 53.00 -110.96 72.25
C ASP IA 40 54.40 -110.54 72.65
N GLY IA 41 55.08 -109.81 71.76
CA GLY IA 41 56.44 -109.40 71.98
C GLY IA 41 57.40 -110.23 71.15
N VAL IA 42 58.65 -109.76 71.03
CA VAL IA 42 59.66 -110.51 70.30
C VAL IA 42 61.02 -110.17 70.91
N LEU IA 43 61.92 -111.14 70.87
CA LEU IA 43 63.23 -111.00 71.47
C LEU IA 43 64.31 -110.88 70.39
N LEU IA 44 65.46 -110.37 70.81
CA LEU IA 44 66.61 -110.23 69.94
C LEU IA 44 67.89 -110.37 70.75
N ALA IA 45 68.65 -111.40 70.43
CA ALA IA 45 69.89 -111.71 71.12
C ALA IA 45 71.06 -111.16 70.32
N ALA IA 46 71.84 -110.29 70.95
CA ALA IA 46 72.99 -109.66 70.34
C ALA IA 46 74.27 -110.15 71.01
N GLU IA 47 75.41 -109.77 70.43
CA GLU IA 47 76.70 -110.17 70.95
C GLU IA 47 77.67 -109.01 70.80
N ARG IA 48 78.45 -108.75 71.85
CA ARG IA 48 79.48 -107.73 71.80
C ARG IA 48 80.75 -108.36 71.24
N ARG IA 49 80.92 -108.27 69.92
CA ARG IA 49 82.13 -108.80 69.30
C ARG IA 49 83.37 -108.04 69.76
N ASN IA 50 83.20 -106.77 70.10
CA ASN IA 50 84.27 -105.95 70.67
C ASN IA 50 83.83 -105.50 72.06
N ILE IA 51 84.57 -105.92 73.08
CA ILE IA 51 84.20 -105.63 74.45
C ILE IA 51 85.38 -104.98 75.17
N HIS IA 52 86.23 -104.29 74.42
CA HIS IA 52 87.40 -103.67 75.00
C HIS IA 52 87.02 -102.61 76.04
N LYS IA 53 87.82 -102.53 77.10
CA LYS IA 53 87.48 -101.73 78.27
C LYS IA 53 87.94 -100.29 78.16
N LEU IA 54 88.23 -99.79 76.96
CA LEU IA 54 88.62 -98.40 76.78
C LEU IA 54 87.69 -97.66 75.83
N LEU IA 55 86.70 -98.34 75.26
CA LEU IA 55 85.75 -97.69 74.38
C LEU IA 55 84.94 -96.65 75.15
N ASP IA 56 84.13 -95.90 74.42
CA ASP IA 56 83.26 -94.93 75.06
C ASP IA 56 81.94 -95.56 75.49
N GLU IA 57 81.39 -96.43 74.64
CA GLU IA 57 80.09 -97.06 74.88
C GLU IA 57 79.01 -96.01 75.11
N VAL IA 58 79.14 -94.89 74.40
CA VAL IA 58 78.25 -93.74 74.57
C VAL IA 58 77.19 -93.67 73.49
N PHE IA 59 77.24 -94.58 72.51
CA PHE IA 59 76.19 -94.61 71.49
C PHE IA 59 74.82 -94.88 72.11
N PHE IA 60 74.77 -95.71 73.14
CA PHE IA 60 73.53 -96.05 73.81
C PHE IA 60 72.58 -96.76 72.85
N SER IA 61 73.16 -97.42 71.87
CA SER IA 61 72.45 -98.19 70.86
C SER IA 61 73.51 -98.88 70.02
N GLU IA 62 73.11 -99.95 69.37
CA GLU IA 62 74.06 -100.88 68.77
C GLU IA 62 73.37 -101.52 67.58
N LYS IA 63 73.85 -102.69 67.18
CA LYS IA 63 73.31 -103.54 66.12
C LYS IA 63 71.78 -103.55 66.06
N ILE IA 64 71.12 -103.42 67.20
CA ILE IA 64 69.70 -103.14 67.20
C ILE IA 64 69.49 -101.75 66.61
N TYR IA 65 68.96 -101.68 65.40
CA TYR IA 65 68.70 -100.40 64.73
C TYR IA 65 67.19 -100.25 64.55
N LYS IA 66 66.62 -99.25 65.23
CA LYS IA 66 65.20 -98.94 65.09
C LYS IA 66 64.99 -98.24 63.76
N LEU IA 67 64.62 -99.01 62.75
CA LEU IA 67 64.38 -98.48 61.41
C LEU IA 67 63.01 -97.83 61.26
N ASN IA 68 62.18 -97.87 62.30
CA ASN IA 68 60.81 -97.41 62.19
C ASN IA 68 60.17 -97.53 63.57
N GLU IA 69 59.01 -96.89 63.72
CA GLU IA 69 58.25 -97.02 64.97
C GLU IA 69 57.72 -98.42 65.20
N ASP IA 70 57.78 -99.30 64.21
CA ASP IA 70 57.25 -100.65 64.35
C ASP IA 70 58.19 -101.74 63.89
N MET IA 71 59.34 -101.41 63.33
CA MET IA 71 60.27 -102.44 62.88
C MET IA 71 61.69 -102.01 63.20
N ALA IA 72 62.53 -103.01 63.47
CA ALA IA 72 63.95 -102.80 63.71
C ALA IA 72 64.68 -104.05 63.24
N CYS IA 73 66.00 -103.95 63.17
CA CYS IA 73 66.79 -105.01 62.57
C CYS IA 73 68.14 -105.11 63.27
N SER IA 74 68.76 -106.28 63.12
CA SER IA 74 70.10 -106.54 63.62
C SER IA 74 70.92 -107.09 62.46
N VAL IA 75 72.11 -106.53 62.27
CA VAL IA 75 72.93 -106.80 61.09
C VAL IA 75 74.13 -107.64 61.49
N ALA IA 76 74.69 -108.36 60.52
CA ALA IA 76 75.86 -109.18 60.75
C ALA IA 76 76.68 -109.23 59.47
N GLY IA 77 77.97 -108.97 59.60
CA GLY IA 77 78.86 -108.96 58.46
C GLY IA 77 79.76 -107.74 58.52
N ILE IA 78 80.01 -107.16 57.34
CA ILE IA 78 80.78 -105.91 57.28
C ILE IA 78 79.96 -104.79 57.90
N THR IA 79 80.55 -104.13 58.90
CA THR IA 79 79.80 -103.12 59.65
C THR IA 79 79.39 -101.96 58.76
N SER IA 80 80.36 -101.24 58.22
CA SER IA 80 80.06 -100.07 57.41
C SER IA 80 79.28 -100.41 56.16
N ASP IA 81 79.42 -101.63 55.64
CA ASP IA 81 78.55 -102.08 54.57
C ASP IA 81 77.10 -102.07 55.01
N ALA IA 82 76.86 -102.34 56.29
CA ALA IA 82 75.49 -102.38 56.79
C ALA IA 82 74.85 -101.01 56.80
N ASN IA 83 75.61 -99.96 57.15
CA ASN IA 83 75.06 -98.63 57.31
C ASN IA 83 74.35 -98.13 56.07
N VAL IA 84 74.91 -98.40 54.89
CA VAL IA 84 74.25 -98.02 53.65
C VAL IA 84 72.87 -98.65 53.57
N LEU IA 85 72.77 -99.94 53.85
CA LEU IA 85 71.49 -100.62 53.80
C LEU IA 85 70.54 -100.08 54.85
N THR IA 86 71.06 -99.71 56.02
CA THR IA 86 70.22 -99.12 57.06
C THR IA 86 69.59 -97.84 56.56
N ASN IA 87 70.41 -96.89 56.12
CA ASN IA 87 69.89 -95.60 55.69
C ASN IA 87 68.97 -95.75 54.49
N GLU IA 88 69.32 -96.61 53.55
CA GLU IA 88 68.47 -96.81 52.38
C GLU IA 88 67.11 -97.39 52.79
N LEU IA 89 67.13 -98.48 53.53
CA LEU IA 89 65.90 -99.15 53.94
C LEU IA 89 65.01 -98.22 54.76
N ARG IA 90 65.57 -97.55 55.76
CA ARG IA 90 64.82 -96.61 56.56
C ARG IA 90 64.13 -95.57 55.70
N LEU IA 91 64.84 -95.00 54.74
CA LEU IA 91 64.23 -94.03 53.86
C LEU IA 91 63.17 -94.66 52.96
N ILE IA 92 63.31 -95.94 52.63
CA ILE IA 92 62.28 -96.62 51.85
C ILE IA 92 60.99 -96.69 52.64
N ALA IA 93 61.06 -97.27 53.84
CA ALA IA 93 59.89 -97.33 54.70
C ALA IA 93 59.31 -95.95 54.96
N GLN IA 94 60.16 -94.93 55.04
CA GLN IA 94 59.64 -93.58 55.21
C GLN IA 94 58.86 -93.10 53.99
N ARG IA 95 59.44 -93.24 52.78
CA ARG IA 95 58.76 -92.79 51.58
C ARG IA 95 57.45 -93.54 51.34
N TYR IA 96 57.37 -94.80 51.74
CA TYR IA 96 56.09 -95.48 51.72
C TYR IA 96 55.07 -94.71 52.55
N LEU IA 97 55.45 -94.36 53.79
CA LEU IA 97 54.59 -93.57 54.65
C LEU IA 97 54.24 -92.24 54.02
N LEU IA 98 55.16 -91.63 53.28
CA LEU IA 98 54.82 -90.42 52.55
C LEU IA 98 53.79 -90.70 51.48
N GLN IA 99 53.80 -91.90 50.91
CA GLN IA 99 52.92 -92.17 49.78
C GLN IA 99 51.52 -92.51 50.24
N TYR IA 100 51.37 -93.23 51.36
CA TYR IA 100 50.07 -93.73 51.77
C TYR IA 100 49.59 -93.22 53.11
N GLN IA 101 50.44 -92.55 53.88
CA GLN IA 101 50.14 -92.17 55.25
C GLN IA 101 49.68 -93.39 56.06
N GLU IA 102 50.52 -94.42 56.04
CA GLU IA 102 50.25 -95.63 56.78
C GLU IA 102 51.54 -96.43 56.89
N PRO IA 103 51.78 -97.12 58.00
CA PRO IA 103 53.05 -97.82 58.19
C PRO IA 103 53.25 -98.94 57.19
N ILE IA 104 54.50 -99.12 56.78
CA ILE IA 104 54.81 -100.14 55.79
C ILE IA 104 54.63 -101.52 56.42
N PRO IA 105 53.89 -102.41 55.78
CA PRO IA 105 53.91 -103.82 56.17
C PRO IA 105 55.33 -104.36 56.16
N CYS IA 106 55.55 -105.34 57.03
CA CYS IA 106 56.90 -105.83 57.27
C CYS IA 106 57.49 -106.53 56.05
N GLU IA 107 56.71 -107.36 55.35
CA GLU IA 107 57.27 -108.22 54.32
C GLU IA 107 57.80 -107.40 53.16
N GLN IA 108 56.91 -106.70 52.46
CA GLN IA 108 57.26 -106.02 51.22
C GLN IA 108 58.38 -105.02 51.38
N LEU IA 109 58.58 -104.48 52.58
CA LEU IA 109 59.81 -103.74 52.84
C LEU IA 109 61.03 -104.64 52.65
N VAL IA 110 61.04 -105.77 53.34
CA VAL IA 110 62.16 -106.71 53.22
C VAL IA 110 62.35 -107.16 51.78
N THR IA 111 61.24 -107.39 51.07
CA THR IA 111 61.35 -107.73 49.66
C THR IA 111 62.01 -106.62 48.88
N ALA IA 112 61.63 -105.37 49.16
CA ALA IA 112 62.23 -104.23 48.48
C ALA IA 112 63.73 -104.19 48.70
N LEU IA 113 64.18 -104.44 49.93
CA LEU IA 113 65.62 -104.46 50.18
C LEU IA 113 66.29 -105.62 49.46
N CYS IA 114 65.70 -106.81 49.56
CA CYS IA 114 66.25 -108.00 48.90
C CYS IA 114 66.41 -107.80 47.41
N ASP IA 115 65.49 -107.06 46.77
CA ASP IA 115 65.66 -106.75 45.37
C ASP IA 115 66.94 -105.96 45.13
N ILE IA 116 67.22 -104.98 45.99
CA ILE IA 116 68.47 -104.24 45.87
C ILE IA 116 69.65 -105.17 46.06
N LYS IA 117 69.55 -106.11 46.99
CA LYS IA 117 70.65 -107.04 47.19
C LYS IA 117 70.90 -107.89 45.95
N GLN IA 118 69.84 -108.47 45.38
CA GLN IA 118 70.00 -109.28 44.19
C GLN IA 118 70.45 -108.44 42.99
N ALA IA 119 70.20 -107.13 43.04
CA ALA IA 119 70.55 -106.26 41.92
C ALA IA 119 72.02 -106.33 41.59
N TYR IA 120 72.91 -106.25 42.57
CA TYR IA 120 74.32 -106.38 42.29
C TYR IA 120 74.68 -107.78 41.83
N THR IA 121 73.93 -108.79 42.27
CA THR IA 121 74.21 -110.16 41.88
C THR IA 121 73.88 -110.42 40.43
N GLN IA 122 72.82 -109.78 39.93
CA GLN IA 122 72.29 -110.11 38.61
C GLN IA 122 73.25 -109.69 37.52
N PHE IA 123 73.82 -108.50 37.66
CA PHE IA 123 74.67 -107.92 36.62
C PHE IA 123 75.53 -106.83 37.22
N GLY IA 124 76.61 -106.49 36.52
CA GLY IA 124 77.44 -105.38 36.92
C GLY IA 124 78.84 -105.79 37.30
N GLY IA 125 78.97 -106.86 38.08
CA GLY IA 125 80.26 -107.21 38.62
C GLY IA 125 80.70 -106.37 39.79
N LYS IA 126 79.87 -105.44 40.24
CA LYS IA 126 80.14 -104.71 41.47
C LYS IA 126 80.28 -105.67 42.63
N ARG IA 127 81.10 -105.30 43.60
CA ARG IA 127 81.30 -106.15 44.77
C ARG IA 127 79.99 -106.29 45.53
N PRO IA 128 79.53 -107.51 45.79
CA PRO IA 128 78.23 -107.69 46.44
C PRO IA 128 78.27 -107.27 47.90
N PHE IA 129 77.13 -107.46 48.57
CA PHE IA 129 77.03 -107.10 49.97
C PHE IA 129 77.46 -108.26 50.86
N GLY IA 130 78.39 -107.98 51.77
CA GLY IA 130 78.75 -108.95 52.79
C GLY IA 130 77.96 -108.72 54.06
N VAL IA 131 76.64 -108.88 53.98
CA VAL IA 131 75.76 -108.56 55.09
C VAL IA 131 74.58 -109.52 55.10
N SER IA 132 74.21 -109.99 56.27
CA SER IA 132 72.96 -110.70 56.51
C SER IA 132 72.39 -110.24 57.84
N LEU IA 133 71.08 -110.03 57.88
CA LEU IA 133 70.47 -109.41 59.03
C LEU IA 133 69.08 -109.98 59.25
N LEU IA 134 68.45 -109.57 60.34
CA LEU IA 134 67.14 -110.06 60.72
C LEU IA 134 66.14 -108.92 60.75
N TYR IA 135 64.91 -109.26 61.12
CA TYR IA 135 63.81 -108.32 61.08
C TYR IA 135 62.87 -108.54 62.24
N ILE IA 136 62.36 -107.46 62.80
CA ILE IA 136 61.32 -107.51 63.81
C ILE IA 136 60.33 -106.39 63.53
N GLY IA 137 59.05 -106.73 63.57
CA GLY IA 137 58.04 -105.74 63.26
C GLY IA 137 56.65 -106.26 63.56
N TRP IA 138 55.80 -105.31 63.99
CA TRP IA 138 54.38 -105.56 64.19
C TRP IA 138 53.62 -104.99 63.01
N ASP IA 139 52.49 -105.60 62.67
CA ASP IA 139 51.70 -105.14 61.54
C ASP IA 139 50.22 -105.23 61.89
N LYS IA 140 49.40 -104.91 60.91
CA LYS IA 140 47.95 -105.04 61.04
C LYS IA 140 47.42 -106.33 60.45
N HIS IA 141 48.29 -107.16 59.88
CA HIS IA 141 47.84 -108.37 59.20
C HIS IA 141 48.35 -109.65 59.84
N TYR IA 142 49.48 -109.58 60.56
CA TYR IA 142 50.01 -110.76 61.23
C TYR IA 142 50.60 -110.46 62.60
N GLY IA 143 50.51 -109.22 63.07
CA GLY IA 143 51.10 -108.88 64.34
C GLY IA 143 52.62 -108.93 64.28
N PHE IA 144 53.21 -109.80 65.08
CA PHE IA 144 54.65 -109.91 65.20
C PHE IA 144 55.18 -110.82 64.10
N GLN IA 145 56.43 -110.58 63.68
CA GLN IA 145 57.00 -111.30 62.55
C GLN IA 145 58.53 -111.34 62.66
N LEU IA 146 59.12 -112.34 62.01
CA LEU IA 146 60.57 -112.48 61.91
C LEU IA 146 60.94 -112.90 60.50
N TYR IA 147 62.01 -112.32 59.97
CA TYR IA 147 62.43 -112.62 58.61
C TYR IA 147 63.95 -112.67 58.53
N GLN IA 148 64.47 -113.67 57.83
CA GLN IA 148 65.89 -113.80 57.61
C GLN IA 148 66.29 -113.10 56.33
N SER IA 149 67.46 -112.49 56.34
CA SER IA 149 67.99 -111.81 55.17
C SER IA 149 69.20 -112.57 54.65
N ASP IA 150 69.43 -112.45 53.35
CA ASP IA 150 70.51 -113.16 52.69
C ASP IA 150 71.30 -112.20 51.81
N PRO IA 151 72.60 -112.43 51.66
CA PRO IA 151 73.36 -111.66 50.67
C PRO IA 151 72.85 -111.87 49.27
N SER IA 152 72.27 -113.04 48.98
CA SER IA 152 71.71 -113.34 47.67
C SER IA 152 70.40 -112.63 47.40
N GLY IA 153 69.91 -111.81 48.33
CA GLY IA 153 68.60 -111.24 48.20
C GLY IA 153 67.48 -112.18 48.55
N ASN IA 154 67.79 -113.34 49.11
CA ASN IA 154 66.78 -114.28 49.55
C ASN IA 154 66.41 -114.00 51.00
N TYR IA 155 65.18 -114.37 51.36
CA TYR IA 155 64.69 -114.13 52.71
C TYR IA 155 63.72 -115.24 53.07
N GLY IA 156 63.07 -115.09 54.22
CA GLY IA 156 62.08 -116.07 54.64
C GLY IA 156 61.49 -115.69 55.98
N GLY IA 157 60.34 -116.27 56.26
CA GLY IA 157 59.68 -116.08 57.54
C GLY IA 157 60.15 -117.11 58.55
N TRP IA 158 60.36 -116.65 59.78
CA TRP IA 158 60.96 -117.48 60.81
C TRP IA 158 60.32 -117.17 62.15
N LYS IA 159 60.49 -118.10 63.09
CA LYS IA 159 60.13 -117.89 64.49
C LYS IA 159 61.32 -117.97 65.43
N ALA IA 160 62.30 -118.81 65.12
CA ALA IA 160 63.60 -118.78 65.78
C ALA IA 160 64.64 -118.84 64.68
N THR IA 161 65.80 -118.24 64.92
CA THR IA 161 66.77 -118.05 63.84
C THR IA 161 68.18 -118.26 64.38
N CYS IA 162 69.14 -117.94 63.53
CA CYS IA 162 70.57 -118.14 63.75
C CYS IA 162 71.33 -117.18 62.87
N ILE IA 163 72.44 -116.66 63.39
CA ILE IA 163 73.27 -115.75 62.63
C ILE IA 163 74.72 -116.22 62.66
N GLY IA 164 75.28 -116.31 63.85
CA GLY IA 164 76.68 -116.66 63.98
C GLY IA 164 76.93 -118.14 63.75
N ASN IA 165 78.15 -118.43 63.28
CA ASN IA 165 78.55 -119.82 63.10
C ASN IA 165 78.50 -120.58 64.42
N ASN IA 166 78.82 -119.91 65.52
CA ASN IA 166 78.67 -120.53 66.83
C ASN IA 166 77.24 -120.97 67.09
N SER IA 167 76.27 -120.25 66.54
CA SER IA 167 74.86 -120.57 66.72
C SER IA 167 74.36 -121.67 65.79
N ALA IA 168 75.23 -122.21 64.94
CA ALA IA 168 74.81 -123.28 64.03
C ALA IA 168 74.21 -124.45 64.80
N ALA IA 169 74.90 -124.94 65.82
CA ALA IA 169 74.30 -125.92 66.72
C ALA IA 169 73.21 -125.29 67.58
N ALA IA 170 73.28 -123.98 67.81
CA ALA IA 170 72.23 -123.31 68.56
C ALA IA 170 70.87 -123.48 67.90
N VAL IA 171 70.85 -123.61 66.57
CA VAL IA 171 69.62 -124.04 65.90
C VAL IA 171 69.15 -125.36 66.47
N SER IA 172 70.06 -126.32 66.62
CA SER IA 172 69.71 -127.62 67.19
C SER IA 172 69.19 -127.46 68.61
N MET IA 173 69.79 -126.58 69.40
CA MET IA 173 69.24 -126.26 70.71
C MET IA 173 67.81 -125.74 70.59
N LEU IA 174 67.56 -124.92 69.57
CA LEU IA 174 66.23 -124.35 69.37
C LEU IA 174 65.20 -125.43 69.08
N LYS IA 175 65.50 -126.33 68.14
CA LYS IA 175 64.58 -127.43 67.85
C LYS IA 175 64.32 -128.30 69.07
N GLN IA 176 65.29 -128.44 69.96
CA GLN IA 176 65.12 -129.27 71.15
C GLN IA 176 64.31 -128.56 72.23
N ASP IA 177 64.44 -127.23 72.33
CA ASP IA 177 63.82 -126.48 73.41
C ASP IA 177 62.80 -125.47 72.91
N TYR IA 178 61.99 -125.82 71.92
CA TYR IA 178 60.99 -124.90 71.41
C TYR IA 178 59.59 -125.42 71.69
N LYS IA 179 58.65 -124.48 71.80
CA LYS IA 179 57.27 -124.70 72.21
C LYS IA 179 56.34 -124.37 71.03
N GLU IA 180 55.06 -124.18 71.33
CA GLU IA 180 54.09 -123.79 70.30
C GLU IA 180 53.14 -122.73 70.87
N GLY IA 181 53.55 -121.47 70.76
CA GLY IA 181 52.73 -120.37 71.22
C GLY IA 181 52.53 -120.37 72.72
N GLU IA 182 53.63 -120.26 73.46
CA GLU IA 182 53.59 -120.06 74.91
C GLU IA 182 54.62 -119.03 75.31
N MET IA 183 54.90 -118.08 74.41
CA MET IA 183 56.04 -117.18 74.56
C MET IA 183 55.72 -116.13 75.63
N THR IA 184 55.68 -116.60 76.87
CA THR IA 184 55.77 -115.67 77.98
C THR IA 184 57.15 -115.03 77.94
N LEU IA 185 57.21 -113.72 78.16
CA LEU IA 185 58.48 -113.04 78.02
C LEU IA 185 59.27 -113.10 79.32
N LYS IA 186 59.33 -114.30 79.86
CA LYS IA 186 60.34 -114.73 80.81
C LYS IA 186 60.80 -116.10 80.35
N SER IA 187 59.87 -116.85 79.74
CA SER IA 187 60.23 -118.11 79.11
C SER IA 187 61.12 -117.87 77.90
N ALA IA 188 60.71 -116.97 77.01
CA ALA IA 188 61.55 -116.61 75.88
C ALA IA 188 62.89 -116.07 76.35
N LEU IA 189 62.89 -115.26 77.41
CA LEU IA 189 64.13 -114.68 77.90
C LEU IA 189 65.08 -115.75 78.42
N ALA IA 190 64.61 -116.55 79.39
CA ALA IA 190 65.45 -117.61 79.94
C ALA IA 190 65.89 -118.60 78.88
N LEU IA 191 65.03 -118.86 77.89
CA LEU IA 191 65.45 -119.67 76.76
C LEU IA 191 66.60 -119.01 76.03
N ALA IA 192 66.54 -117.69 75.84
CA ALA IA 192 67.61 -116.99 75.16
C ALA IA 192 68.92 -117.05 75.94
N ILE IA 193 68.88 -116.67 77.22
CA ILE IA 193 70.09 -116.70 78.03
C ILE IA 193 70.64 -118.11 78.11
N LYS IA 194 69.76 -119.11 78.10
CA LYS IA 194 70.21 -120.49 78.02
C LYS IA 194 70.93 -120.76 76.71
N VAL IA 195 70.43 -120.19 75.62
CA VAL IA 195 71.08 -120.39 74.32
C VAL IA 195 72.46 -119.76 74.32
N LEU IA 196 72.54 -118.47 74.61
CA LEU IA 196 73.82 -117.77 74.63
C LEU IA 196 74.77 -118.33 75.67
N ASN IA 197 74.25 -118.98 76.70
CA ASN IA 197 75.13 -119.57 77.71
C ASN IA 197 75.99 -120.67 77.11
N LYS IA 198 75.36 -121.61 76.39
CA LYS IA 198 76.11 -122.69 75.78
C LYS IA 198 76.80 -122.23 74.50
N THR IA 199 76.11 -121.46 73.67
CA THR IA 199 76.69 -120.99 72.42
C THR IA 199 77.89 -120.10 72.66
N MET IA 200 77.67 -118.99 73.36
CA MET IA 200 78.75 -118.06 73.67
C MET IA 200 79.79 -118.78 74.52
N ASP IA 201 80.96 -119.01 73.95
CA ASP IA 201 82.02 -119.73 74.65
C ASP IA 201 82.60 -118.95 75.82
N VAL IA 202 82.37 -117.63 75.87
CA VAL IA 202 82.81 -116.85 77.02
C VAL IA 202 82.09 -117.34 78.25
N SER IA 203 82.86 -117.90 79.19
CA SER IA 203 82.27 -118.49 80.39
C SER IA 203 81.61 -117.42 81.25
N LYS IA 204 80.62 -117.85 82.02
CA LYS IA 204 79.86 -117.04 82.97
C LYS IA 204 78.88 -116.09 82.29
N LEU IA 205 78.92 -115.95 80.96
CA LEU IA 205 77.97 -115.17 80.19
C LEU IA 205 77.93 -113.72 80.70
N SER IA 206 79.07 -113.05 80.51
CA SER IA 206 79.20 -111.67 80.98
C SER IA 206 78.14 -110.79 80.33
N ALA IA 207 77.41 -110.05 81.17
CA ALA IA 207 76.31 -109.22 80.70
C ALA IA 207 76.78 -108.15 79.72
N GLU IA 208 77.95 -107.57 79.94
CA GLU IA 208 78.44 -106.53 79.06
C GLU IA 208 78.76 -107.03 77.67
N LYS IA 209 79.22 -108.28 77.55
CA LYS IA 209 79.59 -108.83 76.26
C LYS IA 209 78.39 -109.23 75.42
N VAL IA 210 77.17 -109.03 75.93
CA VAL IA 210 75.97 -109.43 75.22
C VAL IA 210 74.98 -108.27 75.16
N GLU IA 211 73.84 -108.50 74.55
CA GLU IA 211 72.77 -107.50 74.52
C GLU IA 211 71.50 -108.15 74.01
N ILE IA 212 70.37 -107.73 74.58
CA ILE IA 212 69.06 -108.22 74.19
C ILE IA 212 68.14 -107.02 74.00
N ALA IA 213 67.32 -107.07 72.95
CA ALA IA 213 66.35 -106.03 72.69
C ALA IA 213 65.04 -106.69 72.28
N THR IA 214 63.93 -106.20 72.84
CA THR IA 214 62.62 -106.80 72.60
C THR IA 214 61.67 -105.75 72.05
N LEU IA 215 60.57 -106.23 71.46
CA LEU IA 215 59.52 -105.37 70.95
C LEU IA 215 58.21 -105.82 71.56
N THR IA 216 57.46 -104.87 72.11
CA THR IA 216 56.18 -105.13 72.72
C THR IA 216 55.11 -104.28 72.08
N ARG IA 217 53.90 -104.83 72.00
CA ARG IA 217 52.77 -104.09 71.45
C ARG IA 217 52.02 -103.41 72.59
N GLU IA 218 51.95 -102.10 72.53
CA GLU IA 218 51.17 -101.30 73.47
C GLU IA 218 49.74 -101.24 72.93
N ASN IA 219 48.91 -100.37 73.50
CA ASN IA 219 47.59 -100.13 72.95
C ASN IA 219 47.68 -99.75 71.48
N GLY IA 220 48.43 -98.69 71.19
CA GLY IA 220 48.70 -98.32 69.81
C GLY IA 220 50.11 -97.81 69.66
N LYS IA 221 50.92 -98.00 70.70
CA LYS IA 221 52.29 -97.48 70.72
C LYS IA 221 53.30 -98.44 70.12
N THR IA 222 53.23 -99.72 70.45
CA THR IA 222 54.23 -100.69 70.02
C THR IA 222 55.61 -100.30 70.53
N VAL IA 223 55.71 -100.29 71.86
CA VAL IA 223 56.92 -99.88 72.55
C VAL IA 223 58.08 -100.79 72.14
N ILE IA 224 59.15 -100.19 71.65
CA ILE IA 224 60.40 -100.90 71.42
C ILE IA 224 61.25 -100.75 72.68
N ARG IA 225 61.71 -101.88 73.21
CA ARG IA 225 62.35 -101.92 74.52
C ARG IA 225 63.78 -102.39 74.39
N VAL IA 226 64.71 -101.53 74.78
CA VAL IA 226 66.11 -101.89 74.96
C VAL IA 226 66.36 -101.88 76.45
N LEU IA 227 66.23 -103.05 77.07
CA LEU IA 227 66.35 -103.18 78.52
C LEU IA 227 67.73 -102.75 79.02
N LYS IA 228 67.77 -102.23 80.24
CA LYS IA 228 69.00 -101.75 80.85
C LYS IA 228 69.90 -102.93 81.24
N GLN IA 229 71.03 -102.62 81.86
CA GLN IA 229 72.03 -103.62 82.18
C GLN IA 229 71.77 -104.34 83.50
N LYS IA 230 71.06 -103.71 84.43
CA LYS IA 230 70.86 -104.32 85.74
C LYS IA 230 70.07 -105.62 85.63
N GLU IA 231 68.87 -105.55 85.07
CA GLU IA 231 68.04 -106.73 84.86
C GLU IA 231 68.72 -107.80 84.02
N VAL IA 232 69.68 -107.41 83.16
CA VAL IA 232 70.51 -108.41 82.50
C VAL IA 232 71.23 -109.26 83.53
N GLU IA 233 71.81 -108.62 84.54
CA GLU IA 233 72.56 -109.35 85.55
C GLU IA 233 71.64 -110.27 86.35
N GLN IA 234 70.52 -109.75 86.84
CA GLN IA 234 69.58 -110.56 87.60
C GLN IA 234 69.02 -111.70 86.76
N LEU IA 235 68.83 -111.48 85.46
CA LEU IA 235 68.45 -112.58 84.59
C LEU IA 235 69.54 -113.64 84.51
N ILE IA 236 70.80 -113.21 84.43
CA ILE IA 236 71.91 -114.17 84.38
C ILE IA 236 71.95 -114.99 85.66
N LYS IA 237 71.91 -114.33 86.81
CA LYS IA 237 71.88 -115.05 88.08
C LYS IA 237 70.66 -115.94 88.19
N LYS IA 238 69.54 -115.52 87.61
CA LYS IA 238 68.35 -116.36 87.60
C LYS IA 238 68.60 -117.64 86.82
N HIS IA 239 69.17 -117.53 85.62
CA HIS IA 239 69.47 -118.72 84.82
C HIS IA 239 70.48 -119.62 85.51
N GLU IA 240 71.54 -119.03 86.06
CA GLU IA 240 72.54 -119.83 86.78
C GLU IA 240 71.92 -120.56 87.95
N GLU IA 241 71.06 -119.86 88.71
CA GLU IA 241 70.29 -120.51 89.76
C GLU IA 241 69.44 -121.64 89.20
N GLU IA 242 68.93 -121.48 87.98
CA GLU IA 242 68.20 -122.57 87.35
C GLU IA 242 69.10 -123.75 87.08
N GLU IA 243 70.35 -123.51 86.70
CA GLU IA 243 71.30 -124.60 86.50
C GLU IA 243 71.57 -125.31 87.82
N ALA IA 244 71.90 -124.56 88.87
CA ALA IA 244 72.18 -125.16 90.16
C ALA IA 244 70.99 -125.92 90.71
N LYS IA 245 69.76 -125.44 90.47
CA LYS IA 245 68.59 -126.18 90.89
C LYS IA 245 68.40 -127.43 90.04
N ALA IA 246 68.75 -127.37 88.76
CA ALA IA 246 68.59 -128.51 87.88
C ALA IA 246 69.58 -129.62 88.18
N GLU IA 247 70.79 -129.27 88.62
CA GLU IA 247 71.81 -130.28 88.89
C GLU IA 247 71.52 -131.09 90.15
N ARG IA 248 70.47 -130.75 90.91
CA ARG IA 248 70.09 -131.56 92.06
C ARG IA 248 69.68 -132.96 91.64
N GLU IA 249 69.21 -133.14 90.40
CA GLU IA 249 68.89 -134.48 89.93
C GLU IA 249 70.13 -135.37 89.86
N LYS IA 250 71.29 -134.78 89.65
CA LYS IA 250 72.54 -135.53 89.59
C LYS IA 250 73.04 -135.87 91.00
N SER JA 1 77.34 -98.66 34.07
CA SER JA 1 77.87 -98.92 32.74
C SER JA 1 78.99 -99.95 32.79
N TYR JA 2 78.76 -101.11 32.19
CA TYR JA 2 79.77 -102.17 32.12
C TYR JA 2 79.81 -102.66 30.68
N ASP JA 3 80.60 -101.99 29.86
CA ASP JA 3 80.73 -102.33 28.44
C ASP JA 3 81.63 -103.55 28.33
N ARG JA 4 81.13 -104.68 28.81
CA ARG JA 4 81.88 -105.93 28.79
C ARG JA 4 80.91 -107.07 28.56
N ALA JA 5 81.08 -107.76 27.43
CA ALA JA 5 80.25 -108.90 27.13
C ALA JA 5 80.53 -110.01 28.12
N ILE JA 6 79.55 -110.89 28.30
CA ILE JA 6 79.67 -112.03 29.20
C ILE JA 6 79.52 -113.34 28.45
N THR JA 7 78.62 -113.38 27.48
CA THR JA 7 78.34 -114.57 26.71
C THR JA 7 79.06 -114.47 25.37
N VAL JA 8 79.80 -115.51 25.00
CA VAL JA 8 80.49 -115.58 23.73
C VAL JA 8 80.38 -117.00 23.18
N PHE JA 9 80.98 -117.21 22.03
CA PHE JA 9 80.91 -118.50 21.37
C PHE JA 9 82.12 -119.35 21.71
N SER JA 10 81.98 -120.64 21.56
CA SER JA 10 83.03 -121.59 21.85
C SER JA 10 83.72 -122.05 20.58
N PRO JA 11 84.95 -122.57 20.69
CA PRO JA 11 85.63 -123.08 19.50
C PRO JA 11 84.89 -124.22 18.83
N ASP JA 12 84.17 -125.04 19.58
CA ASP JA 12 83.33 -126.06 18.99
C ASP JA 12 81.99 -125.50 18.50
N GLY JA 13 81.68 -124.26 18.82
CA GLY JA 13 80.46 -123.64 18.36
C GLY JA 13 79.34 -123.57 19.36
N HIS JA 14 79.62 -123.57 20.65
CA HIS JA 14 78.60 -123.50 21.68
C HIS JA 14 78.74 -122.20 22.47
N LEU JA 15 77.65 -121.85 23.15
CA LEU JA 15 77.73 -120.89 24.25
C LEU JA 15 78.18 -121.62 25.50
N PHE JA 16 78.72 -120.86 26.44
CA PHE JA 16 79.03 -121.47 27.73
C PHE JA 16 77.85 -121.28 28.67
N GLN JA 17 77.51 -120.03 28.95
CA GLN JA 17 76.57 -119.68 30.01
C GLN JA 17 75.24 -120.41 29.90
N VAL JA 18 74.69 -120.53 28.69
CA VAL JA 18 73.43 -121.26 28.54
C VAL JA 18 73.60 -122.70 28.98
N GLU JA 19 74.69 -123.35 28.56
CA GLU JA 19 75.05 -124.67 29.04
C GLU JA 19 75.83 -124.60 30.35
N TYR JA 20 75.67 -123.52 31.09
CA TYR JA 20 76.48 -123.24 32.26
C TYR JA 20 75.65 -122.85 33.46
N ALA JA 21 74.39 -122.49 33.28
CA ALA JA 21 73.48 -122.16 34.37
C ALA JA 21 72.30 -123.10 34.47
N GLN JA 22 71.93 -123.75 33.36
CA GLN JA 22 70.83 -124.71 33.39
C GLN JA 22 71.07 -125.82 34.40
N GLU JA 23 72.33 -126.17 34.64
CA GLU JA 23 72.65 -127.10 35.72
C GLU JA 23 72.13 -126.60 37.06
N ALA JA 24 72.16 -125.29 37.29
CA ALA JA 24 71.59 -124.73 38.50
C ALA JA 24 70.10 -125.03 38.59
N VAL JA 25 69.38 -124.91 37.48
CA VAL JA 25 67.98 -125.30 37.46
C VAL JA 25 67.85 -126.79 37.74
N LYS JA 26 68.81 -127.58 37.26
CA LYS JA 26 68.81 -128.99 37.59
C LYS JA 26 68.99 -129.24 39.08
N LYS JA 27 69.73 -128.39 39.77
CA LYS JA 27 69.97 -128.54 41.20
C LYS JA 27 68.84 -128.00 42.05
N GLY JA 28 67.75 -127.55 41.44
CA GLY JA 28 66.60 -127.08 42.17
C GLY JA 28 65.61 -128.19 42.43
N SER JA 29 64.65 -127.89 43.29
CA SER JA 29 63.59 -128.85 43.59
C SER JA 29 62.79 -129.16 42.33
N THR JA 30 62.27 -130.38 42.29
CA THR JA 30 61.42 -130.79 41.18
C THR JA 30 60.00 -130.31 41.40
N ALA JA 31 59.28 -130.11 40.30
CA ALA JA 31 57.87 -129.73 40.35
C ALA JA 31 57.29 -129.94 38.97
N VAL JA 32 56.18 -130.66 38.89
CA VAL JA 32 55.58 -131.02 37.63
C VAL JA 32 54.21 -130.39 37.54
N GLY JA 33 53.57 -130.57 36.38
CA GLY JA 33 52.24 -130.05 36.14
C GLY JA 33 51.62 -130.66 34.91
N VAL JA 34 50.32 -130.89 34.95
CA VAL JA 34 49.60 -131.47 33.82
C VAL JA 34 48.25 -130.78 33.70
N ARG JA 35 47.69 -130.86 32.51
CA ARG JA 35 46.39 -130.26 32.21
C ARG JA 35 45.40 -131.36 31.89
N GLY JA 36 44.27 -131.34 32.57
CA GLY JA 36 43.14 -132.16 32.23
C GLY JA 36 42.42 -131.61 31.03
N ARG JA 37 41.09 -131.74 31.04
CA ARG JA 37 40.27 -131.06 30.04
C ARG JA 37 39.40 -129.97 30.63
N ASP JA 38 39.21 -129.96 31.93
CA ASP JA 38 38.51 -128.88 32.60
C ASP JA 38 39.29 -128.33 33.79
N ILE JA 39 40.02 -129.18 34.51
CA ILE JA 39 40.78 -128.77 35.68
C ILE JA 39 42.25 -129.07 35.39
N VAL JA 40 43.07 -128.04 35.40
CA VAL JA 40 44.50 -128.20 35.29
C VAL JA 40 45.09 -128.26 36.69
N VAL JA 41 46.21 -128.97 36.83
CA VAL JA 41 46.80 -129.21 38.14
C VAL JA 41 48.30 -129.18 38.01
N LEU JA 42 48.97 -128.97 39.13
CA LEU JA 42 50.43 -129.02 39.17
C LEU JA 42 50.88 -129.14 40.61
N GLY JA 43 52.04 -129.73 40.81
CA GLY JA 43 52.56 -129.89 42.15
C GLY JA 43 54.07 -129.70 42.24
N VAL JA 44 54.50 -128.92 43.22
CA VAL JA 44 55.92 -128.84 43.52
C VAL JA 44 56.25 -129.84 44.61
N GLU JA 45 57.46 -130.39 44.51
CA GLU JA 45 57.96 -131.34 45.49
C GLU JA 45 59.11 -130.68 46.26
N LYS JA 46 59.73 -131.47 47.13
CA LYS JA 46 60.89 -131.03 47.90
C LYS JA 46 60.53 -129.84 48.79
N LYS JA 47 59.51 -130.05 49.62
CA LYS JA 47 59.18 -129.06 50.62
C LYS JA 47 60.33 -128.84 51.58
N SER JA 48 60.73 -129.90 52.31
CA SER JA 48 61.89 -129.86 53.19
C SER JA 48 61.73 -128.78 54.27
N VAL JA 49 60.54 -128.73 54.86
CA VAL JA 49 60.25 -127.70 55.83
C VAL JA 49 61.11 -127.90 57.08
N ALA JA 50 61.31 -126.80 57.81
CA ALA JA 50 62.06 -126.83 59.05
C ALA JA 50 61.30 -127.49 60.19
N LYS JA 51 60.00 -127.74 60.00
CA LYS JA 51 59.13 -128.37 60.99
C LYS JA 51 58.84 -127.47 62.19
N LEU JA 52 59.48 -126.30 62.25
CA LEU JA 52 59.23 -125.35 63.32
C LEU JA 52 59.23 -123.92 62.81
N GLN JA 53 59.18 -123.70 61.51
CA GLN JA 53 59.31 -122.37 60.94
C GLN JA 53 58.30 -122.17 59.83
N ASP JA 54 58.17 -120.93 59.37
CA ASP JA 54 57.10 -120.56 58.46
C ASP JA 54 57.29 -121.23 57.10
N GLU JA 55 56.18 -121.35 56.37
CA GLU JA 55 56.18 -121.90 55.03
C GLU JA 55 55.37 -121.07 54.04
N ARG JA 56 54.46 -120.22 54.51
CA ARG JA 56 53.67 -119.38 53.63
C ARG JA 56 54.48 -118.33 52.92
N THR JA 57 55.73 -118.12 53.33
CA THR JA 57 56.64 -117.20 52.66
C THR JA 57 57.54 -117.89 51.64
N VAL JA 58 57.63 -119.22 51.69
CA VAL JA 58 58.51 -119.96 50.79
C VAL JA 58 57.65 -120.54 49.67
N ARG JA 59 56.51 -119.90 49.43
CA ARG JA 59 55.60 -120.37 48.40
C ARG JA 59 56.29 -120.39 47.04
N LYS JA 60 56.45 -121.59 46.49
CA LYS JA 60 57.07 -121.76 45.19
C LYS JA 60 56.08 -121.62 44.05
N ILE JA 61 54.82 -121.29 44.36
CA ILE JA 61 53.77 -121.22 43.36
C ILE JA 61 52.99 -119.94 43.63
N CYS JA 62 52.96 -119.04 42.64
CA CYS JA 62 52.14 -117.84 42.75
C CYS JA 62 51.28 -117.70 41.51
N ALA JA 63 50.62 -116.56 41.36
CA ALA JA 63 49.74 -116.33 40.23
C ALA JA 63 50.07 -114.99 39.59
N LEU JA 64 49.96 -114.94 38.27
CA LEU JA 64 50.14 -113.68 37.57
C LEU JA 64 48.84 -112.92 37.43
N ASP JA 65 47.77 -113.63 37.08
CA ASP JA 65 46.44 -113.06 36.99
C ASP JA 65 45.46 -114.16 37.33
N ASP JA 66 44.17 -113.90 37.15
CA ASP JA 66 43.12 -114.86 37.48
C ASP JA 66 42.99 -115.97 36.46
N ASN JA 67 43.94 -116.09 35.54
CA ASN JA 67 43.94 -117.18 34.57
C ASN JA 67 45.35 -117.74 34.45
N VAL JA 68 46.30 -117.11 35.14
CA VAL JA 68 47.71 -117.43 34.98
C VAL JA 68 48.29 -117.87 36.31
N CYS JA 69 48.83 -119.08 36.33
CA CYS JA 69 49.49 -119.64 37.50
C CYS JA 69 50.93 -119.99 37.15
N MET JA 70 51.82 -119.79 38.12
CA MET JA 70 53.26 -119.79 37.91
C MET JA 70 53.93 -121.00 38.56
N ALA JA 71 55.14 -121.27 38.07
CA ALA JA 71 55.98 -122.34 38.58
C ALA JA 71 57.39 -122.11 38.04
N PHE JA 72 58.39 -122.61 38.76
CA PHE JA 72 59.77 -122.33 38.41
C PHE JA 72 60.69 -123.33 39.09
N ALA JA 73 61.95 -123.31 38.69
CA ALA JA 73 62.98 -124.17 39.25
C ALA JA 73 64.24 -123.33 39.44
N GLY JA 74 65.36 -124.00 39.67
CA GLY JA 74 66.61 -123.29 39.85
C GLY JA 74 66.65 -122.55 41.19
N LEU JA 75 67.21 -121.35 41.16
CA LEU JA 75 67.33 -120.55 42.36
C LEU JA 75 66.04 -119.78 42.61
N THR JA 76 66.05 -118.97 43.68
CA THR JA 76 64.81 -118.36 44.14
C THR JA 76 64.70 -116.91 43.72
N ALA JA 77 65.73 -116.11 44.01
CA ALA JA 77 65.61 -114.65 43.91
C ALA JA 77 65.29 -114.19 42.50
N ASP JA 78 65.86 -114.85 41.48
CA ASP JA 78 65.57 -114.48 40.11
C ASP JA 78 64.09 -114.66 39.80
N ALA JA 79 63.49 -115.74 40.29
CA ALA JA 79 62.06 -115.94 40.08
C ALA JA 79 61.24 -114.80 40.63
N ARG JA 80 61.67 -114.22 41.76
CA ARG JA 80 60.98 -113.07 42.30
C ARG JA 80 60.98 -111.91 41.32
N ILE JA 81 62.16 -111.50 40.84
CA ILE JA 81 62.25 -110.37 39.92
C ILE JA 81 61.45 -110.65 38.66
N VAL JA 82 61.55 -111.86 38.14
CA VAL JA 82 60.82 -112.22 36.93
C VAL JA 82 59.32 -112.09 37.15
N ILE JA 83 58.84 -112.64 38.26
CA ILE JA 83 57.39 -112.63 38.50
C ILE JA 83 56.89 -111.21 38.71
N ASN JA 84 57.62 -110.41 39.49
CA ASN JA 84 57.26 -109.01 39.64
C ASN JA 84 57.23 -108.29 38.31
N ARG JA 85 58.14 -108.66 37.39
CA ARG JA 85 58.07 -108.12 36.04
C ARG JA 85 56.76 -108.52 35.37
N ALA JA 86 56.48 -109.81 35.34
CA ALA JA 86 55.33 -110.32 34.59
C ALA JA 86 54.02 -109.79 35.13
N ARG JA 87 53.93 -109.53 36.44
CA ARG JA 87 52.70 -108.96 36.97
C ARG JA 87 52.40 -107.60 36.34
N VAL JA 88 53.37 -106.69 36.38
CA VAL JA 88 53.18 -105.38 35.76
C VAL JA 88 52.98 -105.53 34.26
N GLU JA 89 53.61 -106.55 33.66
CA GLU JA 89 53.42 -106.76 32.23
C GLU JA 89 51.98 -107.10 31.91
N CYS JA 90 51.48 -108.21 32.44
CA CYS JA 90 50.13 -108.67 32.14
C CYS JA 90 49.09 -107.64 32.55
N GLN JA 91 49.25 -107.04 33.74
CA GLN JA 91 48.32 -106.00 34.13
C GLN JA 91 48.38 -104.81 33.18
N SER JA 92 49.56 -104.46 32.72
CA SER JA 92 49.71 -103.43 31.70
C SER JA 92 48.99 -103.79 30.42
N HIS JA 93 48.88 -105.09 30.11
CA HIS JA 93 48.06 -105.49 28.96
C HIS JA 93 46.61 -105.06 29.15
N ARG JA 94 46.05 -105.35 30.32
CA ARG JA 94 44.68 -104.95 30.59
C ARG JA 94 44.55 -103.44 30.67
N LEU JA 95 45.62 -102.73 31.01
CA LEU JA 95 45.62 -101.29 30.82
C LEU JA 95 45.51 -100.95 29.34
N THR JA 96 46.21 -101.71 28.51
CA THR JA 96 45.93 -101.83 27.09
C THR JA 96 44.75 -102.78 26.95
N VAL JA 97 44.65 -103.44 25.79
CA VAL JA 97 43.47 -104.16 25.33
C VAL JA 97 42.79 -104.95 26.44
N GLU JA 98 41.49 -104.75 26.60
CA GLU JA 98 40.80 -105.04 27.85
C GLU JA 98 40.56 -106.52 28.09
N ASP JA 99 40.94 -107.38 27.15
CA ASP JA 99 40.89 -108.80 27.40
C ASP JA 99 41.85 -109.18 28.53
N PRO JA 100 41.67 -110.35 29.12
CA PRO JA 100 42.72 -110.89 29.97
C PRO JA 100 43.90 -111.35 29.15
N VAL JA 101 45.08 -111.32 29.76
CA VAL JA 101 46.30 -111.70 29.07
C VAL JA 101 46.22 -113.17 28.69
N THR JA 102 46.72 -113.50 27.50
CA THR JA 102 46.79 -114.89 27.09
C THR JA 102 48.13 -115.49 27.51
N VAL JA 103 48.07 -116.76 27.93
CA VAL JA 103 49.25 -117.44 28.44
C VAL JA 103 50.35 -117.48 27.41
N GLU JA 104 50.02 -117.74 26.15
CA GLU JA 104 51.03 -117.69 25.09
C GLU JA 104 51.67 -116.31 25.00
N TYR JA 105 50.87 -115.25 25.09
CA TYR JA 105 51.39 -113.91 25.04
C TYR JA 105 52.40 -113.66 26.16
N ILE JA 106 51.97 -113.88 27.41
CA ILE JA 106 52.87 -113.66 28.53
C ILE JA 106 54.11 -114.53 28.46
N THR JA 107 53.98 -115.75 27.94
CA THR JA 107 55.14 -116.60 27.76
C THR JA 107 56.12 -116.00 26.77
N ARG JA 108 55.63 -115.50 25.64
CA ARG JA 108 56.55 -114.84 24.71
C ARG JA 108 57.21 -113.64 25.35
N TYR JA 109 56.46 -112.89 26.16
CA TYR JA 109 57.07 -111.77 26.86
C TYR JA 109 58.23 -112.24 27.73
N ILE JA 110 57.98 -113.23 28.60
CA ILE JA 110 59.02 -113.66 29.54
C ILE JA 110 60.21 -114.23 28.79
N ALA JA 111 59.97 -115.11 27.82
CA ALA JA 111 61.07 -115.68 27.06
C ALA JA 111 61.88 -114.61 26.37
N SER JA 112 61.21 -113.58 25.85
CA SER JA 112 61.93 -112.43 25.30
C SER JA 112 62.79 -111.77 26.35
N LEU JA 113 62.24 -111.53 27.53
CA LEU JA 113 62.98 -110.84 28.58
C LEU JA 113 64.23 -111.62 28.95
N LYS JA 114 64.11 -112.93 29.14
CA LYS JA 114 65.30 -113.72 29.40
C LYS JA 114 66.26 -113.71 28.22
N GLN JA 115 65.73 -113.67 27.00
CA GLN JA 115 66.59 -113.70 25.82
C GLN JA 115 67.48 -112.47 25.74
N ARG JA 116 66.86 -111.28 25.66
CA ARG JA 116 67.66 -110.05 25.69
C ARG JA 116 68.48 -109.94 26.96
N TYR JA 117 67.96 -110.46 28.07
CA TYR JA 117 68.65 -110.48 29.34
C TYR JA 117 69.99 -111.18 29.26
N THR JA 118 70.15 -112.12 28.32
CA THR JA 118 71.44 -112.73 28.03
C THR JA 118 72.13 -112.11 26.83
N GLN JA 119 71.37 -111.47 25.94
CA GLN JA 119 71.97 -110.89 24.74
C GLN JA 119 72.68 -109.58 25.05
N SER JA 120 72.39 -108.98 26.19
CA SER JA 120 72.99 -107.69 26.54
C SER JA 120 74.44 -107.88 26.97
N ASN JA 121 75.01 -106.85 27.58
CA ASN JA 121 76.38 -106.87 28.08
C ASN JA 121 76.38 -106.68 29.59
N GLY JA 122 77.43 -107.16 30.24
CA GLY JA 122 77.56 -107.05 31.67
C GLY JA 122 76.38 -107.58 32.46
N ARG JA 123 75.78 -108.67 32.01
CA ARG JA 123 74.52 -109.16 32.57
C ARG JA 123 74.54 -110.68 32.60
N ARG JA 124 74.64 -111.25 33.79
CA ARG JA 124 74.49 -112.68 33.95
C ARG JA 124 73.12 -113.13 33.47
N PRO JA 125 73.02 -114.32 32.89
CA PRO JA 125 71.70 -114.86 32.53
C PRO JA 125 70.93 -115.23 33.79
N PHE JA 126 69.68 -115.65 33.60
CA PHE JA 126 68.94 -116.14 34.75
C PHE JA 126 69.32 -117.59 35.06
N GLY JA 127 68.86 -118.05 36.22
CA GLY JA 127 69.10 -119.41 36.64
C GLY JA 127 67.84 -120.15 37.01
N ILE JA 128 66.76 -119.92 36.27
CA ILE JA 128 65.48 -120.55 36.56
C ILE JA 128 64.85 -121.00 35.25
N SER JA 129 63.88 -121.91 35.38
CA SER JA 129 63.06 -122.35 34.26
C SER JA 129 61.64 -122.46 34.78
N ALA JA 130 60.69 -121.93 34.02
CA ALA JA 130 59.34 -121.75 34.53
C ALA JA 130 58.35 -122.67 33.83
N LEU JA 131 57.35 -123.10 34.58
CA LEU JA 131 56.18 -123.78 34.06
C LEU JA 131 54.97 -122.89 34.31
N ILE JA 132 54.15 -122.70 33.28
CA ILE JA 132 53.08 -121.73 33.32
C ILE JA 132 51.79 -122.45 32.96
N VAL JA 133 50.72 -122.13 33.67
CA VAL JA 133 49.42 -122.78 33.49
C VAL JA 133 48.36 -121.71 33.29
N GLY JA 134 47.43 -121.98 32.37
CA GLY JA 134 46.33 -121.07 32.15
C GLY JA 134 45.29 -121.68 31.25
N PHE JA 135 44.04 -121.39 31.54
CA PHE JA 135 42.91 -121.75 30.68
C PHE JA 135 42.41 -120.44 30.06
N ASP JA 136 42.96 -120.08 28.91
CA ASP JA 136 42.65 -118.79 28.28
C ASP JA 136 41.18 -118.74 27.90
N PHE JA 137 40.75 -117.58 27.39
CA PHE JA 137 39.41 -117.44 26.84
C PHE JA 137 39.20 -118.51 25.77
N ASP JA 138 37.95 -118.96 25.66
CA ASP JA 138 37.52 -120.21 25.04
C ASP JA 138 37.76 -121.38 26.00
N GLY JA 139 38.41 -121.15 27.14
CA GLY JA 139 38.61 -122.21 28.12
C GLY JA 139 39.43 -123.37 27.62
N THR JA 140 40.39 -123.12 26.73
CA THR JA 140 41.25 -124.17 26.23
C THR JA 140 42.40 -124.35 27.19
N PRO JA 141 42.38 -125.38 28.05
CA PRO JA 141 43.44 -125.52 29.05
C PRO JA 141 44.75 -125.91 28.40
N ARG JA 142 45.82 -125.23 28.79
CA ARG JA 142 47.13 -125.49 28.21
C ARG JA 142 48.22 -125.09 29.18
N LEU JA 143 49.44 -125.41 28.82
CA LEU JA 143 50.60 -125.11 29.63
C LEU JA 143 51.77 -124.74 28.74
N TYR JA 144 52.79 -124.15 29.36
CA TYR JA 144 54.01 -123.77 28.69
C TYR JA 144 55.19 -123.92 29.65
N GLN JA 145 56.38 -124.02 29.09
CA GLN JA 145 57.60 -124.06 29.88
C GLN JA 145 58.57 -123.02 29.33
N THR JA 146 59.55 -122.68 30.16
CA THR JA 146 60.58 -121.73 29.78
C THR JA 146 61.92 -122.45 29.68
N ASP JA 147 62.96 -121.68 29.42
CA ASP JA 147 64.32 -122.19 29.39
C ASP JA 147 65.27 -121.03 29.59
N PRO JA 148 66.40 -121.23 30.26
CA PRO JA 148 67.40 -120.16 30.38
C PRO JA 148 67.83 -119.60 29.05
N SER JA 149 67.77 -120.39 27.97
CA SER JA 149 67.94 -119.81 26.64
C SER JA 149 66.84 -118.80 26.34
N GLY JA 150 65.67 -118.99 26.92
CA GLY JA 150 64.56 -118.09 26.68
C GLY JA 150 63.72 -118.54 25.51
N THR JA 151 63.27 -119.79 25.54
CA THR JA 151 62.49 -120.38 24.45
C THR JA 151 61.19 -120.91 25.05
N TYR JA 152 60.10 -120.17 24.85
CA TYR JA 152 58.81 -120.67 25.32
C TYR JA 152 58.42 -121.89 24.53
N HIS JA 153 57.76 -122.84 25.20
CA HIS JA 153 57.58 -124.16 24.62
C HIS JA 153 56.45 -124.85 25.35
N ALA JA 154 55.43 -125.27 24.62
CA ALA JA 154 54.24 -125.88 25.22
C ALA JA 154 54.36 -127.39 25.26
N TRP JA 155 53.93 -127.99 26.36
CA TRP JA 155 53.83 -129.42 26.52
C TRP JA 155 52.43 -129.82 26.97
N LYS JA 156 52.23 -131.14 27.11
CA LYS JA 156 51.07 -131.67 27.78
C LYS JA 156 51.37 -132.16 29.18
N ALA JA 157 52.66 -132.31 29.52
CA ALA JA 157 53.12 -132.70 30.84
C ALA JA 157 54.60 -132.36 30.92
N ASN JA 158 55.08 -132.03 32.12
CA ASN JA 158 56.47 -131.62 32.27
C ASN JA 158 57.02 -132.10 33.61
N ALA JA 159 58.33 -132.31 33.63
CA ALA JA 159 59.07 -132.62 34.85
C ALA JA 159 60.35 -131.81 34.85
N ILE JA 160 60.65 -131.16 35.98
CA ILE JA 160 61.84 -130.33 36.13
C ILE JA 160 62.48 -130.64 37.48
N GLY JA 161 63.52 -129.88 37.80
CA GLY JA 161 64.22 -130.06 39.06
C GLY JA 161 65.13 -131.26 39.03
N ARG JA 162 65.67 -131.59 40.20
CA ARG JA 162 66.62 -132.69 40.33
C ARG JA 162 65.88 -134.00 40.11
N GLY JA 163 65.96 -134.54 38.90
CA GLY JA 163 65.30 -135.79 38.57
C GLY JA 163 64.19 -135.63 37.57
N ALA JA 164 64.29 -134.59 36.75
CA ALA JA 164 63.24 -134.31 35.77
C ALA JA 164 63.15 -135.41 34.72
N LYS JA 165 64.29 -135.87 34.22
CA LYS JA 165 64.29 -136.89 33.18
C LYS JA 165 63.64 -138.18 33.66
N SER JA 166 63.79 -138.50 34.94
CA SER JA 166 63.14 -139.68 35.49
C SER JA 166 61.62 -139.54 35.44
N VAL JA 167 61.10 -138.42 35.93
CA VAL JA 167 59.66 -138.22 35.93
C VAL JA 167 59.12 -138.19 34.51
N ARG JA 168 59.86 -137.56 33.59
CA ARG JA 168 59.52 -137.64 32.19
C ARG JA 168 59.51 -139.08 31.69
N GLU JA 169 60.37 -139.92 32.26
CA GLU JA 169 60.34 -141.34 31.91
C GLU JA 169 59.07 -142.00 32.41
N PHE JA 170 58.66 -141.71 33.64
CA PHE JA 170 57.44 -142.29 34.17
C PHE JA 170 56.22 -141.86 33.37
N LEU JA 171 56.06 -140.55 33.18
CA LEU JA 171 54.96 -140.05 32.36
C LEU JA 171 55.04 -140.57 30.93
N GLU JA 172 56.24 -140.82 30.43
CA GLU JA 172 56.40 -141.36 29.09
C GLU JA 172 55.67 -142.69 28.94
N LYS JA 173 55.73 -143.54 29.96
CA LYS JA 173 54.90 -144.73 30.05
C LYS JA 173 53.55 -144.42 30.69
N ASN JA 174 53.17 -143.15 30.72
CA ASN JA 174 51.97 -142.72 31.43
C ASN JA 174 51.21 -141.69 30.59
N TYR JA 175 51.11 -141.95 29.29
CA TYR JA 175 50.41 -141.06 28.36
C TYR JA 175 48.91 -141.30 28.35
N THR JA 176 48.38 -141.96 29.37
CA THR JA 176 47.00 -142.42 29.33
C THR JA 176 46.04 -141.25 29.30
N ASP JA 177 45.31 -141.13 28.18
CA ASP JA 177 44.18 -140.21 28.12
C ASP JA 177 43.14 -140.54 29.17
N GLU JA 178 43.02 -141.83 29.53
CA GLU JA 178 42.10 -142.22 30.60
C GLU JA 178 42.43 -141.53 31.91
N ALA JA 179 43.72 -141.33 32.19
CA ALA JA 179 44.09 -140.58 33.38
C ALA JA 179 43.58 -139.15 33.35
N ILE JA 180 43.52 -138.55 32.16
CA ILE JA 180 42.93 -137.23 31.99
C ILE JA 180 41.40 -137.30 31.90
N GLU JA 181 40.84 -138.52 31.87
CA GLU JA 181 39.39 -138.66 31.86
C GLU JA 181 38.77 -138.11 33.15
N THR JA 182 39.18 -138.64 34.29
CA THR JA 182 38.66 -138.18 35.57
C THR JA 182 39.58 -137.15 36.19
N ASP JA 183 38.97 -136.12 36.79
CA ASP JA 183 39.75 -135.04 37.38
C ASP JA 183 40.59 -135.53 38.55
N ASP JA 184 39.93 -136.11 39.55
CA ASP JA 184 40.65 -136.68 40.68
C ASP JA 184 41.56 -137.81 40.23
N LEU JA 185 41.22 -138.49 39.13
CA LEU JA 185 42.15 -139.46 38.56
C LEU JA 185 43.44 -138.80 38.10
N THR JA 186 43.34 -137.64 37.46
CA THR JA 186 44.54 -136.92 37.10
C THR JA 186 45.30 -136.42 38.32
N ILE JA 187 44.56 -135.98 39.34
CA ILE JA 187 45.18 -135.49 40.57
C ILE JA 187 46.00 -136.59 41.21
N LYS JA 188 45.38 -137.73 41.50
CA LYS JA 188 46.11 -138.88 42.01
C LYS JA 188 47.18 -139.36 41.05
N LEU JA 189 47.00 -139.10 39.75
CA LEU JA 189 48.06 -139.39 38.80
C LEU JA 189 49.31 -138.60 39.12
N VAL JA 190 49.17 -137.28 39.27
CA VAL JA 190 50.33 -136.46 39.59
C VAL JA 190 50.87 -136.82 40.96
N ILE JA 191 49.98 -137.17 41.90
CA ILE JA 191 50.44 -137.58 43.22
C ILE JA 191 51.29 -138.84 43.11
N LYS JA 192 50.91 -139.75 42.21
CA LYS JA 192 51.76 -140.92 41.97
C LYS JA 192 53.06 -140.51 41.30
N ALA JA 193 53.02 -139.47 40.47
CA ALA JA 193 54.24 -138.96 39.86
C ALA JA 193 55.22 -138.48 40.92
N LEU JA 194 54.77 -137.60 41.83
CA LEU JA 194 55.61 -137.18 42.94
C LEU JA 194 55.97 -138.35 43.84
N LEU JA 195 55.14 -139.38 43.90
CA LEU JA 195 55.54 -140.60 44.59
C LEU JA 195 56.77 -141.22 43.94
N GLU JA 196 56.79 -141.30 42.61
CA GLU JA 196 58.01 -141.74 41.92
C GLU JA 196 59.15 -140.75 42.11
N VAL JA 197 58.84 -139.51 42.47
CA VAL JA 197 59.82 -138.51 42.86
C VAL JA 197 60.40 -138.93 44.21
N VAL JA 198 61.48 -138.27 44.61
CA VAL JA 198 62.19 -138.60 45.85
C VAL JA 198 61.28 -138.68 47.07
N GLN JA 199 61.55 -139.66 47.93
CA GLN JA 199 60.82 -139.90 49.18
C GLN JA 199 59.30 -139.80 49.06
N SER JA 200 58.83 -138.56 49.11
CA SER JA 200 57.43 -138.16 48.96
C SER JA 200 56.56 -138.84 50.02
N GLY JA 201 56.88 -138.56 51.28
CA GLY JA 201 56.15 -139.16 52.38
C GLY JA 201 54.85 -138.47 52.71
N GLY JA 202 54.21 -137.88 51.69
CA GLY JA 202 52.97 -137.16 51.88
C GLY JA 202 53.11 -135.82 52.57
N LYS JA 203 54.33 -135.41 52.92
CA LYS JA 203 54.55 -134.17 53.65
C LYS JA 203 55.23 -133.10 52.82
N ASN JA 204 56.04 -133.47 51.84
CA ASN JA 204 56.78 -132.52 51.04
C ASN JA 204 56.07 -132.14 49.75
N ILE JA 205 54.89 -132.69 49.51
CA ILE JA 205 54.16 -132.49 48.26
C ILE JA 205 53.27 -131.28 48.43
N GLU JA 206 53.55 -130.21 47.70
CA GLU JA 206 52.74 -129.00 47.70
C GLU JA 206 52.06 -128.91 46.34
N LEU JA 207 50.82 -129.36 46.26
CA LEU JA 207 50.08 -129.39 45.02
C LEU JA 207 48.97 -128.36 45.01
N ALA JA 208 48.66 -127.85 43.83
CA ALA JA 208 47.59 -126.88 43.65
C ALA JA 208 46.98 -127.08 42.27
N VAL JA 209 45.74 -126.65 42.12
CA VAL JA 209 44.98 -126.88 40.90
C VAL JA 209 44.22 -125.62 40.52
N MET JA 210 43.45 -125.73 39.46
CA MET JA 210 42.61 -124.65 38.97
C MET JA 210 41.60 -125.24 38.01
N ARG JA 211 40.32 -124.96 38.25
CA ARG JA 211 39.23 -125.57 37.51
C ARG JA 211 39.01 -124.93 36.14
N ARG JA 212 39.93 -124.08 35.69
CA ARG JA 212 39.85 -123.34 34.44
C ARG JA 212 38.76 -122.27 34.47
N ASP JA 213 38.02 -122.13 35.57
CA ASP JA 213 36.92 -121.18 35.69
C ASP JA 213 36.93 -120.54 37.07
N GLN JA 214 38.09 -120.49 37.72
CA GLN JA 214 38.16 -120.11 39.12
C GLN JA 214 39.62 -119.89 39.49
N SER JA 215 39.83 -119.07 40.52
CA SER JA 215 41.18 -118.85 41.01
C SER JA 215 41.79 -120.16 41.50
N LEU JA 216 43.11 -120.19 41.59
CA LEU JA 216 43.82 -121.40 41.97
C LEU JA 216 43.49 -121.76 43.41
N LYS JA 217 43.19 -123.04 43.64
CA LYS JA 217 42.86 -123.54 44.96
C LYS JA 217 43.95 -124.53 45.37
N ILE JA 218 44.52 -124.32 46.55
CA ILE JA 218 45.53 -125.23 47.08
C ILE JA 218 44.84 -126.27 47.96
N LEU JA 219 45.17 -127.53 47.74
CA LEU JA 219 44.59 -128.59 48.56
C LEU JA 219 45.14 -128.52 49.98
N ASN JA 220 44.35 -129.00 50.93
CA ASN JA 220 44.79 -129.02 52.31
C ASN JA 220 45.57 -130.29 52.60
N PRO JA 221 46.29 -130.33 53.72
CA PRO JA 221 47.07 -131.52 54.10
C PRO JA 221 46.21 -132.65 54.66
N GLU JA 222 45.07 -132.88 54.04
CA GLU JA 222 44.18 -133.98 54.33
C GLU JA 222 43.78 -134.72 53.07
N GLU JA 223 43.56 -134.01 51.96
CA GLU JA 223 43.38 -134.68 50.68
C GLU JA 223 44.70 -135.23 50.18
N ILE JA 224 45.82 -134.68 50.64
CA ILE JA 224 47.11 -135.29 50.35
C ILE JA 224 47.17 -136.68 50.97
N GLU JA 225 46.92 -136.76 52.28
CA GLU JA 225 46.95 -138.06 52.95
C GLU JA 225 45.88 -139.00 52.41
N LYS JA 226 44.69 -138.47 52.10
CA LYS JA 226 43.63 -139.32 51.59
C LYS JA 226 43.98 -139.88 50.23
N TYR JA 227 44.39 -139.02 49.30
CA TYR JA 227 44.77 -139.47 47.97
C TYR JA 227 45.95 -140.42 48.01
N VAL JA 228 46.89 -140.19 48.93
CA VAL JA 228 47.97 -141.15 49.13
C VAL JA 228 47.41 -142.49 49.62
N ALA JA 229 46.39 -142.44 50.48
CA ALA JA 229 45.79 -143.66 50.98
C ALA JA 229 45.16 -144.46 49.86
N GLU JA 230 44.27 -143.83 49.09
CA GLU JA 230 43.66 -144.50 47.94
C GLU JA 230 44.69 -144.94 46.93
N ILE JA 231 45.80 -144.21 46.80
CA ILE JA 231 46.90 -144.66 45.97
C ILE JA 231 47.46 -145.97 46.49
N GLU JA 232 47.62 -146.09 47.80
CA GLU JA 232 48.07 -147.34 48.38
C GLU JA 232 47.05 -148.45 48.19
N LYS JA 233 45.75 -148.10 48.19
CA LYS JA 233 44.72 -149.11 48.02
C LYS JA 233 44.72 -149.65 46.59
N GLU JA 234 44.72 -148.76 45.60
CA GLU JA 234 44.81 -149.20 44.21
C GLU JA 234 46.11 -149.95 43.95
N LYS JA 235 47.20 -149.52 44.58
CA LYS JA 235 48.45 -150.27 44.51
C LYS JA 235 48.34 -151.64 45.17
N GLU JA 236 47.42 -151.79 46.13
CA GLU JA 236 47.23 -153.06 46.80
C GLU JA 236 46.62 -154.13 45.91
N GLU JA 237 46.06 -153.75 44.77
CA GLU JA 237 45.45 -154.71 43.85
C GLU JA 237 46.47 -155.32 42.91
N ASN JA 238 47.75 -155.30 43.26
CA ASN JA 238 48.78 -155.89 42.42
C ASN JA 238 48.57 -157.39 42.19
N GLU JA 239 48.00 -158.09 43.16
CA GLU JA 239 47.73 -159.51 43.02
C GLU JA 239 46.51 -159.75 42.14
N TYR KA 7 93.03 -117.58 26.94
CA TYR KA 7 91.82 -118.09 26.30
C TYR KA 7 90.73 -117.04 26.28
N ASP KA 8 91.12 -115.77 26.46
CA ASP KA 8 90.19 -114.65 26.48
C ASP KA 8 90.80 -113.52 25.66
N ARG KA 9 90.47 -113.48 24.38
CA ARG KA 9 90.97 -112.45 23.47
C ARG KA 9 89.84 -111.52 23.06
N GLY KA 10 90.15 -110.62 22.14
CA GLY KA 10 89.18 -109.61 21.75
C GLY KA 10 88.06 -110.18 20.90
N VAL KA 11 86.83 -109.78 21.25
CA VAL KA 11 85.67 -110.16 20.46
C VAL KA 11 85.56 -109.37 19.18
N ASN KA 12 86.45 -108.42 18.94
CA ASN KA 12 86.43 -107.59 17.75
C ASN KA 12 87.82 -107.57 17.15
N THR KA 13 88.49 -108.72 17.12
CA THR KA 13 89.86 -108.81 16.65
C THR KA 13 89.94 -109.82 15.52
N PHE KA 14 90.74 -109.50 14.50
CA PHE KA 14 90.87 -110.37 13.36
C PHE KA 14 91.83 -111.51 13.66
N SER KA 15 91.71 -112.58 12.87
CA SER KA 15 92.62 -113.69 12.98
C SER KA 15 94.05 -113.23 12.69
N PRO KA 16 95.05 -113.91 13.26
CA PRO KA 16 96.41 -113.73 12.76
C PRO KA 16 96.52 -114.06 11.30
N GLU KA 17 95.75 -115.05 10.85
CA GLU KA 17 95.63 -115.31 9.43
C GLU KA 17 94.71 -114.28 8.78
N GLY KA 18 93.80 -113.71 9.56
CA GLY KA 18 93.16 -112.49 9.14
C GLY KA 18 91.66 -112.48 8.97
N ARG KA 19 90.97 -113.60 9.21
CA ARG KA 19 89.53 -113.61 8.95
C ARG KA 19 88.75 -112.97 10.10
N LEU KA 20 88.76 -113.59 11.27
CA LEU KA 20 87.93 -113.22 12.41
C LEU KA 20 88.28 -114.06 13.62
N PHE KA 21 87.60 -113.83 14.74
CA PHE KA 21 87.68 -114.70 15.90
C PHE KA 21 86.35 -115.38 16.20
N GLN KA 22 85.28 -114.61 16.36
CA GLN KA 22 84.04 -115.16 16.88
C GLN KA 22 83.06 -115.57 15.79
N VAL KA 23 82.88 -114.73 14.78
CA VAL KA 23 81.94 -115.04 13.72
C VAL KA 23 82.28 -116.35 13.03
N GLU KA 24 83.57 -116.68 12.94
CA GLU KA 24 83.95 -118.00 12.49
C GLU KA 24 83.30 -119.08 13.36
N TYR KA 25 83.21 -118.84 14.67
CA TYR KA 25 82.45 -119.73 15.53
C TYR KA 25 80.96 -119.66 15.24
N ALA KA 26 80.45 -118.47 14.93
CA ALA KA 26 79.03 -118.31 14.65
C ALA KA 26 78.59 -119.18 13.49
N ILE KA 27 79.34 -119.16 12.39
CA ILE KA 27 79.02 -120.05 11.28
C ILE KA 27 79.10 -121.50 11.74
N GLU KA 28 80.01 -121.81 12.65
CA GLU KA 28 80.10 -123.16 13.16
C GLU KA 28 78.84 -123.56 13.92
N ALA KA 29 78.21 -122.61 14.61
CA ALA KA 29 77.06 -122.94 15.42
C ALA KA 29 75.85 -123.34 14.59
N ILE KA 30 75.76 -122.87 13.34
CA ILE KA 30 74.59 -123.19 12.53
C ILE KA 30 74.60 -124.66 12.13
N LYS KA 31 75.78 -125.30 12.13
CA LYS KA 31 75.87 -126.67 11.65
C LYS KA 31 75.09 -127.63 12.53
N LEU KA 32 74.95 -127.32 13.82
CA LEU KA 32 74.24 -128.18 14.75
C LEU KA 32 72.74 -127.97 14.71
N GLY KA 33 72.24 -127.07 13.88
CA GLY KA 33 70.83 -126.78 13.82
C GLY KA 33 70.10 -127.72 12.88
N SER KA 34 68.77 -127.67 12.97
CA SER KA 34 67.94 -128.47 12.08
C SER KA 34 68.17 -128.04 10.64
N THR KA 35 67.93 -128.97 9.72
CA THR KA 35 68.12 -128.68 8.32
C THR KA 35 66.85 -128.10 7.71
N ALA KA 36 67.01 -127.51 6.53
CA ALA KA 36 65.90 -126.91 5.82
C ALA KA 36 66.30 -126.74 4.36
N ILE KA 37 65.30 -126.68 3.49
CA ILE KA 37 65.52 -126.63 2.05
C ILE KA 37 64.52 -125.67 1.43
N GLY KA 38 64.98 -124.88 0.47
CA GLY KA 38 64.10 -124.02 -0.31
C GLY KA 38 64.36 -124.21 -1.78
N ILE KA 39 63.33 -123.97 -2.58
CA ILE KA 39 63.42 -124.11 -4.02
C ILE KA 39 62.68 -122.95 -4.67
N GLN KA 40 63.37 -122.24 -5.57
CA GLN KA 40 62.78 -121.14 -6.31
C GLN KA 40 62.44 -121.62 -7.71
N THR KA 41 61.16 -121.77 -8.00
CA THR KA 41 60.66 -122.18 -9.30
C THR KA 41 60.06 -121.00 -10.03
N SER KA 42 60.16 -121.01 -11.35
CA SER KA 42 59.43 -120.05 -12.15
C SER KA 42 57.94 -120.10 -11.84
N GLU KA 43 57.40 -121.27 -11.52
CA GLU KA 43 56.03 -121.39 -11.07
C GLU KA 43 55.80 -120.77 -9.70
N GLY KA 44 56.82 -120.79 -8.84
CA GLY KA 44 56.68 -120.26 -7.49
C GLY KA 44 57.86 -120.71 -6.65
N VAL KA 45 57.73 -120.48 -5.35
CA VAL KA 45 58.79 -120.83 -4.41
C VAL KA 45 58.22 -121.76 -3.34
N CYS KA 46 58.88 -122.88 -3.12
CA CYS KA 46 58.50 -123.82 -2.08
C CYS KA 46 59.59 -123.92 -1.03
N LEU KA 47 59.20 -124.42 0.14
CA LEU KA 47 60.12 -124.45 1.27
C LEU KA 47 59.71 -125.59 2.19
N ALA KA 48 60.71 -126.17 2.86
CA ALA KA 48 60.50 -127.32 3.73
C ALA KA 48 61.54 -127.30 4.84
N VAL KA 49 61.16 -127.91 5.96
CA VAL KA 49 62.05 -128.03 7.11
C VAL KA 49 61.56 -129.17 7.98
N GLU KA 50 62.47 -129.74 8.77
CA GLU KA 50 62.14 -130.80 9.71
C GLU KA 50 61.96 -130.19 11.10
N LYS KA 51 61.00 -130.74 11.85
CA LYS KA 51 60.69 -130.17 13.15
C LYS KA 51 61.62 -130.65 14.24
N ARG KA 52 62.14 -131.88 14.12
CA ARG KA 52 63.02 -132.46 15.12
C ARG KA 52 62.30 -132.58 16.47
N ILE KA 53 61.22 -133.36 16.44
CA ILE KA 53 60.43 -133.60 17.63
C ILE KA 53 61.22 -134.46 18.60
N THR KA 54 61.03 -134.22 19.90
CA THR KA 54 61.78 -134.92 20.94
C THR KA 54 60.92 -135.84 21.78
N SER KA 55 59.86 -135.30 22.39
CA SER KA 55 59.02 -136.09 23.27
C SER KA 55 57.57 -136.06 22.78
N PRO KA 56 56.86 -137.18 22.92
CA PRO KA 56 55.44 -137.19 22.57
C PRO KA 56 54.62 -136.21 23.37
N LEU KA 57 54.99 -135.97 24.64
CA LEU KA 57 54.33 -134.92 25.41
C LEU KA 57 54.53 -133.55 24.79
N MET KA 58 55.58 -133.38 24.01
CA MET KA 58 55.83 -132.11 23.35
C MET KA 58 54.80 -131.89 22.25
N GLU KA 59 54.06 -130.80 22.36
CA GLU KA 59 53.10 -130.46 21.33
C GLU KA 59 53.85 -130.09 20.06
N PRO KA 60 53.48 -130.64 18.90
CA PRO KA 60 54.27 -130.41 17.69
C PRO KA 60 54.10 -129.03 17.10
N SER KA 61 52.86 -128.55 16.99
CA SER KA 61 52.60 -127.32 16.28
C SER KA 61 53.17 -126.10 16.97
N SER KA 62 53.45 -126.19 18.28
CA SER KA 62 54.08 -125.08 18.97
C SER KA 62 55.49 -124.79 18.45
N ILE KA 63 56.10 -125.74 17.75
CA ILE KA 63 57.41 -125.56 17.15
C ILE KA 63 57.19 -125.25 15.68
N GLU KA 64 57.78 -124.15 15.20
CA GLU KA 64 57.65 -123.74 13.81
C GLU KA 64 58.95 -123.15 13.32
N LYS KA 65 59.20 -123.37 12.03
CA LYS KA 65 60.34 -122.79 11.34
C LYS KA 65 59.91 -121.84 10.23
N ILE KA 66 58.88 -122.20 9.48
CA ILE KA 66 58.29 -121.29 8.51
C ILE KA 66 57.50 -120.24 9.25
N VAL KA 67 57.85 -118.97 9.05
CA VAL KA 67 57.13 -117.86 9.65
C VAL KA 67 56.99 -116.77 8.58
N GLU KA 68 55.82 -116.18 8.50
CA GLU KA 68 55.59 -115.13 7.52
C GLU KA 68 56.10 -113.79 8.06
N ILE KA 69 56.74 -113.04 7.18
CA ILE KA 69 57.05 -111.64 7.45
C ILE KA 69 56.03 -110.72 6.80
N ASP KA 70 55.63 -111.05 5.58
CA ASP KA 70 54.56 -110.34 4.91
C ASP KA 70 53.61 -111.36 4.32
N ALA KA 71 52.45 -110.92 3.83
CA ALA KA 71 51.51 -111.83 3.20
C ALA KA 71 52.10 -112.51 1.98
N HIS KA 72 53.08 -111.89 1.32
CA HIS KA 72 53.77 -112.52 0.20
C HIS KA 72 55.24 -112.73 0.50
N ILE KA 73 55.60 -112.90 1.76
CA ILE KA 73 57.00 -113.00 2.17
C ILE KA 73 57.11 -114.04 3.26
N GLY KA 74 57.74 -115.18 2.94
CA GLY KA 74 57.95 -116.23 3.89
C GLY KA 74 59.36 -116.21 4.47
N CYS KA 75 59.56 -117.03 5.50
CA CYS KA 75 60.80 -117.05 6.24
C CYS KA 75 61.19 -118.47 6.58
N ALA KA 76 62.49 -118.68 6.74
CA ALA KA 76 63.03 -119.97 7.12
C ALA KA 76 64.27 -119.74 7.98
N MET KA 77 64.32 -120.36 9.14
CA MET KA 77 65.38 -120.13 10.12
C MET KA 77 66.06 -121.44 10.47
N SER KA 78 67.28 -121.34 10.99
CA SER KA 78 67.98 -122.50 11.50
C SER KA 78 69.04 -122.05 12.49
N GLY KA 79 68.97 -122.57 13.71
CA GLY KA 79 69.92 -122.21 14.74
C GLY KA 79 69.26 -121.75 16.02
N LEU KA 80 69.65 -120.59 16.51
CA LEU KA 80 69.10 -120.08 17.75
C LEU KA 80 67.77 -119.39 17.49
N ILE KA 81 66.69 -120.06 17.87
CA ILE KA 81 65.36 -119.66 17.43
C ILE KA 81 64.97 -118.31 18.05
N ALA KA 82 65.07 -118.22 19.38
CA ALA KA 82 64.72 -116.99 20.08
C ALA KA 82 65.51 -115.79 19.56
N ASP KA 83 66.79 -115.98 19.26
CA ASP KA 83 67.55 -114.93 18.59
C ASP KA 83 66.96 -114.60 17.24
N ALA KA 84 66.51 -115.61 16.49
CA ALA KA 84 65.88 -115.36 15.21
C ALA KA 84 64.61 -114.52 15.37
N LYS KA 85 63.92 -114.67 16.50
CA LYS KA 85 62.66 -113.95 16.72
C LYS KA 85 62.80 -112.44 16.59
N THR KA 86 63.86 -111.86 17.17
CA THR KA 86 64.04 -110.42 17.06
C THR KA 86 64.17 -109.99 15.61
N LEU KA 87 65.01 -110.69 14.85
CA LEU KA 87 65.17 -110.37 13.44
C LEU KA 87 63.85 -110.51 12.69
N ILE KA 88 63.04 -111.50 13.07
CA ILE KA 88 61.71 -111.62 12.49
C ILE KA 88 60.90 -110.37 12.75
N ASP KA 89 60.85 -109.94 14.01
CA ASP KA 89 60.04 -108.79 14.37
C ASP KA 89 60.49 -107.54 13.63
N LYS KA 90 61.79 -107.24 13.65
CA LYS KA 90 62.28 -106.09 12.91
C LYS KA 90 61.96 -106.21 11.42
N ALA KA 91 62.07 -107.43 10.88
CA ALA KA 91 61.75 -107.68 9.50
C ALA KA 91 60.32 -107.25 9.17
N ARG KA 92 59.36 -107.71 9.96
CA ARG KA 92 57.99 -107.26 9.77
C ARG KA 92 57.88 -105.75 9.91
N VAL KA 93 58.54 -105.19 10.93
CA VAL KA 93 58.39 -103.78 11.25
C VAL KA 93 58.80 -102.91 10.08
N GLU KA 94 60.02 -103.07 9.60
CA GLU KA 94 60.53 -102.18 8.58
C GLU KA 94 59.77 -102.29 7.27
N THR KA 95 59.36 -103.50 6.88
CA THR KA 95 58.47 -103.64 5.74
C THR KA 95 57.19 -102.85 5.93
N GLN KA 96 56.58 -102.98 7.10
CA GLN KA 96 55.39 -102.18 7.38
C GLN KA 96 55.68 -100.69 7.28
N ASN KA 97 56.86 -100.26 7.73
CA ASN KA 97 57.30 -98.90 7.48
C ASN KA 97 57.29 -98.60 5.99
N HIS KA 98 57.82 -99.53 5.18
CA HIS KA 98 57.86 -99.34 3.75
C HIS KA 98 56.48 -99.12 3.16
N TRP KA 99 55.51 -99.94 3.56
CA TRP KA 99 54.19 -99.74 2.96
C TRP KA 99 53.50 -98.50 3.50
N PHE KA 100 53.57 -98.27 4.80
CA PHE KA 100 52.96 -97.10 5.42
C PHE KA 100 53.78 -95.84 5.21
N THR KA 101 54.77 -95.90 4.32
CA THR KA 101 55.44 -94.70 3.83
C THR KA 101 55.47 -94.64 2.31
N TYR KA 102 55.06 -95.69 1.61
CA TYR KA 102 55.12 -95.70 0.15
C TYR KA 102 53.89 -96.28 -0.52
N ASN KA 103 53.01 -96.99 0.19
CA ASN KA 103 51.85 -97.61 -0.42
C ASN KA 103 52.26 -98.64 -1.48
N GLU KA 104 53.39 -99.28 -1.27
CA GLU KA 104 53.79 -100.39 -2.11
C GLU KA 104 54.53 -101.41 -1.25
N THR KA 105 54.65 -102.62 -1.78
CA THR KA 105 55.30 -103.69 -1.04
C THR KA 105 56.80 -103.65 -1.28
N MET KA 106 57.56 -103.68 -0.18
CA MET KA 106 59.01 -103.73 -0.29
C MET KA 106 59.42 -105.05 -0.93
N THR KA 107 60.43 -104.99 -1.81
CA THR KA 107 60.85 -106.18 -2.51
C THR KA 107 61.62 -107.10 -1.57
N VAL KA 108 61.70 -108.37 -1.96
CA VAL KA 108 62.28 -109.39 -1.09
C VAL KA 108 63.73 -109.08 -0.77
N GLU KA 109 64.55 -108.87 -1.81
CA GLU KA 109 65.95 -108.53 -1.60
C GLU KA 109 66.09 -107.27 -0.76
N SER KA 110 65.40 -106.20 -1.16
CA SER KA 110 65.42 -104.94 -0.43
C SER KA 110 65.13 -105.12 1.05
N VAL KA 111 64.23 -106.02 1.41
CA VAL KA 111 63.98 -106.28 2.83
C VAL KA 111 65.24 -106.84 3.48
N THR KA 112 65.79 -107.90 2.92
CA THR KA 112 66.92 -108.58 3.52
C THR KA 112 68.15 -107.70 3.57
N GLN KA 113 68.25 -106.70 2.70
CA GLN KA 113 69.23 -105.65 2.93
C GLN KA 113 69.01 -105.01 4.29
N ALA KA 114 67.78 -104.58 4.55
CA ALA KA 114 67.45 -103.95 5.82
C ALA KA 114 67.75 -104.88 6.99
N VAL KA 115 67.40 -106.16 6.88
CA VAL KA 115 67.69 -107.08 7.97
C VAL KA 115 69.18 -107.21 8.18
N SER KA 116 69.91 -107.48 7.10
CA SER KA 116 71.35 -107.70 7.16
C SER KA 116 72.13 -106.45 7.49
N ASN KA 117 71.48 -105.28 7.54
CA ASN KA 117 72.17 -104.07 8.01
C ASN KA 117 72.76 -104.29 9.39
N LEU KA 118 71.91 -104.66 10.35
CA LEU KA 118 72.37 -104.99 11.69
C LEU KA 118 72.74 -106.46 11.81
N ALA KA 119 73.04 -107.11 10.69
CA ALA KA 119 73.60 -108.46 10.76
C ALA KA 119 74.87 -108.48 11.58
N LEU KA 120 75.67 -107.41 11.49
CA LEU KA 120 76.91 -107.29 12.25
C LEU KA 120 76.98 -105.88 12.82
N GLN KA 121 76.42 -105.70 14.02
CA GLN KA 121 76.51 -104.41 14.69
C GLN KA 121 76.77 -104.55 16.18
N PHE KA 122 77.11 -105.74 16.65
CA PHE KA 122 77.44 -105.94 18.05
C PHE KA 122 78.67 -105.13 18.43
N GLY KA 123 78.74 -104.72 19.69
CA GLY KA 123 79.86 -103.92 20.15
C GLY KA 123 79.72 -103.60 21.63
N GLU KA 124 80.43 -102.56 22.05
CA GLU KA 124 80.42 -102.11 23.44
C GLU KA 124 79.58 -100.85 23.64
N GLU KA 125 79.90 -99.78 22.91
CA GLU KA 125 79.23 -98.50 23.09
C GLU KA 125 77.98 -98.45 22.21
N ASP KA 126 77.33 -97.29 22.20
CA ASP KA 126 76.12 -97.09 21.40
C ASP KA 126 74.98 -97.99 21.89
N SER KA 133 76.88 -106.00 22.23
CA SER KA 133 76.41 -107.37 22.31
C SER KA 133 77.31 -108.31 21.51
N ARG KA 134 76.84 -109.52 21.28
CA ARG KA 134 77.55 -110.53 20.52
C ARG KA 134 76.90 -110.74 19.16
N PRO KA 135 77.56 -111.44 18.25
CA PRO KA 135 76.93 -111.73 16.96
C PRO KA 135 75.78 -112.70 17.11
N PHE KA 136 75.02 -112.84 16.03
CA PHE KA 136 73.85 -113.71 16.04
C PHE KA 136 74.23 -115.12 15.58
N GLY KA 137 73.32 -116.05 15.83
CA GLY KA 137 73.61 -117.46 15.59
C GLY KA 137 72.56 -118.22 14.82
N VAL KA 138 71.97 -117.60 13.79
CA VAL KA 138 70.94 -118.25 13.00
C VAL KA 138 71.16 -117.95 11.53
N ALA KA 139 70.81 -118.91 10.68
CA ALA KA 139 70.84 -118.75 9.24
C ALA KA 139 69.42 -118.68 8.72
N LEU KA 140 69.23 -118.02 7.58
CA LEU KA 140 67.90 -117.73 7.08
C LEU KA 140 67.80 -117.89 5.56
N LEU KA 141 66.68 -118.46 5.15
CA LEU KA 141 66.27 -118.53 3.75
C LEU KA 141 64.98 -117.75 3.61
N PHE KA 142 64.93 -116.83 2.66
CA PHE KA 142 63.78 -115.96 2.46
C PHE KA 142 63.21 -116.20 1.06
N GLY KA 143 61.92 -116.47 1.00
CA GLY KA 143 61.24 -116.60 -0.26
C GLY KA 143 60.09 -115.61 -0.37
N GLY KA 144 59.82 -115.19 -1.60
CA GLY KA 144 58.71 -114.28 -1.83
C GLY KA 144 58.64 -113.76 -3.24
N VAL KA 145 57.45 -113.74 -3.81
CA VAL KA 145 57.22 -113.30 -5.18
C VAL KA 145 57.15 -111.78 -5.18
N ASP KA 146 57.76 -111.16 -6.19
CA ASP KA 146 57.74 -109.71 -6.32
C ASP KA 146 57.59 -109.39 -7.80
N GLU KA 147 57.89 -108.14 -8.16
CA GLU KA 147 57.81 -107.73 -9.57
C GLU KA 147 58.74 -108.54 -10.45
N LYS KA 148 59.82 -109.10 -9.88
CA LYS KA 148 60.74 -109.96 -10.62
C LYS KA 148 60.40 -111.43 -10.47
N GLY KA 149 59.13 -111.77 -10.29
CA GLY KA 149 58.73 -113.14 -10.10
C GLY KA 149 59.06 -113.63 -8.71
N PRO KA 150 58.96 -114.94 -8.50
CA PRO KA 150 59.33 -115.50 -7.20
C PRO KA 150 60.82 -115.32 -6.94
N GLN KA 151 61.15 -114.98 -5.70
CA GLN KA 151 62.52 -114.68 -5.31
C GLN KA 151 62.91 -115.56 -4.14
N LEU KA 152 64.21 -115.90 -4.10
CA LEU KA 152 64.75 -116.75 -3.06
C LEU KA 152 66.16 -116.29 -2.72
N PHE KA 153 66.36 -115.87 -1.48
CA PHE KA 153 67.64 -115.38 -1.02
C PHE KA 153 68.07 -116.15 0.22
N HIS KA 154 69.37 -116.13 0.48
CA HIS KA 154 69.97 -116.83 1.61
C HIS KA 154 70.94 -115.91 2.32
N MET KA 155 70.94 -115.95 3.64
CA MET KA 155 71.87 -115.11 4.40
C MET KA 155 72.69 -115.94 5.36
N ASP KA 156 73.40 -115.27 6.26
CA ASP KA 156 74.25 -115.94 7.23
C ASP KA 156 74.48 -114.98 8.40
N PRO KA 157 75.09 -115.46 9.48
CA PRO KA 157 75.41 -114.55 10.58
C PRO KA 157 76.36 -113.44 10.19
N SER KA 158 77.23 -113.67 9.21
CA SER KA 158 78.22 -112.67 8.81
C SER KA 158 77.62 -111.58 7.94
N GLY KA 159 76.30 -111.51 7.83
CA GLY KA 159 75.67 -110.53 6.97
C GLY KA 159 75.84 -110.77 5.49
N THR KA 160 76.53 -111.83 5.09
CA THR KA 160 76.73 -112.13 3.69
C THR KA 160 75.38 -112.47 3.07
N PHE KA 161 74.88 -111.56 2.25
CA PHE KA 161 73.57 -111.71 1.63
C PHE KA 161 73.73 -112.07 0.16
N VAL KA 162 73.00 -113.09 -0.28
CA VAL KA 162 73.16 -113.64 -1.62
C VAL KA 162 71.86 -114.31 -2.03
N GLN KA 163 71.66 -114.43 -3.34
CA GLN KA 163 70.53 -115.12 -3.93
C GLN KA 163 70.93 -116.54 -4.30
N CYS KA 164 69.99 -117.47 -4.19
CA CYS KA 164 70.19 -118.85 -4.61
C CYS KA 164 68.93 -119.36 -5.29
N ASP KA 165 69.12 -120.32 -6.19
CA ASP KA 165 67.99 -120.89 -6.90
C ASP KA 165 67.25 -121.90 -6.04
N ALA KA 166 67.97 -122.80 -5.40
CA ALA KA 166 67.37 -123.76 -4.47
C ALA KA 166 68.44 -124.13 -3.45
N ARG KA 167 68.39 -123.50 -2.28
CA ARG KA 167 69.39 -123.68 -1.25
C ARG KA 167 68.86 -124.61 -0.17
N ALA KA 168 69.77 -125.29 0.51
CA ALA KA 168 69.44 -126.16 1.63
C ALA KA 168 70.50 -125.98 2.71
N ILE KA 169 70.05 -125.77 3.95
CA ILE KA 169 70.94 -125.55 5.08
C ILE KA 169 70.43 -126.33 6.27
N GLY KA 170 71.27 -126.43 7.29
CA GLY KA 170 71.00 -127.18 8.50
C GLY KA 170 72.16 -128.11 8.80
N SER KA 171 71.85 -129.21 9.48
CA SER KA 171 72.90 -130.16 9.82
C SER KA 171 73.43 -130.87 8.57
N ALA KA 172 72.56 -131.52 7.81
CA ALA KA 172 72.95 -132.30 6.64
C ALA KA 172 72.93 -131.45 5.38
N SER KA 173 73.16 -130.14 5.52
CA SER KA 173 73.09 -129.24 4.38
C SER KA 173 74.12 -129.60 3.31
N GLU KA 174 75.22 -130.23 3.71
CA GLU KA 174 76.22 -130.64 2.74
C GLU KA 174 75.64 -131.60 1.71
N GLY KA 175 75.23 -132.79 2.15
CA GLY KA 175 74.57 -133.72 1.25
C GLY KA 175 73.30 -133.17 0.65
N ALA KA 176 72.63 -132.25 1.36
CA ALA KA 176 71.45 -131.61 0.82
C ALA KA 176 71.76 -130.87 -0.48
N GLN KA 177 72.71 -129.93 -0.42
CA GLN KA 177 73.10 -129.21 -1.63
C GLN KA 177 73.72 -130.15 -2.66
N SER KA 178 74.50 -131.13 -2.21
CA SER KA 178 75.15 -132.04 -3.14
C SER KA 178 74.13 -132.80 -3.98
N SER KA 179 73.30 -133.61 -3.34
CA SER KA 179 72.29 -134.36 -4.07
C SER KA 179 71.30 -133.44 -4.78
N LEU KA 180 70.97 -132.32 -4.15
CA LEU KA 180 70.01 -131.38 -4.75
C LEU KA 180 70.51 -130.86 -6.09
N GLN KA 181 71.80 -130.54 -6.17
CA GLN KA 181 72.38 -130.18 -7.46
C GLN KA 181 72.19 -131.28 -8.49
N GLU KA 182 72.15 -132.54 -8.06
CA GLU KA 182 71.95 -133.63 -8.99
C GLU KA 182 70.53 -133.64 -9.55
N VAL KA 183 69.60 -132.99 -8.86
CA VAL KA 183 68.19 -133.16 -9.18
C VAL KA 183 67.53 -131.89 -9.69
N TYR KA 184 68.18 -130.74 -9.55
CA TYR KA 184 67.56 -129.49 -9.96
C TYR KA 184 67.96 -129.10 -11.37
N HIS KA 185 67.00 -128.57 -12.12
CA HIS KA 185 67.27 -127.86 -13.36
C HIS KA 185 66.40 -126.62 -13.39
N LYS KA 186 66.64 -125.76 -14.38
CA LYS KA 186 66.00 -124.45 -14.39
C LYS KA 186 64.49 -124.53 -14.59
N SER KA 187 64.02 -125.46 -15.40
CA SER KA 187 62.60 -125.47 -15.82
C SER KA 187 61.76 -126.37 -14.92
N MET KA 188 62.11 -126.48 -13.65
CA MET KA 188 61.34 -127.29 -12.71
C MET KA 188 59.89 -126.82 -12.62
N THR KA 189 59.05 -127.68 -12.08
CA THR KA 189 57.66 -127.35 -11.78
C THR KA 189 57.44 -127.42 -10.28
N LEU KA 190 56.27 -126.96 -9.85
CA LEU KA 190 56.03 -126.74 -8.43
C LEU KA 190 55.98 -128.05 -7.66
N LYS KA 191 54.98 -128.88 -7.94
CA LYS KA 191 54.86 -130.14 -7.24
C LYS KA 191 56.07 -131.03 -7.45
N GLU KA 192 56.66 -130.99 -8.66
CA GLU KA 192 57.88 -131.74 -8.92
C GLU KA 192 58.98 -131.35 -7.95
N ALA KA 193 59.24 -130.05 -7.82
CA ALA KA 193 60.18 -129.57 -6.83
C ALA KA 193 59.76 -129.95 -5.42
N ILE KA 194 58.46 -130.06 -5.18
CA ILE KA 194 57.98 -130.42 -3.84
C ILE KA 194 58.43 -131.83 -3.48
N LYS KA 195 57.98 -132.82 -4.25
CA LYS KA 195 58.34 -134.20 -3.96
C LYS KA 195 59.83 -134.43 -4.08
N SER KA 196 60.49 -133.79 -5.06
CA SER KA 196 61.94 -133.87 -5.14
C SER KA 196 62.59 -133.38 -3.85
N SER KA 197 62.05 -132.31 -3.27
CA SER KA 197 62.57 -131.82 -2.00
C SER KA 197 62.36 -132.83 -0.90
N LEU KA 198 61.12 -133.27 -0.68
CA LEU KA 198 60.82 -134.18 0.41
C LEU KA 198 61.58 -135.49 0.30
N ILE KA 199 61.91 -135.94 -0.92
CA ILE KA 199 62.75 -137.12 -1.06
C ILE KA 199 64.10 -136.88 -0.41
N ILE KA 200 64.71 -135.72 -0.68
CA ILE KA 200 65.93 -135.35 0.01
C ILE KA 200 65.69 -135.29 1.51
N LEU KA 201 64.50 -134.85 1.91
CA LEU KA 201 64.18 -134.76 3.33
C LEU KA 201 64.24 -136.12 4.00
N LYS KA 202 63.50 -137.09 3.49
CA LYS KA 202 63.54 -138.44 4.03
C LYS KA 202 64.93 -139.05 3.94
N GLN KA 203 65.69 -138.72 2.89
CA GLN KA 203 67.02 -139.27 2.75
C GLN KA 203 67.99 -138.70 3.77
N VAL KA 204 67.74 -137.47 4.24
CA VAL KA 204 68.65 -136.81 5.17
C VAL KA 204 68.26 -136.98 6.62
N MET KA 205 66.96 -137.08 6.93
CA MET KA 205 66.49 -137.21 8.29
C MET KA 205 66.72 -138.63 8.80
N GLU KA 206 66.29 -138.85 10.03
CA GLU KA 206 66.40 -140.16 10.67
C GLU KA 206 65.08 -140.71 11.16
N GLU KA 207 64.17 -139.87 11.63
CA GLU KA 207 62.85 -140.31 12.04
C GLU KA 207 61.99 -140.56 10.81
N LYS KA 208 61.06 -141.50 10.94
CA LYS KA 208 60.19 -141.84 9.82
C LYS KA 208 59.31 -140.64 9.47
N LEU KA 209 59.35 -140.26 8.19
CA LEU KA 209 58.61 -139.11 7.72
C LEU KA 209 57.11 -139.33 7.90
N ASN KA 210 56.41 -138.30 8.32
CA ASN KA 210 55.00 -138.43 8.66
C ASN KA 210 54.35 -137.05 8.59
N ALA KA 211 53.15 -136.93 9.15
CA ALA KA 211 52.42 -135.67 9.17
C ALA KA 211 52.84 -134.76 10.31
N THR KA 212 53.96 -135.05 10.98
CA THR KA 212 54.39 -134.23 12.09
C THR KA 212 55.87 -133.88 12.08
N ASN KA 213 56.69 -134.62 11.34
CA ASN KA 213 58.13 -134.37 11.40
C ASN KA 213 58.54 -133.08 10.71
N ILE KA 214 57.90 -132.74 9.60
CA ILE KA 214 58.34 -131.67 8.74
C ILE KA 214 57.16 -130.76 8.41
N GLU KA 215 57.41 -129.81 7.52
CA GLU KA 215 56.40 -128.82 7.16
C GLU KA 215 56.89 -128.01 5.97
N LEU KA 216 55.95 -127.56 5.16
CA LEU KA 216 56.22 -126.85 3.92
C LEU KA 216 55.72 -125.43 3.99
N ALA KA 217 55.98 -124.69 2.91
CA ALA KA 217 55.48 -123.34 2.74
C ALA KA 217 55.60 -123.00 1.28
N THR KA 218 54.49 -122.63 0.64
CA THR KA 218 54.45 -122.48 -0.81
C THR KA 218 53.89 -121.11 -1.16
N VAL KA 219 54.72 -120.27 -1.76
CA VAL KA 219 54.31 -118.96 -2.24
C VAL KA 219 54.23 -119.01 -3.75
N GLN KA 220 53.14 -118.46 -4.29
CA GLN KA 220 52.86 -118.47 -5.71
C GLN KA 220 52.46 -117.07 -6.17
N PRO KA 221 52.68 -116.76 -7.46
CA PRO KA 221 52.16 -115.50 -7.98
C PRO KA 221 50.65 -115.44 -7.92
N GLY KA 222 49.97 -116.47 -8.39
CA GLY KA 222 48.53 -116.57 -8.21
C GLY KA 222 48.22 -116.88 -6.77
N GLN KA 223 48.69 -118.02 -6.28
CA GLN KA 223 48.54 -118.34 -4.87
C GLN KA 223 49.46 -117.42 -4.08
N ASN KA 224 48.99 -116.20 -3.83
CA ASN KA 224 49.85 -115.16 -3.30
C ASN KA 224 50.32 -115.44 -1.88
N PHE KA 225 49.64 -116.34 -1.17
CA PHE KA 225 49.98 -116.65 0.20
C PHE KA 225 50.57 -118.05 0.26
N HIS KA 226 51.33 -118.30 1.33
CA HIS KA 226 51.82 -119.64 1.61
C HIS KA 226 50.81 -120.33 2.50
N MET KA 227 50.44 -121.56 2.13
CA MET KA 227 49.30 -122.23 2.73
C MET KA 227 49.63 -123.71 2.84
N PHE KA 228 49.92 -124.18 4.05
CA PHE KA 228 50.34 -125.55 4.24
C PHE KA 228 49.60 -126.19 5.41
N THR KA 229 48.27 -126.16 5.36
CA THR KA 229 47.50 -126.98 6.27
C THR KA 229 47.90 -128.45 6.13
N LYS KA 230 47.82 -129.16 7.25
CA LYS KA 230 48.24 -130.55 7.28
C LYS KA 230 47.31 -131.42 6.45
N GLU KA 231 47.72 -132.68 6.27
CA GLU KA 231 46.97 -133.71 5.58
C GLU KA 231 46.92 -133.51 4.07
N GLU KA 232 47.33 -132.31 3.61
CA GLU KA 232 47.88 -132.20 2.27
C GLU KA 232 49.31 -132.68 2.29
N LEU KA 233 50.01 -132.43 3.39
CA LEU KA 233 51.26 -133.09 3.68
C LEU KA 233 51.11 -134.60 3.58
N GLU KA 234 50.21 -135.19 4.37
CA GLU KA 234 49.89 -136.61 4.24
C GLU KA 234 49.45 -136.96 2.83
N GLU KA 235 48.69 -136.06 2.19
CA GLU KA 235 48.28 -136.30 0.82
C GLU KA 235 49.48 -136.46 -0.11
N VAL KA 236 50.58 -135.79 0.19
CA VAL KA 236 51.77 -135.92 -0.64
C VAL KA 236 52.64 -137.09 -0.21
N ILE KA 237 52.67 -137.40 1.08
CA ILE KA 237 53.40 -138.58 1.55
C ILE KA 237 52.80 -139.85 0.95
N LYS KA 238 51.47 -139.96 0.95
CA LYS KA 238 50.84 -141.07 0.27
C LYS KA 238 51.13 -141.06 -1.22
N ASP KA 239 51.36 -139.88 -1.79
CA ASP KA 239 51.78 -139.76 -3.17
C ASP KA 239 53.26 -140.04 -3.37
N ILE KA 240 54.00 -140.23 -2.28
CA ILE KA 240 55.42 -140.46 -2.36
C ILE KA 240 55.77 -141.81 -1.76
N ASN LA 9 103.48 -112.29 20.60
CA ASN LA 9 102.09 -112.48 20.19
C ASN LA 9 101.12 -111.86 21.19
N GLN LA 10 101.48 -111.93 22.47
CA GLN LA 10 100.67 -111.34 23.52
C GLN LA 10 100.42 -109.86 23.31
N TYR LA 11 101.38 -109.14 22.73
CA TYR LA 11 101.19 -107.76 22.32
C TYR LA 11 100.55 -107.66 20.94
N ASP LA 12 100.08 -108.78 20.39
CA ASP LA 12 99.48 -108.82 19.07
C ASP LA 12 97.98 -109.10 19.15
N ASN LA 13 97.29 -108.49 20.12
CA ASN LA 13 95.87 -108.75 20.32
C ASN LA 13 95.02 -107.52 20.01
N ASP LA 14 95.40 -106.35 20.51
CA ASP LA 14 94.56 -105.17 20.42
C ASP LA 14 95.20 -104.08 19.58
N VAL LA 15 94.35 -103.16 19.12
CA VAL LA 15 94.80 -102.11 18.22
C VAL LA 15 95.67 -101.09 18.95
N THR LA 16 95.35 -100.79 20.21
CA THR LA 16 96.09 -99.76 20.92
C THR LA 16 97.52 -100.19 21.20
N VAL LA 17 97.79 -101.49 21.16
CA VAL LA 17 99.11 -102.01 21.51
C VAL LA 17 100.07 -101.79 20.36
N TRP LA 18 101.18 -101.11 20.62
CA TRP LA 18 102.26 -101.02 19.65
C TRP LA 18 103.04 -102.33 19.61
N SER LA 19 104.02 -102.37 18.74
CA SER LA 19 104.92 -103.49 18.67
C SER LA 19 106.33 -103.08 19.09
N PRO LA 20 107.09 -103.98 19.71
CA PRO LA 20 108.50 -103.68 19.99
C PRO LA 20 109.30 -103.40 18.75
N GLN LA 21 108.87 -103.87 17.60
CA GLN LA 21 109.43 -103.43 16.33
C GLN LA 21 108.70 -102.21 15.79
N GLY LA 22 107.55 -101.86 16.36
CA GLY LA 22 106.82 -100.68 15.95
C GLY LA 22 105.87 -100.93 14.80
N ARG LA 23 105.07 -101.99 14.92
CA ARG LA 23 104.16 -102.39 13.85
C ARG LA 23 102.93 -103.04 14.48
N ILE LA 24 101.83 -102.31 14.52
CA ILE LA 24 100.59 -102.86 15.07
C ILE LA 24 100.10 -103.96 14.13
N HIS LA 25 100.22 -105.20 14.57
CA HIS LA 25 99.93 -106.34 13.72
C HIS LA 25 98.47 -106.46 13.35
N GLN LA 26 97.59 -105.73 14.03
CA GLN LA 26 96.17 -105.76 13.67
C GLN LA 26 95.95 -105.24 12.26
N ILE LA 27 96.44 -104.03 11.97
CA ILE LA 27 96.29 -103.46 10.64
C ILE LA 27 96.96 -104.36 9.61
N GLU LA 28 98.10 -104.93 9.97
CA GLU LA 28 98.75 -105.90 9.10
C GLU LA 28 97.84 -107.09 8.82
N TYR LA 29 97.02 -107.48 9.79
CA TYR LA 29 96.04 -108.54 9.56
C TYR LA 29 94.95 -108.08 8.62
N ALA LA 30 94.41 -106.88 8.84
CA ALA LA 30 93.40 -106.33 7.96
C ALA LA 30 93.89 -106.26 6.52
N MET LA 31 95.15 -105.90 6.30
CA MET LA 31 95.72 -105.99 4.96
C MET LA 31 95.62 -107.42 4.42
N GLU LA 32 95.78 -108.41 5.28
CA GLU LA 32 95.57 -109.79 4.84
C GLU LA 32 94.12 -110.04 4.49
N ALA LA 33 93.19 -109.36 5.18
CA ALA LA 33 91.78 -109.58 4.89
C ALA LA 33 91.42 -109.18 3.47
N VAL LA 34 92.10 -108.18 2.92
CA VAL LA 34 91.76 -107.72 1.57
C VAL LA 34 92.25 -108.71 0.53
N LYS LA 35 93.33 -109.42 0.82
CA LYS LA 35 93.92 -110.32 -0.17
C LYS LA 35 93.00 -111.48 -0.53
N GLN LA 36 92.00 -111.78 0.29
CA GLN LA 36 91.14 -112.92 0.05
C GLN LA 36 90.05 -112.65 -0.98
N GLY LA 37 89.62 -111.40 -1.11
CA GLY LA 37 88.53 -111.09 -2.02
C GLY LA 37 88.90 -111.35 -3.46
N SER LA 38 87.88 -111.27 -4.31
CA SER LA 38 88.08 -111.44 -5.74
C SER LA 38 88.98 -110.33 -6.29
N ALA LA 39 89.43 -110.52 -7.52
CA ALA LA 39 90.30 -109.53 -8.13
C ALA LA 39 89.49 -108.49 -8.89
N THR LA 40 90.10 -107.32 -9.09
CA THR LA 40 89.51 -106.26 -9.87
C THR LA 40 90.57 -105.21 -10.13
N VAL LA 41 90.40 -104.47 -11.23
CA VAL LA 41 91.41 -103.53 -11.69
C VAL LA 41 90.73 -102.26 -12.18
N GLY LA 42 91.37 -101.13 -11.97
CA GLY LA 42 90.87 -99.87 -12.47
C GLY LA 42 91.97 -99.09 -13.17
N LEU LA 43 91.54 -98.18 -14.04
CA LEU LA 43 92.46 -97.32 -14.78
C LEU LA 43 91.66 -96.22 -15.42
N LYS LA 44 92.35 -95.34 -16.14
CA LYS LA 44 91.67 -94.23 -16.77
C LYS LA 44 92.46 -93.73 -17.96
N SER LA 45 91.73 -93.27 -18.97
CA SER LA 45 92.30 -92.63 -20.13
C SER LA 45 92.65 -91.20 -19.77
N LYS LA 46 92.98 -90.40 -20.79
CA LYS LA 46 93.05 -88.97 -20.56
C LYS LA 46 91.66 -88.39 -20.27
N THR LA 47 90.62 -89.06 -20.76
CA THR LA 47 89.27 -88.54 -20.67
C THR LA 47 88.25 -89.57 -20.22
N HIS LA 48 88.68 -90.75 -19.79
CA HIS LA 48 87.74 -91.78 -19.38
C HIS LA 48 88.36 -92.61 -18.27
N ALA LA 49 87.49 -93.17 -17.42
CA ALA LA 49 87.92 -94.03 -16.33
C ALA LA 49 87.09 -95.30 -16.38
N VAL LA 50 87.76 -96.45 -16.33
CA VAL LA 50 87.10 -97.74 -16.42
C VAL LA 50 87.72 -98.67 -15.40
N LEU LA 51 86.87 -99.46 -14.72
CA LEU LA 51 87.30 -100.44 -13.76
C LEU LA 51 86.42 -101.68 -13.89
N VAL LA 52 87.04 -102.85 -13.90
CA VAL LA 52 86.34 -104.12 -14.06
C VAL LA 52 86.60 -104.97 -12.83
N ALA LA 53 85.59 -105.70 -12.41
CA ALA LA 53 85.69 -106.57 -11.24
C ALA LA 53 85.29 -107.99 -11.61
N LEU LA 54 85.93 -108.94 -10.93
CA LEU LA 54 85.67 -110.36 -11.09
C LEU LA 54 84.63 -110.79 -10.07
N LYS LA 55 83.66 -111.59 -10.51
CA LYS LA 55 82.66 -112.15 -9.64
C LYS LA 55 83.06 -113.54 -9.19
N ARG LA 56 82.52 -113.95 -8.05
CA ARG LA 56 82.63 -115.32 -7.57
C ARG LA 56 81.26 -115.81 -7.15
N ALA LA 57 81.10 -117.12 -7.15
CA ALA LA 57 79.85 -117.76 -6.75
C ALA LA 57 80.12 -118.76 -5.65
N GLN LA 58 79.20 -118.82 -4.68
CA GLN LA 58 79.33 -119.80 -3.62
C GLN LA 58 79.15 -121.21 -4.16
N SER LA 59 78.19 -121.41 -5.06
CA SER LA 59 77.96 -122.71 -5.68
C SER LA 59 77.38 -122.48 -7.07
N GLU LA 60 77.06 -123.56 -7.76
CA GLU LA 60 76.54 -123.45 -9.11
C GLU LA 60 75.19 -122.75 -9.14
N LEU LA 61 74.19 -123.30 -8.46
CA LEU LA 61 72.87 -122.68 -8.45
C LEU LA 61 72.87 -121.33 -7.74
N ALA LA 62 73.87 -121.06 -6.92
CA ALA LA 62 74.00 -119.74 -6.30
C ALA LA 62 74.60 -118.77 -7.30
N ALA LA 63 74.06 -117.56 -7.33
CA ALA LA 63 74.55 -116.54 -8.23
C ALA LA 63 75.94 -116.09 -7.81
N HIS LA 64 76.55 -115.25 -8.64
CA HIS LA 64 77.86 -114.70 -8.34
C HIS LA 64 77.72 -113.41 -7.55
N GLN LA 65 78.56 -113.25 -6.54
CA GLN LA 65 78.50 -112.05 -5.71
C GLN LA 65 78.90 -110.83 -6.54
N LYS LA 66 78.12 -109.76 -6.43
CA LYS LA 66 78.40 -108.56 -7.19
C LYS LA 66 79.47 -107.72 -6.52
N LYS LA 67 80.23 -107.01 -7.33
CA LYS LA 67 81.38 -106.25 -6.86
C LYS LA 67 81.21 -104.75 -7.08
N ILE LA 68 80.95 -104.32 -8.30
CA ILE LA 68 80.76 -102.91 -8.59
C ILE LA 68 79.45 -102.45 -7.99
N LEU LA 69 79.39 -101.18 -7.58
CA LEU LA 69 78.16 -100.62 -7.06
C LEU LA 69 78.13 -99.13 -7.37
N HIS LA 70 77.01 -98.67 -7.92
CA HIS LA 70 76.86 -97.26 -8.22
C HIS LA 70 76.73 -96.46 -6.94
N VAL LA 71 77.31 -95.26 -6.94
CA VAL LA 71 77.23 -94.34 -5.82
C VAL LA 71 76.62 -93.01 -6.24
N ASP LA 72 77.29 -92.30 -7.14
CA ASP LA 72 76.80 -91.05 -7.69
C ASP LA 72 77.01 -91.08 -9.20
N ASN LA 73 76.41 -90.11 -9.89
CA ASN LA 73 76.48 -90.06 -11.34
C ASN LA 73 77.90 -89.97 -11.87
N HIS LA 74 78.84 -89.49 -11.07
CA HIS LA 74 80.21 -89.35 -11.53
C HIS LA 74 81.15 -90.11 -10.60
N ILE LA 75 80.59 -90.84 -9.65
CA ILE LA 75 81.40 -91.58 -8.68
C ILE LA 75 81.07 -93.06 -8.77
N GLY LA 76 82.07 -93.87 -9.09
CA GLY LA 76 81.93 -95.31 -9.06
C GLY LA 76 83.06 -95.93 -8.28
N ILE LA 77 82.76 -97.02 -7.59
CA ILE LA 77 83.75 -97.69 -6.75
C ILE LA 77 83.58 -99.19 -6.84
N SER LA 78 84.67 -99.90 -6.62
CA SER LA 78 84.68 -101.35 -6.51
C SER LA 78 84.64 -101.75 -5.05
N ILE LA 79 84.86 -103.03 -4.81
CA ILE LA 79 84.80 -103.59 -3.47
C ILE LA 79 85.76 -104.77 -3.38
N ALA LA 80 86.19 -105.08 -2.15
CA ALA LA 80 87.05 -106.23 -1.94
C ALA LA 80 87.19 -106.47 -0.44
N GLY LA 81 87.11 -107.74 -0.04
CA GLY LA 81 87.28 -108.09 1.36
C GLY LA 81 85.97 -108.48 2.03
N LEU LA 82 85.61 -107.76 3.09
CA LEU LA 82 84.37 -108.02 3.77
C LEU LA 82 83.20 -107.37 3.04
N THR LA 83 82.02 -107.51 3.62
CA THR LA 83 80.82 -106.90 3.06
C THR LA 83 80.09 -105.98 4.02
N ALA LA 84 80.15 -106.25 5.32
CA ALA LA 84 79.50 -105.38 6.29
C ALA LA 84 80.11 -103.98 6.25
N ASP LA 85 81.43 -103.89 6.38
CA ASP LA 85 82.10 -102.61 6.17
C ASP LA 85 81.82 -102.03 4.80
N ALA LA 86 81.68 -102.89 3.79
CA ALA LA 86 81.36 -102.44 2.44
C ALA LA 86 80.06 -101.64 2.43
N ARG LA 87 78.98 -102.25 2.90
CA ARG LA 87 77.71 -101.55 2.92
C ARG LA 87 77.72 -100.37 3.87
N LEU LA 88 78.43 -100.47 4.99
CA LEU LA 88 78.46 -99.37 5.94
C LEU LA 88 79.12 -98.15 5.33
N LEU LA 89 80.39 -98.26 4.95
CA LEU LA 89 81.11 -97.13 4.39
C LEU LA 89 80.49 -96.68 3.08
N CYS LA 90 79.91 -97.60 2.31
CA CYS LA 90 79.15 -97.21 1.14
C CYS LA 90 78.00 -96.29 1.51
N ASN LA 91 77.23 -96.66 2.53
CA ASN LA 91 76.15 -95.79 3.00
C ASN LA 91 76.68 -94.45 3.42
N PHE LA 92 77.81 -94.43 4.13
CA PHE LA 92 78.46 -93.16 4.44
C PHE LA 92 78.77 -92.37 3.17
N MET LA 93 79.16 -93.05 2.10
CA MET LA 93 79.52 -92.36 0.87
C MET LA 93 78.29 -91.74 0.22
N ARG LA 94 77.27 -92.55 -0.06
CA ARG LA 94 76.02 -92.04 -0.60
C ARG LA 94 75.48 -90.90 0.23
N GLN LA 95 75.62 -90.98 1.55
CA GLN LA 95 75.26 -89.86 2.40
C GLN LA 95 76.07 -88.62 2.03
N GLU LA 96 77.39 -88.75 2.04
CA GLU LA 96 78.26 -87.61 1.85
C GLU LA 96 78.04 -86.92 0.51
N CYS LA 97 77.84 -87.69 -0.56
CA CYS LA 97 77.64 -87.07 -1.86
C CYS LA 97 76.41 -86.17 -1.86
N LEU LA 98 75.26 -86.72 -1.50
CA LEU LA 98 74.05 -85.92 -1.42
C LEU LA 98 74.13 -84.82 -0.38
N ASP LA 99 75.08 -84.89 0.56
CA ASP LA 99 75.22 -83.80 1.52
C ASP LA 99 75.57 -82.49 0.83
N SER LA 100 76.75 -82.42 0.23
CA SER LA 100 77.12 -81.22 -0.52
C SER LA 100 76.25 -81.07 -1.74
N ARG LA 101 75.71 -82.18 -2.26
CA ARG LA 101 74.70 -82.09 -3.29
C ARG LA 101 73.52 -81.24 -2.85
N PHE LA 102 73.20 -81.27 -1.55
CA PHE LA 102 72.09 -80.50 -1.02
C PHE LA 102 72.55 -79.13 -0.56
N VAL LA 103 73.83 -78.98 -0.22
CA VAL LA 103 74.29 -77.72 0.34
C VAL LA 103 74.74 -76.78 -0.76
N PHE LA 104 75.76 -77.16 -1.50
CA PHE LA 104 76.31 -76.31 -2.54
C PHE LA 104 75.66 -76.51 -3.89
N ASP LA 105 74.86 -77.56 -4.06
CA ASP LA 105 74.23 -77.86 -5.33
C ASP LA 105 75.29 -78.12 -6.40
N ARG LA 106 76.24 -78.97 -6.08
CA ARG LA 106 77.32 -79.31 -6.99
C ARG LA 106 77.85 -80.68 -6.62
N PRO LA 107 78.52 -81.36 -7.54
CA PRO LA 107 79.10 -82.66 -7.23
C PRO LA 107 80.28 -82.51 -6.28
N LEU LA 108 80.58 -83.60 -5.60
CA LEU LA 108 81.74 -83.61 -4.72
C LEU LA 108 83.00 -83.97 -5.50
N PRO LA 109 84.01 -83.12 -5.47
CA PRO LA 109 85.30 -83.51 -6.04
C PRO LA 109 85.87 -84.71 -5.31
N VAL LA 110 86.49 -85.59 -6.08
CA VAL LA 110 86.86 -86.91 -5.57
C VAL LA 110 87.84 -86.82 -4.42
N SER LA 111 88.80 -85.89 -4.50
CA SER LA 111 89.94 -85.89 -3.59
C SER LA 111 89.49 -85.71 -2.15
N ARG LA 112 88.94 -84.54 -1.83
CA ARG LA 112 88.56 -84.27 -0.45
C ARG LA 112 87.50 -85.23 0.06
N LEU LA 113 86.67 -85.78 -0.82
CA LEU LA 113 85.82 -86.89 -0.42
C LEU LA 113 86.63 -88.06 0.11
N VAL LA 114 87.63 -88.48 -0.66
CA VAL LA 114 88.50 -89.58 -0.24
C VAL LA 114 89.16 -89.27 1.09
N SER LA 115 89.70 -88.04 1.23
CA SER LA 115 90.25 -87.62 2.51
C SER LA 115 89.23 -87.76 3.63
N LEU LA 116 87.97 -87.42 3.35
CA LEU LA 116 86.92 -87.64 4.33
C LEU LA 116 86.81 -89.11 4.68
N ILE LA 117 87.00 -89.99 3.71
CA ILE LA 117 86.97 -91.42 4.00
C ILE LA 117 88.09 -91.79 4.96
N GLY LA 118 89.32 -91.39 4.64
CA GLY LA 118 90.43 -91.72 5.51
C GLY LA 118 90.27 -91.18 6.91
N SER LA 119 89.84 -89.92 7.03
CA SER LA 119 89.51 -89.37 8.34
C SER LA 119 88.45 -90.19 9.04
N LYS LA 120 87.48 -90.71 8.28
CA LYS LA 120 86.44 -91.55 8.87
C LYS LA 120 87.03 -92.81 9.45
N THR LA 121 87.90 -93.49 8.71
CA THR LA 121 88.48 -94.73 9.19
C THR LA 121 89.56 -94.52 10.24
N GLN LA 122 90.03 -93.29 10.42
CA GLN LA 122 91.16 -93.05 11.32
C GLN LA 122 90.85 -93.40 12.77
N ILE LA 123 89.66 -93.02 13.24
CA ILE LA 123 89.37 -93.11 14.68
C ILE LA 123 89.37 -94.56 15.19
N PRO LA 124 88.58 -95.46 14.63
CA PRO LA 124 88.60 -96.85 15.14
C PRO LA 124 89.93 -97.54 14.98
N THR LA 125 90.83 -97.01 14.16
CA THR LA 125 92.19 -97.51 14.06
C THR LA 125 93.04 -97.10 15.26
N GLN LA 126 92.51 -96.26 16.13
CA GLN LA 126 93.29 -95.84 17.28
C GLN LA 126 92.57 -96.05 18.61
N ARG LA 127 91.25 -95.89 18.64
CA ARG LA 127 90.58 -96.04 19.91
C ARG LA 127 90.48 -97.52 20.29
N TYR LA 128 90.29 -97.75 21.59
CA TYR LA 128 90.24 -99.11 22.11
C TYR LA 128 88.97 -99.81 21.64
N GLY LA 129 89.08 -101.13 21.46
CA GLY LA 129 87.93 -101.95 21.12
C GLY LA 129 87.25 -101.57 19.82
N ARG LA 130 88.02 -101.29 18.78
CA ARG LA 130 87.45 -100.88 17.50
C ARG LA 130 88.29 -101.49 16.39
N ARG LA 131 87.73 -102.46 15.68
CA ARG LA 131 88.46 -103.07 14.58
C ARG LA 131 88.60 -102.09 13.43
N PRO LA 132 89.58 -102.31 12.56
CA PRO LA 132 89.61 -101.59 11.29
C PRO LA 132 88.51 -102.07 10.37
N TYR LA 133 88.52 -101.54 9.15
CA TYR LA 133 87.55 -101.92 8.13
C TYR LA 133 88.27 -102.70 7.04
N GLY LA 134 87.95 -103.98 6.91
CA GLY LA 134 88.53 -104.78 5.86
C GLY LA 134 87.87 -104.51 4.53
N VAL LA 135 88.56 -103.79 3.64
CA VAL LA 135 87.99 -103.39 2.37
C VAL LA 135 89.12 -102.97 1.45
N GLY LA 136 88.87 -103.07 0.15
CA GLY LA 136 89.85 -102.73 -0.87
C GLY LA 136 89.33 -101.67 -1.83
N LEU LA 137 88.68 -100.66 -1.28
CA LEU LA 137 87.91 -99.71 -2.06
C LEU LA 137 88.72 -99.08 -3.18
N LEU LA 138 88.24 -99.26 -4.41
CA LEU LA 138 88.78 -98.58 -5.58
C LEU LA 138 87.77 -97.53 -6.04
N ILE LA 139 88.27 -96.37 -6.45
CA ILE LA 139 87.43 -95.22 -6.72
C ILE LA 139 87.78 -94.66 -8.07
N ALA LA 140 86.76 -94.24 -8.82
CA ALA LA 140 86.93 -93.66 -10.14
C ALA LA 140 85.81 -92.66 -10.41
N GLY LA 141 86.17 -91.57 -11.09
CA GLY LA 141 85.20 -90.55 -11.44
C GLY LA 141 85.91 -89.30 -11.92
N TYR LA 142 85.11 -88.27 -12.14
CA TYR LA 142 85.63 -86.96 -12.56
C TYR LA 142 85.50 -85.95 -11.43
N ASP LA 143 86.54 -85.16 -11.26
CA ASP LA 143 86.39 -83.83 -10.71
C ASP LA 143 86.20 -82.87 -11.88
N ASP LA 144 86.35 -81.57 -11.65
CA ASP LA 144 86.36 -80.63 -12.76
C ASP LA 144 87.54 -80.82 -13.70
N MET LA 145 88.55 -81.61 -13.32
CA MET LA 145 89.75 -81.75 -14.13
C MET LA 145 90.07 -83.21 -14.43
N GLY LA 146 89.08 -83.98 -14.86
CA GLY LA 146 89.32 -85.27 -15.45
C GLY LA 146 89.15 -86.44 -14.50
N PRO LA 147 89.38 -87.64 -15.03
CA PRO LA 147 89.18 -88.85 -14.22
C PRO LA 147 90.26 -89.02 -13.18
N HIS LA 148 89.96 -89.86 -12.18
CA HIS LA 148 90.88 -90.14 -11.10
C HIS LA 148 90.66 -91.56 -10.62
N ILE LA 149 91.74 -92.20 -10.18
CA ILE LA 149 91.72 -93.59 -9.73
C ILE LA 149 92.40 -93.65 -8.37
N PHE LA 150 91.62 -93.91 -7.33
CA PHE LA 150 92.12 -93.96 -5.97
C PHE LA 150 91.86 -95.34 -5.38
N GLN LA 151 92.85 -95.84 -4.63
CA GLN LA 151 92.71 -97.10 -3.92
C GLN LA 151 92.87 -96.87 -2.44
N THR LA 152 92.29 -97.77 -1.66
CA THR LA 152 92.16 -97.62 -0.22
C THR LA 152 92.96 -98.72 0.48
N CYS LA 153 92.79 -98.80 1.80
CA CYS LA 153 93.45 -99.81 2.60
C CYS LA 153 92.91 -99.74 4.01
N PRO LA 154 93.03 -100.81 4.79
CA PRO LA 154 92.71 -100.72 6.21
C PRO LA 154 93.54 -99.68 6.93
N SER LA 155 94.77 -99.46 6.51
CA SER LA 155 95.61 -98.40 7.06
C SER LA 155 95.14 -97.02 6.63
N ALA LA 156 94.16 -96.94 5.72
CA ALA LA 156 93.63 -95.66 5.26
C ALA LA 156 94.72 -94.84 4.58
N ASN LA 157 95.26 -95.39 3.51
CA ASN LA 157 96.31 -94.73 2.73
C ASN LA 157 95.80 -94.59 1.30
N TYR LA 158 95.03 -93.54 1.06
CA TYR LA 158 94.50 -93.26 -0.26
C TYR LA 158 95.64 -92.92 -1.20
N PHE LA 159 95.64 -93.55 -2.38
CA PHE LA 159 96.73 -93.44 -3.33
C PHE LA 159 96.22 -92.92 -4.66
N ASP LA 160 96.80 -91.82 -5.12
CA ASP LA 160 96.46 -91.25 -6.43
C ASP LA 160 97.28 -91.98 -7.48
N CYS LA 161 96.77 -93.13 -7.90
CA CYS LA 161 97.44 -93.99 -8.87
C CYS LA 161 96.96 -93.67 -10.27
N ARG LA 162 97.53 -94.38 -11.24
CA ARG LA 162 97.01 -94.43 -12.59
C ARG LA 162 96.26 -95.71 -12.90
N ALA LA 163 96.61 -96.82 -12.26
CA ALA LA 163 95.85 -98.07 -12.37
C ALA LA 163 96.39 -99.03 -11.32
N MET LA 164 95.49 -99.74 -10.64
CA MET LA 164 95.91 -100.68 -9.62
C MET LA 164 95.07 -101.95 -9.71
N SER LA 165 95.46 -102.93 -8.91
CA SER LA 165 94.75 -104.19 -8.83
C SER LA 165 94.94 -104.77 -7.44
N ILE LA 166 93.83 -105.20 -6.84
CA ILE LA 166 93.84 -105.70 -5.48
C ILE LA 166 92.95 -106.93 -5.40
N GLY LA 167 93.29 -107.80 -4.47
CA GLY LA 167 92.62 -109.08 -4.31
C GLY LA 167 93.55 -110.25 -4.52
N ALA LA 168 92.94 -111.39 -4.83
CA ALA LA 168 93.70 -112.62 -5.02
C ALA LA 168 94.61 -112.50 -6.22
N ARG LA 169 95.91 -112.75 -5.99
CA ARG LA 169 96.95 -112.79 -7.02
C ARG LA 169 96.91 -111.57 -7.94
N SER LA 170 96.70 -110.40 -7.34
CA SER LA 170 96.86 -109.16 -8.08
C SER LA 170 98.32 -108.83 -8.35
N GLN LA 171 99.24 -109.58 -7.73
CA GLN LA 171 100.66 -109.44 -7.99
C GLN LA 171 100.96 -109.46 -9.48
N SER LA 172 100.69 -110.57 -10.14
CA SER LA 172 100.89 -110.65 -11.58
C SER LA 172 100.00 -109.67 -12.33
N ALA LA 173 98.82 -109.37 -11.78
CA ALA LA 173 97.90 -108.44 -12.43
C ALA LA 173 98.55 -107.08 -12.62
N ARG LA 174 99.30 -106.62 -11.63
CA ARG LA 174 99.99 -105.33 -11.77
C ARG LA 174 101.00 -105.35 -12.89
N THR LA 175 101.65 -106.50 -13.11
CA THR LA 175 102.74 -106.59 -14.06
C THR LA 175 102.31 -106.18 -15.47
N TYR LA 176 101.15 -106.67 -15.92
CA TYR LA 176 100.65 -106.31 -17.24
C TYR LA 176 100.41 -104.81 -17.39
N LEU LA 177 100.22 -104.11 -16.27
CA LEU LA 177 99.90 -102.69 -16.32
C LEU LA 177 101.06 -101.86 -16.88
N GLU LA 178 102.26 -102.04 -16.34
CA GLU LA 178 103.37 -101.16 -16.71
C GLU LA 178 103.77 -101.30 -18.16
N ARG LA 179 103.79 -102.52 -18.69
CA ARG LA 179 104.22 -102.74 -20.06
C ARG LA 179 103.21 -102.26 -21.10
N HIS LA 180 102.11 -101.65 -20.68
CA HIS LA 180 101.17 -101.04 -21.62
C HIS LA 180 100.65 -99.71 -21.08
N MET LA 181 101.22 -99.22 -19.99
CA MET LA 181 100.76 -97.97 -19.39
C MET LA 181 100.86 -96.79 -20.34
N SER LA 182 101.91 -96.76 -21.17
CA SER LA 182 101.99 -95.73 -22.20
C SER LA 182 100.79 -95.78 -23.13
N GLU LA 183 100.25 -96.97 -23.38
CA GLU LA 183 99.03 -97.11 -24.16
C GLU LA 183 97.79 -96.63 -23.42
N PHE LA 184 97.92 -96.34 -22.13
CA PHE LA 184 96.76 -96.05 -21.29
C PHE LA 184 96.43 -94.58 -21.26
N MET LA 185 96.77 -93.85 -22.30
CA MET LA 185 96.44 -92.44 -22.40
C MET LA 185 95.75 -92.07 -23.70
N GLU LA 186 96.04 -92.79 -24.78
CA GLU LA 186 95.52 -92.43 -26.09
C GLU LA 186 94.34 -93.28 -26.54
N CYS LA 187 94.24 -94.52 -26.07
CA CYS LA 187 93.15 -95.38 -26.49
C CYS LA 187 91.85 -94.97 -25.83
N ASN LA 188 90.77 -95.05 -26.59
CA ASN LA 188 89.45 -94.72 -26.06
C ASN LA 188 88.82 -95.97 -25.45
N LEU LA 189 87.51 -95.93 -25.23
CA LEU LA 189 86.86 -96.95 -24.41
C LEU LA 189 86.95 -98.33 -25.03
N ASN LA 190 86.81 -98.44 -26.35
CA ASN LA 190 86.64 -99.74 -26.98
C ASN LA 190 87.85 -100.64 -26.76
N GLU LA 191 89.02 -100.19 -27.15
CA GLU LA 191 90.24 -100.94 -26.91
C GLU LA 191 90.76 -100.78 -25.50
N LEU LA 192 90.42 -99.67 -24.83
CA LEU LA 192 90.86 -99.49 -23.46
C LEU LA 192 90.30 -100.56 -22.54
N VAL LA 193 88.99 -100.81 -22.64
CA VAL LA 193 88.35 -101.80 -21.78
C VAL LA 193 89.01 -103.16 -21.96
N LYS LA 194 89.22 -103.57 -23.20
CA LYS LA 194 89.92 -104.82 -23.44
C LYS LA 194 91.38 -104.75 -23.00
N HIS LA 195 91.98 -103.56 -22.96
CA HIS LA 195 93.28 -103.43 -22.33
C HIS LA 195 93.20 -103.84 -20.88
N GLY LA 196 92.24 -103.30 -20.15
CA GLY LA 196 92.12 -103.65 -18.74
C GLY LA 196 91.81 -105.11 -18.51
N LEU LA 197 90.77 -105.62 -19.16
CA LEU LA 197 90.37 -107.00 -18.97
C LEU LA 197 91.43 -108.00 -19.40
N ARG LA 198 92.34 -107.62 -20.30
CA ARG LA 198 93.47 -108.48 -20.58
C ARG LA 198 94.32 -108.75 -19.34
N ALA LA 199 94.31 -107.84 -18.38
CA ALA LA 199 95.10 -108.00 -17.17
C ALA LA 199 94.43 -108.91 -16.14
N LEU LA 200 93.11 -109.02 -16.16
CA LEU LA 200 92.44 -109.91 -15.22
C LEU LA 200 92.64 -111.36 -15.59
N ARG LA 201 92.74 -111.66 -16.88
CA ARG LA 201 92.75 -113.04 -17.34
C ARG LA 201 94.01 -113.81 -16.91
N GLU LA 202 95.03 -113.12 -16.39
CA GLU LA 202 96.20 -113.79 -15.85
C GLU LA 202 96.04 -114.10 -14.37
N THR LA 203 95.06 -113.47 -13.72
CA THR LA 203 94.79 -113.72 -12.31
C THR LA 203 93.83 -114.88 -12.09
N LEU LA 204 93.78 -115.80 -13.04
CA LEU LA 204 92.84 -116.91 -13.04
C LEU LA 204 93.56 -118.18 -13.42
N PRO LA 205 92.92 -119.34 -13.21
CA PRO LA 205 93.45 -120.58 -13.79
C PRO LA 205 93.49 -120.49 -15.30
N ALA LA 206 94.20 -121.43 -15.90
CA ALA LA 206 94.43 -121.42 -17.34
C ALA LA 206 93.32 -122.06 -18.14
N GLU LA 207 92.10 -122.14 -17.58
CA GLU LA 207 91.03 -122.85 -18.26
C GLU LA 207 89.67 -122.19 -18.17
N GLN LA 208 89.55 -120.97 -17.68
CA GLN LA 208 88.28 -120.25 -17.72
C GLN LA 208 88.56 -118.78 -17.42
N ASP LA 209 88.03 -117.90 -18.27
CA ASP LA 209 88.39 -116.49 -18.18
C ASP LA 209 87.21 -115.58 -17.86
N LEU LA 210 86.16 -115.55 -18.68
CA LEU LA 210 85.20 -114.47 -18.60
C LEU LA 210 83.77 -114.90 -18.92
N THR LA 211 83.39 -116.13 -18.57
CA THR LA 211 82.25 -116.73 -19.25
C THR LA 211 80.91 -116.10 -18.86
N THR LA 212 80.78 -114.79 -19.08
CA THR LA 212 79.50 -114.07 -19.03
C THR LA 212 78.70 -114.32 -17.76
N LYS LA 213 79.37 -114.71 -16.68
CA LYS LA 213 78.72 -114.83 -15.40
C LYS LA 213 79.57 -114.37 -14.24
N ASN LA 214 80.76 -113.85 -14.49
CA ASN LA 214 81.72 -113.57 -13.42
C ASN LA 214 82.49 -112.27 -13.65
N VAL LA 215 81.88 -111.25 -14.22
CA VAL LA 215 82.59 -110.02 -14.56
C VAL LA 215 81.61 -108.86 -14.55
N SER LA 216 82.10 -107.69 -14.16
CA SER LA 216 81.30 -106.48 -14.24
C SER LA 216 82.21 -105.31 -14.59
N ILE LA 217 81.64 -104.30 -15.25
CA ILE LA 217 82.42 -103.22 -15.83
C ILE LA 217 81.77 -101.89 -15.51
N GLY LA 218 82.46 -101.07 -14.73
CA GLY LA 218 82.01 -99.72 -14.40
C GLY LA 218 82.85 -98.70 -15.18
N ILE LA 219 82.17 -97.67 -15.66
CA ILE LA 219 82.77 -96.70 -16.56
C ILE LA 219 82.30 -95.31 -16.17
N VAL LA 220 83.13 -94.31 -16.41
CA VAL LA 220 82.77 -92.90 -16.31
C VAL LA 220 83.47 -92.14 -17.43
N GLY LA 221 82.69 -91.36 -18.16
CA GLY LA 221 83.19 -90.59 -19.29
C GLY LA 221 82.72 -89.16 -19.21
N LYS LA 222 83.24 -88.35 -20.14
CA LYS LA 222 82.96 -86.91 -20.12
C LYS LA 222 81.47 -86.64 -20.22
N ASP LA 223 80.86 -87.02 -21.33
CA ASP LA 223 79.41 -87.01 -21.48
C ASP LA 223 78.80 -88.34 -21.06
N LEU LA 224 79.50 -89.11 -20.22
CA LEU LA 224 79.09 -90.46 -19.87
C LEU LA 224 78.98 -90.57 -18.36
N GLU LA 225 77.76 -90.65 -17.86
CA GLU LA 225 77.54 -90.94 -16.46
C GLU LA 225 78.07 -92.34 -16.14
N PHE LA 226 78.50 -92.52 -14.89
CA PHE LA 226 79.01 -93.80 -14.42
C PHE LA 226 78.03 -94.93 -14.65
N THR LA 227 78.41 -95.89 -15.49
CA THR LA 227 77.54 -96.97 -15.91
C THR LA 227 78.15 -98.31 -15.51
N ILE LA 228 77.31 -99.29 -15.25
CA ILE LA 228 77.73 -100.63 -14.84
C ILE LA 228 77.17 -101.64 -15.82
N TYR LA 229 78.00 -102.63 -16.15
CA TYR LA 229 77.64 -103.70 -17.08
C TYR LA 229 77.93 -105.04 -16.43
N ASP LA 230 77.09 -106.04 -16.76
CA ASP LA 230 77.22 -107.35 -16.12
C ASP LA 230 76.63 -108.43 -17.04
N ASP LA 231 77.52 -109.10 -17.78
CA ASP LA 231 77.23 -110.41 -18.33
C ASP LA 231 76.24 -110.42 -19.50
N ASP LA 232 75.63 -109.31 -19.78
CA ASP LA 232 74.70 -109.31 -20.90
C ASP LA 232 75.02 -108.24 -21.92
N ASP LA 233 75.37 -107.04 -21.47
CA ASP LA 233 75.96 -106.03 -22.35
C ASP LA 233 77.47 -106.13 -22.35
N VAL LA 234 78.04 -106.94 -21.47
CA VAL LA 234 79.47 -107.16 -21.46
C VAL LA 234 79.89 -108.03 -22.63
N SER LA 235 79.01 -108.92 -23.08
CA SER LA 235 79.20 -109.81 -24.22
C SER LA 235 79.73 -109.05 -25.43
N PRO LA 236 79.12 -107.92 -25.81
CA PRO LA 236 79.72 -107.12 -26.87
C PRO LA 236 81.12 -106.65 -26.54
N PHE LA 237 81.42 -106.42 -25.27
CA PHE LA 237 82.79 -106.13 -24.89
C PHE LA 237 83.63 -107.39 -24.81
N LEU LA 238 82.99 -108.52 -24.53
CA LEU LA 238 83.70 -109.79 -24.41
C LEU LA 238 84.24 -110.30 -25.73
N GLU LA 239 83.79 -109.74 -26.84
CA GLU LA 239 84.26 -110.17 -28.15
C GLU LA 239 85.53 -109.42 -28.52
N GLY LA 240 86.24 -109.95 -29.51
CA GLY LA 240 87.47 -109.33 -29.97
C GLY LA 240 88.60 -109.52 -28.98
N LEU LA 241 88.87 -110.77 -28.61
CA LEU LA 241 89.93 -111.09 -27.68
C LEU LA 241 90.76 -112.25 -28.22
N GLU LA 242 92.05 -112.22 -27.94
CA GLU LA 242 92.94 -113.32 -28.25
C GLU LA 242 93.07 -114.24 -27.05
N GLU LA 243 93.02 -115.54 -27.32
CA GLU LA 243 93.10 -116.53 -26.26
C GLU LA 243 94.45 -116.45 -25.56
N ARG LA 244 94.55 -117.16 -24.44
CA ARG LA 244 95.80 -117.14 -23.70
C ARG LA 244 96.82 -118.08 -24.33
N PRO LA 245 98.06 -117.66 -24.51
CA PRO LA 245 99.09 -118.56 -25.05
C PRO LA 245 99.53 -119.58 -24.01
N GLN LA 246 100.53 -120.37 -24.38
CA GLN LA 246 101.07 -121.40 -23.50
C GLN LA 246 102.36 -121.97 -24.05
N THR MA 5 109.74 -107.11 29.09
CA THR MA 5 108.34 -107.46 28.87
C THR MA 5 107.56 -107.45 30.17
N GLY MA 6 106.25 -107.67 30.08
CA GLY MA 6 105.38 -107.64 31.23
C GLY MA 6 105.01 -106.26 31.73
N TYR MA 7 105.57 -105.21 31.12
CA TYR MA 7 105.31 -103.84 31.54
C TYR MA 7 105.10 -102.90 30.38
N ASP MA 8 105.55 -103.24 29.18
CA ASP MA 8 105.47 -102.36 28.02
C ASP MA 8 104.07 -102.28 27.43
N LEU MA 9 103.10 -102.97 28.02
CA LEU MA 9 101.79 -103.10 27.41
C LEU MA 9 101.03 -101.77 27.44
N SER MA 10 100.73 -101.27 28.62
CA SER MA 10 99.88 -100.11 28.75
C SER MA 10 100.63 -98.83 28.43
N ALA MA 11 99.85 -97.76 28.25
CA ALA MA 11 100.37 -96.41 28.21
C ALA MA 11 100.19 -95.69 29.53
N SER MA 12 99.80 -96.42 30.57
CA SER MA 12 99.58 -95.84 31.88
C SER MA 12 100.38 -96.55 32.97
N THR MA 13 101.41 -97.29 32.61
CA THR MA 13 102.19 -98.07 33.56
C THR MA 13 103.68 -97.76 33.40
N PHE MA 14 104.31 -97.34 34.48
CA PHE MA 14 105.73 -97.04 34.43
C PHE MA 14 106.55 -98.32 34.45
N SER MA 15 107.61 -98.32 33.66
CA SER MA 15 108.56 -99.40 33.72
C SER MA 15 109.23 -99.42 35.10
N PRO MA 16 109.83 -100.54 35.47
CA PRO MA 16 110.49 -100.62 36.78
C PRO MA 16 111.70 -99.71 36.88
N ASP MA 17 112.16 -99.17 35.74
CA ASP MA 17 113.22 -98.18 35.73
C ASP MA 17 112.72 -96.76 35.53
N GLY MA 18 111.54 -96.56 34.96
CA GLY MA 18 110.99 -95.22 34.87
C GLY MA 18 110.75 -94.65 33.48
N ARG MA 19 110.35 -95.47 32.52
CA ARG MA 19 109.97 -94.96 31.21
C ARG MA 19 108.78 -95.74 30.68
N VAL MA 20 108.47 -95.51 29.39
CA VAL MA 20 107.30 -96.09 28.75
C VAL MA 20 107.71 -96.70 27.43
N PHE MA 21 107.76 -98.03 27.39
CA PHE MA 21 108.17 -98.74 26.19
C PHE MA 21 107.18 -98.60 25.04
N GLN MA 22 105.96 -98.15 25.33
CA GLN MA 22 105.05 -97.80 24.24
C GLN MA 22 105.62 -96.66 23.41
N VAL MA 23 105.84 -95.51 24.02
CA VAL MA 23 106.44 -94.38 23.31
C VAL MA 23 107.83 -94.76 22.81
N GLU MA 24 108.53 -95.60 23.57
CA GLU MA 24 109.80 -96.14 23.11
C GLU MA 24 109.68 -96.80 21.75
N TYR MA 25 108.69 -97.68 21.59
CA TYR MA 25 108.48 -98.33 20.31
C TYR MA 25 108.06 -97.34 19.25
N ALA MA 26 107.10 -96.47 19.58
CA ALA MA 26 106.55 -95.55 18.60
C ALA MA 26 107.59 -94.60 18.02
N MET MA 27 108.57 -94.19 18.82
CA MET MA 27 109.58 -93.27 18.31
C MET MA 27 110.36 -93.88 17.15
N LYS MA 28 111.03 -95.00 17.41
CA LYS MA 28 111.75 -95.70 16.35
C LYS MA 28 110.83 -96.16 15.23
N ALA MA 29 109.55 -96.42 15.53
CA ALA MA 29 108.59 -96.65 14.47
C ALA MA 29 108.55 -95.48 13.50
N VAL MA 30 108.58 -94.25 14.01
CA VAL MA 30 108.71 -93.10 13.13
C VAL MA 30 110.11 -93.05 12.53
N GLU MA 31 111.10 -93.59 13.23
CA GLU MA 31 112.48 -93.53 12.74
C GLU MA 31 112.66 -94.28 11.42
N ASN MA 32 111.78 -95.23 11.13
CA ASN MA 32 111.95 -96.09 9.97
C ASN MA 32 111.46 -95.47 8.68
N SER MA 33 110.82 -94.31 8.75
CA SER MA 33 110.32 -93.67 7.54
C SER MA 33 111.46 -92.96 6.79
N SER MA 34 111.13 -92.46 5.60
CA SER MA 34 112.11 -91.75 4.80
C SER MA 34 112.47 -90.44 5.48
N THR MA 35 113.37 -89.69 4.85
CA THR MA 35 113.91 -88.49 5.46
C THR MA 35 113.15 -87.25 5.01
N ALA MA 36 112.84 -86.39 5.97
CA ALA MA 36 112.27 -85.07 5.72
C ALA MA 36 113.02 -84.08 6.60
N ILE MA 37 113.55 -83.03 5.98
CA ILE MA 37 114.39 -82.06 6.67
C ILE MA 37 113.88 -80.66 6.39
N GLY MA 38 114.26 -79.75 7.26
CA GLY MA 38 113.87 -78.35 7.10
C GLY MA 38 115.00 -77.45 7.55
N ILE MA 39 114.98 -76.22 7.06
CA ILE MA 39 116.00 -75.24 7.41
C ILE MA 39 115.35 -73.87 7.32
N ARG MA 40 116.05 -72.85 7.80
CA ARG MA 40 115.57 -71.48 7.67
C ARG MA 40 116.74 -70.54 7.43
N CYS MA 41 116.61 -69.72 6.40
CA CYS MA 41 117.58 -68.68 6.13
C CYS MA 41 117.21 -67.45 6.96
N LYS MA 42 117.87 -66.34 6.69
CA LYS MA 42 117.61 -65.13 7.44
C LYS MA 42 116.22 -64.55 7.19
N ASP MA 43 115.63 -64.83 6.03
CA ASP MA 43 114.34 -64.23 5.69
C ASP MA 43 113.39 -65.27 5.13
N GLY MA 44 113.33 -66.44 5.75
CA GLY MA 44 112.38 -67.45 5.33
C GLY MA 44 112.76 -68.80 5.88
N VAL MA 45 111.96 -69.79 5.49
CA VAL MA 45 112.15 -71.18 5.87
C VAL MA 45 111.87 -72.06 4.67
N VAL MA 46 112.67 -73.11 4.51
CA VAL MA 46 112.59 -74.02 3.38
C VAL MA 46 112.40 -75.43 3.90
N PHE MA 47 111.52 -76.19 3.24
CA PHE MA 47 111.28 -77.58 3.57
C PHE MA 47 111.70 -78.48 2.40
N GLY MA 48 112.32 -79.60 2.75
CA GLY MA 48 112.67 -80.60 1.77
C GLY MA 48 112.30 -81.99 2.26
N VAL MA 49 111.85 -82.86 1.37
CA VAL MA 49 111.40 -84.20 1.74
C VAL MA 49 111.81 -85.16 0.64
N GLU MA 50 112.29 -86.34 1.02
CA GLU MA 50 112.51 -87.39 0.03
C GLU MA 50 111.37 -88.39 0.09
N LYS MA 51 110.74 -88.61 -1.07
CA LYS MA 51 109.67 -89.57 -1.23
C LYS MA 51 110.19 -90.74 -2.05
N LEU MA 52 109.55 -91.90 -1.90
CA LEU MA 52 110.00 -93.10 -2.58
C LEU MA 52 108.89 -93.64 -3.48
N VAL MA 53 109.17 -93.72 -4.78
CA VAL MA 53 108.31 -94.42 -5.71
C VAL MA 53 108.73 -95.88 -5.70
N LEU MA 54 107.77 -96.78 -5.54
CA LEU MA 54 108.13 -98.18 -5.36
C LEU MA 54 108.46 -98.84 -6.69
N SER MA 55 107.46 -99.01 -7.56
CA SER MA 55 107.71 -99.29 -8.96
C SER MA 55 107.02 -98.29 -9.87
N LYS MA 56 105.69 -98.25 -9.84
CA LYS MA 56 104.92 -97.17 -10.45
C LYS MA 56 104.00 -96.53 -9.43
N LEU MA 57 103.07 -97.30 -8.88
CA LEU MA 57 102.46 -97.11 -7.57
C LEU MA 57 101.49 -95.94 -7.47
N TYR MA 58 101.49 -95.03 -8.44
CA TYR MA 58 100.56 -93.91 -8.38
C TYR MA 58 100.81 -92.97 -9.55
N GLU MA 59 99.82 -92.12 -9.81
CA GLU MA 59 100.05 -90.91 -10.57
C GLU MA 59 100.90 -89.95 -9.76
N GLU MA 60 102.07 -89.60 -10.29
CA GLU MA 60 103.05 -88.82 -9.53
C GLU MA 60 102.44 -87.51 -9.05
N GLY MA 61 102.91 -87.06 -7.89
CA GLY MA 61 102.31 -85.93 -7.19
C GLY MA 61 101.35 -86.35 -6.11
N SER MA 62 101.06 -87.63 -5.99
CA SER MA 62 100.09 -88.11 -5.01
C SER MA 62 100.64 -87.96 -3.59
N ASN MA 63 99.72 -88.00 -2.62
CA ASN MA 63 99.92 -88.12 -1.18
C ASN MA 63 101.17 -87.43 -0.66
N LYS MA 64 101.36 -86.17 -1.06
CA LYS MA 64 102.55 -85.43 -0.66
C LYS MA 64 102.53 -85.17 0.84
N ARG MA 65 103.66 -85.43 1.49
CA ARG MA 65 103.77 -85.21 2.93
C ARG MA 65 104.01 -83.75 3.28
N LEU MA 66 104.24 -82.89 2.30
CA LEU MA 66 104.41 -81.46 2.54
C LEU MA 66 103.01 -80.86 2.66
N PHE MA 67 102.51 -80.80 3.88
CA PHE MA 67 101.18 -80.29 4.13
C PHE MA 67 101.19 -78.77 4.16
N ASN MA 68 100.07 -78.17 4.51
CA ASN MA 68 99.96 -76.72 4.56
C ASN MA 68 98.80 -76.39 5.49
N VAL MA 69 99.10 -75.86 6.67
CA VAL MA 69 98.05 -75.63 7.66
C VAL MA 69 97.39 -74.28 7.45
N ASP MA 70 98.16 -73.21 7.54
CA ASP MA 70 97.66 -71.86 7.34
C ASP MA 70 98.29 -71.30 6.07
N ARG MA 71 97.78 -70.14 5.64
CA ARG MA 71 98.39 -69.43 4.52
C ARG MA 71 99.86 -69.12 4.79
N HIS MA 72 100.24 -68.97 6.06
CA HIS MA 72 101.63 -68.71 6.42
C HIS MA 72 102.24 -69.84 7.24
N VAL MA 73 101.62 -71.02 7.27
CA VAL MA 73 102.00 -72.07 8.20
C VAL MA 73 102.23 -73.37 7.45
N GLY MA 74 103.44 -73.91 7.54
CA GLY MA 74 103.82 -75.07 6.78
C GLY MA 74 104.16 -76.26 7.66
N MET MA 75 103.82 -77.44 7.13
CA MET MA 75 104.01 -78.72 7.80
C MET MA 75 105.17 -79.49 7.15
N ALA MA 76 105.69 -80.46 7.91
CA ALA MA 76 106.68 -81.39 7.38
C ALA MA 76 106.49 -82.71 8.15
N VAL MA 77 105.70 -83.59 7.59
CA VAL MA 77 105.32 -84.80 8.30
C VAL MA 77 106.26 -85.93 7.93
N ALA MA 78 106.31 -86.93 8.80
CA ALA MA 78 107.19 -88.08 8.62
C ALA MA 78 106.81 -89.14 9.64
N GLY MA 79 107.15 -90.38 9.32
CA GLY MA 79 106.70 -91.51 10.10
C GLY MA 79 105.49 -92.15 9.46
N LEU MA 80 104.41 -92.28 10.23
CA LEU MA 80 103.15 -92.75 9.66
C LEU MA 80 102.44 -91.60 8.96
N LEU MA 81 101.58 -91.96 8.01
CA LEU MA 81 100.93 -90.97 7.16
C LEU MA 81 99.57 -90.53 7.66
N ALA MA 82 98.66 -91.47 7.88
CA ALA MA 82 97.28 -91.12 8.22
C ALA MA 82 97.19 -90.29 9.48
N ASP MA 83 97.84 -90.76 10.57
CA ASP MA 83 97.88 -89.98 11.80
C ASP MA 83 98.43 -88.59 11.57
N ALA MA 84 99.44 -88.46 10.70
CA ALA MA 84 99.89 -87.13 10.30
C ALA MA 84 98.75 -86.33 9.70
N ARG MA 85 97.94 -86.95 8.84
CA ARG MA 85 96.79 -86.24 8.29
C ARG MA 85 95.83 -85.78 9.37
N SER MA 86 95.52 -86.65 10.33
CA SER MA 86 94.67 -86.25 11.45
C SER MA 86 95.27 -85.05 12.18
N LEU MA 87 96.58 -85.08 12.39
CA LEU MA 87 97.25 -83.96 13.04
C LEU MA 87 97.09 -82.67 12.27
N ALA MA 88 97.30 -82.72 10.95
CA ALA MA 88 97.14 -81.53 10.12
C ALA MA 88 95.72 -80.99 10.23
N ASP MA 89 94.73 -81.88 10.25
CA ASP MA 89 93.37 -81.42 10.48
C ASP MA 89 93.22 -80.75 11.84
N ILE MA 90 93.85 -81.30 12.87
CA ILE MA 90 93.79 -80.69 14.19
C ILE MA 90 94.37 -79.30 14.16
N ALA MA 91 95.50 -79.12 13.48
CA ALA MA 91 96.13 -77.81 13.41
C ALA MA 91 95.26 -76.81 12.67
N ARG MA 92 94.77 -77.19 11.49
CA ARG MA 92 93.90 -76.29 10.74
C ARG MA 92 92.69 -75.87 11.56
N GLU MA 93 92.03 -76.83 12.19
CA GLU MA 93 90.93 -76.52 13.09
C GLU MA 93 91.35 -75.54 14.17
N GLU MA 94 92.51 -75.79 14.78
CA GLU MA 94 92.98 -74.93 15.86
C GLU MA 94 93.18 -73.49 15.41
N ALA MA 95 94.00 -73.29 14.37
CA ALA MA 95 94.21 -71.96 13.84
C ALA MA 95 92.91 -71.30 13.41
N SER MA 96 91.96 -72.08 12.89
CA SER MA 96 90.64 -71.52 12.62
C SER MA 96 89.99 -71.00 13.89
N ASN MA 97 90.12 -71.72 15.00
CA ASN MA 97 89.56 -71.21 16.25
C ASN MA 97 90.25 -69.92 16.68
N PHE MA 98 91.57 -69.89 16.59
CA PHE MA 98 92.31 -68.70 17.00
C PHE MA 98 91.89 -67.50 16.17
N ARG MA 99 91.89 -67.63 14.85
CA ARG MA 99 91.42 -66.56 13.98
C ARG MA 99 90.00 -66.17 14.33
N SER MA 100 89.14 -67.15 14.61
CA SER MA 100 87.75 -66.87 14.92
C SER MA 100 87.60 -66.02 16.16
N ASN MA 101 88.29 -66.38 17.24
CA ASN MA 101 88.10 -65.70 18.51
C ASN MA 101 88.85 -64.38 18.57
N PHE MA 102 90.03 -64.32 17.96
CA PHE MA 102 90.94 -63.20 18.16
C PHE MA 102 91.23 -62.42 16.89
N GLY MA 103 90.94 -62.98 15.72
CA GLY MA 103 90.98 -62.21 14.50
C GLY MA 103 92.35 -61.81 14.00
N TYR MA 104 93.30 -62.75 13.97
CA TYR MA 104 94.58 -62.52 13.30
C TYR MA 104 95.36 -63.83 13.30
N ASN MA 105 96.55 -63.80 12.71
CA ASN MA 105 97.32 -65.01 12.53
C ASN MA 105 97.80 -65.56 13.86
N ILE MA 106 97.82 -66.88 13.98
CA ILE MA 106 98.26 -67.53 15.22
C ILE MA 106 99.78 -67.53 15.26
N PRO MA 107 100.39 -67.17 16.38
CA PRO MA 107 101.83 -67.32 16.51
C PRO MA 107 102.24 -68.78 16.51
N LEU MA 108 103.36 -69.04 15.84
CA LEU MA 108 103.90 -70.39 15.75
C LEU MA 108 104.13 -71.01 17.11
N LYS MA 109 104.54 -70.20 18.09
CA LYS MA 109 104.76 -70.74 19.43
C LYS MA 109 103.48 -71.29 20.02
N HIS MA 110 102.42 -70.47 20.06
CA HIS MA 110 101.16 -70.92 20.64
C HIS MA 110 100.60 -72.12 19.87
N LEU MA 111 100.68 -72.08 18.54
CA LEU MA 111 100.19 -73.20 17.76
C LEU MA 111 100.92 -74.49 18.12
N ALA MA 112 102.25 -74.47 18.05
CA ALA MA 112 103.03 -75.67 18.36
C ALA MA 112 102.79 -76.14 19.78
N ASP MA 113 102.60 -75.20 20.71
CA ASP MA 113 102.37 -75.57 22.09
C ASP MA 113 101.03 -76.27 22.27
N ARG MA 114 99.97 -75.71 21.70
CA ARG MA 114 98.66 -76.34 21.76
C ARG MA 114 98.69 -77.72 21.16
N VAL MA 115 99.26 -77.85 19.95
CA VAL MA 115 99.36 -79.16 19.33
C VAL MA 115 100.16 -80.11 20.20
N ALA MA 116 101.19 -79.59 20.87
CA ALA MA 116 102.01 -80.44 21.73
C ALA MA 116 101.20 -80.95 22.92
N MET MA 117 100.40 -80.09 23.55
CA MET MA 117 99.52 -80.55 24.61
C MET MA 117 98.57 -81.63 24.11
N TYR MA 118 97.93 -81.40 22.96
CA TYR MA 118 97.02 -82.39 22.43
C TYR MA 118 97.71 -83.71 22.15
N VAL MA 119 98.96 -83.67 21.70
CA VAL MA 119 99.73 -84.90 21.57
C VAL MA 119 99.93 -85.55 22.93
N HIS MA 120 100.22 -84.72 23.94
CA HIS MA 120 100.49 -85.26 25.26
C HIS MA 120 99.28 -85.94 25.85
N ALA MA 121 98.08 -85.51 25.44
CA ALA MA 121 96.85 -86.12 25.94
C ALA MA 121 96.78 -87.61 25.65
N TYR MA 122 97.39 -88.08 24.57
CA TYR MA 122 97.29 -89.48 24.19
C TYR MA 122 98.45 -90.31 24.69
N THR MA 123 99.00 -89.97 25.85
CA THR MA 123 100.09 -90.72 26.45
C THR MA 123 99.85 -90.98 27.93
N LEU MA 124 98.62 -90.87 28.40
CA LEU MA 124 98.32 -90.97 29.81
C LEU MA 124 97.26 -91.99 30.14
N TYR MA 125 96.79 -92.76 29.18
CA TYR MA 125 95.68 -93.67 29.38
C TYR MA 125 95.92 -94.98 28.65
N SER MA 126 95.15 -96.00 29.02
CA SER MA 126 95.16 -97.25 28.29
C SER MA 126 94.19 -97.24 27.13
N ALA MA 127 93.20 -96.35 27.16
CA ALA MA 127 92.19 -96.31 26.10
C ALA MA 127 92.78 -95.98 24.74
N VAL MA 128 93.84 -95.19 24.69
CA VAL MA 128 94.42 -94.77 23.44
C VAL MA 128 95.92 -94.98 23.48
N ARG MA 129 96.50 -95.17 22.29
CA ARG MA 129 97.94 -95.26 22.15
C ARG MA 129 98.53 -93.91 21.82
N PRO MA 130 99.84 -93.80 21.77
CA PRO MA 130 100.47 -92.58 21.26
C PRO MA 130 100.38 -92.54 19.74
N PHE MA 131 100.83 -91.42 19.20
CA PHE MA 131 100.87 -91.27 17.75
C PHE MA 131 102.14 -91.88 17.17
N GLY MA 132 102.08 -92.18 15.88
CA GLY MA 132 103.23 -92.68 15.16
C GLY MA 132 103.70 -91.69 14.11
N CYS MA 133 103.77 -90.42 14.47
CA CYS MA 133 104.13 -89.37 13.53
C CYS MA 133 105.10 -88.38 14.17
N SER MA 134 105.74 -87.61 13.31
CA SER MA 134 106.50 -86.44 13.73
C SER MA 134 106.50 -85.48 12.55
N PHE MA 135 106.97 -84.27 12.77
CA PHE MA 135 106.81 -83.25 11.75
C PHE MA 135 107.57 -81.99 12.14
N MET MA 136 107.41 -80.97 11.31
CA MET MA 136 108.06 -79.68 11.46
C MET MA 136 107.00 -78.59 11.40
N LEU MA 137 107.37 -77.39 11.81
CA LEU MA 137 106.46 -76.25 11.75
C LEU MA 137 107.22 -75.05 11.21
N GLY MA 138 106.87 -74.62 10.00
CA GLY MA 138 107.51 -73.47 9.38
C GLY MA 138 106.59 -72.27 9.39
N SER MA 139 107.14 -71.13 9.80
CA SER MA 139 106.38 -69.89 9.78
C SER MA 139 107.31 -68.72 9.52
N TYR MA 140 106.74 -67.65 8.99
CA TYR MA 140 107.47 -66.43 8.72
C TYR MA 140 106.57 -65.24 8.99
N SER MA 141 107.17 -64.13 9.39
CA SER MA 141 106.42 -62.92 9.70
C SER MA 141 107.28 -61.72 9.34
N VAL MA 142 106.62 -60.58 9.13
CA VAL MA 142 107.33 -59.33 9.05
C VAL MA 142 107.59 -58.77 10.44
N ASN MA 143 106.69 -59.05 11.38
CA ASN MA 143 106.89 -58.67 12.77
C ASN MA 143 107.60 -59.74 13.59
N ASP MA 144 107.82 -60.92 13.02
CA ASP MA 144 108.48 -61.97 13.77
C ASP MA 144 109.66 -62.58 13.05
N GLY MA 145 109.58 -62.76 11.74
CA GLY MA 145 110.64 -63.40 11.00
C GLY MA 145 110.39 -64.89 10.81
N ALA MA 146 111.48 -65.61 10.58
CA ALA MA 146 111.43 -67.04 10.32
C ALA MA 146 111.50 -67.80 11.64
N GLN MA 147 110.53 -68.70 11.86
CA GLN MA 147 110.53 -69.57 13.02
C GLN MA 147 110.20 -70.99 12.59
N LEU MA 148 110.98 -71.93 13.14
CA LEU MA 148 110.87 -73.33 12.77
C LEU MA 148 110.83 -74.16 14.04
N TYR MA 149 109.79 -74.97 14.19
CA TYR MA 149 109.61 -75.81 15.37
C TYR MA 149 109.60 -77.28 14.97
N MET MA 150 109.69 -78.13 15.99
CA MET MA 150 109.85 -79.57 15.83
C MET MA 150 109.05 -80.27 16.91
N ILE MA 151 108.41 -81.39 16.57
CA ILE MA 151 107.58 -82.11 17.51
C ILE MA 151 107.90 -83.59 17.43
N ASP MA 152 108.08 -84.21 18.59
CA ASP MA 152 108.34 -85.64 18.69
C ASP MA 152 107.05 -86.38 18.98
N PRO MA 153 107.09 -87.72 18.93
CA PRO MA 153 105.93 -88.50 19.38
C PRO MA 153 105.60 -88.28 20.84
N SER MA 154 106.61 -88.13 21.70
CA SER MA 154 106.35 -87.99 23.12
C SER MA 154 105.61 -86.70 23.44
N GLY MA 155 106.00 -85.59 22.83
CA GLY MA 155 105.33 -84.33 23.08
C GLY MA 155 106.27 -83.16 23.24
N VAL MA 156 107.57 -83.43 23.19
CA VAL MA 156 108.56 -82.36 23.23
C VAL MA 156 108.46 -81.55 21.94
N SER MA 157 108.59 -80.23 22.04
CA SER MA 157 108.48 -79.36 20.89
C SER MA 157 109.18 -78.05 21.17
N TYR MA 158 109.96 -77.58 20.20
CA TYR MA 158 110.67 -76.31 20.32
C TYR MA 158 111.25 -75.97 18.96
N GLY MA 159 112.16 -75.00 18.92
CA GLY MA 159 112.66 -74.46 17.68
C GLY MA 159 114.05 -74.95 17.29
N TYR MA 160 114.41 -74.62 16.06
CA TYR MA 160 115.75 -74.87 15.53
C TYR MA 160 116.07 -73.78 14.53
N TRP MA 161 117.29 -73.83 13.99
CA TRP MA 161 117.55 -73.21 12.71
C TRP MA 161 117.52 -74.25 11.60
N GLY MA 162 117.70 -75.52 11.96
CA GLY MA 162 117.55 -76.62 11.04
C GLY MA 162 117.34 -77.90 11.80
N CYS MA 163 116.73 -78.87 11.15
CA CYS MA 163 116.46 -80.17 11.78
C CYS MA 163 116.17 -81.19 10.70
N ALA MA 164 116.28 -82.46 11.09
CA ALA MA 164 116.10 -83.56 10.16
C ALA MA 164 115.27 -84.65 10.82
N ILE MA 165 114.60 -85.44 9.99
CA ILE MA 165 113.73 -86.52 10.44
C ILE MA 165 113.79 -87.64 9.41
N GLY MA 166 113.78 -88.87 9.89
CA GLY MA 166 113.77 -90.05 9.05
C GLY MA 166 114.92 -90.96 9.42
N LYS MA 167 115.11 -91.99 8.61
CA LYS MA 167 116.21 -92.91 8.85
C LYS MA 167 117.54 -92.17 8.79
N ALA MA 168 117.88 -91.64 7.63
CA ALA MA 168 119.11 -90.86 7.52
C ALA MA 168 118.95 -89.53 8.24
N ARG MA 169 119.19 -89.53 9.55
CA ARG MA 169 118.95 -88.35 10.37
C ARG MA 169 120.26 -87.77 10.92
N GLN MA 170 121.02 -88.56 11.66
CA GLN MA 170 122.25 -88.05 12.24
C GLN MA 170 123.28 -87.77 11.14
N ALA MA 171 123.46 -88.71 10.23
CA ALA MA 171 124.31 -88.46 9.07
C ALA MA 171 123.81 -87.27 8.27
N ALA MA 172 122.50 -87.09 8.17
CA ALA MA 172 121.95 -85.96 7.47
C ALA MA 172 122.31 -84.63 8.11
N LYS MA 173 122.12 -84.50 9.41
CA LYS MA 173 122.39 -83.26 10.12
C LYS MA 173 123.88 -82.93 10.16
N THR MA 174 124.74 -83.89 9.82
CA THR MA 174 126.18 -83.64 9.87
C THR MA 174 126.60 -82.52 8.93
N GLU MA 175 126.46 -82.74 7.63
CA GLU MA 175 126.78 -81.71 6.65
C GLU MA 175 125.82 -80.54 6.70
N ILE MA 176 124.66 -80.70 7.34
CA ILE MA 176 123.72 -79.60 7.47
C ILE MA 176 124.36 -78.44 8.22
N GLU MA 177 125.00 -78.73 9.35
CA GLU MA 177 125.67 -77.67 10.09
C GLU MA 177 126.89 -77.14 9.35
N LYS MA 178 127.38 -77.85 8.33
CA LYS MA 178 128.49 -77.36 7.53
C LYS MA 178 128.17 -76.03 6.86
N LEU MA 179 126.91 -75.81 6.51
CA LEU MA 179 126.54 -74.60 5.81
C LEU MA 179 126.46 -73.42 6.75
N GLN MA 180 126.76 -72.24 6.22
CA GLN MA 180 126.37 -71.02 6.88
C GLN MA 180 124.87 -70.85 6.73
N MET MA 181 124.26 -70.21 7.72
CA MET MA 181 122.81 -70.21 7.79
C MET MA 181 122.28 -68.81 8.08
N LYS MA 182 123.09 -67.99 8.74
CA LYS MA 182 122.65 -66.65 9.10
C LYS MA 182 122.37 -65.79 7.88
N GLU MA 183 123.37 -65.59 7.04
CA GLU MA 183 123.28 -64.64 5.94
C GLU MA 183 122.71 -65.26 4.67
N MET MA 184 122.56 -66.57 4.62
CA MET MA 184 122.12 -67.23 3.40
C MET MA 184 120.72 -66.80 3.02
N THR MA 185 120.48 -66.73 1.71
CA THR MA 185 119.14 -66.53 1.19
C THR MA 185 118.50 -67.88 0.96
N CYS MA 186 117.21 -67.96 1.28
CA CYS MA 186 116.49 -69.21 1.08
C CYS MA 186 116.49 -69.66 -0.37
N ARG MA 187 116.57 -68.74 -1.32
CA ARG MA 187 116.64 -69.15 -2.72
C ARG MA 187 117.91 -69.95 -2.98
N ASP MA 188 119.05 -69.49 -2.46
CA ASP MA 188 120.26 -70.30 -2.54
C ASP MA 188 120.11 -71.59 -1.75
N ILE MA 189 119.47 -71.51 -0.58
CA ILE MA 189 119.38 -72.69 0.28
C ILE MA 189 118.52 -73.77 -0.38
N VAL MA 190 117.65 -73.39 -1.31
CA VAL MA 190 116.86 -74.37 -2.03
C VAL MA 190 117.76 -75.34 -2.77
N LYS MA 191 118.57 -74.83 -3.70
CA LYS MA 191 119.57 -75.64 -4.35
C LYS MA 191 120.58 -76.20 -3.35
N GLU MA 192 120.74 -75.57 -2.19
CA GLU MA 192 121.59 -76.14 -1.16
C GLU MA 192 121.08 -77.51 -0.74
N VAL MA 193 119.84 -77.57 -0.25
CA VAL MA 193 119.31 -78.81 0.31
C VAL MA 193 119.25 -79.91 -0.73
N ALA MA 194 119.14 -79.54 -2.01
CA ALA MA 194 119.02 -80.53 -3.07
C ALA MA 194 120.23 -81.46 -3.11
N LYS MA 195 121.41 -80.95 -2.76
CA LYS MA 195 122.55 -81.84 -2.65
C LYS MA 195 122.57 -82.57 -1.32
N ILE MA 196 121.90 -82.04 -0.31
CA ILE MA 196 121.75 -82.81 0.93
C ILE MA 196 120.95 -84.07 0.66
N ILE MA 197 119.73 -83.93 0.16
CA ILE MA 197 118.90 -85.12 -0.09
C ILE MA 197 119.47 -85.92 -1.25
N TYR MA 198 119.92 -85.23 -2.29
CA TYR MA 198 120.53 -85.88 -3.44
C TYR MA 198 121.71 -86.77 -3.04
N ILE MA 199 122.58 -86.27 -2.17
CA ILE MA 199 123.73 -87.05 -1.74
C ILE MA 199 123.30 -88.16 -0.78
N VAL MA 200 122.45 -87.82 0.18
CA VAL MA 200 122.00 -88.80 1.16
C VAL MA 200 121.12 -89.83 0.45
N HIS MA 201 120.96 -90.99 1.07
CA HIS MA 201 120.11 -92.06 0.53
C HIS MA 201 120.58 -92.51 -0.85
N ASP MA 202 121.72 -93.19 -0.85
CA ASP MA 202 122.14 -93.90 -2.05
C ASP MA 202 121.03 -94.83 -2.52
N GLU MA 203 121.02 -95.08 -3.83
CA GLU MA 203 119.95 -95.85 -4.46
C GLU MA 203 120.10 -97.34 -4.23
N VAL MA 204 121.13 -97.79 -3.51
CA VAL MA 204 121.28 -99.22 -3.24
C VAL MA 204 120.10 -99.72 -2.43
N LYS MA 205 119.64 -98.94 -1.46
CA LYS MA 205 118.43 -99.30 -0.74
C LYS MA 205 117.22 -99.19 -1.65
N ASP MA 206 116.99 -98.00 -2.21
CA ASP MA 206 115.90 -97.75 -3.13
C ASP MA 206 116.40 -96.89 -4.28
N LYS MA 207 116.14 -97.34 -5.51
CA LYS MA 207 116.60 -96.58 -6.67
C LYS MA 207 115.64 -95.44 -6.99
N ALA MA 208 114.36 -95.63 -6.72
CA ALA MA 208 113.33 -94.68 -7.14
C ALA MA 208 112.89 -93.82 -5.98
N PHE MA 209 113.48 -92.64 -5.88
CA PHE MA 209 113.03 -91.61 -4.94
C PHE MA 209 112.65 -90.38 -5.74
N GLU MA 210 112.38 -89.29 -5.02
CA GLU MA 210 111.93 -88.07 -5.66
C GLU MA 210 111.90 -86.97 -4.60
N LEU MA 211 112.23 -85.76 -5.03
CA LEU MA 211 112.40 -84.63 -4.12
C LEU MA 211 111.14 -83.79 -4.07
N GLU MA 212 110.76 -83.37 -2.87
CA GLU MA 212 109.70 -82.40 -2.66
C GLU MA 212 110.27 -81.20 -1.92
N LEU MA 213 109.81 -80.02 -2.31
CA LEU MA 213 110.37 -78.77 -1.79
C LEU MA 213 109.25 -77.79 -1.48
N SER MA 214 108.98 -77.60 -0.20
CA SER MA 214 108.14 -76.51 0.25
C SER MA 214 109.00 -75.30 0.55
N TRP MA 215 108.38 -74.13 0.56
CA TRP MA 215 109.16 -72.90 0.63
C TRP MA 215 108.27 -71.76 1.09
N VAL MA 216 108.61 -71.15 2.22
CA VAL MA 216 107.88 -70.00 2.73
C VAL MA 216 108.89 -68.98 3.19
N GLY MA 217 108.44 -67.74 3.37
CA GLY MA 217 109.32 -66.72 3.91
C GLY MA 217 108.99 -65.37 3.32
N GLU MA 218 110.01 -64.51 3.32
CA GLU MA 218 109.81 -63.14 2.86
C GLU MA 218 109.37 -63.09 1.40
N LEU MA 219 110.09 -63.77 0.50
CA LEU MA 219 109.76 -63.69 -0.92
C LEU MA 219 108.37 -64.25 -1.18
N THR MA 220 107.92 -65.18 -0.34
CA THR MA 220 106.58 -65.73 -0.42
C THR MA 220 105.54 -64.77 0.17
N ASN MA 221 105.98 -63.63 0.68
CA ASN MA 221 105.07 -62.62 1.24
C ASN MA 221 104.34 -63.15 2.46
N GLY MA 222 104.97 -64.06 3.20
CA GLY MA 222 104.35 -64.73 4.30
C GLY MA 222 103.45 -65.88 3.92
N ARG MA 223 102.87 -65.85 2.72
CA ARG MA 223 102.09 -66.98 2.24
C ARG MA 223 102.98 -68.19 2.07
N HIS MA 224 102.48 -69.34 2.52
CA HIS MA 224 103.16 -70.61 2.31
C HIS MA 224 102.72 -71.18 0.97
N GLU MA 225 103.69 -71.68 0.20
CA GLU MA 225 103.40 -72.40 -1.03
C GLU MA 225 104.58 -73.33 -1.33
N ILE MA 226 104.31 -74.31 -2.17
CA ILE MA 226 105.39 -75.16 -2.65
C ILE MA 226 106.34 -74.34 -3.52
N VAL MA 227 107.59 -74.79 -3.57
CA VAL MA 227 108.56 -74.18 -4.47
C VAL MA 227 108.05 -74.33 -5.90
N PRO MA 228 108.37 -73.44 -6.79
CA PRO MA 228 108.19 -73.76 -8.21
C PRO MA 228 109.24 -74.80 -8.58
N LYS MA 229 108.82 -76.05 -8.69
CA LYS MA 229 109.75 -77.17 -8.66
C LYS MA 229 110.35 -77.45 -10.03
N ASP MA 230 109.51 -77.81 -10.99
CA ASP MA 230 109.92 -77.82 -12.39
C ASP MA 230 110.48 -76.47 -12.79
N ILE MA 231 109.94 -75.39 -12.21
CA ILE MA 231 110.44 -74.06 -12.48
C ILE MA 231 111.85 -73.93 -11.94
N ARG MA 232 112.77 -73.57 -12.84
CA ARG MA 232 114.12 -73.18 -12.50
C ARG MA 232 115.01 -74.35 -12.10
N GLU MA 233 114.40 -75.49 -11.74
CA GLU MA 233 114.97 -76.84 -11.73
C GLU MA 233 116.46 -76.87 -11.35
N GLU MA 234 116.86 -76.07 -10.38
CA GLU MA 234 118.25 -76.00 -10.01
C GLU MA 234 118.61 -76.95 -8.89
N ALA MA 235 117.61 -77.50 -8.21
CA ALA MA 235 117.87 -78.57 -7.25
C ALA MA 235 118.56 -79.73 -7.93
N GLU MA 236 118.10 -80.10 -9.13
CA GLU MA 236 118.64 -81.25 -9.80
C GLU MA 236 119.95 -80.94 -10.51
N LYS MA 237 120.01 -79.83 -11.24
CA LYS MA 237 121.25 -79.49 -11.94
C LYS MA 237 122.37 -79.23 -10.95
N TYR MA 238 122.14 -78.31 -10.02
CA TYR MA 238 123.12 -77.99 -9.00
C TYR MA 238 123.31 -79.14 -8.01
N ALA MA 239 122.38 -80.10 -7.98
CA ALA MA 239 122.53 -81.24 -7.10
C ALA MA 239 123.42 -82.31 -7.72
N LYS MA 240 123.20 -82.64 -8.99
CA LYS MA 240 123.90 -83.74 -9.64
C LYS MA 240 125.38 -83.48 -9.84
N GLU MA 241 125.83 -82.26 -9.59
CA GLU MA 241 127.23 -81.91 -9.68
C GLU MA 241 128.08 -82.52 -8.58
N SER MA 242 127.47 -83.28 -7.67
CA SER MA 242 128.18 -84.00 -6.63
C SER MA 242 128.61 -85.39 -7.08
N LEU MA 243 128.78 -85.58 -8.40
CA LEU MA 243 129.21 -86.86 -8.93
C LEU MA 243 130.55 -87.32 -8.36
N LYS MA 244 131.41 -86.39 -7.95
CA LYS MA 244 132.71 -86.74 -7.41
C LYS MA 244 133.01 -85.93 -6.16
N THR NA 34 75.08 -39.87 31.41
CA THR NA 34 76.35 -40.54 31.16
C THR NA 34 76.89 -40.16 29.79
N THR NA 35 78.20 -39.93 29.70
CA THR NA 35 78.82 -39.54 28.46
C THR NA 35 80.28 -39.95 28.47
N ILE NA 36 80.70 -40.57 27.36
CA ILE NA 36 82.03 -41.13 27.19
C ILE NA 36 82.67 -40.50 25.96
N MET NA 37 83.97 -40.27 26.06
CA MET NA 37 84.73 -39.50 25.09
C MET NA 37 86.08 -40.18 24.87
N ALA NA 38 86.43 -40.39 23.60
CA ALA NA 38 87.69 -41.05 23.27
C ALA NA 38 88.25 -40.44 22.00
N VAL NA 39 89.54 -40.12 22.00
CA VAL NA 39 90.21 -39.57 20.83
C VAL NA 39 91.66 -40.03 20.84
N GLN NA 40 92.16 -40.42 19.67
CA GLN NA 40 93.56 -40.79 19.57
C GLN NA 40 94.37 -39.64 18.98
N PHE NA 41 95.64 -39.60 19.37
CA PHE NA 41 96.57 -38.62 18.83
C PHE NA 41 97.86 -39.34 18.49
N ASP NA 42 98.91 -38.58 18.17
CA ASP NA 42 100.14 -39.19 17.70
C ASP NA 42 100.80 -40.03 18.79
N GLY NA 43 101.17 -39.40 19.90
CA GLY NA 43 101.88 -40.12 20.94
C GLY NA 43 101.09 -41.26 21.54
N GLY NA 44 99.78 -41.10 21.63
CA GLY NA 44 98.94 -42.13 22.19
C GLY NA 44 97.47 -41.80 22.03
N VAL NA 45 96.69 -42.06 23.07
CA VAL NA 45 95.25 -41.80 23.05
C VAL NA 45 94.85 -41.13 24.35
N VAL NA 46 93.64 -40.58 24.34
CA VAL NA 46 93.09 -39.83 25.45
C VAL NA 46 91.63 -40.22 25.61
N LEU NA 47 91.23 -40.48 26.85
CA LEU NA 47 89.88 -40.88 27.19
C LEU NA 47 89.33 -39.98 28.28
N GLY NA 48 88.01 -40.01 28.43
CA GLY NA 48 87.35 -39.23 29.44
C GLY NA 48 85.88 -39.53 29.51
N ALA NA 49 85.22 -39.08 30.57
CA ALA NA 49 83.78 -39.30 30.71
C ALA NA 49 83.27 -38.55 31.92
N ASP NA 50 81.95 -38.52 32.05
CA ASP NA 50 81.34 -37.95 33.23
C ASP NA 50 81.32 -38.99 34.35
N SER NA 51 81.07 -38.55 35.58
CA SER NA 51 81.03 -39.46 36.71
C SER NA 51 79.63 -39.73 37.21
N ARG NA 52 78.60 -39.25 36.52
CA ARG NA 52 77.25 -39.24 37.04
C ARG NA 52 76.55 -40.56 36.77
N THR NA 53 75.95 -41.13 37.80
CA THR NA 53 75.23 -42.39 37.70
C THR NA 53 73.85 -42.22 38.32
N THR NA 54 72.81 -42.48 37.54
CA THR NA 54 71.45 -42.19 37.97
C THR NA 54 70.58 -43.44 37.87
N THR NA 55 69.30 -43.25 38.19
CA THR NA 55 68.32 -44.32 38.12
C THR NA 55 66.95 -43.66 38.09
N GLY NA 56 66.16 -43.94 37.05
CA GLY NA 56 64.91 -43.25 36.86
C GLY NA 56 65.13 -41.77 36.77
N SER NA 57 64.72 -41.03 37.81
CA SER NA 57 65.02 -39.63 37.93
C SER NA 57 65.70 -39.34 39.26
N TYR NA 58 66.52 -40.27 39.73
CA TYR NA 58 67.30 -40.09 40.95
C TYR NA 58 68.78 -40.25 40.66
N ILE NA 59 69.59 -39.40 41.29
CA ILE NA 59 71.04 -39.49 41.18
C ILE NA 59 71.50 -40.60 42.11
N ALA NA 60 71.62 -41.81 41.57
CA ALA NA 60 72.09 -42.92 42.38
C ALA NA 60 73.52 -42.71 42.85
N ASN NA 61 74.35 -42.06 42.04
CA ASN NA 61 75.74 -41.81 42.38
C ASN NA 61 76.19 -40.51 41.75
N ARG NA 62 76.89 -39.69 42.54
CA ARG NA 62 77.47 -38.47 41.99
C ARG NA 62 78.64 -38.79 41.07
N VAL NA 63 79.69 -39.40 41.62
CA VAL NA 63 80.92 -39.65 40.90
C VAL NA 63 81.07 -41.14 40.70
N THR NA 64 81.54 -41.55 39.52
CA THR NA 64 81.65 -42.97 39.22
C THR NA 64 82.76 -43.15 38.18
N ASP NA 65 83.44 -44.30 38.25
CA ASP NA 65 84.55 -44.60 37.35
C ASP NA 65 83.99 -45.22 36.08
N LYS NA 66 83.67 -44.39 35.09
CA LYS NA 66 83.24 -44.92 33.80
C LYS NA 66 84.38 -45.63 33.10
N LEU NA 67 85.59 -45.07 33.18
CA LEU NA 67 86.76 -45.68 32.57
C LEU NA 67 87.09 -46.99 33.27
N THR NA 68 87.86 -47.83 32.59
CA THR NA 68 88.22 -49.14 33.13
C THR NA 68 89.62 -49.53 32.68
N PRO NA 69 90.51 -49.84 33.61
CA PRO NA 69 91.85 -50.30 33.25
C PRO NA 69 91.91 -51.78 32.94
N ILE NA 70 91.64 -52.19 31.70
CA ILE NA 70 91.75 -53.60 31.35
C ILE NA 70 93.19 -54.06 31.50
N HIS NA 71 94.08 -53.44 30.74
CA HIS NA 71 95.50 -53.72 30.78
C HIS NA 71 96.22 -52.39 30.96
N ASP NA 72 97.51 -52.46 31.26
CA ASP NA 72 98.29 -51.26 31.53
C ASP NA 72 98.32 -50.29 30.36
N ARG NA 73 97.89 -50.68 29.18
CA ARG NA 73 97.88 -49.71 28.09
C ARG NA 73 96.54 -49.74 27.37
N ILE NA 74 95.54 -50.36 27.99
CA ILE NA 74 94.24 -50.57 27.38
C ILE NA 74 93.15 -50.25 28.39
N PHE NA 75 92.38 -49.21 28.11
CA PHE NA 75 91.21 -48.85 28.90
C PHE NA 75 89.95 -49.03 28.07
N CYS NA 76 88.82 -49.03 28.76
CA CYS NA 76 87.53 -49.07 28.09
C CYS NA 76 86.54 -48.19 28.85
N CYS NA 77 85.77 -47.41 28.10
CA CYS NA 77 84.67 -46.66 28.65
C CYS NA 77 83.37 -47.39 28.34
N ARG NA 78 82.56 -47.57 29.38
CA ARG NA 78 81.34 -48.37 29.28
C ARG NA 78 80.11 -47.46 29.41
N SER NA 79 79.00 -47.92 28.86
CA SER NA 79 77.78 -47.14 28.88
C SER NA 79 76.59 -48.07 28.70
N GLY NA 80 75.43 -47.61 29.12
CA GLY NA 80 74.21 -48.39 29.06
C GLY NA 80 73.90 -49.02 30.42
N SER NA 81 73.64 -50.32 30.42
CA SER NA 81 73.44 -51.03 31.67
C SER NA 81 74.70 -50.97 32.52
N ALA NA 82 74.52 -51.15 33.83
CA ALA NA 82 75.66 -51.14 34.73
C ALA NA 82 76.24 -52.53 34.92
N ALA NA 83 75.44 -53.45 35.45
CA ALA NA 83 75.92 -54.80 35.70
C ALA NA 83 76.40 -55.48 34.43
N ASP NA 84 75.75 -55.20 33.29
CA ASP NA 84 76.21 -55.77 32.03
C ASP NA 84 77.64 -55.36 31.74
N THR NA 85 77.88 -54.05 31.67
CA THR NA 85 79.22 -53.54 31.38
C THR NA 85 80.24 -54.01 32.40
N GLN NA 86 79.88 -54.01 33.69
CA GLN NA 86 80.84 -54.45 34.69
C GLN NA 86 81.22 -55.91 34.52
N ALA NA 87 80.22 -56.79 34.44
CA ALA NA 87 80.52 -58.22 34.27
C ALA NA 87 81.29 -58.49 32.99
N VAL NA 88 80.88 -57.89 31.88
CA VAL NA 88 81.60 -58.07 30.62
C VAL NA 88 83.05 -57.61 30.77
N ALA NA 89 83.26 -56.46 31.41
CA ALA NA 89 84.61 -56.00 31.67
C ALA NA 89 85.41 -57.01 32.47
N ASP NA 90 84.79 -57.63 33.48
CA ASP NA 90 85.50 -58.62 34.27
C ASP NA 90 85.91 -59.81 33.43
N ALA NA 91 84.97 -60.35 32.65
CA ALA NA 91 85.28 -61.53 31.85
C ALA NA 91 86.36 -61.23 30.81
N VAL NA 92 86.22 -60.12 30.09
CA VAL NA 92 87.21 -59.75 29.07
C VAL NA 92 88.56 -59.54 29.71
N THR NA 93 88.59 -58.92 30.90
CA THR NA 93 89.84 -58.84 31.64
C THR NA 93 90.39 -60.22 31.96
N TYR NA 94 89.50 -61.18 32.20
CA TYR NA 94 89.95 -62.54 32.47
C TYR NA 94 90.64 -63.15 31.27
N GLN NA 95 89.90 -63.31 30.16
CA GLN NA 95 90.47 -63.96 28.98
C GLN NA 95 91.68 -63.22 28.46
N LEU NA 96 91.59 -61.89 28.35
CA LEU NA 96 92.74 -61.14 27.87
C LEU NA 96 93.93 -61.27 28.81
N GLY NA 97 93.69 -61.22 30.11
CA GLY NA 97 94.79 -61.36 31.05
C GLY NA 97 95.50 -62.69 30.93
N PHE NA 98 94.74 -63.78 30.97
CA PHE NA 98 95.34 -65.10 30.82
C PHE NA 98 96.06 -65.22 29.48
N HIS NA 99 95.37 -64.90 28.40
CA HIS NA 99 95.92 -65.05 27.07
C HIS NA 99 97.21 -64.26 26.90
N SER NA 100 97.27 -63.05 27.46
CA SER NA 100 98.51 -62.30 27.43
C SER NA 100 99.62 -63.02 28.17
N ILE NA 101 99.30 -63.62 29.31
CA ILE NA 101 100.33 -64.34 30.07
C ILE NA 101 100.88 -65.49 29.25
N GLU NA 102 100.01 -66.22 28.57
CA GLU NA 102 100.51 -67.26 27.67
C GLU NA 102 101.31 -66.66 26.53
N LEU NA 103 100.90 -65.49 26.04
CA LEU NA 103 101.61 -64.85 24.95
C LEU NA 103 103.04 -64.50 25.34
N ASN NA 104 103.23 -64.14 26.60
CA ASN NA 104 104.51 -63.64 27.07
C ASN NA 104 104.90 -62.38 26.30
N GLU NA 105 103.88 -61.59 25.97
CA GLU NA 105 104.04 -60.39 25.16
C GLU NA 105 102.89 -59.45 25.45
N PRO NA 106 103.01 -58.19 25.06
CA PRO NA 106 101.92 -57.23 25.27
C PRO NA 106 100.71 -57.58 24.42
N PRO NA 107 99.51 -57.34 24.91
CA PRO NA 107 98.32 -57.62 24.11
C PRO NA 107 98.10 -56.56 23.03
N LEU NA 108 97.20 -56.89 22.11
CA LEU NA 108 96.87 -55.98 21.02
C LEU NA 108 95.46 -55.42 21.19
N VAL NA 109 95.37 -54.09 21.07
CA VAL NA 109 94.10 -53.40 21.24
C VAL NA 109 93.04 -53.94 20.30
N HIS NA 110 93.41 -54.18 19.04
CA HIS NA 110 92.49 -54.81 18.11
C HIS NA 110 92.01 -56.16 18.62
N THR NA 111 92.89 -56.91 19.27
CA THR NA 111 92.49 -58.17 19.87
C THR NA 111 91.44 -57.94 20.96
N ALA NA 112 91.73 -57.01 21.87
CA ALA NA 112 90.82 -56.74 22.97
C ALA NA 112 89.44 -56.34 22.47
N ALA NA 113 89.39 -55.40 21.52
CA ALA NA 113 88.11 -55.08 20.91
C ALA NA 113 87.47 -56.28 20.25
N SER NA 114 88.27 -57.15 19.65
CA SER NA 114 87.74 -58.38 19.08
C SER NA 114 86.99 -59.20 20.11
N LEU NA 115 87.52 -59.28 21.34
CA LEU NA 115 86.81 -59.99 22.39
C LEU NA 115 85.43 -59.41 22.65
N PHE NA 116 85.36 -58.10 22.90
CA PHE NA 116 84.07 -57.47 23.16
C PHE NA 116 83.10 -57.65 22.00
N LYS NA 117 83.61 -57.62 20.77
CA LYS NA 117 82.73 -57.94 19.65
C LYS NA 117 82.19 -59.36 19.77
N GLU NA 118 83.05 -60.30 20.17
CA GLU NA 118 82.60 -61.67 20.33
C GLU NA 118 81.49 -61.79 21.36
N MET NA 119 81.72 -61.29 22.57
CA MET NA 119 80.70 -61.45 23.60
C MET NA 119 79.43 -60.67 23.27
N CYS NA 120 79.58 -59.38 22.93
CA CYS NA 120 78.42 -58.55 22.67
C CYS NA 120 77.58 -59.09 21.54
N TYR NA 121 78.21 -59.43 20.42
CA TYR NA 121 77.44 -60.04 19.34
C TYR NA 121 76.84 -61.37 19.75
N ARG NA 122 77.56 -62.12 20.58
CA ARG NA 122 77.06 -63.44 20.97
C ARG NA 122 75.80 -63.33 21.81
N TYR NA 123 75.71 -62.35 22.68
CA TYR NA 123 74.57 -62.20 23.56
C TYR NA 123 73.91 -60.85 23.35
N ARG NA 124 73.76 -60.45 22.09
CA ARG NA 124 73.13 -59.18 21.78
C ARG NA 124 71.69 -59.12 22.25
N GLU NA 125 71.04 -60.27 22.43
CA GLU NA 125 69.65 -60.30 22.84
C GLU NA 125 69.46 -60.03 24.33
N ASP NA 126 70.53 -59.87 25.10
CA ASP NA 126 70.40 -59.75 26.53
C ASP NA 126 71.25 -58.65 27.15
N LEU NA 127 71.84 -57.77 26.35
CA LEU NA 127 72.79 -56.81 26.88
C LEU NA 127 72.51 -55.44 26.30
N MET NA 128 72.93 -54.41 27.04
CA MET NA 128 72.80 -53.01 26.62
C MET NA 128 74.12 -52.33 26.95
N ALA NA 129 75.07 -52.38 26.02
CA ALA NA 129 76.41 -51.88 26.24
C ALA NA 129 76.83 -50.96 25.10
N GLY NA 130 77.49 -49.86 25.45
CA GLY NA 130 78.04 -48.95 24.47
C GLY NA 130 79.54 -48.90 24.56
N ILE NA 131 80.18 -50.07 24.68
CA ILE NA 131 81.58 -50.12 25.07
C ILE NA 131 82.45 -49.51 24.00
N ILE NA 132 83.39 -48.66 24.41
CA ILE NA 132 84.42 -48.14 23.53
C ILE NA 132 85.77 -48.50 24.14
N ILE NA 133 86.64 -49.09 23.33
CA ILE NA 133 87.93 -49.57 23.79
C ILE NA 133 88.99 -48.63 23.24
N ALA NA 134 90.06 -48.42 24.00
CA ALA NA 134 91.16 -47.61 23.55
C ALA NA 134 92.42 -48.04 24.25
N GLY NA 135 93.55 -47.57 23.74
CA GLY NA 135 94.81 -47.82 24.43
C GLY NA 135 95.98 -47.70 23.50
N TRP NA 136 97.14 -47.46 24.10
CA TRP NA 136 98.37 -47.37 23.34
C TRP NA 136 98.92 -48.76 23.09
N ASP NA 137 99.43 -48.96 21.88
CA ASP NA 137 100.10 -50.20 21.58
C ASP NA 137 101.51 -49.93 21.10
N PRO NA 138 102.47 -50.78 21.48
CA PRO NA 138 103.81 -50.63 20.92
C PRO NA 138 103.85 -50.89 19.44
N GLN NA 139 103.15 -51.92 18.98
CA GLN NA 139 103.18 -52.26 17.56
C GLN NA 139 102.46 -51.22 16.71
N GLU NA 140 101.48 -50.52 17.28
CA GLU NA 140 100.67 -49.61 16.48
C GLU NA 140 100.30 -48.30 17.17
N GLY NA 141 100.93 -47.97 18.29
CA GLY NA 141 100.64 -46.70 18.93
C GLY NA 141 99.22 -46.67 19.49
N GLY NA 142 98.68 -45.45 19.59
CA GLY NA 142 97.34 -45.29 20.13
C GLY NA 142 96.29 -45.86 19.19
N GLN NA 143 95.26 -46.46 19.78
CA GLN NA 143 94.16 -47.03 19.02
C GLN NA 143 92.85 -46.79 19.74
N VAL NA 144 91.81 -46.58 18.95
CA VAL NA 144 90.45 -46.37 19.42
C VAL NA 144 89.52 -47.25 18.60
N TYR NA 145 88.68 -48.02 19.28
CA TYR NA 145 87.69 -48.84 18.62
C TYR NA 145 86.33 -48.64 19.26
N SER NA 146 85.30 -48.68 18.41
CA SER NA 146 83.93 -48.41 18.80
C SER NA 146 83.18 -49.73 18.88
N VAL NA 147 82.36 -49.87 19.91
CA VAL NA 147 81.54 -51.05 20.13
C VAL NA 147 80.16 -50.61 20.58
N PRO NA 148 79.26 -50.37 19.65
CA PRO NA 148 77.91 -49.94 20.02
C PRO NA 148 77.08 -51.10 20.53
N MET NA 149 75.82 -50.83 20.89
CA MET NA 149 74.98 -51.88 21.45
C MET NA 149 74.71 -52.99 20.45
N GLY NA 150 74.83 -52.73 19.15
CA GLY NA 150 74.53 -53.75 18.18
C GLY NA 150 75.47 -54.95 18.28
N GLY NA 151 76.76 -54.71 18.32
CA GLY NA 151 77.72 -55.79 18.36
C GLY NA 151 78.76 -55.64 17.26
N MET NA 152 78.65 -54.58 16.48
CA MET NA 152 79.63 -54.30 15.45
C MET NA 152 80.91 -53.75 16.07
N MET NA 153 81.97 -53.73 15.28
CA MET NA 153 83.25 -53.18 15.70
C MET NA 153 83.78 -52.28 14.60
N VAL NA 154 84.48 -51.22 14.99
CA VAL NA 154 85.02 -50.27 14.02
C VAL NA 154 86.08 -49.43 14.71
N ARG NA 155 87.09 -49.04 13.94
CA ARG NA 155 88.11 -48.12 14.39
C ARG NA 155 87.76 -46.71 13.91
N GLN NA 156 88.18 -45.71 14.66
CA GLN NA 156 87.90 -44.32 14.33
C GLN NA 156 89.07 -43.43 14.71
N SER NA 157 89.01 -42.20 14.23
CA SER NA 157 89.90 -41.17 14.73
C SER NA 157 89.46 -40.65 16.08
N PHE NA 158 88.17 -40.79 16.39
CA PHE NA 158 87.63 -40.39 17.68
C PHE NA 158 86.21 -40.88 17.79
N ALA NA 159 85.83 -41.37 18.95
CA ALA NA 159 84.51 -41.93 19.17
C ALA NA 159 83.91 -41.34 20.45
N ILE NA 160 82.59 -41.19 20.45
CA ILE NA 160 81.87 -40.67 21.59
C ILE NA 160 80.63 -41.53 21.80
N GLY NA 161 80.18 -41.58 23.05
CA GLY NA 161 79.03 -42.39 23.36
C GLY NA 161 78.31 -41.88 24.59
N GLY NA 162 77.18 -42.51 24.88
CA GLY NA 162 76.37 -42.14 26.02
C GLY NA 162 75.10 -41.43 25.61
N SER NA 163 74.23 -41.24 26.60
CA SER NA 163 72.94 -40.61 26.36
C SER NA 163 73.09 -39.21 25.82
N GLY NA 164 73.73 -38.31 26.56
CA GLY NA 164 73.91 -36.95 26.11
C GLY NA 164 74.80 -36.79 24.90
N SER NA 165 75.45 -37.86 24.45
CA SER NA 165 76.36 -37.81 23.32
C SER NA 165 75.70 -37.30 22.04
N SER NA 166 74.38 -37.39 21.94
CA SER NA 166 73.71 -36.86 20.76
C SER NA 166 73.67 -35.34 20.75
N TYR NA 167 74.04 -34.70 21.85
CA TYR NA 167 73.93 -33.25 21.95
C TYR NA 167 75.15 -32.51 21.44
N ILE NA 168 76.20 -33.21 21.02
CA ILE NA 168 77.49 -32.56 20.82
C ILE NA 168 78.09 -32.90 19.46
N TYR NA 169 77.30 -33.48 18.56
CA TYR NA 169 77.85 -33.83 17.25
C TYR NA 169 78.31 -32.60 16.49
N GLY NA 170 77.48 -31.56 16.46
CA GLY NA 170 77.84 -30.34 15.76
C GLY NA 170 79.11 -29.71 16.30
N TYR NA 171 79.21 -29.56 17.62
CA TYR NA 171 80.40 -28.94 18.19
C TYR NA 171 81.62 -29.81 17.97
N VAL NA 172 81.50 -31.11 18.17
CA VAL NA 172 82.67 -31.97 17.98
C VAL NA 172 83.12 -31.99 16.54
N ASP NA 173 82.20 -31.86 15.59
CA ASP NA 173 82.62 -31.95 14.19
C ASP NA 173 83.42 -30.74 13.76
N ALA NA 174 82.83 -29.55 13.80
CA ALA NA 174 83.56 -28.35 13.43
C ALA NA 174 84.71 -28.08 14.38
N THR NA 175 84.56 -28.47 15.64
CA THR NA 175 85.61 -28.22 16.62
C THR NA 175 86.85 -29.06 16.35
N TYR NA 176 86.66 -30.26 15.81
CA TYR NA 176 87.79 -31.15 15.59
C TYR NA 176 88.71 -30.61 14.51
N ARG NA 177 90.01 -30.85 14.68
CA ARG NA 177 91.00 -30.50 13.69
C ARG NA 177 92.07 -31.58 13.70
N GLU NA 178 92.46 -32.04 12.53
CA GLU NA 178 93.36 -33.18 12.43
C GLU NA 178 94.76 -32.81 12.92
N GLY NA 179 95.44 -33.79 13.52
CA GLY NA 179 96.83 -33.63 13.90
C GLY NA 179 97.03 -32.74 15.10
N MET NA 180 96.20 -32.92 16.12
CA MET NA 180 96.35 -32.13 17.33
C MET NA 180 97.43 -32.72 18.24
N THR NA 181 97.81 -31.95 19.25
CA THR NA 181 98.74 -32.43 20.25
C THR NA 181 97.94 -33.05 21.39
N LYS NA 182 98.65 -33.66 22.34
CA LYS NA 182 97.97 -34.31 23.46
C LYS NA 182 97.16 -33.31 24.27
N GLU NA 183 97.80 -32.23 24.74
CA GLU NA 183 97.10 -31.24 25.54
C GLU NA 183 95.96 -30.60 24.76
N GLU NA 184 96.16 -30.38 23.46
CA GLU NA 184 95.05 -29.95 22.61
C GLU NA 184 93.90 -30.93 22.70
N CYS NA 185 94.20 -32.24 22.72
CA CYS NA 185 93.15 -33.22 22.94
C CYS NA 185 92.50 -33.04 24.29
N LEU NA 186 93.29 -32.75 25.33
CA LEU NA 186 92.73 -32.56 26.66
C LEU NA 186 91.75 -31.40 26.70
N GLN NA 187 92.15 -30.22 26.21
CA GLN NA 187 91.22 -29.11 26.20
C GLN NA 187 90.01 -29.39 25.32
N PHE NA 188 90.23 -30.07 24.18
CA PHE NA 188 89.14 -30.43 23.28
C PHE NA 188 88.08 -31.24 24.02
N THR NA 189 88.45 -32.43 24.50
CA THR NA 189 87.54 -33.27 25.25
C THR NA 189 86.97 -32.56 26.46
N ALA NA 190 87.77 -31.72 27.12
CA ALA NA 190 87.29 -30.98 28.28
C ALA NA 190 86.10 -30.10 27.93
N ASN NA 191 86.24 -29.29 26.90
CA ASN NA 191 85.10 -28.49 26.45
C ASN NA 191 83.95 -29.37 26.00
N ALA NA 192 84.25 -30.50 25.36
CA ALA NA 192 83.18 -31.38 24.88
C ALA NA 192 82.33 -31.88 26.04
N LEU NA 193 82.92 -32.65 26.95
CA LEU NA 193 82.16 -33.19 28.07
C LEU NA 193 81.60 -32.08 28.95
N ALA NA 194 82.27 -30.92 28.97
CA ALA NA 194 81.69 -29.77 29.65
C ALA NA 194 80.34 -29.41 29.06
N LEU NA 195 80.27 -29.20 27.75
CA LEU NA 195 79.01 -28.84 27.12
C LEU NA 195 77.98 -29.94 27.28
N ALA NA 196 78.38 -31.19 27.08
CA ALA NA 196 77.43 -32.29 27.21
C ALA NA 196 76.85 -32.35 28.61
N MET NA 197 77.70 -32.34 29.63
CA MET NA 197 77.23 -32.33 31.00
C MET NA 197 76.32 -31.14 31.27
N GLU NA 198 76.61 -30.00 30.66
CA GLU NA 198 75.77 -28.83 30.88
C GLU NA 198 74.38 -29.02 30.30
N ARG NA 199 74.29 -29.48 29.05
CA ARG NA 199 73.00 -29.52 28.38
C ARG NA 199 72.16 -30.73 28.80
N ASP NA 200 72.78 -31.88 29.00
CA ASP NA 200 72.04 -33.08 29.36
C ASP NA 200 71.64 -33.05 30.83
N GLY NA 201 70.40 -33.46 31.10
CA GLY NA 201 70.00 -33.71 32.46
C GLY NA 201 70.40 -35.06 32.99
N SER NA 202 70.85 -35.96 32.11
CA SER NA 202 71.31 -37.26 32.55
C SER NA 202 72.77 -37.23 32.95
N SER NA 203 73.61 -36.61 32.13
CA SER NA 203 75.03 -36.54 32.42
C SER NA 203 75.32 -35.41 33.40
N GLY NA 204 76.49 -35.48 34.02
CA GLY NA 204 76.86 -34.51 35.02
C GLY NA 204 77.84 -35.13 36.00
N GLY NA 205 77.89 -34.55 37.18
CA GLY NA 205 78.79 -35.04 38.23
C GLY NA 205 80.14 -34.32 38.19
N VAL NA 206 81.14 -34.98 37.59
CA VAL NA 206 82.47 -34.42 37.44
C VAL NA 206 83.13 -35.07 36.24
N ILE NA 207 84.18 -34.42 35.74
CA ILE NA 207 84.88 -34.85 34.55
C ILE NA 207 86.09 -35.67 34.94
N ARG NA 208 86.12 -36.93 34.51
CA ARG NA 208 87.28 -37.79 34.67
C ARG NA 208 88.00 -37.89 33.34
N LEU NA 209 89.33 -37.81 33.39
CA LEU NA 209 90.17 -37.81 32.21
C LEU NA 209 91.36 -38.73 32.39
N ALA NA 210 91.80 -39.32 31.28
CA ALA NA 210 92.94 -40.22 31.28
C ALA NA 210 93.66 -40.08 29.95
N ALA NA 211 94.96 -40.35 29.96
CA ALA NA 211 95.81 -40.24 28.78
C ALA NA 211 96.80 -41.39 28.83
N ILE NA 212 96.98 -42.06 27.70
CA ILE NA 212 97.88 -43.20 27.60
C ILE NA 212 98.83 -42.97 26.45
N ALA NA 213 100.10 -43.27 26.67
CA ALA NA 213 101.10 -43.24 25.63
C ALA NA 213 102.07 -44.40 25.89
N GLU NA 214 103.20 -44.37 25.20
CA GLU NA 214 104.23 -45.37 25.47
C GLU NA 214 104.77 -45.26 26.89
N SER NA 215 104.73 -44.07 27.48
CA SER NA 215 105.31 -43.90 28.80
C SER NA 215 104.49 -44.58 29.88
N GLY NA 216 103.25 -44.15 30.07
CA GLY NA 216 102.43 -44.72 31.13
C GLY NA 216 100.99 -44.28 30.99
N VAL NA 217 100.37 -44.01 32.14
CA VAL NA 217 98.96 -43.66 32.22
C VAL NA 217 98.82 -42.47 33.16
N GLU NA 218 98.13 -41.43 32.71
CA GLU NA 218 97.91 -40.23 33.50
C GLU NA 218 96.42 -40.01 33.66
N ARG NA 219 95.95 -39.94 34.91
CA ARG NA 219 94.55 -39.74 35.19
C ARG NA 219 94.37 -38.45 35.99
N GLN NA 220 93.16 -37.89 35.93
CA GLN NA 220 92.89 -36.68 36.68
C GLN NA 220 91.40 -36.37 36.61
N VAL NA 221 90.96 -35.55 37.56
CA VAL NA 221 89.58 -35.10 37.66
C VAL NA 221 89.58 -33.59 37.58
N LEU NA 222 88.56 -33.02 36.94
CA LEU NA 222 88.58 -31.59 36.71
C LEU NA 222 87.25 -30.95 37.07
N LEU NA 223 87.12 -29.67 36.72
CA LEU NA 223 85.87 -28.95 36.83
C LEU NA 223 86.00 -27.65 36.05
N GLY NA 224 85.06 -27.41 35.14
CA GLY NA 224 85.08 -26.20 34.32
C GLY NA 224 85.31 -26.49 32.85
N THR OA 43 61.23 -49.44 54.97
CA THR OA 43 62.55 -49.94 55.31
C THR OA 43 63.62 -48.91 54.95
N THR OA 44 64.62 -48.77 55.81
CA THR OA 44 65.68 -47.80 55.61
C THR OA 44 66.94 -48.29 56.32
N ILE OA 45 68.01 -48.47 55.56
CA ILE OA 45 69.29 -48.90 56.10
C ILE OA 45 70.38 -48.03 55.52
N ALA OA 46 71.48 -47.90 56.25
CA ALA OA 46 72.59 -47.12 55.73
C ALA OA 46 73.82 -47.33 56.59
N GLY OA 47 74.94 -46.80 56.09
CA GLY OA 47 76.20 -46.87 56.80
C GLY OA 47 77.17 -45.87 56.22
N VAL OA 48 78.31 -45.72 56.91
CA VAL OA 48 79.34 -44.78 56.49
C VAL OA 48 80.65 -45.20 57.13
N VAL OA 49 81.75 -44.75 56.55
CA VAL OA 49 83.09 -45.05 57.04
C VAL OA 49 83.64 -43.79 57.69
N TYR OA 50 83.90 -43.85 58.98
CA TYR OA 50 84.52 -42.74 59.68
C TYR OA 50 86.03 -42.84 59.55
N LYS OA 51 86.76 -42.05 60.34
CA LYS OA 51 88.21 -41.96 60.18
C LYS OA 51 88.93 -43.26 60.43
N ASP OA 52 88.29 -44.23 61.08
CA ASP OA 52 88.96 -45.48 61.45
C ASP OA 52 88.18 -46.74 61.13
N GLY OA 53 86.88 -46.66 60.95
CA GLY OA 53 86.07 -47.87 60.80
C GLY OA 53 84.81 -47.62 60.01
N ILE OA 54 83.80 -48.42 60.31
CA ILE OA 54 82.54 -48.41 59.58
C ILE OA 54 81.40 -48.51 60.56
N VAL OA 55 80.30 -47.83 60.26
CA VAL OA 55 79.11 -47.81 61.11
C VAL OA 55 77.89 -48.08 60.24
N LEU OA 56 77.00 -48.93 60.73
CA LEU OA 56 75.80 -49.33 60.01
C LEU OA 56 74.59 -49.24 60.93
N GLY OA 57 73.42 -49.05 60.31
CA GLY OA 57 72.21 -48.92 61.09
C GLY OA 57 70.96 -49.04 60.24
N ALA OA 58 69.86 -49.34 60.92
CA ALA OA 58 68.55 -49.44 60.27
C ALA OA 58 67.49 -49.45 61.34
N ASP OA 59 66.25 -49.69 60.92
CA ASP OA 59 65.13 -49.80 61.83
C ASP OA 59 64.79 -51.28 62.06
N THR OA 60 63.87 -51.52 62.98
CA THR OA 60 63.43 -52.89 63.24
C THR OA 60 61.98 -53.10 62.82
N ARG OA 61 61.50 -52.33 61.85
CA ARG OA 61 60.13 -52.48 61.37
C ARG OA 61 60.10 -53.47 60.21
N ALA OA 62 59.09 -54.32 60.19
CA ALA OA 62 58.86 -55.28 59.12
C ALA OA 62 57.37 -55.24 58.80
N THR OA 63 57.03 -54.85 57.58
CA THR OA 63 55.64 -54.66 57.20
C THR OA 63 55.19 -55.73 56.22
N GLU OA 64 53.92 -55.67 55.86
CA GLU OA 64 53.32 -56.61 54.91
C GLU OA 64 52.08 -55.95 54.33
N GLY OA 65 52.11 -55.68 53.04
CA GLY OA 65 51.04 -54.90 52.44
C GLY OA 65 51.02 -53.52 53.05
N MET OA 66 50.00 -53.24 53.87
CA MET OA 66 49.95 -51.99 54.63
C MET OA 66 49.80 -52.24 56.12
N VAL OA 67 50.32 -53.36 56.61
CA VAL OA 67 50.17 -53.75 58.00
C VAL OA 67 51.55 -54.00 58.58
N VAL OA 68 51.78 -53.52 59.80
CA VAL OA 68 53.05 -53.75 60.46
C VAL OA 68 53.14 -55.23 60.80
N ALA OA 69 54.09 -55.92 60.17
CA ALA OA 69 54.27 -57.34 60.44
C ALA OA 69 55.11 -57.59 61.68
N ASP OA 70 56.31 -57.03 61.73
CA ASP OA 70 57.21 -57.21 62.87
C ASP OA 70 57.52 -55.84 63.46
N LYS OA 71 57.20 -55.68 64.74
CA LYS OA 71 57.54 -54.44 65.44
C LYS OA 71 59.03 -54.36 65.77
N ASN OA 72 59.75 -55.48 65.67
CA ASN OA 72 61.19 -55.50 65.94
C ASN OA 72 61.79 -56.63 65.12
N CYS OA 73 62.36 -56.29 63.97
CA CYS OA 73 63.04 -57.29 63.15
C CYS OA 73 64.55 -57.10 63.27
N SER OA 74 65.31 -57.89 62.52
CA SER OA 74 66.77 -57.84 62.57
C SER OA 74 67.27 -57.83 61.13
N LYS OA 75 67.55 -56.63 60.61
CA LYS OA 75 68.00 -56.48 59.24
C LYS OA 75 69.52 -56.30 59.15
N ILE OA 76 70.24 -56.65 60.21
CA ILE OA 76 71.70 -56.68 60.21
C ILE OA 76 72.11 -58.14 60.21
N HIS OA 77 73.20 -58.46 59.53
CA HIS OA 77 73.58 -59.85 59.33
C HIS OA 77 75.07 -60.05 59.46
N PHE OA 78 75.43 -61.08 60.22
CA PHE OA 78 76.80 -61.56 60.30
C PHE OA 78 77.24 -62.05 58.93
N ILE OA 79 78.47 -61.71 58.57
CA ILE OA 79 79.07 -62.23 57.35
C ILE OA 79 80.37 -62.89 57.72
N SER OA 80 81.27 -62.10 58.31
CA SER OA 80 82.51 -62.59 58.86
C SER OA 80 82.70 -61.89 60.19
N PRO OA 81 83.72 -62.25 60.98
CA PRO OA 81 84.02 -61.45 62.18
C PRO OA 81 84.34 -60.01 61.87
N ASN OA 82 84.74 -59.69 60.65
CA ASN OA 82 85.05 -58.32 60.25
C ASN OA 82 84.12 -57.76 59.20
N ILE OA 83 83.04 -58.45 58.85
CA ILE OA 83 82.17 -58.06 57.75
C ILE OA 83 80.74 -58.43 58.09
N TYR OA 84 79.86 -57.43 58.07
CA TYR OA 84 78.42 -57.63 58.16
C TYR OA 84 77.75 -57.11 56.89
N CYS OA 85 76.45 -57.34 56.80
CA CYS OA 85 75.68 -56.84 55.67
C CYS OA 85 74.24 -56.61 56.11
N CYS OA 86 73.66 -55.52 55.61
CA CYS OA 86 72.26 -55.22 55.84
C CYS OA 86 71.48 -55.43 54.54
N GLY OA 87 70.25 -55.91 54.66
CA GLY OA 87 69.43 -56.28 53.52
C GLY OA 87 68.34 -55.26 53.26
N ALA OA 88 67.58 -55.49 52.20
CA ALA OA 88 66.47 -54.63 51.85
C ALA OA 88 65.68 -55.27 50.71
N GLY OA 89 64.37 -55.10 50.75
CA GLY OA 89 63.49 -55.66 49.75
C GLY OA 89 62.99 -57.03 50.14
N THR OA 90 63.17 -58.01 49.27
CA THR OA 90 62.71 -59.36 49.55
C THR OA 90 63.49 -59.95 50.71
N ALA OA 91 62.83 -60.03 51.87
CA ALA OA 91 63.49 -60.49 53.08
C ALA OA 91 64.02 -61.92 52.92
N ALA OA 92 63.22 -62.80 52.34
CA ALA OA 92 63.65 -64.18 52.15
C ALA OA 92 64.87 -64.27 51.25
N ASP OA 93 64.89 -63.52 50.15
CA ASP OA 93 66.06 -63.52 49.28
C ASP OA 93 67.28 -62.99 50.00
N THR OA 94 67.10 -61.93 50.80
CA THR OA 94 68.20 -61.41 51.60
C THR OA 94 68.77 -62.47 52.53
N ASP OA 95 67.90 -63.12 53.32
CA ASP OA 95 68.38 -64.11 54.28
C ASP OA 95 69.05 -65.29 53.59
N MET OA 96 68.32 -65.94 52.68
CA MET OA 96 68.86 -67.11 51.99
C MET OA 96 70.13 -66.80 51.22
N THR OA 97 70.25 -65.58 50.68
CA THR OA 97 71.47 -65.24 49.98
C THR OA 97 72.63 -65.01 50.95
N THR OA 98 72.41 -64.15 51.95
CA THR OA 98 73.47 -63.81 52.88
C THR OA 98 73.98 -65.02 53.65
N GLN OA 99 73.11 -65.95 54.03
CA GLN OA 99 73.59 -67.16 54.69
C GLN OA 99 74.45 -67.99 53.76
N LEU OA 100 74.03 -68.13 52.51
CA LEU OA 100 74.81 -68.88 51.54
C LEU OA 100 76.21 -68.29 51.38
N ILE OA 101 76.27 -66.99 51.10
CA ILE OA 101 77.56 -66.35 50.89
C ILE OA 101 78.42 -66.44 52.15
N SER OA 102 77.80 -66.27 53.31
CA SER OA 102 78.57 -66.35 54.55
C SER OA 102 79.14 -67.76 54.74
N SER OA 103 78.37 -68.79 54.41
CA SER OA 103 78.90 -70.14 54.45
C SER OA 103 80.08 -70.29 53.50
N ASN OA 104 79.94 -69.76 52.28
CA ASN OA 104 81.02 -69.86 51.30
C ASN OA 104 82.30 -69.19 51.81
N LEU OA 105 82.17 -67.98 52.33
CA LEU OA 105 83.35 -67.26 52.80
C LEU OA 105 83.96 -67.93 54.03
N GLU OA 106 83.13 -68.41 54.95
CA GLU OA 106 83.67 -69.10 56.12
C GLU OA 106 84.44 -70.33 55.71
N LEU OA 107 83.89 -71.10 54.77
CA LEU OA 107 84.63 -72.22 54.22
C LEU OA 107 85.96 -71.77 53.61
N HIS OA 108 85.92 -70.69 52.83
CA HIS OA 108 87.13 -70.21 52.18
C HIS OA 108 88.21 -69.84 53.20
N SER OA 109 87.87 -68.94 54.13
CA SER OA 109 88.83 -68.51 55.13
C SER OA 109 89.32 -69.68 55.98
N LEU OA 110 88.44 -70.63 56.27
CA LEU OA 110 88.88 -71.83 56.95
C LEU OA 110 89.88 -72.61 56.10
N SER OA 111 89.79 -72.47 54.78
CA SER OA 111 90.74 -73.17 53.91
C SER OA 111 92.06 -72.43 53.86
N THR OA 112 92.02 -71.10 53.78
CA THR OA 112 93.22 -70.30 53.62
C THR OA 112 93.93 -70.06 54.94
N GLY OA 113 93.28 -70.37 56.07
CA GLY OA 113 93.83 -70.00 57.35
C GLY OA 113 94.07 -68.53 57.52
N ARG OA 114 93.25 -67.68 56.90
CA ARG OA 114 93.50 -66.26 56.92
C ARG OA 114 92.21 -65.47 57.07
N LEU OA 115 92.33 -64.15 57.14
CA LEU OA 115 91.15 -63.30 57.25
C LEU OA 115 90.60 -62.98 55.87
N PRO OA 116 89.29 -63.09 55.68
CA PRO OA 116 88.69 -62.82 54.37
C PRO OA 116 88.89 -61.37 53.94
N ARG OA 117 88.51 -61.11 52.69
CA ARG OA 117 88.60 -59.78 52.12
C ARG OA 117 87.26 -59.36 51.54
N VAL OA 118 86.89 -58.11 51.78
CA VAL OA 118 85.58 -57.61 51.41
C VAL OA 118 85.36 -57.71 49.90
N VAL OA 119 86.40 -57.43 49.11
CA VAL OA 119 86.27 -57.50 47.67
C VAL OA 119 85.90 -58.90 47.20
N THR OA 120 86.31 -59.93 47.94
CA THR OA 120 85.91 -61.28 47.58
C THR OA 120 84.40 -61.43 47.68
N ALA OA 121 83.82 -61.08 48.84
CA ALA OA 121 82.38 -61.18 49.01
C ALA OA 121 81.65 -60.33 47.98
N ASN OA 122 82.15 -59.12 47.71
CA ASN OA 122 81.55 -58.29 46.68
C ASN OA 122 81.54 -59.01 45.34
N ARG OA 123 82.68 -59.60 44.95
CA ARG OA 123 82.76 -60.33 43.71
C ARG OA 123 81.75 -61.48 43.67
N MET OA 124 81.65 -62.24 44.76
CA MET OA 124 80.70 -63.35 44.78
C MET OA 124 79.27 -62.87 44.57
N LEU OA 125 78.86 -61.87 45.35
CA LEU OA 125 77.48 -61.38 45.25
C LEU OA 125 77.17 -60.86 43.86
N LYS OA 126 77.98 -59.89 43.40
CA LYS OA 126 77.74 -59.32 42.07
C LYS OA 126 77.76 -60.39 40.99
N GLN OA 127 78.63 -61.38 41.12
CA GLN OA 127 78.67 -62.46 40.15
C GLN OA 127 77.44 -63.35 40.23
N MET OA 128 76.80 -63.43 41.40
CA MET OA 128 75.65 -64.30 41.55
C MET OA 128 74.38 -63.65 41.05
N LEU OA 129 74.06 -62.47 41.57
CA LEU OA 129 72.80 -61.81 41.21
C LEU OA 129 72.70 -61.56 39.72
N PHE OA 130 73.78 -61.11 39.10
CA PHE OA 130 73.77 -60.93 37.65
C PHE OA 130 73.44 -62.22 36.94
N ARG OA 131 73.94 -63.34 37.44
CA ARG OA 131 73.55 -64.61 36.84
C ARG OA 131 72.07 -64.88 37.05
N TYR OA 132 71.51 -64.44 38.17
CA TYR OA 132 70.09 -64.64 38.41
C TYR OA 132 69.21 -63.58 37.80
N GLN OA 133 69.79 -62.65 37.03
CA GLN OA 133 69.01 -61.76 36.18
C GLN OA 133 68.12 -60.83 37.00
N GLY OA 134 68.50 -60.54 38.23
CA GLY OA 134 67.75 -59.61 39.04
C GLY OA 134 66.42 -60.10 39.55
N TYR OA 135 66.03 -61.34 39.24
CA TYR OA 135 64.79 -61.87 39.79
C TYR OA 135 64.85 -61.93 41.31
N ILE OA 136 66.03 -62.18 41.87
CA ILE OA 136 66.20 -62.22 43.32
C ILE OA 136 66.32 -60.78 43.78
N GLY OA 137 65.19 -60.19 44.16
CA GLY OA 137 65.17 -58.79 44.55
C GLY OA 137 65.77 -58.58 45.93
N ALA OA 138 66.96 -57.99 45.99
CA ALA OA 138 67.65 -57.78 47.25
C ALA OA 138 68.59 -56.60 47.11
N ALA OA 139 68.36 -55.55 47.90
CA ALA OA 139 69.28 -54.43 47.99
C ALA OA 139 70.17 -54.63 49.21
N LEU OA 140 71.48 -54.56 49.01
CA LEU OA 140 72.42 -54.90 50.06
C LEU OA 140 73.29 -53.70 50.44
N VAL OA 141 73.79 -53.75 51.66
CA VAL OA 141 74.81 -52.85 52.16
C VAL OA 141 75.88 -53.71 52.80
N LEU OA 142 77.05 -53.76 52.16
CA LEU OA 142 78.13 -54.62 52.57
C LEU OA 142 79.18 -53.82 53.31
N GLY OA 143 79.60 -54.32 54.47
CA GLY OA 143 80.60 -53.63 55.26
C GLY OA 143 81.62 -54.54 55.90
N GLY OA 144 82.85 -54.07 56.04
CA GLY OA 144 83.88 -54.86 56.66
C GLY OA 144 85.18 -54.09 56.69
N VAL OA 145 86.07 -54.53 57.59
CA VAL OA 145 87.41 -53.96 57.71
C VAL OA 145 88.41 -55.03 57.33
N ASP OA 146 89.08 -54.84 56.20
CA ASP OA 146 90.10 -55.76 55.73
C ASP OA 146 91.47 -55.28 56.18
N VAL OA 147 92.50 -56.00 55.77
CA VAL OA 147 93.87 -55.57 56.04
C VAL OA 147 94.12 -54.20 55.42
N THR OA 148 93.52 -53.95 54.25
CA THR OA 148 93.63 -52.64 53.63
C THR OA 148 92.87 -51.57 54.41
N GLY OA 149 92.02 -51.96 55.35
CA GLY OA 149 91.29 -51.01 56.15
C GLY OA 149 89.80 -51.13 55.95
N PRO OA 150 89.07 -50.07 56.26
CA PRO OA 150 87.61 -50.09 56.07
C PRO OA 150 87.26 -49.97 54.59
N HIS OA 151 86.16 -50.63 54.24
CA HIS OA 151 85.64 -50.59 52.88
C HIS OA 151 84.14 -50.68 52.93
N LEU OA 152 83.47 -50.03 51.98
CA LEU OA 152 82.02 -50.00 51.94
C LEU OA 152 81.54 -50.22 50.52
N TYR OA 153 80.45 -50.96 50.36
CA TYR OA 153 79.90 -51.24 49.06
C TYR OA 153 78.39 -51.21 49.08
N SER OA 154 77.82 -50.90 47.92
CA SER OA 154 76.39 -50.95 47.69
C SER OA 154 76.15 -51.97 46.59
N ILE OA 155 75.04 -52.69 46.67
CA ILE OA 155 74.72 -53.75 45.73
C ILE OA 155 73.30 -53.58 45.27
N TYR OA 156 73.09 -53.61 44.02
CA TYR OA 156 71.74 -53.55 43.52
C TYR OA 156 71.32 -54.89 42.95
N PRO OA 157 70.01 -55.13 42.81
CA PRO OA 157 69.53 -56.47 42.48
C PRO OA 157 69.95 -57.00 41.12
N HIS OA 158 70.56 -56.19 40.26
CA HIS OA 158 70.98 -56.67 38.95
C HIS OA 158 72.47 -56.94 38.85
N GLY OA 159 73.28 -56.33 39.72
CA GLY OA 159 74.70 -56.58 39.68
C GLY OA 159 75.52 -55.32 39.77
N SER OA 160 74.88 -54.18 39.59
CA SER OA 160 75.56 -52.90 39.72
C SER OA 160 76.07 -52.74 41.15
N THR OA 161 77.39 -52.65 41.28
CA THR OA 161 78.05 -52.57 42.57
C THR OA 161 78.83 -51.27 42.66
N ASP OA 162 78.95 -50.73 43.87
CA ASP OA 162 79.55 -49.41 44.07
C ASP OA 162 80.38 -49.38 45.33
N LYS OA 163 81.39 -48.51 45.34
CA LYS OA 163 82.16 -48.20 46.54
C LYS OA 163 82.02 -46.72 46.84
N LEU OA 164 81.53 -46.39 48.02
CA LEU OA 164 81.31 -45.00 48.41
C LEU OA 164 81.54 -44.85 49.90
N PRO OA 165 81.75 -43.63 50.37
CA PRO OA 165 81.92 -43.42 51.82
C PRO OA 165 80.65 -43.64 52.59
N TYR OA 166 79.49 -43.57 51.95
CA TYR OA 166 78.23 -43.65 52.66
C TYR OA 166 77.12 -43.82 51.64
N VAL OA 167 76.17 -44.70 51.94
CA VAL OA 167 75.07 -45.00 51.04
C VAL OA 167 73.80 -45.20 51.86
N THR OA 168 72.67 -45.10 51.18
CA THR OA 168 71.37 -45.34 51.81
C THR OA 168 70.54 -46.24 50.91
N MET OA 169 69.92 -47.23 51.51
CA MET OA 169 69.04 -48.13 50.79
C MET OA 169 67.76 -48.32 51.58
N GLY OA 170 66.67 -48.53 50.87
CA GLY OA 170 65.38 -48.75 51.48
C GLY OA 170 64.38 -47.69 51.07
N SER OA 171 63.15 -47.88 51.54
CA SER OA 171 62.07 -46.97 51.17
C SER OA 171 62.35 -45.54 51.60
N GLY OA 172 62.75 -45.35 52.85
CA GLY OA 172 63.05 -44.01 53.32
C GLY OA 172 64.50 -43.64 53.12
N SER OA 173 65.17 -44.34 52.21
CA SER OA 173 66.60 -44.11 51.99
C SER OA 173 66.88 -42.68 51.54
N LEU OA 174 65.94 -42.04 50.85
CA LEU OA 174 66.17 -40.68 50.38
C LEU OA 174 66.36 -39.71 51.53
N ALA OA 175 65.49 -39.77 52.53
CA ALA OA 175 65.58 -38.85 53.66
C ALA OA 175 66.93 -38.98 54.36
N ALA OA 176 67.36 -40.21 54.65
CA ALA OA 176 68.66 -40.40 55.26
C ALA OA 176 69.78 -39.89 54.37
N MET OA 177 69.67 -40.11 53.06
CA MET OA 177 70.66 -39.58 52.16
C MET OA 177 70.75 -38.06 52.25
N ALA OA 178 69.60 -37.40 52.43
CA ALA OA 178 69.61 -35.96 52.62
C ALA OA 178 70.42 -35.57 53.85
N VAL OA 179 70.23 -36.27 54.96
CA VAL OA 179 70.97 -35.95 56.17
C VAL OA 179 72.47 -36.18 55.97
N PHE OA 180 72.82 -37.28 55.31
CA PHE OA 180 74.23 -37.55 55.03
C PHE OA 180 74.85 -36.43 54.21
N GLU OA 181 74.27 -36.13 53.05
CA GLU OA 181 74.84 -35.10 52.20
C GLU OA 181 74.84 -33.74 52.87
N ASP OA 182 73.90 -33.50 53.77
CA ASP OA 182 73.83 -32.19 54.40
C ASP OA 182 74.84 -32.04 55.54
N LYS OA 183 75.13 -33.12 56.25
CA LYS OA 183 75.95 -33.03 57.45
C LYS OA 183 77.03 -34.10 57.47
N PHE OA 184 77.67 -34.32 56.34
CA PHE OA 184 78.81 -35.21 56.29
C PHE OA 184 80.10 -34.42 56.15
N ARG OA 185 81.16 -34.91 56.78
CA ARG OA 185 82.49 -34.42 56.60
C ARG OA 185 83.40 -35.62 56.73
N PRO OA 186 84.48 -35.68 55.95
CA PRO OA 186 85.34 -36.86 55.96
C PRO OA 186 86.09 -37.01 57.27
N ASP OA 187 86.36 -38.28 57.61
CA ASP OA 187 87.22 -38.63 58.74
C ASP OA 187 86.61 -38.19 60.07
N MET OA 188 85.31 -38.35 60.19
CA MET OA 188 84.66 -37.98 61.44
C MET OA 188 85.08 -38.92 62.57
N GLU OA 189 84.62 -38.61 63.77
CA GLU OA 189 84.92 -39.42 64.93
C GLU OA 189 83.86 -40.49 65.12
N GLU OA 190 84.11 -41.40 66.06
CA GLU OA 190 83.19 -42.49 66.29
C GLU OA 190 81.85 -41.98 66.81
N GLU OA 191 81.87 -41.23 67.90
CA GLU OA 191 80.62 -40.73 68.47
C GLU OA 191 79.91 -39.77 67.53
N GLU OA 192 80.64 -38.87 66.88
CA GLU OA 192 80.04 -38.01 65.87
C GLU OA 192 79.34 -38.81 64.79
N ALA OA 193 80.02 -39.81 64.22
CA ALA OA 193 79.42 -40.65 63.21
C ALA OA 193 78.17 -41.34 63.73
N LYS OA 194 78.22 -41.84 64.98
CA LYS OA 194 77.04 -42.45 65.57
C LYS OA 194 75.87 -41.49 65.62
N ASN OA 195 76.11 -40.26 66.08
CA ASN OA 195 75.06 -39.26 66.08
C ASN OA 195 74.55 -39.01 64.68
N LEU OA 196 75.43 -39.01 63.69
CA LEU OA 196 75.02 -38.77 62.31
C LEU OA 196 74.07 -39.86 61.82
N VAL OA 197 74.53 -41.11 61.83
CA VAL OA 197 73.71 -42.22 61.34
C VAL OA 197 72.42 -42.30 62.11
N SER OA 198 72.49 -42.22 63.44
CA SER OA 198 71.29 -42.20 64.26
C SER OA 198 70.32 -41.11 63.85
N GLU OA 199 70.83 -39.92 63.55
CA GLU OA 199 69.96 -38.85 63.10
C GLU OA 199 69.29 -39.18 61.77
N ALA OA 200 70.07 -39.70 60.82
CA ALA OA 200 69.51 -40.00 59.51
C ALA OA 200 68.42 -41.06 59.60
N ILE OA 201 68.72 -42.18 60.25
CA ILE OA 201 67.71 -43.23 60.43
C ILE OA 201 66.51 -42.68 61.18
N ALA OA 202 66.75 -41.75 62.10
CA ALA OA 202 65.63 -41.07 62.77
C ALA OA 202 64.73 -40.35 61.78
N ALA OA 203 65.30 -39.54 60.90
CA ALA OA 203 64.49 -38.84 59.90
C ALA OA 203 63.73 -39.83 59.03
N GLY OA 204 64.40 -40.89 58.57
CA GLY OA 204 63.72 -41.92 57.83
C GLY OA 204 62.57 -42.54 58.60
N ILE OA 205 62.70 -42.66 59.91
CA ILE OA 205 61.62 -43.20 60.72
C ILE OA 205 60.45 -42.24 60.76
N PHE OA 206 60.71 -40.96 61.01
CA PHE OA 206 59.64 -39.99 61.10
C PHE OA 206 59.19 -39.46 59.74
N ASN OA 207 59.64 -40.06 58.65
CA ASN OA 207 59.26 -39.58 57.33
C ASN OA 207 58.81 -40.68 56.38
N ASP OA 208 59.25 -41.91 56.55
CA ASP OA 208 58.85 -43.01 55.69
C ASP OA 208 57.74 -43.81 56.36
N LEU OA 209 56.67 -44.07 55.61
CA LEU OA 209 55.60 -44.88 56.15
C LEU OA 209 56.08 -46.30 56.42
N GLY OA 210 57.02 -46.79 55.61
CA GLY OA 210 57.49 -48.15 55.76
C GLY OA 210 58.47 -48.35 56.91
N SER OA 211 59.21 -47.33 57.28
CA SER OA 211 60.18 -47.44 58.37
C SER OA 211 59.53 -46.96 59.66
N GLY OA 212 60.29 -47.07 60.75
CA GLY OA 212 59.81 -46.68 62.06
C GLY OA 212 59.79 -47.81 63.06
N SER OA 213 60.85 -47.91 63.85
CA SER OA 213 60.99 -48.91 64.91
C SER OA 213 62.26 -48.57 65.66
N ASN OA 214 62.65 -49.44 66.59
CA ASN OA 214 63.93 -49.27 67.27
C ASN OA 214 65.07 -49.29 66.26
N ILE OA 215 66.18 -48.68 66.65
CA ILE OA 215 67.31 -48.45 65.76
C ILE OA 215 68.39 -49.47 66.06
N ASP OA 216 68.72 -50.29 65.05
CA ASP OA 216 69.83 -51.21 65.13
C ASP OA 216 71.09 -50.54 64.61
N LEU OA 217 72.17 -50.64 65.38
CA LEU OA 217 73.44 -50.05 65.00
C LEU OA 217 74.54 -51.08 65.17
N CYS OA 218 75.62 -50.87 64.42
CA CYS OA 218 76.79 -51.73 64.52
C CYS OA 218 78.02 -50.93 64.13
N VAL OA 219 79.12 -51.18 64.83
CA VAL OA 219 80.38 -50.49 64.58
C VAL OA 219 81.45 -51.54 64.37
N ILE OA 220 82.30 -51.31 63.38
CA ILE OA 220 83.41 -52.20 63.06
C ILE OA 220 84.67 -51.38 62.98
N SER OA 221 85.69 -51.77 63.75
CA SER OA 221 86.97 -51.10 63.73
C SER OA 221 88.04 -52.07 63.24
N LYS OA 222 89.30 -51.64 63.30
CA LYS OA 222 90.39 -52.57 62.98
C LYS OA 222 90.44 -53.73 63.95
N ASN OA 223 89.99 -53.52 65.17
CA ASN OA 223 90.03 -54.54 66.21
C ASN OA 223 88.70 -54.73 66.92
N LYS OA 224 87.93 -53.66 67.13
CA LYS OA 224 86.72 -53.73 67.94
C LYS OA 224 85.50 -53.98 67.06
N LEU OA 225 84.56 -54.75 67.58
CA LEU OA 225 83.30 -55.03 66.90
C LEU OA 225 82.16 -54.85 67.89
N ASP OA 226 81.37 -53.80 67.69
CA ASP OA 226 80.29 -53.47 68.61
C ASP OA 226 78.95 -53.65 67.91
N PHE OA 227 77.96 -54.12 68.65
CA PHE OA 227 76.63 -54.37 68.11
C PHE OA 227 75.61 -53.87 69.11
N LEU OA 228 74.66 -53.07 68.65
CA LEU OA 228 73.62 -52.50 69.50
C LEU OA 228 72.28 -52.78 68.85
N ARG OA 229 71.60 -53.82 69.32
CA ARG OA 229 70.26 -54.09 68.82
C ARG OA 229 69.34 -52.95 69.30
N PRO OA 230 69.11 -52.78 70.60
CA PRO OA 230 68.36 -51.59 71.00
C PRO OA 230 69.32 -50.43 71.18
N TYR OA 231 69.07 -49.31 70.49
CA TYR OA 231 69.92 -48.15 70.64
C TYR OA 231 69.15 -46.91 71.02
N THR OA 232 67.92 -46.76 70.53
CA THR OA 232 67.11 -45.59 70.82
C THR OA 232 65.66 -45.91 70.53
N VAL OA 233 64.82 -45.74 71.55
CA VAL OA 233 63.40 -46.01 71.41
C VAL OA 233 62.67 -44.69 71.21
N PRO OA 234 62.43 -44.28 69.98
CA PRO OA 234 61.78 -42.99 69.76
C PRO OA 234 60.29 -43.04 70.07
N ASN OA 235 59.67 -44.19 69.87
CA ASN OA 235 58.23 -44.34 70.04
C ASN OA 235 57.93 -45.33 71.15
N LYS OA 236 56.79 -45.11 71.80
CA LYS OA 236 56.28 -45.98 72.85
C LYS OA 236 54.86 -46.39 72.51
N LYS OA 237 54.20 -47.02 73.48
CA LYS OA 237 52.78 -47.33 73.39
C LYS OA 237 52.07 -46.77 74.61
N GLY OA 238 50.96 -46.08 74.38
CA GLY OA 238 50.16 -45.58 75.48
C GLY OA 238 49.64 -46.69 76.35
N THR OA 239 49.39 -46.36 77.61
CA THR OA 239 48.96 -47.36 78.56
C THR OA 239 47.50 -47.74 78.33
N ARG OA 240 47.15 -48.96 78.73
CA ARG OA 240 45.78 -49.44 78.65
C ARG OA 240 45.03 -48.94 79.87
N LEU OA 241 43.81 -48.43 79.65
CA LEU OA 241 43.05 -47.84 80.74
C LEU OA 241 41.89 -48.72 81.19
N GLY OA 242 41.23 -49.40 80.25
CA GLY OA 242 40.04 -50.17 80.57
C GLY OA 242 40.37 -51.64 80.77
N ARG OA 243 40.08 -52.12 81.98
CA ARG OA 243 40.23 -53.55 82.26
C ARG OA 243 39.21 -54.33 81.46
N TYR OA 244 39.69 -55.26 80.65
CA TYR OA 244 38.86 -55.97 79.70
C TYR OA 244 38.78 -57.47 79.98
N ARG OA 245 39.67 -58.01 80.79
CA ARG OA 245 39.76 -59.45 81.01
C ARG OA 245 38.48 -59.97 81.64
N CYS OA 246 37.85 -60.93 80.98
CA CYS OA 246 36.75 -61.67 81.57
C CYS OA 246 37.28 -62.94 82.23
N GLU OA 247 36.74 -63.23 83.40
CA GLU OA 247 37.25 -64.33 84.20
C GLU OA 247 36.95 -65.67 83.53
N LYS OA 248 37.55 -66.73 84.07
CA LYS OA 248 37.38 -68.06 83.51
C LYS OA 248 35.94 -68.50 83.65
N GLY OA 249 35.35 -68.97 82.56
CA GLY OA 249 33.99 -69.46 82.59
C GLY OA 249 33.05 -68.66 81.72
N THR OA 250 33.54 -67.53 81.22
CA THR OA 250 32.74 -66.67 80.36
C THR OA 250 32.73 -67.12 78.91
N THR OA 251 33.07 -68.38 78.64
CA THR OA 251 33.13 -68.89 77.29
C THR OA 251 32.51 -70.29 77.26
N ALA OA 252 31.55 -70.48 76.36
CA ALA OA 252 30.89 -71.78 76.23
C ALA OA 252 31.83 -72.78 75.57
N VAL OA 253 32.04 -73.91 76.23
CA VAL OA 253 32.89 -74.97 75.71
C VAL OA 253 32.00 -76.10 75.21
N LEU OA 254 32.32 -76.61 74.02
CA LEU OA 254 31.55 -77.71 73.47
C LEU OA 254 32.12 -79.05 73.91
N THR OA 255 33.45 -79.15 73.98
CA THR OA 255 34.10 -80.40 74.35
C THR OA 255 35.51 -80.10 74.83
N GLU OA 256 35.90 -80.75 75.92
CA GLU OA 256 37.25 -80.68 76.44
C GLU OA 256 37.98 -81.99 76.18
N LYS OA 257 39.29 -81.97 76.42
CA LYS OA 257 40.11 -83.14 76.19
C LYS OA 257 41.47 -82.91 76.82
N ILE OA 258 41.98 -83.92 77.52
CA ILE OA 258 43.23 -83.80 78.26
C ILE OA 258 44.13 -84.97 77.87
N THR OA 259 45.43 -84.72 77.88
CA THR OA 259 46.42 -85.77 77.61
C THR OA 259 47.65 -85.51 78.47
N PRO OA 260 47.85 -86.28 79.53
CA PRO OA 260 49.03 -86.10 80.37
C PRO OA 260 50.30 -86.40 79.60
N LEU OA 261 51.43 -86.04 80.21
CA LEU OA 261 52.72 -86.19 79.56
C LEU OA 261 53.77 -86.67 80.57
N GLU OA 262 55.04 -86.59 80.18
CA GLU OA 262 56.12 -87.01 81.07
C GLU OA 262 57.06 -85.87 81.40
N SER PA 1 41.37 -63.87 46.21
CA SER PA 1 42.59 -64.32 45.55
C SER PA 1 42.88 -65.78 45.84
N ILE PA 2 44.08 -66.21 45.44
CA ILE PA 2 44.48 -67.60 45.62
C ILE PA 2 44.44 -67.97 47.10
N MET PA 3 45.05 -67.16 47.95
CA MET PA 3 44.95 -67.41 49.38
C MET PA 3 43.51 -67.31 49.85
N SER PA 4 42.69 -66.51 49.19
CA SER PA 4 41.29 -66.38 49.52
C SER PA 4 40.44 -67.46 48.88
N TYR PA 5 41.06 -68.47 48.28
CA TYR PA 5 40.27 -69.53 47.65
C TYR PA 5 39.51 -70.33 48.68
N ASN PA 6 40.20 -70.85 49.70
CA ASN PA 6 39.57 -71.63 50.74
C ASN PA 6 39.41 -70.90 52.05
N GLY PA 7 40.12 -69.80 52.25
CA GLY PA 7 40.05 -69.08 53.51
C GLY PA 7 40.64 -69.90 54.63
N GLY PA 8 40.52 -69.36 55.84
CA GLY PA 8 41.04 -70.02 57.02
C GLY PA 8 41.83 -69.08 57.90
N ALA PA 9 42.07 -69.50 59.14
CA ALA PA 9 42.76 -68.64 60.09
C ALA PA 9 43.50 -69.51 61.10
N VAL PA 10 44.70 -69.08 61.46
CA VAL PA 10 45.53 -69.78 62.43
C VAL PA 10 46.11 -68.74 63.38
N MET PA 11 45.96 -68.97 64.68
CA MET PA 11 46.45 -68.03 65.68
C MET PA 11 47.24 -68.75 66.75
N ALA PA 12 48.29 -68.10 67.23
CA ALA PA 12 49.10 -68.61 68.32
C ALA PA 12 49.45 -67.47 69.27
N MET PA 13 49.56 -67.81 70.55
CA MET PA 13 49.83 -66.82 71.58
C MET PA 13 50.68 -67.45 72.67
N LYS PA 14 51.63 -66.69 73.20
CA LYS PA 14 52.47 -67.16 74.29
C LYS PA 14 51.94 -66.63 75.61
N GLY PA 15 51.85 -67.52 76.60
CA GLY PA 15 51.35 -67.15 77.90
C GLY PA 15 52.46 -67.00 78.93
N LYS PA 16 52.13 -67.20 80.20
CA LYS PA 16 53.15 -67.13 81.25
C LYS PA 16 54.22 -68.20 81.06
N ASN PA 17 53.82 -69.46 81.11
CA ASN PA 17 54.74 -70.56 80.91
C ASN PA 17 54.17 -71.64 79.99
N CYS PA 18 52.91 -71.52 79.62
CA CYS PA 18 52.26 -72.40 78.67
C CYS PA 18 52.06 -71.63 77.37
N VAL PA 19 51.70 -72.35 76.31
CA VAL PA 19 51.51 -71.73 75.01
C VAL PA 19 50.21 -72.21 74.40
N ALA PA 20 49.59 -71.34 73.62
CA ALA PA 20 48.26 -71.57 73.07
C ALA PA 20 48.28 -71.44 71.56
N ILE PA 21 47.45 -72.26 70.92
CA ILE PA 21 47.28 -72.28 69.47
C ILE PA 21 45.83 -72.61 69.19
N ALA PA 22 45.33 -72.15 68.05
CA ALA PA 22 43.95 -72.45 67.71
C ALA PA 22 43.68 -72.09 66.25
N ALA PA 23 42.64 -72.71 65.71
CA ALA PA 23 42.23 -72.46 64.33
C ALA PA 23 40.74 -72.71 64.20
N ASP PA 24 40.22 -72.36 63.03
CA ASP PA 24 38.81 -72.52 62.74
C ASP PA 24 38.55 -73.93 62.21
N ARG PA 25 37.34 -74.16 61.71
CA ARG PA 25 36.94 -75.49 61.27
C ARG PA 25 36.24 -75.51 59.92
N ARG PA 26 36.00 -74.37 59.30
CA ARG PA 26 35.23 -74.33 58.06
C ARG PA 26 36.07 -74.87 56.90
N PHE PA 27 35.40 -75.42 55.89
CA PHE PA 27 36.03 -75.88 54.67
C PHE PA 27 35.05 -75.72 53.52
N GLY PA 28 35.34 -74.82 52.60
CA GLY PA 28 34.46 -74.58 51.48
C GLY PA 28 35.21 -74.10 50.25
N ILE PA 29 34.46 -73.82 49.19
CA ILE PA 29 35.03 -73.30 47.95
C ILE PA 29 34.31 -72.00 47.63
N GLN PA 30 34.81 -70.92 48.19
CA GLN PA 30 34.53 -69.54 47.80
C GLN PA 30 33.12 -69.05 48.13
N ALA PA 31 32.18 -69.96 48.34
CA ALA PA 31 30.89 -69.56 48.89
C ALA PA 31 30.31 -70.71 49.71
N GLN PA 32 30.85 -71.90 49.49
CA GLN PA 32 30.14 -73.15 49.74
C GLN PA 32 31.02 -74.06 50.57
N MET PA 33 30.73 -74.12 51.87
CA MET PA 33 31.44 -75.04 52.74
C MET PA 33 31.21 -76.47 52.30
N VAL PA 34 32.07 -77.36 52.78
CA VAL PA 34 31.97 -78.78 52.53
C VAL PA 34 31.90 -79.57 53.83
N THR PA 35 32.76 -79.22 54.78
CA THR PA 35 32.76 -79.88 56.08
C THR PA 35 33.10 -78.86 57.15
N THR PA 36 33.18 -79.35 58.38
CA THR PA 36 33.58 -78.54 59.53
C THR PA 36 34.65 -79.22 60.35
N ASP PA 37 35.26 -80.27 59.81
CA ASP PA 37 36.21 -81.08 60.55
C ASP PA 37 37.56 -81.11 59.85
N PHE PA 38 37.76 -80.22 58.88
CA PHE PA 38 39.02 -80.18 58.15
C PHE PA 38 40.13 -79.77 59.09
N GLN PA 39 41.07 -80.68 59.33
CA GLN PA 39 42.14 -80.43 60.28
C GLN PA 39 43.15 -79.45 59.73
N LYS PA 40 43.64 -78.56 60.58
CA LYS PA 40 44.68 -77.61 60.22
C LYS PA 40 45.81 -77.54 61.23
N ILE PA 41 45.59 -78.00 62.45
CA ILE PA 41 46.64 -78.08 63.47
C ILE PA 41 47.19 -79.49 63.45
N PHE PA 42 48.51 -79.61 63.53
CA PHE PA 42 49.14 -80.90 63.35
C PHE PA 42 50.30 -81.08 64.32
N PRO PA 43 50.41 -82.24 64.97
CA PRO PA 43 51.44 -82.44 65.99
C PRO PA 43 52.79 -82.72 65.36
N MET PA 44 53.84 -82.20 65.98
CA MET PA 44 55.21 -82.47 65.59
C MET PA 44 56.00 -82.64 66.88
N GLY PA 45 56.17 -83.89 67.31
CA GLY PA 45 56.73 -84.16 68.61
C GLY PA 45 55.78 -83.74 69.70
N ASP PA 46 56.22 -83.95 70.94
CA ASP PA 46 55.40 -83.62 72.09
C ASP PA 46 55.65 -82.17 72.51
N ARG PA 47 54.59 -81.49 72.91
CA ARG PA 47 54.67 -80.09 73.33
C ARG PA 47 55.12 -79.21 72.17
N LEU PA 48 54.76 -79.57 70.94
CA LEU PA 48 55.15 -78.79 69.78
C LEU PA 48 54.22 -79.11 68.63
N TYR PA 49 53.39 -78.16 68.24
CA TYR PA 49 52.47 -78.30 67.13
C TYR PA 49 52.80 -77.26 66.06
N ILE PA 50 52.24 -77.48 64.87
CA ILE PA 50 52.37 -76.54 63.77
C ILE PA 50 51.01 -76.41 63.09
N GLY PA 51 50.69 -75.20 62.66
CA GLY PA 51 49.47 -74.93 61.95
C GLY PA 51 49.76 -74.31 60.60
N LEU PA 52 48.85 -74.52 59.66
CA LEU PA 52 48.98 -74.00 58.30
C LEU PA 52 47.69 -73.33 57.89
N ALA PA 53 47.79 -72.42 56.93
CA ALA PA 53 46.62 -71.73 56.40
C ALA PA 53 46.90 -71.33 54.96
N GLY PA 54 45.81 -71.15 54.20
CA GLY PA 54 45.89 -70.77 52.81
C GLY PA 54 45.24 -71.83 51.92
N LEU PA 55 46.04 -72.39 51.02
CA LEU PA 55 45.51 -73.37 50.09
C LEU PA 55 45.53 -74.77 50.72
N ALA PA 56 44.37 -75.43 50.68
CA ALA PA 56 44.23 -76.73 51.31
C ALA PA 56 45.20 -77.76 50.77
N THR PA 57 45.41 -77.79 49.45
CA THR PA 57 46.25 -78.83 48.88
C THR PA 57 47.70 -78.66 49.30
N ASP PA 58 48.21 -77.43 49.24
CA ASP PA 58 49.51 -77.17 49.83
C ASP PA 58 49.54 -77.51 51.30
N VAL PA 59 48.43 -77.34 52.01
CA VAL PA 59 48.39 -77.73 53.41
C VAL PA 59 48.65 -79.23 53.56
N GLN PA 60 47.79 -80.05 52.97
CA GLN PA 60 47.92 -81.49 53.10
C GLN PA 60 49.21 -82.03 52.51
N THR PA 61 49.82 -81.30 51.58
CA THR PA 61 51.08 -81.76 51.01
C THR PA 61 52.25 -81.41 51.92
N VAL PA 62 52.35 -80.14 52.28
CA VAL PA 62 53.44 -79.69 53.14
C VAL PA 62 53.43 -80.40 54.48
N ALA PA 63 52.23 -80.64 55.04
CA ALA PA 63 52.14 -81.38 56.29
C ALA PA 63 52.74 -82.77 56.16
N GLN PA 64 52.69 -83.36 54.99
CA GLN PA 64 53.23 -84.70 54.80
C GLN PA 64 54.72 -84.68 54.48
N ARG PA 65 55.18 -83.72 53.67
CA ARG PA 65 56.60 -83.61 53.42
C ARG PA 65 57.36 -83.30 54.70
N LEU PA 66 56.87 -82.32 55.47
CA LEU PA 66 57.54 -81.93 56.70
C LEU PA 66 57.66 -83.11 57.67
N LYS PA 67 56.57 -83.84 57.85
CA LYS PA 67 56.64 -85.08 58.62
C LYS PA 67 57.66 -86.03 58.02
N PHE PA 68 57.71 -86.10 56.69
CA PHE PA 68 58.64 -87.00 56.01
C PHE PA 68 60.07 -86.73 56.43
N ARG PA 69 60.56 -85.52 56.19
CA ARG PA 69 61.91 -85.20 56.61
C ARG PA 69 62.10 -85.27 58.11
N LEU PA 70 61.06 -84.92 58.88
CA LEU PA 70 61.18 -84.91 60.33
C LEU PA 70 61.47 -86.29 60.88
N ASN PA 71 60.74 -87.30 60.43
CA ASN PA 71 61.00 -88.66 60.91
C ASN PA 71 62.42 -89.10 60.59
N LEU PA 72 62.89 -88.80 59.39
CA LEU PA 72 64.28 -89.09 59.03
C LEU PA 72 65.25 -88.39 59.98
N TYR PA 73 64.93 -87.15 60.36
CA TYR PA 73 65.80 -86.44 61.29
C TYR PA 73 65.83 -87.14 62.64
N GLU PA 74 64.67 -87.41 63.22
CA GLU PA 74 64.62 -88.04 64.53
C GLU PA 74 65.05 -89.50 64.51
N LEU PA 75 65.30 -90.08 63.34
CA LEU PA 75 65.93 -91.38 63.28
C LEU PA 75 67.44 -91.30 63.09
N LYS PA 76 67.93 -90.33 62.31
CA LYS PA 76 69.37 -90.13 62.23
C LYS PA 76 69.93 -89.71 63.57
N GLU PA 77 69.33 -88.69 64.19
CA GLU PA 77 69.68 -88.35 65.55
C GLU PA 77 68.77 -89.11 66.51
N GLY PA 78 69.22 -89.23 67.75
CA GLY PA 78 68.42 -89.92 68.74
C GLY PA 78 67.46 -88.98 69.43
N ARG PA 79 67.89 -87.73 69.62
CA ARG PA 79 67.09 -86.76 70.35
C ARG PA 79 65.85 -86.38 69.55
N GLN PA 80 65.03 -85.53 70.14
CA GLN PA 80 63.93 -84.91 69.41
C GLN PA 80 64.44 -83.65 68.72
N ILE PA 81 63.55 -82.98 68.00
CA ILE PA 81 63.89 -81.79 67.25
C ILE PA 81 63.65 -80.57 68.12
N LYS PA 82 64.43 -79.53 67.89
CA LYS PA 82 64.23 -78.28 68.61
C LYS PA 82 63.50 -77.27 67.75
N PRO PA 83 62.86 -76.28 68.36
CA PRO PA 83 61.99 -75.37 67.61
C PRO PA 83 62.71 -74.60 66.51
N TYR PA 84 63.85 -73.99 66.82
CA TYR PA 84 64.60 -73.28 65.79
C TYR PA 84 65.01 -74.21 64.66
N THR PA 85 65.41 -75.43 65.00
CA THR PA 85 65.73 -76.42 63.97
C THR PA 85 64.54 -76.65 63.04
N LEU PA 86 63.37 -76.88 63.63
CA LEU PA 86 62.16 -77.07 62.83
C LEU PA 86 61.89 -75.87 61.94
N MET PA 87 62.05 -74.66 62.48
CA MET PA 87 61.84 -73.46 61.69
C MET PA 87 62.79 -73.41 60.50
N SER PA 88 64.09 -73.67 60.75
CA SER PA 88 65.05 -73.69 59.66
C SER PA 88 64.67 -74.71 58.59
N MET PA 89 64.21 -75.89 59.00
CA MET PA 89 63.77 -76.87 58.01
C MET PA 89 62.61 -76.34 57.20
N VAL PA 90 61.61 -75.77 57.87
CA VAL PA 90 60.42 -75.30 57.18
C VAL PA 90 60.76 -74.23 56.16
N ALA PA 91 61.49 -73.19 56.59
CA ALA PA 91 61.90 -72.16 55.65
C ALA PA 91 62.76 -72.72 54.54
N ASN PA 92 63.56 -73.74 54.85
CA ASN PA 92 64.36 -74.39 53.81
C ASN PA 92 63.47 -74.97 52.73
N LEU PA 93 62.55 -75.86 53.10
CA LEU PA 93 61.72 -76.50 52.10
C LEU PA 93 60.84 -75.48 51.39
N LEU PA 94 60.39 -74.44 52.09
CA LEU PA 94 59.62 -73.40 51.43
C LEU PA 94 60.44 -72.69 50.37
N TYR PA 95 61.64 -72.25 50.71
CA TYR PA 95 62.50 -71.60 49.74
C TYR PA 95 62.88 -72.52 48.60
N GLU PA 96 62.80 -73.84 48.80
CA GLU PA 96 63.04 -74.79 47.73
C GLU PA 96 62.20 -74.47 46.50
N LYS PA 97 60.91 -74.20 46.70
CA LYS PA 97 60.03 -73.81 45.59
C LYS PA 97 60.07 -72.29 45.45
N ARG PA 98 61.26 -71.79 45.14
CA ARG PA 98 61.45 -70.35 45.08
C ARG PA 98 60.62 -69.72 43.97
N PHE PA 99 60.26 -70.50 42.95
CA PHE PA 99 59.45 -69.99 41.86
C PHE PA 99 58.13 -70.71 41.70
N GLY PA 100 58.04 -71.97 42.13
CA GLY PA 100 56.78 -72.66 42.26
C GLY PA 100 56.25 -72.65 43.68
N PRO PA 101 55.93 -71.48 44.21
CA PRO PA 101 55.69 -71.37 45.65
C PRO PA 101 54.42 -72.08 46.08
N TYR PA 102 54.51 -72.76 47.21
CA TYR PA 102 53.33 -73.27 47.87
C TYR PA 102 52.52 -72.11 48.42
N TYR PA 103 51.21 -72.30 48.51
CA TYR PA 103 50.31 -71.23 48.90
C TYR PA 103 49.78 -71.51 50.31
N THR PA 104 50.50 -70.99 51.30
CA THR PA 104 50.13 -71.16 52.69
C THR PA 104 51.02 -70.28 53.54
N GLU PA 105 50.79 -70.31 54.85
CA GLU PA 105 51.59 -69.55 55.80
C GLU PA 105 51.73 -70.36 57.08
N PRO PA 106 52.92 -70.88 57.36
CA PRO PA 106 53.10 -71.75 58.51
C PRO PA 106 53.26 -70.96 59.80
N VAL PA 107 52.78 -71.56 60.89
CA VAL PA 107 52.94 -71.03 62.23
C VAL PA 107 53.36 -72.15 63.15
N ILE PA 108 54.54 -72.01 63.76
CA ILE PA 108 55.11 -73.02 64.64
C ILE PA 108 54.87 -72.59 66.08
N ALA PA 109 54.43 -73.53 66.91
CA ALA PA 109 54.28 -73.31 68.33
C ALA PA 109 54.84 -74.50 69.09
N GLY PA 110 55.44 -74.24 70.25
CA GLY PA 110 55.96 -75.31 71.05
C GLY PA 110 56.67 -74.78 72.27
N LEU PA 111 57.15 -75.72 73.07
CA LEU PA 111 57.91 -75.43 74.27
C LEU PA 111 59.33 -75.98 74.17
N ASP PA 112 60.15 -75.60 75.12
CA ASP PA 112 61.50 -76.12 75.18
C ASP PA 112 61.45 -77.64 75.36
N PRO PA 113 62.22 -78.40 74.57
CA PRO PA 113 62.34 -79.84 74.84
C PRO PA 113 63.08 -80.15 76.13
N LYS PA 114 63.76 -79.18 76.73
CA LYS PA 114 64.43 -79.37 78.01
C LYS PA 114 63.76 -78.64 79.15
N THR PA 115 63.43 -77.37 78.96
CA THR PA 115 62.74 -76.56 79.94
C THR PA 115 61.30 -76.40 79.51
N PHE PA 116 60.56 -75.59 80.24
CA PHE PA 116 59.21 -75.21 79.85
C PHE PA 116 59.19 -73.99 78.94
N LYS PA 117 60.31 -73.67 78.30
CA LYS PA 117 60.44 -72.42 77.59
C LYS PA 117 59.46 -72.34 76.43
N PRO PA 118 58.61 -71.32 76.39
CA PRO PA 118 57.67 -71.19 75.26
C PRO PA 118 58.39 -70.70 74.01
N PHE PA 119 57.74 -70.90 72.87
CA PHE PA 119 58.29 -70.49 71.60
C PHE PA 119 57.22 -70.52 70.53
N ILE PA 120 57.15 -69.45 69.74
CA ILE PA 120 56.23 -69.34 68.63
C ILE PA 120 56.97 -68.66 67.48
N CYS PA 121 56.44 -68.85 66.27
CA CYS PA 121 57.01 -68.15 65.13
C CYS PA 121 56.08 -68.30 63.94
N SER PA 122 56.26 -67.41 62.96
CA SER PA 122 55.44 -67.39 61.77
C SER PA 122 56.35 -67.26 60.55
N LEU PA 123 55.92 -67.83 59.44
CA LEU PA 123 56.71 -67.77 58.21
C LEU PA 123 55.86 -67.24 57.07
N ASP PA 124 56.55 -66.73 56.05
CA ASP PA 124 55.90 -66.24 54.85
C ASP PA 124 55.79 -67.36 53.83
N LEU PA 125 55.01 -67.11 52.77
CA LEU PA 125 54.80 -68.12 51.74
C LEU PA 125 56.08 -68.47 51.00
N ILE PA 126 57.09 -67.61 51.07
CA ILE PA 126 58.40 -67.93 50.51
C ILE PA 126 59.38 -68.40 51.56
N GLY PA 127 59.11 -68.16 52.83
CA GLY PA 127 59.92 -68.73 53.89
C GLY PA 127 60.63 -67.72 54.77
N CYS PA 128 60.19 -66.47 54.77
CA CYS PA 128 60.79 -65.46 55.61
C CYS PA 128 60.43 -65.73 57.06
N PRO PA 129 61.37 -66.10 57.91
CA PRO PA 129 61.03 -66.41 59.30
C PRO PA 129 60.78 -65.15 60.11
N MET PA 130 60.06 -65.32 61.20
CA MET PA 130 59.79 -64.22 62.13
C MET PA 130 59.34 -64.83 63.45
N VAL PA 131 60.02 -64.47 64.52
CA VAL PA 131 59.72 -64.97 65.86
C VAL PA 131 59.35 -63.81 66.75
N THR PA 132 58.35 -64.02 67.61
CA THR PA 132 57.91 -62.98 68.53
C THR PA 132 57.71 -63.57 69.92
N ASP PA 133 57.02 -62.84 70.78
CA ASP PA 133 56.80 -63.30 72.15
C ASP PA 133 55.36 -63.24 72.60
N ASP PA 134 54.48 -62.59 71.85
CA ASP PA 134 53.11 -62.39 72.28
C ASP PA 134 52.11 -63.23 71.49
N PHE PA 135 52.22 -63.22 70.16
CA PHE PA 135 51.26 -63.94 69.32
C PHE PA 135 51.65 -63.77 67.86
N VAL PA 136 51.12 -64.66 67.03
CA VAL PA 136 51.25 -64.57 65.59
C VAL PA 136 49.97 -65.08 64.96
N VAL PA 137 49.59 -64.49 63.83
CA VAL PA 137 48.35 -64.82 63.15
C VAL PA 137 48.66 -65.08 61.68
N SER PA 138 47.73 -65.77 61.02
CA SER PA 138 47.87 -66.00 59.59
C SER PA 138 46.52 -66.44 59.03
N GLY PA 139 46.33 -66.19 57.75
CA GLY PA 139 45.10 -66.51 57.07
C GLY PA 139 44.49 -65.29 56.44
N THR PA 140 43.17 -65.31 56.29
CA THR PA 140 42.48 -64.20 55.63
C THR PA 140 42.24 -63.04 56.58
N CYS PA 141 41.48 -63.26 57.65
CA CYS PA 141 41.06 -62.19 58.53
C CYS PA 141 42.15 -61.84 59.54
N ALA PA 142 43.31 -61.47 59.01
CA ALA PA 142 44.45 -61.18 59.86
C ALA PA 142 44.26 -59.90 60.64
N GLU PA 143 43.81 -58.83 59.96
CA GLU PA 143 43.66 -57.53 60.59
C GLU PA 143 42.75 -57.59 61.82
N GLN PA 144 41.69 -58.37 61.75
CA GLN PA 144 40.83 -58.58 62.90
C GLN PA 144 41.61 -59.19 64.05
N MET PA 145 42.40 -60.22 63.76
CA MET PA 145 43.22 -60.86 64.79
C MET PA 145 44.17 -59.85 65.44
N TYR PA 146 44.80 -58.99 64.64
CA TYR PA 146 45.60 -57.92 65.23
C TYR PA 146 44.76 -57.03 66.12
N GLY PA 147 43.54 -56.70 65.68
CA GLY PA 147 42.66 -55.88 66.51
C GLY PA 147 42.37 -56.50 67.86
N MET PA 148 42.22 -57.82 67.91
CA MET PA 148 41.94 -58.47 69.19
C MET PA 148 43.20 -58.56 70.03
N CYS PA 149 44.24 -59.21 69.51
CA CYS PA 149 45.43 -59.48 70.31
C CYS PA 149 46.13 -58.21 70.76
N GLU PA 150 46.18 -57.18 69.91
CA GLU PA 150 46.78 -55.92 70.33
C GLU PA 150 45.98 -55.20 71.38
N SER PA 151 44.74 -55.63 71.64
CA SER PA 151 43.92 -55.00 72.65
C SER PA 151 43.61 -55.91 73.83
N LEU PA 152 44.07 -57.15 73.82
CA LEU PA 152 43.77 -58.07 74.90
C LEU PA 152 44.97 -58.82 75.44
N TRP PA 153 46.05 -58.96 74.69
CA TRP PA 153 47.18 -59.72 75.17
C TRP PA 153 47.87 -59.01 76.33
N GLU PA 154 48.26 -59.79 77.33
CA GLU PA 154 49.06 -59.28 78.42
C GLU PA 154 50.33 -60.10 78.57
N PRO PA 155 51.34 -59.58 79.24
CA PRO PA 155 52.65 -60.23 79.28
C PRO PA 155 52.63 -61.62 79.89
N ASN PA 156 52.16 -61.75 81.11
CA ASN PA 156 52.19 -63.00 81.85
C ASN PA 156 50.77 -63.37 82.23
N MET PA 157 50.35 -64.58 81.86
CA MET PA 157 48.97 -65.01 82.04
C MET PA 157 48.94 -66.50 82.34
N ASP PA 158 48.06 -66.90 83.25
CA ASP PA 158 47.91 -68.31 83.53
C ASP PA 158 47.38 -69.03 82.29
N PRO PA 159 47.41 -70.37 82.30
CA PRO PA 159 46.71 -71.13 81.24
C PRO PA 159 45.24 -70.77 81.13
N ASP PA 160 44.60 -70.40 82.23
CA ASP PA 160 43.19 -70.05 82.18
C ASP PA 160 42.96 -68.77 81.41
N HIS PA 161 43.50 -67.65 81.90
CA HIS PA 161 43.27 -66.39 81.23
C HIS PA 161 43.87 -66.35 79.84
N LEU PA 162 44.96 -67.09 79.61
CA LEU PA 162 45.39 -67.32 78.24
C LEU PA 162 44.28 -67.96 77.43
N PHE PA 163 43.67 -69.00 77.98
CA PHE PA 163 42.59 -69.72 77.31
C PHE PA 163 41.44 -68.80 76.95
N GLU PA 164 40.85 -68.14 77.95
CA GLU PA 164 39.73 -67.24 77.68
C GLU PA 164 40.11 -66.10 76.76
N THR PA 165 41.31 -65.54 76.90
CA THR PA 165 41.72 -64.44 76.05
C THR PA 165 41.77 -64.86 74.59
N ILE PA 166 42.57 -65.89 74.29
CA ILE PA 166 42.66 -66.37 72.91
C ILE PA 166 41.30 -66.80 72.39
N SER PA 167 40.46 -67.38 73.25
CA SER PA 167 39.12 -67.78 72.83
C SER PA 167 38.31 -66.58 72.37
N GLN PA 168 38.26 -65.54 73.20
CA GLN PA 168 37.53 -64.33 72.83
C GLN PA 168 38.09 -63.70 71.57
N ALA PA 169 39.41 -63.68 71.41
CA ALA PA 169 39.99 -63.10 70.20
C ALA PA 169 39.55 -63.87 68.96
N MET PA 170 39.72 -65.19 68.97
CA MET PA 170 39.34 -65.99 67.81
C MET PA 170 37.86 -65.87 67.50
N LEU PA 171 36.99 -66.06 68.49
CA LEU PA 171 35.57 -66.01 68.24
C LEU PA 171 35.12 -64.65 67.75
N ASN PA 172 35.55 -63.58 68.42
CA ASN PA 172 35.16 -62.24 67.99
C ASN PA 172 35.71 -61.90 66.61
N ALA PA 173 36.87 -62.45 66.25
CA ALA PA 173 37.43 -62.14 64.94
C ALA PA 173 36.72 -62.88 63.82
N VAL PA 174 36.62 -64.21 63.93
CA VAL PA 174 36.07 -65.00 62.84
C VAL PA 174 34.60 -64.66 62.63
N ASP PA 175 33.89 -64.25 63.67
CA ASP PA 175 32.54 -63.76 63.49
C ASP PA 175 32.49 -62.58 62.53
N ARG PA 176 33.48 -61.71 62.56
CA ARG PA 176 33.52 -60.62 61.58
C ARG PA 176 34.05 -61.10 60.25
N ASP PA 177 34.90 -62.12 60.24
CA ASP PA 177 35.33 -62.71 58.98
C ASP PA 177 34.16 -63.46 58.34
N ALA PA 178 34.21 -63.56 57.02
CA ALA PA 178 33.11 -64.14 56.27
C ALA PA 178 33.38 -65.59 55.85
N VAL PA 179 34.51 -65.84 55.20
CA VAL PA 179 34.75 -67.13 54.57
C VAL PA 179 35.30 -68.14 55.57
N SER PA 180 35.38 -67.74 56.84
CA SER PA 180 35.92 -68.60 57.87
C SER PA 180 34.95 -68.68 59.04
N GLY PA 181 35.00 -69.79 59.77
CA GLY PA 181 34.15 -69.99 60.91
C GLY PA 181 33.74 -71.44 61.08
N MET PA 182 32.49 -71.66 61.48
CA MET PA 182 31.93 -73.00 61.57
C MET PA 182 32.67 -73.83 62.62
N GLY PA 183 32.76 -73.30 63.83
CA GLY PA 183 33.42 -74.03 64.89
C GLY PA 183 34.91 -73.73 64.94
N VAL PA 184 35.45 -73.69 66.15
CA VAL PA 184 36.84 -73.37 66.38
C VAL PA 184 37.44 -74.41 67.32
N ILE PA 185 38.61 -74.90 66.97
CA ILE PA 185 39.34 -75.87 67.78
C ILE PA 185 40.56 -75.18 68.38
N VAL PA 186 40.92 -75.57 69.59
CA VAL PA 186 41.97 -74.92 70.35
C VAL PA 186 42.83 -75.98 71.02
N HIS PA 187 44.14 -75.79 70.94
CA HIS PA 187 45.11 -76.59 71.68
C HIS PA 187 45.88 -75.67 72.61
N ILE PA 188 45.83 -75.96 73.91
CA ILE PA 188 46.64 -75.28 74.91
C ILE PA 188 47.59 -76.31 75.47
N ILE PA 189 48.88 -75.99 75.54
CA ILE PA 189 49.86 -76.97 75.97
C ILE PA 189 50.81 -76.35 76.98
N GLU PA 190 51.40 -77.23 77.78
CA GLU PA 190 52.27 -76.88 78.88
C GLU PA 190 53.34 -77.95 79.01
N LYS PA 191 54.04 -77.96 80.15
CA LYS PA 191 55.16 -78.88 80.30
C LYS PA 191 54.70 -80.30 80.56
N ASP PA 192 53.51 -80.48 81.12
CA ASP PA 192 53.11 -81.77 81.67
C ASP PA 192 51.97 -82.44 80.93
N LYS PA 193 51.23 -81.73 80.09
CA LYS PA 193 50.10 -82.32 79.40
C LYS PA 193 49.70 -81.43 78.24
N ILE PA 194 48.65 -81.84 77.54
CA ILE PA 194 48.12 -81.13 76.39
C ILE PA 194 46.60 -81.15 76.49
N THR PA 195 46.00 -79.98 76.43
CA THR PA 195 44.54 -79.83 76.49
C THR PA 195 44.04 -79.37 75.13
N THR PA 196 42.88 -79.90 74.73
CA THR PA 196 42.25 -79.54 73.46
C THR PA 196 40.77 -79.35 73.70
N ARG PA 197 40.23 -78.23 73.22
CA ARG PA 197 38.82 -77.94 73.41
C ARG PA 197 38.22 -77.42 72.11
N THR PA 198 36.91 -77.57 72.00
CA THR PA 198 36.14 -77.09 70.86
C THR PA 198 35.14 -76.06 71.34
N LEU PA 199 35.26 -74.84 70.82
CA LEU PA 199 34.38 -73.78 71.29
C LEU PA 199 33.05 -73.81 70.54
N LYS PA 200 32.03 -73.31 71.21
CA LYS PA 200 30.70 -73.19 70.61
C LYS PA 200 30.66 -71.91 69.79
N ALA PA 201 30.87 -72.04 68.49
CA ALA PA 201 30.92 -70.90 67.59
C ALA PA 201 29.61 -70.80 66.81
N ARG PA 202 29.46 -69.68 66.12
CA ARG PA 202 28.30 -69.49 65.26
C ARG PA 202 28.45 -70.35 64.00
N MET PA 203 27.53 -71.28 63.82
CA MET PA 203 27.53 -72.15 62.64
C MET PA 203 26.87 -71.47 61.45
N ASP PA 204 26.61 -70.18 61.53
CA ASP PA 204 25.96 -69.43 60.46
C ASP PA 204 26.91 -69.15 59.30
N MET QA 1 28.72 -80.13 35.73
CA MET QA 1 27.90 -80.27 34.54
C MET QA 1 26.95 -81.45 34.67
N GLU QA 2 27.46 -82.55 35.21
CA GLU QA 2 26.67 -83.71 35.55
C GLU QA 2 26.76 -83.96 37.05
N TYR QA 3 25.87 -84.81 37.55
CA TYR QA 3 25.62 -84.91 38.97
C TYR QA 3 26.17 -86.21 39.54
N LEU QA 4 26.63 -86.16 40.78
CA LEU QA 4 26.92 -87.33 41.58
C LEU QA 4 26.44 -87.10 42.99
N ILE QA 5 26.43 -88.17 43.79
CA ILE QA 5 25.92 -88.10 45.15
C ILE QA 5 26.39 -89.32 45.93
N GLY QA 6 26.77 -89.07 47.19
CA GLY QA 6 27.52 -90.04 47.97
C GLY QA 6 27.00 -90.34 49.37
N ILE QA 7 25.69 -90.50 49.54
CA ILE QA 7 25.10 -90.67 50.87
C ILE QA 7 25.76 -91.83 51.60
N GLN QA 8 26.13 -91.61 52.86
CA GLN QA 8 26.76 -92.61 53.70
C GLN QA 8 25.75 -93.20 54.67
N GLY QA 9 25.84 -94.50 54.90
CA GLY QA 9 25.00 -95.17 55.86
C GLY QA 9 25.79 -95.62 57.07
N PRO QA 10 25.10 -96.06 58.12
CA PRO QA 10 25.82 -96.55 59.31
C PRO QA 10 26.72 -97.73 59.02
N ASP QA 11 26.36 -98.58 58.06
CA ASP QA 11 27.21 -99.70 57.67
C ASP QA 11 27.19 -99.93 56.16
N TYR QA 12 26.82 -98.92 55.39
CA TYR QA 12 26.64 -99.10 53.96
C TYR QA 12 26.88 -97.77 53.27
N VAL QA 13 27.46 -97.83 52.08
CA VAL QA 13 27.76 -96.64 51.30
C VAL QA 13 26.83 -96.62 50.10
N LEU QA 14 25.94 -95.63 50.05
CA LEU QA 14 24.99 -95.48 48.97
C LEU QA 14 25.43 -94.35 48.05
N VAL QA 15 25.71 -94.69 46.80
CA VAL QA 15 26.17 -93.72 45.83
C VAL QA 15 25.29 -93.80 44.59
N ALA QA 16 25.04 -92.64 43.99
CA ALA QA 16 24.25 -92.58 42.78
C ALA QA 16 25.02 -91.82 41.72
N SER QA 17 24.50 -91.86 40.50
CA SER QA 17 25.13 -91.22 39.37
C SER QA 17 24.10 -91.09 38.26
N ASP QA 18 24.56 -90.74 37.07
CA ASP QA 18 23.72 -90.69 35.88
C ASP QA 18 24.29 -91.63 34.84
N ARG QA 19 23.75 -91.51 33.63
CA ARG QA 19 24.23 -92.28 32.50
C ARG QA 19 24.38 -91.42 31.25
N VAL QA 20 24.35 -90.10 31.40
CA VAL QA 20 24.34 -89.19 30.26
C VAL QA 20 25.75 -89.04 29.72
N ALA QA 21 25.88 -89.05 28.40
CA ALA QA 21 27.13 -88.73 27.72
C ALA QA 21 26.91 -87.41 26.98
N ALA QA 22 27.50 -86.34 27.50
CA ALA QA 22 27.26 -85.02 26.97
C ALA QA 22 27.88 -84.87 25.59
N SER QA 23 27.55 -83.77 24.93
CA SER QA 23 28.08 -83.43 23.61
C SER QA 23 28.11 -81.92 23.51
N ASN QA 24 28.18 -81.41 22.28
CA ASN QA 24 28.07 -79.97 22.05
C ASN QA 24 26.79 -79.43 22.65
N ILE QA 25 25.64 -79.84 22.11
CA ILE QA 25 24.34 -79.43 22.64
C ILE QA 25 23.45 -80.65 22.71
N VAL QA 26 23.89 -81.74 22.11
CA VAL QA 26 23.07 -82.91 21.94
C VAL QA 26 23.50 -83.98 22.93
N GLN QA 27 22.73 -85.06 23.00
CA GLN QA 27 22.95 -86.14 23.95
C GLN QA 27 23.32 -87.40 23.16
N MET QA 28 24.62 -87.62 22.96
CA MET QA 28 25.06 -88.72 22.13
C MET QA 28 24.73 -90.07 22.77
N LYS QA 29 25.30 -90.35 23.93
CA LYS QA 29 25.02 -91.56 24.68
C LYS QA 29 24.21 -91.19 25.91
N ASP QA 30 23.21 -92.01 26.20
CA ASP QA 30 22.27 -91.74 27.29
C ASP QA 30 22.32 -92.80 28.38
N ASP QA 31 23.22 -93.77 28.27
CA ASP QA 31 23.33 -94.85 29.24
C ASP QA 31 24.78 -95.04 29.62
N HIS QA 32 25.50 -93.94 29.77
CA HIS QA 32 26.91 -93.98 30.15
C HIS QA 32 27.05 -94.55 31.56
N ASP QA 33 28.27 -94.94 31.89
CA ASP QA 33 28.64 -95.34 33.24
C ASP QA 33 29.87 -94.56 33.66
N LYS QA 34 29.79 -93.89 34.81
CA LYS QA 34 30.93 -93.21 35.39
C LYS QA 34 31.64 -94.05 36.44
N MET QA 35 31.08 -95.21 36.75
CA MET QA 35 31.51 -96.01 37.88
C MET QA 35 32.70 -96.90 37.50
N PHE QA 36 33.47 -97.29 38.52
CA PHE QA 36 34.68 -98.08 38.31
C PHE QA 36 34.90 -98.96 39.52
N LYS QA 37 34.82 -100.27 39.32
CA LYS QA 37 35.05 -101.22 40.40
C LYS QA 37 36.55 -101.38 40.60
N MET QA 38 37.09 -100.60 41.54
CA MET QA 38 38.52 -100.70 41.80
C MET QA 38 38.87 -102.03 42.44
N SER QA 39 38.04 -102.49 43.37
CA SER QA 39 38.20 -103.81 43.97
C SER QA 39 36.87 -104.21 44.59
N GLU QA 40 36.90 -105.26 45.41
CA GLU QA 40 35.67 -105.84 45.92
C GLU QA 40 34.96 -104.93 46.91
N LYS QA 41 35.64 -103.95 47.48
CA LYS QA 41 35.01 -103.06 48.45
C LYS QA 41 35.37 -101.60 48.19
N ILE QA 42 35.78 -101.28 46.96
CA ILE QA 42 36.26 -99.94 46.63
C ILE QA 42 35.76 -99.57 45.24
N LEU QA 43 34.90 -98.56 45.17
CA LEU QA 43 34.39 -98.04 43.91
C LEU QA 43 35.02 -96.68 43.64
N LEU QA 44 34.77 -96.17 42.43
CA LEU QA 44 35.28 -94.85 42.07
C LEU QA 44 34.50 -94.31 40.88
N LEU QA 45 33.88 -93.16 41.08
CA LEU QA 45 33.26 -92.40 40.01
C LEU QA 45 34.31 -91.48 39.38
N CYS QA 46 33.86 -90.57 38.53
CA CYS QA 46 34.72 -89.51 38.03
C CYS QA 46 33.88 -88.51 37.24
N VAL QA 47 34.21 -87.23 37.36
CA VAL QA 47 33.51 -86.17 36.66
C VAL QA 47 34.50 -85.04 36.37
N GLY QA 48 34.57 -84.62 35.11
CA GLY QA 48 35.45 -83.52 34.77
C GLY QA 48 35.91 -83.51 33.32
N GLU QA 49 37.22 -83.44 33.12
CA GLU QA 49 37.76 -83.30 31.78
C GLU QA 49 37.62 -84.59 30.98
N ALA QA 50 37.06 -84.47 29.78
CA ALA QA 50 36.73 -85.64 28.97
C ALA QA 50 37.96 -86.45 28.59
N GLY QA 51 39.14 -85.83 28.55
CA GLY QA 51 40.34 -86.57 28.20
C GLY QA 51 41.01 -87.18 29.40
N ASP QA 52 40.72 -86.65 30.59
CA ASP QA 52 41.40 -87.08 31.80
C ASP QA 52 40.64 -88.15 32.56
N THR QA 53 39.31 -88.02 32.62
CA THR QA 53 38.48 -88.86 33.49
C THR QA 53 38.73 -90.34 33.26
N VAL QA 54 38.76 -90.78 32.01
CA VAL QA 54 38.95 -92.19 31.73
C VAL QA 54 40.33 -92.64 32.16
N GLN QA 55 41.37 -91.99 31.63
CA GLN QA 55 42.72 -92.47 31.81
C GLN QA 55 43.16 -92.45 33.25
N PHE QA 56 42.59 -91.57 34.07
CA PHE QA 56 43.07 -91.52 35.45
C PHE QA 56 42.41 -92.59 36.30
N ALA QA 57 41.11 -92.81 36.12
CA ALA QA 57 40.46 -93.94 36.76
C ALA QA 57 41.13 -95.24 36.37
N GLU QA 58 41.42 -95.41 35.07
CA GLU QA 58 42.11 -96.61 34.64
C GLU QA 58 43.49 -96.72 35.29
N TYR QA 59 44.26 -95.63 35.27
CA TYR QA 59 45.61 -95.68 35.80
C TYR QA 59 45.63 -96.04 37.27
N ILE QA 60 44.74 -95.44 38.06
CA ILE QA 60 44.65 -95.84 39.45
C ILE QA 60 44.21 -97.29 39.56
N GLN QA 61 43.32 -97.72 38.67
CA GLN QA 61 42.80 -99.08 38.70
C GLN QA 61 43.94 -100.09 38.59
N LYS QA 62 44.77 -99.95 37.57
CA LYS QA 62 45.85 -100.90 37.37
C LYS QA 62 46.83 -100.86 38.52
N ASN QA 63 47.08 -99.68 39.07
CA ASN QA 63 48.02 -99.60 40.19
C ASN QA 63 47.49 -100.32 41.42
N VAL QA 64 46.19 -100.21 41.70
CA VAL QA 64 45.63 -100.96 42.80
C VAL QA 64 45.71 -102.46 42.52
N GLN QA 65 45.40 -102.85 41.28
CA GLN QA 65 45.53 -104.24 40.88
C GLN QA 65 46.94 -104.77 41.10
N LEU QA 66 47.96 -103.96 40.86
CA LEU QA 66 49.31 -104.37 41.19
C LEU QA 66 49.46 -104.62 42.67
N TYR QA 67 48.87 -103.75 43.50
CA TYR QA 67 48.99 -103.94 44.94
C TYR QA 67 48.40 -105.27 45.37
N LYS QA 68 47.12 -105.49 45.06
CA LYS QA 68 46.47 -106.72 45.49
C LYS QA 68 47.13 -107.94 44.88
N MET QA 69 47.50 -107.87 43.61
CA MET QA 69 48.08 -109.03 42.95
C MET QA 69 49.47 -109.33 43.48
N ARG QA 70 50.14 -108.35 44.08
CA ARG QA 70 51.48 -108.56 44.59
C ARG QA 70 51.47 -108.95 46.07
N ASN QA 71 50.93 -108.10 46.92
CA ASN QA 71 50.89 -108.40 48.35
C ASN QA 71 49.77 -109.37 48.72
N GLY QA 72 48.96 -109.78 47.76
CA GLY QA 72 47.97 -110.81 48.00
C GLY QA 72 46.73 -110.37 48.73
N TYR QA 73 46.45 -109.07 48.80
CA TYR QA 73 45.21 -108.60 49.40
C TYR QA 73 44.97 -107.17 49.00
N GLU QA 74 43.78 -106.69 49.33
CA GLU QA 74 43.30 -105.39 48.87
C GLU QA 74 43.80 -104.28 49.78
N LEU QA 75 43.91 -103.08 49.20
CA LEU QA 75 44.24 -101.91 49.99
C LEU QA 75 43.08 -101.51 50.88
N SER QA 76 43.35 -100.59 51.79
CA SER QA 76 42.28 -99.96 52.54
C SER QA 76 41.74 -98.77 51.75
N PRO QA 77 40.47 -98.43 51.94
CA PRO QA 77 39.91 -97.26 51.25
C PRO QA 77 40.65 -95.98 51.56
N THR QA 78 41.03 -95.75 52.82
CA THR QA 78 41.75 -94.54 53.17
C THR QA 78 43.08 -94.48 52.44
N ALA QA 79 43.84 -95.56 52.47
CA ALA QA 79 45.11 -95.59 51.75
C ALA QA 79 44.90 -95.36 50.26
N ALA QA 80 43.83 -95.91 49.69
CA ALA QA 80 43.55 -95.68 48.28
C ALA QA 80 43.33 -94.20 48.00
N ALA QA 81 42.45 -93.56 48.78
CA ALA QA 81 42.22 -92.14 48.62
C ALA QA 81 43.51 -91.35 48.74
N ASN QA 82 44.36 -91.71 49.69
CA ASN QA 82 45.66 -91.08 49.82
C ASN QA 82 46.52 -91.25 48.57
N PHE QA 83 46.56 -92.45 47.99
CA PHE QA 83 47.33 -92.67 46.79
C PHE QA 83 46.81 -91.84 45.62
N THR QA 84 45.48 -91.74 45.49
CA THR QA 84 44.92 -90.91 44.45
C THR QA 84 45.30 -89.45 44.63
N ARG QA 85 45.03 -88.89 45.82
CA ARG QA 85 45.38 -87.51 46.09
C ARG QA 85 46.87 -87.27 45.89
N ARG QA 86 47.70 -88.25 46.24
CA ARG QA 86 49.12 -88.17 45.91
C ARG QA 86 49.31 -87.97 44.42
N ASN QA 87 48.74 -88.85 43.60
CA ASN QA 87 49.01 -88.80 42.17
C ASN QA 87 48.51 -87.51 41.54
N LEU QA 88 47.33 -87.04 41.94
CA LEU QA 88 46.85 -85.77 41.39
C LEU QA 88 47.74 -84.62 41.82
N ALA QA 89 48.03 -84.52 43.12
CA ALA QA 89 48.84 -83.41 43.60
C ALA QA 89 50.22 -83.42 42.99
N ASP QA 90 50.75 -84.59 42.67
CA ASP QA 90 52.08 -84.67 42.09
C ASP QA 90 52.11 -84.02 40.71
N CYS QA 91 51.22 -84.43 39.82
CA CYS QA 91 51.22 -83.90 38.46
C CYS QA 91 50.42 -82.61 38.35
N LEU QA 92 49.94 -82.06 39.46
CA LEU QA 92 49.28 -80.76 39.40
C LEU QA 92 50.25 -79.69 38.90
N ARG QA 93 51.34 -79.47 39.63
CA ARG QA 93 52.36 -78.50 39.22
C ARG QA 93 53.18 -79.11 38.09
N SER QA 94 52.60 -79.10 36.90
CA SER QA 94 53.27 -79.68 35.75
C SER QA 94 52.77 -79.02 34.47
N ARG QA 95 53.45 -79.34 33.37
CA ARG QA 95 52.97 -78.93 32.06
C ARG QA 95 51.75 -79.72 31.63
N THR QA 96 51.43 -80.80 32.34
CA THR QA 96 50.27 -81.65 32.05
C THR QA 96 49.30 -81.52 33.22
N PRO QA 97 48.61 -80.40 33.34
CA PRO QA 97 47.68 -80.24 34.46
C PRO QA 97 46.50 -81.18 34.32
N TYR QA 98 46.01 -81.63 35.46
CA TYR QA 98 44.91 -82.60 35.50
C TYR QA 98 43.67 -81.90 36.01
N HIS QA 99 42.50 -82.40 35.60
CA HIS QA 99 41.24 -81.73 35.94
C HIS QA 99 40.13 -82.77 36.06
N VAL QA 100 39.88 -83.20 37.30
CA VAL QA 100 38.77 -84.10 37.62
C VAL QA 100 38.26 -83.76 39.02
N ASN QA 101 37.13 -84.37 39.38
CA ASN QA 101 36.44 -84.11 40.65
C ASN QA 101 35.65 -85.36 41.00
N LEU QA 102 36.15 -86.14 41.96
CA LEU QA 102 35.35 -87.25 42.44
C LEU QA 102 35.98 -87.85 43.68
N LEU QA 103 35.11 -88.38 44.54
CA LEU QA 103 35.42 -88.98 45.82
C LEU QA 103 35.82 -90.45 45.74
N LEU QA 104 35.82 -91.14 46.88
CA LEU QA 104 35.94 -92.58 46.93
C LEU QA 104 34.91 -93.13 47.90
N ALA QA 105 34.51 -94.38 47.64
CA ALA QA 105 33.51 -95.07 48.43
C ALA QA 105 33.97 -96.51 48.61
N GLY QA 106 34.29 -96.88 49.84
CA GLY QA 106 34.73 -98.23 50.13
C GLY QA 106 34.24 -98.66 51.48
N TYR QA 107 34.28 -99.97 51.71
CA TYR QA 107 33.86 -100.58 52.96
C TYR QA 107 35.05 -101.28 53.58
N ASP QA 108 35.32 -100.98 54.84
CA ASP QA 108 36.40 -101.63 55.56
C ASP QA 108 35.88 -102.84 56.32
N GLU QA 109 36.74 -103.85 56.45
CA GLU QA 109 36.40 -104.99 57.30
C GLU QA 109 36.49 -104.63 58.76
N HIS QA 110 37.18 -103.53 59.09
CA HIS QA 110 37.34 -103.09 60.46
C HIS QA 110 36.73 -101.72 60.71
N GLU QA 111 36.72 -100.86 59.70
CA GLU QA 111 36.12 -99.54 59.80
C GLU QA 111 34.79 -99.45 59.06
N GLY QA 112 34.35 -100.54 58.45
CA GLY QA 112 33.08 -100.58 57.78
C GLY QA 112 33.00 -99.59 56.65
N PRO QA 113 31.94 -98.78 56.65
CA PRO QA 113 31.76 -97.81 55.58
C PRO QA 113 32.78 -96.70 55.65
N ALA QA 114 32.88 -95.95 54.55
CA ALA QA 114 33.79 -94.84 54.46
C ALA QA 114 33.49 -94.04 53.20
N LEU QA 115 33.69 -92.72 53.30
CA LEU QA 115 33.46 -91.82 52.18
C LEU QA 115 34.42 -90.63 52.29
N TYR QA 116 35.05 -90.31 51.18
CA TYR QA 116 35.96 -89.18 51.13
C TYR QA 116 35.45 -88.17 50.10
N TYR QA 117 36.27 -87.16 49.82
CA TYR QA 117 35.93 -86.17 48.82
C TYR QA 117 37.21 -85.64 48.20
N MET QA 118 37.15 -85.31 46.92
CA MET QA 118 38.32 -84.87 46.18
C MET QA 118 37.96 -83.72 45.27
N ASP QA 119 38.91 -82.81 45.10
CA ASP QA 119 38.83 -81.70 44.16
C ASP QA 119 39.93 -81.84 43.12
N TYR QA 120 39.76 -81.17 41.98
CA TYR QA 120 40.85 -81.10 41.02
C TYR QA 120 42.05 -80.34 41.57
N LEU QA 121 41.85 -79.57 42.63
CA LEU QA 121 42.95 -79.01 43.39
C LEU QA 121 43.55 -80.01 44.36
N ALA QA 122 43.12 -81.27 44.31
CA ALA QA 122 43.68 -82.35 45.12
C ALA QA 122 43.51 -82.06 46.62
N ALA QA 123 42.25 -82.03 47.02
CA ALA QA 123 41.88 -81.84 48.42
C ALA QA 123 41.12 -83.05 48.91
N LEU QA 124 41.63 -83.67 49.98
CA LEU QA 124 40.95 -84.78 50.63
C LEU QA 124 39.99 -84.26 51.69
N ALA QA 125 38.90 -85.00 51.88
CA ALA QA 125 37.91 -84.61 52.89
C ALA QA 125 37.05 -85.81 53.22
N LYS QA 126 37.12 -86.26 54.47
CA LYS QA 126 36.17 -87.25 54.97
C LYS QA 126 34.84 -86.57 55.25
N ALA QA 127 33.76 -87.14 54.74
CA ALA QA 127 32.46 -86.50 54.91
C ALA QA 127 31.35 -87.54 54.93
N PRO QA 128 30.24 -87.24 55.59
CA PRO QA 128 29.10 -88.17 55.61
C PRO QA 128 28.29 -88.19 54.32
N PHE QA 129 28.45 -87.20 53.46
CA PHE QA 129 27.70 -87.14 52.21
C PHE QA 129 28.21 -85.95 51.42
N ALA QA 130 28.16 -86.07 50.10
CA ALA QA 130 28.65 -85.01 49.25
C ALA QA 130 28.18 -85.23 47.82
N ALA QA 131 28.42 -84.22 46.98
CA ALA QA 131 28.03 -84.27 45.59
C ALA QA 131 28.91 -83.31 44.80
N HIS QA 132 28.94 -83.51 43.50
CA HIS QA 132 29.67 -82.65 42.58
C HIS QA 132 28.67 -81.98 41.64
N GLY QA 133 29.21 -81.25 40.67
CA GLY QA 133 28.38 -80.62 39.66
C GLY QA 133 27.42 -79.60 40.23
N TYR QA 134 26.65 -79.00 39.34
CA TYR QA 134 25.71 -77.97 39.73
C TYR QA 134 24.56 -78.50 40.59
N GLY QA 135 24.19 -79.77 40.41
CA GLY QA 135 23.09 -80.34 41.16
C GLY QA 135 23.27 -80.27 42.66
N ALA QA 136 24.51 -80.31 43.15
CA ALA QA 136 24.74 -80.17 44.57
C ALA QA 136 24.20 -78.85 45.10
N PHE QA 137 24.27 -77.79 44.29
CA PHE QA 137 23.71 -76.50 44.67
C PHE QA 137 22.23 -76.57 45.00
N LEU QA 138 21.49 -77.49 44.38
CA LEU QA 138 20.07 -77.63 44.63
C LEU QA 138 19.74 -78.85 45.47
N THR QA 139 20.74 -79.67 45.81
CA THR QA 139 20.49 -80.90 46.53
C THR QA 139 21.03 -80.92 47.95
N LEU QA 140 22.12 -80.21 48.23
CA LEU QA 140 22.68 -80.22 49.57
C LEU QA 140 21.72 -79.68 50.61
N SER QA 141 20.85 -78.75 50.25
CA SER QA 141 19.86 -78.26 51.20
C SER QA 141 18.92 -79.36 51.65
N ILE QA 142 18.33 -80.08 50.71
CA ILE QA 142 17.42 -81.16 51.06
C ILE QA 142 18.17 -82.26 51.79
N LEU QA 143 19.28 -82.73 51.21
CA LEU QA 143 20.05 -83.80 51.81
C LEU QA 143 20.53 -83.44 53.21
N ASP QA 144 20.94 -82.20 53.42
CA ASP QA 144 21.22 -81.75 54.78
C ASP QA 144 19.95 -81.76 55.62
N ARG QA 145 18.80 -81.50 54.99
CA ARG QA 145 17.56 -81.38 55.74
C ARG QA 145 17.14 -82.71 56.33
N TYR QA 146 16.93 -83.71 55.47
CA TYR QA 146 16.39 -84.99 55.88
C TYR QA 146 17.48 -86.02 56.11
N TYR QA 147 18.40 -85.74 57.03
CA TYR QA 147 19.48 -86.67 57.32
C TYR QA 147 19.43 -87.12 58.77
N THR QA 148 19.73 -88.40 58.97
CA THR QA 148 19.94 -88.98 60.28
C THR QA 148 21.18 -89.84 60.18
N PRO QA 149 22.13 -89.70 61.12
CA PRO QA 149 23.37 -90.49 61.03
C PRO QA 149 23.14 -91.99 61.09
N THR QA 150 22.01 -92.44 61.63
CA THR QA 150 21.71 -93.85 61.76
C THR QA 150 20.53 -94.25 60.86
N ILE QA 151 20.43 -93.63 59.71
CA ILE QA 151 19.30 -93.88 58.81
C ILE QA 151 19.43 -95.27 58.21
N SER QA 152 18.29 -95.93 58.02
CA SER QA 152 18.26 -97.21 57.34
C SER QA 152 18.53 -97.01 55.86
N ARG QA 153 18.92 -98.08 55.19
CA ARG QA 153 19.19 -97.98 53.77
C ARG QA 153 17.92 -97.77 52.96
N GLU QA 154 16.79 -98.31 53.40
CA GLU QA 154 15.53 -98.08 52.70
C GLU QA 154 15.14 -96.61 52.79
N ARG QA 155 15.18 -96.05 54.01
CA ARG QA 155 15.00 -94.62 54.16
C ARG QA 155 16.02 -93.85 53.34
N ALA QA 156 17.23 -94.40 53.17
CA ALA QA 156 18.21 -93.75 52.31
C ALA QA 156 17.72 -93.69 50.87
N VAL QA 157 17.21 -94.80 50.36
CA VAL QA 157 16.69 -94.82 48.99
C VAL QA 157 15.53 -93.84 48.85
N GLU QA 158 14.65 -93.81 49.84
CA GLU QA 158 13.54 -92.87 49.81
C GLU QA 158 14.04 -91.43 49.76
N LEU QA 159 14.99 -91.09 50.63
CA LEU QA 159 15.58 -89.76 50.61
C LEU QA 159 16.19 -89.45 49.26
N LEU QA 160 16.81 -90.45 48.62
CA LEU QA 160 17.33 -90.24 47.28
C LEU QA 160 16.21 -89.95 46.29
N ARG QA 161 15.06 -90.60 46.45
CA ARG QA 161 13.88 -90.22 45.69
C ARG QA 161 13.55 -88.75 45.90
N LYS QA 162 13.59 -88.29 47.15
CA LYS QA 162 13.35 -86.88 47.40
C LYS QA 162 14.36 -85.99 46.70
N CYS QA 163 15.63 -86.38 46.72
CA CYS QA 163 16.65 -85.56 46.08
C CYS QA 163 16.46 -85.50 44.57
N LEU QA 164 16.13 -86.62 43.95
CA LEU QA 164 15.96 -86.69 42.50
C LEU QA 164 14.70 -86.04 42.01
N GLU QA 165 13.61 -86.09 42.78
CA GLU QA 165 12.39 -85.43 42.35
C GLU QA 165 12.57 -83.92 42.23
N GLU QA 166 13.21 -83.28 43.21
CA GLU QA 166 13.53 -81.88 43.09
C GLU QA 166 14.51 -81.59 41.98
N LEU QA 167 15.29 -82.59 41.55
CA LEU QA 167 16.22 -82.39 40.44
C LEU QA 167 15.47 -81.96 39.19
N GLN QA 168 14.60 -82.82 38.69
CA GLN QA 168 13.87 -82.53 37.47
C GLN QA 168 12.66 -81.63 37.74
N LYS QA 169 12.91 -80.55 38.43
CA LYS QA 169 11.90 -79.51 38.61
C LYS QA 169 12.41 -78.12 38.33
N ARG QA 170 13.68 -77.85 38.63
CA ARG QA 170 14.22 -76.50 38.52
C ARG QA 170 15.60 -76.52 37.87
N PHE QA 171 15.77 -77.36 36.86
CA PHE QA 171 17.01 -77.43 36.12
C PHE QA 171 16.84 -76.84 34.74
N ILE QA 172 17.95 -76.80 34.02
CA ILE QA 172 17.94 -76.49 32.61
C ILE QA 172 18.42 -77.70 31.78
N LEU QA 173 18.34 -78.89 32.36
CA LEU QA 173 18.95 -80.09 31.80
C LEU QA 173 17.88 -81.15 31.59
N ASN QA 174 18.29 -82.29 31.04
CA ASN QA 174 17.37 -83.39 30.88
C ASN QA 174 17.49 -84.39 32.04
N LEU QA 175 18.65 -85.03 32.15
CA LEU QA 175 18.97 -86.01 33.18
C LEU QA 175 17.85 -87.04 33.37
N PRO QA 176 17.64 -87.91 32.40
CA PRO QA 176 16.49 -88.83 32.47
C PRO QA 176 16.66 -89.96 33.46
N THR QA 177 17.83 -90.58 33.48
CA THR QA 177 18.05 -91.84 34.19
C THR QA 177 19.32 -91.77 35.02
N PHE QA 178 19.29 -92.43 36.18
CA PHE QA 178 20.39 -92.41 37.14
C PHE QA 178 20.72 -93.83 37.57
N SER QA 179 21.99 -94.20 37.45
CA SER QA 179 22.49 -95.47 37.95
C SER QA 179 22.76 -95.36 39.44
N VAL QA 180 22.74 -96.49 40.13
CA VAL QA 180 22.84 -96.53 41.59
C VAL QA 180 23.68 -97.72 42.00
N ARG QA 181 24.42 -97.58 43.11
CA ARG QA 181 25.12 -98.71 43.71
C ARG QA 181 24.90 -98.71 45.22
N ILE QA 182 25.56 -99.64 45.90
CA ILE QA 182 25.54 -99.72 47.35
C ILE QA 182 26.65 -100.64 47.80
N ILE QA 183 27.20 -100.37 48.97
CA ILE QA 183 28.31 -101.13 49.53
C ILE QA 183 27.97 -101.51 50.96
N ASP QA 184 28.35 -102.72 51.34
CA ASP QA 184 28.05 -103.27 52.66
C ASP QA 184 29.23 -104.14 53.09
N LYS QA 185 29.02 -104.96 54.10
CA LYS QA 185 29.98 -105.99 54.42
C LYS QA 185 30.16 -106.98 53.29
N ASN QA 186 29.12 -107.19 52.48
CA ASN QA 186 29.20 -108.10 51.34
C ASN QA 186 29.82 -107.44 50.11
N GLY QA 187 30.15 -106.16 50.19
CA GLY QA 187 30.79 -105.50 49.08
C GLY QA 187 29.83 -104.77 48.17
N ILE QA 188 29.95 -105.03 46.87
CA ILE QA 188 29.20 -104.29 45.85
C ILE QA 188 27.83 -104.90 45.70
N HIS QA 189 26.82 -104.05 45.55
CA HIS QA 189 25.47 -104.48 45.24
C HIS QA 189 24.82 -103.45 44.35
N ASP QA 190 24.33 -103.89 43.21
CA ASP QA 190 23.69 -103.01 42.24
C ASP QA 190 22.19 -103.01 42.46
N LEU QA 191 21.60 -101.83 42.51
CA LEU QA 191 20.16 -101.70 42.55
C LEU QA 191 19.61 -101.45 41.15
N ASP QA 192 18.31 -101.21 41.08
CA ASP QA 192 17.71 -100.88 39.80
C ASP QA 192 18.22 -99.55 39.28
N ASN QA 193 18.07 -99.35 37.97
CA ASN QA 193 18.43 -98.09 37.34
C ASN QA 193 17.27 -97.13 37.47
N ILE QA 194 17.42 -96.12 38.33
CA ILE QA 194 16.39 -95.09 38.50
C ILE QA 194 16.22 -94.37 37.17
N SER QA 195 15.04 -93.80 36.94
CA SER QA 195 14.77 -93.10 35.70
C SER QA 195 13.52 -92.25 35.88
N PHE QA 196 13.17 -91.55 34.82
CA PHE QA 196 11.94 -90.76 34.79
C PHE QA 196 11.33 -90.81 33.40
N PRO QA 197 10.17 -91.44 33.25
CA PRO QA 197 9.52 -91.48 31.94
C PRO QA 197 9.16 -90.08 31.44
N LYS QA 198 8.78 -90.02 30.16
CA LYS QA 198 8.46 -88.76 29.52
C LYS QA 198 6.96 -88.51 29.38
N GLN QA 199 6.16 -89.57 29.34
CA GLN QA 199 4.72 -89.43 29.20
C GLN QA 199 3.99 -90.04 30.39
N THR RA 59 30.18 -81.23 5.73
CA THR RA 59 30.74 -82.46 6.27
C THR RA 59 29.74 -83.16 7.17
N THR RA 60 29.40 -84.40 6.83
CA THR RA 60 28.44 -85.15 7.64
C THR RA 60 28.66 -86.63 7.43
N THR RA 61 28.70 -87.36 8.55
CA THR RA 61 28.86 -88.81 8.57
C THR RA 61 27.91 -89.40 9.59
N LEU RA 62 27.57 -90.67 9.38
CA LEU RA 62 26.74 -91.37 10.35
C LEU RA 62 26.89 -92.86 10.13
N ALA RA 63 26.68 -93.61 11.21
CA ALA RA 63 26.77 -95.06 11.15
C ALA RA 63 25.97 -95.63 12.31
N PHE RA 64 25.52 -96.88 12.15
CA PHE RA 64 24.68 -97.49 13.17
C PHE RA 64 24.62 -98.99 12.92
N LYS RA 65 24.65 -99.75 14.00
CA LYS RA 65 24.57 -101.20 13.95
C LYS RA 65 23.13 -101.65 14.14
N PHE RA 66 22.81 -102.80 13.59
CA PHE RA 66 21.48 -103.37 13.70
C PHE RA 66 21.62 -104.89 13.62
N ARG RA 67 20.52 -105.58 13.34
CA ARG RA 67 20.54 -107.03 13.23
C ARG RA 67 21.58 -107.52 12.25
N HIS RA 68 21.55 -107.01 11.03
CA HIS RA 68 22.43 -107.49 9.96
C HIS RA 68 23.63 -106.58 9.78
N GLY RA 69 24.50 -106.58 10.78
CA GLY RA 69 25.73 -105.81 10.69
C GLY RA 69 25.48 -104.33 10.90
N VAL RA 70 26.41 -103.53 10.37
CA VAL RA 70 26.45 -102.09 10.62
C VAL RA 70 26.44 -101.35 9.29
N ILE RA 71 25.80 -100.19 9.28
CA ILE RA 71 25.72 -99.32 8.12
C ILE RA 71 26.55 -98.08 8.37
N VAL RA 72 27.27 -97.63 7.36
CA VAL RA 72 28.06 -96.40 7.42
C VAL RA 72 27.78 -95.60 6.16
N ALA RA 73 27.66 -94.29 6.31
CA ALA RA 73 27.42 -93.41 5.18
C ALA RA 73 27.93 -92.01 5.49
N ALA RA 74 28.36 -91.31 4.45
CA ALA RA 74 28.87 -89.97 4.65
C ALA RA 74 28.83 -89.21 3.34
N ASP RA 75 28.88 -87.88 3.45
CA ASP RA 75 28.87 -87.01 2.28
C ASP RA 75 30.24 -87.05 1.60
N SER RA 76 30.41 -86.22 0.57
CA SER RA 76 31.66 -86.23 -0.19
C SER RA 76 32.25 -84.84 -0.38
N ARG RA 77 31.67 -83.81 0.21
CA ARG RA 77 32.08 -82.44 -0.04
C ARG RA 77 33.19 -82.03 0.91
N ALA RA 78 34.17 -81.32 0.38
CA ALA RA 78 35.26 -80.76 1.16
C ALA RA 78 35.40 -79.29 0.79
N THR RA 79 35.57 -78.44 1.80
CA THR RA 79 35.53 -77.00 1.61
C THR RA 79 36.84 -76.36 2.05
N ALA RA 80 36.94 -75.06 1.81
CA ALA RA 80 38.07 -74.26 2.26
C ALA RA 80 37.52 -72.85 2.52
N GLY RA 81 37.22 -72.56 3.77
CA GLY RA 81 36.58 -71.31 4.14
C GLY RA 81 35.25 -71.16 3.44
N ALA RA 82 35.17 -70.17 2.53
CA ALA RA 82 33.99 -69.99 1.70
C ALA RA 82 34.16 -70.63 0.33
N TYR RA 83 35.30 -71.24 0.06
CA TYR RA 83 35.59 -71.83 -1.24
C TYR RA 83 35.46 -73.35 -1.17
N ILE RA 84 34.84 -73.92 -2.19
CA ILE RA 84 34.65 -75.36 -2.28
C ILE RA 84 35.90 -75.98 -2.87
N ALA RA 85 36.56 -76.84 -2.09
CA ALA RA 85 37.78 -77.47 -2.55
C ALA RA 85 37.49 -78.52 -3.61
N SER RA 86 36.76 -79.56 -3.24
CA SER RA 86 36.45 -80.65 -4.17
C SER RA 86 35.09 -81.24 -3.82
N GLN RA 87 34.60 -82.07 -4.72
CA GLN RA 87 33.34 -82.76 -4.52
C GLN RA 87 33.49 -84.26 -4.31
N THR RA 88 34.69 -84.80 -4.52
CA THR RA 88 34.86 -86.24 -4.53
C THR RA 88 35.82 -86.72 -3.45
N VAL RA 89 35.66 -86.19 -2.23
CA VAL RA 89 36.53 -86.55 -1.13
C VAL RA 89 35.97 -87.79 -0.45
N LYS RA 90 36.69 -88.91 -0.56
CA LYS RA 90 36.27 -90.16 0.06
C LYS RA 90 36.57 -90.07 1.56
N LYS RA 91 35.63 -89.50 2.30
CA LYS RA 91 35.84 -89.34 3.74
C LYS RA 91 35.81 -90.67 4.49
N VAL RA 92 35.32 -91.74 3.86
CA VAL RA 92 35.26 -93.05 4.48
C VAL RA 92 36.61 -93.72 4.26
N ILE RA 93 37.49 -93.64 5.26
CA ILE RA 93 38.81 -94.23 5.15
C ILE RA 93 38.70 -95.73 5.38
N GLU RA 94 39.07 -96.51 4.38
CA GLU RA 94 39.05 -97.96 4.47
C GLU RA 94 40.36 -98.42 5.11
N ILE RA 95 40.26 -99.19 6.18
CA ILE RA 95 41.43 -99.60 6.94
C ILE RA 95 41.82 -101.03 6.62
N ASN RA 96 40.87 -101.94 6.69
CA ASN RA 96 41.16 -103.34 6.46
C ASN RA 96 40.01 -103.98 5.67
N PRO RA 97 40.15 -105.25 5.31
CA PRO RA 97 38.99 -106.00 4.82
C PRO RA 97 37.93 -106.23 5.88
N TYR RA 98 38.21 -105.87 7.13
CA TYR RA 98 37.30 -106.10 8.24
C TYR RA 98 37.23 -104.92 9.18
N LEU RA 99 37.70 -103.73 8.77
CA LEU RA 99 37.68 -102.54 9.60
C LEU RA 99 37.56 -101.32 8.72
N LEU RA 100 36.78 -100.35 9.19
CA LEU RA 100 36.60 -99.11 8.46
C LEU RA 100 36.52 -97.94 9.43
N GLY RA 101 37.08 -96.81 9.02
CA GLY RA 101 37.11 -95.63 9.85
C GLY RA 101 36.54 -94.42 9.13
N THR RA 102 36.07 -93.46 9.92
CA THR RA 102 35.42 -92.28 9.40
C THR RA 102 36.44 -91.16 9.21
N MET RA 103 35.94 -89.96 8.92
CA MET RA 103 36.75 -88.76 8.84
C MET RA 103 35.90 -87.56 9.24
N ALA RA 104 36.53 -86.58 9.88
CA ALA RA 104 35.82 -85.38 10.28
C ALA RA 104 36.84 -84.36 10.77
N GLY RA 105 36.62 -83.10 10.41
CA GLY RA 105 37.51 -82.04 10.84
C GLY RA 105 38.83 -82.04 10.11
N GLY RA 106 39.92 -82.26 10.84
CA GLY RA 106 41.24 -82.25 10.23
C GLY RA 106 41.38 -83.38 9.24
N ALA RA 107 41.35 -83.05 7.95
CA ALA RA 107 41.37 -84.09 6.92
C ALA RA 107 42.69 -84.85 6.95
N ALA RA 108 43.81 -84.15 6.74
CA ALA RA 108 45.10 -84.79 6.74
C ALA RA 108 45.40 -85.49 8.06
N ASP RA 109 44.95 -84.91 9.18
CA ASP RA 109 45.13 -85.57 10.47
C ASP RA 109 44.41 -86.91 10.50
N CYS RA 110 43.11 -86.91 10.17
CA CYS RA 110 42.34 -88.13 10.20
C CYS RA 110 42.90 -89.18 9.25
N SER RA 111 43.38 -88.76 8.08
CA SER RA 111 44.01 -89.73 7.18
C SER RA 111 45.28 -90.30 7.78
N PHE RA 112 46.20 -89.43 8.19
CA PHE RA 112 47.49 -89.85 8.71
C PHE RA 112 47.33 -90.79 9.90
N TRP RA 113 46.71 -90.29 10.98
CA TRP RA 113 46.66 -91.06 12.22
C TRP RA 113 45.94 -92.39 12.02
N GLU RA 114 44.92 -92.42 11.17
CA GLU RA 114 44.24 -93.68 10.94
C GLU RA 114 45.12 -94.64 10.15
N ARG RA 115 45.88 -94.14 9.19
CA ARG RA 115 46.85 -94.99 8.52
C ARG RA 115 47.83 -95.60 9.52
N LEU RA 116 48.39 -94.76 10.39
CA LEU RA 116 49.26 -95.26 11.44
C LEU RA 116 48.58 -96.31 12.30
N LEU RA 117 47.30 -96.10 12.60
CA LEU RA 117 46.55 -97.10 13.36
C LEU RA 117 46.51 -98.42 12.61
N ALA RA 118 46.25 -98.38 11.30
CA ALA RA 118 46.34 -99.58 10.49
C ALA RA 118 47.71 -100.24 10.60
N ARG RA 119 48.78 -99.44 10.74
CA ARG RA 119 50.09 -100.03 10.93
C ARG RA 119 50.13 -100.90 12.18
N GLN RA 120 49.77 -100.33 13.32
CA GLN RA 120 49.78 -101.09 14.56
C GLN RA 120 48.84 -102.28 14.50
N CYS RA 121 47.71 -102.14 13.80
CA CYS RA 121 46.80 -103.27 13.65
C CYS RA 121 47.46 -104.43 12.91
N ARG RA 122 48.00 -104.15 11.72
CA ARG RA 122 48.68 -105.18 10.95
C ARG RA 122 49.80 -105.82 11.76
N ILE RA 123 50.55 -105.02 12.51
CA ILE RA 123 51.59 -105.58 13.37
C ILE RA 123 50.98 -106.52 14.39
N TYR RA 124 49.87 -106.12 15.01
CA TYR RA 124 49.25 -106.94 16.04
C TYR RA 124 48.82 -108.29 15.48
N GLU RA 125 48.07 -108.27 14.38
CA GLU RA 125 47.60 -109.53 13.81
C GLU RA 125 48.77 -110.38 13.33
N LEU RA 126 49.85 -109.74 12.86
CA LEU RA 126 51.00 -110.52 12.45
C LEU RA 126 51.72 -111.11 13.66
N ARG RA 127 51.56 -110.51 14.84
CA ARG RA 127 52.20 -111.02 16.03
C ARG RA 127 51.40 -112.10 16.74
N ASN RA 128 50.07 -112.01 16.68
CA ASN RA 128 49.23 -112.92 17.44
C ASN RA 128 48.49 -113.90 16.55
N LYS RA 129 48.67 -113.84 15.24
CA LYS RA 129 48.02 -114.74 14.31
C LYS RA 129 46.50 -114.63 14.43
N GLU RA 130 46.01 -113.40 14.52
CA GLU RA 130 44.60 -113.16 14.78
C GLU RA 130 44.29 -111.69 14.61
N ARG RA 131 43.08 -111.40 14.12
CA ARG RA 131 42.67 -110.02 13.93
C ARG RA 131 42.35 -109.36 15.26
N ILE RA 132 42.69 -108.08 15.36
CA ILE RA 132 42.50 -107.36 16.60
C ILE RA 132 41.02 -107.04 16.79
N SER RA 133 40.65 -106.74 18.04
CA SER RA 133 39.28 -106.39 18.36
C SER RA 133 39.05 -104.89 18.14
N VAL RA 134 37.79 -104.56 17.85
CA VAL RA 134 37.44 -103.19 17.54
C VAL RA 134 37.74 -102.27 18.72
N ALA RA 135 37.29 -102.65 19.92
CA ALA RA 135 37.60 -101.89 21.11
C ALA RA 135 39.10 -101.74 21.33
N ALA RA 136 39.87 -102.78 21.03
CA ALA RA 136 41.32 -102.65 21.09
C ALA RA 136 41.80 -101.55 20.17
N ALA RA 137 41.30 -101.54 18.92
CA ALA RA 137 41.72 -100.51 17.99
C ALA RA 137 41.37 -99.12 18.48
N SER RA 138 40.13 -98.91 18.90
CA SER RA 138 39.72 -97.62 19.45
C SER RA 138 40.60 -97.21 20.61
N LYS RA 139 40.91 -98.14 21.51
CA LYS RA 139 41.80 -97.86 22.62
C LYS RA 139 43.16 -97.38 22.13
N LEU RA 140 43.73 -98.06 21.14
CA LEU RA 140 45.02 -97.64 20.61
C LEU RA 140 44.95 -96.24 20.03
N LEU RA 141 43.96 -95.97 19.18
CA LEU RA 141 43.85 -94.65 18.57
C LEU RA 141 43.71 -93.55 19.61
N ALA RA 142 42.83 -93.75 20.60
CA ALA RA 142 42.67 -92.76 21.65
C ALA RA 142 43.97 -92.53 22.40
N ASN RA 143 44.66 -93.61 22.76
CA ASN RA 143 45.92 -93.48 23.46
C ASN RA 143 46.94 -92.70 22.65
N MET RA 144 47.02 -92.96 21.36
CA MET RA 144 47.94 -92.19 20.52
C MET RA 144 47.56 -90.72 20.49
N VAL RA 145 46.27 -90.43 20.26
CA VAL RA 145 45.84 -89.05 20.12
C VAL RA 145 45.99 -88.25 21.39
N TYR RA 146 45.84 -88.88 22.56
CA TYR RA 146 45.85 -88.13 23.80
C TYR RA 146 47.17 -87.42 24.03
N GLN RA 147 48.27 -87.98 23.51
CA GLN RA 147 49.59 -87.42 23.80
C GLN RA 147 49.76 -86.02 23.23
N TYR RA 148 48.92 -85.59 22.32
CA TYR RA 148 48.99 -84.25 21.76
C TYR RA 148 47.77 -83.42 22.12
N LYS RA 149 47.24 -83.64 23.31
CA LYS RA 149 46.08 -82.88 23.78
C LYS RA 149 46.42 -81.40 23.84
N GLY RA 150 45.43 -80.57 23.56
CA GLY RA 150 45.58 -79.13 23.63
C GLY RA 150 46.49 -78.52 22.58
N MET RA 151 47.01 -79.32 21.66
CA MET RA 151 47.92 -78.81 20.64
C MET RA 151 47.22 -78.54 19.31
N GLY RA 152 45.90 -78.44 19.29
CA GLY RA 152 45.18 -78.10 18.09
C GLY RA 152 45.07 -79.25 17.11
N LEU RA 153 44.35 -80.29 17.49
CA LEU RA 153 44.09 -81.43 16.61
C LEU RA 153 42.59 -81.66 16.50
N SER RA 154 42.09 -81.63 15.27
CA SER RA 154 40.67 -81.82 15.00
C SER RA 154 40.47 -83.23 14.48
N MET RA 155 39.89 -84.09 15.32
CA MET RA 155 39.60 -85.45 14.88
C MET RA 155 38.57 -86.05 15.81
N GLY RA 156 37.41 -86.39 15.27
CA GLY RA 156 36.34 -87.01 16.03
C GLY RA 156 35.80 -88.23 15.34
N THR RA 157 36.70 -89.04 14.76
CA THR RA 157 36.29 -90.08 13.84
C THR RA 157 35.53 -91.19 14.57
N MET RA 158 34.91 -92.05 13.76
CA MET RA 158 34.21 -93.23 14.24
C MET RA 158 34.91 -94.46 13.70
N ILE RA 159 34.76 -95.56 14.43
CA ILE RA 159 35.40 -96.83 14.10
C ILE RA 159 34.32 -97.88 13.97
N CYS RA 160 34.41 -98.69 12.92
CA CYS RA 160 33.40 -99.69 12.63
C CYS RA 160 34.05 -100.98 12.19
N GLY RA 161 33.49 -102.09 12.66
CA GLY RA 161 33.98 -103.40 12.26
C GLY RA 161 33.35 -104.53 13.05
N TRP RA 162 33.15 -105.66 12.41
CA TRP RA 162 32.60 -106.83 13.07
C TRP RA 162 33.62 -107.44 14.01
N ASP RA 163 33.14 -107.97 15.13
CA ASP RA 163 34.01 -108.54 16.14
C ASP RA 163 33.47 -109.90 16.58
N LYS RA 164 34.35 -110.68 17.22
CA LYS RA 164 33.93 -111.93 17.83
C LYS RA 164 32.79 -111.74 18.82
N ARG RA 165 32.70 -110.56 19.45
CA ARG RA 165 31.52 -110.18 20.21
C ARG RA 165 30.42 -109.62 19.33
N GLY RA 166 30.53 -109.81 18.01
CA GLY RA 166 29.49 -109.41 17.09
C GLY RA 166 29.81 -108.11 16.38
N PRO RA 167 28.82 -107.23 16.29
CA PRO RA 167 29.06 -105.91 15.69
C PRO RA 167 30.07 -105.12 16.50
N GLY RA 168 30.68 -104.15 15.83
CA GLY RA 168 31.67 -103.32 16.47
C GLY RA 168 31.56 -101.87 16.05
N LEU RA 169 31.34 -100.98 17.02
CA LEU RA 169 31.15 -99.56 16.75
C LEU RA 169 31.71 -98.76 17.91
N TYR RA 170 32.58 -97.81 17.61
CA TYR RA 170 33.12 -96.92 18.61
C TYR RA 170 33.24 -95.51 18.05
N TYR RA 171 33.44 -94.55 18.96
CA TYR RA 171 33.50 -93.15 18.62
C TYR RA 171 34.64 -92.51 19.39
N VAL RA 172 35.53 -91.84 18.66
CA VAL RA 172 36.74 -91.26 19.25
C VAL RA 172 36.84 -89.81 18.84
N ASP RA 173 37.09 -88.96 19.83
CA ASP RA 173 37.32 -87.54 19.64
C ASP RA 173 38.79 -87.20 19.84
N SER RA 174 39.17 -86.04 19.34
CA SER RA 174 40.48 -85.49 19.68
C SER RA 174 40.51 -84.95 21.11
N GLU RA 175 39.38 -84.98 21.81
CA GLU RA 175 39.30 -84.54 23.20
C GLU RA 175 39.39 -85.71 24.17
N GLY RA 176 39.87 -86.86 23.72
CA GLY RA 176 39.94 -88.03 24.58
C GLY RA 176 38.64 -88.77 24.76
N ASN RA 177 37.61 -88.43 23.99
CA ASN RA 177 36.34 -89.11 24.11
C ASN RA 177 36.41 -90.46 23.41
N ARG RA 178 36.04 -91.52 24.13
CA ARG RA 178 36.02 -92.87 23.57
C ARG RA 178 34.75 -93.53 24.07
N ILE RA 179 33.76 -93.65 23.21
CA ILE RA 179 32.44 -94.09 23.64
C ILE RA 179 31.88 -95.11 22.65
N SER RA 180 31.24 -96.14 23.20
CA SER RA 180 30.49 -97.07 22.39
C SER RA 180 29.06 -96.56 22.23
N GLY RA 181 28.24 -97.33 21.53
CA GLY RA 181 26.87 -96.92 21.29
C GLY RA 181 26.29 -97.67 20.11
N ALA RA 182 25.18 -97.12 19.60
CA ALA RA 182 24.46 -97.71 18.49
C ALA RA 182 24.34 -96.79 17.29
N THR RA 183 24.10 -95.50 17.51
CA THR RA 183 23.90 -94.55 16.43
C THR RA 183 24.76 -93.32 16.67
N PHE RA 184 25.39 -92.82 15.62
CA PHE RA 184 26.24 -91.64 15.71
C PHE RA 184 26.17 -90.86 14.41
N SER RA 185 26.24 -89.54 14.53
CA SER RA 185 26.30 -88.67 13.38
C SER RA 185 27.33 -87.59 13.66
N VAL RA 186 28.30 -87.46 12.78
CA VAL RA 186 29.42 -86.55 12.98
C VAL RA 186 29.54 -85.63 11.79
N GLY RA 187 29.83 -84.36 12.05
CA GLY RA 187 30.00 -83.39 11.00
C GLY RA 187 29.23 -82.13 11.27
N SER RA 188 29.38 -81.14 10.39
CA SER RA 188 28.72 -79.86 10.58
C SER RA 188 27.21 -79.99 10.47
N GLY RA 189 26.72 -80.99 9.75
CA GLY RA 189 25.30 -81.16 9.59
C GLY RA 189 24.76 -82.37 10.31
N SER RA 190 25.58 -82.94 11.21
CA SER RA 190 25.18 -84.14 11.92
C SER RA 190 23.89 -83.92 12.71
N VAL RA 191 23.74 -82.75 13.33
CA VAL RA 191 22.53 -82.40 14.03
C VAL RA 191 21.31 -82.52 13.14
N TYR RA 192 21.46 -82.21 11.86
CA TYR RA 192 20.36 -82.42 10.92
C TYR RA 192 20.08 -83.89 10.71
N ALA RA 193 21.06 -84.74 10.98
CA ALA RA 193 20.90 -86.17 10.74
C ALA RA 193 20.29 -86.90 11.92
N TYR RA 194 20.58 -86.46 13.16
CA TYR RA 194 20.05 -87.17 14.32
C TYR RA 194 18.53 -87.21 14.31
N GLY RA 195 17.90 -86.18 13.77
CA GLY RA 195 16.46 -86.15 13.71
C GLY RA 195 15.87 -87.28 12.89
N VAL RA 196 16.12 -87.26 11.59
CA VAL RA 196 15.57 -88.30 10.73
C VAL RA 196 16.10 -89.68 11.11
N MET RA 197 17.36 -89.75 11.55
CA MET RA 197 17.91 -91.04 11.95
C MET RA 197 17.12 -91.63 13.11
N ASP RA 198 16.84 -90.84 14.15
CA ASP RA 198 16.03 -91.34 15.24
C ASP RA 198 14.60 -91.62 14.82
N ARG RA 199 14.01 -90.77 13.98
CA ARG RA 199 12.62 -90.96 13.60
C ARG RA 199 12.44 -92.20 12.73
N GLY RA 200 13.49 -92.65 12.05
CA GLY RA 200 13.36 -93.79 11.18
C GLY RA 200 14.14 -95.01 11.63
N TYR RA 201 14.77 -94.93 12.80
CA TYR RA 201 15.64 -96.00 13.25
C TYR RA 201 14.86 -97.10 13.96
N SER RA 202 15.27 -98.34 13.72
CA SER RA 202 14.91 -99.47 14.56
C SER RA 202 16.02 -100.50 14.45
N TYR RA 203 16.27 -101.20 15.56
CA TYR RA 203 17.28 -102.26 15.51
C TYR RA 203 16.89 -103.35 14.52
N ASP RA 204 15.59 -103.61 14.39
CA ASP RA 204 15.10 -104.68 13.54
C ASP RA 204 14.61 -104.07 12.23
N LEU RA 205 15.55 -103.87 11.32
CA LEU RA 205 15.27 -103.34 10.00
C LEU RA 205 15.82 -104.27 8.93
N GLU RA 206 15.38 -104.04 7.70
CA GLU RA 206 15.85 -104.82 6.58
C GLU RA 206 16.95 -104.07 5.84
N VAL RA 207 17.59 -104.78 4.92
CA VAL RA 207 18.77 -104.24 4.24
C VAL RA 207 18.39 -103.00 3.43
N GLU RA 208 17.48 -103.15 2.47
CA GLU RA 208 17.05 -102.01 1.68
C GLU RA 208 16.41 -100.95 2.55
N GLN RA 209 15.76 -101.36 3.64
CA GLN RA 209 15.22 -100.40 4.60
C GLN RA 209 16.28 -99.46 5.11
N ALA RA 210 17.32 -100.00 5.74
CA ALA RA 210 18.42 -99.18 6.22
C ALA RA 210 19.09 -98.39 5.11
N TYR RA 211 19.22 -98.99 3.92
CA TYR RA 211 19.81 -98.27 2.79
C TYR RA 211 19.05 -97.00 2.50
N ASP RA 212 17.74 -97.09 2.32
CA ASP RA 212 16.95 -95.90 2.06
C ASP RA 212 16.95 -94.95 3.24
N LEU RA 213 16.91 -95.48 4.47
CA LEU RA 213 16.90 -94.62 5.64
C LEU RA 213 18.12 -93.72 5.68
N ALA RA 214 19.31 -94.33 5.75
CA ALA RA 214 20.54 -93.55 5.75
C ALA RA 214 20.66 -92.68 4.51
N ARG RA 215 20.23 -93.20 3.35
CA ARG RA 215 20.38 -92.45 2.11
C ARG RA 215 19.59 -91.15 2.15
N ARG RA 216 18.28 -91.22 2.40
CA ARG RA 216 17.52 -89.99 2.51
C ARG RA 216 17.99 -89.13 3.67
N ALA RA 217 18.51 -89.76 4.72
CA ALA RA 217 19.03 -89.00 5.85
C ALA RA 217 20.14 -88.06 5.41
N ILE RA 218 21.19 -88.62 4.81
CA ILE RA 218 22.28 -87.78 4.31
C ILE RA 218 21.77 -86.80 3.26
N TYR RA 219 20.76 -87.20 2.48
CA TYR RA 219 20.14 -86.26 1.55
C TYR RA 219 19.65 -85.02 2.27
N GLN RA 220 18.78 -85.20 3.26
CA GLN RA 220 18.26 -84.08 4.03
C GLN RA 220 19.36 -83.28 4.69
N ALA RA 221 20.39 -83.95 5.20
CA ALA RA 221 21.51 -83.25 5.81
C ALA RA 221 22.16 -82.29 4.82
N THR RA 222 22.51 -82.79 3.63
CA THR RA 222 23.09 -81.89 2.63
C THR RA 222 22.10 -80.83 2.19
N TYR RA 223 20.80 -81.10 2.30
CA TYR RA 223 19.81 -80.14 1.84
C TYR RA 223 19.69 -78.96 2.80
N ARG RA 224 19.81 -79.22 4.10
CA ARG RA 224 19.77 -78.12 5.05
C ARG RA 224 21.13 -77.45 5.18
N ASP RA 225 22.16 -78.23 5.53
CA ASP RA 225 23.51 -77.69 5.64
C ASP RA 225 23.97 -77.13 4.30
N ALA RA 226 24.82 -76.11 4.38
CA ALA RA 226 25.49 -75.59 3.20
C ALA RA 226 26.84 -76.27 2.97
N TYR RA 227 27.51 -76.67 4.04
CA TYR RA 227 28.84 -77.24 3.91
C TYR RA 227 28.84 -78.68 3.43
N SER RA 228 27.78 -79.43 3.67
CA SER RA 228 27.74 -80.84 3.31
C SER RA 228 27.02 -81.02 1.98
N GLY RA 229 27.63 -81.79 1.10
CA GLY RA 229 27.02 -82.06 -0.19
C GLY RA 229 27.94 -82.89 -1.06
N GLY RA 230 27.68 -82.83 -2.36
CA GLY RA 230 28.44 -83.59 -3.32
C GLY RA 230 27.82 -84.93 -3.64
N ALA RA 231 28.48 -86.00 -3.23
CA ALA RA 231 27.96 -87.35 -3.44
C ALA RA 231 27.92 -88.09 -2.12
N VAL RA 232 27.13 -89.15 -2.08
CA VAL RA 232 26.89 -89.93 -0.87
C VAL RA 232 27.62 -91.25 -1.02
N ASN RA 233 28.33 -91.65 0.03
CA ASN RA 233 28.97 -92.95 0.05
C ASN RA 233 28.40 -93.81 1.16
N LEU RA 234 28.19 -95.08 0.83
CA LEU RA 234 27.46 -96.01 1.69
C LEU RA 234 28.15 -97.36 1.70
N TYR RA 235 28.61 -97.77 2.87
CA TYR RA 235 29.23 -99.07 3.06
C TYR RA 235 28.46 -99.88 4.08
N HIS RA 236 28.41 -101.19 3.86
CA HIS RA 236 27.76 -102.12 4.77
C HIS RA 236 28.78 -103.07 5.33
N VAL RA 237 29.09 -102.93 6.61
CA VAL RA 237 29.96 -103.86 7.32
C VAL RA 237 29.12 -105.05 7.74
N ARG RA 238 29.53 -106.24 7.35
CA ARG RA 238 28.85 -107.47 7.73
C ARG RA 238 29.79 -108.32 8.57
N GLU RA 239 29.26 -109.45 9.07
CA GLU RA 239 30.07 -110.34 9.90
C GLU RA 239 31.30 -110.84 9.17
N ASP RA 240 31.15 -111.25 7.91
CA ASP RA 240 32.31 -111.61 7.11
C ASP RA 240 33.27 -110.44 6.96
N GLY RA 241 32.74 -109.23 6.86
CA GLY RA 241 33.54 -108.06 6.58
C GLY RA 241 32.72 -107.01 5.87
N TRP RA 242 33.33 -105.86 5.69
CA TRP RA 242 32.63 -104.75 5.06
C TRP RA 242 32.55 -104.97 3.55
N ILE RA 243 31.58 -104.29 2.94
CA ILE RA 243 31.36 -104.37 1.50
C ILE RA 243 30.77 -103.04 1.06
N ARG RA 244 31.34 -102.47 0.01
CA ARG RA 244 30.78 -101.25 -0.57
C ARG RA 244 29.35 -101.49 -1.02
N VAL RA 245 28.47 -100.55 -0.70
CA VAL RA 245 27.08 -100.67 -1.11
C VAL RA 245 26.89 -99.93 -2.41
N SER RA 246 27.09 -98.63 -2.39
CA SER RA 246 26.86 -97.79 -3.56
C SER RA 246 27.26 -96.37 -3.23
N SER RA 247 27.17 -95.51 -4.24
CA SER RA 247 27.45 -94.08 -4.06
C SER RA 247 26.73 -93.34 -5.17
N ASP RA 248 25.88 -92.40 -4.79
CA ASP RA 248 24.99 -91.75 -5.74
C ASP RA 248 25.11 -90.24 -5.64
N ASN RA 249 24.49 -89.55 -6.60
CA ASN RA 249 24.56 -88.11 -6.65
C ASN RA 249 23.38 -87.48 -5.91
N VAL RA 250 23.68 -86.37 -5.24
CA VAL RA 250 22.63 -85.57 -4.62
C VAL RA 250 21.65 -85.08 -5.66
N ALA RA 251 22.14 -84.82 -6.89
CA ALA RA 251 21.24 -84.40 -7.96
C ALA RA 251 20.20 -85.46 -8.26
N ASP RA 252 20.62 -86.71 -8.43
CA ASP RA 252 19.68 -87.78 -8.73
C ASP RA 252 18.77 -88.05 -7.55
N LEU RA 253 19.32 -88.10 -6.33
CA LEU RA 253 18.49 -88.32 -5.16
C LEU RA 253 17.43 -87.24 -5.03
N HIS RA 254 17.78 -85.98 -5.31
CA HIS RA 254 16.82 -84.89 -5.23
C HIS RA 254 15.61 -85.14 -6.13
N GLU RA 255 15.86 -85.58 -7.36
CA GLU RA 255 14.76 -85.90 -8.24
C GLU RA 255 14.00 -87.14 -7.81
N LYS RA 256 14.71 -88.14 -7.27
CA LYS RA 256 14.04 -89.34 -6.79
C LYS RA 256 13.06 -89.01 -5.66
N TYR RA 257 13.54 -88.38 -4.60
CA TYR RA 257 12.68 -88.00 -3.49
C TYR RA 257 11.82 -86.80 -3.83
N SER RA 258 12.02 -86.20 -5.00
CA SER RA 258 11.23 -85.04 -5.39
C SER RA 258 9.76 -85.39 -5.53
N GLY RA 259 9.47 -86.59 -6.00
CA GLY RA 259 8.10 -87.06 -6.09
C GLY RA 259 7.65 -87.63 -4.76
N ARG SA 28 56.30 -58.05 14.78
CA ARG SA 28 57.55 -58.78 14.98
C ARG SA 28 58.04 -59.38 13.68
N PHE SA 29 58.83 -60.44 13.80
CA PHE SA 29 59.37 -61.14 12.64
C PHE SA 29 58.34 -62.12 12.11
N SER SA 30 57.74 -61.79 10.98
CA SER SA 30 56.80 -62.73 10.38
C SER SA 30 57.55 -63.74 9.52
N PRO SA 31 57.55 -65.02 9.90
CA PRO SA 31 58.29 -66.02 9.12
C PRO SA 31 57.61 -66.43 7.82
N TYR SA 32 56.42 -65.92 7.54
CA TYR SA 32 55.70 -66.27 6.32
C TYR SA 32 55.45 -65.02 5.50
N VAL SA 33 55.31 -65.22 4.19
CA VAL SA 33 54.98 -64.14 3.27
C VAL SA 33 54.54 -64.77 1.96
N PHE SA 34 53.55 -64.15 1.33
CA PHE SA 34 53.00 -64.67 0.09
C PHE SA 34 53.88 -64.27 -1.09
N ASN SA 35 53.93 -65.13 -2.10
CA ASN SA 35 54.77 -64.89 -3.26
C ASN SA 35 53.99 -64.80 -4.56
N GLY SA 36 52.90 -65.52 -4.69
CA GLY SA 36 52.11 -65.51 -5.90
C GLY SA 36 52.26 -66.78 -6.71
N GLY SA 37 51.83 -66.71 -7.96
CA GLY SA 37 51.90 -67.84 -8.85
C GLY SA 37 50.61 -68.66 -8.87
N THR SA 38 50.51 -69.50 -9.88
CA THR SA 38 49.34 -70.37 -10.03
C THR SA 38 49.75 -71.60 -10.83
N ILE SA 39 49.30 -72.75 -10.38
CA ILE SA 39 49.70 -74.04 -10.96
C ILE SA 39 48.48 -74.68 -11.60
N LEU SA 40 48.68 -75.33 -12.73
CA LEU SA 40 47.61 -76.03 -13.42
C LEU SA 40 48.08 -77.39 -13.90
N ALA SA 41 47.21 -78.39 -13.77
CA ALA SA 41 47.55 -79.74 -14.19
C ALA SA 41 46.29 -80.46 -14.65
N ILE SA 42 46.44 -81.25 -15.71
CA ILE SA 42 45.35 -82.03 -16.28
C ILE SA 42 45.89 -83.42 -16.59
N ALA SA 43 45.12 -84.45 -16.23
CA ALA SA 43 45.52 -85.83 -16.44
C ALA SA 43 45.09 -86.28 -17.82
N GLY SA 44 46.01 -86.30 -18.77
CA GLY SA 44 45.73 -86.80 -20.09
C GLY SA 44 45.42 -88.27 -20.07
N GLU SA 45 44.80 -88.73 -21.17
CA GLU SA 45 44.44 -90.13 -21.26
C GLU SA 45 45.68 -91.02 -21.27
N ASP SA 46 46.67 -90.67 -22.07
CA ASP SA 46 47.97 -91.31 -22.03
C ASP SA 46 49.07 -90.26 -21.92
N PHE SA 47 48.87 -89.27 -21.07
CA PHE SA 47 49.78 -88.14 -20.98
C PHE SA 47 49.38 -87.30 -19.78
N ALA SA 48 50.15 -86.25 -19.53
CA ALA SA 48 49.90 -85.36 -18.41
C ALA SA 48 50.33 -83.96 -18.81
N ILE SA 49 49.61 -82.95 -18.33
CA ILE SA 49 49.88 -81.57 -18.67
C ILE SA 49 50.04 -80.77 -17.39
N VAL SA 50 51.12 -80.01 -17.29
CA VAL SA 50 51.37 -79.12 -16.17
C VAL SA 50 51.80 -77.78 -16.73
N ALA SA 51 51.41 -76.69 -16.07
CA ALA SA 51 51.76 -75.37 -16.54
C ALA SA 51 51.64 -74.35 -15.43
N SER SA 52 52.38 -73.25 -15.61
CA SER SA 52 52.33 -72.14 -14.68
C SER SA 52 53.18 -71.01 -15.25
N ASP SA 53 52.87 -69.78 -14.85
CA ASP SA 53 53.63 -68.63 -15.29
C ASP SA 53 54.99 -68.61 -14.61
N THR SA 54 55.76 -67.56 -14.87
CA THR SA 54 57.11 -67.46 -14.34
C THR SA 54 57.33 -66.22 -13.51
N ARG SA 55 56.27 -65.46 -13.22
CA ARG SA 55 56.42 -64.22 -12.47
C ARG SA 55 56.66 -64.53 -10.99
N LEU SA 56 57.55 -63.74 -10.38
CA LEU SA 56 57.85 -63.85 -8.96
C LEU SA 56 57.82 -62.45 -8.36
N SER SA 57 56.77 -62.18 -7.59
CA SER SA 57 56.56 -60.86 -7.02
C SER SA 57 56.40 -60.95 -5.51
N GLU SA 58 56.32 -59.78 -4.88
CA GLU SA 58 56.16 -59.67 -3.44
C GLU SA 58 55.59 -58.30 -3.13
N GLY SA 59 54.64 -58.24 -2.20
CA GLY SA 59 54.00 -56.99 -1.88
C GLY SA 59 53.35 -56.39 -3.09
N PHE SA 60 53.93 -55.32 -3.64
CA PHE SA 60 53.44 -54.67 -4.83
C PHE SA 60 54.47 -54.63 -5.94
N SER SA 61 55.63 -55.24 -5.75
CA SER SA 61 56.72 -55.16 -6.70
C SER SA 61 56.98 -56.52 -7.33
N ILE SA 62 57.73 -56.51 -8.42
CA ILE SA 62 58.05 -57.70 -9.18
C ILE SA 62 59.52 -58.02 -9.00
N HIS SA 63 59.82 -59.24 -8.60
CA HIS SA 63 61.21 -59.66 -8.48
C HIS SA 63 61.77 -60.10 -9.83
N THR SA 64 60.97 -60.81 -10.61
CA THR SA 64 61.42 -61.24 -11.92
C THR SA 64 60.24 -61.77 -12.71
N ARG SA 65 60.33 -61.62 -14.03
CA ARG SA 65 59.35 -62.17 -14.93
C ARG SA 65 59.72 -63.57 -15.38
N ASP SA 66 60.76 -64.16 -14.81
CA ASP SA 66 61.24 -65.49 -15.18
C ASP SA 66 61.47 -66.29 -13.91
N SER SA 67 60.50 -67.15 -13.58
CA SER SA 67 60.64 -68.12 -12.49
C SER SA 67 59.66 -69.25 -12.72
N PRO SA 68 60.09 -70.32 -13.38
CA PRO SA 68 59.19 -71.44 -13.64
C PRO SA 68 58.84 -72.19 -12.36
N LYS SA 69 57.72 -72.89 -12.41
CA LYS SA 69 57.28 -73.72 -11.31
C LYS SA 69 57.28 -75.21 -11.67
N CYS SA 70 57.57 -75.55 -12.91
CA CYS SA 70 57.73 -76.94 -13.29
C CYS SA 70 59.08 -77.45 -12.81
N TYR SA 71 59.14 -78.74 -12.46
CA TYR SA 71 60.38 -79.33 -11.96
C TYR SA 71 60.44 -80.78 -12.41
N LYS SA 72 61.33 -81.06 -13.36
CA LYS SA 72 61.46 -82.39 -13.93
C LYS SA 72 61.94 -83.33 -12.84
N LEU SA 73 61.03 -84.13 -12.31
CA LEU SA 73 61.38 -85.05 -11.23
C LEU SA 73 61.97 -86.33 -11.78
N THR SA 74 61.21 -87.04 -12.61
CA THR SA 74 61.65 -88.22 -13.30
C THR SA 74 61.31 -88.09 -14.78
N ASP SA 75 61.44 -89.19 -15.50
CA ASP SA 75 61.03 -89.20 -16.90
C ASP SA 75 59.54 -89.30 -17.06
N LYS SA 76 58.78 -89.43 -15.97
CA LYS SA 76 57.34 -89.56 -16.05
C LYS SA 76 56.62 -88.80 -14.95
N THR SA 77 57.30 -87.87 -14.29
CA THR SA 77 56.68 -87.12 -13.21
C THR SA 77 57.37 -85.78 -13.02
N VAL SA 78 56.57 -84.72 -12.99
CA VAL SA 78 57.04 -83.37 -12.73
C VAL SA 78 56.11 -82.77 -11.69
N ILE SA 79 56.64 -81.92 -10.82
CA ILE SA 79 55.87 -81.37 -9.72
C ILE SA 79 55.76 -79.86 -9.88
N GLY SA 80 54.66 -79.33 -9.39
CA GLY SA 80 54.43 -77.89 -9.35
C GLY SA 80 54.24 -77.43 -7.92
N CYS SA 81 54.87 -76.30 -7.59
CA CYS SA 81 54.93 -75.81 -6.22
C CYS SA 81 54.63 -74.31 -6.24
N SER SA 82 53.80 -73.87 -5.31
CA SER SA 82 53.44 -72.47 -5.17
C SER SA 82 53.34 -72.11 -3.69
N GLY SA 83 53.15 -70.83 -3.41
CA GLY SA 83 53.08 -70.35 -2.06
C GLY SA 83 54.35 -69.65 -1.63
N PHE SA 84 54.96 -70.12 -0.54
CA PHE SA 84 56.20 -69.53 -0.08
C PHE SA 84 57.37 -70.08 -0.88
N HIS SA 85 58.00 -69.20 -1.68
CA HIS SA 85 58.99 -69.65 -2.63
C HIS SA 85 60.17 -70.35 -1.97
N GLY SA 86 60.63 -69.83 -0.83
CA GLY SA 86 61.73 -70.47 -0.14
C GLY SA 86 61.42 -71.89 0.25
N ASP SA 87 60.29 -72.12 0.92
CA ASP SA 87 59.88 -73.46 1.27
C ASP SA 87 59.70 -74.34 0.04
N CYS SA 88 59.22 -73.76 -1.06
CA CYS SA 88 59.22 -74.50 -2.32
C CYS SA 88 60.62 -74.98 -2.67
N LEU SA 89 61.60 -74.09 -2.56
CA LEU SA 89 62.97 -74.44 -2.89
C LEU SA 89 63.49 -75.56 -2.00
N THR SA 90 63.34 -75.41 -0.69
CA THR SA 90 63.81 -76.44 0.23
C THR SA 90 63.14 -77.78 -0.06
N LEU SA 91 61.81 -77.76 -0.20
CA LEU SA 91 61.08 -78.99 -0.44
C LEU SA 91 61.52 -79.70 -1.71
N THR SA 92 61.77 -78.93 -2.77
CA THR SA 92 62.23 -79.53 -4.02
C THR SA 92 63.52 -80.31 -3.82
N LYS SA 93 64.53 -79.65 -3.26
CA LYS SA 93 65.80 -80.31 -3.00
C LYS SA 93 65.65 -81.52 -2.11
N ILE SA 94 64.82 -81.42 -1.06
CA ILE SA 94 64.59 -82.57 -0.18
C ILE SA 94 64.06 -83.76 -0.98
N ILE SA 95 63.05 -83.50 -1.80
CA ILE SA 95 62.47 -84.58 -2.61
C ILE SA 95 63.52 -85.20 -3.52
N GLU SA 96 64.36 -84.36 -4.15
CA GLU SA 96 65.43 -84.89 -4.97
C GLU SA 96 66.36 -85.77 -4.16
N ALA SA 97 66.63 -85.40 -2.91
CA ALA SA 97 67.48 -86.25 -2.08
C ALA SA 97 66.84 -87.61 -1.84
N ARG SA 98 65.59 -87.61 -1.35
CA ARG SA 98 64.95 -88.87 -1.05
C ARG SA 98 64.76 -89.74 -2.29
N LEU SA 99 64.69 -89.14 -3.47
CA LEU SA 99 64.64 -89.94 -4.69
C LEU SA 99 65.89 -90.78 -4.84
N LYS SA 100 67.06 -90.14 -4.86
CA LYS SA 100 68.31 -90.87 -4.96
C LYS SA 100 68.45 -91.88 -3.82
N MET SA 101 67.98 -91.52 -2.63
CA MET SA 101 67.99 -92.48 -1.54
C MET SA 101 67.18 -93.73 -1.90
N TYR SA 102 65.96 -93.54 -2.38
CA TYR SA 102 65.13 -94.66 -2.80
C TYR SA 102 65.82 -95.52 -3.83
N LYS SA 103 66.39 -94.88 -4.85
CA LYS SA 103 66.99 -95.64 -5.95
C LYS SA 103 68.19 -96.44 -5.47
N HIS SA 104 69.10 -95.80 -4.73
CA HIS SA 104 70.25 -96.51 -4.19
C HIS SA 104 69.84 -97.59 -3.20
N SER SA 105 68.66 -97.48 -2.60
CA SER SA 105 68.21 -98.50 -1.68
C SER SA 105 67.35 -99.58 -2.33
N ASN SA 106 66.97 -99.41 -3.59
CA ASN SA 106 66.03 -100.34 -4.21
C ASN SA 106 66.35 -100.70 -5.65
N ASN SA 107 67.39 -100.11 -6.24
CA ASN SA 107 67.80 -100.45 -7.60
C ASN SA 107 66.70 -100.13 -8.61
N LYS SA 108 66.02 -99.01 -8.43
CA LYS SA 108 64.95 -98.62 -9.35
C LYS SA 108 64.48 -97.23 -8.97
N ALA SA 109 63.46 -96.76 -9.69
CA ALA SA 109 62.89 -95.44 -9.45
C ALA SA 109 61.54 -95.56 -8.75
N MET SA 110 61.11 -94.46 -8.16
CA MET SA 110 59.80 -94.41 -7.53
C MET SA 110 58.70 -94.33 -8.57
N THR SA 111 57.52 -94.79 -8.18
CA THR SA 111 56.32 -94.60 -8.98
C THR SA 111 55.70 -93.26 -8.62
N THR SA 112 54.68 -92.87 -9.38
CA THR SA 112 53.98 -91.63 -9.07
C THR SA 112 53.31 -91.69 -7.71
N GLY SA 113 52.40 -92.65 -7.54
CA GLY SA 113 51.69 -92.81 -6.28
C GLY SA 113 52.61 -92.97 -5.08
N ALA SA 114 53.71 -93.69 -5.25
CA ALA SA 114 54.69 -93.78 -4.18
C ALA SA 114 55.23 -92.40 -3.83
N ILE SA 115 55.52 -91.60 -4.85
CA ILE SA 115 56.01 -90.24 -4.61
C ILE SA 115 54.98 -89.44 -3.84
N ALA SA 116 53.69 -89.60 -4.17
CA ALA SA 116 52.66 -88.95 -3.39
C ALA SA 116 52.69 -89.42 -1.94
N ALA SA 117 52.83 -90.73 -1.73
CA ALA SA 117 52.87 -91.27 -0.37
C ALA SA 117 54.00 -90.65 0.43
N MET SA 118 55.20 -90.58 -0.13
CA MET SA 118 56.29 -89.95 0.59
C MET SA 118 56.00 -88.47 0.84
N LEU SA 119 55.43 -87.79 -0.17
CA LEU SA 119 55.18 -86.36 -0.04
C LEU SA 119 54.24 -86.04 1.10
N SER SA 120 53.15 -86.81 1.23
CA SER SA 120 52.20 -86.50 2.30
C SER SA 120 52.84 -86.64 3.67
N THR SA 121 53.59 -87.72 3.89
CA THR SA 121 54.32 -87.88 5.14
C THR SA 121 55.27 -86.72 5.39
N ILE SA 122 56.03 -86.32 4.38
CA ILE SA 122 56.99 -85.23 4.56
C ILE SA 122 56.27 -83.94 4.93
N LEU SA 123 55.15 -83.67 4.28
CA LEU SA 123 54.38 -82.47 4.60
C LEU SA 123 53.88 -82.53 6.04
N TYR SA 124 53.23 -83.63 6.42
CA TYR SA 124 52.71 -83.73 7.77
C TYR SA 124 53.81 -83.73 8.82
N SER SA 125 55.05 -84.01 8.42
CA SER SA 125 56.18 -84.00 9.34
C SER SA 125 56.38 -82.66 10.04
N ARG SA 126 55.80 -81.59 9.52
CA ARG SA 126 55.91 -80.29 10.17
C ARG SA 126 54.51 -79.81 10.53
N ARG SA 127 53.73 -80.72 11.12
CA ARG SA 127 52.33 -80.44 11.40
C ARG SA 127 52.17 -79.25 12.34
N PHE SA 128 53.17 -78.98 13.17
CA PHE SA 128 53.12 -77.88 14.11
C PHE SA 128 53.90 -76.66 13.63
N PHE SA 129 54.56 -76.76 12.49
CA PHE SA 129 55.14 -75.59 11.82
C PHE SA 129 55.11 -75.86 10.33
N PRO SA 130 53.94 -75.82 9.73
CA PRO SA 130 53.78 -76.34 8.37
C PRO SA 130 54.42 -75.42 7.34
N TYR SA 131 54.76 -76.02 6.20
CA TYR SA 131 55.14 -75.21 5.06
C TYR SA 131 53.94 -74.40 4.61
N TYR SA 132 54.21 -73.35 3.83
CA TYR SA 132 53.18 -72.52 3.25
C TYR SA 132 53.31 -72.68 1.74
N VAL SA 133 52.72 -73.75 1.22
CA VAL SA 133 52.96 -74.19 -0.15
C VAL SA 133 51.77 -75.00 -0.63
N TYR SA 134 51.39 -74.81 -1.89
CA TYR SA 134 50.42 -75.67 -2.55
C TYR SA 134 51.16 -76.44 -3.64
N ASN SA 135 50.86 -77.73 -3.75
CA ASN SA 135 51.65 -78.60 -4.59
C ASN SA 135 50.75 -79.53 -5.40
N ILE SA 136 51.18 -79.81 -6.63
CA ILE SA 136 50.45 -80.71 -7.51
C ILE SA 136 51.48 -81.60 -8.21
N ILE SA 137 51.23 -82.90 -8.20
CA ILE SA 137 52.13 -83.86 -8.82
C ILE SA 137 51.51 -84.33 -10.13
N GLY SA 138 52.28 -84.23 -11.21
CA GLY SA 138 51.87 -84.74 -12.48
C GLY SA 138 52.79 -85.85 -12.96
N GLY SA 139 52.28 -86.73 -13.79
CA GLY SA 139 53.07 -87.82 -14.30
C GLY SA 139 52.17 -89.00 -14.67
N LEU SA 140 52.76 -89.90 -15.44
CA LEU SA 140 52.02 -91.07 -15.87
C LEU SA 140 51.99 -92.13 -14.77
N ASP SA 141 50.98 -92.98 -14.83
CA ASP SA 141 50.85 -94.07 -13.88
C ASP SA 141 51.82 -95.19 -14.27
N GLU SA 142 51.66 -96.35 -13.64
CA GLU SA 142 52.36 -97.54 -14.08
C GLU SA 142 51.65 -98.24 -15.22
N GLU SA 143 50.80 -97.52 -15.95
CA GLU SA 143 50.07 -98.06 -17.09
C GLU SA 143 49.99 -97.07 -18.25
N GLY SA 144 50.74 -95.99 -18.19
CA GLY SA 144 50.67 -94.98 -19.24
C GLY SA 144 49.41 -94.16 -19.21
N LYS SA 145 48.99 -93.73 -18.02
CA LYS SA 145 47.77 -92.95 -17.87
C LYS SA 145 48.06 -91.72 -17.03
N GLY SA 146 47.38 -90.63 -17.37
CA GLY SA 146 47.56 -89.40 -16.62
C GLY SA 146 47.03 -89.55 -15.21
N ALA SA 147 47.87 -89.24 -14.23
CA ALA SA 147 47.49 -89.25 -12.84
C ALA SA 147 47.79 -87.90 -12.23
N VAL SA 148 46.77 -87.26 -11.67
CA VAL SA 148 46.89 -85.94 -11.06
C VAL SA 148 46.65 -86.10 -9.56
N TYR SA 149 47.50 -85.46 -8.77
CA TYR SA 149 47.39 -85.52 -7.32
C TYR SA 149 47.49 -84.11 -6.76
N SER SA 150 46.39 -83.60 -6.23
CA SER SA 150 46.42 -82.34 -5.52
C SER SA 150 46.90 -82.57 -4.10
N PHE SA 151 47.15 -81.48 -3.39
CA PHE SA 151 47.65 -81.56 -2.02
C PHE SA 151 47.09 -80.39 -1.23
N ASP SA 152 47.62 -80.25 -0.02
CA ASP SA 152 47.25 -79.18 0.89
C ASP SA 152 48.48 -78.84 1.73
N PRO SA 153 48.46 -77.69 2.40
CA PRO SA 153 49.64 -77.27 3.17
C PRO SA 153 49.95 -78.16 4.36
N VAL SA 154 49.19 -79.21 4.63
CA VAL SA 154 49.46 -80.09 5.75
C VAL SA 154 49.81 -81.51 5.34
N GLY SA 155 49.30 -82.02 4.23
CA GLY SA 155 49.68 -83.34 3.78
C GLY SA 155 48.58 -84.17 3.14
N SER SA 156 47.32 -83.78 3.34
CA SER SA 156 46.23 -84.52 2.74
C SER SA 156 46.26 -84.36 1.22
N TYR SA 157 45.66 -85.33 0.54
CA TYR SA 157 45.70 -85.33 -0.92
C TYR SA 157 44.70 -86.33 -1.46
N GLN SA 158 44.73 -86.49 -2.78
CA GLN SA 158 43.89 -87.46 -3.47
C GLN SA 158 44.28 -87.45 -4.94
N ARG SA 159 43.60 -88.30 -5.70
CA ARG SA 159 43.81 -88.38 -7.14
C ARG SA 159 42.60 -87.81 -7.86
N ASP SA 160 42.86 -86.90 -8.78
CA ASP SA 160 41.80 -86.24 -9.54
C ASP SA 160 42.19 -86.14 -11.00
N SER SA 161 41.23 -85.72 -11.82
CA SER SA 161 41.45 -85.63 -13.26
C SER SA 161 42.11 -84.32 -13.67
N PHE SA 162 41.94 -83.27 -12.89
CA PHE SA 162 42.47 -81.97 -13.27
C PHE SA 162 42.31 -81.03 -12.08
N LYS SA 163 43.36 -80.24 -11.82
CA LYS SA 163 43.34 -79.34 -10.69
C LYS SA 163 44.16 -78.09 -11.01
N ALA SA 164 43.81 -77.01 -10.31
CA ALA SA 164 44.51 -75.75 -10.42
C ALA SA 164 44.62 -75.17 -9.01
N GLY SA 165 45.84 -74.85 -8.60
CA GLY SA 165 46.08 -74.24 -7.32
C GLY SA 165 46.74 -72.89 -7.48
N GLY SA 166 46.91 -72.22 -6.35
CA GLY SA 166 47.57 -70.92 -6.33
C GLY SA 166 46.58 -69.79 -6.19
N SER SA 167 47.00 -68.61 -6.63
CA SER SA 167 46.19 -67.41 -6.43
C SER SA 167 44.85 -67.50 -7.15
N ALA SA 168 44.86 -67.55 -8.48
CA ALA SA 168 43.63 -67.47 -9.27
C ALA SA 168 43.00 -68.83 -9.50
N SER SA 169 43.29 -69.80 -8.63
CA SER SA 169 42.70 -71.13 -8.78
C SER SA 169 41.18 -71.07 -8.78
N ALA SA 170 40.61 -70.22 -7.93
CA ALA SA 170 39.18 -69.98 -7.97
C ALA SA 170 38.73 -69.39 -9.31
N MET SA 171 39.63 -68.68 -10.00
CA MET SA 171 39.33 -68.18 -11.33
C MET SA 171 39.44 -69.25 -12.40
N LEU SA 172 39.76 -70.48 -12.04
CA LEU SA 172 40.08 -71.51 -13.01
C LEU SA 172 39.29 -72.79 -12.85
N GLN SA 173 39.00 -73.21 -11.62
CA GLN SA 173 38.29 -74.47 -11.42
C GLN SA 173 36.96 -74.55 -12.16
N PRO SA 174 36.07 -73.56 -12.10
CA PRO SA 174 34.75 -73.72 -12.73
C PRO SA 174 34.83 -73.94 -14.23
N LEU SA 175 35.70 -73.23 -14.93
CA LEU SA 175 35.77 -73.38 -16.39
C LEU SA 175 36.23 -74.78 -16.77
N LEU SA 176 37.29 -75.27 -16.12
CA LEU SA 176 37.71 -76.65 -16.33
C LEU SA 176 36.62 -77.62 -15.97
N ASP SA 177 35.77 -77.28 -14.99
CA ASP SA 177 34.62 -78.12 -14.70
C ASP SA 177 33.66 -78.13 -15.88
N ASN SA 178 33.49 -76.99 -16.54
CA ASN SA 178 32.55 -76.94 -17.64
C ASN SA 178 33.09 -77.69 -18.85
N GLN SA 179 34.20 -77.23 -19.41
CA GLN SA 179 34.75 -77.88 -20.58
C GLN SA 179 35.23 -79.28 -20.26
N VAL SA 180 36.17 -79.40 -19.33
CA VAL SA 180 36.71 -80.70 -18.97
C VAL SA 180 35.65 -81.58 -18.32
N GLY SA 181 35.05 -81.11 -17.23
CA GLY SA 181 34.07 -81.93 -16.54
C GLY SA 181 32.79 -82.14 -17.30
N PHE SA 182 32.46 -81.26 -18.24
CA PHE SA 182 31.20 -81.34 -18.98
C PHE SA 182 30.01 -81.25 -18.04
N LYS SA 183 30.15 -80.47 -16.97
CA LYS SA 183 29.08 -80.32 -16.02
C LYS SA 183 28.16 -79.17 -16.41
N ASN SA 184 26.88 -79.32 -16.06
CA ASN SA 184 25.89 -78.28 -16.29
C ASN SA 184 25.62 -78.05 -17.78
N MET SA 185 25.72 -79.11 -18.58
CA MET SA 185 25.39 -79.02 -19.99
C MET SA 185 24.34 -80.08 -20.33
N GLN SA 186 23.33 -79.66 -21.08
CA GLN SA 186 22.24 -80.55 -21.46
C GLN SA 186 22.50 -81.15 -22.83
N ASN SA 187 22.35 -82.47 -22.93
CA ASN SA 187 22.53 -83.19 -24.19
C ASN SA 187 23.97 -83.11 -24.68
N VAL SA 188 24.91 -82.92 -23.76
CA VAL SA 188 26.31 -82.81 -24.11
C VAL SA 188 26.93 -84.20 -24.06
N GLU SA 189 27.35 -84.70 -25.22
CA GLU SA 189 28.10 -85.94 -25.29
C GLU SA 189 29.43 -85.80 -24.57
N HIS SA 190 30.11 -86.92 -24.37
CA HIS SA 190 31.36 -86.95 -23.62
C HIS SA 190 32.43 -87.59 -24.48
N VAL SA 191 33.10 -86.76 -25.29
CA VAL SA 191 34.25 -87.19 -26.07
C VAL SA 191 35.49 -87.06 -25.21
N PRO SA 192 36.43 -88.00 -25.28
CA PRO SA 192 37.66 -87.85 -24.50
C PRO SA 192 38.46 -86.65 -24.95
N LEU SA 193 39.02 -85.93 -23.98
CA LEU SA 193 39.76 -84.71 -24.27
C LEU SA 193 41.00 -85.04 -25.09
N SER SA 194 41.14 -84.40 -26.24
CA SER SA 194 42.32 -84.62 -27.07
C SER SA 194 43.48 -83.76 -26.57
N LEU SA 195 44.69 -84.23 -26.85
CA LEU SA 195 45.89 -83.51 -26.45
C LEU SA 195 45.91 -82.09 -27.00
N ASP SA 196 45.72 -81.94 -28.30
CA ASP SA 196 45.72 -80.61 -28.90
C ASP SA 196 44.63 -79.73 -28.34
N ARG SA 197 43.43 -80.29 -28.14
CA ARG SA 197 42.34 -79.50 -27.56
C ARG SA 197 42.70 -78.98 -26.18
N ALA SA 198 43.20 -79.85 -25.30
CA ALA SA 198 43.65 -79.40 -24.00
C ALA SA 198 44.75 -78.35 -24.12
N MET SA 199 45.58 -78.46 -25.16
CA MET SA 199 46.63 -77.46 -25.37
C MET SA 199 46.05 -76.07 -25.50
N ARG SA 200 45.19 -75.85 -26.50
CA ARG SA 200 44.56 -74.55 -26.66
C ARG SA 200 43.73 -74.17 -25.44
N LEU SA 201 43.14 -75.15 -24.76
CA LEU SA 201 42.44 -74.85 -23.51
C LEU SA 201 43.36 -74.15 -22.52
N VAL SA 202 44.53 -74.75 -22.28
CA VAL SA 202 45.50 -74.13 -21.39
C VAL SA 202 45.92 -72.77 -21.94
N LYS SA 203 46.03 -72.65 -23.26
CA LYS SA 203 46.48 -71.40 -23.83
C LYS SA 203 45.49 -70.27 -23.61
N ASP SA 204 44.19 -70.55 -23.64
CA ASP SA 204 43.20 -69.51 -23.39
C ASP SA 204 43.02 -69.23 -21.90
N VAL SA 205 43.02 -70.28 -21.08
CA VAL SA 205 42.69 -70.12 -19.68
C VAL SA 205 43.65 -69.18 -18.97
N PHE SA 206 44.96 -69.34 -19.19
CA PHE SA 206 45.91 -68.43 -18.58
C PHE SA 206 45.77 -67.01 -19.11
N ILE SA 207 45.30 -66.84 -20.35
CA ILE SA 207 45.03 -65.51 -20.84
C ILE SA 207 43.92 -64.86 -20.03
N SER SA 208 42.79 -65.57 -19.91
CA SER SA 208 41.67 -65.06 -19.12
C SER SA 208 42.09 -64.79 -17.68
N ALA SA 209 42.93 -65.64 -17.11
CA ALA SA 209 43.43 -65.38 -15.76
C ALA SA 209 44.27 -64.12 -15.73
N ALA SA 210 45.11 -63.92 -16.74
CA ALA SA 210 45.92 -62.71 -16.80
C ALA SA 210 45.08 -61.46 -16.94
N GLU SA 211 43.87 -61.59 -17.47
CA GLU SA 211 43.02 -60.40 -17.60
C GLU SA 211 42.59 -59.86 -16.24
N ARG SA 212 42.37 -60.73 -15.26
CA ARG SA 212 41.83 -60.29 -13.98
C ARG SA 212 42.83 -60.33 -12.84
N ASP SA 213 43.59 -61.41 -12.69
CA ASP SA 213 44.57 -61.49 -11.62
C ASP SA 213 45.71 -60.52 -11.86
N VAL SA 214 46.29 -60.02 -10.77
CA VAL SA 214 47.55 -59.31 -10.86
C VAL SA 214 48.75 -60.25 -10.74
N TYR SA 215 48.62 -61.32 -9.97
CA TYR SA 215 49.72 -62.27 -9.81
C TYR SA 215 49.95 -63.09 -11.06
N THR SA 216 49.02 -63.08 -12.01
CA THR SA 216 49.25 -63.77 -13.27
C THR SA 216 50.45 -63.16 -13.97
N GLY SA 217 51.49 -63.95 -14.17
CA GLY SA 217 52.74 -63.49 -14.72
C GLY SA 217 52.67 -63.23 -16.21
N ASP SA 218 53.81 -63.32 -16.87
CA ASP SA 218 53.92 -63.06 -18.30
C ASP SA 218 54.27 -64.32 -19.07
N ALA SA 219 55.35 -64.99 -18.68
CA ALA SA 219 55.80 -66.19 -19.38
C ALA SA 219 55.03 -67.40 -18.88
N LEU SA 220 54.53 -68.19 -19.82
CA LEU SA 220 53.75 -69.38 -19.53
C LEU SA 220 54.61 -70.61 -19.82
N ARG SA 221 55.02 -71.31 -18.77
CA ARG SA 221 55.76 -72.54 -18.90
C ARG SA 221 54.80 -73.72 -18.89
N ILE SA 222 55.04 -74.69 -19.77
CA ILE SA 222 54.17 -75.82 -19.99
C ILE SA 222 55.02 -77.05 -20.21
N CYS SA 223 54.80 -78.07 -19.38
CA CYS SA 223 55.46 -79.36 -19.51
C CYS SA 223 54.41 -80.42 -19.81
N ILE SA 224 54.71 -81.28 -20.78
CA ILE SA 224 53.82 -82.34 -21.22
C ILE SA 224 54.57 -83.66 -21.05
N VAL SA 225 54.02 -84.54 -20.23
CA VAL SA 225 54.61 -85.84 -19.96
C VAL SA 225 53.90 -86.86 -20.83
N THR SA 226 54.67 -87.65 -21.57
CA THR SA 226 54.14 -88.69 -22.43
C THR SA 226 54.89 -89.99 -22.17
N LYS SA 227 54.57 -91.00 -22.96
CA LYS SA 227 55.27 -92.28 -22.88
C LYS SA 227 56.63 -92.25 -23.57
N GLU SA 228 57.06 -91.09 -24.03
CA GLU SA 228 58.27 -90.99 -24.83
C GLU SA 228 59.19 -89.87 -24.38
N GLY SA 229 58.88 -89.18 -23.31
CA GLY SA 229 59.72 -88.13 -22.80
C GLY SA 229 58.89 -87.00 -22.24
N ILE SA 230 59.57 -85.88 -21.99
CA ILE SA 230 58.97 -84.70 -21.38
C ILE SA 230 59.20 -83.52 -22.30
N ARG SA 231 58.13 -82.87 -22.72
CA ARG SA 231 58.23 -81.74 -23.62
C ARG SA 231 57.98 -80.45 -22.88
N GLU SA 232 58.62 -79.37 -23.33
CA GLU SA 232 58.43 -78.05 -22.77
C GLU SA 232 57.96 -77.08 -23.83
N GLU SA 233 57.35 -75.99 -23.37
CA GLU SA 233 56.90 -74.94 -24.27
C GLU SA 233 56.44 -73.74 -23.44
N THR SA 234 56.83 -72.56 -23.86
CA THR SA 234 56.50 -71.33 -23.16
C THR SA 234 55.80 -70.38 -24.12
N VAL SA 235 54.81 -69.65 -23.61
CA VAL SA 235 54.09 -68.63 -24.37
C VAL SA 235 53.88 -67.42 -23.48
N SER SA 236 54.30 -66.26 -23.98
CA SER SA 236 54.28 -65.05 -23.17
C SER SA 236 52.84 -64.56 -22.96
N LEU SA 237 52.73 -63.49 -22.17
CA LEU SA 237 51.44 -62.89 -21.85
C LEU SA 237 51.59 -61.38 -21.77
N ARG SA 238 50.52 -60.68 -21.42
CA ARG SA 238 50.58 -59.24 -21.29
C ARG SA 238 51.35 -58.85 -20.04
N LYS SA 239 52.26 -57.88 -20.20
CA LYS SA 239 53.22 -57.53 -19.17
C LYS SA 239 52.72 -56.41 -18.27
N ASP SA 240 51.41 -56.21 -18.17
CA ASP SA 240 50.86 -55.20 -17.29
C ASP SA 240 51.09 -55.54 -15.82
N THR TA 45 68.15 -62.58 14.98
CA THR TA 45 68.12 -61.19 15.45
C THR TA 45 66.73 -60.61 15.35
N GLN TA 46 66.35 -59.82 16.35
CA GLN TA 46 65.01 -59.24 16.38
C GLN TA 46 64.98 -57.75 16.11
N ASN TA 47 66.05 -57.03 16.43
CA ASN TA 47 66.00 -55.58 16.30
C ASN TA 47 67.26 -55.04 15.64
N PRO TA 48 67.17 -54.56 14.41
CA PRO TA 48 68.36 -54.04 13.72
C PRO TA 48 68.83 -52.74 14.37
N MET TA 49 70.03 -52.77 14.94
CA MET TA 49 70.58 -51.55 15.52
C MET TA 49 71.23 -50.68 14.44
N VAL TA 50 72.30 -51.20 13.82
CA VAL TA 50 73.02 -50.46 12.79
C VAL TA 50 72.61 -51.04 11.44
N THR TA 51 72.09 -50.18 10.58
CA THR TA 51 71.52 -50.61 9.31
C THR TA 51 72.21 -49.91 8.16
N GLY TA 52 72.29 -50.62 7.04
CA GLY TA 52 72.78 -50.07 5.80
C GLY TA 52 71.69 -49.37 5.01
N THR TA 53 71.76 -49.51 3.70
CA THR TA 53 70.74 -48.97 2.82
C THR TA 53 70.68 -49.84 1.57
N SER TA 54 70.06 -49.33 0.52
CA SER TA 54 69.93 -50.07 -0.72
C SER TA 54 71.30 -50.39 -1.31
N VAL TA 55 71.33 -51.38 -2.21
CA VAL TA 55 72.56 -51.84 -2.82
C VAL TA 55 72.27 -52.14 -4.29
N LEU TA 56 73.24 -51.90 -5.16
CA LEU TA 56 73.02 -52.09 -6.58
C LEU TA 56 74.10 -52.96 -7.21
N GLY TA 57 73.74 -53.58 -8.33
CA GLY TA 57 74.63 -54.44 -9.07
C GLY TA 57 73.96 -54.99 -10.31
N VAL TA 58 74.70 -55.11 -11.39
CA VAL TA 58 74.12 -55.54 -12.66
C VAL TA 58 75.21 -56.17 -13.51
N LYS TA 59 74.81 -57.07 -14.40
CA LYS TA 59 75.74 -57.72 -15.30
C LYS TA 59 76.00 -56.86 -16.52
N PHE TA 60 77.15 -57.10 -17.14
CA PHE TA 60 77.45 -56.52 -18.44
C PHE TA 60 78.23 -57.57 -19.24
N GLU TA 61 78.78 -57.14 -20.36
CA GLU TA 61 79.50 -58.06 -21.24
C GLU TA 61 80.76 -58.54 -20.54
N GLY TA 62 80.78 -59.83 -20.21
CA GLY TA 62 81.96 -60.44 -19.62
C GLY TA 62 82.34 -59.83 -18.28
N GLY TA 63 81.36 -59.61 -17.44
CA GLY TA 63 81.63 -59.05 -16.12
C GLY TA 63 80.37 -58.46 -15.51
N VAL TA 64 80.47 -58.16 -14.23
CA VAL TA 64 79.36 -57.61 -13.45
C VAL TA 64 79.91 -56.52 -12.56
N VAL TA 65 79.10 -55.50 -12.31
CA VAL TA 65 79.48 -54.36 -11.48
C VAL TA 65 78.54 -54.29 -10.29
N ILE TA 66 79.04 -53.74 -9.19
CA ILE TA 66 78.25 -53.54 -7.98
C ILE TA 66 78.62 -52.19 -7.40
N ALA TA 67 77.63 -51.49 -6.84
CA ALA TA 67 77.82 -50.19 -6.24
C ALA TA 67 76.99 -50.06 -4.98
N ALA TA 68 77.54 -49.35 -4.00
CA ALA TA 68 76.82 -49.09 -2.77
C ALA TA 68 77.51 -47.97 -2.02
N ASP TA 69 76.73 -47.18 -1.29
CA ASP TA 69 77.26 -46.08 -0.52
C ASP TA 69 78.04 -46.63 0.67
N MET TA 70 78.67 -45.75 1.43
CA MET TA 70 79.57 -46.16 2.50
C MET TA 70 79.17 -45.51 3.82
N LEU TA 71 77.88 -45.54 4.13
CA LEU TA 71 77.34 -44.90 5.31
C LEU TA 71 76.68 -45.91 6.23
N GLY TA 72 76.96 -45.81 7.52
CA GLY TA 72 76.31 -46.62 8.54
C GLY TA 72 75.36 -45.75 9.34
N SER TA 73 74.14 -46.24 9.54
CA SER TA 73 73.08 -45.48 10.18
C SER TA 73 72.52 -46.22 11.38
N TYR TA 74 72.07 -45.45 12.36
CA TYR TA 74 71.42 -45.94 13.57
C TYR TA 74 70.13 -45.15 13.73
N GLY TA 75 69.03 -45.72 13.28
CA GLY TA 75 67.78 -44.97 13.27
C GLY TA 75 67.93 -43.77 12.36
N SER TA 76 67.25 -42.69 12.69
CA SER TA 76 67.35 -41.48 11.88
C SER TA 76 68.73 -40.86 11.90
N LEU TA 77 69.61 -41.28 12.80
CA LEU TA 77 70.96 -40.74 12.87
C LEU TA 77 71.90 -41.51 11.96
N ALA TA 78 72.77 -40.76 11.27
CA ALA TA 78 73.85 -41.33 10.49
C ALA TA 78 75.10 -41.29 11.36
N ARG TA 79 75.29 -42.35 12.13
CA ARG TA 79 76.36 -42.34 13.13
C ARG TA 79 77.72 -42.54 12.51
N PHE TA 80 77.87 -43.52 11.64
CA PHE TA 80 79.17 -43.92 11.10
C PHE TA 80 79.23 -43.51 9.63
N ARG TA 81 79.94 -42.42 9.36
CA ARG TA 81 79.90 -41.82 8.04
C ARG TA 81 80.88 -42.44 7.06
N ASN TA 82 81.66 -43.44 7.48
CA ASN TA 82 82.64 -44.07 6.58
C ASN TA 82 82.80 -45.53 6.96
N ILE TA 83 82.20 -46.42 6.17
CA ILE TA 83 82.30 -47.86 6.36
C ILE TA 83 82.19 -48.54 5.01
N SER TA 84 82.72 -49.75 4.93
CA SER TA 84 82.73 -50.53 3.71
C SER TA 84 81.61 -51.56 3.74
N ARG TA 85 80.66 -51.42 2.81
CA ARG TA 85 79.52 -52.33 2.73
C ARG TA 85 79.66 -53.31 1.58
N ILE TA 86 80.88 -53.70 1.23
CA ILE TA 86 81.14 -54.63 0.15
C ILE TA 86 82.32 -55.51 0.53
N MET TA 87 82.13 -56.82 0.45
CA MET TA 87 83.18 -57.77 0.79
C MET TA 87 83.73 -58.39 -0.49
N ARG TA 88 85.04 -58.49 -0.57
CA ARG TA 88 85.73 -59.01 -1.75
C ARG TA 88 85.95 -60.50 -1.54
N VAL TA 89 85.21 -61.33 -2.28
CA VAL TA 89 85.56 -62.74 -2.30
C VAL TA 89 86.89 -62.90 -3.04
N ASN TA 90 87.46 -64.10 -2.96
CA ASN TA 90 88.81 -64.39 -3.40
C ASN TA 90 89.20 -63.87 -4.78
N ASN TA 91 88.63 -64.41 -5.86
CA ASN TA 91 89.04 -63.97 -7.19
C ASN TA 91 87.88 -63.77 -8.16
N SER TA 92 86.78 -64.49 -8.04
CA SER TA 92 85.78 -64.52 -9.09
C SER TA 92 84.44 -63.96 -8.65
N THR TA 93 84.11 -64.01 -7.38
CA THR TA 93 82.84 -63.50 -6.91
C THR TA 93 83.09 -62.43 -5.86
N MET TA 94 81.99 -61.90 -5.32
CA MET TA 94 82.04 -60.67 -4.55
C MET TA 94 80.67 -60.45 -3.94
N LEU TA 95 80.62 -59.78 -2.79
CA LEU TA 95 79.38 -59.74 -2.04
C LEU TA 95 79.02 -58.33 -1.61
N GLY TA 96 77.72 -58.03 -1.66
CA GLY TA 96 77.19 -56.84 -1.03
C GLY TA 96 76.01 -57.22 -0.15
N ALA TA 97 75.61 -56.29 0.71
CA ALA TA 97 74.56 -56.61 1.67
C ALA TA 97 74.04 -55.33 2.33
N SER TA 98 72.89 -55.47 2.98
CA SER TA 98 72.29 -54.43 3.79
C SER TA 98 71.65 -55.06 5.01
N GLY TA 99 71.24 -54.21 5.95
CA GLY TA 99 70.64 -54.70 7.18
C GLY TA 99 71.58 -54.52 8.37
N ASP TA 100 71.61 -55.55 9.23
CA ASP TA 100 72.52 -55.52 10.37
C ASP TA 100 73.95 -55.59 9.90
N TYR TA 101 74.65 -54.46 9.99
CA TYR TA 101 76.06 -54.43 9.66
C TYR TA 101 76.87 -55.38 10.50
N ALA TA 102 76.46 -55.61 11.75
CA ALA TA 102 77.16 -56.58 12.59
C ALA TA 102 77.06 -57.98 12.00
N ASP TA 103 75.84 -58.42 11.69
CA ASP TA 103 75.66 -59.72 11.03
C ASP TA 103 76.46 -59.79 9.75
N PHE TA 104 76.51 -58.68 9.00
CA PHE TA 104 77.41 -58.62 7.86
C PHE TA 104 78.84 -58.93 8.25
N GLN TA 105 79.32 -58.36 9.35
CA GLN TA 105 80.62 -58.73 9.86
C GLN TA 105 80.71 -60.23 10.11
N TYR TA 106 79.65 -60.81 10.66
CA TYR TA 106 79.65 -62.24 10.97
C TYR TA 106 79.86 -63.08 9.71
N LEU TA 107 78.97 -62.91 8.73
CA LEU TA 107 79.10 -63.67 7.49
C LEU TA 107 80.43 -63.40 6.82
N LYS TA 108 80.91 -62.16 6.89
CA LYS TA 108 82.24 -61.85 6.42
C LYS TA 108 83.28 -62.75 7.05
N GLN TA 109 83.24 -62.90 8.37
CA GLN TA 109 84.16 -63.78 9.05
C GLN TA 109 84.02 -65.22 8.58
N VAL TA 110 82.78 -65.71 8.46
CA VAL TA 110 82.59 -67.12 8.13
C VAL TA 110 83.11 -67.42 6.72
N LEU TA 111 82.66 -66.65 5.73
CA LEU TA 111 83.13 -66.87 4.38
C LEU TA 111 84.64 -66.71 4.25
N GLY TA 112 85.18 -65.67 4.90
CA GLY TA 112 86.62 -65.53 4.95
C GLY TA 112 87.29 -66.77 5.51
N GLN TA 113 86.65 -67.45 6.46
CA GLN TA 113 87.16 -68.74 6.89
C GLN TA 113 87.11 -69.76 5.77
N MET TA 114 85.94 -69.95 5.14
CA MET TA 114 85.77 -71.05 4.19
C MET TA 114 86.69 -70.93 2.98
N VAL TA 115 86.83 -69.73 2.42
CA VAL TA 115 87.67 -69.56 1.25
C VAL TA 115 89.09 -70.00 1.57
N ILE TA 116 89.61 -69.57 2.71
CA ILE TA 116 90.90 -70.06 3.17
C ILE TA 116 90.84 -71.57 3.39
N ASP TA 117 89.66 -72.09 3.74
CA ASP TA 117 89.54 -73.52 3.98
C ASP TA 117 89.82 -74.32 2.70
N GLU TA 118 89.23 -73.91 1.58
CA GLU TA 118 89.55 -74.64 0.36
C GLU TA 118 90.93 -74.30 -0.17
N GLU TA 119 91.36 -73.04 -0.01
CA GLU TA 119 92.69 -72.65 -0.49
C GLU TA 119 93.78 -73.45 0.20
N LEU TA 120 93.61 -73.75 1.49
CA LEU TA 120 94.54 -74.63 2.17
C LEU TA 120 94.60 -76.00 1.54
N LEU TA 121 93.49 -76.50 1.01
CA LEU TA 121 93.52 -77.75 0.28
C LEU TA 121 94.29 -77.60 -1.02
N GLY TA 122 93.98 -76.57 -1.80
CA GLY TA 122 94.69 -76.33 -3.03
C GLY TA 122 94.64 -77.47 -4.03
N ASP TA 123 93.53 -78.20 -4.09
CA ASP TA 123 93.42 -79.35 -4.96
C ASP TA 123 93.20 -78.99 -6.42
N GLY TA 124 93.18 -77.71 -6.76
CA GLY TA 124 92.88 -77.30 -8.12
C GLY TA 124 91.40 -77.09 -8.37
N HIS TA 125 90.64 -76.66 -7.37
CA HIS TA 125 89.23 -76.36 -7.51
C HIS TA 125 88.91 -75.13 -6.67
N SER TA 126 87.65 -74.72 -6.72
CA SER TA 126 87.21 -73.58 -5.94
C SER TA 126 85.70 -73.57 -5.91
N TYR TA 127 85.15 -72.66 -5.11
CA TYR TA 127 83.71 -72.52 -5.04
C TYR TA 127 83.22 -71.56 -6.12
N SER TA 128 82.33 -72.04 -6.97
CA SER TA 128 81.71 -71.17 -7.94
C SER TA 128 80.80 -70.17 -7.23
N PRO TA 129 80.60 -69.00 -7.82
CA PRO TA 129 79.67 -68.04 -7.24
C PRO TA 129 78.27 -68.61 -7.05
N ARG TA 130 77.80 -69.44 -7.99
CA ARG TA 130 76.50 -70.07 -7.81
C ARG TA 130 76.50 -71.01 -6.62
N ALA TA 131 77.57 -71.79 -6.44
CA ALA TA 131 77.65 -72.64 -5.26
C ALA TA 131 77.62 -71.82 -3.99
N ILE TA 132 78.33 -70.69 -3.98
CA ILE TA 132 78.32 -69.82 -2.81
C ILE TA 132 76.91 -69.32 -2.53
N HIS TA 133 76.22 -68.87 -3.58
CA HIS TA 133 74.84 -68.46 -3.44
C HIS TA 133 73.97 -69.57 -2.85
N SER TA 134 74.18 -70.80 -3.32
CA SER TA 134 73.49 -71.95 -2.77
C SER TA 134 73.73 -72.08 -1.27
N TRP TA 135 74.99 -72.13 -0.86
CA TRP TA 135 75.32 -72.30 0.55
C TRP TA 135 74.70 -71.19 1.40
N LEU TA 136 74.86 -69.95 0.95
CA LEU TA 136 74.24 -68.83 1.66
C LEU TA 136 72.74 -69.00 1.79
N THR TA 137 72.08 -69.53 0.77
CA THR TA 137 70.63 -69.72 0.85
C THR TA 137 70.27 -70.66 1.98
N ARG TA 138 70.88 -71.85 2.02
CA ARG TA 138 70.63 -72.77 3.11
C ARG TA 138 70.97 -72.15 4.46
N ALA TA 139 72.01 -71.32 4.49
CA ALA TA 139 72.34 -70.62 5.73
C ALA TA 139 71.19 -69.76 6.21
N MET TA 140 70.68 -68.89 5.33
CA MET TA 140 69.57 -68.02 5.72
C MET TA 140 68.34 -68.83 6.12
N TYR TA 141 67.97 -69.81 5.30
CA TYR TA 141 66.74 -70.55 5.56
C TYR TA 141 66.83 -71.30 6.88
N SER TA 142 67.94 -71.98 7.13
CA SER TA 142 68.14 -72.59 8.43
C SER TA 142 68.12 -71.55 9.54
N ARG TA 143 68.59 -70.33 9.24
CA ARG TA 143 68.54 -69.27 10.23
C ARG TA 143 67.11 -68.94 10.64
N ARG TA 144 66.27 -68.57 9.66
CA ARG TA 144 64.88 -68.25 9.98
C ARG TA 144 64.12 -69.45 10.51
N SER TA 145 64.58 -70.66 10.19
CA SER TA 145 63.89 -71.86 10.63
C SER TA 145 63.81 -71.96 12.15
N LYS TA 146 64.69 -71.28 12.87
CA LYS TA 146 64.69 -71.27 14.32
C LYS TA 146 64.06 -70.02 14.90
N MET TA 147 63.43 -69.19 14.07
CA MET TA 147 62.78 -67.98 14.53
C MET TA 147 63.78 -66.99 15.11
N ASN TA 148 65.03 -67.09 14.68
CA ASN TA 148 66.09 -66.17 15.10
C ASN TA 148 66.85 -65.72 13.87
N PRO TA 149 66.19 -65.00 12.97
CA PRO TA 149 66.74 -64.76 11.64
C PRO TA 149 67.96 -63.85 11.69
N LEU TA 150 68.55 -63.62 10.51
CA LEU TA 150 69.65 -62.70 10.34
C LEU TA 150 69.13 -61.51 9.52
N TRP TA 151 69.08 -60.34 10.16
CA TRP TA 151 68.44 -59.18 9.57
C TRP TA 151 69.36 -58.59 8.51
N ASN TA 152 69.32 -59.17 7.32
CA ASN TA 152 70.15 -58.70 6.22
C ASN TA 152 69.46 -58.94 4.89
N THR TA 153 70.13 -58.52 3.83
CA THR TA 153 69.68 -58.74 2.46
C THR TA 153 70.91 -58.62 1.58
N MET TA 154 71.30 -59.72 0.93
CA MET TA 154 72.60 -59.81 0.31
C MET TA 154 72.49 -60.07 -1.18
N VAL TA 155 73.51 -59.67 -1.91
CA VAL TA 155 73.59 -59.87 -3.35
C VAL TA 155 74.99 -60.34 -3.71
N ILE TA 156 75.07 -61.37 -4.55
CA ILE TA 156 76.32 -61.98 -4.96
C ILE TA 156 76.58 -61.64 -6.41
N GLY TA 157 77.81 -61.23 -6.71
CA GLY TA 157 78.24 -60.98 -8.07
C GLY TA 157 79.49 -61.78 -8.39
N GLY TA 158 79.37 -62.71 -9.32
CA GLY TA 158 80.48 -63.56 -9.69
C GLY TA 158 80.69 -63.53 -11.20
N TYR TA 159 81.83 -64.09 -11.60
CA TYR TA 159 82.16 -64.17 -13.03
C TYR TA 159 83.19 -65.28 -13.20
N ALA TA 160 82.81 -66.34 -13.87
CA ALA TA 160 83.70 -67.45 -14.14
C ALA TA 160 83.28 -68.13 -15.43
N ASP TA 161 84.26 -68.61 -16.19
CA ASP TA 161 84.01 -69.32 -17.44
C ASP TA 161 83.33 -68.39 -18.44
N GLY TA 162 83.72 -67.13 -18.43
CA GLY TA 162 83.02 -66.13 -19.23
C GLY TA 162 81.56 -66.02 -18.89
N GLU TA 163 81.20 -66.22 -17.62
CA GLU TA 163 79.80 -66.25 -17.21
C GLU TA 163 79.61 -65.23 -16.10
N SER TA 164 79.00 -64.11 -16.43
CA SER TA 164 78.59 -63.15 -15.42
C SER TA 164 77.39 -63.72 -14.67
N PHE TA 165 77.54 -63.87 -13.36
CA PHE TA 165 76.50 -64.44 -12.51
C PHE TA 165 76.08 -63.44 -11.45
N LEU TA 166 74.79 -63.41 -11.16
CA LEU TA 166 74.24 -62.45 -10.21
C LEU TA 166 73.18 -63.18 -9.40
N GLY TA 167 73.43 -63.35 -8.10
CA GLY TA 167 72.51 -64.03 -7.22
C GLY TA 167 71.89 -63.08 -6.23
N TYR TA 168 70.62 -63.30 -5.93
CA TYR TA 168 69.89 -62.55 -4.92
C TYR TA 168 69.66 -63.42 -3.71
N VAL TA 169 69.79 -62.83 -2.53
CA VAL TA 169 69.62 -63.57 -1.28
C VAL TA 169 68.85 -62.70 -0.30
N ASP TA 170 67.78 -63.25 0.27
CA ASP TA 170 66.88 -62.55 1.16
C ASP TA 170 66.95 -63.14 2.56
N MET TA 171 66.55 -62.33 3.54
CA MET TA 171 66.53 -62.78 4.92
C MET TA 171 65.59 -63.97 5.10
N LEU TA 172 64.48 -63.98 4.38
CA LEU TA 172 63.50 -65.06 4.50
C LEU TA 172 63.81 -66.22 3.57
N GLY TA 173 65.05 -66.40 3.17
CA GLY TA 173 65.38 -67.48 2.27
C GLY TA 173 64.79 -67.34 0.89
N VAL TA 174 64.56 -66.12 0.43
CA VAL TA 174 64.09 -65.88 -0.93
C VAL TA 174 65.29 -65.56 -1.80
N ALA TA 175 65.51 -66.38 -2.83
CA ALA TA 175 66.69 -66.25 -3.68
C ALA TA 175 66.30 -66.51 -5.12
N TYR TA 176 67.04 -65.90 -6.04
CA TYR TA 176 66.82 -66.11 -7.46
C TYR TA 176 67.95 -65.42 -8.23
N GLU TA 177 67.84 -65.45 -9.55
CA GLU TA 177 68.82 -64.84 -10.44
C GLU TA 177 68.13 -63.75 -11.25
N ALA TA 178 68.93 -62.83 -11.79
CA ALA TA 178 68.37 -61.72 -12.56
C ALA TA 178 69.51 -60.91 -13.16
N PRO TA 179 69.26 -60.21 -14.26
CA PRO TA 179 70.32 -59.38 -14.85
C PRO TA 179 70.65 -58.17 -14.02
N SER TA 180 69.71 -57.65 -13.25
CA SER TA 180 69.95 -56.47 -12.44
C SER TA 180 69.23 -56.64 -11.12
N LEU TA 181 69.79 -56.10 -10.04
CA LEU TA 181 69.21 -56.22 -8.73
C LEU TA 181 69.26 -54.88 -8.01
N ALA TA 182 68.35 -54.72 -7.05
CA ALA TA 182 68.28 -53.51 -6.27
C ALA TA 182 67.60 -53.83 -4.95
N THR TA 183 68.16 -53.31 -3.87
CA THR TA 183 67.68 -53.59 -2.52
C THR TA 183 67.00 -52.36 -1.94
N GLY TA 184 66.31 -52.58 -0.81
CA GLY TA 184 65.66 -51.48 -0.11
C GLY TA 184 64.72 -50.71 -1.00
N TYR TA 185 64.81 -49.38 -0.92
CA TYR TA 185 64.11 -48.54 -1.86
C TYR TA 185 64.62 -48.69 -3.29
N GLY TA 186 65.85 -49.20 -3.45
CA GLY TA 186 66.40 -49.37 -4.79
C GLY TA 186 65.53 -50.21 -5.68
N ALA TA 187 64.87 -51.22 -5.12
CA ALA TA 187 63.87 -51.94 -5.89
C ALA TA 187 62.71 -51.04 -6.26
N TYR TA 188 62.45 -50.00 -5.49
CA TYR TA 188 61.35 -49.09 -5.78
C TYR TA 188 61.73 -48.01 -6.78
N LEU TA 189 63.01 -47.66 -6.88
CA LEU TA 189 63.42 -46.53 -7.70
C LEU TA 189 64.36 -46.93 -8.84
N ALA TA 190 65.46 -47.59 -8.53
CA ALA TA 190 66.43 -47.91 -9.57
C ALA TA 190 66.00 -49.08 -10.42
N GLN TA 191 65.19 -49.98 -9.86
CA GLN TA 191 64.69 -51.11 -10.62
C GLN TA 191 64.00 -50.71 -11.92
N PRO TA 192 63.13 -49.69 -11.95
CA PRO TA 192 62.53 -49.30 -13.23
C PRO TA 192 63.55 -48.89 -14.28
N LEU TA 193 64.49 -48.02 -13.93
CA LEU TA 193 65.49 -47.60 -14.92
C LEU TA 193 66.33 -48.77 -15.40
N LEU TA 194 66.58 -49.74 -14.52
CA LEU TA 194 67.33 -50.93 -14.94
C LEU TA 194 66.53 -51.74 -15.94
N ARG TA 195 65.33 -52.18 -15.54
CA ARG TA 195 64.54 -53.05 -16.40
C ARG TA 195 64.16 -52.38 -17.71
N GLU TA 196 63.96 -51.07 -17.72
CA GLU TA 196 63.66 -50.38 -18.97
C GLU TA 196 64.82 -50.50 -19.95
N VAL TA 197 66.00 -50.05 -19.53
CA VAL TA 197 67.16 -50.07 -20.42
C VAL TA 197 67.52 -51.49 -20.82
N LEU TA 198 67.35 -52.44 -19.91
CA LEU TA 198 67.64 -53.82 -20.24
C LEU TA 198 66.67 -54.38 -21.27
N GLU TA 199 65.39 -54.04 -21.13
CA GLU TA 199 64.42 -54.48 -22.13
C GLU TA 199 64.64 -53.81 -23.47
N LYS TA 200 65.06 -52.55 -23.48
CA LYS TA 200 65.37 -51.89 -24.74
C LYS TA 200 66.58 -52.52 -25.41
N GLN TA 201 67.65 -52.73 -24.63
CA GLN TA 201 68.88 -53.33 -25.14
C GLN TA 201 69.24 -54.51 -24.23
N PRO TA 202 69.32 -55.72 -24.76
CA PRO TA 202 69.65 -56.86 -23.89
C PRO TA 202 71.03 -56.77 -23.27
N VAL TA 203 72.07 -56.59 -24.08
CA VAL TA 203 73.43 -56.57 -23.58
C VAL TA 203 73.87 -55.12 -23.43
N LEU TA 204 74.95 -54.91 -22.70
CA LEU TA 204 75.47 -53.58 -22.46
C LEU TA 204 76.98 -53.65 -22.24
N SER TA 205 77.64 -52.50 -22.39
CA SER TA 205 79.07 -52.45 -22.20
C SER TA 205 79.40 -52.02 -20.78
N GLN TA 206 80.65 -52.27 -20.39
CA GLN TA 206 81.11 -51.90 -19.07
C GLN TA 206 80.95 -50.41 -18.80
N THR TA 207 81.36 -49.58 -19.74
CA THR TA 207 81.21 -48.14 -19.56
C THR TA 207 79.74 -47.76 -19.45
N GLU TA 208 78.90 -48.32 -20.31
CA GLU TA 208 77.46 -48.04 -20.26
C GLU TA 208 76.89 -48.33 -18.87
N ALA TA 209 77.05 -49.57 -18.40
CA ALA TA 209 76.54 -49.92 -17.09
C ALA TA 209 77.14 -49.04 -16.01
N ARG TA 210 78.42 -48.73 -16.11
CA ARG TA 210 79.06 -47.90 -15.09
C ARG TA 210 78.43 -46.52 -15.04
N ASP TA 211 78.07 -45.96 -16.19
CA ASP TA 211 77.38 -44.69 -16.19
C ASP TA 211 75.99 -44.81 -15.59
N LEU TA 212 75.20 -45.76 -16.07
CA LEU TA 212 73.82 -45.91 -15.60
C LEU TA 212 73.75 -46.11 -14.10
N VAL TA 213 74.65 -46.92 -13.55
CA VAL TA 213 74.71 -47.11 -12.09
C VAL TA 213 74.95 -45.79 -11.40
N GLU TA 214 75.85 -44.96 -11.95
CA GLU TA 214 76.10 -43.66 -11.37
C GLU TA 214 74.84 -42.80 -11.36
N ARG TA 215 74.09 -42.83 -12.46
CA ARG TA 215 72.83 -42.09 -12.50
C ARG TA 215 71.87 -42.55 -11.41
N CYS TA 216 71.68 -43.87 -11.30
CA CYS TA 216 70.77 -44.40 -10.30
C CYS TA 216 71.21 -44.00 -8.90
N MET TA 217 72.50 -44.13 -8.60
CA MET TA 217 73.00 -43.71 -7.30
C MET TA 217 72.72 -42.25 -7.03
N ARG TA 218 72.89 -41.40 -8.04
CA ARG TA 218 72.52 -40.00 -7.89
C ARG TA 218 71.06 -39.86 -7.48
N VAL TA 219 70.19 -40.57 -8.19
CA VAL TA 219 68.76 -40.46 -7.91
C VAL TA 219 68.45 -40.89 -6.48
N LEU TA 220 68.99 -42.04 -6.08
CA LEU TA 220 68.81 -42.49 -4.71
C LEU TA 220 69.33 -41.47 -3.71
N TYR TA 221 70.40 -40.76 -4.03
CA TYR TA 221 70.82 -39.68 -3.15
C TYR TA 221 69.79 -38.57 -3.13
N TYR TA 222 69.06 -38.37 -4.22
CA TYR TA 222 67.99 -37.38 -4.17
C TYR TA 222 66.87 -37.82 -3.25
N ARG TA 223 66.21 -38.92 -3.59
CA ARG TA 223 64.93 -39.24 -2.96
C ARG TA 223 65.05 -40.06 -1.68
N ASP TA 224 66.19 -40.69 -1.43
CA ASP TA 224 66.37 -41.45 -0.20
C ASP TA 224 66.35 -40.51 0.99
N ALA TA 225 65.61 -40.90 2.02
CA ALA TA 225 65.65 -40.14 3.26
C ALA TA 225 66.91 -40.45 4.06
N ARG TA 226 67.61 -41.53 3.73
CA ARG TA 226 68.76 -41.98 4.52
C ARG TA 226 69.89 -42.43 3.61
N SER TA 227 70.14 -41.67 2.54
CA SER TA 227 71.24 -41.94 1.65
C SER TA 227 72.45 -41.15 2.10
N TYR TA 228 73.49 -41.15 1.27
CA TYR TA 228 74.69 -40.40 1.61
C TYR TA 228 75.58 -40.31 0.38
N ASN TA 229 76.03 -39.09 0.10
CA ASN TA 229 76.79 -38.81 -1.13
C ASN TA 229 78.24 -39.24 -1.00
N ARG TA 230 78.46 -40.52 -0.74
CA ARG TA 230 79.81 -41.07 -0.72
C ARG TA 230 79.67 -42.58 -0.81
N PHE TA 231 80.22 -43.16 -1.88
CA PHE TA 231 79.94 -44.54 -2.20
C PHE TA 231 81.18 -45.16 -2.82
N GLN TA 232 81.09 -46.47 -3.04
CA GLN TA 232 82.15 -47.23 -3.68
C GLN TA 232 81.54 -48.23 -4.64
N ILE TA 233 82.29 -48.53 -5.69
CA ILE TA 233 81.84 -49.40 -6.76
C ILE TA 233 82.96 -50.39 -7.08
N ALA TA 234 82.63 -51.67 -7.06
CA ALA TA 234 83.58 -52.72 -7.38
C ALA TA 234 83.11 -53.46 -8.61
N THR TA 235 84.04 -54.08 -9.31
CA THR TA 235 83.73 -54.74 -10.58
C THR TA 235 84.46 -56.06 -10.67
N VAL TA 236 83.79 -57.06 -11.23
CA VAL TA 236 84.38 -58.37 -11.42
C VAL TA 236 84.55 -58.61 -12.92
N THR TA 237 85.76 -59.00 -13.31
CA THR TA 237 86.07 -59.35 -14.68
C THR TA 237 86.90 -60.61 -14.65
N GLU TA 238 87.28 -61.10 -15.83
CA GLU TA 238 88.21 -62.21 -15.90
C GLU TA 238 89.57 -61.86 -15.30
N LYS TA 239 89.93 -60.58 -15.30
CA LYS TA 239 91.19 -60.14 -14.70
C LYS TA 239 91.17 -60.22 -13.19
N GLY TA 240 90.02 -60.44 -12.57
CA GLY TA 240 89.90 -60.52 -11.13
C GLY TA 240 88.83 -59.59 -10.65
N VAL TA 241 88.97 -59.14 -9.41
CA VAL TA 241 87.99 -58.27 -8.76
C VAL TA 241 88.67 -56.98 -8.37
N GLU TA 242 88.00 -55.86 -8.59
CA GLU TA 242 88.53 -54.54 -8.32
C GLU TA 242 87.55 -53.76 -7.46
N ILE TA 243 88.08 -52.87 -6.62
CA ILE TA 243 87.26 -52.02 -5.76
C ILE TA 243 87.71 -50.58 -5.94
N GLU TA 244 86.82 -49.73 -6.44
CA GLU TA 244 87.16 -48.34 -6.64
C GLU TA 244 87.13 -47.58 -5.32
N GLY TA 245 87.31 -46.27 -5.40
CA GLY TA 245 87.41 -45.43 -4.23
C GLY TA 245 86.11 -44.74 -3.88
N PRO TA 246 86.14 -43.94 -2.82
CA PRO TA 246 84.91 -43.29 -2.35
C PRO TA 246 84.43 -42.22 -3.33
N LEU TA 247 83.75 -42.65 -4.37
CA LEU TA 247 83.24 -41.72 -5.36
C LEU TA 247 82.08 -40.90 -4.79
N SER TA 248 81.71 -39.85 -5.51
CA SER TA 248 80.64 -38.97 -5.08
C SER TA 248 79.74 -38.64 -6.26
N THR TA 249 78.70 -37.87 -6.00
CA THR TA 249 77.73 -37.51 -7.01
C THR TA 249 77.66 -35.99 -7.18
N GLU TA 250 76.82 -35.56 -8.11
CA GLU TA 250 76.67 -34.14 -8.44
C GLU TA 250 75.18 -33.83 -8.54
N THR TA 251 74.64 -33.17 -7.54
CA THR TA 251 73.22 -32.86 -7.52
C THR TA 251 72.94 -31.60 -8.34
N ASN TA 252 71.67 -31.41 -8.65
CA ASN TA 252 71.19 -30.17 -9.25
C ASN TA 252 70.18 -29.55 -8.30
N TRP TA 253 70.11 -28.22 -8.29
CA TRP TA 253 69.17 -27.52 -7.43
C TRP TA 253 68.60 -26.31 -8.14
N ASP TA 254 68.55 -26.36 -9.47
CA ASP TA 254 68.02 -25.24 -10.25
C ASP TA 254 66.57 -24.95 -9.92
N ILE TA 255 65.76 -26.00 -9.73
CA ILE TA 255 64.32 -25.82 -9.47
C ILE TA 255 64.04 -25.08 -8.18
N ALA TA 256 65.00 -25.00 -7.27
CA ALA TA 256 64.79 -24.35 -5.99
C ALA TA 256 64.34 -22.90 -6.14
N HIS TA 257 64.75 -22.24 -7.22
CA HIS TA 257 64.30 -20.87 -7.45
C HIS TA 257 62.86 -20.84 -7.92
N MET TA 258 62.32 -21.97 -8.37
CA MET TA 258 60.92 -22.05 -8.77
C MET TA 258 60.06 -22.21 -7.51
N ILE TA 259 59.39 -21.14 -7.11
CA ILE TA 259 58.55 -21.18 -5.92
C ILE TA 259 57.38 -22.11 -6.13
N ASN UA 152 21.94 50.27 42.65
CA ASN UA 152 21.21 49.01 42.62
C ASN UA 152 21.83 47.97 43.56
N ARG UA 153 21.18 47.75 44.70
CA ARG UA 153 21.66 46.78 45.67
C ARG UA 153 20.53 46.29 46.57
N CYS UA 154 20.74 45.15 47.21
CA CYS UA 154 19.75 44.57 48.12
C CYS UA 154 19.88 45.19 49.51
N PHE UA 155 18.99 44.80 50.42
CA PHE UA 155 19.01 45.33 51.78
C PHE UA 155 19.27 44.24 52.82
N MET UA 156 19.02 42.99 52.45
CA MET UA 156 19.21 41.88 53.37
C MET UA 156 20.64 41.35 53.34
N CYS UA 157 21.43 41.81 52.38
CA CYS UA 157 22.82 41.38 52.25
C CYS UA 157 23.74 42.38 51.53
N ARG UA 158 23.23 43.57 51.19
CA ARG UA 158 23.98 44.64 50.52
C ARG UA 158 24.69 44.22 49.21
N LYS UA 159 24.33 43.05 48.67
CA LYS UA 159 24.93 42.58 47.44
C LYS UA 159 24.40 43.33 46.22
N LYS UA 160 25.28 44.08 45.58
CA LYS UA 160 24.91 44.86 44.39
C LYS UA 160 24.34 43.95 43.32
N VAL UA 161 23.27 44.40 42.66
CA VAL UA 161 22.63 43.62 41.61
C VAL UA 161 22.51 44.40 40.30
N GLY UA 162 21.55 45.31 40.24
CA GLY UA 162 21.35 46.11 39.05
C GLY UA 162 19.96 46.02 38.46
N LEU UA 163 19.78 45.11 37.50
CA LEU UA 163 18.49 44.92 36.85
C LEU UA 163 17.84 43.61 37.25
N THR UA 164 18.53 42.84 38.09
CA THR UA 164 18.01 41.56 38.56
C THR UA 164 17.56 41.68 40.02
N GLY UA 165 17.25 42.91 40.42
CA GLY UA 165 16.80 43.25 41.75
C GLY UA 165 15.30 43.02 41.87
N PHE UA 166 14.76 43.21 43.08
CA PHE UA 166 13.34 43.01 43.31
C PHE UA 166 12.69 44.19 44.01
N ASP UA 167 11.39 44.36 43.78
CA ASP UA 167 10.62 45.45 44.39
C ASP UA 167 9.52 44.87 45.26
N CYS UA 168 9.84 44.56 46.51
CA CYS UA 168 8.89 43.98 47.45
C CYS UA 168 7.88 45.06 47.87
N ARG UA 169 6.69 44.61 48.30
CA ARG UA 169 5.63 45.51 48.76
C ARG UA 169 6.11 46.55 49.78
N CYS UA 170 7.01 46.12 50.66
CA CYS UA 170 7.60 47.01 51.67
C CYS UA 170 8.52 48.12 51.10
N GLY UA 171 8.54 48.32 49.77
CA GLY UA 171 9.30 49.39 49.09
C GLY UA 171 10.81 49.11 48.91
N ASN UA 172 11.30 47.96 49.38
CA ASN UA 172 12.73 47.60 49.34
C ASN UA 172 13.08 46.69 48.16
N LEU UA 173 14.32 46.81 47.66
CA LEU UA 173 14.90 45.92 46.65
C LEU UA 173 15.70 44.77 47.29
N PHE UA 174 15.59 43.58 46.71
CA PHE UA 174 16.24 42.35 47.17
C PHE UA 174 16.91 41.59 46.02
N CYS UA 175 17.88 40.73 46.34
CA CYS UA 175 18.40 39.76 45.38
C CYS UA 175 17.53 38.50 45.35
N GLY UA 176 17.72 37.63 44.35
CA GLY UA 176 16.95 36.38 44.22
C GLY UA 176 16.92 35.49 45.48
N LEU UA 177 17.96 35.53 46.32
CA LEU UA 177 17.96 34.81 47.61
C LEU UA 177 17.03 35.44 48.66
N HIS UA 178 16.91 36.76 48.68
CA HIS UA 178 16.10 37.42 49.73
C HIS UA 178 14.75 38.01 49.31
N ARG UA 179 14.33 37.75 48.08
CA ARG UA 179 13.04 38.24 47.57
C ARG UA 179 11.80 37.79 48.37
N TYR UA 180 11.89 36.64 49.03
CA TYR UA 180 10.78 36.08 49.80
C TYR UA 180 10.57 36.81 51.13
N SER UA 181 9.31 37.11 51.43
CA SER UA 181 8.95 37.84 52.65
C SER UA 181 9.46 37.19 53.92
N ASP UA 182 9.88 35.94 53.83
CA ASP UA 182 10.39 35.23 55.00
C ASP UA 182 11.91 35.28 55.05
N LYS UA 183 12.50 36.10 54.18
CA LYS UA 183 13.95 36.26 54.14
C LYS UA 183 14.30 37.73 54.37
N HIS UA 184 13.34 38.50 54.87
CA HIS UA 184 13.55 39.92 55.14
C HIS UA 184 12.55 40.46 56.14
N ASN UA 185 11.79 39.57 56.78
CA ASN UA 185 10.79 39.97 57.77
C ASN UA 185 9.87 41.09 57.31
N CYS UA 186 9.06 40.81 56.30
CA CYS UA 186 8.13 41.80 55.76
C CYS UA 186 7.06 42.17 56.77
N PRO UA 187 7.01 43.46 57.16
CA PRO UA 187 6.05 43.96 58.14
C PRO UA 187 4.78 44.48 57.49
N TYR UA 188 4.04 43.59 56.84
CA TYR UA 188 2.79 43.97 56.18
C TYR UA 188 1.70 42.94 56.48
N ASP UA 189 0.49 43.41 56.74
CA ASP UA 189 -0.62 42.50 57.05
C ASP UA 189 -1.30 41.92 55.80
N TYR UA 190 -0.61 40.99 55.13
CA TYR UA 190 -1.14 40.22 54.00
C TYR UA 190 -2.52 39.59 54.29
N LYS UA 191 -2.76 39.17 55.56
CA LYS UA 191 -4.04 38.61 56.00
C LYS UA 191 -5.18 39.64 55.95
N ALA UA 192 -4.92 40.86 56.38
CA ALA UA 192 -5.92 41.94 56.40
C ALA UA 192 -6.24 42.41 54.97
N GLU UA 193 -5.23 42.66 54.16
CA GLU UA 193 -5.51 42.96 52.75
C GLU UA 193 -6.28 41.75 52.16
N ALA UA 194 -6.27 40.64 52.91
CA ALA UA 194 -6.95 39.39 52.61
C ALA UA 194 -8.41 39.60 52.89
N ALA UA 195 -8.68 39.71 54.17
CA ALA UA 195 -10.03 39.91 54.64
C ALA UA 195 -10.62 41.14 53.98
N ALA UA 196 -9.85 41.86 53.16
CA ALA UA 196 -10.49 43.04 52.57
C ALA UA 196 -10.79 42.84 51.07
N LYS UA 197 -9.87 42.20 50.34
CA LYS UA 197 -10.05 41.85 48.93
C LYS UA 197 -11.19 40.84 48.73
N ILE UA 198 -11.17 39.73 49.46
CA ILE UA 198 -12.24 38.71 49.42
C ILE UA 198 -13.60 39.34 49.77
N ARG UA 199 -13.67 40.25 50.74
CA ARG UA 199 -14.91 40.98 51.08
C ARG UA 199 -15.41 41.89 49.95
N LYS UA 200 -14.52 42.42 49.10
CA LYS UA 200 -14.87 43.25 47.94
C LYS UA 200 -15.27 42.41 46.72
N GLU UA 201 -14.70 41.21 46.60
CA GLU UA 201 -14.99 40.33 45.48
C GLU UA 201 -16.14 39.38 45.77
N ASN UA 202 -16.43 39.19 47.05
CA ASN UA 202 -17.51 38.30 47.47
C ASN UA 202 -18.87 39.01 47.53
N PRO UA 203 -19.79 38.60 46.65
CA PRO UA 203 -21.14 39.18 46.59
C PRO UA 203 -22.06 38.57 47.65
N VAL UA 204 -22.47 39.39 48.62
CA VAL UA 204 -23.36 38.91 49.67
C VAL UA 204 -24.71 38.53 49.07
N VAL UA 205 -24.92 37.24 48.86
CA VAL UA 205 -26.17 36.74 48.29
C VAL UA 205 -27.36 37.02 49.20
N VAL UA 206 -28.51 37.22 48.60
CA VAL UA 206 -29.71 37.52 49.39
C VAL UA 206 -30.93 36.69 48.99
N ALA UA 207 -31.30 35.76 49.87
CA ALA UA 207 -32.46 34.91 49.67
C ALA UA 207 -33.63 35.86 49.53
N GLU UA 208 -34.37 35.74 48.42
CA GLU UA 208 -35.51 36.62 48.16
C GLU UA 208 -36.48 36.74 49.33
N LYS UA 209 -36.32 37.79 50.13
CA LYS UA 209 -37.15 38.01 51.32
C LYS UA 209 -37.05 39.43 51.81
N ILE UA 210 -38.16 39.94 52.35
CA ILE UA 210 -38.23 41.29 52.90
C ILE UA 210 -37.62 42.33 51.97
N GLN UA 211 -38.10 42.35 50.74
CA GLN UA 211 -37.64 43.29 49.74
C GLN UA 211 -38.28 44.66 49.96
N ARG UA 212 -39.37 44.93 49.25
CA ARG UA 212 -40.03 46.22 49.37
C ARG UA 212 -41.43 46.19 49.98
N ILE UA 213 -41.75 47.28 50.68
CA ILE UA 213 -43.02 47.53 51.38
C ILE UA 213 -43.89 46.33 51.74
ZN ZN VA . -37.82 80.91 -8.08
PG ATP WA . -26.12 9.87 32.74
O1G ATP WA . -26.79 8.87 31.83
O2G ATP WA . -26.13 11.29 32.21
O3G ATP WA . -24.81 9.42 33.30
PB ATP WA . -26.66 10.74 35.34
O1B ATP WA . -27.13 12.16 35.21
O2B ATP WA . -25.20 10.44 35.61
O3B ATP WA . -27.10 9.92 34.03
PA ATP WA . -28.77 10.81 37.17
O1A ATP WA . -29.60 11.41 36.06
O2A ATP WA . -28.23 11.69 38.28
O3A ATP WA . -27.53 10.04 36.49
O5' ATP WA . -29.61 9.62 37.85
C5' ATP WA . -30.23 8.62 37.04
C4' ATP WA . -31.68 8.42 37.49
O4' ATP WA . -31.73 7.37 38.46
C3' ATP WA . -32.24 9.68 38.12
O3' ATP WA . -33.33 10.17 37.33
C2' ATP WA . -32.65 9.30 39.53
O2' ATP WA . -34.05 9.50 39.78
C1' ATP WA . -32.31 7.82 39.68
N9 ATP WA . -31.35 7.64 40.80
C8 ATP WA . -30.08 7.21 40.68
N7 ATP WA . -29.45 7.16 41.88
C5 ATP WA . -30.33 7.57 42.81
C6 ATP WA . -30.32 7.76 44.28
N6 ATP WA . -29.22 7.48 45.01
N1 ATP WA . -31.46 8.21 44.86
C2 ATP WA . -32.57 8.48 44.14
N3 ATP WA . -32.64 8.33 42.80
C4 ATP WA . -31.58 7.88 42.09
MG MG XA . -27.31 13.09 33.37
PB ADP YA . -37.31 -4.84 10.20
O1B ADP YA . -36.46 -4.56 8.98
O2B ADP YA . -37.04 -6.16 10.87
O3B ADP YA . -37.43 -3.66 11.14
PA ADP YA . -40.04 -5.31 10.56
O1A ADP YA . -40.66 -4.02 11.02
O2A ADP YA . -39.59 -6.32 11.58
O3A ADP YA . -38.80 -4.95 9.60
O5' ADP YA . -41.06 -6.01 9.54
C5' ADP YA . -40.63 -7.14 8.78
C4' ADP YA . -41.68 -7.48 7.73
O4' ADP YA . -41.99 -8.87 7.76
C3' ADP YA . -42.98 -6.74 8.00
O3' ADP YA . -43.09 -5.63 7.11
C2' ADP YA . -44.07 -7.73 7.74
O2' ADP YA . -44.68 -7.46 6.48
C1' ADP YA . -43.40 -9.09 7.68
N9 ADP YA . -43.80 -9.88 8.87
C8 ADP YA . -42.96 -10.25 9.85
N7 ADP YA . -43.61 -10.96 10.82
C5 ADP YA . -44.90 -11.01 10.46
C6 ADP YA . -46.13 -11.60 11.04
N6 ADP YA . -46.08 -12.27 12.21
N1 ADP YA . -47.29 -11.46 10.35
C2 ADP YA . -47.33 -10.79 9.19
N3 ADP YA . -46.25 -10.23 8.60
C4 ADP YA . -45.02 -10.32 9.17
PG ATP ZA . -5.87 30.81 -18.64
O1G ATP ZA . -6.87 29.93 -19.37
O2G ATP ZA . -4.99 30.06 -17.66
O3G ATP ZA . -6.43 32.09 -18.11
PB ATP ZA . -5.19 31.04 -21.34
O1B ATP ZA . -6.56 31.62 -21.62
O2B ATP ZA . -4.92 29.59 -21.67
O3B ATP ZA . -4.85 31.27 -19.79
PA ATP ZA . -2.61 31.37 -22.36
O1A ATP ZA . -1.93 31.22 -21.02
O2A ATP ZA . -2.72 30.20 -23.30
O3A ATP ZA . -4.11 31.94 -22.10
O5' ATP ZA . -1.91 32.59 -23.14
C5' ATP ZA . -1.29 32.37 -24.41
C4' ATP ZA . 0.21 32.35 -24.25
O4' ATP ZA . 0.70 31.02 -24.49
C3' ATP ZA . 0.90 33.29 -25.23
O3' ATP ZA . 1.61 34.30 -24.50
C2' ATP ZA . 1.81 32.43 -26.08
O2' ATP ZA . 3.19 32.81 -25.99
C1' ATP ZA . 1.65 30.99 -25.56
N9 ATP ZA . 1.16 30.12 -26.65
C8 ATP ZA . 0.21 29.18 -26.53
N7 ATP ZA . -0.01 28.54 -27.71
C5 ATP ZA . 0.81 29.10 -28.62
C6 ATP ZA . 1.10 28.91 -30.06
N6 ATP ZA . 0.43 27.98 -30.79
N1 ATP ZA . 2.04 29.70 -30.63
C2 ATP ZA . 2.70 30.63 -29.93
N3 ATP ZA . 2.50 30.86 -28.62
C4 ATP ZA . 1.59 30.14 -27.92
MG MG AB . -5.51 33.58 -20.97
PB ADP BB . 9.04 36.50 5.36
O1B ADP BB . 8.12 37.06 4.30
O2B ADP BB . 8.63 36.82 6.77
O3B ADP BB . 9.44 35.05 5.14
PA ADP BB . 10.41 38.92 5.12
O1A ADP BB . 11.18 39.37 3.90
O2A ADP BB . 8.99 39.40 5.33
O3A ADP BB . 10.41 37.31 5.15
O5' ADP BB . 11.27 39.30 6.42
C5' ADP BB . 12.70 39.41 6.35
C4' ADP BB . 13.21 40.09 7.60
O4' ADP BB . 14.48 39.53 7.98
C3' ADP BB . 13.42 41.58 7.37
O3' ADP BB . 12.56 42.32 8.24
C2' ADP BB . 14.89 41.86 7.63
O2' ADP BB . 15.10 42.80 8.69
C1' ADP BB . 15.51 40.52 8.02
N9 ADP BB . 16.58 40.17 7.05
C8 ADP BB . 16.62 39.05 6.30
N7 ADP BB . 17.73 39.04 5.51
C5 ADP BB . 18.42 40.16 5.76
C6 ADP BB . 19.68 40.78 5.28
N6 ADP BB . 20.45 40.15 4.35
N1 ADP BB . 20.04 41.97 5.80
C2 ADP BB . 19.29 42.59 6.72
N3 ADP BB . 18.14 42.10 7.20
C4 ADP BB . 17.66 40.91 6.77
PG ATP CB . -2.81 31.08 30.23
O1G ATP CB . -3.53 30.77 28.94
O2G ATP CB . -2.83 32.53 30.64
O3G ATP CB . -1.47 30.40 30.37
PB ATP CB . -3.18 28.95 31.94
O1B ATP CB . -2.85 28.10 30.73
O2B ATP CB . -4.18 28.43 32.93
O3B ATP CB . -3.71 30.35 31.36
PA ATP CB . -1.57 29.55 34.24
O1A ATP CB . -0.76 28.39 34.78
O2A ATP CB . -1.10 30.97 34.46
O3A ATP CB . -1.79 29.31 32.66
O5' ATP CB . -3.01 29.50 34.93
C5' ATP CB . -3.38 30.59 35.76
C4' ATP CB . -3.18 30.22 37.23
O4' ATP CB . -1.94 29.54 37.44
C3' ATP CB . -3.15 31.44 38.12
O3' ATP CB . -4.42 31.59 38.77
C2' ATP CB . -2.01 31.20 39.09
O2' ATP CB . -2.42 31.30 40.47
C1' ATP CB . -1.51 29.81 38.78
N9 ATP CB . -0.04 29.71 38.95
C8 ATP CB . 0.79 28.96 38.21
N7 ATP CB . 2.07 29.10 38.63
C5 ATP CB . 2.07 29.96 39.68
C6 ATP CB . 3.08 30.53 40.59
N6 ATP CB . 4.39 30.23 40.47
N1 ATP CB . 2.65 31.39 41.54
C2 ATP CB . 1.35 31.71 41.68
N3 ATP CB . 0.38 31.22 40.88
C4 ATP CB . 0.67 30.35 39.88
MG MG DB . -2.27 31.49 32.65
#